data_7RSE
#
_entry.id   7RSE
#
loop_
_entity.id
_entity.type
_entity.pdbx_description
1 polymer 'GTPase KRas'
2 polymer 'Apolipoprotein A-I'
3 non-polymer "5'-GUANOSINE-DIPHOSPHATE-MONOTHIOPHOSPHATE"
4 non-polymer 'MAGNESIUM ION'
5 non-polymer '[(2~{R})-3-[oxidanyl-[2-(trimethyl-$l^{4}-azanyl)ethoxy]phosphoryl]oxy-2-propanoyloxy-propyl] (~{Z})-octadec-9-enoate'
6 non-polymer O-[(S)-({(2R)-2,3-bis[(9Z)-octadec-9-enoyloxy]propyl}oxy)(hydroxy)phosphoryl]-L-serine
#
loop_
_entity_poly.entity_id
_entity_poly.type
_entity_poly.pdbx_seq_one_letter_code
_entity_poly.pdbx_strand_id
1 'polypeptide(L)'
;STEYKLVVVGADGVGKSALTIQLIQNHFVDEYDPTIEDSYRKQVVIDGETCLLDILDTAGQEEYSAMRDQYMRTGEGFLC
VFAINNTKSFEDIHHYREQIKRVKDSEDVPMVLVGNKCDLPSRTVDTKQAQDLARSYGIPFIETSAKTRQGVDDAFYTLV
REIRKHKEKMSKDGKKKKKKSKTKC
;
A,B
2 'polypeptide(L)'
;GPLKLLDNWDSVTSTFSKLREQLGPVTQEFWDNLEKETEGLRQEMSKDLEEVKAKVQPYLDDFQKKWQEEMELYRQKVEP
LRAELQEGARQKLHELQEKLSPLGEEMRDRARAHVDALRTHLAPYSDELRQRLAARLEALKENGGARLAEYHAKATEHLS
TLSEKAKPALEDLRQGLLPVLESFKVSFLSALEEYTKKLN
;
D,E
#
# COMPACT_ATOMS: atom_id res chain seq x y z
N THR A 2 3.25 -12.77 1.70
CA THR A 2 3.02 -13.00 0.27
C THR A 2 2.17 -14.25 0.06
N GLU A 3 1.01 -14.06 -0.54
CA GLU A 3 0.09 -15.15 -0.82
C GLU A 3 0.31 -15.74 -2.21
N TYR A 4 0.23 -17.06 -2.31
CA TYR A 4 0.41 -17.75 -3.58
C TYR A 4 -0.73 -18.74 -3.76
N LYS A 5 -1.41 -18.68 -4.89
CA LYS A 5 -2.53 -19.57 -5.14
C LYS A 5 -2.06 -20.89 -5.77
N LEU A 6 -2.35 -21.98 -5.09
CA LEU A 6 -1.94 -23.30 -5.54
C LEU A 6 -3.16 -24.17 -5.87
N VAL A 7 -3.08 -24.89 -6.98
CA VAL A 7 -4.17 -25.76 -7.40
C VAL A 7 -3.64 -27.18 -7.60
N VAL A 8 -4.21 -28.13 -6.86
CA VAL A 8 -3.80 -29.52 -6.97
C VAL A 8 -4.57 -30.19 -8.09
N VAL A 9 -3.87 -30.61 -9.14
CA VAL A 9 -4.50 -31.25 -10.28
C VAL A 9 -4.07 -32.70 -10.41
N GLY A 10 -4.87 -33.49 -11.12
CA GLY A 10 -4.57 -34.88 -11.31
C GLY A 10 -5.84 -35.70 -11.36
N ALA A 11 -5.71 -36.97 -11.69
CA ALA A 11 -6.87 -37.87 -11.79
C ALA A 11 -7.39 -38.24 -10.40
N ASP A 12 -8.28 -39.22 -10.36
CA ASP A 12 -8.86 -39.66 -9.10
C ASP A 12 -8.02 -40.78 -8.49
N GLY A 13 -8.11 -40.91 -7.17
CA GLY A 13 -7.38 -41.95 -6.45
C GLY A 13 -5.87 -41.74 -6.45
N VAL A 14 -5.42 -40.58 -6.87
CA VAL A 14 -3.99 -40.30 -6.91
C VAL A 14 -3.46 -39.89 -5.54
N GLY A 15 -4.29 -39.19 -4.76
CA GLY A 15 -3.88 -38.78 -3.43
C GLY A 15 -3.75 -37.27 -3.29
N LYS A 16 -4.45 -36.54 -4.15
CA LYS A 16 -4.43 -35.07 -4.11
C LYS A 16 -4.85 -34.54 -2.75
N SER A 17 -5.90 -35.12 -2.20
CA SER A 17 -6.42 -34.71 -0.92
C SER A 17 -5.51 -35.19 0.20
N ALA A 18 -5.13 -36.46 0.14
CA ALA A 18 -4.25 -37.06 1.15
C ALA A 18 -2.97 -36.25 1.32
N LEU A 19 -2.33 -35.92 0.20
CA LEU A 19 -1.08 -35.15 0.24
C LEU A 19 -1.28 -33.82 0.96
N THR A 20 -2.30 -33.08 0.54
CA THR A 20 -2.62 -31.79 1.11
C THR A 20 -3.01 -31.88 2.59
N ILE A 21 -3.91 -32.81 2.91
CA ILE A 21 -4.38 -32.98 4.29
C ILE A 21 -3.24 -33.35 5.23
N GLN A 22 -2.34 -34.22 4.76
CA GLN A 22 -1.20 -34.66 5.56
C GLN A 22 -0.21 -33.53 5.81
N LEU A 23 -0.39 -32.41 5.10
CA LEU A 23 0.47 -31.26 5.27
C LEU A 23 -0.26 -30.16 6.05
N ILE A 24 -1.52 -29.94 5.70
CA ILE A 24 -2.33 -28.92 6.35
C ILE A 24 -2.63 -29.31 7.79
N GLN A 25 -3.29 -30.44 7.97
CA GLN A 25 -3.66 -30.91 9.31
C GLN A 25 -2.56 -31.78 9.90
N ASN A 26 -1.72 -32.34 9.04
CA ASN A 26 -0.60 -33.19 9.44
C ASN A 26 -1.03 -34.59 9.90
N HIS A 27 -2.33 -34.79 10.10
CA HIS A 27 -2.84 -36.08 10.53
C HIS A 27 -4.12 -36.45 9.76
N PHE A 28 -4.03 -37.54 9.01
CA PHE A 28 -5.16 -38.02 8.22
C PHE A 28 -5.25 -39.54 8.33
N VAL A 29 -6.48 -40.05 8.47
CA VAL A 29 -6.70 -41.49 8.57
C VAL A 29 -6.73 -42.13 7.18
N ASP A 30 -7.03 -43.42 7.12
CA ASP A 30 -7.07 -44.13 5.84
C ASP A 30 -8.50 -44.13 5.27
N GLU A 31 -8.76 -43.22 4.34
CA GLU A 31 -10.07 -43.12 3.70
C GLU A 31 -10.00 -42.33 2.40
N TYR A 32 -11.06 -42.43 1.60
CA TYR A 32 -11.13 -41.73 0.33
C TYR A 32 -12.12 -40.57 0.43
N ASP A 33 -11.72 -39.39 -0.01
CA ASP A 33 -12.59 -38.23 0.02
C ASP A 33 -12.90 -37.72 -1.38
N PRO A 34 -14.16 -37.82 -1.80
CA PRO A 34 -14.60 -37.32 -3.11
C PRO A 34 -14.65 -35.80 -3.09
N THR A 35 -13.49 -35.18 -3.27
CA THR A 35 -13.38 -33.74 -3.25
C THR A 35 -13.95 -33.09 -4.52
N ILE A 36 -14.86 -32.14 -4.33
CA ILE A 36 -15.45 -31.42 -5.44
C ILE A 36 -14.75 -30.08 -5.59
N GLU A 37 -14.44 -29.46 -4.45
CA GLU A 37 -13.75 -28.18 -4.41
C GLU A 37 -13.42 -27.84 -2.97
N ASP A 38 -12.16 -27.95 -2.60
CA ASP A 38 -11.73 -27.65 -1.23
C ASP A 38 -10.65 -26.59 -1.22
N SER A 39 -10.71 -25.70 -0.24
CA SER A 39 -9.73 -24.62 -0.12
C SER A 39 -9.09 -24.63 1.27
N TYR A 40 -7.77 -24.53 1.32
CA TYR A 40 -7.05 -24.53 2.58
C TYR A 40 -6.05 -23.38 2.64
N ARG A 41 -6.03 -22.67 3.77
CA ARG A 41 -5.12 -21.55 3.97
C ARG A 41 -4.15 -21.84 5.10
N LYS A 42 -2.86 -21.85 4.80
CA LYS A 42 -1.84 -22.12 5.80
C LYS A 42 -0.65 -21.18 5.64
N GLN A 43 -0.05 -20.77 6.75
CA GLN A 43 1.10 -19.87 6.71
C GLN A 43 2.38 -20.62 7.02
N VAL A 44 3.32 -20.59 6.09
CA VAL A 44 4.60 -21.29 6.27
C VAL A 44 5.77 -20.38 5.88
N VAL A 45 6.97 -20.74 6.33
CA VAL A 45 8.17 -19.97 6.03
C VAL A 45 9.01 -20.71 4.99
N ILE A 46 9.09 -20.15 3.79
CA ILE A 46 9.84 -20.76 2.71
C ILE A 46 11.00 -19.86 2.28
N ASP A 47 12.23 -20.32 2.51
CA ASP A 47 13.43 -19.56 2.14
C ASP A 47 13.51 -18.22 2.87
N GLY A 48 13.00 -18.20 4.08
CA GLY A 48 13.03 -16.98 4.87
C GLY A 48 11.87 -16.05 4.53
N GLU A 49 11.01 -16.47 3.62
CA GLU A 49 9.86 -15.65 3.24
C GLU A 49 8.57 -16.31 3.69
N THR A 50 7.82 -15.61 4.53
CA THR A 50 6.55 -16.10 5.01
C THR A 50 5.55 -16.04 3.88
N CYS A 51 4.90 -17.16 3.59
CA CYS A 51 3.94 -17.21 2.51
C CYS A 51 2.60 -17.78 2.97
N LEU A 52 1.54 -17.28 2.37
CA LEU A 52 0.20 -17.74 2.68
C LEU A 52 -0.25 -18.70 1.59
N LEU A 53 -0.41 -19.96 1.97
CA LEU A 53 -0.82 -20.99 1.04
C LEU A 53 -2.32 -20.97 0.77
N ASP A 54 -2.68 -20.78 -0.50
CA ASP A 54 -4.07 -20.79 -0.92
C ASP A 54 -4.25 -22.02 -1.80
N ILE A 55 -4.26 -23.18 -1.15
CA ILE A 55 -4.37 -24.47 -1.84
C ILE A 55 -5.82 -24.88 -2.09
N LEU A 56 -6.07 -25.46 -3.26
CA LEU A 56 -7.39 -25.92 -3.64
C LEU A 56 -7.32 -27.27 -4.35
N ASP A 57 -8.08 -28.24 -3.87
CA ASP A 57 -8.11 -29.57 -4.47
C ASP A 57 -9.18 -29.62 -5.56
N THR A 58 -8.95 -30.42 -6.58
CA THR A 58 -9.86 -30.54 -7.69
C THR A 58 -10.48 -31.93 -7.75
N ALA A 59 -11.55 -32.07 -8.51
CA ALA A 59 -12.22 -33.36 -8.67
C ALA A 59 -11.51 -34.18 -9.74
N GLY A 60 -11.03 -35.35 -9.36
CA GLY A 60 -10.32 -36.20 -10.29
C GLY A 60 -11.26 -37.01 -11.17
N GLN A 61 -12.55 -36.89 -10.94
CA GLN A 61 -13.55 -37.61 -11.72
C GLN A 61 -13.70 -37.02 -13.12
N GLU A 62 -13.08 -35.87 -13.34
CA GLU A 62 -13.13 -35.19 -14.63
C GLU A 62 -14.55 -34.69 -14.92
N GLU A 63 -14.90 -34.57 -16.21
CA GLU A 63 -16.22 -34.11 -16.65
C GLU A 63 -16.39 -32.60 -16.45
N TYR A 64 -15.88 -32.07 -15.36
CA TYR A 64 -15.98 -30.66 -15.05
C TYR A 64 -14.99 -29.83 -15.85
N SER A 65 -15.10 -29.89 -17.18
CA SER A 65 -14.22 -29.15 -18.06
C SER A 65 -14.45 -27.64 -17.92
N ALA A 66 -15.69 -27.27 -17.65
CA ALA A 66 -16.05 -25.87 -17.48
C ALA A 66 -15.60 -25.34 -16.12
N MET A 67 -15.78 -26.15 -15.09
CA MET A 67 -15.38 -25.74 -13.73
C MET A 67 -13.86 -25.64 -13.61
N ARG A 68 -13.16 -26.37 -14.48
CA ARG A 68 -11.71 -26.36 -14.49
C ARG A 68 -11.18 -24.98 -14.88
N ASP A 69 -11.91 -24.31 -15.76
CA ASP A 69 -11.54 -22.98 -16.24
C ASP A 69 -11.47 -21.95 -15.12
N GLN A 70 -12.34 -22.11 -14.13
CA GLN A 70 -12.40 -21.20 -12.99
C GLN A 70 -11.09 -21.16 -12.20
N TYR A 71 -10.70 -22.29 -11.62
CA TYR A 71 -9.49 -22.33 -10.81
C TYR A 71 -8.21 -22.21 -11.64
N MET A 72 -8.32 -22.43 -12.94
CA MET A 72 -7.16 -22.32 -13.82
C MET A 72 -6.75 -20.87 -13.99
N ARG A 73 -7.70 -19.97 -13.76
CA ARG A 73 -7.44 -18.54 -13.88
C ARG A 73 -6.91 -17.97 -12.58
N THR A 74 -7.43 -18.47 -11.46
CA THR A 74 -7.02 -18.00 -10.15
C THR A 74 -5.67 -18.57 -9.71
N GLY A 75 -5.49 -19.87 -9.89
CA GLY A 75 -4.26 -20.53 -9.48
C GLY A 75 -3.03 -20.04 -10.21
N GLU A 76 -1.93 -19.90 -9.47
CA GLU A 76 -0.66 -19.45 -10.03
C GLU A 76 0.28 -20.63 -10.19
N GLY A 77 0.16 -21.60 -9.29
CA GLY A 77 0.99 -22.77 -9.34
C GLY A 77 0.15 -24.03 -9.34
N PHE A 78 0.38 -24.88 -10.32
CA PHE A 78 -0.37 -26.12 -10.44
C PHE A 78 0.47 -27.33 -10.05
N LEU A 79 -0.08 -28.15 -9.17
CA LEU A 79 0.62 -29.34 -8.72
C LEU A 79 0.07 -30.56 -9.43
N CYS A 80 0.80 -31.06 -10.40
CA CYS A 80 0.38 -32.23 -11.16
C CYS A 80 0.65 -33.50 -10.36
N VAL A 81 -0.40 -34.07 -9.79
CA VAL A 81 -0.27 -35.28 -8.99
C VAL A 81 -0.78 -36.50 -9.74
N PHE A 82 0.08 -37.51 -9.82
CA PHE A 82 -0.26 -38.76 -10.49
C PHE A 82 0.20 -39.93 -9.62
N ALA A 83 -0.36 -41.10 -9.86
CA ALA A 83 -0.01 -42.29 -9.11
C ALA A 83 0.99 -43.12 -9.91
N ILE A 84 2.06 -43.55 -9.25
CA ILE A 84 3.09 -44.34 -9.92
C ILE A 84 2.57 -45.72 -10.34
N ASN A 85 1.45 -46.11 -9.79
CA ASN A 85 0.84 -47.39 -10.13
C ASN A 85 -0.37 -47.17 -11.04
N ASN A 86 -0.46 -45.97 -11.58
CA ASN A 86 -1.55 -45.62 -12.48
C ASN A 86 -1.02 -44.80 -13.66
N THR A 87 -0.70 -45.50 -14.75
CA THR A 87 -0.18 -44.86 -15.95
C THR A 87 -1.19 -43.87 -16.53
N LYS A 88 -2.47 -44.15 -16.37
CA LYS A 88 -3.52 -43.28 -16.88
C LYS A 88 -3.41 -41.88 -16.30
N SER A 89 -3.17 -41.79 -14.99
CA SER A 89 -3.02 -40.50 -14.33
C SER A 89 -1.75 -39.78 -14.80
N PHE A 90 -0.74 -40.56 -15.14
CA PHE A 90 0.52 -40.01 -15.61
C PHE A 90 0.35 -39.40 -17.00
N GLU A 91 -0.38 -40.10 -17.86
CA GLU A 91 -0.61 -39.62 -19.20
C GLU A 91 -1.58 -38.44 -19.20
N ASP A 92 -2.47 -38.42 -18.21
CA ASP A 92 -3.46 -37.35 -18.08
C ASP A 92 -2.78 -36.03 -17.75
N ILE A 93 -1.58 -36.10 -17.19
CA ILE A 93 -0.83 -34.90 -16.82
C ILE A 93 -0.62 -34.00 -18.04
N HIS A 94 -0.36 -34.61 -19.18
CA HIS A 94 -0.16 -33.87 -20.41
C HIS A 94 -1.45 -33.17 -20.85
N HIS A 95 -2.57 -33.86 -20.67
CA HIS A 95 -3.87 -33.31 -21.02
C HIS A 95 -4.15 -32.07 -20.18
N TYR A 96 -3.94 -32.19 -18.88
CA TYR A 96 -4.16 -31.09 -17.96
C TYR A 96 -3.23 -29.92 -18.31
N ARG A 97 -1.96 -30.23 -18.52
CA ARG A 97 -0.93 -29.24 -18.85
C ARG A 97 -1.33 -28.39 -20.05
N GLU A 98 -1.73 -29.06 -21.13
CA GLU A 98 -2.13 -28.36 -22.35
C GLU A 98 -3.34 -27.45 -22.12
N GLN A 99 -4.28 -27.91 -21.29
CA GLN A 99 -5.47 -27.13 -20.99
C GLN A 99 -5.11 -25.87 -20.19
N ILE A 100 -4.20 -26.04 -19.23
CA ILE A 100 -3.75 -24.92 -18.38
C ILE A 100 -3.19 -23.79 -19.24
N LYS A 101 -2.32 -24.16 -20.17
CA LYS A 101 -1.69 -23.19 -21.06
C LYS A 101 -2.73 -22.45 -21.91
N ARG A 102 -3.75 -23.18 -22.33
CA ARG A 102 -4.82 -22.61 -23.15
C ARG A 102 -5.63 -21.59 -22.37
N VAL A 103 -6.05 -21.98 -21.17
CA VAL A 103 -6.85 -21.12 -20.31
C VAL A 103 -6.08 -19.90 -19.81
N LYS A 104 -4.82 -20.09 -19.48
CA LYS A 104 -4.01 -18.98 -18.99
C LYS A 104 -3.36 -18.18 -20.12
N ASP A 105 -3.42 -18.72 -21.33
CA ASP A 105 -2.85 -18.08 -22.52
C ASP A 105 -1.34 -17.92 -22.36
N SER A 106 -0.70 -18.95 -21.84
CA SER A 106 0.73 -18.94 -21.62
C SER A 106 1.23 -20.36 -21.42
N GLU A 107 2.28 -20.72 -22.15
CA GLU A 107 2.86 -22.05 -22.06
C GLU A 107 3.81 -22.15 -20.86
N ASP A 108 4.58 -21.10 -20.64
CA ASP A 108 5.53 -21.06 -19.55
C ASP A 108 4.86 -20.69 -18.24
N VAL A 109 4.23 -21.66 -17.60
CA VAL A 109 3.53 -21.44 -16.34
C VAL A 109 4.08 -22.36 -15.25
N PRO A 110 4.12 -21.87 -13.99
CA PRO A 110 4.63 -22.63 -12.85
C PRO A 110 3.88 -23.93 -12.62
N MET A 111 4.60 -25.04 -12.73
CA MET A 111 4.02 -26.36 -12.53
C MET A 111 5.07 -27.31 -11.99
N VAL A 112 4.62 -28.31 -11.23
CA VAL A 112 5.53 -29.29 -10.65
C VAL A 112 4.94 -30.69 -10.81
N LEU A 113 5.74 -31.63 -11.28
CA LEU A 113 5.30 -33.00 -11.46
C LEU A 113 5.54 -33.79 -10.18
N VAL A 114 4.47 -34.19 -9.52
CA VAL A 114 4.57 -34.93 -8.27
C VAL A 114 3.93 -36.30 -8.37
N GLY A 115 4.71 -37.33 -8.08
CA GLY A 115 4.21 -38.69 -8.11
C GLY A 115 3.88 -39.14 -6.71
N ASN A 116 2.71 -39.74 -6.54
CA ASN A 116 2.29 -40.21 -5.23
C ASN A 116 2.24 -41.74 -5.17
N LYS A 117 2.09 -42.28 -3.96
CA LYS A 117 2.03 -43.72 -3.73
C LYS A 117 3.34 -44.41 -4.07
N CYS A 118 4.44 -43.69 -3.88
CA CYS A 118 5.77 -44.23 -4.16
C CYS A 118 6.19 -45.30 -3.15
N ASP A 119 5.39 -45.43 -2.08
CA ASP A 119 5.67 -46.42 -1.05
C ASP A 119 5.10 -47.78 -1.48
N LEU A 120 4.29 -47.76 -2.53
CA LEU A 120 3.70 -48.98 -3.05
C LEU A 120 4.59 -49.61 -4.11
N PRO A 121 4.85 -50.92 -3.98
CA PRO A 121 5.67 -51.66 -4.93
C PRO A 121 4.89 -52.00 -6.19
N SER A 122 5.56 -52.65 -7.14
CA SER A 122 4.94 -53.05 -8.40
C SER A 122 4.44 -51.81 -9.17
N ARG A 123 5.26 -50.77 -9.15
CA ARG A 123 4.92 -49.52 -9.84
C ARG A 123 4.89 -49.73 -11.34
N THR A 124 4.05 -48.95 -12.01
CA THR A 124 3.91 -49.03 -13.46
C THR A 124 4.68 -47.90 -14.12
N VAL A 125 4.63 -46.73 -13.50
CA VAL A 125 5.31 -45.55 -14.01
C VAL A 125 6.74 -45.50 -13.49
N ASP A 126 7.70 -45.64 -14.39
CA ASP A 126 9.12 -45.61 -14.04
C ASP A 126 9.56 -44.19 -13.77
N THR A 127 10.53 -44.03 -12.88
CA THR A 127 11.04 -42.72 -12.54
C THR A 127 11.74 -42.08 -13.75
N LYS A 128 12.32 -42.92 -14.62
CA LYS A 128 13.03 -42.43 -15.80
C LYS A 128 12.10 -41.67 -16.73
N GLN A 129 10.99 -42.29 -17.10
CA GLN A 129 10.03 -41.66 -18.00
C GLN A 129 9.42 -40.40 -17.38
N ALA A 130 9.21 -40.45 -16.07
CA ALA A 130 8.66 -39.32 -15.35
C ALA A 130 9.63 -38.14 -15.34
N GLN A 131 10.90 -38.43 -15.02
CA GLN A 131 11.93 -37.41 -15.00
C GLN A 131 12.13 -36.82 -16.39
N ASP A 132 12.02 -37.69 -17.39
CA ASP A 132 12.18 -37.29 -18.78
C ASP A 132 11.09 -36.29 -19.18
N LEU A 133 9.84 -36.63 -18.85
CA LEU A 133 8.71 -35.76 -19.16
C LEU A 133 8.83 -34.43 -18.43
N ALA A 134 9.30 -34.49 -17.20
CA ALA A 134 9.49 -33.30 -16.39
C ALA A 134 10.51 -32.38 -17.07
N ARG A 135 11.58 -32.96 -17.59
CA ARG A 135 12.62 -32.20 -18.28
C ARG A 135 12.06 -31.55 -19.54
N SER A 136 11.14 -32.26 -20.20
CA SER A 136 10.53 -31.76 -21.42
C SER A 136 9.79 -30.46 -21.14
N TYR A 137 9.03 -30.44 -20.06
CA TYR A 137 8.28 -29.26 -19.66
C TYR A 137 9.23 -28.23 -19.04
N GLY A 138 10.30 -28.72 -18.43
CA GLY A 138 11.27 -27.84 -17.78
C GLY A 138 10.92 -27.66 -16.33
N ILE A 139 10.11 -28.57 -15.82
CA ILE A 139 9.67 -28.54 -14.44
C ILE A 139 10.35 -29.63 -13.63
N PRO A 140 10.38 -29.48 -12.31
CA PRO A 140 11.00 -30.47 -11.43
C PRO A 140 10.05 -31.65 -11.15
N PHE A 141 10.62 -32.83 -10.96
CA PHE A 141 9.85 -34.01 -10.65
C PHE A 141 10.16 -34.48 -9.25
N ILE A 142 9.13 -34.78 -8.47
CA ILE A 142 9.30 -35.22 -7.09
C ILE A 142 8.46 -36.46 -6.80
N GLU A 143 9.11 -37.49 -6.24
CA GLU A 143 8.41 -38.71 -5.86
C GLU A 143 8.00 -38.59 -4.39
N THR A 144 6.71 -38.57 -4.13
CA THR A 144 6.21 -38.42 -2.79
C THR A 144 5.24 -39.52 -2.38
N SER A 145 4.83 -39.46 -1.13
CA SER A 145 3.88 -40.41 -0.57
C SER A 145 3.19 -39.72 0.61
N ALA A 146 1.89 -39.52 0.51
CA ALA A 146 1.13 -38.87 1.57
C ALA A 146 1.04 -39.79 2.77
N LYS A 147 1.02 -41.08 2.50
CA LYS A 147 0.93 -42.09 3.54
C LYS A 147 2.12 -42.00 4.48
N THR A 148 3.28 -41.66 3.93
CA THR A 148 4.49 -41.57 4.73
C THR A 148 4.92 -40.12 4.98
N ARG A 149 4.23 -39.17 4.31
CA ARG A 149 4.53 -37.73 4.45
C ARG A 149 5.85 -37.35 3.75
N GLN A 150 6.55 -38.34 3.24
CA GLN A 150 7.83 -38.13 2.58
C GLN A 150 7.68 -37.36 1.28
N GLY A 151 8.31 -36.20 1.21
CA GLY A 151 8.28 -35.39 0.01
C GLY A 151 7.12 -34.40 -0.06
N VAL A 152 6.16 -34.54 0.84
CA VAL A 152 5.00 -33.65 0.84
C VAL A 152 5.41 -32.18 0.99
N ASP A 153 6.21 -31.89 2.00
CA ASP A 153 6.68 -30.53 2.25
C ASP A 153 7.49 -30.03 1.06
N ASP A 154 8.41 -30.87 0.60
CA ASP A 154 9.28 -30.54 -0.53
C ASP A 154 8.50 -30.18 -1.78
N ALA A 155 7.46 -30.96 -2.06
CA ALA A 155 6.62 -30.74 -3.23
C ALA A 155 5.94 -29.38 -3.18
N PHE A 156 5.29 -29.07 -2.06
CA PHE A 156 4.61 -27.80 -1.90
C PHE A 156 5.59 -26.62 -1.90
N TYR A 157 6.72 -26.80 -1.23
CA TYR A 157 7.75 -25.77 -1.17
C TYR A 157 8.29 -25.48 -2.55
N THR A 158 8.50 -26.53 -3.34
CA THR A 158 9.01 -26.39 -4.70
C THR A 158 8.01 -25.67 -5.60
N LEU A 159 6.72 -25.92 -5.39
CA LEU A 159 5.67 -25.28 -6.18
C LEU A 159 5.74 -23.76 -6.01
N VAL A 160 5.85 -23.31 -4.76
CA VAL A 160 5.94 -21.89 -4.46
C VAL A 160 7.25 -21.33 -5.03
N ARG A 161 8.29 -22.14 -5.00
CA ARG A 161 9.60 -21.76 -5.50
C ARG A 161 9.53 -21.44 -6.99
N GLU A 162 8.80 -22.28 -7.73
CA GLU A 162 8.63 -22.11 -9.16
C GLU A 162 7.89 -20.81 -9.47
N ILE A 163 6.88 -20.50 -8.67
CA ILE A 163 6.10 -19.29 -8.86
C ILE A 163 6.97 -18.05 -8.70
N ARG A 164 7.86 -18.10 -7.71
CA ARG A 164 8.78 -16.99 -7.44
C ARG A 164 9.65 -16.71 -8.66
N LYS A 165 10.20 -17.79 -9.22
CA LYS A 165 11.06 -17.68 -10.39
C LYS A 165 10.29 -17.11 -11.58
N HIS A 166 9.03 -17.52 -11.73
CA HIS A 166 8.20 -17.03 -12.81
C HIS A 166 7.94 -15.54 -12.66
N LYS A 167 7.58 -15.12 -11.45
CA LYS A 167 7.32 -13.71 -11.17
C LYS A 167 8.57 -12.87 -11.46
N GLU A 168 9.71 -13.41 -11.08
CA GLU A 168 10.98 -12.72 -11.30
C GLU A 168 11.30 -12.65 -12.78
N LYS A 169 11.06 -13.75 -13.50
CA LYS A 169 11.31 -13.80 -14.93
C LYS A 169 10.39 -12.84 -15.67
N MET A 170 9.14 -12.77 -15.22
CA MET A 170 8.15 -11.89 -15.83
C MET A 170 8.57 -10.42 -15.67
N SER A 171 9.31 -10.13 -14.62
CA SER A 171 9.78 -8.78 -14.37
C SER A 171 10.99 -8.49 -15.26
N LYS A 172 11.71 -9.54 -15.63
CA LYS A 172 12.88 -9.41 -16.50
C LYS A 172 12.42 -9.29 -17.95
N ASP A 173 11.30 -9.95 -18.25
CA ASP A 173 10.70 -9.95 -19.58
C ASP A 173 11.61 -10.65 -20.59
N GLY A 174 12.53 -11.47 -20.07
CA GLY A 174 13.46 -12.19 -20.91
C GLY A 174 14.57 -11.27 -21.38
N LYS A 175 14.20 -10.24 -22.13
CA LYS A 175 15.12 -9.26 -22.66
C LYS A 175 14.44 -7.89 -22.66
N LYS A 176 15.16 -6.88 -23.12
CA LYS A 176 14.63 -5.52 -23.21
C LYS A 176 14.47 -4.85 -21.83
N LYS A 177 13.51 -5.32 -21.05
CA LYS A 177 13.24 -4.74 -19.73
C LYS A 177 14.35 -5.00 -18.73
N LYS A 178 14.48 -6.25 -18.31
CA LYS A 178 15.49 -6.66 -17.34
C LYS A 178 15.38 -5.90 -16.02
N LYS A 179 14.24 -6.04 -15.33
CA LYS A 179 14.01 -5.36 -14.07
C LYS A 179 15.03 -5.77 -13.01
N LYS A 180 15.25 -7.07 -12.87
CA LYS A 180 16.20 -7.57 -11.89
C LYS A 180 17.36 -8.27 -12.57
N SER A 181 18.50 -7.58 -12.63
CA SER A 181 19.69 -8.13 -13.25
C SER A 181 20.92 -7.90 -12.39
N LYS A 182 21.44 -8.97 -11.82
CA LYS A 182 22.62 -8.90 -10.98
C LYS A 182 23.89 -9.00 -11.82
N THR A 183 24.32 -7.86 -12.33
CA THR A 183 25.51 -7.79 -13.14
C THR A 183 26.60 -6.97 -12.44
N LYS A 184 27.80 -7.54 -12.36
CA LYS A 184 28.93 -6.86 -11.73
C LYS A 184 29.83 -6.21 -12.78
N THR B 2 -8.85 -4.25 17.85
CA THR B 2 -10.11 -4.79 17.39
C THR B 2 -10.58 -5.91 18.32
N GLU B 3 -11.80 -5.78 18.82
CA GLU B 3 -12.35 -6.80 19.72
C GLU B 3 -13.29 -7.73 18.98
N TYR B 4 -13.03 -9.02 19.07
CA TYR B 4 -13.85 -10.02 18.40
C TYR B 4 -14.66 -10.82 19.40
N LYS B 5 -15.97 -10.79 19.25
CA LYS B 5 -16.86 -11.53 20.14
C LYS B 5 -16.90 -12.99 19.73
N LEU B 6 -16.26 -13.85 20.50
CA LEU B 6 -16.21 -15.27 20.21
C LEU B 6 -17.07 -16.08 21.17
N VAL B 7 -17.81 -17.01 20.63
CA VAL B 7 -18.67 -17.87 21.45
C VAL B 7 -18.37 -19.33 21.14
N VAL B 8 -18.10 -20.10 22.16
CA VAL B 8 -17.78 -21.52 22.00
C VAL B 8 -19.06 -22.34 22.16
N VAL B 9 -19.47 -23.01 21.09
CA VAL B 9 -20.68 -23.82 21.12
C VAL B 9 -20.38 -25.31 20.94
N GLY B 10 -21.23 -26.14 21.52
CA GLY B 10 -21.07 -27.57 21.43
C GLY B 10 -21.71 -28.27 22.61
N ALA B 11 -21.61 -29.60 22.63
CA ALA B 11 -22.19 -30.39 23.71
C ALA B 11 -21.31 -30.33 24.95
N ASP B 12 -21.73 -31.02 25.99
CA ASP B 12 -20.96 -31.04 27.24
C ASP B 12 -19.97 -32.19 27.27
N GLY B 13 -18.77 -31.89 27.77
CA GLY B 13 -17.74 -32.90 27.87
C GLY B 13 -16.86 -32.96 26.65
N VAL B 14 -17.11 -32.08 25.69
CA VAL B 14 -16.32 -32.05 24.47
C VAL B 14 -14.95 -31.40 24.69
N GLY B 15 -14.87 -30.51 25.68
CA GLY B 15 -13.60 -29.86 25.97
C GLY B 15 -13.59 -28.38 25.60
N LYS B 16 -14.76 -27.75 25.56
CA LYS B 16 -14.87 -26.34 25.23
C LYS B 16 -14.14 -25.47 26.27
N SER B 17 -14.16 -25.92 27.51
CA SER B 17 -13.52 -25.20 28.59
C SER B 17 -12.01 -25.44 28.59
N ALA B 18 -11.59 -26.68 28.33
CA ALA B 18 -10.19 -27.04 28.29
C ALA B 18 -9.45 -26.20 27.26
N LEU B 19 -10.05 -26.06 26.08
CA LEU B 19 -9.45 -25.28 25.00
C LEU B 19 -9.36 -23.81 25.41
N THR B 20 -10.35 -23.33 26.13
CA THR B 20 -10.39 -21.95 26.58
C THR B 20 -9.32 -21.70 27.65
N ILE B 21 -9.22 -22.60 28.63
CA ILE B 21 -8.24 -22.46 29.70
C ILE B 21 -6.82 -22.56 29.13
N GLN B 22 -6.64 -23.42 28.14
CA GLN B 22 -5.33 -23.59 27.50
C GLN B 22 -4.91 -22.31 26.79
N LEU B 23 -5.88 -21.63 26.18
CA LEU B 23 -5.60 -20.40 25.46
C LEU B 23 -5.41 -19.22 26.40
N ILE B 24 -6.15 -19.20 27.50
CA ILE B 24 -6.07 -18.11 28.46
C ILE B 24 -4.96 -18.29 29.50
N GLN B 25 -5.01 -19.38 30.27
CA GLN B 25 -4.03 -19.61 31.32
C GLN B 25 -2.79 -20.33 30.81
N ASN B 26 -2.94 -21.07 29.70
CA ASN B 26 -1.83 -21.79 29.06
C ASN B 26 -1.30 -22.97 29.89
N HIS B 27 -2.13 -23.51 30.77
CA HIS B 27 -1.70 -24.64 31.60
C HIS B 27 -2.70 -25.81 31.53
N PHE B 28 -3.51 -25.81 30.46
CA PHE B 28 -4.52 -26.86 30.25
C PHE B 28 -5.68 -26.76 31.23
N VAL B 29 -5.43 -27.13 32.48
CA VAL B 29 -6.45 -27.08 33.52
C VAL B 29 -5.84 -27.39 34.89
N ASP B 30 -6.21 -26.58 35.88
CA ASP B 30 -5.73 -26.78 37.24
C ASP B 30 -6.76 -27.54 38.03
N GLU B 31 -7.97 -26.99 38.08
CA GLU B 31 -9.08 -27.59 38.79
C GLU B 31 -10.31 -27.52 37.91
N TYR B 32 -11.21 -28.50 38.04
CA TYR B 32 -12.42 -28.53 37.25
C TYR B 32 -13.46 -27.58 37.82
N ASP B 33 -13.37 -26.32 37.43
CA ASP B 33 -14.28 -25.29 37.91
C ASP B 33 -15.07 -24.71 36.75
N PRO B 34 -16.38 -25.00 36.68
CA PRO B 34 -17.25 -24.51 35.62
C PRO B 34 -17.59 -23.03 35.80
N THR B 35 -17.25 -22.23 34.80
CA THR B 35 -17.52 -20.81 34.84
C THR B 35 -18.94 -20.51 34.37
N ILE B 36 -19.53 -19.46 34.91
CA ILE B 36 -20.88 -19.07 34.53
C ILE B 36 -20.80 -18.06 33.39
N GLU B 37 -20.26 -16.88 33.69
CA GLU B 37 -20.13 -15.82 32.72
C GLU B 37 -18.92 -14.96 33.05
N ASP B 38 -17.75 -15.60 33.10
CA ASP B 38 -16.51 -14.92 33.43
C ASP B 38 -15.83 -14.41 32.18
N SER B 39 -15.18 -13.26 32.29
CA SER B 39 -14.50 -12.66 31.16
C SER B 39 -13.00 -12.54 31.44
N TYR B 40 -12.19 -12.81 30.44
CA TYR B 40 -10.75 -12.73 30.57
C TYR B 40 -10.18 -11.87 29.46
N ARG B 41 -9.00 -11.30 29.69
CA ARG B 41 -8.34 -10.46 28.71
C ARG B 41 -7.08 -11.13 28.18
N LYS B 42 -7.00 -11.26 26.86
CA LYS B 42 -5.86 -11.89 26.22
C LYS B 42 -5.46 -11.10 24.97
N GLN B 43 -4.31 -10.45 25.04
CA GLN B 43 -3.82 -9.68 23.91
C GLN B 43 -2.90 -10.52 23.02
N VAL B 44 -3.28 -10.67 21.76
CA VAL B 44 -2.49 -11.45 20.81
C VAL B 44 -2.34 -10.71 19.50
N VAL B 45 -1.24 -10.94 18.81
CA VAL B 45 -0.97 -10.31 17.52
C VAL B 45 -1.29 -11.31 16.42
N ILE B 46 -2.41 -11.10 15.75
CA ILE B 46 -2.85 -11.98 14.67
C ILE B 46 -2.61 -11.33 13.32
N ASP B 47 -1.72 -11.92 12.51
CA ASP B 47 -1.42 -11.41 11.17
C ASP B 47 -0.84 -9.98 11.25
N GLY B 48 -0.26 -9.65 12.38
CA GLY B 48 0.30 -8.33 12.58
C GLY B 48 -0.72 -7.35 13.09
N GLU B 49 -1.86 -7.84 13.53
CA GLU B 49 -2.92 -7.00 14.05
C GLU B 49 -3.19 -7.33 15.52
N THR B 50 -3.38 -6.30 16.33
CA THR B 50 -3.66 -6.48 17.74
C THR B 50 -5.16 -6.69 17.93
N CYS B 51 -5.55 -7.87 18.36
CA CYS B 51 -6.96 -8.17 18.56
C CYS B 51 -7.26 -8.67 19.96
N LEU B 52 -8.39 -8.26 20.49
CA LEU B 52 -8.83 -8.67 21.80
C LEU B 52 -9.89 -9.77 21.66
N LEU B 53 -9.55 -10.97 22.12
CA LEU B 53 -10.47 -12.10 22.02
C LEU B 53 -11.47 -12.14 23.16
N ASP B 54 -12.71 -11.81 22.84
CA ASP B 54 -13.79 -11.85 23.83
C ASP B 54 -14.45 -13.22 23.75
N ILE B 55 -13.91 -14.17 24.47
CA ILE B 55 -14.42 -15.53 24.47
C ILE B 55 -15.46 -15.76 25.56
N LEU B 56 -16.43 -16.62 25.27
CA LEU B 56 -17.49 -16.96 26.21
C LEU B 56 -17.88 -18.42 26.06
N ASP B 57 -17.66 -19.20 27.12
CA ASP B 57 -18.00 -20.63 27.11
C ASP B 57 -19.26 -20.86 27.94
N THR B 58 -20.30 -21.35 27.29
CA THR B 58 -21.56 -21.61 27.96
C THR B 58 -21.79 -23.11 28.12
N ALA B 59 -22.72 -23.47 29.00
CA ALA B 59 -23.03 -24.86 29.25
C ALA B 59 -23.82 -25.47 28.11
N GLY B 60 -23.15 -26.29 27.30
CA GLY B 60 -23.81 -26.95 26.18
C GLY B 60 -24.46 -28.23 26.62
N GLN B 61 -25.19 -28.17 27.72
CA GLN B 61 -25.86 -29.34 28.26
C GLN B 61 -27.34 -29.30 27.93
N GLU B 62 -27.67 -28.62 26.83
CA GLU B 62 -29.05 -28.47 26.38
C GLU B 62 -29.89 -27.71 27.39
N GLU B 63 -31.21 -27.76 27.24
CA GLU B 63 -32.16 -27.07 28.12
C GLU B 63 -32.18 -25.56 27.87
N TYR B 64 -31.01 -24.99 27.62
CA TYR B 64 -30.87 -23.56 27.36
C TYR B 64 -31.28 -23.20 25.93
N SER B 65 -32.49 -23.58 25.55
CA SER B 65 -32.98 -23.29 24.22
C SER B 65 -33.28 -21.80 24.05
N ALA B 66 -33.58 -21.14 25.17
CA ALA B 66 -33.87 -19.72 25.15
C ALA B 66 -32.60 -18.90 25.36
N MET B 67 -31.76 -19.35 26.29
CA MET B 67 -30.51 -18.64 26.59
C MET B 67 -29.56 -18.62 25.40
N ARG B 68 -29.57 -19.71 24.63
CA ARG B 68 -28.72 -19.83 23.45
C ARG B 68 -29.06 -18.76 22.43
N ASP B 69 -30.33 -18.39 22.38
CA ASP B 69 -30.83 -17.37 21.46
C ASP B 69 -30.33 -15.97 21.83
N GLN B 70 -29.73 -15.83 23.00
CA GLN B 70 -29.23 -14.53 23.45
C GLN B 70 -27.82 -14.23 22.94
N TYR B 71 -26.86 -15.02 23.40
CA TYR B 71 -25.46 -14.81 23.02
C TYR B 71 -25.18 -15.06 21.53
N MET B 72 -26.04 -15.84 20.88
CA MET B 72 -25.88 -16.13 19.46
C MET B 72 -26.03 -14.86 18.63
N ARG B 73 -26.85 -13.95 19.12
CA ARG B 73 -27.10 -12.70 18.43
C ARG B 73 -26.07 -11.64 18.81
N THR B 74 -25.17 -11.98 19.71
CA THR B 74 -24.13 -11.05 20.15
C THR B 74 -22.74 -11.46 19.67
N GLY B 75 -22.52 -12.77 19.50
CA GLY B 75 -21.23 -13.25 19.05
C GLY B 75 -21.01 -13.05 17.56
N GLU B 76 -19.77 -12.76 17.17
CA GLU B 76 -19.42 -12.55 15.77
C GLU B 76 -18.87 -13.85 15.17
N GLY B 77 -18.09 -14.56 15.97
CA GLY B 77 -17.51 -15.81 15.52
C GLY B 77 -17.91 -16.96 16.41
N PHE B 78 -18.33 -18.06 15.82
CA PHE B 78 -18.76 -19.21 16.59
C PHE B 78 -17.85 -20.41 16.39
N LEU B 79 -17.38 -20.94 17.49
CA LEU B 79 -16.49 -22.09 17.47
C LEU B 79 -17.27 -23.35 17.79
N CYS B 80 -17.47 -24.20 16.79
CA CYS B 80 -18.20 -25.44 16.95
C CYS B 80 -17.24 -26.55 17.38
N VAL B 81 -17.24 -26.87 18.66
CA VAL B 81 -16.36 -27.90 19.19
C VAL B 81 -17.12 -29.20 19.45
N PHE B 82 -16.58 -30.29 18.94
CA PHE B 82 -17.17 -31.61 19.13
C PHE B 82 -16.08 -32.61 19.52
N ALA B 83 -16.47 -33.77 20.01
CA ALA B 83 -15.50 -34.77 20.41
C ALA B 83 -15.39 -35.86 19.34
N ILE B 84 -14.16 -36.23 19.00
CA ILE B 84 -13.92 -37.25 17.98
C ILE B 84 -14.44 -38.63 18.42
N ASN B 85 -14.66 -38.78 19.72
CA ASN B 85 -15.15 -40.04 20.26
C ASN B 85 -16.59 -39.90 20.75
N ASN B 86 -17.28 -38.89 20.24
CA ASN B 86 -18.67 -38.64 20.61
C ASN B 86 -19.49 -38.20 19.40
N THR B 87 -20.17 -39.16 18.78
CA THR B 87 -20.98 -38.90 17.60
C THR B 87 -22.08 -37.88 17.88
N LYS B 88 -22.64 -37.90 19.09
CA LYS B 88 -23.70 -36.98 19.47
C LYS B 88 -23.25 -35.53 19.34
N SER B 89 -22.06 -35.23 19.81
CA SER B 89 -21.54 -33.88 19.73
C SER B 89 -21.33 -33.43 18.28
N PHE B 90 -21.05 -34.40 17.41
CA PHE B 90 -20.85 -34.11 15.99
C PHE B 90 -22.18 -33.82 15.32
N GLU B 91 -23.19 -34.62 15.65
CA GLU B 91 -24.53 -34.46 15.10
C GLU B 91 -25.14 -33.16 15.58
N ASP B 92 -24.88 -32.83 16.85
CA ASP B 92 -25.40 -31.62 17.47
C ASP B 92 -24.88 -30.36 16.78
N ILE B 93 -23.75 -30.47 16.10
CA ILE B 93 -23.16 -29.33 15.39
C ILE B 93 -24.14 -28.79 14.36
N HIS B 94 -24.82 -29.69 13.67
CA HIS B 94 -25.81 -29.32 12.66
C HIS B 94 -26.96 -28.58 13.32
N HIS B 95 -27.44 -29.13 14.43
CA HIS B 95 -28.54 -28.54 15.17
C HIS B 95 -28.18 -27.14 15.67
N TYR B 96 -26.96 -26.99 16.16
CA TYR B 96 -26.47 -25.71 16.64
C TYR B 96 -26.41 -24.69 15.51
N ARG B 97 -25.77 -25.09 14.42
CA ARG B 97 -25.60 -24.24 13.24
C ARG B 97 -26.96 -23.75 12.72
N GLU B 98 -27.94 -24.65 12.67
CA GLU B 98 -29.27 -24.30 12.18
C GLU B 98 -29.93 -23.26 13.07
N GLN B 99 -29.75 -23.39 14.38
CA GLN B 99 -30.32 -22.44 15.32
C GLN B 99 -29.68 -21.08 15.16
N ILE B 100 -28.36 -21.07 15.00
CA ILE B 100 -27.60 -19.83 14.84
C ILE B 100 -28.14 -19.02 13.64
N LYS B 101 -28.40 -19.70 12.53
CA LYS B 101 -28.92 -19.07 11.34
C LYS B 101 -30.29 -18.45 11.60
N ARG B 102 -31.04 -19.04 12.52
CA ARG B 102 -32.37 -18.56 12.85
C ARG B 102 -32.27 -17.37 13.80
N VAL B 103 -31.40 -17.49 14.80
CA VAL B 103 -31.21 -16.43 15.79
C VAL B 103 -30.62 -15.17 15.18
N LYS B 104 -29.53 -15.32 14.44
CA LYS B 104 -28.88 -14.18 13.81
C LYS B 104 -29.59 -13.77 12.53
N ASP B 105 -30.40 -14.67 12.00
CA ASP B 105 -31.13 -14.41 10.77
C ASP B 105 -30.16 -14.09 9.63
N SER B 106 -29.42 -15.11 9.21
CA SER B 106 -28.45 -14.96 8.14
C SER B 106 -27.97 -16.33 7.67
N GLU B 107 -27.68 -16.44 6.39
CA GLU B 107 -27.20 -17.68 5.81
C GLU B 107 -25.69 -17.78 5.93
N ASP B 108 -25.03 -16.63 5.87
CA ASP B 108 -23.57 -16.56 5.96
C ASP B 108 -23.16 -16.23 7.39
N VAL B 109 -22.73 -17.25 8.12
CA VAL B 109 -22.30 -17.08 9.50
C VAL B 109 -20.86 -17.55 9.68
N PRO B 110 -19.98 -16.67 10.18
CA PRO B 110 -18.57 -16.99 10.42
C PRO B 110 -18.42 -18.00 11.55
N MET B 111 -18.29 -19.27 11.19
CA MET B 111 -18.15 -20.33 12.15
C MET B 111 -16.95 -21.19 11.79
N VAL B 112 -16.44 -21.92 12.76
CA VAL B 112 -15.30 -22.81 12.56
C VAL B 112 -15.56 -24.16 13.22
N LEU B 113 -15.32 -25.22 12.47
CA LEU B 113 -15.53 -26.57 12.99
C LEU B 113 -14.21 -27.13 13.49
N VAL B 114 -14.21 -27.58 14.74
CA VAL B 114 -13.01 -28.14 15.35
C VAL B 114 -13.34 -29.37 16.19
N GLY B 115 -12.50 -30.39 16.07
CA GLY B 115 -12.71 -31.61 16.84
C GLY B 115 -11.70 -31.71 17.96
N ASN B 116 -12.17 -31.94 19.17
CA ASN B 116 -11.30 -32.06 20.33
C ASN B 116 -11.11 -33.52 20.71
N LYS B 117 -10.24 -33.77 21.69
CA LYS B 117 -9.95 -35.13 22.15
C LYS B 117 -9.25 -35.95 21.07
N CYS B 118 -8.44 -35.27 20.26
CA CYS B 118 -7.71 -35.91 19.18
C CYS B 118 -6.57 -36.79 19.69
N ASP B 119 -6.34 -36.77 21.00
CA ASP B 119 -5.28 -37.57 21.61
C ASP B 119 -5.83 -38.91 22.09
N LEU B 120 -7.15 -39.06 21.99
CA LEU B 120 -7.82 -40.28 22.40
C LEU B 120 -7.85 -41.31 21.26
N PRO B 121 -7.78 -42.61 21.60
CA PRO B 121 -7.80 -43.69 20.62
C PRO B 121 -9.23 -44.08 20.25
N SER B 122 -9.37 -44.81 19.13
CA SER B 122 -10.66 -45.27 18.64
C SER B 122 -11.63 -44.11 18.40
N ARG B 123 -11.42 -43.40 17.31
CA ARG B 123 -12.27 -42.28 16.96
C ARG B 123 -13.61 -42.75 16.41
N THR B 124 -14.69 -42.39 17.08
CA THR B 124 -16.03 -42.76 16.66
C THR B 124 -16.41 -41.94 15.43
N VAL B 125 -15.88 -40.72 15.36
CA VAL B 125 -16.14 -39.82 14.24
C VAL B 125 -14.94 -39.82 13.31
N ASP B 126 -15.18 -40.11 12.03
CA ASP B 126 -14.10 -40.14 11.05
C ASP B 126 -13.89 -38.76 10.44
N THR B 127 -12.67 -38.50 10.01
CA THR B 127 -12.34 -37.22 9.40
C THR B 127 -13.11 -36.97 8.10
N LYS B 128 -13.57 -38.06 7.47
CA LYS B 128 -14.32 -37.95 6.22
C LYS B 128 -15.63 -37.20 6.42
N GLN B 129 -16.43 -37.65 7.38
CA GLN B 129 -17.71 -37.02 7.65
C GLN B 129 -17.51 -35.60 8.15
N ALA B 130 -16.45 -35.40 8.94
CA ALA B 130 -16.13 -34.09 9.48
C ALA B 130 -15.79 -33.12 8.36
N GLN B 131 -14.99 -33.60 7.40
CA GLN B 131 -14.59 -32.79 6.25
C GLN B 131 -15.80 -32.48 5.38
N ASP B 132 -16.65 -33.48 5.18
CA ASP B 132 -17.84 -33.33 4.35
C ASP B 132 -18.78 -32.30 4.95
N LEU B 133 -18.97 -32.34 6.27
CA LEU B 133 -19.84 -31.41 6.95
C LEU B 133 -19.32 -29.99 6.79
N ALA B 134 -18.02 -29.81 7.02
CA ALA B 134 -17.39 -28.50 6.89
C ALA B 134 -17.47 -28.00 5.45
N ARG B 135 -17.21 -28.89 4.51
CA ARG B 135 -17.25 -28.56 3.09
C ARG B 135 -18.65 -28.09 2.67
N SER B 136 -19.66 -28.79 3.15
CA SER B 136 -21.03 -28.45 2.82
C SER B 136 -21.43 -27.10 3.44
N TYR B 137 -20.94 -26.84 4.64
CA TYR B 137 -21.24 -25.59 5.33
C TYR B 137 -20.49 -24.42 4.71
N GLY B 138 -19.27 -24.69 4.22
CA GLY B 138 -18.46 -23.66 3.63
C GLY B 138 -17.56 -23.02 4.66
N ILE B 139 -17.13 -23.84 5.62
CA ILE B 139 -16.27 -23.38 6.69
C ILE B 139 -15.07 -24.31 6.83
N PRO B 140 -13.94 -23.80 7.35
CA PRO B 140 -12.72 -24.59 7.54
C PRO B 140 -12.81 -25.54 8.74
N PHE B 141 -12.16 -26.69 8.63
CA PHE B 141 -12.16 -27.67 9.70
C PHE B 141 -10.75 -28.14 10.01
N ILE B 142 -10.39 -28.11 11.30
CA ILE B 142 -9.06 -28.53 11.73
C ILE B 142 -9.14 -29.34 13.03
N GLU B 143 -8.57 -30.54 13.03
CA GLU B 143 -8.56 -31.37 14.24
C GLU B 143 -7.47 -30.88 15.18
N THR B 144 -7.85 -30.47 16.38
CA THR B 144 -6.87 -29.97 17.33
C THR B 144 -6.96 -30.69 18.67
N SER B 145 -5.95 -30.48 19.51
CA SER B 145 -5.90 -31.09 20.83
C SER B 145 -5.19 -30.14 21.79
N ALA B 146 -5.87 -29.76 22.87
CA ALA B 146 -5.31 -28.84 23.84
C ALA B 146 -4.21 -29.50 24.66
N LYS B 147 -4.21 -30.82 24.67
CA LYS B 147 -3.21 -31.58 25.40
C LYS B 147 -1.83 -31.49 24.77
N THR B 148 -1.79 -31.37 23.45
CA THR B 148 -0.53 -31.26 22.74
C THR B 148 -0.35 -29.89 22.09
N ARG B 149 -1.44 -29.10 22.07
CA ARG B 149 -1.44 -27.77 21.47
C ARG B 149 -1.12 -27.85 19.98
N GLN B 150 -1.51 -28.96 19.38
CA GLN B 150 -1.25 -29.19 17.97
C GLN B 150 -2.22 -28.43 17.07
N GLY B 151 -1.74 -27.30 16.54
CA GLY B 151 -2.55 -26.49 15.63
C GLY B 151 -3.72 -25.78 16.29
N VAL B 152 -3.76 -25.79 17.62
CA VAL B 152 -4.85 -25.15 18.35
C VAL B 152 -4.87 -23.63 18.14
N ASP B 153 -3.71 -23.01 18.26
CA ASP B 153 -3.60 -21.57 18.10
C ASP B 153 -3.93 -21.15 16.67
N ASP B 154 -3.61 -22.03 15.72
CA ASP B 154 -3.86 -21.76 14.31
C ASP B 154 -5.36 -21.79 14.00
N ALA B 155 -6.06 -22.72 14.64
CA ALA B 155 -7.50 -22.86 14.44
C ALA B 155 -8.23 -21.58 14.82
N PHE B 156 -7.85 -21.01 15.96
CA PHE B 156 -8.46 -19.76 16.43
C PHE B 156 -8.14 -18.61 15.49
N TYR B 157 -6.92 -18.62 14.95
CA TYR B 157 -6.49 -17.58 14.01
C TYR B 157 -7.32 -17.62 12.73
N THR B 158 -7.65 -18.82 12.31
CA THR B 158 -8.44 -19.02 11.10
C THR B 158 -9.83 -18.37 11.25
N LEU B 159 -10.40 -18.48 12.44
CA LEU B 159 -11.72 -17.92 12.72
C LEU B 159 -11.70 -16.40 12.56
N VAL B 160 -10.58 -15.78 12.89
CA VAL B 160 -10.43 -14.33 12.80
C VAL B 160 -10.56 -13.87 11.34
N ARG B 161 -9.92 -14.60 10.44
CA ARG B 161 -9.97 -14.27 9.03
C ARG B 161 -11.37 -14.44 8.45
N GLU B 162 -12.08 -15.46 8.93
CA GLU B 162 -13.44 -15.72 8.47
C GLU B 162 -14.37 -14.56 8.79
N ILE B 163 -14.22 -14.00 9.99
CA ILE B 163 -15.05 -12.87 10.42
C ILE B 163 -14.74 -11.62 9.59
N ARG B 164 -13.46 -11.31 9.44
CA ARG B 164 -13.04 -10.13 8.69
C ARG B 164 -13.40 -10.24 7.22
N LYS B 165 -13.34 -11.46 6.68
CA LYS B 165 -13.67 -11.71 5.29
C LYS B 165 -15.07 -11.22 4.95
N HIS B 166 -16.03 -11.60 5.77
CA HIS B 166 -17.42 -11.20 5.56
C HIS B 166 -17.56 -9.67 5.58
N LYS B 167 -16.92 -9.04 6.56
CA LYS B 167 -16.98 -7.60 6.70
C LYS B 167 -16.45 -6.87 5.47
N GLU B 168 -15.27 -7.27 5.01
CA GLU B 168 -14.68 -6.65 3.84
C GLU B 168 -15.48 -6.96 2.58
N LYS B 169 -16.05 -8.16 2.53
CA LYS B 169 -16.84 -8.61 1.40
C LYS B 169 -18.09 -7.75 1.23
N MET B 170 -18.78 -7.49 2.34
CA MET B 170 -20.00 -6.69 2.32
C MET B 170 -19.70 -5.24 1.98
N SER B 171 -18.52 -4.77 2.37
CA SER B 171 -18.11 -3.40 2.11
C SER B 171 -18.02 -3.11 0.61
N LYS B 172 -17.56 -4.11 -0.16
CA LYS B 172 -17.41 -3.99 -1.62
C LYS B 172 -16.52 -2.80 -1.97
N ASP B 173 -15.46 -2.61 -1.20
CA ASP B 173 -14.53 -1.50 -1.42
C ASP B 173 -13.11 -2.03 -1.47
N GLY B 174 -12.23 -1.28 -2.12
CA GLY B 174 -10.84 -1.70 -2.24
C GLY B 174 -10.09 -0.90 -3.28
N LYS B 175 -10.17 0.42 -3.16
CA LYS B 175 -9.53 1.32 -4.09
C LYS B 175 -8.68 2.35 -3.35
N LYS B 176 -7.89 3.10 -4.10
CA LYS B 176 -7.03 4.14 -3.55
C LYS B 176 -6.89 5.27 -4.55
N LYS B 177 -6.04 6.23 -4.23
CA LYS B 177 -5.82 7.36 -5.13
C LYS B 177 -4.43 7.27 -5.72
N LYS B 178 -3.43 7.28 -4.86
CA LYS B 178 -2.03 7.23 -5.28
C LYS B 178 -1.43 5.83 -5.05
N LYS B 179 -1.21 5.10 -6.14
CA LYS B 179 -0.62 3.77 -6.07
C LYS B 179 -0.06 3.37 -7.42
N LYS B 180 -0.94 3.24 -8.41
CA LYS B 180 -0.53 2.87 -9.76
C LYS B 180 -0.82 3.99 -10.75
N SER B 181 -0.11 3.99 -11.88
CA SER B 181 -0.29 5.01 -12.91
C SER B 181 -1.74 5.10 -13.36
N LYS B 182 -2.31 6.30 -13.22
CA LYS B 182 -3.70 6.55 -13.59
C LYS B 182 -3.81 6.99 -15.05
N THR B 183 -3.13 6.28 -15.93
CA THR B 183 -3.17 6.59 -17.36
C THR B 183 -4.52 6.25 -17.96
N LYS B 184 -5.38 7.27 -18.11
CA LYS B 184 -6.71 7.08 -18.66
C LYS B 184 -7.01 8.13 -19.74
N SER C 14 1.15 5.48 -52.06
CA SER C 14 1.83 4.28 -51.62
C SER C 14 2.95 3.88 -52.59
N THR C 15 3.11 4.69 -53.62
CA THR C 15 4.15 4.46 -54.63
C THR C 15 5.53 4.73 -54.03
N PHE C 16 5.70 5.92 -53.45
CA PHE C 16 6.96 6.33 -52.86
C PHE C 16 7.40 5.39 -51.74
N SER C 17 6.44 4.90 -50.98
CA SER C 17 6.71 3.98 -49.87
C SER C 17 7.35 2.70 -50.35
N LYS C 18 6.91 2.19 -51.49
CA LYS C 18 7.44 0.96 -52.06
C LYS C 18 8.79 1.21 -52.71
N LEU C 19 8.94 2.38 -53.32
CA LEU C 19 10.20 2.73 -53.99
C LEU C 19 11.32 3.00 -52.99
N ARG C 20 11.01 3.76 -51.94
CA ARG C 20 11.98 4.10 -50.92
C ARG C 20 12.54 2.86 -50.22
N GLU C 21 11.67 1.88 -50.01
CA GLU C 21 12.07 0.63 -49.36
C GLU C 21 12.89 -0.27 -50.29
N GLN C 22 12.94 0.08 -51.57
CA GLN C 22 13.68 -0.69 -52.55
C GLN C 22 15.07 -0.11 -52.81
N LEU C 23 15.16 1.21 -52.79
CA LEU C 23 16.43 1.91 -53.04
C LEU C 23 17.36 1.85 -51.82
N GLY C 24 16.75 1.80 -50.64
CA GLY C 24 17.51 1.76 -49.40
C GLY C 24 18.53 0.62 -49.29
N PRO C 25 18.08 -0.66 -49.38
CA PRO C 25 18.96 -1.84 -49.26
C PRO C 25 20.23 -1.78 -50.13
N VAL C 26 20.11 -1.19 -51.32
CA VAL C 26 21.23 -1.09 -52.24
C VAL C 26 22.41 -0.35 -51.61
N THR C 27 22.18 0.89 -51.21
CA THR C 27 23.23 1.72 -50.61
C THR C 27 23.49 1.29 -49.16
N GLN C 28 22.52 0.60 -48.58
CA GLN C 28 22.62 0.10 -47.22
C GLN C 28 23.88 -0.74 -47.05
N GLU C 29 24.05 -1.72 -47.92
CA GLU C 29 25.21 -2.61 -47.88
C GLU C 29 26.49 -1.84 -48.19
N PHE C 30 26.37 -0.85 -49.06
CA PHE C 30 27.52 -0.03 -49.45
C PHE C 30 28.07 0.74 -48.25
N TRP C 31 27.19 1.47 -47.57
CA TRP C 31 27.59 2.25 -46.40
C TRP C 31 28.07 1.35 -45.27
N ASP C 32 27.48 0.17 -45.17
CA ASP C 32 27.85 -0.79 -44.13
C ASP C 32 29.30 -1.21 -44.30
N ASN C 33 29.65 -1.64 -45.50
CA ASN C 33 31.02 -2.07 -45.79
C ASN C 33 32.00 -0.92 -45.63
N LEU C 34 31.57 0.27 -46.02
CA LEU C 34 32.39 1.47 -45.93
C LEU C 34 32.71 1.78 -44.47
N GLU C 35 31.68 1.75 -43.62
CA GLU C 35 31.85 2.03 -42.20
C GLU C 35 32.67 0.93 -41.54
N LYS C 36 32.46 -0.31 -41.98
CA LYS C 36 33.19 -1.45 -41.45
C LYS C 36 34.68 -1.31 -41.66
N GLU C 37 35.07 -0.82 -42.85
CA GLU C 37 36.48 -0.63 -43.16
C GLU C 37 37.11 0.36 -42.20
N THR C 38 36.45 1.50 -42.00
CA THR C 38 36.93 2.53 -41.10
C THR C 38 36.95 2.01 -39.66
N GLU C 39 35.97 1.18 -39.34
CA GLU C 39 35.87 0.59 -38.01
C GLU C 39 37.09 -0.28 -37.73
N GLY C 40 37.46 -1.09 -38.71
CA GLY C 40 38.61 -1.96 -38.59
C GLY C 40 39.89 -1.18 -38.37
N LEU C 41 40.04 -0.09 -39.12
CA LEU C 41 41.23 0.76 -38.99
C LEU C 41 41.25 1.44 -37.62
N ARG C 42 40.09 1.88 -37.16
CA ARG C 42 39.97 2.54 -35.88
C ARG C 42 40.36 1.58 -34.75
N GLN C 43 40.04 0.30 -34.91
CA GLN C 43 40.37 -0.70 -33.91
C GLN C 43 41.89 -0.82 -33.76
N GLU C 44 42.60 -0.68 -34.87
CA GLU C 44 44.06 -0.76 -34.86
C GLU C 44 44.62 0.37 -34.02
N MET C 45 44.04 1.55 -34.20
CA MET C 45 44.46 2.73 -33.48
C MET C 45 44.22 2.55 -31.99
N SER C 46 43.08 1.97 -31.64
CA SER C 46 42.73 1.72 -30.25
C SER C 46 43.64 0.67 -29.62
N LYS C 47 44.04 -0.32 -30.42
CA LYS C 47 44.90 -1.40 -29.95
C LYS C 47 46.28 -0.86 -29.56
N ASP C 48 46.84 0.00 -30.40
CA ASP C 48 48.14 0.59 -30.12
C ASP C 48 48.07 1.50 -28.90
N LEU C 49 46.98 2.25 -28.80
CA LEU C 49 46.76 3.17 -27.69
C LEU C 49 46.64 2.38 -26.38
N GLU C 50 45.98 1.22 -26.45
CA GLU C 50 45.80 0.36 -25.29
C GLU C 50 47.16 -0.13 -24.80
N GLU C 51 48.01 -0.49 -25.74
CA GLU C 51 49.35 -0.96 -25.44
C GLU C 51 50.15 0.11 -24.71
N VAL C 52 50.06 1.35 -25.19
CA VAL C 52 50.77 2.47 -24.56
C VAL C 52 50.29 2.67 -23.13
N LYS C 53 48.99 2.48 -22.92
CA LYS C 53 48.38 2.63 -21.60
C LYS C 53 49.01 1.66 -20.60
N ALA C 54 49.23 0.42 -21.04
CA ALA C 54 49.82 -0.60 -20.19
C ALA C 54 51.34 -0.47 -20.11
N LYS C 55 51.92 0.29 -21.03
CA LYS C 55 53.36 0.49 -21.06
C LYS C 55 53.82 1.46 -19.99
N VAL C 56 53.06 2.53 -19.78
CA VAL C 56 53.40 3.54 -18.79
C VAL C 56 52.88 3.17 -17.39
N GLN C 57 52.03 2.15 -17.35
CA GLN C 57 51.44 1.67 -16.11
C GLN C 57 52.45 1.36 -15.00
N PRO C 58 53.45 0.47 -15.26
CA PRO C 58 54.47 0.11 -14.26
C PRO C 58 55.21 1.33 -13.69
N TYR C 59 55.47 2.31 -14.55
CA TYR C 59 56.18 3.52 -14.13
C TYR C 59 55.34 4.36 -13.17
N LEU C 60 54.03 4.41 -13.42
CA LEU C 60 53.12 5.18 -12.59
C LEU C 60 52.88 4.46 -11.27
N ASP C 61 52.91 3.13 -11.31
CA ASP C 61 52.70 2.32 -10.12
C ASP C 61 53.87 2.49 -9.15
N ASP C 62 55.09 2.38 -9.67
CA ASP C 62 56.31 2.53 -8.87
C ASP C 62 56.36 3.88 -8.17
N PHE C 63 56.07 4.93 -8.91
CA PHE C 63 56.08 6.28 -8.38
C PHE C 63 55.04 6.45 -7.27
N GLN C 64 53.90 5.80 -7.43
CA GLN C 64 52.83 5.89 -6.45
C GLN C 64 53.25 5.24 -5.13
N LYS C 65 53.97 4.12 -5.24
CA LYS C 65 54.45 3.41 -4.04
C LYS C 65 55.37 4.32 -3.24
N LYS C 66 56.24 5.03 -3.96
CA LYS C 66 57.19 5.95 -3.36
C LYS C 66 56.44 7.05 -2.59
N TRP C 67 55.37 7.56 -3.21
CA TRP C 67 54.56 8.60 -2.61
C TRP C 67 53.93 8.12 -1.30
N GLN C 68 53.41 6.90 -1.32
CA GLN C 68 52.78 6.31 -0.15
C GLN C 68 53.75 6.24 1.02
N GLU C 69 54.95 5.74 0.75
CA GLU C 69 55.99 5.60 1.77
C GLU C 69 56.24 6.92 2.51
N GLU C 70 56.32 8.02 1.75
CA GLU C 70 56.57 9.33 2.33
C GLU C 70 55.38 9.81 3.18
N MET C 71 54.17 9.54 2.71
CA MET C 71 52.97 9.96 3.43
C MET C 71 52.79 9.17 4.73
N GLU C 72 53.09 7.88 4.69
CA GLU C 72 52.97 7.05 5.88
C GLU C 72 54.00 7.46 6.93
N LEU C 73 55.19 7.82 6.46
CA LEU C 73 56.27 8.26 7.34
C LEU C 73 55.85 9.53 8.09
N TYR C 74 55.14 10.41 7.40
CA TYR C 74 54.69 11.65 8.01
C TYR C 74 53.56 11.37 9.00
N ARG C 75 52.72 10.39 8.68
CA ARG C 75 51.60 10.02 9.54
C ARG C 75 52.11 9.54 10.89
N GLN C 76 53.25 8.86 10.86
CA GLN C 76 53.88 8.34 12.07
C GLN C 76 54.49 9.47 12.88
N LYS C 77 55.04 10.45 12.20
CA LYS C 77 55.69 11.59 12.85
C LYS C 77 54.67 12.51 13.54
N VAL C 78 53.49 12.65 12.95
CA VAL C 78 52.45 13.51 13.52
C VAL C 78 51.65 12.82 14.62
N GLU C 79 51.78 11.50 14.73
CA GLU C 79 51.05 10.73 15.73
C GLU C 79 51.28 11.21 17.18
N PRO C 80 52.55 11.31 17.65
CA PRO C 80 52.85 11.75 19.01
C PRO C 80 52.44 13.20 19.25
N LEU C 81 52.70 14.06 18.27
CA LEU C 81 52.36 15.47 18.36
C LEU C 81 50.87 15.67 18.52
N ARG C 82 50.09 14.86 17.81
CA ARG C 82 48.64 14.93 17.87
C ARG C 82 48.14 14.65 19.28
N ALA C 83 48.78 13.69 19.95
CA ALA C 83 48.40 13.31 21.30
C ALA C 83 48.70 14.45 22.29
N GLU C 84 49.84 15.09 22.10
CA GLU C 84 50.26 16.18 22.97
C GLU C 84 49.32 17.38 22.84
N LEU C 85 49.05 17.78 21.60
CA LEU C 85 48.18 18.93 21.33
C LEU C 85 46.74 18.65 21.80
N GLN C 86 46.37 17.38 21.81
CA GLN C 86 45.06 16.97 22.26
C GLN C 86 44.91 17.21 23.75
N GLU C 87 45.96 16.89 24.49
CA GLU C 87 45.97 17.05 25.93
C GLU C 87 45.94 18.54 26.30
N GLY C 88 46.75 19.33 25.60
CA GLY C 88 46.81 20.76 25.86
C GLY C 88 45.47 21.44 25.71
N ALA C 89 44.69 21.01 24.72
CA ALA C 89 43.38 21.57 24.48
C ALA C 89 42.37 21.11 25.54
N ARG C 90 42.46 19.83 25.90
CA ARG C 90 41.58 19.24 26.90
C ARG C 90 41.71 19.93 28.25
N GLN C 91 42.95 20.21 28.63
CA GLN C 91 43.26 20.84 29.91
C GLN C 91 42.73 22.28 30.00
N LYS C 92 42.34 22.85 28.86
CA LYS C 92 41.85 24.22 28.84
C LYS C 92 40.40 24.33 29.26
N LEU C 93 39.53 23.52 28.67
CA LEU C 93 38.10 23.58 28.97
C LEU C 93 37.77 23.14 30.39
N HIS C 94 38.40 22.05 30.84
CA HIS C 94 38.13 21.52 32.18
C HIS C 94 38.42 22.52 33.29
N GLU C 95 39.30 23.48 33.01
CA GLU C 95 39.64 24.51 33.98
C GLU C 95 38.62 25.65 33.92
N LEU C 96 38.20 25.99 32.71
CA LEU C 96 37.25 27.06 32.50
C LEU C 96 35.83 26.69 32.94
N GLN C 97 35.38 25.49 32.56
CA GLN C 97 34.04 25.02 32.90
C GLN C 97 33.80 25.04 34.41
N GLU C 98 34.81 24.67 35.16
CA GLU C 98 34.71 24.63 36.62
C GLU C 98 34.53 26.02 37.21
N LYS C 99 34.94 27.05 36.47
CA LYS C 99 34.84 28.42 36.94
C LYS C 99 33.60 29.13 36.39
N LEU C 100 32.92 28.49 35.45
CA LEU C 100 31.72 29.08 34.85
C LEU C 100 30.44 28.40 35.29
N SER C 101 30.56 27.17 35.78
CA SER C 101 29.40 26.39 36.21
C SER C 101 28.64 27.01 37.41
N PRO C 102 29.32 27.27 38.57
CA PRO C 102 28.66 27.82 39.77
C PRO C 102 27.83 29.08 39.48
N LEU C 103 28.37 29.94 38.62
CA LEU C 103 27.68 31.19 38.27
C LEU C 103 26.42 30.93 37.47
N GLY C 104 26.51 30.02 36.52
CA GLY C 104 25.36 29.70 35.67
C GLY C 104 24.28 28.94 36.43
N GLU C 105 24.72 28.00 37.27
CA GLU C 105 23.81 27.19 38.08
C GLU C 105 22.94 28.07 38.97
N GLU C 106 23.57 29.06 39.57
CA GLU C 106 22.89 29.98 40.47
C GLU C 106 21.83 30.81 39.74
N MET C 107 22.23 31.51 38.70
CA MET C 107 21.33 32.37 37.94
C MET C 107 20.16 31.61 37.31
N ARG C 108 20.41 30.35 36.96
CA ARG C 108 19.36 29.53 36.35
C ARG C 108 18.18 29.36 37.28
N ASP C 109 18.46 29.03 38.54
CA ASP C 109 17.42 28.82 39.53
C ASP C 109 16.67 30.11 39.81
N ARG C 110 17.42 31.20 39.91
CA ARG C 110 16.83 32.51 40.17
C ARG C 110 15.92 32.95 39.03
N ALA C 111 16.33 32.64 37.80
CA ALA C 111 15.52 32.99 36.62
C ALA C 111 14.26 32.15 36.57
N ARG C 112 14.42 30.85 36.80
CA ARG C 112 13.31 29.91 36.78
C ARG C 112 12.25 30.30 37.82
N ALA C 113 12.71 30.65 39.01
CA ALA C 113 11.81 31.04 40.09
C ALA C 113 11.07 32.34 39.75
N HIS C 114 11.75 33.23 39.05
CA HIS C 114 11.16 34.52 38.67
C HIS C 114 9.97 34.32 37.74
N VAL C 115 10.11 33.44 36.77
CA VAL C 115 9.04 33.17 35.82
C VAL C 115 7.80 32.62 36.53
N ASP C 116 8.02 31.77 37.52
CA ASP C 116 6.92 31.17 38.27
C ASP C 116 6.16 32.24 39.06
N ALA C 117 6.91 33.13 39.69
CA ALA C 117 6.32 34.21 40.46
C ALA C 117 5.55 35.16 39.56
N LEU C 118 6.07 35.38 38.37
CA LEU C 118 5.44 36.26 37.39
C LEU C 118 4.06 35.71 36.99
N ARG C 119 4.02 34.41 36.74
CA ARG C 119 2.78 33.75 36.35
C ARG C 119 1.76 33.83 37.47
N THR C 120 2.21 33.61 38.70
CA THR C 120 1.36 33.66 39.87
C THR C 120 0.82 35.07 40.11
N HIS C 121 1.63 36.07 39.83
CA HIS C 121 1.24 37.45 40.04
C HIS C 121 0.16 37.90 39.06
N LEU C 122 0.30 37.54 37.80
CA LEU C 122 -0.65 37.92 36.77
C LEU C 122 -1.92 37.06 36.81
N ALA C 123 -1.83 35.91 37.44
CA ALA C 123 -2.95 34.97 37.53
C ALA C 123 -4.28 35.62 37.97
N PRO C 124 -4.37 36.21 39.18
CA PRO C 124 -5.61 36.82 39.68
C PRO C 124 -6.08 37.98 38.79
N TYR C 125 -5.13 38.75 38.28
CA TYR C 125 -5.45 39.90 37.43
C TYR C 125 -6.07 39.41 36.11
N SER C 126 -5.45 38.39 35.53
CA SER C 126 -5.90 37.83 34.27
C SER C 126 -7.25 37.15 34.45
N ASP C 127 -7.43 36.49 35.59
CA ASP C 127 -8.66 35.80 35.91
C ASP C 127 -9.86 36.75 35.93
N GLU C 128 -9.70 37.87 36.62
CA GLU C 128 -10.77 38.87 36.71
C GLU C 128 -11.06 39.49 35.35
N LEU C 129 -10.01 39.85 34.63
CA LEU C 129 -10.14 40.46 33.32
C LEU C 129 -10.94 39.57 32.35
N ARG C 130 -10.56 38.28 32.28
CA ARG C 130 -11.24 37.35 31.39
C ARG C 130 -12.67 37.10 31.84
N GLN C 131 -12.91 37.22 33.14
CA GLN C 131 -14.24 37.01 33.70
C GLN C 131 -15.14 38.19 33.38
N ARG C 132 -14.64 39.40 33.57
CA ARG C 132 -15.40 40.60 33.30
C ARG C 132 -15.71 40.73 31.81
N LEU C 133 -14.72 40.43 30.98
CA LEU C 133 -14.88 40.51 29.54
C LEU C 133 -15.89 39.48 29.02
N ALA C 134 -15.92 38.32 29.67
CA ALA C 134 -16.84 37.26 29.28
C ALA C 134 -18.28 37.74 29.32
N ALA C 135 -18.65 38.40 30.42
CA ALA C 135 -20.00 38.92 30.60
C ALA C 135 -20.29 40.03 29.59
N ARG C 136 -19.27 40.86 29.34
CA ARG C 136 -19.38 41.97 28.41
C ARG C 136 -19.74 41.47 27.00
N LEU C 137 -19.03 40.45 26.56
CA LEU C 137 -19.25 39.87 25.23
C LEU C 137 -20.63 39.22 25.15
N GLU C 138 -21.05 38.60 26.24
CA GLU C 138 -22.35 37.92 26.29
C GLU C 138 -23.50 38.91 26.16
N ALA C 139 -23.38 40.06 26.83
CA ALA C 139 -24.41 41.08 26.78
C ALA C 139 -24.55 41.64 25.37
N LEU C 140 -23.42 41.78 24.69
CA LEU C 140 -23.38 42.29 23.33
C LEU C 140 -24.00 41.28 22.35
N LYS C 141 -23.73 40.00 22.60
CA LYS C 141 -24.24 38.93 21.75
C LYS C 141 -25.76 38.92 21.73
N GLU C 142 -26.36 39.14 22.89
CA GLU C 142 -27.82 39.15 23.03
C GLU C 142 -28.46 40.17 22.10
N ASN C 143 -27.90 41.38 22.06
CA ASN C 143 -28.43 42.44 21.20
C ASN C 143 -28.22 42.13 19.73
N GLY C 144 -27.02 41.64 19.41
CA GLY C 144 -26.69 41.32 18.04
C GLY C 144 -27.58 40.22 17.46
N GLY C 145 -27.85 39.20 18.26
CA GLY C 145 -28.67 38.10 17.81
C GLY C 145 -30.06 38.53 17.36
N ALA C 146 -30.58 39.58 17.97
CA ALA C 146 -31.91 40.08 17.61
C ALA C 146 -31.92 40.62 16.19
N ARG C 147 -31.00 41.54 15.91
CA ARG C 147 -30.90 42.15 14.58
C ARG C 147 -30.48 41.11 13.55
N LEU C 148 -29.63 40.18 13.96
CA LEU C 148 -29.14 39.14 13.08
C LEU C 148 -30.26 38.25 12.56
N ALA C 149 -31.14 37.83 13.47
CA ALA C 149 -32.27 36.97 13.11
C ALA C 149 -33.15 37.60 12.05
N GLU C 150 -33.45 38.89 12.24
CA GLU C 150 -34.31 39.62 11.31
C GLU C 150 -33.68 39.69 9.92
N TYR C 151 -32.37 39.93 9.87
CA TYR C 151 -31.65 40.02 8.61
C TYR C 151 -31.64 38.68 7.88
N HIS C 152 -31.55 37.59 8.64
CA HIS C 152 -31.52 36.25 8.06
C HIS C 152 -32.81 35.97 7.29
N ALA C 153 -33.94 36.29 7.90
CA ALA C 153 -35.25 36.06 7.30
C ALA C 153 -35.43 36.87 6.01
N LYS C 154 -34.87 38.07 5.97
CA LYS C 154 -34.99 38.92 4.80
C LYS C 154 -34.03 38.49 3.70
N ALA C 155 -32.90 37.92 4.11
CA ALA C 155 -31.89 37.45 3.16
C ALA C 155 -32.41 36.37 2.22
N THR C 156 -33.14 35.41 2.78
CA THR C 156 -33.69 34.32 1.98
C THR C 156 -34.83 34.81 1.09
N GLU C 157 -35.55 35.84 1.57
CA GLU C 157 -36.67 36.41 0.85
C GLU C 157 -36.20 37.09 -0.44
N HIS C 158 -35.02 37.68 -0.37
CA HIS C 158 -34.44 38.38 -1.51
C HIS C 158 -33.37 37.51 -2.18
N LEU C 159 -33.64 36.22 -2.24
CA LEU C 159 -32.70 35.27 -2.84
C LEU C 159 -33.40 34.27 -3.75
N SER C 160 -34.37 33.56 -3.18
CA SER C 160 -35.13 32.54 -3.91
C SER C 160 -35.83 33.07 -5.15
N THR C 161 -36.24 34.33 -5.11
CA THR C 161 -36.96 34.98 -6.20
C THR C 161 -36.21 34.97 -7.53
N LEU C 162 -34.89 35.00 -7.48
CA LEU C 162 -34.09 35.04 -8.70
C LEU C 162 -34.12 33.73 -9.50
N SER C 163 -33.56 32.66 -8.92
CA SER C 163 -33.49 31.36 -9.58
C SER C 163 -34.85 30.83 -10.04
N GLU C 164 -35.89 31.22 -9.31
CA GLU C 164 -37.25 30.79 -9.62
C GLU C 164 -37.68 31.19 -11.03
N LYS C 165 -37.18 32.32 -11.51
CA LYS C 165 -37.53 32.80 -12.83
C LYS C 165 -36.38 32.63 -13.83
N ALA C 166 -35.26 32.12 -13.37
CA ALA C 166 -34.09 31.92 -14.23
C ALA C 166 -34.12 30.53 -14.88
N LYS C 167 -34.58 29.54 -14.12
CA LYS C 167 -34.64 28.17 -14.60
C LYS C 167 -35.56 27.98 -15.83
N PRO C 168 -36.86 28.37 -15.74
CA PRO C 168 -37.81 28.22 -16.86
C PRO C 168 -37.35 28.97 -18.11
N ALA C 169 -36.74 30.12 -17.90
CA ALA C 169 -36.25 30.94 -19.01
C ALA C 169 -35.16 30.21 -19.80
N LEU C 170 -34.35 29.43 -19.09
CA LEU C 170 -33.28 28.67 -19.71
C LEU C 170 -33.83 27.52 -20.54
N GLU C 171 -34.93 26.93 -20.06
CA GLU C 171 -35.57 25.82 -20.76
C GLU C 171 -36.19 26.30 -22.06
N ASP C 172 -36.87 27.45 -22.00
CA ASP C 172 -37.50 28.05 -23.17
C ASP C 172 -36.45 28.39 -24.22
N LEU C 173 -35.33 28.94 -23.76
CA LEU C 173 -34.22 29.30 -24.63
C LEU C 173 -33.67 28.08 -25.35
N ARG C 174 -33.51 26.99 -24.62
CA ARG C 174 -32.99 25.75 -25.18
C ARG C 174 -33.88 25.23 -26.31
N GLN C 175 -35.20 25.30 -26.10
CA GLN C 175 -36.16 24.82 -27.08
C GLN C 175 -36.09 25.59 -28.40
N GLY C 176 -35.67 26.85 -28.32
CA GLY C 176 -35.58 27.67 -29.51
C GLY C 176 -34.29 27.47 -30.31
N LEU C 177 -33.27 26.90 -29.67
CA LEU C 177 -31.99 26.67 -30.33
C LEU C 177 -31.94 25.27 -30.96
N LEU C 178 -32.72 24.36 -30.39
CA LEU C 178 -32.77 22.96 -30.86
C LEU C 178 -33.00 22.81 -32.38
N PRO C 179 -34.08 23.40 -32.94
CA PRO C 179 -34.39 23.30 -34.39
C PRO C 179 -33.20 23.63 -35.28
N VAL C 180 -32.56 24.77 -35.03
CA VAL C 180 -31.42 25.21 -35.82
C VAL C 180 -30.24 24.26 -35.66
N LEU C 181 -29.99 23.83 -34.44
CA LEU C 181 -28.88 22.94 -34.14
C LEU C 181 -29.07 21.56 -34.78
N GLU C 182 -30.29 21.05 -34.71
CA GLU C 182 -30.60 19.74 -35.27
C GLU C 182 -30.27 19.69 -36.77
N SER C 183 -30.75 20.70 -37.50
CA SER C 183 -30.51 20.78 -38.94
C SER C 183 -29.02 20.92 -39.24
N PHE C 184 -28.33 21.69 -38.39
CA PHE C 184 -26.89 21.91 -38.57
C PHE C 184 -26.11 20.61 -38.36
N LYS C 185 -26.49 19.84 -37.35
CA LYS C 185 -25.83 18.58 -37.04
C LYS C 185 -25.89 17.60 -38.21
N VAL C 186 -27.03 17.56 -38.88
CA VAL C 186 -27.22 16.67 -40.03
C VAL C 186 -26.19 17.00 -41.12
N SER C 187 -26.05 18.28 -41.41
CA SER C 187 -25.11 18.73 -42.44
C SER C 187 -23.67 18.45 -42.00
N PHE C 188 -23.42 18.54 -40.70
CA PHE C 188 -22.10 18.31 -40.14
C PHE C 188 -21.64 16.88 -40.40
N LEU C 189 -22.56 15.92 -40.21
CA LEU C 189 -22.26 14.51 -40.41
C LEU C 189 -21.74 14.23 -41.81
N SER C 190 -22.53 14.62 -42.81
CA SER C 190 -22.15 14.40 -44.20
C SER C 190 -20.89 15.15 -44.58
N ALA C 191 -20.69 16.32 -43.97
CA ALA C 191 -19.50 17.13 -44.25
C ALA C 191 -18.26 16.45 -43.68
N LEU C 192 -18.39 15.93 -42.46
CA LEU C 192 -17.30 15.25 -41.79
C LEU C 192 -16.83 14.03 -42.58
N GLU C 193 -17.79 13.18 -42.94
CA GLU C 193 -17.46 11.97 -43.70
C GLU C 193 -16.96 12.29 -45.11
N GLU C 194 -17.33 13.45 -45.62
CA GLU C 194 -16.90 13.87 -46.93
C GLU C 194 -15.40 14.17 -46.91
N TYR C 195 -14.89 14.51 -45.74
CA TYR C 195 -13.49 14.82 -45.56
C TYR C 195 -12.70 13.54 -45.33
N THR C 196 -13.26 12.62 -44.58
CA THR C 196 -12.62 11.34 -44.27
C THR C 196 -12.23 10.59 -45.55
N LYS C 197 -13.09 10.66 -46.55
CA LYS C 197 -12.86 9.99 -47.83
C LYS C 197 -11.57 10.47 -48.48
N LYS C 198 -11.30 11.77 -48.35
CA LYS C 198 -10.11 12.37 -48.93
C LYS C 198 -8.87 12.06 -48.10
N LEU C 199 -9.01 12.11 -46.78
CA LEU C 199 -7.91 11.82 -45.87
C LEU C 199 -7.43 10.39 -46.03
N ASN C 200 -8.37 9.46 -46.02
CA ASN C 200 -8.06 8.05 -46.15
C ASN C 200 -7.67 7.73 -47.59
N SER D 14 -33.13 40.58 -17.63
CA SER D 14 -32.47 41.72 -17.00
C SER D 14 -33.34 42.27 -15.87
N THR D 15 -34.64 42.11 -16.02
CA THR D 15 -35.60 42.59 -15.03
C THR D 15 -35.44 41.84 -13.71
N PHE D 16 -35.07 40.57 -13.81
CA PHE D 16 -34.88 39.73 -12.63
C PHE D 16 -33.74 40.27 -11.78
N SER D 17 -32.65 40.64 -12.44
CA SER D 17 -31.48 41.17 -11.76
C SER D 17 -31.75 42.59 -11.24
N LYS D 18 -32.60 43.32 -11.95
CA LYS D 18 -32.97 44.66 -11.53
C LYS D 18 -33.76 44.62 -10.24
N LEU D 19 -34.61 43.62 -10.11
CA LEU D 19 -35.42 43.43 -8.91
C LEU D 19 -34.49 43.20 -7.72
N ARG D 20 -33.42 42.47 -7.97
CA ARG D 20 -32.42 42.17 -6.95
C ARG D 20 -31.69 43.43 -6.52
N GLU D 21 -31.38 44.29 -7.48
CA GLU D 21 -30.68 45.54 -7.21
C GLU D 21 -31.61 46.56 -6.58
N GLN D 22 -32.89 46.51 -6.93
CA GLN D 22 -33.87 47.46 -6.42
C GLN D 22 -34.02 47.38 -4.90
N LEU D 23 -34.18 46.17 -4.37
CA LEU D 23 -34.35 46.01 -2.92
C LEU D 23 -33.03 45.77 -2.20
N GLY D 24 -31.93 45.79 -2.96
CA GLY D 24 -30.61 45.56 -2.38
C GLY D 24 -30.22 46.62 -1.37
N PRO D 25 -29.96 47.87 -1.81
CA PRO D 25 -29.57 48.98 -0.93
C PRO D 25 -30.53 49.18 0.25
N VAL D 26 -31.82 48.92 0.03
CA VAL D 26 -32.82 49.08 1.08
C VAL D 26 -32.50 48.19 2.28
N THR D 27 -32.21 46.93 1.99
CA THR D 27 -31.89 45.97 3.03
C THR D 27 -30.51 46.29 3.64
N GLN D 28 -29.58 46.69 2.78
CA GLN D 28 -28.22 47.03 3.22
C GLN D 28 -28.23 48.25 4.14
N GLU D 29 -29.01 49.26 3.77
CA GLU D 29 -29.11 50.48 4.57
C GLU D 29 -29.60 50.18 5.98
N PHE D 30 -30.59 49.31 6.07
CA PHE D 30 -31.16 48.92 7.36
C PHE D 30 -30.11 48.22 8.22
N TRP D 31 -29.45 47.23 7.65
CA TRP D 31 -28.44 46.45 8.35
C TRP D 31 -27.23 47.31 8.71
N ASP D 32 -26.81 48.17 7.80
CA ASP D 32 -25.65 49.03 8.04
C ASP D 32 -25.90 49.96 9.22
N ASN D 33 -27.07 50.59 9.24
CA ASN D 33 -27.42 51.51 10.32
C ASN D 33 -27.50 50.74 11.63
N LEU D 34 -28.01 49.52 11.56
CA LEU D 34 -28.13 48.66 12.73
C LEU D 34 -26.75 48.31 13.29
N GLU D 35 -25.83 47.99 12.38
CA GLU D 35 -24.47 47.65 12.77
C GLU D 35 -23.76 48.87 13.36
N LYS D 36 -24.06 50.04 12.82
CA LYS D 36 -23.46 51.27 13.31
C LYS D 36 -23.87 51.49 14.76
N GLU D 37 -25.09 51.12 15.09
CA GLU D 37 -25.60 51.25 16.45
C GLU D 37 -24.82 50.34 17.39
N THR D 38 -24.51 49.13 16.91
CA THR D 38 -23.76 48.18 17.72
C THR D 38 -22.32 48.66 17.90
N GLU D 39 -21.82 49.40 16.92
CA GLU D 39 -20.46 49.93 16.97
C GLU D 39 -20.28 50.79 18.22
N GLY D 40 -21.20 51.73 18.41
CA GLY D 40 -21.14 52.60 19.58
C GLY D 40 -21.17 51.81 20.87
N LEU D 41 -21.95 50.73 20.88
CA LEU D 41 -22.07 49.88 22.05
C LEU D 41 -20.75 49.15 22.31
N ARG D 42 -20.16 48.60 21.24
CA ARG D 42 -18.90 47.89 21.33
C ARG D 42 -17.79 48.84 21.77
N GLN D 43 -17.82 50.05 21.24
CA GLN D 43 -16.83 51.06 21.57
C GLN D 43 -16.84 51.38 23.06
N GLU D 44 -18.04 51.59 23.61
CA GLU D 44 -18.20 51.88 25.01
C GLU D 44 -17.68 50.73 25.88
N MET D 45 -17.95 49.51 25.43
CA MET D 45 -17.50 48.32 26.13
C MET D 45 -15.98 48.18 26.10
N SER D 46 -15.39 48.46 24.93
CA SER D 46 -13.95 48.36 24.75
C SER D 46 -13.21 49.42 25.58
N LYS D 47 -13.77 50.62 25.64
CA LYS D 47 -13.17 51.72 26.39
C LYS D 47 -13.13 51.39 27.87
N ASP D 48 -14.22 50.82 28.36
CA ASP D 48 -14.33 50.45 29.78
C ASP D 48 -13.41 49.29 30.13
N LEU D 49 -13.06 48.49 29.13
CA LEU D 49 -12.18 47.36 29.34
C LEU D 49 -10.72 47.82 29.33
N GLU D 50 -10.38 48.65 28.36
CA GLU D 50 -9.03 49.18 28.21
C GLU D 50 -8.60 49.95 29.46
N GLU D 51 -9.56 50.64 30.07
CA GLU D 51 -9.31 51.44 31.27
C GLU D 51 -8.72 50.58 32.39
N VAL D 52 -9.20 49.34 32.50
CA VAL D 52 -8.74 48.43 33.54
C VAL D 52 -7.38 47.81 33.17
N LYS D 53 -7.21 47.52 31.89
CA LYS D 53 -5.97 46.90 31.40
C LYS D 53 -4.75 47.79 31.64
N ALA D 54 -4.98 49.10 31.68
CA ALA D 54 -3.91 50.07 31.90
C ALA D 54 -3.42 50.03 33.35
N LYS D 55 -4.19 49.40 34.23
CA LYS D 55 -3.83 49.29 35.64
C LYS D 55 -3.01 48.04 35.91
N VAL D 56 -3.24 47.00 35.13
CA VAL D 56 -2.54 45.73 35.30
C VAL D 56 -1.10 45.80 34.81
N GLN D 57 -0.87 46.56 33.74
CA GLN D 57 0.45 46.69 33.14
C GLN D 57 1.59 47.07 34.11
N PRO D 58 1.44 48.17 34.88
CA PRO D 58 2.47 48.63 35.84
C PRO D 58 3.02 47.52 36.74
N TYR D 59 2.14 46.65 37.21
CA TYR D 59 2.53 45.55 38.10
C TYR D 59 3.47 44.55 37.43
N LEU D 60 3.38 44.46 36.10
CA LEU D 60 4.23 43.54 35.36
C LEU D 60 5.58 44.18 35.06
N ASP D 61 5.55 45.45 34.70
CA ASP D 61 6.75 46.19 34.37
C ASP D 61 7.68 46.30 35.58
N ASP D 62 7.10 46.56 36.74
CA ASP D 62 7.88 46.67 37.98
C ASP D 62 8.63 45.38 38.28
N PHE D 63 7.97 44.25 38.09
CA PHE D 63 8.57 42.94 38.33
C PHE D 63 9.69 42.66 37.34
N GLN D 64 9.45 43.00 36.08
CA GLN D 64 10.43 42.79 35.02
C GLN D 64 11.66 43.65 35.26
N LYS D 65 11.43 44.92 35.58
CA LYS D 65 12.50 45.88 35.81
C LYS D 65 13.40 45.46 36.97
N LYS D 66 12.82 44.74 37.93
CA LYS D 66 13.56 44.27 39.09
C LYS D 66 14.64 43.28 38.67
N TRP D 67 14.22 42.21 38.00
CA TRP D 67 15.14 41.18 37.54
C TRP D 67 16.14 41.74 36.53
N GLN D 68 15.69 42.72 35.75
CA GLN D 68 16.54 43.36 34.76
C GLN D 68 17.80 43.92 35.40
N GLU D 69 17.64 44.65 36.49
CA GLU D 69 18.76 45.25 37.20
C GLU D 69 19.65 44.18 37.82
N GLU D 70 19.03 43.11 38.29
CA GLU D 70 19.75 42.01 38.91
C GLU D 70 20.68 41.36 37.89
N MET D 71 20.11 41.06 36.72
CA MET D 71 20.87 40.43 35.64
C MET D 71 21.99 41.36 35.16
N GLU D 72 21.69 42.66 35.12
CA GLU D 72 22.66 43.65 34.69
C GLU D 72 23.88 43.62 35.59
N LEU D 73 23.64 43.52 36.89
CA LEU D 73 24.71 43.48 37.88
C LEU D 73 25.47 42.15 37.81
N TYR D 74 24.73 41.06 37.65
CA TYR D 74 25.33 39.73 37.56
C TYR D 74 26.26 39.65 36.35
N ARG D 75 25.77 40.14 35.21
CA ARG D 75 26.53 40.14 33.97
C ARG D 75 27.83 40.93 34.14
N GLN D 76 27.74 42.04 34.85
CA GLN D 76 28.89 42.92 35.10
C GLN D 76 29.91 42.24 36.01
N LYS D 77 29.42 41.41 36.92
CA LYS D 77 30.25 40.70 37.87
C LYS D 77 31.16 39.68 37.17
N VAL D 78 30.61 38.99 36.18
CA VAL D 78 31.38 37.97 35.45
C VAL D 78 32.11 38.56 34.24
N GLU D 79 31.97 39.87 34.04
CA GLU D 79 32.62 40.55 32.92
C GLU D 79 34.13 40.31 32.88
N PRO D 80 34.87 40.72 33.93
CA PRO D 80 36.32 40.54 33.97
C PRO D 80 36.72 39.08 34.23
N LEU D 81 35.78 38.30 34.78
CA LEU D 81 36.04 36.89 35.07
C LEU D 81 36.32 36.10 33.79
N ARG D 82 35.55 36.38 32.75
CA ARG D 82 35.74 35.70 31.47
C ARG D 82 37.02 36.19 30.81
N ALA D 83 37.42 37.41 31.13
CA ALA D 83 38.63 37.99 30.57
C ALA D 83 39.86 37.23 31.04
N GLU D 84 39.85 36.81 32.31
CA GLU D 84 40.96 36.07 32.88
C GLU D 84 41.10 34.72 32.15
N LEU D 85 39.96 34.09 31.88
CA LEU D 85 39.92 32.81 31.20
C LEU D 85 40.29 32.97 29.72
N GLN D 86 39.74 34.01 29.11
CA GLN D 86 40.01 34.29 27.70
C GLN D 86 41.47 34.63 27.47
N GLU D 87 42.06 35.36 28.42
CA GLU D 87 43.47 35.73 28.33
C GLU D 87 44.35 34.48 28.26
N GLY D 88 44.04 33.51 29.12
CA GLY D 88 44.79 32.27 29.13
C GLY D 88 44.60 31.52 27.83
N ALA D 89 43.38 31.59 27.30
CA ALA D 89 43.04 30.93 26.05
C ALA D 89 43.79 31.58 24.88
N ARG D 90 43.98 32.90 24.98
CA ARG D 90 44.69 33.65 23.94
C ARG D 90 46.15 33.22 23.89
N GLN D 91 46.72 32.92 25.06
CA GLN D 91 48.11 32.50 25.13
C GLN D 91 48.27 31.03 24.74
N LYS D 92 47.40 30.18 25.30
CA LYS D 92 47.44 28.75 25.00
C LYS D 92 47.25 28.52 23.51
N LEU D 93 46.53 29.45 22.87
CA LEU D 93 46.29 29.39 21.44
C LEU D 93 47.62 29.47 20.69
N HIS D 94 48.42 30.47 21.07
CA HIS D 94 49.72 30.69 20.47
C HIS D 94 50.65 29.49 20.70
N GLU D 95 50.56 28.92 21.90
CA GLU D 95 51.39 27.78 22.27
C GLU D 95 51.15 26.59 21.33
N LEU D 96 49.88 26.24 21.12
CA LEU D 96 49.54 25.12 20.25
C LEU D 96 49.97 25.37 18.81
N GLN D 97 49.92 26.62 18.39
CA GLN D 97 50.33 26.98 17.03
C GLN D 97 51.82 26.78 16.81
N GLU D 98 52.61 27.21 17.79
CA GLU D 98 54.07 27.10 17.73
C GLU D 98 54.56 25.67 17.71
N LYS D 99 53.81 24.78 18.34
CA LYS D 99 54.22 23.39 18.41
C LYS D 99 53.74 22.57 17.21
N LEU D 100 52.88 23.13 16.37
CA LEU D 100 52.37 22.40 15.21
C LEU D 100 52.94 22.90 13.90
N SER D 101 53.26 24.19 13.84
CA SER D 101 53.80 24.82 12.63
C SER D 101 55.09 24.16 12.09
N PRO D 102 56.13 23.96 12.93
CA PRO D 102 57.40 23.36 12.49
C PRO D 102 57.25 22.08 11.66
N LEU D 103 56.41 21.16 12.14
CA LEU D 103 56.19 19.90 11.43
C LEU D 103 55.54 20.13 10.07
N GLY D 104 54.61 21.09 10.00
CA GLY D 104 53.94 21.39 8.75
C GLY D 104 54.91 21.96 7.73
N GLU D 105 55.85 22.77 8.21
CA GLU D 105 56.85 23.39 7.34
C GLU D 105 57.81 22.34 6.80
N GLU D 106 58.13 21.36 7.62
CA GLU D 106 59.04 20.27 7.25
C GLU D 106 58.49 19.54 6.03
N MET D 107 57.22 19.22 6.07
CA MET D 107 56.57 18.52 4.98
C MET D 107 56.26 19.45 3.81
N ARG D 108 56.18 20.75 4.08
CA ARG D 108 55.90 21.74 3.06
C ARG D 108 57.00 21.76 2.01
N ASP D 109 58.25 21.76 2.46
CA ASP D 109 59.39 21.78 1.56
C ASP D 109 59.47 20.49 0.76
N ARG D 110 59.19 19.38 1.43
CA ARG D 110 59.21 18.07 0.79
C ARG D 110 58.13 17.96 -0.28
N ALA D 111 57.01 18.65 -0.05
CA ALA D 111 55.90 18.66 -0.99
C ALA D 111 56.28 19.37 -2.28
N ARG D 112 56.96 20.50 -2.16
CA ARG D 112 57.39 21.27 -3.34
C ARG D 112 58.42 20.48 -4.13
N ALA D 113 59.30 19.76 -3.42
CA ALA D 113 60.32 18.96 -4.06
C ALA D 113 59.71 17.83 -4.85
N HIS D 114 58.59 17.32 -4.34
CA HIS D 114 57.86 16.23 -4.98
C HIS D 114 57.24 16.70 -6.29
N VAL D 115 56.68 17.91 -6.27
CA VAL D 115 56.05 18.49 -7.44
C VAL D 115 57.03 18.63 -8.60
N ASP D 116 58.26 19.05 -8.27
CA ASP D 116 59.30 19.24 -9.28
C ASP D 116 59.53 17.96 -10.09
N ALA D 117 59.66 16.84 -9.38
CA ALA D 117 59.88 15.55 -10.03
C ALA D 117 58.64 15.11 -10.80
N LEU D 118 57.47 15.31 -10.18
CA LEU D 118 56.19 14.94 -10.79
C LEU D 118 55.97 15.64 -12.13
N ARG D 119 56.29 16.92 -12.19
CA ARG D 119 56.13 17.70 -13.41
C ARG D 119 57.06 17.22 -14.51
N THR D 120 58.34 17.10 -14.19
CA THR D 120 59.35 16.65 -15.15
C THR D 120 59.10 15.21 -15.61
N HIS D 121 58.28 14.48 -14.86
CA HIS D 121 57.96 13.09 -15.19
C HIS D 121 56.90 12.98 -16.29
N LEU D 122 56.11 14.03 -16.47
CA LEU D 122 55.04 14.00 -17.47
C LEU D 122 55.30 14.96 -18.64
N ALA D 123 56.18 15.94 -18.42
CA ALA D 123 56.50 16.94 -19.44
C ALA D 123 56.74 16.37 -20.85
N PRO D 124 57.71 15.42 -21.02
CA PRO D 124 58.00 14.85 -22.34
C PRO D 124 56.84 14.05 -22.92
N TYR D 125 56.11 13.34 -22.06
CA TYR D 125 54.98 12.54 -22.51
C TYR D 125 53.89 13.40 -23.16
N SER D 126 53.60 14.53 -22.53
CA SER D 126 52.58 15.44 -23.04
C SER D 126 52.93 15.98 -24.43
N ASP D 127 54.22 15.93 -24.78
CA ASP D 127 54.66 16.40 -26.09
C ASP D 127 54.50 15.30 -27.12
N GLU D 128 54.98 14.10 -26.80
CA GLU D 128 54.90 12.95 -27.71
C GLU D 128 53.44 12.57 -27.93
N LEU D 129 52.62 12.80 -26.92
CA LEU D 129 51.20 12.50 -27.00
C LEU D 129 50.57 13.31 -28.13
N ARG D 130 51.04 14.54 -28.28
CA ARG D 130 50.54 15.43 -29.31
C ARG D 130 50.98 14.93 -30.69
N GLN D 131 52.21 14.42 -30.76
CA GLN D 131 52.76 13.91 -32.00
C GLN D 131 51.96 12.71 -32.51
N ARG D 132 51.71 11.75 -31.61
CA ARG D 132 50.96 10.54 -31.96
C ARG D 132 49.53 10.90 -32.35
N LEU D 133 48.97 11.87 -31.65
CA LEU D 133 47.60 12.32 -31.90
C LEU D 133 47.44 12.87 -33.31
N ALA D 134 48.37 13.74 -33.71
CA ALA D 134 48.35 14.36 -35.03
C ALA D 134 48.53 13.31 -36.12
N ALA D 135 49.48 12.41 -35.92
CA ALA D 135 49.76 11.34 -36.88
C ALA D 135 48.53 10.47 -37.11
N ARG D 136 47.82 10.18 -36.03
CA ARG D 136 46.63 9.36 -36.09
C ARG D 136 45.52 10.09 -36.82
N LEU D 137 45.37 11.38 -36.53
CA LEU D 137 44.33 12.20 -37.16
C LEU D 137 44.60 12.34 -38.65
N GLU D 138 45.85 12.60 -39.02
CA GLU D 138 46.23 12.77 -40.42
C GLU D 138 45.91 11.51 -41.22
N ALA D 139 46.28 10.35 -40.70
CA ALA D 139 46.01 9.09 -41.37
C ALA D 139 44.51 8.83 -41.49
N LEU D 140 43.79 9.12 -40.42
CA LEU D 140 42.33 8.93 -40.41
C LEU D 140 41.65 9.86 -41.41
N LYS D 141 42.09 11.11 -41.44
CA LYS D 141 41.53 12.12 -42.34
C LYS D 141 41.73 11.70 -43.80
N GLU D 142 42.93 11.23 -44.11
CA GLU D 142 43.27 10.79 -45.46
C GLU D 142 42.42 9.60 -45.90
N ASN D 143 42.07 8.76 -44.94
CA ASN D 143 41.26 7.58 -45.22
C ASN D 143 39.79 7.93 -45.37
N GLY D 144 39.24 8.57 -44.34
CA GLY D 144 37.82 8.93 -44.35
C GLY D 144 37.45 10.01 -45.35
N GLY D 145 38.42 10.84 -45.71
CA GLY D 145 38.18 11.92 -46.65
C GLY D 145 37.58 11.45 -47.97
N ALA D 146 37.99 10.27 -48.41
CA ALA D 146 37.51 9.72 -49.67
C ALA D 146 36.09 9.19 -49.52
N ARG D 147 35.81 8.54 -48.39
CA ARG D 147 34.48 7.98 -48.14
C ARG D 147 33.44 9.04 -47.86
N LEU D 148 33.87 10.17 -47.29
CA LEU D 148 32.97 11.26 -46.98
C LEU D 148 32.25 11.74 -48.24
N ALA D 149 32.99 11.74 -49.36
CA ALA D 149 32.43 12.16 -50.63
C ALA D 149 31.36 11.19 -51.10
N GLU D 150 31.61 9.90 -50.92
CA GLU D 150 30.65 8.88 -51.33
C GLU D 150 29.42 8.90 -50.44
N TYR D 151 29.61 9.21 -49.17
CA TYR D 151 28.50 9.28 -48.23
C TYR D 151 27.52 10.37 -48.65
N HIS D 152 28.08 11.50 -49.10
CA HIS D 152 27.25 12.63 -49.54
C HIS D 152 26.63 12.38 -50.92
N ALA D 153 27.43 11.87 -51.85
CA ALA D 153 26.98 11.58 -53.20
C ALA D 153 25.75 10.69 -53.21
N LYS D 154 25.81 9.59 -52.45
CA LYS D 154 24.70 8.66 -52.38
C LYS D 154 23.55 9.20 -51.54
N ALA D 155 23.86 10.10 -50.60
CA ALA D 155 22.83 10.68 -49.75
C ALA D 155 21.94 11.63 -50.55
N THR D 156 22.57 12.43 -51.41
CA THR D 156 21.84 13.39 -52.24
C THR D 156 20.89 12.67 -53.19
N GLU D 157 21.33 11.53 -53.72
CA GLU D 157 20.51 10.73 -54.62
C GLU D 157 19.26 10.23 -53.91
N HIS D 158 19.39 9.96 -52.62
CA HIS D 158 18.27 9.51 -51.81
C HIS D 158 17.36 10.68 -51.48
N LEU D 159 17.95 11.87 -51.37
CA LEU D 159 17.20 13.08 -51.07
C LEU D 159 16.28 13.45 -52.22
N SER D 160 16.78 13.26 -53.45
CA SER D 160 16.01 13.56 -54.64
C SER D 160 14.76 12.68 -54.71
N THR D 161 14.89 11.44 -54.24
CA THR D 161 13.79 10.50 -54.23
C THR D 161 12.96 10.65 -52.94
N LEU D 162 13.31 11.65 -52.14
CA LEU D 162 12.59 11.92 -50.90
C LEU D 162 11.57 13.03 -51.09
N SER D 163 12.05 14.19 -51.51
CA SER D 163 11.17 15.34 -51.73
C SER D 163 10.85 15.49 -53.22
N GLU D 164 10.13 14.54 -53.77
CA GLU D 164 9.77 14.58 -55.17
C GLU D 164 8.26 14.72 -55.38
N LYS D 165 7.49 13.83 -54.78
CA LYS D 165 6.05 13.85 -54.92
C LYS D 165 5.36 14.25 -53.62
N ALA D 166 6.05 15.04 -52.82
CA ALA D 166 5.51 15.48 -51.54
C ALA D 166 4.59 16.69 -51.73
N LYS D 167 5.10 17.69 -52.44
CA LYS D 167 4.35 18.92 -52.69
C LYS D 167 3.17 18.73 -53.64
N PRO D 168 3.36 18.10 -54.83
CA PRO D 168 2.27 17.88 -55.80
C PRO D 168 1.05 17.20 -55.20
N ALA D 169 1.27 16.25 -54.31
CA ALA D 169 0.18 15.51 -53.67
C ALA D 169 -0.65 16.41 -52.75
N LEU D 170 0.01 17.40 -52.15
CA LEU D 170 -0.66 18.32 -51.24
C LEU D 170 -1.56 19.28 -52.01
N GLU D 171 -1.05 19.75 -53.16
CA GLU D 171 -1.80 20.68 -54.01
C GLU D 171 -3.11 20.05 -54.46
N ASP D 172 -3.03 18.78 -54.86
CA ASP D 172 -4.20 18.05 -55.32
C ASP D 172 -5.22 17.86 -54.19
N LEU D 173 -4.70 17.63 -52.99
CA LEU D 173 -5.55 17.42 -51.82
C LEU D 173 -6.33 18.68 -51.47
N ARG D 174 -5.67 19.83 -51.56
CA ARG D 174 -6.28 21.12 -51.24
C ARG D 174 -7.43 21.43 -52.21
N GLN D 175 -7.21 21.16 -53.49
CA GLN D 175 -8.22 21.44 -54.52
C GLN D 175 -9.49 20.63 -54.28
N GLY D 176 -9.33 19.41 -53.76
CA GLY D 176 -10.48 18.56 -53.50
C GLY D 176 -10.99 18.70 -52.07
N LEU D 177 -10.99 19.92 -51.57
CA LEU D 177 -11.44 20.20 -50.20
C LEU D 177 -12.08 21.59 -50.10
N LEU D 178 -11.42 22.58 -50.70
CA LEU D 178 -11.89 23.97 -50.68
C LEU D 178 -13.39 24.15 -50.99
N PRO D 179 -13.88 23.64 -52.15
CA PRO D 179 -15.30 23.79 -52.54
C PRO D 179 -16.28 23.20 -51.52
N VAL D 180 -15.79 22.34 -50.65
CA VAL D 180 -16.63 21.71 -49.63
C VAL D 180 -16.55 22.46 -48.31
N LEU D 181 -15.37 22.99 -48.02
CA LEU D 181 -15.15 23.73 -46.78
C LEU D 181 -15.76 25.12 -46.83
N GLU D 182 -15.66 25.79 -47.96
CA GLU D 182 -16.19 27.13 -48.13
C GLU D 182 -17.71 27.17 -47.94
N SER D 183 -18.38 26.13 -48.38
CA SER D 183 -19.82 26.03 -48.27
C SER D 183 -20.25 25.73 -46.83
N PHE D 184 -19.39 25.04 -46.10
CA PHE D 184 -19.67 24.68 -44.71
C PHE D 184 -19.64 25.91 -43.82
N LYS D 185 -18.70 26.81 -44.10
CA LYS D 185 -18.55 28.03 -43.32
C LYS D 185 -19.81 28.89 -43.44
N VAL D 186 -20.43 28.87 -44.61
CA VAL D 186 -21.64 29.63 -44.87
C VAL D 186 -22.76 29.22 -43.92
N SER D 187 -23.04 27.93 -43.86
CA SER D 187 -24.09 27.41 -42.98
C SER D 187 -23.78 27.74 -41.52
N PHE D 188 -22.49 27.63 -41.17
CA PHE D 188 -22.03 27.91 -39.82
C PHE D 188 -22.29 29.37 -39.43
N LEU D 189 -21.80 30.29 -40.26
CA LEU D 189 -21.97 31.72 -39.99
C LEU D 189 -23.45 32.13 -39.95
N SER D 190 -24.25 31.55 -40.83
CA SER D 190 -25.67 31.86 -40.90
C SER D 190 -26.39 31.45 -39.62
N ALA D 191 -26.04 30.27 -39.10
CA ALA D 191 -26.65 29.78 -37.88
C ALA D 191 -26.22 30.61 -36.68
N LEU D 192 -24.97 31.06 -36.70
CA LEU D 192 -24.40 31.88 -35.64
C LEU D 192 -25.26 33.10 -35.35
N GLU D 193 -25.60 33.83 -36.41
CA GLU D 193 -26.42 35.04 -36.30
C GLU D 193 -27.77 34.75 -35.67
N GLU D 194 -28.32 33.58 -35.96
CA GLU D 194 -29.62 33.19 -35.42
C GLU D 194 -29.54 32.90 -33.92
N TYR D 195 -28.47 32.23 -33.51
CA TYR D 195 -28.28 31.91 -32.09
C TYR D 195 -28.08 33.20 -31.29
N THR D 196 -27.29 34.10 -31.84
CA THR D 196 -27.00 35.39 -31.19
C THR D 196 -28.29 36.15 -30.88
N LYS D 197 -29.18 36.19 -31.86
CA LYS D 197 -30.46 36.88 -31.72
C LYS D 197 -31.23 36.38 -30.50
N LYS D 198 -31.36 35.06 -30.39
CA LYS D 198 -32.08 34.45 -29.30
C LYS D 198 -31.37 34.64 -27.95
N LEU D 199 -30.06 34.45 -27.95
CA LEU D 199 -29.26 34.59 -26.74
C LEU D 199 -29.25 36.02 -26.22
N ASN D 200 -29.12 36.98 -27.13
CA ASN D 200 -29.10 38.40 -26.75
C ASN D 200 -30.45 38.84 -26.20
N THR A 2 -0.85 -11.03 -0.99
CA THR A 2 -1.03 -11.47 -2.35
C THR A 2 -1.86 -12.75 -2.40
N GLU A 3 -2.82 -12.80 -3.32
CA GLU A 3 -3.67 -13.96 -3.48
C GLU A 3 -3.24 -14.79 -4.67
N TYR A 4 -3.05 -16.08 -4.45
CA TYR A 4 -2.64 -16.99 -5.51
C TYR A 4 -3.69 -18.07 -5.73
N LYS A 5 -3.95 -18.37 -7.00
CA LYS A 5 -4.92 -19.40 -7.35
C LYS A 5 -4.20 -20.68 -7.75
N LEU A 6 -4.37 -21.72 -6.96
CA LEU A 6 -3.71 -23.00 -7.22
C LEU A 6 -4.72 -24.10 -7.49
N VAL A 7 -4.32 -25.05 -8.34
CA VAL A 7 -5.17 -26.18 -8.68
C VAL A 7 -4.38 -27.49 -8.58
N VAL A 8 -4.96 -28.48 -7.90
CA VAL A 8 -4.32 -29.77 -7.75
C VAL A 8 -4.76 -30.70 -8.88
N VAL A 9 -3.87 -30.98 -9.80
CA VAL A 9 -4.17 -31.84 -10.94
C VAL A 9 -3.41 -33.15 -10.89
N GLY A 10 -3.98 -34.18 -11.50
CA GLY A 10 -3.36 -35.48 -11.52
C GLY A 10 -4.38 -36.57 -11.73
N ALA A 11 -3.92 -37.80 -11.87
CA ALA A 11 -4.80 -38.95 -12.08
C ALA A 11 -5.59 -39.28 -10.81
N ASP A 12 -6.36 -40.35 -10.88
CA ASP A 12 -7.17 -40.79 -9.75
C ASP A 12 -6.38 -41.65 -8.78
N GLY A 13 -6.60 -41.41 -7.50
CA GLY A 13 -5.94 -42.18 -6.45
C GLY A 13 -4.44 -41.97 -6.38
N VAL A 14 -3.96 -40.80 -6.76
CA VAL A 14 -2.54 -40.52 -6.73
C VAL A 14 -2.13 -39.82 -5.44
N GLY A 15 -3.11 -39.46 -4.62
CA GLY A 15 -2.84 -38.81 -3.36
C GLY A 15 -2.79 -37.30 -3.49
N LYS A 16 -3.55 -36.77 -4.44
CA LYS A 16 -3.60 -35.33 -4.69
C LYS A 16 -4.20 -34.62 -3.49
N SER A 17 -5.42 -35.00 -3.15
CA SER A 17 -6.12 -34.39 -2.04
C SER A 17 -5.49 -34.78 -0.71
N ALA A 18 -4.83 -35.94 -0.70
CA ALA A 18 -4.15 -36.42 0.50
C ALA A 18 -3.11 -35.40 0.94
N LEU A 19 -2.41 -34.82 -0.03
CA LEU A 19 -1.40 -33.81 0.25
C LEU A 19 -2.04 -32.57 0.85
N THR A 20 -3.24 -32.26 0.38
CA THR A 20 -3.97 -31.11 0.87
C THR A 20 -4.51 -31.35 2.28
N ILE A 21 -4.76 -32.62 2.61
CA ILE A 21 -5.25 -32.99 3.93
C ILE A 21 -4.23 -32.62 5.00
N GLN A 22 -2.98 -33.01 4.77
CA GLN A 22 -1.91 -32.70 5.70
C GLN A 22 -1.58 -31.21 5.70
N LEU A 23 -1.81 -30.57 4.57
CA LEU A 23 -1.56 -29.14 4.43
C LEU A 23 -2.48 -28.33 5.35
N ILE A 24 -3.75 -28.75 5.42
CA ILE A 24 -4.73 -28.04 6.23
C ILE A 24 -4.88 -28.67 7.62
N GLN A 25 -5.39 -29.90 7.67
CA GLN A 25 -5.61 -30.60 8.93
C GLN A 25 -4.31 -30.91 9.67
N ASN A 26 -3.30 -31.30 8.90
CA ASN A 26 -1.97 -31.64 9.43
C ASN A 26 -1.96 -32.99 10.13
N HIS A 27 -2.25 -33.01 11.43
CA HIS A 27 -2.27 -34.24 12.24
C HIS A 27 -0.99 -35.06 12.06
N PHE A 28 -1.09 -36.13 11.26
CA PHE A 28 0.03 -37.04 11.01
C PHE A 28 -0.36 -38.03 9.92
N VAL A 29 -1.48 -38.70 10.12
CA VAL A 29 -1.97 -39.69 9.15
C VAL A 29 -3.41 -39.38 8.72
N ASP A 30 -4.28 -39.18 9.71
CA ASP A 30 -5.69 -38.86 9.46
C ASP A 30 -6.42 -39.98 8.73
N GLU A 31 -7.61 -39.67 8.23
CA GLU A 31 -8.42 -40.62 7.50
C GLU A 31 -8.20 -40.46 6.00
N TYR A 32 -8.06 -41.58 5.31
CA TYR A 32 -7.83 -41.58 3.88
C TYR A 32 -9.03 -42.16 3.14
N ASP A 33 -9.83 -41.29 2.52
CA ASP A 33 -11.00 -41.73 1.78
C ASP A 33 -11.34 -40.71 0.69
N PRO A 34 -11.53 -41.18 -0.56
CA PRO A 34 -11.87 -40.31 -1.70
C PRO A 34 -12.99 -39.31 -1.38
N THR A 35 -12.69 -38.04 -1.58
CA THR A 35 -13.63 -36.97 -1.32
C THR A 35 -13.90 -36.17 -2.60
N ILE A 36 -14.86 -35.25 -2.54
CA ILE A 36 -15.19 -34.43 -3.69
C ILE A 36 -14.36 -33.15 -3.75
N GLU A 37 -14.79 -32.22 -4.59
CA GLU A 37 -14.11 -30.95 -4.76
C GLU A 37 -14.17 -30.14 -3.47
N ASP A 38 -13.01 -29.66 -3.03
CA ASP A 38 -12.93 -28.86 -1.80
C ASP A 38 -11.94 -27.72 -1.97
N SER A 39 -12.04 -26.71 -1.12
CA SER A 39 -11.17 -25.55 -1.18
C SER A 39 -11.06 -24.86 0.18
N TYR A 40 -9.91 -25.02 0.82
CA TYR A 40 -9.65 -24.39 2.10
C TYR A 40 -8.61 -23.28 1.94
N ARG A 41 -8.56 -22.36 2.89
CA ARG A 41 -7.62 -21.25 2.80
C ARG A 41 -6.70 -21.17 4.01
N LYS A 42 -5.43 -21.44 3.78
CA LYS A 42 -4.43 -21.37 4.83
C LYS A 42 -3.45 -20.24 4.55
N GLN A 43 -3.35 -19.30 5.47
CA GLN A 43 -2.43 -18.19 5.33
C GLN A 43 -1.00 -18.67 5.58
N VAL A 44 -0.08 -18.33 4.69
CA VAL A 44 1.31 -18.75 4.83
C VAL A 44 2.28 -17.61 4.58
N VAL A 45 3.49 -17.74 5.10
CA VAL A 45 4.52 -16.73 4.91
C VAL A 45 5.69 -17.35 4.13
N ILE A 46 5.75 -17.04 2.85
CA ILE A 46 6.81 -17.57 1.99
C ILE A 46 7.68 -16.44 1.45
N ASP A 47 8.99 -16.69 1.40
CA ASP A 47 9.96 -15.72 0.90
C ASP A 47 9.96 -14.43 1.70
N GLY A 48 9.49 -14.52 2.94
CA GLY A 48 9.46 -13.36 3.80
C GLY A 48 8.20 -12.53 3.68
N GLU A 49 7.26 -12.98 2.85
CA GLU A 49 6.02 -12.26 2.65
C GLU A 49 4.79 -13.12 2.92
N THR A 50 3.77 -12.51 3.50
CA THR A 50 2.53 -13.22 3.82
C THR A 50 1.67 -13.34 2.57
N CYS A 51 1.35 -14.56 2.19
CA CYS A 51 0.55 -14.81 1.00
C CYS A 51 -0.69 -15.66 1.32
N LEU A 52 -1.67 -15.58 0.44
CA LEU A 52 -2.92 -16.32 0.61
C LEU A 52 -3.09 -17.26 -0.58
N LEU A 53 -3.20 -18.55 -0.30
CA LEU A 53 -3.35 -19.55 -1.36
C LEU A 53 -4.77 -20.10 -1.46
N ASP A 54 -5.43 -19.80 -2.58
CA ASP A 54 -6.77 -20.29 -2.82
C ASP A 54 -6.68 -21.52 -3.72
N ILE A 55 -6.53 -22.67 -3.08
CA ILE A 55 -6.38 -23.93 -3.80
C ILE A 55 -7.71 -24.68 -3.89
N LEU A 56 -7.97 -25.25 -5.04
CA LEU A 56 -9.19 -26.01 -5.28
C LEU A 56 -8.86 -27.40 -5.81
N ASP A 57 -9.34 -28.42 -5.12
CA ASP A 57 -9.10 -29.80 -5.55
C ASP A 57 -10.13 -30.21 -6.59
N THR A 58 -9.65 -30.69 -7.72
CA THR A 58 -10.53 -31.11 -8.81
C THR A 58 -10.95 -32.57 -8.66
N ALA A 59 -11.80 -33.03 -9.57
CA ALA A 59 -12.28 -34.40 -9.54
C ALA A 59 -11.67 -35.19 -10.68
N GLY A 60 -10.97 -36.26 -10.35
CA GLY A 60 -10.36 -37.10 -11.37
C GLY A 60 -11.32 -38.13 -11.92
N GLN A 61 -12.52 -37.68 -12.29
CA GLN A 61 -13.54 -38.57 -12.83
C GLN A 61 -13.74 -38.35 -14.33
N GLU A 62 -13.00 -37.37 -14.87
CA GLU A 62 -13.06 -37.02 -16.29
C GLU A 62 -14.44 -36.50 -16.68
N GLU A 63 -14.67 -36.34 -17.99
CA GLU A 63 -15.96 -35.84 -18.51
C GLU A 63 -16.13 -34.32 -18.34
N TYR A 64 -15.45 -33.76 -17.34
CA TYR A 64 -15.53 -32.33 -17.05
C TYR A 64 -14.73 -31.50 -18.07
N SER A 65 -14.95 -31.74 -19.34
CA SER A 65 -14.27 -31.00 -20.40
C SER A 65 -14.62 -29.52 -20.37
N ALA A 66 -15.85 -29.21 -19.95
CA ALA A 66 -16.30 -27.82 -19.88
C ALA A 66 -15.98 -27.20 -18.52
N MET A 67 -16.18 -27.97 -17.46
CA MET A 67 -15.91 -27.49 -16.10
C MET A 67 -14.43 -27.22 -15.89
N ARG A 68 -13.59 -28.08 -16.45
CA ARG A 68 -12.15 -27.93 -16.32
C ARG A 68 -11.66 -26.63 -16.93
N ASP A 69 -12.32 -26.19 -17.99
CA ASP A 69 -11.95 -24.97 -18.70
C ASP A 69 -12.17 -23.75 -17.81
N GLN A 70 -13.19 -23.81 -16.96
CA GLN A 70 -13.54 -22.69 -16.09
C GLN A 70 -12.44 -22.37 -15.07
N TYR A 71 -12.13 -23.31 -14.18
CA TYR A 71 -11.13 -23.07 -13.16
C TYR A 71 -9.70 -22.97 -13.70
N MET A 72 -9.49 -23.46 -14.92
CA MET A 72 -8.16 -23.39 -15.53
C MET A 72 -7.79 -21.95 -15.87
N ARG A 73 -8.81 -21.12 -16.09
CA ARG A 73 -8.61 -19.73 -16.42
C ARG A 73 -8.17 -18.95 -15.19
N THR A 74 -8.82 -19.21 -14.07
CA THR A 74 -8.51 -18.55 -12.82
C THR A 74 -7.21 -19.07 -12.22
N GLY A 75 -7.06 -20.40 -12.23
CA GLY A 75 -5.87 -21.03 -11.69
C GLY A 75 -4.59 -20.56 -12.36
N GLU A 76 -3.57 -20.34 -11.56
CA GLU A 76 -2.29 -19.88 -12.07
C GLU A 76 -1.26 -20.99 -11.97
N GLY A 77 -1.08 -21.52 -10.76
CA GLY A 77 -0.12 -22.58 -10.55
C GLY A 77 -0.78 -23.94 -10.53
N PHE A 78 -0.33 -24.82 -11.41
CA PHE A 78 -0.87 -26.15 -11.50
C PHE A 78 0.11 -27.18 -10.97
N LEU A 79 -0.29 -27.88 -9.91
CA LEU A 79 0.55 -28.90 -9.31
C LEU A 79 0.22 -30.26 -9.90
N CYS A 80 1.09 -30.71 -10.81
CA CYS A 80 0.90 -32.00 -11.47
C CYS A 80 1.45 -33.13 -10.60
N VAL A 81 0.55 -33.80 -9.90
CA VAL A 81 0.93 -34.88 -9.02
C VAL A 81 0.75 -36.23 -9.73
N PHE A 82 1.84 -36.98 -9.83
CA PHE A 82 1.80 -38.29 -10.45
C PHE A 82 2.29 -39.35 -9.47
N ALA A 83 2.01 -40.61 -9.77
CA ALA A 83 2.42 -41.70 -8.91
C ALA A 83 3.61 -42.43 -9.51
N ILE A 84 4.68 -42.55 -8.74
CA ILE A 84 5.88 -43.25 -9.21
C ILE A 84 5.65 -44.74 -9.37
N ASN A 85 4.49 -45.20 -8.92
CA ASN A 85 4.13 -46.60 -9.03
C ASN A 85 3.01 -46.77 -10.05
N ASN A 86 2.79 -45.72 -10.84
CA ASN A 86 1.77 -45.73 -11.86
C ASN A 86 2.26 -44.98 -13.11
N THR A 87 2.81 -45.73 -14.06
CA THR A 87 3.34 -45.16 -15.29
C THR A 87 2.27 -44.36 -16.06
N LYS A 88 1.02 -44.81 -15.96
CA LYS A 88 -0.08 -44.14 -16.65
C LYS A 88 -0.21 -42.70 -16.18
N SER A 89 -0.16 -42.49 -14.87
CA SER A 89 -0.27 -41.16 -14.31
C SER A 89 0.88 -40.25 -14.76
N PHE A 90 2.06 -40.83 -14.93
CA PHE A 90 3.23 -40.08 -15.34
C PHE A 90 3.05 -39.57 -16.77
N GLU A 91 2.63 -40.45 -17.66
CA GLU A 91 2.40 -40.08 -19.05
C GLU A 91 1.16 -39.22 -19.20
N ASP A 92 0.26 -39.34 -18.23
CA ASP A 92 -0.98 -38.57 -18.23
C ASP A 92 -0.70 -37.09 -18.10
N ILE A 93 0.35 -36.76 -17.35
CA ILE A 93 0.76 -35.38 -17.12
C ILE A 93 1.03 -34.66 -18.43
N HIS A 94 1.53 -35.39 -19.43
CA HIS A 94 1.83 -34.84 -20.75
C HIS A 94 0.57 -34.21 -21.33
N HIS A 95 -0.53 -34.94 -21.26
CA HIS A 95 -1.80 -34.48 -21.79
C HIS A 95 -2.33 -33.30 -20.96
N TYR A 96 -2.08 -33.35 -19.65
CA TYR A 96 -2.51 -32.27 -18.76
C TYR A 96 -1.80 -30.97 -19.14
N ARG A 97 -0.49 -31.08 -19.35
CA ARG A 97 0.34 -29.94 -19.73
C ARG A 97 -0.19 -29.27 -20.99
N GLU A 98 -0.46 -30.08 -22.01
CA GLU A 98 -0.98 -29.56 -23.27
C GLU A 98 -2.36 -28.93 -23.09
N GLN A 99 -3.20 -29.58 -22.29
CA GLN A 99 -4.54 -29.07 -22.02
C GLN A 99 -4.48 -27.72 -21.32
N ILE A 100 -3.63 -27.62 -20.29
CA ILE A 100 -3.48 -26.37 -19.53
C ILE A 100 -3.05 -25.23 -20.45
N LYS A 101 -2.04 -25.49 -21.26
CA LYS A 101 -1.52 -24.49 -22.19
C LYS A 101 -2.57 -24.07 -23.20
N ARG A 102 -3.37 -25.03 -23.66
CA ARG A 102 -4.43 -24.76 -24.62
C ARG A 102 -5.55 -23.90 -24.01
N VAL A 103 -5.98 -24.28 -22.82
CA VAL A 103 -7.06 -23.57 -22.13
C VAL A 103 -6.63 -22.17 -21.70
N LYS A 104 -5.43 -22.04 -21.17
CA LYS A 104 -4.93 -20.75 -20.71
C LYS A 104 -4.38 -19.91 -21.85
N ASP A 105 -4.27 -20.53 -23.03
CA ASP A 105 -3.76 -19.87 -24.22
C ASP A 105 -2.37 -19.26 -23.94
N SER A 106 -1.45 -20.12 -23.55
CA SER A 106 -0.09 -19.69 -23.24
C SER A 106 0.84 -20.90 -23.22
N GLU A 107 1.98 -20.76 -23.87
CA GLU A 107 2.96 -21.83 -23.92
C GLU A 107 3.79 -21.80 -22.64
N ASP A 108 3.71 -20.69 -21.93
CA ASP A 108 4.44 -20.50 -20.69
C ASP A 108 3.47 -20.46 -19.50
N VAL A 109 3.43 -21.54 -18.74
CA VAL A 109 2.56 -21.65 -17.59
C VAL A 109 3.32 -22.29 -16.42
N PRO A 110 3.27 -21.66 -15.23
CA PRO A 110 3.95 -22.17 -14.04
C PRO A 110 3.36 -23.50 -13.58
N MET A 111 4.12 -24.56 -13.77
CA MET A 111 3.70 -25.90 -13.40
C MET A 111 4.79 -26.59 -12.59
N VAL A 112 4.39 -27.43 -11.66
CA VAL A 112 5.34 -28.16 -10.84
C VAL A 112 5.03 -29.65 -10.87
N LEU A 113 6.03 -30.45 -11.20
CA LEU A 113 5.87 -31.89 -11.27
C LEU A 113 6.16 -32.50 -9.91
N VAL A 114 5.16 -33.15 -9.33
CA VAL A 114 5.30 -33.77 -8.03
C VAL A 114 5.07 -35.27 -8.10
N GLY A 115 6.06 -36.02 -7.62
CA GLY A 115 5.96 -37.47 -7.62
C GLY A 115 5.61 -37.95 -6.24
N ASN A 116 4.45 -38.56 -6.09
CA ASN A 116 4.01 -39.05 -4.79
C ASN A 116 4.25 -40.56 -4.67
N LYS A 117 4.13 -41.09 -3.45
CA LYS A 117 4.32 -42.51 -3.17
C LYS A 117 5.78 -42.94 -3.32
N CYS A 118 6.70 -42.02 -3.02
CA CYS A 118 8.13 -42.31 -3.12
C CYS A 118 8.61 -43.25 -2.02
N ASP A 119 7.80 -43.44 -1.00
CA ASP A 119 8.15 -44.31 0.11
C ASP A 119 7.75 -45.75 -0.18
N LEU A 120 6.82 -45.93 -1.10
CA LEU A 120 6.35 -47.26 -1.47
C LEU A 120 7.39 -47.97 -2.33
N PRO A 121 7.62 -49.26 -2.08
CA PRO A 121 8.59 -50.06 -2.83
C PRO A 121 8.06 -50.49 -4.19
N SER A 122 8.94 -51.07 -5.00
CA SER A 122 8.59 -51.55 -6.33
C SER A 122 8.05 -50.43 -7.22
N ARG A 123 8.78 -49.33 -7.28
CA ARG A 123 8.39 -48.18 -8.08
C ARG A 123 8.58 -48.45 -9.57
N THR A 124 7.60 -48.08 -10.37
CA THR A 124 7.64 -48.29 -11.81
C THR A 124 8.31 -47.09 -12.50
N VAL A 125 7.85 -45.90 -12.16
CA VAL A 125 8.40 -44.68 -12.73
C VAL A 125 9.70 -44.34 -12.03
N ASP A 126 10.74 -44.10 -12.81
CA ASP A 126 12.05 -43.78 -12.24
C ASP A 126 12.22 -42.27 -12.11
N THR A 127 13.11 -41.88 -11.22
CA THR A 127 13.39 -40.47 -10.99
C THR A 127 14.07 -39.87 -12.22
N LYS A 128 14.82 -40.70 -12.93
CA LYS A 128 15.53 -40.27 -14.13
C LYS A 128 14.58 -39.69 -15.17
N GLN A 129 13.62 -40.49 -15.60
CA GLN A 129 12.64 -40.05 -16.60
C GLN A 129 11.81 -38.86 -16.10
N ALA A 130 11.54 -38.85 -14.80
CA ALA A 130 10.76 -37.78 -14.20
C ALA A 130 11.51 -36.45 -14.28
N GLN A 131 12.77 -36.44 -13.82
CA GLN A 131 13.57 -35.23 -13.85
C GLN A 131 13.91 -34.85 -15.29
N ASP A 132 14.11 -35.86 -16.13
CA ASP A 132 14.41 -35.63 -17.53
C ASP A 132 13.28 -34.85 -18.20
N LEU A 133 12.06 -35.33 -18.02
CA LEU A 133 10.89 -34.68 -18.59
C LEU A 133 10.74 -33.27 -18.02
N ALA A 134 10.92 -33.15 -16.71
CA ALA A 134 10.81 -31.87 -16.02
C ALA A 134 11.78 -30.84 -16.61
N ARG A 135 13.04 -31.24 -16.77
CA ARG A 135 14.06 -30.35 -17.32
C ARG A 135 13.77 -30.03 -18.79
N SER A 136 13.10 -30.94 -19.47
CA SER A 136 12.77 -30.76 -20.86
C SER A 136 11.60 -29.78 -21.04
N TYR A 137 10.80 -29.64 -19.99
CA TYR A 137 9.67 -28.72 -20.04
C TYR A 137 9.98 -27.43 -19.30
N GLY A 138 11.14 -27.39 -18.68
CA GLY A 138 11.55 -26.21 -17.94
C GLY A 138 10.71 -26.03 -16.68
N ILE A 139 10.41 -27.14 -16.03
CA ILE A 139 9.61 -27.13 -14.80
C ILE A 139 10.33 -27.89 -13.69
N PRO A 140 10.06 -27.55 -12.43
CA PRO A 140 10.67 -28.22 -11.29
C PRO A 140 9.98 -29.55 -10.98
N PHE A 141 10.74 -30.45 -10.36
CA PHE A 141 10.23 -31.76 -9.98
C PHE A 141 10.65 -32.08 -8.55
N ILE A 142 9.68 -32.49 -7.74
CA ILE A 142 9.94 -32.83 -6.34
C ILE A 142 9.33 -34.17 -5.97
N GLU A 143 10.15 -35.04 -5.41
CA GLU A 143 9.69 -36.35 -4.96
C GLU A 143 9.09 -36.19 -3.57
N THR A 144 7.84 -36.56 -3.41
CA THR A 144 7.17 -36.41 -2.13
C THR A 144 6.46 -37.68 -1.70
N SER A 145 5.89 -37.63 -0.52
CA SER A 145 5.14 -38.74 0.05
C SER A 145 4.11 -38.19 1.03
N ALA A 146 2.85 -38.21 0.61
CA ALA A 146 1.75 -37.74 1.46
C ALA A 146 1.55 -38.68 2.64
N LYS A 147 2.15 -39.86 2.54
CA LYS A 147 2.04 -40.87 3.59
C LYS A 147 2.99 -40.58 4.75
N THR A 148 4.04 -39.81 4.48
CA THR A 148 5.00 -39.49 5.51
C THR A 148 5.23 -37.99 5.67
N ARG A 149 4.37 -37.19 5.06
CA ARG A 149 4.48 -35.72 5.14
C ARG A 149 5.87 -35.27 4.66
N GLN A 150 6.38 -35.93 3.64
CA GLN A 150 7.69 -35.62 3.09
C GLN A 150 7.58 -34.88 1.76
N GLY A 151 8.12 -33.67 1.71
CA GLY A 151 8.09 -32.87 0.50
C GLY A 151 6.77 -32.15 0.28
N VAL A 152 5.81 -32.41 1.14
CA VAL A 152 4.49 -31.78 1.03
C VAL A 152 4.58 -30.25 1.03
N ASP A 153 5.22 -29.70 2.05
CA ASP A 153 5.36 -28.25 2.16
C ASP A 153 6.22 -27.66 1.04
N ASP A 154 7.33 -28.33 0.75
CA ASP A 154 8.26 -27.87 -0.29
C ASP A 154 7.59 -27.79 -1.66
N ALA A 155 6.73 -28.76 -1.96
CA ALA A 155 6.01 -28.80 -3.23
C ALA A 155 5.14 -27.57 -3.40
N PHE A 156 4.36 -27.26 -2.37
CA PHE A 156 3.49 -26.10 -2.40
C PHE A 156 4.28 -24.80 -2.41
N TYR A 157 5.33 -24.74 -1.61
CA TYR A 157 6.18 -23.56 -1.54
C TYR A 157 6.83 -23.24 -2.89
N THR A 158 7.34 -24.28 -3.55
CA THR A 158 7.96 -24.12 -4.86
C THR A 158 6.93 -23.73 -5.91
N LEU A 159 5.70 -24.21 -5.73
CA LEU A 159 4.61 -23.90 -6.65
C LEU A 159 4.37 -22.39 -6.66
N VAL A 160 4.49 -21.77 -5.49
CA VAL A 160 4.31 -20.33 -5.36
C VAL A 160 5.49 -19.61 -5.99
N ARG A 161 6.68 -20.16 -5.81
CA ARG A 161 7.90 -19.59 -6.34
C ARG A 161 7.85 -19.49 -7.87
N GLU A 162 7.32 -20.53 -8.50
CA GLU A 162 7.19 -20.57 -9.95
C GLU A 162 6.33 -19.41 -10.44
N ILE A 163 5.24 -19.15 -9.73
CA ILE A 163 4.33 -18.07 -10.08
C ILE A 163 5.03 -16.72 -9.92
N ARG A 164 5.78 -16.59 -8.83
CA ARG A 164 6.52 -15.36 -8.55
C ARG A 164 7.45 -15.01 -9.71
N LYS A 165 8.28 -15.98 -10.10
CA LYS A 165 9.21 -15.79 -11.20
C LYS A 165 8.47 -15.52 -12.50
N HIS A 166 7.39 -16.25 -12.72
CA HIS A 166 6.58 -16.09 -13.92
C HIS A 166 6.01 -14.68 -14.03
N LYS A 167 5.50 -14.16 -12.92
CA LYS A 167 4.92 -12.82 -12.91
C LYS A 167 5.97 -11.77 -13.27
N GLU A 168 7.17 -11.93 -12.73
CA GLU A 168 8.27 -11.01 -13.02
C GLU A 168 8.73 -11.17 -14.46
N LYS A 169 8.66 -12.40 -14.97
CA LYS A 169 9.05 -12.71 -16.33
C LYS A 169 8.05 -12.13 -17.32
N MET A 170 6.77 -12.20 -16.96
CA MET A 170 5.70 -11.67 -17.81
C MET A 170 5.68 -10.15 -17.78
N SER A 171 6.10 -9.58 -16.65
CA SER A 171 6.15 -8.12 -16.50
C SER A 171 7.44 -7.57 -17.10
N LYS A 172 8.20 -8.43 -17.74
CA LYS A 172 9.45 -8.05 -18.37
C LYS A 172 9.21 -7.68 -19.83
N ASP A 173 9.45 -6.42 -20.15
CA ASP A 173 9.27 -5.94 -21.52
C ASP A 173 10.65 -5.92 -22.17
N GLY A 174 10.95 -4.85 -22.90
CA GLY A 174 12.23 -4.73 -23.55
C GLY A 174 13.35 -4.53 -22.54
N LYS A 175 13.49 -3.29 -22.07
CA LYS A 175 14.53 -2.94 -21.10
C LYS A 175 14.09 -1.76 -20.23
N LYS A 176 12.79 -1.61 -20.03
CA LYS A 176 12.25 -0.53 -19.22
C LYS A 176 11.15 -1.03 -18.30
N LYS A 177 11.26 -0.75 -17.01
CA LYS A 177 10.26 -1.18 -16.03
C LYS A 177 10.50 -0.54 -14.66
N LYS A 178 9.70 0.46 -14.33
CA LYS A 178 9.83 1.15 -13.06
C LYS A 178 8.49 1.16 -12.32
N LYS A 179 8.56 1.42 -11.01
CA LYS A 179 7.36 1.45 -10.16
C LYS A 179 7.57 2.44 -9.02
N LYS A 180 8.66 2.25 -8.27
CA LYS A 180 8.98 3.10 -7.15
C LYS A 180 10.44 2.88 -6.74
N SER A 181 11.19 3.96 -6.64
CA SER A 181 12.60 3.88 -6.28
C SER A 181 12.93 4.82 -5.13
N LYS A 182 12.99 4.28 -3.92
CA LYS A 182 13.30 5.08 -2.74
C LYS A 182 14.79 5.01 -2.44
N THR A 183 15.25 5.88 -1.57
CA THR A 183 16.66 5.93 -1.19
C THR A 183 16.86 5.34 0.20
N LYS A 184 18.12 5.14 0.58
CA LYS A 184 18.43 4.56 1.89
C LYS A 184 19.10 5.58 2.81
N THR B 2 -4.74 -6.44 17.40
CA THR B 2 -6.06 -6.78 16.89
C THR B 2 -6.79 -7.74 17.84
N GLU B 3 -7.91 -7.31 18.37
CA GLU B 3 -8.69 -8.14 19.29
C GLU B 3 -9.75 -8.92 18.53
N TYR B 4 -9.93 -10.17 18.92
CA TYR B 4 -10.93 -11.03 18.29
C TYR B 4 -11.78 -11.70 19.35
N LYS B 5 -13.09 -11.47 19.30
CA LYS B 5 -14.00 -12.06 20.28
C LYS B 5 -14.48 -13.43 19.81
N LEU B 6 -14.22 -14.44 20.62
CA LEU B 6 -14.61 -15.80 20.29
C LEU B 6 -15.52 -16.40 21.35
N VAL B 7 -16.53 -17.12 20.91
CA VAL B 7 -17.49 -17.76 21.81
C VAL B 7 -17.61 -19.25 21.48
N VAL B 8 -17.54 -20.08 22.50
CA VAL B 8 -17.66 -21.52 22.31
C VAL B 8 -19.10 -22.00 22.49
N VAL B 9 -19.56 -22.79 21.55
CA VAL B 9 -20.92 -23.32 21.60
C VAL B 9 -20.89 -24.85 21.62
N GLY B 10 -21.91 -25.45 22.23
CA GLY B 10 -21.97 -26.89 22.31
C GLY B 10 -22.57 -27.34 23.63
N ALA B 11 -23.17 -28.52 23.63
CA ALA B 11 -23.79 -29.07 24.83
C ALA B 11 -22.74 -29.53 25.82
N ASP B 12 -23.20 -30.02 26.97
CA ASP B 12 -22.30 -30.51 28.01
C ASP B 12 -21.72 -31.87 27.65
N GLY B 13 -20.52 -32.14 28.14
CA GLY B 13 -19.89 -33.43 27.88
C GLY B 13 -18.92 -33.40 26.71
N VAL B 14 -18.95 -32.32 25.93
CA VAL B 14 -18.07 -32.18 24.77
C VAL B 14 -16.67 -31.73 25.18
N GLY B 15 -16.56 -31.15 26.37
CA GLY B 15 -15.27 -30.70 26.87
C GLY B 15 -14.95 -29.26 26.48
N LYS B 16 -15.96 -28.41 26.50
CA LYS B 16 -15.78 -27.00 26.14
C LYS B 16 -14.75 -26.31 27.03
N SER B 17 -15.00 -26.33 28.34
CA SER B 17 -14.10 -25.70 29.30
C SER B 17 -12.71 -26.32 29.26
N ALA B 18 -12.66 -27.64 29.06
CA ALA B 18 -11.41 -28.36 29.00
C ALA B 18 -10.55 -27.83 27.85
N LEU B 19 -11.17 -27.58 26.72
CA LEU B 19 -10.47 -27.06 25.55
C LEU B 19 -10.02 -25.62 25.79
N THR B 20 -10.92 -24.81 26.35
CA THR B 20 -10.62 -23.42 26.64
C THR B 20 -9.44 -23.31 27.59
N ILE B 21 -9.44 -24.15 28.61
CA ILE B 21 -8.37 -24.19 29.60
C ILE B 21 -7.04 -24.62 28.95
N GLN B 22 -7.13 -25.59 28.03
CA GLN B 22 -5.94 -26.11 27.35
C GLN B 22 -5.16 -25.04 26.59
N LEU B 23 -5.81 -23.94 26.23
CA LEU B 23 -5.13 -22.89 25.50
C LEU B 23 -4.58 -21.80 26.42
N ILE B 24 -5.32 -21.53 27.49
CA ILE B 24 -4.91 -20.49 28.43
C ILE B 24 -3.95 -21.01 29.49
N GLN B 25 -4.34 -22.07 30.17
CA GLN B 25 -3.52 -22.65 31.23
C GLN B 25 -2.80 -23.90 30.77
N ASN B 26 -3.38 -24.57 29.78
CA ASN B 26 -2.83 -25.82 29.23
C ASN B 26 -3.12 -26.99 30.16
N HIS B 27 -2.69 -26.87 31.41
CA HIS B 27 -2.92 -27.92 32.39
C HIS B 27 -4.18 -27.61 33.19
N PHE B 28 -4.73 -28.62 33.85
CA PHE B 28 -5.93 -28.44 34.65
C PHE B 28 -5.62 -27.79 35.99
N VAL B 29 -6.01 -26.53 36.14
CA VAL B 29 -5.79 -25.79 37.37
C VAL B 29 -6.93 -26.08 38.36
N ASP B 30 -6.61 -26.18 39.64
CA ASP B 30 -7.61 -26.48 40.66
C ASP B 30 -8.41 -25.24 41.03
N GLU B 31 -9.57 -25.10 40.44
CA GLU B 31 -10.45 -23.98 40.71
C GLU B 31 -11.72 -24.48 41.37
N TYR B 32 -12.17 -23.78 42.41
CA TYR B 32 -13.37 -24.16 43.15
C TYR B 32 -14.46 -23.11 42.95
N ASP B 33 -14.16 -22.12 42.14
CA ASP B 33 -15.12 -21.05 41.87
C ASP B 33 -16.06 -21.46 40.73
N PRO B 34 -17.37 -21.55 41.02
CA PRO B 34 -18.37 -21.95 40.02
C PRO B 34 -18.73 -20.78 39.09
N THR B 35 -18.39 -20.91 37.82
CA THR B 35 -18.68 -19.86 36.85
C THR B 35 -19.53 -20.38 35.71
N ILE B 36 -20.19 -19.48 35.02
CA ILE B 36 -21.04 -19.83 33.89
C ILE B 36 -20.35 -19.45 32.59
N GLU B 37 -20.02 -18.17 32.47
CA GLU B 37 -19.33 -17.65 31.30
C GLU B 37 -17.95 -17.16 31.69
N ASP B 38 -16.95 -18.01 31.52
CA ASP B 38 -15.56 -17.68 31.87
C ASP B 38 -14.92 -16.77 30.81
N SER B 39 -14.25 -15.72 31.26
CA SER B 39 -13.59 -14.80 30.36
C SER B 39 -12.09 -15.10 30.31
N TYR B 40 -11.58 -15.35 29.12
CA TYR B 40 -10.18 -15.65 28.95
C TYR B 40 -9.54 -14.80 27.85
N ARG B 41 -8.36 -14.26 28.14
CA ARG B 41 -7.65 -13.42 27.19
C ARG B 41 -6.23 -13.94 26.98
N LYS B 42 -5.82 -14.04 25.72
CA LYS B 42 -4.50 -14.53 25.38
C LYS B 42 -3.99 -13.83 24.13
N GLN B 43 -2.82 -13.20 24.22
CA GLN B 43 -2.24 -12.51 23.09
C GLN B 43 -1.21 -13.42 22.43
N VAL B 44 -1.46 -13.78 21.18
CA VAL B 44 -0.55 -14.65 20.44
C VAL B 44 -0.21 -14.05 19.07
N VAL B 45 0.75 -14.66 18.39
CA VAL B 45 1.17 -14.20 17.07
C VAL B 45 0.76 -15.22 16.02
N ILE B 46 -0.44 -15.04 15.49
CA ILE B 46 -0.98 -15.95 14.48
C ILE B 46 -0.74 -15.40 13.09
N ASP B 47 -0.02 -16.18 12.28
CA ASP B 47 0.30 -15.81 10.89
C ASP B 47 1.19 -14.57 10.84
N GLY B 48 1.82 -14.25 11.96
CA GLY B 48 2.68 -13.08 12.01
C GLY B 48 1.94 -11.86 12.51
N GLU B 49 0.67 -12.04 12.87
CA GLU B 49 -0.15 -10.96 13.37
C GLU B 49 -0.35 -11.13 14.87
N THR B 50 -0.14 -10.06 15.62
CA THR B 50 -0.34 -10.09 17.06
C THR B 50 -1.82 -9.94 17.39
N CYS B 51 -2.46 -11.07 17.67
CA CYS B 51 -3.88 -11.07 17.96
C CYS B 51 -4.18 -11.26 19.44
N LEU B 52 -5.15 -10.52 19.93
CA LEU B 52 -5.59 -10.62 21.31
C LEU B 52 -6.89 -11.42 21.33
N LEU B 53 -6.79 -12.66 21.77
CA LEU B 53 -7.95 -13.54 21.82
C LEU B 53 -8.86 -13.27 23.01
N ASP B 54 -10.06 -12.81 22.72
CA ASP B 54 -11.06 -12.57 23.74
C ASP B 54 -12.08 -13.69 23.66
N ILE B 55 -11.78 -14.79 24.34
CA ILE B 55 -12.64 -15.96 24.30
C ILE B 55 -13.52 -16.06 25.53
N LEU B 56 -14.77 -16.43 25.31
CA LEU B 56 -15.73 -16.61 26.37
C LEU B 56 -16.10 -18.09 26.48
N ASP B 57 -15.78 -18.68 27.61
CA ASP B 57 -16.05 -20.09 27.86
C ASP B 57 -17.44 -20.29 28.45
N THR B 58 -18.42 -20.30 27.56
CA THR B 58 -19.83 -20.46 27.94
C THR B 58 -20.12 -21.92 28.36
N ALA B 59 -21.24 -22.10 29.06
CA ALA B 59 -21.65 -23.43 29.49
C ALA B 59 -22.45 -24.10 28.38
N GLY B 60 -23.12 -25.20 28.71
CA GLY B 60 -23.90 -25.89 27.69
C GLY B 60 -24.93 -26.83 28.27
N GLN B 61 -25.66 -26.36 29.27
CA GLN B 61 -26.69 -27.16 29.91
C GLN B 61 -28.09 -26.69 29.49
N GLU B 62 -28.14 -25.87 28.44
CA GLU B 62 -29.39 -25.35 27.91
C GLU B 62 -30.13 -24.48 28.94
N GLU B 63 -31.43 -24.24 28.71
CA GLU B 63 -32.26 -23.44 29.61
C GLU B 63 -32.09 -21.94 29.39
N TYR B 64 -30.86 -21.51 29.09
CA TYR B 64 -30.59 -20.09 28.87
C TYR B 64 -30.74 -19.72 27.40
N SER B 65 -31.97 -19.46 27.00
CA SER B 65 -32.27 -19.07 25.63
C SER B 65 -32.05 -17.58 25.44
N ALA B 66 -32.44 -16.81 26.45
CA ALA B 66 -32.30 -15.35 26.40
C ALA B 66 -30.86 -14.91 26.59
N MET B 67 -30.15 -15.58 27.49
CA MET B 67 -28.75 -15.25 27.76
C MET B 67 -27.87 -15.46 26.54
N ARG B 68 -28.30 -16.36 25.67
CA ARG B 68 -27.56 -16.68 24.46
C ARG B 68 -27.41 -15.48 23.53
N ASP B 69 -28.43 -14.63 23.49
CA ASP B 69 -28.43 -13.44 22.64
C ASP B 69 -27.28 -12.51 22.99
N GLN B 70 -27.02 -12.37 24.29
CA GLN B 70 -25.97 -11.50 24.80
C GLN B 70 -24.59 -11.79 24.19
N TYR B 71 -24.08 -12.99 24.41
CA TYR B 71 -22.76 -13.35 23.89
C TYR B 71 -22.75 -13.60 22.38
N MET B 72 -23.91 -13.90 21.83
CA MET B 72 -24.03 -14.16 20.39
C MET B 72 -23.86 -12.86 19.61
N ARG B 73 -24.28 -11.76 20.22
CA ARG B 73 -24.19 -10.45 19.58
C ARG B 73 -22.78 -9.87 19.72
N THR B 74 -22.03 -10.34 20.72
CA THR B 74 -20.70 -9.84 20.97
C THR B 74 -19.63 -10.64 20.21
N GLY B 75 -19.66 -11.96 20.38
CA GLY B 75 -18.68 -12.82 19.74
C GLY B 75 -18.71 -12.74 18.23
N GLU B 76 -17.53 -12.68 17.62
CA GLU B 76 -17.42 -12.59 16.16
C GLU B 76 -17.27 -14.00 15.58
N GLY B 77 -16.42 -14.79 16.21
CA GLY B 77 -16.19 -16.15 15.78
C GLY B 77 -16.76 -17.14 16.75
N PHE B 78 -17.50 -18.10 16.24
CA PHE B 78 -18.11 -19.12 17.08
C PHE B 78 -17.46 -20.47 16.87
N LEU B 79 -17.03 -21.10 17.96
CA LEU B 79 -16.39 -22.39 17.90
C LEU B 79 -17.39 -23.49 18.25
N CYS B 80 -17.72 -24.32 17.26
CA CYS B 80 -18.65 -25.41 17.47
C CYS B 80 -17.89 -26.65 17.92
N VAL B 81 -17.99 -26.95 19.21
CA VAL B 81 -17.31 -28.10 19.78
C VAL B 81 -18.30 -29.22 20.07
N PHE B 82 -18.05 -30.38 19.47
CA PHE B 82 -18.90 -31.54 19.68
C PHE B 82 -18.05 -32.76 19.99
N ALA B 83 -18.64 -33.70 20.72
CA ALA B 83 -17.94 -34.92 21.09
C ALA B 83 -18.25 -36.03 20.11
N ILE B 84 -17.23 -36.77 19.70
CA ILE B 84 -17.40 -37.86 18.75
C ILE B 84 -18.20 -39.01 19.36
N ASN B 85 -18.24 -39.05 20.68
CA ASN B 85 -18.98 -40.10 21.38
C ASN B 85 -20.37 -39.61 21.77
N ASN B 86 -20.71 -38.41 21.31
CA ASN B 86 -22.01 -37.82 21.63
C ASN B 86 -22.74 -37.40 20.36
N THR B 87 -23.77 -38.15 19.99
CA THR B 87 -24.54 -37.88 18.78
C THR B 87 -25.40 -36.63 18.94
N LYS B 88 -25.91 -36.39 20.15
CA LYS B 88 -26.75 -35.25 20.42
C LYS B 88 -26.05 -33.93 20.11
N SER B 89 -24.84 -33.76 20.63
CA SER B 89 -24.07 -32.54 20.39
C SER B 89 -23.80 -32.33 18.91
N PHE B 90 -23.62 -33.42 18.17
CA PHE B 90 -23.36 -33.35 16.74
C PHE B 90 -24.59 -32.82 16.00
N GLU B 91 -25.77 -33.24 16.47
CA GLU B 91 -27.02 -32.81 15.86
C GLU B 91 -27.43 -31.43 16.39
N ASP B 92 -26.75 -31.00 17.45
CA ASP B 92 -27.03 -29.70 18.05
C ASP B 92 -26.30 -28.60 17.30
N ILE B 93 -25.30 -28.99 16.52
CA ILE B 93 -24.51 -28.04 15.73
C ILE B 93 -25.39 -27.23 14.79
N HIS B 94 -26.29 -27.90 14.09
CA HIS B 94 -27.19 -27.22 13.17
C HIS B 94 -28.14 -26.30 13.93
N HIS B 95 -28.56 -26.75 15.11
CA HIS B 95 -29.47 -25.98 15.95
C HIS B 95 -28.81 -24.67 16.39
N TYR B 96 -27.56 -24.77 16.80
CA TYR B 96 -26.81 -23.60 17.23
C TYR B 96 -26.60 -22.65 16.06
N ARG B 97 -26.29 -23.23 14.90
CA ARG B 97 -26.06 -22.46 13.68
C ARG B 97 -27.27 -21.60 13.36
N GLU B 98 -28.46 -22.21 13.46
CA GLU B 98 -29.71 -21.50 13.20
C GLU B 98 -29.89 -20.35 14.18
N GLN B 99 -29.62 -20.63 15.44
CA GLN B 99 -29.75 -19.62 16.49
C GLN B 99 -28.80 -18.46 16.25
N ILE B 100 -27.56 -18.77 15.93
CA ILE B 100 -26.54 -17.75 15.68
C ILE B 100 -26.93 -16.86 14.49
N LYS B 101 -27.36 -17.48 13.40
CA LYS B 101 -27.76 -16.74 12.21
C LYS B 101 -28.99 -15.89 12.49
N ARG B 102 -29.82 -16.36 13.42
CA ARG B 102 -31.04 -15.65 13.77
C ARG B 102 -30.73 -14.42 14.63
N VAL B 103 -29.98 -14.64 15.71
CA VAL B 103 -29.62 -13.56 16.63
C VAL B 103 -28.70 -12.53 15.97
N LYS B 104 -27.69 -13.02 15.26
CA LYS B 104 -26.74 -12.14 14.60
C LYS B 104 -27.32 -11.54 13.33
N ASP B 105 -28.31 -12.22 12.77
CA ASP B 105 -28.98 -11.79 11.54
C ASP B 105 -28.00 -11.62 10.39
N SER B 106 -27.49 -12.74 9.89
CA SER B 106 -26.54 -12.74 8.79
C SER B 106 -26.44 -14.13 8.18
N GLU B 107 -25.94 -14.19 6.95
CA GLU B 107 -25.78 -15.45 6.26
C GLU B 107 -24.29 -15.82 6.19
N ASP B 108 -23.45 -14.95 6.73
CA ASP B 108 -22.01 -15.18 6.74
C ASP B 108 -21.44 -15.01 8.13
N VAL B 109 -21.58 -16.03 8.94
CA VAL B 109 -21.07 -16.01 10.31
C VAL B 109 -19.85 -16.91 10.41
N PRO B 110 -18.70 -16.36 10.83
CA PRO B 110 -17.46 -17.12 10.99
C PRO B 110 -17.55 -18.15 12.10
N MET B 111 -17.56 -19.42 11.71
CA MET B 111 -17.63 -20.52 12.65
C MET B 111 -16.67 -21.62 12.25
N VAL B 112 -16.34 -22.49 13.20
CA VAL B 112 -15.45 -23.61 12.95
C VAL B 112 -15.91 -24.83 13.74
N LEU B 113 -16.21 -25.89 13.03
CA LEU B 113 -16.66 -27.13 13.66
C LEU B 113 -15.45 -27.98 14.03
N VAL B 114 -15.25 -28.19 15.32
CA VAL B 114 -14.11 -28.97 15.79
C VAL B 114 -14.56 -30.19 16.57
N GLY B 115 -14.12 -31.35 16.12
CA GLY B 115 -14.45 -32.57 16.81
C GLY B 115 -13.49 -32.77 17.95
N ASN B 116 -14.02 -32.90 19.16
CA ASN B 116 -13.19 -33.08 20.33
C ASN B 116 -13.12 -34.53 20.79
N LYS B 117 -12.04 -34.87 21.49
CA LYS B 117 -11.82 -36.20 22.01
C LYS B 117 -11.68 -37.23 20.88
N CYS B 118 -10.89 -36.86 19.88
CA CYS B 118 -10.64 -37.72 18.74
C CYS B 118 -9.66 -38.86 19.08
N ASP B 119 -9.70 -39.32 20.32
CA ASP B 119 -8.84 -40.40 20.77
C ASP B 119 -9.67 -41.60 21.19
N LEU B 120 -10.99 -41.41 21.23
CA LEU B 120 -11.91 -42.47 21.61
C LEU B 120 -12.18 -43.39 20.41
N PRO B 121 -11.85 -44.69 20.55
CA PRO B 121 -12.06 -45.67 19.48
C PRO B 121 -13.54 -45.86 19.19
N SER B 122 -13.84 -46.44 18.02
CA SER B 122 -15.22 -46.68 17.61
C SER B 122 -15.99 -45.38 17.36
N ARG B 123 -15.88 -44.85 16.16
CA ARG B 123 -16.57 -43.62 15.80
C ARG B 123 -17.87 -43.96 15.06
N THR B 124 -18.98 -43.48 15.59
CA THR B 124 -20.27 -43.74 14.98
C THR B 124 -20.49 -42.88 13.74
N VAL B 125 -19.88 -41.70 13.73
CA VAL B 125 -20.00 -40.79 12.61
C VAL B 125 -18.72 -40.79 11.79
N ASP B 126 -18.85 -41.07 10.49
CA ASP B 126 -17.71 -41.11 9.59
C ASP B 126 -17.25 -39.68 9.26
N THR B 127 -15.94 -39.49 9.14
CA THR B 127 -15.38 -38.19 8.85
C THR B 127 -15.90 -37.62 7.52
N LYS B 128 -16.04 -38.49 6.52
CA LYS B 128 -16.50 -38.08 5.21
C LYS B 128 -17.87 -37.41 5.28
N GLN B 129 -18.83 -38.04 5.95
CA GLN B 129 -20.18 -37.49 6.06
C GLN B 129 -20.20 -36.21 6.90
N ALA B 130 -19.35 -36.15 7.92
CA ALA B 130 -19.27 -34.97 8.77
C ALA B 130 -18.66 -33.82 7.99
N GLN B 131 -17.58 -34.10 7.27
CA GLN B 131 -16.91 -33.09 6.47
C GLN B 131 -17.82 -32.62 5.33
N ASP B 132 -18.65 -33.53 4.84
CA ASP B 132 -19.59 -33.24 3.76
C ASP B 132 -20.58 -32.18 4.23
N LEU B 133 -20.98 -32.29 5.49
CA LEU B 133 -21.91 -31.35 6.09
C LEU B 133 -21.21 -30.00 6.30
N ALA B 134 -19.96 -30.06 6.76
CA ALA B 134 -19.16 -28.86 7.01
C ALA B 134 -18.90 -28.11 5.71
N ARG B 135 -18.76 -28.84 4.61
CA ARG B 135 -18.51 -28.24 3.31
C ARG B 135 -19.67 -27.34 2.90
N SER B 136 -20.86 -27.67 3.38
CA SER B 136 -22.06 -26.89 3.07
C SER B 136 -21.90 -25.47 3.61
N TYR B 137 -21.16 -25.34 4.70
CA TYR B 137 -20.92 -24.04 5.31
C TYR B 137 -19.63 -23.44 4.76
N GLY B 138 -18.70 -24.32 4.42
CA GLY B 138 -17.42 -23.88 3.88
C GLY B 138 -16.38 -23.75 4.97
N ILE B 139 -16.58 -24.50 6.05
CA ILE B 139 -15.67 -24.47 7.17
C ILE B 139 -14.68 -25.65 7.12
N PRO B 140 -13.43 -25.40 7.53
CA PRO B 140 -12.38 -26.42 7.54
C PRO B 140 -12.51 -27.32 8.77
N PHE B 141 -12.89 -28.57 8.56
CA PHE B 141 -13.04 -29.52 9.65
C PHE B 141 -11.69 -29.94 10.20
N ILE B 142 -11.58 -29.97 11.52
CA ILE B 142 -10.33 -30.36 12.16
C ILE B 142 -10.59 -31.27 13.35
N GLU B 143 -9.66 -32.17 13.59
CA GLU B 143 -9.76 -33.11 14.70
C GLU B 143 -8.73 -32.77 15.76
N THR B 144 -9.11 -32.90 17.02
CA THR B 144 -8.21 -32.57 18.11
C THR B 144 -8.28 -33.60 19.23
N SER B 145 -7.18 -33.76 19.93
CA SER B 145 -7.10 -34.67 21.05
C SER B 145 -6.42 -33.97 22.22
N ALA B 146 -7.15 -33.75 23.30
CA ALA B 146 -6.62 -33.10 24.48
C ALA B 146 -5.64 -34.01 25.20
N LYS B 147 -5.59 -35.27 24.77
CA LYS B 147 -4.71 -36.26 25.36
C LYS B 147 -3.31 -36.17 24.75
N THR B 148 -3.23 -36.20 23.43
CA THR B 148 -1.95 -36.15 22.75
C THR B 148 -1.55 -34.72 22.37
N ARG B 149 -2.47 -33.77 22.57
CA ARG B 149 -2.23 -32.36 22.25
C ARG B 149 -2.07 -32.16 20.74
N GLN B 150 -2.64 -33.05 19.96
CA GLN B 150 -2.56 -32.99 18.51
C GLN B 150 -3.72 -32.18 17.95
N GLY B 151 -3.40 -31.09 17.25
CA GLY B 151 -4.42 -30.25 16.64
C GLY B 151 -5.00 -29.21 17.56
N VAL B 152 -4.61 -29.26 18.82
CA VAL B 152 -5.09 -28.32 19.83
C VAL B 152 -4.70 -26.88 19.51
N ASP B 153 -3.44 -26.69 19.17
CA ASP B 153 -2.91 -25.35 18.86
C ASP B 153 -3.52 -24.75 17.60
N ASP B 154 -3.66 -25.54 16.56
CA ASP B 154 -4.20 -25.05 15.30
C ASP B 154 -5.71 -24.89 15.33
N ALA B 155 -6.36 -25.59 16.27
CA ALA B 155 -7.81 -25.53 16.40
C ALA B 155 -8.30 -24.09 16.56
N PHE B 156 -7.71 -23.37 17.50
CA PHE B 156 -8.08 -21.98 17.74
C PHE B 156 -7.61 -21.08 16.60
N TYR B 157 -6.46 -21.42 16.03
CA TYR B 157 -5.90 -20.65 14.93
C TYR B 157 -6.79 -20.70 13.70
N THR B 158 -7.49 -21.82 13.53
CA THR B 158 -8.39 -21.99 12.39
C THR B 158 -9.56 -21.00 12.48
N LEU B 159 -10.03 -20.76 13.70
CA LEU B 159 -11.13 -19.84 13.94
C LEU B 159 -10.70 -18.42 13.58
N VAL B 160 -9.44 -18.11 13.87
CA VAL B 160 -8.89 -16.79 13.58
C VAL B 160 -8.73 -16.61 12.08
N ARG B 161 -8.43 -17.71 11.38
CA ARG B 161 -8.26 -17.68 9.93
C ARG B 161 -9.56 -17.28 9.24
N GLU B 162 -10.68 -17.67 9.84
CA GLU B 162 -11.99 -17.36 9.30
C GLU B 162 -12.33 -15.87 9.43
N ILE B 163 -12.18 -15.32 10.62
CA ILE B 163 -12.50 -13.91 10.86
C ILE B 163 -11.61 -12.94 10.09
N ARG B 164 -10.40 -13.38 9.75
CA ARG B 164 -9.48 -12.52 9.00
C ARG B 164 -10.01 -12.29 7.58
N LYS B 165 -10.67 -13.31 7.02
CA LYS B 165 -11.23 -13.21 5.68
C LYS B 165 -12.50 -12.38 5.71
N HIS B 166 -13.21 -12.46 6.83
CA HIS B 166 -14.46 -11.74 7.02
C HIS B 166 -14.29 -10.24 6.79
N LYS B 167 -13.18 -9.69 7.27
CA LYS B 167 -12.90 -8.26 7.13
C LYS B 167 -12.84 -7.82 5.66
N GLU B 168 -12.35 -8.70 4.80
CA GLU B 168 -12.24 -8.38 3.39
C GLU B 168 -13.50 -8.78 2.62
N LYS B 169 -14.00 -9.98 2.91
CA LYS B 169 -15.19 -10.51 2.25
C LYS B 169 -16.38 -9.58 2.43
N MET B 170 -16.52 -9.02 3.64
CA MET B 170 -17.62 -8.11 3.93
C MET B 170 -17.38 -6.73 3.33
N SER B 171 -16.15 -6.48 2.91
CA SER B 171 -15.80 -5.20 2.30
C SER B 171 -15.97 -5.28 0.79
N LYS B 172 -16.08 -6.52 0.29
CA LYS B 172 -16.28 -6.76 -1.12
C LYS B 172 -17.78 -6.77 -1.45
N ASP B 173 -18.54 -7.44 -0.58
CA ASP B 173 -20.00 -7.54 -0.70
C ASP B 173 -20.52 -7.81 -2.12
N GLY B 174 -20.93 -6.76 -2.81
CA GLY B 174 -21.44 -6.91 -4.16
C GLY B 174 -22.43 -5.82 -4.52
N LYS B 175 -23.16 -5.35 -3.52
CA LYS B 175 -24.16 -4.30 -3.72
C LYS B 175 -24.06 -3.26 -2.61
N LYS B 176 -24.48 -2.03 -2.92
CA LYS B 176 -24.46 -0.92 -1.96
C LYS B 176 -23.06 -0.37 -1.70
N LYS B 177 -22.22 -1.16 -1.06
CA LYS B 177 -20.87 -0.74 -0.71
C LYS B 177 -19.87 -0.94 -1.84
N LYS B 178 -19.41 -2.19 -2.01
CA LYS B 178 -18.43 -2.53 -3.04
C LYS B 178 -17.15 -1.75 -2.83
N LYS B 179 -16.63 -1.78 -1.60
CA LYS B 179 -15.41 -1.06 -1.26
C LYS B 179 -14.16 -1.77 -1.79
N LYS B 180 -14.03 -3.04 -1.47
CA LYS B 180 -12.87 -3.80 -1.91
C LYS B 180 -13.15 -4.52 -3.23
N SER B 181 -12.46 -4.08 -4.27
CA SER B 181 -12.61 -4.65 -5.60
C SER B 181 -11.23 -4.97 -6.16
N LYS B 182 -11.10 -6.08 -6.88
CA LYS B 182 -9.83 -6.47 -7.46
C LYS B 182 -10.01 -7.03 -8.87
N THR B 183 -10.14 -6.13 -9.83
CA THR B 183 -10.33 -6.52 -11.22
C THR B 183 -9.82 -5.43 -12.16
N LYS B 184 -8.54 -5.49 -12.47
CA LYS B 184 -7.89 -4.51 -13.35
C LYS B 184 -6.53 -5.01 -13.78
N SER C 14 30.69 3.20 -43.16
CA SER C 14 31.14 2.49 -41.97
C SER C 14 32.57 1.97 -42.15
N THR C 15 33.12 2.23 -43.33
CA THR C 15 34.47 1.78 -43.66
C THR C 15 35.51 2.55 -42.86
N PHE C 16 35.26 3.83 -42.62
CA PHE C 16 36.19 4.67 -41.86
C PHE C 16 36.52 4.08 -40.49
N SER C 17 35.50 3.56 -39.83
CA SER C 17 35.65 2.96 -38.51
C SER C 17 36.53 1.71 -38.58
N LYS C 18 36.41 0.98 -39.69
CA LYS C 18 37.18 -0.25 -39.88
C LYS C 18 38.65 0.08 -40.10
N LEU C 19 38.91 1.16 -40.85
CA LEU C 19 40.27 1.58 -41.13
C LEU C 19 40.95 2.11 -39.87
N ARG C 20 40.20 2.89 -39.09
CA ARG C 20 40.71 3.47 -37.85
C ARG C 20 40.95 2.39 -36.80
N GLU C 21 40.25 1.27 -36.96
CA GLU C 21 40.35 0.15 -36.03
C GLU C 21 41.69 -0.57 -36.16
N GLN C 22 42.24 -0.62 -37.37
CA GLN C 22 43.50 -1.31 -37.61
C GLN C 22 44.71 -0.36 -37.51
N LEU C 23 44.47 0.92 -37.76
CA LEU C 23 45.54 1.92 -37.72
C LEU C 23 46.02 2.19 -36.29
N GLY C 24 45.12 2.00 -35.32
CA GLY C 24 45.46 2.26 -33.94
C GLY C 24 46.49 1.30 -33.32
N PRO C 25 46.16 -0.01 -33.22
CA PRO C 25 47.03 -1.04 -32.63
C PRO C 25 48.53 -0.86 -32.87
N VAL C 26 48.91 -0.69 -34.13
CA VAL C 26 50.32 -0.54 -34.50
C VAL C 26 50.98 0.65 -33.80
N THR C 27 50.33 1.81 -33.84
CA THR C 27 50.85 3.01 -33.19
C THR C 27 50.77 2.88 -31.67
N GLN C 28 49.71 2.22 -31.22
CA GLN C 28 49.48 2.01 -29.79
C GLN C 28 50.65 1.26 -29.15
N GLU C 29 51.08 0.19 -29.82
CA GLU C 29 52.19 -0.63 -29.33
C GLU C 29 53.46 0.19 -29.19
N PHE C 30 53.73 1.06 -30.16
CA PHE C 30 54.93 1.89 -30.13
C PHE C 30 54.93 2.77 -28.89
N TRP C 31 53.77 3.35 -28.59
CA TRP C 31 53.61 4.21 -27.43
C TRP C 31 53.70 3.40 -26.14
N ASP C 32 53.09 2.21 -26.14
CA ASP C 32 53.11 1.34 -24.99
C ASP C 32 54.53 0.95 -24.60
N ASN C 33 55.31 0.57 -25.60
CA ASN C 33 56.69 0.18 -25.39
C ASN C 33 57.50 1.34 -24.81
N LEU C 34 57.26 2.54 -25.35
CA LEU C 34 57.96 3.73 -24.89
C LEU C 34 57.51 4.11 -23.48
N GLU C 35 56.23 3.87 -23.18
CA GLU C 35 55.67 4.15 -21.88
C GLU C 35 56.36 3.29 -20.82
N LYS C 36 56.54 2.02 -21.15
CA LYS C 36 57.20 1.08 -20.24
C LYS C 36 58.67 1.47 -20.05
N GLU C 37 59.23 2.10 -21.08
CA GLU C 37 60.62 2.56 -21.03
C GLU C 37 60.76 3.67 -19.99
N THR C 38 59.92 4.69 -20.12
CA THR C 38 59.94 5.81 -19.20
C THR C 38 59.52 5.36 -17.80
N GLU C 39 58.69 4.32 -17.76
CA GLU C 39 58.21 3.76 -16.50
C GLU C 39 59.39 3.25 -15.68
N GLY C 40 60.35 2.62 -16.37
CA GLY C 40 61.53 2.10 -15.70
C GLY C 40 62.35 3.23 -15.11
N LEU C 41 62.39 4.35 -15.81
CA LEU C 41 63.13 5.52 -15.36
C LEU C 41 62.47 6.08 -14.11
N ARG C 42 61.14 6.18 -14.12
CA ARG C 42 60.41 6.69 -12.97
C ARG C 42 60.56 5.72 -11.80
N GLN C 43 60.59 4.43 -12.11
CA GLN C 43 60.75 3.39 -11.09
C GLN C 43 62.07 3.57 -10.37
N GLU C 44 63.12 3.86 -11.13
CA GLU C 44 64.45 4.09 -10.58
C GLU C 44 64.45 5.34 -9.70
N MET C 45 63.71 6.36 -10.14
CA MET C 45 63.62 7.61 -9.40
C MET C 45 62.87 7.41 -8.09
N SER C 46 61.89 6.50 -8.10
CA SER C 46 61.11 6.21 -6.91
C SER C 46 61.98 5.50 -5.87
N LYS C 47 62.92 4.68 -6.36
CA LYS C 47 63.83 3.95 -5.48
C LYS C 47 64.70 4.89 -4.68
N ASP C 48 65.08 6.01 -5.30
CA ASP C 48 65.91 7.02 -4.63
C ASP C 48 65.20 7.52 -3.36
N LEU C 49 63.96 7.94 -3.52
CA LEU C 49 63.18 8.45 -2.41
C LEU C 49 62.77 7.32 -1.46
N GLU C 50 62.63 6.11 -1.99
CA GLU C 50 62.25 4.95 -1.19
C GLU C 50 63.38 4.52 -0.27
N GLU C 51 64.60 4.54 -0.79
CA GLU C 51 65.78 4.16 -0.01
C GLU C 51 66.07 5.18 1.09
N VAL C 52 65.94 6.46 0.75
CA VAL C 52 66.20 7.53 1.73
C VAL C 52 65.12 7.57 2.82
N LYS C 53 63.91 7.12 2.46
CA LYS C 53 62.79 7.08 3.40
C LYS C 53 63.16 6.28 4.65
N ALA C 54 63.86 5.17 4.45
CA ALA C 54 64.24 4.32 5.56
C ALA C 54 65.52 4.80 6.25
N LYS C 55 66.16 5.81 5.66
CA LYS C 55 67.40 6.35 6.23
C LYS C 55 67.14 7.49 7.19
N VAL C 56 66.17 8.34 6.87
CA VAL C 56 65.82 9.47 7.72
C VAL C 56 64.90 9.05 8.86
N GLN C 57 64.37 7.83 8.74
CA GLN C 57 63.45 7.28 9.73
C GLN C 57 64.05 7.23 11.15
N PRO C 58 65.20 6.56 11.34
CA PRO C 58 65.83 6.45 12.68
C PRO C 58 66.17 7.81 13.30
N TYR C 59 66.52 8.77 12.45
CA TYR C 59 66.87 10.11 12.94
C TYR C 59 65.66 10.81 13.55
N LEU C 60 64.50 10.56 12.98
CA LEU C 60 63.27 11.18 13.48
C LEU C 60 62.77 10.43 14.71
N ASP C 61 62.99 9.12 14.73
CA ASP C 61 62.57 8.29 15.86
C ASP C 61 63.36 8.65 17.11
N ASP C 62 64.67 8.80 16.96
CA ASP C 62 65.56 9.15 18.07
C ASP C 62 65.14 10.47 18.74
N PHE C 63 64.93 11.49 17.93
CA PHE C 63 64.54 12.79 18.45
C PHE C 63 63.16 12.72 19.11
N GLN C 64 62.30 11.89 18.55
CA GLN C 64 60.95 11.72 19.07
C GLN C 64 60.98 11.10 20.47
N LYS C 65 61.87 10.14 20.67
CA LYS C 65 62.01 9.48 21.96
C LYS C 65 62.43 10.47 23.04
N LYS C 66 63.21 11.47 22.63
CA LYS C 66 63.67 12.51 23.55
C LYS C 66 62.51 13.44 23.91
N TRP C 67 61.68 13.75 22.91
CA TRP C 67 60.52 14.60 23.13
C TRP C 67 59.53 13.91 24.06
N GLN C 68 59.47 12.59 23.94
CA GLN C 68 58.60 11.77 24.77
C GLN C 68 58.90 12.00 26.25
N GLU C 69 60.19 12.00 26.60
CA GLU C 69 60.61 12.22 27.97
C GLU C 69 60.25 13.62 28.43
N GLU C 70 60.44 14.58 27.55
CA GLU C 70 60.15 15.98 27.84
C GLU C 70 58.67 16.18 28.17
N MET C 71 57.82 15.60 27.34
CA MET C 71 56.38 15.70 27.53
C MET C 71 55.92 14.99 28.81
N GLU C 72 56.44 13.81 29.05
CA GLU C 72 56.09 13.03 30.22
C GLU C 72 56.58 13.71 31.50
N LEU C 73 57.73 14.37 31.42
CA LEU C 73 58.29 15.08 32.56
C LEU C 73 57.32 16.12 33.09
N TYR C 74 56.80 16.93 32.19
CA TYR C 74 55.85 17.97 32.57
C TYR C 74 54.55 17.36 33.05
N ARG C 75 54.14 16.26 32.42
CA ARG C 75 52.91 15.57 32.79
C ARG C 75 52.97 15.11 34.25
N GLN C 76 54.16 14.74 34.70
CA GLN C 76 54.37 14.29 36.06
C GLN C 76 54.40 15.48 37.02
N LYS C 77 55.05 16.56 36.61
CA LYS C 77 55.18 17.75 37.42
C LYS C 77 53.85 18.50 37.59
N VAL C 78 53.03 18.49 36.54
CA VAL C 78 51.73 19.18 36.58
C VAL C 78 50.65 18.34 37.27
N GLU C 79 51.04 17.19 37.78
CA GLU C 79 50.11 16.30 38.46
C GLU C 79 49.76 16.76 39.89
N PRO C 80 50.76 16.95 40.78
CA PRO C 80 50.51 17.39 42.16
C PRO C 80 49.79 18.74 42.21
N LEU C 81 50.17 19.63 41.31
CA LEU C 81 49.57 20.96 41.25
C LEU C 81 48.09 20.88 40.86
N ARG C 82 47.76 19.93 40.00
CA ARG C 82 46.40 19.74 39.53
C ARG C 82 45.46 19.44 40.70
N ALA C 83 45.94 18.63 41.64
CA ALA C 83 45.16 18.27 42.81
C ALA C 83 44.86 19.49 43.66
N GLU C 84 45.84 20.37 43.79
CA GLU C 84 45.69 21.59 44.57
C GLU C 84 44.70 22.53 43.91
N LEU C 85 44.84 22.71 42.60
CA LEU C 85 43.95 23.58 41.83
C LEU C 85 42.52 23.09 41.89
N GLN C 86 42.36 21.76 41.86
CA GLN C 86 41.05 21.14 41.91
C GLN C 86 40.40 21.36 43.27
N GLU C 87 41.17 21.14 44.32
CA GLU C 87 40.69 21.31 45.69
C GLU C 87 40.29 22.77 45.94
N GLY C 88 41.12 23.70 45.47
CA GLY C 88 40.85 25.11 45.64
C GLY C 88 39.59 25.56 44.94
N ALA C 89 39.23 24.86 43.86
CA ALA C 89 38.04 25.22 43.11
C ALA C 89 36.80 24.62 43.77
N ARG C 90 36.94 23.39 44.27
CA ARG C 90 35.85 22.67 44.92
C ARG C 90 35.31 23.40 46.14
N GLN C 91 36.20 23.81 47.04
CA GLN C 91 35.81 24.50 48.27
C GLN C 91 35.08 25.82 48.01
N LYS C 92 35.35 26.41 46.87
CA LYS C 92 34.76 27.68 46.47
C LYS C 92 33.23 27.63 46.38
N LEU C 93 32.70 26.66 45.63
CA LEU C 93 31.25 26.57 45.42
C LEU C 93 30.51 26.04 46.63
N HIS C 94 31.23 25.48 47.59
CA HIS C 94 30.60 24.94 48.79
C HIS C 94 29.81 26.01 49.53
N GLU C 95 30.46 27.13 49.82
CA GLU C 95 29.80 28.23 50.52
C GLU C 95 28.90 29.01 49.56
N LEU C 96 29.36 29.15 48.31
CA LEU C 96 28.62 29.88 47.29
C LEU C 96 27.20 29.35 47.11
N GLN C 97 27.06 28.03 47.06
CA GLN C 97 25.75 27.41 46.90
C GLN C 97 24.96 27.46 48.20
N GLU C 98 25.62 27.08 49.29
CA GLU C 98 24.99 27.06 50.62
C GLU C 98 24.41 28.41 51.01
N LYS C 99 24.97 29.48 50.48
CA LYS C 99 24.52 30.84 50.78
C LYS C 99 23.44 31.31 49.81
N LEU C 100 23.07 30.48 48.84
CA LEU C 100 22.06 30.86 47.85
C LEU C 100 20.84 29.93 47.86
N SER C 101 21.06 28.66 48.14
CA SER C 101 19.99 27.66 48.18
C SER C 101 18.74 28.09 48.99
N PRO C 102 18.90 28.48 50.28
CA PRO C 102 17.76 28.90 51.12
C PRO C 102 16.88 29.96 50.47
N LEU C 103 17.51 31.02 49.96
CA LEU C 103 16.79 32.11 49.32
C LEU C 103 16.03 31.63 48.09
N GLY C 104 16.70 30.81 47.28
CA GLY C 104 16.09 30.31 46.07
C GLY C 104 14.91 29.38 46.33
N GLU C 105 15.04 28.53 47.33
CA GLU C 105 13.98 27.59 47.67
C GLU C 105 12.76 28.31 48.26
N GLU C 106 13.02 29.38 48.98
CA GLU C 106 11.96 30.17 49.60
C GLU C 106 11.13 30.90 48.55
N MET C 107 11.81 31.52 47.59
CA MET C 107 11.14 32.25 46.54
C MET C 107 10.46 31.30 45.55
N ARG C 108 10.99 30.09 45.44
CA ARG C 108 10.43 29.10 44.53
C ARG C 108 8.98 28.78 44.87
N ASP C 109 8.74 28.36 46.11
CA ASP C 109 7.39 28.02 46.55
C ASP C 109 6.49 29.25 46.55
N ARG C 110 7.06 30.39 46.94
CA ARG C 110 6.33 31.65 46.99
C ARG C 110 5.77 32.02 45.61
N ALA C 111 6.52 31.68 44.56
CA ALA C 111 6.11 31.93 43.20
C ALA C 111 5.04 30.93 42.75
N ARG C 112 5.28 29.66 43.06
CA ARG C 112 4.35 28.59 42.70
C ARG C 112 2.98 28.84 43.30
N ALA C 113 2.96 29.28 44.55
CA ALA C 113 1.72 29.56 45.25
C ALA C 113 0.91 30.64 44.53
N HIS C 114 1.61 31.65 44.02
CA HIS C 114 0.96 32.75 43.29
C HIS C 114 0.37 32.23 41.98
N VAL C 115 1.06 31.31 41.34
CA VAL C 115 0.60 30.74 40.07
C VAL C 115 -0.70 29.98 40.28
N ASP C 116 -0.71 29.12 41.29
CA ASP C 116 -1.90 28.31 41.59
C ASP C 116 -3.04 29.22 42.05
N ALA C 117 -2.71 30.21 42.87
CA ALA C 117 -3.70 31.16 43.36
C ALA C 117 -4.32 31.94 42.21
N LEU C 118 -3.48 32.40 41.30
CA LEU C 118 -3.94 33.16 40.13
C LEU C 118 -4.90 32.32 39.29
N ARG C 119 -4.58 31.03 39.18
CA ARG C 119 -5.40 30.10 38.42
C ARG C 119 -6.80 29.99 39.03
N THR C 120 -6.84 29.73 40.33
CA THR C 120 -8.09 29.58 41.05
C THR C 120 -8.86 30.90 41.11
N HIS C 121 -8.13 32.01 41.14
CA HIS C 121 -8.75 33.33 41.22
C HIS C 121 -9.42 33.72 39.90
N LEU C 122 -8.73 33.49 38.79
CA LEU C 122 -9.25 33.84 37.47
C LEU C 122 -10.26 32.82 36.93
N ALA C 123 -10.21 31.60 37.47
CA ALA C 123 -11.09 30.53 37.02
C ALA C 123 -12.57 30.92 36.92
N PRO C 124 -13.21 31.41 38.01
CA PRO C 124 -14.63 31.80 37.99
C PRO C 124 -14.95 32.86 36.94
N TYR C 125 -14.03 33.79 36.75
CA TYR C 125 -14.23 34.87 35.79
C TYR C 125 -14.22 34.37 34.36
N SER C 126 -13.21 33.57 34.00
CA SER C 126 -13.11 33.04 32.65
C SER C 126 -14.28 32.09 32.38
N ASP C 127 -14.69 31.39 33.42
CA ASP C 127 -15.80 30.43 33.32
C ASP C 127 -17.12 31.15 33.08
N GLU C 128 -17.32 32.28 33.74
CA GLU C 128 -18.56 33.06 33.59
C GLU C 128 -18.61 33.71 32.21
N LEU C 129 -17.49 34.28 31.79
CA LEU C 129 -17.41 34.94 30.49
C LEU C 129 -17.67 33.96 29.36
N ARG C 130 -17.18 32.74 29.52
CA ARG C 130 -17.36 31.68 28.52
C ARG C 130 -18.84 31.38 28.30
N GLN C 131 -19.56 31.20 29.40
CA GLN C 131 -21.00 30.90 29.36
C GLN C 131 -21.78 32.02 28.69
N ARG C 132 -21.35 33.26 28.90
CA ARG C 132 -22.02 34.40 28.32
C ARG C 132 -21.70 34.55 26.83
N LEU C 133 -20.50 34.16 26.45
CA LEU C 133 -20.09 34.24 25.05
C LEU C 133 -20.70 33.11 24.23
N ALA C 134 -20.80 31.93 24.84
CA ALA C 134 -21.37 30.75 24.18
C ALA C 134 -22.78 31.05 23.65
N ALA C 135 -23.58 31.73 24.47
CA ALA C 135 -24.93 32.08 24.09
C ALA C 135 -24.95 33.01 22.88
N ARG C 136 -24.02 33.96 22.85
CA ARG C 136 -23.93 34.91 21.74
C ARG C 136 -23.57 34.19 20.44
N LEU C 137 -22.66 33.24 20.54
CA LEU C 137 -22.23 32.46 19.39
C LEU C 137 -23.38 31.64 18.82
N GLU C 138 -24.27 31.22 19.72
CA GLU C 138 -25.44 30.42 19.32
C GLU C 138 -26.47 31.29 18.63
N ALA C 139 -26.74 32.47 19.20
CA ALA C 139 -27.72 33.39 18.63
C ALA C 139 -27.32 33.80 17.22
N LEU C 140 -26.02 34.02 17.03
CA LEU C 140 -25.50 34.42 15.73
C LEU C 140 -25.57 33.27 14.74
N LYS C 141 -25.38 32.05 15.25
CA LYS C 141 -25.41 30.85 14.43
C LYS C 141 -26.77 30.67 13.75
N GLU C 142 -27.84 30.85 14.52
CA GLU C 142 -29.19 30.68 14.00
C GLU C 142 -29.47 31.61 12.82
N ASN C 143 -29.27 32.91 13.03
CA ASN C 143 -29.52 33.90 11.98
C ASN C 143 -28.63 33.67 10.77
N GLY C 144 -27.39 33.27 11.02
CA GLY C 144 -26.46 33.03 9.94
C GLY C 144 -26.91 31.90 9.03
N GLY C 145 -27.19 30.75 9.62
CA GLY C 145 -27.62 29.59 8.86
C GLY C 145 -28.94 29.79 8.14
N ALA C 146 -29.84 30.53 8.78
CA ALA C 146 -31.17 30.79 8.20
C ALA C 146 -31.07 31.41 6.80
N ARG C 147 -30.08 32.27 6.61
CA ARG C 147 -29.89 32.92 5.31
C ARG C 147 -28.90 32.16 4.44
N LEU C 148 -28.05 31.37 5.08
CA LEU C 148 -27.03 30.58 4.39
C LEU C 148 -27.65 29.50 3.51
N ALA C 149 -28.68 28.83 4.03
CA ALA C 149 -29.35 27.77 3.30
C ALA C 149 -29.92 28.28 1.97
N GLU C 150 -30.29 29.55 1.94
CA GLU C 150 -30.85 30.16 0.75
C GLU C 150 -29.78 30.37 -0.32
N TYR C 151 -28.59 30.77 0.12
CA TYR C 151 -27.47 31.01 -0.78
C TYR C 151 -26.95 29.71 -1.36
N HIS C 152 -26.89 28.68 -0.51
CA HIS C 152 -26.42 27.37 -0.93
C HIS C 152 -27.27 26.83 -2.08
N ALA C 153 -28.57 27.04 -1.98
CA ALA C 153 -29.52 26.59 -3.00
C ALA C 153 -29.26 27.27 -4.35
N LYS C 154 -29.16 28.59 -4.32
CA LYS C 154 -28.91 29.36 -5.54
C LYS C 154 -27.57 29.00 -6.17
N ALA C 155 -26.58 28.77 -5.32
CA ALA C 155 -25.24 28.41 -5.75
C ALA C 155 -25.23 27.13 -6.59
N THR C 156 -25.92 26.10 -6.11
CA THR C 156 -25.99 24.83 -6.81
C THR C 156 -26.49 24.98 -8.25
N GLU C 157 -27.62 25.66 -8.41
CA GLU C 157 -28.23 25.85 -9.72
C GLU C 157 -27.33 26.67 -10.65
N HIS C 158 -26.83 27.79 -10.14
CA HIS C 158 -25.96 28.67 -10.91
C HIS C 158 -24.69 27.95 -11.38
N LEU C 159 -24.14 27.13 -10.50
CA LEU C 159 -22.91 26.39 -10.81
C LEU C 159 -23.12 25.32 -11.88
N SER C 160 -24.17 24.51 -11.72
CA SER C 160 -24.45 23.41 -12.65
C SER C 160 -24.86 23.90 -14.04
N THR C 161 -25.34 25.14 -14.12
CA THR C 161 -25.75 25.73 -15.39
C THR C 161 -24.60 25.76 -16.39
N LEU C 162 -23.40 26.05 -15.91
CA LEU C 162 -22.23 26.12 -16.77
C LEU C 162 -21.50 24.77 -16.80
N SER C 163 -22.16 23.76 -17.38
CA SER C 163 -21.58 22.43 -17.50
C SER C 163 -22.39 21.55 -18.46
N GLU C 164 -23.71 21.49 -18.21
CA GLU C 164 -24.62 20.66 -19.01
C GLU C 164 -24.51 20.93 -20.50
N LYS C 165 -24.25 22.18 -20.86
CA LYS C 165 -24.14 22.56 -22.26
C LYS C 165 -22.71 22.88 -22.68
N ALA C 166 -21.76 22.23 -22.01
CA ALA C 166 -20.34 22.44 -22.32
C ALA C 166 -19.74 21.20 -22.97
N LYS C 167 -20.00 20.04 -22.36
CA LYS C 167 -19.47 18.77 -22.87
C LYS C 167 -19.87 18.48 -24.33
N PRO C 168 -21.17 18.52 -24.69
CA PRO C 168 -21.62 18.25 -26.07
C PRO C 168 -20.92 19.13 -27.09
N ALA C 169 -20.67 20.38 -26.72
CA ALA C 169 -20.01 21.33 -27.62
C ALA C 169 -18.54 20.95 -27.81
N LEU C 170 -17.93 20.40 -26.77
CA LEU C 170 -16.54 19.99 -26.83
C LEU C 170 -16.40 18.70 -27.63
N GLU C 171 -17.36 17.80 -27.45
CA GLU C 171 -17.34 16.52 -28.16
C GLU C 171 -17.60 16.72 -29.66
N ASP C 172 -18.53 17.61 -29.98
CA ASP C 172 -18.88 17.89 -31.36
C ASP C 172 -17.67 18.45 -32.11
N LEU C 173 -16.98 19.39 -31.47
CA LEU C 173 -15.80 20.03 -32.04
C LEU C 173 -14.73 18.99 -32.37
N ARG C 174 -14.61 17.96 -31.54
CA ARG C 174 -13.63 16.90 -31.74
C ARG C 174 -13.86 16.19 -33.07
N GLN C 175 -15.13 16.02 -33.42
CA GLN C 175 -15.49 15.35 -34.66
C GLN C 175 -15.18 16.19 -35.89
N GLY C 176 -14.97 17.48 -35.69
CA GLY C 176 -14.66 18.36 -36.79
C GLY C 176 -13.19 18.35 -37.16
N LEU C 177 -12.35 18.01 -36.18
CA LEU C 177 -10.91 17.96 -36.39
C LEU C 177 -10.47 16.57 -36.83
N LEU C 178 -11.27 15.58 -36.49
CA LEU C 178 -10.98 14.17 -36.80
C LEU C 178 -10.56 13.92 -38.26
N PRO C 179 -11.36 14.33 -39.27
CA PRO C 179 -11.04 14.09 -40.68
C PRO C 179 -9.68 14.68 -41.10
N VAL C 180 -9.46 15.94 -40.77
CA VAL C 180 -8.22 16.63 -41.11
C VAL C 180 -7.03 15.95 -40.46
N LEU C 181 -7.18 15.59 -39.19
CA LEU C 181 -6.10 14.94 -38.44
C LEU C 181 -5.81 13.56 -39.02
N GLU C 182 -6.86 12.86 -39.44
CA GLU C 182 -6.73 11.53 -40.01
C GLU C 182 -5.80 11.55 -41.21
N SER C 183 -5.99 12.54 -42.07
CA SER C 183 -5.19 12.69 -43.27
C SER C 183 -3.75 13.07 -42.93
N PHE C 184 -3.59 13.92 -41.92
CA PHE C 184 -2.27 14.36 -41.49
C PHE C 184 -1.45 13.20 -40.92
N LYS C 185 -2.11 12.35 -40.13
CA LYS C 185 -1.45 11.20 -39.53
C LYS C 185 -0.86 10.28 -40.61
N VAL C 186 -1.62 10.06 -41.66
CA VAL C 186 -1.17 9.21 -42.76
C VAL C 186 0.10 9.77 -43.39
N SER C 187 0.09 11.09 -43.64
CA SER C 187 1.24 11.77 -44.22
C SER C 187 2.45 11.67 -43.27
N PHE C 188 2.17 11.79 -41.98
CA PHE C 188 3.21 11.72 -40.97
C PHE C 188 3.89 10.36 -40.96
N LEU C 189 3.08 9.30 -41.01
CA LEU C 189 3.59 7.93 -41.00
C LEU C 189 4.54 7.68 -42.16
N SER C 190 4.12 8.08 -43.35
CA SER C 190 4.92 7.89 -44.55
C SER C 190 6.20 8.72 -44.49
N ALA C 191 6.11 9.93 -43.95
CA ALA C 191 7.27 10.80 -43.84
C ALA C 191 8.25 10.30 -42.78
N LEU C 192 7.70 9.67 -41.74
CA LEU C 192 8.51 9.13 -40.66
C LEU C 192 9.43 8.03 -41.17
N GLU C 193 8.84 7.08 -41.90
CA GLU C 193 9.58 5.96 -42.45
C GLU C 193 10.69 6.45 -43.39
N GLU C 194 10.43 7.55 -44.08
CA GLU C 194 11.40 8.14 -45.00
C GLU C 194 12.62 8.60 -44.23
N TYR C 195 12.41 9.22 -43.08
CA TYR C 195 13.50 9.70 -42.26
C TYR C 195 14.32 8.52 -41.73
N THR C 196 13.61 7.47 -41.33
CA THR C 196 14.25 6.27 -40.79
C THR C 196 15.22 5.65 -41.79
N LYS C 197 14.82 5.64 -43.06
CA LYS C 197 15.65 5.07 -44.12
C LYS C 197 17.01 5.75 -44.23
N LYS C 198 17.00 7.08 -44.28
CA LYS C 198 18.24 7.85 -44.39
C LYS C 198 19.11 7.68 -43.15
N LEU C 199 18.47 7.61 -41.99
CA LEU C 199 19.19 7.44 -40.74
C LEU C 199 19.87 6.09 -40.67
N ASN C 200 19.16 5.05 -41.05
CA ASN C 200 19.69 3.69 -41.04
C ASN C 200 20.79 3.55 -42.10
N SER D 14 -18.29 31.94 -25.40
CA SER D 14 -18.35 32.85 -24.26
C SER D 14 -19.79 33.23 -23.93
N THR D 15 -20.73 32.67 -24.68
CA THR D 15 -22.14 32.96 -24.48
C THR D 15 -22.61 32.48 -23.09
N PHE D 16 -22.31 31.23 -22.77
CA PHE D 16 -22.72 30.67 -21.47
C PHE D 16 -21.98 31.34 -20.31
N SER D 17 -20.75 31.77 -20.57
CA SER D 17 -19.96 32.44 -19.56
C SER D 17 -20.59 33.78 -19.23
N LYS D 18 -21.14 34.44 -20.25
CA LYS D 18 -21.79 35.72 -20.07
C LYS D 18 -23.08 35.57 -19.28
N LEU D 19 -23.75 34.44 -19.48
CA LEU D 19 -24.98 34.14 -18.76
C LEU D 19 -24.68 33.97 -17.28
N ARG D 20 -23.60 33.24 -17.00
CA ARG D 20 -23.15 33.00 -15.63
C ARG D 20 -22.77 34.32 -14.97
N GLU D 21 -22.19 35.22 -15.76
CA GLU D 21 -21.76 36.52 -15.25
C GLU D 21 -22.97 37.43 -15.04
N GLN D 22 -24.03 37.20 -15.79
CA GLN D 22 -25.25 38.00 -15.72
C GLN D 22 -25.92 37.88 -14.35
N LEU D 23 -26.05 36.65 -13.87
CA LEU D 23 -26.68 36.40 -12.58
C LEU D 23 -25.67 36.40 -11.43
N GLY D 24 -24.43 36.76 -11.75
CA GLY D 24 -23.38 36.80 -10.75
C GLY D 24 -23.62 37.87 -9.70
N PRO D 25 -23.43 39.16 -10.06
CA PRO D 25 -23.62 40.28 -9.14
C PRO D 25 -25.01 40.31 -8.51
N VAL D 26 -26.01 39.80 -9.23
CA VAL D 26 -27.39 39.78 -8.74
C VAL D 26 -27.46 39.09 -7.37
N THR D 27 -27.05 37.83 -7.33
CA THR D 27 -27.06 37.06 -6.09
C THR D 27 -25.93 37.50 -5.16
N GLN D 28 -24.81 37.90 -5.74
CA GLN D 28 -23.66 38.34 -4.96
C GLN D 28 -24.00 39.56 -4.11
N GLU D 29 -24.66 40.53 -4.72
CA GLU D 29 -25.05 41.76 -4.02
C GLU D 29 -26.04 41.46 -2.91
N PHE D 30 -26.94 40.51 -3.17
CA PHE D 30 -27.93 40.12 -2.18
C PHE D 30 -27.22 39.60 -0.93
N TRP D 31 -26.25 38.72 -1.15
CA TRP D 31 -25.46 38.15 -0.06
C TRP D 31 -24.64 39.23 0.62
N ASP D 32 -24.16 40.20 -0.16
CA ASP D 32 -23.36 41.31 0.36
C ASP D 32 -24.16 42.13 1.36
N ASN D 33 -25.38 42.48 0.98
CA ASN D 33 -26.26 43.26 1.85
C ASN D 33 -26.63 42.47 3.09
N LEU D 34 -26.78 41.17 2.93
CA LEU D 34 -27.12 40.28 4.03
C LEU D 34 -25.97 40.19 5.03
N GLU D 35 -24.76 40.02 4.52
CA GLU D 35 -23.58 39.92 5.38
C GLU D 35 -23.37 41.20 6.18
N LYS D 36 -23.77 42.34 5.62
CA LYS D 36 -23.64 43.61 6.30
C LYS D 36 -24.54 43.65 7.53
N GLU D 37 -25.59 42.84 7.50
CA GLU D 37 -26.51 42.75 8.62
C GLU D 37 -25.91 41.87 9.70
N THR D 38 -25.26 40.79 9.29
CA THR D 38 -24.61 39.87 10.22
C THR D 38 -23.47 40.61 10.93
N GLU D 39 -22.78 41.45 10.17
CA GLU D 39 -21.69 42.25 10.68
C GLU D 39 -22.16 43.15 11.80
N GLY D 40 -23.30 43.81 11.58
CA GLY D 40 -23.87 44.70 12.58
C GLY D 40 -24.21 43.99 13.86
N LEU D 41 -24.85 42.83 13.74
CA LEU D 41 -25.23 42.03 14.90
C LEU D 41 -24.00 41.59 15.69
N ARG D 42 -22.94 41.23 14.97
CA ARG D 42 -21.70 40.79 15.61
C ARG D 42 -21.08 41.92 16.42
N GLN D 43 -21.17 43.14 15.90
CA GLN D 43 -20.63 44.32 16.54
C GLN D 43 -21.24 44.53 17.92
N GLU D 44 -22.57 44.50 17.97
CA GLU D 44 -23.31 44.69 19.22
C GLU D 44 -22.87 43.67 20.26
N MET D 45 -22.76 42.41 19.82
CA MET D 45 -22.35 41.33 20.70
C MET D 45 -20.92 41.51 21.19
N SER D 46 -20.08 42.06 20.33
CA SER D 46 -18.68 42.28 20.67
C SER D 46 -18.54 43.42 21.70
N LYS D 47 -19.24 44.52 21.46
CA LYS D 47 -19.17 45.67 22.36
C LYS D 47 -19.67 45.32 23.77
N ASP D 48 -20.73 44.55 23.82
CA ASP D 48 -21.31 44.12 25.10
C ASP D 48 -20.33 43.23 25.87
N LEU D 49 -19.62 42.39 25.13
CA LEU D 49 -18.65 41.48 25.73
C LEU D 49 -17.39 42.22 26.17
N GLU D 50 -16.99 43.23 25.39
CA GLU D 50 -15.80 44.03 25.67
C GLU D 50 -15.86 44.63 27.09
N GLU D 51 -17.06 45.05 27.48
CA GLU D 51 -17.26 45.65 28.80
C GLU D 51 -16.86 44.68 29.91
N VAL D 52 -17.32 43.43 29.80
CA VAL D 52 -17.01 42.41 30.79
C VAL D 52 -15.56 41.99 30.72
N LYS D 53 -15.04 41.88 29.50
CA LYS D 53 -13.65 41.48 29.27
C LYS D 53 -12.70 42.49 29.91
N ALA D 54 -13.07 43.76 29.86
CA ALA D 54 -12.24 44.82 30.43
C ALA D 54 -12.50 44.98 31.93
N LYS D 55 -13.47 44.25 32.45
CA LYS D 55 -13.82 44.33 33.87
C LYS D 55 -12.93 43.40 34.69
N VAL D 56 -12.41 42.36 34.05
CA VAL D 56 -11.55 41.39 34.72
C VAL D 56 -10.08 41.81 34.67
N GLN D 57 -9.74 42.69 33.73
CA GLN D 57 -8.37 43.16 33.55
C GLN D 57 -7.74 43.77 34.81
N PRO D 58 -8.37 44.79 35.42
CA PRO D 58 -7.84 45.46 36.63
C PRO D 58 -7.57 44.48 37.78
N TYR D 59 -8.37 43.42 37.87
CA TYR D 59 -8.22 42.43 38.92
C TYR D 59 -6.94 41.63 38.76
N LEU D 60 -6.67 41.16 37.55
CA LEU D 60 -5.47 40.37 37.28
C LEU D 60 -4.22 41.24 37.32
N ASP D 61 -4.35 42.48 36.85
CA ASP D 61 -3.23 43.42 36.82
C ASP D 61 -2.70 43.69 38.22
N ASP D 62 -3.61 43.96 39.15
CA ASP D 62 -3.23 44.23 40.54
C ASP D 62 -2.55 43.03 41.17
N PHE D 63 -3.11 41.84 40.95
CA PHE D 63 -2.57 40.61 41.50
C PHE D 63 -1.16 40.35 40.96
N GLN D 64 -0.91 40.82 39.73
CA GLN D 64 0.39 40.66 39.11
C GLN D 64 1.42 41.54 39.81
N LYS D 65 1.09 42.82 39.95
CA LYS D 65 1.98 43.78 40.60
C LYS D 65 2.17 43.43 42.07
N LYS D 66 1.17 42.82 42.66
CA LYS D 66 1.21 42.41 44.06
C LYS D 66 2.46 41.59 44.36
N TRP D 67 2.71 40.58 43.53
CA TRP D 67 3.87 39.71 43.71
C TRP D 67 5.15 40.36 43.19
N GLN D 68 5.03 41.09 42.08
CA GLN D 68 6.18 41.76 41.48
C GLN D 68 6.83 42.72 42.49
N GLU D 69 5.99 43.37 43.30
CA GLU D 69 6.48 44.29 44.32
C GLU D 69 7.37 43.55 45.32
N GLU D 70 6.94 42.35 45.70
CA GLU D 70 7.71 41.54 46.63
C GLU D 70 9.04 41.11 46.00
N MET D 71 9.01 40.81 44.71
CA MET D 71 10.21 40.40 43.99
C MET D 71 11.21 41.56 43.92
N GLU D 72 10.67 42.78 43.80
CA GLU D 72 11.50 43.98 43.73
C GLU D 72 12.34 44.12 44.99
N LEU D 73 11.69 44.03 46.13
CA LEU D 73 12.36 44.15 47.42
C LEU D 73 13.30 42.97 47.65
N TYR D 74 12.85 41.79 47.26
CA TYR D 74 13.62 40.56 47.40
C TYR D 74 14.94 40.65 46.64
N ARG D 75 14.88 41.17 45.41
CA ARG D 75 16.07 41.31 44.56
C ARG D 75 17.13 42.15 45.27
N GLN D 76 16.68 43.23 45.89
CA GLN D 76 17.57 44.14 46.60
C GLN D 76 18.18 43.47 47.84
N LYS D 77 17.39 42.66 48.52
CA LYS D 77 17.84 41.97 49.72
C LYS D 77 18.97 40.98 49.45
N VAL D 78 18.93 40.30 48.31
CA VAL D 78 19.93 39.29 47.97
C VAL D 78 21.14 39.88 47.24
N GLU D 79 21.10 41.19 46.97
CA GLU D 79 22.20 41.83 46.27
C GLU D 79 23.52 41.78 47.07
N PRO D 80 23.54 42.30 48.31
CA PRO D 80 24.76 42.30 49.14
C PRO D 80 25.27 40.88 49.40
N LEU D 81 24.34 39.94 49.50
CA LEU D 81 24.66 38.55 49.75
C LEU D 81 25.54 37.98 48.64
N ARG D 82 25.13 38.19 47.40
CA ARG D 82 25.89 37.69 46.26
C ARG D 82 27.16 38.50 46.07
N ALA D 83 27.09 39.79 46.40
CA ALA D 83 28.24 40.68 46.27
C ALA D 83 29.43 40.15 47.06
N GLU D 84 29.15 39.64 48.25
CA GLU D 84 30.20 39.08 49.11
C GLU D 84 30.78 37.83 48.46
N LEU D 85 29.90 37.03 47.87
CA LEU D 85 30.31 35.80 47.20
C LEU D 85 31.21 36.13 46.01
N GLN D 86 30.77 37.09 45.20
CA GLN D 86 31.53 37.53 44.03
C GLN D 86 32.85 38.18 44.44
N GLU D 87 32.83 38.95 45.53
CA GLU D 87 34.02 39.61 46.02
C GLU D 87 35.03 38.59 46.54
N GLY D 88 34.54 37.63 47.31
CA GLY D 88 35.41 36.60 47.84
C GLY D 88 35.94 35.73 46.71
N ALA D 89 35.04 35.39 45.80
CA ALA D 89 35.40 34.58 44.64
C ALA D 89 35.87 35.48 43.50
N ARG D 90 36.60 36.51 43.85
CA ARG D 90 37.12 37.44 42.85
C ARG D 90 38.65 37.35 42.83
N GLN D 91 39.26 37.41 44.01
CA GLN D 91 40.72 37.36 44.13
C GLN D 91 41.22 35.92 44.21
N LYS D 92 40.35 35.03 44.68
CA LYS D 92 40.72 33.63 44.83
C LYS D 92 41.13 32.99 43.50
N LEU D 93 40.48 33.39 42.41
CA LEU D 93 40.82 32.86 41.09
C LEU D 93 42.18 33.38 40.65
N HIS D 94 42.42 34.65 40.92
CA HIS D 94 43.69 35.29 40.59
C HIS D 94 44.84 34.53 41.27
N GLU D 95 44.60 34.15 42.51
CA GLU D 95 45.59 33.40 43.29
C GLU D 95 45.80 32.02 42.68
N LEU D 96 44.73 31.45 42.14
CA LEU D 96 44.80 30.13 41.52
C LEU D 96 45.70 30.13 40.29
N GLN D 97 45.61 31.20 39.50
CA GLN D 97 46.42 31.34 38.30
C GLN D 97 47.89 31.45 38.67
N GLU D 98 48.15 32.18 39.74
CA GLU D 98 49.50 32.42 40.24
C GLU D 98 50.23 31.12 40.59
N LYS D 99 49.47 30.03 40.74
CA LYS D 99 50.06 28.74 41.09
C LYS D 99 50.46 27.94 39.86
N LEU D 100 49.96 28.36 38.70
CA LEU D 100 50.23 27.66 37.44
C LEU D 100 51.17 28.46 36.53
N SER D 101 51.08 29.79 36.59
CA SER D 101 51.92 30.67 35.76
C SER D 101 53.41 30.30 35.75
N PRO D 102 54.07 30.19 36.92
CA PRO D 102 55.50 29.85 36.99
C PRO D 102 55.83 28.53 36.29
N LEU D 103 54.98 27.53 36.49
CA LEU D 103 55.19 26.21 35.89
C LEU D 103 55.03 26.27 34.37
N GLY D 104 54.02 27.01 33.92
CA GLY D 104 53.76 27.14 32.51
C GLY D 104 54.88 27.85 31.77
N GLU D 105 55.47 28.85 32.41
CA GLU D 105 56.56 29.60 31.82
C GLU D 105 57.77 28.71 31.61
N GLU D 106 58.06 27.87 32.59
CA GLU D 106 59.19 26.96 32.52
C GLU D 106 59.08 26.05 31.30
N MET D 107 57.89 25.51 31.09
CA MET D 107 57.65 24.61 29.97
C MET D 107 57.68 25.37 28.64
N ARG D 108 57.29 26.64 28.69
CA ARG D 108 57.29 27.48 27.50
C ARG D 108 58.73 27.78 27.07
N ASP D 109 59.55 28.15 28.05
CA ASP D 109 60.96 28.46 27.79
C ASP D 109 61.70 27.26 27.20
N ARG D 110 61.45 26.07 27.75
CA ARG D 110 62.06 24.85 27.26
C ARG D 110 61.65 24.57 25.82
N ALA D 111 60.36 24.77 25.53
CA ALA D 111 59.82 24.55 24.20
C ALA D 111 60.48 25.49 23.20
N ARG D 112 60.79 26.71 23.66
CA ARG D 112 61.44 27.70 22.81
C ARG D 112 62.76 27.16 22.26
N ALA D 113 63.58 26.59 23.12
CA ALA D 113 64.87 26.04 22.72
C ALA D 113 64.69 24.75 21.92
N HIS D 114 63.63 24.01 22.22
CA HIS D 114 63.34 22.75 21.53
C HIS D 114 62.99 23.02 20.07
N VAL D 115 62.14 24.03 19.87
CA VAL D 115 61.71 24.42 18.52
C VAL D 115 62.91 24.91 17.72
N ASP D 116 63.82 25.62 18.39
CA ASP D 116 65.02 26.14 17.77
C ASP D 116 65.92 25.02 17.26
N ALA D 117 66.14 24.03 18.09
CA ALA D 117 66.98 22.89 17.74
C ALA D 117 66.38 22.10 16.57
N LEU D 118 65.06 22.12 16.47
CA LEU D 118 64.36 21.42 15.39
C LEU D 118 64.65 22.07 14.04
N ARG D 119 64.66 23.40 14.03
CA ARG D 119 64.90 24.15 12.81
C ARG D 119 66.28 23.87 12.24
N THR D 120 67.25 23.68 13.14
CA THR D 120 68.63 23.40 12.75
C THR D 120 68.78 22.10 11.95
N HIS D 121 67.82 21.19 12.09
CA HIS D 121 67.86 19.93 11.37
C HIS D 121 66.94 19.96 10.16
N LEU D 122 65.91 20.81 10.21
CA LEU D 122 64.95 20.90 9.13
C LEU D 122 65.50 21.68 7.94
N ALA D 123 66.22 22.76 8.22
CA ALA D 123 66.79 23.64 7.19
C ALA D 123 67.62 22.87 6.15
N PRO D 124 68.67 22.11 6.57
CA PRO D 124 69.52 21.35 5.63
C PRO D 124 68.76 20.31 4.84
N TYR D 125 67.67 19.79 5.42
CA TYR D 125 66.85 18.78 4.74
C TYR D 125 66.24 19.36 3.48
N SER D 126 65.57 20.50 3.62
CA SER D 126 64.93 21.15 2.48
C SER D 126 65.98 21.58 1.45
N ASP D 127 67.10 22.07 1.95
CA ASP D 127 68.20 22.53 1.10
C ASP D 127 68.70 21.41 0.18
N GLU D 128 69.02 20.26 0.76
CA GLU D 128 69.51 19.12 -0.01
C GLU D 128 68.42 18.52 -0.90
N LEU D 129 67.20 18.49 -0.38
CA LEU D 129 66.07 17.94 -1.12
C LEU D 129 65.83 18.70 -2.42
N ARG D 130 65.91 20.03 -2.36
CA ARG D 130 65.70 20.87 -3.53
C ARG D 130 66.70 20.56 -4.63
N GLN D 131 67.93 20.28 -4.24
CA GLN D 131 69.00 19.97 -5.19
C GLN D 131 68.71 18.70 -5.98
N ARG D 132 68.39 17.63 -5.28
CA ARG D 132 68.10 16.36 -5.92
C ARG D 132 66.78 16.40 -6.70
N LEU D 133 65.84 17.21 -6.20
CA LEU D 133 64.55 17.37 -6.83
C LEU D 133 64.71 17.97 -8.22
N ALA D 134 65.66 18.91 -8.33
CA ALA D 134 65.93 19.56 -9.61
C ALA D 134 66.74 18.64 -10.53
N ALA D 135 67.62 17.84 -9.93
CA ALA D 135 68.46 16.92 -10.67
C ALA D 135 67.61 15.86 -11.37
N ARG D 136 66.73 15.22 -10.60
CA ARG D 136 65.83 14.21 -11.13
C ARG D 136 64.89 14.80 -12.16
N LEU D 137 64.48 16.05 -11.94
CA LEU D 137 63.58 16.74 -12.84
C LEU D 137 64.26 16.98 -14.19
N GLU D 138 65.49 17.48 -14.13
CA GLU D 138 66.27 17.76 -15.32
C GLU D 138 66.48 16.51 -16.16
N ALA D 139 66.80 15.40 -15.51
CA ALA D 139 67.03 14.14 -16.20
C ALA D 139 65.75 13.64 -16.87
N LEU D 140 64.62 13.88 -16.21
CA LEU D 140 63.32 13.48 -16.73
C LEU D 140 62.97 14.32 -17.96
N LYS D 141 63.17 15.62 -17.86
CA LYS D 141 62.90 16.53 -18.97
C LYS D 141 63.83 16.25 -20.14
N GLU D 142 65.09 15.97 -19.82
CA GLU D 142 66.10 15.70 -20.83
C GLU D 142 65.76 14.48 -21.67
N ASN D 143 65.24 13.45 -21.03
CA ASN D 143 64.91 12.21 -21.72
C ASN D 143 63.45 12.13 -22.18
N GLY D 144 62.64 13.08 -21.74
CA GLY D 144 61.23 13.07 -22.10
C GLY D 144 60.90 13.96 -23.29
N GLY D 145 61.88 14.72 -23.77
CA GLY D 145 61.65 15.60 -24.90
C GLY D 145 61.22 14.88 -26.16
N ALA D 146 62.10 14.03 -26.68
CA ALA D 146 61.80 13.27 -27.91
C ALA D 146 60.57 12.38 -27.73
N ARG D 147 60.35 11.94 -26.49
CA ARG D 147 59.21 11.09 -26.18
C ARG D 147 57.90 11.83 -26.46
N LEU D 148 57.79 13.04 -25.92
CA LEU D 148 56.59 13.85 -26.11
C LEU D 148 56.39 14.21 -27.57
N ALA D 149 57.49 14.56 -28.23
CA ALA D 149 57.45 14.93 -29.64
C ALA D 149 56.98 13.77 -30.51
N GLU D 150 57.45 12.56 -30.19
CA GLU D 150 57.07 11.37 -30.93
C GLU D 150 55.57 11.13 -30.83
N TYR D 151 55.04 11.22 -29.61
CA TYR D 151 53.62 11.02 -29.36
C TYR D 151 52.78 12.02 -30.16
N HIS D 152 53.18 13.28 -30.10
CA HIS D 152 52.46 14.35 -30.79
C HIS D 152 52.40 14.12 -32.30
N ALA D 153 53.55 13.94 -32.92
CA ALA D 153 53.62 13.74 -34.37
C ALA D 153 52.80 12.53 -34.83
N LYS D 154 52.75 11.50 -34.01
CA LYS D 154 52.00 10.30 -34.35
C LYS D 154 50.50 10.52 -34.15
N ALA D 155 50.16 11.26 -33.10
CA ALA D 155 48.76 11.56 -32.78
C ALA D 155 48.13 12.40 -33.89
N THR D 156 48.90 13.34 -34.44
CA THR D 156 48.42 14.21 -35.50
C THR D 156 47.93 13.39 -36.69
N GLU D 157 48.67 12.33 -37.03
CA GLU D 157 48.32 11.46 -38.14
C GLU D 157 46.94 10.83 -37.92
N HIS D 158 46.68 10.42 -36.67
CA HIS D 158 45.41 9.81 -36.32
C HIS D 158 44.27 10.83 -36.38
N LEU D 159 44.60 12.08 -36.10
CA LEU D 159 43.63 13.15 -36.14
C LEU D 159 43.27 13.46 -37.59
N SER D 160 44.27 13.38 -38.47
CA SER D 160 44.08 13.66 -39.88
C SER D 160 43.22 12.59 -40.55
N THR D 161 43.06 11.46 -39.87
CA THR D 161 42.25 10.35 -40.40
C THR D 161 40.98 10.19 -39.56
N LEU D 162 40.63 11.23 -38.83
CA LEU D 162 39.44 11.22 -37.99
C LEU D 162 38.46 12.29 -38.43
N SER D 163 38.85 13.54 -38.27
CA SER D 163 38.01 14.67 -38.63
C SER D 163 38.07 14.99 -40.12
N GLU D 164 37.83 13.99 -40.96
CA GLU D 164 37.86 14.19 -42.40
C GLU D 164 36.56 13.76 -43.09
N LYS D 165 36.29 12.46 -43.14
CA LYS D 165 35.09 11.94 -43.80
C LYS D 165 33.81 12.29 -43.04
N ALA D 166 33.97 12.78 -41.82
CA ALA D 166 32.83 13.15 -40.99
C ALA D 166 32.12 14.39 -41.52
N LYS D 167 32.80 15.17 -42.35
CA LYS D 167 32.22 16.38 -42.90
C LYS D 167 31.39 16.11 -44.17
N PRO D 168 31.99 15.52 -45.24
CA PRO D 168 31.25 15.23 -46.49
C PRO D 168 30.03 14.33 -46.26
N ALA D 169 30.11 13.47 -45.26
CA ALA D 169 29.02 12.57 -44.93
C ALA D 169 27.83 13.35 -44.39
N LEU D 170 28.11 14.45 -43.72
CA LEU D 170 27.06 15.30 -43.16
C LEU D 170 26.39 16.12 -44.26
N GLU D 171 27.15 16.42 -45.31
CA GLU D 171 26.64 17.19 -46.44
C GLU D 171 25.49 16.47 -47.11
N ASP D 172 25.76 15.24 -47.55
CA ASP D 172 24.75 14.42 -48.23
C ASP D 172 23.53 14.19 -47.35
N LEU D 173 23.79 14.05 -46.04
CA LEU D 173 22.73 13.80 -45.08
C LEU D 173 21.66 14.90 -45.11
N ARG D 174 22.09 16.15 -45.13
CA ARG D 174 21.16 17.26 -45.17
C ARG D 174 20.60 17.52 -46.55
N GLN D 175 21.27 17.00 -47.57
CA GLN D 175 20.82 17.16 -48.95
C GLN D 175 19.53 16.38 -49.16
N GLY D 176 19.56 15.11 -48.79
CA GLY D 176 18.39 14.26 -48.93
C GLY D 176 17.51 14.32 -47.70
N LEU D 177 16.98 15.50 -47.42
CA LEU D 177 16.12 15.70 -46.26
C LEU D 177 15.22 16.91 -46.46
N LEU D 178 15.84 18.03 -46.83
CA LEU D 178 15.12 19.28 -47.06
C LEU D 178 13.90 19.16 -47.99
N PRO D 179 14.04 18.55 -49.19
CA PRO D 179 12.93 18.39 -50.14
C PRO D 179 11.67 17.81 -49.50
N VAL D 180 11.84 16.91 -48.56
CA VAL D 180 10.71 16.28 -47.89
C VAL D 180 10.27 17.12 -46.69
N LEU D 181 11.26 17.64 -45.96
CA LEU D 181 11.00 18.44 -44.78
C LEU D 181 10.23 19.73 -45.10
N GLU D 182 10.67 20.44 -46.13
CA GLU D 182 10.01 21.68 -46.53
C GLU D 182 8.55 21.46 -46.90
N SER D 183 8.29 20.39 -47.64
CA SER D 183 6.94 20.06 -48.07
C SER D 183 6.07 19.64 -46.89
N PHE D 184 6.68 18.99 -45.91
CA PHE D 184 5.96 18.55 -44.72
C PHE D 184 5.52 19.74 -43.88
N LYS D 185 6.37 20.77 -43.83
CA LYS D 185 6.08 21.98 -43.07
C LYS D 185 4.81 22.63 -43.62
N VAL D 186 4.68 22.64 -44.94
CA VAL D 186 3.52 23.23 -45.59
C VAL D 186 2.26 22.46 -45.20
N SER D 187 2.32 21.13 -45.30
CA SER D 187 1.20 20.28 -44.95
C SER D 187 0.80 20.50 -43.50
N PHE D 188 1.80 20.71 -42.65
CA PHE D 188 1.57 20.96 -41.23
C PHE D 188 0.84 22.29 -41.04
N LEU D 189 1.38 23.34 -41.66
CA LEU D 189 0.80 24.67 -41.56
C LEU D 189 -0.64 24.70 -42.09
N SER D 190 -0.88 23.98 -43.18
CA SER D 190 -2.21 23.93 -43.78
C SER D 190 -3.23 23.34 -42.80
N ALA D 191 -2.81 22.35 -42.02
CA ALA D 191 -3.70 21.73 -41.04
C ALA D 191 -3.89 22.63 -39.83
N LEU D 192 -2.88 23.46 -39.56
CA LEU D 192 -2.91 24.37 -38.42
C LEU D 192 -4.08 25.34 -38.51
N GLU D 193 -4.13 26.11 -39.59
CA GLU D 193 -5.18 27.10 -39.80
C GLU D 193 -6.57 26.47 -39.75
N GLU D 194 -6.67 25.23 -40.22
CA GLU D 194 -7.94 24.51 -40.24
C GLU D 194 -8.47 24.27 -38.82
N TYR D 195 -7.57 24.15 -37.86
CA TYR D 195 -7.97 23.90 -36.48
C TYR D 195 -8.22 25.22 -35.72
N THR D 196 -7.46 26.25 -36.09
CA THR D 196 -7.58 27.55 -35.44
C THR D 196 -9.00 28.11 -35.60
N LYS D 197 -9.53 27.99 -36.81
CA LYS D 197 -10.86 28.49 -37.13
C LYS D 197 -11.94 27.88 -36.24
N LYS D 198 -11.90 26.57 -36.08
CA LYS D 198 -12.88 25.85 -35.28
C LYS D 198 -12.73 26.14 -33.78
N LEU D 199 -11.50 26.30 -33.35
CA LEU D 199 -11.21 26.57 -31.94
C LEU D 199 -11.70 27.94 -31.51
N ASN D 200 -11.30 28.97 -32.27
CA ASN D 200 -11.67 30.34 -31.96
C ASN D 200 -13.17 30.58 -32.07
N THR A 2 4.91 -14.61 3.59
CA THR A 2 4.61 -14.67 2.17
C THR A 2 3.54 -15.72 1.89
N GLU A 3 2.48 -15.33 1.21
CA GLU A 3 1.41 -16.26 0.89
C GLU A 3 1.59 -16.87 -0.49
N TYR A 4 1.32 -18.16 -0.60
CA TYR A 4 1.44 -18.88 -1.86
C TYR A 4 0.21 -19.74 -2.09
N LYS A 5 -0.55 -19.41 -3.14
CA LYS A 5 -1.74 -20.18 -3.48
C LYS A 5 -1.34 -21.41 -4.28
N LEU A 6 -1.47 -22.59 -3.67
CA LEU A 6 -1.09 -23.83 -4.31
C LEU A 6 -2.32 -24.65 -4.68
N VAL A 7 -2.32 -25.19 -5.88
CA VAL A 7 -3.44 -26.00 -6.35
C VAL A 7 -2.95 -27.35 -6.86
N VAL A 8 -3.51 -28.42 -6.30
CA VAL A 8 -3.14 -29.76 -6.71
C VAL A 8 -3.99 -30.20 -7.90
N VAL A 9 -3.32 -30.63 -8.98
CA VAL A 9 -4.02 -31.08 -10.17
C VAL A 9 -3.71 -32.54 -10.47
N GLY A 10 -4.56 -33.18 -11.26
CA GLY A 10 -4.35 -34.58 -11.58
C GLY A 10 -5.65 -35.35 -11.64
N ALA A 11 -5.59 -36.57 -12.15
CA ALA A 11 -6.76 -37.43 -12.28
C ALA A 11 -7.30 -37.88 -10.92
N ASP A 12 -8.36 -38.66 -10.94
CA ASP A 12 -8.96 -39.16 -9.71
C ASP A 12 -8.24 -40.40 -9.21
N GLY A 13 -8.28 -40.61 -7.90
CA GLY A 13 -7.65 -41.77 -7.31
C GLY A 13 -6.12 -41.74 -7.33
N VAL A 14 -5.54 -40.64 -7.80
CA VAL A 14 -4.07 -40.54 -7.85
C VAL A 14 -3.50 -40.15 -6.49
N GLY A 15 -4.36 -39.62 -5.63
CA GLY A 15 -3.91 -39.21 -4.32
C GLY A 15 -3.86 -37.70 -4.17
N LYS A 16 -4.83 -37.02 -4.75
CA LYS A 16 -4.91 -35.56 -4.69
C LYS A 16 -5.02 -35.09 -3.24
N SER A 17 -5.73 -35.87 -2.44
CA SER A 17 -5.91 -35.54 -1.04
C SER A 17 -5.04 -36.37 -0.13
N ALA A 18 -4.55 -37.49 -0.64
CA ALA A 18 -3.68 -38.37 0.13
C ALA A 18 -2.40 -37.62 0.49
N LEU A 19 -1.99 -36.72 -0.41
CA LEU A 19 -0.79 -35.92 -0.19
C LEU A 19 -1.15 -34.59 0.45
N THR A 20 -2.43 -34.24 0.43
CA THR A 20 -2.89 -33.00 0.99
C THR A 20 -3.85 -33.23 2.17
N ILE A 21 -3.34 -33.84 3.24
CA ILE A 21 -4.14 -34.10 4.42
C ILE A 21 -3.27 -34.50 5.61
N GLN A 22 -2.21 -35.25 5.33
CA GLN A 22 -1.30 -35.72 6.36
C GLN A 22 -0.60 -34.58 7.09
N LEU A 23 -0.37 -33.49 6.36
CA LEU A 23 0.30 -32.33 6.93
C LEU A 23 -0.70 -31.29 7.43
N ILE A 24 -1.99 -31.67 7.42
CA ILE A 24 -3.04 -30.76 7.88
C ILE A 24 -3.78 -31.37 9.07
N GLN A 25 -4.23 -32.60 8.91
CA GLN A 25 -4.95 -33.30 9.96
C GLN A 25 -3.99 -34.09 10.86
N ASN A 26 -2.75 -34.26 10.40
CA ASN A 26 -1.71 -35.01 11.11
C ASN A 26 -1.94 -36.52 10.99
N HIS A 27 -3.20 -36.93 11.13
CA HIS A 27 -3.58 -38.32 11.01
C HIS A 27 -4.27 -38.53 9.67
N PHE A 28 -4.49 -39.79 9.32
CA PHE A 28 -5.19 -40.11 8.08
C PHE A 28 -6.31 -41.09 8.36
N VAL A 29 -7.32 -41.10 7.52
CA VAL A 29 -8.44 -42.01 7.70
C VAL A 29 -8.67 -42.84 6.46
N ASP A 30 -9.22 -44.03 6.65
CA ASP A 30 -9.50 -44.91 5.54
C ASP A 30 -10.97 -44.77 5.17
N GLU A 31 -11.23 -44.15 4.04
CA GLU A 31 -12.59 -43.95 3.57
C GLU A 31 -12.59 -43.73 2.07
N TYR A 32 -13.39 -44.48 1.35
CA TYR A 32 -13.48 -44.34 -0.09
C TYR A 32 -14.77 -43.62 -0.47
N ASP A 33 -14.71 -42.31 -0.49
CA ASP A 33 -15.87 -41.49 -0.84
C ASP A 33 -15.44 -40.32 -1.71
N PRO A 34 -16.03 -40.21 -2.91
CA PRO A 34 -15.71 -39.14 -3.86
C PRO A 34 -15.81 -37.76 -3.22
N THR A 35 -14.76 -36.99 -3.38
CA THR A 35 -14.71 -35.65 -2.82
C THR A 35 -14.92 -34.62 -3.92
N ILE A 36 -14.92 -33.34 -3.57
CA ILE A 36 -15.12 -32.29 -4.55
C ILE A 36 -13.93 -31.34 -4.60
N GLU A 37 -14.01 -30.24 -3.85
CA GLU A 37 -12.95 -29.25 -3.82
C GLU A 37 -12.93 -28.58 -2.46
N ASP A 38 -11.82 -28.71 -1.75
CA ASP A 38 -11.69 -28.12 -0.42
C ASP A 38 -10.35 -27.41 -0.29
N SER A 39 -10.34 -26.30 0.43
CA SER A 39 -9.11 -25.52 0.62
C SER A 39 -8.50 -25.82 1.99
N TYR A 40 -7.18 -25.78 2.05
CA TYR A 40 -6.44 -26.02 3.28
C TYR A 40 -5.33 -24.99 3.44
N ARG A 41 -4.97 -24.71 4.68
CA ARG A 41 -3.94 -23.72 4.97
C ARG A 41 -2.88 -24.28 5.90
N LYS A 42 -1.64 -23.87 5.68
CA LYS A 42 -0.54 -24.34 6.51
C LYS A 42 0.56 -23.28 6.64
N GLN A 43 1.05 -23.09 7.86
CA GLN A 43 2.12 -22.14 8.09
C GLN A 43 3.45 -22.87 8.25
N VAL A 44 4.38 -22.62 7.34
CA VAL A 44 5.69 -23.28 7.37
C VAL A 44 6.80 -22.27 7.13
N VAL A 45 8.03 -22.71 7.40
CA VAL A 45 9.19 -21.86 7.20
C VAL A 45 10.14 -22.54 6.21
N ILE A 46 10.07 -22.14 4.96
CA ILE A 46 10.91 -22.70 3.91
C ILE A 46 12.08 -21.79 3.58
N ASP A 47 13.29 -22.33 3.71
CA ASP A 47 14.52 -21.57 3.43
C ASP A 47 14.69 -20.39 4.39
N GLY A 48 14.14 -20.52 5.58
CA GLY A 48 14.26 -19.47 6.57
C GLY A 48 13.19 -18.39 6.42
N GLU A 49 12.31 -18.56 5.44
CA GLU A 49 11.24 -17.61 5.19
C GLU A 49 9.90 -18.22 5.57
N THR A 50 9.11 -17.47 6.34
CA THR A 50 7.80 -17.95 6.75
C THR A 50 6.83 -17.85 5.58
N CYS A 51 6.23 -18.98 5.22
CA CYS A 51 5.31 -19.01 4.10
C CYS A 51 3.92 -19.47 4.52
N LEU A 52 2.90 -18.82 3.98
CA LEU A 52 1.52 -19.15 4.27
C LEU A 52 0.97 -19.91 3.07
N LEU A 53 0.81 -21.21 3.21
CA LEU A 53 0.34 -22.05 2.13
C LEU A 53 -1.18 -22.10 2.05
N ASP A 54 -1.71 -21.64 0.92
CA ASP A 54 -3.14 -21.65 0.67
C ASP A 54 -3.39 -22.70 -0.40
N ILE A 55 -3.43 -23.95 0.04
CA ILE A 55 -3.60 -25.10 -0.85
C ILE A 55 -5.06 -25.39 -1.17
N LEU A 56 -5.31 -25.86 -2.38
CA LEU A 56 -6.64 -26.21 -2.83
C LEU A 56 -6.67 -27.63 -3.37
N ASP A 57 -7.45 -28.49 -2.72
CA ASP A 57 -7.60 -29.87 -3.13
C ASP A 57 -8.76 -29.99 -4.11
N THR A 58 -8.45 -30.26 -5.37
CA THR A 58 -9.47 -30.37 -6.41
C THR A 58 -9.72 -31.80 -6.82
N ALA A 59 -10.87 -32.02 -7.44
CA ALA A 59 -11.25 -33.36 -7.91
C ALA A 59 -10.61 -33.65 -9.25
N GLY A 60 -10.52 -34.91 -9.60
CA GLY A 60 -9.93 -35.30 -10.87
C GLY A 60 -10.84 -36.23 -11.65
N GLN A 61 -12.14 -36.02 -11.51
CA GLN A 61 -13.13 -36.84 -12.19
C GLN A 61 -13.51 -36.26 -13.54
N GLU A 62 -12.75 -35.26 -13.99
CA GLU A 62 -12.98 -34.60 -15.28
C GLU A 62 -14.33 -33.88 -15.28
N GLU A 63 -14.80 -33.50 -16.46
CA GLU A 63 -16.08 -32.81 -16.64
C GLU A 63 -16.05 -31.34 -16.23
N TYR A 64 -15.47 -31.06 -15.07
CA TYR A 64 -15.39 -29.68 -14.56
C TYR A 64 -14.30 -28.87 -15.25
N SER A 65 -14.49 -28.57 -16.52
CA SER A 65 -13.52 -27.79 -17.27
C SER A 65 -13.69 -26.29 -16.99
N ALA A 66 -14.93 -25.87 -16.76
CA ALA A 66 -15.21 -24.46 -16.45
C ALA A 66 -14.80 -24.13 -15.02
N MET A 67 -15.09 -25.05 -14.12
CA MET A 67 -14.74 -24.88 -12.71
C MET A 67 -13.22 -24.89 -12.55
N ARG A 68 -12.56 -25.58 -13.48
CA ARG A 68 -11.11 -25.68 -13.47
C ARG A 68 -10.47 -24.33 -13.78
N ASP A 69 -11.01 -23.65 -14.80
CA ASP A 69 -10.51 -22.35 -15.22
C ASP A 69 -10.54 -21.35 -14.07
N GLN A 70 -11.60 -21.44 -13.27
CA GLN A 70 -11.80 -20.55 -12.13
C GLN A 70 -10.60 -20.54 -11.17
N TYR A 71 -10.18 -21.71 -10.71
CA TYR A 71 -9.06 -21.78 -9.77
C TYR A 71 -7.70 -21.71 -10.46
N MET A 72 -7.68 -21.93 -11.78
CA MET A 72 -6.43 -21.88 -12.53
C MET A 72 -5.85 -20.47 -12.56
N ARG A 73 -6.72 -19.48 -12.65
CA ARG A 73 -6.26 -18.10 -12.69
C ARG A 73 -5.78 -17.62 -11.32
N THR A 74 -6.45 -18.10 -10.27
CA THR A 74 -6.11 -17.71 -8.91
C THR A 74 -4.84 -18.41 -8.41
N GLY A 75 -4.74 -19.71 -8.67
CA GLY A 75 -3.59 -20.49 -8.23
C GLY A 75 -2.28 -20.00 -8.83
N GLU A 76 -1.28 -19.83 -7.97
CA GLU A 76 0.03 -19.36 -8.41
C GLU A 76 0.91 -20.54 -8.81
N GLY A 77 0.85 -21.60 -8.02
CA GLY A 77 1.62 -22.79 -8.30
C GLY A 77 0.74 -24.01 -8.39
N PHE A 78 0.99 -24.85 -9.38
CA PHE A 78 0.20 -26.05 -9.58
C PHE A 78 1.01 -27.33 -9.35
N LEU A 79 0.48 -28.20 -8.52
CA LEU A 79 1.13 -29.47 -8.23
C LEU A 79 0.57 -30.55 -9.14
N CYS A 80 1.32 -30.93 -10.15
CA CYS A 80 0.91 -31.96 -11.09
C CYS A 80 1.12 -33.34 -10.50
N VAL A 81 0.09 -33.88 -9.86
CA VAL A 81 0.17 -35.18 -9.22
C VAL A 81 -0.44 -36.26 -10.10
N PHE A 82 0.30 -37.34 -10.28
CA PHE A 82 -0.15 -38.46 -11.06
C PHE A 82 0.23 -39.77 -10.39
N ALA A 83 -0.48 -40.84 -10.74
CA ALA A 83 -0.21 -42.14 -10.16
C ALA A 83 0.73 -42.93 -11.07
N ILE A 84 1.82 -43.42 -10.51
CA ILE A 84 2.80 -44.19 -11.28
C ILE A 84 2.24 -45.54 -11.74
N ASN A 85 1.13 -45.95 -11.12
CA ASN A 85 0.49 -47.20 -11.47
C ASN A 85 -0.65 -46.99 -12.44
N ASN A 86 -0.78 -45.75 -12.94
CA ASN A 86 -1.83 -45.42 -13.89
C ASN A 86 -1.29 -44.49 -14.98
N THR A 87 -1.13 -45.06 -16.17
CA THR A 87 -0.63 -44.31 -17.32
C THR A 87 -1.53 -43.14 -17.68
N LYS A 88 -2.84 -43.28 -17.44
CA LYS A 88 -3.80 -42.24 -17.78
C LYS A 88 -3.44 -40.91 -17.10
N SER A 89 -3.11 -40.97 -15.81
CA SER A 89 -2.74 -39.78 -15.06
C SER A 89 -1.50 -39.12 -15.64
N PHE A 90 -0.59 -39.93 -16.17
CA PHE A 90 0.63 -39.42 -16.76
C PHE A 90 0.34 -38.69 -18.07
N GLU A 91 -0.62 -39.21 -18.82
CA GLU A 91 -1.01 -38.61 -20.09
C GLU A 91 -1.78 -37.33 -19.85
N ASP A 92 -2.60 -37.32 -18.80
CA ASP A 92 -3.41 -36.16 -18.45
C ASP A 92 -2.56 -34.97 -18.06
N ILE A 93 -1.32 -35.24 -17.65
CA ILE A 93 -0.39 -34.20 -17.24
C ILE A 93 -0.26 -33.08 -18.28
N HIS A 94 0.04 -33.44 -19.52
CA HIS A 94 0.20 -32.44 -20.58
C HIS A 94 -1.11 -31.75 -20.92
N HIS A 95 -2.21 -32.50 -20.90
CA HIS A 95 -3.51 -31.96 -21.22
C HIS A 95 -3.88 -30.84 -20.26
N TYR A 96 -3.73 -31.11 -18.98
CA TYR A 96 -4.04 -30.11 -17.95
C TYR A 96 -3.02 -28.98 -17.98
N ARG A 97 -1.77 -29.33 -18.27
CA ARG A 97 -0.67 -28.35 -18.33
C ARG A 97 -0.96 -27.26 -19.35
N GLU A 98 -1.36 -27.65 -20.56
CA GLU A 98 -1.66 -26.69 -21.60
C GLU A 98 -2.80 -25.76 -21.21
N GLN A 99 -3.81 -26.31 -20.56
CA GLN A 99 -4.96 -25.51 -20.12
C GLN A 99 -4.52 -24.48 -19.09
N ILE A 100 -3.71 -24.92 -18.11
CA ILE A 100 -3.22 -24.04 -17.07
C ILE A 100 -2.53 -22.82 -17.67
N LYS A 101 -1.61 -23.09 -18.59
CA LYS A 101 -0.85 -22.03 -19.26
C LYS A 101 -1.77 -21.11 -20.05
N ARG A 102 -2.77 -21.70 -20.69
CA ARG A 102 -3.74 -20.94 -21.49
C ARG A 102 -4.58 -20.02 -20.61
N VAL A 103 -5.06 -20.55 -19.50
CA VAL A 103 -5.90 -19.79 -18.58
C VAL A 103 -5.10 -18.67 -17.90
N LYS A 104 -3.87 -18.97 -17.51
CA LYS A 104 -3.03 -17.98 -16.85
C LYS A 104 -2.34 -17.04 -17.82
N ASP A 105 -2.50 -17.32 -19.12
CA ASP A 105 -1.91 -16.49 -20.19
C ASP A 105 -0.40 -16.35 -19.98
N SER A 106 0.28 -17.48 -19.89
CA SER A 106 1.72 -17.48 -19.68
C SER A 106 2.31 -18.84 -20.02
N GLU A 107 3.48 -18.83 -20.66
CA GLU A 107 4.17 -20.06 -21.01
C GLU A 107 5.05 -20.48 -19.86
N ASP A 108 5.06 -19.64 -18.83
CA ASP A 108 5.84 -19.88 -17.63
C ASP A 108 4.93 -19.88 -16.41
N VAL A 109 4.61 -21.06 -15.92
CA VAL A 109 3.75 -21.23 -14.76
C VAL A 109 4.40 -22.21 -13.78
N PRO A 110 4.58 -21.80 -12.51
CA PRO A 110 5.20 -22.67 -11.49
C PRO A 110 4.45 -23.99 -11.33
N MET A 111 5.06 -25.06 -11.79
CA MET A 111 4.46 -26.39 -11.72
C MET A 111 5.50 -27.43 -11.38
N VAL A 112 5.11 -28.44 -10.61
CA VAL A 112 6.01 -29.50 -10.21
C VAL A 112 5.40 -30.85 -10.54
N LEU A 113 6.20 -31.73 -11.16
CA LEU A 113 5.72 -33.06 -11.51
C LEU A 113 5.87 -33.98 -10.32
N VAL A 114 4.75 -34.46 -9.80
CA VAL A 114 4.74 -35.33 -8.65
C VAL A 114 4.09 -36.67 -8.94
N GLY A 115 4.84 -37.74 -8.70
CA GLY A 115 4.32 -39.08 -8.92
C GLY A 115 4.01 -39.73 -7.60
N ASN A 116 2.74 -40.06 -7.37
CA ASN A 116 2.32 -40.67 -6.12
C ASN A 116 2.14 -42.18 -6.28
N LYS A 117 1.99 -42.87 -5.14
CA LYS A 117 1.80 -44.32 -5.11
C LYS A 117 3.09 -45.07 -5.42
N CYS A 118 4.22 -44.47 -5.06
CA CYS A 118 5.53 -45.07 -5.29
C CYS A 118 5.78 -46.25 -4.35
N ASP A 119 4.81 -46.50 -3.47
CA ASP A 119 4.90 -47.61 -2.53
C ASP A 119 4.33 -48.86 -3.15
N LEU A 120 3.62 -48.70 -4.27
CA LEU A 120 3.02 -49.81 -4.98
C LEU A 120 4.04 -50.44 -5.93
N PRO A 121 4.12 -51.78 -5.92
CA PRO A 121 5.06 -52.51 -6.77
C PRO A 121 4.53 -52.64 -8.20
N SER A 122 5.43 -52.86 -9.13
CA SER A 122 5.08 -53.00 -10.55
C SER A 122 4.41 -51.74 -11.08
N ARG A 123 5.21 -50.70 -11.28
CA ARG A 123 4.69 -49.44 -11.78
C ARG A 123 4.61 -49.45 -13.31
N THR A 124 3.54 -48.89 -13.85
CA THR A 124 3.37 -48.82 -15.28
C THR A 124 4.16 -47.65 -15.83
N VAL A 125 4.16 -46.55 -15.09
CA VAL A 125 4.88 -45.35 -15.51
C VAL A 125 6.33 -45.43 -15.03
N ASP A 126 7.27 -45.44 -15.99
CA ASP A 126 8.69 -45.52 -15.67
C ASP A 126 9.19 -44.18 -15.16
N THR A 127 10.20 -44.21 -14.30
CA THR A 127 10.76 -42.99 -13.75
C THR A 127 11.52 -42.25 -14.84
N LYS A 128 12.11 -43.01 -15.76
CA LYS A 128 12.88 -42.44 -16.86
C LYS A 128 12.01 -41.51 -17.72
N GLN A 129 10.88 -42.02 -18.19
CA GLN A 129 9.98 -41.22 -19.02
C GLN A 129 9.44 -40.03 -18.26
N ALA A 130 9.19 -40.21 -16.96
CA ALA A 130 8.67 -39.14 -16.11
C ALA A 130 9.69 -38.01 -16.03
N GLN A 131 10.93 -38.37 -15.77
CA GLN A 131 12.00 -37.39 -15.67
C GLN A 131 12.28 -36.75 -17.03
N ASP A 132 12.14 -37.56 -18.08
CA ASP A 132 12.36 -37.09 -19.45
C ASP A 132 11.33 -36.04 -19.83
N LEU A 133 10.09 -36.29 -19.42
CA LEU A 133 8.99 -35.37 -19.69
C LEU A 133 9.17 -34.09 -18.88
N ALA A 134 9.56 -34.25 -17.61
CA ALA A 134 9.78 -33.11 -16.73
C ALA A 134 10.88 -32.22 -17.29
N ARG A 135 11.88 -32.86 -17.87
CA ARG A 135 13.01 -32.14 -18.47
C ARG A 135 12.54 -31.26 -19.63
N SER A 136 11.64 -31.80 -20.43
CA SER A 136 11.11 -31.07 -21.58
C SER A 136 10.30 -29.85 -21.13
N TYR A 137 9.60 -29.99 -20.03
CA TYR A 137 8.80 -28.90 -19.48
C TYR A 137 9.69 -27.91 -18.74
N GLY A 138 10.82 -28.40 -18.25
CA GLY A 138 11.72 -27.57 -17.50
C GLY A 138 11.27 -27.46 -16.05
N ILE A 139 10.73 -28.56 -15.55
CA ILE A 139 10.24 -28.62 -14.17
C ILE A 139 10.85 -29.81 -13.45
N PRO A 140 10.81 -29.81 -12.12
CA PRO A 140 11.34 -30.91 -11.31
C PRO A 140 10.34 -32.05 -11.16
N PHE A 141 10.86 -33.26 -10.94
CA PHE A 141 10.03 -34.44 -10.75
C PHE A 141 10.31 -35.06 -9.39
N ILE A 142 9.28 -35.22 -8.59
CA ILE A 142 9.42 -35.79 -7.26
C ILE A 142 8.57 -37.05 -7.10
N GLU A 143 9.17 -38.11 -6.60
CA GLU A 143 8.47 -39.36 -6.35
C GLU A 143 7.92 -39.34 -4.93
N THR A 144 6.62 -39.24 -4.82
CA THR A 144 5.97 -39.18 -3.52
C THR A 144 5.30 -40.48 -3.13
N SER A 145 5.34 -40.76 -1.85
CA SER A 145 4.74 -41.95 -1.28
C SER A 145 3.87 -41.50 -0.10
N ALA A 146 2.59 -41.28 -0.36
CA ALA A 146 1.66 -40.83 0.67
C ALA A 146 1.51 -41.85 1.79
N LYS A 147 1.45 -43.12 1.44
CA LYS A 147 1.31 -44.18 2.43
C LYS A 147 2.47 -44.21 3.42
N THR A 148 3.67 -43.98 2.93
CA THR A 148 4.86 -44.02 3.77
C THR A 148 5.34 -42.63 4.20
N ARG A 149 4.58 -41.59 3.85
CA ARG A 149 4.93 -40.22 4.19
C ARG A 149 6.34 -39.89 3.69
N GLN A 150 6.52 -40.05 2.39
CA GLN A 150 7.82 -39.80 1.76
C GLN A 150 7.69 -38.88 0.56
N GLY A 151 8.47 -37.81 0.56
CA GLY A 151 8.48 -36.87 -0.53
C GLY A 151 7.35 -35.86 -0.50
N VAL A 152 6.43 -36.02 0.45
CA VAL A 152 5.29 -35.12 0.58
C VAL A 152 5.77 -33.70 0.87
N ASP A 153 6.61 -33.56 1.89
CA ASP A 153 7.15 -32.25 2.27
C ASP A 153 7.95 -31.68 1.11
N ASP A 154 8.70 -32.55 0.45
CA ASP A 154 9.53 -32.16 -0.69
C ASP A 154 8.69 -31.51 -1.78
N ALA A 155 7.57 -32.13 -2.10
CA ALA A 155 6.66 -31.63 -3.13
C ALA A 155 6.15 -30.23 -2.78
N PHE A 156 5.86 -30.01 -1.50
CA PHE A 156 5.36 -28.72 -1.05
C PHE A 156 6.45 -27.65 -1.12
N TYR A 157 7.63 -27.96 -0.61
CA TYR A 157 8.74 -27.02 -0.61
C TYR A 157 9.17 -26.66 -2.02
N THR A 158 9.22 -27.67 -2.88
CA THR A 158 9.63 -27.46 -4.27
C THR A 158 8.66 -26.54 -5.02
N LEU A 159 7.36 -26.73 -4.80
CA LEU A 159 6.37 -25.90 -5.47
C LEU A 159 6.58 -24.43 -5.10
N VAL A 160 6.82 -24.18 -3.80
CA VAL A 160 7.06 -22.83 -3.32
C VAL A 160 8.35 -22.29 -3.93
N ARG A 161 9.35 -23.15 -4.03
CA ARG A 161 10.64 -22.78 -4.61
C ARG A 161 10.46 -22.35 -6.05
N GLU A 162 9.65 -23.09 -6.79
CA GLU A 162 9.37 -22.80 -8.19
C GLU A 162 8.71 -21.43 -8.33
N ILE A 163 7.71 -21.17 -7.48
CA ILE A 163 7.00 -19.90 -7.48
C ILE A 163 7.96 -18.74 -7.20
N ARG A 164 8.84 -18.92 -6.22
CA ARG A 164 9.81 -17.90 -5.85
C ARG A 164 10.69 -17.52 -7.05
N LYS A 165 11.19 -18.53 -7.74
CA LYS A 165 12.05 -18.31 -8.89
C LYS A 165 11.26 -17.67 -10.04
N HIS A 166 10.00 -18.04 -10.15
CA HIS A 166 9.13 -17.50 -11.19
C HIS A 166 8.91 -16.00 -10.97
N LYS A 167 8.52 -15.64 -9.76
CA LYS A 167 8.29 -14.24 -9.41
C LYS A 167 9.57 -13.43 -9.59
N GLU A 168 10.70 -14.05 -9.29
CA GLU A 168 12.00 -13.41 -9.46
C GLU A 168 12.26 -13.18 -10.95
N LYS A 169 11.96 -14.20 -11.76
CA LYS A 169 12.15 -14.12 -13.19
C LYS A 169 11.22 -13.07 -13.81
N MET A 170 9.98 -13.03 -13.32
CA MET A 170 8.99 -12.07 -13.80
C MET A 170 9.43 -10.65 -13.48
N SER A 171 10.14 -10.50 -12.37
CA SER A 171 10.63 -9.18 -11.97
C SER A 171 11.86 -8.82 -12.78
N LYS A 172 12.63 -9.84 -13.17
CA LYS A 172 13.83 -9.64 -13.95
C LYS A 172 13.46 -9.21 -15.37
N ASP A 173 12.29 -9.65 -15.83
CA ASP A 173 11.76 -9.33 -17.16
C ASP A 173 12.52 -10.08 -18.26
N GLY A 174 13.75 -9.66 -18.50
CA GLY A 174 14.56 -10.28 -19.51
C GLY A 174 15.82 -9.47 -19.77
N LYS A 175 15.68 -8.44 -20.57
CA LYS A 175 16.81 -7.57 -20.89
C LYS A 175 16.35 -6.12 -20.94
N LYS A 176 17.30 -5.20 -21.08
CA LYS A 176 17.04 -3.75 -21.18
C LYS A 176 16.61 -3.13 -19.84
N LYS A 177 15.69 -3.78 -19.15
CA LYS A 177 15.17 -3.27 -17.88
C LYS A 177 16.09 -3.58 -16.71
N LYS A 178 16.28 -4.88 -16.41
CA LYS A 178 17.12 -5.33 -15.30
C LYS A 178 16.68 -4.69 -13.98
N LYS A 179 15.60 -5.20 -13.41
CA LYS A 179 15.09 -4.66 -12.16
C LYS A 179 16.04 -4.91 -11.00
N LYS A 180 16.27 -6.18 -10.68
CA LYS A 180 17.15 -6.54 -9.57
C LYS A 180 18.55 -6.89 -10.06
N SER A 181 19.47 -5.95 -9.90
CA SER A 181 20.85 -6.15 -10.33
C SER A 181 21.75 -6.40 -9.11
N LYS A 182 22.16 -7.65 -8.94
CA LYS A 182 23.01 -8.02 -7.82
C LYS A 182 24.47 -8.08 -8.22
N THR A 183 24.76 -7.55 -9.41
CA THR A 183 26.12 -7.53 -9.92
C THR A 183 26.96 -6.52 -9.16
N LYS A 184 28.26 -6.76 -9.10
CA LYS A 184 29.17 -5.87 -8.40
C LYS A 184 29.94 -5.01 -9.38
N THR B 2 -10.32 -3.34 15.60
CA THR B 2 -11.61 -3.93 15.28
C THR B 2 -11.95 -5.02 16.28
N GLU B 3 -13.10 -4.89 16.93
CA GLU B 3 -13.53 -5.87 17.92
C GLU B 3 -14.43 -6.92 17.27
N TYR B 4 -14.24 -8.18 17.65
CA TYR B 4 -15.03 -9.27 17.10
C TYR B 4 -15.58 -10.15 18.21
N LYS B 5 -16.90 -10.21 18.31
CA LYS B 5 -17.55 -11.00 19.35
C LYS B 5 -17.70 -12.45 18.89
N LEU B 6 -16.88 -13.31 19.46
CA LEU B 6 -16.88 -14.72 19.12
C LEU B 6 -17.32 -15.56 20.31
N VAL B 7 -18.31 -16.41 20.11
CA VAL B 7 -18.81 -17.26 21.17
C VAL B 7 -18.50 -18.72 20.87
N VAL B 8 -17.84 -19.38 21.80
CA VAL B 8 -17.49 -20.79 21.64
C VAL B 8 -18.59 -21.65 22.24
N VAL B 9 -19.26 -22.43 21.41
CA VAL B 9 -20.35 -23.28 21.85
C VAL B 9 -19.92 -24.75 21.79
N GLY B 10 -20.78 -25.63 22.26
CA GLY B 10 -20.48 -27.05 22.26
C GLY B 10 -21.00 -27.71 23.52
N ALA B 11 -20.67 -28.98 23.70
CA ALA B 11 -21.11 -29.74 24.88
C ALA B 11 -20.07 -29.66 25.98
N ASP B 12 -20.30 -30.40 27.05
CA ASP B 12 -19.38 -30.42 28.18
C ASP B 12 -18.36 -31.53 28.02
N GLY B 13 -17.11 -31.24 28.37
CA GLY B 13 -16.05 -32.23 28.26
C GLY B 13 -15.53 -32.34 26.84
N VAL B 14 -15.66 -31.25 26.08
CA VAL B 14 -15.21 -31.23 24.70
C VAL B 14 -13.93 -30.40 24.56
N GLY B 15 -13.61 -29.64 25.61
CA GLY B 15 -12.42 -28.81 25.58
C GLY B 15 -12.73 -27.36 25.23
N LYS B 16 -13.76 -26.81 25.87
CA LYS B 16 -14.17 -25.43 25.64
C LYS B 16 -13.04 -24.46 26.00
N SER B 17 -12.79 -24.32 27.30
CA SER B 17 -11.75 -23.42 27.77
C SER B 17 -10.35 -23.97 27.51
N ALA B 18 -10.26 -25.28 27.27
CA ALA B 18 -8.97 -25.91 27.00
C ALA B 18 -8.30 -25.31 25.77
N LEU B 19 -9.11 -24.91 24.80
CA LEU B 19 -8.59 -24.30 23.58
C LEU B 19 -8.45 -22.80 23.75
N THR B 20 -9.45 -22.19 24.37
CA THR B 20 -9.46 -20.74 24.60
C THR B 20 -8.30 -20.31 25.49
N ILE B 21 -8.14 -20.98 26.63
CA ILE B 21 -7.07 -20.64 27.56
C ILE B 21 -5.69 -20.88 26.94
N GLN B 22 -5.63 -21.81 25.98
CA GLN B 22 -4.39 -22.12 25.29
C GLN B 22 -3.90 -20.93 24.45
N LEU B 23 -4.82 -20.01 24.19
CA LEU B 23 -4.50 -18.82 23.42
C LEU B 23 -4.44 -17.60 24.35
N ILE B 24 -5.36 -17.57 25.31
CA ILE B 24 -5.42 -16.45 26.27
C ILE B 24 -4.25 -16.49 27.26
N GLN B 25 -3.94 -17.67 27.77
CA GLN B 25 -2.85 -17.84 28.74
C GLN B 25 -1.72 -18.70 28.18
N ASN B 26 -1.97 -19.31 27.04
CA ASN B 26 -0.99 -20.17 26.36
C ASN B 26 -0.80 -21.51 27.06
N HIS B 27 -1.84 -21.98 27.74
CA HIS B 27 -1.79 -23.26 28.45
C HIS B 27 -3.20 -23.72 28.82
N PHE B 28 -3.28 -24.77 29.62
CA PHE B 28 -4.57 -25.30 30.06
C PHE B 28 -4.49 -25.64 31.54
N VAL B 29 -5.61 -25.53 32.23
CA VAL B 29 -5.65 -25.81 33.66
C VAL B 29 -6.46 -27.08 33.94
N ASP B 30 -6.14 -27.72 35.06
CA ASP B 30 -6.81 -28.95 35.47
C ASP B 30 -7.99 -28.62 36.36
N GLU B 31 -8.55 -27.43 36.21
CA GLU B 31 -9.68 -26.98 37.01
C GLU B 31 -10.98 -27.60 36.50
N TYR B 32 -11.46 -28.61 37.22
CA TYR B 32 -12.70 -29.27 36.84
C TYR B 32 -13.86 -28.73 37.67
N ASP B 33 -14.35 -27.57 37.26
CA ASP B 33 -15.46 -26.93 37.96
C ASP B 33 -16.49 -26.40 36.98
N PRO B 34 -17.77 -26.80 37.12
CA PRO B 34 -18.86 -26.35 36.24
C PRO B 34 -18.96 -24.83 36.20
N THR B 35 -18.91 -24.29 35.00
CA THR B 35 -18.97 -22.85 34.81
C THR B 35 -20.37 -22.42 34.35
N ILE B 36 -20.53 -21.13 34.10
CA ILE B 36 -21.79 -20.59 33.63
C ILE B 36 -21.53 -19.77 32.36
N GLU B 37 -20.65 -18.79 32.49
CA GLU B 37 -20.29 -17.92 31.38
C GLU B 37 -18.93 -17.28 31.63
N ASP B 38 -17.93 -17.68 30.85
CA ASP B 38 -16.59 -17.14 30.99
C ASP B 38 -16.36 -16.05 29.93
N SER B 39 -15.62 -15.02 30.28
CA SER B 39 -15.37 -13.93 29.35
C SER B 39 -13.86 -13.70 29.19
N TYR B 40 -13.39 -13.67 27.94
CA TYR B 40 -11.98 -13.47 27.64
C TYR B 40 -11.79 -12.35 26.61
N ARG B 41 -10.84 -11.47 26.88
CA ARG B 41 -10.56 -10.36 25.98
C ARG B 41 -9.07 -10.29 25.65
N LYS B 42 -8.71 -10.60 24.41
CA LYS B 42 -7.32 -10.56 23.99
C LYS B 42 -7.17 -9.85 22.65
N GLN B 43 -6.16 -8.99 22.56
CA GLN B 43 -5.88 -8.27 21.33
C GLN B 43 -4.87 -9.04 20.50
N VAL B 44 -5.19 -9.28 19.23
CA VAL B 44 -4.30 -10.01 18.33
C VAL B 44 -4.12 -9.28 17.00
N VAL B 45 -3.18 -9.76 16.20
CA VAL B 45 -2.91 -9.17 14.90
C VAL B 45 -3.20 -10.20 13.81
N ILE B 46 -4.25 -9.96 13.04
CA ILE B 46 -4.63 -10.87 11.96
C ILE B 46 -4.44 -10.20 10.59
N ASP B 47 -3.44 -10.66 9.85
CA ASP B 47 -3.13 -10.13 8.52
C ASP B 47 -2.72 -8.67 8.60
N GLY B 48 -2.20 -8.27 9.75
CA GLY B 48 -1.80 -6.89 9.94
C GLY B 48 -2.83 -6.07 10.67
N GLU B 49 -4.06 -6.55 10.71
CA GLU B 49 -5.15 -5.85 11.40
C GLU B 49 -5.22 -6.23 12.86
N THR B 50 -5.08 -5.22 13.72
CA THR B 50 -5.16 -5.42 15.15
C THR B 50 -6.62 -5.62 15.55
N CYS B 51 -6.95 -6.83 15.95
CA CYS B 51 -8.32 -7.16 16.32
C CYS B 51 -8.44 -7.47 17.80
N LEU B 52 -9.58 -7.10 18.36
CA LEU B 52 -9.86 -7.34 19.77
C LEU B 52 -10.83 -8.51 19.85
N LEU B 53 -10.36 -9.62 20.42
CA LEU B 53 -11.18 -10.81 20.53
C LEU B 53 -12.10 -10.76 21.72
N ASP B 54 -13.40 -10.75 21.45
CA ASP B 54 -14.42 -10.74 22.48
C ASP B 54 -14.99 -12.15 22.58
N ILE B 55 -14.22 -13.03 23.18
CA ILE B 55 -14.60 -14.43 23.29
C ILE B 55 -15.39 -14.72 24.57
N LEU B 56 -16.48 -15.46 24.42
CA LEU B 56 -17.33 -15.82 25.53
C LEU B 56 -17.51 -17.33 25.59
N ASP B 57 -17.13 -17.93 26.71
CA ASP B 57 -17.26 -19.37 26.89
C ASP B 57 -18.53 -19.70 27.66
N THR B 58 -19.37 -20.53 27.08
CA THR B 58 -20.62 -20.91 27.71
C THR B 58 -20.62 -22.40 28.06
N ALA B 59 -21.29 -22.72 29.17
CA ALA B 59 -21.38 -24.09 29.64
C ALA B 59 -22.25 -24.93 28.71
N GLY B 60 -21.71 -26.07 28.29
CA GLY B 60 -22.43 -26.94 27.39
C GLY B 60 -23.09 -28.09 28.13
N GLN B 61 -23.66 -27.78 29.28
CA GLN B 61 -24.33 -28.78 30.11
C GLN B 61 -25.82 -28.83 29.80
N GLU B 62 -26.19 -28.23 28.66
CA GLU B 62 -27.58 -28.20 28.20
C GLU B 62 -28.49 -27.49 29.20
N GLU B 63 -29.81 -27.70 29.05
CA GLU B 63 -30.82 -27.10 29.93
C GLU B 63 -31.01 -25.61 29.69
N TYR B 64 -29.91 -24.89 29.53
CA TYR B 64 -29.95 -23.44 29.32
C TYR B 64 -30.32 -23.08 27.88
N SER B 65 -31.55 -23.41 27.49
CA SER B 65 -32.03 -23.09 26.16
C SER B 65 -32.51 -21.64 26.10
N ALA B 66 -32.90 -21.12 27.25
CA ALA B 66 -33.38 -19.75 27.36
C ALA B 66 -32.20 -18.79 27.53
N MET B 67 -31.18 -19.23 28.25
CA MET B 67 -29.99 -18.43 28.48
C MET B 67 -29.15 -18.37 27.20
N ARG B 68 -29.47 -19.26 26.28
CA ARG B 68 -28.77 -19.36 25.00
C ARG B 68 -29.07 -18.16 24.10
N ASP B 69 -30.31 -17.68 24.18
CA ASP B 69 -30.79 -16.56 23.36
C ASP B 69 -29.87 -15.35 23.38
N GLN B 70 -29.66 -14.77 24.56
CA GLN B 70 -28.84 -13.57 24.71
C GLN B 70 -27.48 -13.65 24.02
N TYR B 71 -26.64 -14.59 24.44
CA TYR B 71 -25.30 -14.70 23.86
C TYR B 71 -25.29 -15.08 22.39
N MET B 72 -26.31 -15.80 21.94
CA MET B 72 -26.39 -16.19 20.53
C MET B 72 -26.72 -14.98 19.67
N ARG B 73 -27.48 -14.07 20.23
CA ARG B 73 -27.88 -12.85 19.53
C ARG B 73 -26.71 -11.87 19.45
N THR B 74 -26.01 -11.71 20.58
CA THR B 74 -24.87 -10.80 20.67
C THR B 74 -23.65 -11.31 19.89
N GLY B 75 -23.42 -12.62 19.91
CA GLY B 75 -22.29 -13.19 19.21
C GLY B 75 -22.34 -13.02 17.71
N GLU B 76 -21.22 -12.66 17.12
CA GLU B 76 -21.12 -12.46 15.68
C GLU B 76 -20.50 -13.69 15.02
N GLY B 77 -19.51 -14.26 15.69
CA GLY B 77 -18.86 -15.44 15.19
C GLY B 77 -19.06 -16.61 16.13
N PHE B 78 -19.39 -17.77 15.59
CA PHE B 78 -19.63 -18.94 16.43
C PHE B 78 -18.62 -20.04 16.21
N LEU B 79 -18.04 -20.52 17.30
CA LEU B 79 -17.07 -21.58 17.25
C LEU B 79 -17.70 -22.87 17.76
N CYS B 80 -17.81 -23.85 16.88
CA CYS B 80 -18.40 -25.14 17.24
C CYS B 80 -17.29 -26.14 17.56
N VAL B 81 -17.05 -26.36 18.84
CA VAL B 81 -16.02 -27.29 19.27
C VAL B 81 -16.62 -28.60 19.74
N PHE B 82 -16.14 -29.71 19.20
CA PHE B 82 -16.63 -31.02 19.56
C PHE B 82 -15.45 -31.93 19.90
N ALA B 83 -15.74 -33.06 20.54
CA ALA B 83 -14.71 -34.01 20.91
C ALA B 83 -14.71 -35.18 19.95
N ILE B 84 -13.54 -35.52 19.42
CA ILE B 84 -13.42 -36.64 18.48
C ILE B 84 -13.72 -37.98 19.16
N ASN B 85 -13.68 -37.98 20.48
CA ASN B 85 -13.96 -39.18 21.25
C ASN B 85 -15.40 -39.21 21.75
N ASN B 86 -16.17 -38.20 21.38
CA ASN B 86 -17.55 -38.11 21.79
C ASN B 86 -18.45 -37.75 20.61
N THR B 87 -19.06 -38.77 20.02
CA THR B 87 -19.93 -38.60 18.87
C THR B 87 -21.14 -37.73 19.20
N LYS B 88 -21.55 -37.75 20.47
CA LYS B 88 -22.69 -36.96 20.91
C LYS B 88 -22.50 -35.48 20.63
N SER B 89 -21.34 -34.95 21.00
CA SER B 89 -21.04 -33.54 20.78
C SER B 89 -21.05 -33.18 19.30
N PHE B 90 -20.56 -34.10 18.46
CA PHE B 90 -20.52 -33.90 17.02
C PHE B 90 -21.93 -33.74 16.45
N GLU B 91 -22.84 -34.62 16.87
CA GLU B 91 -24.22 -34.59 16.42
C GLU B 91 -24.96 -33.40 17.01
N ASP B 92 -24.58 -33.03 18.22
CA ASP B 92 -25.21 -31.90 18.92
C ASP B 92 -24.88 -30.57 18.26
N ILE B 93 -23.74 -30.52 17.56
CA ILE B 93 -23.32 -29.30 16.86
C ILE B 93 -24.41 -28.84 15.88
N HIS B 94 -25.04 -29.80 15.21
CA HIS B 94 -26.10 -29.51 14.27
C HIS B 94 -27.29 -28.88 14.99
N HIS B 95 -27.64 -29.46 16.14
CA HIS B 95 -28.75 -28.98 16.94
C HIS B 95 -28.48 -27.56 17.45
N TYR B 96 -27.22 -27.30 17.76
CA TYR B 96 -26.81 -26.00 18.24
C TYR B 96 -26.86 -24.98 17.12
N ARG B 97 -26.39 -25.37 15.93
CA ARG B 97 -26.38 -24.48 14.78
C ARG B 97 -27.79 -24.08 14.41
N GLU B 98 -28.71 -25.04 14.45
CA GLU B 98 -30.11 -24.80 14.14
C GLU B 98 -30.68 -23.71 15.04
N GLN B 99 -30.28 -23.76 16.31
CA GLN B 99 -30.76 -22.78 17.28
C GLN B 99 -30.14 -21.42 16.99
N ILE B 100 -28.86 -21.40 16.62
CA ILE B 100 -28.18 -20.15 16.31
C ILE B 100 -28.90 -19.43 15.17
N LYS B 101 -29.22 -20.18 14.13
CA LYS B 101 -29.91 -19.64 12.97
C LYS B 101 -31.31 -19.13 13.33
N ARG B 102 -31.92 -19.77 14.31
CA ARG B 102 -33.26 -19.39 14.75
C ARG B 102 -33.21 -18.14 15.62
N VAL B 103 -32.24 -18.09 16.52
CA VAL B 103 -32.09 -16.95 17.43
C VAL B 103 -31.60 -15.71 16.69
N LYS B 104 -30.60 -15.89 15.84
CA LYS B 104 -30.05 -14.77 15.09
C LYS B 104 -30.92 -14.43 13.89
N ASP B 105 -31.75 -15.39 13.48
CA ASP B 105 -32.65 -15.22 12.33
C ASP B 105 -31.84 -14.99 11.06
N SER B 106 -30.93 -15.92 10.78
CA SER B 106 -30.07 -15.85 9.62
C SER B 106 -29.57 -17.25 9.26
N GLU B 107 -29.52 -17.54 7.98
CA GLU B 107 -29.06 -18.85 7.51
C GLU B 107 -27.54 -18.82 7.36
N ASP B 108 -27.03 -17.70 6.85
CA ASP B 108 -25.60 -17.55 6.65
C ASP B 108 -24.95 -16.87 7.85
N VAL B 109 -24.45 -17.68 8.78
CA VAL B 109 -23.79 -17.17 9.97
C VAL B 109 -22.35 -17.70 10.04
N PRO B 110 -21.37 -16.80 10.25
CA PRO B 110 -19.96 -17.19 10.32
C PRO B 110 -19.70 -18.19 11.46
N MET B 111 -19.52 -19.45 11.10
CA MET B 111 -19.28 -20.51 12.07
C MET B 111 -18.07 -21.33 11.66
N VAL B 112 -17.37 -21.85 12.64
CA VAL B 112 -16.19 -22.69 12.39
C VAL B 112 -16.29 -23.98 13.18
N LEU B 113 -16.23 -25.10 12.47
CA LEU B 113 -16.31 -26.42 13.09
C LEU B 113 -14.89 -26.85 13.46
N VAL B 114 -14.65 -27.01 14.75
CA VAL B 114 -13.32 -27.39 15.21
C VAL B 114 -13.35 -28.69 16.01
N GLY B 115 -12.43 -29.58 15.66
CA GLY B 115 -12.31 -30.84 16.36
C GLY B 115 -11.23 -30.76 17.40
N ASN B 116 -11.55 -31.18 18.62
CA ASN B 116 -10.59 -31.14 19.71
C ASN B 116 -10.26 -32.55 20.21
N LYS B 117 -9.18 -32.66 20.98
CA LYS B 117 -8.73 -33.93 21.54
C LYS B 117 -8.16 -34.84 20.46
N CYS B 118 -7.68 -34.23 19.38
CA CYS B 118 -7.13 -34.94 18.25
C CYS B 118 -5.87 -35.73 18.61
N ASP B 119 -5.30 -35.45 19.78
CA ASP B 119 -4.09 -36.15 20.22
C ASP B 119 -4.46 -37.48 20.86
N LEU B 120 -5.73 -37.66 21.20
CA LEU B 120 -6.20 -38.89 21.83
C LEU B 120 -6.49 -39.95 20.76
N PRO B 121 -6.11 -41.21 21.03
CA PRO B 121 -6.34 -42.32 20.10
C PRO B 121 -7.77 -42.83 20.18
N SER B 122 -8.16 -43.64 19.21
CA SER B 122 -9.50 -44.22 19.15
C SER B 122 -10.57 -43.13 19.05
N ARG B 123 -10.86 -42.67 17.84
CA ARG B 123 -11.84 -41.62 17.63
C ARG B 123 -13.15 -42.19 17.11
N THR B 124 -14.26 -41.69 17.64
CA THR B 124 -15.58 -42.13 17.23
C THR B 124 -16.06 -41.30 16.05
N VAL B 125 -15.55 -40.07 15.96
CA VAL B 125 -15.91 -39.16 14.89
C VAL B 125 -14.81 -39.16 13.82
N ASP B 126 -15.17 -39.61 12.63
CA ASP B 126 -14.23 -39.67 11.52
C ASP B 126 -14.02 -38.27 10.94
N THR B 127 -12.85 -38.02 10.35
CA THR B 127 -12.55 -36.72 9.79
C THR B 127 -13.30 -36.47 8.46
N LYS B 128 -13.61 -37.55 7.73
CA LYS B 128 -14.32 -37.42 6.46
C LYS B 128 -15.77 -37.03 6.69
N GLN B 129 -16.42 -37.66 7.66
CA GLN B 129 -17.82 -37.36 7.96
C GLN B 129 -17.98 -35.91 8.44
N ALA B 130 -17.04 -35.46 9.25
CA ALA B 130 -17.07 -34.10 9.77
C ALA B 130 -16.79 -33.10 8.65
N GLN B 131 -15.81 -33.43 7.80
CA GLN B 131 -15.46 -32.57 6.68
C GLN B 131 -16.63 -32.42 5.71
N ASP B 132 -17.22 -33.55 5.34
CA ASP B 132 -18.34 -33.56 4.40
C ASP B 132 -19.54 -32.80 4.93
N LEU B 133 -19.85 -33.00 6.22
CA LEU B 133 -20.98 -32.31 6.84
C LEU B 133 -20.75 -30.81 6.86
N ALA B 134 -19.55 -30.40 7.29
CA ALA B 134 -19.21 -28.99 7.34
C ALA B 134 -19.23 -28.38 5.94
N ARG B 135 -18.69 -29.13 4.99
CA ARG B 135 -18.64 -28.72 3.60
C ARG B 135 -20.05 -28.45 3.06
N SER B 136 -20.99 -29.33 3.40
CA SER B 136 -22.37 -29.20 2.96
C SER B 136 -23.00 -27.91 3.48
N TYR B 137 -22.69 -27.59 4.74
CA TYR B 137 -23.24 -26.39 5.36
C TYR B 137 -22.48 -25.13 4.96
N GLY B 138 -21.33 -25.32 4.31
CA GLY B 138 -20.53 -24.19 3.87
C GLY B 138 -19.71 -23.59 4.99
N ILE B 139 -19.34 -24.41 5.96
CA ILE B 139 -18.55 -23.93 7.08
C ILE B 139 -17.18 -24.61 7.11
N PRO B 140 -16.14 -23.86 7.49
CA PRO B 140 -14.77 -24.39 7.54
C PRO B 140 -14.58 -25.34 8.72
N PHE B 141 -13.97 -26.49 8.45
CA PHE B 141 -13.70 -27.49 9.47
C PHE B 141 -12.20 -27.58 9.72
N ILE B 142 -11.79 -27.50 10.99
CA ILE B 142 -10.38 -27.56 11.33
C ILE B 142 -10.14 -28.40 12.58
N GLU B 143 -9.28 -29.40 12.47
CA GLU B 143 -8.93 -30.24 13.61
C GLU B 143 -7.72 -29.62 14.29
N THR B 144 -7.76 -29.47 15.60
CA THR B 144 -6.64 -28.86 16.31
C THR B 144 -6.17 -29.67 17.51
N SER B 145 -4.87 -29.86 17.57
CA SER B 145 -4.26 -30.58 18.67
C SER B 145 -3.43 -29.62 19.50
N ALA B 146 -3.74 -29.50 20.78
CA ALA B 146 -3.03 -28.60 21.66
C ALA B 146 -1.62 -29.13 21.97
N LYS B 147 -1.42 -30.42 21.72
CA LYS B 147 -0.15 -31.06 21.97
C LYS B 147 0.92 -30.55 20.99
N THR B 148 0.52 -30.36 19.75
CA THR B 148 1.44 -29.87 18.72
C THR B 148 1.27 -28.38 18.52
N ARG B 149 0.01 -27.91 18.65
CA ARG B 149 -0.33 -26.50 18.47
C ARG B 149 -0.33 -26.12 16.99
N GLN B 150 -0.53 -27.10 16.13
CA GLN B 150 -0.54 -26.88 14.69
C GLN B 150 -1.95 -26.68 14.16
N GLY B 151 -2.19 -25.54 13.53
CA GLY B 151 -3.50 -25.24 12.96
C GLY B 151 -4.37 -24.42 13.91
N VAL B 152 -3.88 -24.23 15.13
CA VAL B 152 -4.62 -23.47 16.13
C VAL B 152 -4.79 -22.01 15.71
N ASP B 153 -3.72 -21.42 15.23
CA ASP B 153 -3.75 -20.01 14.80
C ASP B 153 -4.74 -19.78 13.66
N ASP B 154 -4.69 -20.66 12.65
CA ASP B 154 -5.58 -20.55 11.49
C ASP B 154 -7.04 -20.69 11.87
N ALA B 155 -7.31 -21.52 12.86
CA ALA B 155 -8.68 -21.75 13.32
C ALA B 155 -9.33 -20.46 13.81
N PHE B 156 -8.51 -19.55 14.32
CA PHE B 156 -9.01 -18.27 14.81
C PHE B 156 -9.04 -17.24 13.69
N TYR B 157 -7.99 -17.25 12.87
CA TYR B 157 -7.87 -16.32 11.75
C TYR B 157 -8.99 -16.56 10.73
N THR B 158 -9.20 -17.81 10.38
CA THR B 158 -10.22 -18.18 9.42
C THR B 158 -11.61 -17.73 9.89
N LEU B 159 -11.87 -17.86 11.19
CA LEU B 159 -13.16 -17.45 11.76
C LEU B 159 -13.40 -15.96 11.55
N VAL B 160 -12.39 -15.15 11.83
CA VAL B 160 -12.47 -13.72 11.65
C VAL B 160 -12.58 -13.37 10.17
N ARG B 161 -11.88 -14.15 9.34
CA ARG B 161 -11.90 -13.95 7.90
C ARG B 161 -13.29 -14.23 7.32
N GLU B 162 -14.03 -15.13 7.98
CA GLU B 162 -15.40 -15.44 7.54
C GLU B 162 -16.24 -14.19 7.66
N ILE B 163 -16.04 -13.45 8.75
CA ILE B 163 -16.77 -12.22 8.99
C ILE B 163 -16.32 -11.15 8.00
N ARG B 164 -15.02 -11.15 7.68
CA ARG B 164 -14.47 -10.21 6.71
C ARG B 164 -15.14 -10.41 5.36
N LYS B 165 -15.25 -11.66 4.95
CA LYS B 165 -15.88 -12.00 3.68
C LYS B 165 -17.37 -11.62 3.74
N HIS B 166 -17.99 -11.87 4.89
CA HIS B 166 -19.39 -11.53 5.09
C HIS B 166 -19.64 -10.05 4.79
N LYS B 167 -18.73 -9.20 5.24
CA LYS B 167 -18.84 -7.77 5.03
C LYS B 167 -18.90 -7.47 3.53
N GLU B 168 -17.96 -8.02 2.78
CA GLU B 168 -17.90 -7.80 1.34
C GLU B 168 -19.09 -8.43 0.61
N LYS B 169 -19.42 -9.66 1.00
CA LYS B 169 -20.53 -10.39 0.39
C LYS B 169 -21.86 -9.66 0.61
N MET B 170 -21.91 -8.85 1.67
CA MET B 170 -23.11 -8.08 2.00
C MET B 170 -23.03 -6.66 1.46
N SER B 171 -21.87 -6.30 0.91
CA SER B 171 -21.67 -4.96 0.37
C SER B 171 -22.19 -4.87 -1.06
N LYS B 172 -21.85 -5.88 -1.88
CA LYS B 172 -22.28 -5.92 -3.27
C LYS B 172 -21.74 -4.72 -4.04
N ASP B 173 -22.38 -4.39 -5.16
CA ASP B 173 -21.97 -3.25 -5.97
C ASP B 173 -23.21 -2.50 -6.46
N GLY B 174 -23.13 -1.18 -6.48
CA GLY B 174 -24.25 -0.38 -6.93
C GLY B 174 -24.17 1.05 -6.44
N LYS B 175 -24.80 1.96 -7.16
CA LYS B 175 -24.79 3.37 -6.79
C LYS B 175 -26.13 3.79 -6.22
N LYS B 176 -26.19 4.99 -5.67
CA LYS B 176 -27.44 5.49 -5.08
C LYS B 176 -28.21 6.36 -6.08
N LYS B 177 -29.40 6.78 -5.69
CA LYS B 177 -30.25 7.61 -6.52
C LYS B 177 -30.58 8.91 -5.80
N LYS B 178 -30.77 9.98 -6.55
CA LYS B 178 -31.09 11.27 -5.96
C LYS B 178 -32.55 11.63 -6.21
N LYS B 179 -33.14 12.38 -5.29
CA LYS B 179 -34.52 12.79 -5.41
C LYS B 179 -34.61 14.30 -5.62
N LYS B 180 -35.45 14.71 -6.55
CA LYS B 180 -35.62 16.12 -6.85
C LYS B 180 -37.08 16.54 -6.63
N SER B 181 -37.28 17.84 -6.43
CA SER B 181 -38.61 18.39 -6.21
C SER B 181 -39.52 18.18 -7.42
N LYS B 182 -40.62 17.45 -7.19
CA LYS B 182 -41.59 17.17 -8.25
C LYS B 182 -42.74 18.16 -8.25
N THR B 183 -43.68 17.98 -9.17
CA THR B 183 -44.85 18.84 -9.26
C THR B 183 -45.79 18.58 -8.09
N LYS B 184 -46.11 19.63 -7.34
CA LYS B 184 -46.99 19.52 -6.19
C LYS B 184 -48.27 20.31 -6.41
N SER C 14 -5.53 7.47 -49.99
CA SER C 14 -4.87 6.33 -49.38
C SER C 14 -3.64 5.91 -50.19
N THR C 15 -3.40 6.64 -51.27
CA THR C 15 -2.26 6.36 -52.14
C THR C 15 -1.03 7.19 -51.76
N PHE C 16 -1.25 8.25 -50.98
CA PHE C 16 -0.15 9.12 -50.57
C PHE C 16 0.85 8.32 -49.74
N SER C 17 0.31 7.48 -48.87
CA SER C 17 1.12 6.64 -48.01
C SER C 17 1.91 5.63 -48.84
N LYS C 18 1.26 5.08 -49.85
CA LYS C 18 1.88 4.07 -50.73
C LYS C 18 3.12 4.61 -51.42
N LEU C 19 3.13 5.91 -51.70
CA LEU C 19 4.26 6.54 -52.37
C LEU C 19 5.47 6.65 -51.44
N ARG C 20 5.31 7.33 -50.31
CA ARG C 20 6.39 7.51 -49.36
C ARG C 20 6.83 6.18 -48.75
N GLU C 21 5.90 5.24 -48.69
CA GLU C 21 6.18 3.91 -48.13
C GLU C 21 7.29 3.21 -48.89
N GLN C 22 7.41 3.52 -50.18
CA GLN C 22 8.44 2.91 -51.02
C GLN C 22 9.59 3.88 -51.27
N LEU C 23 9.30 5.17 -51.24
CA LEU C 23 10.33 6.18 -51.49
C LEU C 23 11.28 6.33 -50.32
N GLY C 24 10.73 6.31 -49.11
CA GLY C 24 11.53 6.46 -47.90
C GLY C 24 12.70 5.50 -47.78
N PRO C 25 12.45 4.17 -47.76
CA PRO C 25 13.50 3.14 -47.65
C PRO C 25 14.75 3.40 -48.48
N VAL C 26 14.56 3.86 -49.71
CA VAL C 26 15.67 4.12 -50.62
C VAL C 26 16.69 5.07 -50.01
N THR C 27 16.26 6.29 -49.74
CA THR C 27 17.14 7.28 -49.16
C THR C 27 17.52 6.94 -47.70
N GLN C 28 16.59 6.29 -47.01
CA GLN C 28 16.79 5.90 -45.62
C GLN C 28 18.06 5.05 -45.46
N GLU C 29 18.13 3.96 -46.21
CA GLU C 29 19.27 3.04 -46.14
C GLU C 29 20.56 3.70 -46.62
N PHE C 30 20.43 4.68 -47.51
CA PHE C 30 21.58 5.39 -48.03
C PHE C 30 22.13 6.34 -46.96
N TRP C 31 21.22 7.03 -46.29
CA TRP C 31 21.58 7.98 -45.24
C TRP C 31 22.28 7.29 -44.08
N ASP C 32 21.91 6.05 -43.83
CA ASP C 32 22.52 5.27 -42.74
C ASP C 32 24.01 5.09 -42.99
N ASN C 33 24.36 4.85 -44.26
CA ASN C 33 25.76 4.68 -44.63
C ASN C 33 26.54 5.96 -44.42
N LEU C 34 25.93 7.09 -44.75
CA LEU C 34 26.56 8.40 -44.56
C LEU C 34 26.78 8.67 -43.08
N GLU C 35 25.82 8.26 -42.27
CA GLU C 35 25.90 8.43 -40.83
C GLU C 35 26.96 7.50 -40.27
N LYS C 36 27.01 6.29 -40.80
CA LYS C 36 27.97 5.28 -40.37
C LYS C 36 29.42 5.78 -40.54
N GLU C 37 29.68 6.45 -41.66
CA GLU C 37 31.00 6.99 -41.93
C GLU C 37 31.40 8.02 -40.87
N THR C 38 30.45 8.85 -40.49
CA THR C 38 30.69 9.86 -39.48
C THR C 38 30.73 9.22 -38.09
N GLU C 39 30.00 8.11 -37.93
CA GLU C 39 29.96 7.39 -36.66
C GLU C 39 31.34 6.87 -36.33
N GLY C 40 31.94 6.15 -37.28
CA GLY C 40 33.28 5.60 -37.08
C GLY C 40 34.30 6.70 -36.88
N LEU C 41 34.14 7.80 -37.61
CA LEU C 41 35.05 8.93 -37.51
C LEU C 41 35.03 9.50 -36.08
N ARG C 42 33.83 9.65 -35.54
CA ARG C 42 33.67 10.17 -34.18
C ARG C 42 34.14 9.15 -33.16
N GLN C 43 33.97 7.87 -33.45
CA GLN C 43 34.40 6.81 -32.56
C GLN C 43 35.93 6.83 -32.42
N GLU C 44 36.61 7.09 -33.54
CA GLU C 44 38.05 7.18 -33.55
C GLU C 44 38.49 8.34 -32.66
N MET C 45 37.75 9.44 -32.75
CA MET C 45 38.03 10.63 -31.95
C MET C 45 37.74 10.36 -30.48
N SER C 46 36.71 9.59 -30.22
CA SER C 46 36.32 9.23 -28.87
C SER C 46 37.39 8.37 -28.20
N LYS C 47 37.92 7.42 -28.95
CA LYS C 47 38.94 6.52 -28.44
C LYS C 47 40.26 7.28 -28.24
N ASP C 48 40.57 8.15 -29.19
CA ASP C 48 41.80 8.95 -29.13
C ASP C 48 41.81 9.85 -27.90
N LEU C 49 40.64 10.35 -27.54
CA LEU C 49 40.50 11.23 -26.38
C LEU C 49 40.53 10.41 -25.08
N GLU C 50 40.03 9.18 -25.16
CA GLU C 50 39.99 8.30 -24.00
C GLU C 50 41.41 7.92 -23.57
N GLU C 51 42.29 7.77 -24.56
CA GLU C 51 43.68 7.42 -24.30
C GLU C 51 44.37 8.53 -23.51
N VAL C 52 44.04 9.78 -23.85
CA VAL C 52 44.62 10.93 -23.17
C VAL C 52 44.16 11.00 -21.72
N LYS C 53 42.91 10.60 -21.50
CA LYS C 53 42.33 10.59 -20.16
C LYS C 53 43.12 9.70 -19.22
N ALA C 54 43.57 8.56 -19.72
CA ALA C 54 44.34 7.62 -18.93
C ALA C 54 45.78 8.08 -18.73
N LYS C 55 46.20 9.06 -19.51
CA LYS C 55 47.56 9.55 -19.42
C LYS C 55 47.69 10.70 -18.43
N VAL C 56 46.57 11.28 -18.04
CA VAL C 56 46.58 12.39 -17.08
C VAL C 56 46.19 11.94 -15.68
N GLN C 57 45.49 10.82 -15.58
CA GLN C 57 45.03 10.30 -14.30
C GLN C 57 46.16 10.07 -13.29
N PRO C 58 47.22 9.30 -13.65
CA PRO C 58 48.34 9.00 -12.75
C PRO C 58 48.98 10.26 -12.14
N TYR C 59 49.02 11.33 -12.91
CA TYR C 59 49.61 12.58 -12.45
C TYR C 59 48.70 13.30 -11.47
N LEU C 60 47.41 13.33 -11.77
CA LEU C 60 46.45 13.98 -10.90
C LEU C 60 46.31 13.18 -9.60
N ASP C 61 46.39 11.88 -9.72
CA ASP C 61 46.30 10.97 -8.58
C ASP C 61 47.43 11.19 -7.59
N ASP C 62 48.65 11.27 -8.11
CA ASP C 62 49.84 11.49 -7.28
C ASP C 62 49.76 12.83 -6.55
N PHE C 63 49.33 13.86 -7.25
CA PHE C 63 49.22 15.20 -6.68
C PHE C 63 48.18 15.21 -5.56
N GLN C 64 47.08 14.52 -5.78
CA GLN C 64 45.99 14.44 -4.82
C GLN C 64 46.44 13.80 -3.51
N LYS C 65 47.27 12.76 -3.63
CA LYS C 65 47.79 12.05 -2.48
C LYS C 65 48.68 12.96 -1.63
N LYS C 66 49.43 13.82 -2.31
CA LYS C 66 50.35 14.73 -1.65
C LYS C 66 49.58 15.79 -0.87
N TRP C 67 48.47 16.27 -1.44
CA TRP C 67 47.66 17.29 -0.79
C TRP C 67 46.96 16.73 0.45
N GLN C 68 46.61 15.45 0.40
CA GLN C 68 45.95 14.76 1.49
C GLN C 68 46.83 14.75 2.74
N GLU C 69 48.12 14.51 2.54
CA GLU C 69 49.07 14.44 3.63
C GLU C 69 49.11 15.72 4.44
N GLU C 70 49.09 16.87 3.76
CA GLU C 70 49.12 18.16 4.45
C GLU C 70 47.85 18.37 5.27
N MET C 71 46.71 17.97 4.71
CA MET C 71 45.43 18.12 5.39
C MET C 71 45.41 17.31 6.69
N GLU C 72 45.90 16.09 6.62
CA GLU C 72 45.95 15.20 7.79
C GLU C 72 46.90 15.78 8.84
N LEU C 73 48.03 16.30 8.36
CA LEU C 73 49.03 16.90 9.23
C LEU C 73 48.42 18.06 10.01
N TYR C 74 47.69 18.91 9.27
CA TYR C 74 47.03 20.07 9.86
C TYR C 74 45.98 19.63 10.88
N ARG C 75 45.25 18.58 10.56
CA ARG C 75 44.21 18.06 11.43
C ARG C 75 44.81 17.46 12.70
N GLN C 76 46.02 16.93 12.60
CA GLN C 76 46.68 16.33 13.75
C GLN C 76 47.15 17.39 14.74
N LYS C 77 47.59 18.54 14.24
CA LYS C 77 48.07 19.61 15.10
C LYS C 77 46.89 20.36 15.75
N VAL C 78 45.76 20.38 15.06
CA VAL C 78 44.58 21.07 15.59
C VAL C 78 43.87 20.21 16.63
N GLU C 79 44.26 18.93 16.70
CA GLU C 79 43.69 17.98 17.64
C GLU C 79 43.77 18.47 19.11
N PRO C 80 44.98 18.74 19.65
CA PRO C 80 45.12 19.19 21.04
C PRO C 80 44.56 20.59 21.27
N LEU C 81 44.85 21.52 20.37
CA LEU C 81 44.39 22.90 20.49
C LEU C 81 42.87 23.00 20.54
N ARG C 82 42.19 22.26 19.65
CA ARG C 82 40.73 22.29 19.62
C ARG C 82 40.13 21.78 20.93
N ALA C 83 40.82 20.82 21.54
CA ALA C 83 40.38 20.25 22.80
C ALA C 83 40.54 21.26 23.93
N GLU C 84 41.65 22.00 23.90
CA GLU C 84 41.94 23.01 24.90
C GLU C 84 40.89 24.14 24.83
N LEU C 85 40.60 24.57 23.61
CA LEU C 85 39.62 25.62 23.37
C LEU C 85 38.22 25.16 23.81
N GLN C 86 38.03 23.84 23.73
CA GLN C 86 36.76 23.23 24.12
C GLN C 86 36.54 23.34 25.62
N GLU C 87 37.63 23.19 26.38
CA GLU C 87 37.57 23.28 27.84
C GLU C 87 37.51 24.72 28.30
N GLY C 88 38.33 25.58 27.68
CA GLY C 88 38.36 26.98 28.03
C GLY C 88 37.00 27.65 27.93
N ALA C 89 36.23 27.24 26.94
CA ALA C 89 34.90 27.80 26.73
C ALA C 89 33.88 27.12 27.65
N ARG C 90 34.17 25.89 28.03
CA ARG C 90 33.28 25.11 28.90
C ARG C 90 33.22 25.70 30.30
N GLN C 91 34.38 26.17 30.77
CA GLN C 91 34.49 26.74 32.10
C GLN C 91 33.66 28.03 32.23
N LYS C 92 33.22 28.58 31.10
CA LYS C 92 32.43 29.79 31.10
C LYS C 92 31.02 29.57 31.64
N LEU C 93 30.22 28.76 30.93
CA LEU C 93 28.85 28.50 31.34
C LEU C 93 28.77 27.84 32.72
N HIS C 94 29.79 27.06 33.06
CA HIS C 94 29.81 26.38 34.34
C HIS C 94 29.69 27.38 35.50
N GLU C 95 30.28 28.55 35.31
CA GLU C 95 30.23 29.59 36.34
C GLU C 95 29.02 30.50 36.13
N LEU C 96 28.73 30.81 34.87
CA LEU C 96 27.60 31.68 34.52
C LEU C 96 26.25 31.07 34.89
N GLN C 97 26.05 29.82 34.53
CA GLN C 97 24.79 29.13 34.79
C GLN C 97 24.44 29.13 36.28
N GLU C 98 25.38 28.70 37.11
CA GLU C 98 25.19 28.64 38.55
C GLU C 98 24.85 30.01 39.15
N LYS C 99 25.37 31.06 38.53
CA LYS C 99 25.15 32.42 39.00
C LYS C 99 23.83 33.00 38.52
N LEU C 100 23.24 32.40 37.49
CA LEU C 100 21.98 32.92 36.94
C LEU C 100 20.82 31.96 37.16
N SER C 101 21.01 30.93 37.98
CA SER C 101 19.95 29.96 38.21
C SER C 101 19.03 30.30 39.40
N PRO C 102 19.58 30.50 40.62
CA PRO C 102 18.77 30.79 41.82
C PRO C 102 17.74 31.90 41.63
N LEU C 103 18.20 33.09 41.30
CA LEU C 103 17.33 34.24 41.10
C LEU C 103 16.31 33.98 40.00
N GLY C 104 16.70 33.23 38.99
CA GLY C 104 15.81 32.92 37.89
C GLY C 104 14.66 32.04 38.34
N GLU C 105 15.00 30.97 39.06
CA GLU C 105 13.99 30.05 39.57
C GLU C 105 13.08 30.70 40.59
N GLU C 106 13.67 31.50 41.48
CA GLU C 106 12.91 32.19 42.52
C GLU C 106 11.79 33.02 41.91
N MET C 107 12.13 33.81 40.90
CA MET C 107 11.16 34.65 40.23
C MET C 107 10.13 33.82 39.47
N ARG C 108 10.58 32.68 38.92
CA ARG C 108 9.70 31.79 38.18
C ARG C 108 8.58 31.27 39.07
N ASP C 109 8.95 30.78 40.25
CA ASP C 109 7.97 30.24 41.19
C ASP C 109 7.07 31.35 41.71
N ARG C 110 7.67 32.51 42.00
CA ARG C 110 6.92 33.65 42.49
C ARG C 110 5.87 34.07 41.48
N ALA C 111 6.23 34.00 40.20
CA ALA C 111 5.31 34.35 39.13
C ALA C 111 4.16 33.35 39.08
N ARG C 112 4.51 32.08 39.25
CA ARG C 112 3.53 31.00 39.22
C ARG C 112 2.53 31.14 40.37
N ALA C 113 3.02 31.61 41.51
CA ALA C 113 2.18 31.82 42.68
C ALA C 113 1.16 32.91 42.40
N HIS C 114 1.59 33.96 41.71
CA HIS C 114 0.73 35.08 41.38
C HIS C 114 -0.33 34.64 40.37
N VAL C 115 0.06 33.79 39.41
CA VAL C 115 -0.87 33.29 38.41
C VAL C 115 -2.01 32.50 39.05
N ASP C 116 -1.68 31.70 40.05
CA ASP C 116 -2.68 30.91 40.76
C ASP C 116 -3.62 31.82 41.53
N ALA C 117 -3.06 32.82 42.19
CA ALA C 117 -3.84 33.79 42.95
C ALA C 117 -4.72 34.60 42.02
N LEU C 118 -4.24 34.80 40.79
CA LEU C 118 -4.95 35.55 39.77
C LEU C 118 -6.23 34.82 39.38
N ARG C 119 -6.18 33.49 39.44
CA ARG C 119 -7.34 32.66 39.12
C ARG C 119 -8.42 32.88 40.17
N THR C 120 -8.02 32.83 41.43
CA THR C 120 -8.92 33.04 42.55
C THR C 120 -9.38 34.50 42.62
N HIS C 121 -8.69 35.35 41.88
CA HIS C 121 -9.01 36.77 41.85
C HIS C 121 -9.97 37.06 40.68
N LEU C 122 -10.31 36.01 39.94
CA LEU C 122 -11.21 36.15 38.80
C LEU C 122 -12.48 35.33 38.99
N ALA C 123 -12.31 34.09 39.43
CA ALA C 123 -13.42 33.15 39.63
C ALA C 123 -14.65 33.76 40.33
N PRO C 124 -14.51 34.33 41.56
CA PRO C 124 -15.65 34.90 42.29
C PRO C 124 -16.35 36.03 41.54
N TYR C 125 -15.60 36.76 40.72
CA TYR C 125 -16.15 37.88 39.97
C TYR C 125 -16.85 37.41 38.70
N SER C 126 -16.17 36.56 37.93
CA SER C 126 -16.71 36.04 36.68
C SER C 126 -17.95 35.18 36.92
N ASP C 127 -18.01 34.57 38.10
CA ASP C 127 -19.13 33.70 38.46
C ASP C 127 -20.44 34.50 38.49
N GLU C 128 -20.46 35.55 39.30
CA GLU C 128 -21.64 36.39 39.42
C GLU C 128 -21.97 37.09 38.10
N LEU C 129 -20.92 37.49 37.39
CA LEU C 129 -21.07 38.19 36.12
C LEU C 129 -21.77 37.31 35.07
N ARG C 130 -21.36 36.05 34.97
CA ARG C 130 -21.95 35.13 34.01
C ARG C 130 -23.39 34.79 34.39
N GLN C 131 -23.65 34.72 35.68
CA GLN C 131 -24.97 34.42 36.20
C GLN C 131 -25.96 35.50 35.81
N ARG C 132 -25.57 36.75 36.00
CA ARG C 132 -26.41 37.90 35.66
C ARG C 132 -26.72 37.92 34.17
N LEU C 133 -25.70 37.68 33.36
CA LEU C 133 -25.85 37.69 31.92
C LEU C 133 -26.71 36.52 31.43
N ALA C 134 -26.48 35.34 32.00
CA ALA C 134 -27.22 34.15 31.61
C ALA C 134 -28.73 34.36 31.79
N ALA C 135 -29.11 34.81 32.97
CA ALA C 135 -30.52 35.07 33.27
C ALA C 135 -31.12 36.12 32.35
N ARG C 136 -30.30 37.08 31.94
CA ARG C 136 -30.76 38.14 31.07
C ARG C 136 -30.91 37.66 29.63
N LEU C 137 -29.99 36.79 29.21
CA LEU C 137 -30.03 36.24 27.86
C LEU C 137 -31.30 35.44 27.64
N GLU C 138 -31.69 34.64 28.64
CA GLU C 138 -32.90 33.85 28.55
C GLU C 138 -34.14 34.74 28.56
N ALA C 139 -34.05 35.85 29.29
CA ALA C 139 -35.15 36.80 29.37
C ALA C 139 -35.39 37.44 28.00
N LEU C 140 -34.30 37.73 27.31
CA LEU C 140 -34.37 38.32 25.97
C LEU C 140 -34.96 37.33 24.99
N LYS C 141 -34.51 36.08 25.07
CA LYS C 141 -34.97 35.01 24.20
C LYS C 141 -36.48 34.78 24.36
N GLU C 142 -36.97 35.00 25.57
CA GLU C 142 -38.38 34.80 25.90
C GLU C 142 -39.30 35.69 25.04
N ASN C 143 -38.83 36.90 24.74
CA ASN C 143 -39.61 37.84 23.93
C ASN C 143 -39.41 37.63 22.44
N GLY C 144 -38.15 37.50 22.04
CA GLY C 144 -37.83 37.31 20.63
C GLY C 144 -38.43 36.06 20.03
N GLY C 145 -38.35 34.95 20.76
CA GLY C 145 -38.88 33.69 20.27
C GLY C 145 -40.38 33.68 20.08
N ALA C 146 -41.09 34.57 20.74
CA ALA C 146 -42.54 34.64 20.64
C ALA C 146 -43.01 35.01 19.23
N ARG C 147 -42.40 36.06 18.67
CA ARG C 147 -42.76 36.51 17.32
C ARG C 147 -42.04 35.71 16.24
N LEU C 148 -40.99 35.01 16.64
CA LEU C 148 -40.23 34.19 15.71
C LEU C 148 -41.10 33.09 15.13
N ALA C 149 -41.94 32.50 15.98
CA ALA C 149 -42.84 31.43 15.57
C ALA C 149 -43.81 31.91 14.49
N GLU C 150 -44.32 33.12 14.67
CA GLU C 150 -45.27 33.70 13.72
C GLU C 150 -44.59 34.02 12.40
N TYR C 151 -43.34 34.48 12.47
CA TYR C 151 -42.58 34.83 11.28
C TYR C 151 -42.30 33.58 10.44
N HIS C 152 -42.02 32.47 11.12
CA HIS C 152 -41.75 31.20 10.45
C HIS C 152 -42.94 30.78 9.59
N ALA C 153 -44.13 30.87 10.17
CA ALA C 153 -45.36 30.49 9.47
C ALA C 153 -45.59 31.39 8.25
N LYS C 154 -45.47 32.69 8.45
CA LYS C 154 -45.66 33.67 7.37
C LYS C 154 -44.67 33.43 6.24
N ALA C 155 -43.45 33.09 6.61
CA ALA C 155 -42.39 32.83 5.65
C ALA C 155 -42.70 31.64 4.76
N THR C 156 -43.10 30.52 5.39
CA THR C 156 -43.44 29.30 4.66
C THR C 156 -44.52 29.54 3.62
N GLU C 157 -45.60 30.21 4.03
CA GLU C 157 -46.71 30.49 3.12
C GLU C 157 -46.27 31.39 1.98
N HIS C 158 -45.49 32.40 2.30
CA HIS C 158 -44.99 33.36 1.32
C HIS C 158 -44.12 32.65 0.27
N LEU C 159 -43.51 31.54 0.66
CA LEU C 159 -42.65 30.79 -0.23
C LEU C 159 -43.40 29.63 -0.89
N SER C 160 -44.62 29.39 -0.43
CA SER C 160 -45.43 28.29 -0.95
C SER C 160 -45.99 28.60 -2.36
N THR C 161 -46.27 29.86 -2.61
CA THR C 161 -46.82 30.27 -3.89
C THR C 161 -45.73 30.76 -4.86
N LEU C 162 -44.56 30.17 -4.79
CA LEU C 162 -43.46 30.56 -5.67
C LEU C 162 -43.25 29.59 -6.83
N SER C 163 -43.01 28.33 -6.51
CA SER C 163 -42.78 27.33 -7.54
C SER C 163 -43.99 26.44 -7.78
N GLU C 164 -45.06 26.69 -7.03
CA GLU C 164 -46.27 25.90 -7.16
C GLU C 164 -46.86 25.93 -8.57
N LYS C 165 -47.07 27.13 -9.09
CA LYS C 165 -47.64 27.29 -10.42
C LYS C 165 -46.55 27.46 -11.49
N ALA C 166 -45.30 27.36 -11.07
CA ALA C 166 -44.18 27.50 -12.00
C ALA C 166 -43.99 26.26 -12.87
N LYS C 167 -44.03 25.10 -12.23
CA LYS C 167 -43.87 23.82 -12.92
C LYS C 167 -44.90 23.58 -14.03
N PRO C 168 -46.23 23.74 -13.75
CA PRO C 168 -47.27 23.54 -14.76
C PRO C 168 -47.00 24.40 -16.00
N ALA C 169 -46.48 25.60 -15.79
CA ALA C 169 -46.17 26.51 -16.88
C ALA C 169 -45.02 25.98 -17.72
N LEU C 170 -44.02 25.41 -17.05
CA LEU C 170 -42.87 24.83 -17.73
C LEU C 170 -43.28 23.63 -18.58
N GLU C 171 -44.11 22.78 -18.00
CA GLU C 171 -44.61 21.60 -18.70
C GLU C 171 -45.38 22.01 -19.94
N ASP C 172 -46.16 23.08 -19.79
CA ASP C 172 -46.96 23.64 -20.88
C ASP C 172 -46.07 24.02 -22.07
N LEU C 173 -44.94 24.61 -21.76
CA LEU C 173 -43.98 25.03 -22.78
C LEU C 173 -43.32 23.82 -23.43
N ARG C 174 -43.01 22.82 -22.62
CA ARG C 174 -42.37 21.61 -23.11
C ARG C 174 -43.23 20.92 -24.17
N GLN C 175 -44.53 20.88 -23.92
CA GLN C 175 -45.47 20.24 -24.85
C GLN C 175 -45.58 21.00 -26.17
N GLY C 176 -45.30 22.28 -26.15
CA GLY C 176 -45.39 23.09 -27.35
C GLY C 176 -44.12 23.10 -28.18
N LEU C 177 -42.97 23.01 -27.53
CA LEU C 177 -41.69 23.02 -28.23
C LEU C 177 -41.34 21.65 -28.80
N LEU C 178 -42.00 20.62 -28.29
CA LEU C 178 -41.76 19.24 -28.74
C LEU C 178 -41.97 19.04 -30.25
N PRO C 179 -43.16 19.41 -30.81
CA PRO C 179 -43.45 19.23 -32.26
C PRO C 179 -42.34 19.75 -33.17
N VAL C 180 -41.95 21.01 -32.98
CA VAL C 180 -40.92 21.61 -33.82
C VAL C 180 -39.53 21.04 -33.54
N LEU C 181 -39.33 20.50 -32.35
CA LEU C 181 -38.03 19.93 -31.99
C LEU C 181 -37.86 18.54 -32.59
N GLU C 182 -38.95 17.78 -32.59
CA GLU C 182 -38.93 16.43 -33.13
C GLU C 182 -38.50 16.42 -34.59
N SER C 183 -39.19 17.20 -35.41
CA SER C 183 -38.89 17.29 -36.83
C SER C 183 -37.49 17.85 -37.08
N PHE C 184 -37.04 18.71 -36.17
CA PHE C 184 -35.72 19.31 -36.29
C PHE C 184 -34.64 18.24 -36.14
N LYS C 185 -34.83 17.36 -35.17
CA LYS C 185 -33.87 16.28 -34.92
C LYS C 185 -33.81 15.29 -36.07
N VAL C 186 -34.98 14.97 -36.64
CA VAL C 186 -35.05 14.03 -37.76
C VAL C 186 -34.29 14.56 -38.97
N SER C 187 -34.48 15.84 -39.26
CA SER C 187 -33.81 16.48 -40.38
C SER C 187 -32.31 16.56 -40.18
N PHE C 188 -31.89 16.61 -38.91
CA PHE C 188 -30.47 16.67 -38.58
C PHE C 188 -29.81 15.29 -38.72
N LEU C 189 -30.54 14.25 -38.32
CA LEU C 189 -30.04 12.89 -38.38
C LEU C 189 -29.59 12.53 -39.80
N SER C 190 -30.35 12.98 -40.79
CA SER C 190 -30.04 12.72 -42.18
C SER C 190 -28.79 13.49 -42.60
N ALA C 191 -28.68 14.73 -42.14
CA ALA C 191 -27.54 15.57 -42.47
C ALA C 191 -26.26 15.03 -41.82
N LEU C 192 -26.40 14.54 -40.59
CA LEU C 192 -25.28 13.97 -39.85
C LEU C 192 -24.64 12.82 -40.62
N GLU C 193 -25.48 11.97 -41.21
CA GLU C 193 -25.00 10.83 -41.97
C GLU C 193 -24.38 11.27 -43.30
N GLU C 194 -24.85 12.38 -43.83
CA GLU C 194 -24.34 12.91 -45.08
C GLU C 194 -22.90 13.39 -44.93
N TYR C 195 -22.66 14.17 -43.87
CA TYR C 195 -21.33 14.71 -43.60
C TYR C 195 -20.31 13.60 -43.31
N THR C 196 -20.75 12.58 -42.57
CA THR C 196 -19.87 11.48 -42.19
C THR C 196 -19.43 10.66 -43.40
N LYS C 197 -20.33 10.50 -44.37
CA LYS C 197 -20.01 9.74 -45.57
C LYS C 197 -18.88 10.42 -46.35
N LYS C 198 -18.91 11.75 -46.36
CA LYS C 198 -17.89 12.52 -47.05
C LYS C 198 -16.57 12.47 -46.28
N LEU C 199 -16.69 12.39 -44.95
CA LEU C 199 -15.52 12.32 -44.09
C LEU C 199 -14.78 10.99 -44.26
N ASN C 200 -15.53 9.91 -44.22
CA ASN C 200 -14.95 8.57 -44.38
C ASN C 200 -14.41 8.38 -45.78
N SER D 14 -43.75 36.07 -15.01
CA SER D 14 -43.33 37.26 -14.30
C SER D 14 -44.42 37.78 -13.38
N THR D 15 -45.61 37.21 -13.53
CA THR D 15 -46.76 37.60 -12.73
C THR D 15 -46.59 37.11 -11.29
N PHE D 16 -46.14 35.87 -11.15
CA PHE D 16 -45.92 35.27 -9.84
C PHE D 16 -44.82 36.00 -9.08
N SER D 17 -43.84 36.50 -9.82
CA SER D 17 -42.75 37.24 -9.22
C SER D 17 -43.27 38.51 -8.56
N LYS D 18 -44.19 39.18 -9.24
CA LYS D 18 -44.79 40.40 -8.72
C LYS D 18 -45.67 40.09 -7.52
N LEU D 19 -46.31 38.92 -7.57
CA LEU D 19 -47.17 38.47 -6.48
C LEU D 19 -46.34 38.29 -5.21
N ARG D 20 -45.23 37.58 -5.33
CA ARG D 20 -44.35 37.33 -4.21
C ARG D 20 -43.76 38.65 -3.72
N GLU D 21 -43.50 39.54 -4.65
CA GLU D 21 -42.94 40.85 -4.33
C GLU D 21 -43.94 41.71 -3.56
N GLN D 22 -45.22 41.53 -3.85
CA GLN D 22 -46.27 42.29 -3.19
C GLN D 22 -46.34 41.96 -1.70
N LEU D 23 -46.19 40.69 -1.38
CA LEU D 23 -46.25 40.23 0.01
C LEU D 23 -44.89 40.33 0.69
N GLY D 24 -43.89 40.82 -0.05
CA GLY D 24 -42.55 40.95 0.48
C GLY D 24 -42.42 41.99 1.57
N PRO D 25 -42.60 43.29 1.25
CA PRO D 25 -42.47 44.40 2.21
C PRO D 25 -43.42 44.29 3.40
N VAL D 26 -44.54 43.60 3.23
CA VAL D 26 -45.50 43.43 4.31
C VAL D 26 -44.87 42.79 5.54
N THR D 27 -44.28 41.62 5.33
CA THR D 27 -43.62 40.90 6.42
C THR D 27 -42.28 41.55 6.77
N GLN D 28 -41.62 42.15 5.78
CA GLN D 28 -40.33 42.79 6.00
C GLN D 28 -40.46 44.00 6.93
N GLU D 29 -41.46 44.84 6.68
CA GLU D 29 -41.70 46.03 7.49
C GLU D 29 -42.06 45.64 8.91
N PHE D 30 -42.95 44.67 9.04
CA PHE D 30 -43.40 44.19 10.34
C PHE D 30 -42.21 43.67 11.16
N TRP D 31 -41.39 42.85 10.52
CA TRP D 31 -40.23 42.27 11.18
C TRP D 31 -39.19 43.33 11.53
N ASP D 32 -39.02 44.31 10.66
CA ASP D 32 -38.06 45.40 10.88
C ASP D 32 -38.41 46.16 12.16
N ASN D 33 -39.70 46.36 12.38
CA ASN D 33 -40.18 47.06 13.56
C ASN D 33 -39.97 46.20 14.80
N LEU D 34 -40.28 44.91 14.66
CA LEU D 34 -40.13 43.97 15.76
C LEU D 34 -38.67 43.86 16.22
N GLU D 35 -37.76 43.75 15.27
CA GLU D 35 -36.34 43.65 15.59
C GLU D 35 -35.85 44.92 16.26
N LYS D 36 -36.49 46.05 15.92
CA LYS D 36 -36.12 47.33 16.51
C LYS D 36 -36.48 47.33 17.99
N GLU D 37 -37.60 46.69 18.31
CA GLU D 37 -38.05 46.59 19.70
C GLU D 37 -37.05 45.74 20.49
N THR D 38 -36.69 44.60 19.91
CA THR D 38 -35.74 43.69 20.53
C THR D 38 -34.38 44.36 20.69
N GLU D 39 -34.03 45.20 19.73
CA GLU D 39 -32.76 45.93 19.75
C GLU D 39 -32.73 46.85 20.97
N GLY D 40 -33.86 47.49 21.25
CA GLY D 40 -33.95 48.37 22.39
C GLY D 40 -33.82 47.60 23.68
N LEU D 41 -34.38 46.40 23.71
CA LEU D 41 -34.31 45.55 24.88
C LEU D 41 -32.86 45.16 25.16
N ARG D 42 -32.15 44.76 24.10
CA ARG D 42 -30.76 44.37 24.23
C ARG D 42 -29.90 45.57 24.60
N GLN D 43 -30.31 46.73 24.10
CA GLN D 43 -29.62 47.99 24.34
C GLN D 43 -29.55 48.30 25.83
N GLU D 44 -30.67 48.16 26.51
CA GLU D 44 -30.72 48.43 27.95
C GLU D 44 -30.04 47.31 28.73
N MET D 45 -30.20 46.08 28.28
CA MET D 45 -29.59 44.93 28.94
C MET D 45 -28.07 45.07 28.97
N SER D 46 -27.51 45.46 27.83
CA SER D 46 -26.06 45.63 27.72
C SER D 46 -25.58 46.85 28.50
N LYS D 47 -26.49 47.79 28.75
CA LYS D 47 -26.16 49.01 29.48
C LYS D 47 -25.79 48.68 30.92
N ASP D 48 -26.65 47.90 31.57
CA ASP D 48 -26.41 47.50 32.96
C ASP D 48 -25.21 46.56 33.04
N LEU D 49 -25.06 45.73 32.01
CA LEU D 49 -23.96 44.79 31.96
C LEU D 49 -22.61 45.49 31.96
N GLU D 50 -22.53 46.60 31.24
CA GLU D 50 -21.30 47.37 31.18
C GLU D 50 -20.93 47.94 32.54
N GLU D 51 -21.95 48.32 33.31
CA GLU D 51 -21.73 48.87 34.65
C GLU D 51 -21.00 47.85 35.53
N VAL D 52 -21.41 46.59 35.42
CA VAL D 52 -20.79 45.53 36.21
C VAL D 52 -19.35 45.28 35.76
N LYS D 53 -19.13 45.30 34.45
CA LYS D 53 -17.78 45.08 33.90
C LYS D 53 -16.80 46.17 34.32
N ALA D 54 -17.27 47.41 34.30
CA ALA D 54 -16.44 48.54 34.68
C ALA D 54 -16.08 48.51 36.17
N LYS D 55 -16.85 47.76 36.94
CA LYS D 55 -16.64 47.65 38.37
C LYS D 55 -15.56 46.63 38.71
N VAL D 56 -15.45 45.58 37.88
CA VAL D 56 -14.46 44.52 38.10
C VAL D 56 -13.06 44.92 37.63
N GLN D 57 -13.00 45.79 36.63
CA GLN D 57 -11.73 46.26 36.05
C GLN D 57 -10.66 46.65 37.09
N PRO D 58 -10.96 47.61 38.01
CA PRO D 58 -10.00 48.08 39.02
C PRO D 58 -9.30 46.97 39.81
N TYR D 59 -10.07 45.97 40.22
CA TYR D 59 -9.54 44.86 41.00
C TYR D 59 -8.47 44.07 40.24
N LEU D 60 -8.62 43.99 38.92
CA LEU D 60 -7.68 43.25 38.09
C LEU D 60 -6.46 44.09 37.71
N ASP D 61 -6.69 45.37 37.45
CA ASP D 61 -5.60 46.28 37.07
C ASP D 61 -4.57 46.43 38.19
N ASP D 62 -5.07 46.64 39.41
CA ASP D 62 -4.18 46.80 40.56
C ASP D 62 -3.32 45.57 40.77
N PHE D 63 -3.94 44.40 40.63
CA PHE D 63 -3.22 43.13 40.80
C PHE D 63 -2.09 42.98 39.80
N GLN D 64 -2.31 43.51 38.60
CA GLN D 64 -1.31 43.45 37.54
C GLN D 64 -0.16 44.41 37.81
N LYS D 65 -0.50 45.65 38.18
CA LYS D 65 0.51 46.66 38.47
C LYS D 65 1.34 46.26 39.68
N LYS D 66 0.72 45.57 40.62
CA LYS D 66 1.39 45.11 41.82
C LYS D 66 2.59 44.24 41.47
N TRP D 67 2.36 43.24 40.64
CA TRP D 67 3.40 42.32 40.22
C TRP D 67 4.37 42.99 39.25
N GLN D 68 3.83 43.81 38.34
CA GLN D 68 4.63 44.52 37.35
C GLN D 68 5.73 45.35 38.01
N GLU D 69 5.36 46.03 39.08
CA GLU D 69 6.30 46.87 39.83
C GLU D 69 7.42 46.01 40.43
N GLU D 70 7.05 44.89 41.02
CA GLU D 70 8.03 43.99 41.62
C GLU D 70 8.98 43.42 40.59
N MET D 71 8.45 43.12 39.40
CA MET D 71 9.25 42.59 38.30
C MET D 71 10.30 43.59 37.88
N GLU D 72 9.91 44.86 37.77
CA GLU D 72 10.82 45.92 37.37
C GLU D 72 11.96 46.07 38.39
N LEU D 73 11.60 46.05 39.67
CA LEU D 73 12.59 46.18 40.74
C LEU D 73 13.59 45.02 40.72
N TYR D 74 13.08 43.82 40.44
CA TYR D 74 13.91 42.63 40.37
C TYR D 74 14.83 42.69 39.14
N ARG D 75 14.30 43.24 38.06
CA ARG D 75 15.04 43.37 36.82
C ARG D 75 16.31 44.19 37.00
N GLN D 76 16.18 45.29 37.73
CA GLN D 76 17.30 46.19 37.98
C GLN D 76 18.34 45.56 38.90
N LYS D 77 17.91 44.60 39.72
CA LYS D 77 18.81 43.93 40.66
C LYS D 77 19.79 43.00 39.92
N VAL D 78 19.32 42.34 38.87
CA VAL D 78 20.15 41.41 38.12
C VAL D 78 20.90 42.13 36.98
N GLU D 79 20.65 43.42 36.85
CA GLU D 79 21.29 44.22 35.81
C GLU D 79 22.82 44.17 35.88
N PRO D 80 23.44 44.52 37.03
CA PRO D 80 24.91 44.49 37.16
C PRO D 80 25.46 43.06 37.20
N LEU D 81 24.68 42.15 37.77
CA LEU D 81 25.09 40.75 37.88
C LEU D 81 25.47 40.16 36.53
N ARG D 82 24.62 40.40 35.53
CA ARG D 82 24.88 39.89 34.19
C ARG D 82 25.92 40.74 33.48
N ALA D 83 26.01 42.01 33.86
CA ALA D 83 26.98 42.93 33.27
C ALA D 83 28.41 42.47 33.57
N GLU D 84 28.60 41.90 34.76
CA GLU D 84 29.89 41.38 35.18
C GLU D 84 30.27 40.22 34.26
N LEU D 85 29.29 39.39 33.95
CA LEU D 85 29.49 38.23 33.08
C LEU D 85 29.60 38.67 31.62
N GLN D 86 29.08 39.84 31.32
CA GLN D 86 29.14 40.40 29.96
C GLN D 86 30.52 40.95 29.68
N GLU D 87 31.33 41.03 30.73
CA GLU D 87 32.68 41.54 30.63
C GLU D 87 33.68 40.39 30.79
N GLY D 88 33.46 39.57 31.81
CA GLY D 88 34.32 38.42 32.04
C GLY D 88 34.19 37.39 30.93
N ALA D 89 32.97 36.90 30.75
CA ALA D 89 32.69 35.93 29.71
C ALA D 89 32.57 36.64 28.37
N ARG D 90 33.56 37.46 28.09
CA ARG D 90 33.64 38.25 26.88
C ARG D 90 35.09 38.28 26.41
N GLN D 91 35.99 38.46 27.37
CA GLN D 91 37.42 38.50 27.09
C GLN D 91 37.96 37.10 26.81
N LYS D 92 37.32 36.09 27.40
CA LYS D 92 37.74 34.71 27.22
C LYS D 92 37.79 34.28 25.76
N LEU D 93 36.81 34.73 24.96
CA LEU D 93 36.78 34.38 23.55
C LEU D 93 37.92 35.03 22.78
N HIS D 94 38.27 36.25 23.18
CA HIS D 94 39.37 36.96 22.55
C HIS D 94 40.64 36.14 22.72
N GLU D 95 40.80 35.58 23.91
CA GLU D 95 41.94 34.73 24.23
C GLU D 95 41.87 33.45 23.40
N LEU D 96 40.66 32.90 23.28
CA LEU D 96 40.44 31.68 22.52
C LEU D 96 40.83 31.88 21.06
N GLN D 97 40.50 33.04 20.51
CA GLN D 97 40.82 33.35 19.12
C GLN D 97 42.32 33.54 18.98
N GLU D 98 42.90 34.25 19.95
CA GLU D 98 44.33 34.52 19.97
C GLU D 98 45.15 33.26 19.79
N LYS D 99 44.73 32.17 20.44
CA LYS D 99 45.43 30.90 20.37
C LYS D 99 45.26 30.21 19.02
N LEU D 100 44.10 30.40 18.38
CA LEU D 100 43.82 29.74 17.11
C LEU D 100 44.25 30.59 15.89
N SER D 101 44.53 31.86 16.13
CA SER D 101 44.93 32.77 15.06
C SER D 101 46.17 32.32 14.28
N PRO D 102 47.31 32.06 14.97
CA PRO D 102 48.55 31.64 14.29
C PRO D 102 48.41 30.38 13.45
N LEU D 103 47.66 29.41 13.97
CA LEU D 103 47.45 28.15 13.28
C LEU D 103 46.79 28.34 11.91
N GLY D 104 45.67 29.05 11.90
CA GLY D 104 44.97 29.30 10.65
C GLY D 104 45.74 30.20 9.71
N GLU D 105 46.59 31.05 10.29
CA GLU D 105 47.41 31.97 9.50
C GLU D 105 48.44 31.21 8.68
N GLU D 106 49.11 30.26 9.32
CA GLU D 106 50.13 29.45 8.65
C GLU D 106 49.50 28.61 7.54
N MET D 107 48.31 28.10 7.80
CA MET D 107 47.61 27.27 6.83
C MET D 107 47.26 28.05 5.56
N ARG D 108 47.12 29.36 5.71
CA ARG D 108 46.80 30.23 4.58
C ARG D 108 47.99 30.30 3.62
N ASP D 109 49.19 30.37 4.19
CA ASP D 109 50.40 30.41 3.40
C ASP D 109 50.54 29.12 2.60
N ARG D 110 50.21 28.00 3.24
CA ARG D 110 50.27 26.70 2.59
C ARG D 110 49.33 26.66 1.39
N ALA D 111 48.15 27.25 1.56
CA ALA D 111 47.15 27.29 0.51
C ALA D 111 47.63 28.17 -0.66
N ARG D 112 48.13 29.36 -0.34
CA ARG D 112 48.62 30.29 -1.35
C ARG D 112 49.68 29.64 -2.24
N ALA D 113 50.59 28.89 -1.63
CA ALA D 113 51.65 28.23 -2.37
C ALA D 113 51.10 27.09 -3.21
N HIS D 114 50.22 26.29 -2.62
CA HIS D 114 49.65 25.16 -3.33
C HIS D 114 48.73 25.56 -4.48
N VAL D 115 48.01 26.68 -4.31
CA VAL D 115 47.12 27.18 -5.35
C VAL D 115 47.89 27.44 -6.65
N ASP D 116 49.05 28.10 -6.52
CA ASP D 116 49.86 28.42 -7.68
C ASP D 116 50.44 27.14 -8.30
N ALA D 117 50.76 26.17 -7.46
CA ALA D 117 51.32 24.90 -7.92
C ALA D 117 50.32 24.19 -8.84
N LEU D 118 49.04 24.36 -8.52
CA LEU D 118 47.96 23.77 -9.30
C LEU D 118 47.71 24.58 -10.56
N ARG D 119 47.72 25.90 -10.41
CA ARG D 119 47.50 26.82 -11.51
C ARG D 119 48.52 26.61 -12.64
N THR D 120 49.77 26.47 -12.27
CA THR D 120 50.84 26.27 -13.24
C THR D 120 50.72 24.93 -13.98
N HIS D 121 50.01 23.99 -13.40
CA HIS D 121 49.84 22.67 -14.01
C HIS D 121 48.68 22.65 -15.01
N LEU D 122 47.63 23.41 -14.73
CA LEU D 122 46.46 23.46 -15.60
C LEU D 122 46.68 24.31 -16.85
N ALA D 123 47.60 25.25 -16.75
CA ALA D 123 47.90 26.15 -17.86
C ALA D 123 48.25 25.42 -19.17
N PRO D 124 49.29 24.54 -19.19
CA PRO D 124 49.69 23.82 -20.41
C PRO D 124 48.58 22.93 -20.96
N TYR D 125 47.79 22.35 -20.07
CA TYR D 125 46.69 21.47 -20.47
C TYR D 125 45.64 22.23 -21.26
N SER D 126 45.37 23.45 -20.84
CA SER D 126 44.38 24.29 -21.49
C SER D 126 44.84 24.70 -22.90
N ASP D 127 46.08 25.13 -23.00
CA ASP D 127 46.65 25.57 -24.27
C ASP D 127 46.72 24.41 -25.28
N GLU D 128 47.05 23.23 -24.78
CA GLU D 128 47.16 22.05 -25.63
C GLU D 128 45.79 21.58 -26.11
N LEU D 129 44.81 21.64 -25.22
CA LEU D 129 43.45 21.22 -25.54
C LEU D 129 42.85 22.05 -26.67
N ARG D 130 43.18 23.34 -26.68
CA ARG D 130 42.69 24.26 -27.71
C ARG D 130 43.07 23.80 -29.10
N GLN D 131 44.31 23.38 -29.25
CA GLN D 131 44.83 22.91 -30.53
C GLN D 131 44.16 21.59 -30.94
N ARG D 132 44.05 20.67 -29.99
CA ARG D 132 43.44 19.39 -30.24
C ARG D 132 41.97 19.54 -30.63
N LEU D 133 41.28 20.45 -29.94
CA LEU D 133 39.87 20.70 -30.20
C LEU D 133 39.67 21.22 -31.62
N ALA D 134 40.49 22.20 -32.01
CA ALA D 134 40.41 22.79 -33.34
C ALA D 134 40.68 21.74 -34.43
N ALA D 135 41.64 20.87 -34.18
CA ALA D 135 41.99 19.81 -35.13
C ALA D 135 40.81 18.87 -35.35
N ARG D 136 40.21 18.43 -34.25
CA ARG D 136 39.07 17.51 -34.31
C ARG D 136 37.88 18.16 -35.02
N LEU D 137 37.60 19.40 -34.67
CA LEU D 137 36.49 20.13 -35.24
C LEU D 137 36.72 20.38 -36.73
N GLU D 138 37.94 20.73 -37.10
CA GLU D 138 38.28 21.02 -38.49
C GLU D 138 38.04 19.81 -39.39
N ALA D 139 38.56 18.65 -38.96
CA ALA D 139 38.41 17.42 -39.73
C ALA D 139 36.95 17.04 -39.88
N LEU D 140 36.21 17.09 -38.77
CA LEU D 140 34.80 16.75 -38.76
C LEU D 140 34.00 17.72 -39.63
N LYS D 141 34.30 19.00 -39.52
CA LYS D 141 33.63 20.05 -40.28
C LYS D 141 33.77 19.82 -41.78
N GLU D 142 34.99 19.60 -42.24
CA GLU D 142 35.25 19.40 -43.66
C GLU D 142 34.55 18.15 -44.18
N ASN D 143 34.61 17.08 -43.39
CA ASN D 143 33.99 15.81 -43.76
C ASN D 143 32.47 15.90 -43.72
N GLY D 144 31.94 16.52 -42.68
CA GLY D 144 30.51 16.65 -42.53
C GLY D 144 29.85 17.52 -43.58
N GLY D 145 30.54 18.58 -44.00
CA GLY D 145 30.01 19.49 -45.00
C GLY D 145 29.48 18.80 -46.24
N ALA D 146 30.22 17.82 -46.74
CA ALA D 146 29.83 17.09 -47.92
C ALA D 146 28.56 16.27 -47.69
N ARG D 147 28.47 15.62 -46.53
CA ARG D 147 27.32 14.80 -46.19
C ARG D 147 26.09 15.67 -45.90
N LEU D 148 26.30 16.80 -45.24
CA LEU D 148 25.22 17.70 -44.89
C LEU D 148 24.50 18.21 -46.13
N ALA D 149 25.27 18.54 -47.16
CA ALA D 149 24.71 19.02 -48.42
C ALA D 149 23.88 17.94 -49.08
N GLU D 150 24.39 16.71 -49.04
CA GLU D 150 23.69 15.58 -49.64
C GLU D 150 22.38 15.29 -48.92
N TYR D 151 22.37 15.52 -47.62
CA TYR D 151 21.18 15.30 -46.82
C TYR D 151 20.05 16.23 -47.24
N HIS D 152 20.34 17.52 -47.26
CA HIS D 152 19.35 18.53 -47.65
C HIS D 152 18.92 18.35 -49.10
N ALA D 153 19.89 18.03 -49.96
CA ALA D 153 19.61 17.82 -51.38
C ALA D 153 18.59 16.71 -51.59
N LYS D 154 18.73 15.62 -50.83
CA LYS D 154 17.81 14.49 -50.94
C LYS D 154 16.50 14.80 -50.23
N ALA D 155 16.60 15.50 -49.11
CA ALA D 155 15.44 15.87 -48.31
C ALA D 155 14.49 16.77 -49.11
N THR D 156 15.07 17.58 -50.01
CA THR D 156 14.28 18.48 -50.84
C THR D 156 13.27 17.70 -51.70
N GLU D 157 13.69 16.52 -52.18
CA GLU D 157 12.81 15.68 -52.99
C GLU D 157 11.65 15.17 -52.15
N HIS D 158 11.96 14.70 -50.95
CA HIS D 158 10.96 14.18 -50.02
C HIS D 158 9.95 15.26 -49.65
N LEU D 159 10.45 16.48 -49.53
CA LEU D 159 9.63 17.63 -49.18
C LEU D 159 8.65 17.97 -50.30
N SER D 160 9.14 17.88 -51.53
CA SER D 160 8.36 18.19 -52.71
C SER D 160 7.19 17.21 -52.89
N THR D 161 7.44 15.93 -52.70
CA THR D 161 6.41 14.92 -52.87
C THR D 161 5.57 14.73 -51.60
N LEU D 162 5.41 15.82 -50.85
CA LEU D 162 4.64 15.78 -49.62
C LEU D 162 3.56 16.86 -49.62
N SER D 163 3.98 18.11 -49.67
CA SER D 163 3.05 19.23 -49.66
C SER D 163 2.52 19.58 -51.06
N GLU D 164 1.70 18.71 -51.63
CA GLU D 164 1.14 18.95 -52.95
C GLU D 164 -0.36 18.67 -53.02
N LYS D 165 -0.74 17.41 -52.81
CA LYS D 165 -2.14 17.01 -52.88
C LYS D 165 -2.96 17.55 -51.70
N ALA D 166 -2.28 18.10 -50.71
CA ALA D 166 -2.93 18.66 -49.52
C ALA D 166 -3.91 19.78 -49.87
N LYS D 167 -3.67 20.45 -50.99
CA LYS D 167 -4.54 21.54 -51.41
C LYS D 167 -5.77 21.05 -52.18
N PRO D 168 -5.59 20.34 -53.32
CA PRO D 168 -6.71 19.83 -54.12
C PRO D 168 -7.71 19.01 -53.31
N ALA D 169 -7.20 18.15 -52.44
CA ALA D 169 -8.07 17.31 -51.62
C ALA D 169 -8.91 18.13 -50.64
N LEU D 170 -8.30 19.18 -50.09
CA LEU D 170 -8.99 20.05 -49.15
C LEU D 170 -10.04 20.90 -49.87
N GLU D 171 -9.69 21.35 -51.07
CA GLU D 171 -10.57 22.17 -51.88
C GLU D 171 -11.83 21.40 -52.29
N ASP D 172 -11.62 20.18 -52.79
CA ASP D 172 -12.73 19.33 -53.22
C ASP D 172 -13.70 19.06 -52.07
N LEU D 173 -13.15 18.87 -50.88
CA LEU D 173 -13.94 18.61 -49.70
C LEU D 173 -14.82 19.82 -49.35
N ARG D 174 -14.24 21.01 -49.49
CA ARG D 174 -14.94 22.24 -49.19
C ARG D 174 -16.11 22.47 -50.15
N GLN D 175 -15.90 22.12 -51.40
CA GLN D 175 -16.92 22.29 -52.43
C GLN D 175 -18.16 21.44 -52.14
N GLY D 176 -17.96 20.29 -51.51
CA GLY D 176 -19.09 19.42 -51.23
C GLY D 176 -19.60 19.54 -49.80
N LEU D 177 -19.17 20.58 -49.10
CA LEU D 177 -19.58 20.79 -47.72
C LEU D 177 -20.57 21.94 -47.60
N LEU D 178 -20.25 23.05 -48.24
CA LEU D 178 -21.08 24.26 -48.20
C LEU D 178 -22.57 24.02 -48.51
N PRO D 179 -22.91 23.34 -49.64
CA PRO D 179 -24.32 23.10 -50.01
C PRO D 179 -25.20 22.61 -48.85
N VAL D 180 -24.83 21.48 -48.24
CA VAL D 180 -25.62 20.93 -47.13
C VAL D 180 -25.50 21.79 -45.89
N LEU D 181 -24.33 22.37 -45.70
CA LEU D 181 -24.06 23.21 -44.53
C LEU D 181 -24.97 24.43 -44.51
N GLU D 182 -24.98 25.18 -45.61
CA GLU D 182 -25.79 26.38 -45.73
C GLU D 182 -27.28 26.06 -45.61
N SER D 183 -27.68 24.93 -46.17
CA SER D 183 -29.08 24.51 -46.11
C SER D 183 -29.53 24.27 -44.67
N PHE D 184 -28.67 23.63 -43.87
CA PHE D 184 -28.99 23.36 -42.47
C PHE D 184 -29.06 24.66 -41.68
N LYS D 185 -28.22 25.62 -42.04
CA LYS D 185 -28.17 26.92 -41.38
C LYS D 185 -29.55 27.56 -41.37
N VAL D 186 -30.18 27.60 -42.53
CA VAL D 186 -31.50 28.19 -42.67
C VAL D 186 -32.52 27.48 -41.79
N SER D 187 -32.48 26.15 -41.79
CA SER D 187 -33.39 25.36 -40.97
C SER D 187 -33.17 25.64 -39.50
N PHE D 188 -31.90 25.69 -39.10
CA PHE D 188 -31.52 25.96 -37.72
C PHE D 188 -31.97 27.36 -37.29
N LEU D 189 -31.63 28.34 -38.12
CA LEU D 189 -31.98 29.74 -37.84
C LEU D 189 -33.49 29.95 -37.73
N SER D 190 -34.26 29.24 -38.55
CA SER D 190 -35.71 29.36 -38.52
C SER D 190 -36.28 28.89 -37.18
N ALA D 191 -35.63 27.90 -36.59
CA ALA D 191 -36.06 27.36 -35.32
C ALA D 191 -35.66 28.27 -34.15
N LEU D 192 -34.66 29.12 -34.40
CA LEU D 192 -34.16 30.05 -33.38
C LEU D 192 -35.27 30.87 -32.76
N GLU D 193 -36.11 31.47 -33.61
CA GLU D 193 -37.22 32.28 -33.14
C GLU D 193 -38.32 31.43 -32.52
N GLU D 194 -38.67 30.35 -33.19
CA GLU D 194 -39.71 29.43 -32.74
C GLU D 194 -39.52 28.95 -31.29
N TYR D 195 -38.26 28.72 -30.91
CA TYR D 195 -37.96 28.23 -29.57
C TYR D 195 -37.80 29.37 -28.56
N THR D 196 -37.69 30.59 -29.04
CA THR D 196 -37.49 31.74 -28.14
C THR D 196 -38.77 32.57 -27.96
N LYS D 197 -39.54 32.68 -29.02
CA LYS D 197 -40.77 33.47 -29.02
C LYS D 197 -41.70 33.05 -27.87
N LYS D 198 -41.92 31.74 -27.73
CA LYS D 198 -42.80 31.21 -26.69
C LYS D 198 -42.15 31.32 -25.32
N LEU D 199 -40.83 31.29 -25.28
CA LEU D 199 -40.08 31.37 -24.03
C LEU D 199 -40.19 32.77 -23.41
N ASN D 200 -40.09 33.79 -24.26
CA ASN D 200 -40.18 35.17 -23.80
C ASN D 200 -41.58 35.47 -23.29
N THR A 2 2.93 -13.83 3.91
CA THR A 2 2.76 -14.06 2.49
C THR A 2 1.91 -15.31 2.22
N GLU A 3 0.86 -15.13 1.42
CA GLU A 3 -0.04 -16.21 1.07
C GLU A 3 0.34 -16.81 -0.29
N TYR A 4 0.12 -18.12 -0.42
CA TYR A 4 0.41 -18.83 -1.67
C TYR A 4 -0.71 -19.80 -2.01
N LYS A 5 -1.38 -19.58 -3.13
CA LYS A 5 -2.48 -20.44 -3.56
C LYS A 5 -1.96 -21.58 -4.44
N LEU A 6 -2.05 -22.81 -3.94
CA LEU A 6 -1.59 -23.97 -4.68
C LEU A 6 -2.73 -24.93 -5.00
N VAL A 7 -2.88 -25.24 -6.27
CA VAL A 7 -3.93 -26.15 -6.71
C VAL A 7 -3.32 -27.46 -7.20
N VAL A 8 -3.76 -28.56 -6.59
CA VAL A 8 -3.25 -29.87 -6.97
C VAL A 8 -4.08 -30.45 -8.10
N VAL A 9 -3.47 -30.61 -9.26
CA VAL A 9 -4.16 -31.14 -10.43
C VAL A 9 -3.65 -32.53 -10.79
N GLY A 10 -4.56 -33.37 -11.23
CA GLY A 10 -4.18 -34.73 -11.61
C GLY A 10 -5.39 -35.63 -11.68
N ALA A 11 -5.25 -36.77 -12.35
CA ALA A 11 -6.34 -37.72 -12.50
C ALA A 11 -6.69 -38.38 -11.18
N ASP A 12 -7.85 -39.04 -11.14
CA ASP A 12 -8.28 -39.73 -9.93
C ASP A 12 -7.42 -40.94 -9.63
N GLY A 13 -7.11 -41.14 -8.36
CA GLY A 13 -6.30 -42.27 -7.95
C GLY A 13 -4.83 -41.94 -7.77
N VAL A 14 -4.43 -40.75 -8.16
CA VAL A 14 -3.03 -40.36 -8.03
C VAL A 14 -2.60 -40.20 -6.57
N GLY A 15 -3.52 -39.72 -5.74
CA GLY A 15 -3.21 -39.55 -4.31
C GLY A 15 -3.05 -38.10 -3.88
N LYS A 16 -3.66 -37.18 -4.62
CA LYS A 16 -3.58 -35.76 -4.30
C LYS A 16 -4.11 -35.45 -2.90
N SER A 17 -5.08 -36.23 -2.45
CA SER A 17 -5.66 -36.04 -1.13
C SER A 17 -4.69 -36.52 -0.06
N ALA A 18 -4.23 -37.75 -0.22
CA ALA A 18 -3.31 -38.36 0.73
C ALA A 18 -2.05 -37.51 0.91
N LEU A 19 -1.56 -36.94 -0.19
CA LEU A 19 -0.39 -36.08 -0.16
C LEU A 19 -0.62 -34.87 0.73
N THR A 20 -1.70 -34.15 0.45
CA THR A 20 -2.05 -32.96 1.20
C THR A 20 -2.50 -33.28 2.62
N ILE A 21 -3.43 -34.22 2.74
CA ILE A 21 -3.97 -34.63 4.03
C ILE A 21 -2.90 -35.06 5.03
N GLN A 22 -1.92 -35.82 4.58
CA GLN A 22 -0.85 -36.29 5.45
C GLN A 22 0.04 -35.16 5.93
N LEU A 23 0.00 -34.03 5.25
CA LEU A 23 0.80 -32.88 5.64
C LEU A 23 -0.02 -31.87 6.41
N ILE A 24 -1.34 -31.95 6.25
CA ILE A 24 -2.26 -31.05 6.94
C ILE A 24 -2.61 -31.58 8.33
N GLN A 25 -3.12 -32.80 8.40
CA GLN A 25 -3.49 -33.39 9.69
C GLN A 25 -2.51 -34.48 10.12
N ASN A 26 -1.67 -34.91 9.19
CA ASN A 26 -0.63 -35.94 9.44
C ASN A 26 -1.17 -37.38 9.48
N HIS A 27 -2.47 -37.54 9.29
CA HIS A 27 -3.08 -38.87 9.28
C HIS A 27 -4.09 -38.98 8.15
N PHE A 28 -4.19 -40.16 7.55
CA PHE A 28 -5.12 -40.35 6.44
C PHE A 28 -5.78 -41.72 6.48
N VAL A 29 -6.84 -41.86 5.70
CA VAL A 29 -7.58 -43.12 5.63
C VAL A 29 -7.47 -43.64 4.20
N ASP A 30 -7.59 -44.95 4.02
CA ASP A 30 -7.49 -45.56 2.70
C ASP A 30 -8.85 -45.72 2.03
N GLU A 31 -9.88 -45.10 2.61
CA GLU A 31 -11.22 -45.17 2.04
C GLU A 31 -11.29 -44.43 0.71
N TYR A 32 -11.70 -45.13 -0.32
CA TYR A 32 -11.80 -44.55 -1.65
C TYR A 32 -13.14 -43.83 -1.82
N ASP A 33 -13.11 -42.52 -1.85
CA ASP A 33 -14.33 -41.74 -2.01
C ASP A 33 -14.07 -40.52 -2.88
N PRO A 34 -14.86 -40.34 -3.95
CA PRO A 34 -14.71 -39.22 -4.88
C PRO A 34 -15.04 -37.89 -4.20
N THR A 35 -14.04 -37.04 -4.06
CA THR A 35 -14.23 -35.73 -3.44
C THR A 35 -14.43 -34.67 -4.51
N ILE A 36 -15.05 -33.55 -4.12
CA ILE A 36 -15.31 -32.47 -5.06
C ILE A 36 -14.24 -31.38 -4.94
N GLU A 37 -14.50 -30.42 -4.05
CA GLU A 37 -13.57 -29.32 -3.83
C GLU A 37 -13.24 -29.19 -2.35
N ASP A 38 -12.00 -29.50 -2.00
CA ASP A 38 -11.57 -29.42 -0.60
C ASP A 38 -10.24 -28.66 -0.50
N SER A 39 -10.27 -27.56 0.24
CA SER A 39 -9.08 -26.73 0.43
C SER A 39 -8.75 -26.58 1.90
N TYR A 40 -7.46 -26.59 2.23
CA TYR A 40 -7.01 -26.47 3.62
C TYR A 40 -5.93 -25.42 3.74
N ARG A 41 -5.90 -24.73 4.87
CA ARG A 41 -4.91 -23.69 5.11
C ARG A 41 -4.01 -24.08 6.28
N LYS A 42 -2.71 -23.87 6.11
CA LYS A 42 -1.73 -24.19 7.14
C LYS A 42 -0.58 -23.20 7.09
N GLN A 43 -0.08 -22.82 8.26
CA GLN A 43 1.03 -21.88 8.34
C GLN A 43 2.36 -22.62 8.52
N VAL A 44 3.31 -22.34 7.64
CA VAL A 44 4.61 -22.98 7.71
C VAL A 44 5.72 -21.96 7.47
N VAL A 45 6.95 -22.36 7.75
CA VAL A 45 8.10 -21.49 7.57
C VAL A 45 8.96 -22.03 6.44
N ILE A 46 9.06 -21.27 5.36
CA ILE A 46 9.83 -21.69 4.21
C ILE A 46 11.01 -20.74 3.98
N ASP A 47 12.22 -21.27 4.14
CA ASP A 47 13.46 -20.49 3.97
C ASP A 47 13.58 -19.38 5.00
N GLY A 48 12.99 -19.61 6.17
CA GLY A 48 13.03 -18.62 7.22
C GLY A 48 11.95 -17.56 7.06
N GLU A 49 11.00 -17.82 6.17
CA GLU A 49 9.91 -16.91 5.90
C GLU A 49 8.57 -17.58 6.19
N THR A 50 7.76 -16.96 7.02
CA THR A 50 6.45 -17.49 7.36
C THR A 50 5.47 -17.31 6.20
N CYS A 51 4.99 -18.43 5.66
CA CYS A 51 4.06 -18.38 4.53
C CYS A 51 2.76 -19.12 4.85
N LEU A 52 1.67 -18.67 4.23
CA LEU A 52 0.37 -19.29 4.40
C LEU A 52 0.07 -20.16 3.19
N LEU A 53 -0.20 -21.43 3.44
CA LEU A 53 -0.48 -22.37 2.37
C LEU A 53 -1.97 -22.48 2.10
N ASP A 54 -2.39 -22.08 0.90
CA ASP A 54 -3.77 -22.19 0.47
C ASP A 54 -3.87 -23.32 -0.54
N ILE A 55 -3.81 -24.54 -0.01
CA ILE A 55 -3.83 -25.75 -0.84
C ILE A 55 -5.25 -26.18 -1.15
N LEU A 56 -5.46 -26.62 -2.39
CA LEU A 56 -6.77 -27.06 -2.83
C LEU A 56 -6.66 -28.32 -3.71
N ASP A 57 -7.35 -29.38 -3.30
CA ASP A 57 -7.35 -30.62 -4.07
C ASP A 57 -8.60 -30.67 -4.92
N THR A 58 -8.43 -30.93 -6.19
CA THR A 58 -9.54 -30.98 -7.12
C THR A 58 -9.83 -32.40 -7.58
N ALA A 59 -11.02 -32.60 -8.14
CA ALA A 59 -11.42 -33.90 -8.63
C ALA A 59 -10.71 -34.21 -9.95
N GLY A 60 -10.34 -35.47 -10.15
CA GLY A 60 -9.66 -35.86 -11.37
C GLY A 60 -10.47 -36.85 -12.17
N GLN A 61 -11.79 -36.74 -12.08
CA GLN A 61 -12.69 -37.63 -12.79
C GLN A 61 -13.17 -37.03 -14.10
N GLU A 62 -12.51 -35.97 -14.54
CA GLU A 62 -12.87 -35.28 -15.78
C GLU A 62 -14.27 -34.68 -15.72
N GLU A 63 -14.77 -34.20 -16.86
CA GLU A 63 -16.10 -33.59 -16.97
C GLU A 63 -16.12 -32.14 -16.48
N TYR A 64 -15.37 -31.87 -15.43
CA TYR A 64 -15.28 -30.53 -14.86
C TYR A 64 -14.38 -29.63 -15.70
N SER A 65 -14.77 -29.39 -16.94
CA SER A 65 -14.00 -28.55 -17.83
C SER A 65 -14.16 -27.07 -17.47
N ALA A 66 -15.40 -26.66 -17.21
CA ALA A 66 -15.68 -25.28 -16.86
C ALA A 66 -15.34 -25.01 -15.39
N MET A 67 -15.52 -26.02 -14.55
CA MET A 67 -15.21 -25.91 -13.14
C MET A 67 -13.71 -25.68 -12.94
N ARG A 68 -12.91 -26.36 -13.76
CA ARG A 68 -11.45 -26.23 -13.71
C ARG A 68 -10.99 -24.82 -14.06
N ASP A 69 -11.67 -24.23 -15.04
CA ASP A 69 -11.36 -22.88 -15.51
C ASP A 69 -11.36 -21.86 -14.38
N GLN A 70 -12.30 -22.02 -13.46
CA GLN A 70 -12.44 -21.10 -12.34
C GLN A 70 -11.21 -21.07 -11.41
N TYR A 71 -10.94 -22.17 -10.74
CA TYR A 71 -9.80 -22.23 -9.82
C TYR A 71 -8.44 -22.12 -10.52
N MET A 72 -8.40 -22.46 -11.80
CA MET A 72 -7.15 -22.36 -12.56
C MET A 72 -6.75 -20.90 -12.73
N ARG A 73 -7.71 -20.01 -12.58
CA ARG A 73 -7.47 -18.58 -12.71
C ARG A 73 -7.02 -17.99 -11.38
N THR A 74 -7.58 -18.51 -10.28
CA THR A 74 -7.26 -18.03 -8.95
C THR A 74 -5.93 -18.62 -8.44
N GLY A 75 -5.74 -19.92 -8.68
CA GLY A 75 -4.52 -20.59 -8.24
C GLY A 75 -3.29 -20.07 -8.95
N GLU A 76 -2.21 -19.92 -8.20
CA GLU A 76 -0.96 -19.41 -8.77
C GLU A 76 0.02 -20.55 -9.03
N GLY A 77 0.08 -21.49 -8.11
CA GLY A 77 0.97 -22.63 -8.25
C GLY A 77 0.17 -23.90 -8.50
N PHE A 78 0.60 -24.68 -9.48
CA PHE A 78 -0.10 -25.91 -9.82
C PHE A 78 0.80 -27.13 -9.64
N LEU A 79 0.32 -28.07 -8.85
CA LEU A 79 1.06 -29.29 -8.60
C LEU A 79 0.54 -30.41 -9.49
N CYS A 80 1.33 -30.77 -10.49
CA CYS A 80 0.95 -31.82 -11.42
C CYS A 80 1.34 -33.18 -10.84
N VAL A 81 0.39 -33.84 -10.21
CA VAL A 81 0.64 -35.14 -9.60
C VAL A 81 0.11 -36.27 -10.46
N PHE A 82 0.90 -37.32 -10.59
CA PHE A 82 0.52 -38.50 -11.35
C PHE A 82 0.98 -39.75 -10.63
N ALA A 83 0.45 -40.90 -11.00
CA ALA A 83 0.81 -42.15 -10.37
C ALA A 83 1.71 -42.95 -11.29
N ILE A 84 2.84 -43.42 -10.77
CA ILE A 84 3.79 -44.19 -11.57
C ILE A 84 3.20 -45.54 -11.99
N ASN A 85 2.14 -45.95 -11.31
CA ASN A 85 1.48 -47.22 -11.62
C ASN A 85 0.37 -46.98 -12.64
N ASN A 86 0.05 -45.72 -12.87
CA ASN A 86 -0.99 -45.37 -13.83
C ASN A 86 -0.42 -44.52 -14.96
N THR A 87 -0.07 -45.18 -16.06
CA THR A 87 0.51 -44.51 -17.22
C THR A 87 -0.40 -43.42 -17.78
N LYS A 88 -1.71 -43.65 -17.70
CA LYS A 88 -2.69 -42.68 -18.19
C LYS A 88 -2.58 -41.35 -17.46
N SER A 89 -2.38 -41.40 -16.15
CA SER A 89 -2.28 -40.18 -15.34
C SER A 89 -1.06 -39.36 -15.75
N PHE A 90 -0.05 -40.03 -16.30
CA PHE A 90 1.17 -39.36 -16.74
C PHE A 90 0.92 -38.65 -18.06
N GLU A 91 0.04 -39.22 -18.87
CA GLU A 91 -0.31 -38.65 -20.16
C GLU A 91 -1.24 -37.46 -19.97
N ASP A 92 -2.04 -37.54 -18.90
CA ASP A 92 -2.99 -36.48 -18.57
C ASP A 92 -2.28 -35.19 -18.15
N ILE A 93 -1.03 -35.34 -17.71
CA ILE A 93 -0.24 -34.18 -17.28
C ILE A 93 -0.15 -33.16 -18.41
N HIS A 94 0.10 -33.64 -19.62
CA HIS A 94 0.21 -32.79 -20.79
C HIS A 94 -1.09 -32.02 -21.02
N HIS A 95 -2.20 -32.74 -20.94
CA HIS A 95 -3.52 -32.14 -21.16
C HIS A 95 -3.85 -31.11 -20.08
N TYR A 96 -3.50 -31.42 -18.84
CA TYR A 96 -3.76 -30.50 -17.74
C TYR A 96 -2.87 -29.25 -17.86
N ARG A 97 -1.61 -29.47 -18.20
CA ARG A 97 -0.65 -28.39 -18.34
C ARG A 97 -1.10 -27.40 -19.43
N GLU A 98 -1.44 -27.94 -20.60
CA GLU A 98 -1.89 -27.12 -21.72
C GLU A 98 -3.16 -26.35 -21.39
N GLN A 99 -4.05 -26.99 -20.63
CA GLN A 99 -5.30 -26.37 -20.24
C GLN A 99 -5.05 -25.15 -19.34
N ILE A 100 -4.18 -25.34 -18.34
CA ILE A 100 -3.85 -24.26 -17.41
C ILE A 100 -3.28 -23.06 -18.16
N LYS A 101 -2.37 -23.32 -19.09
CA LYS A 101 -1.75 -22.26 -19.87
C LYS A 101 -2.78 -21.42 -20.60
N ARG A 102 -3.81 -22.08 -21.11
CA ARG A 102 -4.87 -21.39 -21.84
C ARG A 102 -5.73 -20.55 -20.90
N VAL A 103 -6.07 -21.14 -19.76
CA VAL A 103 -6.90 -20.45 -18.77
C VAL A 103 -6.19 -19.22 -18.20
N LYS A 104 -4.92 -19.39 -17.84
CA LYS A 104 -4.14 -18.30 -17.26
C LYS A 104 -3.60 -17.35 -18.33
N ASP A 105 -3.55 -17.84 -19.57
CA ASP A 105 -3.07 -17.07 -20.72
C ASP A 105 -1.60 -16.70 -20.53
N SER A 106 -0.77 -17.73 -20.39
CA SER A 106 0.66 -17.55 -20.21
C SER A 106 1.38 -18.86 -20.52
N GLU A 107 2.57 -18.77 -21.10
CA GLU A 107 3.34 -19.96 -21.43
C GLU A 107 4.19 -20.39 -20.24
N ASP A 108 4.52 -19.44 -19.38
CA ASP A 108 5.31 -19.74 -18.19
C ASP A 108 4.47 -19.59 -16.94
N VAL A 109 4.49 -20.61 -16.10
CA VAL A 109 3.73 -20.62 -14.85
C VAL A 109 4.38 -21.57 -13.85
N PRO A 110 4.25 -21.30 -12.54
CA PRO A 110 4.82 -22.15 -11.49
C PRO A 110 4.18 -23.54 -11.48
N MET A 111 4.88 -24.51 -12.05
CA MET A 111 4.40 -25.88 -12.10
C MET A 111 5.48 -26.84 -11.59
N VAL A 112 5.06 -27.88 -10.90
CA VAL A 112 5.97 -28.88 -10.38
C VAL A 112 5.43 -30.27 -10.67
N LEU A 113 6.26 -31.12 -11.26
CA LEU A 113 5.86 -32.46 -11.59
C LEU A 113 6.12 -33.37 -10.41
N VAL A 114 5.06 -33.97 -9.90
CA VAL A 114 5.17 -34.85 -8.75
C VAL A 114 4.59 -36.24 -9.03
N GLY A 115 5.43 -37.25 -8.87
CA GLY A 115 4.98 -38.61 -9.09
C GLY A 115 4.72 -39.30 -7.76
N ASN A 116 3.50 -39.75 -7.56
CA ASN A 116 3.15 -40.42 -6.30
C ASN A 116 3.15 -41.93 -6.46
N LYS A 117 3.10 -42.62 -5.32
CA LYS A 117 3.09 -44.07 -5.27
C LYS A 117 4.38 -44.68 -5.83
N CYS A 118 5.48 -43.96 -5.64
CA CYS A 118 6.78 -44.40 -6.13
C CYS A 118 7.31 -45.61 -5.35
N ASP A 119 6.57 -46.04 -4.33
CA ASP A 119 6.97 -47.17 -3.51
C ASP A 119 6.29 -48.45 -3.99
N LEU A 120 5.46 -48.33 -5.01
CA LEU A 120 4.75 -49.48 -5.56
C LEU A 120 5.62 -50.26 -6.56
N PRO A 121 5.56 -51.60 -6.50
CA PRO A 121 6.34 -52.47 -7.38
C PRO A 121 5.73 -52.57 -8.77
N SER A 122 6.57 -52.85 -9.76
CA SER A 122 6.14 -52.99 -11.15
C SER A 122 5.50 -51.70 -11.68
N ARG A 123 6.27 -50.62 -11.63
CA ARG A 123 5.80 -49.33 -12.09
C ARG A 123 5.78 -49.27 -13.62
N THR A 124 4.76 -48.65 -14.17
CA THR A 124 4.63 -48.50 -15.61
C THR A 124 5.31 -47.21 -16.08
N VAL A 125 5.28 -46.20 -15.22
CA VAL A 125 5.89 -44.92 -15.54
C VAL A 125 7.29 -44.85 -14.92
N ASP A 126 8.30 -44.83 -15.78
CA ASP A 126 9.68 -44.79 -15.31
C ASP A 126 10.05 -43.36 -14.90
N THR A 127 11.09 -43.24 -14.11
CA THR A 127 11.54 -41.93 -13.66
C THR A 127 12.23 -41.19 -14.81
N LYS A 128 12.80 -41.97 -15.74
CA LYS A 128 13.48 -41.39 -16.89
C LYS A 128 12.52 -40.53 -17.72
N GLN A 129 11.42 -41.13 -18.16
CA GLN A 129 10.43 -40.41 -18.95
C GLN A 129 9.82 -39.25 -18.17
N ALA A 130 9.69 -39.44 -16.86
CA ALA A 130 9.12 -38.42 -15.99
C ALA A 130 10.05 -37.20 -15.93
N GLN A 131 11.33 -37.45 -15.72
CA GLN A 131 12.32 -36.38 -15.66
C GLN A 131 12.45 -35.72 -17.03
N ASP A 132 12.32 -36.54 -18.07
CA ASP A 132 12.39 -36.07 -19.46
C ASP A 132 11.31 -35.03 -19.72
N LEU A 133 10.09 -35.37 -19.34
CA LEU A 133 8.96 -34.49 -19.51
C LEU A 133 9.11 -33.23 -18.67
N ALA A 134 9.58 -33.40 -17.43
CA ALA A 134 9.77 -32.28 -16.52
C ALA A 134 10.79 -31.30 -17.10
N ARG A 135 11.88 -31.84 -17.63
CA ARG A 135 12.93 -31.03 -18.23
C ARG A 135 12.40 -30.31 -19.46
N SER A 136 11.54 -31.00 -20.21
CA SER A 136 10.94 -30.44 -21.42
C SER A 136 10.05 -29.25 -21.08
N TYR A 137 9.43 -29.29 -19.90
CA TYR A 137 8.56 -28.21 -19.46
C TYR A 137 9.39 -27.15 -18.73
N GLY A 138 10.60 -27.52 -18.34
CA GLY A 138 11.45 -26.62 -17.61
C GLY A 138 11.00 -26.52 -16.17
N ILE A 139 10.45 -27.61 -15.67
CA ILE A 139 9.94 -27.67 -14.31
C ILE A 139 10.62 -28.80 -13.53
N PRO A 140 10.68 -28.69 -12.21
CA PRO A 140 11.29 -29.73 -11.36
C PRO A 140 10.38 -30.94 -11.17
N PHE A 141 10.99 -32.11 -11.01
CA PHE A 141 10.26 -33.34 -10.80
C PHE A 141 10.73 -34.01 -9.51
N ILE A 142 9.78 -34.48 -8.72
CA ILE A 142 10.10 -35.13 -7.45
C ILE A 142 9.29 -36.41 -7.27
N GLU A 143 9.96 -37.49 -6.90
CA GLU A 143 9.31 -38.76 -6.64
C GLU A 143 8.75 -38.75 -5.23
N THR A 144 7.47 -39.05 -5.08
CA THR A 144 6.84 -39.04 -3.78
C THR A 144 6.04 -40.30 -3.50
N SER A 145 5.67 -40.45 -2.24
CA SER A 145 4.86 -41.56 -1.77
C SER A 145 4.06 -41.07 -0.58
N ALA A 146 2.79 -40.73 -0.82
CA ALA A 146 1.91 -40.21 0.23
C ALA A 146 1.73 -41.22 1.34
N LYS A 147 1.84 -42.48 0.99
CA LYS A 147 1.68 -43.57 1.94
C LYS A 147 2.81 -43.57 2.97
N THR A 148 3.96 -43.04 2.59
CA THR A 148 5.10 -42.97 3.49
C THR A 148 5.46 -41.53 3.82
N ARG A 149 4.79 -40.59 3.15
CA ARG A 149 5.01 -39.15 3.33
C ARG A 149 6.37 -38.71 2.79
N GLN A 150 7.05 -39.60 2.08
CA GLN A 150 8.37 -39.30 1.55
C GLN A 150 8.31 -38.40 0.32
N GLY A 151 9.04 -37.29 0.37
CA GLY A 151 9.10 -36.37 -0.74
C GLY A 151 7.97 -35.36 -0.79
N VAL A 152 6.87 -35.64 -0.10
CA VAL A 152 5.72 -34.76 -0.10
C VAL A 152 6.05 -33.42 0.54
N ASP A 153 6.80 -33.46 1.63
CA ASP A 153 7.18 -32.25 2.35
C ASP A 153 8.06 -31.36 1.49
N ASP A 154 8.86 -31.98 0.64
CA ASP A 154 9.75 -31.25 -0.25
C ASP A 154 9.01 -30.75 -1.48
N ALA A 155 8.14 -31.61 -2.01
CA ALA A 155 7.36 -31.28 -3.21
C ALA A 155 6.54 -30.02 -3.05
N PHE A 156 5.82 -29.92 -1.94
CA PHE A 156 4.99 -28.76 -1.65
C PHE A 156 5.83 -27.48 -1.61
N TYR A 157 6.94 -27.53 -0.89
CA TYR A 157 7.83 -26.38 -0.74
C TYR A 157 8.46 -25.99 -2.08
N THR A 158 8.66 -26.99 -2.95
CA THR A 158 9.25 -26.76 -4.26
C THR A 158 8.35 -25.87 -5.10
N LEU A 159 7.04 -26.12 -5.03
CA LEU A 159 6.07 -25.35 -5.78
C LEU A 159 6.07 -23.89 -5.32
N VAL A 160 6.29 -23.70 -4.03
CA VAL A 160 6.35 -22.37 -3.45
C VAL A 160 7.56 -21.59 -3.99
N ARG A 161 8.67 -22.30 -4.17
CA ARG A 161 9.89 -21.69 -4.69
C ARG A 161 9.68 -21.23 -6.13
N GLU A 162 8.89 -21.99 -6.87
CA GLU A 162 8.59 -21.66 -8.26
C GLU A 162 7.85 -20.33 -8.33
N ILE A 163 6.94 -20.12 -7.38
CA ILE A 163 6.17 -18.89 -7.33
C ILE A 163 7.08 -17.71 -7.08
N ARG A 164 8.04 -17.89 -6.18
CA ARG A 164 9.00 -16.83 -5.86
C ARG A 164 9.78 -16.41 -7.10
N LYS A 165 10.18 -17.40 -7.89
CA LYS A 165 10.93 -17.14 -9.12
C LYS A 165 10.05 -16.45 -10.15
N HIS A 166 8.83 -16.95 -10.28
CA HIS A 166 7.86 -16.41 -11.22
C HIS A 166 7.57 -14.93 -10.94
N LYS A 167 7.38 -14.60 -9.67
CA LYS A 167 7.12 -13.22 -9.27
C LYS A 167 8.25 -12.30 -9.71
N GLU A 168 9.49 -12.75 -9.52
CA GLU A 168 10.64 -11.96 -9.90
C GLU A 168 10.78 -11.88 -11.42
N LYS A 169 10.47 -13.00 -12.09
CA LYS A 169 10.54 -13.05 -13.54
C LYS A 169 9.56 -12.06 -14.15
N MET A 170 8.36 -12.00 -13.58
CA MET A 170 7.32 -11.09 -14.05
C MET A 170 7.72 -9.64 -13.80
N SER A 171 8.34 -9.38 -12.66
CA SER A 171 8.78 -8.04 -12.31
C SER A 171 9.96 -7.60 -13.17
N LYS A 172 10.85 -8.53 -13.46
CA LYS A 172 12.02 -8.26 -14.27
C LYS A 172 11.63 -8.14 -15.75
N ASP A 173 10.61 -8.92 -16.13
CA ASP A 173 10.08 -8.93 -17.51
C ASP A 173 11.06 -9.57 -18.49
N GLY A 174 12.15 -8.89 -18.77
CA GLY A 174 13.14 -9.41 -19.69
C GLY A 174 14.46 -8.69 -19.51
N LYS A 175 14.54 -7.49 -20.05
CA LYS A 175 15.74 -6.67 -19.94
C LYS A 175 15.49 -5.56 -18.95
N LYS A 176 14.78 -4.53 -19.40
CA LYS A 176 14.42 -3.38 -18.58
C LYS A 176 15.62 -2.74 -17.85
N LYS A 177 15.70 -3.00 -16.55
CA LYS A 177 16.74 -2.42 -15.71
C LYS A 177 18.11 -3.06 -15.93
N LYS A 178 18.20 -4.37 -15.71
CA LYS A 178 19.46 -5.11 -15.86
C LYS A 178 20.48 -4.66 -14.81
N LYS A 179 21.71 -5.12 -14.94
CA LYS A 179 22.77 -4.74 -14.01
C LYS A 179 23.70 -3.72 -14.68
N LYS A 180 25.01 -3.95 -14.60
CA LYS A 180 25.98 -3.04 -15.21
C LYS A 180 25.76 -2.94 -16.71
N SER A 181 25.45 -1.73 -17.16
CA SER A 181 25.20 -1.49 -18.58
C SER A 181 26.31 -0.65 -19.18
N LYS A 182 27.47 -0.62 -18.51
CA LYS A 182 28.62 0.13 -18.97
C LYS A 182 29.86 -0.77 -18.93
N THR A 183 30.69 -0.66 -19.95
CA THR A 183 31.91 -1.46 -20.04
C THR A 183 33.11 -0.63 -19.60
N LYS A 184 34.20 -1.30 -19.26
CA LYS A 184 35.41 -0.62 -18.83
C LYS A 184 36.47 -0.63 -19.93
N THR B 2 -9.25 -4.20 14.77
CA THR B 2 -10.61 -4.68 14.53
C THR B 2 -11.06 -5.62 15.65
N GLU B 3 -12.28 -5.43 16.11
CA GLU B 3 -12.85 -6.27 17.16
C GLU B 3 -13.48 -7.53 16.57
N TYR B 4 -13.20 -8.66 17.18
CA TYR B 4 -13.76 -9.93 16.72
C TYR B 4 -14.45 -10.65 17.87
N LYS B 5 -15.78 -10.58 17.90
CA LYS B 5 -16.55 -11.23 18.93
C LYS B 5 -16.87 -12.66 18.56
N LEU B 6 -16.32 -13.60 19.32
CA LEU B 6 -16.52 -15.01 19.06
C LEU B 6 -17.09 -15.70 20.30
N VAL B 7 -18.13 -16.49 20.11
CA VAL B 7 -18.75 -17.21 21.22
C VAL B 7 -18.50 -18.71 21.09
N VAL B 8 -18.12 -19.35 22.18
CA VAL B 8 -17.86 -20.78 22.19
C VAL B 8 -19.11 -21.54 22.63
N VAL B 9 -19.61 -22.39 21.74
CA VAL B 9 -20.80 -23.18 22.02
C VAL B 9 -20.45 -24.67 22.11
N GLY B 10 -21.35 -25.45 22.69
CA GLY B 10 -21.12 -26.87 22.84
C GLY B 10 -21.66 -27.37 24.15
N ALA B 11 -21.83 -28.68 24.26
CA ALA B 11 -22.36 -29.30 25.47
C ALA B 11 -21.36 -29.21 26.62
N ASP B 12 -21.73 -29.79 27.76
CA ASP B 12 -20.86 -29.77 28.93
C ASP B 12 -19.91 -30.96 28.93
N GLY B 13 -18.68 -30.73 29.36
CA GLY B 13 -17.69 -31.79 29.40
C GLY B 13 -17.03 -32.04 28.06
N VAL B 14 -17.02 -31.04 27.20
CA VAL B 14 -16.42 -31.20 25.89
C VAL B 14 -15.16 -30.34 25.77
N GLY B 15 -14.69 -29.81 26.90
CA GLY B 15 -13.51 -28.98 26.91
C GLY B 15 -13.80 -27.55 26.52
N LYS B 16 -14.87 -27.01 27.08
CA LYS B 16 -15.28 -25.64 26.79
C LYS B 16 -14.24 -24.63 27.29
N SER B 17 -13.96 -24.69 28.59
CA SER B 17 -13.00 -23.78 29.21
C SER B 17 -11.56 -24.18 28.92
N ALA B 18 -11.35 -25.47 28.68
CA ALA B 18 -10.02 -25.98 28.40
C ALA B 18 -9.39 -25.27 27.19
N LEU B 19 -10.17 -25.13 26.12
CA LEU B 19 -9.69 -24.48 24.91
C LEU B 19 -9.47 -22.99 25.08
N THR B 20 -10.30 -22.35 25.89
CA THR B 20 -10.17 -20.91 26.12
C THR B 20 -8.92 -20.58 26.93
N ILE B 21 -8.76 -21.25 28.07
CA ILE B 21 -7.62 -21.03 28.93
C ILE B 21 -6.32 -21.43 28.23
N GLN B 22 -6.40 -22.44 27.37
CA GLN B 22 -5.24 -22.92 26.63
C GLN B 22 -4.74 -21.89 25.62
N LEU B 23 -5.59 -20.91 25.30
CA LEU B 23 -5.21 -19.86 24.36
C LEU B 23 -4.88 -18.58 25.10
N ILE B 24 -5.67 -18.27 26.12
CA ILE B 24 -5.47 -17.06 26.91
C ILE B 24 -4.19 -17.13 27.74
N GLN B 25 -4.07 -18.18 28.54
CA GLN B 25 -2.89 -18.35 29.40
C GLN B 25 -1.92 -19.36 28.82
N ASN B 26 -2.43 -20.22 27.92
CA ASN B 26 -1.63 -21.24 27.25
C ASN B 26 -1.32 -22.44 28.15
N HIS B 27 -2.21 -22.71 29.11
CA HIS B 27 -2.02 -23.84 30.02
C HIS B 27 -3.35 -24.22 30.71
N PHE B 28 -3.26 -25.10 31.70
CA PHE B 28 -4.44 -25.55 32.44
C PHE B 28 -4.52 -24.85 33.79
N VAL B 29 -5.72 -24.74 34.33
CA VAL B 29 -5.93 -24.08 35.62
C VAL B 29 -5.68 -25.02 36.79
N ASP B 30 -5.30 -24.45 37.92
CA ASP B 30 -5.04 -25.22 39.12
C ASP B 30 -6.18 -25.02 40.10
N GLU B 31 -6.77 -23.84 40.05
CA GLU B 31 -7.88 -23.48 40.91
C GLU B 31 -9.19 -23.83 40.22
N TYR B 32 -10.31 -23.51 40.86
CA TYR B 32 -11.63 -23.78 40.28
C TYR B 32 -12.32 -22.47 39.91
N ASP B 33 -12.80 -22.39 38.67
CA ASP B 33 -13.48 -21.19 38.21
C ASP B 33 -14.66 -21.55 37.31
N PRO B 34 -15.87 -21.49 37.87
CA PRO B 34 -17.10 -21.81 37.14
C PRO B 34 -17.45 -20.72 36.13
N THR B 35 -17.14 -20.97 34.87
CA THR B 35 -17.42 -19.99 33.83
C THR B 35 -18.72 -20.32 33.10
N ILE B 36 -19.78 -19.59 33.44
CA ILE B 36 -21.08 -19.78 32.82
C ILE B 36 -21.24 -18.85 31.62
N GLU B 37 -20.74 -17.63 31.79
CA GLU B 37 -20.79 -16.61 30.75
C GLU B 37 -19.62 -15.65 30.96
N ASP B 38 -18.41 -16.20 30.88
CA ASP B 38 -17.20 -15.43 31.09
C ASP B 38 -16.50 -15.15 29.77
N SER B 39 -16.21 -13.89 29.51
CA SER B 39 -15.54 -13.51 28.29
C SER B 39 -14.08 -13.17 28.58
N TYR B 40 -13.23 -13.38 27.58
CA TYR B 40 -11.79 -13.10 27.71
C TYR B 40 -11.33 -12.22 26.57
N ARG B 41 -10.38 -11.33 26.85
CA ARG B 41 -9.85 -10.43 25.83
C ARG B 41 -8.35 -10.66 25.63
N LYS B 42 -7.93 -10.63 24.38
CA LYS B 42 -6.53 -10.82 24.04
C LYS B 42 -6.23 -10.24 22.66
N GLN B 43 -5.14 -9.51 22.57
CA GLN B 43 -4.73 -8.89 21.32
C GLN B 43 -3.63 -9.70 20.64
N VAL B 44 -3.94 -10.24 19.47
CA VAL B 44 -2.97 -11.04 18.72
C VAL B 44 -2.88 -10.55 17.28
N VAL B 45 -1.81 -10.92 16.59
CA VAL B 45 -1.61 -10.51 15.20
C VAL B 45 -1.84 -11.70 14.27
N ILE B 46 -2.89 -11.61 13.46
CA ILE B 46 -3.23 -12.66 12.53
C ILE B 46 -3.24 -12.11 11.11
N ASP B 47 -2.50 -12.75 10.21
CA ASP B 47 -2.43 -12.34 8.81
C ASP B 47 -1.82 -10.94 8.68
N GLY B 48 -1.04 -10.55 9.68
CA GLY B 48 -0.41 -9.24 9.66
C GLY B 48 -1.37 -8.16 10.12
N GLU B 49 -2.51 -8.57 10.68
CA GLU B 49 -3.51 -7.64 11.17
C GLU B 49 -3.68 -7.77 12.68
N THR B 50 -3.79 -6.65 13.37
CA THR B 50 -3.98 -6.63 14.81
C THR B 50 -5.46 -6.95 15.10
N CYS B 51 -5.71 -8.14 15.65
CA CYS B 51 -7.07 -8.54 15.94
C CYS B 51 -7.33 -8.63 17.44
N LEU B 52 -8.35 -7.90 17.89
CA LEU B 52 -8.75 -7.93 19.29
C LEU B 52 -9.86 -8.95 19.46
N LEU B 53 -9.51 -10.10 19.99
CA LEU B 53 -10.47 -11.18 20.16
C LEU B 53 -11.30 -11.05 21.44
N ASP B 54 -12.61 -11.17 21.27
CA ASP B 54 -13.55 -11.14 22.38
C ASP B 54 -14.25 -12.48 22.44
N ILE B 55 -13.60 -13.43 23.09
CA ILE B 55 -14.12 -14.78 23.20
C ILE B 55 -15.00 -14.95 24.42
N LEU B 56 -16.19 -15.47 24.20
CA LEU B 56 -17.14 -15.70 25.29
C LEU B 56 -17.28 -17.19 25.58
N ASP B 57 -16.89 -17.59 26.78
CA ASP B 57 -16.97 -18.97 27.20
C ASP B 57 -18.28 -19.20 27.95
N THR B 58 -19.29 -19.67 27.22
CA THR B 58 -20.60 -19.94 27.78
C THR B 58 -20.80 -21.42 28.08
N ALA B 59 -21.48 -21.70 29.20
CA ALA B 59 -21.75 -23.07 29.62
C ALA B 59 -22.70 -23.76 28.63
N GLY B 60 -22.66 -25.09 28.61
CA GLY B 60 -23.50 -25.85 27.71
C GLY B 60 -24.27 -26.94 28.43
N GLN B 61 -25.00 -26.55 29.46
CA GLN B 61 -25.79 -27.50 30.24
C GLN B 61 -27.27 -27.35 29.92
N GLU B 62 -27.55 -26.76 28.76
CA GLU B 62 -28.92 -26.53 28.31
C GLU B 62 -29.69 -25.64 29.28
N GLU B 63 -31.02 -25.77 29.27
CA GLU B 63 -31.89 -24.98 30.15
C GLU B 63 -31.96 -23.51 29.71
N TYR B 64 -30.80 -22.87 29.67
CA TYR B 64 -30.69 -21.47 29.27
C TYR B 64 -31.19 -21.27 27.84
N SER B 65 -32.42 -20.78 27.70
CA SER B 65 -33.01 -20.56 26.40
C SER B 65 -32.84 -19.11 25.97
N ALA B 66 -33.36 -18.19 26.78
CA ALA B 66 -33.26 -16.77 26.48
C ALA B 66 -31.84 -16.24 26.66
N MET B 67 -31.08 -16.92 27.52
CA MET B 67 -29.71 -16.54 27.80
C MET B 67 -28.85 -16.60 26.54
N ARG B 68 -29.06 -17.61 25.71
CA ARG B 68 -28.30 -17.76 24.49
C ARG B 68 -28.71 -16.75 23.42
N ASP B 69 -29.98 -16.38 23.44
CA ASP B 69 -30.52 -15.42 22.48
C ASP B 69 -29.80 -14.09 22.59
N GLN B 70 -29.41 -13.74 23.81
CA GLN B 70 -28.72 -12.48 24.07
C GLN B 70 -27.32 -12.44 23.43
N TYR B 71 -26.45 -13.34 23.85
CA TYR B 71 -25.08 -13.37 23.32
C TYR B 71 -24.99 -13.69 21.83
N MET B 72 -26.01 -14.39 21.30
CA MET B 72 -26.02 -14.73 19.88
C MET B 72 -26.19 -13.49 19.01
N ARG B 73 -26.73 -12.43 19.60
CA ARG B 73 -26.94 -11.18 18.88
C ARG B 73 -25.71 -10.28 19.02
N THR B 74 -24.87 -10.58 20.00
CA THR B 74 -23.66 -9.80 20.23
C THR B 74 -22.47 -10.40 19.50
N GLY B 75 -22.32 -11.72 19.62
CA GLY B 75 -21.21 -12.41 18.98
C GLY B 75 -21.36 -12.45 17.47
N GLU B 76 -20.25 -12.31 16.78
CA GLU B 76 -20.24 -12.31 15.32
C GLU B 76 -19.88 -13.69 14.80
N GLY B 77 -18.95 -14.36 15.48
CA GLY B 77 -18.55 -15.69 15.08
C GLY B 77 -18.84 -16.69 16.16
N PHE B 78 -19.08 -17.93 15.77
CA PHE B 78 -19.39 -18.98 16.73
C PHE B 78 -18.49 -20.20 16.57
N LEU B 79 -17.90 -20.63 17.66
CA LEU B 79 -17.02 -21.80 17.64
C LEU B 79 -17.79 -23.02 18.13
N CYS B 80 -17.98 -23.99 17.24
CA CYS B 80 -18.71 -25.19 17.57
C CYS B 80 -17.76 -26.29 18.05
N VAL B 81 -17.62 -26.40 19.36
CA VAL B 81 -16.74 -27.38 19.96
C VAL B 81 -17.51 -28.62 20.39
N PHE B 82 -17.14 -29.76 19.84
CA PHE B 82 -17.76 -31.02 20.17
C PHE B 82 -16.69 -32.05 20.49
N ALA B 83 -17.02 -33.01 21.34
CA ALA B 83 -16.07 -34.03 21.72
C ALA B 83 -16.22 -35.25 20.82
N ILE B 84 -15.10 -35.73 20.29
CA ILE B 84 -15.13 -36.89 19.39
C ILE B 84 -15.64 -38.14 20.09
N ASN B 85 -15.53 -38.16 21.41
CA ASN B 85 -15.98 -39.29 22.21
C ASN B 85 -17.37 -39.03 22.78
N ASN B 86 -18.00 -37.94 22.35
CA ASN B 86 -19.33 -37.58 22.81
C ASN B 86 -20.27 -37.41 21.63
N THR B 87 -21.10 -38.42 21.39
CA THR B 87 -22.04 -38.41 20.28
C THR B 87 -23.09 -37.29 20.43
N LYS B 88 -23.54 -37.07 21.66
CA LYS B 88 -24.54 -36.05 21.94
C LYS B 88 -24.05 -34.66 21.52
N SER B 89 -22.79 -34.36 21.80
CA SER B 89 -22.23 -33.06 21.47
C SER B 89 -22.16 -32.82 19.96
N PHE B 90 -22.04 -33.89 19.18
CA PHE B 90 -21.98 -33.77 17.73
C PHE B 90 -23.35 -33.42 17.16
N GLU B 91 -24.39 -34.04 17.71
CA GLU B 91 -25.75 -33.78 17.28
C GLU B 91 -26.19 -32.38 17.70
N ASP B 92 -25.71 -31.97 18.86
CA ASP B 92 -26.03 -30.65 19.41
C ASP B 92 -25.55 -29.53 18.49
N ILE B 93 -24.55 -29.82 17.68
CA ILE B 93 -23.99 -28.84 16.75
C ILE B 93 -25.08 -28.33 15.79
N HIS B 94 -25.85 -29.26 15.23
CA HIS B 94 -26.91 -28.89 14.30
C HIS B 94 -27.97 -28.07 15.03
N HIS B 95 -28.29 -28.50 16.25
CA HIS B 95 -29.28 -27.81 17.07
C HIS B 95 -28.85 -26.37 17.33
N TYR B 96 -27.56 -26.19 17.60
CA TYR B 96 -27.02 -24.86 17.85
C TYR B 96 -27.14 -23.99 16.61
N ARG B 97 -26.74 -24.55 15.47
CA ARG B 97 -26.79 -23.83 14.20
C ARG B 97 -28.19 -23.34 13.90
N GLU B 98 -29.17 -24.23 14.08
CA GLU B 98 -30.57 -23.90 13.84
C GLU B 98 -31.01 -22.72 14.70
N GLN B 99 -30.60 -22.74 15.96
CA GLN B 99 -30.93 -21.68 16.89
C GLN B 99 -30.30 -20.38 16.45
N ILE B 100 -29.02 -20.45 16.07
CA ILE B 100 -28.28 -19.28 15.61
C ILE B 100 -28.94 -18.64 14.40
N LYS B 101 -29.43 -19.47 13.49
CA LYS B 101 -30.10 -18.99 12.29
C LYS B 101 -31.43 -18.30 12.61
N ARG B 102 -32.01 -18.65 13.75
CA ARG B 102 -33.27 -18.08 14.18
C ARG B 102 -33.06 -16.74 14.88
N VAL B 103 -32.13 -16.73 15.82
CA VAL B 103 -31.83 -15.52 16.60
C VAL B 103 -31.26 -14.41 15.72
N LYS B 104 -30.16 -14.71 15.04
CA LYS B 104 -29.50 -13.74 14.17
C LYS B 104 -30.29 -13.55 12.88
N ASP B 105 -31.16 -14.51 12.59
CA ASP B 105 -31.99 -14.48 11.39
C ASP B 105 -31.14 -14.33 10.14
N SER B 106 -30.29 -15.32 9.92
CA SER B 106 -29.39 -15.33 8.78
C SER B 106 -28.99 -16.76 8.45
N GLU B 107 -29.01 -17.10 7.16
CA GLU B 107 -28.65 -18.45 6.72
C GLU B 107 -27.12 -18.59 6.72
N ASP B 108 -26.42 -17.48 6.54
CA ASP B 108 -24.97 -17.48 6.52
C ASP B 108 -24.43 -16.84 7.79
N VAL B 109 -23.77 -17.65 8.62
CA VAL B 109 -23.18 -17.18 9.86
C VAL B 109 -21.81 -17.81 10.03
N PRO B 110 -20.78 -17.00 10.35
CA PRO B 110 -19.41 -17.48 10.55
C PRO B 110 -19.33 -18.48 11.70
N MET B 111 -19.25 -19.75 11.35
CA MET B 111 -19.16 -20.82 12.34
C MET B 111 -18.09 -21.84 11.94
N VAL B 112 -17.32 -22.31 12.91
CA VAL B 112 -16.27 -23.28 12.66
C VAL B 112 -16.49 -24.51 13.53
N LEU B 113 -16.36 -25.70 12.93
CA LEU B 113 -16.54 -26.96 13.66
C LEU B 113 -15.19 -27.49 14.13
N VAL B 114 -15.06 -27.69 15.44
CA VAL B 114 -13.81 -28.17 16.01
C VAL B 114 -14.03 -29.42 16.87
N GLY B 115 -13.27 -30.46 16.58
CA GLY B 115 -13.37 -31.69 17.35
C GLY B 115 -12.37 -31.68 18.48
N ASN B 116 -12.86 -31.59 19.71
CA ASN B 116 -11.98 -31.52 20.88
C ASN B 116 -11.79 -32.89 21.54
N LYS B 117 -10.82 -32.95 22.44
CA LYS B 117 -10.48 -34.18 23.18
C LYS B 117 -9.84 -35.23 22.29
N CYS B 118 -8.56 -35.08 22.02
CA CYS B 118 -7.85 -36.02 21.16
C CYS B 118 -6.70 -36.71 21.91
N ASP B 119 -7.01 -37.27 23.06
CA ASP B 119 -6.00 -37.99 23.85
C ASP B 119 -5.98 -39.47 23.49
N LEU B 120 -7.02 -39.90 22.80
CA LEU B 120 -7.13 -41.28 22.36
C LEU B 120 -6.20 -41.52 21.17
N PRO B 121 -5.57 -42.70 21.11
CA PRO B 121 -4.64 -43.06 20.03
C PRO B 121 -5.36 -43.33 18.71
N SER B 122 -4.75 -44.18 17.87
CA SER B 122 -5.32 -44.55 16.59
C SER B 122 -6.76 -45.03 16.75
N ARG B 123 -7.66 -44.44 15.99
CA ARG B 123 -9.06 -44.78 16.07
C ARG B 123 -9.63 -45.13 14.70
N THR B 124 -10.56 -46.05 14.67
CA THR B 124 -11.20 -46.48 13.44
C THR B 124 -12.28 -45.49 13.00
N VAL B 125 -12.70 -44.63 13.93
CA VAL B 125 -13.72 -43.63 13.66
C VAL B 125 -13.34 -42.76 12.47
N ASP B 126 -14.18 -42.78 11.45
CA ASP B 126 -13.95 -42.02 10.23
C ASP B 126 -14.18 -40.53 10.44
N THR B 127 -13.41 -39.73 9.74
CA THR B 127 -13.51 -38.28 9.84
C THR B 127 -14.02 -37.72 8.51
N LYS B 128 -13.98 -38.56 7.48
CA LYS B 128 -14.42 -38.15 6.15
C LYS B 128 -15.92 -37.89 6.14
N GLN B 129 -16.66 -38.63 6.95
CA GLN B 129 -18.11 -38.47 7.04
C GLN B 129 -18.48 -37.08 7.58
N ALA B 130 -17.62 -36.55 8.45
CA ALA B 130 -17.84 -35.25 9.05
C ALA B 130 -17.55 -34.16 8.02
N GLN B 131 -16.49 -34.36 7.25
CA GLN B 131 -16.10 -33.41 6.22
C GLN B 131 -17.18 -33.31 5.16
N ASP B 132 -17.83 -34.43 4.90
CA ASP B 132 -18.91 -34.50 3.92
C ASP B 132 -20.08 -33.62 4.34
N LEU B 133 -20.48 -33.75 5.59
CA LEU B 133 -21.60 -32.97 6.13
C LEU B 133 -21.24 -31.48 6.16
N ALA B 134 -20.02 -31.18 6.61
CA ALA B 134 -19.55 -29.81 6.68
C ALA B 134 -19.46 -29.17 5.31
N ARG B 135 -19.14 -29.98 4.31
CA ARG B 135 -19.01 -29.52 2.93
C ARG B 135 -20.32 -28.94 2.41
N SER B 136 -21.42 -29.65 2.66
CA SER B 136 -22.72 -29.21 2.20
C SER B 136 -23.24 -28.05 3.05
N TYR B 137 -22.67 -27.87 4.24
CA TYR B 137 -23.10 -26.79 5.12
C TYR B 137 -22.31 -25.52 4.88
N GLY B 138 -21.12 -25.66 4.29
CA GLY B 138 -20.28 -24.52 4.03
C GLY B 138 -19.54 -24.06 5.26
N ILE B 139 -19.21 -25.01 6.14
CA ILE B 139 -18.51 -24.70 7.37
C ILE B 139 -17.15 -25.40 7.40
N PRO B 140 -16.13 -24.74 7.97
CA PRO B 140 -14.79 -25.30 8.08
C PRO B 140 -14.67 -26.29 9.22
N PHE B 141 -13.96 -27.38 8.97
CA PHE B 141 -13.74 -28.41 9.96
C PHE B 141 -12.26 -28.76 10.00
N ILE B 142 -11.66 -28.64 11.18
CA ILE B 142 -10.24 -28.93 11.33
C ILE B 142 -9.97 -29.80 12.56
N GLU B 143 -8.80 -30.42 12.57
CA GLU B 143 -8.40 -31.28 13.67
C GLU B 143 -7.59 -30.47 14.66
N THR B 144 -7.78 -30.72 15.95
CA THR B 144 -7.06 -29.98 16.98
C THR B 144 -6.64 -30.86 18.15
N SER B 145 -5.37 -30.80 18.51
CA SER B 145 -4.85 -31.56 19.62
C SER B 145 -4.19 -30.60 20.61
N ALA B 146 -4.89 -30.33 21.72
CA ALA B 146 -4.39 -29.42 22.73
C ALA B 146 -3.24 -30.02 23.51
N LYS B 147 -3.21 -31.36 23.56
CA LYS B 147 -2.17 -32.08 24.28
C LYS B 147 -0.80 -31.84 23.67
N THR B 148 -0.69 -32.06 22.36
CA THR B 148 0.57 -31.87 21.66
C THR B 148 0.71 -30.45 21.14
N ARG B 149 -0.38 -29.69 21.23
CA ARG B 149 -0.42 -28.29 20.77
C ARG B 149 -0.21 -28.19 19.27
N GLN B 150 -0.90 -29.05 18.54
CA GLN B 150 -0.81 -29.05 17.08
C GLN B 150 -2.16 -28.71 16.46
N GLY B 151 -2.16 -27.74 15.57
CA GLY B 151 -3.38 -27.32 14.91
C GLY B 151 -4.12 -26.26 15.72
N VAL B 152 -3.64 -25.98 16.91
CA VAL B 152 -4.27 -25.00 17.80
C VAL B 152 -4.24 -23.60 17.17
N ASP B 153 -3.06 -23.16 16.81
CA ASP B 153 -2.87 -21.83 16.22
C ASP B 153 -3.62 -21.71 14.90
N ASP B 154 -3.46 -22.71 14.05
CA ASP B 154 -4.10 -22.73 12.74
C ASP B 154 -5.62 -22.64 12.85
N ALA B 155 -6.18 -23.33 13.84
CA ALA B 155 -7.63 -23.34 14.06
C ALA B 155 -8.15 -21.94 14.35
N PHE B 156 -7.57 -21.29 15.35
CA PHE B 156 -7.98 -19.95 15.73
C PHE B 156 -7.79 -18.94 14.59
N TYR B 157 -6.70 -19.10 13.84
CA TYR B 157 -6.42 -18.21 12.73
C TYR B 157 -7.50 -18.34 11.65
N THR B 158 -8.05 -19.55 11.51
CA THR B 158 -9.09 -19.81 10.53
C THR B 158 -10.43 -19.23 10.99
N LEU B 159 -10.71 -19.34 12.29
CA LEU B 159 -11.95 -18.83 12.87
C LEU B 159 -12.13 -17.34 12.58
N VAL B 160 -11.04 -16.58 12.70
CA VAL B 160 -11.06 -15.15 12.46
C VAL B 160 -11.08 -14.84 10.95
N ARG B 161 -10.37 -15.67 10.18
CA ARG B 161 -10.28 -15.48 8.73
C ARG B 161 -11.65 -15.56 8.06
N GLU B 162 -12.55 -16.34 8.64
CA GLU B 162 -13.91 -16.49 8.11
C GLU B 162 -14.64 -15.15 8.04
N ILE B 163 -14.45 -14.33 9.06
CA ILE B 163 -15.09 -13.03 9.11
C ILE B 163 -14.53 -12.08 8.05
N ARG B 164 -13.24 -12.22 7.75
CA ARG B 164 -12.61 -11.40 6.72
C ARG B 164 -13.06 -11.82 5.34
N LYS B 165 -13.19 -13.13 5.16
CA LYS B 165 -13.64 -13.69 3.88
C LYS B 165 -15.02 -13.15 3.54
N HIS B 166 -15.85 -12.97 4.57
CA HIS B 166 -17.20 -12.45 4.41
C HIS B 166 -17.18 -11.08 3.72
N LYS B 167 -16.19 -10.27 4.05
CA LYS B 167 -16.06 -8.94 3.48
C LYS B 167 -15.74 -9.00 1.99
N GLU B 168 -14.73 -9.78 1.64
CA GLU B 168 -14.32 -9.92 0.25
C GLU B 168 -15.40 -10.63 -0.56
N LYS B 169 -15.98 -11.68 0.02
CA LYS B 169 -17.03 -12.45 -0.63
C LYS B 169 -18.25 -11.57 -0.91
N MET B 170 -18.57 -10.70 0.04
CA MET B 170 -19.71 -9.80 -0.12
C MET B 170 -19.44 -8.79 -1.23
N SER B 171 -18.17 -8.38 -1.36
CA SER B 171 -17.78 -7.44 -2.39
C SER B 171 -17.94 -8.07 -3.77
N LYS B 172 -17.78 -9.38 -3.83
CA LYS B 172 -17.92 -10.13 -5.07
C LYS B 172 -19.38 -10.38 -5.36
N ASP B 173 -20.11 -10.84 -4.34
CA ASP B 173 -21.55 -11.18 -4.45
C ASP B 173 -21.98 -11.90 -5.72
N GLY B 174 -22.41 -11.15 -6.71
CA GLY B 174 -22.87 -11.73 -7.96
C GLY B 174 -24.07 -10.97 -8.48
N LYS B 175 -24.95 -10.61 -7.57
CA LYS B 175 -26.15 -9.85 -7.90
C LYS B 175 -26.68 -9.23 -6.61
N LYS B 176 -27.89 -8.68 -6.68
CA LYS B 176 -28.55 -8.05 -5.52
C LYS B 176 -27.93 -6.72 -5.12
N LYS B 177 -26.61 -6.69 -4.98
CA LYS B 177 -25.92 -5.48 -4.59
C LYS B 177 -25.13 -4.88 -5.74
N LYS B 178 -23.87 -5.31 -5.89
CA LYS B 178 -22.99 -4.82 -6.94
C LYS B 178 -22.87 -3.30 -6.87
N LYS B 179 -22.14 -2.80 -5.88
CA LYS B 179 -21.97 -1.37 -5.71
C LYS B 179 -20.89 -0.81 -6.63
N LYS B 180 -19.65 -1.24 -6.42
CA LYS B 180 -18.53 -0.76 -7.22
C LYS B 180 -18.65 -1.21 -8.68
N SER B 181 -18.75 -0.24 -9.58
CA SER B 181 -18.86 -0.52 -11.00
C SER B 181 -17.46 -0.67 -11.62
N LYS B 182 -17.41 -1.23 -12.81
CA LYS B 182 -16.14 -1.43 -13.51
C LYS B 182 -16.38 -1.51 -15.01
N THR B 183 -16.09 -0.42 -15.71
CA THR B 183 -16.27 -0.38 -17.15
C THR B 183 -15.28 0.57 -17.80
N LYS B 184 -14.78 0.21 -18.97
CA LYS B 184 -13.84 1.05 -19.69
C LYS B 184 -14.51 1.71 -20.89
N SER C 14 22.74 7.30 -43.52
CA SER C 14 22.91 7.03 -42.10
C SER C 14 24.35 6.60 -41.79
N THR C 15 25.17 6.59 -42.84
CA THR C 15 26.58 6.21 -42.74
C THR C 15 27.34 7.17 -41.83
N PHE C 16 26.78 8.36 -41.63
CA PHE C 16 27.38 9.39 -40.79
C PHE C 16 27.67 8.86 -39.38
N SER C 17 26.86 7.92 -38.93
CA SER C 17 27.03 7.34 -37.61
C SER C 17 28.34 6.58 -37.52
N LYS C 18 28.57 5.71 -38.49
CA LYS C 18 29.77 4.90 -38.54
C LYS C 18 31.00 5.77 -38.74
N LEU C 19 30.82 6.92 -39.39
CA LEU C 19 31.93 7.85 -39.63
C LEU C 19 32.51 8.35 -38.31
N ARG C 20 31.64 8.91 -37.46
CA ARG C 20 32.08 9.44 -36.18
C ARG C 20 32.43 8.31 -35.21
N GLU C 21 31.73 7.18 -35.33
CA GLU C 21 31.94 6.04 -34.47
C GLU C 21 33.36 5.48 -34.61
N GLN C 22 33.94 5.63 -35.80
CA GLN C 22 35.29 5.11 -36.05
C GLN C 22 36.34 6.19 -35.82
N LEU C 23 35.92 7.45 -35.82
CA LEU C 23 36.84 8.57 -35.64
C LEU C 23 37.13 8.80 -34.16
N GLY C 24 36.11 8.61 -33.34
CA GLY C 24 36.24 8.82 -31.91
C GLY C 24 37.37 8.02 -31.25
N PRO C 25 37.33 6.66 -31.31
CA PRO C 25 38.34 5.78 -30.71
C PRO C 25 39.79 6.23 -30.95
N VAL C 26 40.09 6.64 -32.18
CA VAL C 26 41.45 7.08 -32.52
C VAL C 26 41.92 8.21 -31.61
N THR C 27 41.17 9.31 -31.62
CA THR C 27 41.50 10.47 -30.80
C THR C 27 41.32 10.17 -29.32
N GLN C 28 40.37 9.30 -29.01
CA GLN C 28 40.09 8.91 -27.63
C GLN C 28 41.31 8.33 -26.96
N GLU C 29 42.03 7.48 -27.67
CA GLU C 29 43.23 6.84 -27.15
C GLU C 29 44.30 7.89 -26.82
N PHE C 30 44.40 8.89 -27.67
CA PHE C 30 45.38 9.97 -27.49
C PHE C 30 44.95 10.90 -26.35
N TRP C 31 43.69 11.32 -26.39
CA TRP C 31 43.13 12.23 -25.38
C TRP C 31 43.23 11.65 -23.98
N ASP C 32 42.86 10.38 -23.84
CA ASP C 32 42.90 9.71 -22.55
C ASP C 32 44.33 9.61 -22.04
N ASN C 33 45.25 9.21 -22.92
CA ASN C 33 46.65 9.06 -22.55
C ASN C 33 47.24 10.40 -22.13
N LEU C 34 46.85 11.46 -22.83
CA LEU C 34 47.31 12.80 -22.52
C LEU C 34 46.87 13.22 -21.13
N GLU C 35 45.65 12.87 -20.77
CA GLU C 35 45.10 13.20 -19.46
C GLU C 35 45.70 12.30 -18.39
N LYS C 36 45.90 11.03 -18.73
CA LYS C 36 46.48 10.05 -17.81
C LYS C 36 47.84 10.53 -17.29
N GLU C 37 48.59 11.17 -18.17
CA GLU C 37 49.91 11.70 -17.82
C GLU C 37 49.76 12.82 -16.80
N THR C 38 48.83 13.73 -17.07
CA THR C 38 48.57 14.86 -16.19
C THR C 38 47.97 14.37 -14.87
N GLU C 39 47.23 13.27 -14.92
CA GLU C 39 46.62 12.68 -13.74
C GLU C 39 47.70 12.27 -12.75
N GLY C 40 48.78 11.69 -13.28
CA GLY C 40 49.88 11.27 -12.44
C GLY C 40 50.49 12.44 -11.69
N LEU C 41 50.68 13.55 -12.41
CA LEU C 41 51.23 14.76 -11.80
C LEU C 41 50.30 15.30 -10.73
N ARG C 42 49.01 15.26 -11.01
CA ARG C 42 48.01 15.72 -10.06
C ARG C 42 48.01 14.85 -8.81
N GLN C 43 48.15 13.55 -9.01
CA GLN C 43 48.18 12.60 -7.89
C GLN C 43 49.41 12.83 -7.02
N GLU C 44 50.52 13.22 -7.64
CA GLU C 44 51.75 13.49 -6.91
C GLU C 44 51.55 14.68 -5.98
N MET C 45 50.85 15.70 -6.48
CA MET C 45 50.58 16.90 -5.70
C MET C 45 49.72 16.57 -4.49
N SER C 46 48.78 15.65 -4.68
CA SER C 46 47.89 15.24 -3.61
C SER C 46 48.66 14.46 -2.55
N LYS C 47 49.55 13.59 -2.98
CA LYS C 47 50.36 12.80 -2.05
C LYS C 47 51.28 13.69 -1.22
N ASP C 48 51.74 14.76 -1.85
CA ASP C 48 52.61 15.73 -1.18
C ASP C 48 51.86 16.44 -0.06
N LEU C 49 50.67 16.95 -0.38
CA LEU C 49 49.84 17.63 0.60
C LEU C 49 49.38 16.66 1.69
N GLU C 50 49.20 15.40 1.30
CA GLU C 50 48.78 14.35 2.23
C GLU C 50 49.77 14.25 3.39
N GLU C 51 51.05 14.30 3.06
CA GLU C 51 52.09 14.21 4.08
C GLU C 51 52.12 15.46 4.96
N VAL C 52 51.96 16.62 4.35
CA VAL C 52 51.94 17.88 5.09
C VAL C 52 50.82 17.87 6.13
N LYS C 53 49.68 17.34 5.74
CA LYS C 53 48.52 17.24 6.63
C LYS C 53 48.83 16.38 7.85
N ALA C 54 49.59 15.32 7.63
CA ALA C 54 49.95 14.40 8.72
C ALA C 54 51.15 14.92 9.52
N LYS C 55 51.82 15.93 8.99
CA LYS C 55 52.98 16.50 9.67
C LYS C 55 52.60 17.56 10.69
N VAL C 56 51.59 18.37 10.39
CA VAL C 56 51.15 19.41 11.32
C VAL C 56 50.04 18.92 12.25
N GLN C 57 49.49 17.76 11.94
CA GLN C 57 48.41 17.17 12.75
C GLN C 57 48.81 16.92 14.21
N PRO C 58 49.93 16.22 14.48
CA PRO C 58 50.38 15.93 15.86
C PRO C 58 50.46 17.18 16.74
N TYR C 59 50.88 18.29 16.15
CA TYR C 59 51.00 19.54 16.88
C TYR C 59 49.62 20.10 17.21
N LEU C 60 48.71 20.04 16.25
CA LEU C 60 47.35 20.54 16.44
C LEU C 60 46.63 19.77 17.54
N ASP C 61 46.87 18.46 17.55
CA ASP C 61 46.25 17.57 18.54
C ASP C 61 46.62 17.95 19.96
N ASP C 62 47.91 18.15 20.22
CA ASP C 62 48.37 18.51 21.56
C ASP C 62 47.86 19.89 21.97
N PHE C 63 47.79 20.80 21.00
CA PHE C 63 47.30 22.14 21.26
C PHE C 63 45.83 22.08 21.69
N GLN C 64 45.10 21.15 21.09
CA GLN C 64 43.68 20.96 21.41
C GLN C 64 43.54 20.33 22.79
N LYS C 65 44.53 19.53 23.17
CA LYS C 65 44.53 18.88 24.48
C LYS C 65 44.74 19.90 25.60
N LYS C 66 45.64 20.85 25.37
CA LYS C 66 45.92 21.90 26.35
C LYS C 66 44.65 22.70 26.65
N TRP C 67 43.95 23.07 25.59
CA TRP C 67 42.72 23.84 25.71
C TRP C 67 41.67 23.04 26.46
N GLN C 68 41.64 21.73 26.21
CA GLN C 68 40.66 20.85 26.85
C GLN C 68 40.83 20.85 28.37
N GLU C 69 42.08 20.87 28.83
CA GLU C 69 42.38 20.88 30.25
C GLU C 69 41.94 22.20 30.89
N GLU C 70 42.24 23.31 30.20
CA GLU C 70 41.87 24.62 30.71
C GLU C 70 40.36 24.75 30.84
N MET C 71 39.63 24.25 29.84
CA MET C 71 38.17 24.30 29.86
C MET C 71 37.62 23.40 30.96
N GLU C 72 38.31 22.28 31.18
CA GLU C 72 37.92 21.32 32.19
C GLU C 72 38.01 21.93 33.58
N LEU C 73 39.11 22.62 33.84
CA LEU C 73 39.34 23.26 35.13
C LEU C 73 38.22 24.24 35.45
N TYR C 74 37.83 25.04 34.47
CA TYR C 74 36.77 26.02 34.66
C TYR C 74 35.44 25.34 34.97
N ARG C 75 35.18 24.21 34.31
CA ARG C 75 33.94 23.47 34.53
C ARG C 75 33.83 23.03 35.98
N GLN C 76 34.97 22.68 36.56
CA GLN C 76 35.03 22.25 37.95
C GLN C 76 34.87 23.45 38.89
N LYS C 77 35.50 24.57 38.53
CA LYS C 77 35.45 25.80 39.33
C LYS C 77 34.06 26.42 39.34
N VAL C 78 33.37 26.37 38.22
CA VAL C 78 32.03 26.96 38.11
C VAL C 78 30.95 26.05 38.69
N GLU C 79 31.32 24.81 39.00
CA GLU C 79 30.39 23.84 39.54
C GLU C 79 29.75 24.27 40.87
N PRO C 80 30.56 24.57 41.91
CA PRO C 80 30.04 24.99 43.22
C PRO C 80 29.16 26.23 43.11
N LEU C 81 29.59 27.18 42.28
CA LEU C 81 28.85 28.41 42.07
C LEU C 81 27.47 28.11 41.49
N ARG C 82 27.43 27.22 40.50
CA ARG C 82 26.18 26.84 39.85
C ARG C 82 25.19 26.31 40.88
N ALA C 83 25.69 25.49 41.80
CA ALA C 83 24.85 24.91 42.84
C ALA C 83 24.29 25.98 43.76
N GLU C 84 25.16 26.93 44.15
CA GLU C 84 24.76 28.03 45.02
C GLU C 84 23.68 28.88 44.36
N LEU C 85 23.89 29.23 43.10
CA LEU C 85 22.95 30.04 42.35
C LEU C 85 21.60 29.34 42.21
N GLN C 86 21.63 28.04 42.00
CA GLN C 86 20.41 27.25 41.85
C GLN C 86 19.58 27.26 43.11
N GLU C 87 20.24 27.09 44.24
CA GLU C 87 19.57 27.07 45.54
C GLU C 87 19.02 28.46 45.89
N GLY C 88 19.82 29.49 45.65
CA GLY C 88 19.39 30.85 45.94
C GLY C 88 18.12 31.23 45.21
N ALA C 89 18.02 30.82 43.95
CA ALA C 89 16.85 31.12 43.14
C ALA C 89 15.65 30.28 43.57
N ARG C 90 15.92 29.08 44.07
CA ARG C 90 14.86 28.17 44.51
C ARG C 90 14.05 28.76 45.67
N GLN C 91 14.73 29.47 46.55
CA GLN C 91 14.08 30.07 47.71
C GLN C 91 13.09 31.17 47.33
N LYS C 92 13.32 31.81 46.20
CA LYS C 92 12.45 32.89 45.75
C LYS C 92 11.02 32.43 45.46
N LEU C 93 10.85 31.56 44.47
CA LEU C 93 9.52 31.09 44.09
C LEU C 93 8.81 30.32 45.20
N HIS C 94 9.57 29.60 46.00
CA HIS C 94 9.00 28.82 47.09
C HIS C 94 8.24 29.73 48.07
N GLU C 95 8.76 30.92 48.27
CA GLU C 95 8.14 31.87 49.19
C GLU C 95 7.07 32.69 48.47
N LEU C 96 7.36 33.07 47.22
CA LEU C 96 6.44 33.87 46.43
C LEU C 96 5.13 33.16 46.10
N GLN C 97 5.22 31.90 45.67
CA GLN C 97 4.04 31.12 45.31
C GLN C 97 3.11 30.91 46.51
N GLU C 98 3.70 30.87 47.70
CA GLU C 98 2.94 30.66 48.91
C GLU C 98 2.04 31.86 49.24
N LYS C 99 2.41 33.02 48.73
CA LYS C 99 1.64 34.23 48.98
C LYS C 99 0.64 34.50 47.87
N LEU C 100 0.68 33.69 46.82
CA LEU C 100 -0.22 33.86 45.68
C LEU C 100 -1.30 32.79 45.62
N SER C 101 -0.93 31.55 45.92
CA SER C 101 -1.85 30.42 45.88
C SER C 101 -3.21 30.65 46.57
N PRO C 102 -3.23 31.06 47.86
CA PRO C 102 -4.50 31.28 48.58
C PRO C 102 -5.46 32.21 47.85
N LEU C 103 -4.95 33.37 47.42
CA LEU C 103 -5.77 34.35 46.71
C LEU C 103 -6.24 33.82 45.35
N GLY C 104 -5.38 33.07 44.68
CA GLY C 104 -5.73 32.52 43.38
C GLY C 104 -6.75 31.41 43.50
N GLU C 105 -6.62 30.62 44.55
CA GLU C 105 -7.51 29.50 44.79
C GLU C 105 -8.95 29.98 45.03
N GLU C 106 -9.10 30.99 45.88
CA GLU C 106 -10.41 31.55 46.18
C GLU C 106 -11.09 32.07 44.92
N MET C 107 -10.33 32.82 44.12
CA MET C 107 -10.85 33.40 42.89
C MET C 107 -11.31 32.31 41.93
N ARG C 108 -10.49 31.28 41.75
CA ARG C 108 -10.81 30.18 40.85
C ARG C 108 -12.13 29.51 41.25
N ASP C 109 -12.25 29.22 42.53
CA ASP C 109 -13.45 28.56 43.06
C ASP C 109 -14.69 29.42 42.88
N ARG C 110 -14.61 30.67 43.31
CA ARG C 110 -15.73 31.60 43.22
C ARG C 110 -16.12 31.91 41.78
N ALA C 111 -15.16 31.83 40.87
CA ALA C 111 -15.42 32.09 39.46
C ALA C 111 -16.31 31.00 38.87
N ARG C 112 -16.10 29.77 39.33
CA ARG C 112 -16.90 28.62 38.88
C ARG C 112 -18.36 28.82 39.24
N ALA C 113 -18.59 29.34 40.44
CA ALA C 113 -19.94 29.59 40.94
C ALA C 113 -20.66 30.62 40.09
N HIS C 114 -19.91 31.59 39.58
CA HIS C 114 -20.49 32.64 38.75
C HIS C 114 -20.99 32.05 37.42
N VAL C 115 -20.16 31.23 36.80
CA VAL C 115 -20.52 30.59 35.54
C VAL C 115 -21.70 29.63 35.76
N ASP C 116 -21.73 29.04 36.94
CA ASP C 116 -22.78 28.11 37.32
C ASP C 116 -24.12 28.84 37.44
N ALA C 117 -24.12 29.93 38.21
CA ALA C 117 -25.31 30.73 38.43
C ALA C 117 -25.84 31.29 37.12
N LEU C 118 -24.92 31.72 36.27
CA LEU C 118 -25.26 32.28 34.97
C LEU C 118 -25.99 31.23 34.14
N ARG C 119 -25.49 30.01 34.21
CA ARG C 119 -26.06 28.89 33.46
C ARG C 119 -27.51 28.61 33.87
N THR C 120 -27.73 28.47 35.18
CA THR C 120 -29.06 28.18 35.69
C THR C 120 -30.05 29.33 35.48
N HIS C 121 -29.54 30.56 35.42
CA HIS C 121 -30.40 31.71 35.23
C HIS C 121 -30.74 31.94 33.75
N LEU C 122 -29.81 31.57 32.88
CA LEU C 122 -30.01 31.75 31.45
C LEU C 122 -30.97 30.72 30.86
N ALA C 123 -31.05 29.56 31.50
CA ALA C 123 -31.91 28.48 31.03
C ALA C 123 -33.41 28.81 30.95
N PRO C 124 -34.06 29.18 32.07
CA PRO C 124 -35.51 29.47 32.10
C PRO C 124 -35.97 30.51 31.08
N TYR C 125 -35.18 31.56 30.89
CA TYR C 125 -35.56 32.62 29.97
C TYR C 125 -35.31 32.25 28.51
N SER C 126 -34.21 31.56 28.24
CA SER C 126 -33.88 31.16 26.89
C SER C 126 -34.73 29.96 26.44
N ASP C 127 -35.28 29.23 27.40
CA ASP C 127 -36.12 28.07 27.10
C ASP C 127 -37.37 28.48 26.34
N GLU C 128 -38.15 29.39 26.92
CA GLU C 128 -39.37 29.86 26.29
C GLU C 128 -39.07 30.63 25.01
N LEU C 129 -37.93 31.31 24.97
CA LEU C 129 -37.53 32.06 23.81
C LEU C 129 -37.29 31.11 22.65
N ARG C 130 -36.63 29.99 22.95
CA ARG C 130 -36.34 28.97 21.96
C ARG C 130 -37.66 28.36 21.46
N GLN C 131 -38.57 28.10 22.39
CA GLN C 131 -39.86 27.53 22.07
C GLN C 131 -40.68 28.47 21.18
N ARG C 132 -40.72 29.75 21.56
CA ARG C 132 -41.47 30.74 20.79
C ARG C 132 -40.93 30.88 19.38
N LEU C 133 -39.61 30.77 19.25
CA LEU C 133 -38.97 30.86 17.94
C LEU C 133 -39.34 29.66 17.08
N ALA C 134 -39.25 28.47 17.67
CA ALA C 134 -39.57 27.24 16.96
C ALA C 134 -41.04 27.24 16.51
N ALA C 135 -41.90 27.81 17.34
CA ALA C 135 -43.33 27.89 17.05
C ALA C 135 -43.58 28.78 15.84
N ARG C 136 -42.82 29.87 15.76
CA ARG C 136 -42.96 30.81 14.64
C ARG C 136 -42.44 30.20 13.34
N LEU C 137 -41.30 29.56 13.42
CA LEU C 137 -40.67 28.94 12.26
C LEU C 137 -41.56 27.83 11.69
N GLU C 138 -42.31 27.16 12.56
CA GLU C 138 -43.22 26.10 12.15
C GLU C 138 -44.36 26.66 11.31
N ALA C 139 -44.79 27.87 11.65
CA ALA C 139 -45.89 28.53 10.94
C ALA C 139 -45.43 29.02 9.56
N LEU C 140 -44.30 29.71 9.54
CA LEU C 140 -43.75 30.25 8.31
C LEU C 140 -43.49 29.14 7.30
N LYS C 141 -43.03 27.99 7.79
CA LYS C 141 -42.73 26.84 6.95
C LYS C 141 -43.99 26.29 6.30
N GLU C 142 -45.11 26.36 7.01
CA GLU C 142 -46.38 25.85 6.49
C GLU C 142 -46.87 26.69 5.32
N ASN C 143 -46.78 28.01 5.46
CA ASN C 143 -47.22 28.93 4.42
C ASN C 143 -46.35 28.79 3.17
N GLY C 144 -45.04 28.82 3.37
CA GLY C 144 -44.11 28.71 2.26
C GLY C 144 -44.18 27.38 1.55
N GLY C 145 -44.47 26.32 2.31
CA GLY C 145 -44.56 24.98 1.74
C GLY C 145 -45.56 24.87 0.60
N ALA C 146 -46.64 25.63 0.70
CA ALA C 146 -47.69 25.62 -0.31
C ALA C 146 -47.19 26.15 -1.64
N ARG C 147 -46.64 27.36 -1.62
CA ARG C 147 -46.12 27.99 -2.83
C ARG C 147 -44.94 27.20 -3.38
N LEU C 148 -44.19 26.60 -2.48
CA LEU C 148 -43.03 25.79 -2.83
C LEU C 148 -43.41 24.63 -3.75
N ALA C 149 -44.58 24.07 -3.51
CA ALA C 149 -45.08 22.95 -4.30
C ALA C 149 -45.55 23.42 -5.67
N GLU C 150 -46.15 24.60 -5.72
CA GLU C 150 -46.64 25.16 -6.96
C GLU C 150 -45.48 25.42 -7.93
N TYR C 151 -44.41 26.01 -7.41
CA TYR C 151 -43.25 26.32 -8.20
C TYR C 151 -42.51 25.04 -8.64
N HIS C 152 -42.54 24.03 -7.78
CA HIS C 152 -41.89 22.75 -8.05
C HIS C 152 -42.48 22.08 -9.29
N ALA C 153 -43.79 22.14 -9.42
CA ALA C 153 -44.48 21.52 -10.57
C ALA C 153 -44.17 22.26 -11.86
N LYS C 154 -44.12 23.58 -11.79
CA LYS C 154 -43.84 24.40 -12.96
C LYS C 154 -42.40 24.25 -13.41
N ALA C 155 -41.51 24.00 -12.45
CA ALA C 155 -40.09 23.84 -12.72
C ALA C 155 -39.82 22.68 -13.68
N THR C 156 -40.41 21.54 -13.40
CA THR C 156 -40.23 20.36 -14.23
C THR C 156 -40.80 20.57 -15.64
N GLU C 157 -41.95 21.21 -15.72
CA GLU C 157 -42.62 21.46 -17.00
C GLU C 157 -41.83 22.47 -17.84
N HIS C 158 -41.09 23.33 -17.17
CA HIS C 158 -40.29 24.35 -17.84
C HIS C 158 -38.97 23.77 -18.36
N LEU C 159 -38.38 22.87 -17.59
CA LEU C 159 -37.11 22.25 -17.98
C LEU C 159 -37.32 21.14 -19.02
N SER C 160 -38.47 20.48 -18.96
CA SER C 160 -38.77 19.40 -19.89
C SER C 160 -39.22 19.95 -21.25
N THR C 161 -38.33 20.62 -21.95
CA THR C 161 -38.66 21.20 -23.25
C THR C 161 -37.47 21.12 -24.21
N LEU C 162 -36.41 21.87 -23.92
CA LEU C 162 -35.22 21.90 -24.76
C LEU C 162 -34.53 20.54 -24.85
N SER C 163 -34.64 19.75 -23.79
CA SER C 163 -34.02 18.44 -23.72
C SER C 163 -34.47 17.52 -24.87
N GLU C 164 -35.73 17.64 -25.27
CA GLU C 164 -36.28 16.79 -26.33
C GLU C 164 -36.07 17.42 -27.71
N LYS C 165 -35.42 18.58 -27.75
CA LYS C 165 -35.19 19.27 -29.00
C LYS C 165 -33.72 19.17 -29.41
N ALA C 166 -32.83 19.37 -28.45
CA ALA C 166 -31.39 19.32 -28.71
C ALA C 166 -30.91 17.95 -29.17
N LYS C 167 -31.51 16.89 -28.65
CA LYS C 167 -31.12 15.52 -29.00
C LYS C 167 -31.30 15.21 -30.49
N PRO C 168 -32.53 15.26 -31.04
CA PRO C 168 -32.77 14.95 -32.45
C PRO C 168 -32.01 15.89 -33.38
N ALA C 169 -31.86 17.14 -32.95
CA ALA C 169 -31.16 18.13 -33.73
C ALA C 169 -29.67 17.81 -33.85
N LEU C 170 -29.07 17.38 -32.75
CA LEU C 170 -27.66 17.06 -32.74
C LEU C 170 -27.34 15.83 -33.60
N GLU C 171 -28.21 14.83 -33.54
CA GLU C 171 -28.02 13.61 -34.32
C GLU C 171 -28.23 13.91 -35.80
N ASP C 172 -29.20 14.75 -36.10
CA ASP C 172 -29.51 15.12 -37.48
C ASP C 172 -28.29 15.79 -38.13
N LEU C 173 -27.64 16.65 -37.35
CA LEU C 173 -26.45 17.36 -37.82
C LEU C 173 -25.30 16.39 -38.08
N ARG C 174 -25.16 15.41 -37.19
CA ARG C 174 -24.10 14.41 -37.31
C ARG C 174 -24.20 13.67 -38.64
N GLN C 175 -25.42 13.29 -39.01
CA GLN C 175 -25.66 12.57 -40.26
C GLN C 175 -25.30 13.40 -41.49
N GLY C 176 -25.22 14.71 -41.32
CA GLY C 176 -24.88 15.59 -42.44
C GLY C 176 -23.39 15.86 -42.53
N LEU C 177 -22.70 15.79 -41.40
CA LEU C 177 -21.26 16.03 -41.36
C LEU C 177 -20.47 14.76 -41.66
N LEU C 178 -21.04 13.62 -41.27
CA LEU C 178 -20.42 12.31 -41.44
C LEU C 178 -19.88 12.04 -42.86
N PRO C 179 -20.72 12.17 -43.92
CA PRO C 179 -20.30 11.91 -45.31
C PRO C 179 -19.03 12.66 -45.71
N VAL C 180 -18.96 13.94 -45.35
CA VAL C 180 -17.82 14.77 -45.70
C VAL C 180 -16.58 14.35 -44.91
N LEU C 181 -16.77 14.09 -43.62
CA LEU C 181 -15.68 13.67 -42.76
C LEU C 181 -15.11 12.32 -43.19
N GLU C 182 -16.00 11.45 -43.67
CA GLU C 182 -15.59 10.13 -44.12
C GLU C 182 -14.58 10.24 -45.25
N SER C 183 -14.83 11.17 -46.17
CA SER C 183 -13.96 11.39 -47.32
C SER C 183 -12.63 12.00 -46.90
N PHE C 184 -12.67 12.91 -45.92
CA PHE C 184 -11.46 13.57 -45.44
C PHE C 184 -10.53 12.59 -44.74
N LYS C 185 -11.12 11.65 -43.99
CA LYS C 185 -10.35 10.64 -43.28
C LYS C 185 -9.49 9.81 -44.24
N VAL C 186 -10.07 9.46 -45.38
CA VAL C 186 -9.37 8.66 -46.39
C VAL C 186 -8.13 9.40 -46.88
N SER C 187 -8.31 10.65 -47.26
CA SER C 187 -7.22 11.49 -47.76
C SER C 187 -6.12 11.63 -46.70
N PHE C 188 -6.54 11.74 -45.44
CA PHE C 188 -5.60 11.88 -44.33
C PHE C 188 -4.73 10.63 -44.19
N LEU C 189 -5.36 9.47 -44.32
CA LEU C 189 -4.65 8.20 -44.22
C LEU C 189 -3.57 8.08 -45.28
N SER C 190 -3.91 8.41 -46.51
CA SER C 190 -2.98 8.34 -47.62
C SER C 190 -1.80 9.31 -47.42
N ALA C 191 -2.11 10.51 -46.91
CA ALA C 191 -1.09 11.52 -46.67
C ALA C 191 -0.18 11.09 -45.51
N LEU C 192 -0.80 10.59 -44.46
CA LEU C 192 -0.07 10.11 -43.26
C LEU C 192 0.98 9.08 -43.64
N GLU C 193 0.58 8.13 -44.49
CA GLU C 193 1.48 7.09 -44.95
C GLU C 193 2.68 7.68 -45.67
N GLU C 194 2.41 8.61 -46.58
CA GLU C 194 3.45 9.25 -47.37
C GLU C 194 4.41 10.05 -46.49
N TYR C 195 3.85 10.73 -45.50
CA TYR C 195 4.67 11.53 -44.58
C TYR C 195 5.59 10.64 -43.77
N THR C 196 5.05 9.53 -43.25
CA THR C 196 5.81 8.60 -42.45
C THR C 196 6.97 7.96 -43.22
N LYS C 197 6.68 7.43 -44.40
CA LYS C 197 7.70 6.78 -45.23
C LYS C 197 8.83 7.76 -45.57
N LYS C 198 8.46 9.00 -45.78
CA LYS C 198 9.42 10.04 -46.12
C LYS C 198 10.33 10.35 -44.93
N LEU C 199 9.75 10.32 -43.73
CA LEU C 199 10.50 10.62 -42.52
C LEU C 199 11.39 9.45 -42.10
N ASN C 200 10.94 8.22 -42.40
CA ASN C 200 11.70 7.03 -42.04
C ASN C 200 12.89 6.80 -42.98
N SER D 14 -32.21 27.97 -31.61
CA SER D 14 -32.25 29.18 -30.80
C SER D 14 -33.70 29.50 -30.43
N THR D 15 -34.62 29.01 -31.26
CA THR D 15 -36.05 29.22 -31.04
C THR D 15 -36.51 28.56 -29.75
N PHE D 16 -35.99 27.37 -29.47
CA PHE D 16 -36.34 26.63 -28.27
C PHE D 16 -35.83 27.37 -27.04
N SER D 17 -34.64 27.94 -27.19
CA SER D 17 -34.02 28.70 -26.10
C SER D 17 -34.84 29.96 -25.83
N LYS D 18 -35.31 30.58 -26.91
CA LYS D 18 -36.11 31.79 -26.82
C LYS D 18 -37.42 31.53 -26.09
N LEU D 19 -38.04 30.39 -26.40
CA LEU D 19 -39.30 30.00 -25.76
C LEU D 19 -39.12 29.87 -24.25
N ARG D 20 -38.09 29.13 -23.85
CA ARG D 20 -37.79 28.92 -22.43
C ARG D 20 -37.53 30.26 -21.75
N GLU D 21 -36.84 31.15 -22.45
CA GLU D 21 -36.50 32.47 -21.93
C GLU D 21 -37.74 33.36 -21.84
N GLN D 22 -38.78 33.03 -22.57
CA GLN D 22 -40.01 33.81 -22.57
C GLN D 22 -40.90 33.41 -21.40
N LEU D 23 -40.87 32.13 -21.03
CA LEU D 23 -41.69 31.64 -19.94
C LEU D 23 -41.04 31.87 -18.58
N GLY D 24 -39.71 31.92 -18.58
CA GLY D 24 -38.94 32.13 -17.35
C GLY D 24 -39.42 33.31 -16.51
N PRO D 25 -39.20 34.54 -16.99
CA PRO D 25 -39.60 35.77 -16.28
C PRO D 25 -41.06 35.78 -15.83
N VAL D 26 -41.94 35.16 -16.61
CA VAL D 26 -43.36 35.11 -16.28
C VAL D 26 -43.59 34.31 -15.01
N THR D 27 -43.05 33.11 -14.96
CA THR D 27 -43.19 32.24 -13.80
C THR D 27 -42.35 32.77 -12.63
N GLN D 28 -41.21 33.37 -12.95
CA GLN D 28 -40.31 33.91 -11.96
C GLN D 28 -40.93 35.11 -11.24
N GLU D 29 -41.59 35.98 -11.99
CA GLU D 29 -42.23 37.17 -11.42
C GLU D 29 -43.26 36.79 -10.37
N PHE D 30 -44.07 35.79 -10.69
CA PHE D 30 -45.09 35.31 -9.77
C PHE D 30 -44.45 34.77 -8.49
N TRP D 31 -43.34 34.07 -8.64
CA TRP D 31 -42.61 33.50 -7.53
C TRP D 31 -41.98 34.61 -6.68
N ASP D 32 -41.43 35.61 -7.36
CA ASP D 32 -40.80 36.74 -6.68
C ASP D 32 -41.80 37.49 -5.83
N ASN D 33 -42.98 37.72 -6.38
CA ASN D 33 -44.04 38.43 -5.67
C ASN D 33 -44.55 37.58 -4.50
N LEU D 34 -44.53 36.26 -4.69
CA LEU D 34 -44.98 35.32 -3.67
C LEU D 34 -44.05 35.36 -2.46
N GLU D 35 -42.74 35.26 -2.71
CA GLU D 35 -41.76 35.28 -1.63
C GLU D 35 -41.74 36.65 -0.94
N LYS D 36 -42.18 37.68 -1.66
CA LYS D 36 -42.24 39.02 -1.10
C LYS D 36 -43.28 39.03 0.02
N GLU D 37 -44.34 38.24 -0.15
CA GLU D 37 -45.38 38.13 0.85
C GLU D 37 -44.84 37.41 2.08
N THR D 38 -44.07 36.35 1.83
CA THR D 38 -43.46 35.57 2.90
C THR D 38 -42.49 36.45 3.69
N GLU D 39 -41.79 37.32 2.98
CA GLU D 39 -40.83 38.25 3.57
C GLU D 39 -41.53 39.15 4.58
N GLY D 40 -42.75 39.58 4.26
CA GLY D 40 -43.50 40.43 5.16
C GLY D 40 -43.89 39.71 6.44
N LEU D 41 -44.46 38.51 6.28
CA LEU D 41 -44.87 37.71 7.42
C LEU D 41 -43.65 37.35 8.28
N ARG D 42 -42.56 37.04 7.61
CA ARG D 42 -41.31 36.70 8.26
C ARG D 42 -40.80 37.87 9.08
N GLN D 43 -40.99 39.08 8.57
CA GLN D 43 -40.56 40.28 9.26
C GLN D 43 -41.39 40.49 10.53
N GLU D 44 -42.69 40.28 10.43
CA GLU D 44 -43.59 40.44 11.58
C GLU D 44 -43.22 39.46 12.70
N MET D 45 -42.78 38.28 12.31
CA MET D 45 -42.39 37.26 13.28
C MET D 45 -41.06 37.62 13.93
N SER D 46 -40.10 38.02 13.11
CA SER D 46 -38.77 38.40 13.59
C SER D 46 -38.83 39.63 14.49
N LYS D 47 -39.71 40.56 14.15
CA LYS D 47 -39.90 41.79 14.91
C LYS D 47 -40.37 41.47 16.33
N ASP D 48 -41.39 40.61 16.41
CA ASP D 48 -41.95 40.22 17.68
C ASP D 48 -40.95 39.42 18.51
N LEU D 49 -40.04 38.73 17.81
CA LEU D 49 -39.01 37.93 18.46
C LEU D 49 -37.97 38.84 19.10
N GLU D 50 -37.58 39.88 18.38
CA GLU D 50 -36.60 40.84 18.85
C GLU D 50 -37.09 41.51 20.12
N GLU D 51 -38.39 41.77 20.18
CA GLU D 51 -39.01 42.42 21.34
C GLU D 51 -38.72 41.65 22.62
N VAL D 52 -38.74 40.32 22.53
CA VAL D 52 -38.47 39.48 23.69
C VAL D 52 -36.99 39.43 24.03
N LYS D 53 -36.15 39.32 22.99
CA LYS D 53 -34.70 39.25 23.18
C LYS D 53 -34.15 40.50 23.87
N ALA D 54 -34.74 41.65 23.57
CA ALA D 54 -34.31 42.91 24.15
C ALA D 54 -34.81 43.08 25.57
N LYS D 55 -35.75 42.24 25.99
CA LYS D 55 -36.31 42.34 27.33
C LYS D 55 -35.50 41.53 28.34
N VAL D 56 -35.00 40.39 27.92
CA VAL D 56 -34.22 39.52 28.79
C VAL D 56 -32.73 39.81 28.69
N GLN D 57 -32.38 40.86 27.96
CA GLN D 57 -30.99 41.24 27.76
C GLN D 57 -30.37 41.90 29.00
N PRO D 58 -30.97 42.99 29.54
CA PRO D 58 -30.41 43.72 30.70
C PRO D 58 -30.16 42.83 31.92
N TYR D 59 -30.96 41.78 32.07
CA TYR D 59 -30.84 40.86 33.20
C TYR D 59 -29.52 40.11 33.18
N LEU D 60 -28.95 39.92 31.99
CA LEU D 60 -27.70 39.22 31.85
C LEU D 60 -26.53 40.16 32.15
N ASP D 61 -26.64 41.40 31.65
CA ASP D 61 -25.59 42.41 31.86
C ASP D 61 -25.44 42.75 33.34
N ASP D 62 -26.56 42.90 34.04
CA ASP D 62 -26.55 43.24 35.45
C ASP D 62 -25.78 42.24 36.28
N PHE D 63 -25.93 40.96 35.94
CA PHE D 63 -25.23 39.89 36.64
C PHE D 63 -23.73 39.94 36.34
N GLN D 64 -23.39 40.37 35.13
CA GLN D 64 -22.00 40.49 34.73
C GLN D 64 -21.29 41.57 35.53
N LYS D 65 -21.91 42.75 35.57
CA LYS D 65 -21.37 43.90 36.30
C LYS D 65 -21.22 43.58 37.77
N LYS D 66 -22.12 42.75 38.28
CA LYS D 66 -22.11 42.35 39.69
C LYS D 66 -20.78 41.70 40.06
N TRP D 67 -20.32 40.79 39.21
CA TRP D 67 -19.06 40.10 39.45
C TRP D 67 -17.88 40.95 39.00
N GLN D 68 -18.11 41.79 37.99
CA GLN D 68 -17.09 42.68 37.46
C GLN D 68 -16.54 43.57 38.58
N GLU D 69 -17.43 44.06 39.41
CA GLU D 69 -17.05 44.90 40.55
C GLU D 69 -16.06 44.18 41.46
N GLU D 70 -16.39 42.95 41.84
CA GLU D 70 -15.54 42.17 42.72
C GLU D 70 -14.17 41.92 42.07
N MET D 71 -14.18 41.71 40.76
CA MET D 71 -12.95 41.45 40.02
C MET D 71 -12.02 42.67 40.08
N GLU D 72 -12.62 43.85 39.99
CA GLU D 72 -11.88 45.10 40.03
C GLU D 72 -11.24 45.28 41.41
N LEU D 73 -12.03 45.02 42.45
CA LEU D 73 -11.55 45.14 43.82
C LEU D 73 -10.45 44.14 44.12
N TYR D 74 -10.64 42.91 43.63
CA TYR D 74 -9.66 41.83 43.82
C TYR D 74 -8.31 42.22 43.22
N ARG D 75 -8.34 42.85 42.05
CA ARG D 75 -7.13 43.28 41.36
C ARG D 75 -6.38 44.32 42.17
N GLN D 76 -7.12 45.27 42.72
CA GLN D 76 -6.55 46.34 43.53
C GLN D 76 -5.99 45.83 44.85
N LYS D 77 -6.65 44.84 45.42
CA LYS D 77 -6.25 44.25 46.70
C LYS D 77 -4.88 43.56 46.62
N VAL D 78 -4.65 42.79 45.57
CA VAL D 78 -3.40 42.06 45.42
C VAL D 78 -2.31 42.87 44.71
N GLU D 79 -2.65 44.08 44.29
CA GLU D 79 -1.69 44.95 43.59
C GLU D 79 -0.39 45.16 44.40
N PRO D 80 -0.47 45.71 45.64
CA PRO D 80 0.72 45.96 46.47
C PRO D 80 1.44 44.68 46.84
N LEU D 81 0.68 43.59 46.98
CA LEU D 81 1.25 42.30 47.36
C LEU D 81 2.26 41.84 46.33
N ARG D 82 1.92 42.00 45.05
CA ARG D 82 2.80 41.62 43.97
C ARG D 82 4.01 42.54 43.94
N ALA D 83 3.79 43.80 44.27
CA ALA D 83 4.85 44.80 44.30
C ALA D 83 5.90 44.40 45.33
N GLU D 84 5.45 43.95 46.49
CA GLU D 84 6.35 43.51 47.56
C GLU D 84 7.18 42.33 47.09
N LEU D 85 6.52 41.33 46.52
CA LEU D 85 7.18 40.13 46.05
C LEU D 85 8.18 40.44 44.94
N GLN D 86 7.77 41.29 44.01
CA GLN D 86 8.64 41.67 42.90
C GLN D 86 9.82 42.50 43.39
N GLU D 87 9.57 43.36 44.38
CA GLU D 87 10.61 44.21 44.94
C GLU D 87 11.73 43.35 45.55
N GLY D 88 11.33 42.32 46.28
CA GLY D 88 12.30 41.42 46.89
C GLY D 88 13.09 40.68 45.83
N ALA D 89 12.43 40.36 44.72
CA ALA D 89 13.07 39.64 43.63
C ALA D 89 13.93 40.58 42.79
N ARG D 90 13.52 41.84 42.71
CA ARG D 90 14.24 42.86 41.93
C ARG D 90 15.71 42.93 42.35
N GLN D 91 15.95 43.14 43.64
CA GLN D 91 17.31 43.24 44.15
C GLN D 91 18.00 41.89 44.16
N LYS D 92 17.23 40.83 44.39
CA LYS D 92 17.77 39.48 44.43
C LYS D 92 18.35 39.08 43.06
N LEU D 93 17.79 39.66 42.02
CA LEU D 93 18.23 39.39 40.66
C LEU D 93 19.67 39.86 40.49
N HIS D 94 19.91 41.13 40.80
CA HIS D 94 21.24 41.71 40.68
C HIS D 94 22.20 41.04 41.66
N GLU D 95 21.67 40.70 42.83
CA GLU D 95 22.44 40.05 43.88
C GLU D 95 22.96 38.69 43.41
N LEU D 96 22.13 37.98 42.67
CA LEU D 96 22.50 36.66 42.16
C LEU D 96 23.59 36.76 41.10
N GLN D 97 23.46 37.73 40.22
CA GLN D 97 24.44 37.92 39.14
C GLN D 97 25.76 38.47 39.68
N GLU D 98 25.70 39.16 40.81
CA GLU D 98 26.90 39.74 41.43
C GLU D 98 27.96 38.68 41.75
N LYS D 99 27.53 37.44 41.92
CA LYS D 99 28.45 36.36 42.24
C LYS D 99 28.79 35.54 40.99
N LEU D 100 28.28 35.98 39.85
CA LEU D 100 28.50 35.27 38.60
C LEU D 100 29.53 36.00 37.72
N SER D 101 29.39 37.32 37.63
CA SER D 101 30.28 38.14 36.80
C SER D 101 31.78 37.97 37.13
N PRO D 102 32.20 38.08 38.42
CA PRO D 102 33.62 37.95 38.80
C PRO D 102 34.28 36.68 38.26
N LEU D 103 33.56 35.57 38.24
CA LEU D 103 34.11 34.31 37.73
C LEU D 103 34.22 34.33 36.21
N GLY D 104 33.15 34.81 35.56
CA GLY D 104 33.15 34.87 34.10
C GLY D 104 34.20 35.82 33.58
N GLU D 105 34.46 36.90 34.33
CA GLU D 105 35.45 37.88 33.95
C GLU D 105 36.84 37.23 33.81
N GLU D 106 37.18 36.39 34.78
CA GLU D 106 38.48 35.71 34.78
C GLU D 106 38.59 34.80 33.56
N MET D 107 37.51 34.10 33.23
CA MET D 107 37.50 33.20 32.09
C MET D 107 37.74 33.97 30.80
N ARG D 108 37.07 35.11 30.67
CA ARG D 108 37.20 35.96 29.50
C ARG D 108 38.64 36.48 29.37
N ASP D 109 39.22 36.85 30.51
CA ASP D 109 40.59 37.36 30.53
C ASP D 109 41.58 36.29 30.07
N ARG D 110 41.41 35.08 30.59
CA ARG D 110 42.28 33.96 30.24
C ARG D 110 42.13 33.59 28.77
N ALA D 111 40.91 33.69 28.26
CA ALA D 111 40.63 33.35 26.87
C ALA D 111 41.31 34.33 25.92
N ARG D 112 41.47 35.58 26.36
CA ARG D 112 42.08 36.62 25.56
C ARG D 112 43.50 36.21 25.12
N ALA D 113 44.30 35.75 26.08
CA ALA D 113 45.67 35.35 25.80
C ALA D 113 45.72 34.10 24.92
N HIS D 114 44.71 33.26 25.07
CA HIS D 114 44.63 32.02 24.30
C HIS D 114 44.30 32.30 22.83
N VAL D 115 43.30 33.15 22.60
CA VAL D 115 42.88 33.50 21.25
C VAL D 115 44.02 34.15 20.46
N ASP D 116 44.71 35.10 21.09
CA ASP D 116 45.81 35.81 20.44
C ASP D 116 46.95 34.87 20.09
N ALA D 117 47.22 33.90 20.97
CA ALA D 117 48.29 32.94 20.75
C ALA D 117 48.06 32.12 19.48
N LEU D 118 46.78 31.86 19.19
CA LEU D 118 46.41 31.08 18.01
C LEU D 118 46.69 31.87 16.74
N ARG D 119 46.45 33.17 16.80
CA ARG D 119 46.69 34.05 15.64
C ARG D 119 48.15 34.03 15.20
N THR D 120 49.06 34.09 16.18
CA THR D 120 50.49 34.09 15.90
C THR D 120 50.94 32.77 15.29
N HIS D 121 50.16 31.71 15.52
CA HIS D 121 50.51 30.40 15.01
C HIS D 121 49.83 30.12 13.67
N LEU D 122 48.75 30.83 13.39
CA LEU D 122 48.02 30.64 12.15
C LEU D 122 48.54 31.54 11.03
N ALA D 123 49.09 32.69 11.41
CA ALA D 123 49.62 33.66 10.44
C ALA D 123 50.68 33.09 9.49
N PRO D 124 51.83 32.56 10.01
CA PRO D 124 52.88 32.01 9.15
C PRO D 124 52.43 30.79 8.36
N TYR D 125 51.58 29.98 8.98
CA TYR D 125 51.07 28.77 8.35
C TYR D 125 50.22 29.10 7.11
N SER D 126 49.64 30.29 7.11
CA SER D 126 48.81 30.73 5.99
C SER D 126 49.66 31.22 4.83
N ASP D 127 50.68 32.03 5.12
CA ASP D 127 51.55 32.56 4.08
C ASP D 127 52.37 31.46 3.42
N GLU D 128 52.69 30.42 4.18
CA GLU D 128 53.45 29.29 3.67
C GLU D 128 52.66 28.57 2.58
N LEU D 129 51.38 28.29 2.88
CA LEU D 129 50.50 27.61 1.92
C LEU D 129 50.33 28.45 0.67
N ARG D 130 50.26 29.76 0.86
CA ARG D 130 50.11 30.70 -0.23
C ARG D 130 51.24 30.53 -1.26
N GLN D 131 52.47 30.48 -0.75
CA GLN D 131 53.64 30.34 -1.61
C GLN D 131 53.69 28.93 -2.23
N ARG D 132 53.28 27.94 -1.46
CA ARG D 132 53.25 26.56 -1.93
C ARG D 132 52.25 26.38 -3.07
N LEU D 133 51.08 27.00 -2.90
CA LEU D 133 50.02 26.92 -3.90
C LEU D 133 50.47 27.59 -5.20
N ALA D 134 51.15 28.71 -5.07
CA ALA D 134 51.65 29.45 -6.24
C ALA D 134 52.61 28.58 -7.05
N ALA D 135 53.50 27.88 -6.36
CA ALA D 135 54.48 27.01 -7.02
C ALA D 135 53.77 25.88 -7.75
N ARG D 136 52.83 25.24 -7.06
CA ARG D 136 52.06 24.13 -7.63
C ARG D 136 51.29 24.57 -8.88
N LEU D 137 50.54 25.66 -8.75
CA LEU D 137 49.76 26.20 -9.86
C LEU D 137 50.63 26.51 -11.07
N GLU D 138 51.79 27.11 -10.82
CA GLU D 138 52.72 27.47 -11.87
C GLU D 138 53.16 26.26 -12.69
N ALA D 139 53.57 25.18 -12.00
CA ALA D 139 54.02 23.96 -12.65
C ALA D 139 52.88 23.29 -13.42
N LEU D 140 51.69 23.29 -12.82
CA LEU D 140 50.53 22.69 -13.44
C LEU D 140 50.13 23.47 -14.69
N LYS D 141 50.11 24.79 -14.56
CA LYS D 141 49.78 25.69 -15.65
C LYS D 141 50.74 25.52 -16.82
N GLU D 142 52.01 25.31 -16.49
CA GLU D 142 53.05 25.14 -17.50
C GLU D 142 52.81 23.87 -18.33
N ASN D 143 52.26 22.84 -17.69
CA ASN D 143 51.99 21.58 -18.36
C ASN D 143 50.65 21.58 -19.07
N GLY D 144 49.63 22.09 -18.38
CA GLY D 144 48.28 22.14 -18.92
C GLY D 144 48.17 22.96 -20.20
N GLY D 145 49.01 23.98 -20.33
CA GLY D 145 48.98 24.83 -21.51
C GLY D 145 49.18 24.06 -22.79
N ALA D 146 50.22 23.23 -22.84
CA ALA D 146 50.53 22.44 -24.03
C ALA D 146 49.45 21.40 -24.29
N ARG D 147 48.86 20.90 -23.21
CA ARG D 147 47.81 19.88 -23.30
C ARG D 147 46.56 20.45 -23.96
N LEU D 148 46.12 21.62 -23.49
CA LEU D 148 44.93 22.27 -24.02
C LEU D 148 45.03 22.53 -25.51
N ALA D 149 46.25 22.81 -25.97
CA ALA D 149 46.49 23.08 -27.38
C ALA D 149 46.09 21.88 -28.24
N GLU D 150 46.44 20.69 -27.79
CA GLU D 150 46.12 19.48 -28.52
C GLU D 150 44.62 19.17 -28.45
N TYR D 151 44.03 19.36 -27.27
CA TYR D 151 42.61 19.12 -27.07
C TYR D 151 41.79 20.00 -28.00
N HIS D 152 42.14 21.28 -28.08
CA HIS D 152 41.44 22.23 -28.92
C HIS D 152 41.60 21.90 -30.40
N ALA D 153 42.83 21.57 -30.80
CA ALA D 153 43.12 21.24 -32.18
C ALA D 153 42.32 20.02 -32.65
N LYS D 154 42.33 18.97 -31.83
CA LYS D 154 41.61 17.75 -32.17
C LYS D 154 40.10 17.95 -32.09
N ALA D 155 39.65 18.75 -31.13
CA ALA D 155 38.22 19.02 -30.96
C ALA D 155 37.65 19.72 -32.19
N THR D 156 38.39 20.68 -32.71
CA THR D 156 37.97 21.42 -33.90
C THR D 156 37.73 20.50 -35.08
N GLU D 157 38.67 19.57 -35.30
CA GLU D 157 38.55 18.62 -36.41
C GLU D 157 37.29 17.76 -36.25
N HIS D 158 37.00 17.39 -35.01
CA HIS D 158 35.83 16.57 -34.71
C HIS D 158 34.54 17.35 -34.93
N LEU D 159 34.56 18.62 -34.52
CA LEU D 159 33.40 19.49 -34.67
C LEU D 159 33.04 19.70 -36.13
N SER D 160 34.05 19.96 -36.95
CA SER D 160 33.84 20.19 -38.37
C SER D 160 33.25 18.95 -39.05
N THR D 161 33.74 17.78 -38.66
CA THR D 161 33.27 16.51 -39.22
C THR D 161 31.92 16.11 -38.60
N LEU D 162 31.43 16.93 -37.68
CA LEU D 162 30.16 16.68 -37.03
C LEU D 162 29.09 17.63 -37.57
N SER D 163 29.51 18.82 -37.95
CA SER D 163 28.58 19.82 -38.47
C SER D 163 28.56 19.83 -39.99
N GLU D 164 29.27 18.87 -40.60
CA GLU D 164 29.35 18.80 -42.05
C GLU D 164 28.04 18.37 -42.70
N LYS D 165 27.30 17.49 -42.04
CA LYS D 165 26.03 17.01 -42.58
C LYS D 165 24.87 17.28 -41.63
N ALA D 166 24.13 18.34 -41.93
CA ALA D 166 22.98 18.73 -41.13
C ALA D 166 21.93 19.42 -42.01
N LYS D 167 22.31 20.56 -42.57
CA LYS D 167 21.42 21.34 -43.43
C LYS D 167 21.02 20.59 -44.72
N PRO D 168 21.99 20.03 -45.48
CA PRO D 168 21.68 19.29 -46.71
C PRO D 168 20.90 18.02 -46.40
N ALA D 169 20.91 17.64 -45.13
CA ALA D 169 20.19 16.45 -44.68
C ALA D 169 18.79 16.81 -44.18
N LEU D 170 18.35 18.00 -44.51
CA LEU D 170 17.03 18.47 -44.11
C LEU D 170 16.37 19.27 -45.23
N GLU D 171 17.19 19.97 -46.01
CA GLU D 171 16.72 20.79 -47.11
C GLU D 171 15.91 19.97 -48.13
N ASP D 172 16.49 18.85 -48.56
CA ASP D 172 15.83 17.97 -49.53
C ASP D 172 14.49 17.47 -48.99
N LEU D 173 14.48 17.05 -47.73
CA LEU D 173 13.27 16.56 -47.08
C LEU D 173 12.16 17.60 -47.16
N ARG D 174 12.50 18.84 -46.78
CA ARG D 174 11.55 19.94 -46.81
C ARG D 174 10.98 20.16 -48.21
N GLN D 175 11.87 20.09 -49.20
CA GLN D 175 11.50 20.27 -50.59
C GLN D 175 10.48 19.22 -51.06
N GLY D 176 10.57 18.03 -50.49
CA GLY D 176 9.65 16.97 -50.87
C GLY D 176 8.36 16.98 -50.07
N LEU D 177 8.36 17.70 -48.96
CA LEU D 177 7.19 17.77 -48.10
C LEU D 177 6.22 18.86 -48.56
N LEU D 178 6.77 19.97 -49.03
CA LEU D 178 5.98 21.12 -49.48
C LEU D 178 4.78 20.76 -50.38
N PRO D 179 5.01 20.07 -51.53
CA PRO D 179 3.94 19.70 -52.47
C PRO D 179 2.75 19.02 -51.81
N VAL D 180 3.03 18.02 -50.98
CA VAL D 180 1.96 17.29 -50.30
C VAL D 180 1.33 18.11 -49.18
N LEU D 181 2.17 18.78 -48.40
CA LEU D 181 1.72 19.59 -47.28
C LEU D 181 0.74 20.69 -47.71
N GLU D 182 1.12 21.43 -48.74
CA GLU D 182 0.28 22.52 -49.24
C GLU D 182 -1.05 22.02 -49.77
N SER D 183 -1.02 20.89 -50.46
CA SER D 183 -2.22 20.29 -51.03
C SER D 183 -3.18 19.86 -49.92
N PHE D 184 -2.63 19.29 -48.86
CA PHE D 184 -3.43 18.83 -47.73
C PHE D 184 -4.11 20.00 -47.04
N LYS D 185 -3.44 21.15 -47.02
CA LYS D 185 -3.99 22.35 -46.42
C LYS D 185 -5.29 22.72 -47.11
N VAL D 186 -5.30 22.61 -48.44
CA VAL D 186 -6.48 22.94 -49.23
C VAL D 186 -7.61 21.96 -48.94
N SER D 187 -7.27 20.68 -48.80
CA SER D 187 -8.25 19.65 -48.51
C SER D 187 -8.94 19.94 -47.18
N PHE D 188 -8.16 20.37 -46.21
CA PHE D 188 -8.67 20.71 -44.88
C PHE D 188 -9.47 22.01 -44.94
N LEU D 189 -8.93 22.99 -45.64
CA LEU D 189 -9.57 24.30 -45.78
C LEU D 189 -10.92 24.20 -46.50
N SER D 190 -11.00 23.31 -47.48
CA SER D 190 -12.23 23.13 -48.24
C SER D 190 -13.33 22.54 -47.36
N ALA D 191 -12.92 21.81 -46.33
CA ALA D 191 -13.87 21.19 -45.42
C ALA D 191 -14.30 22.17 -44.32
N LEU D 192 -13.51 23.23 -44.15
CA LEU D 192 -13.78 24.25 -43.13
C LEU D 192 -15.20 24.82 -43.25
N GLU D 193 -15.46 25.53 -44.33
CA GLU D 193 -16.76 26.14 -44.55
C GLU D 193 -17.89 25.10 -44.61
N GLU D 194 -17.53 23.91 -45.06
CA GLU D 194 -18.50 22.81 -45.17
C GLU D 194 -19.15 22.51 -43.83
N TYR D 195 -18.34 22.30 -42.82
CA TYR D 195 -18.86 21.99 -41.49
C TYR D 195 -19.38 23.23 -40.78
N THR D 196 -18.68 24.34 -40.97
CA THR D 196 -19.04 25.61 -40.34
C THR D 196 -20.44 26.07 -40.73
N LYS D 197 -20.76 25.96 -42.01
CA LYS D 197 -22.07 26.37 -42.51
C LYS D 197 -23.19 25.57 -41.86
N LYS D 198 -22.97 24.28 -41.70
CA LYS D 198 -23.97 23.40 -41.09
C LYS D 198 -24.06 23.62 -39.59
N LEU D 199 -22.93 23.98 -38.97
CA LEU D 199 -22.87 24.22 -37.53
C LEU D 199 -23.59 25.51 -37.13
N ASN D 200 -23.44 26.55 -37.94
CA ASN D 200 -24.07 27.83 -37.67
C ASN D 200 -25.58 27.76 -37.86
N THR A 2 0.84 -14.78 4.28
CA THR A 2 0.46 -14.79 2.88
C THR A 2 -0.29 -16.08 2.54
N GLU A 3 -1.45 -15.94 1.92
CA GLU A 3 -2.26 -17.08 1.53
C GLU A 3 -1.83 -17.61 0.16
N TYR A 4 -1.23 -18.78 0.16
CA TYR A 4 -0.76 -19.40 -1.08
C TYR A 4 -1.75 -20.47 -1.51
N LYS A 5 -2.50 -20.20 -2.57
CA LYS A 5 -3.48 -21.17 -3.05
C LYS A 5 -2.83 -22.21 -3.96
N LEU A 6 -2.92 -23.47 -3.53
CA LEU A 6 -2.32 -24.57 -4.27
C LEU A 6 -3.40 -25.54 -4.73
N VAL A 7 -3.35 -25.90 -6.00
CA VAL A 7 -4.32 -26.83 -6.57
C VAL A 7 -3.63 -28.10 -7.02
N VAL A 8 -4.03 -29.22 -6.41
CA VAL A 8 -3.45 -30.50 -6.76
C VAL A 8 -4.33 -31.16 -7.82
N VAL A 9 -3.74 -31.45 -8.96
CA VAL A 9 -4.47 -32.08 -10.06
C VAL A 9 -4.01 -33.52 -10.26
N GLY A 10 -4.77 -34.26 -11.04
CA GLY A 10 -4.42 -35.64 -11.30
C GLY A 10 -5.66 -36.52 -11.38
N ALA A 11 -5.50 -37.70 -11.93
CA ALA A 11 -6.59 -38.64 -12.06
C ALA A 11 -6.90 -39.32 -10.74
N ASP A 12 -7.73 -40.35 -10.77
CA ASP A 12 -8.09 -41.07 -9.57
C ASP A 12 -7.17 -42.27 -9.37
N GLY A 13 -6.70 -42.46 -8.14
CA GLY A 13 -5.80 -43.57 -7.84
C GLY A 13 -4.37 -43.11 -7.67
N VAL A 14 -4.12 -41.83 -7.88
CA VAL A 14 -2.77 -41.29 -7.74
C VAL A 14 -2.48 -40.93 -6.29
N GLY A 15 -3.53 -40.72 -5.51
CA GLY A 15 -3.37 -40.38 -4.10
C GLY A 15 -3.34 -38.88 -3.87
N LYS A 16 -4.31 -38.17 -4.44
CA LYS A 16 -4.37 -36.72 -4.29
C LYS A 16 -4.68 -36.32 -2.85
N SER A 17 -5.84 -36.74 -2.36
CA SER A 17 -6.25 -36.43 -1.00
C SER A 17 -5.28 -37.01 0.02
N ALA A 18 -4.70 -38.15 -0.30
CA ALA A 18 -3.75 -38.81 0.58
C ALA A 18 -2.57 -37.91 0.91
N LEU A 19 -2.08 -37.19 -0.09
CA LEU A 19 -0.96 -36.27 0.09
C LEU A 19 -1.31 -35.14 1.04
N THR A 20 -2.55 -34.66 0.94
CA THR A 20 -3.02 -33.58 1.79
C THR A 20 -3.26 -34.06 3.22
N ILE A 21 -3.87 -35.24 3.36
CA ILE A 21 -4.14 -35.80 4.68
C ILE A 21 -2.84 -36.01 5.46
N GLN A 22 -1.82 -36.43 4.73
CA GLN A 22 -0.50 -36.66 5.32
C GLN A 22 0.16 -35.36 5.77
N LEU A 23 -0.44 -34.23 5.42
CA LEU A 23 0.10 -32.94 5.81
C LEU A 23 -0.75 -32.33 6.93
N ILE A 24 -2.06 -32.51 6.83
CA ILE A 24 -2.98 -31.99 7.83
C ILE A 24 -2.80 -32.73 9.16
N GLN A 25 -2.85 -34.05 9.11
CA GLN A 25 -2.71 -34.88 10.30
C GLN A 25 -1.29 -35.42 10.43
N ASN A 26 -0.52 -35.30 9.35
CA ASN A 26 0.87 -35.77 9.32
C ASN A 26 0.96 -37.29 9.39
N HIS A 27 -0.17 -37.94 9.12
CA HIS A 27 -0.25 -39.39 9.15
C HIS A 27 -1.29 -39.86 8.14
N PHE A 28 -1.12 -41.07 7.63
CA PHE A 28 -2.06 -41.64 6.67
C PHE A 28 -3.16 -42.41 7.39
N VAL A 29 -4.39 -42.01 7.15
CA VAL A 29 -5.53 -42.66 7.79
C VAL A 29 -5.90 -43.94 7.04
N ASP A 30 -5.71 -43.91 5.72
CA ASP A 30 -6.01 -45.05 4.85
C ASP A 30 -7.50 -45.25 4.70
N GLU A 31 -8.10 -44.59 3.71
CA GLU A 31 -9.52 -44.71 3.45
C GLU A 31 -9.80 -44.73 1.95
N TYR A 32 -10.85 -45.44 1.57
CA TYR A 32 -11.24 -45.53 0.17
C TYR A 32 -12.48 -44.67 -0.04
N ASP A 33 -12.36 -43.38 0.29
CA ASP A 33 -13.48 -42.46 0.15
C ASP A 33 -13.16 -41.34 -0.83
N PRO A 34 -13.83 -41.35 -2.00
CA PRO A 34 -13.63 -40.32 -3.03
C PRO A 34 -14.17 -38.97 -2.57
N THR A 35 -13.30 -37.97 -2.60
CA THR A 35 -13.69 -36.63 -2.17
C THR A 35 -13.89 -35.68 -3.35
N ILE A 36 -14.65 -34.63 -3.13
CA ILE A 36 -14.90 -33.62 -4.15
C ILE A 36 -13.97 -32.43 -3.93
N GLU A 37 -14.20 -31.35 -4.69
CA GLU A 37 -13.39 -30.14 -4.56
C GLU A 37 -13.42 -29.61 -3.13
N ASP A 38 -12.28 -29.69 -2.46
CA ASP A 38 -12.15 -29.27 -1.08
C ASP A 38 -11.09 -28.20 -0.93
N SER A 39 -10.95 -27.65 0.27
CA SER A 39 -9.96 -26.61 0.55
C SER A 39 -9.53 -26.67 2.02
N TYR A 40 -8.24 -26.88 2.24
CA TYR A 40 -7.71 -26.97 3.59
C TYR A 40 -6.70 -25.85 3.85
N ARG A 41 -6.92 -25.10 4.92
CA ARG A 41 -6.02 -24.01 5.29
C ARG A 41 -5.10 -24.46 6.42
N LYS A 42 -3.80 -24.25 6.24
CA LYS A 42 -2.81 -24.64 7.25
C LYS A 42 -1.54 -23.81 7.12
N GLN A 43 -0.98 -23.41 8.25
CA GLN A 43 0.24 -22.61 8.28
C GLN A 43 1.46 -23.50 8.45
N VAL A 44 2.46 -23.30 7.60
CA VAL A 44 3.69 -24.08 7.64
C VAL A 44 4.90 -23.17 7.56
N VAL A 45 6.09 -23.74 7.70
CA VAL A 45 7.32 -22.96 7.62
C VAL A 45 8.17 -23.44 6.45
N ILE A 46 8.29 -22.61 5.43
CA ILE A 46 9.08 -22.95 4.24
C ILE A 46 10.10 -21.86 3.97
N ASP A 47 11.37 -22.25 3.96
CA ASP A 47 12.49 -21.31 3.72
C ASP A 47 12.58 -20.27 4.82
N GLY A 48 12.13 -20.65 6.01
CA GLY A 48 12.15 -19.74 7.15
C GLY A 48 10.97 -18.79 7.13
N GLU A 49 10.08 -18.96 6.17
CA GLU A 49 8.91 -18.12 6.05
C GLU A 49 7.65 -18.86 6.46
N THR A 50 6.84 -18.23 7.29
CA THR A 50 5.59 -18.83 7.74
C THR A 50 4.53 -18.61 6.66
N CYS A 51 4.32 -19.62 5.83
CA CYS A 51 3.37 -19.52 4.74
C CYS A 51 2.04 -20.18 5.07
N LEU A 52 0.97 -19.64 4.52
CA LEU A 52 -0.37 -20.21 4.71
C LEU A 52 -0.74 -20.93 3.43
N LEU A 53 -0.76 -22.25 3.48
CA LEU A 53 -1.08 -23.03 2.30
C LEU A 53 -2.56 -23.37 2.19
N ASP A 54 -3.16 -22.98 1.09
CA ASP A 54 -4.56 -23.26 0.81
C ASP A 54 -4.63 -24.33 -0.25
N ILE A 55 -4.50 -25.57 0.18
CA ILE A 55 -4.51 -26.70 -0.73
C ILE A 55 -5.94 -27.08 -1.10
N LEU A 56 -6.22 -27.06 -2.40
CA LEU A 56 -7.52 -27.40 -2.91
C LEU A 56 -7.53 -28.83 -3.43
N ASP A 57 -8.31 -29.67 -2.78
CA ASP A 57 -8.44 -31.07 -3.17
C ASP A 57 -9.40 -31.15 -4.35
N THR A 58 -9.12 -32.01 -5.31
CA THR A 58 -9.96 -32.13 -6.49
C THR A 58 -10.53 -33.53 -6.65
N ALA A 59 -11.65 -33.63 -7.35
CA ALA A 59 -12.30 -34.90 -7.61
C ALA A 59 -11.59 -35.65 -8.73
N GLY A 60 -11.93 -36.92 -8.90
CA GLY A 60 -11.31 -37.72 -9.94
C GLY A 60 -12.33 -38.56 -10.68
N GLN A 61 -13.44 -37.95 -11.04
CA GLN A 61 -14.50 -38.67 -11.74
C GLN A 61 -14.74 -38.07 -13.13
N GLU A 62 -13.96 -37.05 -13.46
CA GLU A 62 -14.09 -36.35 -14.74
C GLU A 62 -15.49 -35.74 -14.89
N GLU A 63 -15.95 -35.65 -16.14
CA GLU A 63 -17.28 -35.07 -16.44
C GLU A 63 -17.31 -33.56 -16.26
N TYR A 64 -16.96 -33.10 -15.07
CA TYR A 64 -16.96 -31.66 -14.77
C TYR A 64 -15.85 -30.94 -15.52
N SER A 65 -16.22 -30.20 -16.55
CA SER A 65 -15.26 -29.44 -17.33
C SER A 65 -15.24 -27.99 -16.90
N ALA A 66 -16.43 -27.38 -16.80
CA ALA A 66 -16.56 -25.98 -16.40
C ALA A 66 -16.15 -25.77 -14.94
N MET A 67 -16.49 -26.73 -14.09
CA MET A 67 -16.16 -26.64 -12.67
C MET A 67 -14.66 -26.74 -12.43
N ARG A 68 -13.95 -27.29 -13.40
CA ARG A 68 -12.50 -27.45 -13.29
C ARG A 68 -11.80 -26.11 -13.56
N ASP A 69 -12.30 -25.39 -14.55
CA ASP A 69 -11.74 -24.10 -14.94
C ASP A 69 -11.83 -23.05 -13.83
N GLN A 70 -12.83 -23.18 -12.97
CA GLN A 70 -13.02 -22.21 -11.89
C GLN A 70 -11.82 -22.09 -10.95
N TYR A 71 -11.41 -23.22 -10.36
CA TYR A 71 -10.30 -23.20 -9.43
C TYR A 71 -8.93 -23.10 -10.10
N MET A 72 -8.88 -23.32 -11.40
CA MET A 72 -7.62 -23.24 -12.14
C MET A 72 -7.16 -21.79 -12.29
N ARG A 73 -8.09 -20.85 -12.08
CA ARG A 73 -7.77 -19.44 -12.17
C ARG A 73 -7.23 -18.94 -10.84
N THR A 74 -7.74 -19.53 -9.77
CA THR A 74 -7.34 -19.16 -8.42
C THR A 74 -6.00 -19.81 -8.04
N GLY A 75 -5.78 -21.03 -8.52
CA GLY A 75 -4.55 -21.74 -8.22
C GLY A 75 -3.33 -21.08 -8.82
N GLU A 76 -2.38 -20.73 -7.96
CA GLU A 76 -1.14 -20.09 -8.40
C GLU A 76 -0.13 -21.14 -8.81
N GLY A 77 -0.20 -22.30 -8.17
CA GLY A 77 0.69 -23.40 -8.46
C GLY A 77 -0.08 -24.71 -8.60
N PHE A 78 0.36 -25.57 -9.51
CA PHE A 78 -0.30 -26.84 -9.74
C PHE A 78 0.64 -28.02 -9.58
N LEU A 79 0.20 -28.99 -8.80
CA LEU A 79 1.00 -30.19 -8.56
C LEU A 79 0.54 -31.31 -9.49
N CYS A 80 1.43 -31.74 -10.38
CA CYS A 80 1.11 -32.81 -11.33
C CYS A 80 1.56 -34.16 -10.78
N VAL A 81 0.61 -34.88 -10.19
CA VAL A 81 0.88 -36.19 -9.61
C VAL A 81 0.36 -37.30 -10.51
N PHE A 82 1.19 -38.30 -10.75
CA PHE A 82 0.82 -39.43 -11.58
C PHE A 82 1.28 -40.73 -10.95
N ALA A 83 0.86 -41.86 -11.54
CA ALA A 83 1.24 -43.17 -11.03
C ALA A 83 2.18 -43.85 -12.02
N ILE A 84 3.29 -44.36 -11.49
CA ILE A 84 4.29 -45.04 -12.33
C ILE A 84 3.77 -46.36 -12.88
N ASN A 85 2.69 -46.86 -12.28
CA ASN A 85 2.09 -48.12 -12.71
C ASN A 85 0.78 -47.88 -13.46
N ASN A 86 0.57 -46.63 -13.86
CA ASN A 86 -0.63 -46.24 -14.59
C ASN A 86 -0.28 -45.31 -15.74
N THR A 87 -0.20 -45.87 -16.94
CA THR A 87 0.13 -45.13 -18.15
C THR A 87 -0.89 -44.01 -18.41
N LYS A 88 -2.16 -44.31 -18.20
CA LYS A 88 -3.23 -43.34 -18.41
C LYS A 88 -3.04 -42.09 -17.56
N SER A 89 -2.61 -42.28 -16.31
CA SER A 89 -2.40 -41.16 -15.41
C SER A 89 -1.25 -40.27 -15.90
N PHE A 90 -0.31 -40.88 -16.62
CA PHE A 90 0.81 -40.14 -17.16
C PHE A 90 0.38 -39.36 -18.40
N GLU A 91 -0.41 -40.01 -19.24
CA GLU A 91 -0.92 -39.39 -20.45
C GLU A 91 -1.83 -38.20 -20.11
N ASP A 92 -2.53 -38.33 -18.98
CA ASP A 92 -3.43 -37.30 -18.50
C ASP A 92 -2.67 -36.05 -18.10
N ILE A 93 -1.41 -36.21 -17.73
CA ILE A 93 -0.59 -35.08 -17.32
C ILE A 93 -0.44 -34.07 -18.47
N HIS A 94 -0.27 -34.57 -19.69
CA HIS A 94 -0.15 -33.72 -20.86
C HIS A 94 -1.44 -32.93 -21.07
N HIS A 95 -2.56 -33.63 -20.93
CA HIS A 95 -3.88 -33.01 -21.10
C HIS A 95 -4.12 -31.95 -20.04
N TYR A 96 -3.76 -32.26 -18.81
CA TYR A 96 -3.93 -31.33 -17.69
C TYR A 96 -3.20 -30.03 -17.94
N ARG A 97 -1.99 -30.12 -18.47
CA ARG A 97 -1.18 -28.95 -18.74
C ARG A 97 -1.87 -28.04 -19.75
N GLU A 98 -2.30 -28.64 -20.86
CA GLU A 98 -2.99 -27.90 -21.91
C GLU A 98 -4.26 -27.25 -21.38
N GLN A 99 -4.89 -27.94 -20.43
CA GLN A 99 -6.11 -27.45 -19.80
C GLN A 99 -5.82 -26.20 -18.98
N ILE A 100 -4.81 -26.29 -18.11
CA ILE A 100 -4.42 -25.16 -17.26
C ILE A 100 -4.05 -23.93 -18.08
N LYS A 101 -3.23 -24.13 -19.10
CA LYS A 101 -2.79 -23.02 -19.96
C LYS A 101 -3.98 -22.33 -20.62
N ARG A 102 -4.98 -23.10 -20.99
CA ARG A 102 -6.17 -22.55 -21.63
C ARG A 102 -6.99 -21.73 -20.65
N VAL A 103 -7.07 -22.20 -19.41
CA VAL A 103 -7.84 -21.52 -18.37
C VAL A 103 -7.20 -20.19 -17.96
N LYS A 104 -5.90 -20.21 -17.75
CA LYS A 104 -5.19 -19.01 -17.32
C LYS A 104 -4.78 -18.13 -18.50
N ASP A 105 -4.75 -18.70 -19.69
CA ASP A 105 -4.36 -17.98 -20.91
C ASP A 105 -2.92 -17.47 -20.79
N SER A 106 -2.09 -18.28 -20.18
CA SER A 106 -0.70 -17.94 -19.97
C SER A 106 0.20 -19.13 -20.27
N GLU A 107 1.41 -18.85 -20.69
CA GLU A 107 2.37 -19.90 -20.99
C GLU A 107 3.15 -20.26 -19.73
N ASP A 108 3.57 -19.23 -19.00
CA ASP A 108 4.35 -19.43 -17.78
C ASP A 108 3.45 -19.78 -16.61
N VAL A 109 3.41 -21.07 -16.28
CA VAL A 109 2.60 -21.56 -15.17
C VAL A 109 3.46 -22.40 -14.23
N PRO A 110 3.57 -21.98 -12.96
CA PRO A 110 4.36 -22.70 -11.95
C PRO A 110 3.77 -24.07 -11.64
N MET A 111 4.42 -25.11 -12.14
CA MET A 111 3.98 -26.47 -11.93
C MET A 111 5.17 -27.37 -11.62
N VAL A 112 4.91 -28.50 -10.99
CA VAL A 112 5.95 -29.46 -10.66
C VAL A 112 5.48 -30.87 -10.98
N LEU A 113 6.32 -31.63 -11.67
CA LEU A 113 5.98 -33.00 -12.04
C LEU A 113 6.47 -33.93 -10.95
N VAL A 114 5.55 -34.60 -10.27
CA VAL A 114 5.90 -35.49 -9.19
C VAL A 114 5.25 -36.87 -9.36
N GLY A 115 6.08 -37.89 -9.37
CA GLY A 115 5.59 -39.24 -9.50
C GLY A 115 5.37 -39.84 -8.13
N ASN A 116 4.23 -40.47 -7.93
CA ASN A 116 3.92 -41.07 -6.63
C ASN A 116 4.04 -42.59 -6.67
N LYS A 117 4.32 -43.19 -5.50
CA LYS A 117 4.47 -44.64 -5.38
C LYS A 117 5.65 -45.16 -6.17
N CYS A 118 6.71 -44.37 -6.22
CA CYS A 118 7.92 -44.75 -6.96
C CYS A 118 8.67 -45.89 -6.27
N ASP A 119 8.32 -46.17 -5.03
CA ASP A 119 8.97 -47.24 -4.27
C ASP A 119 8.40 -48.59 -4.65
N LEU A 120 7.37 -48.59 -5.49
CA LEU A 120 6.74 -49.83 -5.94
C LEU A 120 7.54 -50.46 -7.08
N PRO A 121 7.75 -51.79 -7.01
CA PRO A 121 8.50 -52.51 -8.03
C PRO A 121 7.71 -52.63 -9.34
N SER A 122 8.41 -52.90 -10.43
CA SER A 122 7.80 -53.04 -11.74
C SER A 122 7.13 -51.75 -12.21
N ARG A 123 7.92 -50.70 -12.35
CA ARG A 123 7.41 -49.41 -12.80
C ARG A 123 7.29 -49.38 -14.33
N THR A 124 6.19 -48.84 -14.81
CA THR A 124 5.98 -48.74 -16.25
C THR A 124 6.60 -47.46 -16.80
N VAL A 125 6.55 -46.40 -16.00
CA VAL A 125 7.11 -45.11 -16.38
C VAL A 125 8.59 -45.04 -16.00
N ASP A 126 9.43 -44.72 -16.97
CA ASP A 126 10.86 -44.61 -16.73
C ASP A 126 11.20 -43.20 -16.24
N THR A 127 12.25 -43.09 -15.43
CA THR A 127 12.67 -41.81 -14.90
C THR A 127 13.23 -40.89 -15.99
N LYS A 128 14.02 -41.47 -16.88
CA LYS A 128 14.64 -40.72 -17.97
C LYS A 128 13.60 -39.99 -18.82
N GLN A 129 12.58 -40.71 -19.27
CA GLN A 129 11.53 -40.13 -20.09
C GLN A 129 10.74 -39.05 -19.35
N ALA A 130 10.63 -39.20 -18.04
CA ALA A 130 9.91 -38.24 -17.22
C ALA A 130 10.74 -36.97 -17.04
N GLN A 131 12.03 -37.14 -16.81
CA GLN A 131 12.94 -36.01 -16.64
C GLN A 131 13.04 -35.22 -17.94
N ASP A 132 13.11 -35.95 -19.04
CA ASP A 132 13.20 -35.34 -20.37
C ASP A 132 11.97 -34.48 -20.65
N LEU A 133 10.81 -34.97 -20.26
CA LEU A 133 9.57 -34.24 -20.46
C LEU A 133 9.55 -32.98 -19.61
N ALA A 134 9.93 -33.12 -18.34
CA ALA A 134 9.97 -32.00 -17.40
C ALA A 134 10.92 -30.90 -17.88
N ARG A 135 12.08 -31.31 -18.36
CA ARG A 135 13.09 -30.38 -18.86
C ARG A 135 12.58 -29.65 -20.11
N SER A 136 11.80 -30.35 -20.92
CA SER A 136 11.24 -29.77 -22.13
C SER A 136 10.11 -28.79 -21.79
N TYR A 137 9.52 -28.96 -20.62
CA TYR A 137 8.44 -28.10 -20.16
C TYR A 137 9.01 -26.89 -19.42
N GLY A 138 10.08 -27.13 -18.67
CA GLY A 138 10.70 -26.08 -17.91
C GLY A 138 10.31 -26.15 -16.45
N ILE A 139 9.89 -27.35 -16.03
CA ILE A 139 9.48 -27.57 -14.65
C ILE A 139 10.31 -28.69 -14.03
N PRO A 140 10.44 -28.70 -12.70
CA PRO A 140 11.20 -29.73 -11.98
C PRO A 140 10.43 -31.03 -11.85
N PHE A 141 11.16 -32.14 -11.81
CA PHE A 141 10.56 -33.46 -11.68
C PHE A 141 11.11 -34.17 -10.43
N ILE A 142 10.21 -34.74 -9.63
CA ILE A 142 10.60 -35.44 -8.42
C ILE A 142 9.89 -36.77 -8.30
N GLU A 143 10.64 -37.81 -7.95
CA GLU A 143 10.08 -39.14 -7.76
C GLU A 143 9.88 -39.36 -6.27
N THR A 144 8.64 -39.26 -5.82
CA THR A 144 8.34 -39.40 -4.41
C THR A 144 7.37 -40.56 -4.15
N SER A 145 6.93 -40.65 -2.91
CA SER A 145 5.99 -41.67 -2.49
C SER A 145 5.38 -41.26 -1.15
N ALA A 146 4.07 -41.07 -1.15
CA ALA A 146 3.36 -40.66 0.06
C ALA A 146 3.31 -41.78 1.07
N LYS A 147 3.40 -43.01 0.58
CA LYS A 147 3.35 -44.19 1.43
C LYS A 147 4.59 -44.31 2.31
N THR A 148 5.75 -44.08 1.71
CA THR A 148 7.01 -44.17 2.44
C THR A 148 7.44 -42.82 2.99
N ARG A 149 6.62 -41.79 2.74
CA ARG A 149 6.91 -40.43 3.21
C ARG A 149 8.27 -39.98 2.69
N GLN A 150 8.49 -40.19 1.39
CA GLN A 150 9.74 -39.81 0.76
C GLN A 150 9.54 -38.72 -0.28
N GLY A 151 10.19 -37.58 -0.08
CA GLY A 151 10.11 -36.47 -1.02
C GLY A 151 8.78 -35.73 -0.98
N VAL A 152 7.89 -36.16 -0.10
CA VAL A 152 6.58 -35.55 0.02
C VAL A 152 6.70 -34.09 0.45
N ASP A 153 7.64 -33.82 1.35
CA ASP A 153 7.86 -32.47 1.84
C ASP A 153 8.53 -31.61 0.78
N ASP A 154 9.57 -32.13 0.17
CA ASP A 154 10.31 -31.40 -0.86
C ASP A 154 9.42 -31.08 -2.06
N ALA A 155 8.51 -32.00 -2.38
CA ALA A 155 7.58 -31.80 -3.50
C ALA A 155 6.78 -30.51 -3.32
N PHE A 156 6.40 -30.24 -2.08
CA PHE A 156 5.64 -29.04 -1.77
C PHE A 156 6.54 -27.81 -1.78
N TYR A 157 7.72 -27.94 -1.17
CA TYR A 157 8.68 -26.85 -1.11
C TYR A 157 9.07 -26.37 -2.51
N THR A 158 9.26 -27.32 -3.41
CA THR A 158 9.65 -27.02 -4.79
C THR A 158 8.63 -26.11 -5.48
N LEU A 159 7.34 -26.40 -5.31
CA LEU A 159 6.30 -25.60 -5.92
C LEU A 159 6.31 -24.17 -5.38
N VAL A 160 6.57 -24.03 -4.08
CA VAL A 160 6.63 -22.73 -3.44
C VAL A 160 7.74 -21.88 -4.07
N ARG A 161 8.88 -22.52 -4.32
CA ARG A 161 10.01 -21.84 -4.92
C ARG A 161 9.71 -21.42 -6.35
N GLU A 162 9.01 -22.29 -7.08
CA GLU A 162 8.64 -22.00 -8.45
C GLU A 162 7.73 -20.78 -8.53
N ILE A 163 6.76 -20.71 -7.62
CA ILE A 163 5.83 -19.59 -7.57
C ILE A 163 6.56 -18.31 -7.19
N ARG A 164 7.46 -18.41 -6.20
CA ARG A 164 8.23 -17.24 -5.74
C ARG A 164 9.05 -16.65 -6.88
N LYS A 165 9.65 -17.52 -7.68
CA LYS A 165 10.46 -17.07 -8.81
C LYS A 165 9.61 -16.42 -9.89
N HIS A 166 8.43 -17.00 -10.14
CA HIS A 166 7.51 -16.50 -11.15
C HIS A 166 7.08 -15.07 -10.82
N LYS A 167 6.83 -14.81 -9.54
CA LYS A 167 6.43 -13.49 -9.09
C LYS A 167 7.49 -12.45 -9.48
N GLU A 168 8.74 -12.83 -9.29
CA GLU A 168 9.86 -11.96 -9.63
C GLU A 168 9.98 -11.83 -11.14
N LYS A 169 9.85 -12.96 -11.84
CA LYS A 169 9.94 -12.99 -13.30
C LYS A 169 8.90 -12.07 -13.94
N MET A 170 7.67 -12.13 -13.44
CA MET A 170 6.59 -11.30 -13.95
C MET A 170 6.85 -9.82 -13.66
N SER A 171 7.43 -9.55 -12.50
CA SER A 171 7.74 -8.17 -12.11
C SER A 171 8.85 -7.59 -12.98
N LYS A 172 9.65 -8.46 -13.60
CA LYS A 172 10.74 -8.04 -14.46
C LYS A 172 10.24 -7.82 -15.88
N ASP A 173 8.92 -7.99 -16.06
CA ASP A 173 8.25 -7.84 -17.35
C ASP A 173 8.58 -8.98 -18.30
N GLY A 174 9.22 -10.02 -17.77
CA GLY A 174 9.56 -11.17 -18.57
C GLY A 174 10.84 -11.01 -19.36
N LYS A 175 10.76 -10.28 -20.47
CA LYS A 175 11.92 -10.08 -21.33
C LYS A 175 11.86 -8.72 -22.01
N LYS A 176 12.85 -8.45 -22.88
CA LYS A 176 12.94 -7.18 -23.60
C LYS A 176 13.31 -6.00 -22.69
N LYS A 177 13.96 -6.30 -21.58
CA LYS A 177 14.36 -5.27 -20.63
C LYS A 177 15.71 -5.58 -20.01
N LYS A 178 15.72 -6.42 -18.98
CA LYS A 178 16.92 -6.80 -18.25
C LYS A 178 17.40 -5.66 -17.34
N LYS A 179 16.75 -5.55 -16.18
CA LYS A 179 17.09 -4.50 -15.22
C LYS A 179 18.54 -4.57 -14.74
N LYS A 180 19.01 -5.78 -14.45
CA LYS A 180 20.39 -5.96 -14.00
C LYS A 180 21.36 -5.98 -15.18
N SER A 181 21.73 -4.80 -15.65
CA SER A 181 22.65 -4.65 -16.77
C SER A 181 24.09 -4.90 -16.32
N LYS A 182 24.95 -5.27 -17.26
CA LYS A 182 26.34 -5.54 -16.97
C LYS A 182 27.25 -4.50 -17.64
N THR A 183 26.89 -3.23 -17.45
CA THR A 183 27.66 -2.14 -18.02
C THR A 183 28.90 -1.83 -17.19
N LYS A 184 30.02 -1.62 -17.87
CA LYS A 184 31.27 -1.31 -17.20
C LYS A 184 31.73 0.11 -17.54
N THR B 2 -8.75 -3.38 18.30
CA THR B 2 -10.04 -3.78 17.77
C THR B 2 -10.58 -4.97 18.55
N GLU B 3 -11.71 -4.76 19.21
CA GLU B 3 -12.33 -5.82 19.99
C GLU B 3 -13.19 -6.71 19.09
N TYR B 4 -12.93 -8.01 19.13
CA TYR B 4 -13.67 -8.98 18.34
C TYR B 4 -14.41 -9.92 19.28
N LYS B 5 -15.73 -9.90 19.21
CA LYS B 5 -16.55 -10.74 20.08
C LYS B 5 -16.60 -12.19 19.59
N LEU B 6 -16.07 -13.09 20.41
CA LEU B 6 -16.02 -14.51 20.09
C LEU B 6 -16.79 -15.31 21.13
N VAL B 7 -17.62 -16.23 20.68
CA VAL B 7 -18.40 -17.07 21.58
C VAL B 7 -18.14 -18.55 21.30
N VAL B 8 -17.93 -19.31 22.36
CA VAL B 8 -17.65 -20.75 22.22
C VAL B 8 -18.92 -21.57 22.43
N VAL B 9 -19.36 -22.24 21.37
CA VAL B 9 -20.56 -23.07 21.44
C VAL B 9 -20.21 -24.54 21.26
N GLY B 10 -21.02 -25.42 21.83
CA GLY B 10 -20.77 -26.83 21.73
C GLY B 10 -21.42 -27.58 22.86
N ALA B 11 -21.42 -28.91 22.78
CA ALA B 11 -22.03 -29.73 23.81
C ALA B 11 -21.21 -29.72 25.10
N ASP B 12 -21.86 -30.02 26.21
CA ASP B 12 -21.22 -30.04 27.52
C ASP B 12 -20.29 -31.25 27.64
N GLY B 13 -19.01 -30.96 27.82
CA GLY B 13 -18.03 -32.02 27.96
C GLY B 13 -17.06 -32.10 26.81
N VAL B 14 -17.23 -31.22 25.83
CA VAL B 14 -16.33 -31.22 24.67
C VAL B 14 -15.00 -30.54 24.98
N GLY B 15 -14.96 -29.85 26.12
CA GLY B 15 -13.74 -29.17 26.52
C GLY B 15 -13.70 -27.73 26.06
N LYS B 16 -14.84 -27.05 26.11
CA LYS B 16 -14.93 -25.66 25.69
C LYS B 16 -14.04 -24.77 26.55
N SER B 17 -14.12 -24.96 27.87
CA SER B 17 -13.33 -24.16 28.79
C SER B 17 -11.85 -24.52 28.67
N ALA B 18 -11.57 -25.80 28.43
CA ALA B 18 -10.20 -26.29 28.31
C ALA B 18 -9.44 -25.57 27.20
N LEU B 19 -10.04 -25.50 26.01
CA LEU B 19 -9.42 -24.84 24.88
C LEU B 19 -9.12 -23.37 25.21
N THR B 20 -10.11 -22.69 25.79
CA THR B 20 -9.95 -21.31 26.17
C THR B 20 -8.86 -21.13 27.21
N ILE B 21 -8.78 -22.04 28.17
CA ILE B 21 -7.77 -21.98 29.22
C ILE B 21 -6.38 -22.15 28.59
N GLN B 22 -6.29 -22.99 27.57
CA GLN B 22 -5.03 -23.23 26.88
C GLN B 22 -4.63 -22.03 26.03
N LEU B 23 -5.55 -21.08 25.88
CA LEU B 23 -5.29 -19.90 25.09
C LEU B 23 -5.07 -18.68 25.99
N ILE B 24 -5.94 -18.52 26.99
CA ILE B 24 -5.84 -17.40 27.91
C ILE B 24 -4.77 -17.63 28.96
N GLN B 25 -4.78 -18.80 29.59
CA GLN B 25 -3.80 -19.11 30.62
C GLN B 25 -2.62 -19.89 30.05
N ASN B 26 -2.84 -20.54 28.91
CA ASN B 26 -1.80 -21.32 28.22
C ASN B 26 -1.50 -22.66 28.86
N HIS B 27 -2.47 -23.24 29.57
CA HIS B 27 -2.26 -24.54 30.20
C HIS B 27 -3.49 -25.44 30.06
N PHE B 28 -3.27 -26.74 30.15
CA PHE B 28 -4.36 -27.70 30.01
C PHE B 28 -4.89 -28.12 31.39
N VAL B 29 -6.19 -28.36 31.46
CA VAL B 29 -6.82 -28.76 32.72
C VAL B 29 -7.35 -30.19 32.63
N ASP B 30 -7.78 -30.72 33.77
CA ASP B 30 -8.32 -32.08 33.84
C ASP B 30 -9.37 -32.15 34.94
N GLU B 31 -9.96 -31.01 35.25
CA GLU B 31 -10.96 -30.92 36.30
C GLU B 31 -12.26 -30.34 35.76
N TYR B 32 -13.34 -31.08 35.98
CA TYR B 32 -14.67 -30.64 35.53
C TYR B 32 -15.09 -29.38 36.28
N ASP B 33 -15.39 -28.33 35.54
CA ASP B 33 -15.80 -27.07 36.16
C ASP B 33 -17.11 -26.57 35.55
N PRO B 34 -18.15 -26.40 36.38
CA PRO B 34 -19.47 -25.93 35.91
C PRO B 34 -19.39 -24.51 35.35
N THR B 35 -19.31 -24.40 34.03
CA THR B 35 -19.22 -23.11 33.37
C THR B 35 -20.60 -22.70 32.84
N ILE B 36 -21.06 -21.54 33.27
CA ILE B 36 -22.37 -21.04 32.84
C ILE B 36 -22.19 -19.96 31.78
N GLU B 37 -21.35 -18.99 32.09
CA GLU B 37 -21.08 -17.88 31.20
C GLU B 37 -19.83 -17.16 31.70
N ASP B 38 -18.68 -17.61 31.23
CA ASP B 38 -17.42 -17.02 31.63
C ASP B 38 -16.85 -16.13 30.54
N SER B 39 -16.66 -14.86 30.86
CA SER B 39 -16.11 -13.90 29.91
C SER B 39 -14.60 -13.76 30.07
N TYR B 40 -13.88 -13.82 28.96
CA TYR B 40 -12.43 -13.70 28.95
C TYR B 40 -12.00 -12.63 27.94
N ARG B 41 -11.03 -11.81 28.31
CA ARG B 41 -10.53 -10.76 27.45
C ARG B 41 -9.01 -10.81 27.34
N LYS B 42 -8.50 -11.04 26.14
CA LYS B 42 -7.07 -11.11 25.91
C LYS B 42 -6.69 -10.41 24.61
N GLN B 43 -5.68 -9.56 24.67
CA GLN B 43 -5.23 -8.83 23.50
C GLN B 43 -4.07 -9.55 22.82
N VAL B 44 -4.26 -9.93 21.57
CA VAL B 44 -3.22 -10.63 20.82
C VAL B 44 -2.99 -9.95 19.48
N VAL B 45 -1.96 -10.39 18.77
CA VAL B 45 -1.63 -9.82 17.47
C VAL B 45 -1.87 -10.84 16.37
N ILE B 46 -2.74 -10.50 15.43
CA ILE B 46 -3.06 -11.40 14.32
C ILE B 46 -2.78 -10.72 13.00
N ASP B 47 -1.74 -11.18 12.30
CA ASP B 47 -1.36 -10.63 11.00
C ASP B 47 -1.00 -9.15 11.12
N GLY B 48 -0.30 -8.81 12.19
CA GLY B 48 0.11 -7.44 12.42
C GLY B 48 -0.96 -6.58 13.05
N GLU B 49 -2.19 -7.09 13.10
CA GLU B 49 -3.30 -6.35 13.67
C GLU B 49 -3.43 -6.64 15.17
N THR B 50 -3.50 -5.59 15.97
CA THR B 50 -3.67 -5.75 17.41
C THR B 50 -5.15 -5.99 17.70
N CYS B 51 -5.50 -7.22 18.05
CA CYS B 51 -6.88 -7.56 18.31
C CYS B 51 -7.16 -7.88 19.77
N LEU B 52 -8.30 -7.41 20.25
CA LEU B 52 -8.73 -7.66 21.61
C LEU B 52 -9.82 -8.72 21.57
N LEU B 53 -9.49 -9.91 22.03
CA LEU B 53 -10.43 -11.01 22.01
C LEU B 53 -11.43 -10.97 23.16
N ASP B 54 -12.69 -10.83 22.80
CA ASP B 54 -13.78 -10.81 23.78
C ASP B 54 -14.47 -12.17 23.71
N ILE B 55 -13.92 -13.13 24.43
CA ILE B 55 -14.43 -14.48 24.42
C ILE B 55 -15.44 -14.73 25.54
N LEU B 56 -16.47 -15.50 25.23
CA LEU B 56 -17.50 -15.84 26.20
C LEU B 56 -17.80 -17.32 26.15
N ASP B 57 -17.41 -18.03 27.20
CA ASP B 57 -17.64 -19.48 27.28
C ASP B 57 -18.94 -19.74 28.06
N THR B 58 -19.99 -20.10 27.34
CA THR B 58 -21.27 -20.38 27.95
C THR B 58 -21.44 -21.87 28.23
N ALA B 59 -22.57 -22.27 28.77
CA ALA B 59 -22.83 -23.67 29.07
C ALA B 59 -23.29 -24.42 27.83
N GLY B 60 -23.07 -25.73 27.83
CA GLY B 60 -23.48 -26.54 26.69
C GLY B 60 -24.39 -27.68 27.13
N GLN B 61 -25.03 -27.50 28.27
CA GLN B 61 -25.92 -28.51 28.82
C GLN B 61 -27.35 -28.37 28.28
N GLU B 62 -27.48 -27.53 27.25
CA GLU B 62 -28.78 -27.28 26.61
C GLU B 62 -29.76 -26.66 27.60
N GLU B 63 -31.06 -26.84 27.33
CA GLU B 63 -32.14 -26.32 28.18
C GLU B 63 -32.29 -24.81 28.05
N TYR B 64 -31.18 -24.07 28.15
CA TYR B 64 -31.19 -22.62 28.04
C TYR B 64 -31.45 -22.15 26.62
N SER B 65 -32.72 -22.14 26.21
CA SER B 65 -33.09 -21.71 24.88
C SER B 65 -33.08 -20.18 24.78
N ALA B 66 -33.61 -19.53 25.81
CA ALA B 66 -33.68 -18.08 25.85
C ALA B 66 -32.30 -17.47 26.03
N MET B 67 -31.50 -18.06 26.92
CA MET B 67 -30.16 -17.57 27.20
C MET B 67 -29.28 -17.66 25.95
N ARG B 68 -29.50 -18.71 25.17
CA ARG B 68 -28.74 -18.94 23.95
C ARG B 68 -28.94 -17.80 22.96
N ASP B 69 -30.18 -17.34 22.84
CA ASP B 69 -30.53 -16.27 21.92
C ASP B 69 -29.85 -14.95 22.32
N GLN B 70 -29.56 -14.81 23.60
CA GLN B 70 -28.95 -13.59 24.12
C GLN B 70 -27.51 -13.39 23.64
N TYR B 71 -26.62 -14.30 24.03
CA TYR B 71 -25.21 -14.18 23.65
C TYR B 71 -24.95 -14.32 22.15
N MET B 72 -25.92 -14.89 21.45
CA MET B 72 -25.79 -15.08 20.01
C MET B 72 -26.06 -13.78 19.26
N ARG B 73 -26.78 -12.88 19.90
CA ARG B 73 -27.09 -11.59 19.30
C ARG B 73 -25.92 -10.63 19.44
N THR B 74 -25.07 -10.88 20.43
CA THR B 74 -23.92 -10.03 20.69
C THR B 74 -22.65 -10.57 20.03
N GLY B 75 -22.42 -11.87 20.17
CA GLY B 75 -21.23 -12.49 19.61
C GLY B 75 -21.15 -12.35 18.10
N GLU B 76 -19.95 -12.10 17.60
CA GLU B 76 -19.73 -11.93 16.16
C GLU B 76 -19.16 -13.19 15.54
N GLY B 77 -18.13 -13.75 16.18
CA GLY B 77 -17.51 -14.96 15.69
C GLY B 77 -17.82 -16.13 16.60
N PHE B 78 -18.41 -17.16 16.04
CA PHE B 78 -18.78 -18.33 16.83
C PHE B 78 -17.87 -19.52 16.59
N LEU B 79 -17.37 -20.09 17.67
CA LEU B 79 -16.49 -21.24 17.62
C LEU B 79 -17.28 -22.50 17.99
N CYS B 80 -17.53 -23.35 17.01
CA CYS B 80 -18.26 -24.59 17.25
C CYS B 80 -17.28 -25.70 17.60
N VAL B 81 -17.24 -26.06 18.86
CA VAL B 81 -16.32 -27.10 19.33
C VAL B 81 -17.06 -28.39 19.62
N PHE B 82 -16.59 -29.47 19.04
CA PHE B 82 -17.19 -30.77 19.25
C PHE B 82 -16.11 -31.80 19.54
N ALA B 83 -16.44 -32.80 20.33
CA ALA B 83 -15.49 -33.85 20.67
C ALA B 83 -15.54 -34.95 19.64
N ILE B 84 -14.37 -35.34 19.13
CA ILE B 84 -14.28 -36.39 18.12
C ILE B 84 -14.64 -37.77 18.69
N ASN B 85 -14.69 -37.85 20.01
CA ASN B 85 -15.02 -39.09 20.70
C ASN B 85 -16.52 -39.16 21.00
N ASN B 86 -17.25 -38.15 20.57
CA ASN B 86 -18.68 -38.10 20.80
C ASN B 86 -19.42 -37.58 19.57
N THR B 87 -20.13 -38.47 18.90
CA THR B 87 -20.87 -38.11 17.70
C THR B 87 -22.03 -37.16 18.01
N LYS B 88 -22.49 -37.18 19.25
CA LYS B 88 -23.58 -36.31 19.67
C LYS B 88 -23.21 -34.84 19.50
N SER B 89 -22.00 -34.49 19.90
CA SER B 89 -21.53 -33.11 19.77
C SER B 89 -21.40 -32.74 18.29
N PHE B 90 -21.11 -33.73 17.46
CA PHE B 90 -20.96 -33.52 16.03
C PHE B 90 -22.31 -33.22 15.40
N GLU B 91 -23.33 -33.96 15.80
CA GLU B 91 -24.68 -33.76 15.28
C GLU B 91 -25.32 -32.50 15.86
N ASP B 92 -24.84 -32.09 17.03
CA ASP B 92 -25.35 -30.90 17.70
C ASP B 92 -24.91 -29.63 16.98
N ILE B 93 -23.87 -29.77 16.17
CA ILE B 93 -23.32 -28.65 15.40
C ILE B 93 -24.39 -28.01 14.52
N HIS B 94 -25.21 -28.85 13.90
CA HIS B 94 -26.29 -28.37 13.02
C HIS B 94 -27.26 -27.47 13.78
N HIS B 95 -27.64 -27.91 14.98
CA HIS B 95 -28.58 -27.17 15.82
C HIS B 95 -28.04 -25.79 16.16
N TYR B 96 -26.78 -25.72 16.53
CA TYR B 96 -26.15 -24.46 16.87
C TYR B 96 -26.02 -23.57 15.63
N ARG B 97 -25.59 -24.18 14.52
CA ARG B 97 -25.40 -23.46 13.26
C ARG B 97 -26.68 -22.77 12.79
N GLU B 98 -27.78 -23.52 12.74
CA GLU B 98 -29.05 -22.97 12.29
C GLU B 98 -29.61 -21.99 13.30
N GLN B 99 -29.25 -22.16 14.57
CA GLN B 99 -29.72 -21.28 15.62
C GLN B 99 -29.09 -19.90 15.51
N ILE B 100 -27.77 -19.87 15.36
CA ILE B 100 -27.04 -18.61 15.23
C ILE B 100 -27.58 -17.78 14.08
N LYS B 101 -27.80 -18.43 12.95
CA LYS B 101 -28.33 -17.77 11.75
C LYS B 101 -29.71 -17.21 12.01
N ARG B 102 -30.50 -17.93 12.79
CA ARG B 102 -31.85 -17.50 13.12
C ARG B 102 -31.85 -16.34 14.10
N VAL B 103 -30.98 -16.41 15.10
CA VAL B 103 -30.87 -15.38 16.12
C VAL B 103 -30.40 -14.05 15.54
N LYS B 104 -29.33 -14.09 14.76
CA LYS B 104 -28.77 -12.88 14.17
C LYS B 104 -29.49 -12.53 12.87
N ASP B 105 -30.28 -13.46 12.37
CA ASP B 105 -31.02 -13.30 11.13
C ASP B 105 -30.06 -12.99 9.98
N SER B 106 -29.17 -13.95 9.72
CA SER B 106 -28.16 -13.81 8.67
C SER B 106 -27.65 -15.18 8.26
N GLU B 107 -27.43 -15.38 6.97
CA GLU B 107 -26.94 -16.67 6.46
C GLU B 107 -25.42 -16.73 6.59
N ASP B 108 -24.75 -15.63 6.29
CA ASP B 108 -23.29 -15.57 6.36
C ASP B 108 -22.84 -14.97 7.69
N VAL B 109 -22.37 -15.82 8.60
CA VAL B 109 -21.91 -15.38 9.91
C VAL B 109 -20.59 -16.09 10.24
N PRO B 110 -19.55 -15.31 10.62
CA PRO B 110 -18.23 -15.86 10.99
C PRO B 110 -18.35 -17.03 11.95
N MET B 111 -17.95 -18.20 11.48
CA MET B 111 -18.04 -19.41 12.29
C MET B 111 -16.91 -20.37 11.93
N VAL B 112 -16.35 -21.03 12.93
CA VAL B 112 -15.28 -21.99 12.71
C VAL B 112 -15.60 -23.30 13.44
N LEU B 113 -15.44 -24.42 12.74
CA LEU B 113 -15.69 -25.73 13.32
C LEU B 113 -14.39 -26.34 13.78
N VAL B 114 -14.32 -26.67 15.07
CA VAL B 114 -13.10 -27.25 15.63
C VAL B 114 -13.36 -28.59 16.31
N GLY B 115 -12.61 -29.60 15.89
CA GLY B 115 -12.73 -30.91 16.50
C GLY B 115 -11.75 -31.02 17.64
N ASN B 116 -12.26 -31.04 18.85
CA ASN B 116 -11.41 -31.10 20.04
C ASN B 116 -11.22 -32.53 20.53
N LYS B 117 -10.34 -32.70 21.52
CA LYS B 117 -10.04 -34.00 22.09
C LYS B 117 -9.37 -34.94 21.08
N CYS B 118 -8.57 -34.34 20.19
CA CYS B 118 -7.86 -35.10 19.15
C CYS B 118 -6.77 -35.99 19.76
N ASP B 119 -6.58 -35.86 21.06
CA ASP B 119 -5.59 -36.66 21.77
C ASP B 119 -6.17 -38.03 22.09
N LEU B 120 -7.49 -38.07 22.20
CA LEU B 120 -8.19 -39.31 22.52
C LEU B 120 -8.23 -40.26 21.33
N PRO B 121 -7.93 -41.54 21.56
CA PRO B 121 -7.92 -42.57 20.52
C PRO B 121 -9.33 -43.06 20.21
N SER B 122 -9.44 -43.92 19.19
CA SER B 122 -10.72 -44.48 18.78
C SER B 122 -11.70 -43.39 18.38
N ARG B 123 -11.38 -42.70 17.29
CA ARG B 123 -12.21 -41.61 16.77
C ARG B 123 -13.60 -42.11 16.42
N THR B 124 -14.60 -41.62 17.13
CA THR B 124 -15.98 -42.00 16.88
C THR B 124 -16.50 -41.25 15.65
N VAL B 125 -16.15 -39.97 15.56
CA VAL B 125 -16.54 -39.14 14.44
C VAL B 125 -15.51 -39.30 13.33
N ASP B 126 -15.97 -39.48 12.11
CA ASP B 126 -15.06 -39.67 10.98
C ASP B 126 -14.54 -38.34 10.45
N THR B 127 -13.30 -38.35 9.98
CA THR B 127 -12.65 -37.16 9.45
C THR B 127 -13.37 -36.65 8.22
N LYS B 128 -13.64 -37.57 7.29
CA LYS B 128 -14.30 -37.24 6.03
C LYS B 128 -15.65 -36.55 6.26
N GLN B 129 -16.50 -37.17 7.09
CA GLN B 129 -17.82 -36.60 7.35
C GLN B 129 -17.74 -35.21 7.97
N ALA B 130 -16.71 -34.99 8.81
CA ALA B 130 -16.53 -33.68 9.46
C ALA B 130 -16.16 -32.61 8.43
N GLN B 131 -15.23 -32.94 7.55
CA GLN B 131 -14.78 -32.01 6.53
C GLN B 131 -15.90 -31.75 5.53
N ASP B 132 -16.59 -32.83 5.15
CA ASP B 132 -17.69 -32.75 4.19
C ASP B 132 -18.80 -31.83 4.69
N LEU B 133 -19.16 -31.98 5.97
CA LEU B 133 -20.20 -31.17 6.58
C LEU B 133 -19.79 -29.71 6.66
N ALA B 134 -18.56 -29.46 7.10
CA ALA B 134 -18.03 -28.10 7.21
C ALA B 134 -18.04 -27.41 5.85
N ARG B 135 -17.65 -28.15 4.83
CA ARG B 135 -17.61 -27.63 3.47
C ARG B 135 -18.99 -27.19 3.00
N SER B 136 -19.99 -28.02 3.27
CA SER B 136 -21.36 -27.73 2.88
C SER B 136 -21.91 -26.51 3.62
N TYR B 137 -21.52 -26.38 4.89
CA TYR B 137 -21.97 -25.26 5.71
C TYR B 137 -21.20 -23.99 5.36
N GLY B 138 -20.11 -24.14 4.62
CA GLY B 138 -19.31 -23.00 4.24
C GLY B 138 -18.47 -22.49 5.39
N ILE B 139 -18.01 -23.41 6.24
CA ILE B 139 -17.19 -23.04 7.39
C ILE B 139 -15.90 -23.86 7.42
N PRO B 140 -14.79 -23.26 7.89
CA PRO B 140 -13.50 -23.94 7.97
C PRO B 140 -13.44 -24.92 9.14
N PHE B 141 -12.93 -26.12 8.89
CA PHE B 141 -12.80 -27.14 9.92
C PHE B 141 -11.33 -27.40 10.23
N ILE B 142 -10.94 -27.14 11.47
CA ILE B 142 -9.57 -27.35 11.89
C ILE B 142 -9.52 -28.26 13.12
N GLU B 143 -8.72 -29.32 13.03
CA GLU B 143 -8.56 -30.25 14.13
C GLU B 143 -7.62 -29.65 15.18
N THR B 144 -7.98 -29.78 16.44
CA THR B 144 -7.17 -29.23 17.50
C THR B 144 -7.17 -30.12 18.74
N SER B 145 -5.99 -30.33 19.29
CA SER B 145 -5.81 -31.11 20.50
C SER B 145 -5.48 -30.16 21.64
N ALA B 146 -6.38 -30.05 22.61
CA ALA B 146 -6.17 -29.15 23.74
C ALA B 146 -5.01 -29.58 24.62
N LYS B 147 -4.63 -30.85 24.52
CA LYS B 147 -3.54 -31.36 25.33
C LYS B 147 -2.17 -30.96 24.77
N THR B 148 -2.01 -31.05 23.47
CA THR B 148 -0.73 -30.71 22.85
C THR B 148 -0.66 -29.27 22.36
N ARG B 149 -1.82 -28.63 22.25
CA ARG B 149 -1.88 -27.23 21.76
C ARG B 149 -1.36 -27.12 20.33
N GLN B 150 -2.22 -27.47 19.38
CA GLN B 150 -1.87 -27.42 17.97
C GLN B 150 -3.13 -27.30 17.13
N GLY B 151 -3.19 -26.28 16.29
CA GLY B 151 -4.34 -26.07 15.43
C GLY B 151 -5.07 -24.80 15.80
N VAL B 152 -4.77 -24.26 16.97
CA VAL B 152 -5.40 -23.04 17.45
C VAL B 152 -5.00 -21.86 16.60
N ASP B 153 -3.71 -21.72 16.37
CA ASP B 153 -3.16 -20.63 15.56
C ASP B 153 -3.72 -20.70 14.15
N ASP B 154 -3.79 -21.92 13.62
CA ASP B 154 -4.30 -22.15 12.27
C ASP B 154 -5.75 -21.68 12.15
N ALA B 155 -6.54 -21.99 13.17
CA ALA B 155 -7.95 -21.60 13.19
C ALA B 155 -8.10 -20.09 13.27
N PHE B 156 -7.37 -19.47 14.20
CA PHE B 156 -7.43 -18.02 14.38
C PHE B 156 -6.99 -17.25 13.14
N TYR B 157 -5.94 -17.74 12.48
CA TYR B 157 -5.45 -17.09 11.27
C TYR B 157 -6.50 -17.14 10.16
N THR B 158 -7.20 -18.26 10.08
CA THR B 158 -8.23 -18.44 9.08
C THR B 158 -9.48 -17.60 9.41
N LEU B 159 -9.79 -17.52 10.70
CA LEU B 159 -10.94 -16.75 11.19
C LEU B 159 -10.95 -15.33 10.64
N VAL B 160 -9.84 -14.63 10.79
CA VAL B 160 -9.72 -13.25 10.32
C VAL B 160 -9.57 -13.19 8.80
N ARG B 161 -8.88 -14.18 8.24
CA ARG B 161 -8.63 -14.23 6.80
C ARG B 161 -9.94 -14.36 6.00
N GLU B 162 -10.90 -15.08 6.54
CA GLU B 162 -12.18 -15.27 5.87
C GLU B 162 -12.93 -13.95 5.70
N ILE B 163 -12.94 -13.14 6.75
CA ILE B 163 -13.62 -11.85 6.70
C ILE B 163 -12.95 -10.91 5.70
N ARG B 164 -11.62 -10.90 5.71
CA ARG B 164 -10.86 -10.05 4.80
C ARG B 164 -11.17 -10.38 3.34
N LYS B 165 -11.47 -11.65 3.09
CA LYS B 165 -11.78 -12.09 1.73
C LYS B 165 -13.24 -11.81 1.39
N HIS B 166 -14.12 -11.95 2.38
CA HIS B 166 -15.54 -11.68 2.19
C HIS B 166 -15.75 -10.21 1.85
N LYS B 167 -15.05 -9.35 2.56
CA LYS B 167 -15.13 -7.91 2.34
C LYS B 167 -14.82 -7.58 0.88
N GLU B 168 -13.74 -8.18 0.37
CA GLU B 168 -13.32 -7.94 -1.00
C GLU B 168 -14.35 -8.52 -1.98
N LYS B 169 -14.83 -9.74 -1.68
CA LYS B 169 -15.80 -10.41 -2.53
C LYS B 169 -17.08 -9.58 -2.66
N MET B 170 -17.50 -8.99 -1.55
CA MET B 170 -18.70 -8.15 -1.54
C MET B 170 -18.46 -6.83 -2.27
N SER B 171 -17.20 -6.46 -2.45
CA SER B 171 -16.85 -5.23 -3.14
C SER B 171 -16.97 -5.44 -4.65
N LYS B 172 -16.92 -6.69 -5.06
CA LYS B 172 -17.03 -7.05 -6.48
C LYS B 172 -18.30 -7.88 -6.69
N ASP B 173 -19.42 -7.38 -6.21
CA ASP B 173 -20.70 -8.06 -6.37
C ASP B 173 -21.18 -7.94 -7.81
N GLY B 174 -20.59 -6.98 -8.51
CA GLY B 174 -20.92 -6.75 -9.90
C GLY B 174 -19.92 -5.82 -10.53
N LYS B 175 -19.98 -4.56 -10.14
CA LYS B 175 -19.06 -3.54 -10.63
C LYS B 175 -18.76 -2.52 -9.54
N LYS B 176 -19.70 -1.60 -9.32
CA LYS B 176 -19.56 -0.56 -8.29
C LYS B 176 -18.23 0.20 -8.41
N LYS B 177 -17.27 -0.16 -7.55
CA LYS B 177 -15.96 0.51 -7.54
C LYS B 177 -15.03 -0.05 -8.61
N LYS B 178 -15.04 -1.37 -8.77
CA LYS B 178 -14.17 -2.04 -9.75
C LYS B 178 -12.71 -1.82 -9.38
N LYS B 179 -12.33 -2.26 -8.19
CA LYS B 179 -10.97 -2.11 -7.69
C LYS B 179 -10.01 -3.10 -8.35
N LYS B 180 -9.63 -4.13 -7.61
CA LYS B 180 -8.70 -5.13 -8.11
C LYS B 180 -9.39 -6.08 -9.09
N SER B 181 -8.66 -6.48 -10.11
CA SER B 181 -9.19 -7.38 -11.12
C SER B 181 -8.17 -8.45 -11.46
N LYS B 182 -8.58 -9.44 -12.27
CA LYS B 182 -7.69 -10.51 -12.67
C LYS B 182 -7.04 -10.15 -14.00
N THR B 183 -6.62 -8.90 -14.10
CA THR B 183 -5.99 -8.36 -15.29
C THR B 183 -4.56 -8.86 -15.44
N LYS B 184 -4.07 -8.87 -16.67
CA LYS B 184 -2.73 -9.33 -16.96
C LYS B 184 -2.10 -8.46 -18.04
N SER C 14 54.79 7.56 -2.15
CA SER C 14 53.52 7.56 -1.44
C SER C 14 53.76 7.66 0.07
N THR C 15 54.99 8.00 0.42
CA THR C 15 55.39 8.13 1.82
C THR C 15 54.74 9.38 2.44
N PHE C 16 54.35 10.32 1.57
CA PHE C 16 53.74 11.57 2.02
C PHE C 16 52.45 11.32 2.80
N SER C 17 51.79 10.22 2.50
CA SER C 17 50.56 9.84 3.19
C SER C 17 50.82 9.58 4.67
N LYS C 18 51.98 8.96 4.95
CA LYS C 18 52.35 8.63 6.31
C LYS C 18 52.82 9.88 7.05
N LEU C 19 53.40 10.81 6.30
CA LEU C 19 53.90 12.06 6.87
C LEU C 19 52.75 12.88 7.44
N ARG C 20 51.65 12.92 6.70
CA ARG C 20 50.47 13.66 7.11
C ARG C 20 49.74 12.91 8.22
N GLU C 21 49.76 11.57 8.10
CA GLU C 21 49.11 10.71 9.08
C GLU C 21 49.66 10.94 10.48
N GLN C 22 50.98 11.02 10.58
CA GLN C 22 51.63 11.21 11.86
C GLN C 22 51.74 12.69 12.22
N LEU C 23 50.78 13.49 11.78
CA LEU C 23 50.78 14.91 12.07
C LEU C 23 49.37 15.42 12.32
N GLY C 24 48.41 14.90 11.56
CA GLY C 24 47.03 15.31 11.70
C GLY C 24 46.47 15.17 13.12
N PRO C 25 46.30 13.93 13.61
CA PRO C 25 45.76 13.66 14.95
C PRO C 25 46.50 14.38 16.07
N VAL C 26 47.79 14.65 15.85
CA VAL C 26 48.61 15.33 16.84
C VAL C 26 48.03 16.69 17.20
N THR C 27 47.82 17.53 16.19
CA THR C 27 47.25 18.85 16.41
C THR C 27 45.74 18.76 16.58
N GLN C 28 45.16 17.65 16.11
CA GLN C 28 43.73 17.44 16.20
C GLN C 28 43.28 17.36 17.66
N GLU C 29 44.04 16.64 18.49
CA GLU C 29 43.73 16.50 19.91
C GLU C 29 43.68 17.86 20.60
N PHE C 30 44.58 18.75 20.21
CA PHE C 30 44.65 20.08 20.77
C PHE C 30 43.39 20.86 20.43
N TRP C 31 42.99 20.76 19.16
CA TRP C 31 41.80 21.45 18.68
C TRP C 31 40.55 20.89 19.35
N ASP C 32 40.54 19.59 19.59
CA ASP C 32 39.41 18.92 20.24
C ASP C 32 39.20 19.48 21.64
N ASN C 33 40.28 19.53 22.40
CA ASN C 33 40.24 20.04 23.76
C ASN C 33 39.79 21.50 23.78
N LEU C 34 40.30 22.28 22.83
CA LEU C 34 39.94 23.69 22.73
C LEU C 34 38.46 23.82 22.38
N GLU C 35 38.00 22.94 21.50
CA GLU C 35 36.60 22.95 21.08
C GLU C 35 35.69 22.57 22.25
N LYS C 36 36.08 21.55 23.00
CA LYS C 36 35.32 21.11 24.17
C LYS C 36 35.19 22.25 25.18
N GLU C 37 36.24 23.05 25.28
CA GLU C 37 36.24 24.19 26.19
C GLU C 37 35.19 25.19 25.74
N THR C 38 35.14 25.41 24.43
CA THR C 38 34.19 26.33 23.84
C THR C 38 32.77 25.77 23.96
N GLU C 39 32.65 24.45 23.83
CA GLU C 39 31.36 23.77 23.95
C GLU C 39 30.77 24.05 25.32
N GLY C 40 31.61 23.95 26.35
CA GLY C 40 31.17 24.21 27.71
C GLY C 40 30.75 25.65 27.89
N LEU C 41 31.51 26.56 27.29
CA LEU C 41 31.21 27.99 27.39
C LEU C 41 29.89 28.29 26.68
N ARG C 42 29.69 27.63 25.56
CA ARG C 42 28.49 27.80 24.76
C ARG C 42 27.29 27.19 25.49
N GLN C 43 27.54 26.11 26.21
CA GLN C 43 26.51 25.41 26.95
C GLN C 43 25.89 26.30 28.02
N GLU C 44 26.73 26.97 28.80
CA GLU C 44 26.27 27.86 29.86
C GLU C 44 25.45 29.01 29.27
N MET C 45 25.84 29.45 28.07
CA MET C 45 25.13 30.53 27.39
C MET C 45 23.71 30.11 27.05
N SER C 46 23.58 28.91 26.50
CA SER C 46 22.28 28.37 26.12
C SER C 46 21.47 28.02 27.37
N LYS C 47 22.17 27.66 28.44
CA LYS C 47 21.54 27.31 29.71
C LYS C 47 20.87 28.54 30.31
N ASP C 48 21.54 29.68 30.20
CA ASP C 48 21.01 30.94 30.72
C ASP C 48 19.73 31.30 29.99
N LEU C 49 19.70 31.03 28.69
CA LEU C 49 18.54 31.32 27.86
C LEU C 49 17.43 30.28 28.09
N GLU C 50 17.84 29.07 28.47
CA GLU C 50 16.90 27.99 28.75
C GLU C 50 16.02 28.37 29.94
N GLU C 51 16.63 29.08 30.88
CA GLU C 51 15.96 29.54 32.07
C GLU C 51 14.90 30.58 31.70
N VAL C 52 15.27 31.48 30.79
CA VAL C 52 14.37 32.53 30.33
C VAL C 52 13.14 31.96 29.64
N LYS C 53 13.32 30.86 28.90
CA LYS C 53 12.23 30.20 28.19
C LYS C 53 11.11 29.78 29.16
N ALA C 54 11.51 29.30 30.32
CA ALA C 54 10.54 28.85 31.32
C ALA C 54 10.04 30.02 32.17
N LYS C 55 10.81 31.09 32.22
CA LYS C 55 10.44 32.26 33.00
C LYS C 55 9.28 33.03 32.37
N VAL C 56 9.38 33.30 31.07
CA VAL C 56 8.34 34.05 30.37
C VAL C 56 7.21 33.15 29.86
N GLN C 57 7.35 31.86 30.12
CA GLN C 57 6.37 30.87 29.69
C GLN C 57 4.97 31.09 30.30
N PRO C 58 4.85 31.20 31.66
CA PRO C 58 3.55 31.39 32.32
C PRO C 58 2.86 32.68 31.90
N TYR C 59 3.65 33.71 31.60
CA TYR C 59 3.11 35.00 31.19
C TYR C 59 2.30 34.86 29.89
N LEU C 60 2.85 34.12 28.95
CA LEU C 60 2.20 33.91 27.67
C LEU C 60 1.02 32.96 27.82
N ASP C 61 1.14 32.01 28.75
CA ASP C 61 0.08 31.04 29.00
C ASP C 61 -1.19 31.74 29.47
N ASP C 62 -1.04 32.57 30.50
CA ASP C 62 -2.18 33.32 31.05
C ASP C 62 -2.75 34.28 30.02
N PHE C 63 -1.85 35.00 29.34
CA PHE C 63 -2.25 35.98 28.33
C PHE C 63 -3.09 35.33 27.23
N GLN C 64 -2.72 34.13 26.82
CA GLN C 64 -3.44 33.43 25.77
C GLN C 64 -4.80 32.93 26.25
N LYS C 65 -4.84 32.35 27.44
CA LYS C 65 -6.09 31.84 27.99
C LYS C 65 -7.07 32.99 28.28
N LYS C 66 -6.51 34.15 28.58
CA LYS C 66 -7.30 35.34 28.87
C LYS C 66 -8.04 35.79 27.61
N TRP C 67 -7.39 35.64 26.46
CA TRP C 67 -7.99 36.02 25.19
C TRP C 67 -8.95 34.95 24.68
N GLN C 68 -8.75 33.73 25.17
CA GLN C 68 -9.59 32.60 24.79
C GLN C 68 -11.03 32.89 25.18
N GLU C 69 -11.21 33.53 26.32
CA GLU C 69 -12.54 33.90 26.82
C GLU C 69 -13.25 34.81 25.84
N GLU C 70 -12.52 35.81 25.35
CA GLU C 70 -13.07 36.78 24.41
C GLU C 70 -13.43 36.10 23.09
N MET C 71 -12.61 35.15 22.68
CA MET C 71 -12.84 34.41 21.44
C MET C 71 -14.06 33.50 21.57
N GLU C 72 -14.23 32.91 22.75
CA GLU C 72 -15.37 32.03 23.00
C GLU C 72 -16.65 32.85 23.08
N LEU C 73 -16.55 33.99 23.77
CA LEU C 73 -17.69 34.91 23.94
C LEU C 73 -18.23 35.35 22.59
N TYR C 74 -17.32 35.75 21.69
CA TYR C 74 -17.70 36.20 20.36
C TYR C 74 -18.32 35.05 19.57
N ARG C 75 -17.78 33.85 19.76
CA ARG C 75 -18.29 32.67 19.08
C ARG C 75 -19.75 32.43 19.42
N GLN C 76 -20.08 32.59 20.69
CA GLN C 76 -21.44 32.41 21.16
C GLN C 76 -22.30 33.60 20.75
N LYS C 77 -21.68 34.76 20.72
CA LYS C 77 -22.38 35.99 20.36
C LYS C 77 -22.90 35.97 18.92
N VAL C 78 -22.10 35.44 18.01
CA VAL C 78 -22.48 35.38 16.60
C VAL C 78 -23.41 34.21 16.30
N GLU C 79 -23.55 33.29 17.26
CA GLU C 79 -24.40 32.11 17.07
C GLU C 79 -25.85 32.45 16.70
N PRO C 80 -26.56 33.27 17.51
CA PRO C 80 -27.96 33.65 17.23
C PRO C 80 -28.11 34.30 15.85
N LEU C 81 -27.21 35.22 15.53
CA LEU C 81 -27.25 35.92 14.26
C LEU C 81 -26.96 34.98 13.10
N ARG C 82 -25.99 34.08 13.30
CA ARG C 82 -25.63 33.12 12.27
C ARG C 82 -26.83 32.28 11.85
N ALA C 83 -27.66 31.91 12.82
CA ALA C 83 -28.86 31.12 12.56
C ALA C 83 -29.92 31.95 11.82
N GLU C 84 -30.10 33.19 12.25
CA GLU C 84 -31.07 34.09 11.65
C GLU C 84 -30.73 34.38 10.19
N LEU C 85 -29.48 34.77 9.96
CA LEU C 85 -29.01 35.07 8.61
C LEU C 85 -29.11 33.84 7.72
N GLN C 86 -28.91 32.68 8.32
CA GLN C 86 -28.99 31.41 7.61
C GLN C 86 -30.41 31.13 7.14
N GLU C 87 -31.37 31.32 8.05
CA GLU C 87 -32.78 31.10 7.74
C GLU C 87 -33.21 32.01 6.59
N GLY C 88 -32.86 33.28 6.70
CA GLY C 88 -33.21 34.26 5.69
C GLY C 88 -32.52 33.99 4.35
N ALA C 89 -31.35 33.37 4.41
CA ALA C 89 -30.61 33.04 3.20
C ALA C 89 -31.27 31.89 2.46
N ARG C 90 -31.74 30.90 3.21
CA ARG C 90 -32.39 29.73 2.63
C ARG C 90 -33.73 30.10 2.01
N GLN C 91 -34.51 30.90 2.73
CA GLN C 91 -35.84 31.30 2.25
C GLN C 91 -35.73 32.42 1.20
N LYS C 92 -34.90 32.20 0.19
CA LYS C 92 -34.71 33.20 -0.87
C LYS C 92 -34.91 32.58 -2.24
N LEU C 93 -34.14 31.55 -2.55
CA LEU C 93 -34.24 30.89 -3.85
C LEU C 93 -35.58 30.17 -4.01
N HIS C 94 -36.31 30.02 -2.90
CA HIS C 94 -37.61 29.37 -2.92
C HIS C 94 -38.54 30.02 -3.93
N GLU C 95 -38.61 31.34 -3.87
CA GLU C 95 -39.45 32.12 -4.78
C GLU C 95 -38.84 32.21 -6.17
N LEU C 96 -37.52 32.33 -6.21
CA LEU C 96 -36.77 32.46 -7.46
C LEU C 96 -36.79 31.19 -8.31
N GLN C 97 -36.42 30.06 -7.70
CA GLN C 97 -36.37 28.79 -8.40
C GLN C 97 -37.74 28.37 -8.93
N GLU C 98 -38.77 28.63 -8.14
CA GLU C 98 -40.12 28.26 -8.52
C GLU C 98 -40.66 29.11 -9.66
N LYS C 99 -39.96 30.21 -9.96
CA LYS C 99 -40.37 31.11 -11.02
C LYS C 99 -39.59 30.86 -12.31
N LEU C 100 -38.36 30.36 -12.19
CA LEU C 100 -37.53 30.11 -13.36
C LEU C 100 -37.57 28.66 -13.84
N SER C 101 -37.81 27.72 -12.94
CA SER C 101 -37.84 26.30 -13.29
C SER C 101 -38.82 25.92 -14.40
N PRO C 102 -40.13 26.27 -14.28
CA PRO C 102 -41.14 25.91 -15.30
C PRO C 102 -40.76 26.36 -16.70
N LEU C 103 -40.27 27.60 -16.82
CA LEU C 103 -39.88 28.15 -18.10
C LEU C 103 -38.62 27.47 -18.64
N GLY C 104 -37.75 27.05 -17.75
CA GLY C 104 -36.53 26.39 -18.15
C GLY C 104 -36.77 24.95 -18.58
N GLU C 105 -37.57 24.24 -17.79
CA GLU C 105 -37.88 22.85 -18.05
C GLU C 105 -38.61 22.67 -19.39
N GLU C 106 -39.57 23.55 -19.68
CA GLU C 106 -40.32 23.46 -20.93
C GLU C 106 -39.39 23.59 -22.13
N MET C 107 -38.48 24.55 -22.06
CA MET C 107 -37.55 24.79 -23.15
C MET C 107 -36.62 23.60 -23.36
N ARG C 108 -36.35 22.86 -22.29
CA ARG C 108 -35.49 21.68 -22.35
C ARG C 108 -36.08 20.61 -23.26
N ASP C 109 -37.35 20.30 -23.04
CA ASP C 109 -38.05 19.30 -23.84
C ASP C 109 -38.17 19.76 -25.29
N ARG C 110 -38.50 21.04 -25.46
CA ARG C 110 -38.64 21.63 -26.79
C ARG C 110 -37.32 21.56 -27.56
N ALA C 111 -36.21 21.64 -26.83
CA ALA C 111 -34.90 21.57 -27.45
C ALA C 111 -34.63 20.15 -27.92
N ARG C 112 -34.90 19.17 -27.04
CA ARG C 112 -34.69 17.76 -27.37
C ARG C 112 -35.52 17.35 -28.59
N ALA C 113 -36.76 17.81 -28.63
CA ALA C 113 -37.66 17.51 -29.74
C ALA C 113 -37.05 17.96 -31.07
N HIS C 114 -36.42 19.12 -31.04
CA HIS C 114 -35.79 19.68 -32.25
C HIS C 114 -34.55 18.87 -32.63
N VAL C 115 -33.82 18.40 -31.63
CA VAL C 115 -32.61 17.62 -31.87
C VAL C 115 -32.94 16.34 -32.62
N ASP C 116 -34.02 15.68 -32.20
CA ASP C 116 -34.47 14.44 -32.84
C ASP C 116 -34.91 14.73 -34.27
N ALA C 117 -35.64 15.84 -34.43
CA ALA C 117 -36.13 16.24 -35.74
C ALA C 117 -34.98 16.50 -36.70
N LEU C 118 -33.97 17.21 -36.22
CA LEU C 118 -32.80 17.54 -37.03
C LEU C 118 -32.11 16.27 -37.54
N ARG C 119 -31.98 15.28 -36.66
CA ARG C 119 -31.34 14.02 -37.03
C ARG C 119 -32.16 13.28 -38.07
N THR C 120 -33.47 13.21 -37.85
CA THR C 120 -34.38 12.53 -38.76
C THR C 120 -34.48 13.26 -40.11
N HIS C 121 -34.14 14.54 -40.10
CA HIS C 121 -34.19 15.34 -41.31
C HIS C 121 -32.94 15.12 -42.17
N LEU C 122 -31.77 15.21 -41.55
CA LEU C 122 -30.51 15.06 -42.27
C LEU C 122 -30.17 13.60 -42.60
N ALA C 123 -30.74 12.67 -41.85
CA ALA C 123 -30.47 11.24 -42.06
C ALA C 123 -30.66 10.77 -43.51
N PRO C 124 -31.88 10.91 -44.10
CA PRO C 124 -32.14 10.45 -45.47
C PRO C 124 -31.24 11.11 -46.52
N TYR C 125 -31.01 12.41 -46.37
CA TYR C 125 -30.18 13.16 -47.31
C TYR C 125 -28.72 12.71 -47.24
N SER C 126 -28.22 12.52 -46.03
CA SER C 126 -26.84 12.11 -45.84
C SER C 126 -26.62 10.68 -46.31
N ASP C 127 -27.62 9.84 -46.10
CA ASP C 127 -27.54 8.43 -46.51
C ASP C 127 -27.39 8.32 -48.02
N GLU C 128 -28.18 9.10 -48.74
CA GLU C 128 -28.13 9.11 -50.20
C GLU C 128 -26.81 9.68 -50.69
N LEU C 129 -26.35 10.74 -50.03
CA LEU C 129 -25.09 11.38 -50.39
C LEU C 129 -23.91 10.45 -50.15
N ARG C 130 -23.94 9.73 -49.04
CA ARG C 130 -22.87 8.80 -48.70
C ARG C 130 -22.80 7.67 -49.71
N GLN C 131 -23.98 7.17 -50.10
CA GLN C 131 -24.09 6.08 -51.06
C GLN C 131 -23.50 6.48 -52.41
N ARG C 132 -23.83 7.69 -52.86
CA ARG C 132 -23.34 8.20 -54.13
C ARG C 132 -21.82 8.33 -54.12
N LEU C 133 -21.29 8.84 -53.02
CA LEU C 133 -19.85 9.04 -52.90
C LEU C 133 -19.12 7.70 -52.80
N ALA C 134 -19.78 6.69 -52.22
CA ALA C 134 -19.19 5.37 -52.07
C ALA C 134 -18.80 4.80 -53.44
N ALA C 135 -19.73 4.84 -54.38
CA ALA C 135 -19.49 4.33 -55.72
C ALA C 135 -18.48 5.21 -56.45
N ARG C 136 -18.43 6.48 -56.09
CA ARG C 136 -17.51 7.42 -56.70
C ARG C 136 -16.06 7.10 -56.31
N LEU C 137 -15.84 6.87 -55.02
CA LEU C 137 -14.52 6.55 -54.52
C LEU C 137 -14.03 5.22 -55.09
N GLU C 138 -14.97 4.29 -55.27
CA GLU C 138 -14.65 2.98 -55.79
C GLU C 138 -14.14 3.08 -57.24
N ALA C 139 -14.83 3.86 -58.05
CA ALA C 139 -14.45 4.04 -59.46
C ALA C 139 -13.04 4.65 -59.54
N LEU C 140 -12.76 5.54 -58.61
CA LEU C 140 -11.47 6.21 -58.55
C LEU C 140 -10.37 5.22 -58.15
N LYS C 141 -10.71 4.32 -57.23
CA LYS C 141 -9.78 3.32 -56.76
C LYS C 141 -9.50 2.25 -57.83
N GLU C 142 -10.52 1.90 -58.58
CA GLU C 142 -10.41 0.90 -59.63
C GLU C 142 -9.30 1.21 -60.63
N ASN C 143 -9.28 2.43 -61.14
CA ASN C 143 -8.26 2.84 -62.11
C ASN C 143 -6.92 3.10 -61.46
N GLY C 144 -6.95 3.56 -60.21
CA GLY C 144 -5.72 3.87 -59.49
C GLY C 144 -4.88 2.64 -59.22
N GLY C 145 -5.53 1.55 -58.83
CA GLY C 145 -4.83 0.31 -58.52
C GLY C 145 -4.11 -0.28 -59.72
N ALA C 146 -4.65 -0.02 -60.91
CA ALA C 146 -4.05 -0.53 -62.14
C ALA C 146 -2.66 0.08 -62.37
N ARG C 147 -2.58 1.39 -62.28
CA ARG C 147 -1.32 2.09 -62.48
C ARG C 147 -0.36 1.86 -61.32
N LEU C 148 -0.93 1.58 -60.16
CA LEU C 148 -0.16 1.32 -58.96
C LEU C 148 0.67 0.05 -59.12
N ALA C 149 0.09 -0.96 -59.75
CA ALA C 149 0.78 -2.22 -59.98
C ALA C 149 2.03 -2.01 -60.83
N GLU C 150 1.88 -1.17 -61.86
CA GLU C 150 2.99 -0.84 -62.76
C GLU C 150 4.10 -0.14 -61.98
N TYR C 151 3.72 0.81 -61.14
CA TYR C 151 4.65 1.58 -60.33
C TYR C 151 5.42 0.68 -59.36
N HIS C 152 4.71 -0.29 -58.77
CA HIS C 152 5.32 -1.20 -57.82
C HIS C 152 6.40 -2.04 -58.50
N ALA C 153 6.06 -2.61 -59.65
CA ALA C 153 6.99 -3.44 -60.40
C ALA C 153 8.27 -2.68 -60.73
N LYS C 154 8.12 -1.42 -61.13
CA LYS C 154 9.27 -0.59 -61.47
C LYS C 154 10.08 -0.25 -60.22
N ALA C 155 9.37 0.00 -59.12
CA ALA C 155 10.00 0.34 -57.86
C ALA C 155 10.87 -0.79 -57.30
N THR C 156 10.34 -2.01 -57.29
CA THR C 156 11.07 -3.15 -56.78
C THR C 156 12.38 -3.38 -57.54
N GLU C 157 12.33 -3.21 -58.85
CA GLU C 157 13.51 -3.38 -59.69
C GLU C 157 14.52 -2.26 -59.43
N HIS C 158 14.03 -1.03 -59.39
CA HIS C 158 14.87 0.13 -59.17
C HIS C 158 15.53 0.09 -57.80
N LEU C 159 14.82 -0.43 -56.81
CA LEU C 159 15.33 -0.52 -55.45
C LEU C 159 16.39 -1.61 -55.30
N SER C 160 16.39 -2.56 -56.22
CA SER C 160 17.35 -3.66 -56.15
C SER C 160 18.51 -3.43 -57.12
N THR C 161 19.47 -2.59 -56.73
CA THR C 161 20.62 -2.30 -57.57
C THR C 161 21.87 -1.99 -56.73
N LEU C 162 21.83 -0.86 -56.03
CA LEU C 162 22.95 -0.40 -55.22
C LEU C 162 23.37 -1.39 -54.15
N SER C 163 22.42 -1.85 -53.33
CA SER C 163 22.71 -2.78 -52.24
C SER C 163 23.45 -4.04 -52.71
N GLU C 164 23.03 -4.57 -53.85
CA GLU C 164 23.63 -5.78 -54.40
C GLU C 164 25.12 -5.61 -54.67
N LYS C 165 25.50 -4.43 -55.14
CA LYS C 165 26.89 -4.16 -55.48
C LYS C 165 27.61 -3.35 -54.40
N ALA C 166 26.94 -3.13 -53.29
CA ALA C 166 27.53 -2.37 -52.18
C ALA C 166 28.25 -3.30 -51.22
N LYS C 167 27.72 -4.51 -51.07
CA LYS C 167 28.29 -5.50 -50.16
C LYS C 167 29.73 -5.92 -50.54
N PRO C 168 29.98 -6.39 -51.78
CA PRO C 168 31.32 -6.81 -52.22
C PRO C 168 32.38 -5.73 -51.99
N ALA C 169 32.06 -4.49 -52.38
CA ALA C 169 32.99 -3.38 -52.24
C ALA C 169 33.30 -3.11 -50.77
N LEU C 170 32.27 -3.17 -49.92
CA LEU C 170 32.44 -2.92 -48.49
C LEU C 170 33.33 -3.99 -47.86
N GLU C 171 33.08 -5.24 -48.23
CA GLU C 171 33.85 -6.37 -47.72
C GLU C 171 35.33 -6.22 -48.08
N ASP C 172 35.58 -6.01 -49.36
CA ASP C 172 36.95 -5.84 -49.87
C ASP C 172 37.66 -4.67 -49.18
N LEU C 173 36.93 -3.59 -48.96
CA LEU C 173 37.49 -2.40 -48.32
C LEU C 173 37.93 -2.69 -46.89
N ARG C 174 37.09 -3.43 -46.17
CA ARG C 174 37.37 -3.79 -44.77
C ARG C 174 38.63 -4.62 -44.66
N GLN C 175 38.82 -5.53 -45.62
CA GLN C 175 39.99 -6.41 -45.63
C GLN C 175 41.28 -5.67 -45.99
N GLY C 176 41.14 -4.58 -46.75
CA GLY C 176 42.30 -3.81 -47.15
C GLY C 176 42.89 -2.97 -46.03
N LEU C 177 42.06 -2.60 -45.07
CA LEU C 177 42.50 -1.77 -43.95
C LEU C 177 43.00 -2.62 -42.79
N LEU C 178 42.72 -3.92 -42.85
CA LEU C 178 43.12 -4.84 -41.79
C LEU C 178 44.63 -4.88 -41.51
N PRO C 179 45.49 -5.14 -42.53
CA PRO C 179 46.95 -5.21 -42.34
C PRO C 179 47.53 -4.06 -41.54
N VAL C 180 47.19 -2.84 -41.92
CA VAL C 180 47.70 -1.65 -41.24
C VAL C 180 47.15 -1.56 -39.81
N LEU C 181 45.84 -1.81 -39.65
CA LEU C 181 45.21 -1.75 -38.34
C LEU C 181 45.78 -2.81 -37.40
N GLU C 182 46.01 -4.00 -37.93
CA GLU C 182 46.56 -5.10 -37.15
C GLU C 182 47.94 -4.73 -36.59
N SER C 183 48.69 -3.95 -37.34
CA SER C 183 50.02 -3.52 -36.92
C SER C 183 49.92 -2.42 -35.85
N PHE C 184 49.01 -1.48 -36.08
CA PHE C 184 48.81 -0.36 -35.17
C PHE C 184 48.38 -0.83 -33.78
N LYS C 185 47.51 -1.84 -33.75
CA LYS C 185 47.01 -2.40 -32.48
C LYS C 185 48.17 -2.95 -31.64
N VAL C 186 49.14 -3.55 -32.31
CA VAL C 186 50.29 -4.13 -31.63
C VAL C 186 51.13 -3.03 -30.99
N SER C 187 51.39 -1.96 -31.75
CA SER C 187 52.15 -0.85 -31.25
C SER C 187 51.44 -0.20 -30.07
N PHE C 188 50.12 -0.08 -30.17
CA PHE C 188 49.31 0.52 -29.12
C PHE C 188 49.42 -0.30 -27.82
N LEU C 189 49.30 -1.62 -27.93
CA LEU C 189 49.38 -2.49 -26.76
C LEU C 189 50.72 -2.34 -26.05
N SER C 190 51.78 -2.14 -26.83
CA SER C 190 53.11 -1.98 -26.29
C SER C 190 53.28 -0.63 -25.59
N ALA C 191 52.69 0.42 -26.15
CA ALA C 191 52.78 1.75 -25.57
C ALA C 191 51.85 1.92 -24.38
N LEU C 192 50.67 1.33 -24.46
CA LEU C 192 49.66 1.42 -23.41
C LEU C 192 50.17 0.88 -22.08
N GLU C 193 50.78 -0.30 -22.11
CA GLU C 193 51.31 -0.92 -20.90
C GLU C 193 52.47 -0.14 -20.29
N GLU C 194 53.07 0.75 -21.09
CA GLU C 194 54.18 1.56 -20.62
C GLU C 194 53.65 2.72 -19.78
N TYR C 195 52.43 3.16 -20.10
CA TYR C 195 51.81 4.27 -19.38
C TYR C 195 51.30 3.83 -18.02
N THR C 196 50.75 2.61 -17.97
CA THR C 196 50.22 2.06 -16.73
C THR C 196 51.31 1.91 -15.68
N LYS C 197 52.49 1.49 -16.11
CA LYS C 197 53.62 1.30 -15.22
C LYS C 197 54.07 2.63 -14.61
N LYS C 198 53.90 3.70 -15.36
CA LYS C 198 54.28 5.03 -14.89
C LYS C 198 53.29 5.52 -13.83
N LEU C 199 52.01 5.31 -14.09
CA LEU C 199 50.96 5.73 -13.16
C LEU C 199 50.98 4.86 -11.90
N ASN C 200 51.13 3.56 -12.09
CA ASN C 200 51.17 2.62 -10.97
C ASN C 200 52.43 2.86 -10.14
N SER D 14 30.64 6.11 -56.31
CA SER D 14 29.67 7.11 -56.76
C SER D 14 29.04 6.69 -58.08
N THR D 15 29.60 5.64 -58.67
CA THR D 15 29.12 5.13 -59.95
C THR D 15 27.71 4.54 -59.82
N PHE D 16 27.53 3.70 -58.82
CA PHE D 16 26.25 3.05 -58.59
C PHE D 16 25.24 4.07 -58.08
N SER D 17 25.75 5.07 -57.34
CA SER D 17 24.90 6.12 -56.79
C SER D 17 24.25 6.91 -57.93
N LYS D 18 25.04 7.18 -58.97
CA LYS D 18 24.55 7.91 -60.13
C LYS D 18 23.57 7.05 -60.93
N LEU D 19 23.76 5.74 -60.91
CA LEU D 19 22.90 4.82 -61.62
C LEU D 19 21.47 4.90 -61.08
N ARG D 20 21.36 5.06 -59.76
CA ARG D 20 20.07 5.17 -59.10
C ARG D 20 19.33 6.41 -59.61
N GLU D 21 20.06 7.51 -59.70
CA GLU D 21 19.47 8.78 -60.14
C GLU D 21 19.24 8.77 -61.66
N GLN D 22 19.96 7.93 -62.36
CA GLN D 22 19.84 7.81 -63.80
C GLN D 22 18.48 7.27 -64.20
N LEU D 23 17.93 6.39 -63.37
CA LEU D 23 16.63 5.79 -63.65
C LEU D 23 15.56 6.33 -62.69
N GLY D 24 15.89 7.41 -61.99
CA GLY D 24 14.94 7.98 -61.04
C GLY D 24 13.91 8.88 -61.71
N PRO D 25 14.29 10.12 -62.08
CA PRO D 25 13.40 11.09 -62.73
C PRO D 25 12.54 10.49 -63.84
N VAL D 26 13.11 9.60 -64.64
CA VAL D 26 12.38 8.94 -65.73
C VAL D 26 11.10 8.29 -65.22
N THR D 27 11.22 7.52 -64.15
CA THR D 27 10.10 6.82 -63.56
C THR D 27 9.18 7.78 -62.79
N GLN D 28 9.78 8.76 -62.13
CA GLN D 28 9.03 9.73 -61.33
C GLN D 28 8.17 10.64 -62.21
N GLU D 29 8.75 11.12 -63.30
CA GLU D 29 8.05 11.99 -64.23
C GLU D 29 6.80 11.32 -64.80
N PHE D 30 6.94 10.05 -65.16
CA PHE D 30 5.84 9.27 -65.71
C PHE D 30 4.72 9.12 -64.67
N TRP D 31 5.12 8.91 -63.42
CA TRP D 31 4.17 8.74 -62.33
C TRP D 31 3.39 10.03 -62.08
N ASP D 32 4.09 11.17 -62.12
CA ASP D 32 3.46 12.47 -61.90
C ASP D 32 2.45 12.73 -63.01
N ASN D 33 2.82 12.31 -64.22
CA ASN D 33 1.94 12.47 -65.38
C ASN D 33 0.65 11.70 -65.16
N LEU D 34 0.81 10.48 -64.66
CA LEU D 34 -0.32 9.60 -64.40
C LEU D 34 -1.19 10.20 -63.29
N GLU D 35 -0.56 10.64 -62.22
CA GLU D 35 -1.27 11.23 -61.09
C GLU D 35 -2.02 12.49 -61.52
N LYS D 36 -1.48 13.20 -62.51
CA LYS D 36 -2.11 14.40 -63.01
C LYS D 36 -3.47 14.06 -63.63
N GLU D 37 -3.54 12.89 -64.26
CA GLU D 37 -4.77 12.41 -64.86
C GLU D 37 -5.80 12.14 -63.78
N THR D 38 -5.35 11.45 -62.73
CA THR D 38 -6.21 11.12 -61.61
C THR D 38 -6.74 12.39 -60.96
N GLU D 39 -5.90 13.43 -60.93
CA GLU D 39 -6.30 14.71 -60.36
C GLU D 39 -7.50 15.27 -61.10
N GLY D 40 -7.41 15.25 -62.42
CA GLY D 40 -8.50 15.74 -63.25
C GLY D 40 -9.76 14.92 -63.02
N LEU D 41 -9.58 13.61 -62.88
CA LEU D 41 -10.70 12.71 -62.65
C LEU D 41 -11.34 13.01 -61.29
N ARG D 42 -10.51 13.20 -60.28
CA ARG D 42 -10.96 13.51 -58.93
C ARG D 42 -11.71 14.85 -58.92
N GLN D 43 -11.18 15.80 -59.68
CA GLN D 43 -11.76 17.14 -59.75
C GLN D 43 -13.21 17.08 -60.23
N GLU D 44 -13.44 16.36 -61.32
CA GLU D 44 -14.78 16.22 -61.88
C GLU D 44 -15.70 15.50 -60.90
N MET D 45 -15.18 14.46 -60.26
CA MET D 45 -15.95 13.68 -59.28
C MET D 45 -16.38 14.56 -58.12
N SER D 46 -15.47 15.43 -57.68
CA SER D 46 -15.75 16.33 -56.57
C SER D 46 -16.79 17.37 -56.95
N LYS D 47 -16.73 17.84 -58.19
CA LYS D 47 -17.68 18.85 -58.67
C LYS D 47 -19.11 18.30 -58.67
N ASP D 48 -19.25 17.04 -59.06
CA ASP D 48 -20.54 16.38 -59.10
C ASP D 48 -21.14 16.27 -57.70
N LEU D 49 -20.27 16.09 -56.72
CA LEU D 49 -20.70 15.95 -55.33
C LEU D 49 -20.96 17.30 -54.68
N GLU D 50 -20.15 18.30 -55.06
CA GLU D 50 -20.26 19.65 -54.51
C GLU D 50 -21.65 20.23 -54.72
N GLU D 51 -22.23 19.95 -55.88
CA GLU D 51 -23.55 20.45 -56.23
C GLU D 51 -24.61 19.86 -55.30
N VAL D 52 -24.49 18.58 -54.99
CA VAL D 52 -25.44 17.90 -54.13
C VAL D 52 -25.38 18.48 -52.71
N LYS D 53 -24.16 18.75 -52.24
CA LYS D 53 -23.98 19.30 -50.90
C LYS D 53 -24.64 20.68 -50.78
N ALA D 54 -24.61 21.44 -51.87
CA ALA D 54 -25.20 22.77 -51.89
C ALA D 54 -26.72 22.70 -51.96
N LYS D 55 -27.24 21.50 -52.19
CA LYS D 55 -28.68 21.29 -52.28
C LYS D 55 -29.25 20.89 -50.92
N VAL D 56 -28.39 20.39 -50.03
CA VAL D 56 -28.80 19.95 -48.71
C VAL D 56 -28.65 21.10 -47.69
N GLN D 57 -27.72 21.99 -47.98
CA GLN D 57 -27.44 23.14 -47.11
C GLN D 57 -28.67 23.99 -46.75
N PRO D 58 -29.40 24.53 -47.76
CA PRO D 58 -30.58 25.40 -47.53
C PRO D 58 -31.63 24.80 -46.59
N TYR D 59 -32.03 23.57 -46.86
CA TYR D 59 -33.07 22.92 -46.06
C TYR D 59 -32.67 22.78 -44.59
N LEU D 60 -31.38 22.64 -44.33
CA LEU D 60 -30.91 22.50 -42.96
C LEU D 60 -30.81 23.86 -42.28
N ASP D 61 -30.31 24.85 -43.02
CA ASP D 61 -30.17 26.21 -42.51
C ASP D 61 -31.52 26.81 -42.15
N ASP D 62 -32.51 26.56 -43.00
CA ASP D 62 -33.87 27.09 -42.77
C ASP D 62 -34.47 26.51 -41.50
N PHE D 63 -34.08 25.27 -41.18
CA PHE D 63 -34.58 24.60 -39.99
C PHE D 63 -33.88 25.12 -38.74
N GLN D 64 -32.63 25.53 -38.89
CA GLN D 64 -31.85 26.06 -37.78
C GLN D 64 -32.44 27.39 -37.30
N LYS D 65 -32.72 28.28 -38.24
CA LYS D 65 -33.29 29.59 -37.93
C LYS D 65 -34.69 29.45 -37.34
N LYS D 66 -35.38 28.39 -37.74
CA LYS D 66 -36.74 28.11 -37.28
C LYS D 66 -36.79 28.04 -35.75
N TRP D 67 -35.85 27.32 -35.15
CA TRP D 67 -35.81 27.20 -33.70
C TRP D 67 -35.14 28.41 -33.05
N GLN D 68 -34.20 29.02 -33.79
CA GLN D 68 -33.49 30.20 -33.29
C GLN D 68 -34.48 31.32 -32.97
N GLU D 69 -35.48 31.49 -33.82
CA GLU D 69 -36.49 32.52 -33.63
C GLU D 69 -37.26 32.25 -32.34
N GLU D 70 -37.64 30.99 -32.14
CA GLU D 70 -38.38 30.57 -30.96
C GLU D 70 -37.60 30.82 -29.68
N MET D 71 -36.32 30.46 -29.69
CA MET D 71 -35.46 30.64 -28.53
C MET D 71 -35.26 32.12 -28.21
N GLU D 72 -35.12 32.93 -29.25
CA GLU D 72 -34.93 34.37 -29.08
C GLU D 72 -36.15 35.02 -28.45
N LEU D 73 -37.33 34.68 -28.98
CA LEU D 73 -38.58 35.23 -28.46
C LEU D 73 -38.79 34.83 -27.00
N TYR D 74 -38.42 33.59 -26.69
CA TYR D 74 -38.55 33.05 -25.34
C TYR D 74 -37.74 33.90 -24.34
N ARG D 75 -36.52 34.25 -24.74
CA ARG D 75 -35.65 35.06 -23.89
C ARG D 75 -36.26 36.42 -23.59
N GLN D 76 -36.89 37.01 -24.61
CA GLN D 76 -37.51 38.32 -24.48
C GLN D 76 -38.66 38.32 -23.46
N LYS D 77 -39.20 37.14 -23.17
CA LYS D 77 -40.29 37.00 -22.23
C LYS D 77 -39.79 36.78 -20.80
N VAL D 78 -38.76 35.95 -20.66
CA VAL D 78 -38.21 35.63 -19.34
C VAL D 78 -37.30 36.74 -18.82
N GLU D 79 -36.78 37.56 -19.73
CA GLU D 79 -35.88 38.66 -19.36
C GLU D 79 -36.44 39.55 -18.24
N PRO D 80 -37.64 40.15 -18.42
CA PRO D 80 -38.24 41.03 -17.41
C PRO D 80 -38.59 40.26 -16.13
N LEU D 81 -38.94 38.99 -16.27
CA LEU D 81 -39.31 38.16 -15.13
C LEU D 81 -38.13 37.97 -14.18
N ARG D 82 -36.93 37.83 -14.74
CA ARG D 82 -35.74 37.65 -13.93
C ARG D 82 -35.38 38.93 -13.20
N ALA D 83 -35.62 40.07 -13.86
CA ALA D 83 -35.32 41.37 -13.28
C ALA D 83 -36.04 41.55 -11.96
N GLU D 84 -37.26 41.03 -11.89
CA GLU D 84 -38.08 41.11 -10.68
C GLU D 84 -37.38 40.39 -9.53
N LEU D 85 -36.89 39.20 -9.79
CA LEU D 85 -36.20 38.39 -8.79
C LEU D 85 -34.85 39.03 -8.43
N GLN D 86 -34.23 39.65 -9.43
CA GLN D 86 -32.93 40.30 -9.23
C GLN D 86 -33.03 41.42 -8.19
N GLU D 87 -33.95 42.34 -8.41
CA GLU D 87 -34.13 43.47 -7.51
C GLU D 87 -34.75 43.01 -6.19
N GLY D 88 -35.66 42.04 -6.26
CA GLY D 88 -36.32 41.52 -5.08
C GLY D 88 -35.35 40.98 -4.06
N ALA D 89 -34.42 40.14 -4.51
CA ALA D 89 -33.44 39.55 -3.63
C ALA D 89 -32.34 40.53 -3.26
N ARG D 90 -32.02 41.43 -4.20
CA ARG D 90 -30.96 42.44 -4.02
C ARG D 90 -31.06 43.15 -2.67
N GLN D 91 -32.16 43.87 -2.48
CA GLN D 91 -32.38 44.63 -1.24
C GLN D 91 -32.34 43.73 -0.02
N LYS D 92 -32.84 42.50 -0.16
CA LYS D 92 -32.86 41.54 0.93
C LYS D 92 -31.46 41.22 1.45
N LEU D 93 -30.51 41.00 0.56
CA LEU D 93 -29.15 40.70 0.99
C LEU D 93 -28.51 41.94 1.62
N HIS D 94 -28.83 43.10 1.05
CA HIS D 94 -28.31 44.37 1.57
C HIS D 94 -28.77 44.55 3.02
N GLU D 95 -30.00 44.14 3.27
CA GLU D 95 -30.60 44.21 4.60
C GLU D 95 -29.82 43.31 5.57
N LEU D 96 -29.47 42.12 5.09
CA LEU D 96 -28.71 41.16 5.90
C LEU D 96 -27.31 41.68 6.24
N GLN D 97 -26.76 42.47 5.32
CA GLN D 97 -25.43 43.04 5.53
C GLN D 97 -25.48 44.07 6.66
N GLU D 98 -26.56 44.84 6.67
CA GLU D 98 -26.75 45.87 7.66
C GLU D 98 -26.94 45.27 9.06
N LYS D 99 -27.43 44.04 9.11
CA LYS D 99 -27.65 43.35 10.37
C LYS D 99 -26.40 42.58 10.82
N LEU D 100 -25.38 42.56 9.98
CA LEU D 100 -24.15 41.84 10.27
C LEU D 100 -23.02 42.81 10.65
N SER D 101 -22.96 43.93 9.93
CA SER D 101 -21.93 44.94 10.14
C SER D 101 -21.77 45.41 11.61
N PRO D 102 -22.86 45.78 12.32
CA PRO D 102 -22.80 46.25 13.71
C PRO D 102 -22.02 45.29 14.62
N LEU D 103 -22.32 44.00 14.52
CA LEU D 103 -21.67 42.99 15.34
C LEU D 103 -20.17 42.94 15.06
N GLY D 104 -19.82 43.00 13.77
CA GLY D 104 -18.43 42.97 13.38
C GLY D 104 -17.68 44.19 13.87
N GLU D 105 -18.32 45.35 13.75
CA GLU D 105 -17.73 46.61 14.18
C GLU D 105 -17.45 46.61 15.68
N GLU D 106 -18.41 46.08 16.45
CA GLU D 106 -18.29 46.02 17.89
C GLU D 106 -17.05 45.23 18.30
N MET D 107 -16.81 44.12 17.62
CA MET D 107 -15.67 43.27 17.92
C MET D 107 -14.37 43.89 17.41
N ARG D 108 -14.46 44.62 16.30
CA ARG D 108 -13.30 45.27 15.70
C ARG D 108 -12.71 46.29 16.66
N ASP D 109 -13.58 46.99 17.38
CA ASP D 109 -13.14 48.00 18.33
C ASP D 109 -12.29 47.39 19.44
N ARG D 110 -12.76 46.27 19.98
CA ARG D 110 -12.05 45.58 21.04
C ARG D 110 -10.75 44.97 20.54
N ALA D 111 -10.71 44.66 19.25
CA ALA D 111 -9.52 44.09 18.64
C ALA D 111 -8.37 45.09 18.70
N ARG D 112 -8.69 46.35 18.41
CA ARG D 112 -7.71 47.43 18.44
C ARG D 112 -7.14 47.60 19.84
N ALA D 113 -8.01 47.55 20.85
CA ALA D 113 -7.59 47.71 22.23
C ALA D 113 -6.63 46.61 22.67
N HIS D 114 -6.87 45.40 22.19
CA HIS D 114 -6.01 44.27 22.54
C HIS D 114 -4.67 44.35 21.84
N VAL D 115 -4.69 44.77 20.57
CA VAL D 115 -3.47 44.90 19.79
C VAL D 115 -2.57 45.98 20.40
N ASP D 116 -3.20 47.04 20.89
CA ASP D 116 -2.49 48.14 21.51
C ASP D 116 -1.77 47.67 22.78
N ALA D 117 -2.45 46.80 23.52
CA ALA D 117 -1.90 46.26 24.76
C ALA D 117 -0.80 45.23 24.48
N LEU D 118 -0.93 44.54 23.37
CA LEU D 118 0.03 43.51 22.97
C LEU D 118 1.42 44.09 22.78
N ARG D 119 1.51 45.24 22.11
CA ARG D 119 2.78 45.89 21.87
C ARG D 119 3.46 46.32 23.17
N THR D 120 2.66 46.81 24.10
CA THR D 120 3.17 47.28 25.39
C THR D 120 3.85 46.16 26.18
N HIS D 121 3.39 44.93 25.98
CA HIS D 121 3.96 43.79 26.68
C HIS D 121 5.01 43.09 25.83
N LEU D 122 5.29 43.64 24.66
CA LEU D 122 6.26 43.05 23.75
C LEU D 122 7.51 43.93 23.61
N ALA D 123 7.31 45.25 23.62
CA ALA D 123 8.41 46.21 23.48
C ALA D 123 9.57 45.98 24.46
N PRO D 124 9.30 45.93 25.80
CA PRO D 124 10.35 45.74 26.80
C PRO D 124 11.11 44.41 26.64
N TYR D 125 10.40 43.37 26.22
CA TYR D 125 10.99 42.06 26.02
C TYR D 125 12.09 42.10 24.97
N SER D 126 11.81 42.80 23.86
CA SER D 126 12.76 42.91 22.76
C SER D 126 13.94 43.81 23.13
N ASP D 127 13.66 44.83 23.94
CA ASP D 127 14.70 45.75 24.40
C ASP D 127 15.75 45.01 25.22
N GLU D 128 15.28 44.13 26.09
CA GLU D 128 16.15 43.33 26.94
C GLU D 128 16.94 42.31 26.12
N LEU D 129 16.28 41.76 25.10
CA LEU D 129 16.92 40.77 24.23
C LEU D 129 18.17 41.33 23.57
N ARG D 130 18.07 42.55 23.07
CA ARG D 130 19.18 43.22 22.39
C ARG D 130 20.41 43.35 23.30
N GLN D 131 20.17 43.78 24.53
CA GLN D 131 21.25 43.97 25.51
C GLN D 131 21.92 42.63 25.83
N ARG D 132 21.11 41.65 26.18
CA ARG D 132 21.60 40.32 26.53
C ARG D 132 22.38 39.69 25.38
N LEU D 133 21.87 39.86 24.17
CA LEU D 133 22.49 39.32 22.97
C LEU D 133 23.89 39.91 22.77
N ALA D 134 23.98 41.22 22.87
CA ALA D 134 25.25 41.92 22.68
C ALA D 134 26.27 41.52 23.74
N ALA D 135 25.82 41.45 25.00
CA ALA D 135 26.69 41.09 26.11
C ALA D 135 27.25 39.68 25.93
N ARG D 136 26.38 38.75 25.55
CA ARG D 136 26.78 37.36 25.35
C ARG D 136 27.78 37.24 24.19
N LEU D 137 27.48 37.93 23.10
CA LEU D 137 28.33 37.89 21.92
C LEU D 137 29.71 38.51 22.19
N GLU D 138 29.74 39.55 23.02
CA GLU D 138 30.98 40.22 23.36
C GLU D 138 31.93 39.27 24.09
N ALA D 139 31.37 38.45 24.98
CA ALA D 139 32.15 37.48 25.73
C ALA D 139 32.70 36.40 24.81
N LEU D 140 31.89 36.01 23.84
CA LEU D 140 32.28 35.00 22.86
C LEU D 140 33.39 35.55 21.97
N LYS D 141 33.30 36.83 21.63
CA LYS D 141 34.30 37.48 20.78
C LYS D 141 35.65 37.55 21.46
N GLU D 142 35.64 37.80 22.77
CA GLU D 142 36.87 37.87 23.55
C GLU D 142 37.59 36.53 23.51
N ASN D 143 36.80 35.47 23.65
CA ASN D 143 37.31 34.12 23.64
C ASN D 143 37.84 33.74 22.26
N GLY D 144 36.99 33.88 21.25
CA GLY D 144 37.36 33.53 19.90
C GLY D 144 38.55 34.32 19.35
N GLY D 145 38.79 35.50 19.93
CA GLY D 145 39.89 36.33 19.47
C GLY D 145 41.23 35.61 19.42
N ALA D 146 41.60 34.98 20.51
CA ALA D 146 42.88 34.27 20.58
C ALA D 146 42.76 32.84 20.03
N ARG D 147 41.59 32.24 20.20
CA ARG D 147 41.36 30.87 19.75
C ARG D 147 41.47 30.72 18.24
N LEU D 148 40.78 31.60 17.50
CA LEU D 148 40.80 31.54 16.04
C LEU D 148 42.21 31.75 15.49
N ALA D 149 43.00 32.52 16.21
CA ALA D 149 44.38 32.79 15.80
C ALA D 149 45.22 31.51 15.80
N GLU D 150 45.04 30.70 16.84
CA GLU D 150 45.77 29.45 16.96
C GLU D 150 45.30 28.46 15.89
N TYR D 151 43.99 28.46 15.63
CA TYR D 151 43.41 27.59 14.62
C TYR D 151 43.98 27.89 13.25
N HIS D 152 44.22 29.17 12.97
CA HIS D 152 44.77 29.60 11.70
C HIS D 152 46.26 29.30 11.62
N ALA D 153 46.98 29.59 12.70
CA ALA D 153 48.42 29.38 12.76
C ALA D 153 48.79 27.94 12.41
N LYS D 154 48.14 27.00 13.07
CA LYS D 154 48.41 25.58 12.84
C LYS D 154 47.89 25.13 11.48
N ALA D 155 46.89 25.82 10.96
CA ALA D 155 46.33 25.49 9.66
C ALA D 155 47.35 25.78 8.56
N THR D 156 48.04 26.90 8.70
CA THR D 156 49.04 27.30 7.73
C THR D 156 50.20 26.32 7.73
N GLU D 157 50.60 25.90 8.93
CA GLU D 157 51.70 24.94 9.09
C GLU D 157 51.36 23.62 8.42
N HIS D 158 50.10 23.19 8.55
CA HIS D 158 49.64 21.95 7.95
C HIS D 158 49.48 22.09 6.44
N LEU D 159 49.25 23.31 5.97
CA LEU D 159 49.08 23.57 4.55
C LEU D 159 50.42 23.59 3.82
N SER D 160 51.42 24.21 4.44
CA SER D 160 52.75 24.30 3.85
C SER D 160 53.31 22.93 3.52
N THR D 161 53.33 22.05 4.52
CA THR D 161 53.83 20.69 4.33
C THR D 161 52.75 19.80 3.72
N LEU D 162 52.27 20.21 2.55
CA LEU D 162 51.23 19.48 1.84
C LEU D 162 51.24 19.81 0.35
N SER D 163 51.19 21.09 0.02
CA SER D 163 51.14 21.53 -1.37
C SER D 163 52.54 21.71 -1.98
N GLU D 164 53.57 21.25 -1.28
CA GLU D 164 54.95 21.38 -1.76
C GLU D 164 55.42 20.19 -2.60
N LYS D 165 54.79 19.04 -2.42
CA LYS D 165 55.19 17.83 -3.14
C LYS D 165 54.44 17.66 -4.46
N ALA D 166 53.34 18.38 -4.61
CA ALA D 166 52.49 18.28 -5.80
C ALA D 166 53.22 18.60 -7.12
N LYS D 167 53.87 19.77 -7.16
CA LYS D 167 54.58 20.21 -8.37
C LYS D 167 55.68 19.25 -8.85
N PRO D 168 56.69 18.94 -8.01
CA PRO D 168 57.80 18.06 -8.40
C PRO D 168 57.35 16.68 -8.88
N ALA D 169 56.34 16.12 -8.22
CA ALA D 169 55.82 14.80 -8.57
C ALA D 169 55.23 14.79 -9.97
N LEU D 170 54.47 15.84 -10.30
CA LEU D 170 53.83 15.93 -11.62
C LEU D 170 54.86 16.24 -12.70
N GLU D 171 55.90 16.98 -12.33
CA GLU D 171 56.97 17.34 -13.26
C GLU D 171 57.73 16.10 -13.74
N ASP D 172 58.09 15.22 -12.80
CA ASP D 172 58.81 14.01 -13.13
C ASP D 172 57.95 13.11 -14.02
N LEU D 173 56.66 13.11 -13.75
CA LEU D 173 55.71 12.31 -14.51
C LEU D 173 55.66 12.74 -15.98
N ARG D 174 55.56 14.04 -16.21
CA ARG D 174 55.48 14.58 -17.57
C ARG D 174 56.77 14.35 -18.36
N GLN D 175 57.90 14.33 -17.66
CA GLN D 175 59.19 14.11 -18.32
C GLN D 175 59.32 12.69 -18.83
N GLY D 176 58.64 11.76 -18.18
CA GLY D 176 58.69 10.37 -18.59
C GLY D 176 57.45 9.96 -19.35
N LEU D 177 57.05 10.79 -20.30
CA LEU D 177 55.86 10.53 -21.10
C LEU D 177 56.02 11.07 -22.52
N LEU D 178 56.61 12.26 -22.62
CA LEU D 178 56.83 12.94 -23.89
C LEU D 178 57.38 12.04 -25.00
N PRO D 179 58.54 11.36 -24.79
CA PRO D 179 59.17 10.48 -25.80
C PRO D 179 58.18 9.54 -26.49
N VAL D 180 57.47 8.75 -25.70
CA VAL D 180 56.52 7.78 -26.26
C VAL D 180 55.29 8.49 -26.85
N LEU D 181 54.84 9.54 -26.17
CA LEU D 181 53.66 10.29 -26.61
C LEU D 181 53.88 10.91 -28.00
N GLU D 182 55.02 11.55 -28.18
CA GLU D 182 55.34 12.19 -29.46
C GLU D 182 55.49 11.15 -30.57
N SER D 183 56.09 10.01 -30.24
CA SER D 183 56.29 8.94 -31.21
C SER D 183 54.94 8.35 -31.64
N PHE D 184 54.01 8.26 -30.70
CA PHE D 184 52.68 7.72 -30.98
C PHE D 184 51.95 8.63 -31.96
N LYS D 185 52.16 9.93 -31.83
CA LYS D 185 51.52 10.92 -32.69
C LYS D 185 51.84 10.65 -34.15
N VAL D 186 53.14 10.50 -34.44
CA VAL D 186 53.59 10.25 -35.79
C VAL D 186 53.02 8.93 -36.32
N SER D 187 53.02 7.91 -35.47
CA SER D 187 52.49 6.61 -35.86
C SER D 187 51.03 6.71 -36.26
N PHE D 188 50.26 7.42 -35.47
CA PHE D 188 48.83 7.63 -35.74
C PHE D 188 48.65 8.40 -37.04
N LEU D 189 49.55 9.36 -37.27
CA LEU D 189 49.50 10.19 -38.47
C LEU D 189 49.83 9.36 -39.72
N SER D 190 50.69 8.37 -39.57
CA SER D 190 51.07 7.51 -40.68
C SER D 190 49.88 6.66 -41.13
N ALA D 191 49.17 6.11 -40.16
CA ALA D 191 48.00 5.29 -40.44
C ALA D 191 46.84 6.16 -40.90
N LEU D 192 46.80 7.39 -40.38
CA LEU D 192 45.77 8.37 -40.70
C LEU D 192 45.55 8.49 -42.21
N GLU D 193 46.61 8.84 -42.91
CA GLU D 193 46.56 9.01 -44.36
C GLU D 193 46.31 7.67 -45.06
N GLU D 194 46.93 6.61 -44.54
CA GLU D 194 46.81 5.28 -45.12
C GLU D 194 45.35 4.83 -45.25
N TYR D 195 44.56 5.06 -44.21
CA TYR D 195 43.17 4.64 -44.23
C TYR D 195 42.31 5.57 -45.10
N THR D 196 42.42 6.87 -44.86
CA THR D 196 41.64 7.86 -45.60
C THR D 196 41.88 7.76 -47.09
N LYS D 197 43.12 7.47 -47.47
CA LYS D 197 43.51 7.32 -48.87
C LYS D 197 42.64 6.29 -49.57
N LYS D 198 42.40 5.18 -48.90
CA LYS D 198 41.60 4.09 -49.46
C LYS D 198 40.10 4.39 -49.33
N LEU D 199 39.74 5.08 -48.26
CA LEU D 199 38.35 5.44 -48.01
C LEU D 199 37.81 6.36 -49.11
N ASN D 200 38.65 7.31 -49.52
CA ASN D 200 38.29 8.26 -50.56
C ASN D 200 37.98 7.57 -51.89
N THR A 2 2.57 -13.28 1.85
CA THR A 2 2.44 -13.56 0.43
C THR A 2 1.65 -14.85 0.22
N GLU A 3 0.50 -14.73 -0.43
CA GLU A 3 -0.36 -15.87 -0.71
C GLU A 3 -0.04 -16.48 -2.07
N TYR A 4 0.15 -17.80 -2.09
CA TYR A 4 0.45 -18.51 -3.33
C TYR A 4 -0.66 -19.51 -3.65
N LYS A 5 -1.37 -19.28 -4.75
CA LYS A 5 -2.46 -20.15 -5.17
C LYS A 5 -1.93 -21.34 -5.96
N LEU A 6 -2.14 -22.54 -5.43
CA LEU A 6 -1.65 -23.76 -6.08
C LEU A 6 -2.81 -24.68 -6.46
N VAL A 7 -2.66 -25.36 -7.60
CA VAL A 7 -3.69 -26.28 -8.08
C VAL A 7 -3.07 -27.63 -8.44
N VAL A 8 -3.64 -28.70 -7.88
CA VAL A 8 -3.15 -30.06 -8.16
C VAL A 8 -3.83 -30.65 -9.38
N VAL A 9 -3.14 -30.62 -10.51
CA VAL A 9 -3.68 -31.16 -11.75
C VAL A 9 -3.28 -32.63 -11.92
N GLY A 10 -4.22 -33.42 -12.40
CA GLY A 10 -3.97 -34.83 -12.59
C GLY A 10 -5.27 -35.61 -12.55
N ALA A 11 -5.24 -36.84 -13.05
CA ALA A 11 -6.42 -37.69 -13.08
C ALA A 11 -6.65 -38.35 -11.71
N ASP A 12 -7.49 -39.37 -11.71
CA ASP A 12 -7.80 -40.09 -10.48
C ASP A 12 -6.85 -41.25 -10.28
N GLY A 13 -6.79 -41.76 -9.07
CA GLY A 13 -5.93 -42.89 -8.77
C GLY A 13 -4.48 -42.48 -8.59
N VAL A 14 -4.21 -41.19 -8.61
CA VAL A 14 -2.84 -40.71 -8.45
C VAL A 14 -2.53 -40.35 -6.99
N GLY A 15 -3.50 -39.78 -6.29
CA GLY A 15 -3.31 -39.43 -4.89
C GLY A 15 -2.94 -37.98 -4.66
N LYS A 16 -3.62 -37.08 -5.36
CA LYS A 16 -3.36 -35.64 -5.22
C LYS A 16 -3.77 -35.15 -3.84
N SER A 17 -4.88 -35.68 -3.33
CA SER A 17 -5.38 -35.28 -2.04
C SER A 17 -4.56 -35.91 -0.92
N ALA A 18 -4.02 -37.09 -1.18
CA ALA A 18 -3.22 -37.80 -0.20
C ALA A 18 -1.94 -37.03 0.09
N LEU A 19 -1.35 -36.45 -0.95
CA LEU A 19 -0.13 -35.65 -0.80
C LEU A 19 -0.42 -34.45 0.09
N THR A 20 -1.56 -33.82 -0.16
CA THR A 20 -1.99 -32.64 0.58
C THR A 20 -2.37 -32.99 2.03
N ILE A 21 -3.03 -34.12 2.22
CA ILE A 21 -3.45 -34.55 3.55
C ILE A 21 -2.25 -34.85 4.46
N GLN A 22 -1.14 -35.26 3.85
CA GLN A 22 0.08 -35.58 4.59
C GLN A 22 0.83 -34.31 4.97
N LEU A 23 0.36 -33.18 4.49
CA LEU A 23 1.00 -31.90 4.78
C LEU A 23 0.14 -31.06 5.73
N ILE A 24 -1.17 -31.03 5.49
CA ILE A 24 -2.06 -30.24 6.32
C ILE A 24 -2.52 -31.01 7.56
N GLN A 25 -3.37 -32.02 7.34
CA GLN A 25 -3.91 -32.83 8.43
C GLN A 25 -2.83 -33.60 9.18
N ASN A 26 -1.72 -33.89 8.49
CA ASN A 26 -0.59 -34.59 9.09
C ASN A 26 -0.92 -36.06 9.38
N HIS A 27 -1.84 -36.62 8.60
CA HIS A 27 -2.22 -38.02 8.77
C HIS A 27 -2.76 -38.61 7.47
N PHE A 28 -2.39 -39.86 7.21
CA PHE A 28 -2.84 -40.54 6.01
C PHE A 28 -4.25 -41.07 6.22
N VAL A 29 -5.18 -40.62 5.38
CA VAL A 29 -6.56 -41.04 5.48
C VAL A 29 -6.78 -42.41 4.85
N ASP A 30 -7.77 -43.12 5.34
CA ASP A 30 -8.09 -44.45 4.82
C ASP A 30 -9.52 -44.47 4.29
N GLU A 31 -10.22 -43.35 4.48
CA GLU A 31 -11.58 -43.20 4.02
C GLU A 31 -11.58 -42.85 2.53
N TYR A 32 -11.94 -43.81 1.70
CA TYR A 32 -11.95 -43.59 0.26
C TYR A 32 -13.34 -43.19 -0.22
N ASP A 33 -13.64 -41.91 -0.09
CA ASP A 33 -14.93 -41.38 -0.51
C ASP A 33 -14.77 -40.41 -1.67
N PRO A 34 -15.72 -40.44 -2.62
CA PRO A 34 -15.71 -39.56 -3.79
C PRO A 34 -15.72 -38.09 -3.38
N THR A 35 -14.57 -37.46 -3.46
CA THR A 35 -14.42 -36.07 -3.09
C THR A 35 -14.60 -35.16 -4.31
N ILE A 36 -15.04 -33.93 -4.06
CA ILE A 36 -15.25 -32.98 -5.13
C ILE A 36 -14.10 -31.97 -5.20
N GLU A 37 -13.99 -31.15 -4.17
CA GLU A 37 -12.95 -30.13 -4.09
C GLU A 37 -12.63 -29.81 -2.64
N ASP A 38 -11.36 -29.65 -2.35
CA ASP A 38 -10.91 -29.33 -0.98
C ASP A 38 -9.77 -28.32 -1.04
N SER A 39 -9.97 -27.18 -0.42
CA SER A 39 -8.96 -26.12 -0.39
C SER A 39 -8.56 -25.79 1.04
N TYR A 40 -7.33 -26.11 1.39
CA TYR A 40 -6.82 -25.85 2.73
C TYR A 40 -5.72 -24.80 2.69
N ARG A 41 -5.61 -24.03 3.77
CA ARG A 41 -4.58 -22.98 3.85
C ARG A 41 -3.64 -23.23 5.01
N LYS A 42 -2.36 -22.95 4.81
CA LYS A 42 -1.36 -23.14 5.85
C LYS A 42 -0.18 -22.21 5.63
N GLN A 43 0.56 -21.97 6.70
CA GLN A 43 1.72 -21.10 6.65
C GLN A 43 3.01 -21.93 6.68
N VAL A 44 3.93 -21.63 5.77
CA VAL A 44 5.20 -22.35 5.68
C VAL A 44 6.36 -21.41 5.42
N VAL A 45 7.53 -21.75 5.92
CA VAL A 45 8.73 -20.94 5.73
C VAL A 45 9.58 -21.52 4.60
N ILE A 46 9.40 -21.00 3.40
CA ILE A 46 10.15 -21.47 2.24
C ILE A 46 11.29 -20.53 1.89
N ASP A 47 12.51 -20.99 2.13
CA ASP A 47 13.72 -20.22 1.84
C ASP A 47 13.78 -18.94 2.66
N GLY A 48 13.21 -18.99 3.86
CA GLY A 48 13.21 -17.82 4.73
C GLY A 48 11.90 -17.07 4.69
N GLU A 49 11.32 -16.98 3.50
CA GLU A 49 10.06 -16.28 3.32
C GLU A 49 8.89 -17.11 3.84
N THR A 50 8.09 -16.52 4.72
CA THR A 50 6.95 -17.19 5.29
C THR A 50 5.74 -17.03 4.36
N CYS A 51 5.61 -17.95 3.42
CA CYS A 51 4.54 -17.91 2.45
C CYS A 51 3.26 -18.56 2.96
N LEU A 52 2.14 -18.14 2.39
CA LEU A 52 0.84 -18.69 2.74
C LEU A 52 0.35 -19.52 1.56
N LEU A 53 0.15 -20.81 1.79
CA LEU A 53 -0.27 -21.70 0.71
C LEU A 53 -1.78 -21.81 0.57
N ASP A 54 -2.25 -21.57 -0.65
CA ASP A 54 -3.67 -21.67 -0.98
C ASP A 54 -3.80 -22.80 -2.00
N ILE A 55 -3.90 -24.02 -1.50
CA ILE A 55 -3.99 -25.20 -2.36
C ILE A 55 -5.44 -25.59 -2.66
N LEU A 56 -5.70 -25.90 -3.92
CA LEU A 56 -7.02 -26.29 -4.35
C LEU A 56 -7.00 -27.71 -4.93
N ASP A 57 -7.50 -28.66 -4.16
CA ASP A 57 -7.55 -30.05 -4.59
C ASP A 57 -8.88 -30.36 -5.25
N THR A 58 -8.85 -30.64 -6.55
CA THR A 58 -10.05 -30.96 -7.29
C THR A 58 -10.03 -32.41 -7.75
N ALA A 59 -11.23 -33.01 -7.87
CA ALA A 59 -11.35 -34.39 -8.32
C ALA A 59 -10.77 -34.58 -9.71
N GLY A 60 -10.40 -35.82 -10.02
CA GLY A 60 -9.83 -36.12 -11.32
C GLY A 60 -10.62 -37.17 -12.08
N GLN A 61 -11.94 -37.11 -11.94
CA GLN A 61 -12.82 -38.07 -12.61
C GLN A 61 -13.16 -37.59 -14.02
N GLU A 62 -12.45 -36.58 -14.49
CA GLU A 62 -12.66 -36.01 -15.82
C GLU A 62 -14.07 -35.40 -15.95
N GLU A 63 -14.44 -35.02 -17.18
CA GLU A 63 -15.74 -34.42 -17.45
C GLU A 63 -15.83 -32.99 -16.88
N TYR A 64 -14.72 -32.51 -16.35
CA TYR A 64 -14.67 -31.17 -15.76
C TYR A 64 -14.06 -30.18 -16.75
N SER A 65 -14.38 -30.35 -18.03
CA SER A 65 -13.86 -29.50 -19.09
C SER A 65 -14.20 -28.02 -18.87
N ALA A 66 -15.32 -27.76 -18.21
CA ALA A 66 -15.76 -26.40 -17.96
C ALA A 66 -15.32 -25.92 -16.58
N MET A 67 -15.45 -26.79 -15.58
CA MET A 67 -15.09 -26.45 -14.21
C MET A 67 -13.60 -26.17 -14.06
N ARG A 68 -12.80 -27.01 -14.71
CA ARG A 68 -11.34 -26.88 -14.66
C ARG A 68 -10.88 -25.56 -15.24
N ASP A 69 -11.61 -25.08 -16.24
CA ASP A 69 -11.29 -23.83 -16.92
C ASP A 69 -11.28 -22.64 -15.95
N GLN A 70 -12.18 -22.68 -14.99
CA GLN A 70 -12.30 -21.60 -14.01
C GLN A 70 -11.09 -21.51 -13.09
N TYR A 71 -10.83 -22.55 -12.32
CA TYR A 71 -9.73 -22.55 -11.37
C TYR A 71 -8.34 -22.55 -12.02
N MET A 72 -8.29 -22.86 -13.32
CA MET A 72 -7.02 -22.85 -14.04
C MET A 72 -6.53 -21.41 -14.24
N ARG A 73 -7.47 -20.47 -14.18
CA ARG A 73 -7.14 -19.07 -14.33
C ARG A 73 -6.56 -18.54 -13.02
N THR A 74 -7.24 -18.87 -11.93
CA THR A 74 -6.84 -18.42 -10.59
C THR A 74 -5.54 -19.09 -10.12
N GLY A 75 -5.33 -20.33 -10.52
CA GLY A 75 -4.14 -21.05 -10.10
C GLY A 75 -2.86 -20.45 -10.64
N GLU A 76 -1.90 -20.22 -9.75
CA GLU A 76 -0.62 -19.65 -10.13
C GLU A 76 0.35 -20.78 -10.51
N GLY A 77 0.43 -21.77 -9.65
CA GLY A 77 1.30 -22.91 -9.89
C GLY A 77 0.50 -24.18 -10.04
N PHE A 78 0.88 -25.00 -11.00
CA PHE A 78 0.17 -26.25 -11.25
C PHE A 78 1.05 -27.47 -10.97
N LEU A 79 0.61 -28.27 -10.01
CA LEU A 79 1.34 -29.47 -9.63
C LEU A 79 0.80 -30.66 -10.42
N CYS A 80 1.54 -31.07 -11.44
CA CYS A 80 1.15 -32.19 -12.28
C CYS A 80 1.47 -33.50 -11.59
N VAL A 81 0.47 -34.09 -10.96
CA VAL A 81 0.64 -35.34 -10.24
C VAL A 81 0.15 -36.52 -11.06
N PHE A 82 1.01 -37.51 -11.21
CA PHE A 82 0.69 -38.72 -11.95
C PHE A 82 1.10 -39.93 -11.12
N ALA A 83 0.66 -41.11 -11.51
CA ALA A 83 1.01 -42.32 -10.79
C ALA A 83 1.94 -43.18 -11.63
N ILE A 84 3.04 -43.63 -11.03
CA ILE A 84 4.01 -44.46 -11.75
C ILE A 84 3.43 -45.84 -12.06
N ASN A 85 2.31 -46.16 -11.42
CA ASN A 85 1.64 -47.42 -11.64
C ASN A 85 0.42 -47.23 -12.54
N ASN A 86 0.28 -46.03 -13.09
CA ASN A 86 -0.83 -45.71 -13.96
C ASN A 86 -0.32 -45.01 -15.22
N THR A 87 -0.17 -45.78 -16.28
CA THR A 87 0.33 -45.27 -17.56
C THR A 87 -0.58 -44.20 -18.13
N LYS A 88 -1.89 -44.38 -18.00
CA LYS A 88 -2.86 -43.42 -18.50
C LYS A 88 -2.70 -42.05 -17.85
N SER A 89 -2.44 -42.04 -16.55
CA SER A 89 -2.27 -40.78 -15.82
C SER A 89 -1.05 -40.03 -16.33
N PHE A 90 -0.04 -40.78 -16.78
CA PHE A 90 1.18 -40.18 -17.30
C PHE A 90 0.89 -39.48 -18.62
N GLU A 91 0.01 -40.09 -19.42
CA GLU A 91 -0.37 -39.54 -20.71
C GLU A 91 -1.28 -38.34 -20.53
N ASP A 92 -2.08 -38.38 -19.46
CA ASP A 92 -3.01 -37.30 -19.13
C ASP A 92 -2.29 -36.01 -18.84
N ILE A 93 -1.03 -36.13 -18.41
CA ILE A 93 -0.21 -34.96 -18.09
C ILE A 93 -0.18 -33.99 -19.27
N HIS A 94 0.05 -34.53 -20.46
CA HIS A 94 0.10 -33.72 -21.67
C HIS A 94 -1.25 -33.05 -21.92
N HIS A 95 -2.32 -33.83 -21.73
CA HIS A 95 -3.68 -33.32 -21.94
C HIS A 95 -3.96 -32.12 -21.05
N TYR A 96 -3.59 -32.24 -19.78
CA TYR A 96 -3.80 -31.17 -18.82
C TYR A 96 -2.92 -29.97 -19.14
N ARG A 97 -1.66 -30.23 -19.50
CA ARG A 97 -0.71 -29.19 -19.83
C ARG A 97 -1.23 -28.31 -20.96
N GLU A 98 -1.77 -28.95 -21.99
CA GLU A 98 -2.32 -28.23 -23.14
C GLU A 98 -3.46 -27.31 -22.71
N GLN A 99 -4.31 -27.83 -21.84
CA GLN A 99 -5.47 -27.07 -21.36
C GLN A 99 -5.01 -25.84 -20.58
N ILE A 100 -4.05 -26.02 -19.68
CA ILE A 100 -3.51 -24.94 -18.87
C ILE A 100 -3.00 -23.79 -19.75
N LYS A 101 -2.21 -24.15 -20.75
CA LYS A 101 -1.64 -23.15 -21.67
C LYS A 101 -2.72 -22.46 -22.49
N ARG A 102 -3.80 -23.18 -22.77
CA ARG A 102 -4.89 -22.63 -23.57
C ARG A 102 -5.80 -21.72 -22.73
N VAL A 103 -6.10 -22.14 -21.51
CA VAL A 103 -6.96 -21.37 -20.62
C VAL A 103 -6.28 -20.07 -20.19
N LYS A 104 -5.03 -20.18 -19.74
CA LYS A 104 -4.28 -19.01 -19.28
C LYS A 104 -3.68 -18.25 -20.46
N ASP A 105 -3.59 -18.92 -21.60
CA ASP A 105 -3.03 -18.33 -22.81
C ASP A 105 -1.58 -17.90 -22.60
N SER A 106 -0.72 -18.89 -22.41
CA SER A 106 0.69 -18.63 -22.18
C SER A 106 1.50 -19.92 -22.31
N GLU A 107 2.72 -19.80 -22.80
CA GLU A 107 3.61 -20.94 -22.96
C GLU A 107 4.46 -21.13 -21.71
N ASP A 108 4.56 -20.07 -20.92
CA ASP A 108 5.34 -20.10 -19.70
C ASP A 108 4.42 -20.22 -18.48
N VAL A 109 4.29 -21.44 -17.98
CA VAL A 109 3.44 -21.70 -16.83
C VAL A 109 4.22 -22.46 -15.75
N PRO A 110 4.22 -21.96 -14.52
CA PRO A 110 4.92 -22.59 -13.40
C PRO A 110 4.28 -23.94 -13.03
N MET A 111 4.91 -25.02 -13.47
CA MET A 111 4.40 -26.36 -13.20
C MET A 111 5.50 -27.27 -12.68
N VAL A 112 5.11 -28.33 -11.98
CA VAL A 112 6.06 -29.28 -11.45
C VAL A 112 5.51 -30.70 -11.67
N LEU A 113 6.34 -31.59 -12.20
CA LEU A 113 5.91 -32.95 -12.45
C LEU A 113 6.21 -33.82 -11.23
N VAL A 114 5.16 -34.36 -10.62
CA VAL A 114 5.32 -35.19 -9.44
C VAL A 114 4.73 -36.57 -9.64
N GLY A 115 5.56 -37.58 -9.45
CA GLY A 115 5.12 -38.96 -9.58
C GLY A 115 4.81 -39.53 -8.22
N ASN A 116 3.54 -39.79 -7.95
CA ASN A 116 3.14 -40.33 -6.64
C ASN A 116 3.07 -41.85 -6.68
N LYS A 117 2.98 -42.45 -5.50
CA LYS A 117 2.89 -43.90 -5.33
C LYS A 117 4.16 -44.63 -5.74
N CYS A 118 5.30 -43.99 -5.49
CA CYS A 118 6.60 -44.57 -5.81
C CYS A 118 7.04 -45.53 -4.70
N ASP A 119 6.17 -45.70 -3.72
CA ASP A 119 6.45 -46.59 -2.59
C ASP A 119 6.29 -48.04 -3.01
N LEU A 120 5.33 -48.29 -3.89
CA LEU A 120 5.05 -49.63 -4.36
C LEU A 120 5.89 -49.98 -5.59
N PRO A 121 6.38 -51.22 -5.67
CA PRO A 121 7.18 -51.69 -6.81
C PRO A 121 6.30 -52.01 -8.02
N SER A 122 6.93 -52.56 -9.06
CA SER A 122 6.23 -52.92 -10.30
C SER A 122 5.56 -51.70 -10.93
N ARG A 123 6.38 -50.78 -11.41
CA ARG A 123 5.88 -49.56 -12.02
C ARG A 123 5.72 -49.71 -13.53
N THR A 124 4.70 -49.07 -14.07
CA THR A 124 4.44 -49.11 -15.49
C THR A 124 5.07 -47.88 -16.16
N VAL A 125 5.29 -46.85 -15.37
CA VAL A 125 5.89 -45.62 -15.86
C VAL A 125 7.33 -45.52 -15.36
N ASP A 126 8.27 -45.68 -16.27
CA ASP A 126 9.69 -45.61 -15.92
C ASP A 126 10.10 -44.17 -15.62
N THR A 127 11.06 -44.02 -14.73
CA THR A 127 11.55 -42.70 -14.35
C THR A 127 12.20 -42.01 -15.55
N LYS A 128 12.77 -42.80 -16.45
CA LYS A 128 13.45 -42.29 -17.64
C LYS A 128 12.49 -41.44 -18.48
N GLN A 129 11.38 -42.03 -18.91
CA GLN A 129 10.39 -41.32 -19.73
C GLN A 129 9.81 -40.12 -18.98
N ALA A 130 9.66 -40.26 -17.68
CA ALA A 130 9.12 -39.19 -16.86
C ALA A 130 10.06 -37.99 -16.87
N GLN A 131 11.35 -38.26 -16.69
CA GLN A 131 12.36 -37.22 -16.70
C GLN A 131 12.51 -36.62 -18.08
N ASP A 132 12.35 -37.47 -19.10
CA ASP A 132 12.45 -37.03 -20.49
C ASP A 132 11.40 -35.99 -20.81
N LEU A 133 10.17 -36.24 -20.36
CA LEU A 133 9.05 -35.32 -20.59
C LEU A 133 9.28 -34.00 -19.87
N ALA A 134 9.64 -34.08 -18.59
CA ALA A 134 9.88 -32.88 -17.79
C ALA A 134 10.99 -32.02 -18.36
N ARG A 135 12.00 -32.66 -18.96
CA ARG A 135 13.13 -31.93 -19.54
C ARG A 135 12.69 -31.05 -20.69
N SER A 136 11.85 -31.59 -21.57
CA SER A 136 11.35 -30.83 -22.71
C SER A 136 10.33 -29.78 -22.27
N TYR A 137 9.72 -30.01 -21.12
CA TYR A 137 8.73 -29.09 -20.58
C TYR A 137 9.40 -27.93 -19.83
N GLY A 138 10.63 -28.16 -19.39
CA GLY A 138 11.35 -27.13 -18.66
C GLY A 138 10.89 -27.03 -17.22
N ILE A 139 10.33 -28.14 -16.72
CA ILE A 139 9.83 -28.18 -15.34
C ILE A 139 10.52 -29.29 -14.57
N PRO A 140 10.64 -29.12 -13.24
CA PRO A 140 11.28 -30.13 -12.38
C PRO A 140 10.41 -31.36 -12.17
N PHE A 141 11.05 -32.51 -11.99
CA PHE A 141 10.36 -33.76 -11.77
C PHE A 141 10.78 -34.37 -10.44
N ILE A 142 9.81 -34.73 -9.62
CA ILE A 142 10.09 -35.32 -8.32
C ILE A 142 9.25 -36.58 -8.09
N GLU A 143 9.93 -37.65 -7.69
CA GLU A 143 9.24 -38.90 -7.40
C GLU A 143 8.87 -38.91 -5.91
N THR A 144 7.60 -39.09 -5.60
CA THR A 144 7.17 -39.07 -4.21
C THR A 144 6.13 -40.15 -3.94
N SER A 145 5.65 -40.18 -2.71
CA SER A 145 4.63 -41.11 -2.30
C SER A 145 3.99 -40.62 -1.00
N ALA A 146 2.69 -40.38 -1.05
CA ALA A 146 1.97 -39.89 0.12
C ALA A 146 1.95 -40.97 1.20
N LYS A 147 2.04 -42.21 0.76
CA LYS A 147 2.05 -43.35 1.67
C LYS A 147 3.24 -43.26 2.63
N THR A 148 4.36 -42.78 2.14
CA THR A 148 5.56 -42.66 2.95
C THR A 148 5.85 -41.21 3.36
N ARG A 149 5.18 -40.25 2.72
CA ARG A 149 5.36 -38.82 3.02
C ARG A 149 6.69 -38.27 2.46
N GLN A 150 7.52 -39.17 1.96
CA GLN A 150 8.82 -38.79 1.41
C GLN A 150 8.68 -38.00 0.12
N GLY A 151 9.41 -36.88 0.04
CA GLY A 151 9.39 -36.03 -1.14
C GLY A 151 8.21 -35.09 -1.22
N VAL A 152 7.13 -35.43 -0.53
CA VAL A 152 5.91 -34.63 -0.53
C VAL A 152 6.19 -33.19 -0.13
N ASP A 153 7.07 -32.99 0.84
CA ASP A 153 7.40 -31.66 1.33
C ASP A 153 8.14 -30.84 0.26
N ASP A 154 9.16 -31.44 -0.34
CA ASP A 154 9.96 -30.75 -1.35
C ASP A 154 9.16 -30.47 -2.63
N ALA A 155 8.24 -31.38 -2.95
CA ALA A 155 7.40 -31.24 -4.13
C ALA A 155 6.63 -29.92 -4.11
N PHE A 156 6.00 -29.66 -2.97
CA PHE A 156 5.21 -28.44 -2.80
C PHE A 156 6.12 -27.22 -2.68
N TYR A 157 7.27 -27.39 -2.05
CA TYR A 157 8.22 -26.30 -1.87
C TYR A 157 8.79 -25.85 -3.22
N THR A 158 9.16 -26.82 -4.05
CA THR A 158 9.71 -26.54 -5.36
C THR A 158 8.68 -25.83 -6.23
N LEU A 159 7.42 -26.25 -6.12
CA LEU A 159 6.34 -25.65 -6.90
C LEU A 159 6.29 -24.14 -6.68
N VAL A 160 6.34 -23.73 -5.42
CA VAL A 160 6.31 -22.32 -5.06
C VAL A 160 7.58 -21.61 -5.56
N ARG A 161 8.70 -22.31 -5.48
CA ARG A 161 9.98 -21.77 -5.91
C ARG A 161 9.98 -21.49 -7.42
N GLU A 162 9.37 -22.40 -8.18
CA GLU A 162 9.30 -22.23 -9.63
C GLU A 162 8.49 -20.99 -9.98
N ILE A 163 7.43 -20.74 -9.20
CA ILE A 163 6.58 -19.58 -9.41
C ILE A 163 7.35 -18.29 -9.16
N ARG A 164 8.20 -18.32 -8.13
CA ARG A 164 9.01 -17.16 -7.77
C ARG A 164 9.87 -16.74 -8.95
N LYS A 165 10.55 -17.71 -9.55
CA LYS A 165 11.41 -17.46 -10.70
C LYS A 165 10.60 -16.90 -11.86
N HIS A 166 9.38 -17.38 -12.01
CA HIS A 166 8.50 -16.93 -13.08
C HIS A 166 8.08 -15.49 -12.85
N LYS A 167 7.68 -15.19 -11.61
CA LYS A 167 7.25 -13.83 -11.24
C LYS A 167 8.35 -12.82 -11.55
N GLU A 168 9.57 -13.15 -11.19
CA GLU A 168 10.70 -12.27 -11.41
C GLU A 168 11.05 -12.21 -12.90
N LYS A 169 10.92 -13.35 -13.59
CA LYS A 169 11.19 -13.42 -15.02
C LYS A 169 10.19 -12.57 -15.80
N MET A 170 8.95 -12.53 -15.30
CA MET A 170 7.90 -11.74 -15.94
C MET A 170 8.25 -10.26 -15.95
N SER A 171 8.88 -9.80 -14.87
CA SER A 171 9.27 -8.41 -14.77
C SER A 171 10.40 -8.10 -15.74
N LYS A 172 11.28 -9.08 -15.93
CA LYS A 172 12.40 -8.93 -16.84
C LYS A 172 11.92 -8.98 -18.29
N ASP A 173 11.18 -10.04 -18.63
CA ASP A 173 10.63 -10.24 -19.99
C ASP A 173 11.71 -10.62 -20.98
N GLY A 174 12.76 -9.81 -21.05
CA GLY A 174 13.85 -10.05 -21.95
C GLY A 174 14.38 -8.74 -22.53
N LYS A 175 13.46 -7.92 -23.01
CA LYS A 175 13.82 -6.63 -23.57
C LYS A 175 13.10 -5.51 -22.82
N LYS A 176 11.86 -5.24 -23.25
CA LYS A 176 10.97 -4.21 -22.68
C LYS A 176 11.63 -3.16 -21.78
N LYS A 177 11.45 -3.30 -20.47
CA LYS A 177 12.02 -2.34 -19.51
C LYS A 177 12.72 -3.05 -18.36
N LYS A 178 12.28 -4.25 -18.06
CA LYS A 178 12.82 -5.05 -16.96
C LYS A 178 12.53 -4.40 -15.61
N LYS A 179 13.26 -4.86 -14.58
CA LYS A 179 13.10 -4.32 -13.24
C LYS A 179 14.34 -4.63 -12.42
N LYS A 180 14.50 -5.89 -12.04
CA LYS A 180 15.66 -6.30 -11.25
C LYS A 180 16.84 -6.60 -12.16
N SER A 181 17.73 -5.62 -12.28
CA SER A 181 18.92 -5.76 -13.09
C SER A 181 20.14 -5.32 -12.30
N LYS A 182 21.25 -6.02 -12.47
CA LYS A 182 22.46 -5.68 -11.75
C LYS A 182 23.62 -5.47 -12.72
N THR A 183 23.62 -4.33 -13.38
CA THR A 183 24.66 -3.99 -14.34
C THR A 183 25.80 -3.27 -13.62
N LYS A 184 26.93 -3.13 -14.30
CA LYS A 184 28.08 -2.46 -13.74
C LYS A 184 28.02 -0.96 -14.00
N THR B 2 -9.22 -3.26 19.25
CA THR B 2 -10.51 -3.73 18.79
C THR B 2 -11.04 -4.83 19.71
N GLU B 3 -12.30 -4.71 20.09
CA GLU B 3 -12.93 -5.70 20.96
C GLU B 3 -13.55 -6.81 20.15
N TYR B 4 -13.40 -8.05 20.62
CA TYR B 4 -13.95 -9.21 19.92
C TYR B 4 -14.80 -10.07 20.86
N LYS B 5 -16.11 -10.07 20.63
CA LYS B 5 -17.02 -10.88 21.44
C LYS B 5 -17.10 -12.29 20.87
N LEU B 6 -16.68 -13.26 21.66
CA LEU B 6 -16.69 -14.65 21.24
C LEU B 6 -17.48 -15.50 22.21
N VAL B 7 -18.30 -16.38 21.68
CA VAL B 7 -19.09 -17.27 22.52
C VAL B 7 -18.84 -18.73 22.17
N VAL B 8 -18.46 -19.52 23.17
CA VAL B 8 -18.20 -20.92 22.95
C VAL B 8 -19.49 -21.71 23.10
N VAL B 9 -19.87 -22.40 22.04
CA VAL B 9 -21.12 -23.17 22.04
C VAL B 9 -20.84 -24.66 21.96
N GLY B 10 -21.88 -25.44 22.19
CA GLY B 10 -21.75 -26.89 22.15
C GLY B 10 -22.44 -27.54 23.32
N ALA B 11 -22.34 -28.86 23.42
CA ALA B 11 -22.97 -29.59 24.51
C ALA B 11 -22.17 -29.42 25.80
N ASP B 12 -22.62 -30.05 26.88
CA ASP B 12 -21.94 -29.95 28.16
C ASP B 12 -20.96 -31.11 28.34
N GLY B 13 -19.85 -30.85 28.99
CA GLY B 13 -18.85 -31.87 29.21
C GLY B 13 -18.00 -32.12 27.97
N VAL B 14 -17.91 -31.12 27.11
CA VAL B 14 -17.13 -31.25 25.88
C VAL B 14 -15.78 -30.54 26.02
N GLY B 15 -15.66 -29.73 27.05
CA GLY B 15 -14.43 -28.99 27.29
C GLY B 15 -14.52 -27.57 26.79
N LYS B 16 -15.71 -27.00 26.82
CA LYS B 16 -15.92 -25.63 26.37
C LYS B 16 -15.08 -24.65 27.18
N SER B 17 -15.09 -24.81 28.50
CA SER B 17 -14.33 -23.93 29.37
C SER B 17 -12.85 -24.25 29.34
N ALA B 18 -12.52 -25.51 29.04
CA ALA B 18 -11.13 -25.95 28.96
C ALA B 18 -10.36 -25.16 27.91
N LEU B 19 -10.98 -25.01 26.75
CA LEU B 19 -10.37 -24.29 25.63
C LEU B 19 -10.22 -22.80 25.98
N THR B 20 -11.04 -22.31 26.88
CA THR B 20 -10.97 -20.92 27.29
C THR B 20 -9.94 -20.74 28.41
N ILE B 21 -9.98 -21.63 29.39
CA ILE B 21 -9.05 -21.57 30.51
C ILE B 21 -7.61 -21.71 30.03
N GLN B 22 -7.38 -22.63 29.10
CA GLN B 22 -6.04 -22.85 28.55
C GLN B 22 -5.57 -21.64 27.72
N LEU B 23 -6.49 -20.75 27.41
CA LEU B 23 -6.17 -19.56 26.64
C LEU B 23 -5.98 -18.37 27.58
N ILE B 24 -6.79 -18.33 28.63
CA ILE B 24 -6.71 -17.26 29.61
C ILE B 24 -5.56 -17.44 30.59
N GLN B 25 -5.58 -18.55 31.33
CA GLN B 25 -4.55 -18.82 32.33
C GLN B 25 -3.57 -19.90 31.86
N ASN B 26 -4.00 -20.70 30.89
CA ASN B 26 -3.19 -21.79 30.32
C ASN B 26 -3.14 -23.00 31.25
N HIS B 27 -2.79 -22.78 32.51
CA HIS B 27 -2.71 -23.86 33.49
C HIS B 27 -4.10 -24.30 33.93
N PHE B 28 -4.17 -25.37 34.70
CA PHE B 28 -5.46 -25.89 35.17
C PHE B 28 -5.93 -25.16 36.42
N VAL B 29 -7.24 -25.06 36.58
CA VAL B 29 -7.83 -24.42 37.75
C VAL B 29 -8.14 -25.47 38.81
N ASP B 30 -8.20 -25.05 40.06
CA ASP B 30 -8.48 -25.98 41.15
C ASP B 30 -9.88 -25.76 41.69
N GLU B 31 -10.38 -24.55 41.50
CA GLU B 31 -11.71 -24.19 41.97
C GLU B 31 -12.65 -24.02 40.79
N TYR B 32 -13.94 -24.22 41.02
CA TYR B 32 -14.93 -24.09 39.96
C TYR B 32 -16.02 -23.10 40.34
N ASP B 33 -16.05 -21.98 39.64
CA ASP B 33 -17.03 -20.93 39.89
C ASP B 33 -18.26 -21.15 39.02
N PRO B 34 -19.47 -20.97 39.57
CA PRO B 34 -20.72 -21.13 38.83
C PRO B 34 -20.80 -20.13 37.68
N THR B 35 -20.57 -20.62 36.47
CA THR B 35 -20.57 -19.77 35.30
C THR B 35 -21.99 -19.44 34.82
N ILE B 36 -22.24 -18.15 34.70
CA ILE B 36 -23.53 -17.65 34.24
C ILE B 36 -23.31 -16.56 33.19
N GLU B 37 -22.65 -15.48 33.60
CA GLU B 37 -22.36 -14.38 32.70
C GLU B 37 -20.86 -14.13 32.65
N ASP B 38 -20.12 -15.07 33.22
CA ASP B 38 -18.67 -15.02 33.31
C ASP B 38 -18.01 -14.74 31.96
N SER B 39 -17.31 -13.62 31.91
CA SER B 39 -16.61 -13.20 30.71
C SER B 39 -15.24 -12.67 31.11
N TYR B 40 -14.21 -13.06 30.37
CA TYR B 40 -12.86 -12.61 30.67
C TYR B 40 -12.41 -11.57 29.65
N ARG B 41 -11.38 -10.81 30.01
CA ARG B 41 -10.87 -9.77 29.12
C ARG B 41 -9.35 -9.88 28.97
N LYS B 42 -8.91 -10.63 27.97
CA LYS B 42 -7.48 -10.80 27.73
C LYS B 42 -7.07 -10.08 26.45
N GLN B 43 -5.95 -9.38 26.52
CA GLN B 43 -5.44 -8.63 25.38
C GLN B 43 -4.26 -9.38 24.75
N VAL B 44 -4.51 -9.97 23.58
CA VAL B 44 -3.49 -10.71 22.87
C VAL B 44 -3.29 -10.13 21.48
N VAL B 45 -2.19 -10.50 20.84
CA VAL B 45 -1.88 -10.01 19.50
C VAL B 45 -2.06 -11.14 18.48
N ILE B 46 -3.17 -11.11 17.77
CA ILE B 46 -3.47 -12.13 16.77
C ILE B 46 -3.21 -11.60 15.38
N ASP B 47 -2.25 -12.20 14.67
CA ASP B 47 -1.91 -11.81 13.31
C ASP B 47 -1.46 -10.35 13.26
N GLY B 48 -0.69 -9.95 14.26
CA GLY B 48 -0.19 -8.58 14.33
C GLY B 48 -1.29 -7.57 14.64
N GLU B 49 -2.40 -8.05 15.19
CA GLU B 49 -3.52 -7.19 15.52
C GLU B 49 -3.88 -7.33 17.00
N THR B 50 -3.92 -6.21 17.70
CA THR B 50 -4.25 -6.21 19.12
C THR B 50 -5.75 -6.44 19.28
N CYS B 51 -6.11 -7.61 19.80
CA CYS B 51 -7.52 -7.96 19.98
C CYS B 51 -7.88 -8.18 21.44
N LEU B 52 -8.92 -7.48 21.88
CA LEU B 52 -9.42 -7.61 23.25
C LEU B 52 -10.53 -8.65 23.26
N LEU B 53 -10.16 -9.87 23.62
CA LEU B 53 -11.11 -10.98 23.62
C LEU B 53 -12.13 -10.91 24.75
N ASP B 54 -13.40 -11.11 24.38
CA ASP B 54 -14.52 -11.11 25.33
C ASP B 54 -15.30 -12.40 25.13
N ILE B 55 -14.81 -13.47 25.73
CA ILE B 55 -15.45 -14.78 25.60
C ILE B 55 -16.45 -15.05 26.71
N LEU B 56 -17.61 -15.57 26.33
CA LEU B 56 -18.67 -15.90 27.26
C LEU B 56 -18.84 -17.41 27.35
N ASP B 57 -18.87 -17.92 28.59
CA ASP B 57 -19.01 -19.35 28.83
C ASP B 57 -20.47 -19.71 29.13
N THR B 58 -21.03 -20.63 28.37
CA THR B 58 -22.40 -21.05 28.58
C THR B 58 -22.50 -22.56 28.73
N ALA B 59 -23.38 -23.00 29.63
CA ALA B 59 -23.59 -24.41 29.90
C ALA B 59 -24.24 -25.11 28.70
N GLY B 60 -24.18 -26.44 28.71
CA GLY B 60 -24.77 -27.22 27.64
C GLY B 60 -25.72 -28.27 28.17
N GLN B 61 -26.47 -27.90 29.19
CA GLN B 61 -27.44 -28.81 29.80
C GLN B 61 -28.84 -28.55 29.26
N GLU B 62 -28.89 -27.88 28.10
CA GLU B 62 -30.15 -27.53 27.46
C GLU B 62 -31.04 -26.67 28.35
N GLU B 63 -32.34 -26.67 28.08
CA GLU B 63 -33.30 -25.87 28.85
C GLU B 63 -33.09 -24.39 28.59
N TYR B 64 -32.44 -24.10 27.48
CA TYR B 64 -32.15 -22.72 27.12
C TYR B 64 -32.86 -22.35 25.83
N SER B 65 -34.15 -22.11 25.94
CA SER B 65 -34.96 -21.75 24.80
C SER B 65 -34.80 -20.27 24.48
N ALA B 66 -35.13 -19.42 25.45
CA ALA B 66 -35.05 -17.97 25.26
C ALA B 66 -33.68 -17.43 25.65
N MET B 67 -33.01 -18.07 26.59
CA MET B 67 -31.69 -17.63 27.02
C MET B 67 -30.69 -17.72 25.89
N ARG B 68 -30.81 -18.76 25.09
CA ARG B 68 -29.90 -18.98 23.96
C ARG B 68 -30.08 -17.89 22.91
N ASP B 69 -31.31 -17.43 22.76
CA ASP B 69 -31.66 -16.40 21.79
C ASP B 69 -31.07 -15.03 22.17
N GLN B 70 -30.69 -14.88 23.43
CA GLN B 70 -30.14 -13.62 23.93
C GLN B 70 -28.68 -13.44 23.51
N TYR B 71 -27.79 -14.21 24.13
CA TYR B 71 -26.35 -14.11 23.85
C TYR B 71 -25.95 -14.46 22.41
N MET B 72 -26.74 -15.30 21.76
CA MET B 72 -26.41 -15.72 20.39
C MET B 72 -26.49 -14.57 19.39
N ARG B 73 -27.22 -13.52 19.73
CA ARG B 73 -27.33 -12.38 18.84
C ARG B 73 -26.19 -11.41 19.10
N THR B 74 -25.78 -11.32 20.36
CA THR B 74 -24.69 -10.42 20.75
C THR B 74 -23.35 -10.95 20.26
N GLY B 75 -23.15 -12.27 20.36
CA GLY B 75 -21.92 -12.89 19.93
C GLY B 75 -21.60 -12.64 18.47
N GLU B 76 -20.38 -12.19 18.22
CA GLU B 76 -19.93 -11.92 16.86
C GLU B 76 -19.39 -13.20 16.24
N GLY B 77 -18.62 -13.95 17.02
CA GLY B 77 -18.04 -15.19 16.55
C GLY B 77 -18.34 -16.33 17.50
N PHE B 78 -18.60 -17.51 16.95
CA PHE B 78 -18.93 -18.66 17.78
C PHE B 78 -17.94 -19.80 17.59
N LEU B 79 -17.80 -20.61 18.62
CA LEU B 79 -16.91 -21.75 18.60
C LEU B 79 -17.69 -23.02 18.93
N CYS B 80 -17.94 -23.83 17.93
CA CYS B 80 -18.69 -25.07 18.10
C CYS B 80 -17.76 -26.17 18.59
N VAL B 81 -17.80 -26.43 19.88
CA VAL B 81 -16.95 -27.45 20.49
C VAL B 81 -17.72 -28.74 20.77
N PHE B 82 -17.13 -29.85 20.37
CA PHE B 82 -17.74 -31.16 20.58
C PHE B 82 -16.67 -32.16 21.03
N ALA B 83 -17.10 -33.20 21.73
CA ALA B 83 -16.19 -34.22 22.19
C ALA B 83 -16.14 -35.37 21.19
N ILE B 84 -14.94 -35.82 20.85
CA ILE B 84 -14.77 -36.90 19.89
C ILE B 84 -15.21 -38.25 20.47
N ASN B 85 -15.39 -38.29 21.79
CA ASN B 85 -15.82 -39.50 22.46
C ASN B 85 -17.32 -39.46 22.74
N ASN B 86 -18.02 -38.58 22.06
CA ASN B 86 -19.46 -38.46 22.22
C ASN B 86 -20.11 -37.92 20.94
N THR B 87 -20.79 -38.80 20.21
CA THR B 87 -21.43 -38.43 18.97
C THR B 87 -22.61 -37.49 19.22
N LYS B 88 -23.16 -37.53 20.44
CA LYS B 88 -24.29 -36.67 20.81
C LYS B 88 -23.92 -35.21 20.62
N SER B 89 -22.70 -34.84 21.02
CA SER B 89 -22.22 -33.48 20.89
C SER B 89 -22.11 -33.09 19.42
N PHE B 90 -21.66 -34.04 18.59
CA PHE B 90 -21.50 -33.79 17.16
C PHE B 90 -22.85 -33.60 16.49
N GLU B 91 -23.83 -34.39 16.89
CA GLU B 91 -25.17 -34.29 16.33
C GLU B 91 -25.80 -32.94 16.67
N ASP B 92 -25.60 -32.50 17.90
CA ASP B 92 -26.14 -31.23 18.38
C ASP B 92 -25.49 -30.02 17.72
N ILE B 93 -24.33 -30.22 17.11
CA ILE B 93 -23.61 -29.13 16.45
C ILE B 93 -24.49 -28.52 15.37
N HIS B 94 -25.21 -29.36 14.65
CA HIS B 94 -26.10 -28.91 13.59
C HIS B 94 -27.28 -28.16 14.18
N HIS B 95 -27.80 -28.67 15.30
CA HIS B 95 -28.94 -28.04 15.98
C HIS B 95 -28.59 -26.64 16.44
N TYR B 96 -27.40 -26.49 17.01
CA TYR B 96 -26.94 -25.19 17.49
C TYR B 96 -26.73 -24.22 16.33
N ARG B 97 -26.16 -24.72 15.24
CA ARG B 97 -25.89 -23.92 14.05
C ARG B 97 -27.19 -23.32 13.49
N GLU B 98 -28.21 -24.15 13.35
CA GLU B 98 -29.50 -23.69 12.84
C GLU B 98 -30.11 -22.64 13.76
N GLN B 99 -29.86 -22.78 15.06
CA GLN B 99 -30.38 -21.85 16.05
C GLN B 99 -29.66 -20.50 15.94
N ILE B 100 -28.32 -20.53 15.88
CA ILE B 100 -27.52 -19.33 15.79
C ILE B 100 -27.97 -18.47 14.61
N LYS B 101 -28.10 -19.10 13.45
CA LYS B 101 -28.52 -18.42 12.24
C LYS B 101 -29.91 -17.81 12.37
N ARG B 102 -30.80 -18.53 13.05
CA ARG B 102 -32.16 -18.05 13.25
C ARG B 102 -32.15 -16.82 14.17
N VAL B 103 -31.36 -16.90 15.23
CA VAL B 103 -31.25 -15.82 16.20
C VAL B 103 -30.65 -14.56 15.58
N LYS B 104 -29.56 -14.72 14.85
CA LYS B 104 -28.89 -13.59 14.21
C LYS B 104 -29.59 -13.17 12.92
N ASP B 105 -30.43 -14.06 12.38
CA ASP B 105 -31.17 -13.82 11.15
C ASP B 105 -30.22 -13.63 9.96
N SER B 106 -29.25 -14.54 9.85
CA SER B 106 -28.27 -14.50 8.78
C SER B 106 -27.63 -15.88 8.58
N GLU B 107 -27.23 -16.18 7.35
CA GLU B 107 -26.62 -17.46 7.02
C GLU B 107 -25.12 -17.43 7.27
N ASP B 108 -24.47 -16.34 6.90
CA ASP B 108 -23.03 -16.20 7.08
C ASP B 108 -22.67 -15.78 8.51
N VAL B 109 -22.30 -16.76 9.32
CA VAL B 109 -21.92 -16.53 10.70
C VAL B 109 -20.58 -17.22 10.98
N PRO B 110 -19.58 -16.46 11.48
CA PRO B 110 -18.26 -17.01 11.80
C PRO B 110 -18.33 -18.05 12.92
N MET B 111 -18.24 -19.32 12.55
CA MET B 111 -18.30 -20.42 13.50
C MET B 111 -17.21 -21.44 13.17
N VAL B 112 -16.39 -21.77 14.16
CA VAL B 112 -15.31 -22.74 13.96
C VAL B 112 -15.65 -24.06 14.64
N LEU B 113 -15.44 -25.15 13.92
CA LEU B 113 -15.70 -26.48 14.44
C LEU B 113 -14.47 -26.98 15.18
N VAL B 114 -14.60 -27.17 16.49
CA VAL B 114 -13.48 -27.63 17.30
C VAL B 114 -13.75 -28.98 17.94
N GLY B 115 -12.87 -29.93 17.65
CA GLY B 115 -12.98 -31.26 18.22
C GLY B 115 -12.08 -31.38 19.43
N ASN B 116 -12.68 -31.51 20.60
CA ASN B 116 -11.91 -31.60 21.83
C ASN B 116 -11.86 -33.04 22.34
N LYS B 117 -10.99 -33.26 23.33
CA LYS B 117 -10.81 -34.58 23.94
C LYS B 117 -10.19 -35.57 22.97
N CYS B 118 -9.33 -35.05 22.09
CA CYS B 118 -8.66 -35.87 21.09
C CYS B 118 -7.57 -36.74 21.72
N ASP B 119 -7.36 -36.57 23.01
CA ASP B 119 -6.38 -37.34 23.74
C ASP B 119 -7.03 -38.60 24.30
N LEU B 120 -8.33 -38.72 24.08
CA LEU B 120 -9.09 -39.87 24.54
C LEU B 120 -9.10 -40.96 23.48
N PRO B 121 -8.80 -42.21 23.87
CA PRO B 121 -8.79 -43.34 22.95
C PRO B 121 -10.21 -43.79 22.57
N SER B 122 -10.31 -44.54 21.48
CA SER B 122 -11.59 -45.04 21.00
C SER B 122 -12.57 -43.91 20.67
N ARG B 123 -12.18 -43.07 19.72
CA ARG B 123 -13.04 -41.96 19.32
C ARG B 123 -14.29 -42.47 18.61
N THR B 124 -15.43 -41.94 18.98
CA THR B 124 -16.69 -42.35 18.39
C THR B 124 -17.02 -41.50 17.16
N VAL B 125 -16.49 -40.29 17.14
CA VAL B 125 -16.72 -39.37 16.02
C VAL B 125 -15.59 -39.52 14.99
N ASP B 126 -15.98 -39.74 13.74
CA ASP B 126 -14.99 -39.90 12.66
C ASP B 126 -14.58 -38.55 12.09
N THR B 127 -13.35 -38.47 11.60
CA THR B 127 -12.82 -37.24 11.03
C THR B 127 -13.46 -36.92 9.68
N LYS B 128 -13.65 -37.93 8.86
CA LYS B 128 -14.23 -37.75 7.52
C LYS B 128 -15.65 -37.20 7.58
N GLN B 129 -16.47 -37.74 8.49
CA GLN B 129 -17.85 -37.30 8.62
C GLN B 129 -17.93 -35.84 9.06
N ALA B 130 -16.87 -35.36 9.70
CA ALA B 130 -16.83 -33.98 10.16
C ALA B 130 -16.28 -33.07 9.08
N GLN B 131 -15.21 -33.53 8.41
CA GLN B 131 -14.56 -32.76 7.35
C GLN B 131 -15.50 -32.53 6.17
N ASP B 132 -16.05 -33.61 5.64
CA ASP B 132 -16.96 -33.54 4.49
C ASP B 132 -18.18 -32.69 4.79
N LEU B 133 -18.70 -32.85 6.01
CA LEU B 133 -19.87 -32.09 6.44
C LEU B 133 -19.52 -30.61 6.53
N ALA B 134 -18.36 -30.32 7.11
CA ALA B 134 -17.89 -28.96 7.27
C ALA B 134 -17.74 -28.26 5.92
N ARG B 135 -17.16 -28.96 4.95
CA ARG B 135 -16.96 -28.40 3.62
C ARG B 135 -18.31 -28.10 2.96
N SER B 136 -19.27 -28.99 3.18
CA SER B 136 -20.61 -28.82 2.62
C SER B 136 -21.29 -27.59 3.18
N TYR B 137 -21.15 -27.37 4.48
CA TYR B 137 -21.77 -26.22 5.13
C TYR B 137 -20.97 -24.94 4.91
N GLY B 138 -19.68 -25.09 4.64
CA GLY B 138 -18.84 -23.93 4.39
C GLY B 138 -18.16 -23.43 5.65
N ILE B 139 -17.76 -24.37 6.49
CA ILE B 139 -17.08 -24.05 7.73
C ILE B 139 -15.77 -24.82 7.83
N PRO B 140 -14.71 -24.18 8.36
CA PRO B 140 -13.41 -24.82 8.50
C PRO B 140 -13.35 -25.74 9.72
N PHE B 141 -12.81 -26.95 9.52
CA PHE B 141 -12.67 -27.91 10.59
C PHE B 141 -11.19 -28.17 10.87
N ILE B 142 -10.79 -27.90 12.11
CA ILE B 142 -9.41 -28.08 12.52
C ILE B 142 -9.32 -29.07 13.68
N GLU B 143 -8.41 -30.03 13.57
CA GLU B 143 -8.21 -31.02 14.64
C GLU B 143 -7.26 -30.44 15.68
N THR B 144 -7.85 -29.86 16.71
CA THR B 144 -7.09 -29.24 17.79
C THR B 144 -6.67 -30.23 18.86
N SER B 145 -5.46 -30.04 19.37
CA SER B 145 -4.92 -30.86 20.43
C SER B 145 -4.35 -29.95 21.50
N ALA B 146 -5.12 -29.72 22.57
CA ALA B 146 -4.69 -28.86 23.66
C ALA B 146 -3.51 -29.45 24.43
N LYS B 147 -3.44 -30.77 24.46
CA LYS B 147 -2.36 -31.48 25.14
C LYS B 147 -1.00 -31.12 24.56
N THR B 148 -0.83 -31.33 23.27
CA THR B 148 0.42 -31.02 22.59
C THR B 148 0.45 -29.56 22.13
N ARG B 149 -0.70 -28.89 22.29
CA ARG B 149 -0.86 -27.50 21.90
C ARG B 149 -0.68 -27.30 20.39
N GLN B 150 -1.16 -28.27 19.62
CA GLN B 150 -1.06 -28.22 18.17
C GLN B 150 -2.40 -27.82 17.56
N GLY B 151 -2.36 -26.87 16.64
CA GLY B 151 -3.57 -26.42 15.96
C GLY B 151 -4.37 -25.41 16.76
N VAL B 152 -3.90 -25.11 17.96
CA VAL B 152 -4.59 -24.17 18.84
C VAL B 152 -4.56 -22.75 18.26
N ASP B 153 -3.38 -22.30 17.86
CA ASP B 153 -3.24 -20.97 17.29
C ASP B 153 -3.93 -20.87 15.94
N ASP B 154 -3.85 -21.94 15.16
CA ASP B 154 -4.45 -21.97 13.83
C ASP B 154 -5.97 -21.80 13.93
N ALA B 155 -6.57 -22.36 14.97
CA ALA B 155 -8.00 -22.26 15.18
C ALA B 155 -8.39 -20.78 15.36
N PHE B 156 -7.54 -20.03 16.06
CA PHE B 156 -7.78 -18.62 16.29
C PHE B 156 -7.53 -17.83 15.02
N TYR B 157 -6.43 -18.13 14.34
CA TYR B 157 -6.06 -17.46 13.11
C TYR B 157 -7.17 -17.62 12.07
N THR B 158 -7.71 -18.82 11.98
CA THR B 158 -8.78 -19.10 11.02
C THR B 158 -10.03 -18.29 11.33
N LEU B 159 -10.42 -18.25 12.59
CA LEU B 159 -11.62 -17.49 12.99
C LEU B 159 -11.44 -16.02 12.66
N VAL B 160 -10.29 -15.46 13.04
CA VAL B 160 -9.99 -14.06 12.78
C VAL B 160 -9.94 -13.80 11.28
N ARG B 161 -9.43 -14.77 10.54
CA ARG B 161 -9.34 -14.67 9.08
C ARG B 161 -10.72 -14.59 8.46
N GLU B 162 -11.65 -15.41 8.96
CA GLU B 162 -13.02 -15.42 8.46
C GLU B 162 -13.69 -14.07 8.72
N ILE B 163 -13.41 -13.48 9.88
CA ILE B 163 -13.96 -12.19 10.24
C ILE B 163 -13.48 -11.11 9.27
N ARG B 164 -12.18 -11.14 8.97
CA ARG B 164 -11.59 -10.18 8.05
C ARG B 164 -12.22 -10.32 6.66
N LYS B 165 -12.40 -11.56 6.22
CA LYS B 165 -13.01 -11.83 4.91
C LYS B 165 -14.46 -11.38 4.90
N HIS B 166 -15.12 -11.51 6.04
CA HIS B 166 -16.51 -11.12 6.18
C HIS B 166 -16.66 -9.63 5.87
N LYS B 167 -15.77 -8.81 6.41
CA LYS B 167 -15.81 -7.37 6.18
C LYS B 167 -15.50 -7.05 4.71
N GLU B 168 -14.52 -7.77 4.16
CA GLU B 168 -14.14 -7.57 2.76
C GLU B 168 -15.29 -7.94 1.84
N LYS B 169 -15.93 -9.06 2.13
CA LYS B 169 -17.05 -9.53 1.33
C LYS B 169 -18.26 -8.61 1.49
N MET B 170 -18.37 -7.98 2.65
CA MET B 170 -19.48 -7.07 2.92
C MET B 170 -19.34 -5.79 2.10
N SER B 171 -18.11 -5.40 1.82
CA SER B 171 -17.84 -4.19 1.05
C SER B 171 -18.17 -4.39 -0.43
N LYS B 172 -17.48 -5.34 -1.06
CA LYS B 172 -17.67 -5.66 -2.48
C LYS B 172 -17.33 -4.49 -3.41
N ASP B 173 -18.32 -3.71 -3.77
CA ASP B 173 -18.13 -2.56 -4.65
C ASP B 173 -17.57 -1.34 -3.90
N GLY B 174 -16.82 -0.53 -4.62
CA GLY B 174 -16.21 0.65 -4.03
C GLY B 174 -17.09 1.88 -4.13
N LYS B 175 -17.80 2.17 -3.06
CA LYS B 175 -18.69 3.32 -3.01
C LYS B 175 -18.09 4.39 -2.11
N LYS B 176 -18.91 5.38 -1.76
CA LYS B 176 -18.49 6.48 -0.88
C LYS B 176 -17.53 7.47 -1.55
N LYS B 177 -16.28 7.06 -1.68
CA LYS B 177 -15.23 7.90 -2.29
C LYS B 177 -15.04 9.19 -1.49
N LYS B 178 -14.12 9.13 -0.53
CA LYS B 178 -13.85 10.27 0.36
C LYS B 178 -13.39 11.51 -0.40
N LYS B 179 -13.99 12.64 -0.04
CA LYS B 179 -13.67 13.92 -0.64
C LYS B 179 -13.45 14.95 0.46
N LYS B 180 -13.69 16.24 0.14
CA LYS B 180 -13.54 17.33 1.09
C LYS B 180 -12.12 17.38 1.68
N SER B 181 -11.14 17.41 0.79
CA SER B 181 -9.74 17.45 1.18
C SER B 181 -9.12 18.82 0.97
N LYS B 182 -9.83 19.71 0.27
CA LYS B 182 -9.33 21.05 0.00
C LYS B 182 -9.28 21.89 1.27
N THR B 183 -8.14 21.85 1.96
CA THR B 183 -7.96 22.58 3.19
C THR B 183 -6.63 23.30 3.19
N LYS B 184 -5.56 22.53 3.26
CA LYS B 184 -4.20 23.07 3.26
C LYS B 184 -3.60 23.08 1.85
N SER C 14 25.18 5.59 -43.70
CA SER C 14 25.39 4.42 -42.85
C SER C 14 26.86 4.05 -42.80
N THR C 15 27.54 4.24 -43.92
CA THR C 15 28.96 3.92 -44.04
C THR C 15 29.79 4.99 -43.33
N PHE C 16 29.23 6.19 -43.22
CA PHE C 16 29.91 7.31 -42.55
C PHE C 16 30.15 6.97 -41.08
N SER C 17 29.15 6.34 -40.48
CA SER C 17 29.22 5.95 -39.09
C SER C 17 30.29 4.89 -38.90
N LYS C 18 30.37 3.96 -39.84
CA LYS C 18 31.35 2.88 -39.77
C LYS C 18 32.76 3.43 -39.96
N LEU C 19 32.87 4.55 -40.66
CA LEU C 19 34.17 5.19 -40.91
C LEU C 19 34.73 5.72 -39.60
N ARG C 20 33.88 6.38 -38.81
CA ARG C 20 34.31 6.93 -37.52
C ARG C 20 34.57 5.82 -36.52
N GLU C 21 33.86 4.70 -36.70
CA GLU C 21 34.02 3.55 -35.82
C GLU C 21 35.42 2.93 -35.99
N GLN C 22 36.09 3.27 -37.07
CA GLN C 22 37.43 2.76 -37.34
C GLN C 22 38.49 3.83 -37.07
N LEU C 23 38.06 5.08 -36.98
CA LEU C 23 38.97 6.19 -36.74
C LEU C 23 39.17 6.43 -35.24
N GLY C 24 38.09 6.28 -34.48
CA GLY C 24 38.16 6.49 -33.04
C GLY C 24 39.19 5.63 -32.31
N PRO C 25 39.09 4.28 -32.41
CA PRO C 25 40.01 3.35 -31.73
C PRO C 25 41.50 3.71 -31.83
N VAL C 26 41.96 4.09 -33.02
CA VAL C 26 43.36 4.45 -33.24
C VAL C 26 43.81 5.55 -32.28
N THR C 27 43.03 6.62 -32.23
CA THR C 27 43.35 7.74 -31.37
C THR C 27 43.07 7.42 -29.91
N GLN C 28 42.08 6.55 -29.66
CA GLN C 28 41.73 6.18 -28.30
C GLN C 28 42.92 5.58 -27.55
N GLU C 29 43.68 4.74 -28.25
CA GLU C 29 44.86 4.11 -27.67
C GLU C 29 45.90 5.16 -27.26
N PHE C 30 46.12 6.12 -28.13
CA PHE C 30 47.08 7.19 -27.86
C PHE C 30 46.63 8.04 -26.67
N TRP C 31 45.33 8.33 -26.63
CA TRP C 31 44.76 9.13 -25.55
C TRP C 31 44.84 8.41 -24.21
N ASP C 32 44.61 7.10 -24.23
CA ASP C 32 44.67 6.30 -23.01
C ASP C 32 46.08 6.29 -22.47
N ASN C 33 47.04 6.13 -23.37
CA ASN C 33 48.46 6.11 -22.99
C ASN C 33 48.86 7.42 -22.35
N LEU C 34 48.52 8.53 -23.01
CA LEU C 34 48.84 9.86 -22.51
C LEU C 34 48.22 10.11 -21.14
N GLU C 35 46.98 9.67 -20.98
CA GLU C 35 46.27 9.82 -19.71
C GLU C 35 46.96 9.01 -18.63
N LYS C 36 47.44 7.82 -19.01
CA LYS C 36 48.14 6.94 -18.08
C LYS C 36 49.44 7.59 -17.60
N GLU C 37 50.18 8.17 -18.54
CA GLU C 37 51.44 8.82 -18.22
C GLU C 37 51.19 9.98 -17.25
N THR C 38 50.07 10.67 -17.44
CA THR C 38 49.70 11.78 -16.58
C THR C 38 49.27 11.26 -15.21
N GLU C 39 48.63 10.09 -15.21
CA GLU C 39 48.17 9.46 -13.97
C GLU C 39 49.35 9.16 -13.06
N GLY C 40 50.46 8.72 -13.65
CA GLY C 40 51.65 8.42 -12.89
C GLY C 40 52.15 9.64 -12.15
N LEU C 41 52.18 10.78 -12.85
CA LEU C 41 52.63 12.04 -12.26
C LEU C 41 51.66 12.49 -11.17
N ARG C 42 50.36 12.34 -11.44
CA ARG C 42 49.33 12.72 -10.48
C ARG C 42 49.42 11.85 -9.24
N GLN C 43 49.69 10.56 -9.44
CA GLN C 43 49.83 9.63 -8.33
C GLN C 43 51.05 9.98 -7.49
N GLU C 44 52.10 10.45 -8.16
CA GLU C 44 53.33 10.84 -7.49
C GLU C 44 53.05 11.99 -6.53
N MET C 45 52.26 12.95 -6.98
CA MET C 45 51.90 14.09 -6.17
C MET C 45 50.96 13.67 -5.04
N SER C 46 50.15 12.66 -5.31
CA SER C 46 49.22 12.16 -4.31
C SER C 46 49.98 11.54 -3.14
N LYS C 47 50.88 10.62 -3.45
CA LYS C 47 51.68 9.94 -2.42
C LYS C 47 52.54 10.97 -1.69
N ASP C 48 53.07 11.91 -2.45
CA ASP C 48 53.92 12.98 -1.92
C ASP C 48 53.19 13.79 -0.85
N LEU C 49 51.89 14.01 -1.07
CA LEU C 49 51.08 14.77 -0.14
C LEU C 49 50.60 13.89 1.02
N GLU C 50 50.44 12.59 0.76
CA GLU C 50 50.01 11.65 1.79
C GLU C 50 51.01 11.63 2.94
N GLU C 51 52.29 11.67 2.59
CA GLU C 51 53.35 11.66 3.59
C GLU C 51 53.22 12.87 4.51
N VAL C 52 52.96 14.03 3.93
CA VAL C 52 52.83 15.27 4.69
C VAL C 52 51.62 15.19 5.62
N LYS C 53 50.52 14.65 5.12
CA LYS C 53 49.29 14.51 5.88
C LYS C 53 49.52 13.71 7.16
N ALA C 54 50.25 12.61 7.03
CA ALA C 54 50.54 11.75 8.18
C ALA C 54 51.72 12.28 9.00
N LYS C 55 52.53 13.13 8.38
CA LYS C 55 53.69 13.69 9.05
C LYS C 55 53.30 14.64 10.18
N VAL C 56 52.31 15.49 9.92
CA VAL C 56 51.86 16.45 10.92
C VAL C 56 50.73 15.89 11.78
N GLN C 57 50.24 14.70 11.42
CA GLN C 57 49.15 14.06 12.14
C GLN C 57 49.40 13.95 13.66
N PRO C 58 50.50 13.29 14.09
CA PRO C 58 50.81 13.14 15.52
C PRO C 58 51.03 14.48 16.21
N TYR C 59 51.49 15.46 15.45
CA TYR C 59 51.75 16.79 15.99
C TYR C 59 50.44 17.55 16.28
N LEU C 60 49.44 17.30 15.44
CA LEU C 60 48.15 17.95 15.61
C LEU C 60 47.42 17.35 16.81
N ASP C 61 47.61 16.05 17.01
CA ASP C 61 46.98 15.33 18.12
C ASP C 61 47.50 15.84 19.46
N ASP C 62 48.75 16.29 19.47
CA ASP C 62 49.37 16.81 20.68
C ASP C 62 48.60 18.00 21.23
N PHE C 63 48.45 19.03 20.39
CA PHE C 63 47.75 20.24 20.79
C PHE C 63 46.29 19.92 21.10
N GLN C 64 45.76 18.92 20.42
CA GLN C 64 44.38 18.50 20.62
C GLN C 64 44.19 18.00 22.05
N LYS C 65 45.10 17.13 22.49
CA LYS C 65 45.05 16.58 23.84
C LYS C 65 45.33 17.68 24.85
N LYS C 66 46.14 18.65 24.45
CA LYS C 66 46.50 19.77 25.30
C LYS C 66 45.24 20.57 25.65
N TRP C 67 44.40 20.79 24.65
CA TRP C 67 43.17 21.53 24.83
C TRP C 67 42.17 20.71 25.66
N GLN C 68 42.24 19.39 25.53
CA GLN C 68 41.36 18.50 26.27
C GLN C 68 41.51 18.74 27.77
N GLU C 69 42.76 18.86 28.20
CA GLU C 69 43.07 19.11 29.61
C GLU C 69 42.43 20.39 30.10
N GLU C 70 42.58 21.47 29.33
CA GLU C 70 42.02 22.76 29.68
C GLU C 70 40.50 22.69 29.81
N MET C 71 39.86 22.01 28.87
CA MET C 71 38.40 21.86 28.89
C MET C 71 37.95 20.96 30.04
N GLU C 72 38.67 19.87 30.25
CA GLU C 72 38.36 18.93 31.32
C GLU C 72 38.46 19.61 32.69
N LEU C 73 39.49 20.44 32.85
CA LEU C 73 39.72 21.16 34.10
C LEU C 73 38.59 22.14 34.38
N TYR C 74 38.18 22.87 33.34
CA TYR C 74 37.11 23.86 33.45
C TYR C 74 35.78 23.17 33.75
N ARG C 75 35.56 21.99 33.16
CA ARG C 75 34.34 21.23 33.37
C ARG C 75 34.21 20.84 34.84
N GLN C 76 35.34 20.58 35.49
CA GLN C 76 35.35 20.20 36.89
C GLN C 76 35.15 21.44 37.78
N LYS C 77 35.64 22.58 37.30
CA LYS C 77 35.54 23.83 38.04
C LYS C 77 34.13 24.42 37.98
N VAL C 78 33.46 24.24 36.86
CA VAL C 78 32.12 24.77 36.68
C VAL C 78 31.07 23.92 37.40
N GLU C 79 31.45 22.70 37.76
CA GLU C 79 30.55 21.77 38.45
C GLU C 79 29.93 22.33 39.74
N PRO C 80 30.73 22.74 40.74
CA PRO C 80 30.22 23.28 42.01
C PRO C 80 29.31 24.50 41.80
N LEU C 81 29.81 25.45 41.01
CA LEU C 81 29.07 26.68 40.73
C LEU C 81 27.75 26.39 40.02
N ARG C 82 27.75 25.37 39.17
CA ARG C 82 26.55 24.98 38.43
C ARG C 82 25.43 24.55 39.38
N ALA C 83 25.80 23.79 40.40
CA ALA C 83 24.84 23.29 41.38
C ALA C 83 24.33 24.40 42.27
N GLU C 84 25.22 25.32 42.64
CA GLU C 84 24.86 26.44 43.51
C GLU C 84 23.77 27.31 42.91
N LEU C 85 23.94 27.71 41.65
CA LEU C 85 22.96 28.55 40.98
C LEU C 85 21.64 27.79 40.78
N GLN C 86 21.74 26.47 40.61
CA GLN C 86 20.56 25.62 40.42
C GLN C 86 19.71 25.64 41.69
N GLU C 87 20.39 25.43 42.82
CA GLU C 87 19.73 25.41 44.12
C GLU C 87 19.20 26.80 44.46
N GLY C 88 20.02 27.80 44.22
CA GLY C 88 19.64 29.18 44.50
C GLY C 88 18.41 29.60 43.73
N ALA C 89 18.39 29.29 42.44
CA ALA C 89 17.26 29.64 41.58
C ALA C 89 16.00 28.90 42.00
N ARG C 90 16.16 27.62 42.34
CA ARG C 90 15.05 26.78 42.75
C ARG C 90 14.28 27.35 43.94
N GLN C 91 15.00 27.91 44.90
CA GLN C 91 14.38 28.47 46.11
C GLN C 91 13.55 29.73 45.84
N LYS C 92 13.45 30.15 44.60
CA LYS C 92 12.68 31.35 44.27
C LYS C 92 11.26 31.05 43.83
N LEU C 93 11.09 30.07 42.94
CA LEU C 93 9.76 29.72 42.45
C LEU C 93 8.86 29.20 43.57
N HIS C 94 9.46 28.50 44.53
CA HIS C 94 8.71 27.96 45.66
C HIS C 94 8.05 29.10 46.44
N GLU C 95 8.69 30.26 46.42
CA GLU C 95 8.20 31.44 47.10
C GLU C 95 7.00 32.01 46.36
N LEU C 96 7.18 32.27 45.07
CA LEU C 96 6.13 32.85 44.24
C LEU C 96 4.99 31.87 44.01
N GLN C 97 5.28 30.58 44.09
CA GLN C 97 4.28 29.53 43.89
C GLN C 97 3.11 29.68 44.83
N GLU C 98 3.38 29.54 46.12
CA GLU C 98 2.34 29.63 47.15
C GLU C 98 1.81 31.05 47.30
N LYS C 99 2.49 32.02 46.69
CA LYS C 99 2.10 33.41 46.77
C LYS C 99 1.01 33.78 45.76
N LEU C 100 0.95 33.10 44.63
CA LEU C 100 -0.03 33.43 43.60
C LEU C 100 -1.00 32.28 43.27
N SER C 101 -0.66 31.06 43.68
CA SER C 101 -1.52 29.90 43.40
C SER C 101 -2.94 30.02 43.98
N PRO C 102 -3.10 30.31 45.30
CA PRO C 102 -4.42 30.43 45.92
C PRO C 102 -5.34 31.42 45.19
N LEU C 103 -4.82 32.61 44.91
CA LEU C 103 -5.59 33.64 44.23
C LEU C 103 -5.96 33.20 42.81
N GLY C 104 -5.05 32.47 42.16
CA GLY C 104 -5.32 31.99 40.81
C GLY C 104 -6.46 30.99 40.77
N GLU C 105 -6.47 30.10 41.75
CA GLU C 105 -7.51 29.08 41.83
C GLU C 105 -8.85 29.72 42.22
N GLU C 106 -8.78 30.69 43.13
CA GLU C 106 -9.96 31.39 43.62
C GLU C 106 -10.73 32.06 42.48
N MET C 107 -10.01 32.75 41.61
CA MET C 107 -10.64 33.44 40.49
C MET C 107 -11.06 32.47 39.38
N ARG C 108 -10.47 31.27 39.39
CA ARG C 108 -10.80 30.27 38.38
C ARG C 108 -12.21 29.75 38.61
N ASP C 109 -12.53 29.44 39.87
CA ASP C 109 -13.86 28.94 40.22
C ASP C 109 -14.91 29.99 39.91
N ARG C 110 -14.56 31.26 40.14
CA ARG C 110 -15.46 32.37 39.88
C ARG C 110 -15.86 32.40 38.40
N ALA C 111 -14.89 32.14 37.53
CA ALA C 111 -15.14 32.13 36.09
C ALA C 111 -16.02 30.94 35.73
N ARG C 112 -15.71 29.80 36.32
CA ARG C 112 -16.46 28.56 36.07
C ARG C 112 -17.94 28.72 36.42
N ALA C 113 -18.21 29.42 37.50
CA ALA C 113 -19.57 29.66 37.96
C ALA C 113 -20.31 30.52 36.92
N HIS C 114 -19.62 31.52 36.39
CA HIS C 114 -20.19 32.41 35.39
C HIS C 114 -20.48 31.67 34.08
N VAL C 115 -19.63 30.68 33.77
CA VAL C 115 -19.79 29.90 32.55
C VAL C 115 -21.14 29.18 32.52
N ASP C 116 -21.51 28.55 33.63
CA ASP C 116 -22.78 27.83 33.70
C ASP C 116 -23.94 28.81 33.70
N ALA C 117 -23.83 29.84 34.53
CA ALA C 117 -24.88 30.86 34.63
C ALA C 117 -25.21 31.44 33.27
N LEU C 118 -24.16 31.73 32.49
CA LEU C 118 -24.33 32.30 31.16
C LEU C 118 -25.10 31.35 30.23
N ARG C 119 -24.84 30.05 30.37
CA ARG C 119 -25.50 29.05 29.53
C ARG C 119 -26.96 28.90 29.94
N THR C 120 -27.21 28.79 31.24
CA THR C 120 -28.55 28.62 31.76
C THR C 120 -29.41 29.89 31.61
N HIS C 121 -28.78 31.05 31.78
CA HIS C 121 -29.48 32.33 31.66
C HIS C 121 -30.03 32.54 30.26
N LEU C 122 -29.30 32.09 29.26
CA LEU C 122 -29.73 32.26 27.87
C LEU C 122 -30.57 31.09 27.37
N ALA C 123 -30.56 29.98 28.10
CA ALA C 123 -31.30 28.79 27.71
C ALA C 123 -32.79 29.03 27.42
N PRO C 124 -33.59 29.50 28.42
CA PRO C 124 -35.03 29.74 28.23
C PRO C 124 -35.33 30.75 27.13
N TYR C 125 -34.50 31.78 27.03
CA TYR C 125 -34.68 32.83 26.04
C TYR C 125 -34.37 32.32 24.63
N SER C 126 -33.27 31.60 24.49
CA SER C 126 -32.88 31.06 23.20
C SER C 126 -33.88 30.01 22.73
N ASP C 127 -34.40 29.24 23.67
CA ASP C 127 -35.39 28.20 23.36
C ASP C 127 -36.66 28.84 22.83
N GLU C 128 -37.01 29.99 23.40
CA GLU C 128 -38.19 30.74 22.97
C GLU C 128 -38.00 31.26 21.55
N LEU C 129 -36.83 31.86 21.31
CA LEU C 129 -36.50 32.40 20.01
C LEU C 129 -36.48 31.29 18.95
N ARG C 130 -35.89 30.15 19.29
CA ARG C 130 -35.80 29.02 18.38
C ARG C 130 -37.18 28.59 17.87
N GLN C 131 -38.14 28.45 18.78
CA GLN C 131 -39.49 28.04 18.43
C GLN C 131 -40.17 29.09 17.56
N ARG C 132 -40.06 30.34 17.98
CA ARG C 132 -40.69 31.44 17.26
C ARG C 132 -40.14 31.57 15.84
N LEU C 133 -38.82 31.42 15.70
CA LEU C 133 -38.18 31.50 14.41
C LEU C 133 -38.55 30.30 13.53
N ALA C 134 -38.66 29.13 14.16
CA ALA C 134 -39.03 27.91 13.45
C ALA C 134 -40.40 28.05 12.81
N ALA C 135 -41.36 28.52 13.60
CA ALA C 135 -42.73 28.72 13.12
C ALA C 135 -42.77 29.75 12.00
N ARG C 136 -41.90 30.76 12.11
CA ARG C 136 -41.82 31.82 11.12
C ARG C 136 -41.30 31.28 9.80
N LEU C 137 -40.19 30.55 9.85
CA LEU C 137 -39.60 29.98 8.65
C LEU C 137 -40.53 28.95 8.02
N GLU C 138 -41.24 28.20 8.86
CA GLU C 138 -42.18 27.18 8.41
C GLU C 138 -43.27 27.80 7.55
N ALA C 139 -43.80 28.94 7.98
CA ALA C 139 -44.86 29.64 7.25
C ALA C 139 -44.37 30.09 5.87
N LEU C 140 -43.17 30.65 5.85
CA LEU C 140 -42.56 31.14 4.61
C LEU C 140 -42.40 29.99 3.60
N LYS C 141 -41.92 28.86 4.10
CA LYS C 141 -41.70 27.68 3.28
C LYS C 141 -43.00 27.20 2.63
N GLU C 142 -44.09 27.30 3.38
CA GLU C 142 -45.40 26.87 2.90
C GLU C 142 -45.80 27.62 1.63
N ASN C 143 -45.66 28.94 1.65
CA ASN C 143 -46.02 29.75 0.49
C ASN C 143 -45.02 29.61 -0.65
N GLY C 144 -43.74 29.60 -0.32
CA GLY C 144 -42.70 29.47 -1.32
C GLY C 144 -42.78 28.17 -2.10
N GLY C 145 -43.01 27.07 -1.38
CA GLY C 145 -43.09 25.76 -2.00
C GLY C 145 -44.13 25.67 -3.10
N ALA C 146 -45.21 26.42 -2.94
CA ALA C 146 -46.29 26.41 -3.92
C ALA C 146 -45.90 27.08 -5.23
N ARG C 147 -45.00 28.07 -5.16
CA ARG C 147 -44.56 28.80 -6.34
C ARG C 147 -43.48 28.06 -7.12
N LEU C 148 -42.49 27.56 -6.41
CA LEU C 148 -41.38 26.84 -7.04
C LEU C 148 -41.84 25.56 -7.71
N ALA C 149 -42.92 24.98 -7.20
CA ALA C 149 -43.47 23.75 -7.76
C ALA C 149 -43.98 23.97 -9.19
N GLU C 150 -44.40 25.20 -9.48
CA GLU C 150 -44.90 25.53 -10.81
C GLU C 150 -43.75 25.87 -11.76
N TYR C 151 -42.77 26.62 -11.25
CA TYR C 151 -41.62 27.00 -12.04
C TYR C 151 -40.80 25.79 -12.47
N HIS C 152 -40.74 24.79 -11.59
CA HIS C 152 -40.00 23.57 -11.86
C HIS C 152 -40.51 22.88 -13.12
N ALA C 153 -41.82 22.76 -13.25
CA ALA C 153 -42.43 22.11 -14.40
C ALA C 153 -42.20 22.91 -15.68
N LYS C 154 -42.26 24.23 -15.54
CA LYS C 154 -42.05 25.13 -16.69
C LYS C 154 -40.61 25.08 -17.16
N ALA C 155 -39.71 24.71 -16.26
CA ALA C 155 -38.28 24.63 -16.57
C ALA C 155 -37.97 23.44 -17.48
N THR C 156 -38.60 22.30 -17.22
CA THR C 156 -38.36 21.09 -18.00
C THR C 156 -38.76 21.28 -19.47
N GLU C 157 -39.90 21.92 -19.69
CA GLU C 157 -40.38 22.16 -21.06
C GLU C 157 -39.50 23.19 -21.76
N HIS C 158 -38.74 23.93 -20.97
CA HIS C 158 -37.87 24.96 -21.49
C HIS C 158 -36.43 24.47 -21.53
N LEU C 159 -36.27 23.16 -21.46
CA LEU C 159 -34.94 22.56 -21.46
C LEU C 159 -34.79 21.54 -22.59
N SER C 160 -35.76 20.63 -22.68
CA SER C 160 -35.75 19.57 -23.66
C SER C 160 -35.92 20.08 -25.10
N THR C 161 -36.48 21.27 -25.25
CA THR C 161 -36.74 21.86 -26.57
C THR C 161 -35.47 22.06 -27.40
N LEU C 162 -34.33 22.16 -26.75
CA LEU C 162 -33.08 22.40 -27.45
C LEU C 162 -32.45 21.12 -28.00
N SER C 163 -32.21 20.15 -27.12
CA SER C 163 -31.58 18.90 -27.52
C SER C 163 -32.40 18.08 -28.51
N GLU C 164 -33.72 18.27 -28.52
CA GLU C 164 -34.60 17.52 -29.42
C GLU C 164 -34.32 17.81 -30.89
N LYS C 165 -33.72 18.96 -31.18
CA LYS C 165 -33.42 19.33 -32.56
C LYS C 165 -31.91 19.32 -32.84
N ALA C 166 -31.11 19.52 -31.80
CA ALA C 166 -29.66 19.55 -31.95
C ALA C 166 -29.08 18.19 -32.38
N LYS C 167 -29.60 17.12 -31.81
CA LYS C 167 -29.13 15.76 -32.11
C LYS C 167 -29.27 15.38 -33.59
N PRO C 168 -30.48 15.43 -34.17
CA PRO C 168 -30.69 15.07 -35.59
C PRO C 168 -29.88 15.94 -36.55
N ALA C 169 -29.67 17.21 -36.18
CA ALA C 169 -28.91 18.14 -37.00
C ALA C 169 -27.44 17.73 -37.08
N LEU C 170 -26.93 17.15 -36.00
CA LEU C 170 -25.54 16.72 -35.94
C LEU C 170 -25.29 15.54 -36.87
N GLU C 171 -26.25 14.63 -36.94
CA GLU C 171 -26.13 13.45 -37.78
C GLU C 171 -26.01 13.83 -39.26
N ASP C 172 -26.95 14.64 -39.73
CA ASP C 172 -26.94 15.08 -41.14
C ASP C 172 -25.63 15.80 -41.47
N LEU C 173 -25.18 16.63 -40.55
CA LEU C 173 -23.93 17.37 -40.73
C LEU C 173 -22.75 16.41 -40.87
N ARG C 174 -22.74 15.39 -40.00
CA ARG C 174 -21.70 14.38 -40.00
C ARG C 174 -21.65 13.62 -41.33
N GLN C 175 -22.80 13.16 -41.78
CA GLN C 175 -22.90 12.42 -43.02
C GLN C 175 -22.56 13.28 -44.24
N GLY C 176 -22.73 14.58 -44.11
CA GLY C 176 -22.43 15.49 -45.20
C GLY C 176 -20.95 15.78 -45.32
N LEU C 177 -20.21 15.49 -44.26
CA LEU C 177 -18.77 15.71 -44.24
C LEU C 177 -18.02 14.39 -44.38
N LEU C 178 -18.77 13.30 -44.45
CA LEU C 178 -18.21 11.97 -44.56
C LEU C 178 -17.50 11.70 -45.90
N PRO C 179 -18.15 11.98 -47.05
CA PRO C 179 -17.54 11.74 -48.37
C PRO C 179 -16.17 12.36 -48.54
N VAL C 180 -16.09 13.67 -48.35
CA VAL C 180 -14.84 14.39 -48.49
C VAL C 180 -13.79 13.89 -47.50
N LEU C 181 -14.23 13.56 -46.29
CA LEU C 181 -13.34 13.07 -45.26
C LEU C 181 -12.65 11.79 -45.69
N GLU C 182 -13.40 10.92 -46.34
CA GLU C 182 -12.87 9.65 -46.83
C GLU C 182 -11.94 9.88 -48.03
N SER C 183 -12.34 10.80 -48.91
CA SER C 183 -11.55 11.10 -50.09
C SER C 183 -10.17 11.62 -49.72
N PHE C 184 -10.10 12.48 -48.71
CA PHE C 184 -8.83 13.03 -48.25
C PHE C 184 -8.03 11.98 -47.49
N LYS C 185 -8.75 11.09 -46.82
CA LYS C 185 -8.14 10.02 -46.04
C LYS C 185 -7.26 9.13 -46.91
N VAL C 186 -7.78 8.78 -48.09
CA VAL C 186 -7.05 7.92 -49.02
C VAL C 186 -5.73 8.57 -49.46
N SER C 187 -5.82 9.80 -49.95
CA SER C 187 -4.65 10.53 -50.42
C SER C 187 -3.62 10.70 -49.30
N PHE C 188 -4.10 10.93 -48.08
CA PHE C 188 -3.23 11.10 -46.93
C PHE C 188 -2.39 9.84 -46.70
N LEU C 189 -3.04 8.69 -46.80
CA LEU C 189 -2.36 7.41 -46.60
C LEU C 189 -1.24 7.22 -47.61
N SER C 190 -1.54 7.56 -48.87
CA SER C 190 -0.56 7.44 -49.94
C SER C 190 0.67 8.29 -49.65
N ALA C 191 0.43 9.54 -49.25
CA ALA C 191 1.50 10.47 -48.94
C ALA C 191 2.29 10.03 -47.71
N LEU C 192 1.57 9.53 -46.70
CA LEU C 192 2.19 9.07 -45.46
C LEU C 192 3.27 8.03 -45.72
N GLU C 193 2.92 6.99 -46.45
CA GLU C 193 3.86 5.93 -46.76
C GLU C 193 5.02 6.47 -47.60
N GLU C 194 4.70 7.35 -48.53
CA GLU C 194 5.71 7.95 -49.40
C GLU C 194 6.73 8.78 -48.61
N TYR C 195 6.26 9.53 -47.62
CA TYR C 195 7.16 10.35 -46.80
C TYR C 195 8.06 9.45 -45.97
N THR C 196 7.51 8.33 -45.52
CA THR C 196 8.23 7.38 -44.70
C THR C 196 9.38 6.73 -45.48
N LYS C 197 9.13 6.41 -46.75
CA LYS C 197 10.15 5.80 -47.59
C LYS C 197 11.41 6.66 -47.68
N LYS C 198 11.20 7.96 -47.88
CA LYS C 198 12.31 8.91 -48.00
C LYS C 198 13.13 8.96 -46.70
N LEU C 199 12.46 8.88 -45.57
CA LEU C 199 13.12 8.92 -44.28
C LEU C 199 13.87 7.63 -43.99
N ASN C 200 13.29 6.52 -44.43
CA ASN C 200 13.89 5.22 -44.21
C ASN C 200 15.22 5.05 -44.97
N SER D 14 -29.62 29.32 -35.63
CA SER D 14 -29.65 29.94 -34.30
C SER D 14 -31.09 30.14 -33.82
N THR D 15 -32.03 29.65 -34.60
CA THR D 15 -33.44 29.78 -34.25
C THR D 15 -33.77 28.99 -32.99
N PHE D 16 -33.09 27.86 -32.81
CA PHE D 16 -33.31 27.01 -31.64
C PHE D 16 -32.96 27.77 -30.37
N SER D 17 -31.81 28.44 -30.39
CA SER D 17 -31.36 29.21 -29.26
C SER D 17 -32.23 30.45 -29.07
N LYS D 18 -32.71 31.02 -30.17
CA LYS D 18 -33.56 32.20 -30.11
C LYS D 18 -34.92 31.86 -29.51
N LEU D 19 -35.40 30.65 -29.78
CA LEU D 19 -36.68 30.22 -29.24
C LEU D 19 -36.62 30.14 -27.72
N ARG D 20 -35.58 29.50 -27.21
CA ARG D 20 -35.39 29.35 -25.78
C ARG D 20 -35.13 30.71 -25.14
N GLU D 21 -34.62 31.65 -25.93
CA GLU D 21 -34.34 32.99 -25.45
C GLU D 21 -35.60 33.85 -25.44
N GLN D 22 -36.44 33.68 -26.46
CA GLN D 22 -37.68 34.45 -26.59
C GLN D 22 -38.62 34.22 -25.41
N LEU D 23 -38.67 32.98 -24.95
CA LEU D 23 -39.54 32.63 -23.83
C LEU D 23 -38.78 32.67 -22.50
N GLY D 24 -37.53 33.14 -22.54
CA GLY D 24 -36.73 33.21 -21.34
C GLY D 24 -37.21 34.28 -20.37
N PRO D 25 -37.08 35.58 -20.73
CA PRO D 25 -37.51 36.70 -19.87
C PRO D 25 -38.96 36.57 -19.42
N VAL D 26 -39.80 35.91 -20.22
CA VAL D 26 -41.21 35.73 -19.88
C VAL D 26 -41.35 35.05 -18.51
N THR D 27 -40.74 33.90 -18.36
CA THR D 27 -40.80 33.15 -17.12
C THR D 27 -39.88 33.78 -16.07
N GLN D 28 -38.80 34.39 -16.54
CA GLN D 28 -37.83 35.03 -15.64
C GLN D 28 -38.49 36.18 -14.89
N GLU D 29 -39.21 37.04 -15.62
CA GLU D 29 -39.89 38.18 -15.02
C GLU D 29 -41.00 37.71 -14.08
N PHE D 30 -41.64 36.60 -14.45
CA PHE D 30 -42.72 36.03 -13.64
C PHE D 30 -42.18 35.60 -12.29
N TRP D 31 -41.07 34.87 -12.30
CA TRP D 31 -40.44 34.39 -11.08
C TRP D 31 -39.87 35.55 -10.29
N ASP D 32 -39.37 36.56 -11.00
CA ASP D 32 -38.80 37.74 -10.36
C ASP D 32 -39.86 38.44 -9.51
N ASN D 33 -41.06 38.56 -10.07
CA ASN D 33 -42.18 39.19 -9.37
C ASN D 33 -42.56 38.35 -8.16
N LEU D 34 -42.43 37.03 -8.31
CA LEU D 34 -42.74 36.11 -7.23
C LEU D 34 -41.73 36.27 -6.10
N GLU D 35 -40.46 36.35 -6.48
CA GLU D 35 -39.39 36.52 -5.51
C GLU D 35 -39.58 37.83 -4.75
N LYS D 36 -39.96 38.87 -5.47
CA LYS D 36 -40.19 40.18 -4.88
C LYS D 36 -41.30 40.11 -3.82
N GLU D 37 -42.35 39.35 -4.12
CA GLU D 37 -43.45 39.20 -3.18
C GLU D 37 -43.00 38.44 -1.94
N THR D 38 -42.24 37.36 -2.17
CA THR D 38 -41.72 36.56 -1.08
C THR D 38 -40.75 37.38 -0.24
N GLU D 39 -40.01 38.26 -0.90
CA GLU D 39 -39.04 39.14 -0.24
C GLU D 39 -39.75 40.01 0.80
N GLY D 40 -40.88 40.58 0.41
CA GLY D 40 -41.64 41.42 1.33
C GLY D 40 -42.13 40.64 2.54
N LEU D 41 -42.55 39.40 2.30
CA LEU D 41 -43.03 38.53 3.36
C LEU D 41 -41.89 38.17 4.31
N ARG D 42 -40.68 38.15 3.77
CA ARG D 42 -39.49 37.84 4.56
C ARG D 42 -39.09 39.04 5.40
N GLN D 43 -39.21 40.22 4.83
CA GLN D 43 -38.84 41.47 5.52
C GLN D 43 -39.67 41.68 6.78
N GLU D 44 -40.98 41.64 6.63
CA GLU D 44 -41.89 41.84 7.75
C GLU D 44 -41.64 40.84 8.88
N MET D 45 -41.37 39.60 8.51
CA MET D 45 -41.12 38.55 9.49
C MET D 45 -39.78 38.77 10.21
N SER D 46 -38.75 39.10 9.45
CA SER D 46 -37.44 39.35 10.02
C SER D 46 -37.44 40.59 10.90
N LYS D 47 -38.27 41.56 10.52
CA LYS D 47 -38.40 42.81 11.26
C LYS D 47 -39.07 42.57 12.61
N ASP D 48 -40.00 41.63 12.64
CA ASP D 48 -40.71 41.30 13.88
C ASP D 48 -39.77 40.55 14.82
N LEU D 49 -38.94 39.69 14.24
CA LEU D 49 -37.97 38.91 14.99
C LEU D 49 -36.89 39.81 15.58
N GLU D 50 -36.58 40.89 14.86
CA GLU D 50 -35.57 41.85 15.28
C GLU D 50 -35.87 42.43 16.67
N GLU D 51 -37.14 42.78 16.88
CA GLU D 51 -37.59 43.35 18.15
C GLU D 51 -37.33 42.41 19.32
N VAL D 52 -37.51 41.11 19.08
CA VAL D 52 -37.32 40.11 20.11
C VAL D 52 -35.86 40.02 20.55
N LYS D 53 -34.94 40.08 19.58
CA LYS D 53 -33.52 39.99 19.88
C LYS D 53 -33.06 41.16 20.76
N ALA D 54 -33.60 42.34 20.47
CA ALA D 54 -33.23 43.55 21.23
C ALA D 54 -33.70 43.51 22.68
N LYS D 55 -34.51 42.52 23.02
CA LYS D 55 -35.03 42.40 24.38
C LYS D 55 -34.16 41.45 25.21
N VAL D 56 -33.28 40.70 24.55
CA VAL D 56 -32.41 39.76 25.24
C VAL D 56 -31.00 40.32 25.39
N GLN D 57 -30.68 41.30 24.55
CA GLN D 57 -29.35 41.94 24.56
C GLN D 57 -28.99 42.60 25.90
N PRO D 58 -29.81 43.56 26.41
CA PRO D 58 -29.50 44.27 27.67
C PRO D 58 -29.24 43.35 28.86
N TYR D 59 -30.13 42.40 29.07
CA TYR D 59 -30.01 41.47 30.19
C TYR D 59 -28.70 40.68 30.17
N LEU D 60 -28.25 40.29 28.98
CA LEU D 60 -27.01 39.52 28.86
C LEU D 60 -25.80 40.44 29.00
N ASP D 61 -25.93 41.65 28.49
CA ASP D 61 -24.86 42.64 28.54
C ASP D 61 -24.53 43.02 29.98
N ASP D 62 -25.56 43.19 30.79
CA ASP D 62 -25.41 43.57 32.19
C ASP D 62 -24.65 42.51 32.97
N PHE D 63 -24.98 41.25 32.70
CA PHE D 63 -24.33 40.13 33.38
C PHE D 63 -22.83 40.07 33.06
N GLN D 64 -22.49 40.46 31.85
CA GLN D 64 -21.10 40.48 31.40
C GLN D 64 -20.31 41.57 32.13
N LYS D 65 -20.91 42.75 32.20
CA LYS D 65 -20.29 43.89 32.85
C LYS D 65 -20.06 43.64 34.34
N LYS D 66 -21.05 43.00 34.96
CA LYS D 66 -20.97 42.71 36.40
C LYS D 66 -19.75 41.88 36.76
N TRP D 67 -19.48 40.84 35.96
CA TRP D 67 -18.34 39.96 36.22
C TRP D 67 -17.02 40.66 35.91
N GLN D 68 -17.01 41.43 34.83
CA GLN D 68 -15.80 42.15 34.42
C GLN D 68 -15.37 43.14 35.50
N GLU D 69 -16.34 43.73 36.18
CA GLU D 69 -16.06 44.69 37.24
C GLU D 69 -15.33 44.02 38.41
N GLU D 70 -15.82 42.85 38.82
CA GLU D 70 -15.20 42.12 39.93
C GLU D 70 -13.76 41.75 39.56
N MET D 71 -13.57 41.39 38.31
CA MET D 71 -12.26 41.01 37.81
C MET D 71 -11.29 42.20 37.81
N GLU D 72 -11.81 43.37 37.44
CA GLU D 72 -11.01 44.58 37.40
C GLU D 72 -10.44 44.90 38.78
N LEU D 73 -11.31 44.85 39.78
CA LEU D 73 -10.91 45.14 41.16
C LEU D 73 -9.90 44.11 41.65
N TYR D 74 -10.13 42.86 41.30
CA TYR D 74 -9.26 41.76 41.68
C TYR D 74 -7.85 41.96 41.11
N ARG D 75 -7.77 42.16 39.79
CA ARG D 75 -6.49 42.35 39.12
C ARG D 75 -5.72 43.55 39.71
N GLN D 76 -6.47 44.58 40.06
CA GLN D 76 -5.89 45.79 40.62
C GLN D 76 -5.27 45.51 41.99
N LYS D 77 -5.83 44.54 42.69
CA LYS D 77 -5.36 44.18 44.02
C LYS D 77 -4.13 43.28 43.97
N VAL D 78 -4.07 42.39 42.99
CA VAL D 78 -2.95 41.46 42.84
C VAL D 78 -1.72 42.15 42.24
N GLU D 79 -1.92 43.36 41.71
CA GLU D 79 -0.83 44.12 41.11
C GLU D 79 0.37 44.32 42.05
N PRO D 80 0.18 44.96 43.23
CA PRO D 80 1.28 45.19 44.19
C PRO D 80 1.89 43.89 44.69
N LEU D 81 1.04 42.87 44.83
CA LEU D 81 1.48 41.56 45.32
C LEU D 81 2.55 40.98 44.39
N ARG D 82 2.29 41.02 43.10
CA ARG D 82 3.22 40.51 42.10
C ARG D 82 4.44 41.42 42.01
N ALA D 83 4.19 42.72 42.14
CA ALA D 83 5.26 43.72 42.07
C ALA D 83 6.35 43.44 43.10
N GLU D 84 5.94 43.07 44.31
CA GLU D 84 6.87 42.78 45.38
C GLU D 84 7.72 41.56 45.02
N LEU D 85 7.04 40.48 44.60
CA LEU D 85 7.72 39.25 44.20
C LEU D 85 8.67 39.51 43.04
N GLN D 86 8.20 40.32 42.10
CA GLN D 86 8.97 40.69 40.92
C GLN D 86 10.25 41.41 41.33
N GLU D 87 10.13 42.27 42.34
CA GLU D 87 11.28 43.02 42.83
C GLU D 87 12.30 42.11 43.48
N GLY D 88 11.81 41.13 44.24
CA GLY D 88 12.70 40.19 44.89
C GLY D 88 13.53 39.43 43.89
N ALA D 89 12.88 39.00 42.81
CA ALA D 89 13.57 38.28 41.74
C ALA D 89 14.45 39.21 40.93
N ARG D 90 14.00 40.46 40.82
CA ARG D 90 14.74 41.49 40.07
C ARG D 90 16.16 41.64 40.60
N GLN D 91 16.30 41.60 41.92
CA GLN D 91 17.60 41.74 42.56
C GLN D 91 18.33 40.40 42.65
N LYS D 92 17.58 39.34 42.92
CA LYS D 92 18.17 38.02 43.06
C LYS D 92 18.83 37.52 41.77
N LEU D 93 18.32 37.96 40.63
CA LEU D 93 18.89 37.57 39.36
C LEU D 93 20.27 38.21 39.18
N HIS D 94 20.40 39.44 39.67
CA HIS D 94 21.65 40.16 39.63
C HIS D 94 22.69 39.44 40.49
N GLU D 95 22.23 38.94 41.64
CA GLU D 95 23.08 38.21 42.56
C GLU D 95 23.62 36.94 41.90
N LEU D 96 22.79 36.32 41.06
CA LEU D 96 23.18 35.10 40.36
C LEU D 96 24.36 35.38 39.43
N GLN D 97 24.29 36.49 38.71
CA GLN D 97 25.34 36.89 37.78
C GLN D 97 26.63 37.20 38.52
N GLU D 98 26.48 37.82 39.69
CA GLU D 98 27.63 38.19 40.52
C GLU D 98 28.51 36.98 40.85
N LYS D 99 27.89 35.83 41.04
CA LYS D 99 28.63 34.62 41.39
C LYS D 99 28.96 33.79 40.15
N LEU D 100 28.76 34.39 38.97
CA LEU D 100 29.01 33.67 37.72
C LEU D 100 30.08 34.35 36.88
N SER D 101 29.99 35.67 36.77
CA SER D 101 30.93 36.47 35.97
C SER D 101 32.41 36.11 36.17
N PRO D 102 32.93 36.11 37.42
CA PRO D 102 34.34 35.80 37.70
C PRO D 102 34.84 34.49 37.08
N LEU D 103 33.97 33.47 37.07
CA LEU D 103 34.35 32.17 36.52
C LEU D 103 34.54 32.25 35.00
N GLY D 104 33.57 32.85 34.34
CA GLY D 104 33.62 32.98 32.90
C GLY D 104 34.79 33.83 32.45
N GLU D 105 35.09 34.87 33.21
CA GLU D 105 36.18 35.78 32.90
C GLU D 105 37.53 35.06 32.95
N GLU D 106 37.69 34.17 33.92
CA GLU D 106 38.93 33.42 34.07
C GLU D 106 39.20 32.57 32.83
N MET D 107 38.15 31.96 32.31
CA MET D 107 38.26 31.12 31.12
C MET D 107 38.56 31.96 29.88
N ARG D 108 37.93 33.13 29.79
CA ARG D 108 38.12 34.03 28.66
C ARG D 108 39.60 34.38 28.46
N ASP D 109 40.28 34.68 29.56
CA ASP D 109 41.69 35.04 29.51
C ASP D 109 42.55 33.91 28.93
N ARG D 110 42.33 32.69 29.43
CA ARG D 110 43.07 31.53 28.97
C ARG D 110 42.73 31.19 27.53
N ALA D 111 41.48 31.41 27.15
CA ALA D 111 41.02 31.15 25.79
C ALA D 111 41.75 32.03 24.80
N ARG D 112 41.96 33.29 25.18
CA ARG D 112 42.65 34.25 24.33
C ARG D 112 44.09 33.80 24.08
N ALA D 113 44.76 33.39 25.16
CA ALA D 113 46.14 32.93 25.06
C ALA D 113 46.27 31.71 24.16
N HIS D 114 45.28 30.80 24.27
CA HIS D 114 45.28 29.58 23.46
C HIS D 114 45.15 29.89 21.97
N VAL D 115 44.31 30.88 21.66
CA VAL D 115 44.10 31.29 20.28
C VAL D 115 45.39 31.80 19.64
N ASP D 116 46.09 32.68 20.35
CA ASP D 116 47.33 33.25 19.83
C ASP D 116 48.37 32.17 19.55
N ALA D 117 48.46 31.20 20.45
CA ALA D 117 49.41 30.09 20.29
C ALA D 117 49.02 29.22 19.10
N LEU D 118 47.72 29.06 18.88
CA LEU D 118 47.21 28.26 17.77
C LEU D 118 47.51 28.93 16.43
N ARG D 119 47.34 30.25 16.39
CA ARG D 119 47.60 31.04 15.19
C ARG D 119 49.04 30.88 14.73
N THR D 120 49.97 31.06 15.67
CA THR D 120 51.41 30.95 15.39
C THR D 120 51.79 29.53 14.96
N HIS D 121 50.91 28.57 15.24
CA HIS D 121 51.17 27.16 14.89
C HIS D 121 50.69 26.86 13.48
N LEU D 122 49.81 27.70 12.94
CA LEU D 122 49.27 27.49 11.60
C LEU D 122 49.95 28.39 10.57
N ALA D 123 50.41 29.56 11.03
CA ALA D 123 51.07 30.54 10.16
C ALA D 123 52.13 29.92 9.23
N PRO D 124 53.15 29.22 9.77
CA PRO D 124 54.22 28.63 8.96
C PRO D 124 53.69 27.60 7.94
N TYR D 125 52.66 26.86 8.33
CA TYR D 125 52.10 25.83 7.47
C TYR D 125 51.33 26.45 6.29
N SER D 126 50.64 27.55 6.55
CA SER D 126 49.87 28.25 5.53
C SER D 126 50.77 28.79 4.42
N ASP D 127 51.96 29.23 4.81
CA ASP D 127 52.92 29.78 3.86
C ASP D 127 53.61 28.66 3.07
N GLU D 128 54.05 27.63 3.78
CA GLU D 128 54.72 26.50 3.15
C GLU D 128 53.81 25.82 2.13
N LEU D 129 52.54 25.71 2.49
CA LEU D 129 51.54 25.08 1.63
C LEU D 129 51.46 25.81 0.29
N ARG D 130 51.58 27.13 0.33
CA ARG D 130 51.51 27.94 -0.88
C ARG D 130 52.69 27.65 -1.83
N GLN D 131 53.90 27.72 -1.31
CA GLN D 131 55.10 27.48 -2.11
C GLN D 131 55.07 26.07 -2.69
N ARG D 132 54.70 25.11 -1.85
CA ARG D 132 54.62 23.71 -2.25
C ARG D 132 53.60 23.53 -3.37
N LEU D 133 52.46 24.19 -3.22
CA LEU D 133 51.39 24.12 -4.19
C LEU D 133 51.85 24.64 -5.55
N ALA D 134 52.53 25.78 -5.54
CA ALA D 134 53.04 26.40 -6.76
C ALA D 134 54.07 25.51 -7.45
N ALA D 135 54.96 24.94 -6.65
CA ALA D 135 56.01 24.08 -7.17
C ALA D 135 55.45 22.89 -7.92
N ARG D 136 54.43 22.26 -7.34
CA ARG D 136 53.83 21.08 -7.96
C ARG D 136 52.90 21.47 -9.11
N LEU D 137 52.45 22.73 -9.11
CA LEU D 137 51.57 23.23 -10.15
C LEU D 137 52.33 23.39 -11.47
N GLU D 138 53.51 24.02 -11.39
CA GLU D 138 54.33 24.24 -12.57
C GLU D 138 54.77 22.93 -13.21
N ALA D 139 55.03 21.92 -12.39
CA ALA D 139 55.44 20.61 -12.90
C ALA D 139 54.35 20.02 -13.78
N LEU D 140 53.10 20.14 -13.33
CA LEU D 140 51.97 19.63 -14.08
C LEU D 140 51.68 20.52 -15.28
N LYS D 141 52.03 21.80 -15.14
CA LYS D 141 51.82 22.79 -16.19
C LYS D 141 52.72 22.49 -17.39
N GLU D 142 54.02 22.38 -17.14
CA GLU D 142 54.99 22.10 -18.18
C GLU D 142 54.70 20.79 -18.89
N ASN D 143 54.23 19.80 -18.14
CA ASN D 143 53.92 18.50 -18.70
C ASN D 143 52.61 18.53 -19.48
N GLY D 144 51.64 19.27 -18.96
CA GLY D 144 50.34 19.37 -19.60
C GLY D 144 50.35 20.17 -20.89
N GLY D 145 51.25 21.16 -20.96
CA GLY D 145 51.36 22.01 -22.14
C GLY D 145 51.43 21.23 -23.45
N ALA D 146 52.40 20.34 -23.54
CA ALA D 146 52.59 19.53 -24.73
C ALA D 146 51.48 18.49 -24.88
N ARG D 147 50.89 18.10 -23.77
CA ARG D 147 49.83 17.09 -23.78
C ARG D 147 48.56 17.66 -24.42
N LEU D 148 48.18 18.86 -24.00
CA LEU D 148 46.98 19.51 -24.51
C LEU D 148 47.10 19.82 -25.99
N ALA D 149 48.31 20.14 -26.44
CA ALA D 149 48.56 20.45 -27.85
C ALA D 149 48.18 19.28 -28.75
N GLU D 150 48.56 18.08 -28.32
CA GLU D 150 48.26 16.87 -29.08
C GLU D 150 46.77 16.58 -29.08
N TYR D 151 46.14 16.74 -27.93
CA TYR D 151 44.70 16.50 -27.80
C TYR D 151 43.90 17.37 -28.74
N HIS D 152 44.31 18.63 -28.88
CA HIS D 152 43.63 19.57 -29.77
C HIS D 152 43.87 19.17 -31.23
N ALA D 153 45.10 18.79 -31.54
CA ALA D 153 45.47 18.41 -32.90
C ALA D 153 44.57 17.29 -33.41
N LYS D 154 44.41 16.25 -32.60
CA LYS D 154 43.57 15.11 -32.99
C LYS D 154 42.09 15.48 -32.97
N ALA D 155 41.70 16.33 -32.03
CA ALA D 155 40.31 16.75 -31.90
C ALA D 155 39.83 17.50 -33.14
N THR D 156 40.68 18.38 -33.66
CA THR D 156 40.35 19.15 -34.84
C THR D 156 40.10 18.25 -36.06
N GLU D 157 40.96 17.25 -36.24
CA GLU D 157 40.84 16.33 -37.36
C GLU D 157 39.53 15.53 -37.28
N HIS D 158 39.14 15.17 -36.06
CA HIS D 158 37.91 14.42 -35.83
C HIS D 158 36.70 15.27 -36.20
N LEU D 159 36.81 16.57 -35.93
CA LEU D 159 35.73 17.51 -36.23
C LEU D 159 35.55 17.71 -37.73
N SER D 160 36.67 17.80 -38.45
CA SER D 160 36.64 17.98 -39.89
C SER D 160 35.95 16.79 -40.57
N THR D 161 36.14 15.62 -40.00
CA THR D 161 35.54 14.40 -40.54
C THR D 161 34.24 14.06 -39.80
N LEU D 162 33.55 15.10 -39.32
CA LEU D 162 32.30 14.91 -38.60
C LEU D 162 31.21 15.85 -39.11
N SER D 163 31.59 17.08 -39.42
CA SER D 163 30.64 18.08 -39.89
C SER D 163 30.71 18.27 -41.41
N GLU D 164 30.77 17.16 -42.15
CA GLU D 164 30.86 17.25 -43.61
C GLU D 164 29.60 16.78 -44.34
N LYS D 165 29.23 15.51 -44.15
CA LYS D 165 28.07 14.94 -44.83
C LYS D 165 26.74 15.50 -44.32
N ALA D 166 26.77 16.17 -43.18
CA ALA D 166 25.57 16.75 -42.59
C ALA D 166 24.99 17.87 -43.47
N LYS D 167 25.80 18.39 -44.37
CA LYS D 167 25.36 19.47 -45.26
C LYS D 167 24.54 18.97 -46.44
N PRO D 168 25.10 18.09 -47.30
CA PRO D 168 24.38 17.57 -48.49
C PRO D 168 23.16 16.75 -48.11
N ALA D 169 23.23 16.07 -46.96
CA ALA D 169 22.13 15.24 -46.48
C ALA D 169 20.84 16.03 -46.35
N LEU D 170 20.94 17.26 -45.85
CA LEU D 170 19.77 18.11 -45.66
C LEU D 170 19.29 18.72 -46.97
N GLU D 171 20.22 18.97 -47.87
CA GLU D 171 19.90 19.57 -49.16
C GLU D 171 19.08 18.61 -50.02
N ASP D 172 19.57 17.40 -50.18
CA ASP D 172 18.89 16.38 -50.99
C ASP D 172 17.52 16.03 -50.43
N LEU D 173 17.43 15.93 -49.10
CA LEU D 173 16.18 15.58 -48.44
C LEU D 173 15.05 16.56 -48.75
N ARG D 174 15.33 17.85 -48.57
CA ARG D 174 14.34 18.89 -48.83
C ARG D 174 13.88 18.89 -50.27
N GLN D 175 14.81 18.63 -51.19
CA GLN D 175 14.49 18.61 -52.62
C GLN D 175 13.58 17.45 -53.00
N GLY D 176 13.44 16.48 -52.12
CA GLY D 176 12.58 15.34 -52.41
C GLY D 176 11.26 15.43 -51.69
N LEU D 177 11.25 16.10 -50.55
CA LEU D 177 10.05 16.25 -49.74
C LEU D 177 9.15 17.38 -50.24
N LEU D 178 9.77 18.48 -50.65
CA LEU D 178 9.04 19.67 -51.13
C LEU D 178 7.92 19.39 -52.14
N PRO D 179 8.21 18.69 -53.27
CA PRO D 179 7.20 18.40 -54.31
C PRO D 179 5.88 17.88 -53.76
N VAL D 180 5.93 16.84 -52.94
CA VAL D 180 4.73 16.25 -52.36
C VAL D 180 4.16 17.10 -51.24
N LEU D 181 5.04 17.75 -50.50
CA LEU D 181 4.63 18.60 -49.38
C LEU D 181 3.72 19.75 -49.83
N GLU D 182 4.18 20.49 -50.85
CA GLU D 182 3.43 21.63 -51.36
C GLU D 182 2.07 21.21 -51.91
N SER D 183 2.05 20.13 -52.67
CA SER D 183 0.81 19.63 -53.25
C SER D 183 -0.19 19.18 -52.18
N PHE D 184 0.33 18.62 -51.09
CA PHE D 184 -0.51 18.16 -50.00
C PHE D 184 -1.19 19.35 -49.34
N LYS D 185 -0.46 20.46 -49.22
CA LYS D 185 -0.99 21.67 -48.62
C LYS D 185 -2.21 22.14 -49.38
N VAL D 186 -2.10 22.17 -50.71
CA VAL D 186 -3.19 22.58 -51.58
C VAL D 186 -4.39 21.65 -51.41
N SER D 187 -4.11 20.35 -51.38
CA SER D 187 -5.15 19.34 -51.24
C SER D 187 -5.90 19.55 -49.91
N PHE D 188 -5.15 19.83 -48.86
CA PHE D 188 -5.71 20.06 -47.53
C PHE D 188 -6.55 21.34 -47.54
N LEU D 189 -5.97 22.39 -48.12
CA LEU D 189 -6.63 23.69 -48.21
C LEU D 189 -7.96 23.61 -48.95
N SER D 190 -8.01 22.78 -49.98
CA SER D 190 -9.23 22.61 -50.78
C SER D 190 -10.35 21.98 -49.95
N ALA D 191 -9.97 21.15 -48.99
CA ALA D 191 -10.94 20.49 -48.12
C ALA D 191 -11.42 21.46 -47.05
N LEU D 192 -10.55 22.40 -46.70
CA LEU D 192 -10.86 23.41 -45.68
C LEU D 192 -12.13 24.18 -46.01
N GLU D 193 -12.17 24.78 -47.19
CA GLU D 193 -13.33 25.56 -47.64
C GLU D 193 -14.59 24.71 -47.70
N GLU D 194 -14.42 23.44 -48.04
CA GLU D 194 -15.54 22.52 -48.17
C GLU D 194 -16.27 22.27 -46.84
N TYR D 195 -15.50 21.98 -45.80
CA TYR D 195 -16.08 21.70 -44.49
C TYR D 195 -16.63 22.94 -43.80
N THR D 196 -15.85 24.02 -43.82
CA THR D 196 -16.24 25.27 -43.19
C THR D 196 -17.57 25.79 -43.75
N LYS D 197 -17.79 25.55 -45.04
CA LYS D 197 -19.02 25.99 -45.71
C LYS D 197 -20.25 25.30 -45.12
N LYS D 198 -20.10 24.03 -44.75
CA LYS D 198 -21.20 23.28 -44.18
C LYS D 198 -21.35 23.51 -42.68
N LEU D 199 -20.22 23.65 -41.99
CA LEU D 199 -20.21 23.88 -40.55
C LEU D 199 -20.86 25.20 -40.19
N ASN D 200 -20.44 26.27 -40.84
CA ASN D 200 -20.98 27.60 -40.56
C ASN D 200 -22.46 27.67 -40.90
N THR A 2 0.38 -13.65 3.38
CA THR A 2 0.31 -13.75 1.93
C THR A 2 -0.47 -14.99 1.50
N GLU A 3 -1.52 -14.77 0.72
CA GLU A 3 -2.35 -15.87 0.25
C GLU A 3 -1.78 -16.47 -1.02
N TYR A 4 -1.61 -17.78 -1.01
CA TYR A 4 -1.08 -18.52 -2.15
C TYR A 4 -2.10 -19.54 -2.62
N LYS A 5 -2.67 -19.33 -3.80
CA LYS A 5 -3.66 -20.25 -4.32
C LYS A 5 -3.01 -21.40 -5.09
N LEU A 6 -3.18 -22.60 -4.56
CA LEU A 6 -2.61 -23.80 -5.18
C LEU A 6 -3.72 -24.78 -5.55
N VAL A 7 -3.70 -25.24 -6.79
CA VAL A 7 -4.71 -26.18 -7.27
C VAL A 7 -4.06 -27.54 -7.58
N VAL A 8 -4.65 -28.59 -7.04
CA VAL A 8 -4.14 -29.93 -7.26
C VAL A 8 -4.73 -30.53 -8.53
N VAL A 9 -3.87 -30.88 -9.47
CA VAL A 9 -4.33 -31.46 -10.73
C VAL A 9 -3.80 -32.88 -10.89
N GLY A 10 -4.58 -33.72 -11.56
CA GLY A 10 -4.18 -35.09 -11.77
C GLY A 10 -5.36 -35.96 -12.13
N ALA A 11 -5.07 -37.17 -12.60
CA ALA A 11 -6.10 -38.11 -12.99
C ALA A 11 -6.83 -38.71 -11.79
N ASP A 12 -7.60 -39.76 -12.04
CA ASP A 12 -8.36 -40.42 -10.97
C ASP A 12 -7.54 -41.52 -10.30
N GLY A 13 -7.75 -41.64 -8.99
CA GLY A 13 -7.06 -42.67 -8.21
C GLY A 13 -5.58 -42.39 -8.00
N VAL A 14 -5.15 -41.17 -8.29
CA VAL A 14 -3.75 -40.81 -8.12
C VAL A 14 -3.42 -40.49 -6.66
N GLY A 15 -4.41 -40.00 -5.92
CA GLY A 15 -4.19 -39.68 -4.52
C GLY A 15 -4.09 -38.18 -4.28
N LYS A 16 -4.87 -37.41 -5.04
CA LYS A 16 -4.86 -35.96 -4.89
C LYS A 16 -5.42 -35.51 -3.54
N SER A 17 -6.62 -35.99 -3.22
CA SER A 17 -7.25 -35.65 -1.96
C SER A 17 -6.46 -36.24 -0.79
N ALA A 18 -5.95 -37.45 -0.99
CA ALA A 18 -5.17 -38.13 0.04
C ALA A 18 -3.97 -37.29 0.46
N LEU A 19 -3.21 -36.81 -0.53
CA LEU A 19 -2.04 -35.97 -0.28
C LEU A 19 -2.44 -34.66 0.40
N THR A 20 -3.52 -34.06 -0.09
CA THR A 20 -4.00 -32.81 0.45
C THR A 20 -4.42 -32.93 1.92
N ILE A 21 -5.27 -33.90 2.22
CA ILE A 21 -5.75 -34.13 3.59
C ILE A 21 -4.58 -34.52 4.51
N GLN A 22 -3.56 -35.13 3.92
CA GLN A 22 -2.38 -35.55 4.68
C GLN A 22 -1.58 -34.34 5.18
N LEU A 23 -1.87 -33.18 4.63
CA LEU A 23 -1.20 -31.96 5.04
C LEU A 23 -2.09 -31.14 5.97
N ILE A 24 -3.40 -31.33 5.82
CA ILE A 24 -4.37 -30.61 6.62
C ILE A 24 -4.40 -31.15 8.05
N GLN A 25 -4.76 -32.42 8.20
CA GLN A 25 -4.83 -33.04 9.52
C GLN A 25 -3.74 -34.10 9.71
N ASN A 26 -2.92 -34.28 8.68
CA ASN A 26 -1.81 -35.24 8.72
C ASN A 26 -2.30 -36.67 8.76
N HIS A 27 -3.49 -36.90 8.27
CA HIS A 27 -4.08 -38.23 8.22
C HIS A 27 -5.15 -38.26 7.15
N PHE A 28 -5.46 -39.45 6.63
CA PHE A 28 -6.47 -39.56 5.60
C PHE A 28 -7.11 -40.94 5.63
N VAL A 29 -8.30 -41.03 5.05
CA VAL A 29 -9.04 -42.28 4.98
C VAL A 29 -9.29 -42.62 3.51
N ASP A 30 -10.06 -43.67 3.26
CA ASP A 30 -10.37 -44.07 1.89
C ASP A 30 -11.45 -43.18 1.31
N GLU A 31 -11.30 -42.84 0.04
CA GLU A 31 -12.26 -41.99 -0.64
C GLU A 31 -13.47 -42.81 -1.11
N TYR A 32 -14.36 -43.09 -0.18
CA TYR A 32 -15.58 -43.84 -0.47
C TYR A 32 -16.73 -42.89 -0.72
N ASP A 33 -16.45 -41.60 -0.59
CA ASP A 33 -17.44 -40.54 -0.79
C ASP A 33 -17.28 -39.93 -2.17
N PRO A 34 -18.35 -39.29 -2.69
CA PRO A 34 -18.32 -38.63 -4.00
C PRO A 34 -17.27 -37.53 -4.01
N THR A 35 -16.52 -37.43 -5.09
CA THR A 35 -15.47 -36.44 -5.21
C THR A 35 -15.91 -35.17 -5.92
N ILE A 36 -15.63 -34.03 -5.29
CA ILE A 36 -15.96 -32.73 -5.84
C ILE A 36 -14.84 -31.76 -5.48
N GLU A 37 -15.04 -30.47 -5.77
CA GLU A 37 -14.05 -29.46 -5.46
C GLU A 37 -13.91 -29.27 -3.96
N ASP A 38 -12.75 -29.59 -3.42
CA ASP A 38 -12.51 -29.45 -1.99
C ASP A 38 -11.44 -28.41 -1.73
N SER A 39 -11.77 -27.40 -0.93
CA SER A 39 -10.84 -26.34 -0.63
C SER A 39 -10.62 -26.19 0.87
N TYR A 40 -9.35 -26.29 1.28
CA TYR A 40 -8.99 -26.15 2.68
C TYR A 40 -8.06 -24.96 2.84
N ARG A 41 -8.10 -24.33 4.01
CA ARG A 41 -7.25 -23.17 4.27
C ARG A 41 -6.39 -23.40 5.51
N LYS A 42 -5.08 -23.37 5.34
CA LYS A 42 -4.14 -23.57 6.44
C LYS A 42 -3.01 -22.56 6.36
N GLN A 43 -2.59 -22.07 7.51
CA GLN A 43 -1.52 -21.08 7.56
C GLN A 43 -0.24 -21.70 8.13
N VAL A 44 0.82 -21.65 7.35
CA VAL A 44 2.12 -22.20 7.75
C VAL A 44 3.22 -21.18 7.54
N VAL A 45 4.40 -21.45 8.09
CA VAL A 45 5.54 -20.57 7.95
C VAL A 45 6.58 -21.20 7.02
N ILE A 46 6.54 -20.82 5.75
CA ILE A 46 7.47 -21.36 4.77
C ILE A 46 8.59 -20.37 4.49
N ASP A 47 9.83 -20.82 4.68
CA ASP A 47 11.02 -20.00 4.45
C ASP A 47 11.10 -18.82 5.42
N GLY A 48 10.39 -18.94 6.54
CA GLY A 48 10.40 -17.89 7.53
C GLY A 48 9.30 -16.87 7.26
N GLU A 49 8.47 -17.15 6.26
CA GLU A 49 7.39 -16.27 5.89
C GLU A 49 6.05 -16.92 6.18
N THR A 50 5.16 -16.19 6.83
CA THR A 50 3.83 -16.71 7.12
C THR A 50 3.00 -16.70 5.84
N CYS A 51 2.62 -17.89 5.36
CA CYS A 51 1.85 -18.00 4.13
C CYS A 51 0.50 -18.68 4.36
N LEU A 52 -0.52 -18.18 3.68
CA LEU A 52 -1.86 -18.74 3.76
C LEU A 52 -2.08 -19.61 2.52
N LEU A 53 -2.03 -20.92 2.71
CA LEU A 53 -2.18 -21.84 1.60
C LEU A 53 -3.65 -22.08 1.25
N ASP A 54 -4.03 -21.69 0.06
CA ASP A 54 -5.39 -21.87 -0.44
C ASP A 54 -5.38 -23.01 -1.45
N ILE A 55 -5.59 -24.23 -0.94
CA ILE A 55 -5.58 -25.41 -1.79
C ILE A 55 -6.97 -25.75 -2.29
N LEU A 56 -7.04 -26.22 -3.54
CA LEU A 56 -8.29 -26.60 -4.15
C LEU A 56 -8.12 -27.87 -4.99
N ASP A 57 -8.71 -28.95 -4.52
CA ASP A 57 -8.63 -30.23 -5.24
C ASP A 57 -9.86 -30.39 -6.11
N THR A 58 -9.77 -31.20 -7.15
CA THR A 58 -10.89 -31.41 -8.05
C THR A 58 -11.00 -32.88 -8.49
N ALA A 59 -12.14 -33.23 -9.07
CA ALA A 59 -12.38 -34.59 -9.53
C ALA A 59 -11.49 -34.94 -10.73
N GLY A 60 -10.90 -36.13 -10.71
CA GLY A 60 -10.06 -36.55 -11.80
C GLY A 60 -10.81 -37.45 -12.77
N GLN A 61 -12.14 -37.36 -12.72
CA GLN A 61 -12.99 -38.15 -13.60
C GLN A 61 -12.99 -37.59 -15.01
N GLU A 62 -12.34 -36.44 -15.18
CA GLU A 62 -12.28 -35.76 -16.47
C GLU A 62 -13.65 -35.30 -16.93
N GLU A 63 -13.80 -35.14 -18.25
CA GLU A 63 -15.05 -34.70 -18.86
C GLU A 63 -15.31 -33.20 -18.65
N TYR A 64 -15.06 -32.72 -17.44
CA TYR A 64 -15.25 -31.32 -17.11
C TYR A 64 -14.16 -30.47 -17.78
N SER A 65 -14.46 -29.99 -18.97
CA SER A 65 -13.52 -29.18 -19.72
C SER A 65 -13.64 -27.71 -19.35
N ALA A 66 -14.86 -27.20 -19.33
CA ALA A 66 -15.12 -25.80 -19.00
C ALA A 66 -15.05 -25.56 -17.51
N MET A 67 -15.35 -26.59 -16.73
CA MET A 67 -15.34 -26.49 -15.28
C MET A 67 -13.92 -26.23 -14.76
N ARG A 68 -12.93 -26.78 -15.44
CA ARG A 68 -11.54 -26.59 -15.00
C ARG A 68 -10.98 -25.27 -15.48
N ASP A 69 -11.51 -24.75 -16.58
CA ASP A 69 -11.05 -23.48 -17.14
C ASP A 69 -11.26 -22.33 -16.15
N GLN A 70 -12.28 -22.45 -15.31
CA GLN A 70 -12.57 -21.42 -14.32
C GLN A 70 -11.56 -21.39 -13.18
N TYR A 71 -11.39 -22.52 -12.50
CA TYR A 71 -10.46 -22.58 -11.37
C TYR A 71 -8.99 -22.51 -11.79
N MET A 72 -8.70 -22.95 -13.01
CA MET A 72 -7.32 -22.93 -13.51
C MET A 72 -6.89 -21.49 -13.78
N ARG A 73 -7.87 -20.61 -13.94
CA ARG A 73 -7.59 -19.21 -14.18
C ARG A 73 -7.32 -18.51 -12.85
N THR A 74 -8.04 -18.92 -11.82
CA THR A 74 -7.90 -18.34 -10.50
C THR A 74 -6.63 -18.82 -9.78
N GLY A 75 -6.32 -20.11 -9.90
CA GLY A 75 -5.15 -20.66 -9.24
C GLY A 75 -3.85 -20.05 -9.71
N GLU A 76 -2.92 -19.90 -8.77
CA GLU A 76 -1.61 -19.34 -9.06
C GLU A 76 -0.61 -20.46 -9.33
N GLY A 77 -0.61 -21.45 -8.46
CA GLY A 77 0.29 -22.58 -8.61
C GLY A 77 -0.48 -23.88 -8.77
N PHE A 78 0.05 -24.79 -9.57
CA PHE A 78 -0.62 -26.06 -9.80
C PHE A 78 0.29 -27.24 -9.46
N LEU A 79 -0.26 -28.22 -8.77
CA LEU A 79 0.48 -29.40 -8.39
C LEU A 79 0.09 -30.56 -9.28
N CYS A 80 0.99 -30.95 -10.17
CA CYS A 80 0.76 -32.06 -11.09
C CYS A 80 1.00 -33.39 -10.40
N VAL A 81 -0.08 -34.03 -9.98
CA VAL A 81 0.01 -35.31 -9.29
C VAL A 81 -0.33 -36.48 -10.19
N PHE A 82 0.58 -37.45 -10.25
CA PHE A 82 0.38 -38.65 -11.04
C PHE A 82 0.81 -39.86 -10.23
N ALA A 83 0.39 -41.05 -10.63
CA ALA A 83 0.76 -42.25 -9.91
C ALA A 83 1.87 -43.00 -10.64
N ILE A 84 2.86 -43.47 -9.90
CA ILE A 84 3.99 -44.20 -10.49
C ILE A 84 3.55 -45.53 -11.11
N ASN A 85 2.36 -45.98 -10.76
CA ASN A 85 1.82 -47.23 -11.28
C ASN A 85 0.69 -46.94 -12.27
N ASN A 86 0.55 -45.68 -12.61
CA ASN A 86 -0.49 -45.25 -13.54
C ASN A 86 0.13 -44.45 -14.68
N THR A 87 0.47 -45.14 -15.76
CA THR A 87 1.08 -44.52 -16.92
C THR A 87 0.16 -43.48 -17.56
N LYS A 88 -1.14 -43.76 -17.52
CA LYS A 88 -2.15 -42.85 -18.08
C LYS A 88 -2.09 -41.48 -17.41
N SER A 89 -1.97 -41.47 -16.08
CA SER A 89 -1.89 -40.20 -15.35
C SER A 89 -0.63 -39.43 -15.70
N PHE A 90 0.47 -40.16 -15.92
CA PHE A 90 1.73 -39.55 -16.27
C PHE A 90 1.63 -38.86 -17.63
N GLU A 91 0.96 -39.51 -18.57
CA GLU A 91 0.79 -38.95 -19.90
C GLU A 91 -0.20 -37.79 -19.88
N ASP A 92 -1.18 -37.88 -18.98
CA ASP A 92 -2.21 -36.85 -18.85
C ASP A 92 -1.64 -35.53 -18.36
N ILE A 93 -0.50 -35.59 -17.67
CA ILE A 93 0.15 -34.40 -17.14
C ILE A 93 0.47 -33.41 -18.27
N HIS A 94 0.86 -33.95 -19.42
CA HIS A 94 1.19 -33.13 -20.59
C HIS A 94 -0.04 -32.35 -21.03
N HIS A 95 -1.16 -33.06 -21.14
CA HIS A 95 -2.42 -32.45 -21.57
C HIS A 95 -2.90 -31.42 -20.55
N TYR A 96 -2.69 -31.71 -19.28
CA TYR A 96 -3.08 -30.80 -18.22
C TYR A 96 -2.32 -29.48 -18.35
N ARG A 97 -1.03 -29.57 -18.66
CA ARG A 97 -0.18 -28.41 -18.82
C ARG A 97 -0.65 -27.56 -20.00
N GLU A 98 -0.90 -28.21 -21.13
CA GLU A 98 -1.36 -27.51 -22.33
C GLU A 98 -2.68 -26.79 -22.05
N GLN A 99 -3.50 -27.41 -21.22
CA GLN A 99 -4.79 -26.85 -20.85
C GLN A 99 -4.59 -25.58 -20.04
N ILE A 100 -3.82 -25.69 -18.95
CA ILE A 100 -3.55 -24.54 -18.07
C ILE A 100 -2.91 -23.38 -18.84
N LYS A 101 -1.96 -23.70 -19.71
CA LYS A 101 -1.27 -22.69 -20.50
C LYS A 101 -2.24 -21.93 -21.40
N ARG A 102 -3.33 -22.59 -21.79
CA ARG A 102 -4.33 -21.97 -22.64
C ARG A 102 -5.28 -21.13 -21.79
N VAL A 103 -5.64 -21.67 -20.63
CA VAL A 103 -6.54 -21.01 -19.70
C VAL A 103 -6.02 -19.64 -19.25
N LYS A 104 -4.75 -19.60 -18.87
CA LYS A 104 -4.13 -18.35 -18.41
C LYS A 104 -3.36 -17.66 -19.54
N ASP A 105 -3.41 -18.26 -20.73
CA ASP A 105 -2.73 -17.73 -21.91
C ASP A 105 -1.28 -17.37 -21.59
N SER A 106 -0.51 -18.34 -21.13
CA SER A 106 0.87 -18.12 -20.77
C SER A 106 1.64 -19.43 -20.69
N GLU A 107 2.89 -19.40 -21.15
CA GLU A 107 3.75 -20.57 -21.12
C GLU A 107 4.32 -20.75 -19.73
N ASP A 108 4.55 -19.64 -19.04
CA ASP A 108 5.10 -19.65 -17.69
C ASP A 108 4.00 -19.84 -16.67
N VAL A 109 3.96 -21.02 -16.06
CA VAL A 109 2.97 -21.35 -15.04
C VAL A 109 3.65 -22.11 -13.90
N PRO A 110 3.55 -21.61 -12.66
CA PRO A 110 4.14 -22.26 -11.49
C PRO A 110 3.54 -23.62 -11.25
N MET A 111 4.28 -24.66 -11.56
CA MET A 111 3.81 -26.02 -11.39
C MET A 111 4.90 -26.91 -10.84
N VAL A 112 4.51 -27.97 -10.16
CA VAL A 112 5.45 -28.93 -9.60
C VAL A 112 4.99 -30.34 -9.92
N LEU A 113 5.85 -31.12 -10.55
CA LEU A 113 5.52 -32.48 -10.90
C LEU A 113 5.81 -33.41 -9.72
N VAL A 114 4.79 -34.09 -9.24
CA VAL A 114 4.96 -34.99 -8.12
C VAL A 114 4.31 -36.35 -8.38
N GLY A 115 5.05 -37.39 -8.07
CA GLY A 115 4.55 -38.73 -8.25
C GLY A 115 4.07 -39.29 -6.92
N ASN A 116 2.91 -39.91 -6.92
CA ASN A 116 2.35 -40.48 -5.70
C ASN A 116 2.44 -42.00 -5.71
N LYS A 117 2.27 -42.61 -4.52
CA LYS A 117 2.31 -44.05 -4.35
C LYS A 117 3.69 -44.62 -4.64
N CYS A 118 4.72 -43.88 -4.27
CA CYS A 118 6.10 -44.31 -4.51
C CYS A 118 6.54 -45.39 -3.53
N ASP A 119 5.66 -45.75 -2.60
CA ASP A 119 5.97 -46.79 -1.62
C ASP A 119 5.54 -48.17 -2.14
N LEU A 120 4.82 -48.16 -3.25
CA LEU A 120 4.34 -49.39 -3.85
C LEU A 120 5.35 -49.93 -4.86
N PRO A 121 5.50 -51.26 -4.94
CA PRO A 121 6.44 -51.89 -5.87
C PRO A 121 5.80 -52.09 -7.24
N SER A 122 6.62 -52.55 -8.20
CA SER A 122 6.15 -52.79 -9.56
C SER A 122 5.62 -51.52 -10.21
N ARG A 123 6.45 -50.49 -10.24
CA ARG A 123 6.09 -49.21 -10.83
C ARG A 123 6.13 -49.29 -12.36
N THR A 124 5.31 -48.47 -13.01
CA THR A 124 5.26 -48.45 -14.47
C THR A 124 6.06 -47.25 -14.97
N VAL A 125 6.03 -46.17 -14.20
CA VAL A 125 6.74 -44.95 -14.55
C VAL A 125 8.00 -44.83 -13.69
N ASP A 126 9.16 -44.79 -14.34
CA ASP A 126 10.43 -44.67 -13.62
C ASP A 126 10.73 -43.22 -13.31
N THR A 127 11.52 -42.98 -12.27
CA THR A 127 11.89 -41.63 -11.88
C THR A 127 12.68 -40.94 -12.99
N LYS A 128 13.41 -41.73 -13.77
CA LYS A 128 14.22 -41.20 -14.88
C LYS A 128 13.36 -40.40 -15.86
N GLN A 129 12.34 -41.04 -16.43
CA GLN A 129 11.46 -40.38 -17.38
C GLN A 129 10.66 -39.25 -16.74
N ALA A 130 10.36 -39.40 -15.45
CA ALA A 130 9.62 -38.38 -14.72
C ALA A 130 10.45 -37.12 -14.58
N GLN A 131 11.71 -37.29 -14.20
CA GLN A 131 12.63 -36.17 -14.06
C GLN A 131 12.93 -35.55 -15.42
N ASP A 132 12.97 -36.41 -16.44
CA ASP A 132 13.23 -35.97 -17.81
C ASP A 132 12.14 -35.03 -18.29
N LEU A 133 10.89 -35.41 -17.99
CA LEU A 133 9.74 -34.61 -18.38
C LEU A 133 9.75 -33.27 -17.65
N ALA A 134 10.00 -33.32 -16.35
CA ALA A 134 10.05 -32.12 -15.53
C ALA A 134 11.17 -31.18 -15.97
N ARG A 135 12.30 -31.76 -16.40
CA ARG A 135 13.44 -30.99 -16.85
C ARG A 135 13.07 -30.10 -18.02
N SER A 136 12.40 -30.69 -19.01
CA SER A 136 11.98 -29.96 -20.19
C SER A 136 10.91 -28.92 -19.85
N TYR A 137 10.07 -29.24 -18.88
CA TYR A 137 9.00 -28.35 -18.44
C TYR A 137 9.55 -27.17 -17.64
N GLY A 138 10.77 -27.32 -17.14
CA GLY A 138 11.39 -26.27 -16.36
C GLY A 138 10.82 -26.21 -14.96
N ILE A 139 10.40 -27.36 -14.45
CA ILE A 139 9.82 -27.45 -13.11
C ILE A 139 10.46 -28.59 -12.34
N PRO A 140 10.41 -28.53 -11.00
CA PRO A 140 10.99 -29.57 -10.15
C PRO A 140 10.08 -30.79 -10.01
N PHE A 141 10.68 -31.95 -9.82
CA PHE A 141 9.93 -33.19 -9.66
C PHE A 141 10.24 -33.80 -8.31
N ILE A 142 9.20 -34.22 -7.59
CA ILE A 142 9.37 -34.82 -6.28
C ILE A 142 8.57 -36.12 -6.16
N GLU A 143 9.18 -37.15 -5.61
CA GLU A 143 8.48 -38.42 -5.42
C GLU A 143 7.83 -38.42 -4.04
N THR A 144 6.53 -38.60 -4.02
CA THR A 144 5.78 -38.56 -2.76
C THR A 144 4.86 -39.77 -2.60
N SER A 145 4.22 -39.83 -1.45
CA SER A 145 3.27 -40.89 -1.14
C SER A 145 2.38 -40.41 0.00
N ALA A 146 1.07 -40.47 -0.21
CA ALA A 146 0.10 -40.02 0.78
C ALA A 146 -0.04 -41.02 1.91
N LYS A 147 0.04 -42.29 1.58
CA LYS A 147 -0.11 -43.35 2.57
C LYS A 147 0.96 -43.24 3.66
N THR A 148 2.19 -42.99 3.23
CA THR A 148 3.31 -42.85 4.16
C THR A 148 3.55 -41.39 4.51
N ARG A 149 2.82 -40.50 3.82
CA ARG A 149 2.92 -39.04 3.99
C ARG A 149 4.33 -38.52 3.71
N GLN A 150 5.09 -39.31 2.98
CA GLN A 150 6.47 -38.97 2.64
C GLN A 150 6.52 -38.01 1.45
N GLY A 151 7.09 -36.83 1.69
CA GLY A 151 7.23 -35.85 0.64
C GLY A 151 6.08 -34.85 0.58
N VAL A 152 5.03 -35.11 1.33
CA VAL A 152 3.84 -34.24 1.35
C VAL A 152 4.20 -32.79 1.69
N ASP A 153 4.98 -32.61 2.76
CA ASP A 153 5.38 -31.28 3.20
C ASP A 153 6.16 -30.55 2.12
N ASP A 154 7.17 -31.23 1.59
CA ASP A 154 8.04 -30.66 0.56
C ASP A 154 7.30 -30.33 -0.73
N ALA A 155 6.42 -31.22 -1.17
CA ALA A 155 5.66 -31.03 -2.41
C ALA A 155 4.89 -29.71 -2.39
N PHE A 156 4.16 -29.46 -1.33
CA PHE A 156 3.36 -28.25 -1.22
C PHE A 156 4.25 -27.02 -1.03
N TYR A 157 5.27 -27.15 -0.18
CA TYR A 157 6.19 -26.05 0.10
C TYR A 157 6.94 -25.59 -1.14
N THR A 158 7.42 -26.55 -1.92
CA THR A 158 8.17 -26.25 -3.13
C THR A 158 7.36 -25.42 -4.12
N LEU A 159 6.08 -25.76 -4.28
CA LEU A 159 5.21 -25.02 -5.20
C LEU A 159 5.13 -23.55 -4.80
N VAL A 160 5.16 -23.29 -3.50
CA VAL A 160 5.11 -21.93 -2.99
C VAL A 160 6.33 -21.14 -3.45
N ARG A 161 7.49 -21.80 -3.48
CA ARG A 161 8.72 -21.16 -3.91
C ARG A 161 8.65 -20.85 -5.41
N GLU A 162 8.08 -21.77 -6.16
CA GLU A 162 7.94 -21.59 -7.60
C GLU A 162 7.02 -20.39 -7.89
N ILE A 163 6.04 -20.20 -7.03
CA ILE A 163 5.11 -19.07 -7.16
C ILE A 163 5.85 -17.76 -6.85
N ARG A 164 6.66 -17.79 -5.80
CA ARG A 164 7.45 -16.63 -5.39
C ARG A 164 8.38 -16.23 -6.52
N LYS A 165 9.04 -17.23 -7.11
CA LYS A 165 9.96 -16.99 -8.22
C LYS A 165 9.22 -16.42 -9.43
N HIS A 166 8.00 -16.91 -9.64
CA HIS A 166 7.17 -16.45 -10.75
C HIS A 166 6.89 -14.96 -10.58
N LYS A 167 6.54 -14.57 -9.35
CA LYS A 167 6.26 -13.18 -9.04
C LYS A 167 7.51 -12.33 -9.29
N GLU A 168 8.63 -12.80 -8.77
CA GLU A 168 9.91 -12.12 -8.93
C GLU A 168 10.30 -12.02 -10.40
N LYS A 169 9.93 -13.02 -11.18
CA LYS A 169 10.22 -13.05 -12.61
C LYS A 169 9.31 -12.07 -13.35
N MET A 170 8.02 -12.12 -13.00
CA MET A 170 7.03 -11.24 -13.61
C MET A 170 7.33 -9.79 -13.31
N SER A 171 7.70 -9.51 -12.07
CA SER A 171 8.03 -8.16 -11.65
C SER A 171 9.38 -7.71 -12.22
N LYS A 172 10.12 -8.64 -12.80
CA LYS A 172 11.42 -8.32 -13.38
C LYS A 172 11.30 -8.03 -14.87
N ASP A 173 10.09 -8.24 -15.41
CA ASP A 173 9.78 -7.99 -16.83
C ASP A 173 10.41 -9.01 -17.76
N GLY A 174 11.66 -9.35 -17.48
CA GLY A 174 12.39 -10.31 -18.30
C GLY A 174 13.28 -9.61 -19.32
N LYS A 175 12.74 -8.56 -19.92
CA LYS A 175 13.47 -7.79 -20.91
C LYS A 175 12.96 -6.35 -20.92
N LYS A 176 13.31 -5.61 -21.95
CA LYS A 176 12.89 -4.21 -22.11
C LYS A 176 13.47 -3.30 -21.04
N LYS A 177 12.69 -3.08 -19.98
CA LYS A 177 13.10 -2.19 -18.91
C LYS A 177 13.64 -2.94 -17.68
N LYS A 178 13.30 -4.23 -17.56
CA LYS A 178 13.75 -5.04 -16.42
C LYS A 178 13.24 -4.40 -15.11
N LYS A 179 13.96 -4.62 -14.02
CA LYS A 179 13.56 -4.05 -12.73
C LYS A 179 14.72 -4.14 -11.74
N LYS A 180 14.78 -5.24 -11.00
CA LYS A 180 15.83 -5.45 -10.03
C LYS A 180 16.97 -6.25 -10.66
N SER A 181 18.02 -5.56 -11.06
CA SER A 181 19.18 -6.19 -11.67
C SER A 181 20.42 -5.32 -11.49
N LYS A 182 21.31 -5.73 -10.60
CA LYS A 182 22.53 -4.98 -10.35
C LYS A 182 23.68 -5.51 -11.19
N THR A 183 23.73 -5.08 -12.44
CA THR A 183 24.77 -5.49 -13.37
C THR A 183 26.05 -4.70 -13.09
N LYS A 184 27.19 -5.37 -13.20
CA LYS A 184 28.47 -4.73 -12.96
C LYS A 184 29.05 -4.15 -14.24
N THR B 2 -8.60 -3.93 16.08
CA THR B 2 -9.94 -4.43 15.80
C THR B 2 -10.32 -5.52 16.80
N GLU B 3 -11.47 -5.36 17.42
CA GLU B 3 -11.94 -6.33 18.40
C GLU B 3 -12.84 -7.37 17.74
N TYR B 4 -12.62 -8.63 18.07
CA TYR B 4 -13.42 -9.72 17.52
C TYR B 4 -14.03 -10.56 18.64
N LYS B 5 -15.34 -10.56 18.72
CA LYS B 5 -16.04 -11.32 19.74
C LYS B 5 -16.31 -12.74 19.28
N LEU B 6 -15.70 -13.69 19.94
CA LEU B 6 -15.83 -15.10 19.60
C LEU B 6 -16.46 -15.89 20.74
N VAL B 7 -17.46 -16.70 20.40
CA VAL B 7 -18.14 -17.52 21.40
C VAL B 7 -17.89 -18.99 21.12
N VAL B 8 -17.52 -19.73 22.17
CA VAL B 8 -17.26 -21.16 22.03
C VAL B 8 -18.52 -21.96 22.36
N VAL B 9 -19.13 -22.53 21.33
CA VAL B 9 -20.35 -23.31 21.51
C VAL B 9 -20.06 -24.80 21.52
N GLY B 10 -20.93 -25.56 22.16
CA GLY B 10 -20.75 -26.99 22.23
C GLY B 10 -21.28 -27.57 23.53
N ALA B 11 -21.48 -28.88 23.56
CA ALA B 11 -21.99 -29.55 24.74
C ALA B 11 -20.91 -29.68 25.81
N ASP B 12 -21.26 -30.30 26.93
CA ASP B 12 -20.32 -30.47 28.03
C ASP B 12 -19.50 -31.74 27.85
N GLY B 13 -18.31 -31.74 28.45
CA GLY B 13 -17.43 -32.90 28.36
C GLY B 13 -16.60 -32.91 27.10
N VAL B 14 -16.59 -31.78 26.39
CA VAL B 14 -15.82 -31.69 25.15
C VAL B 14 -14.47 -31.00 25.36
N GLY B 15 -14.26 -30.48 26.55
CA GLY B 15 -13.01 -29.79 26.85
C GLY B 15 -13.07 -28.34 26.39
N LYS B 16 -14.29 -27.82 26.34
CA LYS B 16 -14.55 -26.46 25.90
C LYS B 16 -13.72 -25.43 26.67
N SER B 17 -13.93 -25.37 27.98
CA SER B 17 -13.22 -24.42 28.81
C SER B 17 -11.73 -24.74 28.87
N ALA B 18 -11.40 -26.02 28.80
CA ALA B 18 -10.01 -26.46 28.83
C ALA B 18 -9.19 -25.81 27.72
N LEU B 19 -9.68 -25.90 26.49
CA LEU B 19 -9.00 -25.33 25.33
C LEU B 19 -8.93 -23.81 25.46
N THR B 20 -10.00 -23.23 25.98
CA THR B 20 -10.09 -21.80 26.17
C THR B 20 -9.06 -21.32 27.19
N ILE B 21 -8.88 -22.09 28.26
CA ILE B 21 -7.92 -21.76 29.31
C ILE B 21 -6.49 -21.91 28.79
N GLN B 22 -6.25 -22.97 28.02
CA GLN B 22 -4.92 -23.23 27.47
C GLN B 22 -4.50 -22.18 26.46
N LEU B 23 -5.47 -21.42 25.97
CA LEU B 23 -5.19 -20.36 25.00
C LEU B 23 -4.87 -19.04 25.70
N ILE B 24 -5.21 -18.95 26.99
CA ILE B 24 -4.95 -17.73 27.76
C ILE B 24 -3.86 -17.95 28.80
N GLN B 25 -4.06 -18.93 29.67
CA GLN B 25 -3.09 -19.21 30.72
C GLN B 25 -2.03 -20.22 30.26
N ASN B 26 -2.39 -21.00 29.24
CA ASN B 26 -1.50 -22.02 28.66
C ASN B 26 -1.41 -23.26 29.55
N HIS B 27 -2.03 -23.21 30.70
CA HIS B 27 -2.03 -24.32 31.65
C HIS B 27 -3.43 -24.56 32.19
N PHE B 28 -3.60 -25.65 32.92
CA PHE B 28 -4.89 -25.98 33.52
C PHE B 28 -4.78 -25.82 35.03
N VAL B 29 -5.79 -25.18 35.63
CA VAL B 29 -5.81 -24.97 37.06
C VAL B 29 -6.45 -26.15 37.78
N ASP B 30 -6.27 -26.21 39.09
CA ASP B 30 -6.83 -27.29 39.89
C ASP B 30 -7.98 -26.79 40.76
N GLU B 31 -8.55 -25.66 40.37
CA GLU B 31 -9.66 -25.07 41.10
C GLU B 31 -10.95 -25.82 40.82
N TYR B 32 -11.88 -25.74 41.76
CA TYR B 32 -13.17 -26.42 41.63
C TYR B 32 -14.27 -25.42 41.30
N ASP B 33 -13.85 -24.19 41.04
CA ASP B 33 -14.77 -23.11 40.68
C ASP B 33 -15.55 -23.46 39.41
N PRO B 34 -16.89 -23.45 39.50
CA PRO B 34 -17.76 -23.77 38.35
C PRO B 34 -17.53 -22.84 37.16
N THR B 35 -17.46 -23.41 35.97
CA THR B 35 -17.23 -22.63 34.77
C THR B 35 -18.46 -21.81 34.35
N ILE B 36 -18.52 -20.59 34.86
CA ILE B 36 -19.62 -19.68 34.53
C ILE B 36 -19.24 -18.83 33.33
N GLU B 37 -20.07 -17.85 33.00
CA GLU B 37 -19.81 -16.96 31.87
C GLU B 37 -18.54 -16.16 32.09
N ASP B 38 -17.45 -16.58 31.47
CA ASP B 38 -16.17 -15.90 31.61
C ASP B 38 -15.82 -15.17 30.32
N SER B 39 -15.25 -13.99 30.46
CA SER B 39 -14.86 -13.18 29.30
C SER B 39 -13.36 -12.88 29.32
N TYR B 40 -12.68 -13.24 28.24
CA TYR B 40 -11.25 -13.02 28.14
C TYR B 40 -10.90 -12.07 27.00
N ARG B 41 -9.96 -11.19 27.24
CA ARG B 41 -9.52 -10.24 26.22
C ARG B 41 -8.05 -10.50 25.90
N LYS B 42 -7.78 -10.96 24.69
CA LYS B 42 -6.42 -11.27 24.30
C LYS B 42 -6.04 -10.53 23.02
N GLN B 43 -5.06 -9.64 23.12
CA GLN B 43 -4.59 -8.91 21.97
C GLN B 43 -3.27 -9.49 21.48
N VAL B 44 -3.29 -10.05 20.28
CA VAL B 44 -2.10 -10.66 19.70
C VAL B 44 -1.96 -10.24 18.24
N VAL B 45 -0.90 -10.71 17.59
CA VAL B 45 -0.66 -10.39 16.20
C VAL B 45 -0.95 -11.61 15.32
N ILE B 46 -2.04 -11.55 14.58
CA ILE B 46 -2.45 -12.63 13.70
C ILE B 46 -2.51 -12.13 12.27
N ASP B 47 -1.90 -12.86 11.35
CA ASP B 47 -1.90 -12.48 9.93
C ASP B 47 -1.15 -11.16 9.72
N GLY B 48 -0.34 -10.81 10.70
CA GLY B 48 0.42 -9.57 10.63
C GLY B 48 -0.36 -8.37 11.13
N GLU B 49 -1.62 -8.59 11.51
CA GLU B 49 -2.47 -7.52 11.99
C GLU B 49 -2.67 -7.63 13.50
N THR B 50 -2.89 -6.51 14.15
CA THR B 50 -3.10 -6.48 15.58
C THR B 50 -4.60 -6.48 15.90
N CYS B 51 -5.09 -7.61 16.33
CA CYS B 51 -6.51 -7.74 16.66
C CYS B 51 -6.70 -8.15 18.12
N LEU B 52 -7.76 -7.61 18.72
CA LEU B 52 -8.10 -7.91 20.11
C LEU B 52 -9.22 -8.93 20.13
N LEU B 53 -8.92 -10.12 20.61
CA LEU B 53 -9.89 -11.19 20.65
C LEU B 53 -10.68 -11.23 21.96
N ASP B 54 -11.99 -11.16 21.83
CA ASP B 54 -12.89 -11.22 22.98
C ASP B 54 -13.52 -12.60 23.01
N ILE B 55 -12.99 -13.46 23.86
CA ILE B 55 -13.47 -14.83 23.96
C ILE B 55 -14.44 -15.00 25.13
N LEU B 56 -15.59 -15.58 24.84
CA LEU B 56 -16.60 -15.82 25.86
C LEU B 56 -16.72 -17.31 26.15
N ASP B 57 -16.42 -17.69 27.39
CA ASP B 57 -16.51 -19.08 27.80
C ASP B 57 -17.88 -19.38 28.41
N THR B 58 -18.80 -19.79 27.55
CA THR B 58 -20.15 -20.12 27.99
C THR B 58 -20.33 -21.63 28.00
N ALA B 59 -20.93 -22.15 29.06
CA ALA B 59 -21.16 -23.58 29.21
C ALA B 59 -22.16 -24.10 28.16
N GLY B 60 -22.29 -25.41 28.07
CA GLY B 60 -23.20 -25.99 27.10
C GLY B 60 -23.91 -27.20 27.65
N GLN B 61 -24.63 -27.02 28.75
CA GLN B 61 -25.37 -28.11 29.35
C GLN B 61 -26.86 -27.96 29.10
N GLU B 62 -27.20 -27.23 28.04
CA GLU B 62 -28.59 -26.98 27.66
C GLU B 62 -29.28 -26.09 28.69
N GLU B 63 -30.59 -26.18 28.78
CA GLU B 63 -31.40 -25.39 29.72
C GLU B 63 -31.51 -23.93 29.27
N TYR B 64 -30.39 -23.24 29.19
CA TYR B 64 -30.36 -21.84 28.78
C TYR B 64 -30.55 -21.68 27.27
N SER B 65 -31.80 -21.75 26.83
CA SER B 65 -32.12 -21.60 25.42
C SER B 65 -32.31 -20.14 25.04
N ALA B 66 -32.89 -19.36 25.96
CA ALA B 66 -33.13 -17.94 25.72
C ALA B 66 -31.87 -17.13 26.00
N MET B 67 -31.05 -17.65 26.90
CA MET B 67 -29.81 -16.99 27.27
C MET B 67 -28.83 -17.04 26.09
N ARG B 68 -28.96 -18.10 25.29
CA ARG B 68 -28.11 -18.29 24.13
C ARG B 68 -28.27 -17.15 23.15
N ASP B 69 -29.50 -16.65 23.05
CA ASP B 69 -29.84 -15.56 22.15
C ASP B 69 -28.95 -14.34 22.37
N GLN B 70 -28.68 -14.04 23.63
CA GLN B 70 -27.86 -12.88 23.98
C GLN B 70 -26.46 -12.95 23.40
N TYR B 71 -25.69 -13.98 23.79
CA TYR B 71 -24.32 -14.10 23.30
C TYR B 71 -24.21 -14.41 21.81
N MET B 72 -25.28 -14.94 21.23
CA MET B 72 -25.27 -15.24 19.81
C MET B 72 -25.36 -13.97 18.99
N ARG B 73 -26.03 -12.96 19.53
CA ARG B 73 -26.17 -11.69 18.83
C ARG B 73 -24.89 -10.88 18.95
N THR B 74 -24.32 -10.88 20.15
CA THR B 74 -23.08 -10.15 20.43
C THR B 74 -21.89 -10.80 19.72
N GLY B 75 -21.82 -12.13 19.78
CA GLY B 75 -20.73 -12.84 19.16
C GLY B 75 -20.75 -12.75 17.64
N GLU B 76 -19.59 -12.51 17.06
CA GLU B 76 -19.47 -12.40 15.61
C GLU B 76 -19.01 -13.73 15.04
N GLY B 77 -18.03 -14.33 15.70
CA GLY B 77 -17.50 -15.61 15.27
C GLY B 77 -17.83 -16.70 16.28
N PHE B 78 -18.16 -17.87 15.80
CA PHE B 78 -18.50 -18.97 16.68
C PHE B 78 -17.57 -20.16 16.48
N LEU B 79 -17.09 -20.70 17.59
CA LEU B 79 -16.21 -21.85 17.54
C LEU B 79 -16.98 -23.12 17.89
N CYS B 80 -17.21 -23.94 16.89
CA CYS B 80 -17.94 -25.19 17.06
C CYS B 80 -16.97 -26.28 17.48
N VAL B 81 -16.85 -26.47 18.79
CA VAL B 81 -15.95 -27.48 19.33
C VAL B 81 -16.72 -28.71 19.78
N PHE B 82 -16.24 -29.87 19.38
CA PHE B 82 -16.86 -31.14 19.75
C PHE B 82 -15.80 -32.14 20.15
N ALA B 83 -16.21 -33.24 20.76
CA ALA B 83 -15.28 -34.28 21.18
C ALA B 83 -15.42 -35.49 20.28
N ILE B 84 -14.30 -36.03 19.81
CA ILE B 84 -14.32 -37.20 18.92
C ILE B 84 -14.84 -38.45 19.63
N ASN B 85 -14.82 -38.43 20.95
CA ASN B 85 -15.29 -39.56 21.74
C ASN B 85 -16.74 -39.34 22.17
N ASN B 86 -17.36 -38.32 21.60
CA ASN B 86 -18.75 -37.99 21.93
C ASN B 86 -19.51 -37.58 20.68
N THR B 87 -20.34 -38.49 20.19
CA THR B 87 -21.12 -38.25 18.99
C THR B 87 -22.20 -37.17 19.21
N LYS B 88 -22.73 -37.09 20.43
CA LYS B 88 -23.76 -36.11 20.75
C LYS B 88 -23.23 -34.69 20.55
N SER B 89 -21.98 -34.47 20.95
CA SER B 89 -21.37 -33.15 20.80
C SER B 89 -21.23 -32.77 19.34
N PHE B 90 -21.13 -33.77 18.48
CA PHE B 90 -21.01 -33.55 17.03
C PHE B 90 -22.39 -33.23 16.46
N GLU B 91 -23.40 -33.96 16.93
CA GLU B 91 -24.77 -33.76 16.48
C GLU B 91 -25.29 -32.39 16.94
N ASP B 92 -24.83 -31.97 18.12
CA ASP B 92 -25.23 -30.69 18.70
C ASP B 92 -24.80 -29.51 17.84
N ILE B 93 -23.78 -29.73 17.02
CA ILE B 93 -23.26 -28.68 16.15
C ILE B 93 -24.33 -28.22 15.16
N HIS B 94 -25.13 -29.16 14.67
CA HIS B 94 -26.20 -28.85 13.73
C HIS B 94 -27.27 -28.00 14.42
N HIS B 95 -27.67 -28.43 15.61
CA HIS B 95 -28.68 -27.72 16.38
C HIS B 95 -28.22 -26.30 16.68
N TYR B 96 -26.94 -26.16 16.98
CA TYR B 96 -26.35 -24.88 17.28
C TYR B 96 -26.30 -23.99 16.05
N ARG B 97 -25.83 -24.56 14.93
CA ARG B 97 -25.74 -23.82 13.67
C ARG B 97 -27.08 -23.22 13.28
N GLU B 98 -28.11 -24.04 13.32
CA GLU B 98 -29.45 -23.60 12.97
C GLU B 98 -29.96 -22.51 13.91
N GLN B 99 -29.61 -22.63 15.20
CA GLN B 99 -30.03 -21.64 16.19
C GLN B 99 -29.32 -20.32 15.95
N ILE B 100 -28.02 -20.39 15.68
CA ILE B 100 -27.22 -19.19 15.42
C ILE B 100 -27.78 -18.37 14.26
N LYS B 101 -28.12 -19.06 13.16
CA LYS B 101 -28.66 -18.39 11.98
C LYS B 101 -29.96 -17.68 12.29
N ARG B 102 -30.77 -18.29 13.14
CA ARG B 102 -32.05 -17.74 13.52
C ARG B 102 -31.88 -16.52 14.42
N VAL B 103 -31.00 -16.66 15.40
CA VAL B 103 -30.75 -15.57 16.35
C VAL B 103 -30.09 -14.36 15.67
N LYS B 104 -29.10 -14.63 14.82
CA LYS B 104 -28.39 -13.54 14.13
C LYS B 104 -29.10 -13.09 12.86
N ASP B 105 -30.13 -13.83 12.44
CA ASP B 105 -30.88 -13.48 11.22
C ASP B 105 -29.93 -13.44 10.01
N SER B 106 -29.10 -14.47 9.90
CA SER B 106 -28.15 -14.56 8.82
C SER B 106 -27.76 -16.01 8.58
N GLU B 107 -27.72 -16.42 7.33
CA GLU B 107 -27.37 -17.78 6.96
C GLU B 107 -25.86 -17.93 6.99
N ASP B 108 -25.17 -16.91 6.48
CA ASP B 108 -23.72 -16.90 6.45
C ASP B 108 -23.16 -16.38 7.77
N VAL B 109 -22.62 -17.29 8.56
CA VAL B 109 -22.03 -16.95 9.85
C VAL B 109 -20.64 -17.56 9.96
N PRO B 110 -19.62 -16.73 10.22
CA PRO B 110 -18.24 -17.20 10.35
C PRO B 110 -18.06 -18.15 11.53
N MET B 111 -18.00 -19.45 11.23
CA MET B 111 -17.82 -20.47 12.25
C MET B 111 -16.76 -21.46 11.80
N VAL B 112 -16.13 -22.12 12.75
CA VAL B 112 -15.10 -23.10 12.45
C VAL B 112 -15.39 -24.39 13.23
N LEU B 113 -15.26 -25.52 12.55
CA LEU B 113 -15.49 -26.82 13.17
C LEU B 113 -14.19 -27.36 13.74
N VAL B 114 -14.07 -27.36 15.05
CA VAL B 114 -12.87 -27.84 15.70
C VAL B 114 -13.12 -29.09 16.52
N GLY B 115 -12.38 -30.15 16.20
CA GLY B 115 -12.52 -31.39 16.92
C GLY B 115 -11.46 -31.49 18.00
N ASN B 116 -11.89 -31.81 19.20
CA ASN B 116 -10.97 -31.91 20.33
C ASN B 116 -10.83 -33.37 20.78
N LYS B 117 -9.74 -33.64 21.51
CA LYS B 117 -9.45 -34.97 22.03
C LYS B 117 -9.10 -35.95 20.92
N CYS B 118 -8.50 -35.45 19.85
CA CYS B 118 -8.13 -36.29 18.72
C CYS B 118 -6.95 -37.21 19.07
N ASP B 119 -6.49 -37.12 20.30
CA ASP B 119 -5.39 -37.95 20.76
C ASP B 119 -5.93 -39.24 21.36
N LEU B 120 -7.26 -39.33 21.45
CA LEU B 120 -7.90 -40.51 22.00
C LEU B 120 -8.11 -41.56 20.90
N PRO B 121 -7.62 -42.78 21.12
CA PRO B 121 -7.75 -43.87 20.16
C PRO B 121 -9.19 -44.37 20.03
N SER B 122 -9.51 -44.92 18.87
CA SER B 122 -10.84 -45.47 18.58
C SER B 122 -11.92 -44.38 18.60
N ARG B 123 -12.15 -43.74 17.45
CA ARG B 123 -13.16 -42.70 17.34
C ARG B 123 -14.45 -43.25 16.73
N THR B 124 -15.59 -42.71 17.13
CA THR B 124 -16.87 -43.16 16.62
C THR B 124 -17.19 -42.55 15.27
N VAL B 125 -17.23 -41.23 15.21
CA VAL B 125 -17.51 -40.52 13.97
C VAL B 125 -16.28 -40.52 13.08
N ASP B 126 -16.44 -40.95 11.84
CA ASP B 126 -15.32 -41.00 10.91
C ASP B 126 -14.94 -39.60 10.44
N THR B 127 -13.68 -39.40 10.14
CA THR B 127 -13.18 -38.11 9.69
C THR B 127 -13.73 -37.74 8.32
N LYS B 128 -13.97 -38.74 7.48
CA LYS B 128 -14.47 -38.52 6.13
C LYS B 128 -15.89 -37.95 6.13
N GLN B 129 -16.75 -38.47 7.00
CA GLN B 129 -18.12 -38.00 7.06
C GLN B 129 -18.22 -36.57 7.61
N ALA B 130 -17.27 -36.21 8.45
CA ALA B 130 -17.23 -34.86 9.02
C ALA B 130 -16.76 -33.87 7.96
N GLN B 131 -15.75 -34.28 7.20
CA GLN B 131 -15.19 -33.46 6.13
C GLN B 131 -16.24 -33.14 5.08
N ASP B 132 -16.94 -34.17 4.61
CA ASP B 132 -17.95 -34.02 3.58
C ASP B 132 -19.11 -33.15 4.03
N LEU B 133 -19.53 -33.32 5.27
CA LEU B 133 -20.64 -32.55 5.82
C LEU B 133 -20.29 -31.07 5.98
N ALA B 134 -19.12 -30.80 6.55
CA ALA B 134 -18.66 -29.43 6.77
C ALA B 134 -18.46 -28.65 5.48
N ARG B 135 -18.11 -29.37 4.42
CA ARG B 135 -17.87 -28.76 3.12
C ARG B 135 -19.07 -27.97 2.61
N SER B 136 -20.27 -28.54 2.72
CA SER B 136 -21.50 -27.90 2.26
C SER B 136 -21.84 -26.66 3.09
N TYR B 137 -21.28 -26.55 4.27
CA TYR B 137 -21.53 -25.42 5.14
C TYR B 137 -20.45 -24.35 4.96
N GLY B 138 -19.42 -24.69 4.19
CA GLY B 138 -18.33 -23.75 3.97
C GLY B 138 -17.54 -23.46 5.23
N ILE B 139 -17.42 -24.45 6.10
CA ILE B 139 -16.70 -24.29 7.35
C ILE B 139 -15.48 -25.22 7.40
N PRO B 140 -14.35 -24.73 7.93
CA PRO B 140 -13.12 -25.51 8.03
C PRO B 140 -13.15 -26.53 9.16
N PHE B 141 -12.76 -27.75 8.86
CA PHE B 141 -12.71 -28.84 9.82
C PHE B 141 -11.27 -28.99 10.32
N ILE B 142 -11.04 -28.70 11.59
CA ILE B 142 -9.71 -28.79 12.16
C ILE B 142 -9.66 -29.72 13.37
N GLU B 143 -8.66 -30.59 13.41
CA GLU B 143 -8.47 -31.50 14.53
C GLU B 143 -7.44 -30.91 15.49
N THR B 144 -7.70 -31.03 16.79
CA THR B 144 -6.78 -30.47 17.78
C THR B 144 -6.56 -31.42 18.97
N SER B 145 -5.51 -31.14 19.74
CA SER B 145 -5.16 -31.93 20.91
C SER B 145 -4.20 -31.13 21.78
N ALA B 146 -4.45 -31.16 23.09
CA ALA B 146 -3.62 -30.43 24.05
C ALA B 146 -2.34 -31.19 24.39
N LYS B 147 -2.21 -32.40 23.87
CA LYS B 147 -1.03 -33.21 24.13
C LYS B 147 0.05 -32.98 23.07
N THR B 148 -0.32 -33.16 21.81
CA THR B 148 0.62 -32.98 20.72
C THR B 148 0.64 -31.55 20.20
N ARG B 149 -0.47 -30.82 20.41
CA ARG B 149 -0.60 -29.45 19.93
C ARG B 149 -0.45 -29.38 18.41
N GLN B 150 -1.25 -30.18 17.72
CA GLN B 150 -1.19 -30.24 16.26
C GLN B 150 -2.11 -29.21 15.61
N GLY B 151 -1.53 -28.07 15.20
CA GLY B 151 -2.30 -27.03 14.55
C GLY B 151 -3.42 -26.48 15.39
N VAL B 152 -3.16 -26.30 16.68
CA VAL B 152 -4.16 -25.77 17.59
C VAL B 152 -4.23 -24.26 17.47
N ASP B 153 -3.05 -23.64 17.38
CA ASP B 153 -2.95 -22.19 17.28
C ASP B 153 -3.58 -21.67 15.99
N ASP B 154 -3.36 -22.39 14.90
CA ASP B 154 -3.91 -21.99 13.60
C ASP B 154 -5.42 -22.16 13.54
N ALA B 155 -5.97 -22.99 14.42
CA ALA B 155 -7.41 -23.20 14.46
C ALA B 155 -8.10 -21.90 14.84
N PHE B 156 -7.44 -21.13 15.70
CA PHE B 156 -7.96 -19.86 16.15
C PHE B 156 -7.68 -18.78 15.11
N TYR B 157 -6.59 -18.95 14.38
CA TYR B 157 -6.20 -17.99 13.34
C TYR B 157 -7.20 -18.02 12.19
N THR B 158 -7.60 -19.22 11.82
CA THR B 158 -8.55 -19.40 10.73
C THR B 158 -9.94 -18.88 11.12
N LEU B 159 -10.25 -18.90 12.41
CA LEU B 159 -11.53 -18.41 12.90
C LEU B 159 -11.73 -16.94 12.57
N VAL B 160 -10.73 -16.12 12.88
CA VAL B 160 -10.79 -14.69 12.62
C VAL B 160 -10.61 -14.40 11.12
N ARG B 161 -9.92 -15.30 10.43
CA ARG B 161 -9.66 -15.16 9.01
C ARG B 161 -10.96 -15.18 8.21
N GLU B 162 -11.89 -16.03 8.63
CA GLU B 162 -13.18 -16.16 7.96
C GLU B 162 -14.05 -14.93 8.18
N ILE B 163 -13.91 -14.29 9.34
CA ILE B 163 -14.70 -13.11 9.66
C ILE B 163 -14.30 -11.93 8.78
N ARG B 164 -13.01 -11.84 8.48
CA ARG B 164 -12.49 -10.77 7.64
C ARG B 164 -13.07 -10.84 6.23
N LYS B 165 -13.32 -12.07 5.77
CA LYS B 165 -13.87 -12.29 4.44
C LYS B 165 -15.27 -11.71 4.32
N HIS B 166 -16.12 -12.01 5.29
CA HIS B 166 -17.50 -11.54 5.28
C HIS B 166 -17.59 -10.01 5.29
N LYS B 167 -16.63 -9.36 5.95
CA LYS B 167 -16.59 -7.91 6.03
C LYS B 167 -16.46 -7.29 4.64
N GLU B 168 -15.56 -7.85 3.84
CA GLU B 168 -15.32 -7.34 2.50
C GLU B 168 -16.42 -7.79 1.53
N LYS B 169 -16.94 -8.99 1.77
CA LYS B 169 -18.00 -9.52 0.92
C LYS B 169 -19.25 -8.64 0.99
N MET B 170 -19.43 -7.96 2.11
CA MET B 170 -20.58 -7.09 2.30
C MET B 170 -20.35 -5.71 1.71
N SER B 171 -19.16 -5.47 1.21
CA SER B 171 -18.81 -4.20 0.59
C SER B 171 -19.09 -4.22 -0.90
N LYS B 172 -18.98 -5.41 -1.50
CA LYS B 172 -19.19 -5.57 -2.93
C LYS B 172 -20.49 -6.34 -3.20
N ASP B 173 -20.39 -7.67 -3.17
CA ASP B 173 -21.54 -8.56 -3.41
C ASP B 173 -22.30 -8.19 -4.69
N GLY B 174 -23.50 -7.67 -4.53
CA GLY B 174 -24.31 -7.29 -5.67
C GLY B 174 -25.00 -5.96 -5.46
N LYS B 175 -26.32 -6.02 -5.33
CA LYS B 175 -27.13 -4.81 -5.13
C LYS B 175 -27.10 -4.37 -3.67
N LYS B 176 -28.19 -4.65 -2.94
CA LYS B 176 -28.29 -4.28 -1.52
C LYS B 176 -28.15 -2.77 -1.31
N LYS B 177 -27.96 -2.37 -0.07
CA LYS B 177 -27.78 -0.97 0.26
C LYS B 177 -26.37 -0.73 0.75
N LYS B 178 -25.86 -1.71 1.49
CA LYS B 178 -24.51 -1.65 2.05
C LYS B 178 -24.37 -0.52 3.07
N LYS B 179 -23.15 -0.31 3.53
CA LYS B 179 -22.84 0.73 4.48
C LYS B 179 -21.36 1.09 4.39
N LYS B 180 -20.52 0.07 4.46
CA LYS B 180 -19.08 0.27 4.36
C LYS B 180 -18.59 -0.40 3.08
N SER B 181 -18.36 0.39 2.04
CA SER B 181 -17.91 -0.15 0.77
C SER B 181 -16.40 -0.02 0.61
N LYS B 182 -15.68 -1.11 0.86
CA LYS B 182 -14.24 -1.15 0.71
C LYS B 182 -13.86 -1.75 -0.64
N THR B 183 -13.32 -0.93 -1.53
CA THR B 183 -12.92 -1.39 -2.84
C THR B 183 -11.42 -1.19 -3.07
N LYS B 184 -10.95 0.02 -2.75
CA LYS B 184 -9.54 0.36 -2.93
C LYS B 184 -8.75 0.03 -1.66
N SER C 14 -6.88 2.83 -50.44
CA SER C 14 -5.96 2.60 -49.32
C SER C 14 -4.66 1.99 -49.82
N THR C 15 -4.53 1.95 -51.14
CA THR C 15 -3.36 1.40 -51.78
C THR C 15 -2.20 2.38 -51.72
N PHE C 16 -2.53 3.67 -51.53
CA PHE C 16 -1.52 4.72 -51.45
C PHE C 16 -0.51 4.45 -50.35
N SER C 17 -0.98 3.94 -49.22
CA SER C 17 -0.12 3.63 -48.10
C SER C 17 0.80 2.46 -48.43
N LYS C 18 0.25 1.48 -49.12
CA LYS C 18 0.99 0.28 -49.51
C LYS C 18 2.17 0.64 -50.42
N LEU C 19 1.98 1.69 -51.22
CA LEU C 19 3.03 2.15 -52.13
C LEU C 19 4.27 2.60 -51.36
N ARG C 20 4.04 3.40 -50.32
CA ARG C 20 5.14 3.91 -49.49
C ARG C 20 5.66 2.84 -48.55
N GLU C 21 4.79 1.90 -48.19
CA GLU C 21 5.13 0.81 -47.29
C GLU C 21 6.25 -0.06 -47.85
N GLN C 22 6.25 -0.23 -49.17
CA GLN C 22 7.26 -1.04 -49.83
C GLN C 22 8.41 -0.19 -50.37
N LEU C 23 8.15 1.09 -50.60
CA LEU C 23 9.15 2.01 -51.12
C LEU C 23 10.17 2.41 -50.05
N GLY C 24 9.69 2.57 -48.81
CA GLY C 24 10.56 2.95 -47.70
C GLY C 24 11.74 2.02 -47.46
N PRO C 25 11.50 0.70 -47.27
CA PRO C 25 12.57 -0.29 -47.02
C PRO C 25 13.75 -0.19 -48.00
N VAL C 26 13.47 0.11 -49.26
CA VAL C 26 14.51 0.21 -50.28
C VAL C 26 15.61 1.19 -49.86
N THR C 27 15.21 2.42 -49.58
CA THR C 27 16.16 3.45 -49.18
C THR C 27 16.59 3.23 -47.74
N GLN C 28 15.74 2.54 -46.97
CA GLN C 28 16.03 2.24 -45.57
C GLN C 28 17.32 1.42 -45.48
N GLU C 29 17.44 0.43 -46.35
CA GLU C 29 18.62 -0.43 -46.39
C GLU C 29 19.85 0.39 -46.78
N PHE C 30 19.65 1.30 -47.73
CA PHE C 30 20.72 2.16 -48.21
C PHE C 30 21.21 3.09 -47.10
N TRP C 31 20.27 3.65 -46.35
CA TRP C 31 20.61 4.56 -45.26
C TRP C 31 21.36 3.84 -44.14
N ASP C 32 20.92 2.62 -43.83
CA ASP C 32 21.57 1.84 -42.79
C ASP C 32 23.03 1.58 -43.14
N ASN C 33 23.26 1.25 -44.39
CA ASN C 33 24.61 0.97 -44.89
C ASN C 33 25.51 2.17 -44.65
N LEU C 34 25.01 3.36 -44.96
CA LEU C 34 25.77 4.59 -44.78
C LEU C 34 25.91 4.94 -43.30
N GLU C 35 24.87 4.66 -42.53
CA GLU C 35 24.87 4.93 -41.09
C GLU C 35 25.95 4.09 -40.40
N LYS C 36 26.10 2.85 -40.86
CA LYS C 36 27.09 1.95 -40.29
C LYS C 36 28.50 2.50 -40.52
N GLU C 37 28.72 3.05 -41.71
CA GLU C 37 30.01 3.62 -42.06
C GLU C 37 30.36 4.77 -41.10
N THR C 38 29.39 5.63 -40.85
CA THR C 38 29.58 6.75 -39.94
C THR C 38 29.79 6.23 -38.51
N GLU C 39 29.11 5.13 -38.18
CA GLU C 39 29.22 4.54 -36.85
C GLU C 39 30.66 4.11 -36.57
N GLY C 40 31.26 3.40 -37.52
CA GLY C 40 32.64 2.94 -37.36
C GLY C 40 33.59 4.09 -37.09
N LEU C 41 33.40 5.19 -37.83
CA LEU C 41 34.22 6.37 -37.67
C LEU C 41 34.03 6.97 -36.28
N ARG C 42 32.78 7.01 -35.83
CA ARG C 42 32.46 7.55 -34.52
C ARG C 42 33.08 6.67 -33.43
N GLN C 43 33.03 5.36 -33.65
CA GLN C 43 33.59 4.40 -32.70
C GLN C 43 35.09 4.61 -32.55
N GLU C 44 35.78 4.76 -33.68
CA GLU C 44 37.22 4.98 -33.68
C GLU C 44 37.57 6.32 -33.01
N MET C 45 36.76 7.33 -33.27
CA MET C 45 36.99 8.65 -32.69
C MET C 45 36.77 8.61 -31.17
N SER C 46 35.79 7.83 -30.74
CA SER C 46 35.51 7.69 -29.32
C SER C 46 36.67 6.98 -28.64
N LYS C 47 37.24 6.01 -29.34
CA LYS C 47 38.38 5.26 -28.83
C LYS C 47 39.58 6.18 -28.65
N ASP C 48 39.73 7.13 -29.57
CA ASP C 48 40.81 8.10 -29.51
C ASP C 48 40.74 8.89 -28.20
N LEU C 49 39.53 9.27 -27.83
CA LEU C 49 39.32 10.03 -26.60
C LEU C 49 39.53 9.12 -25.39
N GLU C 50 39.09 7.88 -25.51
CA GLU C 50 39.23 6.90 -24.44
C GLU C 50 40.71 6.65 -24.13
N GLU C 51 41.51 6.57 -25.19
CA GLU C 51 42.94 6.34 -25.05
C GLU C 51 43.60 7.46 -24.26
N VAL C 52 43.20 8.69 -24.55
CA VAL C 52 43.74 9.86 -23.87
C VAL C 52 43.38 9.85 -22.38
N LYS C 53 42.14 9.46 -22.08
CA LYS C 53 41.66 9.38 -20.71
C LYS C 53 42.51 8.44 -19.87
N ALA C 54 42.88 7.30 -20.44
CA ALA C 54 43.68 6.30 -19.73
C ALA C 54 45.11 6.77 -19.51
N LYS C 55 45.56 7.72 -20.30
CA LYS C 55 46.93 8.24 -20.20
C LYS C 55 47.07 9.26 -19.07
N VAL C 56 46.09 10.14 -18.93
CA VAL C 56 46.15 11.19 -17.90
C VAL C 56 45.65 10.73 -16.54
N GLN C 57 44.91 9.62 -16.52
CA GLN C 57 44.35 9.08 -15.28
C GLN C 57 45.37 8.89 -14.14
N PRO C 58 46.48 8.15 -14.38
CA PRO C 58 47.51 7.92 -13.34
C PRO C 58 48.10 9.20 -12.77
N TYR C 59 48.32 10.20 -13.62
CA TYR C 59 48.89 11.48 -13.20
C TYR C 59 47.95 12.23 -12.27
N LEU C 60 46.66 12.16 -12.56
CA LEU C 60 45.66 12.84 -11.76
C LEU C 60 45.61 12.27 -10.34
N ASP C 61 45.83 10.97 -10.22
CA ASP C 61 45.82 10.31 -8.92
C ASP C 61 46.98 10.79 -8.06
N ASP C 62 48.15 10.93 -8.68
CA ASP C 62 49.35 11.40 -7.98
C ASP C 62 49.11 12.77 -7.38
N PHE C 63 48.53 13.66 -8.18
CA PHE C 63 48.21 15.01 -7.74
C PHE C 63 47.23 14.95 -6.57
N GLN C 64 46.23 14.09 -6.70
CA GLN C 64 45.20 13.91 -5.68
C GLN C 64 45.81 13.46 -4.35
N LYS C 65 46.70 12.47 -4.41
CA LYS C 65 47.35 11.96 -3.21
C LYS C 65 48.17 13.04 -2.52
N LYS C 66 48.89 13.82 -3.31
CA LYS C 66 49.73 14.90 -2.78
C LYS C 66 48.89 15.91 -2.01
N TRP C 67 47.73 16.27 -2.57
CA TRP C 67 46.83 17.21 -1.94
C TRP C 67 46.29 16.63 -0.64
N GLN C 68 45.98 15.35 -0.66
CA GLN C 68 45.46 14.66 0.53
C GLN C 68 46.46 14.72 1.67
N GLU C 69 47.75 14.58 1.32
CA GLU C 69 48.84 14.61 2.30
C GLU C 69 48.84 15.93 3.06
N GLU C 70 48.74 17.03 2.31
CA GLU C 70 48.75 18.36 2.89
C GLU C 70 47.54 18.59 3.78
N MET C 71 46.37 18.17 3.31
CA MET C 71 45.14 18.34 4.07
C MET C 71 45.17 17.57 5.38
N GLU C 72 45.70 16.35 5.34
CA GLU C 72 45.82 15.52 6.54
C GLU C 72 46.79 16.16 7.53
N LEU C 73 47.85 16.75 6.99
CA LEU C 73 48.86 17.41 7.81
C LEU C 73 48.21 18.55 8.60
N TYR C 74 47.33 19.28 7.94
CA TYR C 74 46.64 20.41 8.56
C TYR C 74 45.60 19.91 9.56
N ARG C 75 44.97 18.79 9.23
CA ARG C 75 43.94 18.20 10.11
C ARG C 75 44.55 17.79 11.45
N GLN C 76 45.77 17.27 11.42
CA GLN C 76 46.45 16.85 12.63
C GLN C 76 46.91 18.08 13.44
N LYS C 77 47.24 19.15 12.74
CA LYS C 77 47.72 20.38 13.37
C LYS C 77 46.58 21.13 14.09
N VAL C 78 45.36 20.98 13.60
CA VAL C 78 44.22 21.66 14.21
C VAL C 78 43.63 20.87 15.37
N GLU C 79 44.05 19.62 15.51
CA GLU C 79 43.56 18.74 16.57
C GLU C 79 43.73 19.32 17.99
N PRO C 80 44.96 19.68 18.41
CA PRO C 80 45.20 20.21 19.76
C PRO C 80 44.53 21.55 20.01
N LEU C 81 44.64 22.47 19.06
CA LEU C 81 44.07 23.80 19.20
C LEU C 81 42.54 23.76 19.29
N ARG C 82 41.92 22.90 18.49
CA ARG C 82 40.46 22.77 18.46
C ARG C 82 39.93 22.39 19.84
N ALA C 83 40.63 21.49 20.52
CA ALA C 83 40.22 21.04 21.85
C ALA C 83 40.25 22.18 22.86
N GLU C 84 41.31 22.98 22.81
CA GLU C 84 41.47 24.10 23.73
C GLU C 84 40.42 25.19 23.48
N LEU C 85 40.16 25.48 22.21
CA LEU C 85 39.18 26.50 21.85
C LEU C 85 37.77 26.05 22.25
N GLN C 86 37.58 24.74 22.33
CA GLN C 86 36.30 24.17 22.71
C GLN C 86 36.11 24.27 24.21
N GLU C 87 37.16 23.93 24.95
CA GLU C 87 37.13 24.00 26.40
C GLU C 87 37.02 25.43 26.89
N GLY C 88 37.79 26.34 26.28
CA GLY C 88 37.74 27.73 26.66
C GLY C 88 36.37 28.34 26.42
N ALA C 89 35.62 27.75 25.49
CA ALA C 89 34.28 28.22 25.17
C ALA C 89 33.25 27.54 26.07
N ARG C 90 33.65 26.45 26.73
CA ARG C 90 32.76 25.72 27.61
C ARG C 90 32.57 26.46 28.93
N GLN C 91 33.67 26.96 29.49
CA GLN C 91 33.63 27.69 30.76
C GLN C 91 32.94 29.04 30.60
N LYS C 92 32.67 29.41 29.36
CA LYS C 92 32.02 30.67 29.03
C LYS C 92 30.64 30.78 29.65
N LEU C 93 29.73 29.91 29.22
CA LEU C 93 28.35 29.94 29.72
C LEU C 93 28.22 29.38 31.13
N HIS C 94 29.19 28.60 31.56
CA HIS C 94 29.15 28.03 32.91
C HIS C 94 29.14 29.12 33.98
N GLU C 95 29.76 30.25 33.66
CA GLU C 95 29.81 31.38 34.57
C GLU C 95 28.56 32.24 34.41
N LEU C 96 28.07 32.33 33.18
CA LEU C 96 26.89 33.11 32.88
C LEU C 96 25.61 32.47 33.40
N GLN C 97 25.55 31.14 33.36
CA GLN C 97 24.38 30.39 33.81
C GLN C 97 24.05 30.65 35.28
N GLU C 98 25.04 30.41 36.14
CA GLU C 98 24.87 30.59 37.59
C GLU C 98 24.59 32.05 37.96
N LYS C 99 24.98 32.97 37.09
CA LYS C 99 24.80 34.39 37.34
C LYS C 99 23.39 34.88 37.03
N LEU C 100 22.69 34.21 36.12
CA LEU C 100 21.34 34.64 35.75
C LEU C 100 20.27 33.58 36.06
N SER C 101 20.65 32.54 36.79
CA SER C 101 19.70 31.48 37.12
C SER C 101 18.73 31.87 38.25
N PRO C 102 19.24 32.27 39.44
CA PRO C 102 18.40 32.64 40.59
C PRO C 102 17.30 33.64 40.24
N LEU C 103 17.67 34.73 39.58
CA LEU C 103 16.72 35.76 39.21
C LEU C 103 15.65 35.26 38.24
N GLY C 104 16.07 34.49 37.25
CA GLY C 104 15.14 33.96 36.28
C GLY C 104 14.19 32.95 36.90
N GLU C 105 14.73 32.12 37.77
CA GLU C 105 13.94 31.10 38.45
C GLU C 105 12.95 31.73 39.42
N GLU C 106 13.39 32.77 40.12
CA GLU C 106 12.54 33.46 41.09
C GLU C 106 11.36 34.14 40.42
N MET C 107 11.63 34.92 39.37
CA MET C 107 10.57 35.62 38.66
C MET C 107 9.62 34.63 37.97
N ARG C 108 10.15 33.45 37.67
CA ARG C 108 9.37 32.39 37.05
C ARG C 108 8.25 31.96 37.99
N ASP C 109 8.61 31.84 39.27
CA ASP C 109 7.65 31.44 40.31
C ASP C 109 6.70 32.59 40.61
N ARG C 110 7.23 33.81 40.57
CA ARG C 110 6.44 35.01 40.82
C ARG C 110 5.31 35.11 39.81
N ALA C 111 5.62 34.82 38.56
CA ALA C 111 4.64 34.86 37.49
C ALA C 111 3.58 33.77 37.69
N ARG C 112 4.06 32.60 38.09
CA ARG C 112 3.19 31.45 38.34
C ARG C 112 2.10 31.77 39.36
N ALA C 113 2.50 32.45 40.44
CA ALA C 113 1.56 32.83 41.49
C ALA C 113 0.57 33.87 40.98
N HIS C 114 1.07 34.83 40.22
CA HIS C 114 0.24 35.90 39.66
C HIS C 114 -0.82 35.35 38.72
N VAL C 115 -0.45 34.41 37.86
CA VAL C 115 -1.38 33.81 36.92
C VAL C 115 -2.50 33.07 37.64
N ASP C 116 -2.13 32.34 38.69
CA ASP C 116 -3.10 31.59 39.48
C ASP C 116 -4.04 32.54 40.21
N ALA C 117 -3.48 33.62 40.74
CA ALA C 117 -4.25 34.63 41.46
C ALA C 117 -5.27 35.30 40.53
N LEU C 118 -4.86 35.49 39.28
CA LEU C 118 -5.71 36.13 38.28
C LEU C 118 -6.99 35.31 38.04
N ARG C 119 -6.84 33.99 37.96
CA ARG C 119 -7.98 33.11 37.73
C ARG C 119 -8.99 33.23 38.88
N THR C 120 -8.48 33.20 40.11
CA THR C 120 -9.30 33.29 41.30
C THR C 120 -9.95 34.68 41.42
N HIS C 121 -9.30 35.67 40.87
CA HIS C 121 -9.79 37.05 40.93
C HIS C 121 -10.98 37.26 40.00
N LEU C 122 -10.87 36.75 38.77
CA LEU C 122 -11.93 36.92 37.78
C LEU C 122 -13.05 35.90 37.92
N ALA C 123 -12.73 34.74 38.49
CA ALA C 123 -13.72 33.66 38.66
C ALA C 123 -15.08 34.12 39.20
N PRO C 124 -15.14 34.75 40.39
CA PRO C 124 -16.41 35.21 40.96
C PRO C 124 -17.12 36.26 40.12
N TYR C 125 -16.34 37.12 39.46
CA TYR C 125 -16.91 38.16 38.62
C TYR C 125 -17.47 37.60 37.32
N SER C 126 -16.79 36.63 36.73
CA SER C 126 -17.26 36.01 35.50
C SER C 126 -18.46 35.12 35.76
N ASP C 127 -18.47 34.47 36.93
CA ASP C 127 -19.56 33.57 37.32
C ASP C 127 -20.88 34.32 37.42
N GLU C 128 -20.86 35.47 38.09
CA GLU C 128 -22.07 36.27 38.25
C GLU C 128 -22.53 36.83 36.91
N LEU C 129 -21.58 37.31 36.13
CA LEU C 129 -21.88 37.88 34.81
C LEU C 129 -22.50 36.82 33.90
N ARG C 130 -21.99 35.60 33.98
CA ARG C 130 -22.50 34.50 33.18
C ARG C 130 -23.93 34.17 33.58
N GLN C 131 -24.20 34.24 34.88
CA GLN C 131 -25.52 33.96 35.41
C GLN C 131 -26.55 34.96 34.89
N ARG C 132 -26.17 36.24 34.94
CA ARG C 132 -27.03 37.32 34.48
C ARG C 132 -27.32 37.19 32.99
N LEU C 133 -26.28 36.86 32.22
CA LEU C 133 -26.42 36.72 30.78
C LEU C 133 -27.30 35.52 30.41
N ALA C 134 -27.17 34.43 31.16
CA ALA C 134 -27.95 33.23 30.89
C ALA C 134 -29.43 33.52 30.99
N ALA C 135 -29.81 34.23 32.04
CA ALA C 135 -31.20 34.59 32.26
C ALA C 135 -31.70 35.51 31.16
N ARG C 136 -30.83 36.41 30.72
CA ARG C 136 -31.16 37.38 29.67
C ARG C 136 -31.42 36.67 28.34
N LEU C 137 -30.54 35.75 27.97
CA LEU C 137 -30.67 35.00 26.72
C LEU C 137 -31.94 34.15 26.72
N GLU C 138 -32.33 33.66 27.89
CA GLU C 138 -33.51 32.84 28.02
C GLU C 138 -34.77 33.67 27.82
N ALA C 139 -34.84 34.82 28.49
CA ALA C 139 -36.00 35.71 28.38
C ALA C 139 -36.14 36.25 26.96
N LEU C 140 -35.01 36.44 26.29
CA LEU C 140 -35.00 36.94 24.92
C LEU C 140 -35.56 35.89 23.96
N LYS C 141 -35.16 34.64 24.14
CA LYS C 141 -35.63 33.55 23.28
C LYS C 141 -37.12 33.30 23.47
N GLU C 142 -37.62 33.57 24.68
CA GLU C 142 -39.02 33.39 25.01
C GLU C 142 -39.91 34.20 24.08
N ASN C 143 -39.57 35.47 23.91
CA ASN C 143 -40.34 36.37 23.05
C ASN C 143 -40.07 36.07 21.58
N GLY C 144 -38.81 35.79 21.27
CA GLY C 144 -38.43 35.50 19.89
C GLY C 144 -39.12 34.28 19.33
N GLY C 145 -39.07 33.17 20.06
CA GLY C 145 -39.67 31.92 19.63
C GLY C 145 -41.16 32.04 19.34
N ALA C 146 -41.84 32.86 20.14
CA ALA C 146 -43.27 33.07 19.98
C ALA C 146 -43.61 33.59 18.59
N ARG C 147 -42.88 34.61 18.15
CA ARG C 147 -43.10 35.20 16.84
C ARG C 147 -42.51 34.33 15.73
N LEU C 148 -41.42 33.63 16.05
CA LEU C 148 -40.75 32.76 15.10
C LEU C 148 -41.66 31.61 14.66
N ALA C 149 -42.40 31.06 15.63
CA ALA C 149 -43.31 29.95 15.37
C ALA C 149 -44.37 30.32 14.32
N GLU C 150 -44.93 31.51 14.45
CA GLU C 150 -45.96 31.98 13.54
C GLU C 150 -45.42 32.20 12.14
N TYR C 151 -44.24 32.80 12.04
CA TYR C 151 -43.62 33.07 10.75
C TYR C 151 -43.34 31.77 9.99
N HIS C 152 -43.08 30.70 10.75
CA HIS C 152 -42.78 29.40 10.16
C HIS C 152 -43.99 28.84 9.41
N ALA C 153 -45.18 29.00 9.98
CA ALA C 153 -46.40 28.50 9.38
C ALA C 153 -46.69 29.21 8.05
N LYS C 154 -46.25 30.46 7.94
CA LYS C 154 -46.46 31.24 6.74
C LYS C 154 -45.46 30.82 5.66
N ALA C 155 -44.29 30.39 6.10
CA ALA C 155 -43.23 29.96 5.19
C ALA C 155 -43.68 28.80 4.32
N THR C 156 -44.09 27.72 4.96
CA THR C 156 -44.54 26.51 4.25
C THR C 156 -45.67 26.82 3.28
N GLU C 157 -46.55 27.72 3.68
CA GLU C 157 -47.70 28.08 2.86
C GLU C 157 -47.27 28.87 1.62
N HIS C 158 -46.25 29.68 1.76
CA HIS C 158 -45.79 30.51 0.64
C HIS C 158 -44.75 29.81 -0.25
N LEU C 159 -44.46 28.55 0.05
CA LEU C 159 -43.50 27.82 -0.76
C LEU C 159 -44.14 26.66 -1.51
N SER C 160 -45.08 25.98 -0.85
CA SER C 160 -45.76 24.83 -1.44
C SER C 160 -46.60 25.20 -2.67
N THR C 161 -47.00 26.45 -2.78
CA THR C 161 -47.83 26.89 -3.91
C THR C 161 -47.03 27.04 -5.20
N LEU C 162 -45.71 27.12 -5.10
CA LEU C 162 -44.86 27.28 -6.28
C LEU C 162 -44.74 25.99 -7.08
N SER C 163 -44.67 24.86 -6.38
CA SER C 163 -44.53 23.56 -7.03
C SER C 163 -45.88 23.00 -7.48
N GLU C 164 -46.95 23.72 -7.20
CA GLU C 164 -48.30 23.29 -7.55
C GLU C 164 -48.49 23.09 -9.06
N LYS C 165 -48.30 24.15 -9.83
CA LYS C 165 -48.48 24.08 -11.28
C LYS C 165 -47.16 23.86 -12.02
N ALA C 166 -46.06 23.84 -11.29
CA ALA C 166 -44.74 23.64 -11.88
C ALA C 166 -44.65 22.30 -12.60
N LYS C 167 -45.02 21.22 -11.90
CA LYS C 167 -44.96 19.87 -12.49
C LYS C 167 -45.88 19.70 -13.71
N PRO C 168 -47.21 19.97 -13.56
CA PRO C 168 -48.16 19.83 -14.67
C PRO C 168 -47.74 20.59 -15.92
N ALA C 169 -47.27 21.82 -15.74
CA ALA C 169 -46.84 22.65 -16.87
C ALA C 169 -45.64 22.04 -17.59
N LEU C 170 -44.73 21.46 -16.82
CA LEU C 170 -43.54 20.85 -17.37
C LEU C 170 -43.88 19.59 -18.19
N GLU C 171 -44.77 18.77 -17.64
CA GLU C 171 -45.20 17.54 -18.32
C GLU C 171 -45.94 17.87 -19.61
N ASP C 172 -46.80 18.90 -19.54
CA ASP C 172 -47.58 19.32 -20.70
C ASP C 172 -46.67 19.70 -21.85
N LEU C 173 -45.59 20.41 -21.53
CA LEU C 173 -44.62 20.86 -22.52
C LEU C 173 -43.99 19.69 -23.25
N ARG C 174 -43.67 18.63 -22.51
CA ARG C 174 -43.04 17.44 -23.08
C ARG C 174 -43.93 16.83 -24.16
N GLN C 175 -45.22 16.79 -23.87
CA GLN C 175 -46.21 16.21 -24.79
C GLN C 175 -46.35 17.04 -26.07
N GLY C 176 -45.92 18.29 -26.02
CA GLY C 176 -46.02 19.15 -27.19
C GLY C 176 -44.72 19.22 -27.97
N LEU C 177 -43.62 18.81 -27.35
CA LEU C 177 -42.31 18.85 -28.01
C LEU C 177 -41.97 17.51 -28.66
N LEU C 178 -42.41 16.42 -28.04
CA LEU C 178 -42.16 15.06 -28.53
C LEU C 178 -42.48 14.84 -30.02
N PRO C 179 -43.69 15.25 -30.50
CA PRO C 179 -44.09 15.07 -31.91
C PRO C 179 -43.01 15.34 -32.96
N VAL C 180 -42.70 16.61 -33.18
CA VAL C 180 -41.69 17.00 -34.18
C VAL C 180 -40.32 16.42 -33.85
N LEU C 181 -39.99 16.36 -32.56
CA LEU C 181 -38.70 15.83 -32.14
C LEU C 181 -38.50 14.39 -32.60
N GLU C 182 -39.57 13.62 -32.56
CA GLU C 182 -39.53 12.22 -32.98
C GLU C 182 -39.17 12.12 -34.47
N SER C 183 -39.78 13.00 -35.27
CA SER C 183 -39.52 13.02 -36.70
C SER C 183 -38.08 13.43 -37.00
N PHE C 184 -37.56 14.38 -36.22
CA PHE C 184 -36.20 14.84 -36.39
C PHE C 184 -35.21 13.73 -36.09
N LYS C 185 -35.49 12.96 -35.05
CA LYS C 185 -34.61 11.86 -34.66
C LYS C 185 -34.51 10.81 -35.77
N VAL C 186 -35.64 10.53 -36.43
CA VAL C 186 -35.65 9.58 -37.52
C VAL C 186 -34.80 10.11 -38.67
N SER C 187 -34.98 11.39 -38.97
CA SER C 187 -34.23 12.03 -40.04
C SER C 187 -32.74 12.01 -39.73
N PHE C 188 -32.40 12.20 -38.46
CA PHE C 188 -31.02 12.19 -37.99
C PHE C 188 -30.40 10.83 -38.23
N LEU C 189 -31.17 9.78 -37.98
CA LEU C 189 -30.69 8.41 -38.16
C LEU C 189 -30.36 8.13 -39.64
N SER C 190 -31.20 8.65 -40.54
CA SER C 190 -30.99 8.45 -41.97
C SER C 190 -29.72 9.17 -42.44
N ALA C 191 -29.59 10.43 -42.02
CA ALA C 191 -28.43 11.24 -42.41
C ALA C 191 -27.15 10.71 -41.77
N LEU C 192 -27.25 10.32 -40.51
CA LEU C 192 -26.11 9.80 -39.77
C LEU C 192 -25.48 8.60 -40.47
N GLU C 193 -26.33 7.68 -40.92
CA GLU C 193 -25.87 6.48 -41.60
C GLU C 193 -25.08 6.81 -42.87
N GLU C 194 -25.58 7.78 -43.62
CA GLU C 194 -24.94 8.19 -44.86
C GLU C 194 -23.55 8.76 -44.62
N TYR C 195 -23.39 9.46 -43.50
CA TYR C 195 -22.11 10.07 -43.14
C TYR C 195 -21.04 9.01 -42.89
N THR C 196 -21.38 8.02 -42.07
CA THR C 196 -20.45 6.95 -41.70
C THR C 196 -19.96 6.17 -42.93
N LYS C 197 -20.89 5.85 -43.83
CA LYS C 197 -20.58 5.09 -45.03
C LYS C 197 -19.52 5.77 -45.88
N LYS C 198 -19.64 7.08 -46.04
CA LYS C 198 -18.68 7.84 -46.84
C LYS C 198 -17.32 7.91 -46.16
N LEU C 199 -17.33 8.09 -44.85
CA LEU C 199 -16.09 8.19 -44.08
C LEU C 199 -15.27 6.90 -44.18
N ASN C 200 -15.97 5.77 -44.13
CA ASN C 200 -15.32 4.46 -44.23
C ASN C 200 -14.90 4.17 -45.67
N SER D 14 -45.39 32.75 -15.95
CA SER D 14 -44.83 33.83 -15.14
C SER D 14 -45.82 34.27 -14.09
N THR D 15 -47.03 33.76 -14.19
CA THR D 15 -48.10 34.08 -13.26
C THR D 15 -47.80 33.51 -11.88
N PHE D 16 -47.16 32.34 -11.86
CA PHE D 16 -46.80 31.67 -10.62
C PHE D 16 -45.82 32.53 -9.82
N SER D 17 -44.82 33.06 -10.52
CA SER D 17 -43.81 33.90 -9.90
C SER D 17 -44.44 35.19 -9.36
N LYS D 18 -45.44 35.70 -10.11
CA LYS D 18 -46.13 36.92 -9.72
C LYS D 18 -46.90 36.70 -8.41
N LEU D 19 -47.48 35.52 -8.26
CA LEU D 19 -48.22 35.19 -7.05
C LEU D 19 -47.28 35.13 -5.86
N ARG D 20 -46.11 34.55 -6.07
CA ARG D 20 -45.11 34.45 -5.01
C ARG D 20 -44.53 35.82 -4.67
N GLU D 21 -44.57 36.71 -5.64
CA GLU D 21 -44.10 38.06 -5.47
C GLU D 21 -45.15 38.90 -4.73
N GLN D 22 -46.41 38.64 -5.04
CA GLN D 22 -47.53 39.35 -4.44
C GLN D 22 -47.57 39.19 -2.92
N LEU D 23 -47.43 37.96 -2.45
CA LEU D 23 -47.48 37.68 -1.01
C LEU D 23 -46.08 37.70 -0.39
N GLY D 24 -45.15 38.34 -1.08
CA GLY D 24 -43.78 38.42 -0.59
C GLY D 24 -43.55 39.57 0.38
N PRO D 25 -43.60 40.82 -0.11
CA PRO D 25 -43.37 42.02 0.72
C PRO D 25 -44.20 42.06 2.00
N VAL D 26 -45.48 41.71 1.90
CA VAL D 26 -46.37 41.72 3.06
C VAL D 26 -45.82 40.87 4.20
N THR D 27 -45.50 39.62 3.90
CA THR D 27 -44.97 38.70 4.88
C THR D 27 -43.61 39.16 5.43
N GLN D 28 -42.77 39.68 4.54
CA GLN D 28 -41.46 40.17 4.93
C GLN D 28 -41.57 41.40 5.81
N GLU D 29 -42.52 42.27 5.48
CA GLU D 29 -42.75 43.50 6.22
C GLU D 29 -43.12 43.24 7.67
N PHE D 30 -44.00 42.27 7.88
CA PHE D 30 -44.43 41.92 9.23
C PHE D 30 -43.25 41.40 10.04
N TRP D 31 -42.47 40.52 9.44
CA TRP D 31 -41.31 39.95 10.10
C TRP D 31 -40.24 41.03 10.35
N ASP D 32 -40.10 41.94 9.40
CA ASP D 32 -39.13 43.03 9.51
C ASP D 32 -39.48 43.92 10.68
N ASN D 33 -40.76 44.26 10.79
CA ASN D 33 -41.25 45.10 11.87
C ASN D 33 -41.07 44.39 13.20
N LEU D 34 -41.37 43.10 13.22
CA LEU D 34 -41.24 42.29 14.42
C LEU D 34 -39.79 42.26 14.88
N GLU D 35 -38.86 42.13 13.94
CA GLU D 35 -37.45 42.10 14.24
C GLU D 35 -37.01 43.43 14.85
N LYS D 36 -37.48 44.53 14.27
CA LYS D 36 -37.15 45.86 14.74
C LYS D 36 -37.59 46.05 16.19
N GLU D 37 -38.75 45.52 16.52
CA GLU D 37 -39.28 45.61 17.89
C GLU D 37 -38.45 44.74 18.83
N THR D 38 -38.01 43.59 18.32
CA THR D 38 -37.19 42.68 19.12
C THR D 38 -35.80 43.28 19.35
N GLU D 39 -35.33 44.08 18.38
CA GLU D 39 -34.03 44.72 18.48
C GLU D 39 -34.01 45.70 19.66
N GLY D 40 -35.16 46.33 19.91
CA GLY D 40 -35.27 47.26 21.01
C GLY D 40 -35.04 46.57 22.34
N LEU D 41 -35.68 45.43 22.53
CA LEU D 41 -35.55 44.65 23.76
C LEU D 41 -34.11 44.21 23.93
N ARG D 42 -33.48 43.81 22.83
CA ARG D 42 -32.10 43.37 22.85
C ARG D 42 -31.17 44.52 23.26
N GLN D 43 -31.50 45.73 22.78
CA GLN D 43 -30.72 46.91 23.10
C GLN D 43 -30.78 47.19 24.60
N GLU D 44 -31.98 47.05 25.16
CA GLU D 44 -32.17 47.27 26.59
C GLU D 44 -31.35 46.28 27.40
N MET D 45 -31.35 45.03 26.95
CA MET D 45 -30.60 43.97 27.62
C MET D 45 -29.09 44.19 27.49
N SER D 46 -28.66 44.64 26.31
CA SER D 46 -27.25 44.87 26.06
C SER D 46 -26.75 46.07 26.87
N LYS D 47 -27.60 47.09 27.01
CA LYS D 47 -27.27 48.28 27.76
C LYS D 47 -27.08 47.95 29.24
N ASP D 48 -27.96 47.10 29.75
CA ASP D 48 -27.91 46.68 31.15
C ASP D 48 -26.63 45.90 31.43
N LEU D 49 -26.22 45.09 30.45
CA LEU D 49 -25.02 44.28 30.58
C LEU D 49 -23.75 45.12 30.47
N GLU D 50 -23.81 46.17 29.64
CA GLU D 50 -22.66 47.06 29.45
C GLU D 50 -22.24 47.69 30.76
N GLU D 51 -23.23 48.10 31.56
CA GLU D 51 -22.96 48.72 32.84
C GLU D 51 -22.21 47.76 33.77
N VAL D 52 -22.54 46.49 33.68
CA VAL D 52 -21.91 45.47 34.51
C VAL D 52 -20.45 45.27 34.12
N LYS D 53 -20.19 45.20 32.82
CA LYS D 53 -18.83 44.99 32.31
C LYS D 53 -17.88 46.10 32.75
N ALA D 54 -18.41 47.33 32.75
CA ALA D 54 -17.63 48.51 33.11
C ALA D 54 -17.09 48.49 34.54
N LYS D 55 -17.78 47.83 35.46
CA LYS D 55 -17.34 47.78 36.86
C LYS D 55 -16.33 46.68 37.14
N VAL D 56 -16.17 45.76 36.20
CA VAL D 56 -15.22 44.65 36.36
C VAL D 56 -13.85 44.99 35.78
N GLN D 57 -13.81 46.04 34.97
CA GLN D 57 -12.57 46.47 34.32
C GLN D 57 -11.51 47.04 35.27
N PRO D 58 -11.85 48.07 36.09
CA PRO D 58 -10.89 48.71 37.01
C PRO D 58 -10.10 47.73 37.87
N TYR D 59 -10.80 46.84 38.55
CA TYR D 59 -10.16 45.86 39.43
C TYR D 59 -9.22 44.93 38.69
N LEU D 60 -9.57 44.58 37.46
CA LEU D 60 -8.76 43.69 36.65
C LEU D 60 -7.51 44.37 36.12
N ASP D 61 -7.68 45.62 35.67
CA ASP D 61 -6.56 46.39 35.13
C ASP D 61 -5.52 46.75 36.19
N ASP D 62 -5.99 47.18 37.36
CA ASP D 62 -5.08 47.56 38.44
C ASP D 62 -4.22 46.38 38.89
N PHE D 63 -4.77 45.18 38.74
CA PHE D 63 -4.07 43.96 39.13
C PHE D 63 -2.86 43.73 38.22
N GLN D 64 -3.02 44.01 36.94
CA GLN D 64 -1.93 43.83 35.99
C GLN D 64 -0.91 44.97 36.13
N LYS D 65 -1.39 46.14 36.51
CA LYS D 65 -0.54 47.31 36.71
C LYS D 65 0.46 47.08 37.84
N LYS D 66 -0.02 46.42 38.89
CA LYS D 66 0.79 46.12 40.05
C LYS D 66 2.00 45.28 39.69
N TRP D 67 1.78 44.21 38.94
CA TRP D 67 2.87 43.33 38.54
C TRP D 67 3.73 43.97 37.46
N GLN D 68 3.13 44.85 36.68
CA GLN D 68 3.84 45.56 35.62
C GLN D 68 4.98 46.37 36.19
N GLU D 69 4.69 47.09 37.26
CA GLU D 69 5.70 47.93 37.92
C GLU D 69 6.83 47.06 38.48
N GLU D 70 6.45 45.97 39.15
CA GLU D 70 7.42 45.04 39.73
C GLU D 70 8.34 44.46 38.65
N MET D 71 7.72 44.03 37.55
CA MET D 71 8.46 43.44 36.44
C MET D 71 9.48 44.41 35.86
N GLU D 72 9.10 45.68 35.76
CA GLU D 72 9.99 46.72 35.22
C GLU D 72 11.15 46.99 36.18
N LEU D 73 10.83 47.15 37.46
CA LEU D 73 11.86 47.41 38.47
C LEU D 73 12.84 46.24 38.54
N TYR D 74 12.31 45.03 38.51
CA TYR D 74 13.12 43.83 38.55
C TYR D 74 14.04 43.78 37.34
N ARG D 75 13.49 44.07 36.17
CA ARG D 75 14.24 44.05 34.92
C ARG D 75 15.42 45.02 34.97
N GLN D 76 15.16 46.24 35.43
CA GLN D 76 16.20 47.28 35.51
C GLN D 76 17.38 46.84 36.38
N LYS D 77 17.09 46.04 37.40
CA LYS D 77 18.14 45.57 38.31
C LYS D 77 19.02 44.49 37.66
N VAL D 78 18.49 43.84 36.64
CA VAL D 78 19.24 42.77 35.96
C VAL D 78 20.01 43.32 34.75
N GLU D 79 19.68 44.55 34.37
CA GLU D 79 20.33 45.20 33.22
C GLU D 79 21.85 45.23 33.31
N PRO D 80 22.43 45.78 34.40
CA PRO D 80 23.89 45.84 34.56
C PRO D 80 24.52 44.48 34.82
N LEU D 81 23.70 43.51 35.22
CA LEU D 81 24.18 42.17 35.50
C LEU D 81 24.62 41.47 34.21
N ARG D 82 23.77 41.52 33.19
CA ARG D 82 24.08 40.91 31.91
C ARG D 82 25.17 41.70 31.21
N ALA D 83 25.24 43.00 31.52
CA ALA D 83 26.24 43.88 30.94
C ALA D 83 27.65 43.42 31.31
N GLU D 84 27.80 42.96 32.56
CA GLU D 84 29.09 42.46 33.06
C GLU D 84 29.45 41.18 32.32
N LEU D 85 28.43 40.39 32.02
CA LEU D 85 28.62 39.12 31.33
C LEU D 85 29.03 39.35 29.87
N GLN D 86 28.30 40.25 29.20
CA GLN D 86 28.57 40.57 27.81
C GLN D 86 29.95 41.22 27.67
N GLU D 87 30.29 42.06 28.64
CA GLU D 87 31.59 42.75 28.66
C GLU D 87 32.73 41.75 28.78
N GLY D 88 32.55 40.75 29.63
CA GLY D 88 33.57 39.73 29.80
C GLY D 88 33.71 38.90 28.55
N ALA D 89 32.58 38.52 27.96
CA ALA D 89 32.56 37.72 26.74
C ALA D 89 33.22 38.48 25.58
N ARG D 90 33.06 39.80 25.59
CA ARG D 90 33.64 40.67 24.57
C ARG D 90 35.14 40.41 24.38
N GLN D 91 35.82 40.15 25.50
CA GLN D 91 37.25 39.90 25.46
C GLN D 91 37.54 38.50 24.95
N LYS D 92 36.84 37.51 25.50
CA LYS D 92 37.03 36.11 25.09
C LYS D 92 36.71 35.90 23.62
N LEU D 93 35.78 36.69 23.09
CA LEU D 93 35.40 36.60 21.70
C LEU D 93 36.59 36.90 20.79
N HIS D 94 37.25 38.01 21.05
CA HIS D 94 38.41 38.43 20.26
C HIS D 94 39.55 37.45 20.48
N GLU D 95 39.77 37.07 21.72
CA GLU D 95 40.84 36.15 22.11
C GLU D 95 40.73 34.79 21.39
N LEU D 96 39.54 34.19 21.45
CA LEU D 96 39.31 32.89 20.83
C LEU D 96 39.59 32.92 19.34
N GLN D 97 39.19 34.00 18.68
CA GLN D 97 39.39 34.16 17.25
C GLN D 97 40.85 34.47 16.93
N GLU D 98 41.46 35.29 17.78
CA GLU D 98 42.86 35.70 17.61
C GLU D 98 43.81 34.50 17.61
N LYS D 99 43.45 33.47 18.37
CA LYS D 99 44.27 32.27 18.48
C LYS D 99 44.09 31.30 17.29
N LEU D 100 42.99 31.44 16.57
CA LEU D 100 42.72 30.56 15.44
C LEU D 100 43.04 31.23 14.10
N SER D 101 43.10 32.55 14.10
CA SER D 101 43.39 33.31 12.88
C SER D 101 44.73 32.96 12.22
N PRO D 102 45.86 32.97 12.98
CA PRO D 102 47.19 32.65 12.42
C PRO D 102 47.27 31.26 11.81
N LEU D 103 46.45 30.35 12.29
CA LEU D 103 46.44 28.98 11.79
C LEU D 103 45.80 28.92 10.42
N GLY D 104 44.75 29.70 10.23
CA GLY D 104 44.06 29.72 8.96
C GLY D 104 44.83 30.48 7.89
N GLU D 105 45.41 31.61 8.27
CA GLU D 105 46.18 32.45 7.37
C GLU D 105 47.38 31.70 6.81
N GLU D 106 48.02 30.92 7.66
CA GLU D 106 49.19 30.14 7.26
C GLU D 106 48.86 29.18 6.12
N MET D 107 47.71 28.52 6.22
CA MET D 107 47.28 27.58 5.19
C MET D 107 46.89 28.32 3.92
N ARG D 108 46.30 29.50 4.07
CA ARG D 108 45.87 30.31 2.94
C ARG D 108 47.02 30.53 1.96
N ASP D 109 48.20 30.79 2.50
CA ASP D 109 49.39 31.01 1.68
C ASP D 109 49.73 29.78 0.84
N ARG D 110 49.73 28.62 1.48
CA ARG D 110 50.03 27.36 0.79
C ARG D 110 48.88 26.98 -0.15
N ALA D 111 47.66 27.30 0.26
CA ALA D 111 46.48 27.00 -0.53
C ALA D 111 46.51 27.72 -1.88
N ARG D 112 46.76 29.02 -1.86
CA ARG D 112 46.81 29.79 -3.10
C ARG D 112 47.99 29.37 -3.96
N ALA D 113 49.06 28.91 -3.32
CA ALA D 113 50.26 28.47 -4.02
C ALA D 113 49.98 27.17 -4.77
N HIS D 114 49.10 26.35 -4.20
CA HIS D 114 48.72 25.09 -4.81
C HIS D 114 47.94 25.34 -6.10
N VAL D 115 47.02 26.29 -6.05
CA VAL D 115 46.20 26.66 -7.20
C VAL D 115 47.08 27.28 -8.30
N ASP D 116 48.14 27.94 -7.88
CA ASP D 116 49.07 28.57 -8.81
C ASP D 116 49.65 27.55 -9.77
N ALA D 117 50.11 26.44 -9.23
CA ALA D 117 50.68 25.36 -10.03
C ALA D 117 49.61 24.58 -10.79
N LEU D 118 48.41 24.53 -10.20
CA LEU D 118 47.28 23.84 -10.81
C LEU D 118 46.98 24.41 -12.19
N ARG D 119 47.04 25.73 -12.29
CA ARG D 119 46.77 26.42 -13.55
C ARG D 119 47.82 26.10 -14.60
N THR D 120 49.07 25.94 -14.15
CA THR D 120 50.18 25.65 -15.04
C THR D 120 50.00 24.34 -15.81
N HIS D 121 49.26 23.39 -15.24
CA HIS D 121 49.02 22.12 -15.90
C HIS D 121 47.68 22.13 -16.64
N LEU D 122 46.75 22.92 -16.14
CA LEU D 122 45.43 23.02 -16.74
C LEU D 122 45.46 23.75 -18.07
N ALA D 123 46.33 24.76 -18.18
CA ALA D 123 46.44 25.55 -19.40
C ALA D 123 46.82 24.72 -20.65
N PRO D 124 48.00 24.05 -20.65
CA PRO D 124 48.45 23.26 -21.81
C PRO D 124 47.48 22.14 -22.19
N TYR D 125 46.90 21.50 -21.18
CA TYR D 125 45.96 20.41 -21.42
C TYR D 125 44.73 20.91 -22.18
N SER D 126 44.28 22.12 -21.84
CA SER D 126 43.11 22.70 -22.50
C SER D 126 43.45 23.15 -23.92
N ASP D 127 44.64 23.69 -24.11
CA ASP D 127 45.09 24.16 -25.42
C ASP D 127 45.15 23.02 -26.41
N GLU D 128 45.67 21.88 -25.98
CA GLU D 128 45.78 20.70 -26.85
C GLU D 128 44.42 20.17 -27.26
N LEU D 129 43.46 20.24 -26.33
CA LEU D 129 42.11 19.77 -26.59
C LEU D 129 41.49 20.49 -27.77
N ARG D 130 41.67 21.80 -27.83
CA ARG D 130 41.11 22.61 -28.91
C ARG D 130 41.68 22.18 -30.26
N GLN D 131 42.97 21.87 -30.27
CA GLN D 131 43.64 21.44 -31.50
C GLN D 131 43.09 20.10 -31.98
N ARG D 132 43.00 19.14 -31.04
CA ARG D 132 42.50 17.81 -31.36
C ARG D 132 41.04 17.84 -31.80
N LEU D 133 40.26 18.69 -31.15
CA LEU D 133 38.85 18.80 -31.47
C LEU D 133 38.65 19.36 -32.88
N ALA D 134 39.55 20.25 -33.29
CA ALA D 134 39.48 20.84 -34.62
C ALA D 134 39.67 19.79 -35.70
N ALA D 135 40.71 18.98 -35.55
CA ALA D 135 40.99 17.92 -36.49
C ALA D 135 39.86 16.91 -36.51
N ARG D 136 39.32 16.61 -35.33
CA ARG D 136 38.21 15.68 -35.19
C ARG D 136 36.98 16.17 -35.95
N LEU D 137 36.73 17.47 -35.84
CA LEU D 137 35.59 18.10 -36.51
C LEU D 137 35.80 18.09 -38.02
N GLU D 138 36.98 18.51 -38.46
CA GLU D 138 37.30 18.58 -39.88
C GLU D 138 37.12 17.24 -40.56
N ALA D 139 37.62 16.18 -39.94
CA ALA D 139 37.51 14.83 -40.50
C ALA D 139 36.05 14.39 -40.54
N LEU D 140 35.31 14.75 -39.51
CA LEU D 140 33.89 14.41 -39.41
C LEU D 140 33.08 15.16 -40.47
N LYS D 141 33.38 16.44 -40.62
CA LYS D 141 32.68 17.30 -41.58
C LYS D 141 32.94 16.82 -43.01
N GLU D 142 34.20 16.54 -43.32
CA GLU D 142 34.59 16.09 -44.65
C GLU D 142 34.01 14.72 -44.98
N ASN D 143 33.47 14.04 -43.97
CA ASN D 143 32.89 12.72 -44.17
C ASN D 143 31.39 12.76 -43.86
N GLY D 144 30.82 13.95 -43.85
CA GLY D 144 29.42 14.11 -43.56
C GLY D 144 28.67 14.93 -44.60
N GLY D 145 29.37 15.89 -45.20
CA GLY D 145 28.75 16.74 -46.20
C GLY D 145 28.12 15.95 -47.36
N ALA D 146 28.89 15.03 -47.93
CA ALA D 146 28.42 14.22 -49.04
C ALA D 146 27.34 13.23 -48.57
N ARG D 147 27.36 12.93 -47.28
CA ARG D 147 26.40 12.00 -46.71
C ARG D 147 25.03 12.67 -46.60
N LEU D 148 25.01 13.85 -46.02
CA LEU D 148 23.79 14.62 -45.82
C LEU D 148 23.10 14.91 -47.14
N ALA D 149 23.90 15.20 -48.16
CA ALA D 149 23.38 15.50 -49.50
C ALA D 149 22.57 14.34 -50.06
N GLU D 150 23.00 13.12 -49.76
CA GLU D 150 22.31 11.93 -50.24
C GLU D 150 21.02 11.71 -49.45
N TYR D 151 21.12 11.77 -48.13
CA TYR D 151 19.96 11.57 -47.25
C TYR D 151 18.85 12.56 -47.58
N HIS D 152 19.24 13.81 -47.77
CA HIS D 152 18.28 14.87 -48.09
C HIS D 152 17.56 14.58 -49.40
N ALA D 153 18.35 14.33 -50.45
CA ALA D 153 17.79 14.04 -51.77
C ALA D 153 16.84 12.85 -51.75
N LYS D 154 17.28 11.78 -51.09
CA LYS D 154 16.46 10.57 -50.98
C LYS D 154 15.15 10.87 -50.26
N ALA D 155 15.24 11.62 -49.17
CA ALA D 155 14.07 11.96 -48.36
C ALA D 155 13.11 12.89 -49.11
N THR D 156 13.63 13.67 -50.05
CA THR D 156 12.81 14.60 -50.82
C THR D 156 11.85 13.82 -51.72
N GLU D 157 12.33 12.73 -52.30
CA GLU D 157 11.52 11.89 -53.19
C GLU D 157 10.40 11.20 -52.44
N HIS D 158 10.67 10.85 -51.18
CA HIS D 158 9.69 10.16 -50.35
C HIS D 158 8.72 11.18 -49.74
N LEU D 159 8.93 12.45 -50.03
CA LEU D 159 8.08 13.51 -49.50
C LEU D 159 7.04 13.92 -50.53
N SER D 160 7.48 14.04 -51.78
CA SER D 160 6.60 14.45 -52.87
C SER D 160 5.42 13.49 -53.02
N THR D 161 5.71 12.21 -53.08
CA THR D 161 4.68 11.18 -53.23
C THR D 161 3.80 11.06 -51.98
N LEU D 162 4.25 11.66 -50.89
CA LEU D 162 3.51 11.60 -49.63
C LEU D 162 2.56 12.79 -49.47
N SER D 163 2.79 13.86 -50.23
CA SER D 163 1.96 15.05 -50.14
C SER D 163 1.22 15.35 -51.44
N GLU D 164 1.23 14.39 -52.37
CA GLU D 164 0.55 14.58 -53.65
C GLU D 164 -0.87 14.02 -53.62
N LYS D 165 -1.06 12.95 -52.85
CA LYS D 165 -2.36 12.32 -52.74
C LYS D 165 -2.97 12.54 -51.36
N ALA D 166 -3.65 13.66 -51.20
CA ALA D 166 -4.30 14.00 -49.95
C ALA D 166 -5.40 15.03 -50.18
N LYS D 167 -5.06 16.11 -50.88
CA LYS D 167 -6.01 17.18 -51.17
C LYS D 167 -7.19 16.72 -52.03
N PRO D 168 -6.95 16.12 -53.21
CA PRO D 168 -8.04 15.66 -54.10
C PRO D 168 -9.02 14.74 -53.38
N ALA D 169 -8.50 13.92 -52.47
CA ALA D 169 -9.33 12.99 -51.72
C ALA D 169 -10.28 13.74 -50.79
N LEU D 170 -9.75 14.72 -50.06
CA LEU D 170 -10.57 15.51 -49.15
C LEU D 170 -11.52 16.41 -49.90
N GLU D 171 -11.07 16.88 -51.08
CA GLU D 171 -11.89 17.74 -51.92
C GLU D 171 -13.14 17.01 -52.39
N ASP D 172 -12.94 15.80 -52.90
CA ASP D 172 -14.05 14.97 -53.38
C ASP D 172 -14.99 14.60 -52.22
N LEU D 173 -14.40 14.45 -51.04
CA LEU D 173 -15.15 14.12 -49.84
C LEU D 173 -16.08 15.26 -49.44
N ARG D 174 -15.60 16.49 -49.63
CA ARG D 174 -16.37 17.68 -49.29
C ARG D 174 -17.55 17.86 -50.23
N GLN D 175 -17.29 17.68 -51.51
CA GLN D 175 -18.31 17.83 -52.55
C GLN D 175 -19.53 16.94 -52.35
N GLY D 176 -19.31 15.71 -51.90
CA GLY D 176 -20.42 14.80 -51.71
C GLY D 176 -21.12 14.96 -50.37
N LEU D 177 -20.52 15.75 -49.48
CA LEU D 177 -21.08 15.97 -48.15
C LEU D 177 -21.97 17.21 -48.11
N LEU D 178 -21.64 18.20 -48.93
CA LEU D 178 -22.36 19.47 -48.98
C LEU D 178 -23.88 19.35 -49.07
N PRO D 179 -24.45 18.66 -50.10
CA PRO D 179 -25.91 18.55 -50.25
C PRO D 179 -26.61 17.99 -49.02
N VAL D 180 -26.10 16.89 -48.49
CA VAL D 180 -26.68 16.24 -47.33
C VAL D 180 -26.64 17.14 -46.10
N LEU D 181 -25.50 17.80 -45.89
CA LEU D 181 -25.32 18.70 -44.75
C LEU D 181 -26.22 19.92 -44.86
N GLU D 182 -26.21 20.56 -46.01
CA GLU D 182 -27.01 21.76 -46.23
C GLU D 182 -28.50 21.49 -46.05
N SER D 183 -28.93 20.29 -46.40
CA SER D 183 -30.33 19.92 -46.25
C SER D 183 -30.67 19.67 -44.79
N PHE D 184 -29.70 19.14 -44.05
CA PHE D 184 -29.88 18.85 -42.64
C PHE D 184 -29.99 20.14 -41.84
N LYS D 185 -29.29 21.17 -42.29
CA LYS D 185 -29.33 22.47 -41.64
C LYS D 185 -30.74 23.02 -41.67
N VAL D 186 -31.40 22.89 -42.82
CA VAL D 186 -32.77 23.38 -42.99
C VAL D 186 -33.73 22.66 -42.04
N SER D 187 -33.56 21.35 -41.92
CA SER D 187 -34.42 20.54 -41.05
C SER D 187 -34.33 21.04 -39.60
N PHE D 188 -33.10 21.26 -39.14
CA PHE D 188 -32.86 21.73 -37.78
C PHE D 188 -33.35 23.17 -37.63
N LEU D 189 -33.16 23.96 -38.67
CA LEU D 189 -33.58 25.37 -38.67
C LEU D 189 -35.09 25.51 -38.57
N SER D 190 -35.82 24.60 -39.20
CA SER D 190 -37.27 24.64 -39.17
C SER D 190 -37.79 24.24 -37.79
N ALA D 191 -37.16 23.23 -37.19
CA ALA D 191 -37.57 22.75 -35.87
C ALA D 191 -37.18 23.76 -34.80
N LEU D 192 -36.19 24.59 -35.14
CA LEU D 192 -35.68 25.62 -34.25
C LEU D 192 -36.81 26.52 -33.72
N GLU D 193 -37.43 27.25 -34.64
CA GLU D 193 -38.52 28.17 -34.31
C GLU D 193 -39.72 27.44 -33.70
N GLU D 194 -39.95 26.22 -34.17
CA GLU D 194 -41.08 25.41 -33.71
C GLU D 194 -41.07 25.24 -32.19
N TYR D 195 -39.98 24.72 -31.65
CA TYR D 195 -39.89 24.50 -30.21
C TYR D 195 -39.81 25.80 -29.42
N THR D 196 -39.08 26.77 -29.96
CA THR D 196 -38.87 28.06 -29.30
C THR D 196 -40.18 28.74 -28.88
N LYS D 197 -41.14 28.82 -29.78
CA LYS D 197 -42.41 29.47 -29.46
C LYS D 197 -43.14 28.77 -28.32
N LYS D 198 -43.12 27.44 -28.34
CA LYS D 198 -43.78 26.65 -27.31
C LYS D 198 -43.12 26.87 -25.95
N LEU D 199 -41.82 27.07 -25.97
CA LEU D 199 -41.05 27.30 -24.76
C LEU D 199 -41.24 28.73 -24.24
N ASN D 200 -41.32 29.67 -25.17
CA ASN D 200 -41.50 31.08 -24.82
C ASN D 200 -42.79 31.30 -24.04
N THR A 2 1.10 -13.09 3.09
CA THR A 2 0.75 -13.31 1.70
C THR A 2 0.04 -14.66 1.53
N GLU A 3 -1.03 -14.65 0.75
CA GLU A 3 -1.79 -15.86 0.50
C GLU A 3 -1.36 -16.50 -0.81
N TYR A 4 -1.14 -17.80 -0.79
CA TYR A 4 -0.71 -18.53 -1.98
C TYR A 4 -1.78 -19.48 -2.48
N LYS A 5 -2.19 -19.27 -3.72
CA LYS A 5 -3.22 -20.08 -4.35
C LYS A 5 -2.58 -21.33 -4.97
N LEU A 6 -2.55 -22.42 -4.22
CA LEU A 6 -1.97 -23.67 -4.69
C LEU A 6 -3.06 -24.61 -5.17
N VAL A 7 -2.98 -25.02 -6.43
CA VAL A 7 -3.98 -25.91 -7.01
C VAL A 7 -3.34 -27.23 -7.43
N VAL A 8 -3.83 -28.32 -6.84
CA VAL A 8 -3.32 -29.65 -7.15
C VAL A 8 -4.14 -30.25 -8.29
N VAL A 9 -3.48 -30.61 -9.37
CA VAL A 9 -4.14 -31.18 -10.52
C VAL A 9 -3.72 -32.63 -10.73
N GLY A 10 -4.56 -33.39 -11.41
CA GLY A 10 -4.26 -34.78 -11.67
C GLY A 10 -5.54 -35.56 -11.90
N ALA A 11 -5.38 -36.87 -12.12
CA ALA A 11 -6.52 -37.74 -12.36
C ALA A 11 -7.17 -38.16 -11.05
N ASP A 12 -7.99 -39.19 -11.10
CA ASP A 12 -8.65 -39.69 -9.90
C ASP A 12 -7.90 -40.89 -9.35
N GLY A 13 -7.93 -41.04 -8.03
CA GLY A 13 -7.26 -42.14 -7.39
C GLY A 13 -5.75 -41.95 -7.33
N VAL A 14 -5.29 -40.73 -7.59
CA VAL A 14 -3.87 -40.43 -7.57
C VAL A 14 -3.45 -39.88 -6.21
N GLY A 15 -4.43 -39.71 -5.32
CA GLY A 15 -4.15 -39.20 -4.01
C GLY A 15 -4.17 -37.68 -3.97
N LYS A 16 -5.07 -37.09 -4.74
CA LYS A 16 -5.19 -35.65 -4.81
C LYS A 16 -5.50 -35.05 -3.44
N SER A 17 -6.41 -35.69 -2.72
CA SER A 17 -6.79 -35.22 -1.38
C SER A 17 -5.93 -35.88 -0.30
N ALA A 18 -5.30 -36.99 -0.65
CA ALA A 18 -4.45 -37.71 0.30
C ALA A 18 -3.31 -36.84 0.79
N LEU A 19 -2.61 -36.20 -0.14
CA LEU A 19 -1.50 -35.33 0.21
C LEU A 19 -1.98 -34.11 0.99
N THR A 20 -3.18 -33.66 0.67
CA THR A 20 -3.76 -32.50 1.35
C THR A 20 -4.05 -32.80 2.81
N ILE A 21 -4.78 -33.89 3.07
CA ILE A 21 -5.11 -34.28 4.44
C ILE A 21 -3.85 -34.59 5.23
N GLN A 22 -2.87 -35.19 4.56
CA GLN A 22 -1.60 -35.54 5.19
C GLN A 22 -0.80 -34.28 5.54
N LEU A 23 -1.12 -33.18 4.88
CA LEU A 23 -0.43 -31.93 5.13
C LEU A 23 -1.19 -31.04 6.09
N ILE A 24 -2.49 -30.89 5.86
CA ILE A 24 -3.34 -30.05 6.70
C ILE A 24 -3.50 -30.62 8.11
N GLN A 25 -4.15 -31.77 8.22
CA GLN A 25 -4.36 -32.38 9.52
C GLN A 25 -3.25 -33.37 9.86
N ASN A 26 -2.49 -33.77 8.84
CA ASN A 26 -1.38 -34.71 9.00
C ASN A 26 -1.88 -36.07 9.49
N HIS A 27 -2.96 -36.53 8.87
CA HIS A 27 -3.57 -37.80 9.23
C HIS A 27 -3.81 -38.63 7.96
N PHE A 28 -3.42 -39.89 7.99
CA PHE A 28 -3.60 -40.78 6.86
C PHE A 28 -4.94 -41.50 6.97
N VAL A 29 -5.64 -41.61 5.85
CA VAL A 29 -6.94 -42.27 5.83
C VAL A 29 -6.82 -43.76 5.52
N ASP A 30 -7.88 -44.51 5.79
CA ASP A 30 -7.90 -45.95 5.53
C ASP A 30 -9.00 -46.31 4.55
N GLU A 31 -9.92 -45.37 4.34
CA GLU A 31 -11.04 -45.58 3.43
C GLU A 31 -11.03 -44.54 2.32
N TYR A 32 -12.00 -44.63 1.42
CA TYR A 32 -12.10 -43.70 0.31
C TYR A 32 -12.83 -42.43 0.74
N ASP A 33 -12.44 -41.30 0.13
CA ASP A 33 -13.07 -40.02 0.44
C ASP A 33 -13.62 -39.35 -0.81
N PRO A 34 -14.93 -39.08 -0.86
CA PRO A 34 -15.55 -38.43 -2.00
C PRO A 34 -15.43 -36.91 -1.94
N THR A 35 -14.37 -36.38 -2.56
CA THR A 35 -14.12 -34.95 -2.57
C THR A 35 -14.63 -34.32 -3.88
N ILE A 36 -15.81 -33.72 -3.81
CA ILE A 36 -16.39 -33.07 -4.98
C ILE A 36 -15.84 -31.66 -5.14
N GLU A 37 -15.48 -31.06 -4.02
CA GLU A 37 -14.94 -29.71 -3.98
C GLU A 37 -14.58 -29.35 -2.54
N ASP A 38 -13.29 -29.31 -2.24
CA ASP A 38 -12.85 -28.99 -0.90
C ASP A 38 -11.96 -27.76 -0.89
N SER A 39 -11.81 -27.14 0.28
CA SER A 39 -10.98 -25.95 0.40
C SER A 39 -10.37 -25.86 1.79
N TYR A 40 -9.08 -26.18 1.88
CA TYR A 40 -8.38 -26.15 3.15
C TYR A 40 -7.54 -24.89 3.26
N ARG A 41 -7.73 -24.17 4.36
CA ARG A 41 -7.03 -22.91 4.59
C ARG A 41 -6.14 -23.02 5.82
N LYS A 42 -4.84 -23.21 5.62
CA LYS A 42 -3.91 -23.33 6.74
C LYS A 42 -2.76 -22.37 6.62
N GLN A 43 -2.31 -21.87 7.77
CA GLN A 43 -1.21 -20.94 7.84
C GLN A 43 0.04 -21.65 8.36
N VAL A 44 1.09 -21.68 7.56
CA VAL A 44 2.33 -22.35 7.95
C VAL A 44 3.57 -21.52 7.59
N VAL A 45 4.72 -21.98 8.06
CA VAL A 45 5.97 -21.30 7.78
C VAL A 45 6.71 -22.06 6.69
N ILE A 46 6.95 -21.39 5.58
CA ILE A 46 7.62 -21.98 4.43
C ILE A 46 8.94 -21.28 4.17
N ASP A 47 10.04 -22.01 4.32
CA ASP A 47 11.39 -21.48 4.08
C ASP A 47 11.69 -20.30 5.02
N GLY A 48 11.08 -20.34 6.20
CA GLY A 48 11.29 -19.28 7.19
C GLY A 48 10.33 -18.12 7.00
N GLU A 49 9.52 -18.18 5.96
CA GLU A 49 8.56 -17.11 5.67
C GLU A 49 7.14 -17.62 5.89
N THR A 50 6.32 -16.81 6.55
CA THR A 50 4.94 -17.18 6.84
C THR A 50 4.07 -16.94 5.62
N CYS A 51 3.46 -18.01 5.10
CA CYS A 51 2.61 -17.90 3.93
C CYS A 51 1.27 -18.59 4.20
N LEU A 52 0.19 -17.98 3.75
CA LEU A 52 -1.14 -18.55 3.92
C LEU A 52 -1.45 -19.46 2.74
N LEU A 53 -1.72 -20.72 3.02
CA LEU A 53 -1.99 -21.67 1.96
C LEU A 53 -3.48 -21.81 1.70
N ASP A 54 -3.84 -21.66 0.43
CA ASP A 54 -5.23 -21.80 0.01
C ASP A 54 -5.32 -22.96 -0.96
N ILE A 55 -5.62 -24.14 -0.46
CA ILE A 55 -5.70 -25.34 -1.28
C ILE A 55 -7.14 -25.65 -1.71
N LEU A 56 -7.34 -25.85 -2.99
CA LEU A 56 -8.66 -26.16 -3.54
C LEU A 56 -8.67 -27.54 -4.19
N ASP A 57 -9.28 -28.50 -3.52
CA ASP A 57 -9.37 -29.87 -4.03
C ASP A 57 -10.50 -29.95 -5.06
N THR A 58 -10.13 -30.13 -6.31
CA THR A 58 -11.10 -30.23 -7.38
C THR A 58 -11.34 -31.67 -7.82
N ALA A 59 -12.61 -32.04 -7.91
CA ALA A 59 -12.99 -33.39 -8.31
C ALA A 59 -12.46 -33.76 -9.69
N GLY A 60 -12.03 -34.99 -9.83
CA GLY A 60 -11.51 -35.47 -11.10
C GLY A 60 -12.44 -36.45 -11.76
N GLN A 61 -13.69 -36.04 -11.93
CA GLN A 61 -14.71 -36.88 -12.56
C GLN A 61 -15.03 -36.38 -13.96
N GLU A 62 -14.14 -35.56 -14.51
CA GLU A 62 -14.31 -34.98 -15.85
C GLU A 62 -15.57 -34.12 -15.95
N GLU A 63 -15.90 -33.69 -17.17
CA GLU A 63 -17.08 -32.86 -17.43
C GLU A 63 -16.91 -31.45 -16.88
N TYR A 64 -15.79 -31.20 -16.24
CA TYR A 64 -15.51 -29.89 -15.66
C TYR A 64 -14.76 -29.02 -16.67
N SER A 65 -15.19 -29.10 -17.93
CA SER A 65 -14.57 -28.35 -19.00
C SER A 65 -14.68 -26.85 -18.77
N ALA A 66 -15.77 -26.42 -18.16
CA ALA A 66 -15.99 -25.01 -17.88
C ALA A 66 -15.45 -24.64 -16.51
N MET A 67 -15.65 -25.53 -15.54
CA MET A 67 -15.19 -25.30 -14.17
C MET A 67 -13.67 -25.21 -14.11
N ARG A 68 -13.00 -26.02 -14.92
CA ARG A 68 -11.55 -26.07 -14.97
C ARG A 68 -10.98 -24.68 -15.23
N ASP A 69 -11.58 -23.98 -16.18
CA ASP A 69 -11.14 -22.65 -16.57
C ASP A 69 -11.19 -21.67 -15.41
N GLN A 70 -12.27 -21.72 -14.64
CA GLN A 70 -12.46 -20.81 -13.51
C GLN A 70 -11.40 -20.96 -12.43
N TYR A 71 -11.18 -22.19 -11.98
CA TYR A 71 -10.20 -22.42 -10.93
C TYR A 71 -8.75 -22.30 -11.40
N MET A 72 -8.51 -22.66 -12.64
CA MET A 72 -7.16 -22.58 -13.19
C MET A 72 -6.73 -21.13 -13.36
N ARG A 73 -7.68 -20.26 -13.67
CA ARG A 73 -7.40 -18.83 -13.85
C ARG A 73 -7.07 -18.16 -12.52
N THR A 74 -7.37 -18.84 -11.43
CA THR A 74 -7.11 -18.32 -10.11
C THR A 74 -6.00 -19.11 -9.41
N GLY A 75 -5.24 -19.87 -10.18
CA GLY A 75 -4.17 -20.66 -9.61
C GLY A 75 -2.79 -20.09 -9.89
N GLU A 76 -1.97 -20.02 -8.85
CA GLU A 76 -0.61 -19.49 -8.97
C GLU A 76 0.37 -20.59 -9.32
N GLY A 77 0.19 -21.74 -8.66
CA GLY A 77 1.04 -22.88 -8.90
C GLY A 77 0.22 -24.15 -9.03
N PHE A 78 0.59 -25.00 -9.97
CA PHE A 78 -0.14 -26.24 -10.19
C PHE A 78 0.71 -27.46 -9.90
N LEU A 79 0.24 -28.28 -8.97
CA LEU A 79 0.93 -29.50 -8.59
C LEU A 79 0.41 -30.66 -9.43
N CYS A 80 1.22 -31.15 -10.35
CA CYS A 80 0.82 -32.24 -11.22
C CYS A 80 1.16 -33.59 -10.60
N VAL A 81 0.17 -34.22 -9.99
CA VAL A 81 0.39 -35.51 -9.34
C VAL A 81 -0.17 -36.65 -10.17
N PHE A 82 0.66 -37.66 -10.40
CA PHE A 82 0.27 -38.83 -11.17
C PHE A 82 0.75 -40.11 -10.48
N ALA A 83 0.04 -41.20 -10.69
CA ALA A 83 0.40 -42.47 -10.09
C ALA A 83 1.31 -43.24 -11.02
N ILE A 84 2.46 -43.67 -10.51
CA ILE A 84 3.43 -44.41 -11.32
C ILE A 84 2.89 -45.78 -11.73
N ASN A 85 1.85 -46.23 -11.04
CA ASN A 85 1.21 -47.51 -11.34
C ASN A 85 0.05 -47.32 -12.31
N ASN A 86 -0.13 -46.09 -12.79
CA ASN A 86 -1.21 -45.79 -13.72
C ASN A 86 -0.69 -44.94 -14.88
N THR A 87 -0.49 -45.57 -16.03
CA THR A 87 0.01 -44.88 -17.20
C THR A 87 -0.93 -43.77 -17.68
N LYS A 88 -2.23 -43.96 -17.43
CA LYS A 88 -3.23 -42.98 -17.83
C LYS A 88 -2.95 -41.59 -17.25
N SER A 89 -2.57 -41.56 -15.98
CA SER A 89 -2.28 -40.30 -15.31
C SER A 89 -1.05 -39.63 -15.91
N PHE A 90 -0.11 -40.44 -16.42
CA PHE A 90 1.11 -39.90 -17.02
C PHE A 90 0.77 -39.17 -18.31
N GLU A 91 -0.18 -39.70 -19.05
CA GLU A 91 -0.61 -39.09 -20.31
C GLU A 91 -1.45 -37.85 -20.03
N ASP A 92 -2.27 -37.94 -18.98
CA ASP A 92 -3.16 -36.86 -18.58
C ASP A 92 -2.38 -35.60 -18.21
N ILE A 93 -1.16 -35.79 -17.71
CA ILE A 93 -0.31 -34.66 -17.30
C ILE A 93 -0.08 -33.71 -18.48
N HIS A 94 0.25 -34.26 -19.64
CA HIS A 94 0.51 -33.44 -20.82
C HIS A 94 -0.71 -32.61 -21.21
N HIS A 95 -1.87 -33.24 -21.20
CA HIS A 95 -3.11 -32.55 -21.56
C HIS A 95 -3.46 -31.46 -20.57
N TYR A 96 -3.27 -31.73 -19.29
CA TYR A 96 -3.56 -30.75 -18.26
C TYR A 96 -2.61 -29.56 -18.37
N ARG A 97 -1.34 -29.86 -18.60
CA ARG A 97 -0.31 -28.83 -18.74
C ARG A 97 -0.63 -27.89 -19.88
N GLU A 98 -1.01 -28.45 -21.02
CA GLU A 98 -1.34 -27.65 -22.20
C GLU A 98 -2.59 -26.79 -21.94
N GLN A 99 -3.55 -27.36 -21.22
CA GLN A 99 -4.79 -26.65 -20.91
C GLN A 99 -4.50 -25.44 -20.03
N ILE A 100 -3.66 -25.65 -19.01
CA ILE A 100 -3.29 -24.59 -18.07
C ILE A 100 -2.70 -23.37 -18.80
N LYS A 101 -1.82 -23.63 -19.77
CA LYS A 101 -1.19 -22.56 -20.53
C LYS A 101 -2.24 -21.69 -21.23
N ARG A 102 -3.26 -22.34 -21.75
CA ARG A 102 -4.32 -21.64 -22.46
C ARG A 102 -5.19 -20.84 -21.48
N VAL A 103 -5.55 -21.47 -20.38
CA VAL A 103 -6.39 -20.84 -19.36
C VAL A 103 -5.73 -19.60 -18.76
N LYS A 104 -4.47 -19.73 -18.37
CA LYS A 104 -3.73 -18.62 -17.77
C LYS A 104 -3.12 -17.71 -18.83
N ASP A 105 -3.25 -18.12 -20.09
CA ASP A 105 -2.71 -17.36 -21.23
C ASP A 105 -1.23 -17.07 -21.06
N SER A 106 -0.46 -18.12 -20.83
CA SER A 106 0.98 -17.99 -20.63
C SER A 106 1.62 -19.38 -20.60
N GLU A 107 2.80 -19.49 -21.18
CA GLU A 107 3.53 -20.75 -21.20
C GLU A 107 4.36 -20.91 -19.94
N ASP A 108 4.69 -19.77 -19.33
CA ASP A 108 5.48 -19.75 -18.11
C ASP A 108 4.57 -19.89 -16.89
N VAL A 109 4.26 -21.12 -16.54
CA VAL A 109 3.41 -21.40 -15.38
C VAL A 109 4.15 -22.30 -14.41
N PRO A 110 4.23 -21.90 -13.12
CA PRO A 110 4.91 -22.69 -12.09
C PRO A 110 4.20 -24.02 -11.86
N MET A 111 4.85 -25.11 -12.26
CA MET A 111 4.29 -26.43 -12.11
C MET A 111 5.34 -27.41 -11.60
N VAL A 112 4.91 -28.42 -10.88
CA VAL A 112 5.83 -29.43 -10.36
C VAL A 112 5.27 -30.82 -10.63
N LEU A 113 6.11 -31.69 -11.17
CA LEU A 113 5.70 -33.06 -11.47
C LEU A 113 5.91 -33.95 -10.26
N VAL A 114 4.84 -34.56 -9.78
CA VAL A 114 4.90 -35.42 -8.60
C VAL A 114 4.36 -36.81 -8.90
N GLY A 115 5.18 -37.81 -8.62
CA GLY A 115 4.78 -39.19 -8.85
C GLY A 115 4.43 -39.85 -7.53
N ASN A 116 3.19 -40.27 -7.37
CA ASN A 116 2.75 -40.90 -6.13
C ASN A 116 2.73 -42.43 -6.27
N LYS A 117 2.68 -43.10 -5.11
CA LYS A 117 2.64 -44.56 -5.04
C LYS A 117 3.93 -45.19 -5.53
N CYS A 118 5.05 -44.50 -5.28
CA CYS A 118 6.35 -44.99 -5.69
C CYS A 118 6.81 -46.21 -4.90
N ASP A 119 6.18 -46.45 -3.76
CA ASP A 119 6.54 -47.60 -2.93
C ASP A 119 5.71 -48.83 -3.29
N LEU A 120 4.96 -48.73 -4.37
CA LEU A 120 4.13 -49.83 -4.83
C LEU A 120 4.92 -50.70 -5.82
N PRO A 121 4.67 -52.01 -5.82
CA PRO A 121 5.38 -52.95 -6.70
C PRO A 121 4.91 -52.85 -8.15
N SER A 122 5.85 -53.03 -9.07
CA SER A 122 5.57 -52.97 -10.50
C SER A 122 5.07 -51.60 -10.95
N ARG A 123 6.01 -50.70 -11.21
CA ARG A 123 5.69 -49.36 -11.66
C ARG A 123 5.61 -49.31 -13.18
N THR A 124 4.44 -48.93 -13.69
CA THR A 124 4.25 -48.83 -15.13
C THR A 124 5.02 -47.64 -15.68
N VAL A 125 4.96 -46.52 -14.95
CA VAL A 125 5.67 -45.32 -15.34
C VAL A 125 7.08 -45.37 -14.77
N ASP A 126 8.07 -45.41 -15.65
CA ASP A 126 9.46 -45.48 -15.25
C ASP A 126 9.98 -44.12 -14.83
N THR A 127 11.16 -44.11 -14.22
CA THR A 127 11.79 -42.88 -13.75
C THR A 127 12.35 -42.08 -14.93
N LYS A 128 12.91 -42.80 -15.90
CA LYS A 128 13.48 -42.20 -17.09
C LYS A 128 12.49 -41.29 -17.80
N GLN A 129 11.36 -41.84 -18.20
CA GLN A 129 10.34 -41.08 -18.90
C GLN A 129 9.80 -39.92 -18.08
N ALA A 130 9.75 -40.10 -16.76
CA ALA A 130 9.26 -39.05 -15.89
C ALA A 130 10.25 -37.88 -15.84
N GLN A 131 11.53 -38.21 -15.74
CA GLN A 131 12.57 -37.19 -15.70
C GLN A 131 12.67 -36.49 -17.05
N ASP A 132 12.46 -37.25 -18.12
CA ASP A 132 12.50 -36.71 -19.48
C ASP A 132 11.40 -35.67 -19.66
N LEU A 133 10.21 -36.00 -19.18
CA LEU A 133 9.07 -35.10 -19.27
C LEU A 133 9.34 -33.83 -18.49
N ALA A 134 9.82 -33.99 -17.26
CA ALA A 134 10.14 -32.85 -16.39
C ALA A 134 11.18 -31.94 -17.05
N ARG A 135 12.23 -32.54 -17.59
CA ARG A 135 13.29 -31.78 -18.24
C ARG A 135 12.77 -31.06 -19.48
N SER A 136 11.91 -31.74 -20.25
CA SER A 136 11.34 -31.14 -21.45
C SER A 136 10.45 -29.95 -21.11
N TYR A 137 9.77 -30.03 -19.98
CA TYR A 137 8.91 -28.95 -19.54
C TYR A 137 9.75 -27.85 -18.90
N GLY A 138 10.82 -28.24 -18.21
CA GLY A 138 11.68 -27.28 -17.55
C GLY A 138 11.31 -27.15 -16.09
N ILE A 139 10.69 -28.21 -15.56
CA ILE A 139 10.23 -28.23 -14.17
C ILE A 139 10.85 -29.42 -13.43
N PRO A 140 10.82 -29.41 -12.08
CA PRO A 140 11.35 -30.49 -11.27
C PRO A 140 10.32 -31.61 -11.04
N PHE A 141 10.82 -32.84 -10.99
CA PHE A 141 9.99 -34.01 -10.76
C PHE A 141 10.41 -34.69 -9.47
N ILE A 142 9.46 -34.91 -8.57
CA ILE A 142 9.76 -35.54 -7.29
C ILE A 142 8.87 -36.76 -7.06
N GLU A 143 9.48 -37.85 -6.61
CA GLU A 143 8.74 -39.07 -6.31
C GLU A 143 8.18 -38.98 -4.90
N THR A 144 6.98 -39.50 -4.70
CA THR A 144 6.35 -39.43 -3.39
C THR A 144 5.62 -40.73 -3.05
N SER A 145 4.95 -40.71 -1.90
CA SER A 145 4.17 -41.84 -1.41
C SER A 145 3.20 -41.33 -0.36
N ALA A 146 1.92 -41.35 -0.67
CA ALA A 146 0.89 -40.87 0.26
C ALA A 146 0.84 -41.70 1.54
N LYS A 147 1.14 -42.99 1.39
CA LYS A 147 1.13 -43.92 2.53
C LYS A 147 2.22 -43.60 3.55
N THR A 148 3.40 -43.22 3.08
CA THR A 148 4.50 -42.93 3.97
C THR A 148 4.70 -41.44 4.20
N ARG A 149 4.11 -40.61 3.33
CA ARG A 149 4.22 -39.16 3.43
C ARG A 149 5.65 -38.71 3.14
N GLN A 150 6.37 -39.53 2.38
CA GLN A 150 7.76 -39.25 2.05
C GLN A 150 7.89 -38.51 0.73
N GLY A 151 8.63 -37.40 0.75
CA GLY A 151 8.84 -36.62 -0.46
C GLY A 151 7.78 -35.57 -0.68
N VAL A 152 6.58 -35.83 -0.18
CA VAL A 152 5.46 -34.91 -0.34
C VAL A 152 5.72 -33.56 0.32
N ASP A 153 6.41 -33.59 1.45
CA ASP A 153 6.72 -32.37 2.19
C ASP A 153 7.62 -31.46 1.35
N ASP A 154 8.61 -32.07 0.69
CA ASP A 154 9.55 -31.34 -0.14
C ASP A 154 8.88 -30.88 -1.44
N ALA A 155 7.98 -31.72 -1.95
CA ALA A 155 7.26 -31.42 -3.18
C ALA A 155 6.47 -30.12 -3.05
N PHE A 156 5.74 -29.99 -1.94
CA PHE A 156 4.93 -28.81 -1.69
C PHE A 156 5.80 -27.56 -1.56
N TYR A 157 6.94 -27.70 -0.89
CA TYR A 157 7.86 -26.59 -0.71
C TYR A 157 8.41 -26.13 -2.06
N THR A 158 8.72 -27.11 -2.90
CA THR A 158 9.25 -26.84 -4.23
C THR A 158 8.24 -26.06 -5.07
N LEU A 159 6.97 -26.44 -4.95
CA LEU A 159 5.89 -25.79 -5.70
C LEU A 159 5.85 -24.29 -5.43
N VAL A 160 5.85 -23.92 -4.16
CA VAL A 160 5.80 -22.52 -3.78
C VAL A 160 7.06 -21.79 -4.23
N ARG A 161 8.20 -22.47 -4.10
CA ARG A 161 9.49 -21.89 -4.48
C ARG A 161 9.55 -21.57 -5.96
N GLU A 162 8.98 -22.44 -6.80
CA GLU A 162 8.97 -22.23 -8.24
C GLU A 162 8.16 -20.99 -8.59
N ILE A 163 7.09 -20.76 -7.84
CA ILE A 163 6.22 -19.60 -8.05
C ILE A 163 6.99 -18.31 -7.74
N ARG A 164 7.83 -18.37 -6.72
CA ARG A 164 8.64 -17.22 -6.30
C ARG A 164 9.56 -16.78 -7.43
N LYS A 165 10.18 -17.75 -8.11
CA LYS A 165 11.07 -17.46 -9.22
C LYS A 165 10.31 -16.85 -10.38
N HIS A 166 9.09 -17.33 -10.58
CA HIS A 166 8.22 -16.84 -11.64
C HIS A 166 7.90 -15.36 -11.43
N LYS A 167 7.56 -15.01 -10.20
CA LYS A 167 7.23 -13.63 -9.84
C LYS A 167 8.41 -12.70 -10.13
N GLU A 168 9.59 -13.12 -9.70
CA GLU A 168 10.78 -12.31 -9.91
C GLU A 168 11.15 -12.24 -11.39
N LYS A 169 10.96 -13.35 -12.10
CA LYS A 169 11.26 -13.41 -13.53
C LYS A 169 10.34 -12.48 -14.32
N MET A 170 9.08 -12.41 -13.89
CA MET A 170 8.09 -11.57 -14.55
C MET A 170 8.48 -10.10 -14.48
N SER A 171 9.14 -9.71 -13.39
CA SER A 171 9.58 -8.34 -13.20
C SER A 171 10.78 -8.03 -14.10
N LYS A 172 11.54 -9.07 -14.42
CA LYS A 172 12.72 -8.93 -15.27
C LYS A 172 12.38 -9.24 -16.72
N ASP A 173 11.12 -9.62 -16.96
CA ASP A 173 10.62 -9.97 -18.30
C ASP A 173 11.12 -11.34 -18.77
N GLY A 174 12.41 -11.59 -18.59
CA GLY A 174 13.00 -12.84 -18.97
C GLY A 174 14.49 -12.82 -18.72
N LYS A 175 15.18 -11.94 -19.43
CA LYS A 175 16.62 -11.80 -19.29
C LYS A 175 16.91 -10.56 -18.44
N LYS A 176 17.18 -9.44 -19.10
CA LYS A 176 17.46 -8.16 -18.45
C LYS A 176 18.74 -8.17 -17.63
N LYS A 177 18.74 -8.92 -16.54
CA LYS A 177 19.89 -9.00 -15.66
C LYS A 177 20.44 -10.42 -15.61
N LYS A 178 20.65 -10.94 -14.39
CA LYS A 178 21.18 -12.29 -14.19
C LYS A 178 22.61 -12.41 -14.71
N LYS A 179 23.51 -11.69 -14.07
CA LYS A 179 24.91 -11.68 -14.47
C LYS A 179 25.74 -12.70 -13.66
N LYS A 180 25.10 -13.75 -13.19
CA LYS A 180 25.79 -14.78 -12.44
C LYS A 180 26.53 -15.73 -13.37
N SER A 181 27.84 -15.78 -13.22
CA SER A 181 28.67 -16.65 -14.05
C SER A 181 29.43 -17.64 -13.17
N LYS A 182 29.36 -18.92 -13.51
CA LYS A 182 30.03 -19.96 -12.73
C LYS A 182 31.40 -20.31 -13.35
N THR A 183 32.05 -19.29 -13.89
CA THR A 183 33.36 -19.47 -14.51
C THR A 183 34.41 -19.81 -13.46
N LYS A 184 35.24 -20.80 -13.77
CA LYS A 184 36.29 -21.23 -12.86
C LYS A 184 37.57 -21.52 -13.63
N THR B 2 -9.00 -4.05 16.21
CA THR B 2 -10.24 -4.73 15.86
C THR B 2 -10.70 -5.67 16.98
N GLU B 3 -11.95 -5.53 17.38
CA GLU B 3 -12.53 -6.37 18.42
C GLU B 3 -13.34 -7.49 17.78
N TYR B 4 -13.20 -8.70 18.31
CA TYR B 4 -13.92 -9.85 17.77
C TYR B 4 -14.65 -10.61 18.88
N LYS B 5 -15.97 -10.63 18.80
CA LYS B 5 -16.78 -11.32 19.79
C LYS B 5 -17.00 -12.78 19.37
N LEU B 6 -16.38 -13.68 20.11
CA LEU B 6 -16.48 -15.11 19.81
C LEU B 6 -17.28 -15.84 20.88
N VAL B 7 -18.05 -16.83 20.46
CA VAL B 7 -18.86 -17.62 21.39
C VAL B 7 -18.54 -19.11 21.20
N VAL B 8 -18.30 -19.81 22.29
CA VAL B 8 -18.00 -21.23 22.24
C VAL B 8 -19.27 -22.05 22.35
N VAL B 9 -19.59 -22.80 21.30
CA VAL B 9 -20.78 -23.63 21.30
C VAL B 9 -20.41 -25.11 21.23
N GLY B 10 -21.14 -25.91 21.99
CA GLY B 10 -20.89 -27.34 22.02
C GLY B 10 -21.41 -27.96 23.29
N ALA B 11 -21.48 -29.29 23.30
CA ALA B 11 -21.98 -30.03 24.47
C ALA B 11 -21.06 -29.89 25.68
N ASP B 12 -21.50 -30.43 26.81
CA ASP B 12 -20.72 -30.35 28.03
C ASP B 12 -19.66 -31.43 28.10
N GLY B 13 -18.48 -31.04 28.57
CA GLY B 13 -17.38 -31.99 28.71
C GLY B 13 -16.66 -32.29 27.42
N VAL B 14 -16.97 -31.55 26.35
CA VAL B 14 -16.33 -31.78 25.07
C VAL B 14 -15.04 -30.97 24.93
N GLY B 15 -14.74 -30.17 25.96
CA GLY B 15 -13.54 -29.34 25.93
C GLY B 15 -13.87 -27.87 25.76
N LYS B 16 -14.99 -27.46 26.33
CA LYS B 16 -15.44 -26.06 26.23
C LYS B 16 -14.45 -25.12 26.90
N SER B 17 -14.42 -25.14 28.23
CA SER B 17 -13.50 -24.28 28.96
C SER B 17 -12.06 -24.77 28.83
N ALA B 18 -11.91 -26.05 28.51
CA ALA B 18 -10.58 -26.64 28.36
C ALA B 18 -9.76 -25.93 27.29
N LEU B 19 -10.31 -25.84 26.08
CA LEU B 19 -9.61 -25.20 24.98
C LEU B 19 -9.51 -23.68 25.16
N THR B 20 -10.51 -23.11 25.80
CA THR B 20 -10.53 -21.66 26.04
C THR B 20 -9.50 -21.25 27.08
N ILE B 21 -9.44 -21.98 28.20
CA ILE B 21 -8.48 -21.67 29.25
C ILE B 21 -7.05 -21.92 28.75
N GLN B 22 -6.89 -22.96 27.95
CA GLN B 22 -5.58 -23.30 27.39
C GLN B 22 -5.14 -22.29 26.35
N LEU B 23 -6.05 -21.40 25.98
CA LEU B 23 -5.77 -20.35 25.01
C LEU B 23 -5.49 -19.02 25.69
N ILE B 24 -6.33 -18.67 26.67
CA ILE B 24 -6.16 -17.42 27.40
C ILE B 24 -5.09 -17.53 28.46
N GLN B 25 -5.30 -18.42 29.41
CA GLN B 25 -4.35 -18.63 30.50
C GLN B 25 -3.19 -19.53 30.07
N ASN B 26 -3.47 -20.42 29.12
CA ASN B 26 -2.48 -21.33 28.56
C ASN B 26 -2.05 -22.42 29.55
N HIS B 27 -3.01 -22.93 30.32
CA HIS B 27 -2.74 -23.99 31.28
C HIS B 27 -4.00 -24.83 31.50
N PHE B 28 -3.82 -26.05 31.95
CA PHE B 28 -4.95 -26.94 32.19
C PHE B 28 -5.58 -26.65 33.55
N VAL B 29 -6.90 -26.79 33.62
CA VAL B 29 -7.63 -26.54 34.85
C VAL B 29 -7.58 -27.75 35.78
N ASP B 30 -6.98 -27.57 36.94
CA ASP B 30 -6.86 -28.63 37.93
C ASP B 30 -8.09 -28.65 38.81
N GLU B 31 -8.54 -27.47 39.20
CA GLU B 31 -9.71 -27.33 40.05
C GLU B 31 -10.81 -26.59 39.30
N TYR B 32 -11.92 -27.27 39.09
CA TYR B 32 -13.05 -26.69 38.38
C TYR B 32 -14.19 -26.33 39.32
N ASP B 33 -14.77 -25.16 39.13
CA ASP B 33 -15.85 -24.69 39.97
C ASP B 33 -17.05 -24.31 39.12
N PRO B 34 -18.25 -24.78 39.49
CA PRO B 34 -19.51 -24.52 38.78
C PRO B 34 -19.63 -23.08 38.24
N THR B 35 -19.82 -22.97 36.93
CA THR B 35 -19.95 -21.67 36.29
C THR B 35 -20.88 -21.77 35.10
N ILE B 36 -21.71 -20.75 34.91
CA ILE B 36 -22.65 -20.73 33.80
C ILE B 36 -21.96 -20.25 32.53
N GLU B 37 -21.48 -19.02 32.55
CA GLU B 37 -20.78 -18.45 31.41
C GLU B 37 -19.56 -17.68 31.88
N ASP B 38 -18.50 -17.77 31.12
CA ASP B 38 -17.25 -17.09 31.46
C ASP B 38 -16.83 -16.14 30.34
N SER B 39 -16.47 -14.93 30.74
CA SER B 39 -16.04 -13.91 29.80
C SER B 39 -14.51 -13.81 29.81
N TYR B 40 -13.89 -14.21 28.71
CA TYR B 40 -12.44 -14.16 28.61
C TYR B 40 -12.01 -13.16 27.55
N ARG B 41 -10.96 -12.40 27.86
CA ARG B 41 -10.44 -11.40 26.94
C ARG B 41 -8.94 -11.62 26.70
N LYS B 42 -8.50 -11.47 25.46
CA LYS B 42 -7.11 -11.64 25.11
C LYS B 42 -6.77 -10.84 23.86
N GLN B 43 -5.77 -9.98 23.95
CA GLN B 43 -5.37 -9.17 22.81
C GLN B 43 -4.16 -9.81 22.13
N VAL B 44 -4.34 -10.23 20.88
CA VAL B 44 -3.26 -10.85 20.14
C VAL B 44 -3.05 -10.16 18.79
N VAL B 45 -2.03 -10.61 18.08
CA VAL B 45 -1.70 -10.04 16.78
C VAL B 45 -1.95 -11.09 15.69
N ILE B 46 -2.96 -10.84 14.88
CA ILE B 46 -3.32 -11.76 13.81
C ILE B 46 -2.95 -11.18 12.45
N ASP B 47 -1.95 -11.78 11.81
CA ASP B 47 -1.48 -11.34 10.50
C ASP B 47 -0.98 -9.90 10.54
N GLY B 48 -0.44 -9.48 11.68
CA GLY B 48 0.05 -8.14 11.82
C GLY B 48 -1.03 -7.18 12.32
N GLU B 49 -2.26 -7.64 12.31
CA GLU B 49 -3.39 -6.84 12.76
C GLU B 49 -3.69 -7.13 14.23
N THR B 50 -3.61 -6.09 15.05
CA THR B 50 -3.89 -6.23 16.47
C THR B 50 -5.38 -6.48 16.68
N CYS B 51 -5.71 -7.59 17.32
CA CYS B 51 -7.10 -7.95 17.55
C CYS B 51 -7.39 -8.24 19.00
N LEU B 52 -8.54 -7.77 19.47
CA LEU B 52 -8.96 -8.01 20.84
C LEU B 52 -10.02 -9.10 20.84
N LEU B 53 -9.68 -10.25 21.40
CA LEU B 53 -10.59 -11.37 21.44
C LEU B 53 -11.53 -11.31 22.64
N ASP B 54 -12.82 -11.30 22.35
CA ASP B 54 -13.85 -11.27 23.38
C ASP B 54 -14.59 -12.60 23.31
N ILE B 55 -14.03 -13.60 23.96
CA ILE B 55 -14.59 -14.95 23.95
C ILE B 55 -15.53 -15.20 25.11
N LEU B 56 -16.70 -15.72 24.80
CA LEU B 56 -17.70 -16.02 25.81
C LEU B 56 -17.91 -17.53 25.92
N ASP B 57 -17.35 -18.11 26.97
CA ASP B 57 -17.47 -19.54 27.23
C ASP B 57 -18.80 -19.82 27.91
N THR B 58 -19.78 -20.27 27.14
CA THR B 58 -21.11 -20.55 27.66
C THR B 58 -21.36 -22.04 27.88
N ALA B 59 -22.35 -22.34 28.71
CA ALA B 59 -22.70 -23.73 29.04
C ALA B 59 -23.21 -24.50 27.82
N GLY B 60 -23.10 -25.82 27.89
CA GLY B 60 -23.55 -26.66 26.79
C GLY B 60 -24.32 -27.86 27.28
N GLN B 61 -25.06 -27.69 28.37
CA GLN B 61 -25.85 -28.77 28.93
C GLN B 61 -27.31 -28.67 28.48
N GLU B 62 -27.53 -27.92 27.40
CA GLU B 62 -28.86 -27.70 26.84
C GLU B 62 -29.79 -27.00 27.82
N GLU B 63 -31.09 -27.03 27.53
CA GLU B 63 -32.11 -26.40 28.36
C GLU B 63 -32.15 -24.87 28.18
N TYR B 64 -30.97 -24.29 27.99
CA TYR B 64 -30.85 -22.85 27.80
C TYR B 64 -31.19 -22.45 26.37
N SER B 65 -32.37 -22.87 25.91
CA SER B 65 -32.83 -22.57 24.56
C SER B 65 -33.06 -21.08 24.35
N ALA B 66 -33.62 -20.42 25.37
CA ALA B 66 -33.89 -18.99 25.29
C ALA B 66 -32.65 -18.19 25.61
N MET B 67 -31.87 -18.68 26.57
CA MET B 67 -30.63 -18.04 26.99
C MET B 67 -29.62 -18.03 25.84
N ARG B 68 -29.63 -19.11 25.06
CA ARG B 68 -28.73 -19.25 23.93
C ARG B 68 -28.96 -18.14 22.91
N ASP B 69 -30.23 -17.81 22.68
CA ASP B 69 -30.61 -16.77 21.71
C ASP B 69 -29.99 -15.42 22.05
N GLN B 70 -29.72 -15.19 23.33
CA GLN B 70 -29.16 -13.91 23.76
C GLN B 70 -27.69 -13.76 23.32
N TYR B 71 -26.83 -14.65 23.77
CA TYR B 71 -25.41 -14.55 23.43
C TYR B 71 -25.13 -14.85 21.95
N MET B 72 -26.02 -15.61 21.31
CA MET B 72 -25.85 -15.93 19.91
C MET B 72 -26.08 -14.70 19.05
N ARG B 73 -26.90 -13.78 19.55
CA ARG B 73 -27.20 -12.56 18.84
C ARG B 73 -25.99 -11.63 18.84
N THR B 74 -25.32 -11.57 19.99
CA THR B 74 -24.15 -10.71 20.16
C THR B 74 -22.89 -11.33 19.55
N GLY B 75 -22.81 -12.65 19.55
CA GLY B 75 -21.65 -13.32 19.01
C GLY B 75 -21.53 -13.16 17.50
N GLU B 76 -20.31 -12.95 17.03
CA GLU B 76 -20.04 -12.80 15.61
C GLU B 76 -19.49 -14.10 15.06
N GLY B 77 -18.41 -14.57 15.68
CA GLY B 77 -17.80 -15.81 15.27
C GLY B 77 -18.12 -16.90 16.26
N PHE B 78 -18.56 -18.03 15.76
CA PHE B 78 -18.92 -19.14 16.63
C PHE B 78 -17.96 -20.30 16.51
N LEU B 79 -17.49 -20.77 17.65
CA LEU B 79 -16.57 -21.89 17.70
C LEU B 79 -17.33 -23.15 18.05
N CYS B 80 -17.51 -24.01 17.07
CA CYS B 80 -18.21 -25.27 17.26
C CYS B 80 -17.22 -26.35 17.65
N VAL B 81 -17.21 -26.68 18.93
CA VAL B 81 -16.30 -27.68 19.46
C VAL B 81 -17.03 -28.98 19.76
N PHE B 82 -16.51 -30.07 19.24
CA PHE B 82 -17.08 -31.38 19.47
C PHE B 82 -15.98 -32.34 19.88
N ALA B 83 -16.34 -33.45 20.50
CA ALA B 83 -15.34 -34.42 20.92
C ALA B 83 -15.31 -35.58 19.93
N ILE B 84 -14.11 -35.94 19.48
CA ILE B 84 -13.97 -37.04 18.53
C ILE B 84 -14.34 -38.38 19.16
N ASN B 85 -14.43 -38.40 20.47
CA ASN B 85 -14.80 -39.59 21.22
C ASN B 85 -16.23 -39.48 21.71
N ASN B 86 -16.93 -38.46 21.22
CA ASN B 86 -18.31 -38.20 21.61
C ASN B 86 -19.16 -37.92 20.37
N THR B 87 -19.79 -38.96 19.83
CA THR B 87 -20.61 -38.83 18.63
C THR B 87 -21.83 -37.94 18.87
N LYS B 88 -22.21 -37.77 20.13
CA LYS B 88 -23.35 -36.94 20.48
C LYS B 88 -23.10 -35.49 20.05
N SER B 89 -22.00 -34.91 20.54
CA SER B 89 -21.63 -33.54 20.22
C SER B 89 -21.45 -33.36 18.71
N PHE B 90 -20.96 -34.40 18.06
CA PHE B 90 -20.73 -34.37 16.62
C PHE B 90 -22.02 -34.06 15.87
N GLU B 91 -23.09 -34.76 16.22
CA GLU B 91 -24.39 -34.56 15.57
C GLU B 91 -25.11 -33.34 16.14
N ASP B 92 -24.75 -32.96 17.36
CA ASP B 92 -25.37 -31.82 18.02
C ASP B 92 -25.00 -30.50 17.33
N ILE B 93 -23.84 -30.48 16.70
CA ILE B 93 -23.37 -29.30 15.98
C ILE B 93 -24.34 -28.91 14.88
N HIS B 94 -24.96 -29.92 14.27
CA HIS B 94 -25.93 -29.70 13.19
C HIS B 94 -27.11 -28.88 13.69
N HIS B 95 -27.44 -29.04 14.96
CA HIS B 95 -28.54 -28.31 15.58
C HIS B 95 -28.10 -26.91 15.96
N TYR B 96 -26.89 -26.82 16.51
CA TYR B 96 -26.33 -25.53 16.92
C TYR B 96 -26.22 -24.59 15.73
N ARG B 97 -25.70 -25.12 14.61
CA ARG B 97 -25.53 -24.36 13.39
C ARG B 97 -26.85 -23.78 12.90
N GLU B 98 -27.89 -24.60 12.92
CA GLU B 98 -29.21 -24.16 12.48
C GLU B 98 -29.78 -23.09 13.40
N GLN B 99 -29.51 -23.22 14.70
CA GLN B 99 -30.00 -22.24 15.67
C GLN B 99 -29.31 -20.90 15.48
N ILE B 100 -27.98 -20.92 15.35
CA ILE B 100 -27.19 -19.70 15.17
C ILE B 100 -27.71 -18.88 14.00
N LYS B 101 -27.90 -19.54 12.87
CA LYS B 101 -28.39 -18.89 11.66
C LYS B 101 -29.80 -18.31 11.88
N ARG B 102 -30.60 -19.02 12.67
CA ARG B 102 -31.96 -18.58 12.97
C ARG B 102 -31.95 -17.33 13.85
N VAL B 103 -31.14 -17.37 14.90
CA VAL B 103 -31.04 -16.27 15.85
C VAL B 103 -30.58 -14.98 15.19
N LYS B 104 -29.48 -15.04 14.45
CA LYS B 104 -28.93 -13.87 13.79
C LYS B 104 -29.64 -13.57 12.47
N ASP B 105 -30.51 -14.49 12.06
CA ASP B 105 -31.26 -14.35 10.81
C ASP B 105 -30.33 -14.12 9.64
N SER B 106 -29.42 -15.06 9.43
CA SER B 106 -28.44 -14.97 8.36
C SER B 106 -27.91 -16.36 8.04
N GLU B 107 -27.80 -16.66 6.76
CA GLU B 107 -27.28 -17.96 6.33
C GLU B 107 -25.76 -17.93 6.43
N ASP B 108 -25.19 -16.76 6.16
CA ASP B 108 -23.74 -16.58 6.23
C ASP B 108 -23.34 -16.21 7.65
N VAL B 109 -22.73 -17.15 8.35
CA VAL B 109 -22.27 -16.93 9.71
C VAL B 109 -20.88 -17.53 9.89
N PRO B 110 -19.91 -16.69 10.30
CA PRO B 110 -18.52 -17.13 10.51
C PRO B 110 -18.42 -18.17 11.63
N MET B 111 -18.13 -19.40 11.25
CA MET B 111 -18.02 -20.48 12.21
C MET B 111 -16.80 -21.36 11.90
N VAL B 112 -16.28 -22.02 12.93
CA VAL B 112 -15.14 -22.91 12.78
C VAL B 112 -15.42 -24.20 13.55
N LEU B 113 -15.13 -25.35 12.92
CA LEU B 113 -15.36 -26.63 13.56
C LEU B 113 -14.05 -27.21 14.07
N VAL B 114 -14.02 -27.51 15.37
CA VAL B 114 -12.81 -28.05 15.98
C VAL B 114 -13.08 -29.40 16.66
N GLY B 115 -12.26 -30.38 16.31
CA GLY B 115 -12.40 -31.70 16.90
C GLY B 115 -11.45 -31.84 18.07
N ASN B 116 -11.99 -31.82 19.27
CA ASN B 116 -11.20 -31.92 20.48
C ASN B 116 -11.03 -33.38 20.92
N LYS B 117 -10.05 -33.60 21.81
CA LYS B 117 -9.75 -34.92 22.35
C LYS B 117 -9.18 -35.86 21.28
N CYS B 118 -8.53 -35.27 20.28
CA CYS B 118 -7.94 -36.02 19.19
C CYS B 118 -6.77 -36.88 19.69
N ASP B 119 -6.26 -36.56 20.87
CA ASP B 119 -5.15 -37.30 21.45
C ASP B 119 -5.66 -38.59 22.08
N LEU B 120 -6.97 -38.69 22.25
CA LEU B 120 -7.60 -39.87 22.84
C LEU B 120 -7.77 -40.97 21.79
N PRO B 121 -7.36 -42.20 22.12
CA PRO B 121 -7.49 -43.35 21.23
C PRO B 121 -8.93 -43.82 21.11
N SER B 122 -9.18 -44.68 20.11
CA SER B 122 -10.51 -45.22 19.86
C SER B 122 -11.55 -44.12 19.62
N ARG B 123 -11.35 -43.38 18.54
CA ARG B 123 -12.28 -42.29 18.21
C ARG B 123 -13.56 -42.84 17.62
N THR B 124 -14.67 -42.23 17.95
CA THR B 124 -15.96 -42.64 17.43
C THR B 124 -16.34 -41.78 16.23
N VAL B 125 -15.78 -40.57 16.19
CA VAL B 125 -16.03 -39.65 15.10
C VAL B 125 -14.88 -39.68 14.11
N ASP B 126 -15.16 -40.18 12.91
CA ASP B 126 -14.14 -40.28 11.88
C ASP B 126 -13.79 -38.91 11.31
N THR B 127 -12.51 -38.67 11.10
CA THR B 127 -12.05 -37.40 10.55
C THR B 127 -12.65 -37.15 9.17
N LYS B 128 -12.82 -38.23 8.41
CA LYS B 128 -13.38 -38.14 7.07
C LYS B 128 -14.80 -37.60 7.09
N GLN B 129 -15.63 -38.11 7.99
CA GLN B 129 -17.01 -37.66 8.09
C GLN B 129 -17.10 -36.22 8.58
N ALA B 130 -16.20 -35.86 9.49
CA ALA B 130 -16.17 -34.51 10.03
C ALA B 130 -15.78 -33.53 8.92
N GLN B 131 -14.79 -33.90 8.13
CA GLN B 131 -14.33 -33.07 7.02
C GLN B 131 -15.41 -32.98 5.96
N ASP B 132 -16.15 -34.07 5.77
CA ASP B 132 -17.22 -34.13 4.79
C ASP B 132 -18.33 -33.14 5.12
N LEU B 133 -18.75 -33.13 6.38
CA LEU B 133 -19.80 -32.22 6.82
C LEU B 133 -19.31 -30.78 6.80
N ALA B 134 -18.06 -30.57 7.23
CA ALA B 134 -17.46 -29.24 7.24
C ALA B 134 -17.36 -28.69 5.82
N ARG B 135 -17.10 -29.58 4.88
CA ARG B 135 -17.00 -29.23 3.47
C ARG B 135 -18.31 -28.63 2.97
N SER B 136 -19.41 -29.29 3.31
CA SER B 136 -20.74 -28.82 2.91
C SER B 136 -21.10 -27.51 3.60
N TYR B 137 -20.60 -27.35 4.83
CA TYR B 137 -20.86 -26.14 5.59
C TYR B 137 -20.02 -24.98 5.10
N GLY B 138 -18.88 -25.30 4.50
CA GLY B 138 -17.98 -24.27 3.98
C GLY B 138 -17.06 -23.76 5.07
N ILE B 139 -17.08 -24.43 6.20
CA ILE B 139 -16.25 -24.05 7.34
C ILE B 139 -15.06 -25.00 7.47
N PRO B 140 -13.89 -24.48 7.90
CA PRO B 140 -12.68 -25.29 8.06
C PRO B 140 -12.76 -26.18 9.30
N PHE B 141 -12.28 -27.41 9.17
CA PHE B 141 -12.26 -28.35 10.27
C PHE B 141 -10.83 -28.60 10.73
N ILE B 142 -10.53 -28.20 11.94
CA ILE B 142 -9.18 -28.37 12.48
C ILE B 142 -9.21 -29.22 13.74
N GLU B 143 -8.40 -30.28 13.74
CA GLU B 143 -8.29 -31.18 14.89
C GLU B 143 -7.03 -30.82 15.66
N THR B 144 -7.19 -30.29 16.85
CA THR B 144 -6.07 -29.90 17.68
C THR B 144 -6.24 -30.37 19.12
N SER B 145 -5.13 -30.74 19.75
CA SER B 145 -5.17 -31.19 21.12
C SER B 145 -4.61 -30.12 22.05
N ALA B 146 -5.21 -29.98 23.21
CA ALA B 146 -4.78 -28.99 24.19
C ALA B 146 -3.52 -29.46 24.90
N LYS B 147 -3.24 -30.75 24.78
CA LYS B 147 -2.07 -31.35 25.41
C LYS B 147 -0.79 -30.97 24.66
N THR B 148 -0.86 -31.00 23.33
CA THR B 148 0.30 -30.66 22.52
C THR B 148 0.36 -29.15 22.27
N ARG B 149 -0.82 -28.52 22.26
CA ARG B 149 -0.93 -27.08 22.04
C ARG B 149 -0.42 -26.67 20.67
N GLN B 150 -0.70 -27.49 19.65
CA GLN B 150 -0.26 -27.21 18.30
C GLN B 150 -1.45 -27.10 17.34
N GLY B 151 -1.50 -26.00 16.61
CA GLY B 151 -2.57 -25.78 15.66
C GLY B 151 -3.64 -24.87 16.20
N VAL B 152 -3.53 -24.53 17.48
CA VAL B 152 -4.49 -23.65 18.15
C VAL B 152 -4.55 -22.29 17.47
N ASP B 153 -3.38 -21.69 17.27
CA ASP B 153 -3.29 -20.37 16.66
C ASP B 153 -3.93 -20.34 15.28
N ASP B 154 -3.54 -21.27 14.43
CA ASP B 154 -4.07 -21.35 13.07
C ASP B 154 -5.58 -21.59 13.07
N ALA B 155 -6.06 -22.37 14.02
CA ALA B 155 -7.48 -22.68 14.13
C ALA B 155 -8.30 -21.45 14.50
N PHE B 156 -7.63 -20.44 15.04
CA PHE B 156 -8.30 -19.20 15.43
C PHE B 156 -8.13 -18.13 14.34
N TYR B 157 -6.99 -18.15 13.66
CA TYR B 157 -6.71 -17.19 12.61
C TYR B 157 -7.56 -17.45 11.37
N THR B 158 -7.97 -18.71 11.20
CA THR B 158 -8.77 -19.12 10.05
C THR B 158 -9.99 -18.22 9.86
N LEU B 159 -10.74 -18.02 10.94
CA LEU B 159 -11.94 -17.20 10.89
C LEU B 159 -11.63 -15.77 10.44
N VAL B 160 -10.60 -15.18 11.02
CA VAL B 160 -10.20 -13.82 10.68
C VAL B 160 -9.76 -13.74 9.22
N ARG B 161 -9.08 -14.78 8.76
CA ARG B 161 -8.60 -14.86 7.38
C ARG B 161 -9.76 -14.89 6.38
N GLU B 162 -10.85 -15.53 6.77
CA GLU B 162 -12.03 -15.64 5.91
C GLU B 162 -12.77 -14.31 5.81
N ILE B 163 -12.96 -13.66 6.96
CA ILE B 163 -13.67 -12.38 7.02
C ILE B 163 -13.06 -11.32 6.10
N ARG B 164 -11.73 -11.19 6.13
CA ARG B 164 -11.03 -10.20 5.32
C ARG B 164 -11.24 -10.40 3.82
N LYS B 165 -11.58 -11.62 3.42
CA LYS B 165 -11.80 -11.92 2.01
C LYS B 165 -13.19 -11.54 1.57
N HIS B 166 -14.17 -11.74 2.46
CA HIS B 166 -15.56 -11.41 2.17
C HIS B 166 -15.71 -9.91 1.93
N LYS B 167 -15.00 -9.13 2.73
CA LYS B 167 -15.05 -7.68 2.61
C LYS B 167 -14.58 -7.20 1.24
N GLU B 168 -13.44 -7.72 0.78
CA GLU B 168 -12.90 -7.32 -0.50
C GLU B 168 -13.74 -7.87 -1.66
N LYS B 169 -14.33 -9.04 -1.43
CA LYS B 169 -15.18 -9.69 -2.43
C LYS B 169 -16.36 -8.79 -2.79
N MET B 170 -17.05 -8.31 -1.77
CA MET B 170 -18.21 -7.45 -1.97
C MET B 170 -17.83 -6.08 -2.51
N SER B 171 -16.69 -5.56 -2.05
CA SER B 171 -16.22 -4.25 -2.49
C SER B 171 -15.76 -4.26 -3.94
N LYS B 172 -15.34 -5.42 -4.42
CA LYS B 172 -14.86 -5.56 -5.80
C LYS B 172 -15.87 -6.28 -6.71
N ASP B 173 -17.13 -6.31 -6.29
CA ASP B 173 -18.21 -6.95 -7.06
C ASP B 173 -18.14 -8.48 -6.99
N GLY B 174 -16.97 -9.01 -7.33
CA GLY B 174 -16.76 -10.44 -7.31
C GLY B 174 -16.01 -10.88 -8.55
N LYS B 175 -16.50 -10.41 -9.68
CA LYS B 175 -15.90 -10.71 -10.98
C LYS B 175 -16.11 -9.52 -11.92
N LYS B 176 -16.16 -9.80 -13.22
CA LYS B 176 -16.36 -8.78 -14.25
C LYS B 176 -15.13 -7.90 -14.47
N LYS B 177 -14.83 -7.05 -13.50
CA LYS B 177 -13.69 -6.16 -13.58
C LYS B 177 -12.38 -6.85 -13.18
N LYS B 178 -11.32 -6.06 -13.05
CA LYS B 178 -10.00 -6.58 -12.66
C LYS B 178 -9.33 -7.34 -13.80
N LYS B 179 -8.77 -6.60 -14.74
CA LYS B 179 -8.09 -7.20 -15.88
C LYS B 179 -6.63 -7.50 -15.54
N LYS B 180 -6.37 -8.70 -15.05
CA LYS B 180 -5.03 -9.11 -14.68
C LYS B 180 -4.39 -10.01 -15.74
N SER B 181 -5.22 -10.57 -16.61
CA SER B 181 -4.76 -11.46 -17.67
C SER B 181 -4.15 -10.66 -18.82
N LYS B 182 -3.10 -11.20 -19.42
CA LYS B 182 -2.43 -10.55 -20.55
C LYS B 182 -3.03 -11.03 -21.87
N THR B 183 -3.51 -10.09 -22.67
CA THR B 183 -4.09 -10.44 -23.95
C THR B 183 -3.42 -9.67 -25.09
N LYS B 184 -2.88 -10.41 -26.06
CA LYS B 184 -2.22 -9.81 -27.22
C LYS B 184 -2.20 -10.78 -28.38
N SER C 14 -6.61 4.16 -50.55
CA SER C 14 -5.73 3.11 -50.05
C SER C 14 -4.48 3.02 -50.91
N THR C 15 -4.52 3.62 -52.09
CA THR C 15 -3.38 3.60 -53.00
C THR C 15 -2.23 4.43 -52.43
N PHE C 16 -2.58 5.51 -51.73
CA PHE C 16 -1.59 6.41 -51.13
C PHE C 16 -0.61 5.62 -50.26
N SER C 17 -1.15 4.80 -49.39
CA SER C 17 -0.35 3.99 -48.49
C SER C 17 0.51 2.99 -49.26
N LYS C 18 -0.09 2.34 -50.25
CA LYS C 18 0.61 1.34 -51.06
C LYS C 18 1.82 1.97 -51.76
N LEU C 19 1.69 3.23 -52.13
CA LEU C 19 2.77 3.95 -52.79
C LEU C 19 3.93 4.19 -51.84
N ARG C 20 3.61 4.67 -50.64
CA ARG C 20 4.64 4.94 -49.65
C ARG C 20 5.32 3.67 -49.16
N GLU C 21 4.54 2.60 -49.01
CA GLU C 21 5.04 1.32 -48.55
C GLU C 21 6.10 0.75 -49.48
N GLN C 22 6.09 1.17 -50.73
CA GLN C 22 7.07 0.68 -51.71
C GLN C 22 8.17 1.69 -51.98
N LEU C 23 7.88 2.96 -51.76
CA LEU C 23 8.86 4.03 -51.99
C LEU C 23 9.84 4.17 -50.81
N GLY C 24 9.31 4.03 -49.60
CA GLY C 24 10.13 4.17 -48.40
C GLY C 24 11.31 3.22 -48.31
N PRO C 25 11.08 1.90 -48.18
CA PRO C 25 12.14 0.87 -48.05
C PRO C 25 13.36 1.07 -48.95
N VAL C 26 13.15 1.39 -50.22
CA VAL C 26 14.24 1.59 -51.17
C VAL C 26 15.23 2.65 -50.68
N THR C 27 14.72 3.85 -50.43
CA THR C 27 15.56 4.94 -49.96
C THR C 27 16.02 4.71 -48.53
N GLN C 28 15.17 4.03 -47.75
CA GLN C 28 15.47 3.74 -46.35
C GLN C 28 16.78 2.96 -46.22
N GLU C 29 16.90 1.91 -47.02
CA GLU C 29 18.08 1.06 -47.01
C GLU C 29 19.34 1.82 -47.43
N PHE C 30 19.18 2.75 -48.37
CA PHE C 30 20.29 3.55 -48.85
C PHE C 30 20.77 4.51 -47.78
N TRP C 31 19.82 5.20 -47.14
CA TRP C 31 20.13 6.15 -46.08
C TRP C 31 20.82 5.46 -44.91
N ASP C 32 20.46 4.20 -44.67
CA ASP C 32 21.05 3.41 -43.60
C ASP C 32 22.54 3.23 -43.82
N ASN C 33 22.91 2.90 -45.06
CA ASN C 33 24.31 2.69 -45.42
C ASN C 33 25.08 3.99 -45.25
N LEU C 34 24.41 5.10 -45.50
CA LEU C 34 25.03 6.41 -45.35
C LEU C 34 25.28 6.71 -43.88
N GLU C 35 24.30 6.33 -43.05
CA GLU C 35 24.40 6.52 -41.61
C GLU C 35 25.50 5.65 -41.01
N LYS C 36 25.57 4.41 -41.49
CA LYS C 36 26.56 3.45 -41.02
C LYS C 36 27.99 3.99 -41.18
N GLU C 37 28.23 4.64 -42.31
CA GLU C 37 29.54 5.21 -42.58
C GLU C 37 29.89 6.32 -41.60
N THR C 38 28.95 7.22 -41.35
CA THR C 38 29.18 8.31 -40.41
C THR C 38 29.29 7.77 -38.99
N GLU C 39 28.52 6.72 -38.71
CA GLU C 39 28.53 6.07 -37.41
C GLU C 39 29.92 5.54 -37.10
N GLY C 40 30.47 4.76 -38.04
CA GLY C 40 31.81 4.21 -37.86
C GLY C 40 32.86 5.30 -37.77
N LEU C 41 32.74 6.32 -38.61
CA LEU C 41 33.68 7.43 -38.63
C LEU C 41 33.71 8.14 -37.28
N ARG C 42 32.52 8.34 -36.70
CA ARG C 42 32.42 9.00 -35.41
C ARG C 42 32.94 8.11 -34.30
N GLN C 43 32.79 6.80 -34.48
CA GLN C 43 33.25 5.82 -33.51
C GLN C 43 34.77 5.86 -33.43
N GLU C 44 35.42 5.97 -34.59
CA GLU C 44 36.86 6.04 -34.66
C GLU C 44 37.37 7.25 -33.88
N MET C 45 36.72 8.39 -34.10
CA MET C 45 37.10 9.63 -33.44
C MET C 45 36.87 9.51 -31.93
N SER C 46 35.80 8.81 -31.56
CA SER C 46 35.48 8.63 -30.15
C SER C 46 36.47 7.68 -29.48
N LYS C 47 37.05 6.78 -30.26
CA LYS C 47 38.02 5.83 -29.74
C LYS C 47 39.27 6.56 -29.27
N ASP C 48 39.78 7.47 -30.10
CA ASP C 48 40.95 8.25 -29.76
C ASP C 48 40.66 9.13 -28.55
N LEU C 49 39.45 9.68 -28.53
CA LEU C 49 39.01 10.53 -27.45
C LEU C 49 39.07 9.79 -26.12
N GLU C 50 38.58 8.55 -26.13
CA GLU C 50 38.58 7.70 -24.94
C GLU C 50 40.01 7.37 -24.53
N GLU C 51 40.82 7.01 -25.52
CA GLU C 51 42.21 6.66 -25.31
C GLU C 51 43.00 7.78 -24.65
N VAL C 52 42.91 8.98 -25.23
CA VAL C 52 43.62 10.15 -24.70
C VAL C 52 43.17 10.47 -23.28
N LYS C 53 41.87 10.32 -23.04
CA LYS C 53 41.30 10.57 -21.72
C LYS C 53 41.96 9.68 -20.66
N ALA C 54 42.17 8.42 -21.00
CA ALA C 54 42.78 7.46 -20.09
C ALA C 54 44.29 7.67 -19.99
N LYS C 55 44.86 8.37 -20.97
CA LYS C 55 46.29 8.62 -20.97
C LYS C 55 46.69 9.73 -20.02
N VAL C 56 45.82 10.70 -19.82
CA VAL C 56 46.11 11.82 -18.91
C VAL C 56 45.56 11.55 -17.50
N GLN C 57 44.81 10.47 -17.37
CA GLN C 57 44.19 10.10 -16.10
C GLN C 57 45.19 9.92 -14.94
N PRO C 58 46.24 9.08 -15.11
CA PRO C 58 47.23 8.83 -14.06
C PRO C 58 47.94 10.11 -13.58
N TYR C 59 48.07 11.08 -14.48
CA TYR C 59 48.72 12.34 -14.15
C TYR C 59 47.86 13.18 -13.21
N LEU C 60 46.55 13.13 -13.40
CA LEU C 60 45.62 13.87 -12.56
C LEU C 60 45.55 13.25 -11.17
N ASP C 61 45.66 11.93 -11.14
CA ASP C 61 45.61 11.18 -9.89
C ASP C 61 46.68 11.63 -8.90
N ASP C 62 47.92 11.76 -9.38
CA ASP C 62 49.02 12.16 -8.52
C ASP C 62 48.83 13.55 -7.94
N PHE C 63 48.45 14.51 -8.78
CA PHE C 63 48.24 15.88 -8.34
C PHE C 63 47.12 15.93 -7.30
N GLN C 64 46.12 15.09 -7.50
CA GLN C 64 44.99 14.99 -6.59
C GLN C 64 45.44 14.43 -5.24
N LYS C 65 46.34 13.44 -5.30
CA LYS C 65 46.85 12.81 -4.09
C LYS C 65 47.62 13.82 -3.24
N LYS C 66 48.43 14.63 -3.90
CA LYS C 66 49.23 15.65 -3.22
C LYS C 66 48.33 16.65 -2.51
N TRP C 67 47.20 16.98 -3.14
CA TRP C 67 46.26 17.92 -2.56
C TRP C 67 45.67 17.34 -1.27
N GLN C 68 45.37 16.06 -1.31
CA GLN C 68 44.82 15.35 -0.17
C GLN C 68 45.82 15.36 0.99
N GLU C 69 47.09 15.15 0.64
CA GLU C 69 48.17 15.13 1.63
C GLU C 69 48.27 16.45 2.39
N GLU C 70 48.12 17.56 1.67
CA GLU C 70 48.18 18.88 2.27
C GLU C 70 47.03 19.09 3.24
N MET C 71 45.85 18.63 2.85
CA MET C 71 44.65 18.77 3.68
C MET C 71 44.76 17.92 4.94
N GLU C 72 45.42 16.76 4.81
CA GLU C 72 45.62 15.86 5.94
C GLU C 72 46.47 16.53 7.03
N LEU C 73 47.53 17.18 6.61
CA LEU C 73 48.43 17.86 7.53
C LEU C 73 47.72 18.98 8.28
N TYR C 74 46.88 19.73 7.55
CA TYR C 74 46.12 20.83 8.16
C TYR C 74 45.11 20.28 9.16
N ARG C 75 44.49 19.17 8.80
CA ARG C 75 43.49 18.52 9.66
C ARG C 75 44.16 18.06 10.95
N GLN C 76 45.42 17.67 10.85
CA GLN C 76 46.18 17.22 12.01
C GLN C 76 46.59 18.42 12.85
N LYS C 77 46.91 19.52 12.19
CA LYS C 77 47.34 20.74 12.87
C LYS C 77 46.17 21.42 13.60
N VAL C 78 44.97 21.27 13.06
CA VAL C 78 43.79 21.89 13.65
C VAL C 78 43.25 21.08 14.82
N GLU C 79 43.72 19.83 14.94
CA GLU C 79 43.29 18.94 16.02
C GLU C 79 43.52 19.54 17.42
N PRO C 80 44.77 19.92 17.78
CA PRO C 80 45.06 20.50 19.09
C PRO C 80 44.33 21.83 19.31
N LEU C 81 44.22 22.62 18.25
CA LEU C 81 43.56 23.93 18.34
C LEU C 81 42.06 23.78 18.60
N ARG C 82 41.44 22.82 17.92
CA ARG C 82 40.01 22.57 18.07
C ARG C 82 39.66 22.27 19.53
N ALA C 83 40.53 21.52 20.19
CA ALA C 83 40.33 21.16 21.58
C ALA C 83 40.35 22.40 22.47
N GLU C 84 41.26 23.32 22.18
CA GLU C 84 41.38 24.56 22.94
C GLU C 84 40.13 25.43 22.74
N LEU C 85 39.68 25.52 21.51
CA LEU C 85 38.50 26.31 21.17
C LEU C 85 37.29 25.79 21.93
N GLN C 86 37.16 24.46 21.98
CA GLN C 86 36.05 23.82 22.68
C GLN C 86 36.15 24.06 24.18
N GLU C 87 37.37 24.03 24.71
CA GLU C 87 37.62 24.24 26.12
C GLU C 87 37.17 25.63 26.57
N GLY C 88 37.71 26.65 25.91
CA GLY C 88 37.38 28.02 26.25
C GLY C 88 35.92 28.36 26.02
N ALA C 89 35.33 27.77 24.98
CA ALA C 89 33.94 28.01 24.64
C ALA C 89 33.00 27.39 25.67
N ARG C 90 33.41 26.27 26.26
CA ARG C 90 32.58 25.59 27.25
C ARG C 90 32.54 26.36 28.57
N GLN C 91 33.67 26.90 28.99
CA GLN C 91 33.76 27.64 30.25
C GLN C 91 33.08 29.01 30.14
N LYS C 92 32.44 29.24 29.01
CA LYS C 92 31.77 30.50 28.74
C LYS C 92 30.42 30.60 29.44
N LEU C 93 29.43 29.88 28.91
CA LEU C 93 28.07 29.91 29.47
C LEU C 93 27.93 29.08 30.74
N HIS C 94 28.91 28.23 31.00
CA HIS C 94 28.88 27.39 32.19
C HIS C 94 28.76 28.23 33.46
N GLU C 95 29.40 29.38 33.46
CA GLU C 95 29.37 30.28 34.59
C GLU C 95 28.21 31.26 34.47
N LEU C 96 28.04 31.81 33.27
CA LEU C 96 26.98 32.77 33.00
C LEU C 96 25.59 32.21 33.26
N GLN C 97 25.35 30.97 32.83
CA GLN C 97 24.05 30.32 33.03
C GLN C 97 23.72 30.20 34.51
N GLU C 98 24.71 29.78 35.30
CA GLU C 98 24.54 29.60 36.73
C GLU C 98 24.12 30.92 37.40
N LYS C 99 24.75 32.00 36.98
CA LYS C 99 24.48 33.32 37.55
C LYS C 99 23.12 33.88 37.12
N LEU C 100 22.62 33.43 35.97
CA LEU C 100 21.35 33.93 35.46
C LEU C 100 20.22 32.92 35.59
N SER C 101 20.30 32.04 36.58
CA SER C 101 19.27 31.03 36.78
C SER C 101 18.37 31.31 38.00
N PRO C 102 18.94 31.54 39.20
CA PRO C 102 18.17 31.79 40.43
C PRO C 102 17.04 32.81 40.27
N LEU C 103 17.40 34.00 39.82
CA LEU C 103 16.42 35.08 39.64
C LEU C 103 15.36 34.73 38.60
N GLY C 104 15.80 34.13 37.50
CA GLY C 104 14.87 33.77 36.44
C GLY C 104 13.89 32.69 36.88
N GLU C 105 14.41 31.67 37.56
CA GLU C 105 13.58 30.57 38.03
C GLU C 105 12.52 31.03 39.02
N GLU C 106 12.94 31.83 39.99
CA GLU C 106 12.01 32.33 41.00
C GLU C 106 10.93 33.21 40.37
N MET C 107 11.32 33.98 39.38
CA MET C 107 10.38 34.87 38.69
C MET C 107 9.32 34.06 37.93
N ARG C 108 9.73 32.91 37.41
CA ARG C 108 8.81 32.04 36.68
C ARG C 108 7.70 31.56 37.59
N ASP C 109 8.09 31.10 38.78
CA ASP C 109 7.14 30.61 39.76
C ASP C 109 6.25 31.74 40.25
N ARG C 110 6.85 32.91 40.46
CA ARG C 110 6.13 34.09 40.92
C ARG C 110 5.07 34.50 39.91
N ALA C 111 5.41 34.39 38.63
CA ALA C 111 4.48 34.74 37.56
C ALA C 111 3.31 33.77 37.56
N ARG C 112 3.60 32.51 37.89
CA ARG C 112 2.57 31.47 37.94
C ARG C 112 1.56 31.79 39.05
N ALA C 113 2.06 32.31 40.17
CA ALA C 113 1.20 32.66 41.30
C ALA C 113 0.20 33.74 40.87
N HIS C 114 0.64 34.63 40.00
CA HIS C 114 -0.21 35.70 39.49
C HIS C 114 -1.34 35.11 38.67
N VAL C 115 -1.02 34.07 37.90
CA VAL C 115 -2.01 33.39 37.06
C VAL C 115 -3.10 32.75 37.92
N ASP C 116 -2.67 32.04 38.95
CA ASP C 116 -3.60 31.38 39.87
C ASP C 116 -4.53 32.39 40.53
N ALA C 117 -3.94 33.47 41.02
CA ALA C 117 -4.69 34.52 41.67
C ALA C 117 -5.66 35.20 40.71
N LEU C 118 -5.20 35.42 39.49
CA LEU C 118 -6.02 36.05 38.46
C LEU C 118 -7.26 35.22 38.16
N ARG C 119 -7.09 33.90 38.13
CA ARG C 119 -8.19 32.98 37.86
C ARG C 119 -9.26 33.10 38.95
N THR C 120 -8.82 33.00 40.21
CA THR C 120 -9.73 33.08 41.34
C THR C 120 -10.30 34.50 41.51
N HIS C 121 -9.64 35.47 40.90
CA HIS C 121 -10.07 36.86 40.99
C HIS C 121 -11.25 37.14 40.06
N LEU C 122 -11.24 36.54 38.88
CA LEU C 122 -12.29 36.75 37.91
C LEU C 122 -13.40 35.70 38.02
N ALA C 123 -13.05 34.53 38.56
CA ALA C 123 -13.99 33.41 38.71
C ALA C 123 -15.39 33.80 39.24
N PRO C 124 -15.49 34.42 40.43
CA PRO C 124 -16.79 34.79 41.01
C PRO C 124 -17.58 35.77 40.15
N TYR C 125 -16.93 36.83 39.68
CA TYR C 125 -17.57 37.83 38.85
C TYR C 125 -18.02 37.23 37.52
N SER C 126 -17.18 36.37 36.97
CA SER C 126 -17.45 35.71 35.71
C SER C 126 -18.69 34.82 35.80
N ASP C 127 -18.80 34.09 36.91
CA ASP C 127 -19.93 33.18 37.13
C ASP C 127 -21.24 33.96 37.24
N GLU C 128 -21.20 35.05 37.99
CA GLU C 128 -22.39 35.89 38.17
C GLU C 128 -22.88 36.42 36.83
N LEU C 129 -21.96 36.93 36.02
CA LEU C 129 -22.30 37.48 34.71
C LEU C 129 -22.89 36.40 33.81
N ARG C 130 -22.30 35.21 33.85
CA ARG C 130 -22.77 34.09 33.03
C ARG C 130 -24.18 33.66 33.45
N GLN C 131 -24.36 33.52 34.76
CA GLN C 131 -25.65 33.11 35.31
C GLN C 131 -26.76 34.08 34.92
N ARG C 132 -26.45 35.37 35.00
CA ARG C 132 -27.41 36.41 34.66
C ARG C 132 -27.67 36.47 33.15
N LEU C 133 -26.60 36.35 32.38
CA LEU C 133 -26.70 36.38 30.92
C LEU C 133 -27.49 35.19 30.38
N ALA C 134 -27.31 34.02 30.99
CA ALA C 134 -28.02 32.82 30.59
C ALA C 134 -29.53 33.05 30.73
N ALA C 135 -29.92 33.70 31.82
CA ALA C 135 -31.32 33.99 32.09
C ALA C 135 -31.82 35.02 31.09
N ARG C 136 -30.94 35.97 30.75
CA ARG C 136 -31.25 37.02 29.80
C ARG C 136 -31.64 36.43 28.45
N LEU C 137 -30.85 35.49 27.99
CA LEU C 137 -31.09 34.82 26.70
C LEU C 137 -32.38 34.01 26.73
N GLU C 138 -32.76 33.56 27.91
CA GLU C 138 -33.97 32.76 28.08
C GLU C 138 -35.22 33.59 27.78
N ALA C 139 -35.31 34.76 28.40
CA ALA C 139 -36.47 35.64 28.21
C ALA C 139 -36.61 36.03 26.74
N LEU C 140 -35.49 36.28 26.10
CA LEU C 140 -35.44 36.65 24.70
C LEU C 140 -35.93 35.52 23.81
N LYS C 141 -35.50 34.31 24.13
CA LYS C 141 -35.88 33.12 23.39
C LYS C 141 -37.37 32.83 23.56
N GLU C 142 -37.86 33.02 24.78
CA GLU C 142 -39.27 32.77 25.08
C GLU C 142 -40.18 33.66 24.24
N ASN C 143 -39.76 34.89 24.01
CA ASN C 143 -40.55 35.84 23.24
C ASN C 143 -40.39 35.59 21.74
N GLY C 144 -39.14 35.41 21.31
CA GLY C 144 -38.87 35.19 19.90
C GLY C 144 -39.48 33.89 19.38
N GLY C 145 -39.53 32.88 20.24
CA GLY C 145 -40.09 31.59 19.84
C GLY C 145 -41.55 31.68 19.43
N ALA C 146 -42.27 32.65 20.00
CA ALA C 146 -43.68 32.83 19.68
C ALA C 146 -43.88 33.27 18.24
N ARG C 147 -43.17 34.32 17.83
CA ARG C 147 -43.26 34.85 16.48
C ARG C 147 -42.66 33.88 15.46
N LEU C 148 -41.75 33.03 15.95
CA LEU C 148 -41.09 32.05 15.11
C LEU C 148 -42.11 31.05 14.54
N ALA C 149 -42.97 30.55 15.41
CA ALA C 149 -43.99 29.59 15.01
C ALA C 149 -45.00 30.23 14.07
N GLU C 150 -45.27 31.51 14.31
CA GLU C 150 -46.21 32.25 13.47
C GLU C 150 -45.70 32.35 12.04
N TYR C 151 -44.45 32.78 11.91
CA TYR C 151 -43.83 32.93 10.59
C TYR C 151 -43.69 31.60 9.85
N HIS C 152 -43.44 30.53 10.60
CA HIS C 152 -43.26 29.20 10.01
C HIS C 152 -44.53 28.76 9.28
N ALA C 153 -45.68 29.02 9.90
CA ALA C 153 -46.96 28.65 9.31
C ALA C 153 -47.20 29.41 8.02
N LYS C 154 -46.92 30.70 8.05
CA LYS C 154 -47.09 31.56 6.88
C LYS C 154 -46.19 31.11 5.74
N ALA C 155 -45.00 30.65 6.11
CA ALA C 155 -44.03 30.17 5.15
C ALA C 155 -44.50 28.85 4.54
N THR C 156 -45.09 28.01 5.37
CA THR C 156 -45.60 26.71 4.94
C THR C 156 -46.65 26.86 3.84
N GLU C 157 -47.44 27.93 3.92
CA GLU C 157 -48.48 28.18 2.93
C GLU C 157 -47.91 28.92 1.72
N HIS C 158 -46.79 29.61 1.94
CA HIS C 158 -46.12 30.38 0.89
C HIS C 158 -45.30 29.51 -0.04
N LEU C 159 -44.68 28.47 0.51
CA LEU C 159 -43.84 27.58 -0.28
C LEU C 159 -44.65 26.56 -1.08
N SER C 160 -45.96 26.52 -0.84
CA SER C 160 -46.82 25.59 -1.54
C SER C 160 -47.78 26.32 -2.48
N THR C 161 -47.29 26.71 -3.65
CA THR C 161 -48.11 27.42 -4.63
C THR C 161 -47.58 27.24 -6.05
N LEU C 162 -46.37 27.76 -6.29
CA LEU C 162 -45.76 27.70 -7.61
C LEU C 162 -45.48 26.28 -8.09
N SER C 163 -44.82 25.48 -7.26
CA SER C 163 -44.45 24.12 -7.61
C SER C 163 -45.68 23.23 -7.87
N GLU C 164 -46.82 23.62 -7.35
CA GLU C 164 -48.05 22.86 -7.52
C GLU C 164 -48.63 23.04 -8.93
N LYS C 165 -48.24 24.12 -9.60
CA LYS C 165 -48.75 24.39 -10.94
C LYS C 165 -47.66 24.29 -12.00
N ALA C 166 -46.41 24.52 -11.60
CA ALA C 166 -45.29 24.47 -12.53
C ALA C 166 -45.05 23.08 -13.11
N LYS C 167 -45.36 22.04 -12.33
CA LYS C 167 -45.15 20.66 -12.77
C LYS C 167 -46.03 20.28 -13.97
N PRO C 168 -47.38 20.33 -13.84
CA PRO C 168 -48.28 19.97 -14.94
C PRO C 168 -48.07 20.85 -16.17
N ALA C 169 -47.74 22.12 -15.95
CA ALA C 169 -47.53 23.07 -17.03
C ALA C 169 -46.35 22.66 -17.91
N LEU C 170 -45.23 22.31 -17.28
CA LEU C 170 -44.04 21.91 -18.03
C LEU C 170 -44.23 20.54 -18.68
N GLU C 171 -44.89 19.63 -17.95
CA GLU C 171 -45.13 18.28 -18.46
C GLU C 171 -46.02 18.31 -19.69
N ASP C 172 -47.04 19.17 -19.65
CA ASP C 172 -47.97 19.32 -20.77
C ASP C 172 -47.26 19.90 -21.99
N LEU C 173 -46.41 20.89 -21.76
CA LEU C 173 -45.68 21.53 -22.84
C LEU C 173 -44.69 20.56 -23.49
N ARG C 174 -44.10 19.70 -22.66
CA ARG C 174 -43.14 18.71 -23.11
C ARG C 174 -43.77 17.78 -24.16
N GLN C 175 -45.02 17.42 -23.94
CA GLN C 175 -45.75 16.53 -24.85
C GLN C 175 -46.22 17.26 -26.10
N GLY C 176 -46.19 18.59 -26.05
CA GLY C 176 -46.62 19.38 -27.18
C GLY C 176 -45.52 19.57 -28.21
N LEU C 177 -44.29 19.71 -27.73
CA LEU C 177 -43.14 19.92 -28.61
C LEU C 177 -42.55 18.58 -29.06
N LEU C 178 -43.11 17.49 -28.57
CA LEU C 178 -42.64 16.15 -28.91
C LEU C 178 -42.89 15.76 -30.38
N PRO C 179 -44.12 15.93 -30.91
CA PRO C 179 -44.47 15.56 -32.30
C PRO C 179 -43.42 16.01 -33.33
N VAL C 180 -43.15 17.30 -33.39
CA VAL C 180 -42.19 17.83 -34.35
C VAL C 180 -40.77 17.31 -34.07
N LEU C 181 -40.42 17.22 -32.79
CA LEU C 181 -39.09 16.73 -32.41
C LEU C 181 -38.85 15.32 -32.92
N GLU C 182 -39.84 14.46 -32.73
CA GLU C 182 -39.74 13.07 -33.18
C GLU C 182 -39.59 13.01 -34.70
N SER C 183 -40.34 13.87 -35.38
CA SER C 183 -40.31 13.93 -36.84
C SER C 183 -38.94 14.36 -37.35
N PHE C 184 -38.30 15.28 -36.64
CA PHE C 184 -36.99 15.78 -37.05
C PHE C 184 -35.91 14.71 -36.85
N LYS C 185 -36.01 13.99 -35.73
CA LYS C 185 -35.04 12.93 -35.43
C LYS C 185 -34.97 11.88 -36.52
N VAL C 186 -36.13 11.60 -37.14
CA VAL C 186 -36.20 10.62 -38.22
C VAL C 186 -35.30 11.05 -39.38
N SER C 187 -35.52 12.28 -39.85
CA SER C 187 -34.73 12.83 -40.95
C SER C 187 -33.27 12.92 -40.58
N PHE C 188 -33.01 13.20 -39.30
CA PHE C 188 -31.65 13.31 -38.79
C PHE C 188 -30.92 11.97 -38.91
N LEU C 189 -31.61 10.89 -38.59
CA LEU C 189 -31.02 9.55 -38.67
C LEU C 189 -30.67 9.18 -40.11
N SER C 190 -31.55 9.55 -41.03
CA SER C 190 -31.33 9.27 -42.45
C SER C 190 -30.15 10.08 -42.99
N ALA C 191 -30.02 11.30 -42.50
CA ALA C 191 -28.93 12.18 -42.92
C ALA C 191 -27.61 11.73 -42.30
N LEU C 192 -27.67 11.30 -41.05
CA LEU C 192 -26.49 10.84 -40.33
C LEU C 192 -25.81 9.68 -41.05
N GLU C 193 -26.60 8.67 -41.40
CA GLU C 193 -26.06 7.50 -42.11
C GLU C 193 -25.47 7.90 -43.45
N GLU C 194 -26.05 8.92 -44.07
CA GLU C 194 -25.59 9.41 -45.36
C GLU C 194 -24.19 10.02 -45.23
N TYR C 195 -23.94 10.66 -44.10
CA TYR C 195 -22.64 11.27 -43.86
C TYR C 195 -21.56 10.21 -43.73
N THR C 196 -21.85 9.20 -42.91
CA THR C 196 -20.93 8.09 -42.67
C THR C 196 -20.52 7.40 -43.97
N LYS C 197 -21.44 7.34 -44.92
CA LYS C 197 -21.17 6.70 -46.21
C LYS C 197 -20.01 7.38 -46.92
N LYS C 198 -20.02 8.71 -46.92
CA LYS C 198 -18.97 9.49 -47.57
C LYS C 198 -17.69 9.43 -46.76
N LEU C 199 -17.82 9.50 -45.45
CA LEU C 199 -16.67 9.46 -44.55
C LEU C 199 -15.88 8.17 -44.69
N ASN C 200 -16.58 7.03 -44.62
CA ASN C 200 -15.95 5.73 -44.74
C ASN C 200 -15.61 5.39 -46.21
N SER D 14 -45.71 33.20 -15.85
CA SER D 14 -45.26 34.34 -15.06
C SER D 14 -46.33 34.74 -14.07
N THR D 15 -47.50 34.13 -14.23
CA THR D 15 -48.65 34.39 -13.39
C THR D 15 -48.38 33.97 -11.95
N PHE D 16 -47.86 32.76 -11.80
CA PHE D 16 -47.55 32.22 -10.48
C PHE D 16 -46.45 33.03 -9.82
N SER D 17 -45.53 33.53 -10.63
CA SER D 17 -44.43 34.34 -10.16
C SER D 17 -44.94 35.67 -9.60
N LYS D 18 -45.93 36.25 -10.28
CA LYS D 18 -46.51 37.52 -9.85
C LYS D 18 -47.36 37.33 -8.60
N LEU D 19 -47.97 36.14 -8.47
CA LEU D 19 -48.80 35.82 -7.32
C LEU D 19 -47.94 35.77 -6.06
N ARG D 20 -46.84 35.02 -6.12
CA ARG D 20 -45.92 34.89 -5.00
C ARG D 20 -45.30 36.24 -4.67
N GLU D 21 -45.07 37.04 -5.71
CA GLU D 21 -44.49 38.37 -5.57
C GLU D 21 -45.37 39.30 -4.74
N GLN D 22 -46.68 39.08 -4.79
CA GLN D 22 -47.62 39.91 -4.06
C GLN D 22 -47.68 39.55 -2.57
N LEU D 23 -47.59 38.25 -2.28
CA LEU D 23 -47.65 37.77 -0.91
C LEU D 23 -46.33 37.99 -0.17
N GLY D 24 -45.29 38.25 -0.93
CA GLY D 24 -43.97 38.47 -0.34
C GLY D 24 -43.88 39.65 0.62
N PRO D 25 -44.01 40.89 0.12
CA PRO D 25 -43.93 42.11 0.93
C PRO D 25 -44.81 42.07 2.18
N VAL D 26 -46.05 41.61 2.03
CA VAL D 26 -46.99 41.53 3.16
C VAL D 26 -46.42 40.70 4.31
N THR D 27 -45.95 39.51 4.00
CA THR D 27 -45.40 38.61 4.99
C THR D 27 -44.07 39.14 5.54
N GLN D 28 -43.27 39.73 4.65
CA GLN D 28 -41.97 40.26 5.04
C GLN D 28 -42.10 41.51 5.91
N GLU D 29 -43.00 42.41 5.54
CA GLU D 29 -43.21 43.64 6.27
C GLU D 29 -43.67 43.36 7.69
N PHE D 30 -44.55 42.38 7.86
CA PHE D 30 -45.05 42.02 9.18
C PHE D 30 -43.90 41.52 10.05
N TRP D 31 -42.99 40.78 9.42
CA TRP D 31 -41.83 40.25 10.12
C TRP D 31 -40.83 41.34 10.46
N ASP D 32 -40.65 42.28 9.54
CA ASP D 32 -39.72 43.40 9.75
C ASP D 32 -40.10 44.18 11.00
N ASN D 33 -41.41 44.43 11.15
CA ASN D 33 -41.93 45.15 12.30
C ASN D 33 -41.70 44.33 13.58
N LEU D 34 -41.89 43.03 13.45
CA LEU D 34 -41.70 42.11 14.57
C LEU D 34 -40.24 42.07 15.01
N GLU D 35 -39.34 42.10 14.03
CA GLU D 35 -37.91 42.08 14.31
C GLU D 35 -37.50 43.34 15.07
N LYS D 36 -38.10 44.46 14.69
CA LYS D 36 -37.82 45.73 15.34
C LYS D 36 -38.23 45.68 16.81
N GLU D 37 -39.30 44.94 17.07
CA GLU D 37 -39.79 44.79 18.44
C GLU D 37 -38.75 44.04 19.27
N THR D 38 -38.27 42.94 18.71
CA THR D 38 -37.26 42.13 19.37
C THR D 38 -35.96 42.93 19.52
N GLU D 39 -35.67 43.75 18.53
CA GLU D 39 -34.48 44.59 18.54
C GLU D 39 -34.49 45.53 19.74
N GLY D 40 -35.64 46.15 19.98
CA GLY D 40 -35.79 47.06 21.09
C GLY D 40 -35.59 46.35 22.41
N LEU D 41 -36.05 45.10 22.48
CA LEU D 41 -35.91 44.31 23.69
C LEU D 41 -34.45 43.93 23.92
N ARG D 42 -33.79 43.46 22.88
CA ARG D 42 -32.39 43.06 22.96
C ARG D 42 -31.52 44.24 23.35
N GLN D 43 -31.83 45.40 22.79
CA GLN D 43 -31.07 46.62 23.05
C GLN D 43 -31.04 46.95 24.54
N GLU D 44 -32.23 47.08 25.14
CA GLU D 44 -32.33 47.39 26.55
C GLU D 44 -31.70 46.31 27.42
N MET D 45 -31.87 45.07 27.01
CA MET D 45 -31.31 43.93 27.73
C MET D 45 -29.79 43.97 27.74
N SER D 46 -29.22 44.50 26.67
CA SER D 46 -27.78 44.60 26.53
C SER D 46 -27.25 45.80 27.32
N LYS D 47 -28.07 46.85 27.38
CA LYS D 47 -27.70 48.08 28.09
C LYS D 47 -27.39 47.78 29.56
N ASP D 48 -28.27 47.01 30.19
CA ASP D 48 -28.09 46.65 31.59
C ASP D 48 -26.97 45.64 31.78
N LEU D 49 -26.66 44.91 30.71
CA LEU D 49 -25.60 43.91 30.75
C LEU D 49 -24.23 44.58 30.70
N GLU D 50 -24.09 45.57 29.83
CA GLU D 50 -22.84 46.31 29.68
C GLU D 50 -22.44 47.00 30.98
N GLU D 51 -23.45 47.47 31.70
CA GLU D 51 -23.23 48.16 32.98
C GLU D 51 -22.43 47.28 33.95
N VAL D 52 -22.89 46.04 34.12
CA VAL D 52 -22.23 45.10 35.02
C VAL D 52 -20.83 44.76 34.52
N LYS D 53 -20.70 44.62 33.20
CA LYS D 53 -19.41 44.29 32.59
C LYS D 53 -18.38 45.38 32.89
N ALA D 54 -18.81 46.64 32.82
CA ALA D 54 -17.94 47.79 33.06
C ALA D 54 -17.51 47.89 34.52
N LYS D 55 -18.16 47.12 35.40
CA LYS D 55 -17.83 47.16 36.81
C LYS D 55 -16.72 46.16 37.15
N VAL D 56 -16.66 45.08 36.38
CA VAL D 56 -15.66 44.03 36.61
C VAL D 56 -14.30 44.37 35.97
N GLN D 57 -14.35 45.10 34.86
CA GLN D 57 -13.14 45.48 34.12
C GLN D 57 -12.02 46.10 34.98
N PRO D 58 -12.30 47.18 35.74
CA PRO D 58 -11.28 47.83 36.58
C PRO D 58 -10.63 46.88 37.59
N TYR D 59 -11.40 45.89 38.06
CA TYR D 59 -10.90 44.92 39.02
C TYR D 59 -9.73 44.12 38.48
N LEU D 60 -9.84 43.68 37.24
CA LEU D 60 -8.78 42.89 36.61
C LEU D 60 -7.57 43.75 36.25
N ASP D 61 -7.84 44.96 35.79
CA ASP D 61 -6.78 45.89 35.40
C ASP D 61 -5.90 46.28 36.58
N ASP D 62 -6.53 46.52 37.72
CA ASP D 62 -5.81 46.90 38.94
C ASP D 62 -4.84 45.81 39.37
N PHE D 63 -5.26 44.57 39.24
CA PHE D 63 -4.43 43.43 39.62
C PHE D 63 -3.24 43.25 38.67
N GLN D 64 -3.44 43.52 37.39
CA GLN D 64 -2.37 43.37 36.41
C GLN D 64 -1.30 44.45 36.56
N LYS D 65 -1.72 45.64 37.01
CA LYS D 65 -0.82 46.76 37.19
C LYS D 65 0.27 46.44 38.21
N LYS D 66 -0.12 45.78 39.30
CA LYS D 66 0.81 45.44 40.37
C LYS D 66 1.93 44.52 39.89
N TRP D 67 1.58 43.47 39.16
CA TRP D 67 2.58 42.53 38.64
C TRP D 67 3.50 43.25 37.66
N GLN D 68 2.91 44.09 36.82
CA GLN D 68 3.67 44.85 35.83
C GLN D 68 4.69 45.75 36.51
N GLU D 69 4.27 46.40 37.59
CA GLU D 69 5.15 47.28 38.34
C GLU D 69 6.36 46.51 38.87
N GLU D 70 6.08 45.34 39.45
CA GLU D 70 7.13 44.49 40.00
C GLU D 70 8.07 43.99 38.91
N MET D 71 7.52 43.74 37.73
CA MET D 71 8.32 43.26 36.60
C MET D 71 9.22 44.37 36.07
N GLU D 72 8.69 45.59 36.03
CA GLU D 72 9.44 46.74 35.55
C GLU D 72 10.65 46.96 36.45
N LEU D 73 10.42 46.91 37.77
CA LEU D 73 11.49 47.07 38.75
C LEU D 73 12.50 45.93 38.65
N TYR D 74 11.98 44.73 38.49
CA TYR D 74 12.80 43.53 38.37
C TYR D 74 13.73 43.59 37.16
N ARG D 75 13.18 43.99 36.01
CA ARG D 75 13.97 44.07 34.78
C ARG D 75 15.10 45.09 34.92
N GLN D 76 14.82 46.16 35.65
CA GLN D 76 15.80 47.21 35.87
C GLN D 76 16.97 46.69 36.71
N LYS D 77 16.67 45.76 37.61
CA LYS D 77 17.68 45.18 38.48
C LYS D 77 18.58 44.20 37.73
N VAL D 78 18.01 43.44 36.82
CA VAL D 78 18.79 42.45 36.07
C VAL D 78 19.56 43.06 34.91
N GLU D 79 19.32 44.33 34.64
CA GLU D 79 19.99 45.04 33.55
C GLU D 79 21.52 45.05 33.70
N PRO D 80 22.07 45.54 34.84
CA PRO D 80 23.52 45.59 35.07
C PRO D 80 24.14 44.19 35.16
N LEU D 81 23.35 43.23 35.63
CA LEU D 81 23.79 41.86 35.79
C LEU D 81 24.13 41.22 34.44
N ARG D 82 23.38 41.57 33.42
CA ARG D 82 23.62 41.03 32.09
C ARG D 82 24.70 41.83 31.39
N ALA D 83 24.76 43.12 31.68
CA ALA D 83 25.75 44.01 31.07
C ALA D 83 27.17 43.59 31.42
N GLU D 84 27.38 43.18 32.67
CA GLU D 84 28.70 42.76 33.12
C GLU D 84 29.11 41.45 32.44
N LEU D 85 28.15 40.54 32.31
CA LEU D 85 28.39 39.25 31.68
C LEU D 85 28.55 39.43 30.18
N GLN D 86 27.89 40.45 29.64
CA GLN D 86 27.96 40.75 28.22
C GLN D 86 29.38 41.14 27.85
N GLU D 87 30.05 41.86 28.76
CA GLU D 87 31.43 42.29 28.54
C GLU D 87 32.37 41.11 28.73
N GLY D 88 32.06 40.26 29.72
CA GLY D 88 32.87 39.10 29.97
C GLY D 88 32.81 38.16 28.78
N ALA D 89 31.62 38.05 28.22
CA ALA D 89 31.39 37.20 27.05
C ALA D 89 31.58 38.03 25.78
N ARG D 90 32.49 38.99 25.83
CA ARG D 90 32.78 39.85 24.69
C ARG D 90 34.26 39.74 24.33
N GLN D 91 35.11 40.00 25.31
CA GLN D 91 36.56 39.91 25.10
C GLN D 91 36.97 38.49 24.72
N LYS D 92 36.29 37.51 25.31
CA LYS D 92 36.57 36.10 25.04
C LYS D 92 36.35 35.77 23.57
N LEU D 93 35.49 36.54 22.91
CA LEU D 93 35.22 36.32 21.49
C LEU D 93 36.46 36.65 20.68
N HIS D 94 37.00 37.84 20.92
CA HIS D 94 38.19 38.29 20.21
C HIS D 94 39.38 37.42 20.58
N GLU D 95 39.47 37.06 21.85
CA GLU D 95 40.56 36.22 22.35
C GLU D 95 40.57 34.85 21.65
N LEU D 96 39.39 34.23 21.56
CA LEU D 96 39.27 32.92 20.93
C LEU D 96 39.53 33.04 19.43
N GLN D 97 39.01 34.09 18.83
CA GLN D 97 39.17 34.34 17.40
C GLN D 97 40.61 34.63 17.02
N GLU D 98 41.31 35.37 17.88
CA GLU D 98 42.69 35.76 17.65
C GLU D 98 43.61 34.55 17.43
N LYS D 99 43.28 33.43 18.06
CA LYS D 99 44.08 32.22 17.94
C LYS D 99 43.69 31.39 16.70
N LEU D 100 42.70 31.88 15.96
CA LEU D 100 42.23 31.17 14.77
C LEU D 100 42.70 31.84 13.48
N SER D 101 42.81 33.17 13.52
CA SER D 101 43.23 33.96 12.36
C SER D 101 44.59 33.52 11.76
N PRO D 102 45.66 33.35 12.58
CA PRO D 102 46.98 32.93 12.08
C PRO D 102 46.94 31.66 11.24
N LEU D 103 46.29 30.62 11.77
CA LEU D 103 46.20 29.35 11.08
C LEU D 103 45.42 29.51 9.77
N GLY D 104 44.40 30.36 9.80
CA GLY D 104 43.59 30.60 8.63
C GLY D 104 44.37 31.30 7.53
N GLU D 105 45.23 32.23 7.94
CA GLU D 105 46.06 32.97 6.99
C GLU D 105 47.17 32.08 6.44
N GLU D 106 47.75 31.28 7.32
CA GLU D 106 48.83 30.37 6.95
C GLU D 106 48.38 29.42 5.85
N MET D 107 47.18 28.87 6.01
CA MET D 107 46.63 27.94 5.03
C MET D 107 46.32 28.65 3.72
N ARG D 108 45.93 29.93 3.81
CA ARG D 108 45.60 30.71 2.62
C ARG D 108 46.81 30.85 1.70
N ASP D 109 47.98 31.07 2.31
CA ASP D 109 49.21 31.22 1.54
C ASP D 109 49.51 29.99 0.71
N ARG D 110 49.42 28.82 1.34
CA ARG D 110 49.69 27.57 0.67
C ARG D 110 48.64 27.27 -0.40
N ALA D 111 47.39 27.57 -0.08
CA ALA D 111 46.29 27.36 -1.02
C ALA D 111 46.47 28.21 -2.25
N ARG D 112 46.88 29.46 -2.06
CA ARG D 112 47.12 30.39 -3.16
C ARG D 112 48.14 29.83 -4.15
N ALA D 113 49.27 29.35 -3.63
CA ALA D 113 50.32 28.79 -4.46
C ALA D 113 49.85 27.55 -5.20
N HIS D 114 48.99 26.77 -4.55
CA HIS D 114 48.46 25.55 -5.15
C HIS D 114 47.49 25.87 -6.28
N VAL D 115 46.59 26.82 -6.04
CA VAL D 115 45.61 27.22 -7.05
C VAL D 115 46.29 27.82 -8.27
N ASP D 116 47.40 28.50 -8.04
CA ASP D 116 48.16 29.12 -9.12
C ASP D 116 48.75 28.07 -10.05
N ALA D 117 49.36 27.04 -9.47
CA ALA D 117 49.96 25.96 -10.24
C ALA D 117 48.89 25.19 -11.03
N LEU D 118 47.72 25.07 -10.42
CA LEU D 118 46.61 24.35 -11.06
C LEU D 118 46.22 25.01 -12.38
N ARG D 119 46.39 26.33 -12.46
CA ARG D 119 46.06 27.07 -13.66
C ARG D 119 47.01 26.70 -14.80
N THR D 120 48.30 26.65 -14.47
CA THR D 120 49.34 26.32 -15.44
C THR D 120 49.24 24.86 -15.88
N HIS D 121 48.57 24.05 -15.07
CA HIS D 121 48.41 22.64 -15.36
C HIS D 121 47.37 22.40 -16.45
N LEU D 122 46.34 23.25 -16.48
CA LEU D 122 45.26 23.10 -17.47
C LEU D 122 45.42 24.05 -18.65
N ALA D 123 46.30 25.04 -18.50
CA ALA D 123 46.54 26.03 -19.55
C ALA D 123 46.82 25.43 -20.93
N PRO D 124 47.89 24.60 -21.09
CA PRO D 124 48.23 24.01 -22.38
C PRO D 124 47.15 23.05 -22.89
N TYR D 125 46.56 22.30 -21.97
CA TYR D 125 45.50 21.33 -22.30
C TYR D 125 44.33 22.01 -23.00
N SER D 126 44.02 23.22 -22.57
CA SER D 126 42.91 23.98 -23.15
C SER D 126 43.07 24.19 -24.65
N ASP D 127 44.18 24.80 -25.05
CA ASP D 127 44.44 25.07 -26.47
C ASP D 127 44.57 23.78 -27.27
N GLU D 128 45.33 22.83 -26.73
CA GLU D 128 45.56 21.55 -27.40
C GLU D 128 44.24 20.84 -27.72
N LEU D 129 43.31 20.85 -26.76
CA LEU D 129 42.02 20.21 -26.96
C LEU D 129 41.22 20.92 -28.04
N ARG D 130 41.30 22.24 -28.06
CA ARG D 130 40.60 23.06 -29.05
C ARG D 130 41.10 22.73 -30.45
N GLN D 131 42.41 22.49 -30.57
CA GLN D 131 43.03 22.16 -31.85
C GLN D 131 42.43 20.89 -32.43
N ARG D 132 42.46 19.83 -31.64
CA ARG D 132 41.93 18.53 -32.06
C ARG D 132 40.43 18.60 -32.33
N LEU D 133 39.73 19.47 -31.59
CA LEU D 133 38.30 19.64 -31.76
C LEU D 133 37.99 20.17 -33.17
N ALA D 134 38.76 21.16 -33.58
CA ALA D 134 38.59 21.77 -34.89
C ALA D 134 38.95 20.80 -36.01
N ALA D 135 40.03 20.04 -35.81
CA ALA D 135 40.49 19.08 -36.79
C ALA D 135 39.43 18.04 -37.11
N ARG D 136 38.81 17.46 -36.07
CA ARG D 136 37.79 16.45 -36.26
C ARG D 136 36.47 17.06 -36.75
N LEU D 137 36.26 18.32 -36.42
CA LEU D 137 35.04 19.02 -36.83
C LEU D 137 35.09 19.34 -38.32
N GLU D 138 36.26 19.78 -38.78
CA GLU D 138 36.45 20.12 -40.17
C GLU D 138 36.29 18.88 -41.05
N ALA D 139 36.93 17.78 -40.64
CA ALA D 139 36.85 16.53 -41.37
C ALA D 139 35.40 16.06 -41.48
N LEU D 140 34.67 16.20 -40.38
CA LEU D 140 33.27 15.81 -40.33
C LEU D 140 32.42 16.70 -41.23
N LYS D 141 32.83 17.96 -41.35
CA LYS D 141 32.12 18.92 -42.18
C LYS D 141 32.30 18.58 -43.66
N GLU D 142 33.53 18.29 -44.04
CA GLU D 142 33.85 17.95 -45.43
C GLU D 142 33.16 16.64 -45.83
N ASN D 143 33.23 15.66 -44.94
CA ASN D 143 32.64 14.35 -45.20
C ASN D 143 31.11 14.41 -45.25
N GLY D 144 30.51 14.98 -44.22
CA GLY D 144 29.07 15.08 -44.13
C GLY D 144 28.46 16.06 -45.13
N GLY D 145 29.30 16.88 -45.75
CA GLY D 145 28.82 17.87 -46.70
C GLY D 145 28.01 17.25 -47.82
N ALA D 146 28.57 16.24 -48.46
CA ALA D 146 27.88 15.56 -49.56
C ALA D 146 26.78 14.64 -49.06
N ARG D 147 27.00 14.05 -47.88
CA ARG D 147 26.05 13.14 -47.29
C ARG D 147 24.72 13.83 -46.98
N LEU D 148 24.79 15.02 -46.38
CA LEU D 148 23.59 15.78 -46.04
C LEU D 148 22.80 16.15 -47.29
N ALA D 149 23.51 16.50 -48.35
CA ALA D 149 22.87 16.87 -49.62
C ALA D 149 22.13 15.70 -50.22
N GLU D 150 22.62 14.49 -49.99
CA GLU D 150 21.99 13.29 -50.51
C GLU D 150 20.64 13.07 -49.82
N TYR D 151 20.59 13.32 -48.52
CA TYR D 151 19.38 13.17 -47.75
C TYR D 151 18.31 14.12 -48.25
N HIS D 152 18.67 15.39 -48.37
CA HIS D 152 17.75 16.42 -48.83
C HIS D 152 17.23 16.12 -50.23
N ALA D 153 18.10 15.60 -51.08
CA ALA D 153 17.73 15.27 -52.46
C ALA D 153 16.56 14.30 -52.52
N LYS D 154 16.67 13.19 -51.79
CA LYS D 154 15.61 12.19 -51.78
C LYS D 154 14.44 12.58 -50.88
N ALA D 155 14.73 13.38 -49.85
CA ALA D 155 13.68 13.82 -48.93
C ALA D 155 12.62 14.63 -49.67
N THR D 156 13.06 15.54 -50.52
CA THR D 156 12.15 16.38 -51.29
C THR D 156 11.33 15.54 -52.27
N GLU D 157 11.92 14.47 -52.79
CA GLU D 157 11.24 13.60 -53.73
C GLU D 157 10.09 12.89 -53.05
N HIS D 158 10.32 12.43 -51.83
CA HIS D 158 9.28 11.74 -51.06
C HIS D 158 8.18 12.73 -50.65
N LEU D 159 8.59 13.97 -50.41
CA LEU D 159 7.68 15.03 -49.99
C LEU D 159 6.65 15.33 -51.08
N SER D 160 7.10 15.41 -52.33
CA SER D 160 6.21 15.70 -53.45
C SER D 160 5.11 14.66 -53.59
N THR D 161 5.51 13.39 -53.52
CA THR D 161 4.55 12.29 -53.65
C THR D 161 3.74 12.09 -52.36
N LEU D 162 3.94 12.95 -51.38
CA LEU D 162 3.22 12.84 -50.11
C LEU D 162 2.09 13.86 -50.00
N SER D 163 2.20 14.96 -50.73
CA SER D 163 1.19 16.01 -50.68
C SER D 163 0.52 16.25 -52.03
N GLU D 164 0.68 15.30 -52.95
CA GLU D 164 0.09 15.44 -54.27
C GLU D 164 -1.42 15.19 -54.26
N LYS D 165 -1.84 14.07 -53.66
CA LYS D 165 -3.25 13.71 -53.61
C LYS D 165 -3.85 14.04 -52.24
N ALA D 166 -3.61 15.25 -51.77
CA ALA D 166 -4.13 15.68 -50.48
C ALA D 166 -5.36 16.57 -50.65
N LYS D 167 -5.19 17.62 -51.44
CA LYS D 167 -6.27 18.57 -51.69
C LYS D 167 -7.46 17.98 -52.47
N PRO D 168 -7.22 17.30 -53.62
CA PRO D 168 -8.31 16.72 -54.44
C PRO D 168 -9.24 15.81 -53.64
N ALA D 169 -8.68 15.00 -52.74
CA ALA D 169 -9.47 14.09 -51.93
C ALA D 169 -10.40 14.84 -50.99
N LEU D 170 -9.90 15.95 -50.44
CA LEU D 170 -10.67 16.77 -49.52
C LEU D 170 -11.76 17.52 -50.26
N GLU D 171 -11.43 18.00 -51.45
CA GLU D 171 -12.36 18.75 -52.28
C GLU D 171 -13.51 17.88 -52.78
N ASP D 172 -13.19 16.65 -53.18
CA ASP D 172 -14.20 15.71 -53.68
C ASP D 172 -15.32 15.53 -52.67
N LEU D 173 -14.95 15.22 -51.44
CA LEU D 173 -15.92 14.99 -50.37
C LEU D 173 -16.68 16.27 -50.04
N ARG D 174 -15.97 17.39 -50.00
CA ARG D 174 -16.56 18.69 -49.68
C ARG D 174 -17.71 19.02 -50.62
N GLN D 175 -17.50 18.77 -51.91
CA GLN D 175 -18.51 19.07 -52.92
C GLN D 175 -19.73 18.16 -52.82
N GLY D 176 -19.58 17.01 -52.20
CA GLY D 176 -20.69 16.09 -52.08
C GLY D 176 -21.46 16.21 -50.77
N LEU D 177 -20.78 16.68 -49.73
CA LEU D 177 -21.41 16.83 -48.42
C LEU D 177 -22.25 18.10 -48.33
N LEU D 178 -21.85 19.13 -49.08
CA LEU D 178 -22.54 20.43 -49.06
C LEU D 178 -24.05 20.36 -49.27
N PRO D 179 -24.55 19.73 -50.37
CA PRO D 179 -25.99 19.64 -50.63
C PRO D 179 -26.80 19.09 -49.47
N VAL D 180 -26.36 17.97 -48.91
CA VAL D 180 -27.06 17.33 -47.80
C VAL D 180 -27.01 18.20 -46.54
N LEU D 181 -25.89 18.88 -46.35
CA LEU D 181 -25.70 19.74 -45.20
C LEU D 181 -26.64 20.96 -45.25
N GLU D 182 -26.81 21.50 -46.45
CA GLU D 182 -27.67 22.66 -46.65
C GLU D 182 -29.12 22.36 -46.28
N SER D 183 -29.60 21.20 -46.71
CA SER D 183 -30.97 20.78 -46.42
C SER D 183 -31.21 20.66 -44.92
N PHE D 184 -30.17 20.23 -44.20
CA PHE D 184 -30.27 20.06 -42.76
C PHE D 184 -30.36 21.40 -42.05
N LYS D 185 -29.58 22.38 -42.54
CA LYS D 185 -29.56 23.71 -41.95
C LYS D 185 -30.95 24.33 -41.90
N VAL D 186 -31.64 24.31 -43.04
CA VAL D 186 -32.98 24.88 -43.13
C VAL D 186 -33.97 24.10 -42.25
N SER D 187 -33.91 22.78 -42.32
CA SER D 187 -34.80 21.92 -41.53
C SER D 187 -34.65 22.20 -40.04
N PHE D 188 -33.41 22.31 -39.58
CA PHE D 188 -33.14 22.59 -38.18
C PHE D 188 -33.63 23.98 -37.80
N LEU D 189 -33.34 24.94 -38.68
CA LEU D 189 -33.72 26.34 -38.46
C LEU D 189 -35.25 26.50 -38.39
N SER D 190 -35.96 25.74 -39.21
CA SER D 190 -37.42 25.80 -39.22
C SER D 190 -38.01 25.26 -37.92
N ALA D 191 -37.40 24.21 -37.41
CA ALA D 191 -37.87 23.58 -36.18
C ALA D 191 -37.61 24.49 -34.97
N LEU D 192 -36.58 25.30 -35.07
CA LEU D 192 -36.19 26.23 -34.01
C LEU D 192 -37.37 27.10 -33.55
N GLU D 193 -37.94 27.83 -34.49
CA GLU D 193 -39.07 28.73 -34.21
C GLU D 193 -40.24 27.99 -33.54
N GLU D 194 -40.58 26.82 -34.09
CA GLU D 194 -41.68 26.01 -33.57
C GLU D 194 -41.52 25.68 -32.08
N TYR D 195 -40.30 25.35 -31.69
CA TYR D 195 -40.05 24.98 -30.30
C TYR D 195 -40.09 26.16 -29.35
N THR D 196 -39.44 27.26 -29.72
CA THR D 196 -39.41 28.44 -28.87
C THR D 196 -40.78 29.12 -28.77
N LYS D 197 -41.62 28.89 -29.76
CA LYS D 197 -42.96 29.46 -29.79
C LYS D 197 -43.73 29.06 -28.52
N LYS D 198 -43.75 27.76 -28.23
CA LYS D 198 -44.45 27.26 -27.06
C LYS D 198 -43.67 27.56 -25.79
N LEU D 199 -42.35 27.57 -25.89
CA LEU D 199 -41.49 27.84 -24.74
C LEU D 199 -41.67 29.27 -24.24
N ASN D 200 -41.61 30.22 -25.16
CA ASN D 200 -41.79 31.62 -24.81
C ASN D 200 -43.22 31.88 -24.41
N THR A 2 3.18 -13.00 2.36
CA THR A 2 2.99 -13.17 0.93
C THR A 2 1.89 -14.19 0.68
N GLU A 3 1.03 -13.92 -0.31
CA GLU A 3 -0.06 -14.82 -0.64
C GLU A 3 0.24 -15.58 -1.92
N TYR A 4 0.09 -16.90 -1.87
CA TYR A 4 0.35 -17.75 -3.02
C TYR A 4 -0.84 -18.69 -3.26
N LYS A 5 -1.44 -18.58 -4.45
CA LYS A 5 -2.59 -19.42 -4.80
C LYS A 5 -2.12 -20.69 -5.52
N LEU A 6 -2.43 -21.84 -4.93
CA LEU A 6 -2.03 -23.13 -5.48
C LEU A 6 -3.25 -23.97 -5.83
N VAL A 7 -3.19 -24.64 -6.98
CA VAL A 7 -4.28 -25.49 -7.42
C VAL A 7 -3.75 -26.88 -7.78
N VAL A 8 -4.17 -27.89 -7.03
CA VAL A 8 -3.75 -29.26 -7.28
C VAL A 8 -4.55 -29.85 -8.43
N VAL A 9 -3.87 -30.28 -9.48
CA VAL A 9 -4.52 -30.85 -10.64
C VAL A 9 -4.06 -32.28 -10.89
N GLY A 10 -4.86 -33.01 -11.67
CA GLY A 10 -4.53 -34.39 -11.97
C GLY A 10 -5.78 -35.25 -12.04
N ALA A 11 -5.59 -36.55 -12.03
CA ALA A 11 -6.72 -37.48 -12.10
C ALA A 11 -7.35 -37.65 -10.72
N ASP A 12 -8.23 -38.63 -10.60
CA ASP A 12 -8.89 -38.90 -9.33
C ASP A 12 -8.39 -40.21 -8.74
N GLY A 13 -8.31 -40.26 -7.42
CA GLY A 13 -7.83 -41.45 -6.75
C GLY A 13 -6.33 -41.58 -6.81
N VAL A 14 -5.64 -40.51 -7.22
CA VAL A 14 -4.19 -40.53 -7.33
C VAL A 14 -3.50 -40.06 -6.05
N GLY A 15 -4.27 -39.44 -5.17
CA GLY A 15 -3.73 -38.97 -3.91
C GLY A 15 -3.52 -37.47 -3.88
N LYS A 16 -4.36 -36.73 -4.60
CA LYS A 16 -4.25 -35.28 -4.63
C LYS A 16 -4.57 -34.69 -3.25
N SER A 17 -5.55 -35.29 -2.60
CA SER A 17 -5.96 -34.82 -1.30
C SER A 17 -5.13 -35.47 -0.21
N ALA A 18 -4.69 -36.70 -0.46
CA ALA A 18 -3.88 -37.42 0.50
C ALA A 18 -2.65 -36.61 0.86
N LEU A 19 -2.00 -36.04 -0.16
CA LEU A 19 -0.82 -35.21 0.04
C LEU A 19 -1.19 -33.92 0.76
N THR A 20 -2.25 -33.28 0.29
CA THR A 20 -2.73 -32.03 0.85
C THR A 20 -3.17 -32.18 2.31
N ILE A 21 -3.97 -33.22 2.59
CA ILE A 21 -4.45 -33.47 3.94
C ILE A 21 -3.27 -33.69 4.90
N GLN A 22 -2.24 -34.37 4.40
CA GLN A 22 -1.05 -34.63 5.19
C GLN A 22 -0.38 -33.31 5.57
N LEU A 23 -0.33 -32.39 4.62
CA LEU A 23 0.28 -31.09 4.85
C LEU A 23 -0.57 -30.26 5.81
N ILE A 24 -1.87 -30.49 5.79
CA ILE A 24 -2.79 -29.73 6.64
C ILE A 24 -2.94 -30.34 8.04
N GLN A 25 -3.60 -31.49 8.12
CA GLN A 25 -3.87 -32.13 9.41
C GLN A 25 -2.77 -33.10 9.85
N ASN A 26 -1.80 -33.35 8.98
CA ASN A 26 -0.67 -34.23 9.29
C ASN A 26 -1.06 -35.70 9.34
N HIS A 27 -2.17 -36.07 8.71
CA HIS A 27 -2.60 -37.46 8.70
C HIS A 27 -2.96 -37.93 7.30
N PHE A 28 -2.87 -39.23 7.08
CA PHE A 28 -3.16 -39.82 5.78
C PHE A 28 -4.48 -40.58 5.80
N VAL A 29 -5.34 -40.29 4.83
CA VAL A 29 -6.63 -40.94 4.72
C VAL A 29 -6.53 -42.09 3.72
N ASP A 30 -7.02 -43.25 4.11
CA ASP A 30 -6.98 -44.43 3.25
C ASP A 30 -8.27 -44.56 2.45
N GLU A 31 -9.34 -43.95 2.96
CA GLU A 31 -10.63 -44.01 2.27
C GLU A 31 -10.73 -42.90 1.24
N TYR A 32 -11.19 -43.26 0.04
CA TYR A 32 -11.34 -42.31 -1.05
C TYR A 32 -12.49 -41.35 -0.78
N ASP A 33 -12.29 -40.08 -1.09
CA ASP A 33 -13.32 -39.08 -0.88
C ASP A 33 -13.40 -38.10 -2.05
N PRO A 34 -14.49 -38.17 -2.83
CA PRO A 34 -14.71 -37.28 -3.98
C PRO A 34 -14.81 -35.82 -3.52
N THR A 35 -14.15 -34.92 -4.26
CA THR A 35 -14.17 -33.52 -3.89
C THR A 35 -14.50 -32.62 -5.07
N ILE A 36 -15.28 -31.59 -4.81
CA ILE A 36 -15.64 -30.62 -5.84
C ILE A 36 -14.54 -29.56 -5.89
N GLU A 37 -14.44 -28.79 -4.82
CA GLU A 37 -13.47 -27.73 -4.69
C GLU A 37 -13.17 -27.49 -3.21
N ASP A 38 -12.13 -28.14 -2.70
CA ASP A 38 -11.77 -28.01 -1.29
C ASP A 38 -10.60 -27.05 -1.10
N SER A 39 -10.86 -25.92 -0.48
CA SER A 39 -9.83 -24.92 -0.24
C SER A 39 -9.22 -25.10 1.15
N TYR A 40 -7.90 -24.92 1.25
CA TYR A 40 -7.18 -25.05 2.51
C TYR A 40 -6.28 -23.86 2.74
N ARG A 41 -6.11 -23.47 4.00
CA ARG A 41 -5.28 -22.34 4.36
C ARG A 41 -4.13 -22.76 5.26
N LYS A 42 -2.90 -22.55 4.82
CA LYS A 42 -1.73 -22.92 5.59
C LYS A 42 -0.62 -21.89 5.39
N GLN A 43 -0.17 -21.31 6.49
CA GLN A 43 0.90 -20.32 6.45
C GLN A 43 2.19 -20.94 6.95
N VAL A 44 3.23 -20.94 6.13
CA VAL A 44 4.51 -21.52 6.50
C VAL A 44 5.67 -20.62 6.10
N VAL A 45 6.86 -20.90 6.64
CA VAL A 45 8.06 -20.13 6.36
C VAL A 45 8.95 -20.91 5.38
N ILE A 46 9.06 -20.39 4.17
CA ILE A 46 9.89 -21.02 3.14
C ILE A 46 10.91 -20.02 2.60
N ASP A 47 12.17 -20.44 2.54
CA ASP A 47 13.28 -19.61 2.06
C ASP A 47 13.49 -18.39 2.94
N GLY A 48 13.11 -18.49 4.21
CA GLY A 48 13.28 -17.40 5.13
C GLY A 48 12.18 -16.36 5.05
N GLU A 49 11.08 -16.69 4.39
CA GLU A 49 9.96 -15.78 4.26
C GLU A 49 8.65 -16.49 4.56
N THR A 50 7.86 -15.90 5.45
CA THR A 50 6.57 -16.46 5.83
C THR A 50 5.50 -16.11 4.81
N CYS A 51 4.87 -17.13 4.24
CA CYS A 51 3.84 -16.92 3.23
C CYS A 51 2.62 -17.81 3.49
N LEU A 52 1.47 -17.40 2.96
CA LEU A 52 0.24 -18.14 3.11
C LEU A 52 -0.05 -18.90 1.83
N LEU A 53 -0.14 -20.21 1.93
CA LEU A 53 -0.42 -21.05 0.78
C LEU A 53 -1.89 -21.40 0.69
N ASP A 54 -2.52 -20.99 -0.39
CA ASP A 54 -3.92 -21.25 -0.64
C ASP A 54 -4.05 -22.46 -1.56
N ILE A 55 -4.11 -23.64 -0.97
CA ILE A 55 -4.21 -24.88 -1.74
C ILE A 55 -5.67 -25.22 -2.07
N LEU A 56 -5.88 -25.83 -3.24
CA LEU A 56 -7.23 -26.18 -3.67
C LEU A 56 -7.29 -27.60 -4.22
N ASP A 57 -8.08 -28.45 -3.55
CA ASP A 57 -8.27 -29.83 -3.98
C ASP A 57 -9.42 -29.86 -4.99
N THR A 58 -9.07 -29.85 -6.27
CA THR A 58 -10.07 -29.84 -7.33
C THR A 58 -10.49 -31.24 -7.75
N ALA A 59 -11.66 -31.33 -8.37
CA ALA A 59 -12.18 -32.61 -8.85
C ALA A 59 -11.30 -33.14 -9.97
N GLY A 60 -11.00 -34.43 -9.93
CA GLY A 60 -10.17 -35.03 -10.95
C GLY A 60 -10.90 -36.11 -11.71
N GLN A 61 -12.22 -36.03 -11.71
CA GLN A 61 -13.05 -37.02 -12.39
C GLN A 61 -13.42 -36.58 -13.80
N GLU A 62 -12.72 -35.55 -14.30
CA GLU A 62 -12.96 -35.03 -15.64
C GLU A 62 -14.34 -34.40 -15.83
N GLU A 63 -14.73 -34.21 -17.10
CA GLU A 63 -16.01 -33.62 -17.48
C GLU A 63 -16.04 -32.11 -17.29
N TYR A 64 -15.59 -31.66 -16.13
CA TYR A 64 -15.58 -30.24 -15.79
C TYR A 64 -14.60 -29.45 -16.67
N SER A 65 -15.05 -29.01 -17.82
CA SER A 65 -14.21 -28.25 -18.73
C SER A 65 -14.25 -26.77 -18.38
N ALA A 66 -15.45 -26.26 -18.12
CA ALA A 66 -15.64 -24.86 -17.77
C ALA A 66 -15.16 -24.58 -16.36
N MET A 67 -15.42 -25.53 -15.46
CA MET A 67 -15.02 -25.41 -14.07
C MET A 67 -13.49 -25.33 -13.94
N ARG A 68 -12.82 -26.15 -14.75
CA ARG A 68 -11.36 -26.18 -14.75
C ARG A 68 -10.78 -24.82 -15.11
N ASP A 69 -11.41 -24.16 -16.08
CA ASP A 69 -10.98 -22.84 -16.55
C ASP A 69 -11.02 -21.81 -15.44
N GLN A 70 -11.98 -21.94 -14.54
CA GLN A 70 -12.16 -21.01 -13.43
C GLN A 70 -10.95 -20.96 -12.49
N TYR A 71 -10.66 -22.08 -11.84
CA TYR A 71 -9.54 -22.13 -10.89
C TYR A 71 -8.17 -22.01 -11.56
N MET A 72 -8.12 -22.28 -12.86
CA MET A 72 -6.86 -22.21 -13.58
C MET A 72 -6.41 -20.76 -13.80
N ARG A 73 -7.37 -19.84 -13.75
CA ARG A 73 -7.07 -18.42 -13.93
C ARG A 73 -6.55 -17.84 -12.62
N THR A 74 -7.20 -18.21 -11.53
CA THR A 74 -6.83 -17.73 -10.20
C THR A 74 -5.52 -18.35 -9.71
N GLY A 75 -5.34 -19.64 -9.96
CA GLY A 75 -4.15 -20.33 -9.52
C GLY A 75 -2.89 -19.85 -10.21
N GLU A 76 -1.83 -19.69 -9.44
CA GLU A 76 -0.54 -19.24 -9.97
C GLU A 76 0.33 -20.45 -10.26
N GLY A 77 0.48 -21.30 -9.25
CA GLY A 77 1.29 -22.50 -9.41
C GLY A 77 0.43 -23.74 -9.39
N PHE A 78 0.66 -24.64 -10.33
CA PHE A 78 -0.14 -25.85 -10.42
C PHE A 78 0.67 -27.10 -10.08
N LEU A 79 0.13 -27.89 -9.18
CA LEU A 79 0.77 -29.12 -8.76
C LEU A 79 0.17 -30.29 -9.54
N CYS A 80 0.95 -30.85 -10.44
CA CYS A 80 0.49 -31.98 -11.25
C CYS A 80 0.75 -33.29 -10.52
N VAL A 81 -0.29 -33.83 -9.89
CA VAL A 81 -0.18 -35.06 -9.14
C VAL A 81 -0.68 -36.25 -9.92
N PHE A 82 0.20 -37.23 -10.12
CA PHE A 82 -0.15 -38.45 -10.82
C PHE A 82 0.31 -39.65 -10.03
N ALA A 83 -0.40 -40.76 -10.15
CA ALA A 83 -0.06 -41.98 -9.45
C ALA A 83 0.84 -42.85 -10.31
N ILE A 84 1.95 -43.28 -9.73
CA ILE A 84 2.91 -44.12 -10.46
C ILE A 84 2.36 -45.51 -10.75
N ASN A 85 1.25 -45.86 -10.11
CA ASN A 85 0.63 -47.16 -10.32
C ASN A 85 -0.49 -47.05 -11.35
N ASN A 86 -0.72 -45.84 -11.84
CA ASN A 86 -1.75 -45.57 -12.83
C ASN A 86 -1.18 -44.76 -13.99
N THR A 87 -0.95 -45.42 -15.11
CA THR A 87 -0.40 -44.78 -16.30
C THR A 87 -1.33 -43.71 -16.85
N LYS A 88 -2.63 -43.87 -16.61
CA LYS A 88 -3.63 -42.91 -17.08
C LYS A 88 -3.33 -41.51 -16.58
N SER A 89 -3.05 -41.39 -15.29
CA SER A 89 -2.75 -40.10 -14.68
C SER A 89 -1.50 -39.46 -15.29
N PHE A 90 -0.53 -40.30 -15.64
CA PHE A 90 0.71 -39.83 -16.23
C PHE A 90 0.48 -39.24 -17.62
N GLU A 91 -0.29 -39.96 -18.44
CA GLU A 91 -0.58 -39.51 -19.79
C GLU A 91 -1.52 -38.31 -19.78
N ASP A 92 -2.29 -38.19 -18.71
CA ASP A 92 -3.24 -37.08 -18.56
C ASP A 92 -2.53 -35.79 -18.19
N ILE A 93 -1.29 -35.91 -17.73
CA ILE A 93 -0.49 -34.76 -17.33
C ILE A 93 -0.33 -33.78 -18.49
N HIS A 94 -0.14 -34.31 -19.69
CA HIS A 94 0.03 -33.50 -20.88
C HIS A 94 -1.25 -32.74 -21.20
N HIS A 95 -2.39 -33.39 -21.00
CA HIS A 95 -3.67 -32.78 -21.27
C HIS A 95 -3.90 -31.60 -20.35
N TYR A 96 -3.55 -31.78 -19.09
CA TYR A 96 -3.70 -30.72 -18.10
C TYR A 96 -2.74 -29.56 -18.37
N ARG A 97 -1.48 -29.91 -18.63
CA ARG A 97 -0.45 -28.92 -18.91
C ARG A 97 -0.82 -28.01 -20.08
N GLU A 98 -1.31 -28.61 -21.16
CA GLU A 98 -1.70 -27.84 -22.33
C GLU A 98 -2.91 -26.96 -22.02
N GLN A 99 -3.84 -27.49 -21.25
CA GLN A 99 -5.04 -26.76 -20.88
C GLN A 99 -4.67 -25.49 -20.09
N ILE A 100 -3.82 -25.66 -19.07
CA ILE A 100 -3.39 -24.55 -18.23
C ILE A 100 -2.79 -23.42 -19.07
N LYS A 101 -1.93 -23.80 -20.02
CA LYS A 101 -1.28 -22.83 -20.89
C LYS A 101 -2.29 -22.05 -21.72
N ARG A 102 -3.31 -22.75 -22.21
CA ARG A 102 -4.35 -22.10 -23.02
C ARG A 102 -5.22 -21.19 -22.16
N VAL A 103 -5.58 -21.67 -20.98
CA VAL A 103 -6.41 -20.93 -20.05
C VAL A 103 -5.75 -19.61 -19.62
N LYS A 104 -4.46 -19.66 -19.32
CA LYS A 104 -3.74 -18.48 -18.88
C LYS A 104 -3.05 -17.75 -20.03
N ASP A 105 -3.21 -18.28 -21.26
CA ASP A 105 -2.59 -17.69 -22.45
C ASP A 105 -1.11 -17.44 -22.23
N SER A 106 -0.42 -18.43 -21.68
CA SER A 106 1.00 -18.31 -21.41
C SER A 106 1.68 -19.66 -21.60
N GLU A 107 2.88 -19.63 -22.16
CA GLU A 107 3.64 -20.85 -22.38
C GLU A 107 4.45 -21.19 -21.15
N ASP A 108 4.71 -20.19 -20.32
CA ASP A 108 5.48 -20.38 -19.11
C ASP A 108 4.56 -20.38 -17.89
N VAL A 109 4.51 -21.51 -17.20
CA VAL A 109 3.67 -21.66 -16.02
C VAL A 109 4.43 -22.45 -14.95
N PRO A 110 4.59 -21.89 -13.75
CA PRO A 110 5.28 -22.56 -12.65
C PRO A 110 4.51 -23.78 -12.15
N MET A 111 4.82 -24.94 -12.70
CA MET A 111 4.16 -26.17 -12.33
C MET A 111 5.16 -27.14 -11.74
N VAL A 112 4.66 -28.11 -11.00
CA VAL A 112 5.51 -29.12 -10.36
C VAL A 112 4.94 -30.51 -10.62
N LEU A 113 5.79 -31.41 -11.11
CA LEU A 113 5.37 -32.77 -11.39
C LEU A 113 5.56 -33.65 -10.15
N VAL A 114 4.46 -34.19 -9.64
CA VAL A 114 4.52 -35.01 -8.44
C VAL A 114 4.06 -36.44 -8.72
N GLY A 115 4.95 -37.40 -8.48
CA GLY A 115 4.61 -38.79 -8.66
C GLY A 115 4.25 -39.41 -7.34
N ASN A 116 2.97 -39.59 -7.09
CA ASN A 116 2.50 -40.14 -5.82
C ASN A 116 2.36 -41.66 -5.85
N LYS A 117 2.19 -42.24 -4.66
CA LYS A 117 2.02 -43.69 -4.48
C LYS A 117 3.30 -44.46 -4.75
N CYS A 118 4.42 -43.92 -4.29
CA CYS A 118 5.72 -44.55 -4.47
C CYS A 118 5.89 -45.75 -3.54
N ASP A 119 5.15 -45.75 -2.45
CA ASP A 119 5.21 -46.84 -1.48
C ASP A 119 4.64 -48.11 -2.07
N LEU A 120 3.59 -47.97 -2.86
CA LEU A 120 2.94 -49.11 -3.51
C LEU A 120 3.86 -49.78 -4.51
N PRO A 121 3.84 -51.12 -4.54
CA PRO A 121 4.68 -51.89 -5.46
C PRO A 121 4.01 -52.06 -6.82
N SER A 122 4.77 -52.61 -7.77
CA SER A 122 4.28 -52.84 -9.13
C SER A 122 3.84 -51.54 -9.79
N ARG A 123 4.79 -50.62 -9.96
CA ARG A 123 4.49 -49.33 -10.57
C ARG A 123 4.49 -49.45 -12.10
N THR A 124 3.58 -48.75 -12.74
CA THR A 124 3.51 -48.76 -14.19
C THR A 124 4.27 -47.58 -14.78
N VAL A 125 4.34 -46.50 -14.01
CA VAL A 125 5.04 -45.30 -14.42
C VAL A 125 6.50 -45.37 -13.98
N ASP A 126 7.39 -45.33 -14.95
CA ASP A 126 8.83 -45.40 -14.68
C ASP A 126 9.39 -44.02 -14.36
N THR A 127 10.42 -43.98 -13.52
CA THR A 127 11.04 -42.73 -13.13
C THR A 127 11.71 -42.04 -14.31
N LYS A 128 12.30 -42.83 -15.20
CA LYS A 128 12.99 -42.29 -16.36
C LYS A 128 12.06 -41.48 -17.27
N GLN A 129 10.93 -42.08 -17.64
CA GLN A 129 9.96 -41.41 -18.51
C GLN A 129 9.38 -40.16 -17.83
N ALA A 130 9.24 -40.22 -16.52
CA ALA A 130 8.71 -39.10 -15.75
C ALA A 130 9.72 -37.95 -15.75
N GLN A 131 10.99 -38.29 -15.58
CA GLN A 131 12.07 -37.31 -15.59
C GLN A 131 12.17 -36.68 -16.97
N ASP A 132 11.91 -37.50 -18.00
CA ASP A 132 11.94 -37.06 -19.38
C ASP A 132 10.90 -35.98 -19.62
N LEU A 133 9.66 -36.26 -19.23
CA LEU A 133 8.56 -35.34 -19.41
C LEU A 133 8.80 -34.04 -18.64
N ALA A 134 9.29 -34.17 -17.41
CA ALA A 134 9.58 -33.02 -16.57
C ALA A 134 10.62 -32.12 -17.23
N ARG A 135 11.62 -32.76 -17.85
CA ARG A 135 12.68 -32.04 -18.52
C ARG A 135 12.13 -31.28 -19.73
N SER A 136 11.27 -31.95 -20.51
CA SER A 136 10.65 -31.34 -21.68
C SER A 136 9.82 -30.13 -21.29
N TYR A 137 9.09 -30.26 -20.19
CA TYR A 137 8.24 -29.19 -19.70
C TYR A 137 9.07 -28.06 -19.08
N GLY A 138 10.17 -28.44 -18.45
CA GLY A 138 11.00 -27.46 -17.79
C GLY A 138 10.56 -27.29 -16.36
N ILE A 139 10.04 -28.36 -15.77
CA ILE A 139 9.56 -28.34 -14.41
C ILE A 139 10.23 -29.46 -13.63
N PRO A 140 10.33 -29.33 -12.30
CA PRO A 140 10.94 -30.34 -11.44
C PRO A 140 9.99 -31.51 -11.16
N PHE A 141 10.57 -32.70 -11.03
CA PHE A 141 9.80 -33.90 -10.76
C PHE A 141 10.37 -34.65 -9.57
N ILE A 142 9.52 -34.96 -8.60
CA ILE A 142 9.92 -35.68 -7.41
C ILE A 142 8.89 -36.75 -7.07
N GLU A 143 9.36 -37.94 -6.75
CA GLU A 143 8.47 -39.04 -6.39
C GLU A 143 8.11 -38.95 -4.91
N THR A 144 6.83 -38.89 -4.60
CA THR A 144 6.38 -38.77 -3.23
C THR A 144 5.33 -39.84 -2.89
N SER A 145 4.94 -39.88 -1.62
CA SER A 145 3.93 -40.82 -1.16
C SER A 145 3.28 -40.25 0.11
N ALA A 146 2.00 -39.94 0.00
CA ALA A 146 1.25 -39.38 1.11
C ALA A 146 1.09 -40.39 2.23
N LYS A 147 1.08 -41.67 1.87
CA LYS A 147 0.93 -42.74 2.84
C LYS A 147 2.03 -42.71 3.89
N THR A 148 3.25 -42.49 3.44
CA THR A 148 4.41 -42.45 4.33
C THR A 148 4.87 -41.02 4.61
N ARG A 149 4.15 -40.04 4.06
CA ARG A 149 4.50 -38.62 4.25
C ARG A 149 5.81 -38.28 3.52
N GLN A 150 6.25 -39.20 2.68
CA GLN A 150 7.50 -39.04 1.95
C GLN A 150 7.41 -37.96 0.87
N GLY A 151 8.18 -36.90 1.05
CA GLY A 151 8.23 -35.81 0.09
C GLY A 151 6.97 -34.94 0.04
N VAL A 152 6.07 -35.14 1.00
CA VAL A 152 4.82 -34.37 1.03
C VAL A 152 5.11 -32.87 1.17
N ASP A 153 5.98 -32.53 2.11
CA ASP A 153 6.32 -31.15 2.36
C ASP A 153 7.19 -30.57 1.25
N ASP A 154 8.19 -31.35 0.84
CA ASP A 154 9.10 -30.90 -0.21
C ASP A 154 8.39 -30.62 -1.52
N ALA A 155 7.36 -31.42 -1.83
CA ALA A 155 6.60 -31.24 -3.07
C ALA A 155 6.02 -29.84 -3.18
N PHE A 156 5.39 -29.37 -2.11
CA PHE A 156 4.80 -28.03 -2.11
C PHE A 156 5.87 -26.96 -2.01
N TYR A 157 6.97 -27.29 -1.33
CA TYR A 157 8.09 -26.36 -1.18
C TYR A 157 8.65 -25.98 -2.55
N THR A 158 8.85 -26.98 -3.41
CA THR A 158 9.38 -26.75 -4.74
C THR A 158 8.45 -25.87 -5.57
N LEU A 159 7.15 -26.05 -5.36
CA LEU A 159 6.16 -25.26 -6.08
C LEU A 159 6.34 -23.78 -5.78
N VAL A 160 6.56 -23.48 -4.49
CA VAL A 160 6.78 -22.11 -4.05
C VAL A 160 8.07 -21.57 -4.68
N ARG A 161 9.05 -22.44 -4.79
CA ARG A 161 10.34 -22.08 -5.38
C ARG A 161 10.18 -21.70 -6.85
N GLU A 162 9.49 -22.57 -7.60
CA GLU A 162 9.26 -22.33 -9.01
C GLU A 162 8.46 -21.05 -9.24
N ILE A 163 7.46 -20.83 -8.39
CA ILE A 163 6.62 -19.64 -8.49
C ILE A 163 7.46 -18.37 -8.28
N ARG A 164 8.31 -18.40 -7.26
CA ARG A 164 9.17 -17.25 -6.96
C ARG A 164 10.09 -16.96 -8.14
N LYS A 165 10.67 -18.01 -8.72
CA LYS A 165 11.57 -17.85 -9.86
C LYS A 165 10.80 -17.36 -11.07
N HIS A 166 9.55 -17.77 -11.19
CA HIS A 166 8.70 -17.35 -12.30
C HIS A 166 8.42 -15.85 -12.19
N LYS A 167 8.11 -15.40 -10.98
CA LYS A 167 7.85 -13.98 -10.74
C LYS A 167 9.11 -13.17 -10.98
N GLU A 168 10.24 -13.73 -10.56
CA GLU A 168 11.53 -13.09 -10.75
C GLU A 168 11.82 -13.00 -12.24
N LYS A 169 11.56 -14.11 -12.95
CA LYS A 169 11.76 -14.17 -14.39
C LYS A 169 10.88 -13.16 -15.10
N MET A 170 9.64 -13.05 -14.65
CA MET A 170 8.68 -12.11 -15.24
C MET A 170 9.08 -10.66 -14.99
N SER A 171 9.80 -10.42 -13.89
CA SER A 171 10.25 -9.09 -13.54
C SER A 171 11.47 -8.70 -14.38
N LYS A 172 12.21 -9.71 -14.82
CA LYS A 172 13.40 -9.48 -15.63
C LYS A 172 13.06 -9.55 -17.11
N ASP A 173 12.08 -10.41 -17.42
CA ASP A 173 11.58 -10.64 -18.79
C ASP A 173 12.65 -11.01 -19.83
N GLY A 174 12.18 -11.34 -21.03
CA GLY A 174 13.08 -11.70 -22.09
C GLY A 174 13.59 -10.49 -22.83
N LYS A 175 12.71 -9.49 -22.95
CA LYS A 175 13.01 -8.24 -23.60
C LYS A 175 11.84 -7.28 -23.49
N LYS A 176 11.98 -6.10 -24.11
CA LYS A 176 10.96 -5.05 -24.10
C LYS A 176 10.99 -4.20 -22.83
N LYS A 177 11.04 -4.84 -21.67
CA LYS A 177 11.07 -4.12 -20.39
C LYS A 177 12.46 -4.14 -19.76
N LYS A 178 12.83 -5.30 -19.19
CA LYS A 178 14.13 -5.48 -18.53
C LYS A 178 14.28 -4.57 -17.31
N LYS A 179 13.95 -5.10 -16.14
CA LYS A 179 14.04 -4.33 -14.91
C LYS A 179 15.38 -4.53 -14.19
N LYS A 180 15.75 -5.79 -13.99
CA LYS A 180 17.00 -6.13 -13.31
C LYS A 180 18.17 -6.20 -14.29
N SER A 181 19.31 -5.67 -13.86
CA SER A 181 20.51 -5.65 -14.68
C SER A 181 21.76 -5.54 -13.80
N LYS A 182 22.77 -6.35 -14.09
CA LYS A 182 23.99 -6.34 -13.33
C LYS A 182 25.19 -6.68 -14.21
N THR A 183 25.96 -5.67 -14.55
CA THR A 183 27.13 -5.83 -15.39
C THR A 183 28.41 -5.52 -14.60
N LYS A 184 29.55 -6.01 -15.09
CA LYS A 184 30.83 -5.76 -14.44
C LYS A 184 31.99 -5.94 -15.42
N THR B 2 -9.33 -3.94 16.54
CA THR B 2 -10.59 -4.48 16.06
C THR B 2 -11.08 -5.58 16.99
N GLU B 3 -12.30 -5.43 17.48
CA GLU B 3 -12.90 -6.41 18.38
C GLU B 3 -13.55 -7.54 17.60
N TYR B 4 -13.26 -8.77 18.00
CA TYR B 4 -13.83 -9.95 17.36
C TYR B 4 -14.59 -10.77 18.40
N LYS B 5 -15.91 -10.76 18.31
CA LYS B 5 -16.75 -11.49 19.24
C LYS B 5 -16.84 -12.97 18.85
N LEU B 6 -16.18 -13.81 19.63
CA LEU B 6 -16.14 -15.24 19.38
C LEU B 6 -16.93 -15.99 20.45
N VAL B 7 -17.79 -16.90 20.02
CA VAL B 7 -18.59 -17.67 20.95
C VAL B 7 -18.29 -19.15 20.80
N VAL B 8 -18.01 -19.81 21.92
CA VAL B 8 -17.70 -21.22 21.90
C VAL B 8 -18.97 -22.02 22.15
N VAL B 9 -19.32 -22.90 21.23
CA VAL B 9 -20.51 -23.72 21.37
C VAL B 9 -20.16 -25.20 21.31
N GLY B 10 -21.07 -26.03 21.76
CA GLY B 10 -20.85 -27.46 21.78
C GLY B 10 -21.51 -28.10 22.97
N ALA B 11 -21.51 -29.42 23.00
CA ALA B 11 -22.14 -30.17 24.09
C ALA B 11 -21.28 -30.16 25.35
N ASP B 12 -21.60 -31.03 26.29
CA ASP B 12 -20.86 -31.11 27.55
C ASP B 12 -19.76 -32.18 27.48
N GLY B 13 -18.62 -31.86 28.08
CA GLY B 13 -17.51 -32.79 28.08
C GLY B 13 -16.69 -32.73 26.81
N VAL B 14 -16.87 -31.67 26.02
CA VAL B 14 -16.12 -31.53 24.77
C VAL B 14 -14.77 -30.86 24.99
N GLY B 15 -14.73 -29.92 25.92
CA GLY B 15 -13.49 -29.22 26.22
C GLY B 15 -13.51 -27.75 25.83
N LYS B 16 -14.70 -27.17 25.75
CA LYS B 16 -14.87 -25.76 25.39
C LYS B 16 -14.07 -24.85 26.32
N SER B 17 -14.31 -24.99 27.61
CA SER B 17 -13.62 -24.17 28.60
C SER B 17 -12.11 -24.42 28.57
N ALA B 18 -11.74 -25.70 28.47
CA ALA B 18 -10.34 -26.09 28.42
C ALA B 18 -9.61 -25.40 27.27
N LEU B 19 -10.22 -25.42 26.09
CA LEU B 19 -9.63 -24.77 24.92
C LEU B 19 -9.42 -23.29 25.14
N THR B 20 -10.45 -22.64 25.66
CA THR B 20 -10.39 -21.22 25.94
C THR B 20 -9.33 -20.90 27.00
N ILE B 21 -9.29 -21.70 28.05
CA ILE B 21 -8.32 -21.51 29.11
C ILE B 21 -6.91 -21.70 28.59
N GLN B 22 -6.74 -22.64 27.66
CA GLN B 22 -5.43 -22.93 27.07
C GLN B 22 -4.89 -21.74 26.26
N LEU B 23 -5.80 -20.89 25.80
CA LEU B 23 -5.42 -19.72 25.02
C LEU B 23 -5.30 -18.49 25.90
N ILE B 24 -6.18 -18.39 26.89
CA ILE B 24 -6.19 -17.23 27.79
C ILE B 24 -5.16 -17.36 28.92
N GLN B 25 -5.23 -18.46 29.66
CA GLN B 25 -4.33 -18.66 30.79
C GLN B 25 -3.13 -19.54 30.38
N ASN B 26 -3.30 -20.29 29.29
CA ASN B 26 -2.25 -21.16 28.74
C ASN B 26 -1.93 -22.37 29.60
N HIS B 27 -2.94 -22.97 30.22
CA HIS B 27 -2.73 -24.16 31.03
C HIS B 27 -3.89 -25.12 30.90
N PHE B 28 -3.62 -26.40 31.10
CA PHE B 28 -4.64 -27.43 30.98
C PHE B 28 -5.07 -27.95 32.34
N VAL B 29 -6.37 -27.98 32.56
CA VAL B 29 -6.93 -28.47 33.81
C VAL B 29 -7.45 -29.89 33.60
N ASP B 30 -7.48 -30.68 34.67
CA ASP B 30 -7.97 -32.05 34.58
C ASP B 30 -9.32 -32.18 35.27
N GLU B 31 -9.65 -31.15 36.06
CA GLU B 31 -10.89 -31.13 36.80
C GLU B 31 -12.02 -30.57 35.96
N TYR B 32 -13.14 -31.26 35.95
CA TYR B 32 -14.31 -30.82 35.22
C TYR B 32 -15.08 -29.80 36.05
N ASP B 33 -15.31 -28.63 35.48
CA ASP B 33 -16.05 -27.58 36.17
C ASP B 33 -17.24 -27.13 35.32
N PRO B 34 -18.46 -27.23 35.88
CA PRO B 34 -19.69 -26.82 35.18
C PRO B 34 -19.68 -25.35 34.80
N THR B 35 -19.46 -25.09 33.51
CA THR B 35 -19.39 -23.72 33.00
C THR B 35 -20.76 -23.30 32.46
N ILE B 36 -21.26 -22.18 32.95
CA ILE B 36 -22.54 -21.67 32.51
C ILE B 36 -22.34 -20.50 31.55
N GLU B 37 -21.56 -19.52 31.98
CA GLU B 37 -21.27 -18.34 31.17
C GLU B 37 -19.99 -17.67 31.66
N ASP B 38 -18.96 -17.67 30.83
CA ASP B 38 -17.69 -17.05 31.19
C ASP B 38 -17.04 -16.44 29.95
N SER B 39 -16.60 -15.20 30.06
CA SER B 39 -15.97 -14.51 28.94
C SER B 39 -14.50 -14.15 29.23
N TYR B 40 -13.70 -14.10 28.17
CA TYR B 40 -12.28 -13.77 28.30
C TYR B 40 -11.86 -12.83 27.17
N ARG B 41 -10.89 -11.97 27.46
CA ARG B 41 -10.38 -11.03 26.47
C ARG B 41 -8.89 -11.28 26.21
N LYS B 42 -8.50 -11.31 24.95
CA LYS B 42 -7.11 -11.53 24.60
C LYS B 42 -6.73 -10.76 23.33
N GLN B 43 -5.65 -9.99 23.41
CA GLN B 43 -5.18 -9.22 22.26
C GLN B 43 -4.12 -10.02 21.51
N VAL B 44 -4.43 -10.37 20.27
CA VAL B 44 -3.49 -11.15 19.45
C VAL B 44 -3.15 -10.40 18.18
N VAL B 45 -2.11 -10.86 17.49
CA VAL B 45 -1.68 -10.24 16.24
C VAL B 45 -1.83 -11.24 15.10
N ILE B 46 -2.95 -11.14 14.40
CA ILE B 46 -3.22 -12.03 13.28
C ILE B 46 -3.01 -11.29 11.97
N ASP B 47 -2.04 -11.77 11.18
CA ASP B 47 -1.73 -11.18 9.87
C ASP B 47 -1.28 -9.71 9.98
N GLY B 48 -0.66 -9.38 11.10
CA GLY B 48 -0.17 -8.02 11.29
C GLY B 48 -1.26 -7.07 11.75
N GLU B 49 -2.36 -7.61 12.28
CA GLU B 49 -3.47 -6.79 12.76
C GLU B 49 -3.73 -7.08 14.23
N THR B 50 -3.96 -6.03 15.02
CA THR B 50 -4.25 -6.18 16.43
C THR B 50 -5.70 -6.60 16.61
N CYS B 51 -5.91 -7.89 16.89
CA CYS B 51 -7.24 -8.42 17.07
C CYS B 51 -7.59 -8.60 18.54
N LEU B 52 -8.67 -7.97 18.96
CA LEU B 52 -9.14 -8.07 20.34
C LEU B 52 -10.16 -9.19 20.41
N LEU B 53 -9.74 -10.34 20.90
CA LEU B 53 -10.60 -11.50 21.01
C LEU B 53 -11.57 -11.41 22.19
N ASP B 54 -12.85 -11.46 21.87
CA ASP B 54 -13.90 -11.45 22.88
C ASP B 54 -14.54 -12.82 22.89
N ILE B 55 -13.94 -13.74 23.62
CA ILE B 55 -14.42 -15.11 23.69
C ILE B 55 -15.38 -15.36 24.83
N LEU B 56 -16.48 -16.03 24.54
CA LEU B 56 -17.48 -16.36 25.54
C LEU B 56 -17.85 -17.84 25.49
N ASP B 57 -17.65 -18.53 26.61
CA ASP B 57 -17.98 -19.95 26.70
C ASP B 57 -19.44 -20.11 27.07
N THR B 58 -20.03 -21.25 26.71
CA THR B 58 -21.43 -21.49 26.98
C THR B 58 -21.65 -22.80 27.74
N ALA B 59 -22.76 -22.89 28.45
CA ALA B 59 -23.09 -24.08 29.23
C ALA B 59 -23.49 -25.22 28.30
N GLY B 60 -22.70 -26.28 28.31
CA GLY B 60 -23.00 -27.43 27.46
C GLY B 60 -23.97 -28.40 28.13
N GLN B 61 -24.59 -27.95 29.21
CA GLN B 61 -25.54 -28.77 29.96
C GLN B 61 -26.93 -28.70 29.36
N GLU B 62 -27.07 -27.90 28.30
CA GLU B 62 -28.36 -27.74 27.61
C GLU B 62 -29.43 -27.15 28.50
N GLU B 63 -30.68 -27.24 28.04
CA GLU B 63 -31.83 -26.72 28.78
C GLU B 63 -31.79 -25.21 28.84
N TYR B 64 -31.11 -24.60 27.88
CA TYR B 64 -30.97 -23.16 27.79
C TYR B 64 -31.44 -22.68 26.43
N SER B 65 -32.73 -22.43 26.32
CA SER B 65 -33.32 -21.96 25.07
C SER B 65 -33.30 -20.44 24.98
N ALA B 66 -33.88 -19.78 25.99
CA ALA B 66 -33.95 -18.32 26.01
C ALA B 66 -32.56 -17.70 26.13
N MET B 67 -31.72 -18.30 26.96
CA MET B 67 -30.35 -17.81 27.16
C MET B 67 -29.49 -18.04 25.93
N ARG B 68 -29.90 -18.98 25.10
CA ARG B 68 -29.17 -19.31 23.89
C ARG B 68 -29.22 -18.17 22.90
N ASP B 69 -30.44 -17.66 22.68
CA ASP B 69 -30.66 -16.56 21.74
C ASP B 69 -29.85 -15.33 22.12
N GLN B 70 -29.63 -15.15 23.43
CA GLN B 70 -28.89 -14.01 23.95
C GLN B 70 -27.47 -13.90 23.39
N TYR B 71 -26.63 -14.89 23.65
CA TYR B 71 -25.24 -14.87 23.19
C TYR B 71 -25.12 -15.00 21.68
N MET B 72 -26.18 -15.46 21.04
CA MET B 72 -26.18 -15.64 19.60
C MET B 72 -26.44 -14.33 18.85
N ARG B 73 -26.79 -13.29 19.60
CA ARG B 73 -27.05 -11.98 19.01
C ARG B 73 -25.74 -11.20 18.88
N THR B 74 -24.92 -11.28 19.93
CA THR B 74 -23.65 -10.58 19.96
C THR B 74 -22.56 -11.34 19.20
N GLY B 75 -22.48 -12.65 19.44
CA GLY B 75 -21.48 -13.47 18.78
C GLY B 75 -21.46 -13.34 17.27
N GLU B 76 -20.29 -13.04 16.73
CA GLU B 76 -20.13 -12.91 15.29
C GLU B 76 -19.70 -14.24 14.70
N GLY B 77 -18.66 -14.82 15.28
CA GLY B 77 -18.16 -16.10 14.83
C GLY B 77 -18.40 -17.17 15.87
N PHE B 78 -18.89 -18.32 15.43
CA PHE B 78 -19.18 -19.41 16.35
C PHE B 78 -18.22 -20.57 16.17
N LEU B 79 -17.72 -21.07 17.28
CA LEU B 79 -16.78 -22.19 17.27
C LEU B 79 -17.44 -23.43 17.85
N CYS B 80 -17.83 -24.36 16.98
CA CYS B 80 -18.47 -25.59 17.42
C CYS B 80 -17.41 -26.61 17.81
N VAL B 81 -17.28 -26.83 19.10
CA VAL B 81 -16.31 -27.77 19.62
C VAL B 81 -16.97 -29.08 20.03
N PHE B 82 -16.53 -30.17 19.41
CA PHE B 82 -17.05 -31.50 19.71
C PHE B 82 -15.91 -32.42 20.10
N ALA B 83 -16.23 -33.54 20.70
CA ALA B 83 -15.21 -34.49 21.13
C ALA B 83 -15.21 -35.71 20.22
N ILE B 84 -14.03 -36.18 19.87
CA ILE B 84 -13.91 -37.35 19.00
C ILE B 84 -14.39 -38.62 19.71
N ASN B 85 -14.41 -38.57 21.04
CA ASN B 85 -14.87 -39.70 21.84
C ASN B 85 -16.30 -39.47 22.30
N ASN B 86 -17.02 -38.64 21.57
CA ASN B 86 -18.40 -38.31 21.89
C ASN B 86 -19.19 -38.11 20.60
N THR B 87 -19.73 -39.21 20.07
CA THR B 87 -20.51 -39.16 18.84
C THR B 87 -21.74 -38.26 18.98
N LYS B 88 -22.30 -38.23 20.18
CA LYS B 88 -23.48 -37.42 20.45
C LYS B 88 -23.19 -35.92 20.26
N SER B 89 -22.01 -35.48 20.69
CA SER B 89 -21.64 -34.07 20.56
C SER B 89 -21.53 -33.66 19.09
N PHE B 90 -21.15 -34.62 18.25
CA PHE B 90 -21.02 -34.38 16.82
C PHE B 90 -22.40 -34.29 16.18
N GLU B 91 -23.34 -35.06 16.71
CA GLU B 91 -24.70 -35.06 16.22
C GLU B 91 -25.38 -33.72 16.51
N ASP B 92 -25.08 -33.16 17.67
CA ASP B 92 -25.66 -31.90 18.09
C ASP B 92 -25.06 -30.70 17.37
N ILE B 93 -24.00 -30.93 16.60
CA ILE B 93 -23.35 -29.86 15.84
C ILE B 93 -24.35 -29.24 14.85
N HIS B 94 -25.10 -30.10 14.17
CA HIS B 94 -26.09 -29.65 13.20
C HIS B 94 -27.20 -28.87 13.89
N HIS B 95 -27.66 -29.38 15.03
CA HIS B 95 -28.73 -28.74 15.79
C HIS B 95 -28.33 -27.32 16.19
N TYR B 96 -27.11 -27.19 16.68
CA TYR B 96 -26.60 -25.88 17.08
C TYR B 96 -26.43 -24.97 15.87
N ARG B 97 -25.95 -25.54 14.77
CA ARG B 97 -25.72 -24.79 13.54
C ARG B 97 -27.02 -24.16 13.05
N GLU B 98 -28.06 -24.99 12.90
CA GLU B 98 -29.35 -24.51 12.43
C GLU B 98 -29.94 -23.50 13.42
N GLN B 99 -29.70 -23.74 14.71
CA GLN B 99 -30.18 -22.85 15.76
C GLN B 99 -29.58 -21.46 15.57
N ILE B 100 -28.28 -21.42 15.29
CA ILE B 100 -27.58 -20.16 15.08
C ILE B 100 -28.18 -19.38 13.91
N LYS B 101 -28.43 -20.10 12.80
CA LYS B 101 -28.99 -19.48 11.61
C LYS B 101 -30.36 -18.88 11.91
N ARG B 102 -31.14 -19.56 12.75
CA ARG B 102 -32.48 -19.09 13.09
C ARG B 102 -32.41 -17.80 13.91
N VAL B 103 -31.56 -17.79 14.91
CA VAL B 103 -31.41 -16.63 15.80
C VAL B 103 -30.80 -15.44 15.06
N LYS B 104 -29.89 -15.72 14.13
CA LYS B 104 -29.24 -14.65 13.37
C LYS B 104 -30.03 -14.30 12.11
N ASP B 105 -30.99 -15.17 11.79
CA ASP B 105 -31.83 -14.98 10.60
C ASP B 105 -30.97 -14.85 9.34
N SER B 106 -30.02 -15.76 9.21
CA SER B 106 -29.12 -15.77 8.08
C SER B 106 -28.35 -17.08 8.04
N GLU B 107 -28.02 -17.54 6.86
CA GLU B 107 -27.31 -18.79 6.71
C GLU B 107 -25.80 -18.54 6.59
N ASP B 108 -25.44 -17.31 6.26
CA ASP B 108 -24.04 -16.95 6.12
C ASP B 108 -23.47 -16.52 7.46
N VAL B 109 -23.00 -17.50 8.23
CA VAL B 109 -22.44 -17.23 9.55
C VAL B 109 -21.05 -17.84 9.68
N PRO B 110 -20.06 -17.04 10.13
CA PRO B 110 -18.69 -17.53 10.31
C PRO B 110 -18.66 -18.62 11.38
N MET B 111 -18.27 -19.82 10.98
CA MET B 111 -18.21 -20.94 11.90
C MET B 111 -17.02 -21.83 11.59
N VAL B 112 -16.43 -22.42 12.61
CA VAL B 112 -15.30 -23.31 12.45
C VAL B 112 -15.52 -24.58 13.27
N LEU B 113 -15.43 -25.72 12.62
CA LEU B 113 -15.62 -26.99 13.29
C LEU B 113 -14.34 -27.42 13.97
N VAL B 114 -14.39 -27.59 15.28
CA VAL B 114 -13.22 -27.98 16.04
C VAL B 114 -13.45 -29.31 16.77
N GLY B 115 -12.60 -30.27 16.48
CA GLY B 115 -12.69 -31.56 17.13
C GLY B 115 -11.65 -31.66 18.22
N ASN B 116 -12.08 -31.57 19.46
CA ASN B 116 -11.16 -31.62 20.60
C ASN B 116 -10.91 -33.06 21.05
N LYS B 117 -9.91 -33.22 21.93
CA LYS B 117 -9.54 -34.52 22.49
C LYS B 117 -9.05 -35.49 21.42
N CYS B 118 -8.44 -34.96 20.36
CA CYS B 118 -7.94 -35.79 19.26
C CYS B 118 -6.69 -36.58 19.64
N ASP B 119 -6.29 -36.48 20.90
CA ASP B 119 -5.13 -37.20 21.40
C ASP B 119 -5.57 -38.47 22.14
N LEU B 120 -6.87 -38.70 22.18
CA LEU B 120 -7.42 -39.88 22.85
C LEU B 120 -7.47 -41.05 21.90
N PRO B 121 -7.11 -42.25 22.36
CA PRO B 121 -7.12 -43.46 21.55
C PRO B 121 -8.54 -43.99 21.31
N SER B 122 -8.74 -44.62 20.16
CA SER B 122 -10.04 -45.17 19.80
C SER B 122 -11.11 -44.08 19.69
N ARG B 123 -11.09 -43.39 18.56
CA ARG B 123 -12.03 -42.31 18.29
C ARG B 123 -13.36 -42.86 17.79
N THR B 124 -14.45 -42.28 18.27
CA THR B 124 -15.78 -42.69 17.83
C THR B 124 -16.16 -41.92 16.57
N VAL B 125 -15.77 -40.67 16.54
CA VAL B 125 -16.03 -39.79 15.40
C VAL B 125 -14.80 -39.76 14.51
N ASP B 126 -14.97 -40.10 13.24
CA ASP B 126 -13.86 -40.13 12.30
C ASP B 126 -13.63 -38.77 11.65
N THR B 127 -12.41 -38.52 11.22
CA THR B 127 -12.05 -37.26 10.61
C THR B 127 -12.76 -37.03 9.28
N LYS B 128 -13.01 -38.10 8.53
CA LYS B 128 -13.67 -37.98 7.24
C LYS B 128 -15.09 -37.41 7.36
N GLN B 129 -15.90 -37.98 8.23
CA GLN B 129 -17.27 -37.51 8.42
C GLN B 129 -17.29 -36.08 8.93
N ALA B 130 -16.31 -35.73 9.76
CA ALA B 130 -16.21 -34.39 10.30
C ALA B 130 -15.85 -33.40 9.20
N GLN B 131 -14.88 -33.78 8.36
CA GLN B 131 -14.45 -32.95 7.24
C GLN B 131 -15.56 -32.87 6.20
N ASP B 132 -16.27 -33.98 6.01
CA ASP B 132 -17.37 -34.05 5.05
C ASP B 132 -18.48 -33.08 5.43
N LEU B 133 -18.85 -33.10 6.71
CA LEU B 133 -19.88 -32.21 7.22
C LEU B 133 -19.43 -30.75 7.10
N ALA B 134 -18.16 -30.51 7.42
CA ALA B 134 -17.60 -29.17 7.34
C ALA B 134 -17.61 -28.66 5.90
N ARG B 135 -17.31 -29.55 4.97
CA ARG B 135 -17.28 -29.20 3.55
C ARG B 135 -18.66 -28.75 3.08
N SER B 136 -19.69 -29.46 3.53
CA SER B 136 -21.06 -29.12 3.16
C SER B 136 -21.43 -27.73 3.69
N TYR B 137 -20.98 -27.42 4.89
CA TYR B 137 -21.25 -26.12 5.49
C TYR B 137 -20.41 -25.04 4.82
N GLY B 138 -19.25 -25.47 4.31
CA GLY B 138 -18.34 -24.54 3.67
C GLY B 138 -17.42 -23.90 4.68
N ILE B 139 -17.31 -24.54 5.84
CA ILE B 139 -16.49 -24.05 6.92
C ILE B 139 -15.28 -24.96 7.11
N PRO B 140 -14.19 -24.43 7.69
CA PRO B 140 -12.96 -25.20 7.94
C PRO B 140 -13.07 -26.07 9.19
N PHE B 141 -12.48 -27.26 9.13
CA PHE B 141 -12.49 -28.18 10.25
C PHE B 141 -11.06 -28.50 10.67
N ILE B 142 -10.79 -28.44 11.97
CA ILE B 142 -9.46 -28.73 12.48
C ILE B 142 -9.52 -29.64 13.70
N GLU B 143 -8.59 -30.58 13.77
CA GLU B 143 -8.50 -31.51 14.89
C GLU B 143 -7.59 -30.90 15.95
N THR B 144 -8.10 -30.77 17.16
CA THR B 144 -7.33 -30.16 18.23
C THR B 144 -7.28 -31.05 19.47
N SER B 145 -6.58 -30.57 20.49
CA SER B 145 -6.44 -31.26 21.76
C SER B 145 -6.00 -30.25 22.81
N ALA B 146 -6.86 -30.01 23.78
CA ALA B 146 -6.57 -29.06 24.84
C ALA B 146 -5.47 -29.60 25.75
N LYS B 147 -5.41 -30.92 25.87
CA LYS B 147 -4.41 -31.55 26.69
C LYS B 147 -3.00 -31.37 26.14
N THR B 148 -2.85 -31.45 24.83
CA THR B 148 -1.55 -31.31 24.19
C THR B 148 -1.31 -29.88 23.72
N ARG B 149 -2.35 -29.04 23.80
CA ARG B 149 -2.27 -27.64 23.37
C ARG B 149 -1.98 -27.56 21.87
N GLN B 150 -2.52 -28.52 21.13
CA GLN B 150 -2.31 -28.59 19.70
C GLN B 150 -3.56 -28.18 18.93
N GLY B 151 -3.47 -27.07 18.21
CA GLY B 151 -4.59 -26.60 17.42
C GLY B 151 -5.34 -25.44 18.05
N VAL B 152 -5.08 -25.18 19.33
CA VAL B 152 -5.74 -24.09 20.06
C VAL B 152 -5.55 -22.76 19.34
N ASP B 153 -4.32 -22.50 18.93
CA ASP B 153 -3.97 -21.26 18.25
C ASP B 153 -4.72 -21.10 16.94
N ASP B 154 -4.49 -22.03 16.01
CA ASP B 154 -5.11 -21.98 14.70
C ASP B 154 -6.63 -22.03 14.76
N ALA B 155 -7.17 -22.68 15.79
CA ALA B 155 -8.62 -22.77 15.95
C ALA B 155 -9.24 -21.38 16.05
N PHE B 156 -8.72 -20.57 16.96
CA PHE B 156 -9.21 -19.22 17.15
C PHE B 156 -8.79 -18.32 15.99
N TYR B 157 -7.58 -18.54 15.49
CA TYR B 157 -7.06 -17.75 14.38
C TYR B 157 -7.91 -17.94 13.13
N THR B 158 -8.33 -19.18 12.88
CA THR B 158 -9.15 -19.49 11.72
C THR B 158 -10.54 -18.87 11.86
N LEU B 159 -11.09 -18.90 13.08
CA LEU B 159 -12.41 -18.33 13.33
C LEU B 159 -12.41 -16.84 13.00
N VAL B 160 -11.37 -16.14 13.46
CA VAL B 160 -11.24 -14.72 13.19
C VAL B 160 -11.01 -14.48 11.71
N ARG B 161 -10.23 -15.37 11.10
CA ARG B 161 -9.93 -15.29 9.67
C ARG B 161 -11.20 -15.39 8.84
N GLU B 162 -12.10 -16.30 9.23
CA GLU B 162 -13.36 -16.49 8.52
C GLU B 162 -14.22 -15.24 8.65
N ILE B 163 -14.20 -14.63 9.83
CA ILE B 163 -14.99 -13.42 10.08
C ILE B 163 -14.52 -12.31 9.13
N ARG B 164 -13.22 -12.25 8.89
CA ARG B 164 -12.65 -11.25 8.00
C ARG B 164 -13.24 -11.39 6.60
N LYS B 165 -13.29 -12.63 6.11
CA LYS B 165 -13.85 -12.91 4.79
C LYS B 165 -15.34 -12.61 4.79
N HIS B 166 -16.01 -12.95 5.89
CA HIS B 166 -17.43 -12.71 6.05
C HIS B 166 -17.73 -11.21 5.92
N LYS B 167 -16.90 -10.39 6.56
CA LYS B 167 -17.07 -8.95 6.51
C LYS B 167 -16.97 -8.43 5.07
N GLU B 168 -15.93 -8.85 4.37
CA GLU B 168 -15.74 -8.44 2.99
C GLU B 168 -16.80 -9.06 2.09
N LYS B 169 -17.23 -10.27 2.43
CA LYS B 169 -18.26 -10.97 1.67
C LYS B 169 -19.56 -10.20 1.73
N MET B 170 -19.86 -9.67 2.92
CA MET B 170 -21.07 -8.88 3.12
C MET B 170 -20.94 -7.52 2.48
N SER B 171 -19.70 -7.00 2.45
CA SER B 171 -19.42 -5.71 1.86
C SER B 171 -19.51 -5.78 0.33
N LYS B 172 -19.11 -6.92 -0.22
CA LYS B 172 -19.18 -7.14 -1.66
C LYS B 172 -20.58 -7.60 -2.04
N ASP B 173 -21.26 -8.19 -1.06
CA ASP B 173 -22.63 -8.71 -1.19
C ASP B 173 -22.83 -9.61 -2.41
N GLY B 174 -24.08 -9.93 -2.68
CA GLY B 174 -24.41 -10.76 -3.81
C GLY B 174 -25.18 -10.01 -4.87
N LYS B 175 -25.74 -8.87 -4.48
CA LYS B 175 -26.53 -8.03 -5.36
C LYS B 175 -27.06 -6.82 -4.59
N LYS B 176 -27.88 -6.01 -5.26
CA LYS B 176 -28.49 -4.82 -4.68
C LYS B 176 -27.51 -3.64 -4.51
N LYS B 177 -26.51 -3.81 -3.66
CA LYS B 177 -25.56 -2.73 -3.39
C LYS B 177 -24.30 -2.81 -4.25
N LYS B 178 -23.41 -3.74 -3.91
CA LYS B 178 -22.13 -3.94 -4.61
C LYS B 178 -21.12 -2.83 -4.28
N LYS B 179 -20.00 -3.21 -3.67
CA LYS B 179 -18.98 -2.25 -3.30
C LYS B 179 -17.71 -2.44 -4.13
N LYS B 180 -16.79 -3.26 -3.61
CA LYS B 180 -15.50 -3.53 -4.26
C LYS B 180 -15.67 -3.96 -5.72
N SER B 181 -15.07 -3.20 -6.62
CA SER B 181 -15.13 -3.48 -8.04
C SER B 181 -13.73 -3.37 -8.67
N LYS B 182 -13.24 -4.48 -9.21
CA LYS B 182 -11.93 -4.53 -9.84
C LYS B 182 -12.03 -5.22 -11.19
N THR B 183 -11.41 -4.63 -12.20
CA THR B 183 -11.44 -5.21 -13.55
C THR B 183 -10.18 -4.83 -14.33
N LYS B 184 -9.51 -5.84 -14.87
CA LYS B 184 -8.28 -5.62 -15.65
C LYS B 184 -8.17 -6.64 -16.78
N SER C 14 24.68 4.14 -44.66
CA SER C 14 25.33 3.50 -43.51
C SER C 14 26.85 3.60 -43.64
N THR C 15 27.29 4.02 -44.82
CA THR C 15 28.71 4.17 -45.11
C THR C 15 29.37 5.14 -44.12
N PHE C 16 28.74 6.29 -43.93
CA PHE C 16 29.25 7.31 -43.02
C PHE C 16 29.37 6.78 -41.60
N SER C 17 28.40 5.95 -41.22
CA SER C 17 28.36 5.37 -39.88
C SER C 17 29.52 4.41 -39.67
N LYS C 18 29.74 3.52 -40.64
CA LYS C 18 30.81 2.54 -40.56
C LYS C 18 32.19 3.21 -40.65
N LEU C 19 32.26 4.35 -41.34
CA LEU C 19 33.50 5.07 -41.50
C LEU C 19 34.06 5.51 -40.15
N ARG C 20 33.25 6.18 -39.33
CA ARG C 20 33.69 6.65 -38.03
C ARG C 20 33.99 5.48 -37.10
N GLU C 21 33.31 4.35 -37.32
CA GLU C 21 33.51 3.16 -36.50
C GLU C 21 34.91 2.57 -36.72
N GLN C 22 35.51 2.88 -37.86
CA GLN C 22 36.84 2.38 -38.19
C GLN C 22 37.92 3.42 -37.89
N LEU C 23 37.51 4.68 -37.82
CA LEU C 23 38.44 5.77 -37.53
C LEU C 23 38.62 5.97 -36.03
N GLY C 24 37.57 5.67 -35.26
CA GLY C 24 37.60 5.84 -33.82
C GLY C 24 38.71 5.09 -33.12
N PRO C 25 38.68 3.74 -33.10
CA PRO C 25 39.69 2.90 -32.43
C PRO C 25 41.14 3.31 -32.72
N VAL C 26 41.42 3.63 -33.98
CA VAL C 26 42.77 4.02 -34.41
C VAL C 26 43.32 5.16 -33.55
N THR C 27 42.52 6.20 -33.37
CA THR C 27 42.94 7.35 -32.58
C THR C 27 42.69 7.12 -31.09
N GLN C 28 41.69 6.30 -30.78
CA GLN C 28 41.33 5.98 -29.39
C GLN C 28 42.52 5.43 -28.62
N GLU C 29 43.22 4.49 -29.23
CA GLU C 29 44.38 3.86 -28.61
C GLU C 29 45.51 4.87 -28.40
N PHE C 30 45.67 5.78 -29.35
CA PHE C 30 46.71 6.80 -29.28
C PHE C 30 46.46 7.74 -28.11
N TRP C 31 45.25 8.26 -28.01
CA TRP C 31 44.87 9.17 -26.94
C TRP C 31 45.02 8.51 -25.57
N ASP C 32 44.69 7.22 -25.51
CA ASP C 32 44.79 6.46 -24.27
C ASP C 32 46.23 6.44 -23.76
N ASN C 33 47.15 6.14 -24.66
CA ASN C 33 48.57 6.09 -24.30
C ASN C 33 49.07 7.48 -23.92
N LEU C 34 48.45 8.49 -24.52
CA LEU C 34 48.82 9.88 -24.25
C LEU C 34 48.40 10.27 -22.83
N GLU C 35 47.16 9.97 -22.49
CA GLU C 35 46.63 10.28 -21.17
C GLU C 35 47.26 9.41 -20.10
N LYS C 36 47.67 8.21 -20.47
CA LYS C 36 48.29 7.26 -19.56
C LYS C 36 49.56 7.86 -18.96
N GLU C 37 50.37 8.49 -19.81
CA GLU C 37 51.60 9.13 -19.37
C GLU C 37 51.31 10.23 -18.35
N THR C 38 50.28 11.01 -18.64
CA THR C 38 49.88 12.09 -17.76
C THR C 38 49.29 11.56 -16.46
N GLU C 39 48.63 10.41 -16.55
CA GLU C 39 48.05 9.78 -15.38
C GLU C 39 49.15 9.37 -14.41
N GLY C 40 50.18 8.71 -14.94
CA GLY C 40 51.30 8.30 -14.11
C GLY C 40 52.00 9.49 -13.49
N LEU C 41 52.14 10.56 -14.28
CA LEU C 41 52.77 11.79 -13.81
C LEU C 41 51.97 12.37 -12.65
N ARG C 42 50.66 12.44 -12.82
CA ARG C 42 49.78 12.98 -11.79
C ARG C 42 49.83 12.11 -10.54
N GLN C 43 49.92 10.79 -10.73
CA GLN C 43 50.00 9.86 -9.63
C GLN C 43 51.28 10.10 -8.82
N GLU C 44 52.38 10.34 -9.53
CA GLU C 44 53.66 10.61 -8.91
C GLU C 44 53.58 11.88 -8.07
N MET C 45 52.93 12.90 -8.63
CA MET C 45 52.77 14.18 -7.94
C MET C 45 51.91 14.01 -6.69
N SER C 46 50.85 13.22 -6.82
CA SER C 46 49.94 12.95 -5.72
C SER C 46 50.65 12.17 -4.62
N LYS C 47 51.53 11.26 -5.03
CA LYS C 47 52.29 10.44 -4.09
C LYS C 47 53.15 11.29 -3.16
N ASP C 48 53.86 12.25 -3.75
CA ASP C 48 54.72 13.14 -2.97
C ASP C 48 53.93 13.97 -1.97
N LEU C 49 52.75 14.41 -2.40
CA LEU C 49 51.89 15.22 -1.54
C LEU C 49 51.23 14.37 -0.46
N GLU C 50 50.99 13.10 -0.77
CA GLU C 50 50.39 12.17 0.18
C GLU C 50 51.33 12.01 1.37
N GLU C 51 52.63 11.98 1.08
CA GLU C 51 53.66 11.85 2.09
C GLU C 51 53.66 13.06 3.01
N VAL C 52 53.38 14.23 2.45
CA VAL C 52 53.35 15.47 3.23
C VAL C 52 52.29 15.39 4.32
N LYS C 53 51.14 14.83 3.98
CA LYS C 53 50.04 14.68 4.92
C LYS C 53 50.47 13.89 6.14
N ALA C 54 51.17 12.79 5.90
CA ALA C 54 51.64 11.92 6.97
C ALA C 54 52.77 12.57 7.78
N LYS C 55 53.58 13.38 7.11
CA LYS C 55 54.71 14.02 7.76
C LYS C 55 54.29 15.17 8.70
N VAL C 56 53.26 15.91 8.33
CA VAL C 56 52.81 17.03 9.15
C VAL C 56 51.71 16.62 10.13
N GLN C 57 51.25 15.38 10.00
CA GLN C 57 50.18 14.87 10.86
C GLN C 57 50.55 14.79 12.35
N PRO C 58 51.68 14.15 12.72
CA PRO C 58 52.10 14.02 14.12
C PRO C 58 52.23 15.38 14.82
N TYR C 59 52.66 16.39 14.07
CA TYR C 59 52.85 17.72 14.61
C TYR C 59 51.51 18.35 15.00
N LEU C 60 50.47 17.99 14.27
CA LEU C 60 49.13 18.50 14.54
C LEU C 60 48.50 17.75 15.70
N ASP C 61 48.86 16.48 15.84
CA ASP C 61 48.36 15.62 16.90
C ASP C 61 48.77 16.17 18.27
N ASP C 62 50.06 16.47 18.41
CA ASP C 62 50.59 17.00 19.67
C ASP C 62 49.96 18.35 19.99
N PHE C 63 49.85 19.20 18.97
CA PHE C 63 49.28 20.54 19.13
C PHE C 63 47.84 20.45 19.64
N GLN C 64 47.08 19.51 19.08
CA GLN C 64 45.68 19.32 19.46
C GLN C 64 45.57 18.78 20.88
N LYS C 65 46.38 17.77 21.19
CA LYS C 65 46.35 17.16 22.51
C LYS C 65 46.73 18.16 23.60
N LYS C 66 47.68 19.03 23.28
CA LYS C 66 48.12 20.05 24.22
C LYS C 66 46.99 21.05 24.48
N TRP C 67 46.23 21.35 23.44
CA TRP C 67 45.12 22.28 23.54
C TRP C 67 43.99 21.69 24.39
N GLN C 68 43.73 20.40 24.23
CA GLN C 68 42.66 19.74 24.98
C GLN C 68 42.93 19.71 26.47
N GLU C 69 44.21 19.78 26.84
CA GLU C 69 44.61 19.78 28.24
C GLU C 69 44.11 21.04 28.93
N GLU C 70 44.35 22.17 28.29
CA GLU C 70 43.93 23.45 28.83
C GLU C 70 42.41 23.55 28.79
N MET C 71 41.81 22.93 27.79
CA MET C 71 40.37 22.93 27.63
C MET C 71 39.68 22.18 28.76
N GLU C 72 40.15 20.98 29.05
CA GLU C 72 39.58 20.16 30.10
C GLU C 72 39.80 20.79 31.47
N LEU C 73 40.94 21.44 31.66
CA LEU C 73 41.26 22.10 32.91
C LEU C 73 40.25 23.20 33.21
N TYR C 74 39.84 23.92 32.17
CA TYR C 74 38.85 24.98 32.31
C TYR C 74 37.52 24.40 32.77
N ARG C 75 37.21 23.21 32.29
CA ARG C 75 35.97 22.52 32.64
C ARG C 75 35.94 22.18 34.14
N GLN C 76 37.11 21.89 34.69
CA GLN C 76 37.21 21.55 36.11
C GLN C 76 37.18 22.82 36.97
N LYS C 77 37.32 23.97 36.31
CA LYS C 77 37.31 25.24 37.00
C LYS C 77 35.90 25.84 37.02
N VAL C 78 35.12 25.53 35.98
CA VAL C 78 33.76 26.04 35.88
C VAL C 78 32.79 25.19 36.67
N GLU C 79 33.17 23.93 36.91
CA GLU C 79 32.35 22.99 37.66
C GLU C 79 31.88 23.53 39.03
N PRO C 80 32.80 23.94 39.92
CA PRO C 80 32.42 24.46 41.24
C PRO C 80 31.51 25.68 41.14
N LEU C 81 31.83 26.60 40.24
CA LEU C 81 31.04 27.80 40.05
C LEU C 81 29.65 27.46 39.51
N ARG C 82 29.58 26.50 38.60
CA ARG C 82 28.32 26.08 38.02
C ARG C 82 27.37 25.59 39.10
N ALA C 83 27.90 24.83 40.05
CA ALA C 83 27.12 24.29 41.14
C ALA C 83 26.58 25.40 42.04
N GLU C 84 27.39 26.43 42.26
CA GLU C 84 26.99 27.55 43.10
C GLU C 84 25.93 28.41 42.41
N LEU C 85 26.14 28.69 41.13
CA LEU C 85 25.19 29.51 40.37
C LEU C 85 23.87 28.78 40.21
N GLN C 86 23.94 27.46 40.11
CA GLN C 86 22.76 26.63 39.97
C GLN C 86 21.85 26.76 41.19
N GLU C 87 22.48 26.89 42.35
CA GLU C 87 21.77 27.02 43.62
C GLU C 87 21.16 28.41 43.77
N GLY C 88 21.94 29.43 43.41
CA GLY C 88 21.47 30.80 43.52
C GLY C 88 20.21 31.07 42.74
N ALA C 89 20.16 30.63 41.50
CA ALA C 89 19.00 30.83 40.64
C ALA C 89 17.81 30.00 41.12
N ARG C 90 18.09 28.82 41.65
CA ARG C 90 17.04 27.93 42.14
C ARG C 90 16.32 28.52 43.35
N GLN C 91 17.09 29.08 44.28
CA GLN C 91 16.55 29.68 45.50
C GLN C 91 15.72 30.94 45.22
N LYS C 92 15.82 31.44 44.00
CA LYS C 92 15.12 32.66 43.64
C LYS C 92 13.65 32.45 43.26
N LEU C 93 13.22 31.21 43.07
CA LEU C 93 11.83 30.97 42.68
C LEU C 93 10.91 30.61 43.84
N HIS C 94 11.47 30.03 44.89
CA HIS C 94 10.69 29.62 46.06
C HIS C 94 9.72 30.69 46.54
N GLU C 95 10.23 31.92 46.70
CA GLU C 95 9.41 33.04 47.16
C GLU C 95 8.32 33.38 46.15
N LEU C 96 8.70 33.51 44.89
CA LEU C 96 7.78 33.86 43.82
C LEU C 96 6.71 32.78 43.61
N GLN C 97 7.12 31.53 43.74
CA GLN C 97 6.21 30.40 43.56
C GLN C 97 5.05 30.47 44.55
N GLU C 98 5.37 30.61 45.83
CA GLU C 98 4.35 30.66 46.86
C GLU C 98 3.59 31.99 46.84
N LYS C 99 4.32 33.08 46.60
CA LYS C 99 3.70 34.40 46.60
C LYS C 99 2.70 34.58 45.46
N LEU C 100 3.05 34.14 44.27
CA LEU C 100 2.17 34.29 43.11
C LEU C 100 1.22 33.12 42.94
N SER C 101 0.87 32.47 44.04
CA SER C 101 -0.04 31.34 44.00
C SER C 101 -1.47 31.71 44.46
N PRO C 102 -1.63 32.29 45.67
CA PRO C 102 -2.96 32.64 46.21
C PRO C 102 -3.83 33.43 45.21
N LEU C 103 -3.35 34.60 44.80
CA LEU C 103 -4.10 35.44 43.87
C LEU C 103 -4.36 34.77 42.53
N GLY C 104 -3.47 33.87 42.12
CA GLY C 104 -3.65 33.18 40.85
C GLY C 104 -4.76 32.16 40.93
N GLU C 105 -4.67 31.29 41.93
CA GLU C 105 -5.67 30.25 42.15
C GLU C 105 -7.04 30.85 42.40
N GLU C 106 -7.09 31.92 43.19
CA GLU C 106 -8.34 32.59 43.53
C GLU C 106 -8.99 33.20 42.28
N MET C 107 -8.21 33.93 41.49
CA MET C 107 -8.72 34.57 40.30
C MET C 107 -9.20 33.53 39.28
N ARG C 108 -8.50 32.40 39.24
CA ARG C 108 -8.85 31.32 38.33
C ARG C 108 -10.19 30.71 38.73
N ASP C 109 -10.40 30.53 40.03
CA ASP C 109 -11.64 29.95 40.55
C ASP C 109 -12.83 30.85 40.25
N ARG C 110 -12.68 32.13 40.56
CA ARG C 110 -13.75 33.11 40.33
C ARG C 110 -14.12 33.19 38.84
N ALA C 111 -13.15 32.93 37.99
CA ALA C 111 -13.39 32.96 36.55
C ALA C 111 -14.33 31.82 36.15
N ARG C 112 -14.11 30.65 36.76
CA ARG C 112 -14.93 29.48 36.49
C ARG C 112 -16.36 29.73 36.94
N ALA C 113 -16.51 30.43 38.06
CA ALA C 113 -17.83 30.76 38.60
C ALA C 113 -18.58 31.66 37.62
N HIS C 114 -17.90 32.69 37.13
CA HIS C 114 -18.49 33.64 36.18
C HIS C 114 -18.99 32.91 34.93
N VAL C 115 -18.14 32.06 34.37
CA VAL C 115 -18.49 31.32 33.16
C VAL C 115 -19.77 30.50 33.34
N ASP C 116 -19.90 29.84 34.49
CA ASP C 116 -21.08 29.03 34.77
C ASP C 116 -22.34 29.88 34.95
N ALA C 117 -22.21 30.94 35.73
CA ALA C 117 -23.34 31.84 35.97
C ALA C 117 -23.82 32.50 34.69
N LEU C 118 -22.88 33.00 33.90
CA LEU C 118 -23.18 33.66 32.63
C LEU C 118 -23.93 32.72 31.68
N ARG C 119 -23.44 31.49 31.57
CA ARG C 119 -24.04 30.49 30.70
C ARG C 119 -25.45 30.12 31.17
N THR C 120 -25.60 30.01 32.49
CA THR C 120 -26.90 29.66 33.08
C THR C 120 -27.92 30.79 32.91
N HIS C 121 -27.46 32.02 33.01
CA HIS C 121 -28.34 33.18 32.88
C HIS C 121 -28.76 33.42 31.43
N LEU C 122 -27.87 33.11 30.50
CA LEU C 122 -28.15 33.32 29.07
C LEU C 122 -28.84 32.11 28.44
N ALA C 123 -28.93 31.02 29.19
CA ALA C 123 -29.56 29.80 28.70
C ALA C 123 -31.03 29.98 28.29
N PRO C 124 -31.90 30.49 29.20
CA PRO C 124 -33.31 30.69 28.89
C PRO C 124 -33.52 31.79 27.85
N TYR C 125 -32.60 32.75 27.82
CA TYR C 125 -32.68 33.87 26.88
C TYR C 125 -32.51 33.41 25.44
N SER C 126 -31.53 32.55 25.21
CA SER C 126 -31.27 32.04 23.87
C SER C 126 -32.29 30.96 23.50
N ASP C 127 -32.80 30.27 24.51
CA ASP C 127 -33.79 29.21 24.31
C ASP C 127 -35.11 29.78 23.78
N GLU C 128 -35.67 30.74 24.52
CA GLU C 128 -36.94 31.36 24.13
C GLU C 128 -36.83 32.04 22.77
N LEU C 129 -35.73 32.76 22.57
CA LEU C 129 -35.50 33.48 21.32
C LEU C 129 -35.41 32.55 20.11
N ARG C 130 -34.76 31.40 20.30
CA ARG C 130 -34.61 30.44 19.21
C ARG C 130 -35.93 29.74 18.87
N GLN C 131 -36.78 29.56 19.87
CA GLN C 131 -38.08 28.92 19.68
C GLN C 131 -38.94 29.73 18.73
N ARG C 132 -39.05 31.03 19.02
CA ARG C 132 -39.85 31.92 18.20
C ARG C 132 -39.30 32.02 16.78
N LEU C 133 -37.97 32.01 16.65
CA LEU C 133 -37.35 32.09 15.34
C LEU C 133 -37.58 30.79 14.56
N ALA C 134 -37.67 29.68 15.27
CA ALA C 134 -37.92 28.39 14.64
C ALA C 134 -39.28 28.43 13.95
N ALA C 135 -40.28 28.91 14.69
CA ALA C 135 -41.63 29.02 14.17
C ALA C 135 -41.68 30.07 13.05
N ARG C 136 -40.87 31.11 13.21
CA ARG C 136 -40.80 32.18 12.22
C ARG C 136 -40.29 31.64 10.90
N LEU C 137 -39.19 30.89 10.96
CA LEU C 137 -38.58 30.30 9.78
C LEU C 137 -39.53 29.30 9.14
N GLU C 138 -40.27 28.57 9.98
CA GLU C 138 -41.21 27.58 9.51
C GLU C 138 -42.34 28.24 8.74
N ALA C 139 -42.84 29.36 9.27
CA ALA C 139 -43.91 30.11 8.62
C ALA C 139 -43.45 30.62 7.25
N LEU C 140 -42.17 30.99 7.17
CA LEU C 140 -41.60 31.47 5.93
C LEU C 140 -41.54 30.34 4.89
N LYS C 141 -41.21 29.15 5.36
CA LYS C 141 -41.13 27.98 4.51
C LYS C 141 -42.51 27.61 3.96
N GLU C 142 -43.51 27.70 4.82
CA GLU C 142 -44.88 27.37 4.47
C GLU C 142 -45.41 28.25 3.34
N ASN C 143 -44.91 29.48 3.24
CA ASN C 143 -45.38 30.40 2.21
C ASN C 143 -44.49 30.40 0.97
N GLY C 144 -43.44 29.59 0.98
CA GLY C 144 -42.54 29.55 -0.16
C GLY C 144 -42.48 28.19 -0.83
N GLY C 145 -42.83 27.15 -0.08
CA GLY C 145 -42.79 25.79 -0.59
C GLY C 145 -43.57 25.58 -1.89
N ALA C 146 -44.84 25.95 -1.88
CA ALA C 146 -45.68 25.79 -3.06
C ALA C 146 -45.32 26.79 -4.15
N ARG C 147 -44.65 27.86 -3.75
CA ARG C 147 -44.24 28.89 -4.71
C ARG C 147 -43.16 28.33 -5.64
N LEU C 148 -42.18 27.65 -5.07
CA LEU C 148 -41.09 27.08 -5.84
C LEU C 148 -41.54 25.84 -6.61
N ALA C 149 -42.61 25.21 -6.12
CA ALA C 149 -43.15 24.02 -6.74
C ALA C 149 -43.61 24.30 -8.18
N GLU C 150 -44.22 25.47 -8.37
CA GLU C 150 -44.68 25.88 -9.69
C GLU C 150 -43.50 26.15 -10.62
N TYR C 151 -42.47 26.79 -10.08
CA TYR C 151 -41.30 27.11 -10.87
C TYR C 151 -40.58 25.84 -11.32
N HIS C 152 -40.51 24.85 -10.42
CA HIS C 152 -39.87 23.59 -10.72
C HIS C 152 -40.55 22.90 -11.91
N ALA C 153 -41.87 23.00 -11.94
CA ALA C 153 -42.66 22.41 -13.02
C ALA C 153 -42.36 23.09 -14.36
N LYS C 154 -42.21 24.40 -14.32
CA LYS C 154 -41.93 25.17 -15.54
C LYS C 154 -40.51 24.90 -16.05
N ALA C 155 -39.61 24.53 -15.14
CA ALA C 155 -38.25 24.24 -15.50
C ALA C 155 -38.17 22.99 -16.38
N THR C 156 -38.97 21.99 -16.04
CA THR C 156 -39.01 20.74 -16.79
C THR C 156 -39.79 20.90 -18.10
N GLU C 157 -40.18 22.13 -18.40
CA GLU C 157 -40.90 22.44 -19.62
C GLU C 157 -40.14 23.50 -20.41
N HIS C 158 -38.89 23.72 -20.01
CA HIS C 158 -38.07 24.73 -20.65
C HIS C 158 -36.70 24.17 -21.07
N LEU C 159 -36.07 23.40 -20.19
CA LEU C 159 -34.76 22.83 -20.46
C LEU C 159 -34.85 21.56 -21.30
N SER C 160 -36.01 20.93 -21.31
CA SER C 160 -36.22 19.70 -22.05
C SER C 160 -36.16 19.89 -23.56
N THR C 161 -36.88 20.90 -24.04
CA THR C 161 -36.97 21.21 -25.46
C THR C 161 -35.60 21.37 -26.12
N LEU C 162 -34.69 22.06 -25.45
CA LEU C 162 -33.35 22.31 -26.00
C LEU C 162 -32.49 21.05 -26.10
N SER C 163 -32.93 19.97 -25.49
CA SER C 163 -32.16 18.73 -25.53
C SER C 163 -32.82 17.64 -26.38
N GLU C 164 -33.87 18.00 -27.10
CA GLU C 164 -34.58 17.03 -27.93
C GLU C 164 -34.09 16.98 -29.38
N LYS C 165 -34.47 17.98 -30.18
CA LYS C 165 -34.09 18.04 -31.60
C LYS C 165 -32.60 18.31 -31.80
N ALA C 166 -31.88 18.55 -30.71
CA ALA C 166 -30.46 18.83 -30.78
C ALA C 166 -29.67 17.63 -31.30
N LYS C 167 -30.11 16.43 -30.94
CA LYS C 167 -29.43 15.21 -31.38
C LYS C 167 -29.64 14.90 -32.86
N PRO C 168 -30.91 14.80 -33.34
CA PRO C 168 -31.20 14.52 -34.75
C PRO C 168 -30.48 15.46 -35.70
N ALA C 169 -30.42 16.74 -35.34
CA ALA C 169 -29.76 17.73 -36.17
C ALA C 169 -28.24 17.49 -36.21
N LEU C 170 -27.71 17.09 -35.06
CA LEU C 170 -26.27 16.83 -34.92
C LEU C 170 -25.85 15.59 -35.71
N GLU C 171 -26.64 14.52 -35.59
CA GLU C 171 -26.34 13.28 -36.28
C GLU C 171 -26.43 13.46 -37.79
N ASP C 172 -27.45 14.21 -38.21
CA ASP C 172 -27.66 14.50 -39.62
C ASP C 172 -26.44 15.17 -40.24
N LEU C 173 -25.84 16.09 -39.49
CA LEU C 173 -24.67 16.81 -39.96
C LEU C 173 -23.47 15.86 -40.12
N ARG C 174 -23.34 14.91 -39.19
CA ARG C 174 -22.24 13.95 -39.23
C ARG C 174 -22.28 13.13 -40.52
N GLN C 175 -23.47 12.71 -40.90
CA GLN C 175 -23.65 11.92 -42.11
C GLN C 175 -23.39 12.74 -43.37
N GLY C 176 -23.60 14.05 -43.28
CA GLY C 176 -23.39 14.93 -44.41
C GLY C 176 -21.92 15.22 -44.65
N LEU C 177 -21.11 15.00 -43.62
CA LEU C 177 -19.67 15.24 -43.71
C LEU C 177 -18.91 13.94 -43.91
N LEU C 178 -19.62 12.83 -43.71
CA LEU C 178 -19.06 11.49 -43.84
C LEU C 178 -18.35 11.24 -45.18
N PRO C 179 -19.04 11.45 -46.34
CA PRO C 179 -18.43 11.23 -47.67
C PRO C 179 -17.12 11.98 -47.85
N VAL C 180 -17.05 13.20 -47.34
CA VAL C 180 -15.85 14.02 -47.47
C VAL C 180 -14.71 13.41 -46.64
N LEU C 181 -15.01 13.09 -45.39
CA LEU C 181 -14.02 12.51 -44.49
C LEU C 181 -13.52 11.15 -45.01
N GLU C 182 -14.45 10.35 -45.51
CA GLU C 182 -14.14 9.03 -46.02
C GLU C 182 -13.16 9.11 -47.21
N SER C 183 -13.32 10.13 -48.05
CA SER C 183 -12.45 10.31 -49.21
C SER C 183 -11.05 10.78 -48.77
N PHE C 184 -11.02 11.67 -47.77
CA PHE C 184 -9.77 12.23 -47.27
C PHE C 184 -8.88 11.15 -46.63
N LYS C 185 -9.47 10.28 -45.83
CA LYS C 185 -8.73 9.22 -45.16
C LYS C 185 -8.00 8.31 -46.14
N VAL C 186 -8.65 8.02 -47.27
CA VAL C 186 -8.06 7.15 -48.28
C VAL C 186 -6.83 7.80 -48.91
N SER C 187 -6.92 9.10 -49.18
CA SER C 187 -5.82 9.84 -49.79
C SER C 187 -4.64 9.99 -48.83
N PHE C 188 -4.96 10.06 -47.52
CA PHE C 188 -3.94 10.20 -46.50
C PHE C 188 -3.07 8.96 -46.40
N LEU C 189 -3.69 7.78 -46.41
CA LEU C 189 -2.98 6.52 -46.30
C LEU C 189 -1.88 6.37 -47.36
N SER C 190 -2.25 6.60 -48.62
CA SER C 190 -1.32 6.48 -49.73
C SER C 190 -0.12 7.43 -49.56
N ALA C 191 -0.38 8.64 -49.08
CA ALA C 191 0.66 9.64 -48.89
C ALA C 191 1.53 9.30 -47.68
N LEU C 192 0.89 8.85 -46.61
CA LEU C 192 1.61 8.48 -45.38
C LEU C 192 2.66 7.43 -45.65
N GLU C 193 2.29 6.38 -46.38
CA GLU C 193 3.21 5.31 -46.70
C GLU C 193 4.40 5.84 -47.50
N GLU C 194 4.13 6.78 -48.40
CA GLU C 194 5.16 7.39 -49.22
C GLU C 194 6.15 8.18 -48.37
N TYR C 195 5.61 8.94 -47.42
CA TYR C 195 6.44 9.74 -46.50
C TYR C 195 7.32 8.82 -45.66
N THR C 196 6.74 7.70 -45.26
CA THR C 196 7.44 6.72 -44.45
C THR C 196 8.62 6.09 -45.21
N LYS C 197 8.43 5.86 -46.51
CA LYS C 197 9.47 5.27 -47.35
C LYS C 197 10.72 6.14 -47.42
N LYS C 198 10.51 7.43 -47.67
CA LYS C 198 11.61 8.39 -47.79
C LYS C 198 12.49 8.41 -46.53
N LEU C 199 11.86 8.33 -45.36
CA LEU C 199 12.58 8.35 -44.10
C LEU C 199 13.33 7.03 -43.85
N ASN C 200 12.69 5.91 -44.17
CA ASN C 200 13.30 4.61 -43.97
C ASN C 200 14.39 4.35 -45.00
N SER D 14 -29.90 27.06 -34.59
CA SER D 14 -29.62 28.36 -34.03
C SER D 14 -30.87 28.97 -33.42
N THR D 15 -32.01 28.65 -34.02
CA THR D 15 -33.30 29.15 -33.57
C THR D 15 -33.77 28.42 -32.32
N PHE D 16 -33.15 27.29 -32.03
CA PHE D 16 -33.50 26.50 -30.86
C PHE D 16 -33.33 27.32 -29.59
N SER D 17 -32.18 27.96 -29.46
CA SER D 17 -31.91 28.79 -28.30
C SER D 17 -32.75 30.06 -28.31
N LYS D 18 -33.13 30.50 -29.51
CA LYS D 18 -33.95 31.70 -29.66
C LYS D 18 -35.32 31.47 -29.02
N LEU D 19 -35.90 30.30 -29.27
CA LEU D 19 -37.19 29.95 -28.71
C LEU D 19 -37.07 29.87 -27.20
N ARG D 20 -35.99 29.23 -26.75
CA ARG D 20 -35.71 29.07 -25.33
C ARG D 20 -35.53 30.43 -24.68
N GLU D 21 -34.94 31.36 -25.42
CA GLU D 21 -34.70 32.71 -24.91
C GLU D 21 -36.02 33.49 -24.85
N GLN D 22 -36.93 33.17 -25.74
CA GLN D 22 -38.24 33.84 -25.80
C GLN D 22 -39.06 33.54 -24.56
N LEU D 23 -38.98 32.32 -24.05
CA LEU D 23 -39.74 31.91 -22.88
C LEU D 23 -38.89 32.00 -21.62
N GLY D 24 -37.76 32.68 -21.72
CA GLY D 24 -36.86 32.81 -20.57
C GLY D 24 -37.23 33.93 -19.61
N PRO D 25 -36.95 35.20 -20.01
CA PRO D 25 -37.23 36.38 -19.17
C PRO D 25 -38.64 36.39 -18.58
N VAL D 26 -39.61 35.86 -19.32
CA VAL D 26 -40.99 35.81 -18.85
C VAL D 26 -41.09 35.10 -17.50
N THR D 27 -40.55 33.89 -17.44
CA THR D 27 -40.59 33.10 -16.22
C THR D 27 -39.66 33.70 -15.16
N GLN D 28 -38.51 34.20 -15.59
CA GLN D 28 -37.54 34.81 -14.69
C GLN D 28 -38.12 36.04 -14.00
N GLU D 29 -38.80 36.87 -14.76
CA GLU D 29 -39.43 38.08 -14.24
C GLU D 29 -40.51 37.75 -13.23
N PHE D 30 -41.29 36.71 -13.52
CA PHE D 30 -42.36 36.29 -12.63
C PHE D 30 -41.79 35.82 -11.29
N TRP D 31 -40.78 34.97 -11.36
CA TRP D 31 -40.13 34.45 -10.17
C TRP D 31 -39.42 35.56 -9.40
N ASP D 32 -38.84 36.50 -10.14
CA ASP D 32 -38.14 37.63 -9.53
C ASP D 32 -39.09 38.43 -8.64
N ASN D 33 -40.28 38.68 -9.16
CA ASN D 33 -41.30 39.42 -8.41
C ASN D 33 -41.82 38.56 -7.27
N LEU D 34 -41.92 37.26 -7.50
CA LEU D 34 -42.37 36.31 -6.50
C LEU D 34 -41.41 36.31 -5.32
N GLU D 35 -40.12 36.40 -5.63
CA GLU D 35 -39.10 36.46 -4.61
C GLU D 35 -39.21 37.77 -3.84
N LYS D 36 -39.54 38.84 -4.57
CA LYS D 36 -39.71 40.16 -3.98
C LYS D 36 -40.84 40.13 -2.96
N GLU D 37 -41.91 39.40 -3.28
CA GLU D 37 -43.03 39.27 -2.37
C GLU D 37 -42.59 38.58 -1.09
N THR D 38 -41.82 37.49 -1.25
CA THR D 38 -41.31 36.75 -0.12
C THR D 38 -40.36 37.61 0.71
N GLU D 39 -39.63 38.48 0.02
CA GLU D 39 -38.68 39.39 0.66
C GLU D 39 -39.39 40.27 1.68
N GLY D 40 -40.55 40.79 1.29
CA GLY D 40 -41.32 41.64 2.19
C GLY D 40 -41.72 40.91 3.45
N LEU D 41 -42.05 39.64 3.31
CA LEU D 41 -42.45 38.82 4.45
C LEU D 41 -41.25 38.59 5.36
N ARG D 42 -40.10 38.32 4.75
CA ARG D 42 -38.87 38.08 5.49
C ARG D 42 -38.43 39.31 6.25
N GLN D 43 -38.56 40.47 5.62
CA GLN D 43 -38.18 41.74 6.24
C GLN D 43 -38.96 41.98 7.53
N GLU D 44 -40.26 41.78 7.48
CA GLU D 44 -41.11 41.98 8.64
C GLU D 44 -40.78 40.97 9.74
N MET D 45 -40.44 39.76 9.34
CA MET D 45 -40.08 38.72 10.29
C MET D 45 -38.77 39.08 11.00
N SER D 46 -37.84 39.65 10.24
CA SER D 46 -36.54 40.05 10.78
C SER D 46 -36.71 41.26 11.70
N LYS D 47 -37.60 42.16 11.32
CA LYS D 47 -37.87 43.36 12.09
C LYS D 47 -38.38 42.99 13.48
N ASP D 48 -39.32 42.04 13.51
CA ASP D 48 -39.90 41.56 14.77
C ASP D 48 -38.82 40.90 15.61
N LEU D 49 -38.00 40.10 14.94
CA LEU D 49 -36.91 39.39 15.59
C LEU D 49 -35.89 40.36 16.20
N GLU D 50 -35.50 41.37 15.43
CA GLU D 50 -34.56 42.37 15.90
C GLU D 50 -35.07 43.07 17.15
N GLU D 51 -36.37 43.32 17.17
CA GLU D 51 -37.02 43.97 18.32
C GLU D 51 -36.82 43.16 19.59
N VAL D 52 -36.98 41.85 19.47
CA VAL D 52 -36.81 40.97 20.61
C VAL D 52 -35.35 40.77 20.97
N LYS D 53 -34.49 40.68 19.97
CA LYS D 53 -33.06 40.48 20.18
C LYS D 53 -32.45 41.65 20.96
N ALA D 54 -33.05 42.83 20.83
CA ALA D 54 -32.56 44.03 21.51
C ALA D 54 -32.63 43.91 23.04
N LYS D 55 -33.69 43.27 23.54
CA LYS D 55 -33.86 43.13 24.98
C LYS D 55 -32.95 42.03 25.55
N VAL D 56 -32.14 41.43 24.71
CA VAL D 56 -31.24 40.37 25.14
C VAL D 56 -29.79 40.84 25.04
N GLN D 57 -29.60 42.15 25.14
CA GLN D 57 -28.26 42.74 25.07
C GLN D 57 -27.81 43.33 26.42
N PRO D 58 -28.59 44.26 27.02
CA PRO D 58 -28.23 44.90 28.31
C PRO D 58 -27.95 43.91 29.44
N TYR D 59 -28.67 42.80 29.46
CA TYR D 59 -28.50 41.80 30.51
C TYR D 59 -27.08 41.21 30.48
N LEU D 60 -26.59 40.92 29.28
CA LEU D 60 -25.26 40.36 29.12
C LEU D 60 -24.19 41.41 29.43
N ASP D 61 -24.46 42.65 29.04
CA ASP D 61 -23.53 43.75 29.25
C ASP D 61 -23.38 44.10 30.73
N ASP D 62 -24.48 44.07 31.47
CA ASP D 62 -24.44 44.41 32.89
C ASP D 62 -23.51 43.45 33.65
N PHE D 63 -23.58 42.17 33.30
CA PHE D 63 -22.75 41.16 33.95
C PHE D 63 -21.30 41.24 33.48
N GLN D 64 -21.10 41.64 32.22
CA GLN D 64 -19.75 41.76 31.68
C GLN D 64 -18.94 42.83 32.40
N LYS D 65 -19.57 43.97 32.65
CA LYS D 65 -18.92 45.09 33.32
C LYS D 65 -18.70 44.76 34.79
N LYS D 66 -19.56 43.91 35.33
CA LYS D 66 -19.47 43.50 36.72
C LYS D 66 -18.17 42.72 36.96
N TRP D 67 -17.91 41.74 36.12
CA TRP D 67 -16.70 40.93 36.25
C TRP D 67 -15.48 41.75 35.86
N GLN D 68 -15.65 42.63 34.86
CA GLN D 68 -14.57 43.48 34.40
C GLN D 68 -14.10 44.40 35.51
N GLU D 69 -15.06 44.91 36.29
CA GLU D 69 -14.76 45.78 37.41
C GLU D 69 -13.87 45.08 38.44
N GLU D 70 -14.25 43.85 38.79
CA GLU D 70 -13.50 43.05 39.75
C GLU D 70 -12.10 42.77 39.22
N MET D 71 -12.00 42.54 37.92
CA MET D 71 -10.73 42.26 37.27
C MET D 71 -9.78 43.45 37.39
N GLU D 72 -10.33 44.64 37.20
CA GLU D 72 -9.53 45.86 37.30
C GLU D 72 -9.00 46.07 38.72
N LEU D 73 -9.85 45.79 39.70
CA LEU D 73 -9.48 45.94 41.09
C LEU D 73 -8.36 44.97 41.45
N TYR D 74 -8.49 43.74 40.96
CA TYR D 74 -7.51 42.70 41.20
C TYR D 74 -6.17 43.08 40.56
N ARG D 75 -6.24 43.54 39.31
CA ARG D 75 -5.05 43.94 38.55
C ARG D 75 -4.25 45.00 39.30
N GLN D 76 -4.96 45.94 39.89
CA GLN D 76 -4.34 47.03 40.63
C GLN D 76 -3.63 46.55 41.90
N LYS D 77 -4.14 45.47 42.47
CA LYS D 77 -3.58 44.92 43.70
C LYS D 77 -2.31 44.10 43.46
N VAL D 78 -2.20 43.51 42.27
CA VAL D 78 -1.05 42.67 41.94
C VAL D 78 0.18 43.51 41.53
N GLU D 79 -0.07 44.75 41.11
CA GLU D 79 1.01 45.65 40.67
C GLU D 79 2.18 45.75 41.67
N PRO D 80 1.95 46.19 42.92
CA PRO D 80 3.02 46.33 43.92
C PRO D 80 3.66 44.99 44.30
N LEU D 81 2.89 43.92 44.21
CA LEU D 81 3.39 42.59 44.56
C LEU D 81 4.55 42.16 43.65
N ARG D 82 4.31 42.20 42.34
CA ARG D 82 5.34 41.79 41.39
C ARG D 82 6.47 42.81 41.33
N ALA D 83 6.15 44.06 41.61
CA ALA D 83 7.15 45.12 41.60
C ALA D 83 8.30 44.79 42.54
N GLU D 84 7.98 44.43 43.78
CA GLU D 84 8.99 44.10 44.76
C GLU D 84 9.72 42.81 44.40
N LEU D 85 8.97 41.81 43.94
CA LEU D 85 9.55 40.53 43.56
C LEU D 85 10.53 40.72 42.41
N GLN D 86 10.16 41.59 41.48
CA GLN D 86 10.99 41.88 40.32
C GLN D 86 12.24 42.64 40.76
N GLU D 87 12.08 43.57 41.70
CA GLU D 87 13.21 44.36 42.20
C GLU D 87 14.26 43.44 42.82
N GLY D 88 13.79 42.45 43.58
CA GLY D 88 14.69 41.49 44.20
C GLY D 88 15.40 40.64 43.16
N ALA D 89 14.71 40.37 42.07
CA ALA D 89 15.27 39.59 40.98
C ALA D 89 16.34 40.38 40.25
N ARG D 90 16.12 41.69 40.16
CA ARG D 90 17.06 42.60 39.51
C ARG D 90 18.43 42.53 40.18
N GLN D 91 18.42 42.55 41.52
CA GLN D 91 19.64 42.50 42.30
C GLN D 91 20.35 41.15 42.17
N LYS D 92 19.58 40.07 42.27
CA LYS D 92 20.15 38.73 42.17
C LYS D 92 20.71 38.48 40.78
N LEU D 93 20.04 39.04 39.78
CA LEU D 93 20.47 38.91 38.39
C LEU D 93 21.86 39.52 38.24
N HIS D 94 22.02 40.71 38.78
CA HIS D 94 23.29 41.43 38.72
C HIS D 94 24.40 40.64 39.44
N GLU D 95 24.04 40.03 40.56
CA GLU D 95 25.00 39.26 41.35
C GLU D 95 25.51 38.04 40.59
N LEU D 96 24.59 37.28 40.00
CA LEU D 96 24.94 36.07 39.25
C LEU D 96 25.87 36.39 38.08
N GLN D 97 25.64 37.51 37.44
CA GLN D 97 26.47 37.93 36.32
C GLN D 97 27.89 38.26 36.76
N GLU D 98 27.98 38.92 37.91
CA GLU D 98 29.28 39.32 38.46
C GLU D 98 30.13 38.11 38.81
N LYS D 99 29.48 37.02 39.21
CA LYS D 99 30.19 35.79 39.58
C LYS D 99 30.73 35.05 38.36
N LEU D 100 30.21 35.34 37.18
CA LEU D 100 30.64 34.66 35.96
C LEU D 100 31.69 35.46 35.19
N SER D 101 31.66 36.79 35.35
CA SER D 101 32.58 37.68 34.66
C SER D 101 34.07 37.31 34.81
N PRO D 102 34.60 37.17 36.05
CA PRO D 102 36.02 36.84 36.27
C PRO D 102 36.44 35.53 35.63
N LEU D 103 35.54 34.55 35.59
CA LEU D 103 35.83 33.26 35.01
C LEU D 103 36.01 33.36 33.50
N GLY D 104 35.05 34.00 32.85
CA GLY D 104 35.11 34.15 31.40
C GLY D 104 36.30 34.99 30.98
N GLU D 105 36.57 36.03 31.74
CA GLU D 105 37.68 36.94 31.46
C GLU D 105 39.02 36.21 31.54
N GLU D 106 39.13 35.28 32.48
CA GLU D 106 40.36 34.51 32.65
C GLU D 106 40.67 33.68 31.41
N MET D 107 39.66 33.01 30.88
CA MET D 107 39.84 32.17 29.70
C MET D 107 39.98 32.99 28.42
N ARG D 108 39.35 34.16 28.40
CA ARG D 108 39.41 35.03 27.22
C ARG D 108 40.86 35.38 26.88
N ASP D 109 41.64 35.68 27.91
CA ASP D 109 43.04 36.03 27.74
C ASP D 109 43.84 34.85 27.21
N ARG D 110 43.69 33.69 27.85
CA ARG D 110 44.40 32.50 27.44
C ARG D 110 44.01 32.07 26.03
N ALA D 111 42.76 32.34 25.67
CA ALA D 111 42.27 32.02 24.33
C ALA D 111 43.02 32.83 23.29
N ARG D 112 43.07 34.14 23.49
CA ARG D 112 43.75 35.06 22.57
C ARG D 112 45.24 34.74 22.49
N ALA D 113 45.82 34.38 23.62
CA ALA D 113 47.23 34.06 23.70
C ALA D 113 47.60 32.87 22.82
N HIS D 114 46.72 31.87 22.77
CA HIS D 114 46.96 30.68 21.96
C HIS D 114 46.66 30.95 20.48
N VAL D 115 45.71 31.84 20.21
CA VAL D 115 45.34 32.19 18.85
C VAL D 115 46.54 32.71 18.06
N ASP D 116 47.34 33.55 18.70
CA ASP D 116 48.53 34.13 18.08
C ASP D 116 49.54 33.04 17.73
N ALA D 117 49.72 32.10 18.65
CA ALA D 117 50.66 31.00 18.45
C ALA D 117 50.24 30.12 17.29
N LEU D 118 48.95 29.83 17.19
CA LEU D 118 48.43 28.99 16.12
C LEU D 118 48.58 29.69 14.77
N ARG D 119 48.35 30.99 14.75
CA ARG D 119 48.47 31.76 13.51
C ARG D 119 49.89 31.65 12.94
N THR D 120 50.88 31.78 13.80
CA THR D 120 52.27 31.69 13.39
C THR D 120 52.66 30.27 13.01
N HIS D 121 51.83 29.30 13.41
CA HIS D 121 52.08 27.90 13.11
C HIS D 121 51.60 27.57 11.69
N LEU D 122 50.59 28.30 11.23
CA LEU D 122 50.03 28.07 9.90
C LEU D 122 50.70 28.95 8.84
N ALA D 123 51.20 30.10 9.25
CA ALA D 123 51.86 31.05 8.35
C ALA D 123 52.88 30.41 7.40
N PRO D 124 53.93 29.72 7.93
CA PRO D 124 54.96 29.09 7.11
C PRO D 124 54.41 27.96 6.22
N TYR D 125 53.33 27.34 6.67
CA TYR D 125 52.71 26.24 5.92
C TYR D 125 52.14 26.76 4.59
N SER D 126 51.45 27.88 4.64
CA SER D 126 50.86 28.48 3.46
C SER D 126 51.94 29.02 2.53
N ASP D 127 52.98 29.58 3.14
CA ASP D 127 54.10 30.15 2.39
C ASP D 127 54.80 29.07 1.56
N GLU D 128 55.03 27.92 2.16
CA GLU D 128 55.68 26.83 1.47
C GLU D 128 54.72 26.16 0.49
N LEU D 129 53.45 26.08 0.87
CA LEU D 129 52.42 25.47 0.04
C LEU D 129 52.32 26.17 -1.30
N ARG D 130 52.45 27.49 -1.26
CA ARG D 130 52.37 28.33 -2.45
C ARG D 130 53.38 27.90 -3.52
N GLN D 131 54.65 27.86 -3.13
CA GLN D 131 55.72 27.47 -4.06
C GLN D 131 55.59 26.01 -4.48
N ARG D 132 55.29 25.15 -3.51
CA ARG D 132 55.14 23.73 -3.75
C ARG D 132 54.04 23.48 -4.80
N LEU D 133 52.94 24.19 -4.66
CA LEU D 133 51.80 24.06 -5.57
C LEU D 133 52.11 24.65 -6.94
N ALA D 134 52.80 25.80 -6.93
CA ALA D 134 53.16 26.49 -8.16
C ALA D 134 54.11 25.65 -9.01
N ALA D 135 55.15 25.10 -8.39
CA ALA D 135 56.12 24.28 -9.10
C ALA D 135 55.46 23.06 -9.74
N ARG D 136 54.52 22.46 -9.02
CA ARG D 136 53.81 21.29 -9.51
C ARG D 136 53.02 21.63 -10.77
N LEU D 137 52.35 22.78 -10.74
CA LEU D 137 51.55 23.22 -11.87
C LEU D 137 52.44 23.64 -13.04
N GLU D 138 53.58 24.23 -12.72
CA GLU D 138 54.54 24.68 -13.74
C GLU D 138 55.01 23.52 -14.61
N ALA D 139 55.48 22.46 -13.96
CA ALA D 139 55.97 21.27 -14.67
C ALA D 139 54.85 20.58 -15.42
N LEU D 140 53.67 20.56 -14.80
CA LEU D 140 52.50 19.92 -15.40
C LEU D 140 52.03 20.66 -16.64
N LYS D 141 52.06 21.98 -16.58
CA LYS D 141 51.63 22.83 -17.68
C LYS D 141 52.50 22.61 -18.92
N GLU D 142 53.81 22.58 -18.72
CA GLU D 142 54.74 22.38 -19.83
C GLU D 142 54.64 20.97 -20.39
N ASN D 143 54.58 19.98 -19.51
CA ASN D 143 54.50 18.58 -19.93
C ASN D 143 53.23 18.30 -20.72
N GLY D 144 52.10 18.79 -20.21
CA GLY D 144 50.82 18.56 -20.88
C GLY D 144 50.61 19.43 -22.10
N GLY D 145 51.31 20.56 -22.16
CA GLY D 145 51.17 21.49 -23.27
C GLY D 145 51.44 20.84 -24.62
N ALA D 146 52.45 19.98 -24.68
CA ALA D 146 52.80 19.31 -25.93
C ALA D 146 51.70 18.36 -26.39
N ARG D 147 51.09 17.66 -25.45
CA ARG D 147 50.04 16.69 -25.77
C ARG D 147 48.71 17.37 -26.07
N LEU D 148 48.52 18.56 -25.51
CA LEU D 148 47.28 19.32 -25.72
C LEU D 148 47.01 19.55 -27.21
N ALA D 149 48.07 19.81 -27.95
CA ALA D 149 47.96 20.06 -29.38
C ALA D 149 47.49 18.80 -30.12
N GLU D 150 47.96 17.64 -29.66
CA GLU D 150 47.59 16.36 -30.29
C GLU D 150 46.10 16.06 -30.11
N TYR D 151 45.55 16.47 -28.97
CA TYR D 151 44.13 16.25 -28.70
C TYR D 151 43.30 17.01 -29.74
N HIS D 152 43.73 18.22 -30.04
CA HIS D 152 43.05 19.08 -31.00
C HIS D 152 43.33 18.62 -32.43
N ALA D 153 44.60 18.34 -32.72
CA ALA D 153 45.03 17.91 -34.06
C ALA D 153 44.25 16.68 -34.54
N LYS D 154 43.96 15.77 -33.63
CA LYS D 154 43.23 14.56 -33.99
C LYS D 154 41.73 14.80 -33.94
N ALA D 155 41.30 15.77 -33.14
CA ALA D 155 39.89 16.08 -33.00
C ALA D 155 39.35 16.70 -34.29
N THR D 156 40.15 17.57 -34.90
CA THR D 156 39.77 18.22 -36.15
C THR D 156 39.57 17.19 -37.25
N GLU D 157 40.39 16.14 -37.22
CA GLU D 157 40.31 15.07 -38.20
C GLU D 157 38.97 14.35 -38.10
N HIS D 158 38.58 14.03 -36.87
CA HIS D 158 37.32 13.34 -36.63
C HIS D 158 36.12 14.19 -37.01
N LEU D 159 36.17 15.46 -36.63
CA LEU D 159 35.08 16.39 -36.92
C LEU D 159 34.88 16.59 -38.42
N SER D 160 35.96 16.47 -39.18
CA SER D 160 35.92 16.64 -40.62
C SER D 160 35.07 15.56 -41.30
N THR D 161 35.21 14.33 -40.80
CA THR D 161 34.47 13.20 -41.36
C THR D 161 33.08 13.06 -40.73
N LEU D 162 32.67 14.08 -39.99
CA LEU D 162 31.38 14.05 -39.32
C LEU D 162 30.33 14.88 -40.07
N SER D 163 30.49 16.19 -40.06
CA SER D 163 29.55 17.09 -40.72
C SER D 163 29.77 17.20 -42.24
N GLU D 164 30.09 16.09 -42.88
CA GLU D 164 30.33 16.09 -44.31
C GLU D 164 29.12 15.58 -45.11
N LYS D 165 28.40 14.64 -44.54
CA LYS D 165 27.23 14.06 -45.22
C LYS D 165 25.92 14.69 -44.74
N ALA D 166 25.98 15.40 -43.64
CA ALA D 166 24.80 16.03 -43.05
C ALA D 166 24.10 17.00 -44.01
N LYS D 167 24.87 17.76 -44.77
CA LYS D 167 24.32 18.72 -45.71
C LYS D 167 23.64 18.07 -46.93
N PRO D 168 24.36 17.23 -47.71
CA PRO D 168 23.79 16.57 -48.89
C PRO D 168 22.63 15.64 -48.55
N ALA D 169 22.55 15.21 -47.30
CA ALA D 169 21.48 14.32 -46.86
C ALA D 169 20.12 15.00 -46.95
N LEU D 170 20.06 16.26 -46.56
CA LEU D 170 18.82 17.01 -46.61
C LEU D 170 18.47 17.41 -48.03
N GLU D 171 19.49 17.67 -48.83
CA GLU D 171 19.32 18.07 -50.21
C GLU D 171 18.41 17.10 -50.96
N ASP D 172 18.72 15.81 -50.84
CA ASP D 172 17.94 14.76 -51.50
C ASP D 172 16.58 14.60 -50.82
N LEU D 173 16.58 14.65 -49.49
CA LEU D 173 15.37 14.50 -48.70
C LEU D 173 14.30 15.55 -49.02
N ARG D 174 14.68 16.82 -48.95
CA ARG D 174 13.76 17.92 -49.21
C ARG D 174 13.17 17.86 -50.62
N GLN D 175 14.04 17.66 -51.61
CA GLN D 175 13.61 17.61 -53.00
C GLN D 175 12.61 16.49 -53.26
N GLY D 176 12.94 15.29 -52.80
CA GLY D 176 12.06 14.15 -53.01
C GLY D 176 10.99 14.04 -51.95
N LEU D 177 10.27 15.13 -51.71
CA LEU D 177 9.21 15.15 -50.72
C LEU D 177 8.30 16.35 -50.93
N LEU D 178 8.89 17.48 -51.30
CA LEU D 178 8.15 18.72 -51.54
C LEU D 178 6.88 18.55 -52.39
N PRO D 179 7.00 18.06 -53.65
CA PRO D 179 5.86 17.87 -54.55
C PRO D 179 4.70 17.09 -53.91
N VAL D 180 5.04 16.02 -53.21
CA VAL D 180 4.04 15.18 -52.57
C VAL D 180 3.31 15.93 -51.46
N LEU D 181 4.03 16.82 -50.77
CA LEU D 181 3.44 17.60 -49.70
C LEU D 181 2.57 18.74 -50.24
N GLU D 182 2.99 19.31 -51.36
CA GLU D 182 2.26 20.41 -51.98
C GLU D 182 0.85 19.99 -52.37
N SER D 183 0.71 18.77 -52.89
CA SER D 183 -0.59 18.25 -53.28
C SER D 183 -1.51 18.10 -52.07
N PHE D 184 -0.95 17.62 -50.97
CA PHE D 184 -1.71 17.41 -49.73
C PHE D 184 -2.29 18.72 -49.22
N LYS D 185 -1.53 19.80 -49.35
CA LYS D 185 -1.96 21.11 -48.89
C LYS D 185 -3.27 21.51 -49.57
N VAL D 186 -3.32 21.29 -50.88
CA VAL D 186 -4.49 21.63 -51.67
C VAL D 186 -5.64 20.67 -51.38
N SER D 187 -5.33 19.39 -51.23
CA SER D 187 -6.33 18.37 -50.94
C SER D 187 -7.05 18.64 -49.62
N PHE D 188 -6.27 19.01 -48.61
CA PHE D 188 -6.83 19.32 -47.30
C PHE D 188 -7.68 20.57 -47.40
N LEU D 189 -7.21 21.51 -48.22
CA LEU D 189 -7.92 22.78 -48.44
C LEU D 189 -9.30 22.53 -49.05
N SER D 190 -9.39 21.50 -49.89
CA SER D 190 -10.66 21.16 -50.54
C SER D 190 -11.68 20.68 -49.51
N ALA D 191 -11.22 19.84 -48.59
CA ALA D 191 -12.08 19.31 -47.54
C ALA D 191 -12.40 20.40 -46.53
N LEU D 192 -11.47 21.34 -46.40
CA LEU D 192 -11.60 22.45 -45.48
C LEU D 192 -12.77 23.36 -45.89
N GLU D 193 -12.84 23.69 -47.18
CA GLU D 193 -13.87 24.56 -47.71
C GLU D 193 -15.28 23.97 -47.57
N GLU D 194 -15.43 22.70 -47.96
CA GLU D 194 -16.73 22.05 -47.92
C GLU D 194 -17.26 21.87 -46.50
N TYR D 195 -16.35 21.71 -45.55
CA TYR D 195 -16.73 21.51 -44.14
C TYR D 195 -17.36 22.76 -43.53
N THR D 196 -16.75 23.92 -43.76
CA THR D 196 -17.24 25.17 -43.21
C THR D 196 -18.71 25.43 -43.56
N LYS D 197 -19.05 25.18 -44.83
CA LYS D 197 -20.41 25.40 -45.32
C LYS D 197 -21.46 24.68 -44.47
N LYS D 198 -21.25 23.40 -44.23
CA LYS D 198 -22.20 22.59 -43.47
C LYS D 198 -22.11 22.86 -41.97
N LEU D 199 -20.90 23.12 -41.48
CA LEU D 199 -20.70 23.39 -40.06
C LEU D 199 -21.27 24.74 -39.66
N ASN D 200 -21.12 25.74 -40.54
CA ASN D 200 -21.62 27.08 -40.26
C ASN D 200 -23.13 27.14 -40.40
N THR A 2 0.78 -12.67 0.93
CA THR A 2 0.42 -12.95 -0.45
C THR A 2 -0.34 -14.26 -0.56
N GLU A 3 -1.37 -14.27 -1.40
CA GLU A 3 -2.18 -15.47 -1.60
C GLU A 3 -1.72 -16.21 -2.85
N TYR A 4 -1.48 -17.52 -2.70
CA TYR A 4 -1.03 -18.34 -3.82
C TYR A 4 -2.07 -19.42 -4.11
N LYS A 5 -2.60 -19.42 -5.33
CA LYS A 5 -3.61 -20.41 -5.71
C LYS A 5 -2.97 -21.68 -6.25
N LEU A 6 -3.14 -22.78 -5.52
CA LEU A 6 -2.57 -24.05 -5.91
C LEU A 6 -3.67 -25.06 -6.23
N VAL A 7 -3.63 -25.62 -7.43
CA VAL A 7 -4.63 -26.60 -7.84
C VAL A 7 -3.98 -27.97 -8.01
N VAL A 8 -4.52 -28.96 -7.32
CA VAL A 8 -4.00 -30.32 -7.39
C VAL A 8 -4.67 -31.08 -8.53
N VAL A 9 -3.88 -31.60 -9.46
CA VAL A 9 -4.42 -32.35 -10.59
C VAL A 9 -3.94 -33.80 -10.58
N GLY A 10 -4.64 -34.64 -11.32
CA GLY A 10 -4.29 -36.04 -11.40
C GLY A 10 -5.52 -36.92 -11.41
N ALA A 11 -5.32 -38.22 -11.59
CA ALA A 11 -6.44 -39.16 -11.64
C ALA A 11 -6.91 -39.50 -10.23
N ASP A 12 -8.04 -40.18 -10.13
CA ASP A 12 -8.59 -40.55 -8.83
C ASP A 12 -7.86 -41.75 -8.24
N GLY A 13 -7.53 -41.69 -6.96
CA GLY A 13 -6.85 -42.78 -6.31
C GLY A 13 -5.36 -42.56 -6.17
N VAL A 14 -4.84 -41.49 -6.79
CA VAL A 14 -3.42 -41.19 -6.72
C VAL A 14 -3.05 -40.55 -5.38
N GLY A 15 -4.06 -40.25 -4.58
CA GLY A 15 -3.82 -39.65 -3.28
C GLY A 15 -4.05 -38.16 -3.28
N LYS A 16 -5.02 -37.71 -4.08
CA LYS A 16 -5.35 -36.29 -4.19
C LYS A 16 -5.67 -35.68 -2.83
N SER A 17 -6.77 -36.14 -2.23
CA SER A 17 -7.22 -35.64 -0.94
C SER A 17 -6.26 -36.05 0.18
N ALA A 18 -5.64 -37.22 0.06
CA ALA A 18 -4.72 -37.72 1.06
C ALA A 18 -3.55 -36.76 1.29
N LEU A 19 -3.10 -36.11 0.22
CA LEU A 19 -2.00 -35.15 0.33
C LEU A 19 -2.45 -33.90 1.07
N THR A 20 -3.59 -33.37 0.67
CA THR A 20 -4.13 -32.16 1.26
C THR A 20 -4.52 -32.36 2.73
N ILE A 21 -5.14 -33.49 3.04
CA ILE A 21 -5.56 -33.78 4.41
C ILE A 21 -4.35 -33.84 5.35
N GLN A 22 -3.29 -34.45 4.89
CA GLN A 22 -2.06 -34.57 5.69
C GLN A 22 -1.37 -33.21 5.85
N LEU A 23 -1.75 -32.26 5.02
CA LEU A 23 -1.16 -30.92 5.09
C LEU A 23 -2.00 -30.00 5.96
N ILE A 24 -3.31 -30.13 5.87
CA ILE A 24 -4.21 -29.30 6.66
C ILE A 24 -4.45 -29.89 8.05
N GLN A 25 -4.92 -31.13 8.09
CA GLN A 25 -5.21 -31.81 9.34
C GLN A 25 -3.97 -32.51 9.90
N ASN A 26 -2.98 -32.72 9.05
CA ASN A 26 -1.71 -33.36 9.45
C ASN A 26 -1.88 -34.84 9.85
N HIS A 27 -2.88 -35.50 9.27
CA HIS A 27 -3.11 -36.92 9.56
C HIS A 27 -3.60 -37.64 8.31
N PHE A 28 -3.53 -38.97 8.34
CA PHE A 28 -3.97 -39.77 7.21
C PHE A 28 -5.32 -40.43 7.47
N VAL A 29 -6.16 -40.48 6.45
CA VAL A 29 -7.46 -41.09 6.56
C VAL A 29 -7.47 -42.45 5.88
N ASP A 30 -8.17 -43.42 6.47
CA ASP A 30 -8.24 -44.75 5.91
C ASP A 30 -9.56 -44.96 5.17
N GLU A 31 -10.47 -44.01 5.33
CA GLU A 31 -11.78 -44.09 4.68
C GLU A 31 -11.79 -43.25 3.41
N TYR A 32 -12.62 -43.64 2.45
CA TYR A 32 -12.71 -42.91 1.19
C TYR A 32 -14.00 -42.11 1.09
N ASP A 33 -13.88 -40.85 0.71
CA ASP A 33 -15.02 -39.97 0.54
C ASP A 33 -14.83 -39.10 -0.69
N PRO A 34 -15.85 -39.02 -1.55
CA PRO A 34 -15.81 -38.24 -2.79
C PRO A 34 -15.44 -36.78 -2.54
N THR A 35 -14.63 -36.22 -3.42
CA THR A 35 -14.21 -34.83 -3.30
C THR A 35 -14.57 -34.07 -4.57
N ILE A 36 -15.06 -32.84 -4.42
CA ILE A 36 -15.42 -32.03 -5.57
C ILE A 36 -14.38 -30.93 -5.79
N GLU A 37 -14.60 -29.79 -5.16
CA GLU A 37 -13.70 -28.65 -5.24
C GLU A 37 -13.58 -28.05 -3.85
N ASP A 38 -12.64 -28.53 -3.08
CA ASP A 38 -12.44 -28.06 -1.71
C ASP A 38 -11.38 -26.97 -1.65
N SER A 39 -11.81 -25.78 -1.23
CA SER A 39 -10.91 -24.65 -1.10
C SER A 39 -10.39 -24.56 0.32
N TYR A 40 -9.20 -25.08 0.56
CA TYR A 40 -8.60 -25.07 1.89
C TYR A 40 -7.63 -23.90 2.01
N ARG A 41 -7.68 -23.20 3.14
CA ARG A 41 -6.79 -22.08 3.39
C ARG A 41 -5.85 -22.37 4.55
N LYS A 42 -4.58 -22.00 4.38
CA LYS A 42 -3.58 -22.22 5.42
C LYS A 42 -2.47 -21.17 5.27
N GLN A 43 -2.15 -20.51 6.37
CA GLN A 43 -1.11 -19.50 6.38
C GLN A 43 0.20 -20.13 6.82
N VAL A 44 1.17 -20.17 5.92
CA VAL A 44 2.46 -20.75 6.23
C VAL A 44 3.60 -19.82 5.83
N VAL A 45 4.77 -20.04 6.40
CA VAL A 45 5.92 -19.21 6.08
C VAL A 45 6.84 -19.94 5.11
N ILE A 46 6.97 -19.41 3.91
CA ILE A 46 7.80 -20.02 2.89
C ILE A 46 8.90 -19.06 2.45
N ASP A 47 10.15 -19.46 2.69
CA ASP A 47 11.32 -18.65 2.33
C ASP A 47 11.33 -17.31 3.06
N GLY A 48 10.91 -17.33 4.31
CA GLY A 48 10.90 -16.13 5.11
C GLY A 48 9.68 -15.25 4.90
N GLU A 49 8.86 -15.60 3.93
CA GLU A 49 7.67 -14.82 3.62
C GLU A 49 6.41 -15.58 4.03
N THR A 50 5.50 -14.89 4.68
CA THR A 50 4.24 -15.47 5.09
C THR A 50 3.31 -15.54 3.88
N CYS A 51 2.89 -16.73 3.51
CA CYS A 51 2.03 -16.91 2.36
C CYS A 51 0.73 -17.61 2.72
N LEU A 52 -0.34 -17.25 2.02
CA LEU A 52 -1.63 -17.85 2.23
C LEU A 52 -1.89 -18.84 1.10
N LEU A 53 -1.86 -20.12 1.43
CA LEU A 53 -2.05 -21.17 0.45
C LEU A 53 -3.53 -21.39 0.14
N ASP A 54 -3.93 -21.07 -1.08
CA ASP A 54 -5.30 -21.24 -1.53
C ASP A 54 -5.34 -22.54 -2.33
N ILE A 55 -5.24 -23.66 -1.63
CA ILE A 55 -5.23 -24.97 -2.25
C ILE A 55 -6.63 -25.45 -2.61
N LEU A 56 -6.76 -25.98 -3.81
CA LEU A 56 -8.03 -26.48 -4.32
C LEU A 56 -7.88 -27.96 -4.68
N ASP A 57 -8.49 -28.84 -3.89
CA ASP A 57 -8.43 -30.27 -4.16
C ASP A 57 -9.58 -30.71 -5.03
N THR A 58 -9.25 -31.38 -6.13
CA THR A 58 -10.24 -31.86 -7.06
C THR A 58 -10.18 -33.39 -7.13
N ALA A 59 -11.14 -33.98 -7.82
CA ALA A 59 -11.18 -35.43 -7.97
C ALA A 59 -10.38 -35.84 -9.20
N GLY A 60 -10.79 -36.91 -9.86
CA GLY A 60 -10.08 -37.37 -11.04
C GLY A 60 -10.84 -38.50 -11.71
N GLN A 61 -12.16 -38.36 -11.80
CA GLN A 61 -13.01 -39.38 -12.40
C GLN A 61 -13.36 -39.02 -13.85
N GLU A 62 -12.62 -38.08 -14.41
CA GLU A 62 -12.81 -37.64 -15.79
C GLU A 62 -14.21 -37.05 -16.05
N GLU A 63 -14.57 -36.91 -17.32
CA GLU A 63 -15.87 -36.37 -17.74
C GLU A 63 -15.96 -34.85 -17.65
N TYR A 64 -15.63 -34.29 -16.48
CA TYR A 64 -15.70 -32.85 -16.27
C TYR A 64 -14.54 -32.10 -16.93
N SER A 65 -14.51 -32.08 -18.25
CA SER A 65 -13.48 -31.37 -18.97
C SER A 65 -13.75 -29.87 -18.92
N ALA A 66 -15.01 -29.50 -19.05
CA ALA A 66 -15.42 -28.09 -19.02
C ALA A 66 -15.20 -27.50 -17.63
N MET A 67 -15.47 -28.30 -16.61
CA MET A 67 -15.29 -27.87 -15.23
C MET A 67 -13.81 -27.67 -14.94
N ARG A 68 -12.99 -28.52 -15.56
CA ARG A 68 -11.53 -28.43 -15.41
C ARG A 68 -11.02 -27.18 -16.09
N ASP A 69 -11.69 -26.81 -17.19
CA ASP A 69 -11.35 -25.62 -17.97
C ASP A 69 -11.71 -24.35 -17.22
N GLN A 70 -12.42 -24.50 -16.11
CA GLN A 70 -12.85 -23.37 -15.31
C GLN A 70 -11.81 -22.94 -14.27
N TYR A 71 -11.55 -23.79 -13.29
CA TYR A 71 -10.60 -23.46 -12.21
C TYR A 71 -9.16 -23.26 -12.69
N MET A 72 -8.87 -23.63 -13.93
CA MET A 72 -7.53 -23.47 -14.50
C MET A 72 -7.22 -21.99 -14.71
N ARG A 73 -8.25 -21.17 -14.81
CA ARG A 73 -8.09 -19.75 -15.01
C ARG A 73 -7.69 -19.05 -13.70
N THR A 74 -8.29 -19.50 -12.61
CA THR A 74 -8.02 -18.94 -11.30
C THR A 74 -6.72 -19.48 -10.71
N GLY A 75 -6.39 -20.71 -11.06
CA GLY A 75 -5.19 -21.35 -10.55
C GLY A 75 -3.91 -20.82 -11.14
N GLU A 76 -2.92 -20.58 -10.29
CA GLU A 76 -1.63 -20.08 -10.72
C GLU A 76 -0.65 -21.24 -10.80
N GLY A 77 -0.57 -22.00 -9.71
CA GLY A 77 0.32 -23.13 -9.65
C GLY A 77 -0.44 -24.43 -9.72
N PHE A 78 0.02 -25.37 -10.52
CA PHE A 78 -0.64 -26.65 -10.68
C PHE A 78 0.24 -27.80 -10.21
N LEU A 79 -0.31 -28.60 -9.31
CA LEU A 79 0.41 -29.75 -8.78
C LEU A 79 -0.01 -31.02 -9.49
N CYS A 80 0.83 -31.51 -10.39
CA CYS A 80 0.55 -32.72 -11.13
C CYS A 80 0.99 -33.94 -10.34
N VAL A 81 0.01 -34.61 -9.74
CA VAL A 81 0.28 -35.79 -8.92
C VAL A 81 -0.10 -37.08 -9.64
N PHE A 82 0.83 -38.01 -9.65
CA PHE A 82 0.60 -39.30 -10.29
C PHE A 82 0.99 -40.41 -9.33
N ALA A 83 0.43 -41.59 -9.52
CA ALA A 83 0.73 -42.72 -8.67
C ALA A 83 1.86 -43.54 -9.25
N ILE A 84 2.86 -43.85 -8.42
CA ILE A 84 4.02 -44.62 -8.87
C ILE A 84 3.63 -46.04 -9.30
N ASN A 85 2.45 -46.48 -8.88
CA ASN A 85 1.95 -47.81 -9.22
C ASN A 85 0.79 -47.72 -10.21
N ASN A 86 0.68 -46.57 -10.87
CA ASN A 86 -0.38 -46.35 -11.84
C ASN A 86 0.19 -45.57 -13.04
N THR A 87 0.57 -46.30 -14.07
CA THR A 87 1.16 -45.71 -15.27
C THR A 87 0.17 -44.79 -16.00
N LYS A 88 -1.11 -45.09 -15.87
CA LYS A 88 -2.16 -44.30 -16.51
C LYS A 88 -2.07 -42.82 -16.14
N SER A 89 -1.99 -42.55 -14.84
CA SER A 89 -1.93 -41.18 -14.35
C SER A 89 -0.68 -40.45 -14.86
N PHE A 90 0.42 -41.17 -15.01
CA PHE A 90 1.66 -40.58 -15.48
C PHE A 90 1.52 -40.06 -16.91
N GLU A 91 0.83 -40.81 -17.74
CA GLU A 91 0.62 -40.43 -19.13
C GLU A 91 -0.38 -39.29 -19.22
N ASP A 92 -1.33 -39.28 -18.29
CA ASP A 92 -2.36 -38.25 -18.25
C ASP A 92 -1.77 -36.88 -17.91
N ILE A 93 -0.61 -36.87 -17.27
CA ILE A 93 0.06 -35.62 -16.91
C ILE A 93 0.28 -34.75 -18.15
N HIS A 94 0.66 -35.40 -19.25
CA HIS A 94 0.90 -34.72 -20.52
C HIS A 94 -0.38 -34.09 -21.03
N HIS A 95 -1.44 -34.91 -21.09
CA HIS A 95 -2.73 -34.46 -21.57
C HIS A 95 -3.27 -33.35 -20.70
N TYR A 96 -3.01 -33.44 -19.41
CA TYR A 96 -3.47 -32.44 -18.46
C TYR A 96 -2.73 -31.12 -18.64
N ARG A 97 -1.41 -31.22 -18.78
CA ARG A 97 -0.57 -30.03 -18.97
C ARG A 97 -0.97 -29.27 -20.23
N GLU A 98 -1.24 -30.02 -21.29
CA GLU A 98 -1.63 -29.43 -22.57
C GLU A 98 -2.91 -28.62 -22.43
N GLN A 99 -3.86 -29.14 -21.68
CA GLN A 99 -5.12 -28.43 -21.46
C GLN A 99 -4.88 -27.15 -20.65
N ILE A 100 -4.12 -27.27 -19.57
CA ILE A 100 -3.82 -26.14 -18.71
C ILE A 100 -3.19 -24.98 -19.49
N LYS A 101 -2.18 -25.32 -20.30
CA LYS A 101 -1.48 -24.30 -21.09
C LYS A 101 -2.41 -23.64 -22.11
N ARG A 102 -3.40 -24.40 -22.58
CA ARG A 102 -4.36 -23.88 -23.55
C ARG A 102 -5.36 -22.97 -22.84
N VAL A 103 -5.86 -23.42 -21.69
CA VAL A 103 -6.85 -22.66 -20.91
C VAL A 103 -6.23 -21.38 -20.35
N LYS A 104 -5.04 -21.51 -19.78
CA LYS A 104 -4.35 -20.38 -19.19
C LYS A 104 -3.79 -19.46 -20.27
N ASP A 105 -3.74 -19.99 -21.49
CA ASP A 105 -3.24 -19.25 -22.65
C ASP A 105 -1.81 -18.78 -22.42
N SER A 106 -0.94 -19.74 -22.10
CA SER A 106 0.47 -19.44 -21.86
C SER A 106 1.29 -20.71 -21.87
N GLU A 107 2.52 -20.60 -22.35
CA GLU A 107 3.43 -21.74 -22.40
C GLU A 107 4.28 -21.78 -21.14
N ASP A 108 4.06 -20.79 -20.28
CA ASP A 108 4.80 -20.69 -19.03
C ASP A 108 3.84 -20.78 -17.85
N VAL A 109 3.63 -21.99 -17.36
CA VAL A 109 2.74 -22.22 -16.23
C VAL A 109 3.45 -22.94 -15.10
N PRO A 110 3.43 -22.35 -13.89
CA PRO A 110 4.07 -22.95 -12.70
C PRO A 110 3.46 -24.30 -12.36
N MET A 111 4.23 -25.35 -12.54
CA MET A 111 3.77 -26.70 -12.26
C MET A 111 4.84 -27.49 -11.54
N VAL A 112 4.42 -28.48 -10.76
CA VAL A 112 5.35 -29.33 -10.04
C VAL A 112 4.94 -30.79 -10.22
N LEU A 113 5.85 -31.61 -10.71
CA LEU A 113 5.58 -33.02 -10.92
C LEU A 113 5.82 -33.77 -9.62
N VAL A 114 4.77 -34.32 -9.06
CA VAL A 114 4.89 -35.03 -7.79
C VAL A 114 4.40 -36.46 -7.89
N GLY A 115 5.28 -37.39 -7.54
CA GLY A 115 4.93 -38.79 -7.54
C GLY A 115 4.48 -39.17 -6.14
N ASN A 116 3.29 -39.73 -6.02
CA ASN A 116 2.78 -40.09 -4.72
C ASN A 116 2.78 -41.59 -4.50
N LYS A 117 2.78 -41.97 -3.22
CA LYS A 117 2.78 -43.37 -2.81
C LYS A 117 4.08 -44.06 -3.15
N CYS A 118 5.19 -43.32 -3.05
CA CYS A 118 6.52 -43.87 -3.36
C CYS A 118 6.95 -44.94 -2.35
N ASP A 119 6.14 -45.13 -1.33
CA ASP A 119 6.42 -46.12 -0.30
C ASP A 119 5.93 -47.50 -0.73
N LEU A 120 5.25 -47.55 -1.87
CA LEU A 120 4.75 -48.81 -2.40
C LEU A 120 5.83 -49.53 -3.19
N PRO A 121 5.93 -50.86 -3.00
CA PRO A 121 6.92 -51.68 -3.71
C PRO A 121 6.51 -51.96 -5.16
N SER A 122 7.52 -52.16 -6.00
CA SER A 122 7.31 -52.46 -7.42
C SER A 122 6.59 -51.31 -8.14
N ARG A 123 7.30 -50.21 -8.33
CA ARG A 123 6.73 -49.05 -9.01
C ARG A 123 6.65 -49.33 -10.51
N THR A 124 5.56 -48.92 -11.13
CA THR A 124 5.38 -49.13 -12.56
C THR A 124 6.02 -47.97 -13.31
N VAL A 125 5.86 -46.78 -12.78
CA VAL A 125 6.42 -45.59 -13.37
C VAL A 125 7.88 -45.46 -12.94
N ASP A 126 8.78 -45.55 -13.90
CA ASP A 126 10.20 -45.48 -13.62
C ASP A 126 10.60 -44.09 -13.17
N THR A 127 11.51 -44.01 -12.21
CA THR A 127 11.97 -42.74 -11.69
C THR A 127 12.75 -41.96 -12.75
N LYS A 128 13.46 -42.68 -13.62
CA LYS A 128 14.25 -42.06 -14.66
C LYS A 128 13.35 -41.36 -15.67
N GLN A 129 12.27 -42.03 -16.07
CA GLN A 129 11.35 -41.45 -17.04
C GLN A 129 10.62 -40.24 -16.46
N ALA A 130 10.34 -40.28 -15.16
CA ALA A 130 9.66 -39.18 -14.48
C ALA A 130 10.53 -37.93 -14.53
N GLN A 131 11.84 -38.13 -14.35
CA GLN A 131 12.79 -37.02 -14.37
C GLN A 131 12.94 -36.51 -15.79
N ASP A 132 12.90 -37.43 -16.75
CA ASP A 132 13.02 -37.08 -18.16
C ASP A 132 11.91 -36.13 -18.55
N LEU A 133 10.68 -36.53 -18.26
CA LEU A 133 9.51 -35.71 -18.58
C LEU A 133 9.56 -34.37 -17.86
N ALA A 134 9.95 -34.39 -16.59
CA ALA A 134 10.05 -33.18 -15.78
C ALA A 134 11.04 -32.19 -16.39
N ARG A 135 12.17 -32.73 -16.86
CA ARG A 135 13.22 -31.91 -17.47
C ARG A 135 12.72 -31.29 -18.77
N SER A 136 11.95 -32.06 -19.52
CA SER A 136 11.40 -31.59 -20.79
C SER A 136 10.39 -30.47 -20.57
N TYR A 137 9.65 -30.57 -19.47
CA TYR A 137 8.65 -29.57 -19.12
C TYR A 137 9.30 -28.35 -18.48
N GLY A 138 10.39 -28.58 -17.76
CA GLY A 138 11.08 -27.51 -17.09
C GLY A 138 10.48 -27.26 -15.73
N ILE A 139 9.84 -28.30 -15.19
CA ILE A 139 9.20 -28.23 -13.90
C ILE A 139 9.89 -29.17 -12.91
N PRO A 140 9.87 -28.85 -11.61
CA PRO A 140 10.50 -29.67 -10.58
C PRO A 140 9.78 -31.01 -10.39
N PHE A 141 10.51 -32.00 -9.95
CA PHE A 141 9.95 -33.32 -9.72
C PHE A 141 10.27 -33.75 -8.29
N ILE A 142 9.25 -34.14 -7.54
CA ILE A 142 9.43 -34.55 -6.16
C ILE A 142 8.69 -35.86 -5.87
N GLU A 143 9.35 -36.75 -5.14
CA GLU A 143 8.75 -38.03 -4.76
C GLU A 143 8.17 -37.89 -3.36
N THR A 144 6.88 -38.18 -3.20
CA THR A 144 6.24 -38.05 -1.90
C THR A 144 5.39 -39.28 -1.57
N SER A 145 4.81 -39.27 -0.38
CA SER A 145 3.95 -40.35 0.08
C SER A 145 2.91 -39.77 1.04
N ALA A 146 1.65 -39.99 0.73
CA ALA A 146 0.56 -39.47 1.55
C ALA A 146 0.45 -40.19 2.88
N LYS A 147 0.95 -41.41 2.92
CA LYS A 147 0.90 -42.22 4.13
C LYS A 147 1.96 -41.78 5.14
N THR A 148 3.15 -41.45 4.65
CA THR A 148 4.24 -41.05 5.53
C THR A 148 4.37 -39.53 5.63
N ARG A 149 3.80 -38.82 4.64
CA ARG A 149 3.86 -37.36 4.58
C ARG A 149 5.30 -36.89 4.32
N GLN A 150 6.11 -37.81 3.83
CA GLN A 150 7.52 -37.53 3.55
C GLN A 150 7.71 -36.61 2.35
N GLY A 151 8.11 -35.37 2.64
CA GLY A 151 8.38 -34.39 1.60
C GLY A 151 7.14 -33.76 0.98
N VAL A 152 5.98 -34.06 1.52
CA VAL A 152 4.73 -33.50 0.99
C VAL A 152 4.65 -32.00 1.27
N ASP A 153 5.19 -31.59 2.41
CA ASP A 153 5.18 -30.18 2.80
C ASP A 153 5.99 -29.35 1.81
N ASP A 154 7.21 -29.82 1.53
CA ASP A 154 8.10 -29.13 0.60
C ASP A 154 7.57 -29.18 -0.82
N ALA A 155 6.77 -30.20 -1.12
CA ALA A 155 6.19 -30.35 -2.45
C ALA A 155 5.29 -29.14 -2.76
N PHE A 156 4.49 -28.76 -1.78
CA PHE A 156 3.61 -27.61 -1.93
C PHE A 156 4.40 -26.31 -1.91
N TYR A 157 5.42 -26.28 -1.06
CA TYR A 157 6.28 -25.10 -0.95
C TYR A 157 6.99 -24.82 -2.26
N THR A 158 7.40 -25.87 -2.94
CA THR A 158 8.10 -25.75 -4.21
C THR A 158 7.19 -25.17 -5.29
N LEU A 159 5.89 -25.47 -5.21
CA LEU A 159 4.93 -24.95 -6.18
C LEU A 159 4.84 -23.44 -6.05
N VAL A 160 5.00 -22.97 -4.81
CA VAL A 160 4.97 -21.54 -4.50
C VAL A 160 6.21 -20.88 -5.10
N ARG A 161 7.32 -21.61 -5.09
CA ARG A 161 8.58 -21.13 -5.65
C ARG A 161 8.42 -20.87 -7.14
N GLU A 162 7.72 -21.77 -7.81
CA GLU A 162 7.49 -21.64 -9.23
C GLU A 162 6.63 -20.43 -9.55
N ILE A 163 5.65 -20.16 -8.70
CA ILE A 163 4.77 -19.01 -8.87
C ILE A 163 5.56 -17.71 -8.71
N ARG A 164 6.43 -17.68 -7.71
CA ARG A 164 7.27 -16.50 -7.46
C ARG A 164 8.15 -16.21 -8.67
N LYS A 165 8.81 -17.25 -9.18
CA LYS A 165 9.67 -17.10 -10.34
C LYS A 165 8.84 -16.71 -11.56
N HIS A 166 7.61 -17.20 -11.62
CA HIS A 166 6.72 -16.88 -12.72
C HIS A 166 6.41 -15.39 -12.74
N LYS A 167 6.06 -14.85 -11.58
CA LYS A 167 5.75 -13.44 -11.46
C LYS A 167 6.99 -12.60 -11.71
N GLU A 168 8.13 -13.07 -11.22
CA GLU A 168 9.40 -12.38 -11.42
C GLU A 168 9.72 -12.33 -12.91
N LYS A 169 9.43 -13.43 -13.59
CA LYS A 169 9.67 -13.53 -15.02
C LYS A 169 8.68 -12.67 -15.78
N MET A 170 7.53 -12.44 -15.19
CA MET A 170 6.49 -11.61 -15.82
C MET A 170 6.93 -10.16 -15.88
N SER A 171 7.66 -9.73 -14.86
CA SER A 171 8.16 -8.36 -14.81
C SER A 171 9.38 -8.22 -15.72
N LYS A 172 10.17 -9.29 -15.79
CA LYS A 172 11.37 -9.30 -16.63
C LYS A 172 11.00 -9.44 -18.11
N ASP A 173 10.12 -10.40 -18.39
CA ASP A 173 9.65 -10.68 -19.74
C ASP A 173 10.83 -10.93 -20.69
N GLY A 174 10.79 -10.35 -21.87
CA GLY A 174 11.87 -10.55 -22.82
C GLY A 174 12.90 -9.44 -22.70
N LYS A 175 12.55 -8.28 -23.22
CA LYS A 175 13.44 -7.13 -23.16
C LYS A 175 12.98 -6.17 -22.06
N LYS A 176 12.01 -5.33 -22.39
CA LYS A 176 11.44 -4.37 -21.45
C LYS A 176 12.50 -3.61 -20.65
N LYS A 177 12.58 -3.90 -19.36
CA LYS A 177 13.55 -3.25 -18.48
C LYS A 177 14.36 -4.28 -17.70
N LYS A 178 14.12 -5.56 -17.98
CA LYS A 178 14.81 -6.65 -17.29
C LYS A 178 14.44 -6.67 -15.81
N LYS A 179 15.24 -7.34 -14.98
CA LYS A 179 14.97 -7.42 -13.54
C LYS A 179 16.20 -7.88 -12.77
N LYS A 180 16.47 -9.18 -12.82
CA LYS A 180 17.61 -9.76 -12.11
C LYS A 180 18.90 -9.62 -12.92
N SER A 181 19.51 -8.45 -12.85
CA SER A 181 20.74 -8.20 -13.57
C SER A 181 21.79 -7.59 -12.64
N LYS A 182 22.88 -8.32 -12.41
CA LYS A 182 23.94 -7.84 -11.53
C LYS A 182 25.09 -7.24 -12.33
N THR A 183 25.31 -5.94 -12.14
CA THR A 183 26.40 -5.24 -12.82
C THR A 183 27.44 -4.81 -11.79
N LYS A 184 28.60 -4.37 -12.27
CA LYS A 184 29.66 -3.93 -11.39
C LYS A 184 30.45 -2.79 -12.03
N THR B 2 -8.02 -3.83 19.67
CA THR B 2 -9.29 -4.15 19.04
C THR B 2 -9.90 -5.37 19.72
N GLU B 3 -11.11 -5.20 20.22
CA GLU B 3 -11.81 -6.27 20.91
C GLU B 3 -12.60 -7.16 19.96
N TYR B 4 -12.52 -8.47 20.17
CA TYR B 4 -13.23 -9.44 19.36
C TYR B 4 -13.93 -10.44 20.28
N LYS B 5 -15.24 -10.52 20.19
CA LYS B 5 -16.02 -11.42 21.04
C LYS B 5 -16.11 -12.81 20.41
N LEU B 6 -15.58 -13.81 21.09
CA LEU B 6 -15.58 -15.18 20.59
C LEU B 6 -16.32 -16.11 21.55
N VAL B 7 -17.24 -16.90 21.01
CA VAL B 7 -17.99 -17.83 21.81
C VAL B 7 -17.71 -19.26 21.38
N VAL B 8 -17.38 -20.13 22.34
CA VAL B 8 -17.08 -21.52 22.04
C VAL B 8 -18.34 -22.38 22.21
N VAL B 9 -18.88 -22.85 21.10
CA VAL B 9 -20.08 -23.67 21.12
C VAL B 9 -19.77 -25.12 20.76
N GLY B 10 -20.60 -26.03 21.25
CA GLY B 10 -20.41 -27.44 20.99
C GLY B 10 -21.02 -28.31 22.07
N ALA B 11 -20.94 -29.61 21.91
CA ALA B 11 -21.50 -30.53 22.88
C ALA B 11 -20.56 -30.69 24.07
N ASP B 12 -21.12 -31.04 25.22
CA ASP B 12 -20.31 -31.22 26.42
C ASP B 12 -19.56 -32.54 26.35
N GLY B 13 -18.27 -32.49 26.68
CA GLY B 13 -17.45 -33.68 26.65
C GLY B 13 -16.47 -33.68 25.50
N VAL B 14 -16.67 -32.75 24.56
CA VAL B 14 -15.79 -32.65 23.41
C VAL B 14 -14.46 -32.00 23.81
N GLY B 15 -14.45 -31.30 24.95
CA GLY B 15 -13.23 -30.68 25.42
C GLY B 15 -13.16 -29.20 25.10
N LYS B 16 -14.30 -28.51 25.18
CA LYS B 16 -14.35 -27.08 24.89
C LYS B 16 -13.49 -26.30 25.88
N SER B 17 -13.71 -26.53 27.17
CA SER B 17 -12.95 -25.85 28.22
C SER B 17 -11.48 -26.20 28.16
N ALA B 18 -11.17 -27.39 27.67
CA ALA B 18 -9.78 -27.84 27.58
C ALA B 18 -8.99 -26.94 26.64
N LEU B 19 -9.60 -26.55 25.53
CA LEU B 19 -8.94 -25.68 24.57
C LEU B 19 -8.78 -24.27 25.13
N THR B 20 -9.86 -23.78 25.74
CA THR B 20 -9.86 -22.44 26.32
C THR B 20 -8.81 -22.30 27.42
N ILE B 21 -8.79 -23.26 28.34
CA ILE B 21 -7.84 -23.25 29.44
C ILE B 21 -6.41 -23.34 28.93
N GLN B 22 -6.18 -24.17 27.91
CA GLN B 22 -4.85 -24.33 27.33
C GLN B 22 -4.37 -23.05 26.65
N LEU B 23 -5.31 -22.22 26.24
CA LEU B 23 -4.97 -20.96 25.58
C LEU B 23 -4.80 -19.82 26.56
N ILE B 24 -5.67 -19.76 27.57
CA ILE B 24 -5.61 -18.71 28.56
C ILE B 24 -4.60 -19.01 29.67
N GLN B 25 -4.84 -20.10 30.39
CA GLN B 25 -3.99 -20.49 31.50
C GLN B 25 -2.76 -21.27 31.01
N ASN B 26 -2.90 -21.88 29.84
CA ASN B 26 -1.82 -22.64 29.20
C ASN B 26 -1.35 -23.82 30.05
N HIS B 27 -2.28 -24.71 30.37
CA HIS B 27 -1.99 -25.91 31.14
C HIS B 27 -3.16 -26.90 31.07
N PHE B 28 -2.87 -28.16 31.33
CA PHE B 28 -3.90 -29.18 31.28
C PHE B 28 -4.32 -29.61 32.68
N VAL B 29 -5.48 -29.14 33.11
CA VAL B 29 -5.99 -29.45 34.44
C VAL B 29 -6.64 -30.84 34.46
N ASP B 30 -6.57 -31.47 35.62
CA ASP B 30 -7.15 -32.79 35.80
C ASP B 30 -8.39 -32.67 36.66
N GLU B 31 -8.43 -31.62 37.44
CA GLU B 31 -9.55 -31.33 38.33
C GLU B 31 -10.69 -30.66 37.57
N TYR B 32 -11.92 -30.96 37.97
CA TYR B 32 -13.10 -30.41 37.32
C TYR B 32 -13.40 -28.98 37.75
N ASP B 33 -13.65 -28.12 36.78
CA ASP B 33 -13.98 -26.74 37.03
C ASP B 33 -15.41 -26.47 36.59
N PRO B 34 -16.24 -25.94 37.49
CA PRO B 34 -17.65 -25.65 37.20
C PRO B 34 -17.82 -24.44 36.28
N THR B 35 -17.31 -24.55 35.06
CA THR B 35 -17.42 -23.48 34.09
C THR B 35 -18.80 -23.47 33.46
N ILE B 36 -19.65 -22.58 33.94
CA ILE B 36 -21.01 -22.45 33.42
C ILE B 36 -21.04 -21.37 32.35
N GLU B 37 -20.57 -20.18 32.72
CA GLU B 37 -20.53 -19.04 31.82
C GLU B 37 -19.42 -18.10 32.27
N ASP B 38 -18.21 -18.35 31.79
CA ASP B 38 -17.07 -17.52 32.13
C ASP B 38 -16.35 -17.03 30.87
N SER B 39 -15.92 -15.78 30.89
CA SER B 39 -15.23 -15.20 29.76
C SER B 39 -13.80 -14.80 30.14
N TYR B 40 -12.85 -15.10 29.27
CA TYR B 40 -11.46 -14.78 29.54
C TYR B 40 -10.92 -13.83 28.49
N ARG B 41 -10.23 -12.79 28.94
CA ARG B 41 -9.64 -11.79 28.05
C ARG B 41 -8.18 -12.12 27.77
N LYS B 42 -7.84 -12.20 26.49
CA LYS B 42 -6.47 -12.49 26.09
C LYS B 42 -6.02 -11.53 25.00
N GLN B 43 -4.93 -10.82 25.26
CA GLN B 43 -4.37 -9.87 24.29
C GLN B 43 -3.23 -10.51 23.51
N VAL B 44 -3.43 -10.67 22.21
CA VAL B 44 -2.42 -11.27 21.35
C VAL B 44 -2.30 -10.52 20.02
N VAL B 45 -1.13 -10.57 19.42
CA VAL B 45 -0.89 -9.92 18.16
C VAL B 45 -1.06 -10.91 17.01
N ILE B 46 -2.16 -10.77 16.29
CA ILE B 46 -2.49 -11.66 15.18
C ILE B 46 -2.30 -10.93 13.86
N ASP B 47 -1.42 -11.45 13.03
CA ASP B 47 -1.15 -10.87 11.70
C ASP B 47 -0.74 -9.40 11.78
N GLY B 48 0.01 -9.05 12.82
CA GLY B 48 0.47 -7.69 12.96
C GLY B 48 -0.58 -6.74 13.53
N GLU B 49 -1.44 -7.27 14.40
CA GLU B 49 -2.48 -6.45 15.01
C GLU B 49 -2.77 -6.95 16.42
N THR B 50 -2.75 -6.03 17.38
CA THR B 50 -3.02 -6.35 18.76
C THR B 50 -4.53 -6.52 18.98
N CYS B 51 -4.96 -7.75 19.18
CA CYS B 51 -6.37 -8.04 19.36
C CYS B 51 -6.67 -8.50 20.79
N LEU B 52 -7.73 -7.95 21.35
CA LEU B 52 -8.17 -8.31 22.69
C LEU B 52 -9.37 -9.25 22.53
N LEU B 53 -9.11 -10.53 22.65
CA LEU B 53 -10.15 -11.53 22.46
C LEU B 53 -10.85 -11.90 23.76
N ASP B 54 -12.18 -11.81 23.74
CA ASP B 54 -13.00 -12.16 24.88
C ASP B 54 -13.68 -13.49 24.60
N ILE B 55 -13.07 -14.57 25.08
CA ILE B 55 -13.59 -15.90 24.85
C ILE B 55 -14.56 -16.32 25.95
N LEU B 56 -15.77 -16.68 25.55
CA LEU B 56 -16.79 -17.11 26.48
C LEU B 56 -17.11 -18.58 26.29
N ASP B 57 -16.70 -19.40 27.25
CA ASP B 57 -16.97 -20.83 27.19
C ASP B 57 -18.24 -21.13 27.97
N THR B 58 -19.31 -21.36 27.24
CA THR B 58 -20.59 -21.65 27.86
C THR B 58 -20.87 -23.15 27.82
N ALA B 59 -21.37 -23.68 28.93
CA ALA B 59 -21.67 -25.11 29.04
C ALA B 59 -22.58 -25.57 27.90
N GLY B 60 -22.35 -26.78 27.41
CA GLY B 60 -23.14 -27.32 26.32
C GLY B 60 -23.88 -28.59 26.68
N GLN B 61 -24.64 -28.54 27.77
CA GLN B 61 -25.41 -29.70 28.21
C GLN B 61 -26.86 -29.58 27.73
N GLU B 62 -27.06 -28.70 26.75
CA GLU B 62 -28.38 -28.45 26.18
C GLU B 62 -29.36 -27.88 27.21
N GLU B 63 -30.66 -28.03 26.93
CA GLU B 63 -31.71 -27.54 27.82
C GLU B 63 -31.89 -26.03 27.74
N TYR B 64 -30.83 -25.28 28.03
CA TYR B 64 -30.89 -23.83 28.01
C TYR B 64 -30.90 -23.26 26.61
N SER B 65 -32.05 -23.29 25.97
CA SER B 65 -32.22 -22.77 24.63
C SER B 65 -32.35 -21.25 24.67
N ALA B 66 -33.16 -20.76 25.59
CA ALA B 66 -33.38 -19.33 25.74
C ALA B 66 -32.10 -18.59 26.12
N MET B 67 -31.28 -19.25 26.94
CA MET B 67 -30.02 -18.68 27.39
C MET B 67 -29.04 -18.57 26.22
N ARG B 68 -29.08 -19.56 25.34
CA ARG B 68 -28.19 -19.61 24.18
C ARG B 68 -28.41 -18.40 23.27
N ASP B 69 -29.66 -18.05 23.05
CA ASP B 69 -30.02 -16.91 22.18
C ASP B 69 -29.50 -15.58 22.74
N GLN B 70 -29.14 -15.57 24.02
CA GLN B 70 -28.65 -14.34 24.63
C GLN B 70 -27.21 -14.02 24.23
N TYR B 71 -26.27 -14.90 24.58
CA TYR B 71 -24.87 -14.67 24.25
C TYR B 71 -24.59 -14.78 22.76
N MET B 72 -25.48 -15.46 22.03
CA MET B 72 -25.30 -15.61 20.59
C MET B 72 -25.46 -14.27 19.88
N ARG B 73 -26.22 -13.38 20.49
CA ARG B 73 -26.45 -12.05 19.92
C ARG B 73 -25.22 -11.17 20.13
N THR B 74 -24.48 -11.45 21.19
CA THR B 74 -23.29 -10.68 21.52
C THR B 74 -22.05 -11.24 20.81
N GLY B 75 -21.99 -12.57 20.67
CA GLY B 75 -20.86 -13.21 20.03
C GLY B 75 -20.67 -12.78 18.59
N GLU B 76 -19.45 -12.38 18.26
CA GLU B 76 -19.12 -11.95 16.90
C GLU B 76 -18.56 -13.13 16.10
N GLY B 77 -17.81 -13.97 16.79
CA GLY B 77 -17.23 -15.13 16.16
C GLY B 77 -17.62 -16.39 16.91
N PHE B 78 -17.98 -17.43 16.18
CA PHE B 78 -18.40 -18.67 16.82
C PHE B 78 -17.46 -19.83 16.52
N LEU B 79 -16.94 -20.41 17.59
CA LEU B 79 -16.04 -21.54 17.49
C LEU B 79 -16.83 -22.83 17.68
N CYS B 80 -17.09 -23.53 16.60
CA CYS B 80 -17.85 -24.78 16.65
C CYS B 80 -16.91 -25.95 16.91
N VAL B 81 -16.83 -26.37 18.15
CA VAL B 81 -15.95 -27.47 18.54
C VAL B 81 -16.72 -28.78 18.70
N PHE B 82 -16.32 -29.79 17.95
CA PHE B 82 -16.94 -31.10 18.02
C PHE B 82 -15.88 -32.16 18.27
N ALA B 83 -16.30 -33.35 18.65
CA ALA B 83 -15.36 -34.42 18.92
C ALA B 83 -15.38 -35.46 17.81
N ILE B 84 -14.20 -35.82 17.33
CA ILE B 84 -14.07 -36.81 16.25
C ILE B 84 -14.54 -38.20 16.71
N ASN B 85 -14.60 -38.37 18.02
CA ASN B 85 -15.03 -39.63 18.62
C ASN B 85 -16.47 -39.53 19.10
N ASN B 86 -17.16 -38.48 18.68
CA ASN B 86 -18.54 -38.26 19.06
C ASN B 86 -19.34 -37.74 17.86
N THR B 87 -19.94 -38.66 17.11
CA THR B 87 -20.72 -38.31 15.93
C THR B 87 -21.90 -37.40 16.29
N LYS B 88 -22.45 -37.59 17.47
CA LYS B 88 -23.59 -36.80 17.94
C LYS B 88 -23.22 -35.31 18.01
N SER B 89 -22.01 -35.03 18.47
CA SER B 89 -21.56 -33.65 18.59
C SER B 89 -21.42 -32.99 17.23
N PHE B 90 -21.11 -33.79 16.21
CA PHE B 90 -20.97 -33.28 14.85
C PHE B 90 -22.33 -32.93 14.26
N GLU B 91 -23.33 -33.75 14.60
CA GLU B 91 -24.68 -33.52 14.10
C GLU B 91 -25.27 -32.27 14.72
N ASP B 92 -24.90 -32.02 15.98
CA ASP B 92 -25.39 -30.86 16.71
C ASP B 92 -24.92 -29.55 16.11
N ILE B 93 -23.80 -29.60 15.38
CA ILE B 93 -23.22 -28.42 14.74
C ILE B 93 -24.25 -27.75 13.82
N HIS B 94 -24.99 -28.55 13.07
CA HIS B 94 -26.02 -28.04 12.17
C HIS B 94 -27.05 -27.23 12.94
N HIS B 95 -27.50 -27.78 14.06
CA HIS B 95 -28.50 -27.12 14.90
C HIS B 95 -27.98 -25.81 15.45
N TYR B 96 -26.74 -25.83 15.95
CA TYR B 96 -26.12 -24.64 16.50
C TYR B 96 -25.97 -23.55 15.45
N ARG B 97 -25.45 -23.95 14.28
CA ARG B 97 -25.25 -23.03 13.16
C ARG B 97 -26.55 -22.34 12.77
N GLU B 98 -27.60 -23.14 12.57
CA GLU B 98 -28.91 -22.59 12.19
C GLU B 98 -29.46 -21.66 13.26
N GLN B 99 -29.20 -21.98 14.52
CA GLN B 99 -29.66 -21.16 15.63
C GLN B 99 -28.94 -19.82 15.62
N ILE B 100 -27.62 -19.86 15.40
CA ILE B 100 -26.80 -18.66 15.37
C ILE B 100 -27.35 -17.67 14.33
N LYS B 101 -27.66 -18.17 13.15
CA LYS B 101 -28.20 -17.35 12.07
C LYS B 101 -29.54 -16.73 12.46
N ARG B 102 -30.35 -17.52 13.16
CA ARG B 102 -31.67 -17.08 13.60
C ARG B 102 -31.55 -15.98 14.65
N VAL B 103 -30.59 -16.14 15.55
CA VAL B 103 -30.37 -15.17 16.63
C VAL B 103 -29.70 -13.89 16.13
N LYS B 104 -28.64 -14.04 15.37
CA LYS B 104 -27.90 -12.89 14.86
C LYS B 104 -28.58 -12.22 13.68
N ASP B 105 -29.55 -12.91 13.09
CA ASP B 105 -30.28 -12.37 11.94
C ASP B 105 -29.32 -12.16 10.76
N SER B 106 -28.79 -13.26 10.25
CA SER B 106 -27.85 -13.22 9.14
C SER B 106 -27.50 -14.65 8.71
N GLU B 107 -27.46 -14.89 7.41
CA GLU B 107 -27.11 -16.20 6.87
C GLU B 107 -25.60 -16.35 6.92
N ASP B 108 -24.90 -15.24 6.73
CA ASP B 108 -23.45 -15.26 6.76
C ASP B 108 -22.94 -14.83 8.13
N VAL B 109 -22.37 -15.77 8.86
CA VAL B 109 -21.85 -15.51 10.19
C VAL B 109 -20.42 -16.08 10.30
N PRO B 110 -19.46 -15.30 10.80
CA PRO B 110 -18.07 -15.75 10.95
C PRO B 110 -17.95 -16.88 11.97
N MET B 111 -17.65 -18.07 11.47
CA MET B 111 -17.52 -19.24 12.32
C MET B 111 -16.40 -20.13 11.82
N VAL B 112 -15.92 -21.00 12.68
CA VAL B 112 -14.85 -21.94 12.32
C VAL B 112 -15.17 -23.31 12.92
N LEU B 113 -15.06 -24.35 12.10
CA LEU B 113 -15.32 -25.70 12.55
C LEU B 113 -14.03 -26.30 13.11
N VAL B 114 -14.04 -26.63 14.38
CA VAL B 114 -12.87 -27.16 15.04
C VAL B 114 -13.11 -28.56 15.58
N GLY B 115 -12.24 -29.48 15.22
CA GLY B 115 -12.34 -30.85 15.70
C GLY B 115 -11.38 -31.05 16.85
N ASN B 116 -11.88 -31.53 17.97
CA ASN B 116 -11.03 -31.76 19.13
C ASN B 116 -10.87 -33.24 19.42
N LYS B 117 -9.86 -33.57 20.22
CA LYS B 117 -9.57 -34.95 20.60
C LYS B 117 -9.09 -35.78 19.41
N CYS B 118 -8.46 -35.10 18.46
CA CYS B 118 -7.95 -35.75 17.26
C CYS B 118 -6.78 -36.67 17.58
N ASP B 119 -6.33 -36.61 18.83
CA ASP B 119 -5.23 -37.43 19.30
C ASP B 119 -5.71 -38.86 19.51
N LEU B 120 -7.02 -39.04 19.59
CA LEU B 120 -7.61 -40.35 19.79
C LEU B 120 -7.80 -41.05 18.46
N PRO B 121 -7.55 -42.37 18.42
CA PRO B 121 -7.70 -43.16 17.20
C PRO B 121 -9.13 -43.66 17.04
N SER B 122 -9.40 -44.32 15.91
CA SER B 122 -10.72 -44.86 15.63
C SER B 122 -11.80 -43.77 15.66
N ARG B 123 -11.64 -42.77 14.79
CA ARG B 123 -12.57 -41.67 14.70
C ARG B 123 -13.86 -42.11 14.00
N THR B 124 -14.99 -41.83 14.64
CA THR B 124 -16.29 -42.17 14.08
C THR B 124 -16.73 -41.13 13.05
N VAL B 125 -16.35 -39.89 13.31
CA VAL B 125 -16.68 -38.79 12.41
C VAL B 125 -15.80 -38.85 11.17
N ASP B 126 -16.41 -38.85 10.00
CA ASP B 126 -15.67 -38.91 8.75
C ASP B 126 -14.92 -37.60 8.50
N THR B 127 -13.61 -37.72 8.37
CA THR B 127 -12.75 -36.57 8.15
C THR B 127 -13.20 -35.74 6.94
N LYS B 128 -13.40 -36.39 5.80
CA LYS B 128 -13.83 -35.70 4.59
C LYS B 128 -15.25 -35.17 4.75
N GLN B 129 -16.04 -35.85 5.56
CA GLN B 129 -17.42 -35.44 5.81
C GLN B 129 -17.46 -34.10 6.53
N ALA B 130 -16.56 -33.95 7.50
CA ALA B 130 -16.47 -32.71 8.27
C ALA B 130 -15.98 -31.58 7.36
N GLN B 131 -15.01 -31.88 6.52
CA GLN B 131 -14.45 -30.91 5.58
C GLN B 131 -15.52 -30.46 4.59
N ASP B 132 -16.34 -31.42 4.16
CA ASP B 132 -17.43 -31.16 3.21
C ASP B 132 -18.43 -30.17 3.78
N LEU B 133 -18.81 -30.38 5.04
CA LEU B 133 -19.77 -29.52 5.71
C LEU B 133 -19.20 -28.11 5.89
N ALA B 134 -17.90 -28.03 6.14
CA ALA B 134 -17.25 -26.73 6.33
C ALA B 134 -17.21 -25.93 5.03
N ARG B 135 -16.76 -26.58 3.97
CA ARG B 135 -16.67 -25.94 2.65
C ARG B 135 -18.04 -25.43 2.17
N SER B 136 -19.07 -26.24 2.36
CA SER B 136 -20.42 -25.88 1.94
C SER B 136 -21.00 -24.74 2.77
N TYR B 137 -20.41 -24.48 3.94
CA TYR B 137 -20.88 -23.41 4.80
C TYR B 137 -20.02 -22.17 4.67
N GLY B 138 -18.93 -22.29 3.90
CA GLY B 138 -18.04 -21.18 3.69
C GLY B 138 -17.17 -20.88 4.90
N ILE B 139 -16.89 -21.91 5.70
CA ILE B 139 -16.08 -21.76 6.89
C ILE B 139 -14.88 -22.71 6.86
N PRO B 140 -13.78 -22.34 7.51
CA PRO B 140 -12.57 -23.16 7.56
C PRO B 140 -12.68 -24.31 8.55
N PHE B 141 -12.04 -25.42 8.24
CA PHE B 141 -12.05 -26.58 9.10
C PHE B 141 -10.65 -26.88 9.62
N ILE B 142 -10.48 -26.84 10.93
CA ILE B 142 -9.19 -27.10 11.55
C ILE B 142 -9.33 -28.08 12.71
N GLU B 143 -8.52 -29.13 12.71
CA GLU B 143 -8.54 -30.11 13.77
C GLU B 143 -7.43 -29.78 14.75
N THR B 144 -7.74 -29.83 16.04
CA THR B 144 -6.76 -29.47 17.06
C THR B 144 -6.63 -30.54 18.15
N SER B 145 -5.62 -30.37 18.98
CA SER B 145 -5.36 -31.28 20.09
C SER B 145 -5.03 -30.46 21.33
N ALA B 146 -5.87 -30.57 22.35
CA ALA B 146 -5.69 -29.83 23.60
C ALA B 146 -4.57 -30.43 24.43
N LYS B 147 -4.17 -31.65 24.10
CA LYS B 147 -3.11 -32.34 24.83
C LYS B 147 -1.72 -31.89 24.37
N THR B 148 -1.55 -31.73 23.07
CA THR B 148 -0.25 -31.31 22.54
C THR B 148 -0.27 -29.84 22.13
N ARG B 149 -1.43 -29.20 22.26
CA ARG B 149 -1.61 -27.79 21.88
C ARG B 149 -1.26 -27.59 20.41
N GLN B 150 -1.51 -28.62 19.61
CA GLN B 150 -1.23 -28.59 18.19
C GLN B 150 -2.43 -28.07 17.42
N GLY B 151 -2.21 -27.06 16.59
CA GLY B 151 -3.29 -26.49 15.79
C GLY B 151 -4.15 -25.51 16.55
N VAL B 152 -4.06 -25.58 17.89
CA VAL B 152 -4.85 -24.71 18.77
C VAL B 152 -4.66 -23.25 18.40
N ASP B 153 -3.42 -22.83 18.26
CA ASP B 153 -3.10 -21.44 17.92
C ASP B 153 -3.70 -21.07 16.58
N ASP B 154 -3.44 -21.89 15.56
CA ASP B 154 -3.95 -21.61 14.21
C ASP B 154 -5.46 -21.49 14.18
N ALA B 155 -6.15 -22.40 14.87
CA ALA B 155 -7.61 -22.39 14.92
C ALA B 155 -8.12 -21.06 15.46
N PHE B 156 -7.52 -20.60 16.54
CA PHE B 156 -7.91 -19.34 17.15
C PHE B 156 -7.52 -18.16 16.27
N TYR B 157 -6.30 -18.20 15.73
CA TYR B 157 -5.81 -17.12 14.87
C TYR B 157 -6.70 -16.99 13.62
N THR B 158 -7.03 -18.13 13.03
CA THR B 158 -7.87 -18.16 11.84
C THR B 158 -9.28 -17.66 12.15
N LEU B 159 -9.76 -17.92 13.37
CA LEU B 159 -11.09 -17.48 13.78
C LEU B 159 -11.20 -15.96 13.65
N VAL B 160 -10.16 -15.25 14.09
CA VAL B 160 -10.12 -13.80 14.01
C VAL B 160 -9.90 -13.36 12.55
N ARG B 161 -9.10 -14.14 11.84
CA ARG B 161 -8.78 -13.88 10.45
C ARG B 161 -10.05 -13.78 9.61
N GLU B 162 -10.97 -14.72 9.84
CA GLU B 162 -12.24 -14.75 9.12
C GLU B 162 -13.07 -13.50 9.39
N ILE B 163 -13.14 -13.12 10.66
CA ILE B 163 -13.90 -11.95 11.07
C ILE B 163 -13.40 -10.68 10.39
N ARG B 164 -12.07 -10.59 10.23
CA ARG B 164 -11.47 -9.44 9.57
C ARG B 164 -11.93 -9.32 8.13
N LYS B 165 -12.02 -10.47 7.46
CA LYS B 165 -12.45 -10.52 6.07
C LYS B 165 -13.92 -10.17 5.97
N HIS B 166 -14.69 -10.53 7.00
CA HIS B 166 -16.12 -10.24 7.03
C HIS B 166 -16.37 -8.74 7.07
N LYS B 167 -15.50 -8.01 7.77
CA LYS B 167 -15.61 -6.56 7.86
C LYS B 167 -15.53 -5.96 6.47
N GLU B 168 -14.57 -6.43 5.68
CA GLU B 168 -14.40 -5.96 4.31
C GLU B 168 -15.55 -6.45 3.43
N LYS B 169 -15.94 -7.71 3.64
CA LYS B 169 -17.03 -8.32 2.89
C LYS B 169 -18.30 -7.49 3.00
N MET B 170 -18.55 -6.95 4.20
CA MET B 170 -19.71 -6.13 4.44
C MET B 170 -19.60 -4.76 3.76
N SER B 171 -18.41 -4.17 3.84
CA SER B 171 -18.18 -2.86 3.24
C SER B 171 -18.22 -2.93 1.71
N LYS B 172 -17.74 -4.04 1.16
CA LYS B 172 -17.70 -4.27 -0.29
C LYS B 172 -16.79 -3.29 -1.01
N ASP B 173 -15.54 -3.69 -1.18
CA ASP B 173 -14.53 -2.86 -1.86
C ASP B 173 -14.19 -1.60 -1.08
N GLY B 174 -14.48 -1.63 0.21
CA GLY B 174 -14.20 -0.50 1.06
C GLY B 174 -13.24 -0.89 2.16
N LYS B 175 -12.08 -0.25 2.19
CA LYS B 175 -11.08 -0.56 3.19
C LYS B 175 -10.68 0.66 4.00
N LYS B 176 -11.10 0.68 5.27
CA LYS B 176 -10.79 1.76 6.18
C LYS B 176 -10.44 1.21 7.56
N LYS B 177 -9.15 1.13 7.86
CA LYS B 177 -8.70 0.61 9.13
C LYS B 177 -7.76 1.59 9.82
N LYS B 178 -7.82 1.65 11.14
CA LYS B 178 -6.97 2.53 11.92
C LYS B 178 -5.80 1.73 12.48
N LYS B 179 -4.66 2.38 12.67
CA LYS B 179 -3.48 1.70 13.20
C LYS B 179 -2.92 2.41 14.44
N LYS B 180 -2.39 3.60 14.25
CA LYS B 180 -1.80 4.37 15.34
C LYS B 180 -2.89 4.88 16.29
N SER B 181 -3.00 4.24 17.45
CA SER B 181 -3.99 4.61 18.44
C SER B 181 -3.40 4.72 19.85
N LYS B 182 -2.09 4.61 19.94
CA LYS B 182 -1.41 4.68 21.23
C LYS B 182 -0.44 5.86 21.26
N THR B 183 -0.97 7.05 21.43
CA THR B 183 -0.16 8.26 21.48
C THR B 183 0.47 8.45 22.85
N LYS B 184 -0.35 8.48 23.89
CA LYS B 184 0.12 8.67 25.25
C LYS B 184 0.33 7.32 25.93
N SER C 14 30.00 3.11 -43.58
CA SER C 14 30.32 2.49 -42.29
C SER C 14 31.79 2.10 -42.25
N THR C 15 32.45 2.24 -43.39
CA THR C 15 33.86 1.90 -43.52
C THR C 15 34.73 2.79 -42.62
N PHE C 16 34.30 4.03 -42.45
CA PHE C 16 35.01 5.02 -41.64
C PHE C 16 35.10 4.55 -40.19
N SER C 17 34.06 3.88 -39.72
CA SER C 17 34.03 3.39 -38.36
C SER C 17 35.10 2.33 -38.15
N LYS C 18 35.17 1.39 -39.09
CA LYS C 18 36.15 0.31 -39.01
C LYS C 18 37.56 0.85 -39.12
N LEU C 19 37.75 1.88 -39.94
CA LEU C 19 39.06 2.49 -40.12
C LEU C 19 39.54 3.10 -38.81
N ARG C 20 38.65 3.85 -38.16
CA ARG C 20 38.96 4.49 -36.89
C ARG C 20 39.16 3.43 -35.80
N GLU C 21 38.34 2.38 -35.86
CA GLU C 21 38.40 1.28 -34.92
C GLU C 21 39.76 0.59 -34.92
N GLN C 22 40.42 0.57 -36.06
CA GLN C 22 41.73 -0.06 -36.18
C GLN C 22 42.87 0.90 -35.91
N LEU C 23 42.58 2.20 -35.97
CA LEU C 23 43.60 3.22 -35.74
C LEU C 23 43.73 3.58 -34.27
N GLY C 24 42.61 3.52 -33.54
CA GLY C 24 42.60 3.85 -32.13
C GLY C 24 43.61 3.07 -31.28
N PRO C 25 43.51 1.73 -31.24
CA PRO C 25 44.41 0.88 -30.44
C PRO C 25 45.90 1.13 -30.72
N VAL C 26 46.21 1.64 -31.91
CA VAL C 26 47.60 1.91 -32.28
C VAL C 26 48.26 2.87 -31.29
N THR C 27 47.65 4.04 -31.10
CA THR C 27 48.19 5.03 -30.19
C THR C 27 47.72 4.78 -28.76
N GLN C 28 46.59 4.06 -28.63
CA GLN C 28 46.02 3.73 -27.33
C GLN C 28 47.04 3.02 -26.44
N GLU C 29 47.73 2.05 -27.00
CA GLU C 29 48.74 1.29 -26.28
C GLU C 29 49.95 2.16 -25.93
N PHE C 30 50.30 3.09 -26.83
CA PHE C 30 51.44 3.97 -26.60
C PHE C 30 51.17 4.87 -25.39
N TRP C 31 49.95 5.39 -25.32
CA TRP C 31 49.56 6.27 -24.23
C TRP C 31 49.43 5.49 -22.93
N ASP C 32 49.01 4.23 -23.03
CA ASP C 32 48.87 3.38 -21.86
C ASP C 32 50.22 3.21 -21.17
N ASN C 33 51.23 2.92 -21.97
CA ASN C 33 52.59 2.73 -21.46
C ASN C 33 53.13 4.01 -20.85
N LEU C 34 52.87 5.13 -21.53
CA LEU C 34 53.33 6.43 -21.06
C LEU C 34 52.70 6.78 -19.71
N GLU C 35 51.39 6.62 -19.62
CA GLU C 35 50.67 6.93 -18.37
C GLU C 35 51.10 6.02 -17.22
N LYS C 36 51.42 4.77 -17.51
CA LYS C 36 51.84 3.83 -16.46
C LYS C 36 53.15 4.32 -15.83
N GLU C 37 54.04 4.88 -16.66
CA GLU C 37 55.30 5.40 -16.16
C GLU C 37 55.04 6.57 -15.22
N THR C 38 54.00 7.35 -15.53
CA THR C 38 53.61 8.48 -14.71
C THR C 38 53.00 7.98 -13.40
N GLU C 39 52.34 6.83 -13.46
CA GLU C 39 51.72 6.24 -12.28
C GLU C 39 52.81 5.90 -11.27
N GLY C 40 53.91 5.33 -11.76
CA GLY C 40 55.02 5.00 -10.90
C GLY C 40 55.57 6.22 -10.19
N LEU C 41 55.68 7.32 -10.93
CA LEU C 41 56.17 8.58 -10.38
C LEU C 41 55.21 9.09 -9.31
N ARG C 42 53.91 8.99 -9.60
CA ARG C 42 52.89 9.43 -8.66
C ARG C 42 52.96 8.60 -7.38
N GLN C 43 53.14 7.29 -7.55
CA GLN C 43 53.22 6.36 -6.43
C GLN C 43 54.47 6.65 -5.58
N GLU C 44 55.57 6.99 -6.25
CA GLU C 44 56.81 7.31 -5.56
C GLU C 44 56.65 8.55 -4.69
N MET C 45 56.03 9.58 -5.25
CA MET C 45 55.80 10.83 -4.53
C MET C 45 54.80 10.64 -3.38
N SER C 46 53.78 9.83 -3.62
CA SER C 46 52.76 9.57 -2.62
C SER C 46 53.31 8.73 -1.46
N LYS C 47 54.25 7.83 -1.77
CA LYS C 47 54.86 6.98 -0.76
C LYS C 47 55.62 7.84 0.26
N ASP C 48 56.29 8.86 -0.23
CA ASP C 48 57.03 9.78 0.63
C ASP C 48 56.06 10.55 1.51
N LEU C 49 54.93 10.94 0.94
CA LEU C 49 53.91 11.69 1.66
C LEU C 49 53.29 10.84 2.76
N GLU C 50 53.13 9.54 2.50
CA GLU C 50 52.57 8.62 3.48
C GLU C 50 53.53 8.49 4.66
N GLU C 51 54.82 8.48 4.34
CA GLU C 51 55.86 8.38 5.35
C GLU C 51 55.85 9.60 6.26
N VAL C 52 55.69 10.78 5.66
CA VAL C 52 55.63 12.03 6.41
C VAL C 52 54.48 12.02 7.41
N LYS C 53 53.32 11.51 6.96
CA LYS C 53 52.14 11.43 7.80
C LYS C 53 52.42 10.61 9.06
N ALA C 54 53.15 9.51 8.90
CA ALA C 54 53.48 8.64 10.01
C ALA C 54 54.62 9.20 10.85
N LYS C 55 55.40 10.10 10.26
CA LYS C 55 56.53 10.71 10.95
C LYS C 55 56.12 11.81 11.92
N VAL C 56 55.04 12.51 11.59
CA VAL C 56 54.56 13.60 12.44
C VAL C 56 53.43 13.15 13.37
N GLN C 57 52.91 11.96 13.11
CA GLN C 57 51.80 11.39 13.89
C GLN C 57 52.10 11.28 15.40
N PRO C 58 53.21 10.61 15.80
CA PRO C 58 53.56 10.43 17.22
C PRO C 58 53.65 11.74 17.99
N TYR C 59 54.12 12.80 17.33
CA TYR C 59 54.27 14.10 17.96
C TYR C 59 52.91 14.73 18.25
N LEU C 60 51.98 14.56 17.32
CA LEU C 60 50.64 15.11 17.46
C LEU C 60 49.86 14.39 18.56
N ASP C 61 50.03 13.07 18.61
CA ASP C 61 49.34 12.24 19.62
C ASP C 61 49.73 12.61 21.04
N ASP C 62 51.04 12.74 21.27
CA ASP C 62 51.54 13.09 22.61
C ASP C 62 51.02 14.45 23.07
N PHE C 63 51.09 15.43 22.17
CA PHE C 63 50.62 16.78 22.48
C PHE C 63 49.13 16.76 22.83
N GLN C 64 48.38 15.95 22.11
CA GLN C 64 46.94 15.83 22.33
C GLN C 64 46.65 15.13 23.66
N LYS C 65 47.55 14.24 24.07
CA LYS C 65 47.39 13.50 25.32
C LYS C 65 47.39 14.45 26.51
N LYS C 66 48.35 15.38 26.52
CA LYS C 66 48.45 16.34 27.61
C LYS C 66 47.21 17.24 27.64
N TRP C 67 46.68 17.54 26.47
CA TRP C 67 45.49 18.39 26.37
C TRP C 67 44.30 17.73 27.07
N GLN C 68 44.25 16.40 27.01
CA GLN C 68 43.17 15.66 27.65
C GLN C 68 43.28 15.80 29.16
N GLU C 69 44.52 15.79 29.65
CA GLU C 69 44.78 15.93 31.08
C GLU C 69 44.31 17.29 31.56
N GLU C 70 44.62 18.32 30.79
CA GLU C 70 44.23 19.69 31.10
C GLU C 70 42.72 19.82 31.15
N MET C 71 42.05 19.31 30.12
CA MET C 71 40.60 19.38 30.05
C MET C 71 39.94 18.61 31.19
N GLU C 72 40.55 17.49 31.56
CA GLU C 72 40.03 16.66 32.66
C GLU C 72 40.16 17.43 33.99
N LEU C 73 41.28 18.12 34.15
CA LEU C 73 41.53 18.90 35.35
C LEU C 73 40.48 19.99 35.49
N TYR C 74 40.18 20.66 34.38
CA TYR C 74 39.18 21.72 34.36
C TYR C 74 37.78 21.15 34.62
N ARG C 75 37.50 19.99 34.05
CA ARG C 75 36.20 19.35 34.22
C ARG C 75 35.97 19.02 35.69
N GLN C 76 37.04 18.64 36.37
CA GLN C 76 36.98 18.31 37.78
C GLN C 76 36.80 19.57 38.63
N LYS C 77 37.41 20.66 38.19
CA LYS C 77 37.35 21.94 38.89
C LYS C 77 35.93 22.49 38.91
N VAL C 78 35.22 22.36 37.79
CA VAL C 78 33.86 22.86 37.67
C VAL C 78 32.83 21.88 38.26
N GLU C 79 33.30 20.72 38.70
CA GLU C 79 32.42 19.69 39.26
C GLU C 79 31.64 20.18 40.49
N PRO C 80 32.31 20.59 41.58
CA PRO C 80 31.64 21.05 42.81
C PRO C 80 30.84 22.35 42.60
N LEU C 81 31.37 23.24 41.77
CA LEU C 81 30.71 24.51 41.50
C LEU C 81 29.34 24.33 40.86
N ARG C 82 29.23 23.34 39.97
CA ARG C 82 27.98 23.06 39.29
C ARG C 82 26.86 22.75 40.28
N ALA C 83 27.20 21.99 41.32
CA ALA C 83 26.21 21.62 42.34
C ALA C 83 25.66 22.87 43.03
N GLU C 84 26.55 23.80 43.33
CA GLU C 84 26.16 25.04 43.99
C GLU C 84 25.22 25.85 43.09
N LEU C 85 25.56 25.90 41.81
CA LEU C 85 24.76 26.63 40.83
C LEU C 85 23.35 26.07 40.75
N GLN C 86 23.24 24.74 40.71
CA GLN C 86 21.94 24.08 40.62
C GLN C 86 21.12 24.35 41.88
N GLU C 87 21.77 24.21 43.04
CA GLU C 87 21.10 24.42 44.32
C GLU C 87 20.56 25.85 44.44
N GLY C 88 21.39 26.83 44.13
CA GLY C 88 20.98 28.22 44.22
C GLY C 88 19.82 28.55 43.30
N ALA C 89 19.84 28.00 42.10
CA ALA C 89 18.78 28.26 41.14
C ALA C 89 17.47 27.59 41.54
N ARG C 90 17.58 26.34 41.99
CA ARG C 90 16.42 25.56 42.42
C ARG C 90 15.63 26.25 43.54
N GLN C 91 16.36 26.78 44.51
CA GLN C 91 15.76 27.46 45.65
C GLN C 91 14.87 28.65 45.26
N LYS C 92 15.29 29.41 44.26
CA LYS C 92 14.55 30.59 43.84
C LYS C 92 13.16 30.27 43.27
N LEU C 93 13.08 29.28 42.40
CA LEU C 93 11.80 28.93 41.78
C LEU C 93 10.81 28.32 42.76
N HIS C 94 11.31 27.47 43.66
CA HIS C 94 10.45 26.81 44.63
C HIS C 94 9.68 27.79 45.51
N GLU C 95 10.28 28.93 45.80
CA GLU C 95 9.62 29.95 46.61
C GLU C 95 8.72 30.83 45.73
N LEU C 96 9.23 31.19 44.56
CA LEU C 96 8.49 32.04 43.63
C LEU C 96 7.21 31.38 43.16
N GLN C 97 7.31 30.09 42.79
CA GLN C 97 6.16 29.35 42.29
C GLN C 97 5.07 29.25 43.36
N GLU C 98 5.49 29.02 44.61
CA GLU C 98 4.56 28.90 45.71
C GLU C 98 3.77 30.19 45.93
N LYS C 99 4.37 31.31 45.56
CA LYS C 99 3.74 32.62 45.74
C LYS C 99 3.03 33.06 44.45
N LEU C 100 2.77 32.11 43.56
CA LEU C 100 2.11 32.41 42.29
C LEU C 100 0.87 31.53 42.08
N SER C 101 0.97 30.26 42.45
CA SER C 101 -0.11 29.30 42.28
C SER C 101 -1.49 29.77 42.83
N PRO C 102 -1.57 30.23 44.10
CA PRO C 102 -2.84 30.67 44.71
C PRO C 102 -3.64 31.66 43.85
N LEU C 103 -3.06 32.82 43.58
CA LEU C 103 -3.74 33.85 42.79
C LEU C 103 -4.11 33.35 41.39
N GLY C 104 -3.22 32.60 40.78
CA GLY C 104 -3.46 32.09 39.45
C GLY C 104 -4.61 31.10 39.41
N GLU C 105 -4.68 30.22 40.40
CA GLU C 105 -5.73 29.21 40.48
C GLU C 105 -7.10 29.85 40.67
N GLU C 106 -7.16 30.85 41.55
CA GLU C 106 -8.42 31.53 41.83
C GLU C 106 -8.97 32.19 40.57
N MET C 107 -8.10 32.83 39.80
CA MET C 107 -8.53 33.50 38.57
C MET C 107 -8.87 32.48 37.49
N ARG C 108 -8.23 31.32 37.55
CA ARG C 108 -8.50 30.25 36.59
C ARG C 108 -9.92 29.74 36.79
N ASP C 109 -10.26 29.51 38.06
CA ASP C 109 -11.59 29.01 38.42
C ASP C 109 -12.65 30.05 38.10
N ARG C 110 -12.36 31.32 38.42
CA ARG C 110 -13.28 32.42 38.16
C ARG C 110 -13.65 32.49 36.69
N ALA C 111 -12.65 32.30 35.83
CA ALA C 111 -12.86 32.34 34.39
C ALA C 111 -13.75 31.18 33.92
N ARG C 112 -13.73 30.07 34.64
CA ARG C 112 -14.55 28.91 34.27
C ARG C 112 -16.02 29.21 34.52
N ALA C 113 -16.31 29.79 35.68
CA ALA C 113 -17.68 30.14 36.04
C ALA C 113 -18.21 31.22 35.09
N HIS C 114 -17.29 32.10 34.68
CA HIS C 114 -17.62 33.19 33.76
C HIS C 114 -18.05 32.63 32.40
N VAL C 115 -17.23 31.76 31.83
CA VAL C 115 -17.53 31.15 30.53
C VAL C 115 -18.85 30.38 30.59
N ASP C 116 -19.06 29.68 31.70
CA ASP C 116 -20.28 28.90 31.89
C ASP C 116 -21.49 29.80 31.87
N ALA C 117 -21.44 30.89 32.64
CA ALA C 117 -22.56 31.83 32.69
C ALA C 117 -22.79 32.49 31.34
N LEU C 118 -21.70 32.78 30.65
CA LEU C 118 -21.76 33.41 29.33
C LEU C 118 -22.47 32.49 28.34
N ARG C 119 -22.25 31.18 28.50
CA ARG C 119 -22.87 30.18 27.65
C ARG C 119 -24.35 30.00 28.00
N THR C 120 -24.63 29.82 29.28
CA THR C 120 -26.00 29.62 29.76
C THR C 120 -26.93 30.78 29.38
N HIS C 121 -26.42 32.01 29.44
CA HIS C 121 -27.24 33.18 29.11
C HIS C 121 -27.34 33.40 27.60
N LEU C 122 -26.48 32.73 26.85
CA LEU C 122 -26.46 32.86 25.41
C LEU C 122 -27.46 31.91 24.74
N ALA C 123 -27.58 30.71 25.30
CA ALA C 123 -28.45 29.66 24.78
C ALA C 123 -29.90 30.08 24.51
N PRO C 124 -30.65 30.56 25.53
CA PRO C 124 -32.06 30.96 25.37
C PRO C 124 -32.30 31.97 24.24
N TYR C 125 -31.58 33.09 24.29
CA TYR C 125 -31.72 34.14 23.29
C TYR C 125 -31.34 33.66 21.89
N SER C 126 -30.26 32.90 21.80
CA SER C 126 -29.79 32.38 20.52
C SER C 126 -30.80 31.41 19.93
N ASP C 127 -31.37 30.56 20.78
CA ASP C 127 -32.35 29.56 20.34
C ASP C 127 -33.59 30.22 19.74
N GLU C 128 -34.11 31.25 20.42
CA GLU C 128 -35.29 31.95 19.97
C GLU C 128 -35.06 32.58 18.60
N LEU C 129 -33.90 33.23 18.46
CA LEU C 129 -33.53 33.90 17.21
C LEU C 129 -33.33 32.87 16.09
N ARG C 130 -32.82 31.70 16.47
CA ARG C 130 -32.59 30.61 15.51
C ARG C 130 -33.90 30.19 14.86
N GLN C 131 -34.90 29.90 15.69
CA GLN C 131 -36.21 29.49 15.18
C GLN C 131 -36.89 30.63 14.42
N ARG C 132 -36.69 31.85 14.92
CA ARG C 132 -37.28 33.03 14.31
C ARG C 132 -36.77 33.26 12.89
N LEU C 133 -35.56 32.78 12.62
CA LEU C 133 -34.96 32.91 11.30
C LEU C 133 -35.28 31.71 10.43
N ALA C 134 -35.33 30.52 11.02
CA ALA C 134 -35.62 29.29 10.31
C ALA C 134 -36.94 29.38 9.53
N ALA C 135 -37.96 29.91 10.19
CA ALA C 135 -39.27 30.07 9.57
C ALA C 135 -39.22 31.06 8.41
N ARG C 136 -38.40 32.10 8.58
CA ARG C 136 -38.25 33.13 7.56
C ARG C 136 -37.54 32.55 6.33
N LEU C 137 -36.53 31.73 6.57
CA LEU C 137 -35.78 31.11 5.50
C LEU C 137 -36.69 30.20 4.68
N GLU C 138 -37.57 29.51 5.37
CA GLU C 138 -38.52 28.60 4.73
C GLU C 138 -39.54 29.39 3.90
N ALA C 139 -39.90 30.58 4.37
CA ALA C 139 -40.85 31.43 3.67
C ALA C 139 -40.26 31.91 2.35
N LEU C 140 -38.98 32.24 2.38
CA LEU C 140 -38.26 32.70 1.18
C LEU C 140 -38.07 31.55 0.21
N LYS C 141 -37.94 30.36 0.77
CA LYS C 141 -37.76 29.14 -0.01
C LYS C 141 -39.01 28.86 -0.85
N GLU C 142 -40.15 29.24 -0.31
CA GLU C 142 -41.44 29.05 -0.99
C GLU C 142 -41.47 29.72 -2.36
N ASN C 143 -41.40 31.04 -2.35
CA ASN C 143 -41.43 31.83 -3.59
C ASN C 143 -40.26 31.45 -4.51
N GLY C 144 -39.09 31.27 -3.92
CA GLY C 144 -37.91 30.92 -4.71
C GLY C 144 -38.08 29.62 -5.47
N GLY C 145 -38.54 28.58 -4.78
CA GLY C 145 -38.71 27.29 -5.40
C GLY C 145 -39.77 27.29 -6.50
N ALA C 146 -40.81 28.10 -6.31
CA ALA C 146 -41.89 28.19 -7.28
C ALA C 146 -41.38 28.75 -8.60
N ARG C 147 -40.62 29.84 -8.53
CA ARG C 147 -40.08 30.46 -9.73
C ARG C 147 -38.96 29.62 -10.35
N LEU C 148 -38.29 28.84 -9.51
CA LEU C 148 -37.20 27.99 -9.95
C LEU C 148 -37.70 26.85 -10.83
N ALA C 149 -38.84 26.27 -10.47
CA ALA C 149 -39.43 25.18 -11.23
C ALA C 149 -39.65 25.57 -12.69
N GLU C 150 -40.12 26.80 -12.89
CA GLU C 150 -40.39 27.32 -14.23
C GLU C 150 -39.07 27.58 -14.97
N TYR C 151 -38.06 28.00 -14.22
CA TYR C 151 -36.76 28.31 -14.79
C TYR C 151 -36.07 27.04 -15.33
N HIS C 152 -36.17 25.96 -14.57
CA HIS C 152 -35.56 24.68 -14.97
C HIS C 152 -36.08 24.22 -16.33
N ALA C 153 -37.39 24.30 -16.52
CA ALA C 153 -38.02 23.89 -17.77
C ALA C 153 -37.51 24.71 -18.94
N LYS C 154 -37.54 26.02 -18.79
CA LYS C 154 -37.09 26.93 -19.85
C LYS C 154 -35.62 26.73 -20.18
N ALA C 155 -34.83 26.40 -19.17
CA ALA C 155 -33.40 26.18 -19.35
C ALA C 155 -33.14 24.94 -20.21
N THR C 156 -33.79 23.83 -19.86
CA THR C 156 -33.62 22.60 -20.60
C THR C 156 -34.12 22.74 -22.05
N GLU C 157 -35.19 23.51 -22.21
CA GLU C 157 -35.77 23.74 -23.53
C GLU C 157 -34.83 24.57 -24.40
N HIS C 158 -33.87 25.23 -23.77
CA HIS C 158 -32.92 26.06 -24.49
C HIS C 158 -31.53 25.42 -24.48
N LEU C 159 -31.46 24.13 -24.21
CA LEU C 159 -30.19 23.44 -24.16
C LEU C 159 -30.07 22.41 -25.28
N SER C 160 -31.04 21.52 -25.36
CA SER C 160 -31.05 20.46 -26.37
C SER C 160 -31.23 21.00 -27.78
N THR C 161 -31.68 22.24 -27.90
CA THR C 161 -31.93 22.85 -29.20
C THR C 161 -30.64 23.23 -29.94
N LEU C 162 -29.50 22.83 -29.40
CA LEU C 162 -28.22 23.16 -30.01
C LEU C 162 -27.45 21.91 -30.46
N SER C 163 -27.39 20.91 -29.59
CA SER C 163 -26.66 19.68 -29.87
C SER C 163 -27.28 18.88 -31.02
N GLU C 164 -28.59 18.85 -31.07
CA GLU C 164 -29.33 18.09 -32.09
C GLU C 164 -28.91 18.45 -33.51
N LYS C 165 -28.54 19.70 -33.74
CA LYS C 165 -28.13 20.15 -35.06
C LYS C 165 -26.61 20.29 -35.19
N ALA C 166 -25.89 19.98 -34.12
CA ALA C 166 -24.44 20.09 -34.14
C ALA C 166 -23.81 18.76 -34.55
N LYS C 167 -24.37 17.66 -34.06
CA LYS C 167 -23.85 16.34 -34.36
C LYS C 167 -23.91 15.98 -35.85
N PRO C 168 -25.09 16.05 -36.49
CA PRO C 168 -25.22 15.72 -37.92
C PRO C 168 -24.34 16.60 -38.80
N ALA C 169 -24.18 17.86 -38.40
CA ALA C 169 -23.37 18.81 -39.17
C ALA C 169 -21.90 18.39 -39.17
N LEU C 170 -21.45 17.88 -38.03
CA LEU C 170 -20.06 17.43 -37.89
C LEU C 170 -19.80 16.20 -38.75
N GLU C 171 -20.70 15.23 -38.69
CA GLU C 171 -20.56 14.00 -39.47
C GLU C 171 -20.60 14.31 -40.97
N ASP C 172 -21.48 15.24 -41.33
CA ASP C 172 -21.62 15.65 -42.73
C ASP C 172 -20.32 16.25 -43.25
N LEU C 173 -19.73 17.11 -42.43
CA LEU C 173 -18.48 17.77 -42.78
C LEU C 173 -17.35 16.75 -42.91
N ARG C 174 -17.32 15.79 -41.99
CA ARG C 174 -16.30 14.75 -41.99
C ARG C 174 -16.26 13.99 -43.31
N GLN C 175 -17.43 13.74 -43.88
CA GLN C 175 -17.54 13.01 -45.14
C GLN C 175 -16.95 13.78 -46.32
N GLY C 176 -17.01 15.10 -46.25
CA GLY C 176 -16.48 15.92 -47.33
C GLY C 176 -14.98 16.09 -47.26
N LEU C 177 -14.40 15.80 -46.10
CA LEU C 177 -12.96 15.96 -45.91
C LEU C 177 -12.22 14.65 -46.21
N LEU C 178 -12.95 13.55 -46.23
CA LEU C 178 -12.38 12.23 -46.47
C LEU C 178 -11.70 12.05 -47.84
N PRO C 179 -12.37 12.42 -48.97
CA PRO C 179 -11.81 12.26 -50.32
C PRO C 179 -10.34 12.68 -50.46
N VAL C 180 -10.06 13.97 -50.33
CA VAL C 180 -8.70 14.47 -50.47
C VAL C 180 -7.77 13.94 -49.39
N LEU C 181 -8.28 13.80 -48.16
CA LEU C 181 -7.49 13.32 -47.05
C LEU C 181 -6.96 11.91 -47.32
N GLU C 182 -7.84 11.03 -47.76
CA GLU C 182 -7.45 9.66 -48.05
C GLU C 182 -6.43 9.63 -49.20
N SER C 183 -6.70 10.39 -50.24
CA SER C 183 -5.83 10.46 -51.40
C SER C 183 -4.44 10.98 -51.04
N PHE C 184 -4.39 11.96 -50.14
CA PHE C 184 -3.12 12.53 -49.71
C PHE C 184 -2.35 11.56 -48.83
N LYS C 185 -3.08 10.77 -48.04
CA LYS C 185 -2.46 9.80 -47.16
C LYS C 185 -1.76 8.69 -47.94
N VAL C 186 -2.29 8.37 -49.11
CA VAL C 186 -1.72 7.33 -49.96
C VAL C 186 -0.33 7.75 -50.44
N SER C 187 -0.24 8.94 -51.00
CA SER C 187 1.02 9.47 -51.52
C SER C 187 2.04 9.65 -50.39
N PHE C 188 1.54 9.93 -49.20
CA PHE C 188 2.39 10.13 -48.03
C PHE C 188 3.19 8.86 -47.72
N LEU C 189 2.52 7.72 -47.86
CA LEU C 189 3.15 6.43 -47.60
C LEU C 189 4.30 6.19 -48.58
N SER C 190 4.04 6.49 -49.85
CA SER C 190 5.05 6.31 -50.89
C SER C 190 6.27 7.19 -50.63
N ALA C 191 6.03 8.41 -50.17
CA ALA C 191 7.12 9.34 -49.89
C ALA C 191 7.91 8.93 -48.64
N LEU C 192 7.17 8.56 -47.59
CA LEU C 192 7.79 8.14 -46.33
C LEU C 192 8.74 6.96 -46.52
N GLU C 193 8.30 5.99 -47.33
CA GLU C 193 9.11 4.82 -47.61
C GLU C 193 10.43 5.19 -48.28
N GLU C 194 10.36 6.03 -49.31
CA GLU C 194 11.55 6.47 -50.03
C GLU C 194 12.50 7.24 -49.13
N TYR C 195 11.93 8.03 -48.23
CA TYR C 195 12.73 8.84 -47.30
C TYR C 195 13.55 7.94 -46.37
N THR C 196 12.87 7.00 -45.72
CA THR C 196 13.51 6.09 -44.78
C THR C 196 14.62 5.26 -45.45
N LYS C 197 14.40 4.87 -46.70
CA LYS C 197 15.40 4.08 -47.42
C LYS C 197 16.72 4.83 -47.56
N LYS C 198 16.63 6.13 -47.82
CA LYS C 198 17.81 6.97 -47.97
C LYS C 198 18.54 7.10 -46.64
N LEU C 199 17.76 7.16 -45.55
CA LEU C 199 18.34 7.28 -44.22
C LEU C 199 19.10 5.99 -43.87
N ASN C 200 18.51 4.86 -44.23
CA ASN C 200 19.11 3.56 -43.98
C ASN C 200 20.37 3.37 -44.80
N SER D 14 -22.88 29.09 -37.15
CA SER D 14 -23.18 30.34 -36.46
C SER D 14 -24.67 30.62 -36.53
N THR D 15 -25.35 29.88 -37.40
CA THR D 15 -26.78 30.03 -37.59
C THR D 15 -27.55 29.58 -36.34
N PHE D 16 -27.14 28.46 -35.79
CA PHE D 16 -27.79 27.92 -34.59
C PHE D 16 -27.38 28.71 -33.36
N SER D 17 -26.22 29.34 -33.41
CA SER D 17 -25.72 30.15 -32.31
C SER D 17 -26.60 31.39 -32.13
N LYS D 18 -27.03 31.97 -33.25
CA LYS D 18 -27.89 33.14 -33.22
C LYS D 18 -29.23 32.81 -32.58
N LEU D 19 -29.72 31.60 -32.84
CA LEU D 19 -30.99 31.14 -32.28
C LEU D 19 -30.88 31.09 -30.75
N ARG D 20 -29.72 30.65 -30.28
CA ARG D 20 -29.45 30.55 -28.85
C ARG D 20 -29.40 31.94 -28.24
N GLU D 21 -28.84 32.89 -28.98
CA GLU D 21 -28.73 34.27 -28.52
C GLU D 21 -30.08 34.97 -28.59
N GLN D 22 -30.94 34.51 -29.49
CA GLN D 22 -32.26 35.08 -29.68
C GLN D 22 -33.18 34.84 -28.48
N LEU D 23 -33.15 33.64 -27.94
CA LEU D 23 -33.98 33.29 -26.80
C LEU D 23 -33.21 33.39 -25.49
N GLY D 24 -32.04 34.02 -25.54
CA GLY D 24 -31.20 34.16 -24.37
C GLY D 24 -31.66 35.27 -23.44
N PRO D 25 -31.39 36.54 -23.81
CA PRO D 25 -31.76 37.72 -23.00
C PRO D 25 -33.21 37.71 -22.52
N VAL D 26 -34.11 37.19 -23.34
CA VAL D 26 -35.53 37.11 -22.98
C VAL D 26 -35.73 36.33 -21.68
N THR D 27 -35.10 35.16 -21.60
CA THR D 27 -35.20 34.32 -20.42
C THR D 27 -34.37 34.89 -19.28
N GLN D 28 -33.21 35.44 -19.63
CA GLN D 28 -32.30 36.03 -18.66
C GLN D 28 -32.97 37.21 -17.94
N GLU D 29 -33.66 38.04 -18.71
CA GLU D 29 -34.34 39.21 -18.18
C GLU D 29 -35.49 38.81 -17.26
N PHE D 30 -36.20 37.75 -17.64
CA PHE D 30 -37.32 37.26 -16.85
C PHE D 30 -36.85 36.87 -15.47
N TRP D 31 -35.73 36.16 -15.42
CA TRP D 31 -35.16 35.72 -14.16
C TRP D 31 -34.59 36.91 -13.39
N ASP D 32 -34.02 37.87 -14.12
CA ASP D 32 -33.45 39.07 -13.52
C ASP D 32 -34.54 39.82 -12.75
N ASN D 33 -35.70 39.95 -13.38
CA ASN D 33 -36.85 40.61 -12.77
C ASN D 33 -37.31 39.83 -11.54
N LEU D 34 -37.30 38.51 -11.67
CA LEU D 34 -37.72 37.62 -10.59
C LEU D 34 -36.77 37.71 -9.39
N GLU D 35 -35.48 37.86 -9.66
CA GLU D 35 -34.49 37.99 -8.60
C GLU D 35 -34.75 39.25 -7.79
N LYS D 36 -35.19 40.29 -8.48
CA LYS D 36 -35.51 41.56 -7.84
C LYS D 36 -36.63 41.34 -6.83
N GLU D 37 -37.61 40.54 -7.22
CA GLU D 37 -38.74 40.24 -6.34
C GLU D 37 -38.26 39.50 -5.10
N THR D 38 -37.37 38.53 -5.31
CA THR D 38 -36.81 37.74 -4.23
C THR D 38 -35.95 38.62 -3.31
N GLU D 39 -35.14 39.48 -3.91
CA GLU D 39 -34.26 40.36 -3.16
C GLU D 39 -35.05 41.30 -2.26
N GLY D 40 -36.17 41.78 -2.78
CA GLY D 40 -37.02 42.69 -2.02
C GLY D 40 -37.58 42.04 -0.76
N LEU D 41 -38.12 40.83 -0.90
CA LEU D 41 -38.67 40.11 0.23
C LEU D 41 -37.56 39.71 1.18
N ARG D 42 -36.40 39.37 0.61
CA ARG D 42 -35.23 38.99 1.38
C ARG D 42 -34.76 40.15 2.26
N GLN D 43 -34.87 41.36 1.72
CA GLN D 43 -34.47 42.57 2.44
C GLN D 43 -35.34 42.78 3.68
N GLU D 44 -36.64 42.62 3.51
CA GLU D 44 -37.60 42.79 4.60
C GLU D 44 -37.29 41.85 5.75
N MET D 45 -37.01 40.60 5.41
CA MET D 45 -36.68 39.59 6.40
C MET D 45 -35.40 39.94 7.16
N SER D 46 -34.40 40.41 6.42
CA SER D 46 -33.11 40.76 7.01
C SER D 46 -33.23 42.00 7.91
N LYS D 47 -34.07 42.94 7.50
CA LYS D 47 -34.28 44.16 8.27
C LYS D 47 -34.86 43.84 9.64
N ASP D 48 -35.90 43.02 9.67
CA ASP D 48 -36.54 42.63 10.92
C ASP D 48 -35.59 41.77 11.75
N LEU D 49 -34.78 40.96 11.07
CA LEU D 49 -33.82 40.09 11.75
C LEU D 49 -32.77 40.91 12.49
N GLU D 50 -32.29 41.98 11.87
CA GLU D 50 -31.28 42.85 12.46
C GLU D 50 -31.83 43.54 13.71
N GLU D 51 -33.11 43.88 13.68
CA GLU D 51 -33.75 44.55 14.81
C GLU D 51 -33.66 43.67 16.06
N VAL D 52 -33.94 42.38 15.89
CA VAL D 52 -33.89 41.44 17.01
C VAL D 52 -32.46 41.28 17.53
N LYS D 53 -31.52 41.14 16.59
CA LYS D 53 -30.10 40.98 16.94
C LYS D 53 -29.55 42.18 17.70
N ALA D 54 -30.00 43.37 17.32
CA ALA D 54 -29.55 44.60 17.95
C ALA D 54 -29.92 44.67 19.43
N LYS D 55 -30.96 43.96 19.82
CA LYS D 55 -31.41 43.96 21.20
C LYS D 55 -30.60 43.00 22.07
N VAL D 56 -29.87 42.09 21.43
CA VAL D 56 -29.07 41.10 22.16
C VAL D 56 -27.65 41.61 22.42
N GLN D 57 -27.26 42.66 21.71
CA GLN D 57 -25.92 43.23 21.85
C GLN D 57 -25.60 43.73 23.26
N PRO D 58 -26.39 44.66 23.83
CA PRO D 58 -26.15 45.23 25.17
C PRO D 58 -26.07 44.17 26.28
N TYR D 59 -26.79 43.07 26.13
CA TYR D 59 -26.81 42.02 27.13
C TYR D 59 -25.42 41.38 27.31
N LEU D 60 -24.80 41.00 26.20
CA LEU D 60 -23.48 40.38 26.26
C LEU D 60 -22.41 41.43 26.51
N ASP D 61 -22.66 42.64 26.03
CA ASP D 61 -21.73 43.75 26.19
C ASP D 61 -21.40 44.04 27.65
N ASP D 62 -22.43 44.18 28.47
CA ASP D 62 -22.24 44.46 29.90
C ASP D 62 -21.54 43.33 30.62
N PHE D 63 -21.90 42.09 30.25
CA PHE D 63 -21.30 40.92 30.87
C PHE D 63 -19.79 40.85 30.59
N GLN D 64 -19.41 41.28 29.39
CA GLN D 64 -18.01 41.29 29.00
C GLN D 64 -17.24 42.32 29.81
N LYS D 65 -17.81 43.51 29.92
CA LYS D 65 -17.19 44.62 30.65
C LYS D 65 -17.10 44.29 32.14
N LYS D 66 -18.04 43.47 32.61
CA LYS D 66 -18.08 43.06 34.01
C LYS D 66 -16.79 42.36 34.42
N TRP D 67 -16.50 41.25 33.76
CA TRP D 67 -15.29 40.48 34.04
C TRP D 67 -14.04 41.26 33.66
N GLN D 68 -14.17 42.12 32.66
CA GLN D 68 -13.07 42.95 32.20
C GLN D 68 -12.51 43.78 33.36
N GLU D 69 -13.41 44.42 34.09
CA GLU D 69 -13.02 45.26 35.22
C GLU D 69 -12.39 44.41 36.32
N GLU D 70 -12.93 43.22 36.52
CA GLU D 70 -12.43 42.30 37.53
C GLU D 70 -10.97 41.95 37.24
N MET D 71 -10.69 41.61 35.98
CA MET D 71 -9.34 41.25 35.55
C MET D 71 -8.38 42.42 35.72
N GLU D 72 -8.82 43.62 35.39
CA GLU D 72 -8.00 44.82 35.49
C GLU D 72 -7.58 45.09 36.93
N LEU D 73 -8.54 45.01 37.85
CA LEU D 73 -8.25 45.25 39.26
C LEU D 73 -7.33 44.16 39.81
N TYR D 74 -7.55 42.92 39.37
CA TYR D 74 -6.76 41.78 39.80
C TYR D 74 -5.31 41.96 39.36
N ARG D 75 -5.12 42.36 38.09
CA ARG D 75 -3.80 42.59 37.53
C ARG D 75 -3.02 43.63 38.33
N GLN D 76 -3.73 44.65 38.78
CA GLN D 76 -3.12 45.73 39.55
C GLN D 76 -2.58 45.25 40.89
N LYS D 77 -3.32 44.36 41.54
CA LYS D 77 -2.91 43.83 42.84
C LYS D 77 -1.66 42.95 42.75
N VAL D 78 -1.54 42.21 41.67
CA VAL D 78 -0.40 41.31 41.49
C VAL D 78 0.81 42.06 40.93
N GLU D 79 0.58 43.26 40.42
CA GLU D 79 1.66 44.08 39.85
C GLU D 79 2.83 44.25 40.82
N PRO D 80 2.61 44.80 42.04
CA PRO D 80 3.67 44.99 43.03
C PRO D 80 4.06 43.70 43.72
N LEU D 81 3.22 42.68 43.59
CA LEU D 81 3.48 41.39 44.23
C LEU D 81 4.62 40.65 43.55
N ARG D 82 4.65 40.71 42.22
CA ARG D 82 5.70 40.05 41.46
C ARG D 82 6.95 40.91 41.37
N ALA D 83 6.78 42.20 41.67
CA ALA D 83 7.90 43.15 41.63
C ALA D 83 8.99 42.75 42.62
N GLU D 84 8.59 42.36 43.82
CA GLU D 84 9.52 41.95 44.85
C GLU D 84 10.25 40.67 44.44
N LEU D 85 9.49 39.75 43.85
CA LEU D 85 10.05 38.48 43.38
C LEU D 85 11.01 38.73 42.23
N GLN D 86 10.63 39.68 41.38
CA GLN D 86 11.43 40.06 40.22
C GLN D 86 12.74 40.69 40.67
N GLU D 87 12.66 41.59 41.64
CA GLU D 87 13.84 42.27 42.16
C GLU D 87 14.82 41.28 42.77
N GLY D 88 14.29 40.33 43.53
CA GLY D 88 15.13 39.32 44.16
C GLY D 88 15.79 38.44 43.12
N ALA D 89 15.08 38.22 42.01
CA ALA D 89 15.59 37.39 40.93
C ALA D 89 16.64 38.16 40.13
N ARG D 90 16.79 39.43 40.43
CA ARG D 90 17.78 40.25 39.73
C ARG D 90 19.11 40.20 40.48
N GLN D 91 19.04 40.19 41.80
CA GLN D 91 20.24 40.13 42.62
C GLN D 91 20.88 38.76 42.57
N LYS D 92 20.05 37.72 42.67
CA LYS D 92 20.55 36.34 42.62
C LYS D 92 21.21 36.07 41.27
N LEU D 93 20.77 36.80 40.26
CA LEU D 93 21.29 36.69 38.91
C LEU D 93 22.75 37.14 38.89
N HIS D 94 23.02 38.23 39.59
CA HIS D 94 24.35 38.80 39.67
C HIS D 94 25.28 37.90 40.49
N GLU D 95 24.77 37.37 41.59
CA GLU D 95 25.55 36.52 42.47
C GLU D 95 26.02 35.24 41.79
N LEU D 96 25.13 34.59 41.04
CA LEU D 96 25.46 33.35 40.35
C LEU D 96 26.56 33.55 39.30
N GLN D 97 26.61 34.74 38.72
CA GLN D 97 27.61 35.06 37.71
C GLN D 97 28.99 35.23 38.35
N GLU D 98 29.04 35.95 39.46
CA GLU D 98 30.27 36.22 40.17
C GLU D 98 31.01 34.95 40.61
N LYS D 99 30.26 33.87 40.78
CA LYS D 99 30.85 32.60 41.20
C LYS D 99 31.35 31.77 40.03
N LEU D 100 30.88 32.09 38.84
CA LEU D 100 31.28 31.36 37.64
C LEU D 100 32.42 32.05 36.90
N SER D 101 32.50 33.37 37.04
CA SER D 101 33.52 34.16 36.39
C SER D 101 34.97 33.71 36.68
N PRO D 102 35.38 33.59 37.97
CA PRO D 102 36.74 33.17 38.34
C PRO D 102 37.15 31.85 37.69
N LEU D 103 36.23 30.89 37.65
CA LEU D 103 36.50 29.59 37.09
C LEU D 103 36.87 29.69 35.60
N GLY D 104 36.09 30.47 34.86
CA GLY D 104 36.34 30.65 33.44
C GLY D 104 37.57 31.48 33.18
N GLU D 105 37.85 32.42 34.08
CA GLU D 105 39.01 33.28 33.94
C GLU D 105 40.31 32.48 34.06
N GLU D 106 40.33 31.51 34.96
CA GLU D 106 41.50 30.66 35.15
C GLU D 106 41.79 29.83 33.90
N MET D 107 40.73 29.30 33.30
CA MET D 107 40.86 28.49 32.10
C MET D 107 41.28 29.34 30.90
N ARG D 108 40.83 30.59 30.88
CA ARG D 108 41.15 31.50 29.79
C ARG D 108 42.67 31.69 29.68
N ASP D 109 43.33 31.77 30.83
CA ASP D 109 44.77 31.93 30.87
C ASP D 109 45.49 30.75 30.23
N ARG D 110 45.02 29.54 30.51
CA ARG D 110 45.62 28.33 29.97
C ARG D 110 45.43 28.26 28.45
N ALA D 111 44.22 28.57 28.02
CA ALA D 111 43.89 28.55 26.60
C ALA D 111 44.73 29.56 25.83
N ARG D 112 44.87 30.75 26.40
CA ARG D 112 45.64 31.82 25.77
C ARG D 112 47.12 31.44 25.63
N ALA D 113 47.66 30.80 26.65
CA ALA D 113 49.06 30.40 26.64
C ALA D 113 49.30 29.25 25.66
N HIS D 114 48.41 28.27 25.69
CA HIS D 114 48.54 27.09 24.83
C HIS D 114 48.33 27.43 23.35
N VAL D 115 47.58 28.50 23.08
CA VAL D 115 47.33 28.92 21.70
C VAL D 115 48.63 29.30 21.00
N ASP D 116 49.58 29.79 21.79
CA ASP D 116 50.88 30.21 21.29
C ASP D 116 51.78 29.01 21.09
N ALA D 117 51.61 28.01 21.95
CA ALA D 117 52.40 26.79 21.89
C ALA D 117 52.08 25.99 20.62
N LEU D 118 50.80 25.79 20.35
CA LEU D 118 50.37 25.04 19.17
C LEU D 118 50.81 25.72 17.87
N ARG D 119 50.75 27.04 17.85
CA ARG D 119 51.13 27.82 16.68
C ARG D 119 52.60 27.58 16.33
N THR D 120 53.42 27.46 17.35
CA THR D 120 54.85 27.24 17.18
C THR D 120 55.15 25.90 16.49
N HIS D 121 54.34 24.89 16.77
CA HIS D 121 54.55 23.57 16.17
C HIS D 121 53.98 23.48 14.73
N LEU D 122 53.28 24.52 14.32
CA LEU D 122 52.69 24.55 12.99
C LEU D 122 53.49 25.44 12.04
N ALA D 123 54.26 26.37 12.58
CA ALA D 123 55.06 27.30 11.78
C ALA D 123 56.07 26.61 10.84
N PRO D 124 57.04 25.83 11.37
CA PRO D 124 58.05 25.16 10.54
C PRO D 124 57.44 24.12 9.61
N TYR D 125 56.40 23.45 10.08
CA TYR D 125 55.71 22.42 9.31
C TYR D 125 55.17 22.98 7.99
N SER D 126 54.59 24.16 8.06
CA SER D 126 54.01 24.81 6.89
C SER D 126 55.08 25.22 5.87
N ASP D 127 56.20 25.73 6.37
CA ASP D 127 57.29 26.16 5.50
C ASP D 127 57.88 24.97 4.74
N GLU D 128 58.11 23.88 5.46
CA GLU D 128 58.67 22.67 4.87
C GLU D 128 57.68 22.07 3.87
N LEU D 129 56.39 22.15 4.21
CA LEU D 129 55.33 21.61 3.37
C LEU D 129 55.36 22.25 1.98
N ARG D 130 55.61 23.55 1.93
CA ARG D 130 55.65 24.27 0.66
C ARG D 130 56.86 23.88 -0.16
N GLN D 131 58.01 23.74 0.51
CA GLN D 131 59.26 23.37 -0.16
C GLN D 131 59.13 22.02 -0.86
N ARG D 132 58.59 21.05 -0.13
CA ARG D 132 58.38 19.70 -0.68
C ARG D 132 57.36 19.73 -1.81
N LEU D 133 56.40 20.65 -1.70
CA LEU D 133 55.35 20.79 -2.68
C LEU D 133 55.92 21.37 -3.98
N ALA D 134 56.73 22.42 -3.85
CA ALA D 134 57.33 23.07 -5.01
C ALA D 134 58.26 22.11 -5.76
N ALA D 135 59.11 21.41 -5.03
CA ALA D 135 60.04 20.46 -5.64
C ALA D 135 59.29 19.35 -6.36
N ARG D 136 58.23 18.86 -5.72
CA ARG D 136 57.40 17.81 -6.30
C ARG D 136 56.79 18.28 -7.62
N LEU D 137 56.22 19.47 -7.60
CA LEU D 137 55.59 20.04 -8.79
C LEU D 137 56.61 20.22 -9.91
N GLU D 138 57.81 20.65 -9.55
CA GLU D 138 58.89 20.87 -10.52
C GLU D 138 59.22 19.56 -11.26
N ALA D 139 59.47 18.50 -10.49
CA ALA D 139 59.81 17.20 -11.07
C ALA D 139 58.67 16.67 -11.93
N LEU D 140 57.44 16.94 -11.50
CA LEU D 140 56.26 16.49 -12.21
C LEU D 140 56.13 17.22 -13.55
N LYS D 141 56.35 18.53 -13.53
CA LYS D 141 56.26 19.36 -14.73
C LYS D 141 57.37 19.01 -15.71
N GLU D 142 58.59 18.91 -15.17
CA GLU D 142 59.77 18.60 -15.97
C GLU D 142 59.57 17.31 -16.76
N ASN D 143 58.91 16.35 -16.15
CA ASN D 143 58.68 15.07 -16.81
C ASN D 143 57.30 15.01 -17.44
N GLY D 144 56.64 16.15 -17.51
CA GLY D 144 55.31 16.20 -18.09
C GLY D 144 55.29 16.92 -19.43
N GLY D 145 56.34 17.69 -19.71
CA GLY D 145 56.42 18.43 -20.94
C GLY D 145 56.30 17.55 -22.18
N ALA D 146 57.21 16.59 -22.30
CA ALA D 146 57.22 15.69 -23.45
C ALA D 146 55.94 14.89 -23.55
N ARG D 147 55.32 14.62 -22.40
CA ARG D 147 54.07 13.88 -22.34
C ARG D 147 52.94 14.64 -23.00
N LEU D 148 52.77 15.90 -22.59
CA LEU D 148 51.71 16.75 -23.14
C LEU D 148 51.90 16.98 -24.64
N ALA D 149 53.15 17.10 -25.06
CA ALA D 149 53.48 17.31 -26.45
C ALA D 149 53.02 16.15 -27.32
N GLU D 150 53.29 14.93 -26.85
CA GLU D 150 52.88 13.73 -27.58
C GLU D 150 51.38 13.55 -27.58
N TYR D 151 50.77 13.85 -26.43
CA TYR D 151 49.32 13.74 -26.29
C TYR D 151 48.59 14.61 -27.29
N HIS D 152 49.00 15.87 -27.37
CA HIS D 152 48.37 16.81 -28.29
C HIS D 152 48.69 16.43 -29.74
N ALA D 153 49.95 16.05 -29.99
CA ALA D 153 50.40 15.68 -31.33
C ALA D 153 49.54 14.57 -31.91
N LYS D 154 49.49 13.44 -31.22
CA LYS D 154 48.72 12.29 -31.68
C LYS D 154 47.21 12.55 -31.69
N ALA D 155 46.73 13.30 -30.71
CA ALA D 155 45.30 13.60 -30.63
C ALA D 155 44.84 14.36 -31.87
N THR D 156 45.68 15.25 -32.37
CA THR D 156 45.35 16.03 -33.56
C THR D 156 45.30 15.13 -34.79
N GLU D 157 46.19 14.13 -34.84
CA GLU D 157 46.25 13.20 -35.96
C GLU D 157 44.92 12.46 -36.12
N HIS D 158 44.39 12.01 -34.98
CA HIS D 158 43.13 11.28 -34.97
C HIS D 158 41.96 12.21 -35.27
N LEU D 159 42.11 13.48 -34.90
CA LEU D 159 41.06 14.48 -35.12
C LEU D 159 40.86 14.74 -36.61
N SER D 160 41.96 14.81 -37.35
CA SER D 160 41.91 15.05 -38.78
C SER D 160 41.19 13.91 -39.51
N THR D 161 41.39 12.68 -39.05
CA THR D 161 40.77 11.52 -39.65
C THR D 161 39.32 11.34 -39.17
N LEU D 162 38.89 12.22 -38.28
CA LEU D 162 37.55 12.14 -37.72
C LEU D 162 36.57 13.06 -38.43
N SER D 163 36.88 14.36 -38.46
CA SER D 163 36.00 15.35 -39.07
C SER D 163 36.29 15.61 -40.55
N GLU D 164 36.63 14.56 -41.29
CA GLU D 164 36.92 14.73 -42.72
C GLU D 164 35.75 14.32 -43.60
N LYS D 165 35.14 13.18 -43.28
CA LYS D 165 34.01 12.66 -44.07
C LYS D 165 32.67 13.27 -43.64
N ALA D 166 32.72 14.08 -42.59
CA ALA D 166 31.51 14.72 -42.05
C ALA D 166 30.79 15.59 -43.10
N LYS D 167 31.53 16.51 -43.70
CA LYS D 167 30.95 17.42 -44.70
C LYS D 167 30.44 16.70 -45.96
N PRO D 168 31.28 15.90 -46.65
CA PRO D 168 30.87 15.18 -47.88
C PRO D 168 29.58 14.37 -47.71
N ALA D 169 29.45 13.69 -46.58
CA ALA D 169 28.26 12.88 -46.31
C ALA D 169 27.04 13.74 -46.01
N LEU D 170 27.28 14.95 -45.54
CA LEU D 170 26.20 15.88 -45.22
C LEU D 170 25.60 16.47 -46.48
N GLU D 171 26.46 16.95 -47.37
CA GLU D 171 26.03 17.56 -48.62
C GLU D 171 25.33 16.53 -49.51
N ASP D 172 25.91 15.34 -49.58
CA ASP D 172 25.37 14.27 -50.41
C ASP D 172 23.95 13.87 -50.01
N LEU D 173 23.67 13.95 -48.71
CA LEU D 173 22.36 13.59 -48.19
C LEU D 173 21.28 14.61 -48.55
N ARG D 174 21.58 15.89 -48.35
CA ARG D 174 20.61 16.95 -48.64
C ARG D 174 20.28 17.04 -50.13
N GLN D 175 21.23 16.65 -50.97
CA GLN D 175 21.04 16.68 -52.42
C GLN D 175 19.88 15.79 -52.85
N GLY D 176 20.00 14.49 -52.58
CA GLY D 176 18.96 13.56 -52.97
C GLY D 176 17.79 13.54 -51.99
N LEU D 177 17.16 14.71 -51.81
CA LEU D 177 16.04 14.84 -50.90
C LEU D 177 15.14 16.02 -51.30
N LEU D 178 15.77 17.17 -51.52
CA LEU D 178 15.08 18.41 -51.89
C LEU D 178 14.05 18.23 -53.02
N PRO D 179 14.42 17.62 -54.18
CA PRO D 179 13.50 17.41 -55.31
C PRO D 179 12.15 16.81 -54.90
N VAL D 180 12.17 15.89 -53.95
CA VAL D 180 10.94 15.25 -53.49
C VAL D 180 10.30 16.02 -52.33
N LEU D 181 11.14 16.52 -51.43
CA LEU D 181 10.68 17.26 -50.26
C LEU D 181 9.87 18.49 -50.66
N GLU D 182 10.37 19.24 -51.63
CA GLU D 182 9.70 20.45 -52.09
C GLU D 182 8.34 20.14 -52.72
N SER D 183 8.28 19.04 -53.48
CA SER D 183 7.06 18.62 -54.14
C SER D 183 5.97 18.32 -53.11
N PHE D 184 6.36 17.66 -52.02
CA PHE D 184 5.42 17.30 -50.95
C PHE D 184 4.82 18.55 -50.33
N LYS D 185 5.66 19.57 -50.16
CA LYS D 185 5.23 20.84 -49.59
C LYS D 185 4.12 21.48 -50.41
N VAL D 186 4.28 21.42 -51.73
CA VAL D 186 3.29 21.98 -52.64
C VAL D 186 1.97 21.23 -52.52
N SER D 187 2.06 19.91 -52.52
CA SER D 187 0.87 19.06 -52.41
C SER D 187 0.13 19.35 -51.11
N PHE D 188 0.87 19.45 -50.01
CA PHE D 188 0.27 19.71 -48.70
C PHE D 188 -0.42 21.08 -48.71
N LEU D 189 0.24 22.07 -49.28
CA LEU D 189 -0.30 23.42 -49.36
C LEU D 189 -1.56 23.46 -50.23
N SER D 190 -1.63 22.57 -51.20
CA SER D 190 -2.77 22.48 -52.09
C SER D 190 -3.97 21.89 -51.37
N ALA D 191 -3.73 20.82 -50.61
CA ALA D 191 -4.79 20.17 -49.86
C ALA D 191 -5.29 21.06 -48.73
N LEU D 192 -4.40 21.92 -48.26
CA LEU D 192 -4.71 22.84 -47.17
C LEU D 192 -5.92 23.70 -47.50
N GLU D 193 -5.81 24.49 -48.58
CA GLU D 193 -6.88 25.38 -49.00
C GLU D 193 -8.15 24.64 -49.38
N GLU D 194 -8.02 23.34 -49.62
CA GLU D 194 -9.16 22.52 -49.99
C GLU D 194 -10.04 22.24 -48.77
N TYR D 195 -9.42 22.23 -47.59
CA TYR D 195 -10.16 21.95 -46.36
C TYR D 195 -10.76 23.22 -45.74
N THR D 196 -10.00 24.31 -45.75
CA THR D 196 -10.47 25.58 -45.18
C THR D 196 -11.80 26.01 -45.77
N LYS D 197 -11.91 25.87 -47.08
CA LYS D 197 -13.11 26.24 -47.81
C LYS D 197 -14.35 25.55 -47.25
N LYS D 198 -14.20 24.28 -46.92
CA LYS D 198 -15.31 23.49 -46.38
C LYS D 198 -15.51 23.77 -44.89
N LEU D 199 -14.41 23.87 -44.17
CA LEU D 199 -14.45 24.11 -42.72
C LEU D 199 -15.03 25.48 -42.37
N ASN D 200 -14.67 26.48 -43.16
CA ASN D 200 -15.15 27.85 -42.91
C ASN D 200 -16.64 28.00 -43.19
N THR A 2 1.53 -11.94 -0.01
CA THR A 2 1.42 -12.36 -1.39
C THR A 2 0.52 -13.58 -1.51
N GLU A 3 -0.51 -13.46 -2.33
CA GLU A 3 -1.45 -14.55 -2.54
C GLU A 3 -1.00 -15.40 -3.71
N TYR A 4 -1.18 -16.71 -3.60
CA TYR A 4 -0.80 -17.64 -4.65
C TYR A 4 -1.93 -18.62 -4.94
N LYS A 5 -2.46 -18.55 -6.16
CA LYS A 5 -3.54 -19.44 -6.56
C LYS A 5 -2.98 -20.75 -7.09
N LEU A 6 -3.13 -21.81 -6.31
CA LEU A 6 -2.61 -23.12 -6.68
C LEU A 6 -3.72 -24.08 -7.04
N VAL A 7 -3.52 -24.84 -8.10
CA VAL A 7 -4.50 -25.84 -8.54
C VAL A 7 -3.83 -27.20 -8.67
N VAL A 8 -4.40 -28.21 -8.04
CA VAL A 8 -3.85 -29.56 -8.10
C VAL A 8 -4.47 -30.32 -9.27
N VAL A 9 -3.62 -30.87 -10.14
CA VAL A 9 -4.10 -31.61 -11.29
C VAL A 9 -3.65 -33.07 -11.24
N GLY A 10 -4.56 -33.97 -11.62
CA GLY A 10 -4.25 -35.39 -11.61
C GLY A 10 -5.50 -36.24 -11.63
N ALA A 11 -5.33 -37.52 -11.97
CA ALA A 11 -6.44 -38.45 -12.05
C ALA A 11 -6.97 -38.87 -10.67
N ASP A 12 -7.84 -39.87 -10.66
CA ASP A 12 -8.44 -40.38 -9.45
C ASP A 12 -7.59 -41.50 -8.85
N GLY A 13 -7.73 -41.73 -7.55
CA GLY A 13 -6.98 -42.77 -6.87
C GLY A 13 -5.55 -42.39 -6.52
N VAL A 14 -5.03 -41.38 -7.20
CA VAL A 14 -3.65 -40.94 -6.98
C VAL A 14 -3.47 -40.31 -5.60
N GLY A 15 -4.55 -39.77 -5.04
CA GLY A 15 -4.48 -39.17 -3.72
C GLY A 15 -4.06 -37.72 -3.71
N LYS A 16 -4.67 -36.90 -4.58
CA LYS A 16 -4.35 -35.48 -4.62
C LYS A 16 -4.83 -34.80 -3.36
N SER A 17 -6.05 -35.13 -2.98
CA SER A 17 -6.67 -34.57 -1.79
C SER A 17 -5.89 -34.97 -0.54
N ALA A 18 -5.39 -36.20 -0.54
CA ALA A 18 -4.62 -36.73 0.59
C ALA A 18 -3.42 -35.85 0.88
N LEU A 19 -2.69 -35.46 -0.16
CA LEU A 19 -1.51 -34.61 -0.02
C LEU A 19 -1.92 -33.24 0.53
N THR A 20 -3.01 -32.71 0.00
CA THR A 20 -3.52 -31.42 0.42
C THR A 20 -3.98 -31.45 1.88
N ILE A 21 -4.71 -32.50 2.25
CA ILE A 21 -5.21 -32.65 3.61
C ILE A 21 -4.05 -32.75 4.61
N GLN A 22 -2.98 -33.42 4.19
CA GLN A 22 -1.81 -33.58 5.04
C GLN A 22 -1.14 -32.24 5.35
N LEU A 23 -1.32 -31.26 4.46
CA LEU A 23 -0.72 -29.95 4.66
C LEU A 23 -1.63 -29.03 5.48
N ILE A 24 -2.93 -29.23 5.36
CA ILE A 24 -3.90 -28.40 6.06
C ILE A 24 -4.34 -29.00 7.40
N GLN A 25 -4.99 -30.16 7.34
CA GLN A 25 -5.47 -30.83 8.55
C GLN A 25 -4.36 -31.64 9.22
N ASN A 26 -3.35 -32.01 8.44
CA ASN A 26 -2.21 -32.79 8.92
C ASN A 26 -2.62 -34.22 9.24
N HIS A 27 -3.80 -34.60 8.74
CA HIS A 27 -4.32 -35.94 8.95
C HIS A 27 -4.52 -36.64 7.62
N PHE A 28 -5.41 -37.62 7.59
CA PHE A 28 -5.67 -38.38 6.37
C PHE A 28 -7.16 -38.48 6.07
N VAL A 29 -7.52 -39.47 5.25
CA VAL A 29 -8.90 -39.70 4.87
C VAL A 29 -9.58 -40.66 5.83
N ASP A 30 -10.71 -41.22 5.42
CA ASP A 30 -11.46 -42.15 6.26
C ASP A 30 -12.44 -42.95 5.41
N GLU A 31 -13.30 -42.24 4.70
CA GLU A 31 -14.30 -42.87 3.85
C GLU A 31 -14.09 -42.45 2.40
N TYR A 32 -14.44 -43.35 1.49
CA TYR A 32 -14.28 -43.08 0.06
C TYR A 32 -15.36 -42.11 -0.40
N ASP A 33 -14.95 -41.06 -1.10
CA ASP A 33 -15.87 -40.05 -1.57
C ASP A 33 -15.29 -39.28 -2.74
N PRO A 34 -16.07 -39.09 -3.82
CA PRO A 34 -15.60 -38.33 -4.98
C PRO A 34 -15.27 -36.90 -4.60
N THR A 35 -13.98 -36.59 -4.45
CA THR A 35 -13.55 -35.26 -4.08
C THR A 35 -13.95 -34.23 -5.13
N ILE A 36 -14.40 -33.08 -4.66
CA ILE A 36 -14.82 -32.01 -5.56
C ILE A 36 -13.80 -30.88 -5.55
N GLU A 37 -14.27 -29.67 -5.84
CA GLU A 37 -13.41 -28.50 -5.85
C GLU A 37 -13.20 -27.98 -4.44
N ASP A 38 -12.32 -28.66 -3.71
CA ASP A 38 -12.00 -28.30 -2.34
C ASP A 38 -10.89 -27.26 -2.29
N SER A 39 -11.17 -26.12 -1.68
CA SER A 39 -10.18 -25.06 -1.59
C SER A 39 -9.84 -24.74 -0.13
N TYR A 40 -8.55 -24.73 0.18
CA TYR A 40 -8.09 -24.45 1.53
C TYR A 40 -7.17 -23.23 1.55
N ARG A 41 -7.25 -22.44 2.60
CA ARG A 41 -6.43 -21.25 2.73
C ARG A 41 -5.48 -21.36 3.92
N LYS A 42 -4.19 -21.38 3.63
CA LYS A 42 -3.18 -21.47 4.68
C LYS A 42 -2.05 -20.50 4.38
N GLN A 43 -1.75 -19.67 5.36
CA GLN A 43 -0.68 -18.70 5.22
C GLN A 43 0.59 -19.21 5.89
N VAL A 44 1.64 -19.39 5.11
CA VAL A 44 2.91 -19.89 5.62
C VAL A 44 4.07 -19.05 5.11
N VAL A 45 5.20 -19.10 5.81
CA VAL A 45 6.38 -18.36 5.41
C VAL A 45 7.29 -19.23 4.57
N ILE A 46 7.47 -18.86 3.30
CA ILE A 46 8.29 -19.62 2.39
C ILE A 46 9.42 -18.75 1.84
N ASP A 47 10.66 -19.15 2.11
CA ASP A 47 11.85 -18.43 1.67
C ASP A 47 11.95 -17.03 2.27
N GLY A 48 11.32 -16.84 3.42
CA GLY A 48 11.36 -15.55 4.08
C GLY A 48 10.14 -14.69 3.80
N GLU A 49 9.31 -15.12 2.86
CA GLU A 49 8.11 -14.37 2.50
C GLU A 49 6.86 -15.06 3.02
N THR A 50 5.93 -14.28 3.54
CA THR A 50 4.68 -14.81 4.04
C THR A 50 3.70 -14.96 2.88
N CYS A 51 3.49 -16.20 2.44
CA CYS A 51 2.62 -16.48 1.32
C CYS A 51 1.27 -17.05 1.74
N LEU A 52 0.22 -16.59 1.07
CA LEU A 52 -1.12 -17.06 1.33
C LEU A 52 -1.48 -18.08 0.25
N LEU A 53 -1.48 -19.34 0.62
CA LEU A 53 -1.75 -20.41 -0.33
C LEU A 53 -3.24 -20.71 -0.52
N ASP A 54 -3.72 -20.45 -1.72
CA ASP A 54 -5.11 -20.72 -2.07
C ASP A 54 -5.11 -22.01 -2.88
N ILE A 55 -5.01 -23.13 -2.18
CA ILE A 55 -4.96 -24.43 -2.81
C ILE A 55 -6.35 -24.93 -3.19
N LEU A 56 -6.51 -25.26 -4.46
CA LEU A 56 -7.77 -25.77 -4.96
C LEU A 56 -7.60 -27.15 -5.57
N ASP A 57 -8.15 -28.15 -4.91
CA ASP A 57 -8.09 -29.52 -5.40
C ASP A 57 -9.21 -29.70 -6.40
N THR A 58 -8.96 -30.43 -7.46
CA THR A 58 -9.96 -30.61 -8.49
C THR A 58 -10.33 -32.07 -8.69
N ALA A 59 -11.59 -32.30 -9.04
CA ALA A 59 -12.10 -33.64 -9.27
C ALA A 59 -11.38 -34.33 -10.43
N GLY A 60 -10.68 -35.40 -10.11
CA GLY A 60 -9.95 -36.13 -11.13
C GLY A 60 -10.76 -37.27 -11.70
N GLN A 61 -12.07 -37.12 -11.63
CA GLN A 61 -12.99 -38.13 -12.13
C GLN A 61 -13.17 -38.03 -13.64
N GLU A 62 -12.55 -37.02 -14.24
CA GLU A 62 -12.61 -36.77 -15.67
C GLU A 62 -14.01 -36.35 -16.14
N GLU A 63 -14.16 -36.20 -17.46
CA GLU A 63 -15.42 -35.80 -18.09
C GLU A 63 -15.70 -34.31 -17.85
N TYR A 64 -14.76 -33.64 -17.18
CA TYR A 64 -14.91 -32.23 -16.87
C TYR A 64 -14.23 -31.40 -17.95
N SER A 65 -14.60 -31.68 -19.19
CA SER A 65 -14.04 -31.00 -20.35
C SER A 65 -14.58 -29.57 -20.50
N ALA A 66 -15.41 -29.15 -19.55
CA ALA A 66 -15.97 -27.80 -19.57
C ALA A 66 -15.79 -27.13 -18.21
N MET A 67 -15.37 -27.90 -17.22
CA MET A 67 -15.18 -27.37 -15.88
C MET A 67 -13.75 -26.91 -15.64
N ARG A 68 -12.79 -27.65 -16.21
CA ARG A 68 -11.37 -27.31 -16.04
C ARG A 68 -11.06 -25.89 -16.46
N ASP A 69 -11.78 -25.42 -17.47
CA ASP A 69 -11.62 -24.08 -18.03
C ASP A 69 -11.51 -22.99 -16.98
N GLN A 70 -12.49 -22.93 -16.08
CA GLN A 70 -12.52 -21.90 -15.04
C GLN A 70 -11.27 -21.88 -14.16
N TYR A 71 -11.03 -22.94 -13.41
CA TYR A 71 -9.87 -22.99 -12.52
C TYR A 71 -8.53 -22.87 -13.23
N MET A 72 -8.47 -23.31 -14.49
CA MET A 72 -7.22 -23.21 -15.25
C MET A 72 -6.90 -21.76 -15.57
N ARG A 73 -7.94 -20.96 -15.79
CA ARG A 73 -7.76 -19.55 -16.10
C ARG A 73 -7.47 -18.76 -14.84
N THR A 74 -7.88 -19.31 -13.69
CA THR A 74 -7.67 -18.63 -12.42
C THR A 74 -6.35 -19.03 -11.76
N GLY A 75 -6.09 -20.32 -11.68
CA GLY A 75 -4.88 -20.81 -11.05
C GLY A 75 -3.62 -20.40 -11.79
N GLU A 76 -2.58 -20.07 -11.03
CA GLU A 76 -1.31 -19.66 -11.60
C GLU A 76 -0.36 -20.85 -11.65
N GLY A 77 -0.20 -21.50 -10.52
CA GLY A 77 0.69 -22.65 -10.44
C GLY A 77 -0.10 -23.94 -10.35
N PHE A 78 0.25 -24.90 -11.19
CA PHE A 78 -0.43 -26.18 -11.21
C PHE A 78 0.47 -27.30 -10.71
N LEU A 79 -0.04 -28.09 -9.79
CA LEU A 79 0.71 -29.21 -9.23
C LEU A 79 0.26 -30.51 -9.89
N CYS A 80 1.11 -31.04 -10.74
CA CYS A 80 0.82 -32.29 -11.45
C CYS A 80 1.13 -33.47 -10.56
N VAL A 81 0.09 -34.03 -9.94
CA VAL A 81 0.25 -35.16 -9.05
C VAL A 81 -0.17 -36.47 -9.71
N PHE A 82 0.73 -37.43 -9.74
CA PHE A 82 0.46 -38.73 -10.33
C PHE A 82 0.91 -39.83 -9.38
N ALA A 83 0.29 -41.00 -9.50
CA ALA A 83 0.66 -42.13 -8.66
C ALA A 83 1.70 -42.98 -9.36
N ILE A 84 2.79 -43.29 -8.67
CA ILE A 84 3.87 -44.09 -9.27
C ILE A 84 3.45 -45.53 -9.52
N ASN A 85 2.36 -45.95 -8.91
CA ASN A 85 1.85 -47.31 -9.08
C ASN A 85 0.79 -47.35 -10.17
N ASN A 86 0.48 -46.18 -10.72
CA ASN A 86 -0.52 -46.07 -11.78
C ASN A 86 0.04 -45.29 -12.96
N THR A 87 0.42 -46.02 -14.00
CA THR A 87 0.98 -45.41 -15.20
C THR A 87 -0.04 -44.54 -15.92
N LYS A 88 -1.33 -44.83 -15.70
CA LYS A 88 -2.41 -44.07 -16.32
C LYS A 88 -2.32 -42.59 -15.92
N SER A 89 -2.08 -42.34 -14.64
CA SER A 89 -1.98 -40.98 -14.13
C SER A 89 -0.73 -40.27 -14.68
N PHE A 90 0.28 -41.04 -15.03
CA PHE A 90 1.53 -40.49 -15.56
C PHE A 90 1.32 -39.95 -16.97
N GLU A 91 0.61 -40.72 -17.79
CA GLU A 91 0.32 -40.31 -19.16
C GLU A 91 -0.61 -39.11 -19.16
N ASP A 92 -1.49 -39.07 -18.16
CA ASP A 92 -2.47 -37.99 -18.02
C ASP A 92 -1.78 -36.64 -17.86
N ILE A 93 -0.56 -36.67 -17.34
CA ILE A 93 0.21 -35.45 -17.12
C ILE A 93 0.40 -34.69 -18.43
N HIS A 94 0.76 -35.42 -19.49
CA HIS A 94 0.97 -34.82 -20.81
C HIS A 94 -0.32 -34.20 -21.33
N HIS A 95 -1.41 -34.92 -21.17
CA HIS A 95 -2.72 -34.44 -21.62
C HIS A 95 -3.14 -33.20 -20.86
N TYR A 96 -3.05 -33.26 -19.53
CA TYR A 96 -3.41 -32.12 -18.68
C TYR A 96 -2.54 -30.91 -18.99
N ARG A 97 -1.24 -31.15 -19.14
CA ARG A 97 -0.27 -30.09 -19.41
C ARG A 97 -0.61 -29.33 -20.69
N GLU A 98 -0.89 -30.07 -21.75
CA GLU A 98 -1.23 -29.47 -23.03
C GLU A 98 -2.56 -28.71 -22.96
N GLN A 99 -3.45 -29.16 -22.09
CA GLN A 99 -4.75 -28.51 -21.94
C GLN A 99 -4.59 -27.18 -21.20
N ILE A 100 -3.80 -27.19 -20.13
CA ILE A 100 -3.56 -25.99 -19.33
C ILE A 100 -3.02 -24.85 -20.19
N LYS A 101 -2.01 -25.14 -21.01
CA LYS A 101 -1.41 -24.15 -21.88
C LYS A 101 -2.41 -23.63 -22.91
N ARG A 102 -3.35 -24.49 -23.27
CA ARG A 102 -4.37 -24.12 -24.24
C ARG A 102 -5.38 -23.17 -23.62
N VAL A 103 -5.90 -23.55 -22.45
CA VAL A 103 -6.88 -22.75 -21.74
C VAL A 103 -6.31 -21.40 -21.29
N LYS A 104 -5.11 -21.43 -20.71
CA LYS A 104 -4.46 -20.20 -20.25
C LYS A 104 -3.92 -19.39 -21.41
N ASP A 105 -3.69 -20.05 -22.54
CA ASP A 105 -3.14 -19.41 -23.74
C ASP A 105 -1.75 -18.87 -23.48
N SER A 106 -0.88 -19.77 -23.02
CA SER A 106 0.49 -19.43 -22.72
C SER A 106 1.33 -20.70 -22.59
N GLU A 107 2.50 -20.69 -23.19
CA GLU A 107 3.41 -21.83 -23.15
C GLU A 107 4.21 -21.81 -21.86
N ASP A 108 4.25 -20.67 -21.21
CA ASP A 108 5.00 -20.53 -19.97
C ASP A 108 4.07 -20.55 -18.77
N VAL A 109 3.77 -21.74 -18.29
CA VAL A 109 2.89 -21.91 -17.13
C VAL A 109 3.60 -22.64 -16.01
N PRO A 110 3.60 -22.08 -14.79
CA PRO A 110 4.25 -22.68 -13.63
C PRO A 110 3.63 -24.02 -13.26
N MET A 111 4.38 -25.09 -13.41
CA MET A 111 3.91 -26.42 -13.11
C MET A 111 5.01 -27.25 -12.47
N VAL A 112 4.62 -28.13 -11.56
CA VAL A 112 5.57 -29.00 -10.88
C VAL A 112 5.11 -30.45 -10.96
N LEU A 113 6.01 -31.33 -11.36
CA LEU A 113 5.69 -32.75 -11.47
C LEU A 113 5.88 -33.43 -10.12
N VAL A 114 4.80 -33.94 -9.56
CA VAL A 114 4.86 -34.59 -8.26
C VAL A 114 4.37 -36.02 -8.32
N GLY A 115 5.23 -36.94 -7.88
CA GLY A 115 4.87 -38.35 -7.86
C GLY A 115 4.47 -38.76 -6.47
N ASN A 116 3.22 -39.20 -6.31
CA ASN A 116 2.71 -39.61 -5.01
C ASN A 116 2.72 -41.11 -4.85
N LYS A 117 2.57 -41.57 -3.61
CA LYS A 117 2.53 -42.99 -3.27
C LYS A 117 3.89 -43.67 -3.43
N CYS A 118 4.96 -42.93 -3.13
CA CYS A 118 6.31 -43.47 -3.20
C CYS A 118 6.57 -44.47 -2.08
N ASP A 119 5.60 -44.60 -1.19
CA ASP A 119 5.69 -45.53 -0.07
C ASP A 119 5.21 -46.90 -0.49
N LEU A 120 4.68 -46.98 -1.70
CA LEU A 120 4.19 -48.25 -2.23
C LEU A 120 5.25 -48.95 -3.07
N PRO A 121 5.52 -50.22 -2.77
CA PRO A 121 6.51 -51.01 -3.49
C PRO A 121 5.99 -51.46 -4.86
N SER A 122 6.90 -51.92 -5.72
CA SER A 122 6.56 -52.37 -7.06
C SER A 122 5.86 -51.26 -7.85
N ARG A 123 6.60 -50.20 -8.11
CA ARG A 123 6.07 -49.06 -8.84
C ARG A 123 6.18 -49.29 -10.35
N THR A 124 5.19 -48.80 -11.08
CA THR A 124 5.18 -48.95 -12.53
C THR A 124 5.87 -47.76 -13.19
N VAL A 125 5.64 -46.58 -12.63
CA VAL A 125 6.25 -45.36 -13.15
C VAL A 125 7.68 -45.24 -12.63
N ASP A 126 8.64 -45.43 -13.54
CA ASP A 126 10.04 -45.35 -13.20
C ASP A 126 10.46 -43.92 -12.96
N THR A 127 11.42 -43.74 -12.08
CA THR A 127 11.92 -42.41 -11.74
C THR A 127 12.58 -41.77 -12.96
N LYS A 128 13.18 -42.61 -13.79
CA LYS A 128 13.86 -42.17 -15.00
C LYS A 128 12.90 -41.38 -15.89
N GLN A 129 11.84 -42.03 -16.34
CA GLN A 129 10.87 -41.39 -17.21
C GLN A 129 10.22 -40.18 -16.57
N ALA A 130 10.02 -40.24 -15.26
CA ALA A 130 9.42 -39.13 -14.52
C ALA A 130 10.32 -37.90 -14.56
N GLN A 131 11.59 -38.07 -14.21
CA GLN A 131 12.54 -36.96 -14.22
C GLN A 131 12.84 -36.52 -15.64
N ASP A 132 12.77 -37.48 -16.57
CA ASP A 132 13.02 -37.21 -17.98
C ASP A 132 11.95 -36.25 -18.52
N LEU A 133 10.70 -36.57 -18.23
CA LEU A 133 9.57 -35.76 -18.68
C LEU A 133 9.61 -34.37 -18.05
N ALA A 134 9.96 -34.32 -16.78
CA ALA A 134 10.05 -33.05 -16.05
C ALA A 134 11.10 -32.15 -16.69
N ARG A 135 12.22 -32.75 -17.06
CA ARG A 135 13.31 -32.02 -17.69
C ARG A 135 12.88 -31.46 -19.05
N SER A 136 12.12 -32.26 -19.78
CA SER A 136 11.62 -31.87 -21.10
C SER A 136 10.69 -30.67 -20.98
N TYR A 137 9.90 -30.63 -19.92
CA TYR A 137 8.95 -29.54 -19.68
C TYR A 137 9.67 -28.33 -19.12
N GLY A 138 10.84 -28.56 -18.54
CA GLY A 138 11.60 -27.48 -17.95
C GLY A 138 11.08 -27.17 -16.57
N ILE A 139 10.46 -28.17 -15.95
CA ILE A 139 9.89 -28.04 -14.62
C ILE A 139 10.54 -29.01 -13.65
N PRO A 140 10.49 -28.74 -12.35
CA PRO A 140 11.07 -29.61 -11.33
C PRO A 140 10.19 -30.80 -10.99
N PHE A 141 10.83 -31.91 -10.66
CA PHE A 141 10.13 -33.14 -10.29
C PHE A 141 10.36 -33.45 -8.81
N ILE A 142 9.31 -33.81 -8.11
CA ILE A 142 9.41 -34.13 -6.68
C ILE A 142 8.71 -35.44 -6.36
N GLU A 143 9.36 -36.28 -5.56
CA GLU A 143 8.79 -37.54 -5.13
C GLU A 143 8.14 -37.36 -3.77
N THR A 144 6.86 -37.67 -3.67
CA THR A 144 6.15 -37.50 -2.41
C THR A 144 5.39 -38.75 -1.99
N SER A 145 4.84 -38.68 -0.79
CA SER A 145 4.04 -39.76 -0.22
C SER A 145 3.09 -39.17 0.80
N ALA A 146 1.80 -39.25 0.54
CA ALA A 146 0.79 -38.73 1.45
C ALA A 146 0.72 -39.57 2.72
N LYS A 147 1.14 -40.82 2.59
CA LYS A 147 1.14 -41.74 3.72
C LYS A 147 2.10 -41.30 4.82
N THR A 148 3.36 -41.13 4.46
CA THR A 148 4.37 -40.72 5.42
C THR A 148 4.50 -39.20 5.49
N ARG A 149 3.78 -38.51 4.61
CA ARG A 149 3.79 -37.06 4.55
C ARG A 149 5.16 -36.56 4.07
N GLN A 150 5.81 -37.39 3.27
CA GLN A 150 7.13 -37.08 2.75
C GLN A 150 7.04 -36.22 1.48
N GLY A 151 7.77 -35.10 1.48
CA GLY A 151 7.80 -34.22 0.32
C GLY A 151 6.59 -33.33 0.15
N VAL A 152 5.63 -33.44 1.06
CA VAL A 152 4.41 -32.63 0.98
C VAL A 152 4.71 -31.13 0.99
N ASP A 153 5.50 -30.70 1.97
CA ASP A 153 5.87 -29.30 2.09
C ASP A 153 6.74 -28.88 0.91
N ASP A 154 7.72 -29.72 0.60
CA ASP A 154 8.65 -29.46 -0.49
C ASP A 154 7.93 -29.23 -1.83
N ALA A 155 6.94 -30.07 -2.11
CA ALA A 155 6.17 -29.97 -3.35
C ALA A 155 5.49 -28.61 -3.48
N PHE A 156 4.76 -28.22 -2.45
CA PHE A 156 4.05 -26.95 -2.45
C PHE A 156 5.00 -25.75 -2.49
N TYR A 157 6.09 -25.84 -1.73
CA TYR A 157 7.07 -24.76 -1.67
C TYR A 157 7.73 -24.52 -3.02
N THR A 158 8.00 -25.61 -3.75
CA THR A 158 8.62 -25.52 -5.04
C THR A 158 7.69 -24.82 -6.05
N LEU A 159 6.40 -25.13 -5.97
CA LEU A 159 5.42 -24.53 -6.86
C LEU A 159 5.39 -23.01 -6.68
N VAL A 160 5.53 -22.57 -5.43
CA VAL A 160 5.53 -21.16 -5.12
C VAL A 160 6.74 -20.48 -5.76
N ARG A 161 7.87 -21.16 -5.73
CA ARG A 161 9.10 -20.65 -6.31
C ARG A 161 8.95 -20.48 -7.81
N GLU A 162 8.30 -21.46 -8.45
CA GLU A 162 8.07 -21.41 -9.89
C GLU A 162 7.21 -20.21 -10.26
N ILE A 163 6.16 -19.97 -9.47
CA ILE A 163 5.27 -18.83 -9.72
C ILE A 163 6.03 -17.51 -9.61
N ARG A 164 6.93 -17.43 -8.63
CA ARG A 164 7.73 -16.23 -8.43
C ARG A 164 8.60 -15.97 -9.65
N LYS A 165 9.27 -17.01 -10.12
CA LYS A 165 10.13 -16.91 -11.29
C LYS A 165 9.32 -16.55 -12.52
N HIS A 166 8.10 -17.07 -12.57
CA HIS A 166 7.18 -16.80 -13.67
C HIS A 166 6.89 -15.31 -13.75
N LYS A 167 6.54 -14.72 -12.61
CA LYS A 167 6.25 -13.30 -12.55
C LYS A 167 7.46 -12.48 -12.94
N GLU A 168 8.62 -12.87 -12.41
CA GLU A 168 9.88 -12.17 -12.70
C GLU A 168 10.21 -12.27 -14.18
N LYS A 169 9.94 -13.43 -14.76
CA LYS A 169 10.19 -13.66 -16.19
C LYS A 169 9.22 -12.83 -17.02
N MET A 170 7.98 -12.77 -16.58
CA MET A 170 6.94 -12.00 -17.28
C MET A 170 7.23 -10.49 -17.20
N SER A 171 8.09 -10.11 -16.27
CA SER A 171 8.45 -8.71 -16.12
C SER A 171 9.70 -8.40 -16.93
N LYS A 172 10.27 -9.43 -17.53
CA LYS A 172 11.48 -9.29 -18.33
C LYS A 172 11.23 -9.87 -19.73
N ASP A 173 11.56 -11.14 -19.90
CA ASP A 173 11.39 -11.87 -21.17
C ASP A 173 11.74 -11.00 -22.39
N GLY A 174 13.01 -10.61 -22.48
CA GLY A 174 13.45 -9.79 -23.58
C GLY A 174 14.57 -8.83 -23.18
N LYS A 175 15.71 -8.96 -23.85
CA LYS A 175 16.85 -8.10 -23.57
C LYS A 175 16.80 -6.82 -24.41
N LYS A 176 17.54 -5.81 -23.98
CA LYS A 176 17.59 -4.53 -24.69
C LYS A 176 19.00 -4.25 -25.18
N LYS A 177 19.79 -5.29 -25.31
CA LYS A 177 21.18 -5.16 -25.76
C LYS A 177 21.28 -5.40 -27.27
N LYS A 178 22.28 -4.77 -27.89
CA LYS A 178 22.54 -4.89 -29.33
C LYS A 178 21.45 -4.22 -30.18
N LYS A 179 21.88 -3.31 -31.05
CA LYS A 179 20.96 -2.59 -31.91
C LYS A 179 20.57 -3.42 -33.13
N LYS A 180 21.58 -3.85 -33.89
CA LYS A 180 21.36 -4.65 -35.10
C LYS A 180 20.54 -3.90 -36.15
N SER A 181 19.70 -4.61 -36.89
CA SER A 181 18.87 -4.02 -37.94
C SER A 181 19.71 -3.34 -39.01
N LYS A 182 20.52 -4.13 -39.70
CA LYS A 182 21.39 -3.63 -40.75
C LYS A 182 20.59 -3.02 -41.90
N THR A 183 19.46 -3.63 -42.21
CA THR A 183 18.59 -3.16 -43.28
C THR A 183 17.24 -3.88 -43.22
N LYS A 184 16.22 -3.26 -43.79
CA LYS A 184 14.88 -3.85 -43.80
C LYS A 184 14.36 -4.00 -45.21
N THR B 2 -7.25 -4.64 18.94
CA THR B 2 -8.43 -5.22 18.30
C THR B 2 -9.03 -6.33 19.17
N GLU B 3 -10.22 -6.10 19.66
CA GLU B 3 -10.90 -7.09 20.51
C GLU B 3 -11.80 -7.99 19.67
N TYR B 4 -11.82 -9.27 20.02
CA TYR B 4 -12.64 -10.25 19.30
C TYR B 4 -13.39 -11.12 20.32
N LYS B 5 -14.72 -11.06 20.26
CA LYS B 5 -15.56 -11.84 21.18
C LYS B 5 -15.84 -13.24 20.61
N LEU B 6 -15.36 -14.26 21.31
CA LEU B 6 -15.53 -15.63 20.87
C LEU B 6 -16.35 -16.44 21.87
N VAL B 7 -17.21 -17.31 21.35
CA VAL B 7 -18.05 -18.16 22.18
C VAL B 7 -17.82 -19.63 21.84
N VAL B 8 -17.64 -20.45 22.87
CA VAL B 8 -17.41 -21.88 22.67
C VAL B 8 -18.73 -22.65 22.72
N VAL B 9 -19.19 -23.11 21.57
CA VAL B 9 -20.45 -23.84 21.50
C VAL B 9 -20.19 -25.35 21.58
N GLY B 10 -21.22 -26.10 21.92
CA GLY B 10 -21.09 -27.53 22.02
C GLY B 10 -21.87 -28.09 23.19
N ALA B 11 -22.10 -29.40 23.18
CA ALA B 11 -22.85 -30.06 24.24
C ALA B 11 -21.97 -30.30 25.48
N ASP B 12 -22.40 -31.20 26.34
CA ASP B 12 -21.67 -31.53 27.56
C ASP B 12 -20.76 -32.74 27.34
N GLY B 13 -19.73 -32.84 28.17
CA GLY B 13 -18.80 -33.95 28.09
C GLY B 13 -17.98 -33.95 26.82
N VAL B 14 -17.71 -32.77 26.29
CA VAL B 14 -16.92 -32.65 25.07
C VAL B 14 -15.60 -31.96 25.34
N GLY B 15 -15.44 -31.47 26.57
CA GLY B 15 -14.21 -30.79 26.95
C GLY B 15 -14.09 -29.38 26.40
N LYS B 16 -15.16 -28.61 26.51
CA LYS B 16 -15.16 -27.24 26.02
C LYS B 16 -14.29 -26.34 26.89
N SER B 17 -14.58 -26.33 28.18
CA SER B 17 -13.84 -25.51 29.13
C SER B 17 -12.40 -25.97 29.28
N ALA B 18 -12.18 -27.27 29.08
CA ALA B 18 -10.86 -27.85 29.17
C ALA B 18 -9.93 -27.21 28.14
N LEU B 19 -10.47 -26.93 26.96
CA LEU B 19 -9.70 -26.30 25.89
C LEU B 19 -9.40 -24.85 26.24
N THR B 20 -10.42 -24.14 26.71
CA THR B 20 -10.28 -22.74 27.08
C THR B 20 -9.28 -22.56 28.22
N ILE B 21 -9.42 -23.36 29.26
CA ILE B 21 -8.53 -23.29 30.42
C ILE B 21 -7.10 -23.63 30.03
N GLN B 22 -6.94 -24.55 29.09
CA GLN B 22 -5.61 -24.96 28.63
C GLN B 22 -4.96 -23.87 27.79
N LEU B 23 -5.73 -22.86 27.41
CA LEU B 23 -5.22 -21.74 26.63
C LEU B 23 -5.02 -20.50 27.49
N ILE B 24 -5.96 -20.27 28.40
CA ILE B 24 -5.88 -19.11 29.29
C ILE B 24 -4.91 -19.36 30.43
N GLN B 25 -5.13 -20.44 31.18
CA GLN B 25 -4.28 -20.78 32.31
C GLN B 25 -3.19 -21.77 31.91
N ASN B 26 -3.41 -22.44 30.77
CA ASN B 26 -2.45 -23.40 30.21
C ASN B 26 -2.22 -24.62 31.10
N HIS B 27 -3.29 -25.11 31.71
CA HIS B 27 -3.19 -26.29 32.57
C HIS B 27 -4.47 -27.10 32.59
N PHE B 28 -4.39 -28.30 33.13
CA PHE B 28 -5.53 -29.20 33.22
C PHE B 28 -6.28 -28.96 34.53
N VAL B 29 -7.60 -28.86 34.44
CA VAL B 29 -8.42 -28.64 35.63
C VAL B 29 -8.78 -29.94 36.30
N ASP B 30 -8.48 -30.03 37.58
CA ASP B 30 -8.77 -31.23 38.37
C ASP B 30 -9.93 -30.91 39.32
N GLU B 31 -10.16 -29.62 39.51
CA GLU B 31 -11.23 -29.13 40.37
C GLU B 31 -12.52 -28.98 39.55
N TYR B 32 -13.61 -28.64 40.22
CA TYR B 32 -14.88 -28.46 39.53
C TYR B 32 -15.50 -27.10 39.84
N ASP B 33 -16.29 -26.59 38.91
CA ASP B 33 -16.94 -25.29 39.07
C ASP B 33 -18.14 -25.16 38.14
N PRO B 34 -19.32 -24.83 38.70
CA PRO B 34 -20.53 -24.64 37.91
C PRO B 34 -20.47 -23.32 37.15
N THR B 35 -19.81 -23.36 36.00
CA THR B 35 -19.67 -22.18 35.16
C THR B 35 -20.92 -21.94 34.33
N ILE B 36 -21.56 -20.82 34.57
CA ILE B 36 -22.78 -20.46 33.85
C ILE B 36 -22.46 -19.44 32.78
N GLU B 37 -21.76 -18.39 33.16
CA GLU B 37 -21.41 -17.33 32.24
C GLU B 37 -20.13 -16.63 32.69
N ASP B 38 -19.00 -17.23 32.37
CA ASP B 38 -17.70 -16.68 32.74
C ASP B 38 -16.88 -16.37 31.49
N SER B 39 -16.15 -15.27 31.52
CA SER B 39 -15.34 -14.87 30.38
C SER B 39 -13.88 -14.67 30.77
N TYR B 40 -13.00 -14.84 29.79
CA TYR B 40 -11.55 -14.70 30.01
C TYR B 40 -10.95 -13.79 28.95
N ARG B 41 -10.12 -12.84 29.40
CA ARG B 41 -9.45 -11.90 28.52
C ARG B 41 -7.99 -12.29 28.36
N LYS B 42 -7.51 -12.31 27.12
CA LYS B 42 -6.13 -12.65 26.84
C LYS B 42 -5.63 -11.89 25.63
N GLN B 43 -4.46 -11.27 25.77
CA GLN B 43 -3.87 -10.51 24.67
C GLN B 43 -2.85 -11.39 23.93
N VAL B 44 -3.12 -11.63 22.67
CA VAL B 44 -2.23 -12.46 21.85
C VAL B 44 -1.80 -11.74 20.59
N VAL B 45 -0.70 -12.20 20.00
CA VAL B 45 -0.19 -11.60 18.77
C VAL B 45 -0.44 -12.53 17.59
N ILE B 46 -1.41 -12.15 16.77
CA ILE B 46 -1.77 -12.93 15.60
C ILE B 46 -1.44 -12.14 14.34
N ASP B 47 -0.47 -12.65 13.58
CA ASP B 47 -0.02 -12.02 12.33
C ASP B 47 0.58 -10.65 12.60
N GLY B 48 1.08 -10.46 13.82
CA GLY B 48 1.67 -9.20 14.21
C GLY B 48 0.64 -8.21 14.71
N GLU B 49 -0.61 -8.66 14.85
CA GLU B 49 -1.68 -7.81 15.34
C GLU B 49 -1.97 -8.11 16.80
N THR B 50 -2.08 -7.06 17.61
CA THR B 50 -2.37 -7.21 19.02
C THR B 50 -3.86 -7.45 19.21
N CYS B 51 -4.25 -8.70 19.28
CA CYS B 51 -5.65 -9.06 19.43
C CYS B 51 -6.00 -9.39 20.87
N LEU B 52 -7.10 -8.81 21.35
CA LEU B 52 -7.59 -9.07 22.68
C LEU B 52 -8.80 -10.00 22.57
N LEU B 53 -8.63 -11.25 22.95
CA LEU B 53 -9.70 -12.21 22.83
C LEU B 53 -10.60 -12.25 24.07
N ASP B 54 -11.89 -12.15 23.84
CA ASP B 54 -12.89 -12.20 24.89
C ASP B 54 -13.69 -13.48 24.70
N ILE B 55 -13.25 -14.55 25.35
CA ILE B 55 -13.90 -15.83 25.21
C ILE B 55 -14.91 -16.08 26.33
N LEU B 56 -16.10 -16.52 25.96
CA LEU B 56 -17.16 -16.81 26.91
C LEU B 56 -17.45 -18.31 26.95
N ASP B 57 -17.27 -18.91 28.12
CA ASP B 57 -17.51 -20.34 28.29
C ASP B 57 -18.92 -20.60 28.77
N THR B 58 -19.77 -21.06 27.87
CA THR B 58 -21.14 -21.37 28.22
C THR B 58 -21.36 -22.87 28.26
N ALA B 59 -22.32 -23.31 29.06
CA ALA B 59 -22.61 -24.73 29.21
C ALA B 59 -23.34 -25.28 27.97
N GLY B 60 -23.50 -26.60 27.94
CA GLY B 60 -24.16 -27.25 26.83
C GLY B 60 -25.09 -28.36 27.29
N GLN B 61 -25.70 -28.18 28.46
CA GLN B 61 -26.61 -29.18 29.00
C GLN B 61 -28.05 -28.90 28.56
N GLU B 62 -28.19 -28.08 27.52
CA GLU B 62 -29.48 -27.71 26.97
C GLU B 62 -30.28 -26.83 27.92
N GLU B 63 -31.52 -26.53 27.52
CA GLU B 63 -32.43 -25.68 28.29
C GLU B 63 -32.04 -24.22 28.15
N TYR B 64 -31.18 -23.94 27.18
CA TYR B 64 -30.70 -22.60 26.93
C TYR B 64 -31.30 -22.05 25.64
N SER B 65 -32.55 -22.39 25.38
CA SER B 65 -33.25 -21.95 24.18
C SER B 65 -33.34 -20.43 24.12
N ALA B 66 -33.58 -19.81 25.27
CA ALA B 66 -33.69 -18.35 25.33
C ALA B 66 -32.35 -17.72 25.67
N MET B 67 -31.57 -18.40 26.51
CA MET B 67 -30.27 -17.91 26.93
C MET B 67 -29.28 -17.83 25.76
N ARG B 68 -29.33 -18.83 24.89
CA ARG B 68 -28.42 -18.90 23.73
C ARG B 68 -28.57 -17.65 22.86
N ASP B 69 -29.81 -17.22 22.63
CA ASP B 69 -30.10 -16.06 21.80
C ASP B 69 -29.48 -14.79 22.38
N GLN B 70 -29.26 -14.79 23.68
CA GLN B 70 -28.70 -13.62 24.36
C GLN B 70 -27.22 -13.41 24.06
N TYR B 71 -26.40 -14.42 24.30
CA TYR B 71 -24.95 -14.30 24.06
C TYR B 71 -24.57 -14.45 22.60
N MET B 72 -25.46 -15.04 21.80
CA MET B 72 -25.20 -15.22 20.38
C MET B 72 -25.09 -13.88 19.67
N ARG B 73 -25.80 -12.89 20.19
CA ARG B 73 -25.79 -11.56 19.60
C ARG B 73 -24.44 -10.88 19.84
N THR B 74 -23.93 -10.97 21.05
CA THR B 74 -22.67 -10.35 21.40
C THR B 74 -21.49 -11.09 20.77
N GLY B 75 -21.57 -12.41 20.74
CA GLY B 75 -20.51 -13.21 20.17
C GLY B 75 -20.34 -12.99 18.68
N GLU B 76 -19.11 -12.80 18.25
CA GLU B 76 -18.80 -12.57 16.85
C GLU B 76 -18.26 -13.85 16.22
N GLY B 77 -17.34 -14.48 16.93
CA GLY B 77 -16.74 -15.71 16.46
C GLY B 77 -17.23 -16.88 17.28
N PHE B 78 -17.61 -17.95 16.61
CA PHE B 78 -18.11 -19.12 17.31
C PHE B 78 -17.23 -20.35 17.07
N LEU B 79 -16.83 -20.98 18.16
CA LEU B 79 -15.99 -22.17 18.09
C LEU B 79 -16.85 -23.40 18.25
N CYS B 80 -16.98 -24.16 17.17
CA CYS B 80 -17.78 -25.37 17.19
C CYS B 80 -16.96 -26.55 17.73
N VAL B 81 -17.13 -26.83 19.01
CA VAL B 81 -16.40 -27.91 19.66
C VAL B 81 -17.27 -29.16 19.82
N PHE B 82 -16.75 -30.29 19.35
CA PHE B 82 -17.46 -31.56 19.45
C PHE B 82 -16.47 -32.66 19.79
N ALA B 83 -16.97 -33.82 20.15
CA ALA B 83 -16.12 -34.95 20.49
C ALA B 83 -16.13 -35.98 19.37
N ILE B 84 -14.94 -36.44 18.98
CA ILE B 84 -14.82 -37.43 17.90
C ILE B 84 -15.44 -38.77 18.26
N ASN B 85 -15.72 -38.97 19.55
CA ASN B 85 -16.32 -40.20 20.03
C ASN B 85 -17.79 -40.00 20.39
N ASN B 86 -18.24 -38.75 20.29
CA ASN B 86 -19.62 -38.41 20.64
C ASN B 86 -20.36 -37.90 19.40
N THR B 87 -21.07 -38.81 18.74
CA THR B 87 -21.82 -38.49 17.54
C THR B 87 -22.87 -37.41 17.80
N LYS B 88 -23.49 -37.45 18.97
CA LYS B 88 -24.52 -36.49 19.34
C LYS B 88 -23.97 -35.06 19.36
N SER B 89 -22.74 -34.90 19.85
CA SER B 89 -22.13 -33.59 19.92
C SER B 89 -21.84 -33.04 18.53
N PHE B 90 -21.50 -33.93 17.60
CA PHE B 90 -21.21 -33.53 16.23
C PHE B 90 -22.48 -33.08 15.50
N GLU B 91 -23.58 -33.79 15.75
CA GLU B 91 -24.84 -33.47 15.14
C GLU B 91 -25.42 -32.18 15.74
N ASP B 92 -25.14 -31.96 17.02
CA ASP B 92 -25.63 -30.77 17.72
C ASP B 92 -25.05 -29.51 17.10
N ILE B 93 -23.90 -29.64 16.45
CA ILE B 93 -23.24 -28.51 15.80
C ILE B 93 -24.16 -27.91 14.75
N HIS B 94 -24.88 -28.77 14.04
CA HIS B 94 -25.83 -28.32 13.02
C HIS B 94 -26.91 -27.46 13.66
N HIS B 95 -27.47 -27.95 14.76
CA HIS B 95 -28.52 -27.23 15.47
C HIS B 95 -28.00 -25.88 15.95
N TYR B 96 -26.77 -25.87 16.47
CA TYR B 96 -26.15 -24.64 16.95
C TYR B 96 -25.95 -23.67 15.79
N ARG B 97 -25.37 -24.19 14.71
CA ARG B 97 -25.08 -23.39 13.51
C ARG B 97 -26.33 -22.74 12.95
N GLU B 98 -27.40 -23.52 12.79
CA GLU B 98 -28.65 -22.99 12.25
C GLU B 98 -29.24 -21.92 13.16
N GLN B 99 -29.09 -22.09 14.48
CA GLN B 99 -29.61 -21.12 15.43
C GLN B 99 -28.81 -19.82 15.34
N ILE B 100 -27.48 -19.93 15.28
CA ILE B 100 -26.60 -18.77 15.18
C ILE B 100 -26.97 -17.91 13.97
N LYS B 101 -27.19 -18.55 12.84
CA LYS B 101 -27.55 -17.84 11.62
C LYS B 101 -28.89 -17.12 11.78
N ARG B 102 -29.80 -17.74 12.54
CA ARG B 102 -31.11 -17.17 12.75
C ARG B 102 -31.05 -16.01 13.76
N VAL B 103 -30.37 -16.22 14.87
CA VAL B 103 -30.25 -15.21 15.92
C VAL B 103 -29.50 -13.97 15.45
N LYS B 104 -28.30 -14.16 14.94
CA LYS B 104 -27.49 -13.04 14.48
C LYS B 104 -28.02 -12.45 13.17
N ASP B 105 -28.88 -13.19 12.51
CA ASP B 105 -29.47 -12.77 11.23
C ASP B 105 -28.39 -12.58 10.17
N SER B 106 -27.78 -13.68 9.78
CA SER B 106 -26.72 -13.67 8.78
C SER B 106 -26.41 -15.08 8.32
N GLU B 107 -26.20 -15.26 7.03
CA GLU B 107 -25.89 -16.57 6.47
C GLU B 107 -24.39 -16.81 6.53
N ASP B 108 -23.63 -15.73 6.49
CA ASP B 108 -22.17 -15.80 6.55
C ASP B 108 -21.71 -15.49 7.96
N VAL B 109 -21.35 -16.54 8.71
CA VAL B 109 -20.91 -16.38 10.10
C VAL B 109 -19.51 -16.96 10.27
N PRO B 110 -18.62 -16.23 10.95
CA PRO B 110 -17.24 -16.69 11.21
C PRO B 110 -17.21 -17.77 12.28
N MET B 111 -17.25 -19.02 11.85
CA MET B 111 -17.21 -20.15 12.76
C MET B 111 -16.09 -21.10 12.38
N VAL B 112 -15.61 -21.87 13.35
CA VAL B 112 -14.54 -22.84 13.10
C VAL B 112 -14.90 -24.17 13.77
N LEU B 113 -14.83 -25.23 12.99
CA LEU B 113 -15.14 -26.56 13.51
C LEU B 113 -13.89 -27.19 14.11
N VAL B 114 -13.92 -27.39 15.42
CA VAL B 114 -12.79 -27.96 16.12
C VAL B 114 -13.14 -29.30 16.75
N GLY B 115 -12.43 -30.34 16.34
CA GLY B 115 -12.65 -31.66 16.89
C GLY B 115 -11.81 -31.87 18.11
N ASN B 116 -12.42 -32.34 19.18
CA ASN B 116 -11.71 -32.59 20.43
C ASN B 116 -11.73 -34.07 20.78
N LYS B 117 -10.84 -34.46 21.69
CA LYS B 117 -10.71 -35.83 22.17
C LYS B 117 -10.03 -36.72 21.12
N CYS B 118 -9.22 -36.10 20.28
CA CYS B 118 -8.49 -36.81 19.24
C CYS B 118 -7.41 -37.69 19.84
N ASP B 119 -7.13 -37.46 21.12
CA ASP B 119 -6.12 -38.20 21.84
C ASP B 119 -6.69 -39.51 22.38
N LEU B 120 -7.98 -39.73 22.14
CA LEU B 120 -8.65 -40.94 22.60
C LEU B 120 -8.77 -41.95 21.45
N PRO B 121 -8.86 -43.25 21.78
CA PRO B 121 -8.98 -44.30 20.76
C PRO B 121 -10.43 -44.54 20.36
N SER B 122 -10.63 -45.13 19.17
CA SER B 122 -11.94 -45.44 18.63
C SER B 122 -12.80 -44.20 18.41
N ARG B 123 -12.86 -43.75 17.17
CA ARG B 123 -13.67 -42.58 16.83
C ARG B 123 -14.91 -43.00 16.05
N THR B 124 -16.06 -42.52 16.50
CA THR B 124 -17.33 -42.84 15.86
C THR B 124 -17.60 -41.87 14.70
N VAL B 125 -17.01 -40.70 14.79
CA VAL B 125 -17.16 -39.67 13.76
C VAL B 125 -16.00 -39.77 12.76
N ASP B 126 -16.32 -40.24 11.56
CA ASP B 126 -15.32 -40.39 10.50
C ASP B 126 -14.67 -39.05 10.19
N THR B 127 -13.38 -39.10 9.88
CA THR B 127 -12.62 -37.90 9.55
C THR B 127 -13.22 -37.23 8.32
N LYS B 128 -13.49 -38.02 7.28
CA LYS B 128 -14.09 -37.51 6.04
C LYS B 128 -15.44 -36.87 6.32
N GLN B 129 -16.20 -37.49 7.22
CA GLN B 129 -17.52 -37.00 7.58
C GLN B 129 -17.46 -35.58 8.11
N ALA B 130 -16.51 -35.34 9.00
CA ALA B 130 -16.33 -34.02 9.60
C ALA B 130 -15.80 -33.00 8.59
N GLN B 131 -14.84 -33.43 7.78
CA GLN B 131 -14.25 -32.55 6.77
C GLN B 131 -15.28 -32.15 5.69
N ASP B 132 -16.08 -33.12 5.27
CA ASP B 132 -17.09 -32.90 4.25
C ASP B 132 -18.14 -31.88 4.72
N LEU B 133 -18.66 -32.09 5.90
CA LEU B 133 -19.67 -31.22 6.47
C LEU B 133 -19.11 -29.81 6.71
N ALA B 134 -17.85 -29.74 7.12
CA ALA B 134 -17.19 -28.46 7.37
C ALA B 134 -17.20 -27.60 6.11
N ARG B 135 -16.76 -28.18 5.00
CA ARG B 135 -16.71 -27.46 3.73
C ARG B 135 -18.12 -27.09 3.26
N SER B 136 -19.07 -27.98 3.53
CA SER B 136 -20.46 -27.75 3.16
C SER B 136 -21.01 -26.51 3.88
N TYR B 137 -20.59 -26.33 5.13
CA TYR B 137 -21.02 -25.19 5.91
C TYR B 137 -20.21 -23.96 5.52
N GLY B 138 -18.96 -24.20 5.10
CA GLY B 138 -18.09 -23.11 4.70
C GLY B 138 -17.18 -22.68 5.82
N ILE B 139 -16.99 -23.57 6.78
CA ILE B 139 -16.15 -23.29 7.94
C ILE B 139 -14.95 -24.23 7.98
N PRO B 140 -13.79 -23.74 8.47
CA PRO B 140 -12.57 -24.54 8.57
C PRO B 140 -12.68 -25.61 9.65
N PHE B 141 -12.04 -26.75 9.40
CA PHE B 141 -12.05 -27.85 10.35
C PHE B 141 -10.63 -28.14 10.83
N ILE B 142 -10.45 -28.12 12.14
CA ILE B 142 -9.14 -28.38 12.75
C ILE B 142 -9.28 -29.26 13.98
N GLU B 143 -8.52 -30.35 14.03
CA GLU B 143 -8.52 -31.25 15.17
C GLU B 143 -7.58 -30.69 16.23
N THR B 144 -8.07 -30.57 17.46
CA THR B 144 -7.27 -30.01 18.53
C THR B 144 -7.18 -30.93 19.74
N SER B 145 -5.96 -31.16 20.20
CA SER B 145 -5.72 -32.00 21.35
C SER B 145 -5.04 -31.15 22.44
N ALA B 146 -5.78 -30.87 23.52
CA ALA B 146 -5.25 -30.05 24.61
C ALA B 146 -4.07 -30.71 25.31
N LYS B 147 -4.06 -32.04 25.30
CA LYS B 147 -3.00 -32.80 25.94
C LYS B 147 -1.64 -32.57 25.28
N THR B 148 -1.64 -32.33 23.97
CA THR B 148 -0.39 -32.12 23.25
C THR B 148 -0.24 -30.68 22.78
N ARG B 149 -1.29 -29.86 23.00
CA ARG B 149 -1.29 -28.45 22.60
C ARG B 149 -1.22 -28.33 21.07
N GLN B 150 -1.52 -29.43 20.40
CA GLN B 150 -1.45 -29.47 18.95
C GLN B 150 -2.73 -28.92 18.32
N GLY B 151 -2.57 -27.86 17.56
CA GLY B 151 -3.69 -27.24 16.87
C GLY B 151 -4.42 -26.21 17.71
N VAL B 152 -4.03 -26.05 18.96
CA VAL B 152 -4.68 -25.10 19.86
C VAL B 152 -4.59 -23.67 19.34
N ASP B 153 -3.37 -23.19 19.16
CA ASP B 153 -3.15 -21.83 18.69
C ASP B 153 -3.67 -21.62 17.28
N ASP B 154 -3.32 -22.53 16.38
CA ASP B 154 -3.74 -22.43 14.98
C ASP B 154 -5.25 -22.35 14.83
N ALA B 155 -5.98 -23.18 15.58
CA ALA B 155 -7.44 -23.20 15.50
C ALA B 155 -8.01 -21.87 15.96
N PHE B 156 -7.57 -21.40 17.13
CA PHE B 156 -8.05 -20.14 17.68
C PHE B 156 -7.68 -18.96 16.78
N TYR B 157 -6.48 -19.00 16.23
CA TYR B 157 -6.01 -17.92 15.36
C TYR B 157 -6.83 -17.87 14.07
N THR B 158 -7.24 -19.03 13.59
CA THR B 158 -8.04 -19.11 12.37
C THR B 158 -9.40 -18.45 12.58
N LEU B 159 -9.97 -18.66 13.78
CA LEU B 159 -11.27 -18.07 14.13
C LEU B 159 -11.18 -16.55 14.16
N VAL B 160 -9.99 -16.03 14.39
CA VAL B 160 -9.76 -14.60 14.43
C VAL B 160 -9.39 -14.09 13.04
N ARG B 161 -8.54 -14.84 12.36
CA ARG B 161 -8.07 -14.50 11.04
C ARG B 161 -9.22 -14.39 10.04
N GLU B 162 -10.19 -15.29 10.13
CA GLU B 162 -11.33 -15.26 9.23
C GLU B 162 -12.13 -13.97 9.38
N ILE B 163 -12.16 -13.42 10.59
CA ILE B 163 -12.86 -12.18 10.84
C ILE B 163 -12.04 -11.01 10.30
N ARG B 164 -10.71 -11.10 10.45
CA ARG B 164 -9.82 -10.06 9.96
C ARG B 164 -9.85 -10.05 8.44
N LYS B 165 -10.01 -11.23 7.87
CA LYS B 165 -10.08 -11.41 6.42
C LYS B 165 -11.35 -10.77 5.88
N HIS B 166 -12.40 -10.74 6.71
CA HIS B 166 -13.66 -10.14 6.30
C HIS B 166 -13.47 -8.66 6.01
N LYS B 167 -12.62 -8.01 6.80
CA LYS B 167 -12.33 -6.60 6.63
C LYS B 167 -11.56 -6.40 5.34
N GLU B 168 -10.67 -7.35 5.05
CA GLU B 168 -9.85 -7.30 3.85
C GLU B 168 -10.71 -7.54 2.61
N LYS B 169 -11.73 -8.38 2.77
CA LYS B 169 -12.65 -8.70 1.69
C LYS B 169 -13.60 -7.53 1.45
N MET B 170 -14.10 -6.95 2.54
CA MET B 170 -15.03 -5.84 2.47
C MET B 170 -14.38 -4.58 1.92
N SER B 171 -13.06 -4.52 1.97
CA SER B 171 -12.33 -3.37 1.45
C SER B 171 -12.09 -3.50 -0.05
N LYS B 172 -12.47 -4.65 -0.59
CA LYS B 172 -12.31 -4.91 -2.01
C LYS B 172 -13.67 -5.08 -2.68
N ASP B 173 -14.58 -5.75 -1.96
CA ASP B 173 -15.94 -6.02 -2.43
C ASP B 173 -15.97 -7.10 -3.51
N GLY B 174 -15.17 -6.90 -4.54
CA GLY B 174 -15.10 -7.84 -5.64
C GLY B 174 -15.52 -7.19 -6.92
N LYS B 175 -16.72 -6.62 -6.90
CA LYS B 175 -17.27 -5.93 -8.07
C LYS B 175 -18.04 -4.69 -7.61
N LYS B 176 -18.41 -3.85 -8.56
CA LYS B 176 -19.16 -2.62 -8.29
C LYS B 176 -18.32 -1.56 -7.56
N LYS B 177 -17.96 -1.83 -6.32
CA LYS B 177 -17.18 -0.89 -5.52
C LYS B 177 -15.71 -0.83 -5.96
N LYS B 178 -14.95 -1.87 -5.61
CA LYS B 178 -13.53 -1.93 -5.94
C LYS B 178 -12.79 -0.78 -5.29
N LYS B 179 -12.81 -0.75 -3.97
CA LYS B 179 -12.18 0.31 -3.20
C LYS B 179 -10.65 0.32 -3.37
N LYS B 180 -10.05 -0.86 -3.48
CA LYS B 180 -8.60 -0.96 -3.64
C LYS B 180 -8.21 -1.26 -5.08
N SER B 181 -8.07 -0.20 -5.88
CA SER B 181 -7.70 -0.35 -7.27
C SER B 181 -6.51 0.54 -7.62
N LYS B 182 -5.59 0.04 -8.42
CA LYS B 182 -4.42 0.80 -8.82
C LYS B 182 -4.49 1.10 -10.32
N THR B 183 -4.31 2.35 -10.68
CA THR B 183 -4.36 2.77 -12.07
C THR B 183 -3.07 2.45 -12.83
N LYS B 184 -2.79 1.18 -13.00
CA LYS B 184 -1.59 0.73 -13.71
C LYS B 184 -1.96 -0.30 -14.77
N SER C 14 23.89 5.80 -43.72
CA SER C 14 24.28 5.36 -42.39
C SER C 14 25.71 4.83 -42.39
N THR C 15 26.31 4.84 -43.56
CA THR C 15 27.67 4.36 -43.72
C THR C 15 28.69 5.41 -43.27
N PHE C 16 28.19 6.60 -42.95
CA PHE C 16 29.04 7.70 -42.50
C PHE C 16 29.72 7.35 -41.19
N SER C 17 28.96 6.77 -40.27
CA SER C 17 29.50 6.38 -38.97
C SER C 17 30.48 5.23 -39.12
N LYS C 18 30.23 4.36 -40.09
CA LYS C 18 31.08 3.22 -40.34
C LYS C 18 32.46 3.67 -40.82
N LEU C 19 32.52 4.86 -41.41
CA LEU C 19 33.78 5.41 -41.90
C LEU C 19 34.69 5.75 -40.74
N ARG C 20 34.11 6.34 -39.69
CA ARG C 20 34.89 6.72 -38.51
C ARG C 20 35.16 5.51 -37.64
N GLU C 21 34.31 4.49 -37.74
CA GLU C 21 34.47 3.27 -36.96
C GLU C 21 35.81 2.61 -37.23
N GLN C 22 36.24 2.64 -38.49
CA GLN C 22 37.51 2.04 -38.88
C GLN C 22 38.62 3.08 -39.00
N LEU C 23 38.30 4.33 -38.70
CA LEU C 23 39.28 5.41 -38.77
C LEU C 23 39.80 5.76 -37.39
N GLY C 24 38.98 5.49 -36.38
CA GLY C 24 39.33 5.80 -35.01
C GLY C 24 40.46 4.95 -34.44
N PRO C 25 40.31 3.61 -34.40
CA PRO C 25 41.31 2.68 -33.85
C PRO C 25 42.77 3.02 -34.20
N VAL C 26 43.03 3.36 -35.46
CA VAL C 26 44.37 3.70 -35.91
C VAL C 26 44.97 4.84 -35.08
N THR C 27 44.21 5.91 -34.94
CA THR C 27 44.65 7.06 -34.17
C THR C 27 44.53 6.77 -32.67
N GLN C 28 43.51 6.00 -32.30
CA GLN C 28 43.27 5.64 -30.91
C GLN C 28 44.48 4.96 -30.29
N GLU C 29 44.96 3.90 -30.92
CA GLU C 29 46.10 3.17 -30.42
C GLU C 29 47.36 4.03 -30.45
N PHE C 30 47.45 4.89 -31.46
CA PHE C 30 48.59 5.78 -31.59
C PHE C 30 48.65 6.75 -30.41
N TRP C 31 47.48 7.27 -30.03
CA TRP C 31 47.38 8.21 -28.92
C TRP C 31 47.68 7.53 -27.58
N ASP C 32 47.24 6.29 -27.44
CA ASP C 32 47.46 5.53 -26.21
C ASP C 32 48.95 5.31 -25.98
N ASN C 33 49.68 5.01 -27.07
CA ASN C 33 51.11 4.80 -26.99
C ASN C 33 51.80 6.04 -26.44
N LEU C 34 51.39 7.20 -26.95
CA LEU C 34 51.95 8.49 -26.51
C LEU C 34 51.59 8.76 -25.06
N GLU C 35 50.36 8.40 -24.69
CA GLU C 35 49.90 8.60 -23.33
C GLU C 35 50.68 7.71 -22.37
N LYS C 36 50.86 6.45 -22.76
CA LYS C 36 51.59 5.49 -21.94
C LYS C 36 53.02 5.97 -21.72
N GLU C 37 53.60 6.55 -22.76
CA GLU C 37 54.96 7.09 -22.69
C GLU C 37 55.04 8.17 -21.62
N THR C 38 53.98 8.96 -21.53
CA THR C 38 53.88 10.03 -20.55
C THR C 38 53.55 9.45 -19.17
N GLU C 39 52.79 8.36 -19.17
CA GLU C 39 52.39 7.67 -17.94
C GLU C 39 53.61 7.20 -17.17
N GLY C 40 54.53 6.53 -17.86
CA GLY C 40 55.75 6.05 -17.21
C GLY C 40 56.51 7.18 -16.56
N LEU C 41 56.52 8.33 -17.23
CA LEU C 41 57.21 9.51 -16.72
C LEU C 41 56.51 10.03 -15.47
N ARG C 42 55.17 10.08 -15.52
CA ARG C 42 54.37 10.56 -14.41
C ARG C 42 54.52 9.63 -13.20
N GLN C 43 54.47 8.32 -13.46
CA GLN C 43 54.59 7.32 -12.41
C GLN C 43 55.94 7.44 -11.71
N GLU C 44 56.99 7.65 -12.50
CA GLU C 44 58.34 7.81 -11.96
C GLU C 44 58.45 9.05 -11.08
N MET C 45 57.84 10.14 -11.55
CA MET C 45 57.86 11.40 -10.80
C MET C 45 57.13 11.23 -9.47
N SER C 46 56.06 10.45 -9.50
CA SER C 46 55.26 10.19 -8.30
C SER C 46 56.04 9.36 -7.29
N LYS C 47 56.94 8.50 -7.80
CA LYS C 47 57.75 7.64 -6.93
C LYS C 47 58.76 8.48 -6.17
N ASP C 48 59.28 9.51 -6.83
CA ASP C 48 60.25 10.41 -6.21
C ASP C 48 59.65 11.10 -5.00
N LEU C 49 58.44 11.62 -5.17
CA LEU C 49 57.74 12.32 -4.10
C LEU C 49 57.45 11.39 -2.93
N GLU C 50 57.15 10.13 -3.25
CA GLU C 50 56.88 9.13 -2.23
C GLU C 50 58.12 8.90 -1.39
N GLU C 51 59.26 8.83 -2.08
CA GLU C 51 60.55 8.62 -1.43
C GLU C 51 60.82 9.75 -0.43
N VAL C 52 60.53 10.98 -0.85
CA VAL C 52 60.72 12.15 0.00
C VAL C 52 59.83 12.08 1.23
N LYS C 53 58.59 11.63 1.02
CA LYS C 53 57.63 11.50 2.12
C LYS C 53 58.13 10.53 3.19
N ALA C 54 58.73 9.44 2.74
CA ALA C 54 59.25 8.42 3.65
C ALA C 54 60.51 8.88 4.38
N LYS C 55 61.14 9.94 3.89
CA LYS C 55 62.35 10.46 4.50
C LYS C 55 62.09 11.41 5.67
N VAL C 56 61.14 12.32 5.48
CA VAL C 56 60.81 13.29 6.52
C VAL C 56 59.87 12.71 7.57
N GLN C 57 59.21 11.61 7.24
CA GLN C 57 58.26 10.95 8.15
C GLN C 57 58.87 10.63 9.52
N PRO C 58 60.03 9.92 9.60
CA PRO C 58 60.67 9.57 10.88
C PRO C 58 60.93 10.77 11.77
N TYR C 59 61.39 11.88 11.18
CA TYR C 59 61.69 13.09 11.95
C TYR C 59 60.43 13.76 12.47
N LEU C 60 59.37 13.73 11.67
CA LEU C 60 58.11 14.34 12.06
C LEU C 60 57.49 13.63 13.25
N ASP C 61 57.75 12.33 13.34
CA ASP C 61 57.23 11.52 14.44
C ASP C 61 57.88 11.90 15.77
N ASP C 62 59.19 12.07 15.75
CA ASP C 62 59.94 12.45 16.96
C ASP C 62 59.45 13.79 17.50
N PHE C 63 59.32 14.76 16.62
CA PHE C 63 58.86 16.10 16.99
C PHE C 63 57.44 16.05 17.54
N GLN C 64 56.67 15.09 17.05
CA GLN C 64 55.29 14.92 17.47
C GLN C 64 55.23 14.31 18.87
N LYS C 65 56.03 13.28 19.08
CA LYS C 65 56.08 12.59 20.37
C LYS C 65 56.57 13.53 21.46
N LYS C 66 57.56 14.35 21.13
CA LYS C 66 58.14 15.31 22.06
C LYS C 66 57.10 16.30 22.56
N TRP C 67 56.25 16.77 21.64
CA TRP C 67 55.21 17.74 21.98
C TRP C 67 54.17 17.12 22.91
N GLN C 68 53.95 15.81 22.76
CA GLN C 68 52.99 15.11 23.59
C GLN C 68 53.44 15.05 25.05
N GLU C 69 54.73 14.82 25.27
CA GLU C 69 55.27 14.76 26.63
C GLU C 69 55.04 16.09 27.34
N GLU C 70 55.28 17.18 26.61
CA GLU C 70 55.11 18.52 27.16
C GLU C 70 53.64 18.75 27.53
N MET C 71 52.74 18.29 26.68
CA MET C 71 51.31 18.42 26.91
C MET C 71 50.88 17.54 28.08
N GLU C 72 51.42 16.33 28.13
CA GLU C 72 51.11 15.39 29.19
C GLU C 72 51.52 15.96 30.55
N LEU C 73 52.68 16.61 30.59
CA LEU C 73 53.18 17.22 31.81
C LEU C 73 52.21 18.26 32.33
N TYR C 74 51.74 19.13 31.44
CA TYR C 74 50.78 20.17 31.80
C TYR C 74 49.48 19.55 32.30
N ARG C 75 49.05 18.48 31.63
CA ARG C 75 47.83 17.77 31.97
C ARG C 75 47.90 17.22 33.40
N GLN C 76 49.09 16.82 33.81
CA GLN C 76 49.28 16.29 35.15
C GLN C 76 49.27 17.39 36.20
N LYS C 77 49.84 18.54 35.84
CA LYS C 77 49.92 19.66 36.77
C LYS C 77 48.57 20.37 36.94
N VAL C 78 47.76 20.38 35.90
CA VAL C 78 46.46 21.01 35.96
C VAL C 78 45.44 20.14 36.71
N GLU C 79 45.77 18.85 36.82
CA GLU C 79 44.90 17.88 37.50
C GLU C 79 44.57 18.25 38.95
N PRO C 80 45.58 18.51 39.82
CA PRO C 80 45.33 18.88 41.22
C PRO C 80 44.52 20.16 41.33
N LEU C 81 44.90 21.19 40.59
CA LEU C 81 44.20 22.46 40.62
C LEU C 81 42.78 22.31 40.11
N ARG C 82 42.58 21.40 39.16
CA ARG C 82 41.27 21.12 38.60
C ARG C 82 40.28 20.78 39.71
N ALA C 83 40.71 19.95 40.64
CA ALA C 83 39.87 19.54 41.76
C ALA C 83 39.65 20.70 42.73
N GLU C 84 40.71 21.48 42.97
CA GLU C 84 40.64 22.62 43.88
C GLU C 84 39.60 23.63 43.40
N LEU C 85 39.59 23.88 42.09
CA LEU C 85 38.66 24.84 41.50
C LEU C 85 37.23 24.29 41.53
N GLN C 86 37.11 22.98 41.30
CA GLN C 86 35.81 22.32 41.28
C GLN C 86 35.14 22.41 42.64
N GLU C 87 35.88 22.07 43.69
CA GLU C 87 35.36 22.10 45.05
C GLU C 87 35.01 23.52 45.48
N GLY C 88 35.85 24.48 45.11
CA GLY C 88 35.61 25.87 45.46
C GLY C 88 34.30 26.40 44.94
N ALA C 89 33.83 25.81 43.84
CA ALA C 89 32.59 26.20 43.23
C ALA C 89 31.40 25.50 43.88
N ARG C 90 31.58 24.22 44.18
CA ARG C 90 30.53 23.40 44.78
C ARG C 90 29.94 24.00 46.05
N GLN C 91 30.79 24.54 46.91
CA GLN C 91 30.32 25.10 48.18
C GLN C 91 29.48 26.38 48.00
N LYS C 92 29.68 27.09 46.90
CA LYS C 92 28.96 28.34 46.65
C LYS C 92 27.45 28.16 46.50
N LEU C 93 27.01 27.44 45.47
CA LEU C 93 25.58 27.27 45.24
C LEU C 93 24.88 26.58 46.39
N HIS C 94 25.58 25.69 47.07
CA HIS C 94 24.99 24.97 48.21
C HIS C 94 24.56 25.94 49.30
N GLU C 95 25.32 27.01 49.46
CA GLU C 95 25.01 28.03 50.46
C GLU C 95 23.87 28.93 49.96
N LEU C 96 23.93 29.26 48.68
CA LEU C 96 22.92 30.12 48.06
C LEU C 96 21.54 29.44 47.99
N GLN C 97 21.56 28.15 47.70
CA GLN C 97 20.32 27.36 47.59
C GLN C 97 19.50 27.44 48.88
N GLU C 98 20.19 27.37 50.01
CA GLU C 98 19.56 27.42 51.31
C GLU C 98 18.86 28.76 51.56
N LYS C 99 19.31 29.79 50.85
CA LYS C 99 18.75 31.12 51.00
C LYS C 99 17.83 31.47 49.84
N LEU C 100 17.36 30.45 49.13
CA LEU C 100 16.47 30.67 47.99
C LEU C 100 15.27 29.73 48.01
N SER C 101 15.51 28.49 48.42
CA SER C 101 14.46 27.48 48.47
C SER C 101 13.25 27.87 49.34
N PRO C 102 13.44 28.22 50.64
CA PRO C 102 12.34 28.57 51.55
C PRO C 102 11.35 29.59 50.97
N LEU C 103 11.84 30.77 50.61
CA LEU C 103 10.99 31.82 50.07
C LEU C 103 10.40 31.45 48.71
N GLY C 104 11.13 30.61 47.98
CA GLY C 104 10.68 30.21 46.66
C GLY C 104 9.47 29.29 46.71
N GLU C 105 9.49 28.33 47.62
CA GLU C 105 8.39 27.39 47.77
C GLU C 105 7.18 28.01 48.45
N GLU C 106 7.42 28.95 49.37
CA GLU C 106 6.34 29.60 50.08
C GLU C 106 5.41 30.29 49.09
N MET C 107 5.97 31.17 48.27
CA MET C 107 5.22 31.91 47.28
C MET C 107 4.64 30.98 46.22
N ARG C 108 5.30 29.84 46.02
CA ARG C 108 4.86 28.85 45.05
C ARG C 108 3.48 28.31 45.40
N ASP C 109 3.33 27.86 46.65
CA ASP C 109 2.04 27.33 47.10
C ASP C 109 1.01 28.44 47.18
N ARG C 110 1.44 29.61 47.61
CA ARG C 110 0.55 30.76 47.72
C ARG C 110 -0.02 31.14 46.36
N ALA C 111 0.81 31.04 45.34
CA ALA C 111 0.40 31.36 43.97
C ALA C 111 -0.58 30.32 43.46
N ARG C 112 -0.30 29.06 43.74
CA ARG C 112 -1.15 27.95 43.30
C ARG C 112 -2.51 28.02 44.00
N ALA C 113 -2.51 28.48 45.24
CA ALA C 113 -3.74 28.59 46.02
C ALA C 113 -4.65 29.65 45.38
N HIS C 114 -4.03 30.71 44.86
CA HIS C 114 -4.77 31.78 44.20
C HIS C 114 -5.39 31.29 42.90
N VAL C 115 -4.71 30.36 42.22
CA VAL C 115 -5.21 29.81 40.97
C VAL C 115 -6.57 29.14 41.18
N ASP C 116 -6.63 28.28 42.19
CA ASP C 116 -7.85 27.56 42.54
C ASP C 116 -8.93 28.53 42.99
N ALA C 117 -8.53 29.49 43.83
CA ALA C 117 -9.44 30.49 44.35
C ALA C 117 -10.13 31.27 43.24
N LEU C 118 -9.36 31.64 42.21
CA LEU C 118 -9.90 32.37 41.08
C LEU C 118 -10.91 31.52 40.31
N ARG C 119 -10.59 30.24 40.12
CA ARG C 119 -11.47 29.33 39.41
C ARG C 119 -12.81 29.19 40.12
N THR C 120 -12.78 29.02 41.43
CA THR C 120 -13.99 28.87 42.22
C THR C 120 -14.88 30.11 42.18
N HIS C 121 -14.28 31.27 41.91
CA HIS C 121 -15.04 32.51 41.86
C HIS C 121 -15.64 32.78 40.49
N LEU C 122 -14.90 32.48 39.44
CA LEU C 122 -15.37 32.70 38.07
C LEU C 122 -16.33 31.61 37.60
N ALA C 123 -16.24 30.42 38.20
CA ALA C 123 -17.10 29.29 37.83
C ALA C 123 -18.61 29.61 37.85
N PRO C 124 -19.18 30.05 38.99
CA PRO C 124 -20.61 30.36 39.09
C PRO C 124 -21.04 31.50 38.17
N TYR C 125 -20.14 32.44 37.92
CA TYR C 125 -20.45 33.59 37.07
C TYR C 125 -20.48 33.18 35.60
N SER C 126 -19.60 32.26 35.22
CA SER C 126 -19.52 31.80 33.86
C SER C 126 -20.68 30.88 33.50
N ASP C 127 -21.08 30.02 34.43
CA ASP C 127 -22.17 29.09 34.19
C ASP C 127 -23.49 29.83 33.94
N GLU C 128 -23.78 30.83 34.76
CA GLU C 128 -25.01 31.60 34.61
C GLU C 128 -25.00 32.38 33.30
N LEU C 129 -23.85 32.97 32.97
CA LEU C 129 -23.71 33.76 31.75
C LEU C 129 -23.94 32.90 30.52
N ARG C 130 -23.38 31.69 30.51
CA ARG C 130 -23.54 30.79 29.37
C ARG C 130 -24.97 30.28 29.26
N GLN C 131 -25.69 30.22 30.38
CA GLN C 131 -27.08 29.77 30.38
C GLN C 131 -27.93 30.70 29.52
N ARG C 132 -27.82 31.99 29.80
CA ARG C 132 -28.58 32.99 29.08
C ARG C 132 -28.16 33.02 27.61
N LEU C 133 -26.87 32.81 27.36
CA LEU C 133 -26.36 32.81 25.99
C LEU C 133 -26.85 31.58 25.21
N ALA C 134 -26.87 30.43 25.88
CA ALA C 134 -27.32 29.19 25.26
C ALA C 134 -28.75 29.33 24.77
N ALA C 135 -29.61 29.82 25.66
CA ALA C 135 -31.01 30.02 25.34
C ALA C 135 -31.15 31.09 24.23
N ARG C 136 -30.27 32.07 24.26
CA ARG C 136 -30.28 33.14 23.28
C ARG C 136 -30.03 32.58 21.89
N LEU C 137 -29.00 31.74 21.77
CA LEU C 137 -28.65 31.11 20.50
C LEU C 137 -29.77 30.20 20.02
N GLU C 138 -30.41 29.53 20.97
CA GLU C 138 -31.50 28.62 20.68
C GLU C 138 -32.68 29.36 20.07
N ALA C 139 -33.01 30.52 20.64
CA ALA C 139 -34.11 31.34 20.16
C ALA C 139 -33.75 31.99 18.82
N LEU C 140 -32.51 32.43 18.72
CA LEU C 140 -32.01 33.07 17.51
C LEU C 140 -32.03 32.11 16.32
N LYS C 141 -31.71 30.86 16.57
CA LYS C 141 -31.69 29.84 15.52
C LYS C 141 -33.08 29.62 14.93
N GLU C 142 -34.10 29.72 15.78
CA GLU C 142 -35.48 29.50 15.35
C GLU C 142 -35.90 30.47 14.25
N ASN C 143 -35.66 31.77 14.46
CA ASN C 143 -36.02 32.77 13.47
C ASN C 143 -35.24 32.59 12.18
N GLY C 144 -33.99 32.17 12.31
CA GLY C 144 -33.15 31.98 11.14
C GLY C 144 -33.52 30.72 10.35
N GLY C 145 -33.71 29.62 11.06
CA GLY C 145 -34.05 28.36 10.43
C GLY C 145 -35.34 28.42 9.64
N ALA C 146 -36.34 29.10 10.20
CA ALA C 146 -37.63 29.22 9.52
C ALA C 146 -37.48 29.83 8.13
N ARG C 147 -36.70 30.90 8.05
CA ARG C 147 -36.48 31.58 6.77
C ARG C 147 -35.52 30.79 5.89
N LEU C 148 -34.56 30.12 6.53
CA LEU C 148 -33.58 29.33 5.81
C LEU C 148 -34.25 28.18 5.03
N ALA C 149 -35.22 27.55 5.67
CA ALA C 149 -35.94 26.44 5.06
C ALA C 149 -36.57 26.83 3.72
N GLU C 150 -37.08 28.06 3.66
CA GLU C 150 -37.71 28.58 2.46
C GLU C 150 -36.66 28.94 1.42
N TYR C 151 -35.48 29.33 1.89
CA TYR C 151 -34.39 29.71 0.99
C TYR C 151 -33.86 28.51 0.21
N HIS C 152 -33.71 27.38 0.89
CA HIS C 152 -33.21 26.16 0.25
C HIS C 152 -34.11 25.76 -0.91
N ALA C 153 -35.42 25.92 -0.73
CA ALA C 153 -36.38 25.57 -1.76
C ALA C 153 -36.21 26.42 -3.01
N LYS C 154 -35.78 27.66 -2.81
CA LYS C 154 -35.57 28.58 -3.91
C LYS C 154 -34.19 28.39 -4.52
N ALA C 155 -33.24 27.92 -3.71
CA ALA C 155 -31.88 27.68 -4.16
C ALA C 155 -31.82 26.66 -5.29
N THR C 156 -32.41 25.48 -5.05
CA THR C 156 -32.42 24.42 -6.04
C THR C 156 -33.39 24.73 -7.19
N GLU C 157 -34.22 25.75 -7.00
CA GLU C 157 -35.20 26.14 -8.00
C GLU C 157 -34.54 26.62 -9.29
N HIS C 158 -33.69 27.63 -9.19
CA HIS C 158 -33.01 28.17 -10.38
C HIS C 158 -31.60 27.61 -10.53
N LEU C 159 -31.43 26.34 -10.16
CA LEU C 159 -30.14 25.68 -10.25
C LEU C 159 -30.08 24.69 -11.42
N SER C 160 -30.97 23.70 -11.39
CA SER C 160 -31.01 22.67 -12.42
C SER C 160 -31.43 23.20 -13.79
N THR C 161 -32.02 24.39 -13.80
CA THR C 161 -32.48 25.02 -15.03
C THR C 161 -31.35 25.23 -16.04
N LEU C 162 -30.12 25.31 -15.56
CA LEU C 162 -28.98 25.53 -16.44
C LEU C 162 -28.42 24.24 -17.03
N SER C 163 -28.36 23.18 -16.24
CA SER C 163 -27.81 21.91 -16.71
C SER C 163 -28.80 21.16 -17.61
N GLU C 164 -30.08 21.36 -17.37
CA GLU C 164 -31.13 20.70 -18.15
C GLU C 164 -31.00 20.98 -19.64
N LYS C 165 -30.56 22.18 -19.99
CA LYS C 165 -30.40 22.56 -21.39
C LYS C 165 -28.93 22.60 -21.81
N ALA C 166 -28.03 22.35 -20.86
CA ALA C 166 -26.60 22.36 -21.13
C ALA C 166 -26.17 21.12 -21.89
N LYS C 167 -26.55 19.96 -21.37
CA LYS C 167 -26.20 18.68 -21.99
C LYS C 167 -26.68 18.57 -23.46
N PRO C 168 -27.99 18.78 -23.73
CA PRO C 168 -28.53 18.69 -25.09
C PRO C 168 -27.80 19.62 -26.06
N ALA C 169 -27.42 20.81 -25.59
CA ALA C 169 -26.72 21.77 -26.41
C ALA C 169 -25.30 21.30 -26.70
N LEU C 170 -24.64 20.77 -25.67
CA LEU C 170 -23.28 20.27 -25.80
C LEU C 170 -23.22 19.10 -26.78
N GLU C 171 -24.16 18.17 -26.65
CA GLU C 171 -24.22 17.01 -27.52
C GLU C 171 -24.42 17.45 -28.96
N ASP C 172 -25.35 18.38 -29.16
CA ASP C 172 -25.65 18.92 -30.49
C ASP C 172 -24.42 19.56 -31.09
N LEU C 173 -23.67 20.29 -30.26
CA LEU C 173 -22.45 20.95 -30.72
C LEU C 173 -21.40 19.91 -31.10
N ARG C 174 -21.28 18.87 -30.28
CA ARG C 174 -20.33 17.80 -30.54
C ARG C 174 -20.65 17.09 -31.87
N GLN C 175 -21.92 16.79 -32.07
CA GLN C 175 -22.37 16.12 -33.29
C GLN C 175 -22.11 16.97 -34.53
N GLY C 176 -22.16 18.29 -34.35
CA GLY C 176 -21.92 19.19 -35.46
C GLY C 176 -20.46 19.26 -35.82
N LEU C 177 -19.61 18.92 -34.88
CA LEU C 177 -18.16 18.93 -35.10
C LEU C 177 -17.61 17.52 -35.13
N LEU C 178 -17.92 16.81 -36.20
CA LEU C 178 -17.46 15.43 -36.34
C LEU C 178 -17.14 15.05 -37.80
N PRO C 179 -18.10 15.24 -38.74
CA PRO C 179 -17.89 14.92 -40.16
C PRO C 179 -16.60 15.55 -40.71
N VAL C 180 -16.46 16.86 -40.53
CA VAL C 180 -15.28 17.57 -41.01
C VAL C 180 -14.03 17.13 -40.26
N LEU C 181 -14.22 16.82 -38.98
CA LEU C 181 -13.12 16.39 -38.13
C LEU C 181 -12.57 15.03 -38.59
N GLU C 182 -13.48 14.12 -38.92
CA GLU C 182 -13.09 12.78 -39.37
C GLU C 182 -12.26 12.87 -40.65
N SER C 183 -12.64 13.77 -41.54
CA SER C 183 -11.91 13.96 -42.79
C SER C 183 -10.49 14.44 -42.51
N PHE C 184 -10.34 15.29 -41.50
CA PHE C 184 -9.03 15.82 -41.12
C PHE C 184 -8.15 14.70 -40.55
N LYS C 185 -8.78 13.79 -39.80
CA LYS C 185 -8.08 12.68 -39.18
C LYS C 185 -7.35 11.86 -40.25
N VAL C 186 -8.05 11.52 -41.31
CA VAL C 186 -7.47 10.74 -42.40
C VAL C 186 -6.33 11.50 -43.06
N SER C 187 -6.55 12.79 -43.29
CA SER C 187 -5.55 13.65 -43.91
C SER C 187 -4.27 13.68 -43.07
N PHE C 188 -4.45 13.62 -41.76
CA PHE C 188 -3.32 13.62 -40.83
C PHE C 188 -2.58 12.30 -40.92
N LEU C 189 -3.33 11.19 -40.88
CA LEU C 189 -2.75 9.86 -40.94
C LEU C 189 -1.92 9.64 -42.21
N SER C 190 -2.45 10.10 -43.35
CA SER C 190 -1.75 9.96 -44.62
C SER C 190 -0.45 10.77 -44.63
N ALA C 191 -0.49 11.93 -43.97
CA ALA C 191 0.67 12.80 -43.91
C ALA C 191 1.73 12.27 -42.94
N LEU C 192 1.27 11.76 -41.79
CA LEU C 192 2.16 11.22 -40.76
C LEU C 192 3.05 10.11 -41.33
N GLU C 193 2.45 9.20 -42.07
CA GLU C 193 3.18 8.10 -42.68
C GLU C 193 4.29 8.62 -43.59
N GLU C 194 3.96 9.63 -44.39
CA GLU C 194 4.90 10.24 -45.32
C GLU C 194 6.09 10.85 -44.57
N TYR C 195 5.80 11.51 -43.47
CA TYR C 195 6.83 12.16 -42.66
C TYR C 195 7.76 11.12 -42.04
N THR C 196 7.18 10.09 -41.43
CA THR C 196 7.95 9.03 -40.80
C THR C 196 8.86 8.34 -41.81
N LYS C 197 8.33 8.10 -43.01
CA LYS C 197 9.09 7.45 -44.07
C LYS C 197 10.34 8.26 -44.40
N LYS C 198 10.17 9.58 -44.45
CA LYS C 198 11.27 10.49 -44.77
C LYS C 198 12.32 10.50 -43.66
N LEU C 199 11.86 10.52 -42.42
CA LEU C 199 12.77 10.53 -41.27
C LEU C 199 13.55 9.23 -41.17
N ASN C 200 12.86 8.12 -41.40
CA ASN C 200 13.48 6.80 -41.33
C ASN C 200 14.54 6.61 -42.42
N SER D 14 -25.60 32.45 -24.10
CA SER D 14 -25.81 33.33 -22.97
C SER D 14 -27.27 33.36 -22.56
N THR D 15 -28.11 32.71 -23.35
CA THR D 15 -29.54 32.65 -23.11
C THR D 15 -29.85 32.07 -21.73
N PHE D 16 -29.20 30.96 -21.40
CA PHE D 16 -29.41 30.29 -20.13
C PHE D 16 -28.89 31.14 -18.97
N SER D 17 -27.72 31.72 -19.16
CA SER D 17 -27.09 32.55 -18.14
C SER D 17 -27.91 33.81 -17.87
N LYS D 18 -28.50 34.37 -18.92
CA LYS D 18 -29.30 35.57 -18.79
C LYS D 18 -30.57 35.30 -17.98
N LEU D 19 -31.12 34.11 -18.15
CA LEU D 19 -32.32 33.71 -17.41
C LEU D 19 -32.00 33.59 -15.93
N ARG D 20 -30.87 32.95 -15.63
CA ARG D 20 -30.44 32.77 -14.25
C ARG D 20 -30.13 34.12 -13.59
N GLU D 21 -29.55 35.02 -14.39
CA GLU D 21 -29.20 36.35 -13.91
C GLU D 21 -30.45 37.16 -13.56
N GLN D 22 -31.55 36.86 -14.24
CA GLN D 22 -32.81 37.57 -14.01
C GLN D 22 -33.49 37.07 -12.75
N LEU D 23 -33.07 35.91 -12.28
CA LEU D 23 -33.66 35.31 -11.07
C LEU D 23 -32.66 35.33 -9.92
N GLY D 24 -31.62 36.14 -10.06
CA GLY D 24 -30.59 36.22 -9.05
C GLY D 24 -30.81 37.36 -8.07
N PRO D 25 -30.50 38.61 -8.47
CA PRO D 25 -30.64 39.81 -7.63
C PRO D 25 -31.93 39.86 -6.83
N VAL D 26 -33.06 39.53 -7.46
CA VAL D 26 -34.36 39.55 -6.78
C VAL D 26 -34.34 38.65 -5.55
N THR D 27 -33.91 37.41 -5.75
CA THR D 27 -33.83 36.45 -4.66
C THR D 27 -32.76 36.86 -3.64
N GLN D 28 -31.68 37.45 -4.13
CA GLN D 28 -30.59 37.88 -3.27
C GLN D 28 -31.01 39.03 -2.37
N GLU D 29 -31.62 40.06 -2.96
CA GLU D 29 -32.08 41.22 -2.22
C GLU D 29 -33.09 40.83 -1.15
N PHE D 30 -33.93 39.85 -1.47
CA PHE D 30 -34.92 39.37 -0.54
C PHE D 30 -34.26 38.76 0.69
N TRP D 31 -33.36 37.81 0.46
CA TRP D 31 -32.64 37.15 1.55
C TRP D 31 -31.78 38.14 2.31
N ASP D 32 -31.17 39.07 1.59
CA ASP D 32 -30.33 40.09 2.21
C ASP D 32 -31.13 40.92 3.21
N ASN D 33 -32.36 41.27 2.82
CA ASN D 33 -33.24 42.05 3.68
C ASN D 33 -33.61 41.24 4.91
N LEU D 34 -33.69 39.93 4.73
CA LEU D 34 -34.01 39.04 5.83
C LEU D 34 -32.84 38.97 6.80
N GLU D 35 -31.63 38.91 6.25
CA GLU D 35 -30.41 38.86 7.06
C GLU D 35 -30.28 40.15 7.88
N LYS D 36 -30.61 41.28 7.25
CA LYS D 36 -30.56 42.57 7.91
C LYS D 36 -31.53 42.59 9.10
N GLU D 37 -32.62 41.83 8.97
CA GLU D 37 -33.60 41.74 10.02
C GLU D 37 -33.06 40.90 11.17
N THR D 38 -32.44 39.77 10.81
CA THR D 38 -31.85 38.87 11.80
C THR D 38 -30.75 39.60 12.57
N GLU D 39 -30.07 40.51 11.88
CA GLU D 39 -29.00 41.30 12.47
C GLU D 39 -29.56 42.18 13.58
N GLY D 40 -30.73 42.74 13.33
CA GLY D 40 -31.39 43.58 14.32
C GLY D 40 -31.67 42.84 15.59
N LEU D 41 -32.11 41.59 15.46
CA LEU D 41 -32.40 40.75 16.61
C LEU D 41 -31.11 40.38 17.34
N ARG D 42 -30.09 40.04 16.58
CA ARG D 42 -28.79 39.66 17.14
C ARG D 42 -28.19 40.82 17.93
N GLN D 43 -28.34 42.03 17.39
CA GLN D 43 -27.83 43.24 18.01
C GLN D 43 -28.35 43.39 19.43
N GLU D 44 -29.66 43.29 19.59
CA GLU D 44 -30.30 43.41 20.90
C GLU D 44 -29.80 42.33 21.85
N MET D 45 -29.75 41.11 21.36
CA MET D 45 -29.32 39.96 22.14
C MET D 45 -27.88 40.12 22.62
N SER D 46 -27.02 40.64 21.76
CA SER D 46 -25.62 40.82 22.09
C SER D 46 -25.39 42.00 23.04
N LYS D 47 -26.14 43.07 22.85
CA LYS D 47 -26.00 44.26 23.69
C LYS D 47 -26.38 43.96 25.13
N ASP D 48 -27.46 43.21 25.31
CA ASP D 48 -27.93 42.83 26.64
C ASP D 48 -26.91 41.94 27.36
N LEU D 49 -26.24 41.10 26.60
CA LEU D 49 -25.24 40.20 27.15
C LEU D 49 -23.96 40.97 27.52
N GLU D 50 -23.68 42.02 26.76
CA GLU D 50 -22.50 42.85 26.98
C GLU D 50 -22.53 43.48 28.36
N GLU D 51 -23.72 43.90 28.78
CA GLU D 51 -23.91 44.52 30.09
C GLU D 51 -23.48 43.58 31.21
N VAL D 52 -23.86 42.30 31.08
CA VAL D 52 -23.52 41.29 32.07
C VAL D 52 -22.02 41.03 32.09
N LYS D 53 -21.41 40.98 30.90
CA LYS D 53 -19.98 40.74 30.80
C LYS D 53 -19.19 41.84 31.48
N ALA D 54 -19.64 43.07 31.29
CA ALA D 54 -18.99 44.23 31.87
C ALA D 54 -19.10 44.23 33.40
N LYS D 55 -20.11 43.55 33.91
CA LYS D 55 -20.33 43.47 35.35
C LYS D 55 -19.41 42.45 36.02
N VAL D 56 -19.00 41.44 35.27
CA VAL D 56 -18.13 40.39 35.80
C VAL D 56 -16.65 40.81 35.79
N GLN D 57 -16.30 41.73 34.90
CA GLN D 57 -14.93 42.20 34.76
C GLN D 57 -14.31 42.68 36.08
N PRO D 58 -14.93 43.66 36.78
CA PRO D 58 -14.41 44.20 38.05
C PRO D 58 -14.15 43.14 39.12
N TYR D 59 -14.97 42.11 39.15
CA TYR D 59 -14.82 41.04 40.13
C TYR D 59 -13.47 40.35 40.00
N LEU D 60 -13.07 40.08 38.76
CA LEU D 60 -11.81 39.42 38.49
C LEU D 60 -10.62 40.38 38.60
N ASP D 61 -10.82 41.62 38.17
CA ASP D 61 -9.75 42.62 38.22
C ASP D 61 -9.31 42.88 39.65
N ASP D 62 -10.28 42.99 40.54
CA ASP D 62 -9.99 43.23 41.95
C ASP D 62 -9.22 42.05 42.55
N PHE D 63 -9.55 40.86 42.08
CA PHE D 63 -8.92 39.64 42.56
C PHE D 63 -7.46 39.55 42.09
N GLN D 64 -7.21 39.96 40.84
CA GLN D 64 -5.86 39.93 40.29
C GLN D 64 -4.97 40.98 40.94
N LYS D 65 -5.55 42.12 41.28
CA LYS D 65 -4.81 43.22 41.90
C LYS D 65 -4.37 42.86 43.32
N LYS D 66 -5.21 42.10 44.00
CA LYS D 66 -4.92 41.68 45.37
C LYS D 66 -3.63 40.87 45.45
N TRP D 67 -3.50 39.87 44.59
CA TRP D 67 -2.33 39.01 44.57
C TRP D 67 -1.10 39.77 44.06
N GLN D 68 -1.29 40.62 43.05
CA GLN D 68 -0.19 41.39 42.48
C GLN D 68 0.48 42.26 43.54
N GLU D 69 -0.31 42.80 44.45
CA GLU D 69 0.20 43.64 45.51
C GLU D 69 1.12 42.86 46.43
N GLU D 70 0.79 41.59 46.65
CA GLU D 70 1.59 40.72 47.49
C GLU D 70 2.91 40.40 46.80
N MET D 71 2.84 40.20 45.48
CA MET D 71 4.03 39.89 44.69
C MET D 71 4.98 41.08 44.70
N GLU D 72 4.41 42.28 44.68
CA GLU D 72 5.19 43.51 44.70
C GLU D 72 6.05 43.58 45.97
N LEU D 73 5.40 43.37 47.11
CA LEU D 73 6.09 43.41 48.39
C LEU D 73 7.05 42.24 48.56
N TYR D 74 6.68 41.08 48.03
CA TYR D 74 7.52 39.90 48.12
C TYR D 74 8.82 40.08 47.32
N ARG D 75 8.69 40.48 46.06
CA ARG D 75 9.84 40.67 45.19
C ARG D 75 10.80 41.73 45.72
N GLN D 76 10.25 42.84 46.20
CA GLN D 76 11.07 43.93 46.72
C GLN D 76 11.78 43.54 48.01
N LYS D 77 11.23 42.56 48.73
CA LYS D 77 11.81 42.11 49.98
C LYS D 77 13.03 41.20 49.78
N VAL D 78 12.98 40.35 48.77
CA VAL D 78 14.08 39.43 48.50
C VAL D 78 15.20 40.11 47.72
N GLU D 79 14.97 41.34 47.30
CA GLU D 79 15.94 42.11 46.54
C GLU D 79 17.30 42.25 47.25
N PRO D 80 17.34 42.80 48.48
CA PRO D 80 18.61 42.98 49.21
C PRO D 80 19.29 41.66 49.57
N LEU D 81 18.50 40.60 49.68
CA LEU D 81 19.01 39.29 50.04
C LEU D 81 19.94 38.76 48.96
N ARG D 82 19.45 38.78 47.72
CA ARG D 82 20.22 38.30 46.57
C ARG D 82 21.42 39.21 46.31
N ALA D 83 21.28 40.48 46.66
CA ALA D 83 22.34 41.45 46.46
C ALA D 83 23.61 41.06 47.21
N GLU D 84 23.45 40.64 48.46
CA GLU D 84 24.59 40.24 49.27
C GLU D 84 25.20 38.95 48.74
N LEU D 85 24.35 38.01 48.34
CA LEU D 85 24.80 36.74 47.80
C LEU D 85 25.55 36.97 46.48
N GLN D 86 25.06 37.93 45.70
CA GLN D 86 25.67 38.28 44.42
C GLN D 86 27.11 38.73 44.62
N GLU D 87 27.29 39.76 45.44
CA GLU D 87 28.61 40.31 45.73
C GLU D 87 29.54 39.26 46.34
N GLY D 88 29.01 38.51 47.31
CA GLY D 88 29.79 37.49 47.98
C GLY D 88 30.35 36.46 47.02
N ALA D 89 29.50 35.93 46.15
CA ALA D 89 29.91 34.93 45.18
C ALA D 89 30.83 35.54 44.13
N ARG D 90 30.50 36.77 43.73
CA ARG D 90 31.28 37.49 42.71
C ARG D 90 32.77 37.52 43.06
N GLN D 91 33.06 37.97 44.27
CA GLN D 91 34.44 38.06 44.74
C GLN D 91 35.11 36.69 44.76
N LYS D 92 34.32 35.68 45.12
CA LYS D 92 34.82 34.31 45.18
C LYS D 92 35.26 33.80 43.81
N LEU D 93 34.63 34.30 42.75
CA LEU D 93 34.97 33.88 41.40
C LEU D 93 36.30 34.49 40.95
N HIS D 94 36.52 35.75 41.29
CA HIS D 94 37.77 36.44 40.95
C HIS D 94 38.93 35.69 41.59
N GLU D 95 38.68 35.20 42.79
CA GLU D 95 39.65 34.43 43.56
C GLU D 95 40.05 33.17 42.78
N LEU D 96 39.09 32.59 42.06
CA LEU D 96 39.34 31.38 41.29
C LEU D 96 40.15 31.69 40.04
N GLN D 97 39.81 32.77 39.35
CA GLN D 97 40.50 33.16 38.13
C GLN D 97 41.98 33.46 38.41
N GLU D 98 42.22 34.18 39.50
CA GLU D 98 43.58 34.55 39.88
C GLU D 98 44.46 33.32 40.10
N LYS D 99 43.85 32.22 40.52
CA LYS D 99 44.59 31.00 40.77
C LYS D 99 44.83 30.20 39.49
N LEU D 100 43.97 30.40 38.50
CA LEU D 100 44.09 29.66 37.25
C LEU D 100 45.04 30.32 36.25
N SER D 101 45.12 31.64 36.30
CA SER D 101 45.97 32.41 35.39
C SER D 101 47.43 31.95 35.35
N PRO D 102 48.15 31.91 36.50
CA PRO D 102 49.56 31.50 36.57
C PRO D 102 49.89 30.22 35.78
N LEU D 103 49.18 29.14 36.06
CA LEU D 103 49.43 27.87 35.41
C LEU D 103 49.34 27.95 33.88
N GLY D 104 48.29 28.60 33.39
CA GLY D 104 48.11 28.74 31.96
C GLY D 104 49.07 29.73 31.35
N GLU D 105 49.38 30.77 32.11
CA GLU D 105 50.28 31.82 31.66
C GLU D 105 51.67 31.26 31.36
N GLU D 106 52.15 30.38 32.22
CA GLU D 106 53.47 29.78 32.03
C GLU D 106 53.49 28.91 30.78
N MET D 107 52.39 28.21 30.53
CA MET D 107 52.28 27.34 29.36
C MET D 107 52.31 28.16 28.06
N ARG D 108 51.88 29.40 28.15
CA ARG D 108 51.86 30.30 27.00
C ARG D 108 53.28 30.57 26.50
N ASP D 109 54.18 30.82 27.43
CA ASP D 109 55.59 31.08 27.11
C ASP D 109 56.19 29.86 26.42
N ARG D 110 55.80 28.68 26.90
CA ARG D 110 56.29 27.43 26.34
C ARG D 110 55.70 27.19 24.95
N ALA D 111 54.47 27.65 24.76
CA ALA D 111 53.78 27.50 23.49
C ALA D 111 54.47 28.30 22.40
N ARG D 112 54.72 29.58 22.68
CA ARG D 112 55.39 30.46 21.72
C ARG D 112 56.76 29.92 21.30
N ALA D 113 57.50 29.41 22.27
CA ALA D 113 58.83 28.85 22.01
C ALA D 113 58.76 27.67 21.03
N HIS D 114 57.74 26.84 21.18
CA HIS D 114 57.56 25.68 20.32
C HIS D 114 57.14 26.10 18.91
N VAL D 115 56.23 27.06 18.83
CA VAL D 115 55.74 27.55 17.54
C VAL D 115 56.88 28.14 16.71
N ASP D 116 57.76 28.86 17.38
CA ASP D 116 58.91 29.49 16.72
C ASP D 116 59.84 28.44 16.13
N ALA D 117 60.08 27.38 16.92
CA ALA D 117 60.96 26.30 16.49
C ALA D 117 60.38 25.56 15.29
N LEU D 118 59.07 25.34 15.30
CA LEU D 118 58.39 24.64 14.22
C LEU D 118 58.49 25.42 12.91
N ARG D 119 58.47 26.75 13.03
CA ARG D 119 58.54 27.62 11.87
C ARG D 119 59.90 27.51 11.19
N THR D 120 60.96 27.40 11.99
CA THR D 120 62.31 27.33 11.46
C THR D 120 62.57 25.99 10.75
N HIS D 121 61.80 24.98 11.11
CA HIS D 121 61.97 23.66 10.51
C HIS D 121 61.21 23.52 9.19
N LEU D 122 60.05 24.16 9.10
CA LEU D 122 59.23 24.09 7.89
C LEU D 122 59.70 25.07 6.80
N ALA D 123 60.45 26.09 7.21
CA ALA D 123 60.94 27.09 6.27
C ALA D 123 61.73 26.51 5.08
N PRO D 124 62.84 25.77 5.33
CA PRO D 124 63.63 25.18 4.24
C PRO D 124 62.84 24.13 3.45
N TYR D 125 61.92 23.47 4.12
CA TYR D 125 61.09 22.45 3.49
C TYR D 125 60.20 23.06 2.40
N SER D 126 59.59 24.19 2.73
CA SER D 126 58.71 24.88 1.80
C SER D 126 59.47 25.42 0.59
N ASP D 127 60.74 25.76 0.79
CA ASP D 127 61.56 26.28 -0.31
C ASP D 127 62.01 25.16 -1.22
N GLU D 128 62.54 24.10 -0.63
CA GLU D 128 63.01 22.94 -1.38
C GLU D 128 61.88 22.33 -2.19
N LEU D 129 60.69 22.35 -1.60
CA LEU D 129 59.51 21.81 -2.25
C LEU D 129 59.25 22.53 -3.57
N ARG D 130 59.38 23.86 -3.55
CA ARG D 130 59.15 24.68 -4.74
C ARG D 130 60.23 24.43 -5.79
N GLN D 131 61.47 24.37 -5.36
CA GLN D 131 62.60 24.15 -6.28
C GLN D 131 62.46 22.82 -7.03
N ARG D 132 61.99 21.80 -6.34
CA ARG D 132 61.81 20.49 -6.94
C ARG D 132 60.56 20.50 -7.81
N LEU D 133 59.53 21.22 -7.36
CA LEU D 133 58.27 21.33 -8.07
C LEU D 133 58.44 21.96 -9.45
N ALA D 134 59.24 23.02 -9.51
CA ALA D 134 59.49 23.73 -10.76
C ALA D 134 60.18 22.84 -11.78
N ALA D 135 61.22 22.14 -11.35
CA ALA D 135 61.95 21.24 -12.23
C ALA D 135 61.05 20.14 -12.76
N ARG D 136 60.20 19.60 -11.89
CA ARG D 136 59.27 18.55 -12.25
C ARG D 136 58.29 19.04 -13.32
N LEU D 137 57.95 20.32 -13.25
CA LEU D 137 57.04 20.92 -14.21
C LEU D 137 57.73 21.11 -15.56
N GLU D 138 58.93 21.67 -15.54
CA GLU D 138 59.70 21.90 -16.76
C GLU D 138 60.00 20.58 -17.47
N ALA D 139 60.36 19.56 -16.69
CA ALA D 139 60.66 18.25 -17.24
C ALA D 139 59.47 17.65 -17.95
N LEU D 140 58.28 17.80 -17.35
CA LEU D 140 57.06 17.28 -17.95
C LEU D 140 56.67 18.11 -19.16
N LYS D 141 56.86 19.43 -19.05
CA LYS D 141 56.54 20.36 -20.12
C LYS D 141 57.35 20.04 -21.37
N GLU D 142 58.64 19.80 -21.19
CA GLU D 142 59.53 19.47 -22.30
C GLU D 142 59.14 18.15 -22.95
N ASN D 143 58.45 17.30 -22.19
CA ASN D 143 58.04 16.00 -22.67
C ASN D 143 56.57 16.00 -23.05
N GLY D 144 55.95 17.18 -23.06
CA GLY D 144 54.55 17.29 -23.39
C GLY D 144 54.30 18.13 -24.61
N GLY D 145 55.25 19.01 -24.94
CA GLY D 145 55.11 19.89 -26.08
C GLY D 145 54.81 19.18 -27.39
N ALA D 146 55.63 18.17 -27.71
CA ALA D 146 55.46 17.40 -28.94
C ALA D 146 54.14 16.64 -28.93
N ARG D 147 53.80 16.09 -27.76
CA ARG D 147 52.58 15.31 -27.61
C ARG D 147 51.35 16.17 -27.87
N LEU D 148 51.31 17.34 -27.26
CA LEU D 148 50.21 18.27 -27.42
C LEU D 148 49.98 18.62 -28.89
N ALA D 149 51.06 18.81 -29.62
CA ALA D 149 50.99 19.14 -31.04
C ALA D 149 50.41 17.98 -31.84
N GLU D 150 50.86 16.77 -31.53
CA GLU D 150 50.38 15.57 -32.21
C GLU D 150 48.91 15.33 -31.92
N TYR D 151 48.55 15.40 -30.65
CA TYR D 151 47.15 15.21 -30.23
C TYR D 151 46.23 16.21 -30.92
N HIS D 152 46.71 17.43 -31.09
CA HIS D 152 45.93 18.49 -31.72
C HIS D 152 45.81 18.27 -33.23
N ALA D 153 46.94 17.95 -33.87
CA ALA D 153 46.97 17.73 -35.30
C ALA D 153 46.04 16.60 -35.72
N LYS D 154 46.12 15.48 -35.01
CA LYS D 154 45.27 14.32 -35.31
C LYS D 154 43.81 14.62 -35.03
N ALA D 155 43.54 15.35 -33.95
CA ALA D 155 42.17 15.68 -33.57
C ALA D 155 41.50 16.54 -34.64
N THR D 156 42.25 17.48 -35.20
CA THR D 156 41.73 18.36 -36.23
C THR D 156 41.32 17.55 -37.46
N GLU D 157 42.18 16.63 -37.87
CA GLU D 157 41.91 15.79 -39.04
C GLU D 157 40.64 14.94 -38.83
N HIS D 158 40.40 14.54 -37.60
CA HIS D 158 39.21 13.74 -37.28
C HIS D 158 37.96 14.60 -37.17
N LEU D 159 38.15 15.89 -36.95
CA LEU D 159 37.04 16.82 -36.83
C LEU D 159 36.51 17.20 -38.20
N SER D 160 37.43 17.42 -39.14
CA SER D 160 37.05 17.79 -40.49
C SER D 160 36.26 16.68 -41.18
N THR D 161 36.53 15.45 -40.79
CA THR D 161 35.84 14.30 -41.36
C THR D 161 34.59 13.94 -40.56
N LEU D 162 34.21 14.82 -39.64
CA LEU D 162 33.04 14.58 -38.81
C LEU D 162 31.98 15.63 -39.07
N SER D 163 32.39 16.89 -39.21
CA SER D 163 31.47 17.98 -39.44
C SER D 163 31.26 18.23 -40.94
N GLU D 164 31.52 17.22 -41.76
CA GLU D 164 31.36 17.33 -43.20
C GLU D 164 29.94 16.97 -43.63
N LYS D 165 29.61 15.69 -43.52
CA LYS D 165 28.28 15.22 -43.91
C LYS D 165 27.25 15.57 -42.84
N ALA D 166 26.71 16.78 -42.94
CA ALA D 166 25.71 17.24 -41.98
C ALA D 166 24.81 18.31 -42.62
N LYS D 167 25.45 19.37 -43.13
CA LYS D 167 24.73 20.47 -43.75
C LYS D 167 23.89 20.03 -44.96
N PRO D 168 24.49 19.34 -45.96
CA PRO D 168 23.77 18.88 -47.16
C PRO D 168 22.62 17.94 -46.80
N ALA D 169 22.78 17.20 -45.70
CA ALA D 169 21.74 16.26 -45.25
C ALA D 169 20.52 17.01 -44.73
N LEU D 170 20.76 18.18 -44.17
CA LEU D 170 19.69 19.01 -43.63
C LEU D 170 18.93 19.68 -44.77
N GLU D 171 19.68 20.15 -45.76
CA GLU D 171 19.11 20.83 -46.91
C GLU D 171 18.25 19.88 -47.76
N ASP D 172 18.80 18.69 -48.02
CA ASP D 172 18.10 17.68 -48.83
C ASP D 172 16.76 17.25 -48.25
N LEU D 173 16.75 16.85 -46.98
CA LEU D 173 15.53 16.39 -46.34
C LEU D 173 14.50 17.51 -46.22
N ARG D 174 14.97 18.73 -45.95
CA ARG D 174 14.08 19.89 -45.81
C ARG D 174 13.35 20.20 -47.10
N GLN D 175 14.05 20.06 -48.22
CA GLN D 175 13.47 20.34 -49.54
C GLN D 175 12.28 19.44 -49.86
N GLY D 176 12.30 18.22 -49.33
CA GLY D 176 11.21 17.29 -49.58
C GLY D 176 10.25 17.17 -48.43
N LEU D 177 10.30 18.12 -47.49
CA LEU D 177 9.43 18.10 -46.34
C LEU D 177 8.48 19.30 -46.35
N LEU D 178 9.04 20.46 -46.65
CA LEU D 178 8.27 21.71 -46.69
C LEU D 178 6.97 21.63 -47.52
N PRO D 179 7.04 21.13 -48.78
CA PRO D 179 5.85 21.02 -49.64
C PRO D 179 4.68 20.31 -48.96
N VAL D 180 4.96 19.21 -48.28
CA VAL D 180 3.94 18.43 -47.59
C VAL D 180 3.46 19.15 -46.34
N LEU D 181 4.37 19.87 -45.69
CA LEU D 181 4.06 20.60 -44.47
C LEU D 181 3.17 21.80 -44.75
N GLU D 182 3.54 22.61 -45.73
CA GLU D 182 2.77 23.80 -46.10
C GLU D 182 1.36 23.42 -46.54
N SER D 183 1.24 22.31 -47.24
CA SER D 183 -0.06 21.84 -47.71
C SER D 183 -0.94 21.46 -46.52
N PHE D 184 -0.33 20.89 -45.48
CA PHE D 184 -1.07 20.49 -44.29
C PHE D 184 -1.61 21.72 -43.57
N LYS D 185 -0.85 22.82 -43.63
CA LYS D 185 -1.25 24.08 -43.00
C LYS D 185 -2.58 24.55 -43.60
N VAL D 186 -2.66 24.50 -44.92
CA VAL D 186 -3.86 24.93 -45.64
C VAL D 186 -5.10 24.19 -45.16
N SER D 187 -4.96 22.88 -45.00
CA SER D 187 -6.06 22.04 -44.55
C SER D 187 -6.47 22.41 -43.13
N PHE D 188 -5.49 22.55 -42.25
CA PHE D 188 -5.75 22.91 -40.87
C PHE D 188 -6.39 24.29 -40.76
N LEU D 189 -5.84 25.23 -41.52
CA LEU D 189 -6.34 26.61 -41.54
C LEU D 189 -7.78 26.67 -42.05
N SER D 190 -8.11 25.78 -42.99
CA SER D 190 -9.46 25.74 -43.55
C SER D 190 -10.47 25.26 -42.51
N ALA D 191 -10.03 24.37 -41.63
CA ALA D 191 -10.88 23.82 -40.59
C ALA D 191 -11.00 24.78 -39.41
N LEU D 192 -10.07 25.73 -39.32
CA LEU D 192 -10.05 26.71 -38.24
C LEU D 192 -11.38 27.43 -38.11
N GLU D 193 -11.68 28.29 -39.09
CA GLU D 193 -12.92 29.07 -39.10
C GLU D 193 -14.15 28.16 -39.06
N GLU D 194 -14.03 27.03 -39.75
CA GLU D 194 -15.12 26.05 -39.82
C GLU D 194 -15.63 25.65 -38.43
N TYR D 195 -14.72 25.43 -37.50
CA TYR D 195 -15.10 25.02 -36.16
C TYR D 195 -15.45 26.21 -35.27
N THR D 196 -14.72 27.32 -35.43
CA THR D 196 -14.97 28.51 -34.63
C THR D 196 -16.37 29.07 -34.84
N LYS D 197 -16.83 29.06 -36.09
CA LYS D 197 -18.15 29.58 -36.43
C LYS D 197 -19.26 28.85 -35.67
N LYS D 198 -19.15 27.53 -35.59
CA LYS D 198 -20.15 26.72 -34.90
C LYS D 198 -20.06 26.91 -33.40
N LEU D 199 -18.84 26.88 -32.86
CA LEU D 199 -18.62 27.05 -31.43
C LEU D 199 -19.14 28.39 -30.93
N ASN D 200 -18.80 29.44 -31.67
CA ASN D 200 -19.22 30.81 -31.31
C ASN D 200 -20.73 30.97 -31.38
N THR A 2 1.62 -12.43 1.13
CA THR A 2 1.47 -12.75 -0.28
C THR A 2 0.58 -13.98 -0.46
N GLU A 3 -0.46 -13.83 -1.28
CA GLU A 3 -1.41 -14.91 -1.54
C GLU A 3 -0.93 -15.77 -2.71
N TYR A 4 -0.69 -17.04 -2.45
CA TYR A 4 -0.24 -17.97 -3.48
C TYR A 4 -1.33 -18.98 -3.82
N LYS A 5 -1.88 -18.87 -5.02
CA LYS A 5 -2.93 -19.76 -5.45
C LYS A 5 -2.37 -21.04 -6.07
N LEU A 6 -2.69 -22.16 -5.47
CA LEU A 6 -2.20 -23.46 -5.95
C LEU A 6 -3.36 -24.34 -6.38
N VAL A 7 -3.29 -24.85 -7.60
CA VAL A 7 -4.33 -25.72 -8.12
C VAL A 7 -3.79 -27.14 -8.33
N VAL A 8 -4.40 -28.11 -7.68
CA VAL A 8 -3.97 -29.51 -7.80
C VAL A 8 -4.69 -30.20 -8.96
N VAL A 9 -3.92 -30.67 -9.93
CA VAL A 9 -4.49 -31.34 -11.10
C VAL A 9 -3.98 -32.77 -11.23
N GLY A 10 -4.80 -33.62 -11.83
CA GLY A 10 -4.45 -35.01 -12.02
C GLY A 10 -5.69 -35.85 -12.18
N ALA A 11 -5.51 -37.16 -12.26
CA ALA A 11 -6.63 -38.08 -12.43
C ALA A 11 -7.15 -38.55 -11.08
N ASP A 12 -8.36 -39.09 -11.06
CA ASP A 12 -8.95 -39.58 -9.83
C ASP A 12 -8.30 -40.89 -9.40
N GLY A 13 -8.14 -41.07 -8.09
CA GLY A 13 -7.54 -42.27 -7.58
C GLY A 13 -6.12 -42.04 -7.10
N VAL A 14 -5.43 -41.07 -7.69
CA VAL A 14 -4.05 -40.78 -7.32
C VAL A 14 -3.93 -40.36 -5.86
N GLY A 15 -4.82 -39.48 -5.40
CA GLY A 15 -4.78 -39.06 -4.00
C GLY A 15 -4.48 -37.58 -3.84
N LYS A 16 -4.99 -36.76 -4.76
CA LYS A 16 -4.77 -35.32 -4.70
C LYS A 16 -5.37 -34.73 -3.42
N SER A 17 -6.58 -35.15 -3.09
CA SER A 17 -7.24 -34.66 -1.89
C SER A 17 -6.50 -35.19 -0.66
N ALA A 18 -6.05 -36.43 -0.72
CA ALA A 18 -5.32 -37.05 0.38
C ALA A 18 -4.09 -36.22 0.76
N LEU A 19 -3.33 -35.80 -0.25
CA LEU A 19 -2.14 -34.97 -0.02
C LEU A 19 -2.54 -33.69 0.72
N THR A 20 -3.57 -33.03 0.20
CA THR A 20 -4.08 -31.79 0.77
C THR A 20 -4.59 -31.98 2.20
N ILE A 21 -5.40 -33.01 2.41
CA ILE A 21 -5.95 -33.30 3.73
C ILE A 21 -4.83 -33.50 4.75
N GLN A 22 -3.80 -34.24 4.36
CA GLN A 22 -2.67 -34.51 5.25
C GLN A 22 -1.97 -33.21 5.66
N LEU A 23 -1.93 -32.25 4.76
CA LEU A 23 -1.27 -30.99 5.03
C LEU A 23 -2.16 -30.05 5.84
N ILE A 24 -3.46 -30.11 5.63
CA ILE A 24 -4.39 -29.23 6.34
C ILE A 24 -4.78 -29.81 7.71
N GLN A 25 -5.35 -31.01 7.71
CA GLN A 25 -5.78 -31.65 8.93
C GLN A 25 -4.61 -32.26 9.69
N ASN A 26 -3.44 -32.27 9.05
CA ASN A 26 -2.21 -32.80 9.63
C ASN A 26 -2.14 -34.33 9.57
N HIS A 27 -3.28 -34.97 9.83
CA HIS A 27 -3.34 -36.43 9.80
C HIS A 27 -4.54 -36.87 8.95
N PHE A 28 -4.46 -38.09 8.42
CA PHE A 28 -5.53 -38.64 7.58
C PHE A 28 -5.34 -40.14 7.42
N VAL A 29 -6.41 -40.85 7.07
CA VAL A 29 -6.37 -42.29 6.89
C VAL A 29 -6.55 -42.65 5.41
N ASP A 30 -6.53 -43.94 5.11
CA ASP A 30 -6.69 -44.40 3.73
C ASP A 30 -8.15 -44.54 3.34
N GLU A 31 -8.69 -43.53 2.67
CA GLU A 31 -10.08 -43.56 2.24
C GLU A 31 -10.30 -42.54 1.13
N TYR A 32 -11.29 -42.78 0.30
CA TYR A 32 -11.60 -41.88 -0.80
C TYR A 32 -12.68 -40.90 -0.39
N ASP A 33 -12.85 -39.83 -1.16
CA ASP A 33 -13.84 -38.83 -0.85
C ASP A 33 -14.17 -37.97 -2.07
N PRO A 34 -15.47 -37.81 -2.38
CA PRO A 34 -15.91 -37.00 -3.52
C PRO A 34 -15.46 -35.55 -3.40
N THR A 35 -14.62 -35.11 -4.34
CA THR A 35 -14.11 -33.75 -4.32
C THR A 35 -14.85 -32.87 -5.33
N ILE A 36 -15.82 -32.10 -4.84
CA ILE A 36 -16.60 -31.22 -5.71
C ILE A 36 -16.08 -29.78 -5.67
N GLU A 37 -15.65 -29.33 -4.49
CA GLU A 37 -15.14 -27.99 -4.31
C GLU A 37 -14.42 -27.90 -2.97
N ASP A 38 -13.11 -28.09 -3.00
CA ASP A 38 -12.30 -28.06 -1.78
C ASP A 38 -11.23 -26.99 -1.85
N SER A 39 -11.36 -25.98 -1.01
CA SER A 39 -10.39 -24.90 -0.95
C SER A 39 -9.98 -24.66 0.50
N TYR A 40 -8.67 -24.66 0.75
CA TYR A 40 -8.18 -24.47 2.11
C TYR A 40 -7.13 -23.37 2.16
N ARG A 41 -7.17 -22.57 3.23
CA ARG A 41 -6.22 -21.48 3.40
C ARG A 41 -5.28 -21.77 4.55
N LYS A 42 -4.08 -22.20 4.22
CA LYS A 42 -3.08 -22.50 5.23
C LYS A 42 -1.94 -21.51 5.16
N GLN A 43 -1.56 -20.95 6.30
CA GLN A 43 -0.48 -19.98 6.34
C GLN A 43 0.82 -20.67 6.76
N VAL A 44 1.82 -20.63 5.89
CA VAL A 44 3.11 -21.24 6.17
C VAL A 44 4.24 -20.27 5.86
N VAL A 45 5.36 -20.44 6.56
CA VAL A 45 6.52 -19.58 6.34
C VAL A 45 7.55 -20.35 5.54
N ILE A 46 7.83 -19.88 4.33
CA ILE A 46 8.80 -20.52 3.46
C ILE A 46 9.87 -19.53 3.05
N ASP A 47 11.12 -19.86 3.32
CA ASP A 47 12.27 -19.00 2.98
C ASP A 47 12.23 -17.68 3.73
N GLY A 48 11.52 -17.66 4.86
CA GLY A 48 11.41 -16.45 5.65
C GLY A 48 10.25 -15.60 5.21
N GLU A 49 9.48 -16.11 4.26
CA GLU A 49 8.33 -15.39 3.75
C GLU A 49 7.04 -16.07 4.20
N THR A 50 6.14 -15.30 4.78
CA THR A 50 4.86 -15.83 5.23
C THR A 50 3.93 -15.95 4.03
N CYS A 51 3.88 -17.14 3.44
CA CYS A 51 3.06 -17.39 2.28
C CYS A 51 1.64 -17.83 2.66
N LEU A 52 0.65 -17.21 2.03
CA LEU A 52 -0.74 -17.56 2.26
C LEU A 52 -1.16 -18.54 1.18
N LEU A 53 -1.26 -19.81 1.56
CA LEU A 53 -1.60 -20.86 0.60
C LEU A 53 -3.09 -20.93 0.28
N ASP A 54 -3.40 -20.74 -0.99
CA ASP A 54 -4.77 -20.82 -1.49
C ASP A 54 -4.87 -22.11 -2.30
N ILE A 55 -4.96 -23.22 -1.59
CA ILE A 55 -5.01 -24.53 -2.21
C ILE A 55 -6.41 -24.92 -2.63
N LEU A 56 -6.54 -25.34 -3.89
CA LEU A 56 -7.82 -25.76 -4.44
C LEU A 56 -7.67 -27.09 -5.17
N ASP A 57 -8.38 -28.10 -4.70
CA ASP A 57 -8.36 -29.42 -5.32
C ASP A 57 -9.63 -29.65 -6.11
N THR A 58 -9.48 -30.13 -7.34
CA THR A 58 -10.63 -30.38 -8.20
C THR A 58 -10.76 -31.86 -8.55
N ALA A 59 -11.93 -32.22 -9.05
CA ALA A 59 -12.21 -33.61 -9.42
C ALA A 59 -11.40 -34.03 -10.64
N GLY A 60 -10.76 -35.19 -10.54
CA GLY A 60 -9.96 -35.69 -11.65
C GLY A 60 -10.70 -36.77 -12.42
N GLN A 61 -12.00 -36.60 -12.55
CA GLN A 61 -12.83 -37.56 -13.25
C GLN A 61 -12.98 -37.22 -14.73
N GLU A 62 -12.24 -36.20 -15.17
CA GLU A 62 -12.27 -35.76 -16.56
C GLU A 62 -13.66 -35.19 -16.93
N GLU A 63 -13.89 -34.96 -18.22
CA GLU A 63 -15.16 -34.42 -18.73
C GLU A 63 -15.32 -32.92 -18.44
N TYR A 64 -14.78 -32.48 -17.31
CA TYR A 64 -14.86 -31.08 -16.90
C TYR A 64 -13.88 -30.21 -17.66
N SER A 65 -13.97 -30.23 -18.97
CA SER A 65 -13.09 -29.46 -19.83
C SER A 65 -13.40 -27.97 -19.69
N ALA A 66 -14.68 -27.64 -19.57
CA ALA A 66 -15.11 -26.26 -19.45
C ALA A 66 -14.98 -25.75 -18.02
N MET A 67 -15.11 -26.66 -17.06
CA MET A 67 -14.98 -26.31 -15.65
C MET A 67 -13.54 -25.96 -15.30
N ARG A 68 -12.61 -26.71 -15.88
CA ARG A 68 -11.18 -26.51 -15.62
C ARG A 68 -10.72 -25.11 -16.06
N ASP A 69 -11.24 -24.67 -17.20
CA ASP A 69 -10.91 -23.35 -17.76
C ASP A 69 -11.09 -22.22 -16.76
N GLN A 70 -12.07 -22.37 -15.88
CA GLN A 70 -12.37 -21.34 -14.88
C GLN A 70 -11.22 -21.11 -13.89
N TYR A 71 -10.85 -22.14 -13.16
CA TYR A 71 -9.79 -22.04 -12.16
C TYR A 71 -8.39 -21.97 -12.76
N MET A 72 -8.28 -22.21 -14.07
CA MET A 72 -6.99 -22.15 -14.74
C MET A 72 -6.53 -20.70 -14.89
N ARG A 73 -7.49 -19.78 -14.85
CA ARG A 73 -7.19 -18.36 -14.95
C ARG A 73 -6.72 -17.85 -13.59
N THR A 74 -7.48 -18.19 -12.56
CA THR A 74 -7.20 -17.77 -11.20
C THR A 74 -5.93 -18.41 -10.64
N GLY A 75 -5.75 -19.69 -10.90
CA GLY A 75 -4.59 -20.42 -10.40
C GLY A 75 -3.29 -19.94 -10.99
N GLU A 76 -2.30 -19.74 -10.13
CA GLU A 76 -0.98 -19.30 -10.57
C GLU A 76 -0.08 -20.50 -10.79
N GLY A 77 0.04 -21.31 -9.74
CA GLY A 77 0.88 -22.48 -9.81
C GLY A 77 0.04 -23.74 -9.89
N PHE A 78 0.43 -24.66 -10.76
CA PHE A 78 -0.33 -25.89 -10.94
C PHE A 78 0.45 -27.08 -10.42
N LEU A 79 -0.22 -27.88 -9.60
CA LEU A 79 0.40 -29.07 -9.03
C LEU A 79 -0.06 -30.31 -9.79
N CYS A 80 0.75 -30.73 -10.76
CA CYS A 80 0.44 -31.89 -11.57
C CYS A 80 0.91 -33.15 -10.87
N VAL A 81 -0.02 -33.92 -10.32
CA VAL A 81 0.32 -35.13 -9.59
C VAL A 81 -0.18 -36.37 -10.32
N PHE A 82 0.72 -37.31 -10.55
CA PHE A 82 0.39 -38.57 -11.21
C PHE A 82 0.68 -39.73 -10.26
N ALA A 83 0.31 -40.92 -10.66
CA ALA A 83 0.56 -42.10 -9.84
C ALA A 83 1.65 -42.96 -10.45
N ILE A 84 2.62 -43.35 -9.65
CA ILE A 84 3.74 -44.18 -10.13
C ILE A 84 3.26 -45.56 -10.56
N ASN A 85 2.06 -45.93 -10.13
CA ASN A 85 1.47 -47.22 -10.48
C ASN A 85 0.37 -47.06 -11.52
N ASN A 86 0.27 -45.86 -12.09
CA ASN A 86 -0.75 -45.56 -13.09
C ASN A 86 -0.15 -44.72 -14.21
N THR A 87 0.15 -45.38 -15.33
CA THR A 87 0.74 -44.71 -16.47
C THR A 87 -0.26 -43.76 -17.15
N LYS A 88 -1.54 -44.00 -16.92
CA LYS A 88 -2.60 -43.18 -17.50
C LYS A 88 -2.44 -41.71 -17.11
N SER A 89 -2.36 -41.46 -15.80
CA SER A 89 -2.21 -40.10 -15.29
C SER A 89 -0.90 -39.48 -15.77
N PHE A 90 0.13 -40.31 -15.91
CA PHE A 90 1.43 -39.84 -16.37
C PHE A 90 1.34 -39.30 -17.79
N GLU A 91 0.53 -39.95 -18.62
CA GLU A 91 0.34 -39.52 -19.99
C GLU A 91 -0.56 -38.29 -20.04
N ASP A 92 -1.52 -38.24 -19.11
CA ASP A 92 -2.47 -37.13 -19.01
C ASP A 92 -1.77 -35.84 -18.61
N ILE A 93 -0.60 -35.96 -17.98
CA ILE A 93 0.18 -34.79 -17.56
C ILE A 93 0.41 -33.84 -18.73
N HIS A 94 0.73 -34.41 -19.88
CA HIS A 94 0.98 -33.63 -21.09
C HIS A 94 -0.29 -32.90 -21.52
N HIS A 95 -1.42 -33.61 -21.47
CA HIS A 95 -2.71 -33.05 -21.87
C HIS A 95 -3.10 -31.88 -20.99
N TYR A 96 -2.97 -32.06 -19.68
CA TYR A 96 -3.31 -31.01 -18.74
C TYR A 96 -2.40 -29.80 -18.93
N ARG A 97 -1.11 -30.07 -19.12
CA ARG A 97 -0.11 -29.02 -19.32
C ARG A 97 -0.47 -28.15 -20.52
N GLU A 98 -0.90 -28.79 -21.60
CA GLU A 98 -1.26 -28.09 -22.82
C GLU A 98 -2.45 -27.15 -22.60
N GLN A 99 -3.49 -27.63 -21.91
CA GLN A 99 -4.66 -26.81 -21.64
C GLN A 99 -4.31 -25.65 -20.71
N ILE A 100 -3.47 -25.92 -19.73
CA ILE A 100 -3.04 -24.90 -18.79
C ILE A 100 -2.40 -23.72 -19.52
N LYS A 101 -1.44 -24.02 -20.38
CA LYS A 101 -0.76 -23.00 -21.17
C LYS A 101 -1.71 -22.30 -22.13
N ARG A 102 -2.73 -23.04 -22.55
CA ARG A 102 -3.72 -22.52 -23.48
C ARG A 102 -4.60 -21.47 -22.82
N VAL A 103 -5.16 -21.82 -21.66
CA VAL A 103 -6.04 -20.92 -20.92
C VAL A 103 -5.27 -19.71 -20.37
N LYS A 104 -4.06 -19.96 -19.90
CA LYS A 104 -3.23 -18.88 -19.33
C LYS A 104 -2.55 -18.08 -20.42
N ASP A 105 -2.52 -18.64 -21.62
CA ASP A 105 -1.89 -18.00 -22.78
C ASP A 105 -0.45 -17.62 -22.47
N SER A 106 0.34 -18.63 -22.13
CA SER A 106 1.74 -18.44 -21.80
C SER A 106 2.47 -19.78 -21.78
N GLU A 107 3.72 -19.77 -22.21
CA GLU A 107 4.53 -20.98 -22.22
C GLU A 107 5.21 -21.10 -20.86
N ASP A 108 5.25 -19.97 -20.15
CA ASP A 108 5.85 -19.90 -18.83
C ASP A 108 4.77 -20.03 -17.77
N VAL A 109 4.73 -21.19 -17.12
CA VAL A 109 3.75 -21.45 -16.08
C VAL A 109 4.40 -22.21 -14.93
N PRO A 110 4.24 -21.72 -13.69
CA PRO A 110 4.79 -22.38 -12.50
C PRO A 110 4.17 -23.75 -12.32
N MET A 111 4.95 -24.80 -12.57
CA MET A 111 4.45 -26.16 -12.45
C MET A 111 5.54 -27.10 -11.96
N VAL A 112 5.15 -28.04 -11.12
CA VAL A 112 6.06 -29.03 -10.58
C VAL A 112 5.45 -30.41 -10.81
N LEU A 113 6.26 -31.33 -11.32
CA LEU A 113 5.79 -32.69 -11.57
C LEU A 113 5.88 -33.50 -10.29
N VAL A 114 4.74 -33.92 -9.78
CA VAL A 114 4.71 -34.69 -8.54
C VAL A 114 4.17 -36.10 -8.77
N GLY A 115 4.86 -37.08 -8.23
CA GLY A 115 4.42 -38.45 -8.35
C GLY A 115 3.99 -39.00 -7.00
N ASN A 116 2.76 -39.46 -6.90
CA ASN A 116 2.24 -39.99 -5.64
C ASN A 116 2.25 -41.51 -5.63
N LYS A 117 2.03 -42.08 -4.44
CA LYS A 117 1.99 -43.54 -4.25
C LYS A 117 3.35 -44.19 -4.43
N CYS A 118 4.42 -43.45 -4.16
CA CYS A 118 5.79 -43.96 -4.30
C CYS A 118 6.06 -45.12 -3.35
N ASP A 119 5.20 -45.27 -2.35
CA ASP A 119 5.32 -46.35 -1.37
C ASP A 119 4.92 -47.69 -1.97
N LEU A 120 4.05 -47.64 -2.97
CA LEU A 120 3.56 -48.84 -3.63
C LEU A 120 4.64 -49.58 -4.41
N PRO A 121 4.76 -50.90 -4.19
CA PRO A 121 5.74 -51.74 -4.87
C PRO A 121 5.33 -51.97 -6.32
N SER A 122 6.31 -52.23 -7.18
CA SER A 122 6.07 -52.47 -8.61
C SER A 122 5.42 -51.24 -9.27
N ARG A 123 6.26 -50.29 -9.66
CA ARG A 123 5.77 -49.08 -10.28
C ARG A 123 5.77 -49.21 -11.80
N THR A 124 4.77 -48.61 -12.44
CA THR A 124 4.66 -48.66 -13.88
C THR A 124 5.42 -47.49 -14.50
N VAL A 125 5.43 -46.39 -13.77
CA VAL A 125 6.12 -45.18 -14.21
C VAL A 125 7.51 -45.13 -13.58
N ASP A 126 8.53 -45.24 -14.41
CA ASP A 126 9.91 -45.22 -13.94
C ASP A 126 10.33 -43.81 -13.55
N THR A 127 11.22 -43.73 -12.56
CA THR A 127 11.71 -42.44 -12.10
C THR A 127 12.46 -41.74 -13.23
N LYS A 128 13.18 -42.52 -14.03
CA LYS A 128 13.96 -41.99 -15.14
C LYS A 128 13.07 -41.25 -16.14
N GLN A 129 12.02 -41.91 -16.61
CA GLN A 129 11.12 -41.29 -17.58
C GLN A 129 10.41 -40.07 -16.98
N ALA A 130 10.07 -40.16 -15.70
CA ALA A 130 9.41 -39.06 -15.01
C ALA A 130 10.33 -37.83 -14.94
N GLN A 131 11.55 -38.06 -14.50
CA GLN A 131 12.54 -37.00 -14.38
C GLN A 131 12.87 -36.43 -15.75
N ASP A 132 12.93 -37.32 -16.73
CA ASP A 132 13.24 -36.92 -18.11
C ASP A 132 12.17 -35.98 -18.64
N LEU A 133 10.91 -36.31 -18.37
CA LEU A 133 9.79 -35.51 -18.81
C LEU A 133 9.86 -34.12 -18.19
N ALA A 134 10.10 -34.08 -16.88
CA ALA A 134 10.21 -32.82 -16.15
C ALA A 134 11.40 -32.01 -16.63
N ARG A 135 12.52 -32.68 -16.86
CA ARG A 135 13.74 -32.03 -17.33
C ARG A 135 13.53 -31.37 -18.68
N SER A 136 12.77 -32.03 -19.55
CA SER A 136 12.49 -31.52 -20.88
C SER A 136 11.52 -30.33 -20.82
N TYR A 137 10.78 -30.25 -19.73
CA TYR A 137 9.84 -29.17 -19.53
C TYR A 137 10.54 -27.98 -18.87
N GLY A 138 11.56 -28.29 -18.09
CA GLY A 138 12.30 -27.25 -17.38
C GLY A 138 11.73 -27.07 -15.99
N ILE A 139 10.92 -28.03 -15.57
CA ILE A 139 10.28 -28.00 -14.26
C ILE A 139 10.84 -29.10 -13.37
N PRO A 140 10.77 -28.92 -12.05
CA PRO A 140 11.26 -29.91 -11.09
C PRO A 140 10.31 -31.10 -10.92
N PHE A 141 10.86 -32.21 -10.44
CA PHE A 141 10.09 -33.42 -10.22
C PHE A 141 10.30 -33.92 -8.79
N ILE A 142 9.21 -34.26 -8.11
CA ILE A 142 9.30 -34.73 -6.74
C ILE A 142 8.50 -36.02 -6.53
N GLU A 143 9.12 -36.99 -5.87
CA GLU A 143 8.47 -38.26 -5.56
C GLU A 143 7.82 -38.15 -4.19
N THR A 144 6.50 -38.34 -4.14
CA THR A 144 5.77 -38.22 -2.90
C THR A 144 4.85 -39.41 -2.65
N SER A 145 4.24 -39.41 -1.46
CA SER A 145 3.31 -40.43 -1.06
C SER A 145 2.48 -39.90 0.10
N ALA A 146 1.20 -39.68 -0.13
CA ALA A 146 0.30 -39.16 0.88
C ALA A 146 0.06 -40.20 1.96
N LYS A 147 0.18 -41.46 1.59
CA LYS A 147 -0.03 -42.57 2.53
C LYS A 147 1.01 -42.55 3.65
N THR A 148 2.20 -42.07 3.35
CA THR A 148 3.28 -42.05 4.33
C THR A 148 3.71 -40.63 4.70
N ARG A 149 3.11 -39.62 4.07
CA ARG A 149 3.46 -38.22 4.33
C ARG A 149 4.91 -37.96 3.93
N GLN A 150 5.27 -38.44 2.74
CA GLN A 150 6.62 -38.28 2.24
C GLN A 150 6.66 -37.33 1.04
N GLY A 151 7.51 -36.31 1.14
CA GLY A 151 7.67 -35.36 0.04
C GLY A 151 6.58 -34.31 -0.07
N VAL A 152 5.40 -34.63 0.45
CA VAL A 152 4.24 -33.72 0.39
C VAL A 152 4.57 -32.31 0.88
N ASP A 153 5.23 -32.24 2.03
CA ASP A 153 5.61 -30.96 2.62
C ASP A 153 6.53 -30.14 1.73
N ASP A 154 7.48 -30.80 1.08
CA ASP A 154 8.44 -30.10 0.21
C ASP A 154 7.86 -29.80 -1.17
N ALA A 155 6.98 -30.66 -1.64
CA ALA A 155 6.35 -30.50 -2.96
C ALA A 155 5.63 -29.16 -3.09
N PHE A 156 4.77 -28.85 -2.14
CA PHE A 156 4.01 -27.60 -2.16
C PHE A 156 4.93 -26.39 -2.04
N TYR A 157 5.96 -26.50 -1.21
CA TYR A 157 6.91 -25.40 -1.02
C TYR A 157 7.66 -25.09 -2.30
N THR A 158 7.96 -26.14 -3.07
CA THR A 158 8.69 -25.99 -4.32
C THR A 158 7.85 -25.23 -5.35
N LEU A 159 6.54 -25.48 -5.37
CA LEU A 159 5.64 -24.80 -6.29
C LEU A 159 5.62 -23.29 -6.01
N VAL A 160 5.71 -22.94 -4.73
CA VAL A 160 5.73 -21.55 -4.32
C VAL A 160 6.98 -20.87 -4.86
N ARG A 161 8.09 -21.60 -4.86
CA ARG A 161 9.37 -21.07 -5.36
C ARG A 161 9.27 -20.79 -6.85
N GLU A 162 8.58 -21.67 -7.57
CA GLU A 162 8.39 -21.50 -9.01
C GLU A 162 7.63 -20.22 -9.31
N ILE A 163 6.62 -19.96 -8.50
CA ILE A 163 5.79 -18.76 -8.66
C ILE A 163 6.64 -17.50 -8.42
N ARG A 164 7.51 -17.56 -7.41
CA ARG A 164 8.38 -16.43 -7.10
C ARG A 164 9.28 -16.12 -8.28
N LYS A 165 9.89 -17.16 -8.85
CA LYS A 165 10.78 -17.00 -10.00
C LYS A 165 10.01 -16.48 -11.21
N HIS A 166 8.76 -16.93 -11.34
CA HIS A 166 7.91 -16.51 -12.43
C HIS A 166 7.61 -15.01 -12.34
N LYS A 167 7.35 -14.54 -11.12
CA LYS A 167 7.06 -13.13 -10.89
C LYS A 167 8.24 -12.25 -11.27
N GLU A 168 9.44 -12.66 -10.88
CA GLU A 168 10.63 -11.89 -11.22
C GLU A 168 10.90 -11.97 -12.71
N LYS A 169 10.66 -13.14 -13.29
CA LYS A 169 10.88 -13.35 -14.72
C LYS A 169 9.98 -12.42 -15.52
N MET A 170 8.72 -12.31 -15.12
CA MET A 170 7.76 -11.46 -15.80
C MET A 170 8.07 -9.98 -15.59
N SER A 171 8.83 -9.68 -14.55
CA SER A 171 9.21 -8.32 -14.23
C SER A 171 10.45 -7.91 -15.05
N LYS A 172 11.35 -8.86 -15.24
CA LYS A 172 12.56 -8.61 -15.99
C LYS A 172 12.27 -8.72 -17.48
N ASP A 173 11.34 -9.61 -17.82
CA ASP A 173 10.91 -9.84 -19.21
C ASP A 173 11.99 -10.49 -20.05
N GLY A 174 13.06 -9.75 -20.31
CA GLY A 174 14.14 -10.26 -21.12
C GLY A 174 14.41 -9.34 -22.29
N LYS A 175 13.41 -9.19 -23.15
CA LYS A 175 13.51 -8.33 -24.31
C LYS A 175 12.22 -7.52 -24.47
N LYS A 176 12.24 -6.56 -25.39
CA LYS A 176 11.09 -5.69 -25.66
C LYS A 176 10.80 -4.72 -24.51
N LYS A 177 10.27 -5.24 -23.42
CA LYS A 177 9.95 -4.41 -22.26
C LYS A 177 11.16 -4.26 -21.35
N LYS A 178 11.39 -5.27 -20.53
CA LYS A 178 12.51 -5.30 -19.59
C LYS A 178 12.45 -4.13 -18.60
N LYS A 179 11.58 -4.25 -17.62
CA LYS A 179 11.42 -3.22 -16.62
C LYS A 179 12.46 -3.36 -15.51
N LYS A 180 12.44 -4.51 -14.85
CA LYS A 180 13.37 -4.77 -13.76
C LYS A 180 14.75 -5.16 -14.27
N SER A 181 15.70 -4.24 -14.11
CA SER A 181 17.06 -4.47 -14.54
C SER A 181 18.03 -3.95 -13.47
N LYS A 182 19.19 -4.58 -13.36
CA LYS A 182 20.20 -4.16 -12.39
C LYS A 182 21.51 -3.82 -13.07
N THR A 183 22.27 -2.94 -12.45
CA THR A 183 23.55 -2.51 -12.97
C THR A 183 24.67 -2.96 -12.03
N LYS A 184 25.90 -2.65 -12.38
CA LYS A 184 27.04 -3.03 -11.56
C LYS A 184 27.30 -2.00 -10.47
N THR B 2 -7.89 -4.47 16.68
CA THR B 2 -9.20 -4.96 16.30
C THR B 2 -9.72 -5.95 17.34
N GLU B 3 -10.97 -5.82 17.70
CA GLU B 3 -11.59 -6.70 18.68
C GLU B 3 -12.37 -7.81 17.95
N TYR B 4 -12.30 -9.02 18.47
CA TYR B 4 -13.00 -10.16 17.88
C TYR B 4 -13.79 -10.90 18.94
N LYS B 5 -15.12 -10.87 18.82
CA LYS B 5 -15.99 -11.53 19.77
C LYS B 5 -16.22 -12.99 19.39
N LEU B 6 -15.67 -13.90 20.18
CA LEU B 6 -15.80 -15.33 19.91
C LEU B 6 -16.58 -16.01 21.03
N VAL B 7 -17.58 -16.80 20.67
CA VAL B 7 -18.39 -17.51 21.64
C VAL B 7 -18.17 -19.02 21.53
N VAL B 8 -17.90 -19.66 22.65
CA VAL B 8 -17.67 -21.09 22.66
C VAL B 8 -18.98 -21.83 22.89
N VAL B 9 -19.34 -22.71 21.97
CA VAL B 9 -20.58 -23.47 22.07
C VAL B 9 -20.30 -24.97 22.10
N GLY B 10 -21.20 -25.73 22.71
CA GLY B 10 -21.03 -27.16 22.83
C GLY B 10 -21.84 -27.73 23.98
N ALA B 11 -22.00 -29.05 24.01
CA ALA B 11 -22.76 -29.70 25.05
C ALA B 11 -21.98 -29.76 26.38
N ASP B 12 -22.52 -30.47 27.35
CA ASP B 12 -21.89 -30.61 28.64
C ASP B 12 -20.82 -31.70 28.64
N GLY B 13 -19.77 -31.48 29.41
CA GLY B 13 -18.69 -32.45 29.52
C GLY B 13 -17.82 -32.51 28.29
N VAL B 14 -17.84 -31.47 27.46
CA VAL B 14 -17.04 -31.43 26.26
C VAL B 14 -15.69 -30.77 26.52
N GLY B 15 -15.62 -29.97 27.58
CA GLY B 15 -14.38 -29.29 27.90
C GLY B 15 -14.26 -27.95 27.22
N LYS B 16 -15.36 -27.21 27.15
CA LYS B 16 -15.39 -25.90 26.51
C LYS B 16 -14.44 -24.93 27.21
N SER B 17 -14.67 -24.72 28.50
CA SER B 17 -13.86 -23.81 29.28
C SER B 17 -12.40 -24.29 29.35
N ALA B 18 -12.20 -25.61 29.33
CA ALA B 18 -10.87 -26.19 29.40
C ALA B 18 -9.98 -25.66 28.27
N LEU B 19 -10.52 -25.64 27.05
CA LEU B 19 -9.77 -25.16 25.90
C LEU B 19 -9.41 -23.68 26.06
N THR B 20 -10.35 -22.90 26.57
CA THR B 20 -10.15 -21.48 26.79
C THR B 20 -9.07 -21.24 27.86
N ILE B 21 -9.17 -21.99 28.95
CA ILE B 21 -8.22 -21.88 30.05
C ILE B 21 -6.81 -22.22 29.58
N GLN B 22 -6.70 -23.25 28.75
CA GLN B 22 -5.41 -23.68 28.22
C GLN B 22 -4.78 -22.61 27.34
N LEU B 23 -5.59 -21.66 26.88
CA LEU B 23 -5.10 -20.59 26.04
C LEU B 23 -4.71 -19.38 26.88
N ILE B 24 -5.46 -19.14 27.95
CA ILE B 24 -5.19 -18.00 28.84
C ILE B 24 -4.21 -18.37 29.95
N GLN B 25 -4.64 -19.23 30.86
CA GLN B 25 -3.79 -19.65 31.98
C GLN B 25 -2.69 -20.61 31.54
N ASN B 26 -2.96 -21.36 30.47
CA ASN B 26 -2.02 -22.35 29.96
C ASN B 26 -1.81 -23.46 30.98
N HIS B 27 -0.68 -24.16 30.87
CA HIS B 27 -0.33 -25.25 31.79
C HIS B 27 -1.34 -26.40 31.75
N PHE B 28 -2.25 -26.42 32.70
CA PHE B 28 -3.26 -27.47 32.78
C PHE B 28 -4.51 -26.96 33.48
N VAL B 29 -5.66 -27.52 33.12
CA VAL B 29 -6.93 -27.13 33.71
C VAL B 29 -7.21 -27.97 34.95
N ASP B 30 -6.87 -27.45 36.13
CA ASP B 30 -7.08 -28.18 37.37
C ASP B 30 -7.51 -27.25 38.51
N GLU B 31 -7.21 -25.96 38.38
CA GLU B 31 -7.55 -24.99 39.41
C GLU B 31 -8.18 -23.75 38.80
N TYR B 32 -9.50 -23.68 38.86
CA TYR B 32 -10.25 -22.55 38.35
C TYR B 32 -11.69 -22.60 38.83
N ASP B 33 -12.33 -21.44 38.88
CA ASP B 33 -13.72 -21.33 39.31
C ASP B 33 -14.65 -21.54 38.12
N PRO B 34 -15.41 -22.65 38.11
CA PRO B 34 -16.33 -22.98 37.03
C PRO B 34 -17.62 -22.17 37.08
N THR B 35 -17.54 -20.92 36.65
CA THR B 35 -18.68 -20.04 36.64
C THR B 35 -19.27 -19.91 35.24
N ILE B 36 -20.32 -19.10 35.11
CA ILE B 36 -21.00 -18.86 33.83
C ILE B 36 -20.87 -17.39 33.47
N GLU B 37 -20.96 -17.07 32.17
CA GLU B 37 -20.84 -15.70 31.68
C GLU B 37 -19.44 -15.14 31.97
N ASP B 38 -18.42 -15.92 31.61
CA ASP B 38 -17.04 -15.54 31.82
C ASP B 38 -16.41 -15.07 30.52
N SER B 39 -15.82 -13.89 30.54
CA SER B 39 -15.17 -13.34 29.36
C SER B 39 -13.66 -13.32 29.55
N TYR B 40 -12.94 -13.90 28.60
CA TYR B 40 -11.49 -13.96 28.67
C TYR B 40 -10.87 -13.03 27.61
N ARG B 41 -9.84 -12.29 28.00
CA ARG B 41 -9.18 -11.36 27.08
C ARG B 41 -7.70 -11.66 26.98
N LYS B 42 -7.22 -11.78 25.75
CA LYS B 42 -5.81 -12.05 25.48
C LYS B 42 -5.38 -11.33 24.22
N GLN B 43 -4.24 -10.63 24.30
CA GLN B 43 -3.72 -9.91 23.15
C GLN B 43 -2.76 -10.81 22.37
N VAL B 44 -3.14 -11.17 21.17
CA VAL B 44 -2.32 -12.05 20.34
C VAL B 44 -2.01 -11.43 18.98
N VAL B 45 -0.95 -11.93 18.36
CA VAL B 45 -0.53 -11.45 17.05
C VAL B 45 -0.89 -12.50 16.01
N ILE B 46 -2.06 -12.35 15.41
CA ILE B 46 -2.54 -13.28 14.41
C ILE B 46 -2.16 -12.80 13.01
N ASP B 47 -1.31 -13.59 12.34
CA ASP B 47 -0.86 -13.26 10.98
C ASP B 47 -0.05 -11.98 10.96
N GLY B 48 0.44 -11.56 12.12
CA GLY B 48 1.22 -10.35 12.22
C GLY B 48 0.36 -9.16 12.58
N GLU B 49 -0.92 -9.40 12.81
CA GLU B 49 -1.86 -8.35 13.16
C GLU B 49 -2.25 -8.46 14.63
N THR B 50 -2.28 -7.33 15.32
CA THR B 50 -2.67 -7.30 16.72
C THR B 50 -4.18 -7.42 16.85
N CYS B 51 -4.63 -8.49 17.49
CA CYS B 51 -6.06 -8.72 17.67
C CYS B 51 -6.40 -8.99 19.13
N LEU B 52 -7.50 -8.40 19.58
CA LEU B 52 -7.96 -8.58 20.94
C LEU B 52 -9.13 -9.56 20.94
N LEU B 53 -8.87 -10.77 21.42
CA LEU B 53 -9.89 -11.80 21.45
C LEU B 53 -10.80 -11.67 22.67
N ASP B 54 -12.08 -11.45 22.40
CA ASP B 54 -13.08 -11.34 23.45
C ASP B 54 -13.90 -12.62 23.42
N ILE B 55 -13.41 -13.63 24.13
CA ILE B 55 -14.07 -14.93 24.15
C ILE B 55 -15.02 -15.06 25.33
N LEU B 56 -16.22 -15.57 25.05
CA LEU B 56 -17.24 -15.76 26.07
C LEU B 56 -17.55 -17.25 26.24
N ASP B 57 -17.40 -17.73 27.47
CA ASP B 57 -17.66 -19.13 27.78
C ASP B 57 -19.10 -19.31 28.25
N THR B 58 -19.79 -20.28 27.68
CA THR B 58 -21.18 -20.55 28.04
C THR B 58 -21.32 -21.94 28.68
N ALA B 59 -22.54 -22.32 29.02
CA ALA B 59 -22.80 -23.61 29.64
C ALA B 59 -23.25 -24.60 28.57
N GLY B 60 -23.38 -25.86 28.95
CA GLY B 60 -23.82 -26.86 28.00
C GLY B 60 -24.87 -27.77 28.57
N GLN B 61 -25.58 -27.28 29.59
CA GLN B 61 -26.62 -28.05 30.25
C GLN B 61 -28.00 -27.76 29.67
N GLU B 62 -28.01 -27.14 28.49
CA GLU B 62 -29.26 -26.80 27.81
C GLU B 62 -30.18 -25.94 28.69
N GLU B 63 -31.49 -26.08 28.48
CA GLU B 63 -32.51 -25.34 29.24
C GLU B 63 -32.65 -23.89 28.78
N TYR B 64 -31.55 -23.15 28.81
CA TYR B 64 -31.54 -21.74 28.42
C TYR B 64 -31.58 -21.55 26.91
N SER B 65 -32.74 -21.78 26.32
CA SER B 65 -32.91 -21.63 24.89
C SER B 65 -32.96 -20.16 24.50
N ALA B 66 -33.71 -19.38 25.28
CA ALA B 66 -33.85 -17.95 25.01
C ALA B 66 -32.58 -17.19 25.31
N MET B 67 -31.85 -17.65 26.33
CA MET B 67 -30.59 -17.03 26.73
C MET B 67 -29.54 -17.13 25.62
N ARG B 68 -29.61 -18.20 24.85
CA ARG B 68 -28.66 -18.42 23.76
C ARG B 68 -28.76 -17.34 22.68
N ASP B 69 -29.97 -16.84 22.45
CA ASP B 69 -30.21 -15.81 21.44
C ASP B 69 -29.40 -14.54 21.71
N GLN B 70 -29.15 -14.27 22.99
CA GLN B 70 -28.41 -13.09 23.39
C GLN B 70 -26.97 -13.10 22.88
N TYR B 71 -26.18 -14.04 23.39
CA TYR B 71 -24.77 -14.12 22.99
C TYR B 71 -24.56 -14.56 21.54
N MET B 72 -25.55 -15.23 20.97
CA MET B 72 -25.44 -15.68 19.58
C MET B 72 -25.58 -14.49 18.63
N ARG B 73 -26.18 -13.42 19.11
CA ARG B 73 -26.36 -12.22 18.31
C ARG B 73 -25.11 -11.37 18.35
N THR B 74 -24.56 -11.18 19.54
CA THR B 74 -23.38 -10.37 19.74
C THR B 74 -22.11 -11.05 19.22
N GLY B 75 -22.00 -12.36 19.43
CA GLY B 75 -20.84 -13.10 18.98
C GLY B 75 -20.63 -13.00 17.49
N GLU B 76 -19.40 -12.71 17.08
CA GLU B 76 -19.08 -12.58 15.66
C GLU B 76 -18.61 -13.92 15.11
N GLY B 77 -17.90 -14.67 15.95
CA GLY B 77 -17.42 -15.97 15.56
C GLY B 77 -17.83 -17.02 16.58
N PHE B 78 -18.10 -18.23 16.12
CA PHE B 78 -18.52 -19.29 17.02
C PHE B 78 -17.62 -20.51 16.94
N LEU B 79 -17.20 -20.99 18.09
CA LEU B 79 -16.34 -22.15 18.18
C LEU B 79 -17.14 -23.34 18.69
N CYS B 80 -17.32 -24.34 17.83
CA CYS B 80 -18.07 -25.51 18.20
C CYS B 80 -17.15 -26.54 18.83
N VAL B 81 -17.30 -26.76 20.12
CA VAL B 81 -16.46 -27.72 20.83
C VAL B 81 -17.26 -28.97 21.19
N PHE B 82 -16.77 -30.12 20.75
CA PHE B 82 -17.43 -31.38 21.03
C PHE B 82 -16.39 -32.41 21.45
N ALA B 83 -16.83 -33.42 22.19
CA ALA B 83 -15.93 -34.46 22.63
C ALA B 83 -16.01 -35.64 21.69
N ILE B 84 -14.88 -36.11 21.19
CA ILE B 84 -14.85 -37.23 20.25
C ILE B 84 -15.30 -38.54 20.90
N ASN B 85 -15.40 -38.53 22.23
CA ASN B 85 -15.83 -39.71 22.97
C ASN B 85 -17.26 -39.51 23.46
N ASN B 86 -17.94 -38.50 22.94
CA ASN B 86 -19.30 -38.19 23.33
C ASN B 86 -20.17 -38.01 22.09
N THR B 87 -20.99 -39.01 21.79
CA THR B 87 -21.88 -38.97 20.63
C THR B 87 -22.85 -37.80 20.67
N LYS B 88 -23.36 -37.50 21.86
CA LYS B 88 -24.31 -36.41 22.05
C LYS B 88 -23.76 -35.08 21.56
N SER B 89 -22.56 -34.73 22.00
CA SER B 89 -21.95 -33.48 21.61
C SER B 89 -21.78 -33.36 20.09
N PHE B 90 -21.50 -34.49 19.44
CA PHE B 90 -21.32 -34.51 17.99
C PHE B 90 -22.62 -34.17 17.27
N GLU B 91 -23.72 -34.77 17.74
CA GLU B 91 -25.03 -34.54 17.16
C GLU B 91 -25.55 -33.15 17.47
N ASP B 92 -25.25 -32.68 18.69
CA ASP B 92 -25.70 -31.38 19.16
C ASP B 92 -25.19 -30.23 18.29
N ILE B 93 -24.06 -30.44 17.62
CA ILE B 93 -23.47 -29.41 16.76
C ILE B 93 -24.47 -28.96 15.70
N HIS B 94 -25.22 -29.92 15.15
CA HIS B 94 -26.21 -29.63 14.12
C HIS B 94 -27.28 -28.69 14.67
N HIS B 95 -27.75 -28.99 15.89
CA HIS B 95 -28.78 -28.18 16.54
C HIS B 95 -28.28 -26.77 16.79
N TYR B 96 -27.06 -26.67 17.31
CA TYR B 96 -26.45 -25.37 17.60
C TYR B 96 -26.27 -24.53 16.35
N ARG B 97 -25.80 -25.17 15.28
CA ARG B 97 -25.56 -24.48 14.02
C ARG B 97 -26.83 -23.87 13.46
N GLU B 98 -27.90 -24.66 13.41
CA GLU B 98 -29.19 -24.18 12.89
C GLU B 98 -29.73 -23.03 13.73
N GLN B 99 -29.55 -23.13 15.03
CA GLN B 99 -30.02 -22.10 15.95
C GLN B 99 -29.28 -20.79 15.73
N ILE B 100 -27.95 -20.85 15.70
CA ILE B 100 -27.12 -19.66 15.50
C ILE B 100 -27.51 -18.92 14.22
N LYS B 101 -27.68 -19.66 13.12
CA LYS B 101 -28.04 -19.07 11.84
C LYS B 101 -29.39 -18.38 11.91
N ARG B 102 -30.32 -18.95 12.67
CA ARG B 102 -31.65 -18.37 12.84
C ARG B 102 -31.58 -17.10 13.66
N VAL B 103 -30.74 -17.10 14.70
CA VAL B 103 -30.60 -15.94 15.57
C VAL B 103 -29.96 -14.76 14.84
N LYS B 104 -28.86 -15.03 14.14
CA LYS B 104 -28.14 -13.98 13.43
C LYS B 104 -28.81 -13.63 12.10
N ASP B 105 -29.75 -14.47 11.67
CA ASP B 105 -30.47 -14.27 10.41
C ASP B 105 -29.50 -14.24 9.23
N SER B 106 -28.60 -15.21 9.21
CA SER B 106 -27.61 -15.32 8.14
C SER B 106 -27.25 -16.77 7.87
N GLU B 107 -26.74 -17.04 6.68
CA GLU B 107 -26.33 -18.39 6.32
C GLU B 107 -24.82 -18.53 6.40
N ASP B 108 -24.12 -17.42 6.21
CA ASP B 108 -22.66 -17.41 6.27
C ASP B 108 -22.20 -16.99 7.65
N VAL B 109 -21.83 -17.99 8.46
CA VAL B 109 -21.37 -17.73 9.83
C VAL B 109 -20.02 -18.41 10.06
N PRO B 110 -18.99 -17.63 10.38
CA PRO B 110 -17.64 -18.16 10.64
C PRO B 110 -17.62 -19.08 11.86
N MET B 111 -17.57 -20.37 11.62
CA MET B 111 -17.55 -21.36 12.68
C MET B 111 -16.52 -22.44 12.40
N VAL B 112 -16.00 -23.02 13.47
CA VAL B 112 -15.01 -24.09 13.37
C VAL B 112 -15.33 -25.17 14.40
N LEU B 113 -15.33 -26.42 13.97
CA LEU B 113 -15.61 -27.53 14.87
C LEU B 113 -14.31 -28.09 15.42
N VAL B 114 -14.20 -28.10 16.73
CA VAL B 114 -13.01 -28.59 17.40
C VAL B 114 -13.31 -29.88 18.19
N GLY B 115 -12.59 -30.94 17.85
CA GLY B 115 -12.77 -32.20 18.53
C GLY B 115 -11.87 -32.25 19.75
N ASN B 116 -12.48 -32.10 20.92
CA ASN B 116 -11.72 -32.11 22.16
C ASN B 116 -11.58 -33.52 22.72
N LYS B 117 -10.62 -33.70 23.63
CA LYS B 117 -10.35 -34.98 24.26
C LYS B 117 -9.82 -35.99 23.26
N CYS B 118 -8.98 -35.51 22.35
CA CYS B 118 -8.38 -36.35 21.31
C CYS B 118 -7.27 -37.23 21.89
N ASP B 119 -6.91 -36.98 23.14
CA ASP B 119 -5.88 -37.77 23.79
C ASP B 119 -6.47 -38.99 24.49
N LEU B 120 -7.80 -39.02 24.57
CA LEU B 120 -8.49 -40.13 25.20
C LEU B 120 -8.70 -41.25 24.21
N PRO B 121 -8.75 -42.51 24.68
CA PRO B 121 -8.95 -43.67 23.82
C PRO B 121 -10.42 -43.87 23.44
N SER B 122 -10.64 -44.78 22.49
CA SER B 122 -12.00 -45.11 22.01
C SER B 122 -12.70 -43.94 21.31
N ARG B 123 -12.73 -44.00 19.99
CA ARG B 123 -13.37 -42.97 19.19
C ARG B 123 -14.14 -43.60 18.03
N THR B 124 -15.45 -43.71 18.19
CA THR B 124 -16.29 -44.30 17.17
C THR B 124 -16.49 -43.36 15.98
N VAL B 125 -16.60 -42.07 16.27
CA VAL B 125 -16.78 -41.06 15.23
C VAL B 125 -15.56 -41.03 14.31
N ASP B 126 -15.80 -41.18 13.02
CA ASP B 126 -14.72 -41.17 12.05
C ASP B 126 -14.42 -39.75 11.59
N THR B 127 -13.20 -39.54 11.10
CA THR B 127 -12.79 -38.23 10.63
C THR B 127 -13.40 -37.94 9.25
N LYS B 128 -13.52 -38.99 8.44
CA LYS B 128 -14.07 -38.87 7.10
C LYS B 128 -15.49 -38.32 7.12
N GLN B 129 -16.35 -38.90 7.95
CA GLN B 129 -17.74 -38.47 8.06
C GLN B 129 -17.84 -37.03 8.56
N ALA B 130 -16.91 -36.65 9.42
CA ALA B 130 -16.89 -35.29 9.96
C ALA B 130 -16.50 -34.30 8.87
N GLN B 131 -15.51 -34.68 8.07
CA GLN B 131 -15.04 -33.84 6.97
C GLN B 131 -16.10 -33.72 5.89
N ASP B 132 -16.78 -34.83 5.62
CA ASP B 132 -17.84 -34.87 4.62
C ASP B 132 -18.94 -33.87 4.97
N LEU B 133 -19.37 -33.91 6.23
CA LEU B 133 -20.42 -33.02 6.71
C LEU B 133 -19.89 -31.59 6.80
N ALA B 134 -18.61 -31.44 7.16
CA ALA B 134 -17.98 -30.13 7.27
C ALA B 134 -17.98 -29.40 5.94
N ARG B 135 -17.75 -30.15 4.86
CA ARG B 135 -17.74 -29.57 3.52
C ARG B 135 -19.09 -28.96 3.18
N SER B 136 -20.16 -29.64 3.59
CA SER B 136 -21.51 -29.17 3.31
C SER B 136 -21.89 -28.00 4.21
N TYR B 137 -21.12 -27.78 5.26
CA TYR B 137 -21.39 -26.69 6.18
C TYR B 137 -20.47 -25.49 5.91
N GLY B 138 -19.40 -25.74 5.17
CA GLY B 138 -18.46 -24.68 4.85
C GLY B 138 -17.59 -24.35 6.04
N ILE B 139 -17.26 -25.38 6.81
CA ILE B 139 -16.43 -25.21 8.00
C ILE B 139 -15.22 -26.15 7.93
N PRO B 140 -14.07 -25.71 8.46
CA PRO B 140 -12.85 -26.51 8.47
C PRO B 140 -12.71 -27.33 9.75
N PHE B 141 -12.57 -28.64 9.59
CA PHE B 141 -12.42 -29.54 10.72
C PHE B 141 -10.96 -29.98 10.85
N ILE B 142 -10.21 -29.24 11.65
CA ILE B 142 -8.81 -29.55 11.87
C ILE B 142 -8.61 -30.20 13.23
N GLU B 143 -8.07 -31.42 13.24
CA GLU B 143 -7.82 -32.13 14.48
C GLU B 143 -6.77 -31.39 15.32
N THR B 144 -7.15 -31.03 16.54
CA THR B 144 -6.26 -30.30 17.42
C THR B 144 -6.00 -31.06 18.71
N SER B 145 -4.76 -30.99 19.18
CA SER B 145 -4.38 -31.66 20.41
C SER B 145 -4.00 -30.60 21.45
N ALA B 146 -4.78 -30.49 22.51
CA ALA B 146 -4.51 -29.53 23.56
C ALA B 146 -3.39 -30.01 24.47
N LYS B 147 -3.05 -31.28 24.35
CA LYS B 147 -2.00 -31.86 25.17
C LYS B 147 -0.63 -31.59 24.58
N THR B 148 -0.52 -31.76 23.26
CA THR B 148 0.75 -31.53 22.57
C THR B 148 0.78 -30.13 21.95
N ARG B 149 -0.38 -29.47 21.95
CA ARG B 149 -0.54 -28.13 21.41
C ARG B 149 -0.34 -28.10 19.89
N GLN B 150 -0.65 -29.21 19.24
CA GLN B 150 -0.51 -29.32 17.80
C GLN B 150 -1.82 -28.94 17.11
N GLY B 151 -1.73 -28.04 16.14
CA GLY B 151 -2.90 -27.61 15.41
C GLY B 151 -3.61 -26.46 16.09
N VAL B 152 -3.25 -26.19 17.33
CA VAL B 152 -3.86 -25.12 18.12
C VAL B 152 -3.72 -23.77 17.41
N ASP B 153 -2.50 -23.45 16.97
CA ASP B 153 -2.25 -22.18 16.29
C ASP B 153 -3.00 -22.12 14.98
N ASP B 154 -2.93 -23.21 14.22
CA ASP B 154 -3.59 -23.29 12.92
C ASP B 154 -5.10 -23.12 13.05
N ALA B 155 -5.67 -23.75 14.07
CA ALA B 155 -7.11 -23.68 14.30
C ALA B 155 -7.55 -22.26 14.63
N PHE B 156 -6.88 -21.64 15.60
CA PHE B 156 -7.21 -20.28 16.02
C PHE B 156 -6.99 -19.27 14.89
N TYR B 157 -5.95 -19.51 14.10
CA TYR B 157 -5.63 -18.64 12.98
C TYR B 157 -6.74 -18.66 11.93
N THR B 158 -7.18 -19.86 11.59
CA THR B 158 -8.23 -20.03 10.58
C THR B 158 -9.58 -19.54 11.12
N LEU B 159 -9.80 -19.72 12.41
CA LEU B 159 -11.04 -19.29 13.07
C LEU B 159 -11.23 -17.78 12.96
N VAL B 160 -10.13 -17.05 12.99
CA VAL B 160 -10.17 -15.59 12.90
C VAL B 160 -9.46 -15.11 11.65
N ARG B 161 -10.05 -15.39 10.49
CA ARG B 161 -9.44 -14.98 9.23
C ARG B 161 -10.45 -14.33 8.29
N GLU B 162 -11.55 -15.01 8.01
CA GLU B 162 -12.56 -14.50 7.11
C GLU B 162 -13.58 -13.60 7.80
N ILE B 163 -13.41 -13.38 9.10
CA ILE B 163 -14.34 -12.53 9.85
C ILE B 163 -14.34 -11.12 9.28
N ARG B 164 -13.15 -10.58 9.06
CA ARG B 164 -13.01 -9.24 8.50
C ARG B 164 -13.47 -9.22 7.04
N LYS B 165 -13.33 -10.36 6.37
CA LYS B 165 -13.72 -10.49 4.98
C LYS B 165 -15.23 -10.48 4.85
N HIS B 166 -15.89 -11.20 5.75
CA HIS B 166 -17.35 -11.28 5.78
C HIS B 166 -17.96 -9.91 5.97
N LYS B 167 -17.38 -9.12 6.87
CA LYS B 167 -17.88 -7.79 7.15
C LYS B 167 -17.80 -6.90 5.90
N GLU B 168 -16.68 -6.95 5.20
CA GLU B 168 -16.51 -6.15 4.00
C GLU B 168 -17.40 -6.65 2.87
N LYS B 169 -17.51 -7.97 2.74
CA LYS B 169 -18.33 -8.56 1.69
C LYS B 169 -19.79 -8.15 1.88
N MET B 170 -20.23 -8.10 3.12
CA MET B 170 -21.60 -7.71 3.45
C MET B 170 -21.84 -6.23 3.14
N SER B 171 -20.76 -5.47 3.00
CA SER B 171 -20.86 -4.05 2.70
C SER B 171 -21.07 -3.84 1.21
N LYS B 172 -20.84 -4.89 0.43
CA LYS B 172 -21.00 -4.84 -1.01
C LYS B 172 -22.20 -5.68 -1.44
N ASP B 173 -22.43 -6.78 -0.72
CA ASP B 173 -23.54 -7.70 -0.97
C ASP B 173 -23.32 -8.45 -2.28
N GLY B 174 -24.30 -9.26 -2.67
CA GLY B 174 -24.20 -10.01 -3.90
C GLY B 174 -25.05 -9.39 -5.00
N LYS B 175 -26.16 -8.79 -4.59
CA LYS B 175 -27.11 -8.15 -5.50
C LYS B 175 -28.17 -7.41 -4.69
N LYS B 176 -29.43 -7.58 -5.08
CA LYS B 176 -30.58 -6.96 -4.41
C LYS B 176 -30.64 -5.44 -4.61
N LYS B 177 -29.97 -4.69 -3.73
CA LYS B 177 -30.01 -3.23 -3.82
C LYS B 177 -28.78 -2.56 -3.20
N LYS B 178 -28.29 -3.14 -2.09
CA LYS B 178 -27.15 -2.61 -1.35
C LYS B 178 -27.55 -1.38 -0.54
N LYS B 179 -26.61 -0.82 0.21
CA LYS B 179 -26.89 0.36 1.02
C LYS B 179 -25.94 1.49 0.66
N LYS B 180 -24.67 1.33 1.04
CA LYS B 180 -23.66 2.34 0.75
C LYS B 180 -22.58 1.74 -0.15
N SER B 181 -22.68 2.02 -1.44
CA SER B 181 -21.72 1.51 -2.40
C SER B 181 -20.53 2.45 -2.54
N LYS B 182 -19.38 2.02 -2.04
CA LYS B 182 -18.16 2.82 -2.11
C LYS B 182 -17.43 2.53 -3.43
N THR B 183 -17.09 3.57 -4.16
CA THR B 183 -16.40 3.39 -5.42
C THR B 183 -15.20 4.34 -5.53
N LYS B 184 -14.13 3.86 -6.13
CA LYS B 184 -12.93 4.68 -6.29
C LYS B 184 -13.03 5.56 -7.53
N SER C 14 24.75 2.53 -45.60
CA SER C 14 25.08 1.82 -44.37
C SER C 14 26.58 1.52 -44.30
N THR C 15 27.25 1.76 -45.42
CA THR C 15 28.69 1.53 -45.49
C THR C 15 29.45 2.52 -44.63
N PHE C 16 29.00 3.77 -44.64
CA PHE C 16 29.64 4.83 -43.86
C PHE C 16 29.70 4.47 -42.37
N SER C 17 28.64 3.84 -41.89
CA SER C 17 28.58 3.42 -40.50
C SER C 17 29.67 2.39 -40.19
N LYS C 18 29.89 1.49 -41.14
CA LYS C 18 30.91 0.45 -40.98
C LYS C 18 32.29 1.07 -41.08
N LEU C 19 32.42 2.06 -41.96
CA LEU C 19 33.69 2.76 -42.15
C LEU C 19 34.09 3.48 -40.87
N ARG C 20 33.14 4.19 -40.27
CA ARG C 20 33.38 4.92 -39.03
C ARG C 20 33.68 3.97 -37.88
N GLU C 21 33.17 2.75 -37.97
CA GLU C 21 33.41 1.75 -36.94
C GLU C 21 34.86 1.30 -36.99
N GLN C 22 35.38 1.17 -38.21
CA GLN C 22 36.77 0.76 -38.42
C GLN C 22 37.70 1.94 -38.11
N LEU C 23 37.25 3.13 -38.48
CA LEU C 23 38.02 4.34 -38.25
C LEU C 23 37.79 4.85 -36.83
N GLY C 24 38.36 4.13 -35.86
CA GLY C 24 38.20 4.51 -34.48
C GLY C 24 39.18 3.79 -33.55
N PRO C 25 39.03 2.47 -33.38
CA PRO C 25 39.88 1.66 -32.49
C PRO C 25 41.37 1.90 -32.69
N VAL C 26 41.80 1.96 -33.96
CA VAL C 26 43.21 2.18 -34.29
C VAL C 26 43.74 3.46 -33.62
N THR C 27 43.05 4.56 -33.85
CA THR C 27 43.44 5.84 -33.30
C THR C 27 43.15 5.90 -31.80
N GLN C 28 42.13 5.16 -31.38
CA GLN C 28 41.74 5.10 -29.97
C GLN C 28 42.84 4.46 -29.12
N GLU C 29 43.42 3.38 -29.62
CA GLU C 29 44.50 2.69 -28.91
C GLU C 29 45.66 3.63 -28.65
N PHE C 30 45.92 4.51 -29.61
CA PHE C 30 47.00 5.49 -29.51
C PHE C 30 46.70 6.47 -28.38
N TRP C 31 45.44 6.91 -28.32
CA TRP C 31 45.00 7.85 -27.30
C TRP C 31 45.02 7.21 -25.91
N ASP C 32 44.59 5.96 -25.85
CA ASP C 32 44.57 5.21 -24.58
C ASP C 32 45.99 5.07 -24.04
N ASN C 33 46.91 4.78 -24.94
CA ASN C 33 48.32 4.62 -24.58
C ASN C 33 48.88 5.94 -24.06
N LEU C 34 48.59 7.00 -24.80
CA LEU C 34 49.06 8.34 -24.45
C LEU C 34 48.48 8.78 -23.11
N GLU C 35 47.20 8.46 -22.88
CA GLU C 35 46.53 8.83 -21.64
C GLU C 35 47.17 8.13 -20.45
N LYS C 36 47.50 6.85 -20.61
CA LYS C 36 48.13 6.09 -19.53
C LYS C 36 49.47 6.71 -19.14
N GLU C 37 50.13 7.30 -20.13
CA GLU C 37 51.40 7.97 -19.89
C GLU C 37 51.18 9.17 -18.97
N THR C 38 50.10 9.93 -19.24
CA THR C 38 49.77 11.08 -18.42
C THR C 38 49.28 10.61 -17.05
N GLU C 39 48.61 9.46 -17.04
CA GLU C 39 48.11 8.87 -15.80
C GLU C 39 49.26 8.62 -14.85
N GLY C 40 50.33 8.02 -15.36
CA GLY C 40 51.51 7.76 -14.54
C GLY C 40 52.05 9.03 -13.94
N LEU C 41 52.18 10.06 -14.77
CA LEU C 41 52.69 11.35 -14.33
C LEU C 41 51.78 11.94 -13.24
N ARG C 42 50.48 11.88 -13.46
CA ARG C 42 49.52 12.40 -12.49
C ARG C 42 49.56 11.59 -11.19
N GLN C 43 49.69 10.27 -11.33
CA GLN C 43 49.75 9.38 -10.18
C GLN C 43 50.98 9.68 -9.34
N GLU C 44 52.10 9.96 -10.02
CA GLU C 44 53.35 10.29 -9.33
C GLU C 44 53.16 11.57 -8.52
N MET C 45 52.38 12.49 -9.06
CA MET C 45 52.12 13.75 -8.38
C MET C 45 51.26 13.50 -7.15
N SER C 46 50.24 12.66 -7.31
CA SER C 46 49.34 12.32 -6.21
C SER C 46 50.10 11.59 -5.10
N LYS C 47 51.07 10.79 -5.49
CA LYS C 47 51.87 10.04 -4.54
C LYS C 47 52.74 10.99 -3.70
N ASP C 48 53.42 11.90 -4.38
CA ASP C 48 54.29 12.87 -3.71
C ASP C 48 53.48 13.77 -2.79
N LEU C 49 52.29 14.16 -3.25
CA LEU C 49 51.41 15.02 -2.46
C LEU C 49 50.84 14.26 -1.26
N GLU C 50 50.60 12.96 -1.45
CA GLU C 50 50.07 12.11 -0.39
C GLU C 50 51.08 12.00 0.74
N GLU C 51 52.35 11.92 0.37
CA GLU C 51 53.43 11.81 1.36
C GLU C 51 53.46 13.04 2.26
N VAL C 52 53.09 14.19 1.71
CA VAL C 52 53.06 15.44 2.47
C VAL C 52 52.03 15.34 3.59
N LYS C 53 50.92 14.67 3.30
CA LYS C 53 49.84 14.50 4.25
C LYS C 53 50.31 13.73 5.48
N ALA C 54 51.09 12.68 5.24
CA ALA C 54 51.60 11.85 6.33
C ALA C 54 52.70 12.55 7.11
N LYS C 55 53.25 13.61 6.52
CA LYS C 55 54.32 14.38 7.16
C LYS C 55 53.79 15.43 8.13
N VAL C 56 52.76 16.15 7.72
CA VAL C 56 52.20 17.21 8.57
C VAL C 56 51.13 16.68 9.52
N GLN C 57 50.63 15.48 9.25
CA GLN C 57 49.60 14.85 10.07
C GLN C 57 49.91 14.86 11.58
N PRO C 58 51.11 14.39 12.00
CA PRO C 58 51.47 14.37 13.43
C PRO C 58 51.47 15.76 14.06
N TYR C 59 51.86 16.77 13.27
CA TYR C 59 51.90 18.14 13.76
C TYR C 59 50.49 18.67 14.01
N LEU C 60 49.56 18.27 13.16
CA LEU C 60 48.17 18.69 13.27
C LEU C 60 47.53 18.10 14.53
N ASP C 61 47.86 16.85 14.80
CA ASP C 61 47.31 16.14 15.96
C ASP C 61 47.84 16.69 17.28
N ASP C 62 49.14 16.99 17.31
CA ASP C 62 49.77 17.51 18.53
C ASP C 62 49.13 18.82 18.97
N PHE C 63 48.99 19.76 18.04
CA PHE C 63 48.38 21.05 18.34
C PHE C 63 46.90 20.86 18.73
N GLN C 64 46.30 19.84 18.13
CA GLN C 64 44.91 19.51 18.38
C GLN C 64 44.70 19.07 19.83
N LYS C 65 45.69 18.39 20.39
CA LYS C 65 45.62 17.93 21.78
C LYS C 65 45.70 19.12 22.72
N LYS C 66 46.59 20.06 22.38
CA LYS C 66 46.78 21.27 23.19
C LYS C 66 45.49 22.09 23.24
N TRP C 67 44.80 22.15 22.11
CA TRP C 67 43.54 22.89 22.03
C TRP C 67 42.49 22.26 22.93
N GLN C 68 42.52 20.94 23.00
CA GLN C 68 41.58 20.19 23.82
C GLN C 68 41.79 20.51 25.30
N GLU C 69 43.05 20.55 25.71
CA GLU C 69 43.41 20.83 27.09
C GLU C 69 42.80 22.15 27.57
N GLU C 70 42.88 23.17 26.72
CA GLU C 70 42.33 24.48 27.03
C GLU C 70 40.82 24.40 27.25
N MET C 71 40.12 23.75 26.33
CA MET C 71 38.68 23.61 26.41
C MET C 71 38.27 22.72 27.59
N GLU C 72 39.05 21.68 27.83
CA GLU C 72 38.79 20.74 28.92
C GLU C 72 38.86 21.47 30.26
N LEU C 73 39.87 22.32 30.42
CA LEU C 73 40.05 23.08 31.64
C LEU C 73 38.96 24.14 31.78
N TYR C 74 38.59 24.76 30.67
CA TYR C 74 37.55 25.78 30.66
C TYR C 74 36.21 25.19 31.12
N ARG C 75 35.90 23.98 30.66
CA ARG C 75 34.67 23.31 31.04
C ARG C 75 34.65 23.03 32.55
N GLN C 76 35.83 22.78 33.09
CA GLN C 76 36.00 22.52 34.51
C GLN C 76 35.85 23.81 35.31
N LYS C 77 36.36 24.89 34.75
CA LYS C 77 36.32 26.20 35.39
C LYS C 77 34.90 26.74 35.49
N VAL C 78 34.09 26.42 34.50
CA VAL C 78 32.70 26.89 34.46
C VAL C 78 31.75 25.94 35.22
N GLU C 79 32.28 24.79 35.64
CA GLU C 79 31.49 23.79 36.36
C GLU C 79 30.82 24.36 37.62
N PRO C 80 31.59 24.90 38.59
CA PRO C 80 31.01 25.45 39.82
C PRO C 80 30.34 26.79 39.58
N LEU C 81 30.67 27.43 38.47
CA LEU C 81 30.09 28.73 38.15
C LEU C 81 28.65 28.59 37.68
N ARG C 82 28.41 27.63 36.79
CA ARG C 82 27.06 27.41 36.27
C ARG C 82 26.14 26.92 37.38
N ALA C 83 26.72 26.35 38.42
CA ALA C 83 25.97 25.85 39.57
C ALA C 83 25.31 27.00 40.31
N GLU C 84 26.07 28.09 40.48
CA GLU C 84 25.54 29.26 41.16
C GLU C 84 24.50 29.96 40.28
N LEU C 85 24.71 29.86 38.97
CA LEU C 85 23.79 30.43 38.00
C LEU C 85 22.44 29.75 38.10
N GLN C 86 22.47 28.42 38.03
CA GLN C 86 21.27 27.60 38.13
C GLN C 86 20.55 27.82 39.45
N GLU C 87 21.32 27.82 40.53
CA GLU C 87 20.77 28.02 41.86
C GLU C 87 20.04 29.36 41.96
N GLY C 88 20.72 30.42 41.53
CA GLY C 88 20.14 31.75 41.58
C GLY C 88 18.99 31.92 40.60
N ALA C 89 19.06 31.21 39.49
CA ALA C 89 18.02 31.28 38.46
C ALA C 89 16.73 30.64 38.95
N ARG C 90 16.85 29.46 39.55
CA ARG C 90 15.70 28.73 40.05
C ARG C 90 15.01 29.45 41.21
N GLN C 91 15.77 30.24 41.95
CA GLN C 91 15.22 30.97 43.09
C GLN C 91 14.53 32.26 42.68
N LYS C 92 14.32 32.45 41.38
CA LYS C 92 13.67 33.65 40.88
C LYS C 92 12.14 33.55 40.90
N LEU C 93 11.59 32.77 39.97
CA LEU C 93 10.15 32.60 39.81
C LEU C 93 9.50 31.85 40.98
N HIS C 94 10.31 31.29 41.86
CA HIS C 94 9.77 30.55 43.01
C HIS C 94 8.86 31.44 43.85
N GLU C 95 9.21 32.73 43.93
CA GLU C 95 8.42 33.69 44.68
C GLU C 95 7.34 34.30 43.79
N LEU C 96 7.68 34.49 42.52
CA LEU C 96 6.76 35.07 41.55
C LEU C 96 5.51 34.22 41.37
N GLN C 97 5.70 32.92 41.18
CA GLN C 97 4.59 32.00 40.98
C GLN C 97 3.64 32.02 42.18
N GLU C 98 4.21 32.00 43.37
CA GLU C 98 3.43 32.00 44.61
C GLU C 98 2.67 33.30 44.81
N LYS C 99 3.17 34.38 44.22
CA LYS C 99 2.52 35.67 44.37
C LYS C 99 1.52 35.97 43.26
N LEU C 100 1.77 35.42 42.07
CA LEU C 100 0.89 35.64 40.93
C LEU C 100 -0.24 34.61 40.85
N SER C 101 -0.01 33.43 41.40
CA SER C 101 -0.99 32.35 41.37
C SER C 101 -2.38 32.76 41.90
N PRO C 102 -2.47 33.34 43.13
CA PRO C 102 -3.76 33.76 43.71
C PRO C 102 -4.57 34.65 42.78
N LEU C 103 -3.92 35.67 42.25
CA LEU C 103 -4.56 36.63 41.35
C LEU C 103 -5.10 35.94 40.09
N GLY C 104 -4.34 35.00 39.58
CA GLY C 104 -4.75 34.29 38.38
C GLY C 104 -5.93 33.36 38.63
N GLU C 105 -5.83 32.60 39.70
CA GLU C 105 -6.90 31.65 40.06
C GLU C 105 -8.19 32.37 40.40
N GLU C 106 -8.08 33.50 41.08
CA GLU C 106 -9.26 34.28 41.46
C GLU C 106 -10.07 34.70 40.24
N MET C 107 -9.38 35.24 39.24
CA MET C 107 -10.05 35.71 38.03
C MET C 107 -10.54 34.53 37.18
N ARG C 108 -9.80 33.42 37.24
CA ARG C 108 -10.13 32.22 36.49
C ARG C 108 -11.53 31.70 36.86
N ASP C 109 -11.86 31.73 38.15
CA ASP C 109 -13.16 31.26 38.63
C ASP C 109 -14.31 32.06 38.02
N ARG C 110 -14.19 33.37 38.06
CA ARG C 110 -15.23 34.25 37.51
C ARG C 110 -15.31 34.12 35.99
N ALA C 111 -14.17 33.90 35.36
CA ALA C 111 -14.12 33.74 33.91
C ALA C 111 -14.92 32.52 33.49
N ARG C 112 -14.79 31.45 34.29
CA ARG C 112 -15.49 30.21 34.04
C ARG C 112 -16.99 30.38 34.26
N ALA C 113 -17.35 31.04 35.36
CA ALA C 113 -18.76 31.29 35.68
C ALA C 113 -19.42 32.15 34.61
N HIS C 114 -18.67 33.11 34.08
CA HIS C 114 -19.18 34.00 33.05
C HIS C 114 -19.64 33.22 31.82
N VAL C 115 -18.95 32.12 31.54
CA VAL C 115 -19.29 31.28 30.38
C VAL C 115 -20.70 30.72 30.50
N ASP C 116 -21.01 30.14 31.65
CA ASP C 116 -22.34 29.55 31.87
C ASP C 116 -23.38 30.64 32.06
N ALA C 117 -22.99 31.73 32.71
CA ALA C 117 -23.88 32.86 32.93
C ALA C 117 -24.33 33.44 31.61
N LEU C 118 -23.39 33.55 30.68
CA LEU C 118 -23.68 34.07 29.34
C LEU C 118 -24.57 33.10 28.57
N ARG C 119 -24.58 31.85 29.00
CA ARG C 119 -25.39 30.81 28.36
C ARG C 119 -26.84 30.92 28.82
N THR C 120 -27.02 31.02 30.14
CA THR C 120 -28.36 31.13 30.72
C THR C 120 -29.03 32.44 30.29
N HIS C 121 -28.22 33.48 30.09
CA HIS C 121 -28.72 34.79 29.69
C HIS C 121 -28.91 34.89 28.18
N LEU C 122 -28.96 33.74 27.50
CA LEU C 122 -29.13 33.74 26.05
C LEU C 122 -29.98 32.57 25.56
N ALA C 123 -29.84 31.42 26.21
CA ALA C 123 -30.57 30.20 25.84
C ALA C 123 -32.08 30.41 25.59
N PRO C 124 -32.84 30.90 26.60
CA PRO C 124 -34.29 31.11 26.45
C PRO C 124 -34.64 32.04 25.28
N TYR C 125 -33.82 33.07 25.08
CA TYR C 125 -34.05 34.04 24.02
C TYR C 125 -33.81 33.40 22.66
N SER C 126 -32.76 32.61 22.56
CA SER C 126 -32.40 31.94 21.32
C SER C 126 -33.47 30.92 20.94
N ASP C 127 -34.02 30.23 21.94
CA ASP C 127 -35.04 29.22 21.72
C ASP C 127 -36.27 29.81 21.03
N GLU C 128 -36.72 30.96 21.52
CA GLU C 128 -37.88 31.62 20.95
C GLU C 128 -37.59 32.11 19.54
N LEU C 129 -36.42 32.72 19.36
CA LEU C 129 -36.02 33.26 18.06
C LEU C 129 -35.98 32.17 16.99
N ARG C 130 -35.36 31.05 17.31
CA ARG C 130 -35.24 29.94 16.36
C ARG C 130 -36.60 29.32 16.06
N GLN C 131 -37.47 29.26 17.07
CA GLN C 131 -38.80 28.69 16.91
C GLN C 131 -39.66 29.55 15.98
N ARG C 132 -39.52 30.87 16.14
CA ARG C 132 -40.27 31.82 15.33
C ARG C 132 -39.77 31.80 13.90
N LEU C 133 -38.45 31.78 13.73
CA LEU C 133 -37.84 31.76 12.42
C LEU C 133 -38.17 30.47 11.66
N ALA C 134 -38.17 29.36 12.37
CA ALA C 134 -38.48 28.06 11.77
C ALA C 134 -39.88 28.07 11.18
N ALA C 135 -40.80 28.75 11.87
CA ALA C 135 -42.18 28.83 11.42
C ALA C 135 -42.29 29.73 10.18
N ARG C 136 -41.45 30.74 10.11
CA ARG C 136 -41.45 31.67 8.98
C ARG C 136 -40.94 30.98 7.72
N LEU C 137 -39.87 30.21 7.85
CA LEU C 137 -39.29 29.51 6.72
C LEU C 137 -40.27 28.48 6.17
N GLU C 138 -41.10 27.96 7.06
CA GLU C 138 -42.11 26.97 6.71
C GLU C 138 -43.13 27.55 5.72
N ALA C 139 -43.62 28.74 6.03
CA ALA C 139 -44.62 29.40 5.19
C ALA C 139 -43.99 29.85 3.87
N LEU C 140 -42.73 30.27 3.94
CA LEU C 140 -42.00 30.73 2.76
C LEU C 140 -41.85 29.60 1.74
N LYS C 141 -41.50 28.41 2.23
CA LYS C 141 -41.33 27.25 1.37
C LYS C 141 -42.67 26.76 0.83
N GLU C 142 -43.72 26.96 1.61
CA GLU C 142 -45.06 26.53 1.21
C GLU C 142 -45.49 27.18 -0.11
N ASN C 143 -45.43 28.49 -0.17
CA ASN C 143 -45.84 29.22 -1.38
C ASN C 143 -44.86 28.98 -2.52
N GLY C 144 -43.57 29.04 -2.21
CA GLY C 144 -42.55 28.85 -3.22
C GLY C 144 -42.56 27.46 -3.83
N GLY C 145 -42.73 26.44 -3.00
CA GLY C 145 -42.73 25.07 -3.47
C GLY C 145 -43.80 24.79 -4.51
N ALA C 146 -44.94 25.47 -4.39
CA ALA C 146 -46.05 25.29 -5.33
C ALA C 146 -45.68 25.86 -6.71
N ARG C 147 -45.08 27.04 -6.72
CA ARG C 147 -44.71 27.69 -7.96
C ARG C 147 -43.49 27.00 -8.60
N LEU C 148 -42.66 26.40 -7.74
CA LEU C 148 -41.47 25.69 -8.20
C LEU C 148 -41.84 24.48 -9.05
N ALA C 149 -43.00 23.89 -8.77
CA ALA C 149 -43.47 22.72 -9.49
C ALA C 149 -43.78 23.08 -10.95
N GLU C 150 -44.36 24.27 -11.16
CA GLU C 150 -44.70 24.72 -12.50
C GLU C 150 -43.46 24.96 -13.34
N TYR C 151 -42.40 25.43 -12.68
CA TYR C 151 -41.14 25.71 -13.36
C TYR C 151 -40.49 24.41 -13.83
N HIS C 152 -40.61 23.37 -13.02
CA HIS C 152 -40.04 22.07 -13.33
C HIS C 152 -40.79 21.42 -14.48
N ALA C 153 -42.09 21.70 -14.56
CA ALA C 153 -42.94 21.15 -15.61
C ALA C 153 -42.59 21.75 -16.96
N LYS C 154 -42.18 23.01 -16.96
CA LYS C 154 -41.81 23.70 -18.19
C LYS C 154 -40.34 23.47 -18.53
N ALA C 155 -39.59 22.98 -17.54
CA ALA C 155 -38.16 22.72 -17.72
C ALA C 155 -37.91 21.64 -18.77
N THR C 156 -38.40 20.43 -18.49
CA THR C 156 -38.23 19.29 -19.39
C THR C 156 -38.86 19.57 -20.76
N GLU C 157 -39.95 20.32 -20.74
CA GLU C 157 -40.66 20.70 -21.96
C GLU C 157 -39.79 21.61 -22.85
N HIS C 158 -38.88 22.32 -22.22
CA HIS C 158 -38.00 23.24 -22.91
C HIS C 158 -36.60 22.63 -23.10
N LEU C 159 -36.45 21.36 -22.77
CA LEU C 159 -35.16 20.70 -22.88
C LEU C 159 -35.18 19.53 -23.86
N SER C 160 -36.09 18.60 -23.67
CA SER C 160 -36.19 17.40 -24.51
C SER C 160 -36.40 17.73 -25.99
N THR C 161 -36.91 18.92 -26.26
CA THR C 161 -37.19 19.37 -27.62
C THR C 161 -35.91 19.66 -28.42
N LEU C 162 -34.84 20.00 -27.72
CA LEU C 162 -33.58 20.35 -28.37
C LEU C 162 -32.71 19.13 -28.68
N SER C 163 -33.02 18.00 -28.05
CA SER C 163 -32.23 16.79 -28.26
C SER C 163 -32.95 15.81 -29.17
N GLU C 164 -34.28 15.82 -29.10
CA GLU C 164 -35.11 14.93 -29.91
C GLU C 164 -34.82 15.01 -31.41
N LYS C 165 -34.58 16.22 -31.90
CA LYS C 165 -34.31 16.39 -33.33
C LYS C 165 -32.83 16.62 -33.62
N ALA C 166 -31.99 16.41 -32.62
CA ALA C 166 -30.56 16.61 -32.77
C ALA C 166 -29.86 15.35 -33.30
N LYS C 167 -30.28 14.20 -32.79
CA LYS C 167 -29.70 12.91 -33.19
C LYS C 167 -29.82 12.62 -34.70
N PRO C 168 -31.05 12.68 -35.27
CA PRO C 168 -31.25 12.41 -36.70
C PRO C 168 -30.43 13.34 -37.60
N ALA C 169 -30.25 14.57 -37.14
CA ALA C 169 -29.50 15.56 -37.89
C ALA C 169 -28.01 15.21 -37.93
N LEU C 170 -27.48 14.77 -36.80
CA LEU C 170 -26.08 14.41 -36.70
C LEU C 170 -25.76 13.16 -37.53
N GLU C 171 -26.68 12.21 -37.55
CA GLU C 171 -26.49 10.97 -38.30
C GLU C 171 -26.48 11.23 -39.80
N ASP C 172 -27.45 12.01 -40.27
CA ASP C 172 -27.55 12.35 -41.70
C ASP C 172 -26.26 13.03 -42.18
N LEU C 173 -25.73 13.91 -41.34
CA LEU C 173 -24.50 14.64 -41.63
C LEU C 173 -23.32 13.69 -41.73
N ARG C 174 -23.28 12.70 -40.84
CA ARG C 174 -22.21 11.71 -40.81
C ARG C 174 -22.16 10.93 -42.12
N GLN C 175 -23.32 10.47 -42.56
CA GLN C 175 -23.43 9.69 -43.79
C GLN C 175 -22.97 10.48 -45.01
N GLY C 176 -23.17 11.79 -44.98
CA GLY C 176 -22.77 12.64 -46.09
C GLY C 176 -21.27 12.83 -46.19
N LEU C 177 -20.56 12.67 -45.08
CA LEU C 177 -19.12 12.85 -45.06
C LEU C 177 -18.39 11.50 -45.11
N LEU C 178 -19.14 10.43 -45.31
CA LEU C 178 -18.54 9.09 -45.34
C LEU C 178 -17.93 8.71 -46.70
N PRO C 179 -18.70 8.78 -47.82
CA PRO C 179 -18.20 8.40 -49.16
C PRO C 179 -16.94 9.15 -49.58
N VAL C 180 -16.89 10.43 -49.26
CA VAL C 180 -15.75 11.26 -49.63
C VAL C 180 -14.50 10.86 -48.85
N LEU C 181 -14.68 10.60 -47.57
CA LEU C 181 -13.57 10.22 -46.71
C LEU C 181 -13.07 8.81 -47.05
N GLU C 182 -14.01 7.94 -47.42
CA GLU C 182 -13.69 6.56 -47.76
C GLU C 182 -12.62 6.48 -48.84
N SER C 183 -12.84 7.21 -49.93
CA SER C 183 -11.89 7.23 -51.04
C SER C 183 -10.56 7.86 -50.64
N PHE C 184 -10.63 8.91 -49.82
CA PHE C 184 -9.45 9.62 -49.38
C PHE C 184 -8.54 8.76 -48.51
N LYS C 185 -9.14 7.97 -47.62
CA LYS C 185 -8.36 7.11 -46.73
C LYS C 185 -7.61 6.03 -47.50
N VAL C 186 -8.25 5.48 -48.53
CA VAL C 186 -7.63 4.44 -49.34
C VAL C 186 -6.35 4.96 -50.01
N SER C 187 -6.46 6.12 -50.65
CA SER C 187 -5.32 6.72 -51.33
C SER C 187 -4.25 7.14 -50.34
N PHE C 188 -4.67 7.46 -49.12
CA PHE C 188 -3.75 7.87 -48.06
C PHE C 188 -2.84 6.72 -47.68
N LEU C 189 -3.40 5.53 -47.52
CA LEU C 189 -2.65 4.35 -47.14
C LEU C 189 -1.58 4.01 -48.18
N SER C 190 -1.92 4.14 -49.45
CA SER C 190 -0.99 3.84 -50.53
C SER C 190 0.22 4.77 -50.49
N ALA C 191 -0.03 6.06 -50.32
CA ALA C 191 1.03 7.06 -50.26
C ALA C 191 1.83 6.90 -48.96
N LEU C 192 1.14 6.53 -47.89
CA LEU C 192 1.76 6.35 -46.59
C LEU C 192 2.88 5.31 -46.65
N GLU C 193 2.60 4.17 -47.29
CA GLU C 193 3.58 3.10 -47.41
C GLU C 193 4.75 3.50 -48.31
N GLU C 194 4.51 4.42 -49.23
CA GLU C 194 5.56 4.88 -50.12
C GLU C 194 6.60 5.66 -49.33
N TYR C 195 6.11 6.35 -48.29
CA TYR C 195 6.99 7.12 -47.42
C TYR C 195 7.87 6.16 -46.64
N THR C 196 7.24 5.06 -46.18
CA THR C 196 7.95 4.03 -45.43
C THR C 196 9.10 3.46 -46.25
N LYS C 197 8.81 3.13 -47.50
CA LYS C 197 9.80 2.57 -48.40
C LYS C 197 10.96 3.54 -48.62
N LYS C 198 10.64 4.81 -48.78
CA LYS C 198 11.65 5.83 -49.00
C LYS C 198 12.55 5.99 -47.78
N LEU C 199 11.96 5.88 -46.59
CA LEU C 199 12.71 6.00 -45.35
C LEU C 199 13.49 4.72 -45.05
N ASN C 200 12.84 3.58 -45.25
CA ASN C 200 13.46 2.28 -45.01
C ASN C 200 14.64 2.05 -45.95
N SER D 14 -29.35 25.78 -37.03
CA SER D 14 -29.60 26.99 -36.26
C SER D 14 -31.10 27.18 -36.03
N THR D 15 -31.88 26.32 -36.66
CA THR D 15 -33.33 26.39 -36.57
C THR D 15 -33.82 25.97 -35.19
N PHE D 16 -33.31 24.83 -34.72
CA PHE D 16 -33.71 24.32 -33.41
C PHE D 16 -33.22 25.24 -32.30
N SER D 17 -32.04 25.81 -32.48
CA SER D 17 -31.46 26.72 -31.52
C SER D 17 -32.33 27.96 -31.37
N LYS D 18 -32.81 28.48 -32.49
CA LYS D 18 -33.66 29.65 -32.50
C LYS D 18 -35.01 29.36 -31.86
N LEU D 19 -35.53 28.16 -32.12
CA LEU D 19 -36.81 27.74 -31.56
C LEU D 19 -36.75 27.73 -30.04
N ARG D 20 -35.68 27.15 -29.52
CA ARG D 20 -35.46 27.07 -28.09
C ARG D 20 -35.42 28.46 -27.45
N GLU D 21 -34.79 29.40 -28.16
CA GLU D 21 -34.66 30.76 -27.67
C GLU D 21 -36.02 31.45 -27.56
N GLN D 22 -36.99 31.02 -28.37
CA GLN D 22 -38.32 31.62 -28.37
C GLN D 22 -39.06 31.35 -27.07
N LEU D 23 -38.84 30.17 -26.50
CA LEU D 23 -39.52 29.78 -25.27
C LEU D 23 -38.71 30.15 -24.02
N GLY D 24 -37.66 30.94 -24.22
CA GLY D 24 -36.82 31.35 -23.10
C GLY D 24 -37.37 32.55 -22.34
N PRO D 25 -37.30 33.76 -22.94
CA PRO D 25 -37.77 35.01 -22.32
C PRO D 25 -39.14 34.89 -21.64
N VAL D 26 -40.08 34.23 -22.31
CA VAL D 26 -41.43 34.07 -21.76
C VAL D 26 -41.43 33.37 -20.40
N THR D 27 -40.71 32.27 -20.31
CA THR D 27 -40.63 31.52 -19.05
C THR D 27 -39.79 32.27 -18.03
N GLN D 28 -38.75 32.95 -18.51
CA GLN D 28 -37.86 33.71 -17.63
C GLN D 28 -38.61 34.89 -16.99
N GLU D 29 -39.44 35.56 -17.79
CA GLU D 29 -40.22 36.70 -17.31
C GLU D 29 -41.21 36.24 -16.25
N PHE D 30 -41.87 35.11 -16.53
CA PHE D 30 -42.84 34.53 -15.60
C PHE D 30 -42.16 34.18 -14.28
N TRP D 31 -41.01 33.56 -14.36
CA TRP D 31 -40.25 33.16 -13.19
C TRP D 31 -39.74 34.38 -12.41
N ASP D 32 -39.24 35.37 -13.14
CA ASP D 32 -38.72 36.58 -12.52
C ASP D 32 -39.78 37.24 -11.65
N ASN D 33 -41.00 37.29 -12.17
CA ASN D 33 -42.12 37.88 -11.44
C ASN D 33 -42.42 37.09 -10.18
N LEU D 34 -42.43 35.77 -10.32
CA LEU D 34 -42.70 34.88 -9.19
C LEU D 34 -41.70 35.11 -8.06
N GLU D 35 -40.42 35.23 -8.44
CA GLU D 35 -39.37 35.47 -7.47
C GLU D 35 -39.58 36.81 -6.78
N LYS D 36 -39.97 37.83 -7.56
CA LYS D 36 -40.21 39.16 -7.00
C LYS D 36 -41.34 39.13 -5.98
N GLU D 37 -42.39 38.36 -6.28
CA GLU D 37 -43.52 38.21 -5.37
C GLU D 37 -43.04 37.62 -4.04
N THR D 38 -42.22 36.58 -4.16
CA THR D 38 -41.68 35.89 -2.99
C THR D 38 -40.69 36.78 -2.25
N GLU D 39 -40.02 37.66 -2.98
CA GLU D 39 -39.05 38.59 -2.39
C GLU D 39 -39.75 39.51 -1.40
N GLY D 40 -40.89 40.04 -1.79
CA GLY D 40 -41.66 40.93 -0.93
C GLY D 40 -42.10 40.22 0.33
N LEU D 41 -42.40 38.93 0.21
CA LEU D 41 -42.82 38.13 1.35
C LEU D 41 -41.69 38.00 2.36
N ARG D 42 -40.47 37.78 1.85
CA ARG D 42 -39.31 37.64 2.70
C ARG D 42 -38.97 38.95 3.40
N GLN D 43 -39.24 40.05 2.71
CA GLN D 43 -38.98 41.39 3.26
C GLN D 43 -39.78 41.59 4.53
N GLU D 44 -41.04 41.16 4.51
CA GLU D 44 -41.92 41.28 5.65
C GLU D 44 -41.47 40.37 6.79
N MET D 45 -40.98 39.19 6.43
CA MET D 45 -40.50 38.22 7.41
C MET D 45 -39.24 38.72 8.09
N SER D 46 -38.33 39.28 7.31
CA SER D 46 -37.08 39.80 7.84
C SER D 46 -37.34 41.03 8.70
N LYS D 47 -38.33 41.82 8.28
CA LYS D 47 -38.70 43.05 8.99
C LYS D 47 -39.05 42.77 10.45
N ASP D 48 -39.92 41.80 10.68
CA ASP D 48 -40.35 41.47 12.04
C ASP D 48 -39.22 40.80 12.82
N LEU D 49 -38.49 39.92 12.15
CA LEU D 49 -37.39 39.20 12.78
C LEU D 49 -36.31 40.16 13.27
N GLU D 50 -36.05 41.18 12.47
CA GLU D 50 -35.04 42.18 12.79
C GLU D 50 -35.40 42.94 14.06
N GLU D 51 -36.69 43.17 14.26
CA GLU D 51 -37.19 43.89 15.43
C GLU D 51 -36.90 43.09 16.70
N VAL D 52 -37.14 41.79 16.64
CA VAL D 52 -36.90 40.91 17.79
C VAL D 52 -35.42 40.87 18.12
N LYS D 53 -34.60 40.72 17.08
CA LYS D 53 -33.15 40.65 17.26
C LYS D 53 -32.60 41.93 17.88
N ALA D 54 -33.16 43.06 17.47
CA ALA D 54 -32.72 44.35 17.98
C ALA D 54 -33.19 44.59 19.41
N LYS D 55 -33.93 43.64 19.96
CA LYS D 55 -34.43 43.77 21.31
C LYS D 55 -33.70 42.81 22.26
N VAL D 56 -33.22 41.69 21.73
CA VAL D 56 -32.52 40.70 22.53
C VAL D 56 -31.04 41.04 22.72
N GLN D 57 -30.44 41.62 21.67
CA GLN D 57 -29.02 41.99 21.70
C GLN D 57 -28.58 42.79 22.93
N PRO D 58 -29.27 43.91 23.27
CA PRO D 58 -28.91 44.75 24.43
C PRO D 58 -28.80 43.98 25.75
N TYR D 59 -29.50 42.86 25.85
CA TYR D 59 -29.46 42.06 27.06
C TYR D 59 -28.07 41.47 27.31
N LEU D 60 -27.46 40.95 26.26
CA LEU D 60 -26.13 40.36 26.38
C LEU D 60 -25.05 41.43 26.47
N ASP D 61 -25.25 42.52 25.73
CA ASP D 61 -24.31 43.64 25.73
C ASP D 61 -24.19 44.27 27.12
N ASP D 62 -25.33 44.46 27.76
CA ASP D 62 -25.37 45.05 29.09
C ASP D 62 -24.65 44.17 30.12
N PHE D 63 -24.60 42.88 29.82
CA PHE D 63 -23.94 41.93 30.72
C PHE D 63 -22.43 41.95 30.51
N GLN D 64 -22.02 42.13 29.26
CA GLN D 64 -20.61 42.18 28.89
C GLN D 64 -19.91 43.34 29.59
N LYS D 65 -20.59 44.47 29.68
CA LYS D 65 -20.06 45.67 30.32
C LYS D 65 -19.68 45.41 31.78
N LYS D 66 -20.46 44.58 32.46
CA LYS D 66 -20.21 44.26 33.86
C LYS D 66 -18.86 43.58 34.05
N TRP D 67 -18.62 42.52 33.30
CA TRP D 67 -17.36 41.78 33.38
C TRP D 67 -16.20 42.64 32.89
N GLN D 68 -16.47 43.46 31.88
CA GLN D 68 -15.47 44.35 31.31
C GLN D 68 -14.98 45.33 32.39
N GLU D 69 -15.93 45.79 33.19
CA GLU D 69 -15.64 46.72 34.28
C GLU D 69 -14.77 46.06 35.34
N GLU D 70 -15.19 44.89 35.79
CA GLU D 70 -14.45 44.15 36.81
C GLU D 70 -13.04 43.80 36.35
N MET D 71 -12.91 43.42 35.08
CA MET D 71 -11.61 43.08 34.52
C MET D 71 -10.68 44.29 34.52
N GLU D 72 -11.25 45.45 34.21
CA GLU D 72 -10.49 46.69 34.17
C GLU D 72 -9.96 47.04 35.55
N LEU D 73 -10.82 46.88 36.55
CA LEU D 73 -10.44 47.17 37.94
C LEU D 73 -9.37 46.19 38.40
N TYR D 74 -9.47 44.96 37.92
CA TYR D 74 -8.53 43.91 38.27
C TYR D 74 -7.14 44.22 37.73
N ARG D 75 -7.07 44.58 36.46
CA ARG D 75 -5.80 44.91 35.81
C ARG D 75 -5.07 46.04 36.51
N GLN D 76 -5.80 47.11 36.80
CA GLN D 76 -5.22 48.28 37.47
C GLN D 76 -4.65 47.94 38.84
N LYS D 77 -5.16 46.88 39.47
CA LYS D 77 -4.70 46.47 40.78
C LYS D 77 -3.40 45.67 40.71
N VAL D 78 -3.28 44.83 39.69
CA VAL D 78 -2.10 43.99 39.54
C VAL D 78 -0.96 44.74 38.85
N GLU D 79 -1.27 45.91 38.30
CA GLU D 79 -0.28 46.72 37.61
C GLU D 79 0.98 46.98 38.46
N PRO D 80 0.84 47.56 39.67
CA PRO D 80 1.99 47.83 40.55
C PRO D 80 2.55 46.55 41.14
N LEU D 81 1.72 45.53 41.28
CA LEU D 81 2.13 44.25 41.84
C LEU D 81 3.20 43.60 40.98
N ARG D 82 3.01 43.64 39.67
CA ARG D 82 3.97 43.05 38.74
C ARG D 82 5.26 43.86 38.74
N ALA D 83 5.14 45.15 38.98
CA ALA D 83 6.29 46.05 38.99
C ALA D 83 7.29 45.62 40.05
N GLU D 84 6.79 45.17 41.19
CA GLU D 84 7.63 44.71 42.29
C GLU D 84 8.50 43.53 41.85
N LEU D 85 7.88 42.59 41.16
CA LEU D 85 8.58 41.41 40.68
C LEU D 85 9.48 41.76 39.49
N GLN D 86 9.03 42.72 38.69
CA GLN D 86 9.79 43.16 37.52
C GLN D 86 11.10 43.81 37.92
N GLU D 87 11.03 44.78 38.82
CA GLU D 87 12.22 45.48 39.29
C GLU D 87 13.11 44.54 40.10
N GLY D 88 12.49 43.65 40.85
CA GLY D 88 13.23 42.70 41.66
C GLY D 88 14.08 41.79 40.78
N ALA D 89 13.55 41.41 39.63
CA ALA D 89 14.26 40.56 38.70
C ALA D 89 15.26 41.38 37.89
N ARG D 90 14.90 42.63 37.61
CA ARG D 90 15.76 43.53 36.83
C ARG D 90 17.18 43.60 37.39
N GLN D 91 17.29 43.85 38.69
CA GLN D 91 18.61 43.95 39.32
C GLN D 91 19.28 42.60 39.42
N LYS D 92 18.48 41.55 39.56
CA LYS D 92 18.97 40.19 39.66
C LYS D 92 19.69 39.79 38.38
N LEU D 93 19.17 40.25 37.25
CA LEU D 93 19.75 39.96 35.95
C LEU D 93 21.17 40.52 35.84
N HIS D 94 21.33 41.77 36.27
CA HIS D 94 22.62 42.42 36.25
C HIS D 94 23.60 41.70 37.16
N GLU D 95 23.15 41.40 38.36
CA GLU D 95 23.95 40.71 39.36
C GLU D 95 24.45 39.37 38.81
N LEU D 96 23.60 38.68 38.07
CA LEU D 96 23.94 37.38 37.50
C LEU D 96 24.94 37.50 36.36
N GLN D 97 24.64 38.34 35.37
CA GLN D 97 25.51 38.52 34.21
C GLN D 97 26.89 39.07 34.59
N GLU D 98 26.92 39.94 35.60
CA GLU D 98 28.16 40.54 36.07
C GLU D 98 29.13 39.48 36.58
N LYS D 99 28.58 38.47 37.25
CA LYS D 99 29.39 37.38 37.80
C LYS D 99 29.94 36.48 36.69
N LEU D 100 29.31 36.54 35.53
CA LEU D 100 29.73 35.72 34.39
C LEU D 100 30.55 36.53 33.39
N SER D 101 30.93 37.73 33.78
CA SER D 101 31.73 38.59 32.92
C SER D 101 33.23 38.24 32.95
N PRO D 102 33.86 38.16 34.15
CA PRO D 102 35.29 37.84 34.29
C PRO D 102 35.75 36.60 33.52
N LEU D 103 35.06 35.48 33.72
CA LEU D 103 35.42 34.23 33.05
C LEU D 103 35.45 34.38 31.53
N GLY D 104 34.39 34.96 30.98
CA GLY D 104 34.31 35.15 29.54
C GLY D 104 35.36 36.09 29.02
N GLU D 105 35.67 37.12 29.81
CA GLU D 105 36.67 38.11 29.44
C GLU D 105 38.06 37.48 29.40
N GLU D 106 38.36 36.69 30.41
CA GLU D 106 39.66 36.03 30.53
C GLU D 106 39.89 35.08 29.35
N MET D 107 38.82 34.39 28.93
CA MET D 107 38.90 33.46 27.82
C MET D 107 39.21 34.18 26.51
N ARG D 108 38.77 35.42 26.39
CA ARG D 108 38.99 36.22 25.19
C ARG D 108 40.48 36.40 24.90
N ASP D 109 41.24 36.74 25.93
CA ASP D 109 42.68 36.95 25.78
C ASP D 109 43.37 35.66 25.36
N ARG D 110 43.04 34.58 26.05
CA ARG D 110 43.64 33.28 25.75
C ARG D 110 43.35 32.84 24.33
N ALA D 111 42.11 33.06 23.89
CA ALA D 111 41.69 32.69 22.54
C ALA D 111 42.44 33.51 21.51
N ARG D 112 42.51 34.84 21.73
CA ARG D 112 43.20 35.74 20.82
C ARG D 112 44.64 35.29 20.60
N ALA D 113 45.34 35.01 21.70
CA ALA D 113 46.72 34.57 21.63
C ALA D 113 46.85 33.23 20.92
N HIS D 114 45.92 32.32 21.18
CA HIS D 114 45.95 31.00 20.56
C HIS D 114 45.73 31.09 19.05
N VAL D 115 44.77 31.92 18.65
CA VAL D 115 44.46 32.10 17.25
C VAL D 115 45.64 32.73 16.50
N ASP D 116 46.28 33.71 17.13
CA ASP D 116 47.42 34.39 16.55
C ASP D 116 48.59 33.44 16.36
N ALA D 117 48.82 32.61 17.38
CA ALA D 117 49.92 31.64 17.35
C ALA D 117 49.76 30.66 16.20
N LEU D 118 48.54 30.20 15.97
CA LEU D 118 48.24 29.24 14.90
C LEU D 118 48.47 29.86 13.52
N ARG D 119 48.16 31.15 13.39
CA ARG D 119 48.33 31.85 12.11
C ARG D 119 49.77 31.82 11.64
N THR D 120 50.69 31.95 12.58
CA THR D 120 52.12 31.96 12.28
C THR D 120 52.60 30.60 11.74
N HIS D 121 51.82 29.56 11.99
CA HIS D 121 52.17 28.22 11.54
C HIS D 121 51.50 27.88 10.20
N LEU D 122 50.47 28.65 9.86
CA LEU D 122 49.73 28.41 8.63
C LEU D 122 50.32 29.18 7.45
N ALA D 123 50.75 30.41 7.69
CA ALA D 123 51.32 31.27 6.65
C ALA D 123 52.41 30.59 5.81
N PRO D 124 53.49 30.05 6.42
CA PRO D 124 54.57 29.40 5.68
C PRO D 124 54.09 28.20 4.88
N TYR D 125 53.11 27.48 5.42
CA TYR D 125 52.55 26.30 4.77
C TYR D 125 51.83 26.69 3.49
N SER D 126 50.99 27.72 3.58
CA SER D 126 50.23 28.19 2.44
C SER D 126 51.12 28.64 1.29
N ASP D 127 52.22 29.31 1.61
CA ASP D 127 53.15 29.79 0.62
C ASP D 127 53.82 28.65 -0.13
N GLU D 128 54.24 27.63 0.61
CA GLU D 128 54.89 26.47 0.02
C GLU D 128 53.96 25.73 -0.94
N LEU D 129 52.69 25.63 -0.55
CA LEU D 129 51.70 24.95 -1.38
C LEU D 129 51.56 25.63 -2.74
N ARG D 130 51.75 26.94 -2.73
CA ARG D 130 51.63 27.73 -3.95
C ARG D 130 52.77 27.41 -4.92
N GLN D 131 54.00 27.45 -4.43
CA GLN D 131 55.18 27.17 -5.25
C GLN D 131 55.13 25.73 -5.78
N ARG D 132 54.84 24.80 -4.87
CA ARG D 132 54.76 23.39 -5.23
C ARG D 132 53.70 23.15 -6.31
N LEU D 133 52.57 23.84 -6.18
CA LEU D 133 51.47 23.72 -7.14
C LEU D 133 51.89 24.27 -8.51
N ALA D 134 52.51 25.43 -8.49
CA ALA D 134 52.97 26.08 -9.71
C ALA D 134 53.99 25.22 -10.46
N ALA D 135 54.92 24.64 -9.72
CA ALA D 135 55.96 23.80 -10.30
C ALA D 135 55.34 22.58 -10.97
N ARG D 136 54.42 21.93 -10.27
CA ARG D 136 53.76 20.74 -10.82
C ARG D 136 52.96 21.08 -12.07
N LEU D 137 52.26 22.21 -12.04
CA LEU D 137 51.46 22.63 -13.18
C LEU D 137 52.33 22.89 -14.40
N GLU D 138 53.48 23.51 -14.18
CA GLU D 138 54.41 23.82 -15.26
C GLU D 138 54.92 22.54 -15.93
N ALA D 139 55.13 21.50 -15.13
CA ALA D 139 55.61 20.23 -15.65
C ALA D 139 54.51 19.53 -16.44
N LEU D 140 53.29 19.58 -15.90
CA LEU D 140 52.14 18.96 -16.54
C LEU D 140 51.81 19.68 -17.85
N LYS D 141 51.84 21.00 -17.82
CA LYS D 141 51.55 21.82 -18.98
C LYS D 141 52.56 21.56 -20.10
N GLU D 142 53.84 21.54 -19.72
CA GLU D 142 54.93 21.31 -20.68
C GLU D 142 54.77 19.97 -21.38
N ASN D 143 54.23 19.00 -20.66
CA ASN D 143 54.03 17.66 -21.21
C ASN D 143 52.60 17.48 -21.69
N GLY D 144 51.85 18.56 -21.71
CA GLY D 144 50.46 18.49 -22.13
C GLY D 144 50.24 19.07 -23.51
N GLY D 145 51.00 20.10 -23.86
CA GLY D 145 50.87 20.74 -25.16
C GLY D 145 50.97 19.76 -26.32
N ALA D 146 52.00 18.92 -26.30
CA ALA D 146 52.21 17.93 -27.36
C ALA D 146 51.07 16.92 -27.40
N ARG D 147 50.52 16.61 -26.22
CA ARG D 147 49.43 15.65 -26.12
C ARG D 147 48.15 16.24 -26.71
N LEU D 148 47.87 17.49 -26.35
CA LEU D 148 46.67 18.18 -26.84
C LEU D 148 46.73 18.35 -28.35
N ALA D 149 47.92 18.66 -28.86
CA ALA D 149 48.13 18.88 -30.28
C ALA D 149 47.76 17.64 -31.09
N GLU D 150 48.28 16.48 -30.69
CA GLU D 150 48.00 15.23 -31.40
C GLU D 150 46.52 14.85 -31.33
N TYR D 151 45.90 15.11 -30.18
CA TYR D 151 44.50 14.80 -29.98
C TYR D 151 43.62 15.55 -30.97
N HIS D 152 43.94 16.83 -31.17
CA HIS D 152 43.19 17.67 -32.08
C HIS D 152 43.42 17.28 -33.55
N ALA D 153 44.67 17.05 -33.91
CA ALA D 153 45.03 16.67 -35.27
C ALA D 153 44.28 15.43 -35.73
N LYS D 154 44.30 14.39 -34.90
CA LYS D 154 43.64 13.14 -35.22
C LYS D 154 42.12 13.29 -35.23
N ALA D 155 41.60 14.05 -34.26
CA ALA D 155 40.16 14.27 -34.13
C ALA D 155 39.60 15.07 -35.30
N THR D 156 40.39 15.99 -35.83
CA THR D 156 39.96 16.83 -36.95
C THR D 156 39.59 15.97 -38.18
N GLU D 157 40.48 15.06 -38.57
CA GLU D 157 40.25 14.20 -39.72
C GLU D 157 39.00 13.33 -39.53
N HIS D 158 38.83 12.83 -38.31
CA HIS D 158 37.67 11.99 -38.00
C HIS D 158 36.36 12.76 -38.18
N LEU D 159 36.39 14.04 -37.80
CA LEU D 159 35.21 14.90 -37.90
C LEU D 159 34.87 15.19 -39.36
N SER D 160 35.89 15.33 -40.19
CA SER D 160 35.69 15.61 -41.62
C SER D 160 34.87 14.51 -42.28
N THR D 161 35.23 13.26 -42.03
CA THR D 161 34.54 12.11 -42.60
C THR D 161 33.20 11.87 -41.90
N LEU D 162 33.01 12.53 -40.76
CA LEU D 162 31.79 12.38 -39.98
C LEU D 162 30.66 13.23 -40.52
N SER D 163 30.97 14.48 -40.86
CA SER D 163 29.96 15.42 -41.34
C SER D 163 29.87 15.48 -42.88
N GLU D 164 30.81 14.86 -43.57
CA GLU D 164 30.80 14.88 -45.02
C GLU D 164 29.64 14.09 -45.62
N LYS D 165 29.44 12.87 -45.14
CA LYS D 165 28.38 12.02 -45.64
C LYS D 165 27.07 12.24 -44.87
N ALA D 166 26.42 13.35 -45.15
CA ALA D 166 25.15 13.68 -44.49
C ALA D 166 24.25 14.51 -45.41
N LYS D 167 24.81 15.62 -45.91
CA LYS D 167 24.06 16.52 -46.82
C LYS D 167 23.55 15.81 -48.08
N PRO D 168 24.44 15.15 -48.86
CA PRO D 168 24.04 14.46 -50.10
C PRO D 168 22.94 13.42 -49.89
N ALA D 169 22.96 12.76 -48.73
CA ALA D 169 21.96 11.74 -48.41
C ALA D 169 20.56 12.33 -48.26
N LEU D 170 20.48 13.51 -47.67
CA LEU D 170 19.21 14.17 -47.47
C LEU D 170 18.73 14.82 -48.77
N GLU D 171 19.70 15.19 -49.61
CA GLU D 171 19.42 15.83 -50.88
C GLU D 171 18.57 14.94 -51.79
N ASP D 172 19.04 13.72 -52.04
CA ASP D 172 18.33 12.79 -52.90
C ASP D 172 17.01 12.34 -52.26
N LEU D 173 17.03 12.19 -50.94
CA LEU D 173 15.85 11.75 -50.20
C LEU D 173 14.68 12.72 -50.37
N ARG D 174 14.95 14.01 -50.24
CA ARG D 174 13.89 15.01 -50.37
C ARG D 174 13.38 15.12 -51.81
N GLN D 175 14.27 14.99 -52.78
CA GLN D 175 13.89 15.08 -54.18
C GLN D 175 13.02 13.91 -54.60
N GLY D 176 13.23 12.76 -53.98
CA GLY D 176 12.44 11.59 -54.30
C GLY D 176 11.22 11.46 -53.42
N LEU D 177 10.74 12.58 -52.91
CA LEU D 177 9.56 12.58 -52.05
C LEU D 177 8.64 13.75 -52.37
N LEU D 178 9.22 14.93 -52.59
CA LEU D 178 8.46 16.15 -52.89
C LEU D 178 7.35 15.98 -53.95
N PRO D 179 7.66 15.42 -55.14
CA PRO D 179 6.65 15.23 -56.21
C PRO D 179 5.34 14.63 -55.73
N VAL D 180 5.40 13.48 -55.07
CA VAL D 180 4.20 12.79 -54.59
C VAL D 180 3.59 13.49 -53.37
N LEU D 181 4.44 14.19 -52.62
CA LEU D 181 4.01 14.91 -51.43
C LEU D 181 3.15 16.10 -51.82
N GLU D 182 3.53 16.80 -52.88
CA GLU D 182 2.79 17.96 -53.34
C GLU D 182 1.38 17.59 -53.78
N SER D 183 1.25 16.47 -54.47
CA SER D 183 -0.05 16.01 -54.95
C SER D 183 -0.99 15.66 -53.80
N PHE D 184 -0.42 15.16 -52.71
CA PHE D 184 -1.21 14.80 -51.54
C PHE D 184 -1.87 16.04 -50.93
N LYS D 185 -1.16 17.15 -50.99
CA LYS D 185 -1.67 18.41 -50.45
C LYS D 185 -2.90 18.86 -51.24
N VAL D 186 -2.89 18.57 -52.54
CA VAL D 186 -3.98 18.93 -53.42
C VAL D 186 -5.25 18.20 -53.02
N SER D 187 -5.16 16.88 -52.94
CA SER D 187 -6.31 16.06 -52.55
C SER D 187 -6.82 16.43 -51.16
N PHE D 188 -5.89 16.80 -50.27
CA PHE D 188 -6.25 17.19 -48.92
C PHE D 188 -7.17 18.41 -48.96
N LEU D 189 -6.78 19.39 -49.76
CA LEU D 189 -7.55 20.62 -49.91
C LEU D 189 -8.90 20.34 -50.59
N SER D 190 -8.87 19.53 -51.63
CA SER D 190 -10.08 19.18 -52.38
C SER D 190 -11.09 18.46 -51.48
N ALA D 191 -10.62 17.53 -50.67
CA ALA D 191 -11.48 16.78 -49.78
C ALA D 191 -12.05 17.68 -48.69
N LEU D 192 -11.18 18.52 -48.11
CA LEU D 192 -11.56 19.45 -47.05
C LEU D 192 -12.73 20.33 -47.46
N GLU D 193 -12.63 20.91 -48.66
CA GLU D 193 -13.64 21.81 -49.20
C GLU D 193 -15.04 21.20 -49.19
N GLU D 194 -15.13 19.92 -49.55
CA GLU D 194 -16.42 19.23 -49.61
C GLU D 194 -17.01 18.94 -48.22
N TYR D 195 -16.15 18.83 -47.23
CA TYR D 195 -16.60 18.54 -45.87
C TYR D 195 -17.27 19.73 -45.21
N THR D 196 -16.60 20.87 -45.20
CA THR D 196 -17.14 22.08 -44.58
C THR D 196 -18.43 22.54 -45.26
N LYS D 197 -18.55 22.25 -46.55
CA LYS D 197 -19.73 22.60 -47.34
C LYS D 197 -21.00 22.04 -46.71
N LYS D 198 -20.92 20.81 -46.21
CA LYS D 198 -22.06 20.17 -45.59
C LYS D 198 -22.17 20.54 -44.12
N LEU D 199 -21.03 20.86 -43.51
CA LEU D 199 -20.97 21.22 -42.10
C LEU D 199 -21.55 22.61 -41.83
N ASN D 200 -21.15 23.59 -42.64
CA ASN D 200 -21.60 24.96 -42.47
C ASN D 200 -23.12 25.07 -42.58
N THR A 2 3.93 -13.22 2.01
CA THR A 2 3.63 -13.36 0.59
C THR A 2 2.76 -14.58 0.36
N GLU A 3 1.62 -14.37 -0.32
CA GLU A 3 0.69 -15.44 -0.59
C GLU A 3 1.02 -16.17 -1.90
N TYR A 4 0.86 -17.48 -1.89
CA TYR A 4 1.15 -18.30 -3.06
C TYR A 4 -0.02 -19.24 -3.33
N LYS A 5 -0.74 -18.99 -4.42
CA LYS A 5 -1.87 -19.82 -4.80
C LYS A 5 -1.39 -21.10 -5.48
N LEU A 6 -1.62 -22.23 -4.82
CA LEU A 6 -1.19 -23.52 -5.33
C LEU A 6 -2.41 -24.40 -5.64
N VAL A 7 -2.61 -24.67 -6.92
CA VAL A 7 -3.73 -25.52 -7.33
C VAL A 7 -3.25 -26.91 -7.67
N VAL A 8 -3.77 -27.90 -6.97
CA VAL A 8 -3.39 -29.30 -7.20
C VAL A 8 -4.32 -29.91 -8.24
N VAL A 9 -3.76 -30.33 -9.36
CA VAL A 9 -4.52 -30.93 -10.44
C VAL A 9 -4.00 -32.33 -10.76
N GLY A 10 -4.92 -33.23 -11.10
CA GLY A 10 -4.56 -34.59 -11.42
C GLY A 10 -5.77 -35.43 -11.73
N ALA A 11 -5.54 -36.71 -12.01
CA ALA A 11 -6.61 -37.63 -12.32
C ALA A 11 -7.25 -38.15 -11.03
N ASP A 12 -8.20 -39.07 -11.17
CA ASP A 12 -8.88 -39.63 -10.00
C ASP A 12 -8.09 -40.80 -9.41
N GLY A 13 -8.11 -40.91 -8.09
CA GLY A 13 -7.42 -41.98 -7.40
C GLY A 13 -5.92 -41.76 -7.26
N VAL A 14 -5.45 -40.59 -7.68
CA VAL A 14 -4.02 -40.30 -7.60
C VAL A 14 -3.58 -40.09 -6.15
N GLY A 15 -4.43 -39.49 -5.33
CA GLY A 15 -4.10 -39.27 -3.94
C GLY A 15 -3.66 -37.84 -3.68
N LYS A 16 -4.15 -36.91 -4.50
CA LYS A 16 -3.80 -35.51 -4.37
C LYS A 16 -4.25 -34.91 -3.04
N SER A 17 -5.41 -35.35 -2.55
CA SER A 17 -5.93 -34.87 -1.28
C SER A 17 -5.04 -35.35 -0.13
N ALA A 18 -4.76 -36.65 -0.14
CA ALA A 18 -3.94 -37.27 0.89
C ALA A 18 -2.61 -36.55 1.06
N LEU A 19 -1.98 -36.19 -0.06
CA LEU A 19 -0.72 -35.48 -0.05
C LEU A 19 -0.84 -34.18 0.73
N THR A 20 -1.82 -33.37 0.36
CA THR A 20 -2.07 -32.09 0.99
C THR A 20 -2.44 -32.25 2.47
N ILE A 21 -3.34 -33.17 2.76
CA ILE A 21 -3.79 -33.41 4.14
C ILE A 21 -2.65 -33.80 5.06
N GLN A 22 -1.68 -34.55 4.52
CA GLN A 22 -0.52 -35.00 5.27
C GLN A 22 0.32 -33.85 5.80
N LEU A 23 0.18 -32.68 5.19
CA LEU A 23 0.93 -31.52 5.62
C LEU A 23 0.04 -30.48 6.30
N ILE A 24 -1.25 -30.51 5.97
CA ILE A 24 -2.20 -29.58 6.57
C ILE A 24 -2.57 -30.04 7.98
N GLN A 25 -2.97 -31.29 8.10
CA GLN A 25 -3.36 -31.84 9.40
C GLN A 25 -2.36 -32.90 9.87
N ASN A 26 -1.39 -33.19 9.02
CA ASN A 26 -0.32 -34.14 9.31
C ASN A 26 -0.81 -35.57 9.56
N HIS A 27 -1.64 -36.08 8.65
CA HIS A 27 -2.15 -37.44 8.76
C HIS A 27 -2.54 -37.98 7.39
N PHE A 28 -2.50 -39.31 7.26
CA PHE A 28 -2.85 -39.95 6.01
C PHE A 28 -4.27 -40.48 6.04
N VAL A 29 -5.01 -40.22 4.98
CA VAL A 29 -6.38 -40.66 4.86
C VAL A 29 -6.48 -41.78 3.83
N ASP A 30 -6.68 -43.00 4.31
CA ASP A 30 -6.77 -44.17 3.43
C ASP A 30 -8.16 -44.28 2.80
N GLU A 31 -9.08 -43.45 3.28
CA GLU A 31 -10.43 -43.43 2.78
C GLU A 31 -10.52 -42.67 1.46
N TYR A 32 -11.25 -43.23 0.51
CA TYR A 32 -11.41 -42.58 -0.78
C TYR A 32 -12.53 -41.56 -0.69
N ASP A 33 -12.15 -40.31 -0.46
CA ASP A 33 -13.13 -39.24 -0.32
C ASP A 33 -13.19 -38.37 -1.58
N PRO A 34 -14.35 -38.35 -2.25
CA PRO A 34 -14.55 -37.53 -3.46
C PRO A 34 -14.41 -36.05 -3.12
N THR A 35 -13.29 -35.48 -3.51
CA THR A 35 -12.99 -34.09 -3.23
C THR A 35 -13.38 -33.20 -4.40
N ILE A 36 -14.50 -32.49 -4.26
CA ILE A 36 -14.98 -31.60 -5.30
C ILE A 36 -14.16 -30.31 -5.31
N GLU A 37 -14.10 -29.63 -4.17
CA GLU A 37 -13.36 -28.38 -4.06
C GLU A 37 -13.01 -28.10 -2.59
N ASP A 38 -11.76 -28.39 -2.23
CA ASP A 38 -11.30 -28.15 -0.85
C ASP A 38 -10.16 -27.13 -0.85
N SER A 39 -10.33 -26.07 -0.08
CA SER A 39 -9.32 -25.03 0.01
C SER A 39 -8.70 -24.96 1.40
N TYR A 40 -7.37 -25.05 1.47
CA TYR A 40 -6.67 -25.02 2.74
C TYR A 40 -5.58 -23.96 2.75
N ARG A 41 -5.48 -23.22 3.85
CA ARG A 41 -4.47 -22.18 3.98
C ARG A 41 -3.44 -22.58 5.01
N LYS A 42 -2.18 -22.36 4.69
CA LYS A 42 -1.07 -22.69 5.58
C LYS A 42 0.07 -21.71 5.39
N GLN A 43 0.57 -21.16 6.49
CA GLN A 43 1.67 -20.21 6.43
C GLN A 43 2.96 -20.89 6.89
N VAL A 44 3.91 -20.99 5.97
CA VAL A 44 5.19 -21.63 6.28
C VAL A 44 6.33 -20.70 5.88
N VAL A 45 7.54 -21.04 6.33
CA VAL A 45 8.71 -20.24 6.01
C VAL A 45 9.63 -21.00 5.08
N ILE A 46 9.53 -20.70 3.79
CA ILE A 46 10.34 -21.37 2.78
C ILE A 46 11.46 -20.44 2.32
N ASP A 47 12.68 -20.94 2.35
CA ASP A 47 13.87 -20.18 1.92
C ASP A 47 14.08 -18.96 2.81
N GLY A 48 13.49 -18.98 4.00
CA GLY A 48 13.64 -17.87 4.91
C GLY A 48 12.55 -16.83 4.72
N GLU A 49 11.65 -17.08 3.78
CA GLU A 49 10.56 -16.16 3.49
C GLU A 49 9.24 -16.72 4.02
N THR A 50 8.41 -15.86 4.57
CA THR A 50 7.12 -16.28 5.08
C THR A 50 6.12 -16.39 3.93
N CYS A 51 5.75 -17.60 3.60
CA CYS A 51 4.83 -17.84 2.49
C CYS A 51 3.46 -18.34 2.96
N LEU A 52 2.42 -17.64 2.52
CA LEU A 52 1.05 -18.03 2.86
C LEU A 52 0.53 -18.87 1.70
N LEU A 53 0.47 -20.18 1.92
CA LEU A 53 0.04 -21.10 0.89
C LEU A 53 -1.48 -21.20 0.78
N ASP A 54 -1.97 -20.98 -0.44
CA ASP A 54 -3.40 -21.09 -0.73
C ASP A 54 -3.59 -22.34 -1.57
N ILE A 55 -3.80 -23.46 -0.91
CA ILE A 55 -3.95 -24.74 -1.59
C ILE A 55 -5.40 -25.00 -1.99
N LEU A 56 -5.59 -25.33 -3.26
CA LEU A 56 -6.91 -25.63 -3.78
C LEU A 56 -6.95 -27.04 -4.37
N ASP A 57 -7.53 -27.97 -3.64
CA ASP A 57 -7.63 -29.35 -4.09
C ASP A 57 -8.99 -29.58 -4.74
N THR A 58 -9.00 -29.58 -6.06
CA THR A 58 -10.23 -29.78 -6.82
C THR A 58 -10.33 -31.22 -7.33
N ALA A 59 -11.50 -31.60 -7.80
CA ALA A 59 -11.73 -32.95 -8.30
C ALA A 59 -11.00 -33.20 -9.61
N GLY A 60 -10.79 -34.47 -9.93
CA GLY A 60 -10.12 -34.84 -11.16
C GLY A 60 -10.83 -35.96 -11.88
N GLN A 61 -12.14 -36.04 -11.67
CA GLN A 61 -12.96 -37.07 -12.29
C GLN A 61 -13.55 -36.57 -13.60
N GLU A 62 -12.78 -35.73 -14.29
CA GLU A 62 -13.19 -35.14 -15.55
C GLU A 62 -14.51 -34.38 -15.42
N GLU A 63 -15.25 -34.27 -16.52
CA GLU A 63 -16.55 -33.59 -16.54
C GLU A 63 -16.43 -32.07 -16.43
N TYR A 64 -15.64 -31.60 -15.45
CA TYR A 64 -15.45 -30.18 -15.22
C TYR A 64 -14.72 -29.52 -16.40
N SER A 65 -15.49 -28.97 -17.32
CA SER A 65 -14.93 -28.32 -18.50
C SER A 65 -14.98 -26.81 -18.35
N ALA A 66 -15.86 -26.33 -17.48
CA ALA A 66 -16.01 -24.89 -17.25
C ALA A 66 -15.38 -24.47 -15.92
N MET A 67 -15.67 -25.26 -14.88
CA MET A 67 -15.14 -24.99 -13.55
C MET A 67 -13.62 -24.99 -13.56
N ARG A 68 -13.05 -25.82 -14.44
CA ARG A 68 -11.60 -25.94 -14.56
C ARG A 68 -10.97 -24.60 -14.94
N ASP A 69 -11.58 -23.92 -15.90
CA ASP A 69 -11.09 -22.64 -16.40
C ASP A 69 -11.10 -21.57 -15.30
N GLN A 70 -12.17 -21.57 -14.52
CA GLN A 70 -12.35 -20.60 -13.44
C GLN A 70 -11.15 -20.55 -12.48
N TYR A 71 -10.81 -21.68 -11.87
CA TYR A 71 -9.70 -21.71 -10.93
C TYR A 71 -8.33 -21.66 -11.60
N MET A 72 -8.27 -22.07 -12.86
CA MET A 72 -7.01 -22.06 -13.60
C MET A 72 -6.52 -20.63 -13.80
N ARG A 73 -7.47 -19.69 -13.92
CA ARG A 73 -7.13 -18.28 -14.10
C ARG A 73 -6.82 -17.62 -12.75
N THR A 74 -7.07 -18.34 -11.68
CA THR A 74 -6.83 -17.83 -10.34
C THR A 74 -5.50 -18.35 -9.76
N GLY A 75 -5.29 -19.66 -9.89
CA GLY A 75 -4.09 -20.26 -9.36
C GLY A 75 -2.83 -19.83 -10.09
N GLU A 76 -1.77 -19.57 -9.32
CA GLU A 76 -0.49 -19.15 -9.89
C GLU A 76 0.36 -20.37 -10.19
N GLY A 77 0.48 -21.25 -9.21
CA GLY A 77 1.27 -22.45 -9.36
C GLY A 77 0.38 -23.66 -9.46
N PHE A 78 0.72 -24.57 -10.36
CA PHE A 78 -0.08 -25.78 -10.54
C PHE A 78 0.73 -27.02 -10.21
N LEU A 79 0.18 -27.84 -9.34
CA LEU A 79 0.85 -29.07 -8.94
C LEU A 79 0.32 -30.23 -9.76
N CYS A 80 1.12 -30.70 -10.70
CA CYS A 80 0.73 -31.80 -11.56
C CYS A 80 1.12 -33.12 -10.90
N VAL A 81 0.17 -33.73 -10.22
CA VAL A 81 0.44 -34.99 -9.53
C VAL A 81 -0.26 -36.15 -10.22
N PHE A 82 0.46 -37.26 -10.34
CA PHE A 82 -0.08 -38.46 -10.97
C PHE A 82 0.36 -39.70 -10.19
N ALA A 83 -0.42 -40.75 -10.26
CA ALA A 83 -0.10 -41.99 -9.56
C ALA A 83 0.77 -42.87 -10.45
N ILE A 84 1.89 -43.34 -9.93
CA ILE A 84 2.80 -44.18 -10.69
C ILE A 84 2.22 -45.56 -11.00
N ASN A 85 1.11 -45.88 -10.34
CA ASN A 85 0.45 -47.16 -10.55
C ASN A 85 -0.67 -47.01 -11.56
N ASN A 86 -0.89 -45.79 -12.02
CA ASN A 86 -1.94 -45.49 -12.99
C ASN A 86 -1.39 -44.72 -14.17
N THR A 87 -1.30 -45.38 -15.31
CA THR A 87 -0.77 -44.78 -16.53
C THR A 87 -1.69 -43.67 -17.06
N LYS A 88 -2.97 -43.74 -16.72
CA LYS A 88 -3.95 -42.74 -17.17
C LYS A 88 -3.54 -41.36 -16.72
N SER A 89 -3.17 -41.23 -15.44
CA SER A 89 -2.76 -39.97 -14.88
C SER A 89 -1.52 -39.42 -15.59
N PHE A 90 -0.64 -40.32 -16.02
CA PHE A 90 0.58 -39.94 -16.71
C PHE A 90 0.26 -39.36 -18.08
N GLU A 91 -0.78 -39.90 -18.72
CA GLU A 91 -1.19 -39.42 -20.03
C GLU A 91 -1.92 -38.09 -19.93
N ASP A 92 -2.75 -37.96 -18.90
CA ASP A 92 -3.52 -36.74 -18.68
C ASP A 92 -2.65 -35.53 -18.36
N ILE A 93 -1.39 -35.77 -18.00
CA ILE A 93 -0.46 -34.70 -17.66
C ILE A 93 -0.34 -33.68 -18.80
N HIS A 94 -0.18 -34.17 -20.02
CA HIS A 94 -0.05 -33.31 -21.20
C HIS A 94 -1.35 -32.56 -21.46
N HIS A 95 -2.45 -33.30 -21.44
CA HIS A 95 -3.78 -32.72 -21.67
C HIS A 95 -4.07 -31.62 -20.67
N TYR A 96 -3.81 -31.89 -19.41
CA TYR A 96 -4.04 -30.92 -18.35
C TYR A 96 -3.09 -29.72 -18.46
N ARG A 97 -1.88 -29.97 -18.94
CA ARG A 97 -0.88 -28.91 -19.08
C ARG A 97 -1.29 -27.92 -20.16
N GLU A 98 -1.69 -28.45 -21.31
CA GLU A 98 -2.11 -27.62 -22.44
C GLU A 98 -3.29 -26.73 -22.04
N GLN A 99 -4.21 -27.30 -21.27
CA GLN A 99 -5.38 -26.57 -20.82
C GLN A 99 -4.97 -25.41 -19.92
N ILE A 100 -4.03 -25.69 -19.01
CA ILE A 100 -3.52 -24.67 -18.09
C ILE A 100 -2.94 -23.48 -18.87
N LYS A 101 -2.12 -23.80 -19.87
CA LYS A 101 -1.47 -22.78 -20.69
C LYS A 101 -2.50 -22.00 -21.51
N ARG A 102 -3.58 -22.67 -21.89
CA ARG A 102 -4.63 -22.04 -22.67
C ARG A 102 -5.44 -21.06 -21.83
N VAL A 103 -5.86 -21.50 -20.66
CA VAL A 103 -6.65 -20.66 -19.77
C VAL A 103 -5.86 -19.43 -19.31
N LYS A 104 -4.59 -19.63 -18.99
CA LYS A 104 -3.74 -18.55 -18.53
C LYS A 104 -3.22 -17.73 -19.72
N ASP A 105 -3.38 -18.27 -20.92
CA ASP A 105 -2.94 -17.63 -22.14
C ASP A 105 -1.44 -17.35 -22.09
N SER A 106 -0.69 -18.34 -21.60
CA SER A 106 0.75 -18.24 -21.48
C SER A 106 1.40 -19.60 -21.57
N GLU A 107 2.54 -19.66 -22.25
CA GLU A 107 3.27 -20.91 -22.41
C GLU A 107 4.05 -21.24 -21.14
N ASP A 108 4.53 -20.20 -20.47
CA ASP A 108 5.29 -20.38 -19.24
C ASP A 108 4.39 -20.25 -18.03
N VAL A 109 4.21 -21.35 -17.30
CA VAL A 109 3.38 -21.37 -16.12
C VAL A 109 4.08 -22.19 -15.03
N PRO A 110 4.13 -21.66 -13.78
CA PRO A 110 4.76 -22.37 -12.66
C PRO A 110 4.08 -23.71 -12.39
N MET A 111 4.69 -24.79 -12.84
CA MET A 111 4.14 -26.12 -12.66
C MET A 111 5.23 -27.08 -12.22
N VAL A 112 4.84 -28.09 -11.45
CA VAL A 112 5.78 -29.09 -10.96
C VAL A 112 5.20 -30.48 -11.14
N LEU A 113 5.97 -31.38 -11.72
CA LEU A 113 5.52 -32.75 -11.94
C LEU A 113 5.82 -33.60 -10.71
N VAL A 114 4.79 -34.18 -10.12
CA VAL A 114 4.95 -34.98 -8.93
C VAL A 114 4.25 -36.34 -9.08
N GLY A 115 4.92 -37.39 -8.64
CA GLY A 115 4.35 -38.71 -8.70
C GLY A 115 3.94 -39.18 -7.31
N ASN A 116 2.80 -39.86 -7.20
CA ASN A 116 2.33 -40.33 -5.91
C ASN A 116 2.26 -41.86 -5.86
N LYS A 117 2.13 -42.41 -4.65
CA LYS A 117 2.05 -43.86 -4.43
C LYS A 117 3.32 -44.57 -4.88
N CYS A 118 4.46 -43.92 -4.64
CA CYS A 118 5.75 -44.48 -5.04
C CYS A 118 6.21 -45.61 -4.10
N ASP A 119 5.39 -45.91 -3.10
CA ASP A 119 5.70 -46.98 -2.15
C ASP A 119 5.01 -48.26 -2.56
N LEU A 120 4.34 -48.22 -3.70
CA LEU A 120 3.63 -49.37 -4.23
C LEU A 120 4.47 -50.07 -5.29
N PRO A 121 4.54 -51.41 -5.24
CA PRO A 121 5.31 -52.21 -6.20
C PRO A 121 4.55 -52.39 -7.52
N SER A 122 5.28 -52.80 -8.56
CA SER A 122 4.70 -53.01 -9.88
C SER A 122 4.12 -51.74 -10.48
N ARG A 123 4.94 -50.69 -10.49
CA ARG A 123 4.52 -49.40 -11.03
C ARG A 123 4.44 -49.46 -12.55
N THR A 124 3.53 -48.70 -13.12
CA THR A 124 3.36 -48.67 -14.57
C THR A 124 4.15 -47.52 -15.17
N VAL A 125 4.23 -46.42 -14.41
CA VAL A 125 4.96 -45.24 -14.86
C VAL A 125 6.39 -45.27 -14.31
N ASP A 126 7.35 -45.47 -15.19
CA ASP A 126 8.76 -45.52 -14.79
C ASP A 126 9.29 -44.11 -14.56
N THR A 127 10.21 -43.98 -13.62
CA THR A 127 10.80 -42.70 -13.29
C THR A 127 11.51 -42.08 -14.49
N LYS A 128 12.15 -42.92 -15.29
CA LYS A 128 12.88 -42.46 -16.47
C LYS A 128 11.98 -41.68 -17.42
N GLN A 129 10.83 -42.25 -17.77
CA GLN A 129 9.89 -41.58 -18.67
C GLN A 129 9.28 -40.34 -18.04
N ALA A 130 9.05 -40.39 -16.73
CA ALA A 130 8.49 -39.26 -16.00
C ALA A 130 9.46 -38.09 -16.01
N GLN A 131 10.73 -38.38 -15.75
CA GLN A 131 11.76 -37.36 -15.75
C GLN A 131 11.96 -36.79 -17.15
N ASP A 132 11.86 -37.66 -18.14
CA ASP A 132 12.01 -37.25 -19.53
C ASP A 132 10.90 -36.28 -19.93
N LEU A 133 9.69 -36.60 -19.50
CA LEU A 133 8.54 -35.76 -19.79
C LEU A 133 8.67 -34.40 -19.11
N ALA A 134 9.15 -34.41 -17.87
CA ALA A 134 9.36 -33.20 -17.10
C ALA A 134 10.42 -32.34 -17.77
N ARG A 135 11.48 -32.98 -18.25
CA ARG A 135 12.58 -32.29 -18.92
C ARG A 135 12.09 -31.64 -20.21
N SER A 136 11.10 -32.27 -20.84
CA SER A 136 10.53 -31.76 -22.08
C SER A 136 9.76 -30.48 -21.81
N TYR A 137 9.11 -30.43 -20.66
CA TYR A 137 8.33 -29.26 -20.27
C TYR A 137 9.24 -28.19 -19.69
N GLY A 138 10.29 -28.63 -19.00
CA GLY A 138 11.23 -27.70 -18.39
C GLY A 138 10.92 -27.50 -16.93
N ILE A 139 10.19 -28.43 -16.36
CA ILE A 139 9.80 -28.37 -14.97
C ILE A 139 10.43 -29.51 -14.17
N PRO A 140 10.60 -29.35 -12.85
CA PRO A 140 11.18 -30.37 -11.99
C PRO A 140 10.20 -31.50 -11.71
N PHE A 141 10.74 -32.68 -11.44
CA PHE A 141 9.93 -33.86 -11.14
C PHE A 141 10.34 -34.43 -9.79
N ILE A 142 9.35 -34.79 -8.98
CA ILE A 142 9.59 -35.36 -7.67
C ILE A 142 8.70 -36.57 -7.41
N GLU A 143 9.29 -37.64 -6.86
CA GLU A 143 8.53 -38.85 -6.53
C GLU A 143 8.11 -38.77 -5.07
N THR A 144 6.81 -38.84 -4.82
CA THR A 144 6.30 -38.74 -3.47
C THR A 144 5.31 -39.86 -3.14
N SER A 145 4.88 -39.90 -1.89
CA SER A 145 3.92 -40.88 -1.42
C SER A 145 3.18 -40.27 -0.24
N ALA A 146 1.86 -40.26 -0.32
CA ALA A 146 1.03 -39.70 0.73
C ALA A 146 0.99 -40.64 1.92
N LYS A 147 1.15 -41.92 1.64
CA LYS A 147 1.14 -42.94 2.66
C LYS A 147 2.38 -42.87 3.55
N THR A 148 3.52 -42.51 2.96
CA THR A 148 4.76 -42.44 3.73
C THR A 148 5.15 -40.99 4.06
N ARG A 149 4.51 -40.04 3.38
CA ARG A 149 4.78 -38.62 3.59
C ARG A 149 6.23 -38.30 3.18
N GLN A 150 6.67 -38.96 2.13
CA GLN A 150 8.04 -38.78 1.64
C GLN A 150 8.10 -37.84 0.43
N GLY A 151 8.90 -36.79 0.55
CA GLY A 151 9.10 -35.85 -0.54
C GLY A 151 7.98 -34.83 -0.71
N VAL A 152 6.83 -35.08 -0.10
CA VAL A 152 5.67 -34.18 -0.22
C VAL A 152 5.99 -32.77 0.31
N ASP A 153 6.71 -32.72 1.41
CA ASP A 153 7.08 -31.45 2.04
C ASP A 153 7.89 -30.59 1.06
N ASP A 154 8.86 -31.23 0.41
CA ASP A 154 9.72 -30.54 -0.54
C ASP A 154 9.01 -30.29 -1.88
N ALA A 155 8.07 -31.17 -2.20
CA ALA A 155 7.31 -31.05 -3.44
C ALA A 155 6.50 -29.75 -3.44
N PHE A 156 5.83 -29.50 -2.33
CA PHE A 156 5.03 -28.29 -2.19
C PHE A 156 5.93 -27.06 -2.19
N TYR A 157 7.06 -27.17 -1.51
CA TYR A 157 8.03 -26.08 -1.43
C TYR A 157 8.65 -25.78 -2.79
N THR A 158 8.87 -26.83 -3.58
CA THR A 158 9.46 -26.67 -4.90
C THR A 158 8.56 -25.84 -5.82
N LEU A 159 7.25 -26.04 -5.68
CA LEU A 159 6.29 -25.28 -6.49
C LEU A 159 6.41 -23.79 -6.20
N VAL A 160 6.57 -23.47 -4.92
CA VAL A 160 6.73 -22.09 -4.49
C VAL A 160 8.02 -21.50 -5.06
N ARG A 161 9.06 -22.32 -5.07
CA ARG A 161 10.36 -21.91 -5.60
C ARG A 161 10.24 -21.52 -7.07
N GLU A 162 9.55 -22.36 -7.85
CA GLU A 162 9.36 -22.10 -9.27
C GLU A 162 8.54 -20.84 -9.49
N ILE A 163 7.54 -20.63 -8.64
CA ILE A 163 6.70 -19.44 -8.75
C ILE A 163 7.53 -18.18 -8.58
N ARG A 164 8.36 -18.15 -7.54
CA ARG A 164 9.22 -16.99 -7.27
C ARG A 164 10.11 -16.69 -8.46
N LYS A 165 10.69 -17.73 -9.04
CA LYS A 165 11.56 -17.57 -10.19
C LYS A 165 10.80 -16.95 -11.36
N HIS A 166 9.57 -17.40 -11.57
CA HIS A 166 8.74 -16.89 -12.64
C HIS A 166 8.36 -15.42 -12.42
N LYS A 167 8.15 -15.05 -11.16
CA LYS A 167 7.78 -13.68 -10.81
C LYS A 167 8.86 -12.71 -11.28
N GLU A 168 10.11 -13.05 -10.97
CA GLU A 168 11.24 -12.23 -11.36
C GLU A 168 11.57 -12.44 -12.84
N LYS A 169 11.25 -13.63 -13.34
CA LYS A 169 11.47 -13.96 -14.74
C LYS A 169 10.61 -13.08 -15.62
N MET A 170 9.36 -12.89 -15.21
CA MET A 170 8.42 -12.06 -15.96
C MET A 170 8.81 -10.58 -15.86
N SER A 171 9.68 -10.27 -14.92
CA SER A 171 10.14 -8.90 -14.74
C SER A 171 11.28 -8.59 -15.70
N LYS A 172 12.12 -9.59 -15.96
CA LYS A 172 13.24 -9.45 -16.87
C LYS A 172 12.86 -9.83 -18.28
N ASP A 173 11.85 -10.70 -18.39
CA ASP A 173 11.33 -11.20 -19.66
C ASP A 173 12.43 -11.59 -20.65
N GLY A 174 12.62 -10.78 -21.68
CA GLY A 174 13.63 -11.06 -22.68
C GLY A 174 14.06 -9.82 -23.43
N LYS A 175 13.09 -9.02 -23.84
CA LYS A 175 13.35 -7.80 -24.59
C LYS A 175 12.09 -6.96 -24.63
N LYS A 176 12.23 -5.70 -25.04
CA LYS A 176 11.10 -4.75 -25.12
C LYS A 176 10.76 -4.17 -23.75
N LYS A 177 10.88 -4.98 -22.71
CA LYS A 177 10.58 -4.51 -21.36
C LYS A 177 11.80 -4.61 -20.45
N LYS A 178 12.02 -5.79 -19.85
CA LYS A 178 13.15 -6.03 -18.97
C LYS A 178 13.05 -5.22 -17.67
N LYS A 179 13.99 -5.46 -16.76
CA LYS A 179 14.02 -4.76 -15.48
C LYS A 179 15.41 -4.84 -14.86
N LYS A 180 15.75 -6.00 -14.31
CA LYS A 180 17.06 -6.21 -13.69
C LYS A 180 18.18 -6.23 -14.72
N SER A 181 19.21 -5.43 -14.47
CA SER A 181 20.36 -5.35 -15.37
C SER A 181 21.64 -5.53 -14.56
N LYS A 182 22.65 -6.17 -15.15
CA LYS A 182 23.91 -6.40 -14.45
C LYS A 182 25.08 -6.54 -15.43
N THR A 183 26.03 -5.63 -15.32
CA THR A 183 27.20 -5.64 -16.20
C THR A 183 28.47 -5.34 -15.40
N LYS A 184 29.52 -6.12 -15.64
CA LYS A 184 30.80 -5.94 -14.96
C LYS A 184 31.96 -6.21 -15.92
N THR B 2 -9.21 -4.27 16.43
CA THR B 2 -10.41 -4.90 15.89
C THR B 2 -11.02 -5.84 16.92
N GLU B 3 -12.26 -5.57 17.29
CA GLU B 3 -12.97 -6.39 18.27
C GLU B 3 -13.72 -7.53 17.59
N TYR B 4 -13.39 -8.75 17.96
CA TYR B 4 -14.05 -9.92 17.38
C TYR B 4 -14.84 -10.66 18.45
N LYS B 5 -16.14 -10.77 18.22
CA LYS B 5 -17.01 -11.45 19.17
C LYS B 5 -17.07 -12.95 18.84
N LEU B 6 -16.47 -13.76 19.70
CA LEU B 6 -16.42 -15.20 19.49
C LEU B 6 -17.24 -15.93 20.57
N VAL B 7 -18.20 -16.72 20.12
CA VAL B 7 -19.03 -17.47 21.03
C VAL B 7 -18.78 -18.97 20.85
N VAL B 8 -18.44 -19.64 21.93
CA VAL B 8 -18.17 -21.07 21.88
C VAL B 8 -19.44 -21.85 22.19
N VAL B 9 -19.84 -22.71 21.27
CA VAL B 9 -21.04 -23.51 21.45
C VAL B 9 -20.74 -25.00 21.33
N GLY B 10 -21.31 -25.78 22.23
CA GLY B 10 -21.08 -27.20 22.22
C GLY B 10 -21.75 -27.87 23.41
N ALA B 11 -21.87 -29.18 23.36
CA ALA B 11 -22.50 -29.95 24.42
C ALA B 11 -21.67 -29.93 25.71
N ASP B 12 -22.21 -30.54 26.76
CA ASP B 12 -21.54 -30.59 28.05
C ASP B 12 -20.51 -31.72 28.07
N GLY B 13 -19.32 -31.42 28.57
CA GLY B 13 -18.28 -32.43 28.66
C GLY B 13 -17.37 -32.42 27.44
N VAL B 14 -17.58 -31.50 26.52
CA VAL B 14 -16.75 -31.43 25.32
C VAL B 14 -15.38 -30.81 25.62
N GLY B 15 -15.35 -29.78 26.46
CA GLY B 15 -14.10 -29.16 26.81
C GLY B 15 -13.96 -27.71 26.39
N LYS B 16 -15.09 -27.01 26.23
CA LYS B 16 -15.05 -25.61 25.82
C LYS B 16 -14.36 -24.74 26.87
N SER B 17 -14.55 -25.09 28.15
CA SER B 17 -13.93 -24.34 29.23
C SER B 17 -12.41 -24.49 29.15
N ALA B 18 -11.95 -25.73 29.09
CA ALA B 18 -10.53 -26.04 29.01
C ALA B 18 -9.89 -25.34 27.83
N LEU B 19 -10.52 -25.43 26.66
CA LEU B 19 -10.00 -24.80 25.45
C LEU B 19 -9.83 -23.30 25.63
N THR B 20 -10.87 -22.64 26.11
CA THR B 20 -10.85 -21.20 26.32
C THR B 20 -9.83 -20.81 27.39
N ILE B 21 -9.82 -21.57 28.49
CA ILE B 21 -8.90 -21.31 29.59
C ILE B 21 -7.44 -21.49 29.14
N GLN B 22 -7.22 -22.42 28.21
CA GLN B 22 -5.89 -22.66 27.68
C GLN B 22 -5.33 -21.43 26.98
N LEU B 23 -6.19 -20.64 26.37
CA LEU B 23 -5.75 -19.45 25.68
C LEU B 23 -5.65 -18.26 26.63
N ILE B 24 -6.50 -18.26 27.64
CA ILE B 24 -6.53 -17.19 28.63
C ILE B 24 -5.47 -17.36 29.72
N GLN B 25 -5.62 -18.41 30.52
CA GLN B 25 -4.69 -18.68 31.62
C GLN B 25 -3.57 -19.61 31.21
N ASN B 26 -3.76 -20.29 30.07
CA ASN B 26 -2.77 -21.22 29.53
C ASN B 26 -2.56 -22.46 30.40
N HIS B 27 -3.65 -23.15 30.70
CA HIS B 27 -3.60 -24.37 31.48
C HIS B 27 -4.85 -25.21 31.24
N PHE B 28 -4.70 -26.52 31.39
CA PHE B 28 -5.82 -27.43 31.19
C PHE B 28 -6.47 -27.75 32.53
N VAL B 29 -7.75 -27.47 32.64
CA VAL B 29 -8.49 -27.75 33.85
C VAL B 29 -8.92 -29.20 33.90
N ASP B 30 -8.33 -29.96 34.82
CA ASP B 30 -8.67 -31.37 34.97
C ASP B 30 -10.03 -31.48 35.66
N GLU B 31 -10.36 -30.45 36.44
CA GLU B 31 -11.62 -30.38 37.15
C GLU B 31 -12.70 -29.90 36.19
N TYR B 32 -13.87 -30.55 36.22
CA TYR B 32 -14.97 -30.16 35.35
C TYR B 32 -15.54 -28.81 35.76
N ASP B 33 -15.84 -27.97 34.78
CA ASP B 33 -16.39 -26.65 35.02
C ASP B 33 -17.72 -26.44 34.30
N PRO B 34 -18.83 -26.46 35.05
CA PRO B 34 -20.17 -26.27 34.50
C PRO B 34 -20.47 -24.78 34.31
N THR B 35 -19.83 -24.18 33.32
CA THR B 35 -20.03 -22.76 33.03
C THR B 35 -21.44 -22.48 32.53
N ILE B 36 -22.06 -21.45 33.07
CA ILE B 36 -23.39 -21.06 32.65
C ILE B 36 -23.31 -19.96 31.60
N GLU B 37 -22.47 -18.97 31.88
CA GLU B 37 -22.26 -17.86 30.97
C GLU B 37 -21.11 -16.98 31.46
N ASP B 38 -19.89 -17.29 31.02
CA ASP B 38 -18.72 -16.52 31.41
C ASP B 38 -17.93 -16.10 30.17
N SER B 39 -17.57 -14.82 30.11
CA SER B 39 -16.83 -14.30 28.97
C SER B 39 -15.42 -13.87 29.35
N TYR B 40 -14.49 -14.06 28.43
CA TYR B 40 -13.09 -13.71 28.65
C TYR B 40 -12.62 -12.77 27.55
N ARG B 41 -11.76 -11.83 27.89
CA ARG B 41 -11.24 -10.87 26.92
C ARG B 41 -9.72 -11.04 26.76
N LYS B 42 -9.27 -11.16 25.52
CA LYS B 42 -7.84 -11.31 25.23
C LYS B 42 -7.49 -10.63 23.91
N GLN B 43 -6.54 -9.71 23.97
CA GLN B 43 -6.10 -9.00 22.77
C GLN B 43 -4.80 -9.59 22.26
N VAL B 44 -4.83 -10.15 21.06
CA VAL B 44 -3.65 -10.77 20.47
C VAL B 44 -3.44 -10.29 19.04
N VAL B 45 -2.25 -10.52 18.52
CA VAL B 45 -1.92 -10.12 17.16
C VAL B 45 -2.10 -11.30 16.21
N ILE B 46 -3.09 -11.20 15.34
CA ILE B 46 -3.37 -12.25 14.37
C ILE B 46 -3.11 -11.75 12.95
N ASP B 47 -2.15 -12.39 12.27
CA ASP B 47 -1.79 -12.04 10.90
C ASP B 47 -1.22 -10.63 10.79
N GLY B 48 -0.72 -10.12 11.91
CA GLY B 48 -0.15 -8.79 11.93
C GLY B 48 -1.15 -7.75 12.40
N GLU B 49 -2.40 -8.15 12.57
CA GLU B 49 -3.46 -7.26 13.01
C GLU B 49 -3.81 -7.51 14.48
N THR B 50 -3.73 -6.46 15.28
CA THR B 50 -4.05 -6.57 16.70
C THR B 50 -5.57 -6.73 16.86
N CYS B 51 -5.98 -7.84 17.43
CA CYS B 51 -7.40 -8.12 17.60
C CYS B 51 -7.79 -8.38 19.06
N LEU B 52 -8.93 -7.83 19.46
CA LEU B 52 -9.45 -8.01 20.79
C LEU B 52 -10.51 -9.10 20.70
N LEU B 53 -10.20 -10.26 21.25
CA LEU B 53 -11.11 -11.39 21.19
C LEU B 53 -12.05 -11.45 22.39
N ASP B 54 -13.33 -11.33 22.12
CA ASP B 54 -14.36 -11.42 23.15
C ASP B 54 -14.95 -12.82 23.08
N ILE B 55 -14.48 -13.71 23.93
CA ILE B 55 -14.93 -15.09 23.92
C ILE B 55 -15.90 -15.37 25.06
N LEU B 56 -17.00 -16.03 24.73
CA LEU B 56 -18.01 -16.39 25.72
C LEU B 56 -18.17 -17.90 25.78
N ASP B 57 -17.89 -18.47 26.94
CA ASP B 57 -18.01 -19.91 27.14
C ASP B 57 -19.40 -20.24 27.66
N THR B 58 -20.19 -20.89 26.84
CA THR B 58 -21.56 -21.24 27.18
C THR B 58 -21.67 -22.65 27.76
N ALA B 59 -22.87 -22.99 28.22
CA ALA B 59 -23.13 -24.30 28.80
C ALA B 59 -23.53 -25.28 27.73
N GLY B 60 -23.40 -26.56 28.03
CA GLY B 60 -23.77 -27.59 27.07
C GLY B 60 -24.79 -28.54 27.65
N GLN B 61 -25.43 -28.13 28.73
CA GLN B 61 -26.43 -28.95 29.38
C GLN B 61 -27.84 -28.66 28.85
N GLU B 62 -27.89 -28.03 27.67
CA GLU B 62 -29.15 -27.69 27.02
C GLU B 62 -30.04 -26.85 27.94
N GLU B 63 -31.37 -26.97 27.76
CA GLU B 63 -32.36 -26.24 28.54
C GLU B 63 -32.45 -24.76 28.19
N TYR B 64 -31.32 -24.15 27.88
CA TYR B 64 -31.28 -22.74 27.52
C TYR B 64 -31.66 -22.55 26.05
N SER B 65 -32.83 -23.06 25.69
CA SER B 65 -33.34 -22.95 24.33
C SER B 65 -33.59 -21.50 23.92
N ALA B 66 -34.06 -20.70 24.88
CA ALA B 66 -34.36 -19.30 24.62
C ALA B 66 -33.18 -18.40 24.99
N MET B 67 -32.42 -18.80 26.00
CA MET B 67 -31.26 -18.00 26.43
C MET B 67 -30.14 -18.03 25.39
N ARG B 68 -30.08 -19.11 24.63
CA ARG B 68 -29.06 -19.27 23.61
C ARG B 68 -29.24 -18.25 22.49
N ASP B 69 -30.49 -17.87 22.26
CA ASP B 69 -30.83 -16.89 21.22
C ASP B 69 -30.13 -15.56 21.44
N GLN B 70 -29.97 -15.19 22.71
CA GLN B 70 -29.35 -13.92 23.08
C GLN B 70 -27.93 -13.74 22.53
N TYR B 71 -27.00 -14.57 22.96
CA TYR B 71 -25.61 -14.45 22.52
C TYR B 71 -25.40 -14.79 21.05
N MET B 72 -26.37 -15.47 20.44
CA MET B 72 -26.27 -15.82 19.04
C MET B 72 -26.40 -14.60 18.14
N ARG B 73 -27.02 -13.55 18.67
CA ARG B 73 -27.21 -12.31 17.93
C ARG B 73 -25.99 -11.40 18.09
N THR B 74 -25.32 -11.52 19.22
CA THR B 74 -24.14 -10.71 19.50
C THR B 74 -22.87 -11.31 18.89
N GLY B 75 -22.65 -12.59 19.11
CA GLY B 75 -21.48 -13.26 18.59
C GLY B 75 -21.38 -13.21 17.09
N GLU B 76 -20.22 -12.83 16.58
CA GLU B 76 -19.98 -12.74 15.15
C GLU B 76 -19.46 -14.06 14.62
N GLY B 77 -18.67 -14.74 15.45
CA GLY B 77 -18.11 -16.02 15.08
C GLY B 77 -18.45 -17.09 16.10
N PHE B 78 -18.89 -18.24 15.63
CA PHE B 78 -19.27 -19.34 16.51
C PHE B 78 -18.32 -20.52 16.38
N LEU B 79 -17.83 -20.98 17.51
CA LEU B 79 -16.92 -22.11 17.54
C LEU B 79 -17.68 -23.39 17.89
N CYS B 80 -17.80 -24.28 16.92
CA CYS B 80 -18.50 -25.54 17.13
C CYS B 80 -17.56 -26.57 17.71
N VAL B 81 -17.57 -26.70 19.03
CA VAL B 81 -16.69 -27.64 19.70
C VAL B 81 -17.40 -28.95 20.04
N PHE B 82 -16.87 -30.04 19.52
CA PHE B 82 -17.43 -31.35 19.78
C PHE B 82 -16.30 -32.27 20.23
N ALA B 83 -16.64 -33.36 20.90
CA ALA B 83 -15.63 -34.29 21.38
C ALA B 83 -15.58 -35.51 20.47
N ILE B 84 -14.38 -35.92 20.08
CA ILE B 84 -14.22 -37.07 19.20
C ILE B 84 -14.66 -38.36 19.89
N ASN B 85 -14.75 -38.33 21.20
CA ASN B 85 -15.19 -39.49 21.97
C ASN B 85 -16.64 -39.34 22.42
N ASN B 86 -17.30 -38.33 21.86
CA ASN B 86 -18.70 -38.06 22.19
C ASN B 86 -19.53 -37.93 20.91
N THR B 87 -20.13 -39.04 20.50
CA THR B 87 -20.95 -39.08 19.29
C THR B 87 -22.11 -38.09 19.38
N LYS B 88 -22.68 -37.97 20.58
CA LYS B 88 -23.80 -37.07 20.81
C LYS B 88 -23.41 -35.62 20.54
N SER B 89 -22.22 -35.21 20.97
CA SER B 89 -21.76 -33.85 20.76
C SER B 89 -21.57 -33.53 19.27
N PHE B 90 -21.23 -34.54 18.49
CA PHE B 90 -21.04 -34.37 17.05
C PHE B 90 -22.39 -34.14 16.39
N GLU B 91 -23.40 -34.89 16.82
CA GLU B 91 -24.74 -34.78 16.29
C GLU B 91 -25.37 -33.45 16.71
N ASP B 92 -25.01 -32.99 17.90
CA ASP B 92 -25.53 -31.74 18.45
C ASP B 92 -25.07 -30.54 17.62
N ILE B 93 -23.93 -30.66 16.97
CA ILE B 93 -23.38 -29.59 16.14
C ILE B 93 -24.37 -29.17 15.06
N HIS B 94 -24.96 -30.16 14.41
CA HIS B 94 -25.92 -29.93 13.34
C HIS B 94 -27.13 -29.14 13.86
N HIS B 95 -27.64 -29.54 15.02
CA HIS B 95 -28.80 -28.87 15.61
C HIS B 95 -28.47 -27.44 15.99
N TYR B 96 -27.25 -27.23 16.46
CA TYR B 96 -26.81 -25.90 16.86
C TYR B 96 -26.76 -24.94 15.66
N ARG B 97 -26.24 -25.42 14.53
CA ARG B 97 -26.14 -24.60 13.33
C ARG B 97 -27.52 -24.17 12.84
N GLU B 98 -28.48 -25.08 12.92
CA GLU B 98 -29.85 -24.80 12.49
C GLU B 98 -30.41 -23.63 13.28
N GLN B 99 -30.09 -23.57 14.58
CA GLN B 99 -30.57 -22.49 15.42
C GLN B 99 -29.81 -21.20 15.14
N ILE B 100 -28.49 -21.32 14.94
CA ILE B 100 -27.64 -20.16 14.65
C ILE B 100 -28.16 -19.40 13.43
N LYS B 101 -28.42 -20.11 12.35
CA LYS B 101 -28.91 -19.51 11.12
C LYS B 101 -30.34 -18.99 11.28
N ARG B 102 -31.02 -19.45 12.32
CA ARG B 102 -32.39 -19.03 12.58
C ARG B 102 -32.41 -17.75 13.40
N VAL B 103 -31.64 -17.72 14.47
CA VAL B 103 -31.56 -16.57 15.36
C VAL B 103 -30.88 -15.40 14.67
N LYS B 104 -29.80 -15.68 13.95
CA LYS B 104 -29.07 -14.63 13.26
C LYS B 104 -29.73 -14.27 11.94
N ASP B 105 -30.58 -15.18 11.46
CA ASP B 105 -31.30 -14.98 10.20
C ASP B 105 -30.32 -14.79 9.05
N SER B 106 -29.40 -15.75 8.93
CA SER B 106 -28.38 -15.71 7.90
C SER B 106 -27.83 -17.11 7.66
N GLU B 107 -27.81 -17.53 6.41
CA GLU B 107 -27.29 -18.85 6.05
C GLU B 107 -25.77 -18.85 6.22
N ASP B 108 -25.16 -17.73 5.89
CA ASP B 108 -23.72 -17.57 6.00
C ASP B 108 -23.37 -16.93 7.33
N VAL B 109 -22.71 -17.70 8.18
CA VAL B 109 -22.28 -17.23 9.50
C VAL B 109 -20.91 -17.80 9.81
N PRO B 110 -19.95 -16.94 10.21
CA PRO B 110 -18.59 -17.38 10.55
C PRO B 110 -18.59 -18.45 11.65
N MET B 111 -18.28 -19.67 11.26
CA MET B 111 -18.24 -20.78 12.19
C MET B 111 -17.05 -21.68 11.89
N VAL B 112 -16.53 -22.32 12.91
CA VAL B 112 -15.40 -23.22 12.75
C VAL B 112 -15.67 -24.53 13.47
N LEU B 113 -15.45 -25.64 12.78
CA LEU B 113 -15.66 -26.95 13.37
C LEU B 113 -14.41 -27.35 14.14
N VAL B 114 -14.54 -27.49 15.44
CA VAL B 114 -13.42 -27.85 16.29
C VAL B 114 -13.69 -29.12 17.09
N GLY B 115 -12.77 -30.07 16.97
CA GLY B 115 -12.90 -31.31 17.69
C GLY B 115 -11.93 -31.34 18.85
N ASN B 116 -12.43 -31.59 20.05
CA ASN B 116 -11.57 -31.62 21.23
C ASN B 116 -11.29 -33.06 21.66
N LYS B 117 -10.28 -33.22 22.53
CA LYS B 117 -9.87 -34.53 23.04
C LYS B 117 -9.33 -35.42 21.94
N CYS B 118 -8.77 -34.80 20.90
CA CYS B 118 -8.24 -35.54 19.76
C CYS B 118 -7.00 -36.37 20.11
N ASP B 119 -6.50 -36.23 21.33
CA ASP B 119 -5.35 -36.98 21.79
C ASP B 119 -5.77 -38.31 22.40
N LEU B 120 -7.05 -38.42 22.73
CA LEU B 120 -7.60 -39.63 23.33
C LEU B 120 -7.73 -40.75 22.29
N PRO B 121 -7.32 -41.98 22.67
CA PRO B 121 -7.39 -43.14 21.77
C PRO B 121 -8.81 -43.67 21.62
N SER B 122 -9.02 -44.43 20.55
CA SER B 122 -10.33 -45.03 20.25
C SER B 122 -11.41 -43.98 20.12
N ARG B 123 -11.25 -43.11 19.13
CA ARG B 123 -12.21 -42.05 18.88
C ARG B 123 -13.50 -42.61 18.28
N THR B 124 -14.60 -41.96 18.58
CA THR B 124 -15.90 -42.37 18.09
C THR B 124 -16.24 -41.58 16.83
N VAL B 125 -15.81 -40.33 16.81
CA VAL B 125 -16.05 -39.47 15.65
C VAL B 125 -14.87 -39.57 14.70
N ASP B 126 -15.12 -40.10 13.51
CA ASP B 126 -14.09 -40.27 12.50
C ASP B 126 -13.71 -38.95 11.87
N THR B 127 -12.44 -38.82 11.53
CA THR B 127 -11.94 -37.60 10.91
C THR B 127 -12.63 -37.37 9.56
N LYS B 128 -12.97 -38.47 8.88
CA LYS B 128 -13.62 -38.40 7.59
C LYS B 128 -14.99 -37.72 7.69
N GLN B 129 -15.83 -38.20 8.61
CA GLN B 129 -17.16 -37.63 8.80
C GLN B 129 -17.08 -36.19 9.31
N ALA B 130 -16.02 -35.89 10.08
CA ALA B 130 -15.82 -34.56 10.61
C ALA B 130 -15.47 -33.59 9.48
N GLN B 131 -14.52 -33.97 8.65
CA GLN B 131 -14.10 -33.15 7.53
C GLN B 131 -15.25 -32.99 6.52
N ASP B 132 -16.05 -34.05 6.40
CA ASP B 132 -17.19 -34.05 5.49
C ASP B 132 -18.22 -33.01 5.93
N LEU B 133 -18.51 -32.99 7.23
CA LEU B 133 -19.46 -32.05 7.78
C LEU B 133 -18.97 -30.62 7.55
N ALA B 134 -17.66 -30.42 7.71
CA ALA B 134 -17.05 -29.12 7.52
C ALA B 134 -17.21 -28.67 6.06
N ARG B 135 -16.88 -29.56 5.13
CA ARG B 135 -16.99 -29.26 3.70
C ARG B 135 -18.43 -28.93 3.32
N SER B 136 -19.36 -29.70 3.85
CA SER B 136 -20.78 -29.51 3.57
C SER B 136 -21.29 -28.17 4.12
N TYR B 137 -20.65 -27.68 5.18
CA TYR B 137 -21.06 -26.42 5.77
C TYR B 137 -20.30 -25.25 5.14
N GLY B 138 -19.17 -25.55 4.53
CA GLY B 138 -18.36 -24.53 3.91
C GLY B 138 -17.47 -23.84 4.93
N ILE B 139 -17.16 -24.54 6.00
CA ILE B 139 -16.34 -24.00 7.06
C ILE B 139 -15.14 -24.91 7.32
N PRO B 140 -14.08 -24.37 7.95
CA PRO B 140 -12.88 -25.14 8.26
C PRO B 140 -13.04 -26.04 9.49
N PHE B 141 -12.27 -27.12 9.53
CA PHE B 141 -12.30 -28.05 10.66
C PHE B 141 -10.89 -28.25 11.19
N ILE B 142 -10.74 -28.15 12.52
CA ILE B 142 -9.43 -28.30 13.14
C ILE B 142 -9.48 -29.30 14.30
N GLU B 143 -8.49 -30.19 14.33
CA GLU B 143 -8.38 -31.17 15.40
C GLU B 143 -7.65 -30.52 16.57
N THR B 144 -8.27 -30.49 17.74
CA THR B 144 -7.66 -29.86 18.90
C THR B 144 -7.66 -30.76 20.13
N SER B 145 -6.97 -30.28 21.15
CA SER B 145 -6.85 -30.96 22.42
C SER B 145 -6.44 -29.94 23.47
N ALA B 146 -7.29 -29.73 24.46
CA ALA B 146 -7.00 -28.77 25.52
C ALA B 146 -6.07 -29.42 26.52
N LYS B 147 -6.18 -30.73 26.64
CA LYS B 147 -5.36 -31.52 27.54
C LYS B 147 -3.87 -31.40 27.18
N THR B 148 -3.56 -31.62 25.91
CA THR B 148 -2.17 -31.55 25.46
C THR B 148 -1.80 -30.20 24.86
N ARG B 149 -2.80 -29.34 24.71
CA ARG B 149 -2.60 -27.99 24.15
C ARG B 149 -2.13 -28.04 22.69
N GLN B 150 -3.02 -28.45 21.80
CA GLN B 150 -2.71 -28.52 20.39
C GLN B 150 -3.90 -28.10 19.55
N GLY B 151 -3.68 -27.19 18.60
CA GLY B 151 -4.74 -26.74 17.74
C GLY B 151 -5.59 -25.63 18.37
N VAL B 152 -5.42 -25.43 19.68
CA VAL B 152 -6.18 -24.42 20.40
C VAL B 152 -5.97 -23.03 19.81
N ASP B 153 -4.70 -22.69 19.60
CA ASP B 153 -4.34 -21.40 19.04
C ASP B 153 -4.89 -21.26 17.62
N ASP B 154 -4.66 -22.28 16.81
CA ASP B 154 -5.09 -22.29 15.42
C ASP B 154 -6.61 -22.18 15.30
N ALA B 155 -7.33 -22.86 16.18
CA ALA B 155 -8.79 -22.83 16.17
C ALA B 155 -9.34 -21.42 16.37
N PHE B 156 -8.91 -20.78 17.46
CA PHE B 156 -9.36 -19.44 17.77
C PHE B 156 -8.91 -18.43 16.73
N TYR B 157 -7.68 -18.58 16.27
CA TYR B 157 -7.14 -17.68 15.26
C TYR B 157 -7.90 -17.79 13.94
N THR B 158 -8.17 -19.02 13.53
CA THR B 158 -8.89 -19.26 12.30
C THR B 158 -10.34 -18.78 12.41
N LEU B 159 -10.91 -18.89 13.61
CA LEU B 159 -12.28 -18.43 13.84
C LEU B 159 -12.37 -16.93 13.52
N VAL B 160 -11.31 -16.21 13.86
CA VAL B 160 -11.23 -14.78 13.61
C VAL B 160 -11.12 -14.52 12.11
N ARG B 161 -10.35 -15.36 11.42
CA ARG B 161 -10.16 -15.24 9.98
C ARG B 161 -11.50 -15.43 9.25
N GLU B 162 -12.34 -16.31 9.78
CA GLU B 162 -13.64 -16.57 9.20
C GLU B 162 -14.50 -15.32 9.19
N ILE B 163 -14.48 -14.60 10.32
CA ILE B 163 -15.24 -13.37 10.44
C ILE B 163 -14.69 -12.32 9.49
N ARG B 164 -13.36 -12.28 9.38
CA ARG B 164 -12.69 -11.32 8.50
C ARG B 164 -13.16 -11.48 7.07
N LYS B 165 -13.23 -12.73 6.61
CA LYS B 165 -13.69 -13.03 5.26
C LYS B 165 -15.16 -12.67 5.10
N HIS B 166 -15.97 -13.04 6.09
CA HIS B 166 -17.40 -12.76 6.05
C HIS B 166 -17.68 -11.26 5.96
N LYS B 167 -16.95 -10.46 6.74
CA LYS B 167 -17.13 -9.02 6.74
C LYS B 167 -16.79 -8.42 5.39
N GLU B 168 -15.75 -8.96 4.75
CA GLU B 168 -15.35 -8.47 3.43
C GLU B 168 -16.33 -8.99 2.37
N LYS B 169 -16.78 -10.22 2.56
CA LYS B 169 -17.73 -10.85 1.65
C LYS B 169 -19.04 -10.06 1.66
N MET B 170 -19.45 -9.64 2.85
CA MET B 170 -20.69 -8.88 2.99
C MET B 170 -20.50 -7.42 2.56
N SER B 171 -19.26 -7.00 2.40
CA SER B 171 -18.96 -5.65 1.97
C SER B 171 -18.90 -5.59 0.44
N LYS B 172 -18.42 -6.68 -0.16
CA LYS B 172 -18.33 -6.76 -1.61
C LYS B 172 -19.69 -7.13 -2.17
N ASP B 173 -20.38 -8.02 -1.45
CA ASP B 173 -21.72 -8.50 -1.81
C ASP B 173 -21.73 -9.28 -3.11
N GLY B 174 -22.90 -9.80 -3.46
CA GLY B 174 -23.05 -10.52 -4.69
C GLY B 174 -23.54 -9.61 -5.77
N LYS B 175 -24.68 -9.01 -5.53
CA LYS B 175 -25.32 -8.08 -6.45
C LYS B 175 -25.88 -6.92 -5.63
N LYS B 176 -26.72 -6.09 -6.25
CA LYS B 176 -27.35 -4.95 -5.59
C LYS B 176 -26.36 -3.84 -5.27
N LYS B 177 -25.49 -4.08 -4.29
CA LYS B 177 -24.53 -3.08 -3.86
C LYS B 177 -23.28 -3.04 -4.75
N LYS B 178 -22.35 -3.97 -4.51
CA LYS B 178 -21.10 -4.06 -5.26
C LYS B 178 -20.15 -2.92 -4.90
N LYS B 179 -19.11 -3.24 -4.14
CA LYS B 179 -18.15 -2.22 -3.71
C LYS B 179 -16.73 -2.51 -4.19
N LYS B 180 -16.18 -3.64 -3.74
CA LYS B 180 -14.82 -4.01 -4.12
C LYS B 180 -14.76 -4.57 -5.54
N SER B 181 -14.04 -3.88 -6.41
CA SER B 181 -13.91 -4.29 -7.80
C SER B 181 -12.46 -4.21 -8.25
N LYS B 182 -12.00 -5.26 -8.92
CA LYS B 182 -10.63 -5.32 -9.42
C LYS B 182 -10.57 -6.11 -10.72
N THR B 183 -10.90 -5.44 -11.82
CA THR B 183 -10.90 -6.08 -13.12
C THR B 183 -9.80 -5.51 -14.01
N LYS B 184 -9.26 -6.34 -14.89
CA LYS B 184 -8.21 -5.94 -15.81
C LYS B 184 -8.05 -6.97 -16.92
N SER C 14 -21.05 42.84 16.21
CA SER C 14 -21.82 41.62 15.96
C SER C 14 -23.31 41.91 15.89
N THR C 15 -23.68 43.14 16.25
CA THR C 15 -25.08 43.56 16.23
C THR C 15 -25.68 43.45 14.83
N PHE C 16 -24.86 43.73 13.82
CA PHE C 16 -25.30 43.70 12.43
C PHE C 16 -25.83 42.32 11.99
N SER C 17 -25.34 41.26 12.62
CA SER C 17 -25.78 39.91 12.28
C SER C 17 -27.27 39.75 12.58
N LYS C 18 -27.62 39.96 13.84
CA LYS C 18 -29.00 39.84 14.30
C LYS C 18 -29.93 40.81 13.59
N LEU C 19 -29.41 41.97 13.24
CA LEU C 19 -30.19 42.99 12.54
C LEU C 19 -30.64 42.46 11.19
N ARG C 20 -29.73 41.82 10.47
CA ARG C 20 -30.04 41.27 9.15
C ARG C 20 -30.86 39.99 9.30
N GLU C 21 -30.53 39.21 10.33
CA GLU C 21 -31.20 37.94 10.61
C GLU C 21 -32.70 38.10 10.79
N GLN C 22 -33.12 39.21 11.38
CA GLN C 22 -34.52 39.47 11.65
C GLN C 22 -35.27 40.07 10.46
N LEU C 23 -34.68 41.09 9.83
CA LEU C 23 -35.31 41.77 8.70
C LEU C 23 -35.45 40.88 7.47
N GLY C 24 -34.58 39.89 7.34
CA GLY C 24 -34.62 38.99 6.19
C GLY C 24 -35.95 38.31 6.00
N PRO C 25 -36.32 37.37 6.89
CA PRO C 25 -37.60 36.63 6.81
C PRO C 25 -38.84 37.52 6.67
N VAL C 26 -38.80 38.70 7.30
CA VAL C 26 -39.92 39.62 7.25
C VAL C 26 -40.26 40.02 5.81
N THR C 27 -39.25 40.46 5.07
CA THR C 27 -39.46 40.87 3.69
C THR C 27 -39.52 39.66 2.76
N GLN C 28 -38.78 38.62 3.11
CA GLN C 28 -38.72 37.38 2.32
C GLN C 28 -40.11 36.75 2.22
N GLU C 29 -40.88 36.85 3.30
CA GLU C 29 -42.23 36.31 3.35
C GLU C 29 -43.09 36.86 2.21
N PHE C 30 -42.99 38.16 2.00
CA PHE C 30 -43.77 38.82 0.95
C PHE C 30 -43.24 38.43 -0.42
N TRP C 31 -41.92 38.30 -0.54
CA TRP C 31 -41.30 37.93 -1.81
C TRP C 31 -41.80 36.58 -2.31
N ASP C 32 -41.91 35.61 -1.40
CA ASP C 32 -42.40 34.28 -1.75
C ASP C 32 -43.83 34.34 -2.25
N ASN C 33 -44.62 35.22 -1.63
CA ASN C 33 -46.02 35.40 -1.99
C ASN C 33 -46.15 36.09 -3.34
N LEU C 34 -45.36 37.15 -3.53
CA LEU C 34 -45.39 37.90 -4.78
C LEU C 34 -44.91 37.05 -5.94
N GLU C 35 -43.84 36.29 -5.71
CA GLU C 35 -43.30 35.42 -6.75
C GLU C 35 -44.29 34.31 -7.05
N LYS C 36 -44.99 33.84 -6.02
CA LYS C 36 -45.99 32.79 -6.18
C LYS C 36 -47.11 33.25 -7.12
N GLU C 37 -47.55 34.49 -6.93
CA GLU C 37 -48.59 35.08 -7.76
C GLU C 37 -48.16 35.13 -9.22
N THR C 38 -46.90 35.51 -9.44
CA THR C 38 -46.35 35.60 -10.78
C THR C 38 -46.11 34.21 -11.37
N GLU C 39 -45.75 33.26 -10.51
CA GLU C 39 -45.51 31.89 -10.94
C GLU C 39 -46.79 31.28 -11.51
N GLY C 40 -47.89 31.51 -10.79
CA GLY C 40 -49.17 31.00 -11.23
C GLY C 40 -49.54 31.56 -12.59
N LEU C 41 -49.24 32.84 -12.78
CA LEU C 41 -49.52 33.52 -14.04
C LEU C 41 -48.70 32.90 -15.17
N ARG C 42 -47.43 32.61 -14.89
CA ARG C 42 -46.53 32.03 -15.87
C ARG C 42 -46.94 30.59 -16.20
N GLN C 43 -47.44 29.88 -15.20
CA GLN C 43 -47.87 28.49 -15.38
C GLN C 43 -49.06 28.44 -16.33
N GLU C 44 -49.97 29.39 -16.19
CA GLU C 44 -51.14 29.47 -17.05
C GLU C 44 -50.72 29.62 -18.51
N MET C 45 -49.78 30.53 -18.73
CA MET C 45 -49.26 30.79 -20.07
C MET C 45 -48.58 29.55 -20.64
N SER C 46 -47.82 28.87 -19.80
CA SER C 46 -47.10 27.66 -20.19
C SER C 46 -48.07 26.54 -20.58
N LYS C 47 -49.15 26.40 -19.81
CA LYS C 47 -50.15 25.38 -20.07
C LYS C 47 -50.80 25.59 -21.44
N ASP C 48 -51.20 26.82 -21.72
CA ASP C 48 -51.84 27.16 -22.98
C ASP C 48 -50.92 26.87 -24.15
N LEU C 49 -49.65 27.24 -24.02
CA LEU C 49 -48.68 27.02 -25.07
C LEU C 49 -48.34 25.54 -25.24
N GLU C 50 -48.29 24.80 -24.13
CA GLU C 50 -47.99 23.37 -24.19
C GLU C 50 -49.09 22.64 -24.96
N GLU C 51 -50.32 23.11 -24.79
CA GLU C 51 -51.45 22.53 -25.49
C GLU C 51 -51.31 22.71 -26.99
N VAL C 52 -50.77 23.86 -27.41
CA VAL C 52 -50.57 24.16 -28.82
C VAL C 52 -49.61 23.14 -29.45
N LYS C 53 -48.63 22.72 -28.66
CA LYS C 53 -47.65 21.74 -29.10
C LYS C 53 -48.33 20.43 -29.48
N ALA C 54 -49.32 20.03 -28.68
CA ALA C 54 -50.05 18.79 -28.93
C ALA C 54 -51.08 18.97 -30.05
N LYS C 55 -51.51 20.20 -30.24
CA LYS C 55 -52.50 20.51 -31.27
C LYS C 55 -51.93 20.38 -32.68
N VAL C 56 -50.66 20.72 -32.85
CA VAL C 56 -50.01 20.64 -34.16
C VAL C 56 -49.31 19.30 -34.38
N GLN C 57 -49.23 18.50 -33.34
CA GLN C 57 -48.57 17.18 -33.39
C GLN C 57 -49.07 16.26 -34.51
N PRO C 58 -50.38 15.93 -34.55
CA PRO C 58 -50.95 15.03 -35.57
C PRO C 58 -50.66 15.46 -37.01
N TYR C 59 -50.86 16.74 -37.29
CA TYR C 59 -50.66 17.27 -38.64
C TYR C 59 -49.21 17.15 -39.10
N LEU C 60 -48.28 17.28 -38.17
CA LEU C 60 -46.86 17.17 -38.49
C LEU C 60 -46.48 15.72 -38.79
N ASP C 61 -47.09 14.80 -38.05
CA ASP C 61 -46.82 13.37 -38.21
C ASP C 61 -47.28 12.87 -39.58
N ASP C 62 -48.47 13.27 -39.99
CA ASP C 62 -49.05 12.86 -41.28
C ASP C 62 -48.15 13.25 -42.44
N PHE C 63 -47.72 14.51 -42.45
CA PHE C 63 -46.85 15.01 -43.51
C PHE C 63 -45.51 14.26 -43.52
N GLN C 64 -44.98 14.03 -42.33
CA GLN C 64 -43.70 13.33 -42.19
C GLN C 64 -43.79 11.92 -42.78
N LYS C 65 -44.87 11.22 -42.46
CA LYS C 65 -45.09 9.86 -42.94
C LYS C 65 -45.17 9.80 -44.47
N LYS C 66 -45.77 10.83 -45.07
CA LYS C 66 -45.92 10.90 -46.52
C LYS C 66 -44.55 10.98 -47.19
N TRP C 67 -43.67 11.80 -46.60
CA TRP C 67 -42.32 11.98 -47.13
C TRP C 67 -41.49 10.71 -46.99
N GLN C 68 -41.79 9.91 -45.98
CA GLN C 68 -41.08 8.66 -45.75
C GLN C 68 -41.27 7.73 -46.94
N GLU C 69 -42.52 7.58 -47.36
CA GLU C 69 -42.85 6.72 -48.49
C GLU C 69 -42.22 7.25 -49.77
N GLU C 70 -42.14 8.56 -49.87
CA GLU C 70 -41.54 9.22 -51.03
C GLU C 70 -40.08 8.83 -51.15
N MET C 71 -39.35 8.92 -50.04
CA MET C 71 -37.93 8.59 -50.02
C MET C 71 -37.71 7.09 -50.18
N GLU C 72 -38.63 6.30 -49.63
CA GLU C 72 -38.55 4.84 -49.71
C GLU C 72 -38.64 4.38 -51.16
N LEU C 73 -39.55 4.99 -51.91
CA LEU C 73 -39.74 4.65 -53.32
C LEU C 73 -38.48 4.96 -54.11
N TYR C 74 -37.89 6.13 -53.83
CA TYR C 74 -36.67 6.57 -54.50
C TYR C 74 -35.52 5.62 -54.19
N ARG C 75 -35.47 5.15 -52.94
CA ARG C 75 -34.44 4.23 -52.51
C ARG C 75 -34.61 2.87 -53.19
N GLN C 76 -35.87 2.46 -53.35
CA GLN C 76 -36.19 1.19 -54.00
C GLN C 76 -35.86 1.26 -55.49
N LYS C 77 -36.11 2.42 -56.07
CA LYS C 77 -35.88 2.66 -57.49
C LYS C 77 -34.39 2.56 -57.85
N VAL C 78 -33.52 2.92 -56.91
CA VAL C 78 -32.08 2.89 -57.17
C VAL C 78 -31.46 1.51 -56.89
N GLU C 79 -32.25 0.60 -56.33
CA GLU C 79 -31.75 -0.73 -56.00
C GLU C 79 -31.09 -1.43 -57.21
N PRO C 80 -31.79 -1.58 -58.36
CA PRO C 80 -31.23 -2.22 -59.55
C PRO C 80 -30.04 -1.45 -60.12
N LEU C 81 -30.18 -0.13 -60.20
CA LEU C 81 -29.12 0.73 -60.74
C LEU C 81 -27.86 0.65 -59.89
N ARG C 82 -28.05 0.51 -58.58
CA ARG C 82 -26.94 0.41 -57.63
C ARG C 82 -26.06 -0.78 -58.01
N ALA C 83 -26.70 -1.90 -58.30
CA ALA C 83 -25.99 -3.13 -58.68
C ALA C 83 -25.31 -2.97 -60.04
N GLU C 84 -25.96 -2.26 -60.94
CA GLU C 84 -25.40 -2.03 -62.28
C GLU C 84 -24.09 -1.25 -62.20
N LEU C 85 -24.09 -0.18 -61.42
CA LEU C 85 -22.91 0.65 -61.27
C LEU C 85 -21.85 -0.10 -60.45
N GLN C 86 -22.34 -0.90 -59.50
CA GLN C 86 -21.48 -1.70 -58.65
C GLN C 86 -20.66 -2.69 -59.48
N GLU C 87 -21.33 -3.37 -60.39
CA GLU C 87 -20.68 -4.35 -61.25
C GLU C 87 -19.88 -3.70 -62.36
N GLY C 88 -20.45 -2.66 -62.98
CA GLY C 88 -19.77 -1.97 -64.06
C GLY C 88 -18.43 -1.39 -63.64
N ALA C 89 -18.32 -1.01 -62.37
CA ALA C 89 -17.11 -0.45 -61.84
C ALA C 89 -16.17 -1.53 -61.28
N ARG C 90 -16.58 -2.79 -61.42
CA ARG C 90 -15.78 -3.90 -60.93
C ARG C 90 -14.87 -4.47 -62.01
N GLN C 91 -15.45 -4.72 -63.17
CA GLN C 91 -14.72 -5.30 -64.31
C GLN C 91 -13.49 -4.49 -64.73
N LYS C 92 -13.53 -3.18 -64.56
CA LYS C 92 -12.42 -2.31 -64.96
C LYS C 92 -11.07 -2.68 -64.33
N LEU C 93 -11.07 -3.04 -63.05
CA LEU C 93 -9.81 -3.37 -62.38
C LEU C 93 -9.26 -4.73 -62.80
N HIS C 94 -10.15 -5.63 -63.21
CA HIS C 94 -9.73 -6.96 -63.63
C HIS C 94 -8.79 -6.87 -64.84
N GLU C 95 -8.95 -5.80 -65.62
CA GLU C 95 -8.11 -5.58 -66.79
C GLU C 95 -6.84 -4.82 -66.41
N LEU C 96 -6.96 -3.95 -65.42
CA LEU C 96 -5.83 -3.14 -64.96
C LEU C 96 -4.85 -3.94 -64.11
N GLN C 97 -5.38 -4.61 -63.09
CA GLN C 97 -4.56 -5.40 -62.17
C GLN C 97 -3.75 -6.47 -62.90
N GLU C 98 -4.42 -7.16 -63.82
CA GLU C 98 -3.78 -8.23 -64.58
C GLU C 98 -2.65 -7.71 -65.47
N LYS C 99 -2.71 -6.43 -65.82
CA LYS C 99 -1.69 -5.83 -66.68
C LYS C 99 -0.64 -5.06 -65.88
N LEU C 100 -0.80 -5.01 -64.56
CA LEU C 100 0.14 -4.27 -63.73
C LEU C 100 0.88 -5.16 -62.72
N SER C 101 0.30 -6.32 -62.43
CA SER C 101 0.90 -7.23 -61.45
C SER C 101 2.23 -7.87 -61.88
N PRO C 102 2.29 -8.55 -63.06
CA PRO C 102 3.52 -9.20 -63.53
C PRO C 102 4.75 -8.29 -63.53
N LEU C 103 4.60 -7.09 -64.09
CA LEU C 103 5.71 -6.13 -64.14
C LEU C 103 6.07 -5.62 -62.77
N GLY C 104 5.06 -5.49 -61.92
CA GLY C 104 5.29 -5.01 -60.57
C GLY C 104 6.09 -6.02 -59.77
N GLU C 105 5.74 -7.29 -59.91
CA GLU C 105 6.44 -8.37 -59.22
C GLU C 105 7.86 -8.53 -59.75
N GLU C 106 8.01 -8.40 -61.06
CA GLU C 106 9.31 -8.51 -61.72
C GLU C 106 10.32 -7.55 -61.11
N MET C 107 9.95 -6.27 -61.05
CA MET C 107 10.83 -5.24 -60.51
C MET C 107 10.99 -5.39 -59.00
N ARG C 108 9.94 -5.88 -58.34
CA ARG C 108 9.95 -6.08 -56.89
C ARG C 108 11.07 -7.02 -56.47
N ASP C 109 11.14 -8.16 -57.14
CA ASP C 109 12.16 -9.17 -56.84
C ASP C 109 13.54 -8.68 -57.26
N ARG C 110 13.60 -8.03 -58.41
CA ARG C 110 14.87 -7.51 -58.94
C ARG C 110 15.48 -6.52 -57.96
N ALA C 111 14.64 -5.69 -57.34
CA ALA C 111 15.11 -4.71 -56.37
C ALA C 111 15.65 -5.40 -55.12
N ARG C 112 14.92 -6.41 -54.65
CA ARG C 112 15.30 -7.15 -53.47
C ARG C 112 16.67 -7.82 -53.67
N ALA C 113 16.88 -8.36 -54.86
CA ALA C 113 18.14 -9.02 -55.20
C ALA C 113 19.29 -8.02 -55.20
N HIS C 114 19.03 -6.82 -55.72
CA HIS C 114 20.05 -5.79 -55.79
C HIS C 114 20.44 -5.31 -54.39
N VAL C 115 19.44 -5.23 -53.51
CA VAL C 115 19.69 -4.81 -52.12
C VAL C 115 20.58 -5.83 -51.42
N ASP C 116 20.32 -7.11 -51.68
CA ASP C 116 21.12 -8.19 -51.11
C ASP C 116 22.55 -8.10 -51.59
N ALA C 117 22.71 -7.87 -52.89
CA ALA C 117 24.03 -7.77 -53.51
C ALA C 117 24.77 -6.54 -52.97
N LEU C 118 24.05 -5.43 -52.82
CA LEU C 118 24.62 -4.19 -52.31
C LEU C 118 25.14 -4.37 -50.88
N ARG C 119 24.40 -5.15 -50.10
CA ARG C 119 24.78 -5.42 -48.71
C ARG C 119 26.11 -6.15 -48.65
N THR C 120 26.20 -7.26 -49.37
CA THR C 120 27.41 -8.06 -49.41
C THR C 120 28.55 -7.36 -50.14
N HIS C 121 28.22 -6.38 -50.97
CA HIS C 121 29.23 -5.65 -51.74
C HIS C 121 29.97 -4.64 -50.86
N LEU C 122 29.27 -4.07 -49.90
CA LEU C 122 29.87 -3.07 -49.02
C LEU C 122 30.39 -3.69 -47.72
N ALA C 123 29.93 -4.90 -47.43
CA ALA C 123 30.32 -5.62 -46.20
C ALA C 123 31.84 -5.68 -45.97
N PRO C 124 32.65 -6.19 -46.93
CA PRO C 124 34.10 -6.31 -46.75
C PRO C 124 34.77 -4.95 -46.50
N TYR C 125 34.46 -3.97 -47.34
CA TYR C 125 35.05 -2.63 -47.21
C TYR C 125 34.65 -1.96 -45.90
N SER C 126 33.45 -2.23 -45.43
CA SER C 126 32.98 -1.66 -44.19
C SER C 126 33.72 -2.26 -42.99
N ASP C 127 33.98 -3.55 -43.07
CA ASP C 127 34.69 -4.25 -41.99
C ASP C 127 36.13 -3.77 -41.88
N GLU C 128 36.80 -3.64 -43.02
CA GLU C 128 38.17 -3.16 -43.05
C GLU C 128 38.27 -1.75 -42.46
N LEU C 129 37.35 -0.89 -42.87
CA LEU C 129 37.32 0.49 -42.39
C LEU C 129 37.10 0.53 -40.88
N ARG C 130 36.13 -0.23 -40.39
CA ARG C 130 35.84 -0.25 -38.94
C ARG C 130 37.00 -0.83 -38.14
N GLN C 131 37.72 -1.77 -38.73
CA GLN C 131 38.85 -2.38 -38.05
C GLN C 131 40.04 -1.42 -38.03
N ARG C 132 40.18 -0.64 -39.10
CA ARG C 132 41.26 0.33 -39.21
C ARG C 132 41.13 1.42 -38.16
N LEU C 133 39.90 1.90 -37.95
CA LEU C 133 39.66 2.94 -36.96
C LEU C 133 39.69 2.39 -35.54
N ALA C 134 39.34 1.12 -35.40
CA ALA C 134 39.34 0.46 -34.10
C ALA C 134 40.71 0.54 -33.46
N ALA C 135 41.73 0.16 -34.22
CA ALA C 135 43.11 0.19 -33.74
C ALA C 135 43.59 1.63 -33.58
N ARG C 136 43.04 2.51 -34.40
CA ARG C 136 43.41 3.92 -34.37
C ARG C 136 42.93 4.59 -33.08
N LEU C 137 41.67 4.36 -32.73
CA LEU C 137 41.08 4.94 -31.52
C LEU C 137 41.80 4.44 -30.27
N GLU C 138 42.34 3.23 -30.36
CA GLU C 138 43.06 2.60 -29.26
C GLU C 138 44.35 3.36 -28.96
N ALA C 139 45.02 3.82 -30.01
CA ALA C 139 46.25 4.57 -29.87
C ALA C 139 45.97 5.94 -29.26
N LEU C 140 44.87 6.55 -29.71
CA LEU C 140 44.44 7.85 -29.23
C LEU C 140 44.07 7.77 -27.75
N LYS C 141 43.50 6.64 -27.36
CA LYS C 141 43.08 6.40 -25.98
C LYS C 141 44.28 6.44 -25.03
N GLU C 142 45.43 5.96 -25.50
CA GLU C 142 46.64 5.93 -24.68
C GLU C 142 47.07 7.34 -24.29
N ASN C 143 47.31 8.18 -25.28
CA ASN C 143 47.74 9.55 -25.03
C ASN C 143 46.67 10.36 -24.30
N GLY C 144 45.42 10.12 -24.65
CA GLY C 144 44.32 10.83 -24.02
C GLY C 144 44.21 10.53 -22.54
N GLY C 145 44.24 9.25 -22.19
CA GLY C 145 44.14 8.85 -20.80
C GLY C 145 45.37 9.19 -19.98
N ALA C 146 46.51 9.30 -20.65
CA ALA C 146 47.76 9.62 -19.99
C ALA C 146 47.73 11.01 -19.38
N ARG C 147 47.41 12.01 -20.19
CA ARG C 147 47.34 13.39 -19.73
C ARG C 147 46.17 13.59 -18.77
N LEU C 148 45.12 12.80 -18.96
CA LEU C 148 43.93 12.88 -18.13
C LEU C 148 44.24 12.55 -16.68
N ALA C 149 45.03 11.50 -16.47
CA ALA C 149 45.40 11.06 -15.12
C ALA C 149 46.10 12.18 -14.35
N GLU C 150 46.87 12.98 -15.06
CA GLU C 150 47.58 14.10 -14.45
C GLU C 150 46.61 15.21 -14.04
N TYR C 151 45.65 15.49 -14.92
CA TYR C 151 44.66 16.53 -14.68
C TYR C 151 43.71 16.16 -13.54
N HIS C 152 43.31 14.89 -13.48
CA HIS C 152 42.40 14.40 -12.45
C HIS C 152 42.92 14.72 -11.06
N ALA C 153 44.19 14.44 -10.82
CA ALA C 153 44.81 14.69 -9.52
C ALA C 153 44.77 16.18 -9.18
N LYS C 154 45.12 17.01 -10.15
CA LYS C 154 45.13 18.46 -9.96
C LYS C 154 43.73 19.00 -9.71
N ALA C 155 42.78 18.51 -10.51
CA ALA C 155 41.39 18.94 -10.40
C ALA C 155 40.82 18.60 -9.02
N THR C 156 41.17 17.42 -8.52
CA THR C 156 40.70 16.99 -7.21
C THR C 156 41.33 17.81 -6.09
N GLU C 157 42.63 18.09 -6.24
CA GLU C 157 43.36 18.88 -5.24
C GLU C 157 42.83 20.31 -5.14
N HIS C 158 42.45 20.87 -6.29
CA HIS C 158 41.94 22.23 -6.33
C HIS C 158 40.44 22.27 -6.06
N LEU C 159 39.85 21.12 -5.79
CA LEU C 159 38.42 21.03 -5.51
C LEU C 159 38.13 21.18 -4.03
N SER C 160 39.07 20.78 -3.19
CA SER C 160 38.90 20.85 -1.75
C SER C 160 39.18 22.24 -1.20
N THR C 161 39.80 23.08 -2.02
CA THR C 161 40.17 24.44 -1.65
C THR C 161 38.99 25.22 -1.06
N LEU C 162 37.99 25.52 -1.89
CA LEU C 162 36.84 26.27 -1.45
C LEU C 162 35.74 25.34 -0.92
N SER C 163 36.02 24.72 0.22
CA SER C 163 35.07 23.81 0.85
C SER C 163 35.33 23.72 2.35
N GLU C 164 36.54 23.29 2.71
CA GLU C 164 36.94 23.14 4.10
C GLU C 164 36.96 24.48 4.83
N LYS C 165 37.19 25.56 4.09
CA LYS C 165 37.24 26.88 4.69
C LYS C 165 35.92 27.64 4.49
N ALA C 166 34.88 26.93 4.10
CA ALA C 166 33.58 27.55 3.86
C ALA C 166 32.64 27.33 5.04
N LYS C 167 32.59 26.11 5.54
CA LYS C 167 31.73 25.75 6.67
C LYS C 167 32.02 26.57 7.94
N PRO C 168 33.29 26.60 8.43
CA PRO C 168 33.66 27.34 9.64
C PRO C 168 33.20 28.80 9.59
N ALA C 169 33.46 29.43 8.46
CA ALA C 169 33.09 30.83 8.27
C ALA C 169 31.57 31.03 8.35
N LEU C 170 30.82 30.06 7.85
CA LEU C 170 29.36 30.13 7.87
C LEU C 170 28.82 29.94 9.29
N GLU C 171 29.35 28.95 9.99
CA GLU C 171 28.91 28.66 11.35
C GLU C 171 29.21 29.81 12.30
N ASP C 172 30.38 30.43 12.15
CA ASP C 172 30.77 31.55 12.99
C ASP C 172 29.83 32.73 12.77
N LEU C 173 29.47 32.95 11.51
CA LEU C 173 28.56 34.02 11.14
C LEU C 173 27.18 33.79 11.76
N ARG C 174 26.75 32.53 11.74
CA ARG C 174 25.45 32.14 12.29
C ARG C 174 25.35 32.49 13.77
N GLN C 175 26.41 32.19 14.52
CA GLN C 175 26.45 32.44 15.95
C GLN C 175 26.36 33.94 16.28
N GLY C 176 26.89 34.77 15.39
CA GLY C 176 26.87 36.21 15.61
C GLY C 176 25.54 36.86 15.30
N LEU C 177 24.65 36.12 14.64
CA LEU C 177 23.34 36.65 14.27
C LEU C 177 22.27 36.23 15.25
N LEU C 178 22.51 35.10 15.92
CA LEU C 178 21.56 34.53 16.88
C LEU C 178 21.09 35.49 17.97
N PRO C 179 22.02 36.14 18.74
CA PRO C 179 21.63 37.06 19.82
C PRO C 179 20.59 38.10 19.41
N VAL C 180 20.89 38.83 18.34
CA VAL C 180 19.98 39.86 17.86
C VAL C 180 18.66 39.25 17.38
N LEU C 181 18.75 38.15 16.65
CA LEU C 181 17.57 37.45 16.13
C LEU C 181 16.67 36.99 17.28
N GLU C 182 17.29 36.39 18.29
CA GLU C 182 16.56 35.90 19.45
C GLU C 182 15.83 37.04 20.15
N SER C 183 16.49 38.18 20.24
CA SER C 183 15.91 39.35 20.89
C SER C 183 14.72 39.88 20.11
N PHE C 184 14.76 39.73 18.78
CA PHE C 184 13.67 40.20 17.93
C PHE C 184 12.44 39.30 18.02
N LYS C 185 12.67 37.99 18.10
CA LYS C 185 11.58 37.02 18.20
C LYS C 185 10.72 37.28 19.43
N VAL C 186 11.37 37.72 20.51
CA VAL C 186 10.67 38.03 21.75
C VAL C 186 9.70 39.20 21.55
N SER C 187 10.13 40.21 20.83
CA SER C 187 9.28 41.37 20.57
C SER C 187 8.10 41.02 19.67
N PHE C 188 8.33 40.08 18.74
CA PHE C 188 7.30 39.66 17.81
C PHE C 188 6.12 39.01 18.54
N LEU C 189 6.43 38.13 19.50
CA LEU C 189 5.41 37.41 20.24
C LEU C 189 4.34 38.34 20.83
N SER C 190 4.79 39.39 21.52
CA SER C 190 3.88 40.35 22.12
C SER C 190 3.06 41.08 21.05
N ALA C 191 3.74 41.47 19.96
CA ALA C 191 3.08 42.19 18.88
C ALA C 191 2.01 41.33 18.21
N LEU C 192 2.35 40.06 18.00
CA LEU C 192 1.43 39.11 17.37
C LEU C 192 0.15 38.97 18.18
N GLU C 193 0.32 38.74 19.48
CA GLU C 193 -0.83 38.59 20.39
C GLU C 193 -1.70 39.83 20.38
N GLU C 194 -1.07 41.00 20.40
CA GLU C 194 -1.79 42.28 20.40
C GLU C 194 -2.70 42.39 19.18
N TYR C 195 -2.15 42.12 18.01
CA TYR C 195 -2.93 42.20 16.77
C TYR C 195 -4.06 41.18 16.76
N THR C 196 -3.75 39.97 17.18
CA THR C 196 -4.73 38.88 17.23
C THR C 196 -5.91 39.23 18.12
N LYS C 197 -5.63 39.83 19.27
CA LYS C 197 -6.67 40.22 20.22
C LYS C 197 -7.58 41.29 19.64
N LYS C 198 -6.98 42.28 18.96
CA LYS C 198 -7.75 43.37 18.36
C LYS C 198 -8.66 42.84 17.25
N LEU C 199 -8.12 41.89 16.49
CA LEU C 199 -8.87 41.29 15.39
C LEU C 199 -10.05 40.47 15.93
N ASN C 200 -9.80 39.75 17.02
CA ASN C 200 -10.83 38.92 17.64
C ASN C 200 -11.88 39.79 18.34
N SER D 14 35.89 36.36 1.10
CA SER D 14 35.96 36.30 -0.36
C SER D 14 37.39 36.04 -0.82
N THR D 15 38.30 35.97 0.13
CA THR D 15 39.71 35.72 -0.14
C THR D 15 39.93 34.31 -0.66
N PHE D 16 39.18 33.36 -0.11
CA PHE D 16 39.30 31.96 -0.50
C PHE D 16 39.03 31.78 -1.99
N SER D 17 38.07 32.50 -2.52
CA SER D 17 37.72 32.41 -3.93
C SER D 17 38.81 33.02 -4.82
N LYS D 18 39.51 34.02 -4.29
CA LYS D 18 40.58 34.67 -5.05
C LYS D 18 41.72 33.68 -5.26
N LEU D 19 41.99 32.89 -4.23
CA LEU D 19 43.05 31.88 -4.30
C LEU D 19 42.64 30.80 -5.31
N ARG D 20 41.34 30.50 -5.33
CA ARG D 20 40.81 29.49 -6.24
C ARG D 20 40.94 29.98 -7.68
N GLU D 21 40.64 31.25 -7.89
CA GLU D 21 40.72 31.87 -9.21
C GLU D 21 42.17 31.96 -9.67
N GLN D 22 43.07 32.18 -8.72
CA GLN D 22 44.50 32.31 -9.01
C GLN D 22 45.10 31.05 -9.62
N LEU D 23 44.69 29.90 -9.13
CA LEU D 23 45.21 28.63 -9.62
C LEU D 23 44.44 28.10 -10.83
N GLY D 24 43.43 28.85 -11.24
CA GLY D 24 42.61 28.45 -12.36
C GLY D 24 43.35 28.45 -13.69
N PRO D 25 43.67 29.66 -14.22
CA PRO D 25 44.38 29.81 -15.50
C PRO D 25 45.64 28.96 -15.61
N VAL D 26 46.37 28.82 -14.51
CA VAL D 26 47.60 28.04 -14.49
C VAL D 26 47.34 26.61 -14.96
N THR D 27 46.39 25.95 -14.30
CA THR D 27 46.06 24.57 -14.63
C THR D 27 45.28 24.49 -15.95
N GLN D 28 44.48 25.52 -16.23
CA GLN D 28 43.69 25.55 -17.45
C GLN D 28 44.58 25.62 -18.69
N GLU D 29 45.55 26.53 -18.65
CA GLU D 29 46.48 26.71 -19.76
C GLU D 29 47.28 25.44 -19.99
N PHE D 30 47.68 24.81 -18.90
CA PHE D 30 48.44 23.56 -18.97
C PHE D 30 47.63 22.49 -19.69
N TRP D 31 46.36 22.39 -19.31
CA TRP D 31 45.46 21.41 -19.90
C TRP D 31 45.18 21.72 -21.37
N ASP D 32 44.99 23.01 -21.65
CA ASP D 32 44.73 23.46 -23.02
C ASP D 32 45.88 23.07 -23.93
N ASN D 33 47.10 23.29 -23.46
CA ASN D 33 48.29 22.94 -24.23
C ASN D 33 48.41 21.44 -24.40
N LEU D 34 48.04 20.70 -23.36
CA LEU D 34 48.10 19.24 -23.39
C LEU D 34 47.09 18.69 -24.39
N GLU D 35 45.92 19.30 -24.43
CA GLU D 35 44.89 18.87 -25.36
C GLU D 35 45.22 19.22 -26.80
N LYS D 36 46.11 20.21 -26.98
CA LYS D 36 46.53 20.60 -28.32
C LYS D 36 47.27 19.43 -28.97
N GLU D 37 47.98 18.65 -28.15
CA GLU D 37 48.72 17.50 -28.65
C GLU D 37 47.74 16.44 -29.13
N THR D 38 46.70 16.21 -28.34
CA THR D 38 45.67 15.24 -28.69
C THR D 38 44.95 15.68 -29.95
N GLU D 39 44.75 16.99 -30.07
CA GLU D 39 44.08 17.57 -31.21
C GLU D 39 44.87 17.28 -32.49
N GLY D 40 46.16 17.55 -32.44
CA GLY D 40 47.02 17.31 -33.58
C GLY D 40 47.06 15.83 -33.94
N LEU D 41 47.09 14.99 -32.91
CA LEU D 41 47.12 13.55 -33.10
C LEU D 41 45.87 13.08 -33.84
N ARG D 42 44.73 13.65 -33.47
CA ARG D 42 43.46 13.31 -34.10
C ARG D 42 43.43 13.80 -35.55
N GLN D 43 44.02 14.97 -35.77
CA GLN D 43 44.07 15.56 -37.11
C GLN D 43 44.85 14.66 -38.07
N GLU D 44 45.94 14.08 -37.58
CA GLU D 44 46.76 13.19 -38.39
C GLU D 44 46.05 11.87 -38.66
N MET D 45 45.19 11.47 -37.74
CA MET D 45 44.44 10.23 -37.88
C MET D 45 43.37 10.36 -38.95
N SER D 46 42.63 11.45 -38.92
CA SER D 46 41.58 11.68 -39.92
C SER D 46 42.18 11.85 -41.30
N LYS D 47 43.41 12.32 -41.36
CA LYS D 47 44.13 12.54 -42.62
C LYS D 47 44.25 11.23 -43.40
N ASP D 48 44.53 10.16 -42.68
CA ASP D 48 44.69 8.85 -43.28
C ASP D 48 43.33 8.18 -43.48
N LEU D 49 42.40 8.49 -42.59
CA LEU D 49 41.05 7.93 -42.65
C LEU D 49 40.30 8.42 -43.90
N GLU D 50 40.45 9.70 -44.21
CA GLU D 50 39.80 10.30 -45.37
C GLU D 50 40.19 9.60 -46.67
N GLU D 51 41.47 9.25 -46.78
CA GLU D 51 41.98 8.58 -47.97
C GLU D 51 41.29 7.23 -48.17
N VAL D 52 41.28 6.42 -47.12
CA VAL D 52 40.69 5.10 -47.17
C VAL D 52 39.19 5.19 -47.51
N LYS D 53 38.51 6.13 -46.87
CA LYS D 53 37.09 6.32 -47.08
C LYS D 53 36.78 6.72 -48.53
N ALA D 54 37.65 7.53 -49.12
CA ALA D 54 37.44 7.99 -50.50
C ALA D 54 37.57 6.82 -51.50
N LYS D 55 38.43 5.87 -51.19
CA LYS D 55 38.67 4.72 -52.05
C LYS D 55 37.44 3.82 -52.18
N VAL D 56 36.61 3.79 -51.15
CA VAL D 56 35.41 2.95 -51.14
C VAL D 56 34.25 3.61 -51.90
N GLN D 57 34.35 4.91 -52.14
CA GLN D 57 33.31 5.67 -52.84
C GLN D 57 32.96 5.14 -54.24
N PRO D 58 33.94 5.06 -55.17
CA PRO D 58 33.69 4.59 -56.54
C PRO D 58 33.05 3.20 -56.62
N TYR D 59 33.34 2.35 -55.64
CA TYR D 59 32.79 1.00 -55.61
C TYR D 59 31.30 1.01 -55.31
N LEU D 60 30.85 1.99 -54.55
CA LEU D 60 29.44 2.11 -54.20
C LEU D 60 28.70 2.90 -55.28
N ASP D 61 29.38 3.89 -55.84
CA ASP D 61 28.81 4.75 -56.87
C ASP D 61 28.37 3.97 -58.10
N ASP D 62 29.23 3.11 -58.61
CA ASP D 62 28.92 2.32 -59.80
C ASP D 62 27.72 1.41 -59.58
N PHE D 63 27.59 0.87 -58.36
CA PHE D 63 26.48 -0.02 -58.03
C PHE D 63 25.15 0.72 -58.08
N GLN D 64 25.18 2.01 -57.79
CA GLN D 64 23.98 2.84 -57.81
C GLN D 64 23.54 3.08 -59.26
N LYS D 65 24.48 3.57 -60.05
CA LYS D 65 24.23 3.88 -61.46
C LYS D 65 23.72 2.68 -62.25
N LYS D 66 24.26 1.50 -61.93
CA LYS D 66 23.89 0.26 -62.62
C LYS D 66 22.38 0.01 -62.57
N TRP D 67 21.80 0.19 -61.38
CA TRP D 67 20.36 -0.03 -61.23
C TRP D 67 19.57 1.22 -61.60
N GLN D 68 20.21 2.37 -61.45
CA GLN D 68 19.56 3.65 -61.77
C GLN D 68 19.15 3.68 -63.24
N GLU D 69 20.05 3.24 -64.11
CA GLU D 69 19.78 3.20 -65.55
C GLU D 69 18.63 2.25 -65.87
N GLU D 70 18.65 1.06 -65.28
CA GLU D 70 17.60 0.08 -65.51
C GLU D 70 16.26 0.57 -64.97
N MET D 71 16.32 1.36 -63.90
CA MET D 71 15.12 1.92 -63.29
C MET D 71 14.41 2.84 -64.26
N GLU D 72 15.19 3.61 -65.02
CA GLU D 72 14.63 4.53 -66.00
C GLU D 72 14.00 3.74 -67.15
N LEU D 73 14.65 2.66 -67.55
CA LEU D 73 14.17 1.81 -68.64
C LEU D 73 12.79 1.24 -68.30
N TYR D 74 12.67 0.71 -67.09
CA TYR D 74 11.42 0.14 -66.62
C TYR D 74 10.33 1.20 -66.57
N ARG D 75 10.69 2.37 -66.04
CA ARG D 75 9.77 3.49 -65.92
C ARG D 75 9.26 3.94 -67.29
N GLN D 76 10.16 3.92 -68.26
CA GLN D 76 9.84 4.33 -69.62
C GLN D 76 8.98 3.30 -70.33
N LYS D 77 9.22 2.03 -70.03
CA LYS D 77 8.48 0.94 -70.64
C LYS D 77 7.03 0.89 -70.19
N VAL D 78 6.80 1.08 -68.89
CA VAL D 78 5.44 1.03 -68.34
C VAL D 78 4.67 2.32 -68.57
N GLU D 79 5.35 3.34 -69.05
CA GLU D 79 4.75 4.65 -69.31
C GLU D 79 3.53 4.57 -70.26
N PRO D 80 3.69 4.05 -71.49
CA PRO D 80 2.58 3.96 -72.46
C PRO D 80 1.54 2.91 -72.07
N LEU D 81 1.94 1.95 -71.23
CA LEU D 81 1.07 0.88 -70.80
C LEU D 81 -0.08 1.42 -69.94
N ARG D 82 0.26 2.23 -68.93
CA ARG D 82 -0.75 2.81 -68.07
C ARG D 82 -1.57 3.83 -68.84
N ALA D 83 -0.96 4.44 -69.85
CA ALA D 83 -1.65 5.43 -70.67
C ALA D 83 -2.86 4.80 -71.36
N GLU D 84 -2.72 3.52 -71.72
CA GLU D 84 -3.80 2.78 -72.35
C GLU D 84 -4.85 2.39 -71.32
N LEU D 85 -4.38 1.92 -70.16
CA LEU D 85 -5.27 1.52 -69.09
C LEU D 85 -6.08 2.71 -68.59
N GLN D 86 -5.42 3.86 -68.46
CA GLN D 86 -6.07 5.08 -68.02
C GLN D 86 -7.09 5.51 -69.05
N GLU D 87 -6.77 5.32 -70.32
CA GLU D 87 -7.66 5.68 -71.42
C GLU D 87 -8.96 4.87 -71.31
N GLY D 88 -8.83 3.58 -71.01
CA GLY D 88 -9.99 2.73 -70.86
C GLY D 88 -10.82 3.17 -69.67
N ALA D 89 -10.13 3.66 -68.64
CA ALA D 89 -10.78 4.13 -67.43
C ALA D 89 -11.27 5.57 -67.60
N ARG D 90 -11.07 6.12 -68.80
CA ARG D 90 -11.51 7.47 -69.09
C ARG D 90 -12.93 7.45 -69.64
N GLN D 91 -13.14 6.57 -70.62
CA GLN D 91 -14.45 6.42 -71.25
C GLN D 91 -15.46 5.79 -70.30
N LYS D 92 -15.03 4.77 -69.56
CA LYS D 92 -15.91 4.08 -68.62
C LYS D 92 -16.33 5.02 -67.49
N LEU D 93 -15.54 6.06 -67.28
CA LEU D 93 -15.80 7.05 -66.25
C LEU D 93 -17.06 7.83 -66.60
N HIS D 94 -17.04 8.43 -67.78
CA HIS D 94 -18.16 9.23 -68.26
C HIS D 94 -19.44 8.41 -68.38
N GLU D 95 -19.30 7.15 -68.74
CA GLU D 95 -20.43 6.25 -68.91
C GLU D 95 -21.14 5.99 -67.58
N LEU D 96 -20.36 5.73 -66.52
CA LEU D 96 -20.94 5.45 -65.21
C LEU D 96 -21.71 6.65 -64.67
N GLN D 97 -21.19 7.85 -64.93
CA GLN D 97 -21.83 9.07 -64.47
C GLN D 97 -23.14 9.30 -65.23
N GLU D 98 -23.11 9.01 -66.53
CA GLU D 98 -24.26 9.17 -67.39
C GLU D 98 -25.46 8.38 -66.90
N LYS D 99 -25.19 7.18 -66.38
CA LYS D 99 -26.25 6.30 -65.89
C LYS D 99 -26.90 6.79 -64.59
N LEU D 100 -26.16 7.55 -63.79
CA LEU D 100 -26.69 8.03 -62.51
C LEU D 100 -27.28 9.44 -62.60
N SER D 101 -26.93 10.14 -63.67
CA SER D 101 -27.39 11.52 -63.86
C SER D 101 -28.92 11.69 -63.88
N PRO D 102 -29.66 10.96 -64.74
CA PRO D 102 -31.13 11.09 -64.85
C PRO D 102 -31.86 10.85 -63.53
N LEU D 103 -31.50 9.79 -62.83
CA LEU D 103 -32.15 9.45 -61.56
C LEU D 103 -32.01 10.56 -60.53
N GLY D 104 -30.82 11.12 -60.41
CA GLY D 104 -30.59 12.19 -59.45
C GLY D 104 -31.30 13.46 -59.84
N GLU D 105 -31.50 13.66 -61.13
CA GLU D 105 -32.17 14.85 -61.64
C GLU D 105 -33.67 14.82 -61.34
N GLU D 106 -34.27 13.64 -61.49
CA GLU D 106 -35.70 13.46 -61.25
C GLU D 106 -36.08 13.79 -59.82
N MET D 107 -35.32 13.28 -58.86
CA MET D 107 -35.61 13.52 -57.45
C MET D 107 -35.46 14.98 -57.08
N ARG D 108 -34.57 15.70 -57.75
CA ARG D 108 -34.36 17.11 -57.48
C ARG D 108 -35.65 17.89 -57.69
N ASP D 109 -36.42 17.49 -58.70
CA ASP D 109 -37.69 18.15 -59.00
C ASP D 109 -38.68 17.93 -57.87
N ARG D 110 -38.78 16.68 -57.41
CA ARG D 110 -39.68 16.34 -56.33
C ARG D 110 -39.27 17.06 -55.06
N ALA D 111 -37.95 17.19 -54.86
CA ALA D 111 -37.42 17.89 -53.69
C ALA D 111 -37.79 19.36 -53.76
N ARG D 112 -37.62 19.95 -54.92
CA ARG D 112 -37.94 21.36 -55.16
C ARG D 112 -39.42 21.64 -54.86
N ALA D 113 -40.29 20.81 -55.42
CA ALA D 113 -41.73 20.96 -55.21
C ALA D 113 -42.11 20.76 -53.75
N HIS D 114 -41.47 19.81 -53.10
CA HIS D 114 -41.74 19.51 -51.70
C HIS D 114 -41.32 20.66 -50.79
N VAL D 115 -40.14 21.24 -51.08
CA VAL D 115 -39.62 22.36 -50.29
C VAL D 115 -40.57 23.56 -50.34
N ASP D 116 -41.16 23.80 -51.51
CA ASP D 116 -42.08 24.91 -51.70
C ASP D 116 -43.29 24.79 -50.78
N ALA D 117 -43.95 23.65 -50.85
CA ALA D 117 -45.14 23.40 -50.02
C ALA D 117 -44.77 23.45 -48.54
N LEU D 118 -43.57 22.98 -48.23
CA LEU D 118 -43.08 22.96 -46.86
C LEU D 118 -42.98 24.38 -46.29
N ARG D 119 -42.44 25.29 -47.09
CA ARG D 119 -42.30 26.68 -46.66
C ARG D 119 -43.66 27.35 -46.51
N THR D 120 -44.57 27.04 -47.43
CA THR D 120 -45.92 27.61 -47.42
C THR D 120 -46.70 27.17 -46.19
N HIS D 121 -46.26 26.09 -45.57
CA HIS D 121 -46.91 25.57 -44.38
C HIS D 121 -46.31 26.17 -43.11
N LEU D 122 -45.07 26.64 -43.21
CA LEU D 122 -44.38 27.21 -42.07
C LEU D 122 -44.68 28.71 -41.90
N ALA D 123 -44.71 29.41 -43.02
CA ALA D 123 -44.97 30.87 -43.02
C ALA D 123 -46.14 31.32 -42.12
N PRO D 124 -47.36 30.74 -42.29
CA PRO D 124 -48.52 31.14 -41.47
C PRO D 124 -48.34 30.84 -39.98
N TYR D 125 -47.55 29.82 -39.67
CA TYR D 125 -47.29 29.44 -38.29
C TYR D 125 -46.46 30.49 -37.56
N SER D 126 -45.46 31.02 -38.27
CA SER D 126 -44.59 32.04 -37.71
C SER D 126 -45.38 33.30 -37.37
N ASP D 127 -46.40 33.58 -38.18
CA ASP D 127 -47.25 34.74 -37.98
C ASP D 127 -48.05 34.58 -36.69
N GLU D 128 -48.66 33.40 -36.53
CA GLU D 128 -49.47 33.10 -35.35
C GLU D 128 -48.61 33.12 -34.10
N LEU D 129 -47.39 32.62 -34.23
CA LEU D 129 -46.45 32.57 -33.12
C LEU D 129 -46.17 33.97 -32.57
N ARG D 130 -45.91 34.91 -33.46
CA ARG D 130 -45.60 36.29 -33.05
C ARG D 130 -46.76 36.92 -32.30
N GLN D 131 -47.97 36.78 -32.82
CA GLN D 131 -49.16 37.37 -32.18
C GLN D 131 -49.36 36.82 -30.77
N ARG D 132 -49.14 35.53 -30.60
CA ARG D 132 -49.30 34.89 -29.30
C ARG D 132 -48.18 35.31 -28.35
N LEU D 133 -47.00 35.52 -28.92
CA LEU D 133 -45.83 35.93 -28.14
C LEU D 133 -46.00 37.35 -27.60
N ALA D 134 -46.38 38.27 -28.48
CA ALA D 134 -46.57 39.65 -28.13
C ALA D 134 -47.64 39.81 -27.04
N ALA D 135 -48.71 39.04 -27.16
CA ALA D 135 -49.81 39.08 -26.19
C ALA D 135 -49.33 38.62 -24.82
N ARG D 136 -48.63 37.49 -24.79
CA ARG D 136 -48.11 36.95 -23.54
C ARG D 136 -47.12 37.91 -22.89
N LEU D 137 -46.26 38.50 -23.73
CA LEU D 137 -45.27 39.45 -23.26
C LEU D 137 -45.93 40.68 -22.63
N GLU D 138 -46.95 41.19 -23.32
CA GLU D 138 -47.68 42.37 -22.85
C GLU D 138 -48.29 42.12 -21.48
N ALA D 139 -49.02 41.02 -21.36
CA ALA D 139 -49.67 40.68 -20.09
C ALA D 139 -48.64 40.45 -18.99
N LEU D 140 -47.54 39.79 -19.33
CA LEU D 140 -46.48 39.50 -18.38
C LEU D 140 -45.77 40.78 -17.94
N LYS D 141 -45.60 41.71 -18.89
CA LYS D 141 -44.95 42.98 -18.60
C LYS D 141 -45.82 43.85 -17.70
N GLU D 142 -47.10 43.90 -18.01
CA GLU D 142 -48.06 44.70 -17.25
C GLU D 142 -48.04 44.30 -15.77
N ASN D 143 -48.01 43.00 -15.52
CA ASN D 143 -48.00 42.48 -14.15
C ASN D 143 -46.62 42.61 -13.53
N GLY D 144 -45.59 42.31 -14.32
CA GLY D 144 -44.22 42.36 -13.83
C GLY D 144 -43.78 43.77 -13.44
N GLY D 145 -44.37 44.76 -14.08
CA GLY D 145 -44.03 46.15 -13.79
C GLY D 145 -44.18 46.51 -12.32
N ALA D 146 -45.30 46.12 -11.72
CA ALA D 146 -45.54 46.40 -10.31
C ALA D 146 -44.69 45.51 -9.43
N ARG D 147 -44.42 44.31 -9.92
CA ARG D 147 -43.60 43.35 -9.19
C ARG D 147 -42.17 43.87 -8.99
N LEU D 148 -41.56 44.30 -10.08
CA LEU D 148 -40.19 44.81 -10.05
C LEU D 148 -40.06 46.03 -9.15
N ALA D 149 -41.04 46.92 -9.21
CA ALA D 149 -41.03 48.13 -8.39
C ALA D 149 -40.95 47.78 -6.92
N GLU D 150 -41.70 46.75 -6.52
CA GLU D 150 -41.72 46.30 -5.14
C GLU D 150 -40.38 45.70 -4.73
N TYR D 151 -39.82 44.87 -5.62
CA TYR D 151 -38.53 44.23 -5.35
C TYR D 151 -37.43 45.27 -5.14
N HIS D 152 -37.42 46.30 -5.97
CA HIS D 152 -36.42 47.35 -5.88
C HIS D 152 -36.63 48.22 -4.65
N ALA D 153 -37.89 48.51 -4.35
CA ALA D 153 -38.23 49.34 -3.19
C ALA D 153 -37.81 48.68 -1.89
N LYS D 154 -38.05 47.38 -1.78
CA LYS D 154 -37.70 46.64 -0.57
C LYS D 154 -36.19 46.42 -0.47
N ALA D 155 -35.55 46.16 -1.61
CA ALA D 155 -34.11 45.93 -1.66
C ALA D 155 -33.34 47.15 -1.16
N THR D 156 -33.88 48.33 -1.44
CA THR D 156 -33.25 49.58 -1.04
C THR D 156 -33.06 49.66 0.48
N GLU D 157 -34.10 49.26 1.22
CA GLU D 157 -34.03 49.29 2.68
C GLU D 157 -32.98 48.33 3.21
N HIS D 158 -32.97 47.13 2.64
CA HIS D 158 -32.00 46.10 3.04
C HIS D 158 -30.58 46.56 2.77
N LEU D 159 -30.38 47.18 1.61
CA LEU D 159 -29.06 47.68 1.23
C LEU D 159 -28.61 48.79 2.17
N SER D 160 -29.54 49.65 2.55
CA SER D 160 -29.25 50.77 3.44
C SER D 160 -28.83 50.28 4.82
N THR D 161 -29.52 49.26 5.33
CA THR D 161 -29.21 48.70 6.63
C THR D 161 -28.23 47.54 6.51
N LEU D 162 -27.33 47.65 5.52
CA LEU D 162 -26.33 46.62 5.28
C LEU D 162 -24.94 47.23 5.30
N SER D 163 -24.70 48.16 4.38
CA SER D 163 -23.40 48.82 4.29
C SER D 163 -23.36 50.09 5.16
N GLU D 164 -23.63 49.92 6.46
CA GLU D 164 -23.64 51.06 7.37
C GLU D 164 -22.43 51.06 8.30
N LYS D 165 -22.39 50.14 9.25
CA LYS D 165 -21.30 50.05 10.21
C LYS D 165 -20.03 49.45 9.60
N ALA D 166 -20.07 49.16 8.30
CA ALA D 166 -18.93 48.57 7.59
C ALA D 166 -17.72 49.49 7.64
N LYS D 167 -17.90 50.75 7.27
CA LYS D 167 -16.80 51.71 7.26
C LYS D 167 -16.31 52.09 8.66
N PRO D 168 -17.22 52.54 9.58
CA PRO D 168 -16.84 52.93 10.95
C PRO D 168 -16.04 51.87 11.70
N ALA D 169 -16.19 50.62 11.31
CA ALA D 169 -15.46 49.52 11.95
C ALA D 169 -13.95 49.69 11.77
N LEU D 170 -13.53 50.13 10.59
CA LEU D 170 -12.12 50.32 10.29
C LEU D 170 -11.53 51.50 11.05
N GLU D 171 -12.37 52.45 11.41
CA GLU D 171 -11.94 53.64 12.15
C GLU D 171 -11.28 53.23 13.47
N ASP D 172 -11.96 52.36 14.21
CA ASP D 172 -11.44 51.88 15.48
C ASP D 172 -10.26 50.96 15.28
N LEU D 173 -10.33 50.12 14.25
CA LEU D 173 -9.27 49.18 13.94
C LEU D 173 -7.96 49.88 13.62
N ARG D 174 -8.01 50.87 12.75
CA ARG D 174 -6.82 51.62 12.35
C ARG D 174 -6.19 52.32 13.56
N GLN D 175 -7.02 52.99 14.34
CA GLN D 175 -6.56 53.72 15.51
C GLN D 175 -5.89 52.86 16.56
N GLY D 176 -6.33 51.61 16.70
CA GLY D 176 -5.75 50.74 17.69
C GLY D 176 -4.61 49.90 17.15
N LEU D 177 -4.42 49.92 15.83
CA LEU D 177 -3.37 49.14 15.19
C LEU D 177 -2.12 49.97 14.90
N LEU D 178 -2.31 51.16 14.35
CA LEU D 178 -1.20 52.06 13.99
C LEU D 178 -0.13 52.22 15.07
N PRO D 179 -0.51 52.63 16.32
CA PRO D 179 0.46 52.84 17.40
C PRO D 179 1.41 51.66 17.63
N VAL D 180 0.91 50.44 17.49
CA VAL D 180 1.71 49.25 17.71
C VAL D 180 2.45 48.83 16.43
N LEU D 181 1.77 48.97 15.30
CA LEU D 181 2.34 48.58 14.02
C LEU D 181 3.56 49.43 13.65
N GLU D 182 3.42 50.74 13.77
CA GLU D 182 4.50 51.66 13.42
C GLU D 182 5.74 51.45 14.30
N SER D 183 5.53 51.08 15.55
CA SER D 183 6.63 50.86 16.47
C SER D 183 7.44 49.62 16.09
N PHE D 184 6.75 48.59 15.61
CA PHE D 184 7.42 47.36 15.21
C PHE D 184 8.32 47.60 14.00
N LYS D 185 7.88 48.50 13.12
CA LYS D 185 8.64 48.84 11.92
C LYS D 185 10.00 49.39 12.29
N VAL D 186 10.02 50.33 13.23
CA VAL D 186 11.25 50.96 13.68
C VAL D 186 12.21 49.91 14.27
N SER D 187 11.67 49.02 15.10
CA SER D 187 12.49 47.98 15.72
C SER D 187 13.12 47.07 14.67
N PHE D 188 12.36 46.78 13.61
CA PHE D 188 12.85 45.94 12.53
C PHE D 188 13.91 46.69 11.75
N LEU D 189 13.72 48.00 11.63
CA LEU D 189 14.65 48.86 10.91
C LEU D 189 16.00 48.94 11.63
N SER D 190 15.97 48.82 12.95
CA SER D 190 17.19 48.86 13.73
C SER D 190 18.08 47.65 13.44
N ALA D 191 17.49 46.46 13.51
CA ALA D 191 18.22 45.22 13.26
C ALA D 191 18.55 45.07 11.78
N LEU D 192 17.80 45.79 10.94
CA LEU D 192 17.98 45.77 9.49
C LEU D 192 19.42 46.04 9.10
N GLU D 193 19.98 47.12 9.61
CA GLU D 193 21.35 47.52 9.30
C GLU D 193 22.39 46.64 9.99
N GLU D 194 22.07 46.18 11.19
CA GLU D 194 22.99 45.35 11.98
C GLU D 194 23.40 44.06 11.25
N TYR D 195 22.42 43.36 10.68
CA TYR D 195 22.71 42.10 10.00
C TYR D 195 23.52 42.28 8.72
N THR D 196 23.19 43.30 7.93
CA THR D 196 23.90 43.55 6.67
C THR D 196 25.38 43.75 6.89
N LYS D 197 25.74 44.50 7.92
CA LYS D 197 27.14 44.78 8.22
C LYS D 197 27.92 43.49 8.51
N LYS D 198 27.25 42.51 9.12
CA LYS D 198 27.89 41.24 9.44
C LYS D 198 28.00 40.33 8.21
N LEU D 199 26.91 40.24 7.46
CA LEU D 199 26.86 39.39 6.28
C LEU D 199 27.75 39.91 5.15
N ASN D 200 27.81 41.22 5.01
CA ASN D 200 28.62 41.85 3.96
C ASN D 200 30.10 41.69 4.22
N THR A 2 0.81 -13.57 1.66
CA THR A 2 0.59 -13.76 0.24
C THR A 2 -0.13 -15.08 -0.02
N GLU A 3 -1.24 -15.01 -0.76
CA GLU A 3 -2.02 -16.19 -1.08
C GLU A 3 -1.59 -16.77 -2.42
N TYR A 4 -1.36 -18.08 -2.46
CA TYR A 4 -0.94 -18.76 -3.68
C TYR A 4 -1.95 -19.83 -4.05
N LYS A 5 -2.67 -19.63 -5.14
CA LYS A 5 -3.68 -20.57 -5.58
C LYS A 5 -3.05 -21.74 -6.34
N LEU A 6 -3.10 -22.91 -5.72
CA LEU A 6 -2.53 -24.12 -6.31
C LEU A 6 -3.62 -25.09 -6.72
N VAL A 7 -3.50 -25.64 -7.91
CA VAL A 7 -4.49 -26.59 -8.41
C VAL A 7 -3.82 -27.92 -8.74
N VAL A 8 -4.37 -29.00 -8.22
CA VAL A 8 -3.83 -30.33 -8.46
C VAL A 8 -4.48 -30.95 -9.69
N VAL A 9 -3.68 -31.29 -10.68
CA VAL A 9 -4.20 -31.88 -11.90
C VAL A 9 -3.65 -33.29 -12.12
N GLY A 10 -4.31 -34.06 -12.97
CA GLY A 10 -3.89 -35.42 -13.24
C GLY A 10 -5.06 -36.36 -13.31
N ALA A 11 -4.83 -37.55 -13.86
CA ALA A 11 -5.89 -38.55 -13.99
C ALA A 11 -6.34 -39.08 -12.63
N ASP A 12 -7.23 -40.06 -12.65
CA ASP A 12 -7.75 -40.64 -11.42
C ASP A 12 -6.85 -41.78 -10.94
N GLY A 13 -6.84 -41.99 -9.63
CA GLY A 13 -6.03 -43.06 -9.07
C GLY A 13 -4.56 -42.70 -8.96
N VAL A 14 -4.24 -41.42 -9.14
CA VAL A 14 -2.86 -40.96 -9.06
C VAL A 14 -2.48 -40.60 -7.63
N GLY A 15 -3.49 -40.26 -6.82
CA GLY A 15 -3.25 -39.91 -5.43
C GLY A 15 -3.25 -38.42 -5.16
N LYS A 16 -4.04 -37.67 -5.93
CA LYS A 16 -4.12 -36.22 -5.77
C LYS A 16 -4.67 -35.85 -4.40
N SER A 17 -5.80 -36.46 -4.04
CA SER A 17 -6.42 -36.20 -2.75
C SER A 17 -5.60 -36.79 -1.61
N ALA A 18 -4.91 -37.89 -1.90
CA ALA A 18 -4.09 -38.57 -0.91
C ALA A 18 -2.92 -37.68 -0.45
N LEU A 19 -2.32 -36.98 -1.41
CA LEU A 19 -1.20 -36.10 -1.10
C LEU A 19 -1.67 -34.90 -0.29
N THR A 20 -2.70 -34.23 -0.80
CA THR A 20 -3.26 -33.05 -0.15
C THR A 20 -3.80 -33.32 1.26
N ILE A 21 -4.47 -34.46 1.44
CA ILE A 21 -5.04 -34.81 2.74
C ILE A 21 -3.97 -35.03 3.81
N GLN A 22 -2.79 -35.47 3.39
CA GLN A 22 -1.69 -35.71 4.32
C GLN A 22 -1.18 -34.42 4.92
N LEU A 23 -1.30 -33.33 4.17
CA LEU A 23 -0.83 -32.03 4.64
C LEU A 23 -1.90 -31.34 5.49
N ILE A 24 -3.16 -31.52 5.12
CA ILE A 24 -4.26 -30.89 5.82
C ILE A 24 -4.59 -31.57 7.16
N GLN A 25 -4.81 -32.88 7.12
CA GLN A 25 -5.16 -33.61 8.33
C GLN A 25 -3.92 -34.16 9.03
N ASN A 26 -2.81 -34.24 8.30
CA ASN A 26 -1.55 -34.77 8.83
C ASN A 26 -1.67 -36.26 9.12
N HIS A 27 -2.72 -36.87 8.55
CA HIS A 27 -2.99 -38.29 8.73
C HIS A 27 -3.48 -38.85 7.41
N PHE A 28 -3.28 -40.15 7.19
CA PHE A 28 -3.70 -40.78 5.94
C PHE A 28 -5.09 -41.38 6.08
N VAL A 29 -6.09 -40.68 5.60
CA VAL A 29 -7.47 -41.13 5.67
C VAL A 29 -7.79 -42.05 4.49
N ASP A 30 -8.34 -43.22 4.80
CA ASP A 30 -8.70 -44.19 3.79
C ASP A 30 -10.19 -44.47 3.85
N GLU A 31 -10.92 -43.94 2.88
CA GLU A 31 -12.37 -44.11 2.83
C GLU A 31 -12.85 -44.07 1.38
N TYR A 32 -13.76 -44.98 1.05
CA TYR A 32 -14.31 -45.05 -0.29
C TYR A 32 -15.41 -44.00 -0.46
N ASP A 33 -14.99 -42.76 -0.63
CA ASP A 33 -15.91 -41.65 -0.77
C ASP A 33 -15.46 -40.73 -1.90
N PRO A 34 -16.36 -40.43 -2.86
CA PRO A 34 -16.08 -39.57 -4.01
C PRO A 34 -15.43 -38.24 -3.63
N THR A 35 -14.27 -37.98 -4.20
CA THR A 35 -13.54 -36.75 -3.93
C THR A 35 -13.93 -35.64 -4.90
N ILE A 36 -14.88 -34.81 -4.48
CA ILE A 36 -15.32 -33.68 -5.30
C ILE A 36 -14.31 -32.54 -5.21
N GLU A 37 -14.69 -31.36 -5.70
CA GLU A 37 -13.81 -30.21 -5.65
C GLU A 37 -13.72 -29.68 -4.22
N ASP A 38 -12.52 -29.73 -3.67
CA ASP A 38 -12.28 -29.26 -2.30
C ASP A 38 -11.24 -28.14 -2.27
N SER A 39 -11.47 -27.13 -1.45
CA SER A 39 -10.55 -26.01 -1.34
C SER A 39 -10.03 -25.88 0.09
N TYR A 40 -8.71 -25.81 0.24
CA TYR A 40 -8.10 -25.71 1.57
C TYR A 40 -7.01 -24.65 1.63
N ARG A 41 -7.07 -23.81 2.66
CA ARG A 41 -6.09 -22.75 2.86
C ARG A 41 -5.24 -23.02 4.09
N LYS A 42 -3.94 -23.16 3.90
CA LYS A 42 -3.02 -23.42 5.01
C LYS A 42 -1.90 -22.39 5.06
N GLN A 43 -1.61 -21.90 6.26
CA GLN A 43 -0.55 -20.92 6.46
C GLN A 43 0.76 -21.61 6.80
N VAL A 44 1.71 -21.55 5.89
CA VAL A 44 3.02 -22.17 6.09
C VAL A 44 4.14 -21.19 5.80
N VAL A 45 5.26 -21.35 6.49
CA VAL A 45 6.40 -20.47 6.30
C VAL A 45 7.46 -21.14 5.44
N ILE A 46 7.69 -20.59 4.27
CA ILE A 46 8.68 -21.14 3.34
C ILE A 46 9.65 -20.03 2.95
N ASP A 47 10.94 -20.27 3.18
CA ASP A 47 11.99 -19.30 2.87
C ASP A 47 11.90 -18.09 3.78
N GLY A 48 11.20 -18.26 4.89
CA GLY A 48 11.01 -17.19 5.83
C GLY A 48 9.78 -16.37 5.52
N GLU A 49 9.13 -16.70 4.41
CA GLU A 49 7.93 -16.00 3.98
C GLU A 49 6.68 -16.78 4.36
N THR A 50 5.72 -16.09 4.96
CA THR A 50 4.46 -16.72 5.37
C THR A 50 3.54 -16.81 4.15
N CYS A 51 3.43 -18.00 3.59
CA CYS A 51 2.62 -18.21 2.42
C CYS A 51 1.29 -18.87 2.75
N LEU A 52 0.23 -18.37 2.15
CA LEU A 52 -1.11 -18.92 2.34
C LEU A 52 -1.48 -19.69 1.09
N LEU A 53 -1.36 -21.01 1.16
CA LEU A 53 -1.64 -21.86 0.01
C LEU A 53 -3.12 -22.16 -0.15
N ASP A 54 -3.64 -21.83 -1.32
CA ASP A 54 -5.04 -22.09 -1.66
C ASP A 54 -5.06 -23.29 -2.59
N ILE A 55 -4.98 -24.47 -2.00
CA ILE A 55 -4.97 -25.71 -2.76
C ILE A 55 -6.36 -26.16 -3.14
N LEU A 56 -6.54 -26.49 -4.41
CA LEU A 56 -7.81 -26.95 -4.94
C LEU A 56 -7.71 -28.41 -5.39
N ASP A 57 -8.42 -29.28 -4.71
CA ASP A 57 -8.44 -30.69 -5.03
C ASP A 57 -9.60 -30.99 -5.96
N THR A 58 -9.28 -31.27 -7.22
CA THR A 58 -10.31 -31.57 -8.21
C THR A 58 -10.22 -33.03 -8.65
N ALA A 59 -11.22 -33.50 -9.39
CA ALA A 59 -11.25 -34.86 -9.87
C ALA A 59 -10.49 -35.00 -11.19
N GLY A 60 -10.00 -36.20 -11.46
CA GLY A 60 -9.27 -36.43 -12.70
C GLY A 60 -9.87 -37.55 -13.51
N GLN A 61 -11.19 -37.62 -13.52
CA GLN A 61 -11.89 -38.65 -14.27
C GLN A 61 -12.40 -38.09 -15.60
N GLU A 62 -11.76 -37.00 -16.05
CA GLU A 62 -12.13 -36.34 -17.30
C GLU A 62 -13.59 -35.88 -17.26
N GLU A 63 -14.20 -35.75 -18.43
CA GLU A 63 -15.61 -35.33 -18.57
C GLU A 63 -15.79 -33.83 -18.33
N TYR A 64 -15.03 -33.28 -17.40
CA TYR A 64 -15.13 -31.87 -17.05
C TYR A 64 -14.16 -31.00 -17.85
N SER A 65 -14.39 -30.90 -19.15
CA SER A 65 -13.54 -30.09 -20.01
C SER A 65 -13.80 -28.61 -19.77
N ALA A 66 -15.07 -28.27 -19.53
CA ALA A 66 -15.46 -26.88 -19.29
C ALA A 66 -15.10 -26.46 -17.87
N MET A 67 -15.36 -27.35 -16.91
CA MET A 67 -15.05 -27.09 -15.51
C MET A 67 -13.55 -26.92 -15.32
N ARG A 68 -12.78 -27.69 -16.08
CA ARG A 68 -11.32 -27.66 -16.03
C ARG A 68 -10.80 -26.26 -16.37
N ASP A 69 -11.43 -25.64 -17.35
CA ASP A 69 -11.04 -24.32 -17.81
C ASP A 69 -11.19 -23.28 -16.70
N GLN A 70 -12.34 -23.27 -16.05
CA GLN A 70 -12.61 -22.30 -15.00
C GLN A 70 -11.62 -22.35 -13.84
N TYR A 71 -11.34 -23.54 -13.31
CA TYR A 71 -10.41 -23.64 -12.19
C TYR A 71 -8.97 -23.32 -12.59
N MET A 72 -8.67 -23.45 -13.89
CA MET A 72 -7.34 -23.16 -14.40
C MET A 72 -7.13 -21.66 -14.53
N ARG A 73 -8.23 -20.92 -14.58
CA ARG A 73 -8.16 -19.47 -14.70
C ARG A 73 -7.65 -18.86 -13.40
N THR A 74 -8.24 -19.31 -12.30
CA THR A 74 -7.88 -18.82 -10.98
C THR A 74 -6.56 -19.45 -10.49
N GLY A 75 -6.27 -20.64 -10.98
CA GLY A 75 -5.06 -21.33 -10.58
C GLY A 75 -3.80 -20.62 -11.01
N GLU A 76 -2.89 -20.39 -10.07
CA GLU A 76 -1.63 -19.72 -10.35
C GLU A 76 -0.53 -20.75 -10.58
N GLY A 77 -0.61 -21.85 -9.86
CA GLY A 77 0.36 -22.91 -9.98
C GLY A 77 -0.33 -24.26 -10.09
N PHE A 78 0.12 -25.08 -11.01
CA PHE A 78 -0.49 -26.39 -11.22
C PHE A 78 0.45 -27.53 -10.87
N LEU A 79 -0.06 -28.47 -10.10
CA LEU A 79 0.73 -29.63 -9.70
C LEU A 79 0.35 -30.82 -10.56
N CYS A 80 1.26 -31.23 -11.42
CA CYS A 80 1.02 -32.36 -12.31
C CYS A 80 1.37 -33.66 -11.59
N VAL A 81 0.36 -34.32 -11.06
CA VAL A 81 0.56 -35.56 -10.33
C VAL A 81 0.19 -36.77 -11.16
N PHE A 82 1.05 -37.77 -11.15
CA PHE A 82 0.82 -39.00 -11.89
C PHE A 82 1.27 -40.19 -11.04
N ALA A 83 0.85 -41.39 -11.42
CA ALA A 83 1.23 -42.58 -10.69
C ALA A 83 2.31 -43.33 -11.45
N ILE A 84 3.36 -43.73 -10.75
CA ILE A 84 4.47 -44.45 -11.38
C ILE A 84 4.06 -45.83 -11.87
N ASN A 85 2.90 -46.29 -11.40
CA ASN A 85 2.37 -47.58 -11.80
C ASN A 85 1.31 -47.42 -12.88
N ASN A 86 0.95 -46.17 -13.16
CA ASN A 86 -0.05 -45.87 -14.16
C ASN A 86 0.57 -45.00 -15.26
N THR A 87 1.09 -45.65 -16.29
CA THR A 87 1.75 -44.97 -17.40
C THR A 87 0.79 -44.05 -18.15
N LYS A 88 -0.49 -44.41 -18.18
CA LYS A 88 -1.50 -43.61 -18.87
C LYS A 88 -1.62 -42.23 -18.22
N SER A 89 -1.62 -42.20 -16.90
CA SER A 89 -1.72 -40.94 -16.17
C SER A 89 -0.48 -40.06 -16.42
N PHE A 90 0.62 -40.72 -16.75
CA PHE A 90 1.87 -40.01 -17.03
C PHE A 90 1.82 -39.36 -18.40
N GLU A 91 1.31 -40.10 -19.38
CA GLU A 91 1.20 -39.58 -20.74
C GLU A 91 0.17 -38.45 -20.80
N ASP A 92 -0.83 -38.54 -19.93
CA ASP A 92 -1.89 -37.55 -19.87
C ASP A 92 -1.39 -36.20 -19.37
N ILE A 93 -0.21 -36.20 -18.75
CA ILE A 93 0.39 -34.98 -18.23
C ILE A 93 0.53 -33.96 -19.35
N HIS A 94 0.88 -34.44 -20.54
CA HIS A 94 1.04 -33.57 -21.70
C HIS A 94 -0.29 -32.92 -22.06
N HIS A 95 -1.35 -33.72 -22.05
CA HIS A 95 -2.69 -33.24 -22.36
C HIS A 95 -3.12 -32.16 -21.38
N TYR A 96 -2.85 -32.38 -20.10
CA TYR A 96 -3.19 -31.41 -19.08
C TYR A 96 -2.36 -30.15 -19.24
N ARG A 97 -1.09 -30.31 -19.56
CA ARG A 97 -0.18 -29.19 -19.77
C ARG A 97 -0.66 -28.33 -20.93
N GLU A 98 -1.10 -28.99 -22.01
CA GLU A 98 -1.59 -28.29 -23.19
C GLU A 98 -2.81 -27.43 -22.86
N GLN A 99 -3.74 -27.99 -22.08
CA GLN A 99 -4.93 -27.26 -21.70
C GLN A 99 -4.58 -26.03 -20.87
N ILE A 100 -3.64 -26.19 -19.94
CA ILE A 100 -3.21 -25.09 -19.09
C ILE A 100 -2.68 -23.92 -19.93
N LYS A 101 -1.81 -24.24 -20.90
CA LYS A 101 -1.24 -23.21 -21.77
C LYS A 101 -2.33 -22.52 -22.59
N ARG A 102 -3.31 -23.30 -22.99
CA ARG A 102 -4.43 -22.80 -23.77
C ARG A 102 -5.31 -21.86 -22.93
N VAL A 103 -5.78 -22.37 -21.81
CA VAL A 103 -6.65 -21.62 -20.90
C VAL A 103 -6.02 -20.31 -20.44
N LYS A 104 -4.82 -20.39 -19.88
CA LYS A 104 -4.13 -19.20 -19.38
C LYS A 104 -3.47 -18.42 -20.51
N ASP A 105 -3.53 -18.98 -21.72
CA ASP A 105 -2.94 -18.38 -22.92
C ASP A 105 -1.49 -17.97 -22.72
N SER A 106 -0.68 -18.95 -22.35
CA SER A 106 0.74 -18.73 -22.12
C SER A 106 1.49 -20.05 -22.13
N GLU A 107 2.67 -20.05 -22.73
CA GLU A 107 3.50 -21.25 -22.81
C GLU A 107 4.39 -21.36 -21.58
N ASP A 108 4.38 -20.33 -20.74
CA ASP A 108 5.19 -20.32 -19.54
C ASP A 108 4.32 -20.22 -18.29
N VAL A 109 3.95 -21.37 -17.76
CA VAL A 109 3.14 -21.43 -16.56
C VAL A 109 3.86 -22.24 -15.50
N PRO A 110 4.06 -21.67 -14.30
CA PRO A 110 4.73 -22.34 -13.19
C PRO A 110 4.04 -23.66 -12.82
N MET A 111 4.76 -24.76 -13.02
CA MET A 111 4.24 -26.08 -12.73
C MET A 111 5.32 -26.97 -12.17
N VAL A 112 4.91 -28.06 -11.53
CA VAL A 112 5.83 -29.03 -10.95
C VAL A 112 5.35 -30.43 -11.28
N LEU A 113 6.26 -31.28 -11.75
CA LEU A 113 5.94 -32.65 -12.07
C LEU A 113 6.13 -33.53 -10.83
N VAL A 114 5.05 -34.12 -10.35
CA VAL A 114 5.09 -34.94 -9.16
C VAL A 114 4.64 -36.36 -9.42
N GLY A 115 5.50 -37.30 -9.09
CA GLY A 115 5.19 -38.71 -9.25
C GLY A 115 4.80 -39.29 -7.92
N ASN A 116 3.62 -39.86 -7.84
CA ASN A 116 3.14 -40.43 -6.58
C ASN A 116 3.15 -41.96 -6.65
N LYS A 117 3.00 -42.59 -5.48
CA LYS A 117 2.97 -44.05 -5.35
C LYS A 117 4.32 -44.68 -5.65
N CYS A 118 5.40 -43.92 -5.36
CA CYS A 118 6.76 -44.41 -5.61
C CYS A 118 7.12 -45.54 -4.65
N ASP A 119 6.25 -45.79 -3.68
CA ASP A 119 6.44 -46.84 -2.70
C ASP A 119 6.09 -48.20 -3.29
N LEU A 120 5.31 -48.18 -4.36
CA LEU A 120 4.89 -49.41 -5.02
C LEU A 120 5.97 -49.94 -5.95
N PRO A 121 6.26 -51.25 -5.87
CA PRO A 121 7.27 -51.89 -6.72
C PRO A 121 6.75 -52.12 -8.14
N SER A 122 7.64 -52.55 -9.02
CA SER A 122 7.29 -52.82 -10.42
C SER A 122 6.67 -51.58 -11.07
N ARG A 123 7.44 -50.50 -11.12
CA ARG A 123 6.97 -49.26 -11.71
C ARG A 123 7.03 -49.29 -13.22
N THR A 124 5.99 -48.78 -13.87
CA THR A 124 5.94 -48.75 -15.31
C THR A 124 6.58 -47.46 -15.83
N VAL A 125 6.42 -46.39 -15.06
CA VAL A 125 6.99 -45.10 -15.42
C VAL A 125 8.42 -45.02 -14.93
N ASP A 126 9.36 -45.00 -15.86
CA ASP A 126 10.78 -44.93 -15.52
C ASP A 126 11.14 -43.53 -15.06
N THR A 127 12.09 -43.44 -14.15
CA THR A 127 12.54 -42.16 -13.63
C THR A 127 13.16 -41.34 -14.77
N LYS A 128 13.79 -42.04 -15.70
CA LYS A 128 14.44 -41.41 -16.84
C LYS A 128 13.44 -40.57 -17.66
N GLN A 129 12.42 -41.24 -18.20
CA GLN A 129 11.40 -40.59 -19.01
C GLN A 129 10.71 -39.45 -18.27
N ALA A 130 10.55 -39.61 -16.96
CA ALA A 130 9.91 -38.60 -16.13
C ALA A 130 10.80 -37.38 -16.01
N GLN A 131 12.08 -37.60 -15.69
CA GLN A 131 13.05 -36.52 -15.53
C GLN A 131 13.25 -35.80 -16.86
N ASP A 132 13.39 -36.58 -17.92
CA ASP A 132 13.60 -36.04 -19.26
C ASP A 132 12.41 -35.20 -19.69
N LEU A 133 11.20 -35.67 -19.41
CA LEU A 133 10.00 -34.92 -19.78
C LEU A 133 9.92 -33.61 -19.01
N ALA A 134 10.27 -33.65 -17.73
CA ALA A 134 10.25 -32.46 -16.89
C ALA A 134 11.24 -31.43 -17.42
N ARG A 135 12.40 -31.91 -17.84
CA ARG A 135 13.45 -31.04 -18.38
C ARG A 135 12.98 -30.43 -19.70
N SER A 136 12.19 -31.18 -20.45
CA SER A 136 11.65 -30.73 -21.73
C SER A 136 10.72 -29.54 -21.49
N TYR A 137 9.90 -29.63 -20.44
CA TYR A 137 8.97 -28.57 -20.11
C TYR A 137 9.70 -27.41 -19.44
N GLY A 138 10.78 -27.74 -18.75
CA GLY A 138 11.53 -26.72 -18.03
C GLY A 138 11.05 -26.60 -16.60
N ILE A 139 10.45 -27.68 -16.10
CA ILE A 139 9.92 -27.70 -14.75
C ILE A 139 10.60 -28.81 -13.95
N PRO A 140 10.58 -28.72 -12.62
CA PRO A 140 11.20 -29.71 -11.74
C PRO A 140 10.33 -30.97 -11.57
N PHE A 141 11.00 -32.11 -11.38
CA PHE A 141 10.31 -33.38 -11.18
C PHE A 141 10.63 -33.93 -9.80
N ILE A 142 9.60 -34.25 -9.04
CA ILE A 142 9.79 -34.77 -7.69
C ILE A 142 9.04 -36.10 -7.51
N GLU A 143 9.71 -37.06 -6.91
CA GLU A 143 9.12 -38.36 -6.62
C GLU A 143 8.56 -38.35 -5.20
N THR A 144 7.27 -38.59 -5.06
CA THR A 144 6.63 -38.56 -3.75
C THR A 144 5.83 -39.83 -3.49
N SER A 145 5.30 -39.91 -2.28
CA SER A 145 4.47 -41.02 -1.86
C SER A 145 3.58 -40.57 -0.71
N ALA A 146 2.28 -40.48 -0.99
CA ALA A 146 1.30 -40.06 0.01
C ALA A 146 1.23 -41.03 1.17
N LYS A 147 1.57 -42.28 0.90
CA LYS A 147 1.53 -43.31 1.92
C LYS A 147 2.68 -43.17 2.92
N THR A 148 3.83 -42.71 2.44
CA THR A 148 5.00 -42.55 3.31
C THR A 148 5.22 -41.11 3.76
N ARG A 149 4.46 -40.18 3.16
CA ARG A 149 4.58 -38.75 3.49
C ARG A 149 5.91 -38.17 2.98
N GLN A 150 6.61 -38.96 2.18
CA GLN A 150 7.91 -38.55 1.63
C GLN A 150 7.76 -37.69 0.38
N GLY A 151 8.41 -36.53 0.39
CA GLY A 151 8.39 -35.64 -0.76
C GLY A 151 7.12 -34.81 -0.89
N VAL A 152 6.05 -35.24 -0.23
CA VAL A 152 4.76 -34.55 -0.29
C VAL A 152 4.89 -33.06 0.01
N ASP A 153 5.57 -32.74 1.10
CA ASP A 153 5.76 -31.36 1.52
C ASP A 153 6.66 -30.60 0.56
N ASP A 154 7.78 -31.23 0.19
CA ASP A 154 8.74 -30.60 -0.72
C ASP A 154 8.13 -30.27 -2.06
N ALA A 155 7.24 -31.14 -2.54
CA ALA A 155 6.57 -30.93 -3.81
C ALA A 155 5.79 -29.63 -3.80
N PHE A 156 5.05 -29.40 -2.72
CA PHE A 156 4.27 -28.18 -2.57
C PHE A 156 5.19 -26.97 -2.41
N TYR A 157 6.27 -27.15 -1.66
CA TYR A 157 7.25 -26.08 -1.44
C TYR A 157 7.86 -25.63 -2.76
N THR A 158 8.17 -26.59 -3.62
CA THR A 158 8.76 -26.30 -4.91
C THR A 158 7.79 -25.50 -5.78
N LEU A 159 6.50 -25.83 -5.71
CA LEU A 159 5.48 -25.12 -6.48
C LEU A 159 5.42 -23.65 -6.08
N VAL A 160 5.71 -23.38 -4.81
CA VAL A 160 5.72 -22.01 -4.31
C VAL A 160 6.86 -21.24 -4.94
N ARG A 161 8.03 -21.89 -5.03
CA ARG A 161 9.21 -21.26 -5.61
C ARG A 161 9.01 -21.02 -7.10
N GLU A 162 8.32 -21.95 -7.76
CA GLU A 162 8.05 -21.81 -9.20
C GLU A 162 7.25 -20.54 -9.47
N ILE A 163 6.21 -20.31 -8.65
CA ILE A 163 5.37 -19.13 -8.81
C ILE A 163 6.17 -17.87 -8.52
N ARG A 164 7.02 -17.92 -7.48
CA ARG A 164 7.85 -16.78 -7.11
C ARG A 164 8.76 -16.38 -8.27
N LYS A 165 9.36 -17.38 -8.92
CA LYS A 165 10.24 -17.14 -10.06
C LYS A 165 9.46 -16.51 -11.19
N HIS A 166 8.25 -17.01 -11.42
CA HIS A 166 7.37 -16.50 -12.47
C HIS A 166 7.03 -15.03 -12.23
N LYS A 167 6.71 -14.70 -10.99
CA LYS A 167 6.37 -13.32 -10.63
C LYS A 167 7.53 -12.38 -10.94
N GLU A 168 8.73 -12.78 -10.52
CA GLU A 168 9.91 -11.98 -10.76
C GLU A 168 10.21 -11.91 -12.27
N LYS A 169 9.99 -13.03 -12.95
CA LYS A 169 10.21 -13.10 -14.40
C LYS A 169 9.28 -12.13 -15.12
N MET A 170 8.02 -12.10 -14.70
CA MET A 170 7.03 -11.20 -15.30
C MET A 170 7.43 -9.75 -15.09
N SER A 171 8.07 -9.49 -13.95
CA SER A 171 8.53 -8.15 -13.62
C SER A 171 9.75 -7.78 -14.45
N LYS A 172 10.45 -8.80 -14.94
CA LYS A 172 11.62 -8.60 -15.78
C LYS A 172 11.22 -8.52 -17.24
N ASP A 173 10.06 -9.12 -17.55
CA ASP A 173 9.51 -9.13 -18.91
C ASP A 173 10.27 -10.06 -19.85
N GLY A 174 11.59 -9.92 -19.88
CA GLY A 174 12.43 -10.74 -20.74
C GLY A 174 13.09 -9.89 -21.81
N LYS A 175 12.44 -8.78 -22.14
CA LYS A 175 12.93 -7.85 -23.14
C LYS A 175 12.22 -6.52 -22.93
N LYS A 176 12.64 -5.49 -23.68
CA LYS A 176 12.05 -4.16 -23.61
C LYS A 176 12.28 -3.49 -22.24
N LYS A 177 11.52 -3.92 -21.24
CA LYS A 177 11.60 -3.37 -19.90
C LYS A 177 12.84 -3.86 -19.16
N LYS A 178 12.85 -5.16 -18.84
CA LYS A 178 13.96 -5.79 -18.13
C LYS A 178 14.13 -5.17 -16.74
N LYS A 179 15.33 -5.30 -16.19
CA LYS A 179 15.61 -4.74 -14.87
C LYS A 179 17.05 -4.22 -14.79
N LYS A 180 18.01 -5.13 -14.75
CA LYS A 180 19.41 -4.74 -14.66
C LYS A 180 20.19 -5.21 -15.89
N SER A 181 20.63 -4.26 -16.70
CA SER A 181 21.40 -4.55 -17.89
C SER A 181 22.79 -3.96 -17.77
N LYS A 182 23.78 -4.64 -18.33
CA LYS A 182 25.16 -4.16 -18.26
C LYS A 182 25.48 -3.23 -19.42
N THR A 183 26.31 -2.24 -19.15
CA THR A 183 26.70 -1.27 -20.17
C THR A 183 27.96 -1.68 -20.92
N LYS A 184 27.77 -2.18 -22.14
CA LYS A 184 28.88 -2.61 -22.98
C LYS A 184 28.50 -2.49 -24.45
N THR B 2 -8.31 -3.77 18.01
CA THR B 2 -9.50 -4.43 17.51
C THR B 2 -9.99 -5.49 18.49
N GLU B 3 -11.24 -5.35 18.92
CA GLU B 3 -11.85 -6.29 19.85
C GLU B 3 -12.66 -7.32 19.08
N TYR B 4 -12.64 -8.57 19.53
CA TYR B 4 -13.38 -9.62 18.88
C TYR B 4 -14.22 -10.39 19.90
N LYS B 5 -15.55 -10.25 19.82
CA LYS B 5 -16.43 -10.94 20.73
C LYS B 5 -16.63 -12.38 20.27
N LEU B 6 -16.11 -13.33 21.03
CA LEU B 6 -16.22 -14.73 20.66
C LEU B 6 -16.99 -15.51 21.72
N VAL B 7 -17.98 -16.27 21.29
CA VAL B 7 -18.77 -17.08 22.19
C VAL B 7 -18.58 -18.55 21.91
N VAL B 8 -18.26 -19.32 22.94
CA VAL B 8 -18.03 -20.75 22.80
C VAL B 8 -19.31 -21.50 23.14
N VAL B 9 -19.78 -22.31 22.20
CA VAL B 9 -21.00 -23.08 22.39
C VAL B 9 -20.70 -24.58 22.44
N GLY B 10 -21.63 -25.35 22.97
CA GLY B 10 -21.45 -26.78 23.07
C GLY B 10 -22.02 -27.33 24.37
N ALA B 11 -22.32 -28.62 24.38
CA ALA B 11 -22.90 -29.27 25.55
C ALA B 11 -21.94 -29.24 26.74
N ASP B 12 -22.46 -29.43 27.93
CA ASP B 12 -21.65 -29.42 29.13
C ASP B 12 -20.93 -30.76 29.30
N GLY B 13 -19.73 -30.70 29.85
CA GLY B 13 -18.95 -31.91 30.05
C GLY B 13 -18.04 -32.23 28.87
N VAL B 14 -17.92 -31.29 27.95
CA VAL B 14 -17.08 -31.49 26.77
C VAL B 14 -15.80 -30.65 26.87
N GLY B 15 -15.62 -29.96 27.99
CA GLY B 15 -14.44 -29.15 28.17
C GLY B 15 -14.66 -27.71 27.74
N LYS B 16 -15.83 -27.19 28.08
CA LYS B 16 -16.19 -25.82 27.73
C LYS B 16 -15.30 -24.82 28.45
N SER B 17 -15.25 -24.92 29.76
CA SER B 17 -14.46 -24.01 30.58
C SER B 17 -13.03 -24.50 30.70
N ALA B 18 -12.82 -25.80 30.53
CA ALA B 18 -11.48 -26.38 30.61
C ALA B 18 -10.53 -25.66 29.64
N LEU B 19 -10.96 -25.53 28.39
CA LEU B 19 -10.15 -24.86 27.37
C LEU B 19 -10.03 -23.37 27.69
N THR B 20 -11.15 -22.79 28.11
CA THR B 20 -11.21 -21.38 28.47
C THR B 20 -10.20 -21.03 29.57
N ILE B 21 -10.22 -21.79 30.65
CA ILE B 21 -9.33 -21.55 31.77
C ILE B 21 -7.87 -21.79 31.37
N GLN B 22 -7.65 -22.81 30.55
CA GLN B 22 -6.30 -23.15 30.10
C GLN B 22 -5.71 -22.08 29.18
N LEU B 23 -6.54 -21.16 28.71
CA LEU B 23 -6.07 -20.10 27.83
C LEU B 23 -5.86 -18.80 28.61
N ILE B 24 -6.73 -18.54 29.57
CA ILE B 24 -6.64 -17.33 30.37
C ILE B 24 -5.72 -17.54 31.59
N GLN B 25 -6.12 -18.44 32.48
CA GLN B 25 -5.35 -18.72 33.69
C GLN B 25 -4.18 -19.66 33.39
N ASN B 26 -4.39 -20.56 32.44
CA ASN B 26 -3.38 -21.54 32.02
C ASN B 26 -3.22 -22.66 33.04
N HIS B 27 -4.10 -22.66 34.04
CA HIS B 27 -4.09 -23.66 35.10
C HIS B 27 -5.38 -23.55 35.90
N PHE B 28 -5.81 -24.66 36.49
CA PHE B 28 -7.03 -24.66 37.29
C PHE B 28 -6.78 -24.16 38.70
N VAL B 29 -7.78 -23.51 39.28
CA VAL B 29 -7.68 -22.96 40.62
C VAL B 29 -7.92 -24.02 41.68
N ASP B 30 -7.64 -23.69 42.92
CA ASP B 30 -7.82 -24.62 44.02
C ASP B 30 -9.11 -24.35 44.78
N GLU B 31 -9.68 -23.18 44.55
CA GLU B 31 -10.92 -22.80 45.21
C GLU B 31 -12.12 -23.00 44.31
N TYR B 32 -13.30 -23.08 44.91
CA TYR B 32 -14.53 -23.26 44.13
C TYR B 32 -15.16 -21.90 43.86
N ASP B 33 -15.41 -21.62 42.59
CA ASP B 33 -16.01 -20.37 42.19
C ASP B 33 -17.21 -20.64 41.30
N PRO B 34 -18.33 -19.92 41.49
CA PRO B 34 -19.53 -20.09 40.68
C PRO B 34 -19.39 -19.37 39.34
N THR B 35 -18.62 -19.95 38.44
CA THR B 35 -18.38 -19.36 37.14
C THR B 35 -19.56 -19.55 36.20
N ILE B 36 -20.36 -18.50 36.05
CA ILE B 36 -21.53 -18.53 35.17
C ILE B 36 -21.38 -17.45 34.11
N GLU B 37 -21.27 -16.20 34.54
CA GLU B 37 -21.10 -15.07 33.65
C GLU B 37 -19.81 -14.33 34.00
N ASP B 38 -18.75 -14.63 33.26
CA ASP B 38 -17.46 -14.01 33.52
C ASP B 38 -16.94 -13.25 32.30
N SER B 39 -16.00 -12.35 32.53
CA SER B 39 -15.41 -11.58 31.47
C SER B 39 -13.90 -11.84 31.40
N TYR B 40 -13.50 -12.62 30.40
CA TYR B 40 -12.10 -12.95 30.23
C TYR B 40 -11.49 -12.10 29.13
N ARG B 41 -10.56 -11.24 29.50
CA ARG B 41 -9.90 -10.36 28.54
C ARG B 41 -8.45 -10.79 28.34
N LYS B 42 -8.15 -11.28 27.15
CA LYS B 42 -6.81 -11.74 26.83
C LYS B 42 -6.21 -10.90 25.71
N GLN B 43 -5.08 -10.26 25.99
CA GLN B 43 -4.40 -9.44 25.00
C GLN B 43 -3.28 -10.24 24.34
N VAL B 44 -3.47 -10.61 23.08
CA VAL B 44 -2.46 -11.38 22.35
C VAL B 44 -2.23 -10.84 20.96
N VAL B 45 -1.22 -11.37 20.29
CA VAL B 45 -0.88 -10.95 18.94
C VAL B 45 -1.38 -11.97 17.91
N ILE B 46 -2.36 -11.57 17.12
CA ILE B 46 -2.93 -12.45 16.11
C ILE B 46 -2.65 -11.92 14.70
N ASP B 47 -1.74 -12.59 13.99
CA ASP B 47 -1.37 -12.21 12.63
C ASP B 47 -0.64 -10.86 12.57
N GLY B 48 -0.18 -10.39 13.73
CA GLY B 48 0.52 -9.12 13.78
C GLY B 48 -0.32 -8.03 14.43
N GLU B 49 -1.58 -8.34 14.69
CA GLU B 49 -2.49 -7.38 15.31
C GLU B 49 -2.73 -7.73 16.77
N THR B 50 -2.70 -6.73 17.63
CA THR B 50 -2.94 -6.94 19.05
C THR B 50 -4.43 -6.95 19.31
N CYS B 51 -5.04 -8.11 19.08
CA CYS B 51 -6.48 -8.26 19.25
C CYS B 51 -6.88 -8.36 20.72
N LEU B 52 -8.05 -7.81 21.03
CA LEU B 52 -8.60 -7.86 22.37
C LEU B 52 -9.66 -8.95 22.40
N LEU B 53 -9.30 -10.08 22.99
CA LEU B 53 -10.20 -11.21 23.05
C LEU B 53 -11.20 -11.10 24.17
N ASP B 54 -12.47 -11.06 23.79
CA ASP B 54 -13.58 -10.98 24.74
C ASP B 54 -14.46 -12.20 24.53
N ILE B 55 -14.11 -13.30 25.20
CA ILE B 55 -14.84 -14.54 25.06
C ILE B 55 -15.84 -14.75 26.19
N LEU B 56 -16.84 -15.57 25.91
CA LEU B 56 -17.88 -15.87 26.89
C LEU B 56 -18.10 -17.37 26.99
N ASP B 57 -17.96 -17.91 28.20
CA ASP B 57 -18.15 -19.34 28.44
C ASP B 57 -19.61 -19.61 28.80
N THR B 58 -20.34 -20.25 27.89
CA THR B 58 -21.74 -20.56 28.12
C THR B 58 -21.94 -22.04 28.45
N ALA B 59 -23.04 -22.35 29.11
CA ALA B 59 -23.34 -23.72 29.49
C ALA B 59 -23.89 -24.49 28.30
N GLY B 60 -24.06 -25.79 28.47
CA GLY B 60 -24.58 -26.62 27.40
C GLY B 60 -25.55 -27.66 27.90
N GLN B 61 -26.39 -27.27 28.85
CA GLN B 61 -27.38 -28.18 29.42
C GLN B 61 -28.76 -27.85 28.88
N GLU B 62 -28.78 -27.19 27.72
CA GLU B 62 -30.03 -26.79 27.07
C GLU B 62 -30.79 -25.81 27.96
N GLU B 63 -32.12 -25.79 27.85
CA GLU B 63 -32.98 -24.92 28.65
C GLU B 63 -32.93 -23.45 28.20
N TYR B 64 -31.76 -23.00 27.76
CA TYR B 64 -31.58 -21.62 27.31
C TYR B 64 -32.20 -21.38 25.93
N SER B 65 -33.51 -21.40 25.88
CA SER B 65 -34.23 -21.18 24.64
C SER B 65 -34.24 -19.70 24.28
N ALA B 66 -34.32 -18.84 25.30
CA ALA B 66 -34.34 -17.40 25.08
C ALA B 66 -32.98 -16.77 25.40
N MET B 67 -32.27 -17.36 26.35
CA MET B 67 -30.97 -16.84 26.76
C MET B 67 -29.91 -17.06 25.69
N ARG B 68 -30.09 -18.09 24.86
CA ARG B 68 -29.14 -18.40 23.79
C ARG B 68 -29.08 -17.27 22.78
N ASP B 69 -30.25 -16.74 22.43
CA ASP B 69 -30.37 -15.65 21.46
C ASP B 69 -29.63 -14.41 21.92
N GLN B 70 -29.56 -14.21 23.24
CA GLN B 70 -28.91 -13.05 23.82
C GLN B 70 -27.42 -12.97 23.46
N TYR B 71 -26.66 -13.98 23.84
CA TYR B 71 -25.22 -13.99 23.56
C TYR B 71 -24.92 -14.22 22.08
N MET B 72 -25.85 -14.86 21.38
CA MET B 72 -25.66 -15.11 19.95
C MET B 72 -25.79 -13.82 19.16
N ARG B 73 -26.61 -12.92 19.65
CA ARG B 73 -26.83 -11.63 19.02
C ARG B 73 -25.63 -10.73 19.23
N THR B 74 -25.06 -10.79 20.42
CA THR B 74 -23.91 -9.97 20.78
C THR B 74 -22.61 -10.53 20.22
N GLY B 75 -22.45 -11.84 20.28
CA GLY B 75 -21.24 -12.48 19.81
C GLY B 75 -21.00 -12.31 18.32
N GLU B 76 -19.74 -12.12 17.96
CA GLU B 76 -19.34 -11.94 16.58
C GLU B 76 -18.86 -13.27 16.00
N GLY B 77 -18.01 -13.94 16.74
CA GLY B 77 -17.48 -15.22 16.32
C GLY B 77 -17.94 -16.33 17.24
N PHE B 78 -18.19 -17.50 16.70
CA PHE B 78 -18.66 -18.61 17.50
C PHE B 78 -17.73 -19.82 17.40
N LEU B 79 -17.53 -20.48 18.53
CA LEU B 79 -16.68 -21.65 18.58
C LEU B 79 -17.49 -22.90 18.91
N CYS B 80 -17.60 -23.79 17.96
CA CYS B 80 -18.36 -25.01 18.15
C CYS B 80 -17.46 -26.09 18.75
N VAL B 81 -17.54 -26.27 20.06
CA VAL B 81 -16.73 -27.26 20.74
C VAL B 81 -17.54 -28.49 21.08
N PHE B 82 -17.16 -29.61 20.48
CA PHE B 82 -17.83 -30.88 20.73
C PHE B 82 -16.79 -31.91 21.17
N ALA B 83 -17.25 -33.02 21.70
CA ALA B 83 -16.35 -34.07 22.15
C ALA B 83 -16.31 -35.20 21.14
N ILE B 84 -15.11 -35.62 20.76
CA ILE B 84 -14.95 -36.70 19.77
C ILE B 84 -15.52 -38.02 20.29
N ASN B 85 -15.70 -38.11 21.60
CA ASN B 85 -16.24 -39.31 22.23
C ASN B 85 -17.72 -39.11 22.56
N ASN B 86 -18.30 -38.09 21.96
CA ASN B 86 -19.71 -37.76 22.18
C ASN B 86 -20.36 -37.36 20.87
N THR B 87 -20.92 -38.34 20.18
CA THR B 87 -21.58 -38.12 18.90
C THR B 87 -22.78 -37.19 19.06
N LYS B 88 -23.42 -37.25 20.22
CA LYS B 88 -24.58 -36.41 20.50
C LYS B 88 -24.22 -34.93 20.42
N SER B 89 -23.06 -34.57 20.95
CA SER B 89 -22.61 -33.19 20.91
C SER B 89 -22.28 -32.77 19.48
N PHE B 90 -21.84 -33.71 18.67
CA PHE B 90 -21.51 -33.45 17.28
C PHE B 90 -22.78 -33.14 16.48
N GLU B 91 -23.88 -33.78 16.86
CA GLU B 91 -25.16 -33.57 16.21
C GLU B 91 -25.73 -32.22 16.60
N ASP B 92 -25.41 -31.77 17.80
CA ASP B 92 -25.89 -30.49 18.31
C ASP B 92 -25.24 -29.31 17.58
N ILE B 93 -24.09 -29.58 16.97
CA ILE B 93 -23.36 -28.53 16.24
C ILE B 93 -24.22 -27.97 15.12
N HIS B 94 -24.90 -28.86 14.41
CA HIS B 94 -25.77 -28.47 13.31
C HIS B 94 -26.91 -27.60 13.86
N HIS B 95 -27.44 -28.00 15.01
CA HIS B 95 -28.52 -27.27 15.64
C HIS B 95 -28.06 -25.87 16.06
N TYR B 96 -26.85 -25.80 16.58
CA TYR B 96 -26.27 -24.53 17.00
C TYR B 96 -26.13 -23.58 15.83
N ARG B 97 -25.50 -24.07 14.76
CA ARG B 97 -25.28 -23.27 13.56
C ARG B 97 -26.58 -22.75 12.96
N GLU B 98 -27.55 -23.65 12.81
CA GLU B 98 -28.84 -23.28 12.24
C GLU B 98 -29.53 -22.18 13.04
N GLN B 99 -29.37 -22.20 14.36
CA GLN B 99 -29.97 -21.17 15.19
C GLN B 99 -29.21 -19.86 15.07
N ILE B 100 -27.88 -19.93 15.06
CA ILE B 100 -27.04 -18.74 14.93
C ILE B 100 -27.43 -17.96 13.69
N LYS B 101 -27.67 -18.67 12.59
CA LYS B 101 -28.06 -18.07 11.33
C LYS B 101 -29.39 -17.32 11.47
N ARG B 102 -30.28 -17.86 12.31
CA ARG B 102 -31.59 -17.28 12.53
C ARG B 102 -31.49 -16.08 13.47
N VAL B 103 -30.68 -16.22 14.52
CA VAL B 103 -30.51 -15.15 15.51
C VAL B 103 -29.89 -13.90 14.89
N LYS B 104 -28.75 -14.09 14.21
CA LYS B 104 -28.05 -12.98 13.59
C LYS B 104 -28.62 -12.63 12.22
N ASP B 105 -29.54 -13.45 11.74
CA ASP B 105 -30.17 -13.25 10.43
C ASP B 105 -29.13 -13.14 9.33
N SER B 106 -28.34 -14.19 9.18
CA SER B 106 -27.29 -14.22 8.18
C SER B 106 -26.98 -15.66 7.81
N GLU B 107 -26.91 -15.94 6.53
CA GLU B 107 -26.61 -17.29 6.05
C GLU B 107 -25.13 -17.59 6.22
N ASP B 108 -24.33 -16.54 6.35
CA ASP B 108 -22.90 -16.67 6.53
C ASP B 108 -22.50 -16.09 7.87
N VAL B 109 -21.88 -16.90 8.71
CA VAL B 109 -21.45 -16.46 10.03
C VAL B 109 -20.10 -17.06 10.38
N PRO B 110 -19.19 -16.25 10.93
CA PRO B 110 -17.87 -16.72 11.34
C PRO B 110 -17.94 -17.66 12.54
N MET B 111 -17.61 -18.93 12.30
CA MET B 111 -17.63 -19.95 13.33
C MET B 111 -16.62 -21.04 13.01
N VAL B 112 -16.04 -21.65 14.04
CA VAL B 112 -15.04 -22.70 13.84
C VAL B 112 -15.39 -23.93 14.68
N LEU B 113 -15.31 -25.10 14.07
CA LEU B 113 -15.61 -26.35 14.75
C LEU B 113 -14.33 -26.91 15.37
N VAL B 114 -14.38 -27.23 16.64
CA VAL B 114 -13.22 -27.78 17.34
C VAL B 114 -13.54 -29.10 18.03
N GLY B 115 -12.76 -30.12 17.72
CA GLY B 115 -12.97 -31.42 18.33
C GLY B 115 -12.19 -31.55 19.61
N ASN B 116 -12.89 -31.58 20.73
CA ASN B 116 -12.24 -31.68 22.02
C ASN B 116 -12.14 -33.13 22.48
N LYS B 117 -11.28 -33.36 23.48
CA LYS B 117 -11.04 -34.68 24.04
C LYS B 117 -10.30 -35.58 23.08
N CYS B 118 -9.47 -34.98 22.21
CA CYS B 118 -8.71 -35.73 21.22
C CYS B 118 -7.50 -36.45 21.85
N ASP B 119 -7.33 -36.29 23.16
CA ASP B 119 -6.23 -36.93 23.87
C ASP B 119 -6.66 -38.31 24.36
N LEU B 120 -7.96 -38.55 24.39
CA LEU B 120 -8.51 -39.82 24.83
C LEU B 120 -8.72 -40.75 23.65
N PRO B 121 -8.46 -42.06 23.84
CA PRO B 121 -8.62 -43.07 22.80
C PRO B 121 -10.09 -43.46 22.61
N SER B 122 -10.36 -44.19 21.54
CA SER B 122 -11.70 -44.66 21.21
C SER B 122 -12.67 -43.51 20.95
N ARG B 123 -12.51 -42.86 19.79
CA ARG B 123 -13.36 -41.75 19.41
C ARG B 123 -14.58 -42.25 18.63
N THR B 124 -15.74 -41.67 18.91
CA THR B 124 -16.97 -42.06 18.24
C THR B 124 -17.12 -41.27 16.94
N VAL B 125 -16.65 -40.03 16.96
CA VAL B 125 -16.71 -39.16 15.80
C VAL B 125 -15.43 -39.31 14.99
N ASP B 126 -15.56 -39.66 13.72
CA ASP B 126 -14.41 -39.84 12.85
C ASP B 126 -14.01 -38.52 12.17
N THR B 127 -12.75 -38.42 11.80
CA THR B 127 -12.21 -37.24 11.16
C THR B 127 -12.85 -36.98 9.79
N LYS B 128 -13.20 -38.04 9.07
CA LYS B 128 -13.80 -37.88 7.74
C LYS B 128 -15.20 -37.28 7.80
N GLN B 129 -16.04 -37.81 8.70
CA GLN B 129 -17.40 -37.33 8.83
C GLN B 129 -17.44 -35.85 9.19
N ALA B 130 -16.41 -35.39 9.89
CA ALA B 130 -16.32 -33.99 10.30
C ALA B 130 -15.86 -33.14 9.11
N GLN B 131 -15.03 -33.72 8.25
CA GLN B 131 -14.51 -33.04 7.07
C GLN B 131 -15.64 -32.75 6.09
N ASP B 132 -16.46 -33.76 5.83
CA ASP B 132 -17.59 -33.62 4.90
C ASP B 132 -18.52 -32.51 5.36
N LEU B 133 -18.79 -32.47 6.67
CA LEU B 133 -19.68 -31.45 7.23
C LEU B 133 -19.07 -30.05 7.13
N ALA B 134 -17.77 -29.96 7.41
CA ALA B 134 -17.06 -28.68 7.35
C ALA B 134 -17.09 -28.11 5.93
N ARG B 135 -16.92 -29.00 4.95
CA ARG B 135 -16.94 -28.61 3.55
C ARG B 135 -18.26 -27.94 3.18
N SER B 136 -19.35 -28.56 3.59
CA SER B 136 -20.69 -28.04 3.32
C SER B 136 -20.88 -26.68 3.98
N TYR B 137 -20.41 -26.55 5.21
CA TYR B 137 -20.52 -25.30 5.96
C TYR B 137 -19.67 -24.20 5.31
N GLY B 138 -18.61 -24.62 4.61
CA GLY B 138 -17.74 -23.67 3.94
C GLY B 138 -16.60 -23.19 4.81
N ILE B 139 -16.32 -23.95 5.85
CA ILE B 139 -15.24 -23.62 6.78
C ILE B 139 -14.22 -24.76 6.85
N PRO B 140 -12.95 -24.43 7.10
CA PRO B 140 -11.88 -25.42 7.20
C PRO B 140 -11.81 -26.05 8.58
N PHE B 141 -11.87 -27.37 8.62
CA PHE B 141 -11.82 -28.11 9.89
C PHE B 141 -10.40 -28.57 10.17
N ILE B 142 -9.89 -28.24 11.35
CA ILE B 142 -8.55 -28.61 11.75
C ILE B 142 -8.57 -29.26 13.13
N GLU B 143 -8.09 -30.49 13.22
CA GLU B 143 -8.03 -31.19 14.50
C GLU B 143 -6.94 -30.56 15.37
N THR B 144 -7.25 -30.34 16.63
CA THR B 144 -6.29 -29.71 17.52
C THR B 144 -6.03 -30.55 18.76
N SER B 145 -4.78 -30.67 19.13
CA SER B 145 -4.39 -31.43 20.31
C SER B 145 -3.57 -30.53 21.23
N ALA B 146 -4.17 -30.16 22.37
CA ALA B 146 -3.49 -29.30 23.34
C ALA B 146 -2.43 -30.10 24.08
N LYS B 147 -2.58 -31.42 24.04
CA LYS B 147 -1.65 -32.33 24.68
C LYS B 147 -0.25 -32.18 24.09
N THR B 148 -0.18 -31.98 22.78
CA THR B 148 1.10 -31.82 22.11
C THR B 148 1.28 -30.38 21.64
N ARG B 149 0.29 -29.53 21.94
CA ARG B 149 0.31 -28.13 21.55
C ARG B 149 0.46 -27.99 20.03
N GLN B 150 -0.32 -28.78 19.30
CA GLN B 150 -0.26 -28.76 17.85
C GLN B 150 -1.57 -28.25 17.25
N GLY B 151 -1.49 -27.14 16.53
CA GLY B 151 -2.66 -26.58 15.89
C GLY B 151 -3.50 -25.72 16.80
N VAL B 152 -3.20 -25.75 18.10
CA VAL B 152 -3.94 -24.98 19.09
C VAL B 152 -3.96 -23.49 18.75
N ASP B 153 -2.80 -22.95 18.43
CA ASP B 153 -2.70 -21.53 18.07
C ASP B 153 -3.41 -21.22 16.77
N ASP B 154 -3.22 -22.07 15.76
CA ASP B 154 -3.85 -21.87 14.46
C ASP B 154 -5.37 -21.89 14.55
N ALA B 155 -5.89 -22.71 15.47
CA ALA B 155 -7.32 -22.81 15.67
C ALA B 155 -7.87 -21.46 16.14
N PHE B 156 -7.20 -20.87 17.12
CA PHE B 156 -7.60 -19.58 17.64
C PHE B 156 -7.38 -18.49 16.60
N TYR B 157 -6.28 -18.61 15.85
CA TYR B 157 -5.96 -17.66 14.80
C TYR B 157 -7.03 -17.66 13.72
N THR B 158 -7.44 -18.86 13.31
CA THR B 158 -8.47 -19.00 12.28
C THR B 158 -9.82 -18.50 12.81
N LEU B 159 -10.06 -18.70 14.10
CA LEU B 159 -11.31 -18.25 14.72
C LEU B 159 -11.46 -16.74 14.53
N VAL B 160 -10.34 -16.04 14.59
CA VAL B 160 -10.34 -14.59 14.41
C VAL B 160 -10.26 -14.25 12.92
N ARG B 161 -9.54 -15.09 12.17
CA ARG B 161 -9.35 -14.90 10.73
C ARG B 161 -10.69 -14.93 10.01
N GLU B 162 -11.57 -15.84 10.42
CA GLU B 162 -12.89 -15.97 9.81
C GLU B 162 -13.68 -14.68 9.93
N ILE B 163 -13.57 -14.03 11.08
CA ILE B 163 -14.27 -12.77 11.34
C ILE B 163 -13.73 -11.67 10.42
N ARG B 164 -12.41 -11.62 10.28
CA ARG B 164 -11.77 -10.62 9.45
C ARG B 164 -12.22 -10.78 7.99
N LYS B 165 -12.22 -12.02 7.52
CA LYS B 165 -12.63 -12.31 6.15
C LYS B 165 -14.11 -12.01 5.93
N HIS B 166 -14.90 -12.19 6.99
CA HIS B 166 -16.34 -11.94 6.92
C HIS B 166 -16.60 -10.46 6.67
N LYS B 167 -15.80 -9.61 7.30
CA LYS B 167 -15.93 -8.16 7.13
C LYS B 167 -15.58 -7.77 5.71
N GLU B 168 -14.58 -8.43 5.15
CA GLU B 168 -14.15 -8.20 3.78
C GLU B 168 -15.29 -8.61 2.83
N LYS B 169 -15.91 -9.74 3.15
CA LYS B 169 -17.02 -10.26 2.35
C LYS B 169 -18.24 -9.35 2.46
N MET B 170 -18.47 -8.82 3.66
CA MET B 170 -19.61 -7.93 3.89
C MET B 170 -19.47 -6.62 3.12
N SER B 171 -18.24 -6.13 3.01
CA SER B 171 -17.98 -4.90 2.29
C SER B 171 -18.18 -5.10 0.79
N LYS B 172 -17.86 -6.30 0.33
CA LYS B 172 -18.02 -6.65 -1.08
C LYS B 172 -19.48 -6.94 -1.36
N ASP B 173 -20.13 -7.62 -0.42
CA ASP B 173 -21.55 -7.99 -0.48
C ASP B 173 -21.81 -9.11 -1.47
N GLY B 174 -21.15 -9.03 -2.62
CA GLY B 174 -21.32 -10.03 -3.66
C GLY B 174 -22.08 -9.45 -4.84
N LYS B 175 -23.23 -8.87 -4.55
CA LYS B 175 -24.07 -8.27 -5.57
C LYS B 175 -24.63 -6.96 -5.04
N LYS B 176 -25.19 -6.14 -5.93
CA LYS B 176 -25.78 -4.85 -5.57
C LYS B 176 -24.75 -3.82 -5.12
N LYS B 177 -24.25 -3.98 -3.89
CA LYS B 177 -23.27 -3.04 -3.33
C LYS B 177 -21.94 -3.06 -4.09
N LYS B 178 -21.12 -4.09 -3.82
CA LYS B 178 -19.82 -4.24 -4.47
C LYS B 178 -18.91 -3.03 -4.21
N LYS B 179 -18.21 -3.06 -3.08
CA LYS B 179 -17.31 -1.97 -2.70
C LYS B 179 -16.22 -1.75 -3.73
N LYS B 180 -15.53 -2.82 -4.11
CA LYS B 180 -14.45 -2.74 -5.10
C LYS B 180 -14.76 -3.58 -6.33
N SER B 181 -14.72 -2.93 -7.49
CA SER B 181 -14.98 -3.60 -8.77
C SER B 181 -14.02 -3.10 -9.85
N LYS B 182 -13.30 -4.02 -10.48
CA LYS B 182 -12.36 -3.66 -11.54
C LYS B 182 -13.05 -3.49 -12.89
N THR B 183 -13.16 -2.24 -13.32
CA THR B 183 -13.77 -1.92 -14.61
C THR B 183 -12.72 -2.04 -15.72
N LYS B 184 -13.14 -2.52 -16.88
CA LYS B 184 -12.22 -2.67 -18.01
C LYS B 184 -12.36 -1.52 -18.99
N SER C 14 18.34 3.14 -47.22
CA SER C 14 19.11 2.53 -46.13
C SER C 14 20.57 2.32 -46.56
N THR C 15 20.89 2.80 -47.74
CA THR C 15 22.23 2.68 -48.29
C THR C 15 23.20 3.63 -47.58
N PHE C 16 22.70 4.80 -47.23
CA PHE C 16 23.49 5.81 -46.54
C PHE C 16 24.03 5.29 -45.22
N SER C 17 23.23 4.47 -44.55
CA SER C 17 23.64 3.89 -43.27
C SER C 17 24.83 2.96 -43.45
N LYS C 18 24.79 2.15 -44.50
CA LYS C 18 25.87 1.22 -44.81
C LYS C 18 27.16 1.97 -45.14
N LEU C 19 27.02 3.17 -45.70
CA LEU C 19 28.17 3.99 -46.06
C LEU C 19 28.93 4.40 -44.80
N ARG C 20 28.20 4.92 -43.82
CA ARG C 20 28.81 5.35 -42.57
C ARG C 20 29.35 4.16 -41.78
N GLU C 21 28.68 3.02 -41.91
CA GLU C 21 29.06 1.79 -41.22
C GLU C 21 30.46 1.32 -41.67
N GLN C 22 30.86 1.72 -42.88
CA GLN C 22 32.16 1.34 -43.42
C GLN C 22 33.17 2.48 -43.26
N LEU C 23 32.70 3.70 -43.39
CA LEU C 23 33.54 4.89 -43.29
C LEU C 23 34.06 5.11 -41.88
N GLY C 24 33.23 4.81 -40.89
CA GLY C 24 33.60 5.00 -39.50
C GLY C 24 34.84 4.24 -39.04
N PRO C 25 34.83 2.90 -39.08
CA PRO C 25 35.97 2.05 -38.65
C PRO C 25 37.34 2.52 -39.16
N VAL C 26 37.39 2.95 -40.42
CA VAL C 26 38.65 3.39 -41.03
C VAL C 26 39.32 4.50 -40.21
N THR C 27 38.62 5.62 -40.06
CA THR C 27 39.14 6.75 -39.32
C THR C 27 39.14 6.49 -37.81
N GLN C 28 38.31 5.54 -37.39
CA GLN C 28 38.20 5.18 -35.98
C GLN C 28 39.54 4.70 -35.44
N GLU C 29 40.20 3.83 -36.20
CA GLU C 29 41.50 3.30 -35.80
C GLU C 29 42.54 4.42 -35.70
N PHE C 30 42.42 5.39 -36.59
CA PHE C 30 43.33 6.52 -36.62
C PHE C 30 43.10 7.44 -35.42
N TRP C 31 41.83 7.78 -35.18
CA TRP C 31 41.47 8.66 -34.07
C TRP C 31 41.83 8.06 -32.72
N ASP C 32 41.60 6.77 -32.58
CA ASP C 32 41.90 6.06 -31.32
C ASP C 32 43.40 6.03 -31.05
N ASN C 33 44.18 5.68 -32.06
CA ASN C 33 45.63 5.61 -31.94
C ASN C 33 46.22 6.98 -31.62
N LEU C 34 45.69 8.01 -32.26
CA LEU C 34 46.16 9.38 -32.02
C LEU C 34 45.84 9.81 -30.59
N GLU C 35 44.68 9.40 -30.11
CA GLU C 35 44.25 9.72 -28.75
C GLU C 35 45.14 8.98 -27.74
N LYS C 36 45.45 7.73 -28.06
CA LYS C 36 46.29 6.89 -27.21
C LYS C 36 47.69 7.50 -27.07
N GLU C 37 48.18 8.10 -28.15
CA GLU C 37 49.50 8.74 -28.15
C GLU C 37 49.52 9.88 -27.14
N THR C 38 48.52 10.75 -27.21
CA THR C 38 48.43 11.88 -26.29
C THR C 38 48.13 11.38 -24.87
N GLU C 39 47.52 10.20 -24.79
CA GLU C 39 47.19 9.58 -23.52
C GLU C 39 48.47 9.22 -22.76
N GLY C 40 49.43 8.62 -23.46
CA GLY C 40 50.67 8.24 -22.85
C GLY C 40 51.42 9.43 -22.27
N LEU C 41 51.45 10.51 -23.02
CA LEU C 41 52.12 11.73 -22.56
C LEU C 41 51.47 12.26 -21.30
N ARG C 42 50.15 12.16 -21.24
CA ARG C 42 49.38 12.63 -20.09
C ARG C 42 49.72 11.80 -18.87
N GLN C 43 49.88 10.50 -19.07
CA GLN C 43 50.22 9.58 -17.98
C GLN C 43 51.59 9.93 -17.42
N GLU C 44 52.52 10.25 -18.31
CA GLU C 44 53.87 10.62 -17.92
C GLU C 44 53.83 11.86 -17.03
N MET C 45 53.02 12.83 -17.44
CA MET C 45 52.88 14.07 -16.69
C MET C 45 52.21 13.82 -15.34
N SER C 46 51.33 12.83 -15.30
CA SER C 46 50.63 12.48 -14.08
C SER C 46 51.57 11.80 -13.10
N LYS C 47 52.40 10.89 -13.60
CA LYS C 47 53.35 10.16 -12.77
C LYS C 47 54.40 11.13 -12.19
N ASP C 48 54.65 12.21 -12.93
CA ASP C 48 55.60 13.23 -12.48
C ASP C 48 55.04 13.95 -11.26
N LEU C 49 53.82 14.45 -11.40
CA LEU C 49 53.14 15.17 -10.32
C LEU C 49 52.81 14.23 -9.17
N GLU C 50 52.64 12.95 -9.49
CA GLU C 50 52.36 11.92 -8.49
C GLU C 50 53.52 11.81 -7.50
N GLU C 51 54.73 11.84 -8.06
CA GLU C 51 55.94 11.75 -7.24
C GLU C 51 56.08 13.02 -6.38
N VAL C 52 55.72 14.16 -6.96
CA VAL C 52 55.79 15.44 -6.26
C VAL C 52 54.93 15.41 -4.99
N LYS C 53 53.79 14.73 -5.08
CA LYS C 53 52.88 14.63 -3.94
C LYS C 53 53.56 13.93 -2.76
N ALA C 54 54.32 12.88 -3.06
CA ALA C 54 55.01 12.12 -2.02
C ALA C 54 56.28 12.85 -1.56
N LYS C 55 56.71 13.82 -2.34
CA LYS C 55 57.91 14.59 -2.01
C LYS C 55 57.62 15.68 -0.98
N VAL C 56 56.39 16.17 -0.95
CA VAL C 56 56.02 17.23 -0.01
C VAL C 56 55.22 16.67 1.17
N GLN C 57 54.71 15.45 1.00
CA GLN C 57 53.92 14.79 2.03
C GLN C 57 54.60 14.75 3.40
N PRO C 58 55.83 14.18 3.52
CA PRO C 58 56.54 14.08 4.80
C PRO C 58 56.79 15.45 5.45
N TYR C 59 57.08 16.44 4.63
CA TYR C 59 57.35 17.78 5.12
C TYR C 59 56.11 18.38 5.76
N LEU C 60 54.96 18.15 5.14
CA LEU C 60 53.70 18.66 5.65
C LEU C 60 53.22 17.87 6.87
N ASP C 61 53.47 16.56 6.84
CA ASP C 61 53.06 15.67 7.93
C ASP C 61 53.74 16.05 9.24
N ASP C 62 55.04 16.30 9.19
CA ASP C 62 55.80 16.67 10.37
C ASP C 62 55.33 18.01 10.94
N PHE C 63 55.09 18.96 10.04
CA PHE C 63 54.61 20.29 10.41
C PHE C 63 53.23 20.22 11.04
N GLN C 64 52.42 19.28 10.54
CA GLN C 64 51.05 19.09 11.04
C GLN C 64 51.06 18.69 12.51
N LYS C 65 51.95 17.77 12.87
CA LYS C 65 52.04 17.30 14.24
C LYS C 65 52.68 18.33 15.15
N LYS C 66 53.51 19.19 14.58
CA LYS C 66 54.16 20.25 15.35
C LYS C 66 53.10 21.18 15.94
N TRP C 67 52.11 21.52 15.12
CA TRP C 67 51.02 22.39 15.55
C TRP C 67 50.09 21.64 16.50
N GLN C 68 50.02 20.31 16.32
CA GLN C 68 49.19 19.46 17.15
C GLN C 68 49.61 19.56 18.61
N GLU C 69 50.91 19.47 18.85
CA GLU C 69 51.44 19.54 20.20
C GLU C 69 51.18 20.90 20.83
N GLU C 70 51.07 21.93 20.00
CA GLU C 70 50.80 23.28 20.48
C GLU C 70 49.34 23.39 20.92
N MET C 71 48.45 22.82 20.10
CA MET C 71 47.02 22.84 20.40
C MET C 71 46.71 22.03 21.65
N GLU C 72 47.32 20.85 21.73
CA GLU C 72 47.11 19.96 22.86
C GLU C 72 47.61 20.58 24.16
N LEU C 73 48.74 21.28 24.10
CA LEU C 73 49.31 21.92 25.28
C LEU C 73 48.35 22.98 25.83
N TYR C 74 47.78 23.77 24.93
CA TYR C 74 46.85 24.82 25.34
C TYR C 74 45.56 24.21 25.89
N ARG C 75 45.12 23.12 25.28
CA ARG C 75 43.91 22.43 25.72
C ARG C 75 44.08 21.87 27.13
N GLN C 76 45.32 21.56 27.49
CA GLN C 76 45.62 21.02 28.82
C GLN C 76 45.70 22.14 29.85
N LYS C 77 46.09 23.32 29.40
CA LYS C 77 46.22 24.48 30.27
C LYS C 77 44.87 25.08 30.62
N VAL C 78 43.96 25.07 29.65
CA VAL C 78 42.63 25.63 29.84
C VAL C 78 41.72 24.67 30.63
N GLU C 79 42.21 23.46 30.84
CA GLU C 79 41.46 22.43 31.56
C GLU C 79 41.08 22.84 33.01
N PRO C 80 42.07 23.12 33.89
CA PRO C 80 41.78 23.49 35.29
C PRO C 80 41.11 24.85 35.42
N LEU C 81 41.34 25.72 34.44
CA LEU C 81 40.77 27.07 34.47
C LEU C 81 39.28 27.03 34.10
N ARG C 82 38.88 25.98 33.40
CA ARG C 82 37.48 25.82 32.99
C ARG C 82 36.59 25.55 34.20
N ALA C 83 37.15 24.86 35.18
CA ALA C 83 36.43 24.52 36.40
C ALA C 83 36.05 25.78 37.17
N GLU C 84 36.89 26.80 37.08
CA GLU C 84 36.66 28.07 37.76
C GLU C 84 35.37 28.72 37.24
N LEU C 85 35.17 28.64 35.93
CA LEU C 85 33.99 29.21 35.29
C LEU C 85 32.73 28.47 35.73
N GLN C 86 32.79 27.15 35.66
CA GLN C 86 31.66 26.30 36.03
C GLN C 86 31.30 26.48 37.50
N GLU C 87 32.32 26.57 38.35
CA GLU C 87 32.12 26.74 39.78
C GLU C 87 31.39 28.05 40.09
N GLY C 88 31.90 29.16 39.54
CA GLY C 88 31.29 30.46 39.78
C GLY C 88 29.91 30.61 39.17
N ALA C 89 29.71 30.04 37.99
CA ALA C 89 28.43 30.14 37.31
C ALA C 89 27.33 29.36 38.02
N ARG C 90 27.68 28.18 38.53
CA ARG C 90 26.75 27.31 39.23
C ARG C 90 26.17 27.96 40.48
N GLN C 91 27.07 28.43 41.34
CA GLN C 91 26.69 29.07 42.60
C GLN C 91 25.78 30.29 42.36
N LYS C 92 25.95 30.92 41.22
CA LYS C 92 25.17 32.10 40.86
C LYS C 92 23.67 31.81 40.75
N LEU C 93 23.29 30.96 39.81
CA LEU C 93 21.88 30.66 39.57
C LEU C 93 21.21 29.96 40.75
N HIS C 94 21.97 29.18 41.51
CA HIS C 94 21.40 28.48 42.66
C HIS C 94 20.82 29.46 43.68
N GLU C 95 21.52 30.57 43.89
CA GLU C 95 21.05 31.59 44.82
C GLU C 95 19.88 32.37 44.22
N LEU C 96 19.94 32.57 42.91
CA LEU C 96 18.91 33.29 42.18
C LEU C 96 17.59 32.53 42.19
N GLN C 97 17.67 31.22 41.96
CA GLN C 97 16.48 30.36 41.93
C GLN C 97 15.76 30.37 43.27
N GLU C 98 16.55 30.37 44.34
CA GLU C 98 16.03 30.37 45.70
C GLU C 98 15.26 31.66 45.99
N LYS C 99 15.55 32.70 45.23
CA LYS C 99 14.91 33.99 45.41
C LYS C 99 13.82 34.25 44.36
N LEU C 100 13.37 33.18 43.70
CA LEU C 100 12.34 33.32 42.67
C LEU C 100 11.22 32.29 42.83
N SER C 101 11.60 31.04 43.04
CA SER C 101 10.65 29.94 43.16
C SER C 101 9.52 30.17 44.18
N PRO C 102 9.81 30.54 45.45
CA PRO C 102 8.78 30.77 46.48
C PRO C 102 7.68 31.75 46.04
N LEU C 103 8.09 32.85 45.43
CA LEU C 103 7.14 33.86 44.97
C LEU C 103 6.33 33.38 43.77
N GLY C 104 6.98 32.63 42.89
CA GLY C 104 6.31 32.12 41.70
C GLY C 104 5.26 31.08 42.04
N GLU C 105 5.60 30.17 42.96
CA GLU C 105 4.69 29.11 43.40
C GLU C 105 3.36 29.65 43.93
N GLU C 106 3.45 30.62 44.83
CA GLU C 106 2.25 31.22 45.43
C GLU C 106 1.34 31.84 44.38
N MET C 107 1.92 32.55 43.43
CA MET C 107 1.15 33.20 42.37
C MET C 107 0.51 32.15 41.46
N ARG C 108 1.23 31.07 41.21
CA ARG C 108 0.74 29.99 40.35
C ARG C 108 -0.52 29.37 40.95
N ASP C 109 -0.48 29.14 42.26
CA ASP C 109 -1.62 28.56 42.96
C ASP C 109 -2.81 29.50 42.92
N ARG C 110 -2.53 30.79 43.08
CA ARG C 110 -3.58 31.80 43.06
C ARG C 110 -4.22 31.86 41.68
N ALA C 111 -3.39 31.72 40.65
CA ALA C 111 -3.87 31.73 39.27
C ALA C 111 -4.79 30.53 39.02
N ARG C 112 -4.38 29.37 39.52
CA ARG C 112 -5.16 28.14 39.35
C ARG C 112 -6.51 28.27 40.03
N ALA C 113 -6.53 28.88 41.21
CA ALA C 113 -7.78 29.08 41.95
C ALA C 113 -8.73 30.00 41.18
N HIS C 114 -8.16 31.05 40.58
CA HIS C 114 -8.93 32.00 39.79
C HIS C 114 -9.60 31.32 38.61
N VAL C 115 -8.85 30.50 37.90
CA VAL C 115 -9.37 29.77 36.74
C VAL C 115 -10.52 28.87 37.14
N ASP C 116 -10.35 28.14 38.25
CA ASP C 116 -11.38 27.23 38.74
C ASP C 116 -12.63 27.98 39.16
N ALA C 117 -12.43 29.08 39.89
CA ALA C 117 -13.53 29.89 40.37
C ALA C 117 -14.29 30.53 39.21
N LEU C 118 -13.54 30.89 38.15
CA LEU C 118 -14.13 31.52 36.97
C LEU C 118 -15.13 30.58 36.31
N ARG C 119 -14.81 29.29 36.31
CA ARG C 119 -15.68 28.27 35.71
C ARG C 119 -16.97 28.13 36.50
N THR C 120 -16.86 28.00 37.81
CA THR C 120 -18.03 27.84 38.66
C THR C 120 -18.92 29.07 38.60
N HIS C 121 -18.32 30.21 38.32
CA HIS C 121 -19.04 31.46 38.23
C HIS C 121 -19.84 31.55 36.91
N LEU C 122 -19.21 31.16 35.83
CA LEU C 122 -19.84 31.22 34.52
C LEU C 122 -20.87 30.11 34.32
N ALA C 123 -20.66 28.98 34.97
CA ALA C 123 -21.56 27.82 34.86
C ALA C 123 -23.06 28.15 34.94
N PRO C 124 -23.55 28.76 36.04
CA PRO C 124 -24.98 29.08 36.20
C PRO C 124 -25.54 29.96 35.08
N TYR C 125 -24.78 30.99 34.71
CA TYR C 125 -25.20 31.92 33.68
C TYR C 125 -25.22 31.26 32.30
N SER C 126 -24.18 30.49 32.02
CA SER C 126 -24.04 29.81 30.75
C SER C 126 -25.09 28.72 30.59
N ASP C 127 -25.37 27.98 31.67
CA ASP C 127 -26.37 26.92 31.64
C ASP C 127 -27.74 27.46 31.22
N GLU C 128 -28.15 28.52 31.89
CA GLU C 128 -29.44 29.15 31.60
C GLU C 128 -29.46 29.68 30.17
N LEU C 129 -28.37 30.34 29.78
CA LEU C 129 -28.25 30.91 28.45
C LEU C 129 -28.36 29.85 27.36
N ARG C 130 -27.63 28.77 27.53
CA ARG C 130 -27.63 27.68 26.57
C ARG C 130 -29.00 27.03 26.43
N GLN C 131 -29.67 26.76 27.54
CA GLN C 131 -30.99 26.15 27.51
C GLN C 131 -32.02 27.06 26.86
N ARG C 132 -31.92 28.36 27.13
CA ARG C 132 -32.83 29.32 26.57
C ARG C 132 -32.62 29.45 25.05
N LEU C 133 -31.38 29.29 24.64
CA LEU C 133 -31.03 29.38 23.22
C LEU C 133 -31.55 28.16 22.47
N ALA C 134 -31.42 27.00 23.09
CA ALA C 134 -31.89 25.75 22.50
C ALA C 134 -33.38 25.80 22.21
N ALA C 135 -34.12 26.43 23.12
CA ALA C 135 -35.57 26.57 22.95
C ALA C 135 -35.90 27.47 21.78
N ARG C 136 -35.15 28.55 21.64
CA ARG C 136 -35.37 29.51 20.56
C ARG C 136 -35.13 28.85 19.21
N LEU C 137 -34.05 28.07 19.11
CA LEU C 137 -33.70 27.39 17.87
C LEU C 137 -34.75 26.35 17.50
N GLU C 138 -35.29 25.67 18.50
CA GLU C 138 -36.30 24.65 18.29
C GLU C 138 -37.57 25.28 17.70
N ALA C 139 -37.89 26.48 18.16
CA ALA C 139 -39.06 27.20 17.68
C ALA C 139 -38.87 27.64 16.24
N LEU C 140 -37.66 28.07 15.91
CA LEU C 140 -37.35 28.53 14.56
C LEU C 140 -37.40 27.37 13.56
N LYS C 141 -36.81 26.25 13.96
CA LYS C 141 -36.76 25.04 13.14
C LYS C 141 -38.16 24.58 12.75
N GLU C 142 -39.11 24.75 13.67
CA GLU C 142 -40.50 24.35 13.45
C GLU C 142 -41.11 25.01 12.21
N ASN C 143 -41.18 26.33 12.22
CA ASN C 143 -41.75 27.09 11.11
C ASN C 143 -40.93 26.95 9.83
N GLY C 144 -39.63 26.94 9.97
CA GLY C 144 -38.76 26.82 8.82
C GLY C 144 -38.94 25.50 8.09
N GLY C 145 -39.19 24.43 8.85
CA GLY C 145 -39.36 23.12 8.25
C GLY C 145 -40.59 23.04 7.38
N ALA C 146 -41.69 23.61 7.84
CA ALA C 146 -42.94 23.60 7.08
C ALA C 146 -42.82 24.42 5.81
N ARG C 147 -41.94 25.42 5.85
CA ARG C 147 -41.72 26.29 4.69
C ARG C 147 -40.85 25.60 3.66
N LEU C 148 -39.86 24.85 4.15
CA LEU C 148 -38.94 24.14 3.30
C LEU C 148 -39.60 22.96 2.59
N ALA C 149 -40.58 22.35 3.25
CA ALA C 149 -41.31 21.21 2.70
C ALA C 149 -41.90 21.50 1.32
N GLU C 150 -42.54 22.65 1.17
CA GLU C 150 -43.14 23.04 -0.09
C GLU C 150 -42.09 23.41 -1.13
N TYR C 151 -41.01 24.05 -0.67
CA TYR C 151 -39.93 24.47 -1.55
C TYR C 151 -39.26 23.24 -2.19
N HIS C 152 -39.10 22.19 -1.40
CA HIS C 152 -38.49 20.96 -1.88
C HIS C 152 -39.35 20.29 -2.96
N ALA C 153 -40.66 20.25 -2.73
CA ALA C 153 -41.59 19.64 -3.67
C ALA C 153 -41.57 20.36 -5.01
N LYS C 154 -41.39 21.67 -4.97
CA LYS C 154 -41.37 22.49 -6.17
C LYS C 154 -40.13 22.20 -7.03
N ALA C 155 -39.10 21.64 -6.43
CA ALA C 155 -37.87 21.31 -7.16
C ALA C 155 -38.07 20.08 -8.04
N THR C 156 -38.87 19.14 -7.57
CA THR C 156 -39.15 17.92 -8.29
C THR C 156 -39.85 18.22 -9.62
N GLU C 157 -40.76 19.16 -9.60
CA GLU C 157 -41.51 19.54 -10.79
C GLU C 157 -40.76 20.61 -11.58
N HIS C 158 -39.44 20.64 -11.46
CA HIS C 158 -38.64 21.64 -12.16
C HIS C 158 -37.39 21.03 -12.79
N LEU C 159 -36.60 20.32 -11.99
CA LEU C 159 -35.36 19.72 -12.48
C LEU C 159 -35.62 18.59 -13.47
N SER C 160 -36.69 17.84 -13.26
CA SER C 160 -37.03 16.71 -14.12
C SER C 160 -37.57 17.15 -15.49
N THR C 161 -38.20 18.32 -15.54
CA THR C 161 -38.79 18.82 -16.77
C THR C 161 -37.81 18.97 -17.94
N LEU C 162 -36.56 19.30 -17.65
CA LEU C 162 -35.56 19.51 -18.69
C LEU C 162 -35.04 18.19 -19.29
N SER C 163 -34.38 17.38 -18.47
CA SER C 163 -33.81 16.10 -18.91
C SER C 163 -34.84 15.17 -19.54
N GLU C 164 -36.08 15.25 -19.07
CA GLU C 164 -37.17 14.40 -19.55
C GLU C 164 -37.25 14.35 -21.08
N LYS C 165 -37.13 15.50 -21.72
CA LYS C 165 -37.21 15.56 -23.17
C LYS C 165 -35.91 16.02 -23.82
N ALA C 166 -34.84 16.04 -23.04
CA ALA C 166 -33.53 16.45 -23.56
C ALA C 166 -32.77 15.25 -24.09
N LYS C 167 -33.00 14.10 -23.46
CA LYS C 167 -32.35 12.85 -23.86
C LYS C 167 -32.74 12.39 -25.27
N PRO C 168 -34.06 12.26 -25.57
CA PRO C 168 -34.51 11.82 -26.91
C PRO C 168 -33.96 12.69 -28.03
N ALA C 169 -33.78 13.97 -27.75
CA ALA C 169 -33.26 14.90 -28.73
C ALA C 169 -31.78 14.64 -29.02
N LEU C 170 -31.04 14.25 -27.99
CA LEU C 170 -29.62 13.96 -28.13
C LEU C 170 -29.41 12.73 -29.00
N GLU C 171 -30.25 11.72 -28.78
CA GLU C 171 -30.16 10.47 -29.52
C GLU C 171 -30.45 10.68 -31.01
N ASP C 172 -31.36 11.62 -31.30
CA ASP C 172 -31.73 11.91 -32.68
C ASP C 172 -30.57 12.54 -33.43
N LEU C 173 -29.85 13.42 -32.76
CA LEU C 173 -28.70 14.10 -33.36
C LEU C 173 -27.63 13.09 -33.75
N ARG C 174 -27.43 12.10 -32.89
CA ARG C 174 -26.44 11.05 -33.13
C ARG C 174 -26.74 10.28 -34.41
N GLN C 175 -28.02 9.98 -34.63
CA GLN C 175 -28.42 9.23 -35.81
C GLN C 175 -28.40 10.10 -37.08
N GLY C 176 -28.33 11.40 -36.88
CA GLY C 176 -28.31 12.32 -38.01
C GLY C 176 -26.92 12.58 -38.52
N LEU C 177 -25.92 12.37 -37.67
CA LEU C 177 -24.52 12.61 -38.05
C LEU C 177 -23.85 11.30 -38.48
N LEU C 178 -24.44 10.18 -38.08
CA LEU C 178 -23.90 8.86 -38.38
C LEU C 178 -23.61 8.60 -39.87
N PRO C 179 -24.60 8.76 -40.78
CA PRO C 179 -24.40 8.51 -42.22
C PRO C 179 -23.25 9.31 -42.82
N VAL C 180 -23.16 10.58 -42.43
CA VAL C 180 -22.09 11.44 -42.93
C VAL C 180 -20.75 11.03 -42.35
N LEU C 181 -20.76 10.63 -41.07
CA LEU C 181 -19.55 10.20 -40.39
C LEU C 181 -19.03 8.89 -40.96
N GLU C 182 -19.96 7.99 -41.27
CA GLU C 182 -19.61 6.68 -41.83
C GLU C 182 -18.81 6.85 -43.13
N SER C 183 -19.26 7.79 -43.96
CA SER C 183 -18.60 8.05 -45.23
C SER C 183 -17.17 8.55 -45.00
N PHE C 184 -17.01 9.40 -43.99
CA PHE C 184 -15.70 9.95 -43.66
C PHE C 184 -14.76 8.88 -43.12
N LYS C 185 -15.29 8.00 -42.29
CA LYS C 185 -14.49 6.92 -41.70
C LYS C 185 -13.82 6.06 -42.78
N VAL C 186 -14.58 5.73 -43.82
CA VAL C 186 -14.06 4.93 -44.92
C VAL C 186 -12.93 5.66 -45.65
N SER C 187 -13.17 6.93 -45.95
CA SER C 187 -12.19 7.75 -46.64
C SER C 187 -10.93 7.93 -45.79
N PHE C 188 -11.13 8.06 -44.49
CA PHE C 188 -10.04 8.23 -43.55
C PHE C 188 -9.08 7.04 -43.59
N LEU C 189 -9.65 5.84 -43.51
CA LEU C 189 -8.86 4.61 -43.54
C LEU C 189 -8.10 4.48 -44.84
N SER C 190 -8.74 4.88 -45.93
CA SER C 190 -8.14 4.82 -47.25
C SER C 190 -6.86 5.64 -47.33
N ALA C 191 -6.96 6.91 -46.94
CA ALA C 191 -5.81 7.81 -46.97
C ALA C 191 -4.76 7.40 -45.94
N LEU C 192 -5.23 6.95 -44.79
CA LEU C 192 -4.36 6.53 -43.69
C LEU C 192 -3.38 5.43 -44.14
N GLU C 193 -3.92 4.40 -44.78
CA GLU C 193 -3.11 3.28 -45.24
C GLU C 193 -2.04 3.71 -46.26
N GLU C 194 -2.41 4.64 -47.12
CA GLU C 194 -1.50 5.14 -48.14
C GLU C 194 -0.31 5.87 -47.51
N TYR C 195 -0.58 6.58 -46.41
CA TYR C 195 0.47 7.33 -45.73
C TYR C 195 1.52 6.42 -45.12
N THR C 196 1.08 5.29 -44.57
CA THR C 196 1.99 4.33 -43.95
C THR C 196 2.93 3.71 -44.98
N LYS C 197 2.44 3.52 -46.21
CA LYS C 197 3.24 2.93 -47.28
C LYS C 197 4.51 3.74 -47.54
N LYS C 198 4.34 5.02 -47.83
CA LYS C 198 5.46 5.91 -48.11
C LYS C 198 6.32 6.12 -46.86
N LEU C 199 5.68 6.09 -45.69
CA LEU C 199 6.39 6.27 -44.43
C LEU C 199 7.39 5.15 -44.19
N ASN C 200 6.95 3.91 -44.39
CA ASN C 200 7.82 2.75 -44.21
C ASN C 200 8.69 2.55 -45.44
N SER D 14 -33.15 25.29 -26.73
CA SER D 14 -33.41 26.34 -25.76
C SER D 14 -34.90 26.38 -25.40
N THR D 15 -35.66 25.54 -26.07
CA THR D 15 -37.10 25.45 -25.85
C THR D 15 -37.44 25.10 -24.40
N PHE D 16 -36.83 24.03 -23.91
CA PHE D 16 -37.07 23.58 -22.55
C PHE D 16 -36.38 24.50 -21.55
N SER D 17 -35.25 25.07 -21.95
CA SER D 17 -34.52 25.99 -21.10
C SER D 17 -35.34 27.25 -20.85
N LYS D 18 -36.06 27.71 -21.87
CA LYS D 18 -36.89 28.89 -21.73
C LYS D 18 -38.04 28.61 -20.76
N LEU D 19 -38.57 27.39 -20.82
CA LEU D 19 -39.65 26.98 -19.94
C LEU D 19 -39.15 26.94 -18.49
N ARG D 20 -37.95 26.38 -18.32
CA ARG D 20 -37.31 26.30 -17.02
C ARG D 20 -37.07 27.70 -16.47
N GLU D 21 -36.73 28.61 -17.36
CA GLU D 21 -36.48 30.00 -17.01
C GLU D 21 -37.78 30.67 -16.57
N GLN D 22 -38.88 30.31 -17.23
CA GLN D 22 -40.18 30.88 -16.94
C GLN D 22 -40.68 30.48 -15.55
N LEU D 23 -40.34 29.27 -15.13
CA LEU D 23 -40.77 28.76 -13.82
C LEU D 23 -39.80 29.18 -12.71
N GLY D 24 -38.67 29.76 -13.09
CA GLY D 24 -37.66 30.18 -12.13
C GLY D 24 -38.12 31.29 -11.20
N PRO D 25 -38.28 32.52 -11.72
CA PRO D 25 -38.70 33.68 -10.92
C PRO D 25 -39.90 33.43 -10.03
N VAL D 26 -40.85 32.61 -10.50
CA VAL D 26 -42.06 32.31 -9.74
C VAL D 26 -41.72 31.72 -8.38
N THR D 27 -40.84 30.72 -8.37
CA THR D 27 -40.44 30.07 -7.14
C THR D 27 -39.39 30.90 -6.39
N GLN D 28 -38.49 31.51 -7.15
CA GLN D 28 -37.42 32.33 -6.58
C GLN D 28 -37.97 33.50 -5.77
N GLU D 29 -38.96 34.20 -6.32
CA GLU D 29 -39.54 35.35 -5.65
C GLU D 29 -40.30 34.91 -4.41
N PHE D 30 -41.07 33.84 -4.55
CA PHE D 30 -41.85 33.31 -3.44
C PHE D 30 -40.94 32.95 -2.27
N TRP D 31 -39.84 32.27 -2.55
CA TRP D 31 -38.89 31.88 -1.52
C TRP D 31 -38.25 33.10 -0.87
N ASP D 32 -37.98 34.13 -1.67
CA ASP D 32 -37.37 35.36 -1.15
C ASP D 32 -38.27 36.00 -0.09
N ASN D 33 -39.56 36.05 -0.37
CA ASN D 33 -40.53 36.62 0.56
C ASN D 33 -40.63 35.76 1.81
N LEU D 34 -40.60 34.45 1.60
CA LEU D 34 -40.68 33.49 2.70
C LEU D 34 -39.46 33.62 3.61
N GLU D 35 -38.29 33.73 3.00
CA GLU D 35 -37.04 33.86 3.75
C GLU D 35 -37.05 35.17 4.54
N LYS D 36 -37.64 36.21 3.95
CA LYS D 36 -37.72 37.51 4.59
C LYS D 36 -38.57 37.44 5.86
N GLU D 37 -39.64 36.66 5.81
CA GLU D 37 -40.51 36.49 6.97
C GLU D 37 -39.76 35.81 8.10
N THR D 38 -39.05 34.75 7.76
CA THR D 38 -38.25 34.01 8.74
C THR D 38 -37.09 34.86 9.25
N GLU D 39 -36.60 35.76 8.38
CA GLU D 39 -35.51 36.65 8.73
C GLU D 39 -35.94 37.55 9.89
N GLY D 40 -37.15 38.10 9.77
CA GLY D 40 -37.69 38.95 10.81
C GLY D 40 -37.86 38.19 12.11
N LEU D 41 -38.29 36.94 11.98
CA LEU D 41 -38.48 36.06 13.14
C LEU D 41 -37.15 35.87 13.86
N ARG D 42 -36.09 35.62 13.09
CA ARG D 42 -34.76 35.44 13.66
C ARG D 42 -34.28 36.72 14.32
N GLN D 43 -34.68 37.86 13.75
CA GLN D 43 -34.30 39.16 14.28
C GLN D 43 -34.91 39.36 15.67
N GLU D 44 -36.20 39.03 15.79
CA GLU D 44 -36.90 39.17 17.06
C GLU D 44 -36.27 38.25 18.11
N MET D 45 -35.94 37.04 17.70
CA MET D 45 -35.33 36.06 18.58
C MET D 45 -33.96 36.55 19.06
N SER D 46 -33.20 37.14 18.15
CA SER D 46 -31.88 37.65 18.47
C SER D 46 -31.99 38.87 19.39
N LYS D 47 -32.94 39.75 19.10
CA LYS D 47 -33.14 40.96 19.89
C LYS D 47 -33.43 40.65 21.36
N ASP D 48 -34.11 39.53 21.62
CA ASP D 48 -34.44 39.14 22.99
C ASP D 48 -33.28 38.38 23.63
N LEU D 49 -32.25 38.10 22.84
CA LEU D 49 -31.08 37.39 23.31
C LEU D 49 -29.95 38.35 23.65
N GLU D 50 -30.02 39.54 23.05
CA GLU D 50 -29.01 40.58 23.24
C GLU D 50 -28.89 41.02 24.70
N GLU D 51 -30.02 41.12 25.38
CA GLU D 51 -30.04 41.54 26.77
C GLU D 51 -29.29 40.55 27.67
N VAL D 52 -29.41 39.27 27.36
CA VAL D 52 -28.75 38.23 28.14
C VAL D 52 -27.23 38.41 28.09
N LYS D 53 -26.72 38.70 26.89
CA LYS D 53 -25.29 38.90 26.69
C LYS D 53 -24.79 40.08 27.52
N ALA D 54 -25.56 41.15 27.53
CA ALA D 54 -25.20 42.37 28.25
C ALA D 54 -25.41 42.23 29.76
N LYS D 55 -25.98 41.12 30.20
CA LYS D 55 -26.23 40.91 31.62
C LYS D 55 -25.17 40.00 32.23
N VAL D 56 -24.61 39.11 31.44
CA VAL D 56 -23.58 38.19 31.91
C VAL D 56 -22.19 38.82 31.93
N GLN D 57 -21.90 39.62 30.91
CA GLN D 57 -20.60 40.28 30.77
C GLN D 57 -20.14 41.11 31.99
N PRO D 58 -20.98 42.02 32.54
CA PRO D 58 -20.61 42.85 33.70
C PRO D 58 -19.95 42.09 34.84
N TYR D 59 -20.51 40.95 35.21
CA TYR D 59 -19.98 40.15 36.31
C TYR D 59 -18.67 39.46 35.93
N LEU D 60 -18.58 38.97 34.70
CA LEU D 60 -17.39 38.28 34.23
C LEU D 60 -16.21 39.26 34.16
N ASP D 61 -16.50 40.48 33.75
CA ASP D 61 -15.47 41.51 33.63
C ASP D 61 -14.83 41.84 34.98
N ASP D 62 -15.67 41.98 36.00
CA ASP D 62 -15.19 42.31 37.34
C ASP D 62 -14.23 41.24 37.87
N PHE D 63 -14.58 39.98 37.62
CA PHE D 63 -13.76 38.85 38.06
C PHE D 63 -12.34 38.95 37.47
N GLN D 64 -12.29 39.32 36.19
CA GLN D 64 -11.02 39.46 35.49
C GLN D 64 -10.27 40.71 35.94
N LYS D 65 -11.01 41.78 36.20
CA LYS D 65 -10.45 43.05 36.63
C LYS D 65 -9.81 42.96 38.01
N LYS D 66 -10.52 42.32 38.93
CA LYS D 66 -10.05 42.17 40.30
C LYS D 66 -8.69 41.48 40.37
N TRP D 67 -8.57 40.34 39.70
CA TRP D 67 -7.31 39.58 39.69
C TRP D 67 -6.19 40.35 38.99
N GLN D 68 -6.55 41.05 37.91
CA GLN D 68 -5.58 41.84 37.15
C GLN D 68 -4.93 42.90 38.04
N GLU D 69 -5.75 43.52 38.88
CA GLU D 69 -5.26 44.56 39.80
C GLU D 69 -4.18 44.00 40.71
N GLU D 70 -4.48 42.84 41.31
CA GLU D 70 -3.54 42.19 42.23
C GLU D 70 -2.25 41.81 41.50
N MET D 71 -2.39 41.27 40.29
CA MET D 71 -1.24 40.87 39.49
C MET D 71 -0.29 42.06 39.25
N GLU D 72 -0.87 43.22 38.95
CA GLU D 72 -0.07 44.42 38.71
C GLU D 72 0.69 44.82 39.97
N LEU D 73 0.01 44.80 41.11
CA LEU D 73 0.63 45.16 42.38
C LEU D 73 1.77 44.20 42.71
N TYR D 74 1.49 42.91 42.54
CA TYR D 74 2.48 41.87 42.80
C TYR D 74 3.72 42.05 41.94
N ARG D 75 3.51 42.36 40.66
CA ARG D 75 4.61 42.56 39.71
C ARG D 75 5.55 43.67 40.20
N GLN D 76 4.97 44.76 40.67
CA GLN D 76 5.74 45.90 41.15
C GLN D 76 6.56 45.55 42.40
N LYS D 77 6.06 44.59 43.18
CA LYS D 77 6.74 44.17 44.40
C LYS D 77 8.00 43.35 44.12
N VAL D 78 7.91 42.45 43.16
CA VAL D 78 9.04 41.60 42.81
C VAL D 78 10.05 42.31 41.91
N GLU D 79 9.65 43.47 41.40
CA GLU D 79 10.52 44.26 40.52
C GLU D 79 11.89 44.59 41.12
N PRO D 80 11.94 45.25 42.30
CA PRO D 80 13.21 45.61 42.95
C PRO D 80 14.02 44.38 43.34
N LEU D 81 13.33 43.29 43.66
CA LEU D 81 13.98 42.05 44.04
C LEU D 81 14.80 41.49 42.88
N ARG D 82 14.28 41.69 41.67
CA ARG D 82 14.97 41.22 40.48
C ARG D 82 16.25 42.02 40.28
N ALA D 83 16.16 43.32 40.57
CA ALA D 83 17.30 44.22 40.42
C ALA D 83 18.47 43.75 41.28
N GLU D 84 18.16 43.27 42.48
CA GLU D 84 19.19 42.78 43.40
C GLU D 84 19.94 41.60 42.79
N LEU D 85 19.19 40.69 42.19
CA LEU D 85 19.78 39.52 41.56
C LEU D 85 20.49 39.90 40.27
N GLN D 86 19.88 40.82 39.52
CA GLN D 86 20.46 41.28 38.27
C GLN D 86 21.79 41.97 38.53
N GLU D 87 21.83 42.77 39.59
CA GLU D 87 23.04 43.50 39.97
C GLU D 87 24.17 42.51 40.28
N GLY D 88 23.82 41.43 40.99
CA GLY D 88 24.80 40.42 41.33
C GLY D 88 25.23 39.63 40.11
N ALA D 89 24.32 39.50 39.16
CA ALA D 89 24.57 38.79 37.92
C ALA D 89 25.18 39.72 36.88
N ARG D 90 25.56 40.92 37.30
CA ARG D 90 26.18 41.88 36.41
C ARG D 90 27.68 41.84 36.61
N GLN D 91 28.10 42.03 37.86
CA GLN D 91 29.52 42.03 38.20
C GLN D 91 30.19 40.69 37.91
N LYS D 92 29.45 39.60 38.15
CA LYS D 92 29.97 38.27 37.92
C LYS D 92 30.30 38.01 36.44
N LEU D 93 29.68 38.78 35.55
CA LEU D 93 29.93 38.63 34.12
C LEU D 93 31.31 39.15 33.78
N HIS D 94 31.59 40.36 34.27
CA HIS D 94 32.87 41.00 34.05
C HIS D 94 33.98 40.16 34.65
N GLU D 95 33.73 39.67 35.87
CA GLU D 95 34.70 38.84 36.58
C GLU D 95 35.02 37.56 35.79
N LEU D 96 33.98 36.87 35.34
CA LEU D 96 34.16 35.62 34.61
C LEU D 96 34.87 35.84 33.28
N GLN D 97 34.63 36.98 32.64
CA GLN D 97 35.28 37.29 31.38
C GLN D 97 36.74 37.64 31.60
N GLU D 98 36.99 38.43 32.63
CA GLU D 98 38.33 38.87 32.98
C GLU D 98 39.24 37.69 33.33
N LYS D 99 38.64 36.60 33.79
CA LYS D 99 39.39 35.42 34.17
C LYS D 99 39.73 34.52 32.98
N LEU D 100 39.47 35.00 31.76
CA LEU D 100 39.77 34.20 30.57
C LEU D 100 40.31 35.04 29.41
N SER D 101 40.22 36.36 29.52
CA SER D 101 40.72 37.25 28.49
C SER D 101 42.22 37.10 28.21
N PRO D 102 43.09 37.16 29.26
CA PRO D 102 44.55 37.02 29.08
C PRO D 102 44.96 35.71 28.40
N LEU D 103 44.41 34.61 28.88
CA LEU D 103 44.72 33.29 28.33
C LEU D 103 44.39 33.22 26.85
N GLY D 104 43.24 33.76 26.47
CA GLY D 104 42.83 33.74 25.08
C GLY D 104 43.74 34.59 24.21
N GLU D 105 44.09 35.78 24.70
CA GLU D 105 44.96 36.68 23.97
C GLU D 105 46.35 36.09 23.75
N GLU D 106 46.90 35.45 24.78
CA GLU D 106 48.21 34.84 24.68
C GLU D 106 48.28 33.81 23.56
N MET D 107 47.21 33.02 23.42
CA MET D 107 47.14 32.02 22.38
C MET D 107 47.04 32.67 21.00
N ARG D 108 46.31 33.78 20.92
CA ARG D 108 46.14 34.48 19.66
C ARG D 108 47.48 35.01 19.15
N ASP D 109 48.32 35.47 20.07
CA ASP D 109 49.64 35.99 19.72
C ASP D 109 50.46 34.90 19.05
N ARG D 110 50.50 33.73 19.67
CA ARG D 110 51.24 32.59 19.14
C ARG D 110 50.59 32.08 17.86
N ALA D 111 49.27 32.21 17.79
CA ALA D 111 48.51 31.76 16.63
C ALA D 111 48.91 32.55 15.39
N ARG D 112 48.97 33.87 15.51
CA ARG D 112 49.34 34.72 14.39
C ARG D 112 50.78 34.45 13.94
N ALA D 113 51.63 34.09 14.88
CA ALA D 113 53.01 33.78 14.57
C ALA D 113 53.11 32.52 13.70
N HIS D 114 52.24 31.55 13.96
CA HIS D 114 52.23 30.31 13.21
C HIS D 114 51.75 30.56 11.78
N VAL D 115 50.76 31.45 11.64
CA VAL D 115 50.22 31.79 10.34
C VAL D 115 51.27 32.50 9.51
N ASP D 116 52.07 33.33 10.17
CA ASP D 116 53.13 34.08 9.51
C ASP D 116 54.19 33.11 8.99
N ALA D 117 54.55 32.13 9.81
CA ALA D 117 55.54 31.13 9.45
C ALA D 117 55.05 30.23 8.32
N LEU D 118 53.74 29.97 8.30
CA LEU D 118 53.15 29.13 7.27
C LEU D 118 53.24 29.77 5.89
N ARG D 119 53.09 31.08 5.83
CA ARG D 119 53.15 31.81 4.56
C ARG D 119 54.51 31.63 3.89
N THR D 120 55.56 31.73 4.68
CA THR D 120 56.93 31.62 4.18
C THR D 120 57.21 30.26 3.53
N HIS D 121 56.44 29.25 3.92
CA HIS D 121 56.63 27.91 3.37
C HIS D 121 55.59 27.55 2.31
N LEU D 122 54.54 28.35 2.22
CA LEU D 122 53.48 28.10 1.24
C LEU D 122 53.69 28.90 -0.04
N ALA D 123 54.26 30.09 0.11
CA ALA D 123 54.52 30.96 -1.04
C ALA D 123 55.42 30.31 -2.10
N PRO D 124 56.63 29.80 -1.72
CA PRO D 124 57.56 29.17 -2.67
C PRO D 124 56.91 28.05 -3.49
N TYR D 125 56.21 27.16 -2.80
CA TYR D 125 55.55 26.03 -3.45
C TYR D 125 54.52 26.52 -4.48
N SER D 126 53.76 27.54 -4.11
CA SER D 126 52.75 28.08 -5.01
C SER D 126 53.39 28.72 -6.24
N ASP D 127 54.55 29.33 -6.06
CA ASP D 127 55.25 29.97 -7.17
C ASP D 127 55.89 28.92 -8.08
N GLU D 128 56.43 27.87 -7.46
CA GLU D 128 57.07 26.78 -8.20
C GLU D 128 56.06 26.09 -9.10
N LEU D 129 54.85 25.94 -8.59
CA LEU D 129 53.77 25.31 -9.33
C LEU D 129 53.50 26.05 -10.64
N ARG D 130 53.65 27.37 -10.61
CA ARG D 130 53.43 28.21 -11.78
C ARG D 130 54.33 27.79 -12.95
N GLN D 131 55.60 27.55 -12.65
CA GLN D 131 56.57 27.15 -13.68
C GLN D 131 56.25 25.74 -14.19
N ARG D 132 56.02 24.82 -13.25
CA ARG D 132 55.72 23.44 -13.58
C ARG D 132 54.43 23.35 -14.38
N LEU D 133 53.55 24.31 -14.20
CA LEU D 133 52.28 24.35 -14.92
C LEU D 133 52.52 24.80 -16.37
N ALA D 134 53.27 25.89 -16.52
CA ALA D 134 53.58 26.43 -17.85
C ALA D 134 54.32 25.41 -18.69
N ALA D 135 55.20 24.65 -18.05
CA ALA D 135 55.98 23.63 -18.72
C ALA D 135 55.07 22.55 -19.31
N ARG D 136 54.18 22.03 -18.48
CA ARG D 136 53.25 20.99 -18.91
C ARG D 136 52.30 21.50 -19.97
N LEU D 137 51.83 22.73 -19.80
CA LEU D 137 50.90 23.33 -20.76
C LEU D 137 51.53 23.51 -22.13
N GLU D 138 52.74 24.05 -22.16
CA GLU D 138 53.45 24.29 -23.41
C GLU D 138 53.67 22.99 -24.19
N ALA D 139 54.16 21.97 -23.49
CA ALA D 139 54.42 20.67 -24.11
C ALA D 139 53.13 20.04 -24.63
N LEU D 140 52.04 20.26 -23.91
CA LEU D 140 50.75 19.72 -24.29
C LEU D 140 50.21 20.37 -25.56
N LYS D 141 50.23 21.70 -25.60
CA LYS D 141 49.74 22.43 -26.77
C LYS D 141 50.58 22.12 -28.01
N GLU D 142 51.89 22.05 -27.82
CA GLU D 142 52.81 21.79 -28.91
C GLU D 142 52.56 20.41 -29.54
N ASN D 143 52.05 19.48 -28.75
CA ASN D 143 51.78 18.14 -29.24
C ASN D 143 50.32 17.99 -29.70
N GLY D 144 49.43 18.77 -29.10
CA GLY D 144 48.03 18.69 -29.44
C GLY D 144 47.66 19.51 -30.66
N GLY D 145 48.53 20.45 -31.02
CA GLY D 145 48.28 21.31 -32.17
C GLY D 145 47.98 20.53 -33.43
N ALA D 146 48.92 19.67 -33.83
CA ALA D 146 48.75 18.86 -35.02
C ALA D 146 47.62 17.85 -34.85
N ARG D 147 47.44 17.39 -33.61
CA ARG D 147 46.39 16.42 -33.29
C ARG D 147 45.01 16.99 -33.63
N LEU D 148 44.72 18.17 -33.11
CA LEU D 148 43.43 18.82 -33.34
C LEU D 148 43.17 19.03 -34.82
N ALA D 149 44.22 19.42 -35.55
CA ALA D 149 44.11 19.66 -36.98
C ALA D 149 43.62 18.42 -37.71
N GLU D 150 44.20 17.26 -37.37
CA GLU D 150 43.84 15.99 -37.98
C GLU D 150 42.39 15.63 -37.68
N TYR D 151 41.99 15.84 -36.44
CA TYR D 151 40.63 15.54 -36.02
C TYR D 151 39.62 16.35 -36.82
N HIS D 152 39.86 17.64 -36.94
CA HIS D 152 38.96 18.53 -37.67
C HIS D 152 38.89 18.12 -39.15
N ALA D 153 40.05 17.93 -39.76
CA ALA D 153 40.12 17.54 -41.17
C ALA D 153 39.30 16.29 -41.44
N LYS D 154 39.57 15.23 -40.66
CA LYS D 154 38.86 13.96 -40.81
C LYS D 154 37.37 14.10 -40.51
N ALA D 155 37.03 14.87 -39.48
CA ALA D 155 35.64 15.08 -39.09
C ALA D 155 34.85 15.77 -40.19
N THR D 156 35.51 16.69 -40.89
CA THR D 156 34.88 17.43 -41.98
C THR D 156 34.46 16.49 -43.11
N GLU D 157 35.34 15.54 -43.43
CA GLU D 157 35.07 14.57 -44.48
C GLU D 157 33.83 13.73 -44.12
N HIS D 158 33.71 13.40 -42.85
CA HIS D 158 32.58 12.62 -42.37
C HIS D 158 31.31 13.46 -42.28
N LEU D 159 31.48 14.77 -42.25
CA LEU D 159 30.34 15.68 -42.16
C LEU D 159 29.70 15.91 -43.51
N SER D 160 30.54 16.09 -44.54
CA SER D 160 30.05 16.34 -45.89
C SER D 160 29.27 15.14 -46.42
N THR D 161 29.74 13.93 -46.10
CA THR D 161 29.08 12.71 -46.55
C THR D 161 27.94 12.33 -45.59
N LEU D 162 27.53 13.27 -44.75
CA LEU D 162 26.47 13.02 -43.80
C LEU D 162 25.17 13.73 -44.18
N SER D 163 25.21 15.06 -44.18
CA SER D 163 24.03 15.86 -44.50
C SER D 163 23.87 16.09 -45.99
N GLU D 164 23.95 15.01 -46.77
CA GLU D 164 23.80 15.11 -48.21
C GLU D 164 22.51 14.46 -48.69
N LYS D 165 22.13 13.36 -48.06
CA LYS D 165 20.93 12.61 -48.45
C LYS D 165 19.71 13.03 -47.63
N ALA D 166 19.91 13.90 -46.66
CA ALA D 166 18.82 14.34 -45.78
C ALA D 166 17.98 15.45 -46.42
N LYS D 167 18.42 15.96 -47.55
CA LYS D 167 17.71 17.04 -48.23
C LYS D 167 16.82 16.56 -49.39
N PRO D 168 17.37 15.86 -50.40
CA PRO D 168 16.59 15.39 -51.57
C PRO D 168 15.43 14.48 -51.19
N ALA D 169 15.67 13.61 -50.21
CA ALA D 169 14.65 12.66 -49.77
C ALA D 169 13.43 13.38 -49.20
N LEU D 170 13.65 14.54 -48.59
CA LEU D 170 12.57 15.32 -47.99
C LEU D 170 11.70 15.97 -49.07
N GLU D 171 12.33 16.40 -50.16
CA GLU D 171 11.60 17.03 -51.24
C GLU D 171 10.64 16.05 -51.90
N ASP D 172 11.15 14.87 -52.23
CA ASP D 172 10.34 13.83 -52.87
C ASP D 172 9.15 13.42 -52.02
N LEU D 173 9.37 13.34 -50.71
CA LEU D 173 8.33 12.95 -49.77
C LEU D 173 7.12 13.88 -49.85
N ARG D 174 7.38 15.19 -49.74
CA ARG D 174 6.29 16.16 -49.78
C ARG D 174 5.66 16.28 -51.17
N GLN D 175 6.45 15.97 -52.20
CA GLN D 175 5.96 16.04 -53.58
C GLN D 175 4.83 15.04 -53.83
N GLY D 176 4.87 13.93 -53.11
CA GLY D 176 3.85 12.91 -53.26
C GLY D 176 2.77 12.97 -52.19
N LEU D 177 3.11 13.55 -51.06
CA LEU D 177 2.18 13.65 -49.93
C LEU D 177 1.15 14.77 -50.12
N LEU D 178 1.62 15.91 -50.63
CA LEU D 178 0.76 17.09 -50.82
C LEU D 178 -0.54 16.83 -51.59
N PRO D 179 -0.48 16.27 -52.82
CA PRO D 179 -1.69 16.00 -53.63
C PRO D 179 -2.78 15.25 -52.84
N VAL D 180 -2.40 14.17 -52.17
CA VAL D 180 -3.35 13.37 -51.41
C VAL D 180 -3.86 14.11 -50.18
N LEU D 181 -2.95 14.82 -49.52
CA LEU D 181 -3.30 15.57 -48.32
C LEU D 181 -4.32 16.68 -48.62
N GLU D 182 -4.08 17.43 -49.71
CA GLU D 182 -4.98 18.51 -50.10
C GLU D 182 -6.38 17.99 -50.39
N SER D 183 -6.47 16.81 -51.00
CA SER D 183 -7.75 16.20 -51.32
C SER D 183 -8.50 15.87 -50.03
N PHE D 184 -7.79 15.29 -49.07
CA PHE D 184 -8.38 14.91 -47.79
C PHE D 184 -8.87 16.14 -47.03
N LYS D 185 -8.10 17.23 -47.11
CA LYS D 185 -8.45 18.48 -46.45
C LYS D 185 -9.81 18.97 -46.93
N VAL D 186 -10.04 18.92 -48.24
CA VAL D 186 -11.29 19.35 -48.82
C VAL D 186 -12.44 18.46 -48.35
N SER D 187 -12.20 17.15 -48.31
CA SER D 187 -13.21 16.19 -47.88
C SER D 187 -13.68 16.52 -46.47
N PHE D 188 -12.75 16.74 -45.56
CA PHE D 188 -13.08 17.06 -44.18
C PHE D 188 -13.80 18.41 -44.11
N LEU D 189 -13.29 19.37 -44.88
CA LEU D 189 -13.87 20.71 -44.92
C LEU D 189 -15.32 20.68 -45.39
N SER D 190 -15.63 19.75 -46.30
CA SER D 190 -16.97 19.62 -46.83
C SER D 190 -17.91 18.99 -45.79
N ALA D 191 -17.35 18.14 -44.94
CA ALA D 191 -18.12 17.47 -43.90
C ALA D 191 -18.41 18.43 -42.74
N LEU D 192 -17.49 19.37 -42.55
CA LEU D 192 -17.59 20.38 -41.49
C LEU D 192 -18.96 21.03 -41.42
N GLU D 193 -19.36 21.61 -42.54
CA GLU D 193 -20.63 22.32 -42.65
C GLU D 193 -21.83 21.44 -42.27
N GLU D 194 -21.90 20.26 -42.85
CA GLU D 194 -23.02 19.35 -42.59
C GLU D 194 -23.20 19.03 -41.11
N TYR D 195 -22.10 18.72 -40.43
CA TYR D 195 -22.17 18.40 -39.00
C TYR D 195 -22.63 19.61 -38.20
N THR D 196 -22.05 20.76 -38.50
CA THR D 196 -22.37 22.01 -37.82
C THR D 196 -23.84 22.39 -38.01
N LYS D 197 -24.34 22.20 -39.22
CA LYS D 197 -25.72 22.52 -39.56
C LYS D 197 -26.70 21.78 -38.64
N LYS D 198 -26.35 20.56 -38.27
CA LYS D 198 -27.20 19.76 -37.38
C LYS D 198 -26.99 20.17 -35.93
N LEU D 199 -25.76 20.55 -35.59
CA LEU D 199 -25.43 20.96 -34.22
C LEU D 199 -26.08 22.29 -33.87
N ASN D 200 -26.13 23.19 -34.85
CA ASN D 200 -26.71 24.52 -34.66
C ASN D 200 -28.23 24.45 -34.50
N THR A 2 3.47 -13.14 2.25
CA THR A 2 3.26 -13.23 0.82
C THR A 2 2.29 -14.37 0.48
N GLU A 3 1.23 -14.05 -0.27
CA GLU A 3 0.22 -15.03 -0.63
C GLU A 3 0.60 -15.79 -1.90
N TYR A 4 0.43 -17.11 -1.88
CA TYR A 4 0.73 -17.95 -3.03
C TYR A 4 -0.47 -18.86 -3.31
N LYS A 5 -0.97 -18.83 -4.54
CA LYS A 5 -2.12 -19.66 -4.90
C LYS A 5 -1.66 -20.98 -5.52
N LEU A 6 -1.96 -22.09 -4.85
CA LEU A 6 -1.55 -23.41 -5.34
C LEU A 6 -2.77 -24.24 -5.73
N VAL A 7 -2.74 -24.80 -6.93
CA VAL A 7 -3.85 -25.61 -7.42
C VAL A 7 -3.39 -27.04 -7.67
N VAL A 8 -4.05 -27.99 -7.00
CA VAL A 8 -3.70 -29.40 -7.17
C VAL A 8 -4.50 -29.99 -8.32
N VAL A 9 -3.82 -30.28 -9.42
CA VAL A 9 -4.47 -30.84 -10.60
C VAL A 9 -3.98 -32.26 -10.89
N GLY A 10 -4.87 -33.08 -11.40
CA GLY A 10 -4.52 -34.46 -11.72
C GLY A 10 -5.74 -35.33 -11.83
N ALA A 11 -5.54 -36.60 -12.15
CA ALA A 11 -6.63 -37.54 -12.30
C ALA A 11 -7.28 -37.87 -10.96
N ASP A 12 -8.17 -38.86 -10.97
CA ASP A 12 -8.87 -39.28 -9.77
C ASP A 12 -8.20 -40.50 -9.16
N GLY A 13 -8.30 -40.63 -7.85
CA GLY A 13 -7.72 -41.76 -7.15
C GLY A 13 -6.19 -41.77 -7.20
N VAL A 14 -5.57 -40.61 -7.35
CA VAL A 14 -4.12 -40.54 -7.41
C VAL A 14 -3.54 -40.18 -6.05
N GLY A 15 -4.32 -39.48 -5.24
CA GLY A 15 -3.88 -39.09 -3.91
C GLY A 15 -3.59 -37.61 -3.79
N LYS A 16 -4.23 -36.80 -4.63
CA LYS A 16 -4.04 -35.36 -4.61
C LYS A 16 -4.42 -34.75 -3.26
N SER A 17 -5.62 -35.07 -2.80
CA SER A 17 -6.11 -34.55 -1.54
C SER A 17 -5.41 -35.21 -0.36
N ALA A 18 -4.94 -36.43 -0.57
CA ALA A 18 -4.23 -37.16 0.47
C ALA A 18 -2.97 -36.39 0.83
N LEU A 19 -2.30 -35.85 -0.19
CA LEU A 19 -1.09 -35.06 0.01
C LEU A 19 -1.45 -33.81 0.80
N THR A 20 -2.55 -33.18 0.42
CA THR A 20 -3.02 -31.97 1.06
C THR A 20 -3.27 -32.20 2.55
N ILE A 21 -4.08 -33.21 2.88
CA ILE A 21 -4.40 -33.53 4.27
C ILE A 21 -3.13 -33.78 5.08
N GLN A 22 -2.14 -34.41 4.45
CA GLN A 22 -0.88 -34.72 5.10
C GLN A 22 -0.08 -33.47 5.46
N LEU A 23 -0.27 -32.39 4.72
CA LEU A 23 0.44 -31.16 4.99
C LEU A 23 -0.40 -30.22 5.85
N ILE A 24 -1.71 -30.37 5.77
CA ILE A 24 -2.63 -29.53 6.54
C ILE A 24 -2.80 -30.03 7.96
N GLN A 25 -3.41 -31.21 8.12
CA GLN A 25 -3.66 -31.77 9.45
C GLN A 25 -2.56 -32.75 9.85
N ASN A 26 -1.67 -33.05 8.89
CA ASN A 26 -0.55 -33.95 9.12
C ASN A 26 -0.95 -35.40 9.35
N HIS A 27 -1.87 -35.90 8.55
CA HIS A 27 -2.31 -37.29 8.64
C HIS A 27 -2.81 -37.79 7.30
N PHE A 28 -2.78 -39.10 7.11
CA PHE A 28 -3.21 -39.71 5.85
C PHE A 28 -4.50 -40.50 6.03
N VAL A 29 -5.50 -40.17 5.23
CA VAL A 29 -6.79 -40.86 5.28
C VAL A 29 -6.73 -42.14 4.45
N ASP A 30 -7.45 -43.16 4.86
CA ASP A 30 -7.45 -44.43 4.14
C ASP A 30 -8.70 -44.59 3.28
N GLU A 31 -9.73 -43.81 3.60
CA GLU A 31 -10.99 -43.86 2.86
C GLU A 31 -10.97 -42.84 1.73
N TYR A 32 -11.30 -43.30 0.52
CA TYR A 32 -11.33 -42.43 -0.64
C TYR A 32 -12.55 -41.51 -0.59
N ASP A 33 -12.35 -40.24 -0.90
CA ASP A 33 -13.43 -39.28 -0.86
C ASP A 33 -13.38 -38.37 -2.09
N PRO A 34 -14.54 -38.06 -2.68
CA PRO A 34 -14.63 -37.19 -3.87
C PRO A 34 -14.23 -35.74 -3.56
N THR A 35 -14.48 -34.84 -4.51
CA THR A 35 -14.15 -33.44 -4.33
C THR A 35 -15.01 -32.54 -5.21
N ILE A 36 -15.49 -31.45 -4.62
CA ILE A 36 -16.27 -30.46 -5.35
C ILE A 36 -15.36 -29.27 -5.63
N GLU A 37 -14.82 -28.73 -4.54
CA GLU A 37 -13.90 -27.61 -4.57
C GLU A 37 -13.44 -27.35 -3.14
N ASP A 38 -12.39 -28.04 -2.72
CA ASP A 38 -11.86 -27.91 -1.37
C ASP A 38 -10.65 -27.01 -1.32
N SER A 39 -10.71 -25.99 -0.48
CA SER A 39 -9.62 -25.05 -0.33
C SER A 39 -9.16 -24.99 1.12
N TYR A 40 -7.85 -25.02 1.33
CA TYR A 40 -7.28 -24.96 2.68
C TYR A 40 -6.21 -23.90 2.76
N ARG A 41 -6.15 -23.21 3.90
CA ARG A 41 -5.17 -22.16 4.09
C ARG A 41 -4.09 -22.59 5.08
N LYS A 42 -2.84 -22.30 4.73
CA LYS A 42 -1.71 -22.67 5.56
C LYS A 42 -0.61 -21.61 5.43
N GLN A 43 -0.02 -21.21 6.55
CA GLN A 43 1.03 -20.21 6.55
C GLN A 43 2.33 -20.79 7.11
N VAL A 44 3.33 -20.92 6.25
CA VAL A 44 4.63 -21.47 6.66
C VAL A 44 5.77 -20.57 6.21
N VAL A 45 6.93 -20.77 6.82
CA VAL A 45 8.11 -19.98 6.48
C VAL A 45 9.02 -20.76 5.54
N ILE A 46 9.02 -20.38 4.28
CA ILE A 46 9.84 -21.04 3.28
C ILE A 46 10.94 -20.11 2.79
N ASP A 47 12.18 -20.55 2.92
CA ASP A 47 13.35 -19.76 2.49
C ASP A 47 13.52 -18.50 3.34
N GLY A 48 13.03 -18.55 4.57
CA GLY A 48 13.14 -17.41 5.45
C GLY A 48 12.02 -16.41 5.24
N GLU A 49 11.08 -16.74 4.38
CA GLU A 49 9.96 -15.86 4.09
C GLU A 49 8.64 -16.52 4.47
N THR A 50 7.79 -15.78 5.17
CA THR A 50 6.49 -16.30 5.58
C THR A 50 5.55 -16.28 4.39
N CYS A 51 5.08 -17.44 3.99
CA CYS A 51 4.19 -17.56 2.84
C CYS A 51 2.81 -18.08 3.22
N LEU A 52 1.79 -17.45 2.68
CA LEU A 52 0.41 -17.84 2.90
C LEU A 52 -0.02 -18.66 1.69
N LEU A 53 -0.10 -19.97 1.87
CA LEU A 53 -0.45 -20.86 0.80
C LEU A 53 -1.94 -21.15 0.72
N ASP A 54 -2.53 -20.74 -0.39
CA ASP A 54 -3.94 -20.97 -0.65
C ASP A 54 -4.04 -22.17 -1.57
N ILE A 55 -4.20 -23.35 -0.99
CA ILE A 55 -4.25 -24.59 -1.76
C ILE A 55 -5.68 -25.02 -2.08
N LEU A 56 -5.94 -25.22 -3.37
CA LEU A 56 -7.24 -25.64 -3.85
C LEU A 56 -7.16 -27.01 -4.53
N ASP A 57 -7.87 -27.98 -3.98
CA ASP A 57 -7.91 -29.33 -4.53
C ASP A 57 -9.04 -29.43 -5.56
N THR A 58 -8.71 -29.90 -6.75
CA THR A 58 -9.70 -30.02 -7.80
C THR A 58 -10.04 -31.49 -8.06
N ALA A 59 -11.27 -31.74 -8.52
CA ALA A 59 -11.71 -33.09 -8.80
C ALA A 59 -11.14 -33.59 -10.12
N GLY A 60 -10.51 -34.75 -10.08
CA GLY A 60 -9.94 -35.33 -11.30
C GLY A 60 -10.81 -36.40 -11.89
N GLN A 61 -12.11 -36.21 -11.78
CA GLN A 61 -13.08 -37.17 -12.31
C GLN A 61 -13.55 -36.75 -13.69
N GLU A 62 -12.97 -35.67 -14.22
CA GLU A 62 -13.31 -35.12 -15.54
C GLU A 62 -14.73 -34.56 -15.58
N GLU A 63 -15.12 -34.03 -16.73
CA GLU A 63 -16.44 -33.42 -16.95
C GLU A 63 -16.46 -32.00 -16.38
N TYR A 64 -15.29 -31.54 -15.96
CA TYR A 64 -15.14 -30.19 -15.39
C TYR A 64 -14.20 -29.38 -16.28
N SER A 65 -14.25 -29.68 -17.57
CA SER A 65 -13.41 -29.01 -18.55
C SER A 65 -13.64 -27.49 -18.58
N ALA A 66 -14.86 -27.06 -18.26
CA ALA A 66 -15.18 -25.64 -18.24
C ALA A 66 -14.85 -25.01 -16.89
N MET A 67 -15.12 -25.76 -15.83
CA MET A 67 -14.85 -25.29 -14.47
C MET A 67 -13.35 -25.12 -14.27
N ARG A 68 -12.59 -25.98 -14.93
CA ARG A 68 -11.13 -25.96 -14.84
C ARG A 68 -10.56 -24.61 -15.27
N ASP A 69 -11.19 -24.03 -16.30
CA ASP A 69 -10.77 -22.74 -16.83
C ASP A 69 -10.84 -21.63 -15.78
N GLN A 70 -11.82 -21.73 -14.90
CA GLN A 70 -12.02 -20.74 -13.86
C GLN A 70 -10.87 -20.69 -12.85
N TYR A 71 -10.51 -21.83 -12.27
CA TYR A 71 -9.45 -21.86 -11.27
C TYR A 71 -8.04 -21.87 -11.85
N MET A 72 -7.90 -22.35 -13.09
CA MET A 72 -6.60 -22.38 -13.74
C MET A 72 -6.16 -20.96 -14.11
N ARG A 73 -7.10 -20.05 -14.06
CA ARG A 73 -6.84 -18.66 -14.37
C ARG A 73 -6.24 -17.95 -13.16
N THR A 74 -6.91 -18.09 -12.02
CA THR A 74 -6.48 -17.45 -10.78
C THR A 74 -5.27 -18.18 -10.16
N GLY A 75 -5.22 -19.49 -10.32
CA GLY A 75 -4.12 -20.28 -9.76
C GLY A 75 -2.78 -19.93 -10.36
N GLU A 76 -1.75 -19.89 -9.52
CA GLU A 76 -0.41 -19.57 -9.97
C GLU A 76 0.43 -20.83 -10.08
N GLY A 77 0.58 -21.54 -8.96
CA GLY A 77 1.36 -22.75 -8.96
C GLY A 77 0.48 -23.98 -9.16
N PHE A 78 0.79 -24.78 -10.15
CA PHE A 78 0.01 -25.97 -10.43
C PHE A 78 0.79 -27.24 -10.10
N LEU A 79 0.25 -28.03 -9.20
CA LEU A 79 0.89 -29.27 -8.79
C LEU A 79 0.25 -30.44 -9.55
N CYS A 80 0.91 -30.88 -10.60
CA CYS A 80 0.42 -32.00 -11.40
C CYS A 80 0.77 -33.33 -10.72
N VAL A 81 -0.22 -33.96 -10.11
CA VAL A 81 -0.01 -35.21 -9.40
C VAL A 81 -0.52 -36.39 -10.23
N PHE A 82 0.23 -37.48 -10.21
CA PHE A 82 -0.14 -38.69 -10.93
C PHE A 82 0.21 -39.93 -10.11
N ALA A 83 -0.36 -41.06 -10.47
CA ALA A 83 -0.12 -42.31 -9.78
C ALA A 83 0.85 -43.17 -10.58
N ILE A 84 1.88 -43.68 -9.90
CA ILE A 84 2.89 -44.50 -10.56
C ILE A 84 2.34 -45.82 -11.07
N ASN A 85 1.23 -46.27 -10.51
CA ASN A 85 0.62 -47.53 -10.95
C ASN A 85 -0.56 -47.28 -11.87
N ASN A 86 -0.72 -46.03 -12.29
CA ASN A 86 -1.80 -45.64 -13.18
C ASN A 86 -1.26 -44.77 -14.32
N THR A 87 -0.91 -45.42 -15.42
CA THR A 87 -0.37 -44.73 -16.59
C THR A 87 -1.31 -43.67 -17.13
N LYS A 88 -2.62 -43.87 -16.97
CA LYS A 88 -3.62 -42.93 -17.44
C LYS A 88 -3.42 -41.56 -16.79
N SER A 89 -3.15 -41.55 -15.50
CA SER A 89 -2.93 -40.30 -14.78
C SER A 89 -1.67 -39.59 -15.28
N PHE A 90 -0.71 -40.38 -15.72
CA PHE A 90 0.54 -39.84 -16.24
C PHE A 90 0.29 -39.17 -17.59
N GLU A 91 -0.58 -39.78 -18.39
CA GLU A 91 -0.92 -39.25 -19.70
C GLU A 91 -1.76 -37.98 -19.54
N ASP A 92 -2.57 -37.97 -18.47
CA ASP A 92 -3.43 -36.83 -18.18
C ASP A 92 -2.62 -35.56 -17.93
N ILE A 93 -1.40 -35.72 -17.45
CA ILE A 93 -0.52 -34.58 -17.17
C ILE A 93 -0.36 -33.72 -18.42
N HIS A 94 -0.04 -34.37 -19.53
CA HIS A 94 0.14 -33.68 -20.81
C HIS A 94 -1.12 -32.91 -21.21
N HIS A 95 -2.27 -33.57 -21.03
CA HIS A 95 -3.55 -32.96 -21.37
C HIS A 95 -3.82 -31.72 -20.52
N TYR A 96 -3.61 -31.84 -19.23
CA TYR A 96 -3.85 -30.73 -18.33
C TYR A 96 -2.86 -29.59 -18.57
N ARG A 97 -1.61 -29.95 -18.81
CA ARG A 97 -0.57 -28.96 -19.08
C ARG A 97 -0.96 -28.07 -20.25
N GLU A 98 -1.44 -28.68 -21.32
CA GLU A 98 -1.85 -27.94 -22.50
C GLU A 98 -3.04 -27.03 -22.23
N GLN A 99 -3.97 -27.48 -21.40
CA GLN A 99 -5.13 -26.67 -21.07
C GLN A 99 -4.71 -25.46 -20.23
N ILE A 100 -3.80 -25.70 -19.29
CA ILE A 100 -3.31 -24.63 -18.41
C ILE A 100 -2.74 -23.48 -19.22
N LYS A 101 -1.90 -23.81 -20.20
CA LYS A 101 -1.26 -22.80 -21.04
C LYS A 101 -2.31 -21.97 -21.80
N ARG A 102 -3.39 -22.62 -22.22
CA ARG A 102 -4.44 -21.94 -22.95
C ARG A 102 -5.19 -20.97 -22.05
N VAL A 103 -5.50 -21.42 -20.84
CA VAL A 103 -6.22 -20.59 -19.87
C VAL A 103 -5.34 -19.45 -19.33
N LYS A 104 -4.08 -19.77 -19.09
CA LYS A 104 -3.13 -18.78 -18.57
C LYS A 104 -2.63 -17.84 -19.66
N ASP A 105 -2.82 -18.24 -20.91
CA ASP A 105 -2.40 -17.43 -22.06
C ASP A 105 -0.88 -17.23 -22.08
N SER A 106 -0.15 -18.22 -21.58
CA SER A 106 1.30 -18.14 -21.52
C SER A 106 1.92 -19.53 -21.51
N GLU A 107 3.16 -19.64 -21.98
CA GLU A 107 3.88 -20.90 -21.99
C GLU A 107 4.58 -21.08 -20.65
N ASP A 108 4.91 -19.97 -20.01
CA ASP A 108 5.58 -19.98 -18.73
C ASP A 108 4.56 -20.18 -17.62
N VAL A 109 4.57 -21.37 -17.02
CA VAL A 109 3.64 -21.70 -15.95
C VAL A 109 4.37 -22.45 -14.84
N PRO A 110 4.27 -21.96 -13.59
CA PRO A 110 4.91 -22.59 -12.44
C PRO A 110 4.26 -23.93 -12.13
N MET A 111 4.89 -25.01 -12.54
CA MET A 111 4.36 -26.34 -12.33
C MET A 111 5.43 -27.28 -11.77
N VAL A 112 4.98 -28.30 -11.07
CA VAL A 112 5.87 -29.31 -10.49
C VAL A 112 5.25 -30.69 -10.71
N LEU A 113 6.04 -31.62 -11.25
CA LEU A 113 5.57 -32.97 -11.49
C LEU A 113 5.69 -33.78 -10.21
N VAL A 114 4.56 -34.22 -9.68
CA VAL A 114 4.56 -34.98 -8.45
C VAL A 114 3.97 -36.37 -8.63
N GLY A 115 4.78 -37.38 -8.35
CA GLY A 115 4.32 -38.75 -8.45
C GLY A 115 3.92 -39.23 -7.07
N ASN A 116 2.74 -39.78 -6.94
CA ASN A 116 2.27 -40.25 -5.64
C ASN A 116 2.15 -41.76 -5.59
N LYS A 117 1.95 -42.29 -4.37
CA LYS A 117 1.80 -43.71 -4.13
C LYS A 117 3.07 -44.48 -4.47
N CYS A 118 4.21 -43.86 -4.25
CA CYS A 118 5.50 -44.51 -4.52
C CYS A 118 5.73 -45.68 -3.57
N ASP A 119 4.95 -45.71 -2.50
CA ASP A 119 5.02 -46.77 -1.49
C ASP A 119 4.52 -48.09 -2.08
N LEU A 120 3.65 -47.97 -3.08
CA LEU A 120 3.07 -49.13 -3.72
C LEU A 120 4.02 -49.72 -4.77
N PRO A 121 4.25 -51.04 -4.71
CA PRO A 121 5.12 -51.73 -5.65
C PRO A 121 4.39 -51.99 -6.97
N SER A 122 5.11 -52.57 -7.92
CA SER A 122 4.54 -52.89 -9.24
C SER A 122 4.07 -51.62 -9.95
N ARG A 123 4.93 -50.62 -9.96
CA ARG A 123 4.61 -49.36 -10.59
C ARG A 123 4.74 -49.47 -12.11
N THR A 124 3.71 -49.06 -12.81
CA THR A 124 3.69 -49.10 -14.26
C THR A 124 4.51 -47.95 -14.83
N VAL A 125 4.38 -46.79 -14.20
CA VAL A 125 5.11 -45.60 -14.64
C VAL A 125 6.50 -45.57 -14.02
N ASP A 126 7.52 -45.66 -14.85
CA ASP A 126 8.90 -45.65 -14.38
C ASP A 126 9.35 -44.23 -14.06
N THR A 127 10.25 -44.09 -13.11
CA THR A 127 10.76 -42.80 -12.69
C THR A 127 11.49 -42.10 -13.84
N LYS A 128 12.16 -42.88 -14.69
CA LYS A 128 12.92 -42.33 -15.81
C LYS A 128 12.02 -41.61 -16.81
N GLN A 129 10.93 -42.26 -17.23
CA GLN A 129 10.00 -41.66 -18.18
C GLN A 129 9.35 -40.42 -17.60
N ALA A 130 9.17 -40.42 -16.27
CA ALA A 130 8.58 -39.28 -15.59
C ALA A 130 9.58 -38.12 -15.60
N GLN A 131 10.85 -38.46 -15.37
CA GLN A 131 11.91 -37.46 -15.36
C GLN A 131 12.05 -36.85 -16.75
N ASP A 132 11.85 -37.67 -17.78
CA ASP A 132 11.93 -37.22 -19.17
C ASP A 132 10.89 -36.14 -19.43
N LEU A 133 9.67 -36.39 -18.96
CA LEU A 133 8.57 -35.44 -19.13
C LEU A 133 8.89 -34.13 -18.41
N ALA A 134 9.31 -34.24 -17.17
CA ALA A 134 9.65 -33.09 -16.35
C ALA A 134 10.76 -32.29 -17.01
N ARG A 135 11.74 -32.98 -17.56
CA ARG A 135 12.88 -32.35 -18.22
C ARG A 135 12.42 -31.58 -19.46
N SER A 136 11.56 -32.22 -20.26
CA SER A 136 11.04 -31.60 -21.47
C SER A 136 10.14 -30.42 -21.14
N TYR A 137 9.45 -30.49 -20.01
CA TYR A 137 8.57 -29.41 -19.59
C TYR A 137 9.33 -28.28 -18.91
N GLY A 138 10.51 -28.60 -18.38
CA GLY A 138 11.31 -27.61 -17.69
C GLY A 138 10.82 -27.42 -16.27
N ILE A 139 10.22 -28.48 -15.73
CA ILE A 139 9.69 -28.45 -14.37
C ILE A 139 10.34 -29.54 -13.53
N PRO A 140 10.36 -29.37 -12.20
CA PRO A 140 10.95 -30.34 -11.28
C PRO A 140 10.04 -31.55 -11.08
N PHE A 141 10.64 -32.69 -10.79
CA PHE A 141 9.89 -33.92 -10.56
C PHE A 141 10.24 -34.48 -9.19
N ILE A 142 9.22 -34.70 -8.38
CA ILE A 142 9.43 -35.22 -7.04
C ILE A 142 8.56 -36.46 -6.78
N GLU A 143 9.19 -37.53 -6.30
CA GLU A 143 8.46 -38.76 -5.99
C GLU A 143 7.96 -38.66 -4.55
N THR A 144 6.64 -38.67 -4.40
CA THR A 144 6.05 -38.53 -3.09
C THR A 144 5.14 -39.71 -2.75
N SER A 145 4.81 -39.81 -1.48
CA SER A 145 3.92 -40.84 -0.97
C SER A 145 3.12 -40.23 0.17
N ALA A 146 1.87 -39.90 -0.10
CA ALA A 146 1.00 -39.28 0.91
C ALA A 146 0.81 -40.20 2.10
N LYS A 147 0.87 -41.50 1.84
CA LYS A 147 0.71 -42.51 2.86
C LYS A 147 1.67 -42.28 4.03
N THR A 148 2.89 -41.90 3.73
CA THR A 148 3.90 -41.66 4.76
C THR A 148 4.32 -40.19 4.83
N ARG A 149 3.62 -39.35 4.04
CA ARG A 149 3.89 -37.90 3.99
C ARG A 149 5.23 -37.58 3.33
N GLN A 150 5.94 -38.62 2.90
CA GLN A 150 7.24 -38.46 2.28
C GLN A 150 7.15 -37.72 0.95
N GLY A 151 7.92 -36.65 0.82
CA GLY A 151 7.92 -35.89 -0.42
C GLY A 151 6.88 -34.78 -0.43
N VAL A 152 5.77 -35.01 0.25
CA VAL A 152 4.68 -34.03 0.31
C VAL A 152 5.17 -32.72 0.90
N ASP A 153 6.07 -32.83 1.86
CA ASP A 153 6.64 -31.67 2.54
C ASP A 153 7.55 -30.85 1.63
N ASP A 154 8.10 -31.48 0.60
CA ASP A 154 9.00 -30.80 -0.32
C ASP A 154 8.29 -30.38 -1.61
N ALA A 155 7.33 -31.19 -2.05
CA ALA A 155 6.59 -30.92 -3.28
C ALA A 155 5.94 -29.55 -3.28
N PHE A 156 5.13 -29.29 -2.27
CA PHE A 156 4.43 -28.01 -2.15
C PHE A 156 5.42 -26.85 -1.98
N TYR A 157 6.51 -27.12 -1.26
CA TYR A 157 7.54 -26.10 -1.04
C TYR A 157 8.22 -25.73 -2.36
N THR A 158 8.44 -26.72 -3.21
CA THR A 158 9.07 -26.50 -4.50
C THR A 158 8.15 -25.68 -5.40
N LEU A 159 6.86 -25.92 -5.29
CA LEU A 159 5.86 -25.20 -6.09
C LEU A 159 5.95 -23.71 -5.78
N VAL A 160 6.18 -23.40 -4.52
CA VAL A 160 6.30 -22.01 -4.06
C VAL A 160 7.56 -21.40 -4.67
N ARG A 161 8.63 -22.19 -4.72
CA ARG A 161 9.89 -21.76 -5.28
C ARG A 161 9.73 -21.46 -6.77
N GLU A 162 8.91 -22.28 -7.43
CA GLU A 162 8.64 -22.10 -8.86
C GLU A 162 7.97 -20.76 -9.12
N ILE A 163 6.98 -20.43 -8.29
CA ILE A 163 6.27 -19.16 -8.43
C ILE A 163 7.24 -17.99 -8.26
N ARG A 164 8.16 -18.13 -7.31
CA ARG A 164 9.15 -17.10 -7.05
C ARG A 164 10.02 -16.88 -8.29
N LYS A 165 10.53 -17.98 -8.84
CA LYS A 165 11.36 -17.91 -10.04
C LYS A 165 10.55 -17.36 -11.20
N HIS A 166 9.26 -17.63 -11.19
CA HIS A 166 8.36 -17.17 -12.22
C HIS A 166 8.20 -15.65 -12.14
N LYS A 167 8.03 -15.15 -10.91
CA LYS A 167 7.88 -13.71 -10.71
C LYS A 167 9.14 -12.98 -11.14
N GLU A 168 10.29 -13.58 -10.81
CA GLU A 168 11.57 -13.03 -11.19
C GLU A 168 11.70 -13.05 -12.71
N LYS A 169 11.34 -14.17 -13.30
CA LYS A 169 11.40 -14.36 -14.75
C LYS A 169 10.47 -13.39 -15.46
N MET A 170 9.31 -13.13 -14.85
CA MET A 170 8.34 -12.21 -15.42
C MET A 170 8.81 -10.76 -15.32
N SER A 171 9.64 -10.47 -14.33
CA SER A 171 10.15 -9.13 -14.14
C SER A 171 11.41 -8.91 -14.98
N LYS A 172 12.22 -9.95 -15.10
CA LYS A 172 13.45 -9.87 -15.88
C LYS A 172 13.15 -10.08 -17.35
N ASP A 173 12.03 -10.74 -17.62
CA ASP A 173 11.55 -11.04 -18.99
C ASP A 173 12.64 -11.53 -19.94
N GLY A 174 12.52 -11.17 -21.21
CA GLY A 174 13.49 -11.57 -22.21
C GLY A 174 13.79 -10.47 -23.20
N LYS A 175 12.98 -9.42 -23.18
CA LYS A 175 13.15 -8.29 -24.09
C LYS A 175 12.05 -7.26 -23.84
N LYS A 176 12.21 -6.09 -24.46
CA LYS A 176 11.24 -4.99 -24.35
C LYS A 176 11.32 -4.26 -23.01
N LYS A 177 11.25 -5.00 -21.91
CA LYS A 177 11.27 -4.39 -20.60
C LYS A 177 12.64 -4.36 -19.95
N LYS A 178 13.03 -5.47 -19.31
CA LYS A 178 14.30 -5.60 -18.60
C LYS A 178 14.21 -4.90 -17.24
N LYS A 179 14.65 -5.57 -16.19
CA LYS A 179 14.57 -4.98 -14.85
C LYS A 179 15.87 -5.16 -14.05
N LYS A 180 16.34 -6.39 -13.96
CA LYS A 180 17.56 -6.67 -13.19
C LYS A 180 18.79 -6.71 -14.09
N SER A 181 19.79 -5.91 -13.74
CA SER A 181 21.01 -5.85 -14.52
C SER A 181 22.25 -5.99 -13.63
N LYS A 182 23.23 -6.75 -14.12
CA LYS A 182 24.47 -6.97 -13.41
C LYS A 182 25.64 -6.89 -14.39
N THR A 183 26.61 -6.04 -14.09
CA THR A 183 27.77 -5.87 -14.94
C THR A 183 29.00 -5.54 -14.10
N LYS A 184 30.12 -6.18 -14.42
CA LYS A 184 31.37 -5.93 -13.71
C LYS A 184 32.56 -6.00 -14.67
N THR B 2 -9.30 -3.81 16.01
CA THR B 2 -10.72 -4.13 15.87
C THR B 2 -11.11 -5.24 16.84
N GLU B 3 -12.34 -5.18 17.33
CA GLU B 3 -12.85 -6.17 18.25
C GLU B 3 -13.55 -7.32 17.51
N TYR B 4 -13.35 -8.54 18.00
CA TYR B 4 -13.96 -9.72 17.40
C TYR B 4 -14.63 -10.56 18.47
N LYS B 5 -15.94 -10.70 18.37
CA LYS B 5 -16.71 -11.47 19.34
C LYS B 5 -16.80 -12.93 18.95
N LEU B 6 -16.12 -13.77 19.72
CA LEU B 6 -16.11 -15.20 19.47
C LEU B 6 -16.88 -15.95 20.56
N VAL B 7 -17.74 -16.85 20.15
CA VAL B 7 -18.53 -17.64 21.09
C VAL B 7 -18.32 -19.13 20.86
N VAL B 8 -17.88 -19.83 21.89
CA VAL B 8 -17.64 -21.26 21.79
C VAL B 8 -18.93 -22.01 22.04
N VAL B 9 -19.34 -22.84 21.09
CA VAL B 9 -20.57 -23.61 21.22
C VAL B 9 -20.30 -25.10 21.09
N GLY B 10 -21.12 -25.90 21.77
CA GLY B 10 -20.96 -27.34 21.73
C GLY B 10 -21.52 -27.96 22.98
N ALA B 11 -21.50 -29.29 23.04
CA ALA B 11 -22.02 -30.02 24.18
C ALA B 11 -21.14 -29.86 25.42
N ASP B 12 -21.44 -30.64 26.45
CA ASP B 12 -20.68 -30.61 27.69
C ASP B 12 -19.62 -31.69 27.71
N GLY B 13 -18.57 -31.45 28.48
CA GLY B 13 -17.48 -32.42 28.60
C GLY B 13 -16.62 -32.51 27.35
N VAL B 14 -16.84 -31.63 26.40
CA VAL B 14 -16.04 -31.64 25.17
C VAL B 14 -14.72 -30.91 25.35
N GLY B 15 -14.68 -29.98 26.30
CA GLY B 15 -13.47 -29.23 26.58
C GLY B 15 -13.50 -27.82 26.04
N LYS B 16 -14.69 -27.24 25.96
CA LYS B 16 -14.85 -25.87 25.45
C LYS B 16 -14.01 -24.87 26.25
N SER B 17 -14.14 -24.91 27.57
CA SER B 17 -13.40 -24.00 28.43
C SER B 17 -11.91 -24.36 28.45
N ALA B 18 -11.61 -25.66 28.35
CA ALA B 18 -10.23 -26.11 28.35
C ALA B 18 -9.46 -25.49 27.20
N LEU B 19 -10.07 -25.49 26.02
CA LEU B 19 -9.44 -24.90 24.84
C LEU B 19 -9.26 -23.41 25.04
N THR B 20 -10.28 -22.77 25.58
CA THR B 20 -10.25 -21.34 25.83
C THR B 20 -9.16 -20.98 26.83
N ILE B 21 -9.11 -21.70 27.94
CA ILE B 21 -8.11 -21.45 28.97
C ILE B 21 -6.69 -21.67 28.43
N GLN B 22 -6.53 -22.67 27.57
CA GLN B 22 -5.23 -22.98 26.98
C GLN B 22 -4.76 -21.86 26.07
N LEU B 23 -5.67 -20.99 25.65
CA LEU B 23 -5.32 -19.89 24.79
C LEU B 23 -5.08 -18.62 25.61
N ILE B 24 -5.93 -18.40 26.61
CA ILE B 24 -5.81 -17.23 27.47
C ILE B 24 -4.69 -17.38 28.49
N GLN B 25 -4.86 -18.29 29.44
CA GLN B 25 -3.87 -18.50 30.49
C GLN B 25 -2.79 -19.50 30.07
N ASN B 26 -3.11 -20.29 29.05
CA ASN B 26 -2.18 -21.28 28.49
C ASN B 26 -1.93 -22.46 29.42
N HIS B 27 -2.99 -23.03 29.96
CA HIS B 27 -2.88 -24.19 30.82
C HIS B 27 -4.10 -25.08 30.68
N PHE B 28 -3.91 -26.38 30.88
CA PHE B 28 -4.98 -27.33 30.77
C PHE B 28 -5.49 -27.79 32.13
N VAL B 29 -6.79 -27.71 32.31
CA VAL B 29 -7.41 -28.14 33.55
C VAL B 29 -7.90 -29.57 33.39
N ASP B 30 -7.41 -30.45 34.23
CA ASP B 30 -7.79 -31.86 34.17
C ASP B 30 -9.13 -32.09 34.84
N GLU B 31 -9.52 -31.15 35.68
CA GLU B 31 -10.78 -31.23 36.41
C GLU B 31 -11.91 -30.58 35.63
N TYR B 32 -13.13 -31.07 35.86
CA TYR B 32 -14.31 -30.54 35.18
C TYR B 32 -14.90 -29.35 35.92
N ASP B 33 -15.29 -28.33 35.18
CA ASP B 33 -15.88 -27.13 35.75
C ASP B 33 -16.94 -26.56 34.81
N PRO B 34 -18.22 -26.72 35.15
CA PRO B 34 -19.33 -26.21 34.35
C PRO B 34 -19.23 -24.70 34.17
N THR B 35 -19.47 -24.23 32.95
CA THR B 35 -19.38 -22.81 32.68
C THR B 35 -20.71 -22.28 32.15
N ILE B 36 -21.44 -21.58 33.01
CA ILE B 36 -22.73 -21.01 32.64
C ILE B 36 -22.53 -19.82 31.69
N GLU B 37 -21.67 -18.89 32.09
CA GLU B 37 -21.40 -17.71 31.27
C GLU B 37 -20.10 -17.05 31.69
N ASP B 38 -19.03 -17.35 30.97
CA ASP B 38 -17.71 -16.78 31.27
C ASP B 38 -17.00 -16.39 29.99
N SER B 39 -16.37 -15.23 29.99
CA SER B 39 -15.65 -14.75 28.82
C SER B 39 -14.33 -14.08 29.20
N TYR B 40 -13.38 -14.12 28.29
CA TYR B 40 -12.07 -13.52 28.50
C TYR B 40 -11.69 -12.66 27.31
N ARG B 41 -10.82 -11.68 27.53
CA ARG B 41 -10.38 -10.79 26.46
C ARG B 41 -8.92 -11.04 26.10
N LYS B 42 -8.68 -11.32 24.84
CA LYS B 42 -7.32 -11.59 24.38
C LYS B 42 -6.98 -10.72 23.16
N GLN B 43 -6.02 -9.83 23.35
CA GLN B 43 -5.59 -8.93 22.28
C GLN B 43 -4.31 -9.45 21.63
N VAL B 44 -4.44 -10.11 20.49
CA VAL B 44 -3.30 -10.67 19.78
C VAL B 44 -3.11 -10.00 18.42
N VAL B 45 -2.07 -10.42 17.72
CA VAL B 45 -1.78 -9.87 16.40
C VAL B 45 -1.91 -10.96 15.35
N ILE B 46 -2.95 -10.88 14.54
CA ILE B 46 -3.19 -11.86 13.49
C ILE B 46 -3.07 -11.20 12.12
N ASP B 47 -2.19 -11.75 11.27
CA ASP B 47 -1.97 -11.23 9.91
C ASP B 47 -1.41 -9.82 9.96
N GLY B 48 -0.65 -9.52 11.01
CA GLY B 48 -0.08 -8.19 11.16
C GLY B 48 -1.11 -7.17 11.62
N GLU B 49 -2.27 -7.65 12.02
CA GLU B 49 -3.34 -6.79 12.48
C GLU B 49 -3.78 -7.18 13.88
N THR B 50 -3.68 -6.24 14.82
CA THR B 50 -4.08 -6.49 16.19
C THR B 50 -5.59 -6.74 16.28
N CYS B 51 -5.96 -7.82 16.95
CA CYS B 51 -7.37 -8.16 17.08
C CYS B 51 -7.75 -8.39 18.53
N LEU B 52 -8.77 -7.68 18.98
CA LEU B 52 -9.25 -7.81 20.35
C LEU B 52 -10.31 -8.91 20.37
N LEU B 53 -9.91 -10.10 20.77
CA LEU B 53 -10.81 -11.24 20.79
C LEU B 53 -11.56 -11.36 22.11
N ASP B 54 -12.87 -11.27 22.01
CA ASP B 54 -13.75 -11.42 23.17
C ASP B 54 -14.43 -12.77 23.04
N ILE B 55 -13.82 -13.78 23.64
CA ILE B 55 -14.33 -15.15 23.56
C ILE B 55 -15.16 -15.52 24.78
N LEU B 56 -16.37 -16.00 24.52
CA LEU B 56 -17.29 -16.40 25.58
C LEU B 56 -17.54 -17.90 25.53
N ASP B 57 -17.40 -18.55 26.68
CA ASP B 57 -17.63 -19.98 26.79
C ASP B 57 -19.05 -20.24 27.27
N THR B 58 -19.73 -21.15 26.59
CA THR B 58 -21.10 -21.48 26.94
C THR B 58 -21.17 -22.85 27.58
N ALA B 59 -22.30 -23.15 28.22
CA ALA B 59 -22.49 -24.44 28.85
C ALA B 59 -22.83 -25.48 27.80
N GLY B 60 -22.83 -26.75 28.18
CA GLY B 60 -23.13 -27.78 27.23
C GLY B 60 -24.18 -28.75 27.72
N GLN B 61 -24.85 -28.41 28.80
CA GLN B 61 -25.87 -29.28 29.37
C GLN B 61 -27.25 -28.91 28.85
N GLU B 62 -27.29 -28.19 27.72
CA GLU B 62 -28.53 -27.78 27.08
C GLU B 62 -29.44 -27.04 28.07
N GLU B 63 -30.77 -27.13 27.86
CA GLU B 63 -31.76 -26.50 28.73
C GLU B 63 -31.86 -24.98 28.51
N TYR B 64 -30.81 -24.39 27.95
CA TYR B 64 -30.78 -22.96 27.70
C TYR B 64 -31.35 -22.60 26.33
N SER B 65 -32.57 -23.03 26.10
CA SER B 65 -33.24 -22.78 24.83
C SER B 65 -33.52 -21.29 24.65
N ALA B 66 -33.76 -20.60 25.76
CA ALA B 66 -34.04 -19.17 25.73
C ALA B 66 -32.75 -18.37 25.90
N MET B 67 -31.87 -18.86 26.77
CA MET B 67 -30.59 -18.19 27.03
C MET B 67 -29.69 -18.21 25.80
N ARG B 68 -29.91 -19.19 24.94
CA ARG B 68 -29.12 -19.35 23.72
C ARG B 68 -29.19 -18.11 22.84
N ASP B 69 -30.41 -17.63 22.62
CA ASP B 69 -30.66 -16.46 21.78
C ASP B 69 -29.84 -15.25 22.21
N GLN B 70 -29.77 -15.04 23.52
CA GLN B 70 -29.05 -13.91 24.11
C GLN B 70 -27.63 -13.74 23.57
N TYR B 71 -26.76 -14.70 23.85
CA TYR B 71 -25.36 -14.61 23.41
C TYR B 71 -25.20 -14.79 21.90
N MET B 72 -26.12 -15.52 21.29
CA MET B 72 -26.04 -15.75 19.85
C MET B 72 -26.26 -14.47 19.06
N ARG B 73 -26.95 -13.53 19.67
CA ARG B 73 -27.22 -12.25 19.05
C ARG B 73 -25.95 -11.41 18.97
N THR B 74 -25.15 -11.45 20.02
CA THR B 74 -23.91 -10.68 20.07
C THR B 74 -22.77 -11.41 19.38
N GLY B 75 -22.73 -12.74 19.51
CA GLY B 75 -21.68 -13.52 18.91
C GLY B 75 -21.61 -13.37 17.40
N GLU B 76 -20.44 -12.98 16.91
CA GLU B 76 -20.24 -12.81 15.47
C GLU B 76 -19.73 -14.11 14.87
N GLY B 77 -18.79 -14.73 15.58
CA GLY B 77 -18.23 -15.99 15.12
C GLY B 77 -18.45 -17.08 16.16
N PHE B 78 -18.92 -18.23 15.71
CA PHE B 78 -19.18 -19.34 16.62
C PHE B 78 -18.24 -20.51 16.37
N LEU B 79 -17.56 -20.92 17.42
CA LEU B 79 -16.65 -22.04 17.34
C LEU B 79 -17.35 -23.30 17.80
N CYS B 80 -17.78 -24.11 16.86
CA CYS B 80 -18.48 -25.35 17.16
C CYS B 80 -17.48 -26.45 17.43
N VAL B 81 -17.28 -26.76 18.69
CA VAL B 81 -16.33 -27.78 19.08
C VAL B 81 -17.02 -28.99 19.70
N PHE B 82 -16.64 -30.17 19.23
CA PHE B 82 -17.19 -31.42 19.72
C PHE B 82 -16.04 -32.33 20.12
N ALA B 83 -16.35 -33.45 20.75
CA ALA B 83 -15.33 -34.39 21.16
C ALA B 83 -15.26 -35.55 20.17
N ILE B 84 -14.06 -35.88 19.71
CA ILE B 84 -13.89 -36.97 18.75
C ILE B 84 -14.23 -38.32 19.40
N ASN B 85 -14.26 -38.34 20.71
CA ASN B 85 -14.60 -39.54 21.45
C ASN B 85 -16.05 -39.48 21.91
N ASN B 86 -16.81 -38.57 21.32
CA ASN B 86 -18.21 -38.40 21.65
C ASN B 86 -19.03 -38.14 20.38
N THR B 87 -19.60 -39.21 19.84
CA THR B 87 -20.40 -39.14 18.63
C THR B 87 -21.68 -38.33 18.85
N LYS B 88 -22.16 -38.34 20.09
CA LYS B 88 -23.38 -37.62 20.44
C LYS B 88 -23.20 -36.11 20.19
N SER B 89 -22.08 -35.57 20.66
CA SER B 89 -21.81 -34.14 20.50
C SER B 89 -21.66 -33.76 19.04
N PHE B 90 -21.24 -34.72 18.22
CA PHE B 90 -21.07 -34.49 16.79
C PHE B 90 -22.40 -34.21 16.11
N GLU B 91 -23.43 -34.93 16.54
CA GLU B 91 -24.77 -34.75 15.98
C GLU B 91 -25.38 -33.43 16.47
N ASP B 92 -25.06 -33.08 17.71
CA ASP B 92 -25.57 -31.87 18.32
C ASP B 92 -25.10 -30.62 17.58
N ILE B 93 -23.99 -30.74 16.87
CA ILE B 93 -23.44 -29.62 16.09
C ILE B 93 -24.46 -29.17 15.05
N HIS B 94 -25.20 -30.11 14.49
CA HIS B 94 -26.21 -29.81 13.48
C HIS B 94 -27.31 -28.94 14.09
N HIS B 95 -27.73 -29.29 15.30
CA HIS B 95 -28.77 -28.53 15.99
C HIS B 95 -28.27 -27.14 16.32
N TYR B 96 -27.03 -27.06 16.77
CA TYR B 96 -26.42 -25.79 17.12
C TYR B 96 -26.35 -24.88 15.90
N ARG B 97 -25.95 -25.44 14.76
CA ARG B 97 -25.84 -24.67 13.53
C ARG B 97 -27.21 -24.14 13.11
N GLU B 98 -28.21 -25.00 13.17
CA GLU B 98 -29.58 -24.63 12.80
C GLU B 98 -30.11 -23.55 13.75
N GLN B 99 -29.76 -23.68 15.02
CA GLN B 99 -30.17 -22.74 16.05
C GLN B 99 -29.64 -21.34 15.74
N ILE B 100 -28.35 -21.26 15.46
CA ILE B 100 -27.71 -19.99 15.15
C ILE B 100 -28.37 -19.33 13.93
N LYS B 101 -28.66 -20.16 12.93
CA LYS B 101 -29.28 -19.67 11.70
C LYS B 101 -30.66 -19.09 11.95
N ARG B 102 -31.32 -19.59 12.98
CA ARG B 102 -32.65 -19.12 13.34
C ARG B 102 -32.57 -17.86 14.21
N VAL B 103 -31.65 -17.87 15.16
CA VAL B 103 -31.46 -16.73 16.06
C VAL B 103 -31.03 -15.48 15.30
N LYS B 104 -29.96 -15.59 14.52
CA LYS B 104 -29.44 -14.46 13.77
C LYS B 104 -30.17 -14.29 12.45
N ASP B 105 -30.94 -15.31 12.07
CA ASP B 105 -31.69 -15.30 10.82
C ASP B 105 -30.78 -15.05 9.62
N SER B 106 -29.86 -15.98 9.39
CA SER B 106 -28.93 -15.86 8.29
C SER B 106 -28.29 -17.22 8.00
N GLU B 107 -28.01 -17.48 6.74
CA GLU B 107 -27.38 -18.74 6.35
C GLU B 107 -25.87 -18.60 6.50
N ASP B 108 -25.34 -17.45 6.09
CA ASP B 108 -23.92 -17.18 6.18
C ASP B 108 -23.54 -16.75 7.58
N VAL B 109 -22.95 -17.67 8.34
CA VAL B 109 -22.53 -17.40 9.71
C VAL B 109 -21.10 -17.89 9.90
N PRO B 110 -20.19 -17.01 10.35
CA PRO B 110 -18.79 -17.37 10.58
C PRO B 110 -18.66 -18.43 11.66
N MET B 111 -18.35 -19.65 11.25
CA MET B 111 -18.20 -20.76 12.18
C MET B 111 -17.05 -21.66 11.75
N VAL B 112 -16.47 -22.35 12.72
CA VAL B 112 -15.37 -23.26 12.46
C VAL B 112 -15.60 -24.56 13.23
N LEU B 113 -15.57 -25.67 12.53
CA LEU B 113 -15.77 -26.97 13.15
C LEU B 113 -14.46 -27.46 13.76
N VAL B 114 -14.48 -27.67 15.07
CA VAL B 114 -13.29 -28.13 15.76
C VAL B 114 -13.54 -29.43 16.53
N GLY B 115 -12.63 -30.37 16.37
CA GLY B 115 -12.73 -31.64 17.08
C GLY B 115 -11.72 -31.69 18.19
N ASN B 116 -12.18 -31.73 19.42
CA ASN B 116 -11.28 -31.75 20.57
C ASN B 116 -11.01 -33.16 21.08
N LYS B 117 -10.01 -33.27 21.95
CA LYS B 117 -9.61 -34.54 22.57
C LYS B 117 -8.99 -35.51 21.57
N CYS B 118 -8.22 -34.96 20.63
CA CYS B 118 -7.55 -35.77 19.62
C CYS B 118 -6.42 -36.59 20.21
N ASP B 119 -6.10 -36.35 21.48
CA ASP B 119 -5.05 -37.07 22.16
C ASP B 119 -5.53 -38.47 22.54
N LEU B 120 -6.84 -38.61 22.72
CA LEU B 120 -7.43 -39.89 23.08
C LEU B 120 -7.54 -40.81 21.87
N PRO B 121 -7.18 -42.10 22.04
CA PRO B 121 -7.25 -43.08 20.97
C PRO B 121 -8.65 -43.68 20.87
N SER B 122 -8.88 -44.47 19.82
CA SER B 122 -10.16 -45.11 19.57
C SER B 122 -11.27 -44.07 19.40
N ARG B 123 -11.01 -43.09 18.54
CA ARG B 123 -11.97 -42.03 18.27
C ARG B 123 -13.25 -42.58 17.66
N THR B 124 -14.39 -42.20 18.23
CA THR B 124 -15.67 -42.64 17.71
C THR B 124 -16.03 -41.82 16.48
N VAL B 125 -15.68 -40.54 16.51
CA VAL B 125 -15.93 -39.64 15.39
C VAL B 125 -14.68 -39.56 14.53
N ASP B 126 -14.78 -39.98 13.28
CA ASP B 126 -13.64 -39.97 12.38
C ASP B 126 -13.50 -38.62 11.68
N THR B 127 -12.31 -38.35 11.18
CA THR B 127 -12.03 -37.10 10.50
C THR B 127 -12.78 -37.01 9.17
N LYS B 128 -12.86 -38.14 8.47
CA LYS B 128 -13.55 -38.21 7.18
C LYS B 128 -14.99 -37.70 7.25
N GLN B 129 -15.76 -38.23 8.19
CA GLN B 129 -17.15 -37.82 8.36
C GLN B 129 -17.27 -36.36 8.81
N ALA B 130 -16.29 -35.91 9.59
CA ALA B 130 -16.28 -34.53 10.08
C ALA B 130 -15.99 -33.57 8.94
N GLN B 131 -15.04 -33.95 8.08
CA GLN B 131 -14.67 -33.13 6.93
C GLN B 131 -15.85 -33.07 5.96
N ASP B 132 -16.56 -34.18 5.84
CA ASP B 132 -17.72 -34.27 4.96
C ASP B 132 -18.77 -33.26 5.40
N LEU B 133 -18.93 -33.14 6.72
CA LEU B 133 -19.89 -32.20 7.30
C LEU B 133 -19.44 -30.76 7.02
N ALA B 134 -18.18 -30.47 7.35
CA ALA B 134 -17.62 -29.14 7.16
C ALA B 134 -17.70 -28.69 5.70
N ARG B 135 -17.36 -29.59 4.78
CA ARG B 135 -17.39 -29.27 3.35
C ARG B 135 -18.79 -28.88 2.89
N SER B 136 -19.80 -29.52 3.46
CA SER B 136 -21.18 -29.24 3.10
C SER B 136 -21.57 -27.79 3.42
N TYR B 137 -20.93 -27.20 4.42
CA TYR B 137 -21.22 -25.84 4.82
C TYR B 137 -20.17 -24.87 4.28
N GLY B 138 -19.07 -25.43 3.78
CA GLY B 138 -18.00 -24.61 3.25
C GLY B 138 -17.16 -23.99 4.33
N ILE B 139 -17.18 -24.59 5.52
CA ILE B 139 -16.42 -24.08 6.65
C ILE B 139 -15.21 -24.97 6.93
N PRO B 140 -14.17 -24.41 7.57
CA PRO B 140 -12.95 -25.16 7.88
C PRO B 140 -13.13 -26.09 9.07
N PHE B 141 -12.36 -27.18 9.07
CA PHE B 141 -12.40 -28.16 10.16
C PHE B 141 -11.00 -28.33 10.74
N ILE B 142 -10.89 -28.26 12.05
CA ILE B 142 -9.60 -28.39 12.71
C ILE B 142 -9.67 -29.41 13.85
N GLU B 143 -8.66 -30.26 13.93
CA GLU B 143 -8.58 -31.26 14.97
C GLU B 143 -7.61 -30.76 16.04
N THR B 144 -8.12 -30.52 17.24
CA THR B 144 -7.30 -29.99 18.32
C THR B 144 -7.40 -30.84 19.58
N SER B 145 -6.68 -30.41 20.59
CA SER B 145 -6.67 -31.08 21.88
C SER B 145 -6.15 -30.09 22.93
N ALA B 146 -6.95 -29.83 23.94
CA ALA B 146 -6.57 -28.88 24.99
C ALA B 146 -5.48 -29.48 25.88
N LYS B 147 -5.46 -30.81 25.94
CA LYS B 147 -4.46 -31.52 26.74
C LYS B 147 -3.05 -31.27 26.23
N THR B 148 -2.91 -31.15 24.91
CA THR B 148 -1.63 -30.92 24.30
C THR B 148 -1.52 -29.48 23.78
N ARG B 149 -2.66 -28.79 23.79
CA ARG B 149 -2.76 -27.40 23.32
C ARG B 149 -2.52 -27.28 21.82
N GLN B 150 -2.43 -28.42 21.15
CA GLN B 150 -2.17 -28.44 19.72
C GLN B 150 -3.40 -27.99 18.93
N GLY B 151 -3.21 -26.96 18.11
CA GLY B 151 -4.30 -26.46 17.28
C GLY B 151 -5.14 -25.41 17.97
N VAL B 152 -4.94 -25.23 19.28
CA VAL B 152 -5.71 -24.26 20.05
C VAL B 152 -5.60 -22.86 19.43
N ASP B 153 -4.41 -22.49 19.01
CA ASP B 153 -4.19 -21.17 18.41
C ASP B 153 -4.91 -21.06 17.06
N ASP B 154 -4.57 -21.94 16.15
CA ASP B 154 -5.13 -21.93 14.80
C ASP B 154 -6.65 -22.06 14.80
N ALA B 155 -7.19 -22.83 15.73
CA ALA B 155 -8.65 -23.01 15.83
C ALA B 155 -9.39 -21.68 15.96
N PHE B 156 -8.89 -20.83 16.85
CA PHE B 156 -9.51 -19.53 17.07
C PHE B 156 -9.13 -18.55 15.97
N TYR B 157 -7.90 -18.66 15.49
CA TYR B 157 -7.41 -17.78 14.43
C TYR B 157 -8.20 -17.97 13.14
N THR B 158 -8.57 -19.22 12.87
CA THR B 158 -9.34 -19.52 11.66
C THR B 158 -10.72 -18.89 11.77
N LEU B 159 -11.28 -18.89 12.97
CA LEU B 159 -12.59 -18.30 13.19
C LEU B 159 -12.55 -16.81 12.86
N VAL B 160 -11.51 -16.14 13.35
CA VAL B 160 -11.33 -14.71 13.09
C VAL B 160 -11.11 -14.47 11.61
N ARG B 161 -10.37 -15.39 10.98
CA ARG B 161 -10.09 -15.29 9.55
C ARG B 161 -11.38 -15.36 8.74
N GLU B 162 -12.26 -16.29 9.11
CA GLU B 162 -13.54 -16.45 8.44
C GLU B 162 -14.41 -15.22 8.67
N ILE B 163 -14.37 -14.68 9.88
CA ILE B 163 -15.14 -13.48 10.21
C ILE B 163 -14.73 -12.32 9.32
N ARG B 164 -13.42 -12.16 9.14
CA ARG B 164 -12.87 -11.10 8.30
C ARG B 164 -13.46 -11.18 6.90
N LYS B 165 -13.38 -12.37 6.32
CA LYS B 165 -13.90 -12.60 4.97
C LYS B 165 -15.41 -12.45 4.92
N HIS B 166 -16.09 -12.82 5.99
CA HIS B 166 -17.53 -12.69 6.07
C HIS B 166 -17.94 -11.22 6.03
N LYS B 167 -17.29 -10.40 6.84
CA LYS B 167 -17.59 -8.97 6.89
C LYS B 167 -17.27 -8.32 5.54
N GLU B 168 -16.24 -8.83 4.87
CA GLU B 168 -15.86 -8.32 3.55
C GLU B 168 -16.93 -8.73 2.55
N LYS B 169 -17.35 -9.99 2.63
CA LYS B 169 -18.39 -10.52 1.75
C LYS B 169 -19.68 -9.76 1.94
N MET B 170 -19.97 -9.39 3.20
CA MET B 170 -21.17 -8.64 3.54
C MET B 170 -21.08 -7.21 3.02
N SER B 171 -19.85 -6.74 2.82
CA SER B 171 -19.62 -5.40 2.30
C SER B 171 -19.74 -5.41 0.78
N LYS B 172 -19.10 -6.40 0.15
CA LYS B 172 -19.16 -6.53 -1.29
C LYS B 172 -20.57 -6.90 -1.73
N ASP B 173 -21.18 -7.80 -0.95
CA ASP B 173 -22.56 -8.27 -1.20
C ASP B 173 -22.64 -9.07 -2.49
N GLY B 174 -23.77 -9.75 -2.69
CA GLY B 174 -23.96 -10.52 -3.91
C GLY B 174 -24.43 -9.62 -5.03
N LYS B 175 -25.39 -8.78 -4.70
CA LYS B 175 -25.97 -7.82 -5.63
C LYS B 175 -26.54 -6.66 -4.82
N LYS B 176 -27.46 -5.91 -5.40
CA LYS B 176 -28.09 -4.76 -4.74
C LYS B 176 -27.12 -3.59 -4.52
N LYS B 177 -26.23 -3.73 -3.56
CA LYS B 177 -25.30 -2.67 -3.23
C LYS B 177 -23.99 -2.74 -4.03
N LYS B 178 -23.16 -3.73 -3.69
CA LYS B 178 -21.85 -3.92 -4.33
C LYS B 178 -20.82 -2.91 -3.81
N LYS B 179 -19.60 -3.36 -3.61
CA LYS B 179 -18.54 -2.47 -3.10
C LYS B 179 -17.25 -2.60 -3.91
N LYS B 180 -16.45 -3.60 -3.58
CA LYS B 180 -15.17 -3.82 -4.25
C LYS B 180 -15.33 -4.24 -5.70
N SER B 181 -14.52 -3.66 -6.56
CA SER B 181 -14.53 -3.97 -7.98
C SER B 181 -13.13 -3.87 -8.57
N LYS B 182 -12.78 -4.80 -9.45
CA LYS B 182 -11.46 -4.83 -10.09
C LYS B 182 -11.56 -5.42 -11.49
N THR B 183 -11.33 -4.59 -12.49
CA THR B 183 -11.39 -5.04 -13.88
C THR B 183 -10.29 -4.38 -14.72
N LYS B 184 -9.69 -5.16 -15.61
CA LYS B 184 -8.64 -4.66 -16.49
C LYS B 184 -8.63 -5.44 -17.80
N SER C 14 19.40 4.80 -47.85
CA SER C 14 19.99 3.73 -47.08
C SER C 14 21.42 3.46 -47.56
N THR C 15 21.72 3.94 -48.76
CA THR C 15 23.04 3.77 -49.33
C THR C 15 24.08 4.59 -48.57
N PHE C 16 23.73 5.83 -48.25
CA PHE C 16 24.61 6.73 -47.51
C PHE C 16 24.99 6.15 -46.14
N SER C 17 24.07 5.38 -45.57
CA SER C 17 24.30 4.76 -44.28
C SER C 17 25.39 3.70 -44.38
N LYS C 18 25.38 2.99 -45.51
CA LYS C 18 26.37 1.94 -45.74
C LYS C 18 27.72 2.57 -46.10
N LEU C 19 27.67 3.77 -46.65
CA LEU C 19 28.87 4.49 -47.03
C LEU C 19 29.71 4.82 -45.80
N ARG C 20 29.09 5.47 -44.82
CA ARG C 20 29.77 5.86 -43.58
C ARG C 20 30.29 4.63 -42.85
N GLU C 21 29.52 3.54 -42.92
CA GLU C 21 29.88 2.28 -42.27
C GLU C 21 31.20 1.73 -42.80
N GLN C 22 31.54 2.08 -44.04
CA GLN C 22 32.77 1.61 -44.66
C GLN C 22 33.86 2.68 -44.68
N LEU C 23 33.59 3.82 -44.04
CA LEU C 23 34.55 4.91 -44.01
C LEU C 23 35.03 5.21 -42.59
N GLY C 24 34.08 5.23 -41.65
CA GLY C 24 34.40 5.52 -40.25
C GLY C 24 35.54 4.70 -39.67
N PRO C 25 35.45 3.35 -39.67
CA PRO C 25 36.50 2.48 -39.11
C PRO C 25 37.90 2.79 -39.61
N VAL C 26 38.01 3.13 -40.89
CA VAL C 26 39.30 3.44 -41.50
C VAL C 26 39.98 4.63 -40.81
N THR C 27 39.20 5.68 -40.57
CA THR C 27 39.71 6.87 -39.92
C THR C 27 39.89 6.66 -38.42
N GLN C 28 38.99 5.87 -37.83
CA GLN C 28 39.02 5.59 -36.40
C GLN C 28 40.32 4.90 -35.97
N GLU C 29 40.72 3.88 -36.73
CA GLU C 29 41.93 3.12 -36.44
C GLU C 29 43.17 4.03 -36.44
N PHE C 30 43.19 4.97 -37.37
CA PHE C 30 44.30 5.91 -37.49
C PHE C 30 44.30 6.89 -36.31
N TRP C 31 43.12 7.41 -35.99
CA TRP C 31 42.99 8.37 -34.89
C TRP C 31 43.31 7.73 -33.54
N ASP C 32 42.98 6.45 -33.40
CA ASP C 32 43.26 5.72 -32.16
C ASP C 32 44.76 5.69 -31.92
N ASN C 33 45.51 5.45 -32.97
CA ASN C 33 46.95 5.39 -32.90
C ASN C 33 47.54 6.76 -32.62
N LEU C 34 46.91 7.80 -33.18
CA LEU C 34 47.37 9.17 -32.96
C LEU C 34 47.14 9.58 -31.51
N GLU C 35 46.00 9.17 -30.97
CA GLU C 35 45.65 9.47 -29.59
C GLU C 35 46.56 8.69 -28.65
N LYS C 36 46.97 7.50 -29.09
CA LYS C 36 47.86 6.64 -28.30
C LYS C 36 49.21 7.32 -28.07
N GLU C 37 49.70 8.00 -29.11
CA GLU C 37 50.97 8.71 -29.01
C GLU C 37 50.89 9.73 -27.90
N THR C 38 49.84 10.55 -27.94
CA THR C 38 49.62 11.58 -26.95
C THR C 38 49.38 10.97 -25.57
N GLU C 39 48.72 9.82 -25.54
CA GLU C 39 48.44 9.12 -24.29
C GLU C 39 49.74 8.76 -23.58
N GLY C 40 50.65 8.16 -24.33
CA GLY C 40 51.94 7.79 -23.75
C GLY C 40 52.72 9.00 -23.34
N LEU C 41 52.67 10.04 -24.15
CA LEU C 41 53.37 11.29 -23.87
C LEU C 41 52.88 11.90 -22.56
N ARG C 42 51.57 11.84 -22.34
CA ARG C 42 50.98 12.38 -21.13
C ARG C 42 51.31 11.50 -19.93
N GLN C 43 51.38 10.20 -20.14
CA GLN C 43 51.70 9.26 -19.08
C GLN C 43 53.12 9.50 -18.55
N GLU C 44 54.03 9.84 -19.45
CA GLU C 44 55.40 10.12 -19.09
C GLU C 44 55.46 11.30 -18.12
N MET C 45 54.58 12.28 -18.35
CA MET C 45 54.52 13.45 -17.50
C MET C 45 53.80 13.16 -16.19
N SER C 46 52.84 12.26 -16.23
CA SER C 46 52.09 11.87 -15.03
C SER C 46 53.00 11.09 -14.09
N LYS C 47 53.81 10.21 -14.66
CA LYS C 47 54.74 9.40 -13.88
C LYS C 47 55.75 10.26 -13.16
N ASP C 48 56.20 11.32 -13.84
CA ASP C 48 57.17 12.24 -13.27
C ASP C 48 56.57 12.97 -12.08
N LEU C 49 55.37 13.52 -12.24
CA LEU C 49 54.70 14.24 -11.16
C LEU C 49 54.38 13.30 -10.00
N GLU C 50 54.06 12.05 -10.34
CA GLU C 50 53.75 11.05 -9.33
C GLU C 50 54.99 10.80 -8.48
N GLU C 51 56.14 10.84 -9.12
CA GLU C 51 57.43 10.65 -8.46
C GLU C 51 57.71 11.85 -7.55
N VAL C 52 57.48 13.05 -8.07
CA VAL C 52 57.70 14.28 -7.30
C VAL C 52 56.85 14.30 -6.04
N LYS C 53 55.63 13.80 -6.16
CA LYS C 53 54.70 13.74 -5.02
C LYS C 53 55.29 12.94 -3.87
N ALA C 54 55.93 11.82 -4.19
CA ALA C 54 56.53 10.95 -3.18
C ALA C 54 57.83 11.54 -2.65
N LYS C 55 58.51 12.33 -3.48
CA LYS C 55 59.78 12.94 -3.11
C LYS C 55 59.63 14.00 -2.03
N VAL C 56 58.55 14.78 -2.10
CA VAL C 56 58.32 15.86 -1.14
C VAL C 56 57.39 15.44 0.01
N GLN C 57 56.79 14.26 -0.11
CA GLN C 57 55.87 13.76 0.91
C GLN C 57 56.49 13.67 2.32
N PRO C 58 57.64 12.99 2.50
CA PRO C 58 58.28 12.86 3.82
C PRO C 58 58.63 14.21 4.47
N TYR C 59 58.85 15.21 3.63
CA TYR C 59 59.21 16.55 4.11
C TYR C 59 58.00 17.23 4.74
N LEU C 60 56.83 17.05 4.13
CA LEU C 60 55.60 17.67 4.62
C LEU C 60 55.22 17.07 5.98
N ASP C 61 55.49 15.78 6.14
CA ASP C 61 55.18 15.07 7.38
C ASP C 61 56.00 15.59 8.55
N ASP C 62 57.26 15.92 8.30
CA ASP C 62 58.15 16.42 9.34
C ASP C 62 57.61 17.70 9.97
N PHE C 63 57.18 18.63 9.11
CA PHE C 63 56.61 19.88 9.58
C PHE C 63 55.36 19.63 10.41
N GLN C 64 54.53 18.71 9.92
CA GLN C 64 53.30 18.34 10.59
C GLN C 64 53.58 17.73 11.96
N LYS C 65 54.56 16.83 12.02
CA LYS C 65 54.91 16.19 13.27
C LYS C 65 55.45 17.17 14.31
N LYS C 66 56.20 18.16 13.84
CA LYS C 66 56.75 19.17 14.74
C LYS C 66 55.62 20.06 15.27
N TRP C 67 54.71 20.41 14.38
CA TRP C 67 53.56 21.23 14.73
C TRP C 67 52.64 20.49 15.71
N GLN C 68 52.56 19.17 15.52
CA GLN C 68 51.74 18.31 16.37
C GLN C 68 52.19 18.39 17.82
N GLU C 69 53.49 18.49 18.04
CA GLU C 69 54.05 18.54 19.38
C GLU C 69 53.68 19.85 20.09
N GLU C 70 53.88 20.97 19.41
CA GLU C 70 53.56 22.28 19.97
C GLU C 70 52.07 22.40 20.26
N MET C 71 51.26 21.82 19.38
CA MET C 71 49.81 21.85 19.53
C MET C 71 49.38 21.02 20.74
N GLU C 72 50.12 19.94 21.00
CA GLU C 72 49.83 19.07 22.13
C GLU C 72 50.27 19.74 23.43
N LEU C 73 51.37 20.47 23.35
CA LEU C 73 51.91 21.19 24.50
C LEU C 73 50.90 22.20 25.02
N TYR C 74 50.18 22.85 24.11
CA TYR C 74 49.18 23.84 24.49
C TYR C 74 48.01 23.17 25.20
N ARG C 75 47.67 21.96 24.75
CA ARG C 75 46.56 21.21 25.35
C ARG C 75 46.83 20.94 26.83
N GLN C 76 48.08 20.65 27.16
CA GLN C 76 48.46 20.37 28.53
C GLN C 76 48.53 21.63 29.38
N LYS C 77 48.73 22.78 28.73
CA LYS C 77 48.82 24.04 29.45
C LYS C 77 47.44 24.63 29.71
N VAL C 78 46.53 24.46 28.75
CA VAL C 78 45.18 24.98 28.89
C VAL C 78 44.30 24.10 29.79
N GLU C 79 44.72 22.86 29.99
CA GLU C 79 43.97 21.91 30.83
C GLU C 79 43.76 22.43 32.27
N PRO C 80 44.83 22.78 33.01
CA PRO C 80 44.70 23.28 34.39
C PRO C 80 43.84 24.54 34.45
N LEU C 81 43.99 25.40 33.47
CA LEU C 81 43.22 26.64 33.41
C LEU C 81 41.74 26.33 33.19
N ARG C 82 41.50 25.31 32.38
CA ARG C 82 40.13 24.90 32.08
C ARG C 82 39.37 24.57 33.36
N ALA C 83 40.02 23.79 34.23
CA ALA C 83 39.42 23.39 35.50
C ALA C 83 39.12 24.61 36.37
N GLU C 84 40.03 25.59 36.36
CA GLU C 84 39.87 26.80 37.15
C GLU C 84 38.71 27.64 36.64
N LEU C 85 38.63 27.82 35.32
CA LEU C 85 37.56 28.59 34.72
C LEU C 85 36.22 27.87 34.87
N GLN C 86 36.28 26.55 34.78
CA GLN C 86 35.09 25.70 34.92
C GLN C 86 34.51 25.86 36.32
N GLU C 87 35.37 25.78 37.33
CA GLU C 87 34.94 25.91 38.72
C GLU C 87 34.53 27.35 39.04
N GLY C 88 35.28 28.31 38.50
CA GLY C 88 34.99 29.71 38.73
C GLY C 88 33.59 30.08 38.26
N ALA C 89 33.20 29.54 37.12
CA ALA C 89 31.88 29.81 36.58
C ALA C 89 30.83 29.00 37.32
N ARG C 90 31.19 27.77 37.72
CA ARG C 90 30.29 26.89 38.43
C ARG C 90 29.82 27.51 39.73
N GLN C 91 30.74 28.07 40.49
CA GLN C 91 30.41 28.71 41.77
C GLN C 91 29.77 30.09 41.56
N LYS C 92 28.68 30.12 40.81
CA LYS C 92 27.98 31.36 40.54
C LYS C 92 26.47 31.15 40.56
N LEU C 93 25.97 30.30 39.67
CA LEU C 93 24.55 30.03 39.61
C LEU C 93 24.02 29.44 40.91
N HIS C 94 24.85 28.68 41.61
CA HIS C 94 24.48 28.06 42.88
C HIS C 94 23.96 29.10 43.88
N GLU C 95 24.48 30.31 43.79
CA GLU C 95 24.09 31.37 44.69
C GLU C 95 22.84 32.08 44.16
N LEU C 96 22.83 32.34 42.86
CA LEU C 96 21.71 33.02 42.21
C LEU C 96 20.46 32.16 42.17
N GLN C 97 20.64 30.87 41.94
CA GLN C 97 19.52 29.93 41.86
C GLN C 97 18.74 29.88 43.16
N GLU C 98 19.45 29.84 44.28
CA GLU C 98 18.82 29.78 45.60
C GLU C 98 18.27 31.15 46.00
N LYS C 99 18.64 32.18 45.25
CA LYS C 99 18.20 33.53 45.55
C LYS C 99 17.09 34.00 44.63
N LEU C 100 16.83 33.24 43.57
CA LEU C 100 15.79 33.62 42.60
C LEU C 100 14.62 32.64 42.57
N SER C 101 14.81 31.47 43.15
CA SER C 101 13.76 30.46 43.16
C SER C 101 12.59 30.77 44.11
N PRO C 102 12.86 31.13 45.39
CA PRO C 102 11.79 31.43 46.37
C PRO C 102 10.71 32.38 45.85
N LEU C 103 11.12 33.57 45.42
CA LEU C 103 10.17 34.56 44.92
C LEU C 103 9.51 34.10 43.62
N GLY C 104 10.26 33.38 42.81
CA GLY C 104 9.73 32.89 41.55
C GLY C 104 8.61 31.88 41.76
N GLU C 105 8.87 30.89 42.59
CA GLU C 105 7.89 29.84 42.87
C GLU C 105 6.65 30.40 43.56
N GLU C 106 6.86 31.39 44.43
CA GLU C 106 5.76 32.01 45.16
C GLU C 106 4.74 32.62 44.20
N MET C 107 5.22 33.38 43.22
CA MET C 107 4.35 34.01 42.25
C MET C 107 3.66 32.98 41.37
N ARG C 108 4.34 31.85 41.13
CA ARG C 108 3.80 30.77 40.33
C ARG C 108 2.56 30.19 41.00
N ASP C 109 2.64 29.98 42.32
CA ASP C 109 1.52 29.43 43.07
C ASP C 109 0.33 30.37 43.02
N ARG C 110 0.61 31.67 43.16
CA ARG C 110 -0.43 32.68 43.12
C ARG C 110 -1.10 32.69 41.74
N ALA C 111 -0.30 32.58 40.69
CA ALA C 111 -0.82 32.56 39.33
C ALA C 111 -1.73 31.36 39.12
N ARG C 112 -1.29 30.20 39.61
CA ARG C 112 -2.04 28.96 39.49
C ARG C 112 -3.39 29.06 40.20
N ALA C 113 -3.37 29.65 41.39
CA ALA C 113 -4.58 29.82 42.18
C ALA C 113 -5.60 30.66 41.44
N HIS C 114 -5.13 31.75 40.84
CA HIS C 114 -5.98 32.65 40.09
C HIS C 114 -6.61 31.96 38.87
N VAL C 115 -5.91 30.97 38.32
CA VAL C 115 -6.42 30.23 37.17
C VAL C 115 -7.73 29.55 37.51
N ASP C 116 -7.77 28.89 38.66
CA ASP C 116 -8.98 28.20 39.09
C ASP C 116 -10.03 29.21 39.56
N ALA C 117 -9.57 30.27 40.22
CA ALA C 117 -10.47 31.32 40.72
C ALA C 117 -11.23 31.96 39.56
N LEU C 118 -10.53 32.19 38.45
CA LEU C 118 -11.16 32.77 37.28
C LEU C 118 -12.16 31.79 36.66
N ARG C 119 -11.84 30.51 36.73
CA ARG C 119 -12.69 29.46 36.21
C ARG C 119 -13.99 29.39 37.01
N THR C 120 -13.85 29.44 38.34
CA THR C 120 -15.00 29.38 39.23
C THR C 120 -15.93 30.58 39.00
N HIS C 121 -15.37 31.69 38.55
CA HIS C 121 -16.15 32.88 38.30
C HIS C 121 -16.80 32.82 36.91
N LEU C 122 -16.02 32.44 35.91
CA LEU C 122 -16.52 32.37 34.54
C LEU C 122 -17.60 31.31 34.34
N ALA C 123 -17.44 30.15 34.98
CA ALA C 123 -18.38 29.04 34.85
C ALA C 123 -19.87 29.41 34.96
N PRO C 124 -20.34 29.92 36.12
CA PRO C 124 -21.77 30.27 36.31
C PRO C 124 -22.26 31.33 35.33
N TYR C 125 -21.38 32.24 34.93
CA TYR C 125 -21.75 33.30 34.02
C TYR C 125 -21.83 32.78 32.59
N SER C 126 -20.87 31.95 32.22
CA SER C 126 -20.83 31.37 30.88
C SER C 126 -22.03 30.46 30.65
N ASP C 127 -22.34 29.65 31.65
CA ASP C 127 -23.46 28.73 31.57
C ASP C 127 -24.78 29.45 31.27
N GLU C 128 -25.04 30.53 31.98
CA GLU C 128 -26.25 31.32 31.79
C GLU C 128 -26.34 31.88 30.36
N LEU C 129 -25.21 32.40 29.88
CA LEU C 129 -25.15 32.98 28.54
C LEU C 129 -25.41 31.92 27.48
N ARG C 130 -24.75 30.77 27.61
CA ARG C 130 -24.91 29.69 26.66
C ARG C 130 -26.35 29.18 26.65
N GLN C 131 -26.97 29.13 27.83
CA GLN C 131 -28.35 28.67 27.97
C GLN C 131 -29.31 29.62 27.26
N ARG C 132 -29.10 30.91 27.45
CA ARG C 132 -29.97 31.91 26.86
C ARG C 132 -29.93 31.92 25.34
N LEU C 133 -28.77 31.67 24.77
CA LEU C 133 -28.63 31.66 23.32
C LEU C 133 -29.15 30.34 22.72
N ALA C 134 -29.05 29.26 23.50
CA ALA C 134 -29.51 27.95 23.04
C ALA C 134 -30.98 27.99 22.61
N ALA C 135 -31.82 28.57 23.46
CA ALA C 135 -33.25 28.67 23.17
C ALA C 135 -33.50 29.61 22.00
N ARG C 136 -32.70 30.67 21.92
CA ARG C 136 -32.83 31.66 20.86
C ARG C 136 -32.50 31.06 19.49
N LEU C 137 -31.47 30.21 19.47
CA LEU C 137 -31.06 29.56 18.23
C LEU C 137 -32.14 28.60 17.74
N GLU C 138 -32.79 27.92 18.67
CA GLU C 138 -33.85 26.97 18.34
C GLU C 138 -35.06 27.71 17.77
N ALA C 139 -35.40 28.86 18.36
CA ALA C 139 -36.53 29.65 17.91
C ALA C 139 -36.36 30.05 16.45
N LEU C 140 -35.18 30.60 16.15
CA LEU C 140 -34.85 31.03 14.79
C LEU C 140 -34.84 29.84 13.84
N LYS C 141 -34.38 28.71 14.35
CA LYS C 141 -34.29 27.47 13.58
C LYS C 141 -35.67 27.01 13.09
N GLU C 142 -36.61 26.93 14.01
CA GLU C 142 -37.96 26.47 13.71
C GLU C 142 -38.67 27.38 12.70
N ASN C 143 -38.59 28.67 12.93
CA ASN C 143 -39.25 29.65 12.05
C ASN C 143 -38.64 29.63 10.65
N GLY C 144 -37.32 29.57 10.58
CA GLY C 144 -36.64 29.55 9.30
C GLY C 144 -36.79 28.23 8.58
N GLY C 145 -36.89 27.16 9.35
CA GLY C 145 -37.04 25.83 8.79
C GLY C 145 -38.27 25.68 7.92
N ALA C 146 -39.36 26.30 8.34
CA ALA C 146 -40.61 26.26 7.61
C ALA C 146 -40.48 27.01 6.30
N ARG C 147 -39.60 28.00 6.27
CA ARG C 147 -39.40 28.81 5.07
C ARG C 147 -38.49 28.14 4.05
N LEU C 148 -37.41 27.53 4.54
CA LEU C 148 -36.45 26.86 3.66
C LEU C 148 -37.03 25.65 2.95
N ALA C 149 -37.96 24.97 3.62
CA ALA C 149 -38.58 23.78 3.04
C ALA C 149 -39.38 24.14 1.78
N GLU C 150 -40.16 25.20 1.87
CA GLU C 150 -40.97 25.66 0.74
C GLU C 150 -40.10 26.20 -0.40
N TYR C 151 -38.94 26.74 -0.04
CA TYR C 151 -38.00 27.28 -1.00
C TYR C 151 -37.38 26.17 -1.84
N HIS C 152 -36.98 25.09 -1.17
CA HIS C 152 -36.35 23.96 -1.85
C HIS C 152 -37.33 23.25 -2.79
N ALA C 153 -38.60 23.19 -2.38
CA ALA C 153 -39.64 22.53 -3.17
C ALA C 153 -39.73 23.14 -4.58
N LYS C 154 -39.49 24.44 -4.67
CA LYS C 154 -39.54 25.13 -5.95
C LYS C 154 -38.30 24.82 -6.78
N ALA C 155 -37.16 24.75 -6.10
CA ALA C 155 -35.87 24.49 -6.74
C ALA C 155 -35.85 23.15 -7.48
N THR C 156 -36.42 22.12 -6.85
CA THR C 156 -36.46 20.78 -7.44
C THR C 156 -37.08 20.80 -8.83
N GLU C 157 -38.22 21.47 -8.97
CA GLU C 157 -38.90 21.57 -10.25
C GLU C 157 -38.13 22.45 -11.22
N HIS C 158 -37.68 23.58 -10.72
CA HIS C 158 -36.95 24.57 -11.53
C HIS C 158 -35.73 23.99 -12.23
N LEU C 159 -35.01 23.11 -11.56
CA LEU C 159 -33.79 22.53 -12.12
C LEU C 159 -34.06 21.23 -12.89
N SER C 160 -35.30 20.80 -12.94
CA SER C 160 -35.65 19.57 -13.64
C SER C 160 -36.05 19.83 -15.09
N THR C 161 -36.36 21.08 -15.40
CA THR C 161 -36.76 21.46 -16.75
C THR C 161 -35.62 21.36 -17.77
N LEU C 162 -34.56 22.12 -17.53
CA LEU C 162 -33.40 22.15 -18.41
C LEU C 162 -32.84 20.76 -18.74
N SER C 163 -32.50 20.01 -17.70
CA SER C 163 -31.92 18.69 -17.86
C SER C 163 -32.81 17.73 -18.67
N GLU C 164 -34.11 17.91 -18.57
CA GLU C 164 -35.06 17.05 -19.27
C GLU C 164 -35.19 17.40 -20.75
N LYS C 165 -35.03 18.67 -21.08
CA LYS C 165 -35.18 19.10 -22.47
C LYS C 165 -33.87 19.22 -23.24
N ALA C 166 -32.75 19.25 -22.52
CA ALA C 166 -31.44 19.37 -23.17
C ALA C 166 -31.01 18.06 -23.84
N LYS C 167 -31.23 16.95 -23.15
CA LYS C 167 -30.86 15.63 -23.66
C LYS C 167 -31.39 15.32 -25.06
N PRO C 168 -32.72 15.43 -25.31
CA PRO C 168 -33.30 15.13 -26.64
C PRO C 168 -32.67 15.97 -27.76
N ALA C 169 -32.23 17.17 -27.43
CA ALA C 169 -31.63 18.05 -28.41
C ALA C 169 -30.26 17.54 -28.83
N LEU C 170 -29.46 17.14 -27.83
CA LEU C 170 -28.12 16.63 -28.08
C LEU C 170 -28.16 15.30 -28.82
N GLU C 171 -29.12 14.45 -28.44
CA GLU C 171 -29.27 13.14 -29.06
C GLU C 171 -29.62 13.28 -30.53
N ASP C 172 -30.54 14.19 -30.83
CA ASP C 172 -30.96 14.45 -32.22
C ASP C 172 -29.80 15.04 -33.02
N LEU C 173 -29.07 15.96 -32.40
CA LEU C 173 -27.94 16.62 -33.06
C LEU C 173 -26.86 15.60 -33.44
N ARG C 174 -26.61 14.65 -32.54
CA ARG C 174 -25.60 13.61 -32.78
C ARG C 174 -25.89 12.83 -34.06
N GLN C 175 -27.17 12.63 -34.35
CA GLN C 175 -27.59 11.91 -35.54
C GLN C 175 -27.27 12.68 -36.81
N GLY C 176 -27.45 13.99 -36.77
CA GLY C 176 -27.18 14.83 -37.92
C GLY C 176 -25.70 14.97 -38.19
N LEU C 177 -24.91 14.88 -37.13
CA LEU C 177 -23.46 15.00 -37.23
C LEU C 177 -22.80 13.64 -37.41
N LEU C 178 -23.49 12.72 -38.08
CA LEU C 178 -22.97 11.38 -38.31
C LEU C 178 -22.64 11.09 -39.78
N PRO C 179 -23.60 11.29 -40.72
CA PRO C 179 -23.37 11.03 -42.16
C PRO C 179 -22.11 11.70 -42.71
N VAL C 180 -21.95 12.99 -42.41
CA VAL C 180 -20.80 13.75 -42.89
C VAL C 180 -19.49 13.24 -42.26
N LEU C 181 -19.61 12.80 -41.02
CA LEU C 181 -18.46 12.27 -40.29
C LEU C 181 -17.98 10.96 -40.89
N GLU C 182 -18.93 10.12 -41.29
CA GLU C 182 -18.63 8.83 -41.89
C GLU C 182 -17.88 9.02 -43.21
N SER C 183 -18.30 10.03 -43.96
CA SER C 183 -17.67 10.34 -45.24
C SER C 183 -16.21 10.74 -45.06
N PHE C 184 -15.93 11.50 -44.00
CA PHE C 184 -14.57 11.95 -43.73
C PHE C 184 -13.67 10.79 -43.33
N LYS C 185 -14.18 9.91 -42.46
CA LYS C 185 -13.42 8.77 -41.97
C LYS C 185 -12.86 7.91 -43.11
N VAL C 186 -13.71 7.61 -44.08
CA VAL C 186 -13.30 6.80 -45.22
C VAL C 186 -12.20 7.48 -46.03
N SER C 187 -12.36 8.77 -46.28
CA SER C 187 -11.39 9.53 -47.05
C SER C 187 -10.06 9.68 -46.31
N PHE C 188 -10.13 9.71 -44.98
CA PHE C 188 -8.93 9.83 -44.15
C PHE C 188 -8.03 8.62 -44.33
N LEU C 189 -8.64 7.43 -44.32
CA LEU C 189 -7.89 6.19 -44.45
C LEU C 189 -7.07 6.14 -45.75
N SER C 190 -7.64 6.67 -46.82
CA SER C 190 -6.99 6.69 -48.13
C SER C 190 -5.73 7.55 -48.10
N ALA C 191 -5.87 8.78 -47.60
CA ALA C 191 -4.75 9.71 -47.53
C ALA C 191 -3.72 9.24 -46.50
N LEU C 192 -4.23 8.74 -45.38
CA LEU C 192 -3.38 8.24 -44.29
C LEU C 192 -2.39 7.21 -44.80
N GLU C 193 -2.90 6.22 -45.52
CA GLU C 193 -2.06 5.15 -46.05
C GLU C 193 -1.11 5.66 -47.13
N GLU C 194 -1.50 6.71 -47.82
CA GLU C 194 -0.67 7.28 -48.87
C GLU C 194 0.55 7.98 -48.28
N TYR C 195 0.37 8.57 -47.10
CA TYR C 195 1.44 9.27 -46.42
C TYR C 195 2.45 8.29 -45.84
N THR C 196 1.97 7.18 -45.28
CA THR C 196 2.84 6.17 -44.69
C THR C 196 3.78 5.59 -45.75
N LYS C 197 3.27 5.45 -46.98
CA LYS C 197 4.05 4.90 -48.08
C LYS C 197 5.32 5.73 -48.32
N LYS C 198 5.16 7.05 -48.32
CA LYS C 198 6.29 7.94 -48.55
C LYS C 198 7.32 7.86 -47.43
N LEU C 199 6.85 7.87 -46.19
CA LEU C 199 7.73 7.78 -45.03
C LEU C 199 8.45 6.43 -44.99
N ASN C 200 7.76 5.39 -45.45
CA ASN C 200 8.32 4.06 -45.49
C ASN C 200 9.24 3.89 -46.69
N SER D 14 -31.72 27.23 -26.65
CA SER D 14 -31.50 28.45 -25.87
C SER D 14 -32.79 28.86 -25.17
N THR D 15 -33.90 28.30 -25.63
CA THR D 15 -35.20 28.58 -25.06
C THR D 15 -35.30 28.06 -23.64
N PHE D 16 -34.53 27.02 -23.35
CA PHE D 16 -34.52 26.42 -22.03
C PHE D 16 -33.90 27.36 -21.01
N SER D 17 -32.78 27.96 -21.37
CA SER D 17 -32.09 28.88 -20.49
C SER D 17 -32.93 30.12 -20.22
N LYS D 18 -33.68 30.55 -21.22
CA LYS D 18 -34.54 31.72 -21.07
C LYS D 18 -35.75 31.39 -20.21
N LEU D 19 -36.20 30.14 -20.28
CA LEU D 19 -37.33 29.69 -19.48
C LEU D 19 -36.89 29.64 -18.01
N ARG D 20 -35.68 29.13 -17.81
CA ARG D 20 -35.10 29.03 -16.47
C ARG D 20 -34.88 30.43 -15.89
N GLU D 21 -34.61 31.37 -16.77
CA GLU D 21 -34.37 32.75 -16.37
C GLU D 21 -35.69 33.43 -16.01
N GLN D 22 -36.73 33.11 -16.78
CA GLN D 22 -38.05 33.68 -16.57
C GLN D 22 -38.57 33.42 -15.15
N LEU D 23 -38.29 32.23 -14.64
CA LEU D 23 -38.73 31.84 -13.29
C LEU D 23 -37.65 32.10 -12.25
N GLY D 24 -36.59 32.78 -12.67
CA GLY D 24 -35.48 33.06 -11.77
C GLY D 24 -35.77 34.17 -10.77
N PRO D 25 -35.80 35.44 -11.21
CA PRO D 25 -36.06 36.59 -10.33
C PRO D 25 -37.33 36.45 -9.49
N VAL D 26 -38.33 35.76 -10.04
CA VAL D 26 -39.60 35.56 -9.34
C VAL D 26 -39.41 34.83 -8.01
N THR D 27 -38.84 33.64 -8.08
CA THR D 27 -38.59 32.83 -6.90
C THR D 27 -37.52 33.46 -6.00
N GLN D 28 -36.53 34.07 -6.63
CA GLN D 28 -35.43 34.69 -5.91
C GLN D 28 -35.86 35.90 -5.09
N GLU D 29 -36.62 36.79 -5.70
CA GLU D 29 -37.09 38.00 -5.03
C GLU D 29 -37.92 37.69 -3.79
N PHE D 30 -38.80 36.70 -3.91
CA PHE D 30 -39.64 36.29 -2.79
C PHE D 30 -38.78 35.80 -1.62
N TRP D 31 -37.80 34.96 -1.93
CA TRP D 31 -36.90 34.41 -0.93
C TRP D 31 -36.09 35.51 -0.26
N ASP D 32 -35.59 36.46 -1.06
CA ASP D 32 -34.79 37.57 -0.53
C ASP D 32 -35.60 38.39 0.46
N ASN D 33 -36.87 38.60 0.15
CA ASN D 33 -37.75 39.37 1.03
C ASN D 33 -38.02 38.59 2.30
N LEU D 34 -38.19 37.28 2.17
CA LEU D 34 -38.45 36.40 3.30
C LEU D 34 -37.23 36.33 4.21
N GLU D 35 -36.04 36.35 3.61
CA GLU D 35 -34.79 36.32 4.37
C GLU D 35 -34.64 37.61 5.17
N LYS D 36 -35.18 38.70 4.64
CA LYS D 36 -35.14 39.98 5.33
C LYS D 36 -35.93 39.89 6.64
N GLU D 37 -37.00 39.10 6.63
CA GLU D 37 -37.81 38.90 7.81
C GLU D 37 -36.99 38.18 8.87
N THR D 38 -36.19 37.22 8.42
CA THR D 38 -35.33 36.45 9.31
C THR D 38 -34.26 37.37 9.89
N GLU D 39 -33.77 38.29 9.05
CA GLU D 39 -32.75 39.25 9.47
C GLU D 39 -33.27 40.10 10.61
N GLY D 40 -34.50 40.59 10.46
CA GLY D 40 -35.11 41.41 11.49
C GLY D 40 -35.26 40.66 12.80
N LEU D 41 -35.39 39.34 12.70
CA LEU D 41 -35.52 38.50 13.88
C LEU D 41 -34.16 38.27 14.50
N ARG D 42 -33.15 38.05 13.64
CA ARG D 42 -31.78 37.83 14.11
C ARG D 42 -31.24 39.06 14.82
N GLN D 43 -31.58 40.24 14.29
CA GLN D 43 -31.15 41.50 14.86
C GLN D 43 -31.62 41.63 16.31
N GLU D 44 -32.91 41.37 16.52
CA GLU D 44 -33.49 41.47 17.86
C GLU D 44 -32.86 40.46 18.81
N MET D 45 -32.61 39.26 18.31
CA MET D 45 -32.01 38.20 19.11
C MET D 45 -30.59 38.56 19.55
N SER D 46 -29.86 39.22 18.66
CA SER D 46 -28.49 39.62 18.95
C SER D 46 -28.44 40.86 19.85
N LYS D 47 -29.37 41.78 19.62
CA LYS D 47 -29.43 43.01 20.41
C LYS D 47 -29.87 42.74 21.84
N ASP D 48 -30.78 41.79 22.01
CA ASP D 48 -31.27 41.43 23.32
C ASP D 48 -30.16 40.80 24.15
N LEU D 49 -29.29 40.05 23.48
CA LEU D 49 -28.18 39.39 24.14
C LEU D 49 -27.00 40.34 24.33
N GLU D 50 -27.04 41.47 23.62
CA GLU D 50 -25.99 42.48 23.71
C GLU D 50 -25.87 43.00 25.13
N GLU D 51 -27.02 43.23 25.75
CA GLU D 51 -27.05 43.74 27.13
C GLU D 51 -26.46 42.71 28.09
N VAL D 52 -26.61 41.44 27.75
CA VAL D 52 -26.08 40.36 28.57
C VAL D 52 -24.57 40.29 28.43
N LYS D 53 -24.10 40.42 27.19
CA LYS D 53 -22.68 40.40 26.89
C LYS D 53 -21.94 41.55 27.59
N ALA D 54 -22.59 42.71 27.65
CA ALA D 54 -22.01 43.87 28.30
C ALA D 54 -22.07 43.73 29.82
N LYS D 55 -23.09 43.01 30.29
CA LYS D 55 -23.28 42.79 31.72
C LYS D 55 -22.15 41.93 32.29
N VAL D 56 -21.83 40.85 31.60
CA VAL D 56 -20.78 39.96 32.05
C VAL D 56 -19.43 40.37 31.47
N GLN D 57 -18.85 41.42 32.04
CA GLN D 57 -17.55 41.94 31.61
C GLN D 57 -16.84 42.71 32.73
N PRO D 58 -17.51 43.72 33.36
CA PRO D 58 -16.93 44.52 34.45
C PRO D 58 -16.26 43.68 35.54
N TYR D 59 -16.97 42.68 36.05
CA TYR D 59 -16.43 41.82 37.11
C TYR D 59 -15.18 41.08 36.65
N LEU D 60 -15.07 40.85 35.35
CA LEU D 60 -13.92 40.14 34.79
C LEU D 60 -12.73 41.09 34.70
N ASP D 61 -13.00 42.35 34.35
CA ASP D 61 -11.97 43.36 34.24
C ASP D 61 -11.38 43.69 35.61
N ASP D 62 -12.25 43.76 36.60
CA ASP D 62 -11.83 44.04 37.97
C ASP D 62 -10.91 42.94 38.49
N PHE D 63 -11.24 41.70 38.16
CA PHE D 63 -10.44 40.56 38.59
C PHE D 63 -9.08 40.59 37.91
N GLN D 64 -9.04 41.09 36.68
CA GLN D 64 -7.79 41.19 35.94
C GLN D 64 -6.86 42.20 36.59
N LYS D 65 -7.42 43.38 36.89
CA LYS D 65 -6.66 44.44 37.52
C LYS D 65 -6.19 44.05 38.90
N LYS D 66 -6.96 43.19 39.55
CA LYS D 66 -6.63 42.71 40.90
C LYS D 66 -5.28 42.00 40.90
N TRP D 67 -5.06 41.16 39.90
CA TRP D 67 -3.80 40.42 39.79
C TRP D 67 -2.71 41.31 39.22
N GLN D 68 -3.07 42.15 38.25
CA GLN D 68 -2.11 43.06 37.62
C GLN D 68 -1.42 43.92 38.66
N GLU D 69 -2.20 44.41 39.63
CA GLU D 69 -1.69 45.25 40.71
C GLU D 69 -0.61 44.52 41.49
N GLU D 70 -0.90 43.28 41.87
CA GLU D 70 0.05 42.47 42.64
C GLU D 70 1.26 42.12 41.80
N MET D 71 1.04 41.83 40.52
CA MET D 71 2.13 41.48 39.60
C MET D 71 3.12 42.63 39.49
N GLU D 72 2.59 43.85 39.39
CA GLU D 72 3.42 45.04 39.29
C GLU D 72 4.27 45.23 40.53
N LEU D 73 3.64 45.08 41.69
CA LEU D 73 4.34 45.22 42.97
C LEU D 73 5.44 44.17 43.11
N TYR D 74 5.12 42.95 42.73
CA TYR D 74 6.07 41.85 42.80
C TYR D 74 7.26 42.10 41.88
N ARG D 75 6.96 42.52 40.65
CA ARG D 75 7.99 42.80 39.65
C ARG D 75 8.95 43.86 40.16
N GLN D 76 8.39 44.94 40.69
CA GLN D 76 9.17 46.06 41.21
C GLN D 76 10.05 45.63 42.40
N LYS D 77 9.66 44.56 43.07
CA LYS D 77 10.41 44.07 44.23
C LYS D 77 11.57 43.17 43.81
N VAL D 78 11.49 42.57 42.63
CA VAL D 78 12.55 41.68 42.16
C VAL D 78 13.69 42.48 41.52
N GLU D 79 13.36 43.70 41.10
CA GLU D 79 14.32 44.58 40.45
C GLU D 79 15.63 44.77 41.25
N PRO D 80 15.57 45.23 42.52
CA PRO D 80 16.78 45.45 43.34
C PRO D 80 17.60 44.18 43.50
N LEU D 81 16.91 43.04 43.60
CA LEU D 81 17.59 41.75 43.77
C LEU D 81 18.42 41.42 42.54
N ARG D 82 17.83 41.63 41.36
CA ARG D 82 18.53 41.35 40.11
C ARG D 82 19.70 42.29 39.93
N ALA D 83 19.51 43.56 40.30
CA ALA D 83 20.58 44.56 40.18
C ALA D 83 21.81 44.12 40.96
N GLU D 84 21.60 43.62 42.17
CA GLU D 84 22.68 43.15 43.02
C GLU D 84 23.33 41.89 42.45
N LEU D 85 22.50 40.95 42.01
CA LEU D 85 22.99 39.69 41.45
C LEU D 85 23.71 39.92 40.13
N GLN D 86 23.15 40.79 39.29
CA GLN D 86 23.76 41.11 38.01
C GLN D 86 25.10 41.80 38.23
N GLU D 87 25.17 42.60 39.29
CA GLU D 87 26.40 43.31 39.64
C GLU D 87 27.46 42.28 40.04
N GLY D 88 27.04 41.27 40.79
CA GLY D 88 27.94 40.22 41.21
C GLY D 88 28.31 39.29 40.07
N ALA D 89 27.70 39.54 38.91
CA ALA D 89 27.95 38.76 37.70
C ALA D 89 28.63 39.63 36.66
N ARG D 90 29.10 40.79 37.10
CA ARG D 90 29.77 41.73 36.22
C ARG D 90 31.28 41.52 36.22
N GLN D 91 31.91 41.86 37.34
CA GLN D 91 33.35 41.71 37.49
C GLN D 91 33.79 40.26 37.40
N LYS D 92 32.95 39.33 37.89
CA LYS D 92 33.29 37.91 37.84
C LYS D 92 33.41 37.43 36.40
N LEU D 93 32.67 38.09 35.51
CA LEU D 93 32.71 37.75 34.09
C LEU D 93 34.05 38.18 33.50
N HIS D 94 34.45 39.41 33.83
CA HIS D 94 35.72 39.98 33.36
C HIS D 94 36.89 39.18 33.92
N GLU D 95 36.74 38.71 35.15
CA GLU D 95 37.78 37.94 35.83
C GLU D 95 38.15 36.69 35.04
N LEU D 96 37.14 35.99 34.51
CA LEU D 96 37.37 34.78 33.73
C LEU D 96 38.17 35.08 32.47
N GLN D 97 37.94 36.26 31.89
CA GLN D 97 38.63 36.66 30.68
C GLN D 97 40.08 37.03 30.98
N GLU D 98 40.29 37.70 32.11
CA GLU D 98 41.62 38.13 32.52
C GLU D 98 42.54 36.95 32.80
N LYS D 99 41.94 35.80 33.08
CA LYS D 99 42.70 34.59 33.34
C LYS D 99 42.92 33.78 32.08
N LEU D 100 42.18 34.11 31.02
CA LEU D 100 42.27 33.39 29.75
C LEU D 100 43.11 34.16 28.71
N SER D 101 42.91 35.47 28.67
CA SER D 101 43.61 36.33 27.71
C SER D 101 45.14 36.11 27.65
N PRO D 102 45.86 36.17 28.81
CA PRO D 102 47.32 35.98 28.83
C PRO D 102 47.76 34.71 28.09
N LEU D 103 47.18 33.56 28.47
CA LEU D 103 47.53 32.28 27.85
C LEU D 103 47.19 32.29 26.37
N GLY D 104 46.03 32.85 26.03
CA GLY D 104 45.61 32.93 24.65
C GLY D 104 46.57 33.78 23.83
N GLU D 105 47.03 34.87 24.43
CA GLU D 105 47.96 35.79 23.78
C GLU D 105 49.30 35.08 23.52
N GLU D 106 49.74 34.29 24.48
CA GLU D 106 51.00 33.56 24.36
C GLU D 106 50.97 32.65 23.14
N MET D 107 49.82 32.02 22.89
CA MET D 107 49.67 31.13 21.76
C MET D 107 49.71 31.89 20.44
N ARG D 108 49.32 33.17 20.49
CA ARG D 108 49.31 34.02 19.29
C ARG D 108 50.71 34.18 18.72
N ASP D 109 51.70 34.28 19.61
CA ASP D 109 53.09 34.43 19.19
C ASP D 109 53.56 33.21 18.41
N ARG D 110 53.29 32.03 18.97
CA ARG D 110 53.67 30.77 18.35
C ARG D 110 52.97 30.59 17.00
N ALA D 111 51.72 31.01 16.95
CA ALA D 111 50.94 30.93 15.71
C ALA D 111 51.55 31.81 14.63
N ARG D 112 51.84 33.07 14.99
CA ARG D 112 52.43 34.03 14.06
C ARG D 112 53.74 33.50 13.50
N ALA D 113 54.59 32.98 14.39
CA ALA D 113 55.90 32.44 14.00
C ALA D 113 55.74 31.25 13.06
N HIS D 114 54.81 30.36 13.37
CA HIS D 114 54.59 29.18 12.57
C HIS D 114 54.02 29.52 11.20
N VAL D 115 53.07 30.44 11.15
CA VAL D 115 52.45 30.85 9.91
C VAL D 115 53.48 31.47 8.96
N ASP D 116 54.35 32.29 9.52
CA ASP D 116 55.40 32.95 8.73
C ASP D 116 56.42 31.95 8.22
N ALA D 117 56.74 30.98 9.06
CA ALA D 117 57.69 29.94 8.72
C ALA D 117 57.21 29.06 7.57
N LEU D 118 55.92 28.73 7.59
CA LEU D 118 55.32 27.90 6.55
C LEU D 118 55.33 28.61 5.20
N ARG D 119 55.16 29.93 5.24
CA ARG D 119 55.14 30.74 4.04
C ARG D 119 56.48 30.70 3.32
N THR D 120 57.55 30.51 4.07
CA THR D 120 58.89 30.47 3.52
C THR D 120 59.10 29.26 2.60
N HIS D 121 58.38 28.19 2.86
CA HIS D 121 58.51 26.97 2.06
C HIS D 121 57.47 26.96 0.92
N LEU D 122 56.37 27.66 1.12
CA LEU D 122 55.31 27.71 0.11
C LEU D 122 55.74 28.45 -1.15
N ALA D 123 56.48 29.53 -0.96
CA ALA D 123 56.94 30.36 -2.07
C ALA D 123 57.80 29.62 -3.11
N PRO D 124 58.98 29.07 -2.73
CA PRO D 124 59.86 28.37 -3.68
C PRO D 124 59.19 27.15 -4.30
N TYR D 125 58.37 26.46 -3.50
CA TYR D 125 57.67 25.27 -3.98
C TYR D 125 56.77 25.61 -5.15
N SER D 126 56.00 26.67 -5.00
CA SER D 126 55.08 27.11 -6.04
C SER D 126 55.84 27.75 -7.21
N ASP D 127 56.95 28.40 -6.91
CA ASP D 127 57.77 29.04 -7.94
C ASP D 127 58.35 28.00 -8.90
N GLU D 128 58.89 26.93 -8.34
CA GLU D 128 59.45 25.85 -9.15
C GLU D 128 58.33 25.16 -9.93
N LEU D 129 57.16 25.07 -9.30
CA LEU D 129 56.01 24.44 -9.91
C LEU D 129 55.61 25.14 -11.21
N ARG D 130 55.66 26.48 -11.20
CA ARG D 130 55.31 27.27 -12.37
C ARG D 130 56.24 26.95 -13.54
N GLN D 131 57.53 26.86 -13.25
CA GLN D 131 58.52 26.57 -14.26
C GLN D 131 58.35 25.16 -14.83
N ARG D 132 58.18 24.19 -13.93
CA ARG D 132 58.00 22.80 -14.33
C ARG D 132 56.73 22.62 -15.15
N LEU D 133 55.72 23.41 -14.83
CA LEU D 133 54.45 23.34 -15.52
C LEU D 133 54.54 23.92 -16.93
N ALA D 134 54.97 25.17 -17.02
CA ALA D 134 55.09 25.86 -18.31
C ALA D 134 55.97 25.08 -19.30
N ALA D 135 57.09 24.56 -18.82
CA ALA D 135 58.01 23.81 -19.67
C ALA D 135 57.33 22.60 -20.30
N ARG D 136 56.58 21.85 -19.50
CA ARG D 136 55.91 20.66 -19.99
C ARG D 136 54.68 21.00 -20.84
N LEU D 137 54.02 22.10 -20.51
CA LEU D 137 52.85 22.53 -21.26
C LEU D 137 53.21 22.81 -22.71
N GLU D 138 54.35 23.46 -22.91
CA GLU D 138 54.83 23.79 -24.24
C GLU D 138 55.18 22.52 -25.02
N ALA D 139 55.78 21.56 -24.33
CA ALA D 139 56.16 20.30 -24.94
C ALA D 139 54.96 19.55 -25.48
N LEU D 140 53.88 19.52 -24.69
CA LEU D 140 52.66 18.85 -25.08
C LEU D 140 51.98 19.60 -26.22
N LYS D 141 52.07 20.93 -26.18
CA LYS D 141 51.48 21.78 -27.19
C LYS D 141 52.18 21.58 -28.54
N GLU D 142 53.50 21.56 -28.49
CA GLU D 142 54.33 21.38 -29.69
C GLU D 142 54.03 20.05 -30.39
N ASN D 143 53.67 19.04 -29.61
CA ASN D 143 53.36 17.72 -30.16
C ASN D 143 51.86 17.55 -30.36
N GLY D 144 51.11 18.62 -30.14
CA GLY D 144 49.67 18.54 -30.29
C GLY D 144 49.17 19.23 -31.56
N GLY D 145 49.87 20.28 -31.97
CA GLY D 145 49.48 21.03 -33.14
C GLY D 145 49.29 20.16 -34.38
N ALA D 146 50.28 19.32 -34.67
CA ALA D 146 50.24 18.43 -35.82
C ALA D 146 49.10 17.43 -35.70
N ARG D 147 48.87 16.95 -34.48
CA ARG D 147 47.81 15.98 -34.22
C ARG D 147 46.43 16.60 -34.44
N LEU D 148 46.25 17.81 -33.95
CA LEU D 148 44.98 18.51 -34.09
C LEU D 148 44.69 18.82 -35.55
N ALA D 149 45.73 19.13 -36.31
CA ALA D 149 45.60 19.43 -37.73
C ALA D 149 45.11 18.22 -38.52
N GLU D 150 45.61 17.04 -38.15
CA GLU D 150 45.23 15.80 -38.81
C GLU D 150 43.76 15.51 -38.57
N TYR D 151 43.30 15.72 -37.34
CA TYR D 151 41.91 15.49 -36.98
C TYR D 151 40.98 16.39 -37.77
N HIS D 152 41.39 17.65 -37.95
CA HIS D 152 40.60 18.63 -38.68
C HIS D 152 40.49 18.27 -40.16
N ALA D 153 41.60 17.80 -40.73
CA ALA D 153 41.64 17.42 -42.14
C ALA D 153 40.65 16.29 -42.45
N LYS D 154 40.68 15.24 -41.63
CA LYS D 154 39.80 14.09 -41.83
C LYS D 154 38.36 14.41 -41.45
N ALA D 155 38.18 15.28 -40.45
CA ALA D 155 36.85 15.65 -40.00
C ALA D 155 36.09 16.35 -41.13
N THR D 156 36.83 17.09 -41.95
CA THR D 156 36.25 17.81 -43.07
C THR D 156 35.71 16.82 -44.12
N GLU D 157 36.43 15.71 -44.32
CA GLU D 157 36.00 14.70 -45.28
C GLU D 157 34.66 14.11 -44.87
N HIS D 158 34.57 13.72 -43.61
CA HIS D 158 33.34 13.15 -43.07
C HIS D 158 32.20 14.16 -43.08
N LEU D 159 32.53 15.42 -42.84
CA LEU D 159 31.53 16.49 -42.82
C LEU D 159 30.84 16.63 -44.17
N SER D 160 31.62 16.83 -45.22
CA SER D 160 31.07 17.00 -46.57
C SER D 160 30.25 15.79 -47.02
N THR D 161 30.60 14.61 -46.53
CA THR D 161 29.91 13.39 -46.91
C THR D 161 28.62 13.19 -46.10
N LEU D 162 28.44 13.97 -45.06
CA LEU D 162 27.23 13.86 -44.22
C LEU D 162 26.23 14.97 -44.52
N SER D 163 26.74 16.14 -44.89
CA SER D 163 25.89 17.28 -45.18
C SER D 163 25.38 17.28 -46.63
N GLU D 164 25.77 16.27 -47.42
CA GLU D 164 25.34 16.19 -48.81
C GLU D 164 23.91 15.67 -48.96
N LYS D 165 23.70 14.38 -48.67
CA LYS D 165 22.40 13.77 -48.77
C LYS D 165 21.51 14.16 -47.60
N ALA D 166 20.82 15.27 -47.75
CA ALA D 166 19.91 15.77 -46.72
C ALA D 166 18.92 16.75 -47.33
N LYS D 167 19.45 17.70 -48.07
CA LYS D 167 18.63 18.72 -48.73
C LYS D 167 17.73 18.14 -49.83
N PRO D 168 18.29 17.38 -50.81
CA PRO D 168 17.49 16.80 -51.92
C PRO D 168 16.41 15.84 -51.43
N ALA D 169 16.57 15.32 -50.22
CA ALA D 169 15.60 14.38 -49.65
C ALA D 169 14.25 15.05 -49.42
N LEU D 170 14.27 16.33 -49.09
CA LEU D 170 13.05 17.07 -48.83
C LEU D 170 12.33 17.44 -50.11
N GLU D 171 13.11 17.72 -51.15
CA GLU D 171 12.56 18.11 -52.45
C GLU D 171 11.62 17.05 -53.00
N ASP D 172 12.13 15.83 -53.13
CA ASP D 172 11.33 14.73 -53.64
C ASP D 172 10.16 14.41 -52.71
N LEU D 173 10.40 14.54 -51.42
CA LEU D 173 9.37 14.26 -50.42
C LEU D 173 8.18 15.24 -50.52
N ARG D 174 8.48 16.53 -50.58
CA ARG D 174 7.44 17.55 -50.67
C ARG D 174 6.61 17.40 -51.94
N GLN D 175 7.29 17.12 -53.04
CA GLN D 175 6.64 16.94 -54.34
C GLN D 175 5.59 15.83 -54.28
N GLY D 176 5.95 14.72 -53.64
CA GLY D 176 5.04 13.61 -53.53
C GLY D 176 4.28 13.59 -52.22
N LEU D 177 3.83 14.75 -51.76
CA LEU D 177 3.09 14.85 -50.51
C LEU D 177 2.12 16.02 -50.53
N LEU D 178 2.64 17.19 -50.89
CA LEU D 178 1.83 18.42 -50.93
C LEU D 178 0.49 18.29 -51.66
N PRO D 179 0.49 17.84 -52.94
CA PRO D 179 -0.74 17.68 -53.73
C PRO D 179 -1.87 16.95 -53.00
N VAL D 180 -1.53 15.86 -52.33
CA VAL D 180 -2.52 15.07 -51.60
C VAL D 180 -3.05 15.83 -50.38
N LEU D 181 -2.15 16.44 -49.64
CA LEU D 181 -2.53 17.19 -48.44
C LEU D 181 -3.36 18.42 -48.78
N GLU D 182 -3.04 19.06 -49.91
CA GLU D 182 -3.77 20.26 -50.34
C GLU D 182 -5.26 19.96 -50.52
N SER D 183 -5.55 18.86 -51.19
CA SER D 183 -6.92 18.45 -51.45
C SER D 183 -7.61 18.00 -50.16
N PHE D 184 -6.81 17.51 -49.22
CA PHE D 184 -7.34 17.06 -47.94
C PHE D 184 -7.84 18.24 -47.13
N LYS D 185 -7.06 19.32 -47.12
CA LYS D 185 -7.42 20.54 -46.39
C LYS D 185 -8.78 21.07 -46.82
N VAL D 186 -8.98 21.18 -48.13
CA VAL D 186 -10.24 21.67 -48.68
C VAL D 186 -11.42 20.79 -48.28
N SER D 187 -11.25 19.48 -48.43
CA SER D 187 -12.31 18.52 -48.09
C SER D 187 -12.70 18.64 -46.61
N PHE D 188 -11.69 18.86 -45.76
CA PHE D 188 -11.90 19.01 -44.33
C PHE D 188 -12.62 20.32 -44.04
N LEU D 189 -12.16 21.39 -44.69
CA LEU D 189 -12.75 22.72 -44.53
C LEU D 189 -14.23 22.75 -44.88
N SER D 190 -14.60 22.03 -45.94
CA SER D 190 -15.99 21.96 -46.38
C SER D 190 -16.86 21.37 -45.27
N ALA D 191 -16.35 20.36 -44.58
CA ALA D 191 -17.08 19.70 -43.50
C ALA D 191 -17.29 20.65 -42.32
N LEU D 192 -16.33 21.53 -42.10
CA LEU D 192 -16.40 22.51 -41.01
C LEU D 192 -17.66 23.36 -41.13
N GLU D 193 -18.02 23.69 -42.35
CA GLU D 193 -19.20 24.51 -42.63
C GLU D 193 -20.47 23.81 -42.19
N GLU D 194 -20.63 22.56 -42.63
CA GLU D 194 -21.81 21.78 -42.32
C GLU D 194 -22.01 21.58 -40.81
N TYR D 195 -20.92 21.29 -40.11
CA TYR D 195 -20.99 21.06 -38.67
C TYR D 195 -21.36 22.34 -37.92
N THR D 196 -20.74 23.45 -38.29
CA THR D 196 -21.01 24.74 -37.67
C THR D 196 -22.48 25.10 -37.80
N LYS D 197 -23.02 24.88 -39.00
CA LYS D 197 -24.41 25.17 -39.31
C LYS D 197 -25.36 24.46 -38.34
N LYS D 198 -25.13 23.17 -38.15
CA LYS D 198 -25.97 22.37 -37.27
C LYS D 198 -25.79 22.76 -35.80
N LEU D 199 -24.55 23.00 -35.40
CA LEU D 199 -24.24 23.37 -34.02
C LEU D 199 -24.84 24.73 -33.66
N ASN D 200 -24.68 25.69 -34.55
CA ASN D 200 -25.19 27.05 -34.32
C ASN D 200 -26.72 27.07 -34.24
N THR A 2 3.43 -13.14 2.02
CA THR A 2 3.07 -13.25 0.62
C THR A 2 2.15 -14.45 0.39
N GLU A 3 1.03 -14.21 -0.28
CA GLU A 3 0.06 -15.26 -0.57
C GLU A 3 0.46 -15.98 -1.86
N TYR A 4 0.34 -17.31 -1.86
CA TYR A 4 0.67 -18.11 -3.03
C TYR A 4 -0.46 -19.07 -3.36
N LYS A 5 -1.07 -18.89 -4.52
CA LYS A 5 -2.18 -19.74 -4.92
C LYS A 5 -1.68 -21.00 -5.61
N LEU A 6 -1.84 -22.12 -4.92
CA LEU A 6 -1.40 -23.41 -5.44
C LEU A 6 -2.59 -24.29 -5.77
N VAL A 7 -2.67 -24.72 -7.03
CA VAL A 7 -3.77 -25.57 -7.46
C VAL A 7 -3.27 -26.99 -7.72
N VAL A 8 -3.84 -27.95 -7.01
CA VAL A 8 -3.46 -29.34 -7.16
C VAL A 8 -4.26 -29.97 -8.31
N VAL A 9 -3.57 -30.31 -9.39
CA VAL A 9 -4.22 -30.90 -10.55
C VAL A 9 -3.80 -32.35 -10.73
N GLY A 10 -4.54 -33.07 -11.57
CA GLY A 10 -4.25 -34.45 -11.81
C GLY A 10 -5.51 -35.25 -12.03
N ALA A 11 -5.40 -36.56 -11.92
CA ALA A 11 -6.54 -37.45 -12.11
C ALA A 11 -7.16 -37.82 -10.77
N ASP A 12 -8.05 -38.80 -10.78
CA ASP A 12 -8.69 -39.25 -9.56
C ASP A 12 -7.95 -40.42 -8.95
N GLY A 13 -8.05 -40.56 -7.63
CA GLY A 13 -7.38 -41.64 -6.93
C GLY A 13 -5.87 -41.57 -6.99
N VAL A 14 -5.34 -40.37 -7.24
CA VAL A 14 -3.89 -40.20 -7.32
C VAL A 14 -3.31 -39.85 -5.95
N GLY A 15 -4.12 -39.20 -5.12
CA GLY A 15 -3.67 -38.84 -3.80
C GLY A 15 -3.49 -37.35 -3.60
N LYS A 16 -4.17 -36.55 -4.42
CA LYS A 16 -4.08 -35.10 -4.33
C LYS A 16 -4.55 -34.62 -2.95
N SER A 17 -5.64 -35.20 -2.48
CA SER A 17 -6.20 -34.86 -1.18
C SER A 17 -5.33 -35.43 -0.09
N ALA A 18 -4.89 -36.67 -0.27
CA ALA A 18 -4.03 -37.33 0.70
C ALA A 18 -2.79 -36.50 1.00
N LEU A 19 -2.16 -36.00 -0.06
CA LEU A 19 -0.96 -35.17 0.07
C LEU A 19 -1.27 -33.89 0.82
N THR A 20 -2.33 -33.21 0.39
CA THR A 20 -2.72 -31.95 1.00
C THR A 20 -3.13 -32.13 2.46
N ILE A 21 -3.92 -33.16 2.75
CA ILE A 21 -4.36 -33.43 4.12
C ILE A 21 -3.17 -33.71 5.03
N GLN A 22 -2.14 -34.35 4.47
CA GLN A 22 -0.94 -34.68 5.22
C GLN A 22 -0.16 -33.44 5.62
N LEU A 23 -0.35 -32.36 4.88
CA LEU A 23 0.35 -31.12 5.16
C LEU A 23 -0.49 -30.20 6.05
N ILE A 24 -1.79 -30.18 5.81
CA ILE A 24 -2.69 -29.32 6.57
C ILE A 24 -3.03 -29.91 7.94
N GLN A 25 -3.68 -31.06 7.94
CA GLN A 25 -4.08 -31.70 9.19
C GLN A 25 -2.98 -32.63 9.70
N ASN A 26 -1.97 -32.84 8.86
CA ASN A 26 -0.81 -33.67 9.20
C ASN A 26 -1.16 -35.13 9.48
N HIS A 27 -2.06 -35.69 8.69
CA HIS A 27 -2.46 -37.09 8.85
C HIS A 27 -2.80 -37.70 7.51
N PHE A 28 -2.76 -39.03 7.43
CA PHE A 28 -3.06 -39.74 6.21
C PHE A 28 -4.41 -40.44 6.29
N VAL A 29 -5.19 -40.33 5.23
CA VAL A 29 -6.50 -40.95 5.17
C VAL A 29 -6.42 -42.33 4.52
N ASP A 30 -7.45 -43.13 4.71
CA ASP A 30 -7.49 -44.48 4.15
C ASP A 30 -8.73 -44.66 3.28
N GLU A 31 -9.73 -43.84 3.57
CA GLU A 31 -10.99 -43.87 2.84
C GLU A 31 -10.96 -42.87 1.68
N TYR A 32 -11.74 -43.14 0.64
CA TYR A 32 -11.80 -42.27 -0.52
C TYR A 32 -12.83 -41.17 -0.31
N ASP A 33 -12.48 -39.94 -0.66
CA ASP A 33 -13.38 -38.82 -0.51
C ASP A 33 -13.38 -37.95 -1.76
N PRO A 34 -14.42 -38.09 -2.61
CA PRO A 34 -14.55 -37.31 -3.83
C PRO A 34 -14.52 -35.81 -3.54
N THR A 35 -13.45 -35.16 -3.96
CA THR A 35 -13.29 -33.73 -3.74
C THR A 35 -13.99 -32.91 -4.82
N ILE A 36 -14.70 -31.88 -4.38
CA ILE A 36 -15.39 -30.98 -5.28
C ILE A 36 -14.51 -29.75 -5.47
N GLU A 37 -14.37 -28.99 -4.38
CA GLU A 37 -13.54 -27.80 -4.36
C GLU A 37 -13.09 -27.53 -2.94
N ASP A 38 -12.04 -28.22 -2.51
CA ASP A 38 -11.53 -28.06 -1.15
C ASP A 38 -10.32 -27.15 -1.13
N SER A 39 -10.42 -26.08 -0.35
CA SER A 39 -9.34 -25.13 -0.22
C SER A 39 -8.76 -25.13 1.19
N TYR A 40 -7.46 -24.90 1.30
CA TYR A 40 -6.80 -24.89 2.60
C TYR A 40 -5.77 -23.76 2.64
N ARG A 41 -5.70 -23.06 3.77
CA ARG A 41 -4.77 -21.96 3.94
C ARG A 41 -3.84 -22.22 5.12
N LYS A 42 -2.56 -22.40 4.83
CA LYS A 42 -1.57 -22.65 5.86
C LYS A 42 -0.37 -21.73 5.68
N GLN A 43 0.03 -21.09 6.76
CA GLN A 43 1.18 -20.19 6.73
C GLN A 43 2.45 -20.95 7.13
N VAL A 44 3.39 -21.02 6.21
CA VAL A 44 4.64 -21.73 6.45
C VAL A 44 5.83 -20.90 5.97
N VAL A 45 7.01 -21.22 6.50
CA VAL A 45 8.23 -20.52 6.11
C VAL A 45 8.99 -21.32 5.06
N ILE A 46 9.19 -20.73 3.90
CA ILE A 46 9.88 -21.39 2.81
C ILE A 46 11.06 -20.53 2.34
N ASP A 47 12.26 -21.10 2.47
CA ASP A 47 13.49 -20.42 2.05
C ASP A 47 13.67 -19.06 2.75
N GLY A 48 13.29 -19.00 4.02
CA GLY A 48 13.44 -17.78 4.78
C GLY A 48 12.24 -16.85 4.68
N GLU A 49 11.44 -17.02 3.65
CA GLU A 49 10.26 -16.18 3.45
C GLU A 49 9.01 -16.88 3.98
N THR A 50 8.17 -16.13 4.68
CA THR A 50 6.93 -16.66 5.22
C THR A 50 5.84 -16.55 4.15
N CYS A 51 5.34 -17.69 3.71
CA CYS A 51 4.33 -17.71 2.66
C CYS A 51 2.99 -18.21 3.15
N LEU A 52 1.94 -17.68 2.54
CA LEU A 52 0.57 -18.07 2.85
C LEU A 52 0.06 -18.94 1.72
N LEU A 53 -0.07 -20.24 1.97
CA LEU A 53 -0.50 -21.17 0.95
C LEU A 53 -2.01 -21.16 0.70
N ASP A 54 -2.39 -20.82 -0.52
CA ASP A 54 -3.78 -20.81 -0.93
C ASP A 54 -3.99 -22.04 -1.82
N ILE A 55 -3.90 -23.21 -1.18
CA ILE A 55 -4.03 -24.49 -1.88
C ILE A 55 -5.49 -24.90 -2.10
N LEU A 56 -5.74 -25.53 -3.24
CA LEU A 56 -7.08 -26.00 -3.59
C LEU A 56 -6.99 -27.34 -4.33
N ASP A 57 -7.72 -28.34 -3.85
CA ASP A 57 -7.74 -29.65 -4.50
C ASP A 57 -8.89 -29.69 -5.49
N THR A 58 -8.55 -29.95 -6.74
CA THR A 58 -9.54 -30.03 -7.80
C THR A 58 -10.27 -31.36 -7.81
N ALA A 59 -11.16 -31.53 -8.78
CA ALA A 59 -11.90 -32.76 -8.92
C ALA A 59 -11.01 -33.81 -9.58
N GLY A 60 -11.58 -34.95 -9.93
CA GLY A 60 -10.81 -36.00 -10.56
C GLY A 60 -11.64 -36.91 -11.43
N GLN A 61 -12.96 -36.79 -11.32
CA GLN A 61 -13.87 -37.63 -12.10
C GLN A 61 -14.15 -37.04 -13.49
N GLU A 62 -13.31 -36.09 -13.91
CA GLU A 62 -13.44 -35.46 -15.22
C GLU A 62 -14.79 -34.72 -15.37
N GLU A 63 -15.25 -34.57 -16.61
CA GLU A 63 -16.52 -33.91 -16.93
C GLU A 63 -16.44 -32.38 -16.81
N TYR A 64 -15.83 -31.89 -15.75
CA TYR A 64 -15.70 -30.46 -15.50
C TYR A 64 -14.60 -29.83 -16.36
N SER A 65 -14.87 -29.68 -17.65
CA SER A 65 -13.90 -29.09 -18.55
C SER A 65 -13.92 -27.56 -18.43
N ALA A 66 -15.12 -27.00 -18.36
CA ALA A 66 -15.28 -25.55 -18.27
C ALA A 66 -15.00 -25.03 -16.86
N MET A 67 -15.19 -25.89 -15.86
CA MET A 67 -14.95 -25.52 -14.47
C MET A 67 -13.46 -25.31 -14.21
N ARG A 68 -12.64 -26.12 -14.88
CA ARG A 68 -11.20 -26.03 -14.75
C ARG A 68 -10.69 -24.67 -15.17
N ASP A 69 -11.24 -24.16 -16.27
CA ASP A 69 -10.85 -22.87 -16.83
C ASP A 69 -11.09 -21.71 -15.87
N GLN A 70 -11.91 -21.93 -14.85
CA GLN A 70 -12.20 -20.87 -13.89
C GLN A 70 -11.07 -20.67 -12.88
N TYR A 71 -10.84 -21.68 -12.04
CA TYR A 71 -9.79 -21.59 -11.02
C TYR A 71 -8.38 -21.59 -11.62
N MET A 72 -8.25 -22.01 -12.88
CA MET A 72 -6.95 -22.03 -13.54
C MET A 72 -6.41 -20.61 -13.75
N ARG A 73 -7.32 -19.65 -13.83
CA ARG A 73 -6.95 -18.26 -14.00
C ARG A 73 -6.36 -17.73 -12.71
N THR A 74 -7.03 -18.04 -11.61
CA THR A 74 -6.63 -17.61 -10.28
C THR A 74 -5.37 -18.34 -9.81
N GLY A 75 -5.26 -19.60 -10.17
CA GLY A 75 -4.12 -20.40 -9.78
C GLY A 75 -2.83 -19.94 -10.41
N GLU A 76 -1.80 -19.77 -9.60
CA GLU A 76 -0.50 -19.32 -10.10
C GLU A 76 0.38 -20.53 -10.39
N GLY A 77 0.46 -21.43 -9.43
CA GLY A 77 1.25 -22.63 -9.59
C GLY A 77 0.39 -23.86 -9.63
N PHE A 78 0.74 -24.81 -10.50
CA PHE A 78 -0.04 -26.02 -10.64
C PHE A 78 0.78 -27.25 -10.28
N LEU A 79 0.26 -28.02 -9.33
CA LEU A 79 0.92 -29.22 -8.88
C LEU A 79 0.34 -30.43 -9.60
N CYS A 80 1.03 -30.91 -10.62
CA CYS A 80 0.58 -32.06 -11.39
C CYS A 80 0.84 -33.35 -10.63
N VAL A 81 -0.19 -33.87 -9.97
CA VAL A 81 -0.07 -35.09 -9.20
C VAL A 81 -0.61 -36.30 -9.96
N PHE A 82 0.21 -37.32 -10.06
CA PHE A 82 -0.16 -38.56 -10.74
C PHE A 82 0.23 -39.75 -9.88
N ALA A 83 -0.23 -40.94 -10.24
CA ALA A 83 0.11 -42.13 -9.49
C ALA A 83 1.09 -42.99 -10.28
N ILE A 84 2.16 -43.42 -9.61
CA ILE A 84 3.19 -44.25 -10.25
C ILE A 84 2.64 -45.59 -10.70
N ASN A 85 1.48 -45.98 -10.16
CA ASN A 85 0.86 -47.24 -10.51
C ASN A 85 -0.36 -47.00 -11.40
N ASN A 86 -0.46 -45.78 -11.91
CA ASN A 86 -1.58 -45.42 -12.78
C ASN A 86 -1.09 -44.67 -14.02
N THR A 87 -0.89 -45.42 -15.10
CA THR A 87 -0.42 -44.87 -16.36
C THR A 87 -1.37 -43.79 -16.89
N LYS A 88 -2.65 -43.97 -16.64
CA LYS A 88 -3.68 -43.03 -17.08
C LYS A 88 -3.39 -41.61 -16.59
N SER A 89 -3.13 -41.48 -15.29
CA SER A 89 -2.86 -40.18 -14.70
C SER A 89 -1.57 -39.58 -15.27
N PHE A 90 -0.63 -40.44 -15.63
CA PHE A 90 0.65 -39.99 -16.17
C PHE A 90 0.47 -39.38 -17.56
N GLU A 91 -0.36 -40.01 -18.38
CA GLU A 91 -0.61 -39.52 -19.74
C GLU A 91 -1.50 -38.28 -19.71
N ASP A 92 -2.42 -38.26 -18.74
CA ASP A 92 -3.35 -37.14 -18.58
C ASP A 92 -2.65 -35.84 -18.19
N ILE A 93 -1.44 -35.98 -17.67
CA ILE A 93 -0.65 -34.82 -17.26
C ILE A 93 -0.48 -33.84 -18.42
N HIS A 94 -0.19 -34.39 -19.59
CA HIS A 94 -0.01 -33.58 -20.80
C HIS A 94 -1.27 -32.79 -21.13
N HIS A 95 -2.41 -33.47 -21.15
CA HIS A 95 -3.69 -32.85 -21.46
C HIS A 95 -4.01 -31.68 -20.53
N TYR A 96 -3.79 -31.89 -19.25
CA TYR A 96 -4.05 -30.86 -18.26
C TYR A 96 -3.08 -29.69 -18.41
N ARG A 97 -1.82 -30.02 -18.68
CA ARG A 97 -0.77 -29.01 -18.84
C ARG A 97 -1.10 -28.07 -19.99
N GLU A 98 -1.54 -28.65 -21.10
CA GLU A 98 -1.90 -27.87 -22.28
C GLU A 98 -3.11 -26.96 -22.01
N GLN A 99 -4.05 -27.47 -21.21
CA GLN A 99 -5.25 -26.70 -20.87
C GLN A 99 -4.88 -25.44 -20.08
N ILE A 100 -3.95 -25.60 -19.13
CA ILE A 100 -3.49 -24.48 -18.30
C ILE A 100 -3.00 -23.33 -19.19
N LYS A 101 -2.24 -23.67 -20.21
CA LYS A 101 -1.68 -22.68 -21.13
C LYS A 101 -2.78 -22.02 -21.95
N ARG A 102 -3.86 -22.75 -22.18
CA ARG A 102 -4.99 -22.22 -22.93
C ARG A 102 -5.78 -21.22 -22.09
N VAL A 103 -5.89 -21.53 -20.80
CA VAL A 103 -6.61 -20.67 -19.88
C VAL A 103 -5.81 -19.42 -19.53
N LYS A 104 -4.57 -19.60 -19.11
CA LYS A 104 -3.71 -18.49 -18.73
C LYS A 104 -3.09 -17.79 -19.93
N ASP A 105 -3.23 -18.39 -21.10
CA ASP A 105 -2.68 -17.85 -22.34
C ASP A 105 -1.18 -17.58 -22.23
N SER A 106 -0.46 -18.57 -21.73
CA SER A 106 0.98 -18.47 -21.57
C SER A 106 1.60 -19.86 -21.59
N GLU A 107 2.77 -19.96 -22.20
CA GLU A 107 3.47 -21.23 -22.31
C GLU A 107 4.25 -21.51 -21.03
N ASP A 108 4.65 -20.45 -20.35
CA ASP A 108 5.43 -20.56 -19.13
C ASP A 108 4.52 -20.48 -17.90
N VAL A 109 4.32 -21.61 -17.25
CA VAL A 109 3.49 -21.69 -16.06
C VAL A 109 4.20 -22.53 -15.00
N PRO A 110 4.31 -22.02 -13.76
CA PRO A 110 4.97 -22.74 -12.67
C PRO A 110 4.26 -24.06 -12.36
N MET A 111 4.93 -25.15 -12.68
CA MET A 111 4.36 -26.48 -12.45
C MET A 111 5.39 -27.43 -11.87
N VAL A 112 4.90 -28.42 -11.12
CA VAL A 112 5.76 -29.42 -10.52
C VAL A 112 5.13 -30.79 -10.69
N LEU A 113 5.89 -31.73 -11.22
CA LEU A 113 5.40 -33.09 -11.44
C LEU A 113 5.58 -33.90 -10.17
N VAL A 114 4.47 -34.29 -9.57
CA VAL A 114 4.49 -35.05 -8.33
C VAL A 114 3.97 -36.45 -8.54
N GLY A 115 4.83 -37.44 -8.31
CA GLY A 115 4.44 -38.82 -8.45
C GLY A 115 4.11 -39.41 -7.09
N ASN A 116 2.84 -39.64 -6.84
CA ASN A 116 2.40 -40.17 -5.55
C ASN A 116 2.27 -41.70 -5.58
N LYS A 117 2.05 -42.28 -4.41
CA LYS A 117 1.90 -43.73 -4.24
C LYS A 117 3.18 -44.48 -4.48
N CYS A 118 4.30 -43.82 -4.19
CA CYS A 118 5.61 -44.44 -4.37
C CYS A 118 5.81 -45.63 -3.44
N ASP A 119 5.03 -45.67 -2.37
CA ASP A 119 5.08 -46.77 -1.40
C ASP A 119 4.64 -48.08 -2.05
N LEU A 120 3.77 -47.97 -3.05
CA LEU A 120 3.26 -49.15 -3.74
C LEU A 120 4.26 -49.72 -4.74
N PRO A 121 4.44 -51.05 -4.74
CA PRO A 121 5.35 -51.74 -5.65
C PRO A 121 4.67 -51.97 -7.00
N SER A 122 5.40 -52.52 -7.96
CA SER A 122 4.88 -52.80 -9.30
C SER A 122 4.37 -51.52 -9.96
N ARG A 123 5.28 -50.55 -10.08
CA ARG A 123 4.94 -49.27 -10.68
C ARG A 123 4.87 -49.37 -12.19
N THR A 124 3.79 -48.83 -12.76
CA THR A 124 3.61 -48.85 -14.21
C THR A 124 4.29 -47.63 -14.83
N VAL A 125 4.60 -46.66 -13.97
CA VAL A 125 5.27 -45.44 -14.40
C VAL A 125 6.70 -45.46 -13.87
N ASP A 126 7.66 -45.45 -14.77
CA ASP A 126 9.06 -45.47 -14.40
C ASP A 126 9.61 -44.07 -14.19
N THR A 127 10.63 -43.94 -13.35
CA THR A 127 11.24 -42.65 -13.07
C THR A 127 11.84 -42.04 -14.33
N LYS A 128 12.29 -42.89 -15.25
CA LYS A 128 12.90 -42.42 -16.48
C LYS A 128 11.91 -41.58 -17.29
N GLN A 129 10.76 -42.15 -17.62
CA GLN A 129 9.74 -41.43 -18.38
C GLN A 129 9.21 -40.23 -17.61
N ALA A 130 9.12 -40.37 -16.29
CA ALA A 130 8.64 -39.29 -15.45
C ALA A 130 9.59 -38.09 -15.50
N GLN A 131 10.88 -38.36 -15.36
CA GLN A 131 11.89 -37.30 -15.42
C GLN A 131 11.97 -36.73 -16.83
N ASP A 132 11.89 -37.61 -17.82
CA ASP A 132 11.93 -37.21 -19.23
C ASP A 132 10.82 -36.22 -19.53
N LEU A 133 9.61 -36.58 -19.12
CA LEU A 133 8.43 -35.74 -19.33
C LEU A 133 8.58 -34.38 -18.67
N ALA A 134 8.99 -34.38 -17.41
CA ALA A 134 9.18 -33.16 -16.66
C ALA A 134 10.28 -32.29 -17.26
N ARG A 135 11.38 -32.93 -17.63
CA ARG A 135 12.51 -32.22 -18.23
C ARG A 135 12.13 -31.58 -19.56
N SER A 136 11.24 -32.26 -20.29
CA SER A 136 10.78 -31.77 -21.58
C SER A 136 9.98 -30.48 -21.40
N TYR A 137 9.31 -30.34 -20.26
CA TYR A 137 8.52 -29.15 -19.98
C TYR A 137 9.37 -28.09 -19.28
N GLY A 138 10.39 -28.55 -18.57
CA GLY A 138 11.27 -27.65 -17.85
C GLY A 138 10.79 -27.44 -16.44
N ILE A 139 10.07 -28.43 -15.93
CA ILE A 139 9.54 -28.38 -14.57
C ILE A 139 10.14 -29.50 -13.72
N PRO A 140 10.28 -29.29 -12.41
CA PRO A 140 10.84 -30.28 -11.50
C PRO A 140 9.90 -31.46 -11.26
N PHE A 141 10.48 -32.62 -11.06
CA PHE A 141 9.72 -33.84 -10.80
C PHE A 141 10.18 -34.46 -9.49
N ILE A 142 9.23 -34.76 -8.60
CA ILE A 142 9.56 -35.34 -7.31
C ILE A 142 8.68 -36.57 -7.01
N GLU A 143 9.33 -37.66 -6.62
CA GLU A 143 8.62 -38.89 -6.25
C GLU A 143 8.22 -38.77 -4.78
N THR A 144 6.92 -38.76 -4.54
CA THR A 144 6.42 -38.63 -3.18
C THR A 144 5.39 -39.71 -2.84
N SER A 145 4.98 -39.72 -1.58
CA SER A 145 3.98 -40.65 -1.10
C SER A 145 3.29 -40.08 0.13
N ALA A 146 2.00 -39.86 0.01
CA ALA A 146 1.22 -39.31 1.11
C ALA A 146 1.16 -40.27 2.27
N LYS A 147 1.20 -41.56 1.95
CA LYS A 147 1.16 -42.60 2.97
C LYS A 147 2.32 -42.49 3.94
N THR A 148 3.53 -42.36 3.40
CA THR A 148 4.72 -42.26 4.21
C THR A 148 5.07 -40.81 4.52
N ARG A 149 4.31 -39.87 3.94
CA ARG A 149 4.54 -38.42 4.14
C ARG A 149 5.79 -37.93 3.39
N GLN A 150 6.57 -38.87 2.89
CA GLN A 150 7.80 -38.56 2.17
C GLN A 150 7.55 -37.75 0.90
N GLY A 151 8.20 -36.60 0.80
CA GLY A 151 8.09 -35.77 -0.37
C GLY A 151 6.99 -34.72 -0.30
N VAL A 152 5.99 -34.95 0.54
CA VAL A 152 4.87 -34.01 0.68
C VAL A 152 5.34 -32.58 0.95
N ASP A 153 6.29 -32.44 1.86
CA ASP A 153 6.83 -31.14 2.22
C ASP A 153 7.49 -30.44 1.04
N ASP A 154 8.49 -31.09 0.47
CA ASP A 154 9.25 -30.52 -0.64
C ASP A 154 8.40 -30.28 -1.88
N ALA A 155 7.41 -31.13 -2.11
CA ALA A 155 6.52 -31.00 -3.27
C ALA A 155 5.84 -29.64 -3.30
N PHE A 156 5.18 -29.28 -2.22
CA PHE A 156 4.49 -27.99 -2.13
C PHE A 156 5.47 -26.83 -2.10
N TYR A 157 6.59 -27.02 -1.42
CA TYR A 157 7.60 -25.99 -1.31
C TYR A 157 8.21 -25.66 -2.66
N THR A 158 8.47 -26.70 -3.47
CA THR A 158 9.04 -26.51 -4.79
C THR A 158 8.09 -25.72 -5.68
N LEU A 159 6.79 -25.95 -5.53
CA LEU A 159 5.79 -25.25 -6.31
C LEU A 159 5.86 -23.75 -6.04
N VAL A 160 5.96 -23.40 -4.76
CA VAL A 160 6.05 -22.00 -4.35
C VAL A 160 7.35 -21.39 -4.88
N ARG A 161 8.41 -22.20 -4.83
CA ARG A 161 9.72 -21.78 -5.29
C ARG A 161 9.70 -21.48 -6.79
N GLU A 162 9.01 -22.33 -7.56
CA GLU A 162 8.91 -22.14 -9.00
C GLU A 162 8.19 -20.82 -9.31
N ILE A 163 7.15 -20.53 -8.54
CA ILE A 163 6.39 -19.30 -8.72
C ILE A 163 7.28 -18.08 -8.51
N ARG A 164 8.15 -18.17 -7.50
CA ARG A 164 9.08 -17.08 -7.19
C ARG A 164 9.99 -16.81 -8.37
N LYS A 165 10.57 -17.87 -8.93
CA LYS A 165 11.46 -17.74 -10.08
C LYS A 165 10.72 -17.20 -11.29
N HIS A 166 9.50 -17.70 -11.50
CA HIS A 166 8.66 -17.27 -12.61
C HIS A 166 8.40 -15.77 -12.53
N LYS A 167 8.03 -15.30 -11.34
CA LYS A 167 7.75 -13.88 -11.14
C LYS A 167 8.99 -13.03 -11.34
N GLU A 168 10.14 -13.55 -10.92
CA GLU A 168 11.41 -12.85 -11.09
C GLU A 168 11.71 -12.75 -12.58
N LYS A 169 11.55 -13.87 -13.28
CA LYS A 169 11.78 -13.92 -14.72
C LYS A 169 10.82 -12.99 -15.46
N MET A 170 9.56 -12.99 -15.02
CA MET A 170 8.53 -12.16 -15.63
C MET A 170 8.82 -10.68 -15.45
N SER A 171 9.62 -10.35 -14.45
CA SER A 171 9.97 -8.96 -14.18
C SER A 171 11.02 -8.46 -15.16
N LYS A 172 11.73 -9.39 -15.80
CA LYS A 172 12.75 -9.02 -16.76
C LYS A 172 12.34 -9.39 -18.17
N ASP A 173 11.84 -10.62 -18.32
CA ASP A 173 11.39 -11.15 -19.60
C ASP A 173 12.57 -11.34 -20.56
N GLY A 174 12.28 -11.71 -21.80
CA GLY A 174 13.33 -11.89 -22.79
C GLY A 174 13.72 -10.57 -23.43
N LYS A 175 12.83 -9.59 -23.29
CA LYS A 175 13.03 -8.25 -23.83
C LYS A 175 11.81 -7.39 -23.42
N LYS A 176 11.46 -6.43 -24.27
CA LYS A 176 10.32 -5.54 -24.03
C LYS A 176 10.56 -4.54 -22.89
N LYS A 177 10.60 -5.05 -21.65
CA LYS A 177 10.78 -4.17 -20.49
C LYS A 177 12.15 -4.34 -19.82
N LYS A 178 12.37 -5.50 -19.20
CA LYS A 178 13.61 -5.80 -18.47
C LYS A 178 13.62 -5.07 -17.12
N LYS A 179 14.52 -5.48 -16.22
CA LYS A 179 14.60 -4.86 -14.90
C LYS A 179 15.98 -5.02 -14.27
N LYS A 180 16.22 -6.18 -13.67
CA LYS A 180 17.50 -6.45 -13.01
C LYS A 180 18.64 -6.55 -14.03
N SER A 181 19.66 -5.73 -13.83
CA SER A 181 20.81 -5.70 -14.72
C SER A 181 22.07 -5.91 -13.90
N LYS A 182 22.88 -6.88 -14.29
CA LYS A 182 24.11 -7.19 -13.58
C LYS A 182 25.28 -7.14 -14.55
N THR A 183 26.06 -6.07 -14.49
CA THR A 183 27.21 -5.92 -15.38
C THR A 183 28.47 -5.58 -14.58
N LYS A 184 29.47 -6.44 -14.66
CA LYS A 184 30.71 -6.21 -13.96
C LYS A 184 31.90 -6.41 -14.89
N THR B 2 -9.77 -3.69 16.20
CA THR B 2 -10.94 -4.41 15.71
C THR B 2 -11.37 -5.47 16.72
N GLU B 3 -12.63 -5.39 17.15
CA GLU B 3 -13.16 -6.35 18.10
C GLU B 3 -13.83 -7.50 17.38
N TYR B 4 -13.66 -8.70 17.91
CA TYR B 4 -14.26 -9.89 17.31
C TYR B 4 -14.97 -10.71 18.37
N LYS B 5 -16.29 -10.77 18.28
CA LYS B 5 -17.08 -11.53 19.26
C LYS B 5 -17.15 -12.99 18.88
N LEU B 6 -16.52 -13.84 19.68
CA LEU B 6 -16.47 -15.27 19.44
C LEU B 6 -17.24 -16.03 20.52
N VAL B 7 -18.10 -16.94 20.11
CA VAL B 7 -18.88 -17.74 21.05
C VAL B 7 -18.58 -19.22 20.86
N VAL B 8 -18.15 -19.87 21.94
CA VAL B 8 -17.83 -21.28 21.90
C VAL B 8 -19.10 -22.10 22.14
N VAL B 9 -19.56 -22.79 21.11
CA VAL B 9 -20.76 -23.60 21.21
C VAL B 9 -20.44 -25.09 21.17
N GLY B 10 -21.36 -25.88 21.70
CA GLY B 10 -21.18 -27.32 21.75
C GLY B 10 -21.81 -27.90 23.00
N ALA B 11 -21.79 -29.22 23.10
CA ALA B 11 -22.37 -29.91 24.25
C ALA B 11 -21.43 -29.90 25.45
N ASP B 12 -21.64 -30.84 26.36
CA ASP B 12 -20.83 -30.95 27.56
C ASP B 12 -19.75 -32.02 27.41
N GLY B 13 -18.69 -31.90 28.20
CA GLY B 13 -17.61 -32.87 28.15
C GLY B 13 -16.79 -32.78 26.87
N VAL B 14 -16.95 -31.68 26.13
CA VAL B 14 -16.22 -31.50 24.88
C VAL B 14 -14.89 -30.79 25.10
N GLY B 15 -14.89 -29.77 25.95
CA GLY B 15 -13.66 -29.05 26.22
C GLY B 15 -13.68 -27.62 25.70
N LYS B 16 -14.87 -27.04 25.61
CA LYS B 16 -15.02 -25.67 25.13
C LYS B 16 -14.24 -24.67 25.99
N SER B 17 -14.29 -24.89 27.30
CA SER B 17 -13.60 -24.02 28.24
C SER B 17 -12.13 -24.39 28.33
N ALA B 18 -11.84 -25.68 28.28
CA ALA B 18 -10.47 -26.16 28.35
C ALA B 18 -9.63 -25.55 27.22
N LEU B 19 -10.20 -25.57 26.01
CA LEU B 19 -9.53 -25.01 24.84
C LEU B 19 -9.32 -23.51 25.02
N THR B 20 -10.34 -22.82 25.49
CA THR B 20 -10.27 -21.38 25.71
C THR B 20 -9.25 -21.04 26.79
N ILE B 21 -9.25 -21.80 27.88
CA ILE B 21 -8.32 -21.57 28.97
C ILE B 21 -6.88 -21.76 28.49
N GLN B 22 -6.70 -22.68 27.54
CA GLN B 22 -5.38 -22.96 26.98
C GLN B 22 -4.90 -21.81 26.10
N LEU B 23 -5.80 -20.88 25.82
CA LEU B 23 -5.46 -19.72 25.00
C LEU B 23 -5.30 -18.49 25.88
N ILE B 24 -6.14 -18.40 26.90
CA ILE B 24 -6.11 -17.26 27.81
C ILE B 24 -4.98 -17.42 28.84
N GLN B 25 -5.04 -18.49 29.62
CA GLN B 25 -4.04 -18.74 30.66
C GLN B 25 -2.96 -19.71 30.19
N ASN B 26 -3.16 -20.27 28.99
CA ASN B 26 -2.22 -21.21 28.37
C ASN B 26 -1.97 -22.45 29.24
N HIS B 27 -3.00 -22.92 29.91
CA HIS B 27 -2.86 -24.10 30.75
C HIS B 27 -4.12 -24.97 30.70
N PHE B 28 -3.97 -26.25 31.03
CA PHE B 28 -5.09 -27.18 31.01
C PHE B 28 -5.58 -27.45 32.42
N VAL B 29 -6.88 -27.34 32.61
CA VAL B 29 -7.49 -27.58 33.92
C VAL B 29 -7.98 -29.02 34.02
N ASP B 30 -7.57 -29.72 35.07
CA ASP B 30 -8.01 -31.09 35.28
C ASP B 30 -9.41 -31.13 35.86
N GLU B 31 -9.70 -30.15 36.73
CA GLU B 31 -11.00 -30.07 37.37
C GLU B 31 -12.04 -29.53 36.40
N TYR B 32 -12.92 -30.42 35.94
CA TYR B 32 -13.99 -30.03 35.03
C TYR B 32 -14.95 -29.10 35.76
N ASP B 33 -15.03 -27.87 35.30
CA ASP B 33 -15.90 -26.87 35.91
C ASP B 33 -17.09 -26.56 35.00
N PRO B 34 -18.32 -26.65 35.54
CA PRO B 34 -19.54 -26.35 34.79
C PRO B 34 -19.70 -24.84 34.56
N THR B 35 -19.07 -24.34 33.51
CA THR B 35 -19.15 -22.93 33.18
C THR B 35 -20.50 -22.60 32.55
N ILE B 36 -21.21 -21.64 33.14
CA ILE B 36 -22.51 -21.24 32.63
C ILE B 36 -22.35 -20.16 31.56
N GLU B 37 -21.68 -19.09 31.93
CA GLU B 37 -21.46 -17.98 31.01
C GLU B 37 -20.23 -17.20 31.45
N ASP B 38 -19.08 -17.57 30.91
CA ASP B 38 -17.82 -16.92 31.25
C ASP B 38 -17.18 -16.35 29.99
N SER B 39 -16.87 -15.05 30.02
CA SER B 39 -16.26 -14.41 28.87
C SER B 39 -14.86 -13.90 29.21
N TYR B 40 -13.96 -13.97 28.23
CA TYR B 40 -12.58 -13.51 28.41
C TYR B 40 -12.19 -12.58 27.26
N ARG B 41 -11.29 -11.65 27.53
CA ARG B 41 -10.83 -10.72 26.52
C ARG B 41 -9.34 -10.89 26.28
N LYS B 42 -8.93 -10.96 25.02
CA LYS B 42 -7.53 -11.16 24.67
C LYS B 42 -7.18 -10.40 23.40
N GLN B 43 -6.13 -9.59 23.44
CA GLN B 43 -5.69 -8.84 22.29
C GLN B 43 -4.55 -9.54 21.59
N VAL B 44 -4.80 -10.02 20.39
CA VAL B 44 -3.79 -10.72 19.61
C VAL B 44 -3.51 -9.98 18.31
N VAL B 45 -2.47 -10.40 17.60
CA VAL B 45 -2.10 -9.78 16.34
C VAL B 45 -2.13 -10.82 15.22
N ILE B 46 -3.27 -10.93 14.57
CA ILE B 46 -3.45 -11.90 13.49
C ILE B 46 -3.45 -11.20 12.15
N ASP B 47 -2.65 -11.70 11.22
CA ASP B 47 -2.54 -11.15 9.87
C ASP B 47 -2.09 -9.69 9.89
N GLY B 48 -1.26 -9.35 10.86
CA GLY B 48 -0.76 -7.99 10.97
C GLY B 48 -1.84 -7.00 11.35
N GLU B 49 -2.73 -7.41 12.24
CA GLU B 49 -3.81 -6.56 12.71
C GLU B 49 -4.10 -6.84 14.17
N THR B 50 -4.38 -5.79 14.94
CA THR B 50 -4.71 -5.95 16.34
C THR B 50 -6.15 -6.42 16.47
N CYS B 51 -6.33 -7.63 16.99
CA CYS B 51 -7.66 -8.20 17.14
C CYS B 51 -8.04 -8.38 18.60
N LEU B 52 -9.14 -7.75 18.99
CA LEU B 52 -9.65 -7.87 20.35
C LEU B 52 -10.62 -9.04 20.41
N LEU B 53 -10.16 -10.15 20.99
CA LEU B 53 -10.98 -11.34 21.09
C LEU B 53 -11.95 -11.30 22.26
N ASP B 54 -13.22 -11.37 21.95
CA ASP B 54 -14.28 -11.40 22.96
C ASP B 54 -14.90 -12.79 22.94
N ILE B 55 -14.26 -13.72 23.63
CA ILE B 55 -14.69 -15.10 23.68
C ILE B 55 -15.61 -15.37 24.86
N LEU B 56 -16.67 -16.12 24.62
CA LEU B 56 -17.64 -16.46 25.66
C LEU B 56 -17.89 -17.97 25.69
N ASP B 57 -17.72 -18.57 26.87
CA ASP B 57 -17.96 -19.99 27.04
C ASP B 57 -19.41 -20.21 27.44
N THR B 58 -20.06 -21.16 26.79
CA THR B 58 -21.45 -21.44 27.06
C THR B 58 -21.63 -22.75 27.82
N ALA B 59 -22.70 -22.83 28.61
CA ALA B 59 -23.00 -24.04 29.35
C ALA B 59 -23.62 -25.10 28.44
N GLY B 60 -22.90 -26.18 28.24
CA GLY B 60 -23.39 -27.26 27.39
C GLY B 60 -24.24 -28.27 28.12
N GLN B 61 -24.99 -27.80 29.10
CA GLN B 61 -25.85 -28.68 29.89
C GLN B 61 -27.26 -28.72 29.31
N GLU B 62 -27.43 -28.05 28.17
CA GLU B 62 -28.72 -27.97 27.49
C GLU B 62 -29.78 -27.26 28.32
N GLU B 63 -31.04 -27.37 27.89
CA GLU B 63 -32.17 -26.75 28.58
C GLU B 63 -32.21 -25.23 28.37
N TYR B 64 -31.11 -24.68 27.87
CA TYR B 64 -31.01 -23.26 27.63
C TYR B 64 -31.46 -22.91 26.22
N SER B 65 -32.76 -22.87 26.03
CA SER B 65 -33.34 -22.54 24.74
C SER B 65 -33.35 -21.03 24.51
N ALA B 66 -33.89 -20.30 25.48
CA ALA B 66 -33.97 -18.84 25.36
C ALA B 66 -32.60 -18.21 25.63
N MET B 67 -31.83 -18.83 26.51
CA MET B 67 -30.49 -18.35 26.86
C MET B 67 -29.56 -18.45 25.64
N ARG B 68 -29.79 -19.47 24.83
CA ARG B 68 -28.99 -19.70 23.63
C ARG B 68 -29.14 -18.52 22.67
N ASP B 69 -30.39 -18.12 22.45
CA ASP B 69 -30.72 -17.02 21.55
C ASP B 69 -30.03 -15.73 21.94
N GLN B 70 -29.97 -15.45 23.24
CA GLN B 70 -29.36 -14.23 23.75
C GLN B 70 -27.94 -14.02 23.26
N TYR B 71 -27.07 -15.00 23.46
CA TYR B 71 -25.68 -14.86 23.03
C TYR B 71 -25.51 -15.09 21.54
N MET B 72 -26.39 -15.90 20.94
CA MET B 72 -26.30 -16.20 19.52
C MET B 72 -26.60 -14.96 18.67
N ARG B 73 -27.35 -14.03 19.24
CA ARG B 73 -27.70 -12.80 18.54
C ARG B 73 -26.60 -11.75 18.64
N THR B 74 -25.68 -11.95 19.57
CA THR B 74 -24.59 -11.02 19.77
C THR B 74 -23.30 -11.51 19.12
N GLY B 75 -23.00 -12.80 19.28
CA GLY B 75 -21.78 -13.36 18.72
C GLY B 75 -21.73 -13.34 17.21
N GLU B 76 -20.52 -13.11 16.67
CA GLU B 76 -20.32 -13.07 15.23
C GLU B 76 -19.77 -14.39 14.75
N GLY B 77 -18.72 -14.85 15.40
CA GLY B 77 -18.10 -16.10 15.04
C GLY B 77 -18.44 -17.19 16.03
N PHE B 78 -18.94 -18.31 15.55
CA PHE B 78 -19.31 -19.41 16.42
C PHE B 78 -18.34 -20.56 16.30
N LEU B 79 -17.75 -20.94 17.41
CA LEU B 79 -16.81 -22.03 17.43
C LEU B 79 -17.49 -23.31 17.89
N CYS B 80 -17.95 -24.10 16.92
CA CYS B 80 -18.62 -25.36 17.22
C CYS B 80 -17.60 -26.41 17.64
N VAL B 81 -17.53 -26.65 18.94
CA VAL B 81 -16.59 -27.62 19.48
C VAL B 81 -17.27 -28.92 19.87
N PHE B 82 -16.76 -30.02 19.32
CA PHE B 82 -17.29 -31.33 19.62
C PHE B 82 -16.16 -32.25 20.01
N ALA B 83 -16.49 -33.38 20.62
CA ALA B 83 -15.48 -34.33 21.03
C ALA B 83 -15.47 -35.51 20.06
N ILE B 84 -14.29 -35.86 19.55
CA ILE B 84 -14.17 -36.97 18.61
C ILE B 84 -14.47 -38.32 19.29
N ASN B 85 -14.55 -38.30 20.61
CA ASN B 85 -14.87 -39.51 21.37
C ASN B 85 -16.29 -39.43 21.89
N ASN B 86 -17.03 -38.45 21.42
CA ASN B 86 -18.42 -38.24 21.81
C ASN B 86 -19.25 -37.90 20.58
N THR B 87 -19.86 -38.92 19.98
CA THR B 87 -20.68 -38.75 18.79
C THR B 87 -21.89 -37.86 19.06
N LYS B 88 -22.36 -37.85 20.30
CA LYS B 88 -23.51 -37.03 20.69
C LYS B 88 -23.26 -35.57 20.34
N SER B 89 -22.15 -35.02 20.83
CA SER B 89 -21.79 -33.64 20.57
C SER B 89 -21.61 -33.36 19.08
N PHE B 90 -21.12 -34.35 18.35
CA PHE B 90 -20.91 -34.22 16.92
C PHE B 90 -22.23 -33.97 16.20
N GLU B 91 -23.29 -34.62 16.66
CA GLU B 91 -24.61 -34.46 16.07
C GLU B 91 -25.24 -33.15 16.55
N ASP B 92 -24.91 -32.75 17.77
CA ASP B 92 -25.44 -31.52 18.35
C ASP B 92 -24.99 -30.30 17.55
N ILE B 93 -23.84 -30.44 16.90
CA ILE B 93 -23.28 -29.37 16.08
C ILE B 93 -24.28 -28.91 15.02
N HIS B 94 -24.97 -29.87 14.40
CA HIS B 94 -25.95 -29.57 13.38
C HIS B 94 -27.15 -28.83 13.98
N HIS B 95 -27.59 -29.30 15.15
CA HIS B 95 -28.72 -28.69 15.84
C HIS B 95 -28.43 -27.24 16.18
N TYR B 96 -27.23 -27.00 16.70
CA TYR B 96 -26.82 -25.65 17.06
C TYR B 96 -26.67 -24.78 15.83
N ARG B 97 -26.08 -25.33 14.77
CA ARG B 97 -25.88 -24.62 13.53
C ARG B 97 -27.20 -24.10 12.99
N GLU B 98 -28.22 -24.95 13.02
CA GLU B 98 -29.55 -24.59 12.55
C GLU B 98 -30.12 -23.45 13.38
N GLN B 99 -29.96 -23.52 14.69
CA GLN B 99 -30.47 -22.48 15.58
C GLN B 99 -29.74 -21.16 15.32
N ILE B 100 -28.43 -21.24 15.11
CA ILE B 100 -27.63 -20.06 14.85
C ILE B 100 -28.17 -19.31 13.63
N LYS B 101 -28.50 -20.05 12.58
CA LYS B 101 -29.05 -19.46 11.36
C LYS B 101 -30.39 -18.82 11.63
N ARG B 102 -31.13 -19.39 12.57
CA ARG B 102 -32.44 -18.88 12.93
C ARG B 102 -32.33 -17.59 13.74
N VAL B 103 -31.46 -17.61 14.76
CA VAL B 103 -31.26 -16.46 15.62
C VAL B 103 -30.63 -15.29 14.88
N LYS B 104 -29.55 -15.56 14.15
CA LYS B 104 -28.86 -14.51 13.40
C LYS B 104 -29.57 -14.19 12.10
N ASP B 105 -30.55 -15.03 11.76
CA ASP B 105 -31.34 -14.87 10.54
C ASP B 105 -30.46 -14.77 9.30
N SER B 106 -29.72 -15.84 9.03
CA SER B 106 -28.83 -15.87 7.88
C SER B 106 -28.27 -17.27 7.68
N GLU B 107 -27.98 -17.59 6.43
CA GLU B 107 -27.42 -18.89 6.07
C GLU B 107 -25.90 -18.76 6.01
N ASP B 108 -25.43 -17.53 6.21
CA ASP B 108 -24.01 -17.24 6.19
C ASP B 108 -23.51 -16.85 7.58
N VAL B 109 -22.82 -17.76 8.23
CA VAL B 109 -22.29 -17.51 9.57
C VAL B 109 -20.85 -18.01 9.66
N PRO B 110 -19.93 -17.15 10.10
CA PRO B 110 -18.51 -17.51 10.26
C PRO B 110 -18.34 -18.51 11.41
N MET B 111 -18.14 -19.77 11.06
CA MET B 111 -17.96 -20.82 12.06
C MET B 111 -16.79 -21.71 11.70
N VAL B 112 -16.27 -22.41 12.69
CA VAL B 112 -15.16 -23.33 12.50
C VAL B 112 -15.45 -24.62 13.24
N LEU B 113 -15.28 -25.76 12.57
CA LEU B 113 -15.53 -27.05 13.18
C LEU B 113 -14.31 -27.47 13.98
N VAL B 114 -14.44 -27.45 15.30
CA VAL B 114 -13.34 -27.81 16.18
C VAL B 114 -13.58 -29.15 16.87
N GLY B 115 -12.72 -30.11 16.55
CA GLY B 115 -12.80 -31.42 17.16
C GLY B 115 -11.78 -31.54 18.27
N ASN B 116 -12.25 -31.59 19.51
CA ASN B 116 -11.34 -31.68 20.64
C ASN B 116 -11.10 -33.12 21.07
N LYS B 117 -10.08 -33.31 21.91
CA LYS B 117 -9.72 -34.63 22.43
C LYS B 117 -9.19 -35.54 21.33
N CYS B 118 -8.51 -34.95 20.35
CA CYS B 118 -7.94 -35.71 19.23
C CYS B 118 -6.67 -36.45 19.60
N ASP B 119 -6.23 -36.29 20.84
CA ASP B 119 -5.03 -36.96 21.31
C ASP B 119 -5.40 -38.19 22.13
N LEU B 120 -6.71 -38.44 22.22
CA LEU B 120 -7.22 -39.57 22.98
C LEU B 120 -7.47 -40.76 22.05
N PRO B 121 -7.03 -41.95 22.46
CA PRO B 121 -7.21 -43.18 21.68
C PRO B 121 -8.67 -43.63 21.67
N SER B 122 -9.02 -44.44 20.67
CA SER B 122 -10.37 -44.95 20.52
C SER B 122 -11.40 -43.86 20.27
N ARG B 123 -11.31 -43.24 19.10
CA ARG B 123 -12.23 -42.18 18.71
C ARG B 123 -13.47 -42.77 18.06
N THR B 124 -14.59 -42.07 18.19
CA THR B 124 -15.84 -42.52 17.58
C THR B 124 -16.10 -41.75 16.28
N VAL B 125 -15.77 -40.46 16.31
CA VAL B 125 -15.95 -39.60 15.15
C VAL B 125 -14.71 -39.60 14.27
N ASP B 126 -14.87 -40.11 13.06
CA ASP B 126 -13.77 -40.17 12.10
C ASP B 126 -13.47 -38.78 11.56
N THR B 127 -12.24 -38.56 11.13
CA THR B 127 -11.84 -37.26 10.61
C THR B 127 -12.55 -36.96 9.29
N LYS B 128 -12.72 -37.98 8.46
CA LYS B 128 -13.38 -37.81 7.17
C LYS B 128 -14.82 -37.33 7.29
N GLN B 129 -15.60 -37.95 8.19
CA GLN B 129 -16.99 -37.55 8.37
C GLN B 129 -17.11 -36.11 8.83
N ALA B 130 -16.15 -35.68 9.66
CA ALA B 130 -16.12 -34.32 10.15
C ALA B 130 -15.76 -33.37 9.00
N GLN B 131 -14.83 -33.81 8.15
CA GLN B 131 -14.41 -33.03 7.00
C GLN B 131 -15.58 -32.82 6.05
N ASP B 132 -16.35 -33.89 5.85
CA ASP B 132 -17.51 -33.85 4.97
C ASP B 132 -18.56 -32.89 5.51
N LEU B 133 -18.83 -32.98 6.81
CA LEU B 133 -19.82 -32.12 7.46
C LEU B 133 -19.40 -30.65 7.32
N ALA B 134 -18.10 -30.41 7.45
CA ALA B 134 -17.56 -29.08 7.32
C ALA B 134 -17.73 -28.58 5.89
N ARG B 135 -17.53 -29.48 4.93
CA ARG B 135 -17.67 -29.16 3.52
C ARG B 135 -19.10 -28.75 3.19
N SER B 136 -20.05 -29.38 3.86
CA SER B 136 -21.46 -29.08 3.66
C SER B 136 -21.79 -27.68 4.16
N TYR B 137 -21.15 -27.28 5.25
CA TYR B 137 -21.38 -25.97 5.84
C TYR B 137 -20.56 -24.90 5.12
N GLY B 138 -19.41 -25.32 4.62
CA GLY B 138 -18.51 -24.40 3.95
C GLY B 138 -17.56 -23.77 4.95
N ILE B 139 -17.41 -24.45 6.09
CA ILE B 139 -16.55 -23.98 7.14
C ILE B 139 -15.33 -24.89 7.28
N PRO B 140 -14.23 -24.39 7.84
CA PRO B 140 -13.01 -25.17 8.03
C PRO B 140 -13.08 -26.08 9.25
N PHE B 141 -12.47 -27.25 9.14
CA PHE B 141 -12.43 -28.20 10.24
C PHE B 141 -10.99 -28.55 10.59
N ILE B 142 -10.65 -28.46 11.87
CA ILE B 142 -9.31 -28.77 12.33
C ILE B 142 -9.36 -29.60 13.62
N GLU B 143 -8.57 -30.66 13.67
CA GLU B 143 -8.50 -31.51 14.85
C GLU B 143 -7.65 -30.83 15.92
N THR B 144 -8.15 -30.80 17.14
CA THR B 144 -7.44 -30.14 18.23
C THR B 144 -7.40 -30.97 19.51
N SER B 145 -6.66 -30.48 20.50
CA SER B 145 -6.53 -31.12 21.79
C SER B 145 -6.23 -30.07 22.84
N ALA B 146 -7.07 -29.98 23.86
CA ALA B 146 -6.88 -29.01 24.93
C ALA B 146 -5.85 -29.51 25.91
N LYS B 147 -5.80 -30.82 26.08
CA LYS B 147 -4.86 -31.45 26.99
C LYS B 147 -3.43 -31.22 26.52
N THR B 148 -3.24 -31.13 25.21
CA THR B 148 -1.91 -30.91 24.64
C THR B 148 -1.81 -29.53 24.00
N ARG B 149 -2.89 -28.76 24.12
CA ARG B 149 -2.98 -27.40 23.56
C ARG B 149 -2.70 -27.35 22.05
N GLN B 150 -2.88 -28.49 21.40
CA GLN B 150 -2.64 -28.60 19.97
C GLN B 150 -3.79 -28.01 19.16
N GLY B 151 -3.45 -27.08 18.27
CA GLY B 151 -4.45 -26.46 17.41
C GLY B 151 -5.28 -25.39 18.08
N VAL B 152 -5.07 -25.19 19.38
CA VAL B 152 -5.82 -24.20 20.14
C VAL B 152 -5.67 -22.81 19.54
N ASP B 153 -4.43 -22.42 19.26
CA ASP B 153 -4.17 -21.11 18.68
C ASP B 153 -4.73 -20.99 17.28
N ASP B 154 -4.45 -22.00 16.45
CA ASP B 154 -4.91 -22.01 15.06
C ASP B 154 -6.42 -21.97 14.94
N ALA B 155 -7.11 -22.71 15.80
CA ALA B 155 -8.57 -22.74 15.79
C ALA B 155 -9.16 -21.34 15.95
N PHE B 156 -8.72 -20.65 16.99
CA PHE B 156 -9.19 -19.30 17.27
C PHE B 156 -8.76 -18.32 16.17
N TYR B 157 -7.56 -18.51 15.64
CA TYR B 157 -7.06 -17.63 14.58
C TYR B 157 -7.89 -17.78 13.31
N THR B 158 -8.28 -19.01 13.01
CA THR B 158 -9.08 -19.29 11.82
C THR B 158 -10.50 -18.74 11.98
N LEU B 159 -11.03 -18.81 13.20
CA LEU B 159 -12.37 -18.31 13.48
C LEU B 159 -12.46 -16.81 13.17
N VAL B 160 -11.43 -16.07 13.57
CA VAL B 160 -11.38 -14.64 13.32
C VAL B 160 -11.24 -14.37 11.82
N ARG B 161 -10.46 -15.21 11.15
CA ARG B 161 -10.25 -15.07 9.73
C ARG B 161 -11.56 -15.24 8.96
N GLU B 162 -12.38 -16.19 9.40
CA GLU B 162 -13.66 -16.45 8.76
C GLU B 162 -14.55 -15.20 8.85
N ILE B 163 -14.46 -14.51 9.98
CA ILE B 163 -15.24 -13.29 10.18
C ILE B 163 -14.78 -12.21 9.21
N ARG B 164 -13.48 -12.09 9.03
CA ARG B 164 -12.92 -11.11 8.11
C ARG B 164 -13.39 -11.38 6.69
N LYS B 165 -13.36 -12.65 6.29
CA LYS B 165 -13.79 -13.05 4.95
C LYS B 165 -15.28 -12.77 4.79
N HIS B 166 -16.04 -13.00 5.87
CA HIS B 166 -17.47 -12.76 5.88
C HIS B 166 -17.77 -11.29 5.63
N LYS B 167 -17.00 -10.42 6.28
CA LYS B 167 -17.16 -8.98 6.13
C LYS B 167 -16.91 -8.58 4.69
N GLU B 168 -15.86 -9.13 4.09
CA GLU B 168 -15.52 -8.82 2.70
C GLU B 168 -16.62 -9.29 1.75
N LYS B 169 -17.08 -10.52 1.97
CA LYS B 169 -18.14 -11.10 1.16
C LYS B 169 -19.42 -10.30 1.30
N MET B 170 -19.75 -9.92 2.53
CA MET B 170 -20.96 -9.14 2.81
C MET B 170 -20.86 -7.75 2.20
N SER B 171 -19.65 -7.20 2.17
CA SER B 171 -19.43 -5.87 1.60
C SER B 171 -19.63 -5.89 0.09
N LYS B 172 -19.27 -7.01 -0.53
CA LYS B 172 -19.44 -7.17 -1.96
C LYS B 172 -20.91 -7.43 -2.28
N ASP B 173 -21.56 -8.21 -1.42
CA ASP B 173 -22.97 -8.55 -1.54
C ASP B 173 -23.22 -9.49 -2.72
N GLY B 174 -24.41 -10.05 -2.78
CA GLY B 174 -24.75 -10.93 -3.88
C GLY B 174 -25.09 -10.13 -5.11
N LYS B 175 -25.68 -8.97 -4.87
CA LYS B 175 -26.08 -8.02 -5.90
C LYS B 175 -26.61 -6.76 -5.22
N LYS B 176 -27.57 -6.08 -5.86
CA LYS B 176 -28.17 -4.87 -5.31
C LYS B 176 -27.21 -3.69 -5.26
N LYS B 177 -26.33 -3.69 -4.26
CA LYS B 177 -25.36 -2.61 -4.08
C LYS B 177 -24.04 -2.91 -4.79
N LYS B 178 -23.23 -3.79 -4.19
CA LYS B 178 -21.92 -4.17 -4.73
C LYS B 178 -20.93 -3.01 -4.62
N LYS B 179 -20.07 -3.09 -3.61
CA LYS B 179 -19.08 -2.05 -3.38
C LYS B 179 -17.73 -2.39 -4.00
N LYS B 180 -16.93 -3.18 -3.28
CA LYS B 180 -15.60 -3.58 -3.72
C LYS B 180 -15.59 -4.20 -5.11
N SER B 181 -14.87 -3.58 -6.03
CA SER B 181 -14.77 -4.06 -7.39
C SER B 181 -13.33 -3.94 -7.90
N LYS B 182 -12.90 -4.92 -8.71
CA LYS B 182 -11.55 -4.91 -9.25
C LYS B 182 -11.52 -5.62 -10.60
N THR B 183 -11.53 -4.85 -11.67
CA THR B 183 -11.51 -5.39 -13.02
C THR B 183 -10.59 -4.57 -13.93
N LYS B 184 -9.80 -5.26 -14.75
CA LYS B 184 -8.88 -4.62 -15.67
C LYS B 184 -8.61 -5.51 -16.87
N SER C 14 -7.01 4.09 -52.30
CA SER C 14 -6.47 2.80 -51.88
C SER C 14 -5.29 2.40 -52.75
N THR C 15 -5.22 3.00 -53.93
CA THR C 15 -4.15 2.73 -54.87
C THR C 15 -2.85 3.39 -54.42
N PHE C 16 -2.97 4.63 -53.96
CA PHE C 16 -1.80 5.38 -53.49
C PHE C 16 -1.18 4.72 -52.25
N SER C 17 -2.01 4.02 -51.51
CA SER C 17 -1.56 3.32 -50.31
C SER C 17 -0.56 2.25 -50.69
N LYS C 18 -0.88 1.49 -51.74
CA LYS C 18 -0.01 0.43 -52.22
C LYS C 18 1.21 0.98 -52.94
N LEU C 19 1.09 2.21 -53.44
CA LEU C 19 2.20 2.85 -54.15
C LEU C 19 3.37 3.12 -53.21
N ARG C 20 3.12 3.87 -52.14
CA ARG C 20 4.16 4.19 -51.17
C ARG C 20 4.63 2.95 -50.43
N GLU C 21 3.76 1.96 -50.35
CA GLU C 21 4.07 0.71 -49.67
C GLU C 21 5.16 -0.07 -50.40
N GLN C 22 5.20 0.08 -51.72
CA GLN C 22 6.19 -0.62 -52.53
C GLN C 22 7.39 0.25 -52.85
N LEU C 23 7.19 1.57 -52.86
CA LEU C 23 8.26 2.51 -53.17
C LEU C 23 9.18 2.76 -51.97
N GLY C 24 8.58 2.79 -50.79
CA GLY C 24 9.33 3.04 -49.56
C GLY C 24 10.52 2.10 -49.35
N PRO C 25 10.29 0.78 -49.23
CA PRO C 25 11.36 -0.21 -49.02
C PRO C 25 12.48 -0.16 -50.05
N VAL C 26 12.17 0.29 -51.27
CA VAL C 26 13.17 0.37 -52.33
C VAL C 26 14.26 1.38 -52.00
N THR C 27 13.86 2.62 -51.78
CA THR C 27 14.81 3.68 -51.46
C THR C 27 15.33 3.53 -50.04
N GLN C 28 14.58 2.82 -49.19
CA GLN C 28 14.97 2.59 -47.81
C GLN C 28 16.31 1.87 -47.73
N GLU C 29 16.52 0.93 -48.64
CA GLU C 29 17.76 0.17 -48.66
C GLU C 29 18.95 1.11 -48.90
N PHE C 30 18.74 2.09 -49.75
CA PHE C 30 19.78 3.06 -50.07
C PHE C 30 20.12 3.91 -48.84
N TRP C 31 19.09 4.42 -48.17
CA TRP C 31 19.28 5.23 -46.97
C TRP C 31 20.02 4.46 -45.89
N ASP C 32 19.64 3.19 -45.73
CA ASP C 32 20.25 2.31 -44.73
C ASP C 32 21.74 2.12 -45.01
N ASN C 33 22.05 1.72 -46.24
CA ASN C 33 23.43 1.46 -46.62
C ASN C 33 24.26 2.75 -46.63
N LEU C 34 23.63 3.86 -46.96
CA LEU C 34 24.33 5.15 -46.99
C LEU C 34 24.70 5.61 -45.59
N GLU C 35 23.75 5.52 -44.67
CA GLU C 35 23.98 5.93 -43.30
C GLU C 35 24.94 4.99 -42.59
N LYS C 36 24.97 3.74 -43.03
CA LYS C 36 25.86 2.74 -42.45
C LYS C 36 27.31 3.13 -42.70
N GLU C 37 27.56 3.79 -43.83
CA GLU C 37 28.90 4.25 -44.19
C GLU C 37 29.34 5.34 -43.23
N THR C 38 28.45 6.28 -42.94
CA THR C 38 28.76 7.37 -42.04
C THR C 38 28.89 6.85 -40.61
N GLU C 39 28.08 5.85 -40.28
CA GLU C 39 28.10 5.24 -38.96
C GLU C 39 29.48 4.67 -38.67
N GLY C 40 30.04 3.98 -39.66
CA GLY C 40 31.36 3.41 -39.50
C GLY C 40 32.42 4.48 -39.33
N LEU C 41 32.26 5.58 -40.06
CA LEU C 41 33.18 6.69 -39.99
C LEU C 41 33.11 7.33 -38.60
N ARG C 42 31.88 7.48 -38.09
CA ARG C 42 31.66 8.06 -36.78
C ARG C 42 32.24 7.16 -35.70
N GLN C 43 32.12 5.85 -35.91
CA GLN C 43 32.64 4.86 -34.97
C GLN C 43 34.14 5.04 -34.81
N GLU C 44 34.83 5.23 -35.93
CA GLU C 44 36.27 5.43 -35.94
C GLU C 44 36.63 6.71 -35.20
N MET C 45 35.82 7.74 -35.40
CA MET C 45 36.02 9.03 -34.76
C MET C 45 35.92 8.90 -33.24
N SER C 46 34.92 8.15 -32.81
CA SER C 46 34.69 7.92 -31.38
C SER C 46 35.80 7.03 -30.80
N LYS C 47 36.32 6.12 -31.62
CA LYS C 47 37.39 5.22 -31.20
C LYS C 47 38.66 6.01 -30.90
N ASP C 48 38.99 6.93 -31.79
CA ASP C 48 40.18 7.77 -31.63
C ASP C 48 40.04 8.65 -30.39
N LEU C 49 38.83 9.11 -30.14
CA LEU C 49 38.55 9.95 -28.98
C LEU C 49 38.66 9.14 -27.68
N GLU C 50 38.22 7.88 -27.73
CA GLU C 50 38.28 7.00 -26.57
C GLU C 50 39.72 6.74 -26.17
N GLU C 51 40.61 6.77 -27.17
CA GLU C 51 42.03 6.56 -26.95
C GLU C 51 42.59 7.71 -26.13
N VAL C 52 42.17 8.92 -26.45
CA VAL C 52 42.62 10.12 -25.74
C VAL C 52 42.16 10.07 -24.28
N LYS C 53 40.94 9.59 -24.08
CA LYS C 53 40.36 9.47 -22.74
C LYS C 53 41.23 8.60 -21.84
N ALA C 54 41.73 7.50 -22.39
CA ALA C 54 42.55 6.56 -21.64
C ALA C 54 43.96 7.08 -21.43
N LYS C 55 44.38 8.04 -22.25
CA LYS C 55 45.72 8.60 -22.16
C LYS C 55 45.83 9.65 -21.06
N VAL C 56 44.88 10.58 -21.01
CA VAL C 56 44.89 11.64 -20.01
C VAL C 56 44.38 11.17 -18.64
N GLN C 57 43.64 10.06 -18.65
CA GLN C 57 43.06 9.51 -17.41
C GLN C 57 44.08 9.32 -16.28
N PRO C 58 45.17 8.56 -16.50
CA PRO C 58 46.18 8.32 -15.45
C PRO C 58 46.91 9.59 -15.02
N TYR C 59 47.06 10.54 -15.94
CA TYR C 59 47.75 11.79 -15.65
C TYR C 59 46.92 12.69 -14.74
N LEU C 60 45.61 12.65 -14.91
CA LEU C 60 44.71 13.45 -14.09
C LEU C 60 44.63 12.87 -12.69
N ASP C 61 44.80 11.56 -12.61
CA ASP C 61 44.75 10.86 -11.32
C ASP C 61 45.96 11.23 -10.46
N ASP C 62 47.12 11.40 -11.10
CA ASP C 62 48.34 11.78 -10.39
C ASP C 62 48.19 13.16 -9.77
N PHE C 63 47.65 14.09 -10.56
CA PHE C 63 47.43 15.45 -10.10
C PHE C 63 46.47 15.46 -8.94
N GLN C 64 45.51 14.54 -8.98
CA GLN C 64 44.53 14.40 -7.92
C GLN C 64 45.20 13.94 -6.63
N LYS C 65 46.12 12.98 -6.78
CA LYS C 65 46.86 12.44 -5.63
C LYS C 65 47.75 13.51 -5.01
N LYS C 66 48.11 14.51 -5.79
CA LYS C 66 48.95 15.58 -5.30
C LYS C 66 48.20 16.43 -4.29
N TRP C 67 46.99 16.83 -4.64
CA TRP C 67 46.16 17.64 -3.75
C TRP C 67 45.62 16.78 -2.61
N GLN C 68 45.58 15.48 -2.83
CA GLN C 68 45.10 14.52 -1.84
C GLN C 68 45.91 14.64 -0.55
N GLU C 69 47.19 14.90 -0.70
CA GLU C 69 48.08 15.04 0.45
C GLU C 69 47.91 16.40 1.11
N GLU C 70 47.80 17.45 0.30
CA GLU C 70 47.63 18.81 0.82
C GLU C 70 46.31 18.94 1.60
N MET C 71 45.26 18.36 1.05
CA MET C 71 43.94 18.41 1.69
C MET C 71 43.93 17.63 2.99
N GLU C 72 44.82 16.65 3.09
CA GLU C 72 44.93 15.84 4.31
C GLU C 72 45.77 16.57 5.34
N LEU C 73 46.86 17.15 4.89
CA LEU C 73 47.78 17.89 5.75
C LEU C 73 47.05 19.01 6.49
N TYR C 74 46.22 19.75 5.76
CA TYR C 74 45.47 20.84 6.35
C TYR C 74 44.43 20.33 7.36
N ARG C 75 43.83 19.19 7.05
CA ARG C 75 42.81 18.60 7.92
C ARG C 75 43.43 18.20 9.25
N GLN C 76 44.68 17.75 9.21
CA GLN C 76 45.40 17.35 10.39
C GLN C 76 45.87 18.57 11.18
N LYS C 77 46.42 19.54 10.46
CA LYS C 77 46.92 20.76 11.08
C LYS C 77 45.82 21.57 11.77
N VAL C 78 44.61 21.50 11.24
CA VAL C 78 43.49 22.24 11.80
C VAL C 78 42.83 21.50 12.97
N GLU C 79 43.21 20.23 13.16
CA GLU C 79 42.64 19.41 14.23
C GLU C 79 42.86 20.02 15.61
N PRO C 80 44.13 20.31 16.02
CA PRO C 80 44.43 20.89 17.32
C PRO C 80 43.83 22.30 17.46
N LEU C 81 43.78 23.02 16.35
CA LEU C 81 43.24 24.38 16.36
C LEU C 81 41.75 24.35 16.61
N ARG C 82 41.05 23.44 15.95
CA ARG C 82 39.61 23.30 16.11
C ARG C 82 39.27 23.00 17.56
N ALA C 83 40.10 22.17 18.19
CA ALA C 83 39.89 21.79 19.58
C ALA C 83 39.94 23.02 20.49
N GLU C 84 40.86 23.93 20.21
CA GLU C 84 41.01 25.15 21.00
C GLU C 84 39.78 26.03 20.85
N LEU C 85 39.35 26.23 19.61
CA LEU C 85 38.18 27.06 19.32
C LEU C 85 36.92 26.43 19.91
N GLN C 86 36.86 25.11 19.85
CA GLN C 86 35.72 24.35 20.37
C GLN C 86 35.55 24.57 21.86
N GLU C 87 36.66 24.69 22.58
CA GLU C 87 36.61 24.90 24.01
C GLU C 87 36.28 26.36 24.33
N GLY C 88 36.90 27.28 23.58
CA GLY C 88 36.66 28.70 23.80
C GLY C 88 35.21 29.07 23.65
N ALA C 89 34.54 28.43 22.70
CA ALA C 89 33.12 28.69 22.46
C ALA C 89 32.28 28.14 23.62
N ARG C 90 32.73 27.02 24.19
CA ARG C 90 32.02 26.38 25.28
C ARG C 90 32.07 27.23 26.56
N GLN C 91 33.21 27.87 26.80
CA GLN C 91 33.39 28.70 27.99
C GLN C 91 32.54 29.98 27.95
N LYS C 92 32.08 30.36 26.77
CA LYS C 92 31.29 31.58 26.61
C LYS C 92 30.05 31.61 27.51
N LEU C 93 29.08 30.75 27.23
CA LEU C 93 27.84 30.70 27.99
C LEU C 93 28.01 29.95 29.30
N HIS C 94 29.19 29.39 29.53
CA HIS C 94 29.47 28.63 30.74
C HIS C 94 29.26 29.48 31.99
N GLU C 95 29.47 30.78 31.88
CA GLU C 95 29.31 31.69 33.00
C GLU C 95 27.96 32.41 32.94
N LEU C 96 27.43 32.56 31.72
CA LEU C 96 26.16 33.25 31.52
C LEU C 96 24.96 32.37 31.87
N GLN C 97 25.14 31.06 31.70
CA GLN C 97 24.09 30.08 31.98
C GLN C 97 23.59 30.20 33.42
N GLU C 98 24.51 30.39 34.35
CA GLU C 98 24.17 30.48 35.76
C GLU C 98 23.90 31.94 36.17
N LYS C 99 23.70 32.82 35.19
CA LYS C 99 23.44 34.22 35.49
C LYS C 99 22.05 34.67 35.07
N LEU C 100 21.68 34.35 33.84
CA LEU C 100 20.38 34.76 33.32
C LEU C 100 19.23 33.87 33.79
N SER C 101 19.50 32.58 33.93
CA SER C 101 18.48 31.61 34.34
C SER C 101 17.77 31.95 35.66
N PRO C 102 18.49 32.20 36.77
CA PRO C 102 17.89 32.52 38.07
C PRO C 102 16.89 33.69 37.99
N LEU C 103 17.22 34.70 37.18
CA LEU C 103 16.35 35.86 37.03
C LEU C 103 15.15 35.56 36.14
N GLY C 104 15.36 34.67 35.18
CA GLY C 104 14.28 34.31 34.26
C GLY C 104 13.23 33.44 34.94
N GLU C 105 13.70 32.47 35.72
CA GLU C 105 12.81 31.56 36.43
C GLU C 105 11.91 32.29 37.41
N GLU C 106 12.43 33.35 38.02
CA GLU C 106 11.66 34.14 38.97
C GLU C 106 10.47 34.79 38.28
N MET C 107 10.75 35.51 37.19
CA MET C 107 9.70 36.18 36.43
C MET C 107 8.73 35.18 35.83
N ARG C 108 9.23 33.99 35.51
CA ARG C 108 8.40 32.94 34.93
C ARG C 108 7.29 32.55 35.90
N ASP C 109 7.65 32.41 37.17
CA ASP C 109 6.70 32.06 38.21
C ASP C 109 5.71 33.19 38.44
N ARG C 110 6.24 34.41 38.48
CA ARG C 110 5.42 35.60 38.68
C ARG C 110 4.37 35.73 37.59
N ALA C 111 4.74 35.41 36.36
CA ALA C 111 3.81 35.47 35.25
C ALA C 111 2.71 34.44 35.41
N ARG C 112 3.10 33.22 35.75
CA ARG C 112 2.15 32.14 35.97
C ARG C 112 1.13 32.50 37.05
N ALA C 113 1.62 33.12 38.11
CA ALA C 113 0.78 33.53 39.22
C ALA C 113 -0.23 34.59 38.79
N HIS C 114 0.22 35.57 38.02
CA HIS C 114 -0.65 36.64 37.53
C HIS C 114 -1.77 36.09 36.65
N VAL C 115 -1.41 35.22 35.71
CA VAL C 115 -2.39 34.61 34.81
C VAL C 115 -3.43 33.85 35.62
N ASP C 116 -2.95 33.06 36.58
CA ASP C 116 -3.82 32.27 37.45
C ASP C 116 -4.76 33.16 38.25
N ALA C 117 -4.22 34.27 38.74
CA ALA C 117 -5.00 35.22 39.53
C ALA C 117 -6.08 35.87 38.69
N LEU C 118 -5.70 36.33 37.49
CA LEU C 118 -6.63 36.97 36.58
C LEU C 118 -7.73 36.03 36.12
N ARG C 119 -7.36 34.76 35.94
CA ARG C 119 -8.31 33.74 35.51
C ARG C 119 -9.48 33.61 36.50
N THR C 120 -9.15 33.60 37.78
CA THR C 120 -10.16 33.48 38.82
C THR C 120 -10.71 34.84 39.24
N HIS C 121 -10.12 35.90 38.68
CA HIS C 121 -10.54 37.26 38.99
C HIS C 121 -11.73 37.66 38.13
N LEU C 122 -11.64 37.32 36.85
CA LEU C 122 -12.70 37.65 35.91
C LEU C 122 -13.81 36.59 35.92
N ALA C 123 -13.50 35.43 36.46
CA ALA C 123 -14.46 34.33 36.53
C ALA C 123 -15.84 34.72 37.10
N PRO C 124 -15.90 35.25 38.34
CA PRO C 124 -17.18 35.63 38.97
C PRO C 124 -17.93 36.69 38.16
N TYR C 125 -17.20 37.59 37.55
CA TYR C 125 -17.79 38.65 36.75
C TYR C 125 -18.31 38.10 35.43
N SER C 126 -17.54 37.19 34.84
CA SER C 126 -17.92 36.56 33.58
C SER C 126 -19.15 35.68 33.80
N ASP C 127 -19.20 35.03 34.94
CA ASP C 127 -20.32 34.17 35.29
C ASP C 127 -21.61 34.97 35.43
N GLU C 128 -21.51 36.15 36.02
CA GLU C 128 -22.67 37.02 36.20
C GLU C 128 -23.13 37.62 34.88
N LEU C 129 -22.18 38.07 34.08
CA LEU C 129 -22.48 38.68 32.80
C LEU C 129 -23.17 37.70 31.86
N ARG C 130 -22.66 36.47 31.79
CA ARG C 130 -23.23 35.44 30.92
C ARG C 130 -24.68 35.12 31.31
N GLN C 131 -24.94 35.15 32.60
CA GLN C 131 -26.28 34.86 33.12
C GLN C 131 -27.29 35.91 32.66
N ARG C 132 -26.83 37.16 32.58
CA ARG C 132 -27.70 38.25 32.17
C ARG C 132 -28.08 38.12 30.70
N LEU C 133 -27.10 37.76 29.86
CA LEU C 133 -27.35 37.60 28.44
C LEU C 133 -28.16 36.35 28.17
N ALA C 134 -27.99 35.33 29.02
CA ALA C 134 -28.73 34.09 28.88
C ALA C 134 -30.23 34.36 28.98
N ALA C 135 -30.62 35.15 29.98
CA ALA C 135 -32.01 35.50 30.19
C ALA C 135 -32.50 36.44 29.08
N ARG C 136 -31.56 37.21 28.53
CA ARG C 136 -31.86 38.15 27.46
C ARG C 136 -32.24 37.41 26.19
N LEU C 137 -31.42 36.43 25.82
CA LEU C 137 -31.68 35.63 24.62
C LEU C 137 -32.96 34.82 24.80
N GLU C 138 -33.20 34.37 26.03
CA GLU C 138 -34.39 33.60 26.36
C GLU C 138 -35.65 34.40 26.04
N ALA C 139 -35.66 35.65 26.47
CA ALA C 139 -36.80 36.53 26.25
C ALA C 139 -36.99 36.79 24.76
N LEU C 140 -35.89 37.13 24.10
CA LEU C 140 -35.92 37.41 22.67
C LEU C 140 -36.48 36.22 21.89
N LYS C 141 -36.08 35.02 22.30
CA LYS C 141 -36.54 33.80 21.65
C LYS C 141 -38.07 33.69 21.68
N GLU C 142 -38.66 33.98 22.83
CA GLU C 142 -40.11 33.91 23.01
C GLU C 142 -40.83 34.84 22.05
N ASN C 143 -40.35 36.07 21.95
CA ASN C 143 -40.99 37.07 21.08
C ASN C 143 -40.77 36.77 19.60
N GLY C 144 -39.58 36.30 19.25
CA GLY C 144 -39.29 35.99 17.87
C GLY C 144 -40.00 34.76 17.37
N GLY C 145 -40.03 33.72 18.19
CA GLY C 145 -40.66 32.46 17.82
C GLY C 145 -42.11 32.59 17.41
N ALA C 146 -42.81 33.52 18.04
CA ALA C 146 -44.22 33.74 17.74
C ALA C 146 -44.42 34.42 16.39
N ARG C 147 -43.41 35.12 15.92
CA ARG C 147 -43.48 35.84 14.65
C ARG C 147 -43.21 34.92 13.47
N LEU C 148 -42.13 34.15 13.56
CA LEU C 148 -41.74 33.24 12.50
C LEU C 148 -42.79 32.16 12.21
N ALA C 149 -43.60 31.85 13.21
CA ALA C 149 -44.64 30.83 13.07
C ALA C 149 -45.65 31.21 11.98
N GLU C 150 -46.06 32.49 11.97
CA GLU C 150 -47.03 32.97 10.99
C GLU C 150 -46.40 33.12 9.61
N TYR C 151 -45.13 33.51 9.60
CA TYR C 151 -44.40 33.69 8.34
C TYR C 151 -44.23 32.37 7.60
N HIS C 152 -43.82 31.34 8.31
CA HIS C 152 -43.61 30.01 7.71
C HIS C 152 -44.88 29.46 7.08
N ALA C 153 -46.00 29.71 7.73
CA ALA C 153 -47.30 29.24 7.24
C ALA C 153 -47.60 29.85 5.87
N LYS C 154 -47.50 31.17 5.78
CA LYS C 154 -47.78 31.88 4.54
C LYS C 154 -46.75 31.57 3.47
N ALA C 155 -45.49 31.44 3.89
CA ALA C 155 -44.40 31.15 2.98
C ALA C 155 -44.63 29.83 2.25
N THR C 156 -44.98 28.79 3.01
CA THR C 156 -45.22 27.48 2.43
C THR C 156 -46.36 27.52 1.41
N GLU C 157 -47.45 28.22 1.76
CA GLU C 157 -48.59 28.36 0.87
C GLU C 157 -48.18 29.09 -0.40
N HIS C 158 -47.47 30.20 -0.23
CA HIS C 158 -46.99 31.02 -1.33
C HIS C 158 -46.16 30.21 -2.32
N LEU C 159 -45.19 29.47 -1.78
CA LEU C 159 -44.28 28.67 -2.58
C LEU C 159 -44.99 27.54 -3.33
N SER C 160 -46.08 27.02 -2.76
CA SER C 160 -46.82 25.93 -3.38
C SER C 160 -47.46 26.33 -4.70
N THR C 161 -47.97 27.56 -4.75
CA THR C 161 -48.65 28.09 -5.93
C THR C 161 -47.82 27.98 -7.21
N LEU C 162 -46.53 28.24 -7.10
CA LEU C 162 -45.65 28.21 -8.27
C LEU C 162 -45.38 26.80 -8.78
N SER C 163 -45.17 25.85 -7.88
CA SER C 163 -44.86 24.48 -8.27
C SER C 163 -46.08 23.74 -8.82
N GLU C 164 -47.28 24.19 -8.45
CA GLU C 164 -48.51 23.56 -8.89
C GLU C 164 -48.73 23.65 -10.40
N LYS C 165 -49.20 24.81 -10.85
CA LYS C 165 -49.49 25.02 -12.26
C LYS C 165 -48.23 25.28 -13.08
N ALA C 166 -47.45 24.23 -13.29
CA ALA C 166 -46.23 24.33 -14.07
C ALA C 166 -45.95 23.03 -14.80
N LYS C 167 -45.99 21.92 -14.07
CA LYS C 167 -45.75 20.60 -14.64
C LYS C 167 -46.70 20.26 -15.81
N PRO C 168 -48.03 20.36 -15.62
CA PRO C 168 -49.00 20.07 -16.69
C PRO C 168 -48.75 20.93 -17.94
N ALA C 169 -48.34 22.17 -17.72
CA ALA C 169 -48.07 23.09 -18.82
C ALA C 169 -46.87 22.61 -19.64
N LEU C 170 -45.83 22.15 -18.96
CA LEU C 170 -44.64 21.66 -19.63
C LEU C 170 -44.95 20.39 -20.41
N GLU C 171 -45.81 19.55 -19.86
CA GLU C 171 -46.20 18.30 -20.50
C GLU C 171 -46.98 18.60 -21.78
N ASP C 172 -47.92 19.53 -21.69
CA ASP C 172 -48.73 19.92 -22.83
C ASP C 172 -47.85 20.43 -23.96
N LEU C 173 -46.79 21.15 -23.59
CA LEU C 173 -45.86 21.69 -24.57
C LEU C 173 -45.09 20.57 -25.26
N ARG C 174 -44.63 19.61 -24.45
CA ARG C 174 -43.87 18.47 -24.96
C ARG C 174 -44.65 17.74 -26.04
N GLN C 175 -45.93 17.52 -25.79
CA GLN C 175 -46.81 16.83 -26.73
C GLN C 175 -46.95 17.58 -28.04
N GLY C 176 -46.76 18.89 -28.01
CA GLY C 176 -46.89 19.68 -29.22
C GLY C 176 -45.64 19.67 -30.07
N LEU C 177 -44.51 19.31 -29.48
CA LEU C 177 -43.24 19.27 -30.18
C LEU C 177 -42.97 17.87 -30.71
N LEU C 178 -43.63 16.89 -30.10
CA LEU C 178 -43.47 15.48 -30.45
C LEU C 178 -43.66 15.18 -31.95
N PRO C 179 -44.80 15.57 -32.57
CA PRO C 179 -45.06 15.30 -34.00
C PRO C 179 -43.96 15.80 -34.93
N VAL C 180 -43.48 17.01 -34.68
CA VAL C 180 -42.43 17.61 -35.51
C VAL C 180 -41.11 16.85 -35.34
N LEU C 181 -40.74 16.59 -34.09
CA LEU C 181 -39.50 15.87 -33.79
C LEU C 181 -39.54 14.47 -34.39
N GLU C 182 -40.71 13.84 -34.32
CA GLU C 182 -40.89 12.49 -34.85
C GLU C 182 -40.59 12.46 -36.34
N SER C 183 -41.10 13.45 -37.07
CA SER C 183 -40.89 13.55 -38.51
C SER C 183 -39.45 13.92 -38.84
N PHE C 184 -38.81 14.67 -37.96
CA PHE C 184 -37.44 15.12 -38.14
C PHE C 184 -36.46 13.94 -38.08
N LYS C 185 -36.65 13.06 -37.10
CA LYS C 185 -35.78 11.90 -36.90
C LYS C 185 -35.70 11.04 -38.16
N VAL C 186 -36.85 10.83 -38.78
CA VAL C 186 -36.93 10.01 -39.98
C VAL C 186 -36.04 10.55 -41.09
N SER C 187 -36.13 11.85 -41.33
CA SER C 187 -35.32 12.49 -42.36
C SER C 187 -33.84 12.45 -42.02
N PHE C 188 -33.53 12.56 -40.73
CA PHE C 188 -32.15 12.54 -40.25
C PHE C 188 -31.49 11.18 -40.54
N LEU C 189 -32.21 10.11 -40.22
CA LEU C 189 -31.69 8.76 -40.42
C LEU C 189 -31.25 8.52 -41.86
N SER C 190 -32.08 8.94 -42.80
CA SER C 190 -31.79 8.78 -44.22
C SER C 190 -30.51 9.53 -44.61
N ALA C 191 -30.40 10.78 -44.17
CA ALA C 191 -29.25 11.61 -44.46
C ALA C 191 -27.99 11.06 -43.80
N LEU C 192 -28.13 10.63 -42.55
CA LEU C 192 -27.01 10.08 -41.79
C LEU C 192 -26.36 8.93 -42.54
N GLU C 193 -27.18 7.96 -42.94
CA GLU C 193 -26.69 6.78 -43.67
C GLU C 193 -26.03 7.18 -44.98
N GLU C 194 -26.65 8.12 -45.70
CA GLU C 194 -26.12 8.59 -46.98
C GLU C 194 -24.73 9.17 -46.83
N TYR C 195 -24.50 9.92 -45.75
CA TYR C 195 -23.20 10.53 -45.51
C TYR C 195 -22.16 9.47 -45.16
N THR C 196 -22.59 8.42 -44.46
CA THR C 196 -21.67 7.35 -44.06
C THR C 196 -21.10 6.63 -45.29
N LYS C 197 -21.98 6.31 -46.24
CA LYS C 197 -21.57 5.61 -47.45
C LYS C 197 -20.53 6.41 -48.22
N LYS C 198 -20.73 7.72 -48.29
CA LYS C 198 -19.84 8.62 -49.00
C LYS C 198 -18.43 8.62 -48.38
N LEU C 199 -18.38 8.71 -47.06
CA LEU C 199 -17.11 8.73 -46.35
C LEU C 199 -16.41 7.38 -46.37
N ASN C 200 -17.16 6.33 -46.05
CA ASN C 200 -16.61 4.98 -46.03
C ASN C 200 -16.13 4.53 -47.42
N SER D 14 -46.33 33.57 -18.31
CA SER D 14 -45.64 34.43 -17.36
C SER D 14 -46.63 35.18 -16.47
N THR D 15 -47.85 34.66 -16.39
CA THR D 15 -48.89 35.26 -15.59
C THR D 15 -48.87 34.69 -14.17
N PHE D 16 -48.50 33.43 -14.05
CA PHE D 16 -48.45 32.79 -12.74
C PHE D 16 -47.33 33.39 -11.88
N SER D 17 -46.29 33.86 -12.55
CA SER D 17 -45.17 34.49 -11.88
C SER D 17 -45.61 35.84 -11.31
N LYS D 18 -46.55 36.49 -12.00
CA LYS D 18 -47.05 37.78 -11.56
C LYS D 18 -47.85 37.63 -10.28
N LEU D 19 -48.58 36.52 -10.17
CA LEU D 19 -49.36 36.23 -8.98
C LEU D 19 -48.41 36.03 -7.80
N ARG D 20 -47.29 35.37 -8.08
CA ARG D 20 -46.27 35.11 -7.08
C ARG D 20 -45.64 36.45 -6.63
N GLU D 21 -45.47 37.35 -7.58
CA GLU D 21 -44.89 38.66 -7.31
C GLU D 21 -45.92 39.60 -6.67
N GLN D 22 -47.18 39.19 -6.65
CA GLN D 22 -48.23 40.00 -6.07
C GLN D 22 -48.38 39.72 -4.57
N LEU D 23 -48.25 38.45 -4.20
CA LEU D 23 -48.38 38.05 -2.80
C LEU D 23 -47.06 38.22 -2.05
N GLY D 24 -46.00 38.48 -2.77
CA GLY D 24 -44.68 38.66 -2.17
C GLY D 24 -44.55 39.93 -1.34
N PRO D 25 -44.46 41.10 -2.01
CA PRO D 25 -44.31 42.41 -1.35
C PRO D 25 -45.19 42.62 -0.12
N VAL D 26 -46.47 42.24 -0.22
CA VAL D 26 -47.41 42.39 0.89
C VAL D 26 -46.90 41.69 2.15
N THR D 27 -46.51 40.44 2.01
CA THR D 27 -46.01 39.65 3.13
C THR D 27 -44.60 40.09 3.50
N GLN D 28 -43.81 40.45 2.48
CA GLN D 28 -42.43 40.88 2.69
C GLN D 28 -42.38 42.15 3.55
N GLU D 29 -43.22 43.12 3.24
CA GLU D 29 -43.24 44.37 3.99
C GLU D 29 -43.72 44.13 5.42
N PHE D 30 -44.67 43.22 5.58
CA PHE D 30 -45.20 42.90 6.89
C PHE D 30 -44.10 42.30 7.76
N TRP D 31 -43.32 41.41 7.17
CA TRP D 31 -42.22 40.77 7.86
C TRP D 31 -41.15 41.80 8.23
N ASP D 32 -40.94 42.75 7.33
CA ASP D 32 -39.96 43.82 7.55
C ASP D 32 -40.34 44.65 8.76
N ASN D 33 -41.63 44.96 8.86
CA ASN D 33 -42.16 45.74 9.98
C ASN D 33 -42.00 44.98 11.28
N LEU D 34 -42.19 43.67 11.20
CA LEU D 34 -42.06 42.80 12.35
C LEU D 34 -40.61 42.75 12.82
N GLU D 35 -39.70 42.77 11.86
CA GLU D 35 -38.28 42.75 12.16
C GLU D 35 -37.87 44.00 12.90
N LYS D 36 -38.47 45.12 12.51
CA LYS D 36 -38.17 46.41 13.15
C LYS D 36 -38.61 46.40 14.61
N GLU D 37 -39.71 45.69 14.89
CA GLU D 37 -40.21 45.59 16.26
C GLU D 37 -39.24 44.77 17.10
N THR D 38 -38.74 43.71 16.49
CA THR D 38 -37.80 42.82 17.14
C THR D 38 -36.43 43.49 17.28
N GLU D 39 -36.14 44.40 16.36
CA GLU D 39 -34.89 45.15 16.38
C GLU D 39 -34.83 46.01 17.63
N GLY D 40 -35.90 46.76 17.88
CA GLY D 40 -35.95 47.60 19.05
C GLY D 40 -35.83 46.79 20.32
N LEU D 41 -36.40 45.59 20.31
CA LEU D 41 -36.34 44.70 21.45
C LEU D 41 -34.89 44.34 21.75
N ARG D 42 -34.15 43.97 20.70
CA ARG D 42 -32.75 43.62 20.84
C ARG D 42 -31.91 44.85 21.19
N GLN D 43 -32.32 46.00 20.65
CA GLN D 43 -31.62 47.26 20.90
C GLN D 43 -31.56 47.57 22.39
N GLU D 44 -32.72 47.54 23.05
CA GLU D 44 -32.79 47.82 24.48
C GLU D 44 -32.03 46.77 25.28
N MET D 45 -32.10 45.53 24.82
CA MET D 45 -31.43 44.42 25.49
C MET D 45 -29.92 44.63 25.46
N SER D 46 -29.42 45.04 24.29
CA SER D 46 -28.00 45.29 24.13
C SER D 46 -27.57 46.52 24.91
N LYS D 47 -28.45 47.52 24.93
CA LYS D 47 -28.19 48.76 25.63
C LYS D 47 -28.05 48.53 27.14
N ASP D 48 -28.96 47.74 27.70
CA ASP D 48 -28.96 47.44 29.13
C ASP D 48 -27.75 46.60 29.51
N LEU D 49 -27.24 45.83 28.55
CA LEU D 49 -26.08 44.98 28.79
C LEU D 49 -24.78 45.76 28.67
N GLU D 50 -24.82 46.85 27.93
CA GLU D 50 -23.64 47.69 27.72
C GLU D 50 -23.13 48.27 29.04
N GLU D 51 -24.06 48.73 29.88
CA GLU D 51 -23.72 49.29 31.17
C GLU D 51 -22.94 48.29 32.02
N VAL D 52 -23.36 47.04 31.96
CA VAL D 52 -22.68 45.98 32.71
C VAL D 52 -21.32 45.71 32.11
N LYS D 53 -21.26 45.69 30.78
CA LYS D 53 -20.01 45.45 30.06
C LYS D 53 -18.96 46.49 30.41
N ALA D 54 -19.38 47.75 30.48
CA ALA D 54 -18.48 48.85 30.79
C ALA D 54 -18.05 48.83 32.25
N LYS D 55 -18.91 48.28 33.11
CA LYS D 55 -18.63 48.21 34.54
C LYS D 55 -17.44 47.29 34.83
N VAL D 56 -17.38 46.16 34.14
CA VAL D 56 -16.31 45.19 34.36
C VAL D 56 -15.06 45.48 33.51
N GLN D 57 -14.94 46.72 33.06
CA GLN D 57 -13.78 47.10 32.26
C GLN D 57 -12.62 47.63 33.11
N PRO D 58 -12.83 48.70 33.92
CA PRO D 58 -11.78 49.29 34.77
C PRO D 58 -11.17 48.29 35.75
N TYR D 59 -11.95 47.29 36.15
CA TYR D 59 -11.49 46.28 37.10
C TYR D 59 -10.34 45.45 36.53
N LEU D 60 -10.40 45.19 35.23
CA LEU D 60 -9.36 44.42 34.58
C LEU D 60 -8.25 45.34 34.09
N ASP D 61 -8.60 46.62 33.88
CA ASP D 61 -7.66 47.63 33.42
C ASP D 61 -6.54 47.82 34.43
N ASP D 62 -6.92 47.90 35.71
CA ASP D 62 -5.97 48.11 36.79
C ASP D 62 -5.00 46.95 36.92
N PHE D 63 -5.52 45.73 36.81
CA PHE D 63 -4.72 44.53 36.92
C PHE D 63 -3.64 44.47 35.83
N GLN D 64 -3.93 45.07 34.68
CA GLN D 64 -3.01 45.10 33.56
C GLN D 64 -1.79 45.97 33.88
N LYS D 65 -2.07 47.21 34.27
CA LYS D 65 -1.02 48.17 34.58
C LYS D 65 -0.20 47.71 35.78
N LYS D 66 -0.85 47.02 36.71
CA LYS D 66 -0.20 46.52 37.91
C LYS D 66 1.00 45.64 37.57
N TRP D 67 0.81 44.71 36.63
CA TRP D 67 1.89 43.81 36.24
C TRP D 67 2.84 44.49 35.26
N GLN D 68 2.31 45.41 34.47
CA GLN D 68 3.12 46.15 33.50
C GLN D 68 4.26 46.88 34.20
N GLU D 69 3.94 47.48 35.34
CA GLU D 69 4.94 48.20 36.14
C GLU D 69 6.03 47.24 36.59
N GLU D 70 5.62 46.10 37.13
CA GLU D 70 6.58 45.10 37.61
C GLU D 70 7.45 44.59 36.46
N MET D 71 6.84 44.36 35.30
CA MET D 71 7.55 43.87 34.13
C MET D 71 8.58 44.89 33.63
N GLU D 72 8.18 46.16 33.59
CA GLU D 72 9.05 47.24 33.13
C GLU D 72 10.25 47.39 34.07
N LEU D 73 9.99 47.29 35.37
CA LEU D 73 11.03 47.43 36.38
C LEU D 73 12.04 46.27 36.26
N TYR D 74 11.52 45.07 36.04
CA TYR D 74 12.34 43.88 35.89
C TYR D 74 13.27 44.03 34.68
N ARG D 75 12.73 44.55 33.59
CA ARG D 75 13.50 44.75 32.38
C ARG D 75 14.63 45.74 32.61
N GLN D 76 14.37 46.78 33.40
CA GLN D 76 15.37 47.79 33.71
C GLN D 76 16.48 47.22 34.59
N LYS D 77 16.10 46.23 35.39
CA LYS D 77 17.04 45.58 36.31
C LYS D 77 18.06 44.72 35.56
N VAL D 78 17.59 43.98 34.56
CA VAL D 78 18.46 43.10 33.77
C VAL D 78 19.20 43.87 32.69
N GLU D 79 18.72 45.08 32.40
CA GLU D 79 19.32 45.95 31.38
C GLU D 79 20.85 46.07 31.50
N PRO D 80 21.38 46.54 32.66
CA PRO D 80 22.83 46.69 32.86
C PRO D 80 23.55 45.35 32.96
N LEU D 81 22.87 44.36 33.52
CA LEU D 81 23.44 43.03 33.70
C LEU D 81 23.83 42.41 32.37
N ARG D 82 22.94 42.53 31.38
CA ARG D 82 23.20 41.97 30.06
C ARG D 82 24.32 42.73 29.35
N ALA D 83 24.51 43.98 29.72
CA ALA D 83 25.55 44.80 29.11
C ALA D 83 26.93 44.23 29.42
N GLU D 84 27.11 43.78 30.65
CA GLU D 84 28.36 43.19 31.09
C GLU D 84 28.62 41.91 30.31
N LEU D 85 27.59 41.08 30.23
CA LEU D 85 27.68 39.81 29.51
C LEU D 85 27.91 40.06 28.02
N GLN D 86 27.27 41.10 27.49
CA GLN D 86 27.41 41.47 26.10
C GLN D 86 28.86 41.86 25.81
N GLU D 87 29.41 42.71 26.66
CA GLU D 87 30.80 43.16 26.50
C GLU D 87 31.75 42.00 26.71
N GLY D 88 31.42 41.13 27.66
CA GLY D 88 32.24 39.97 27.92
C GLY D 88 32.29 39.07 26.71
N ALA D 89 31.24 39.13 25.92
CA ALA D 89 31.14 38.33 24.71
C ALA D 89 31.52 39.18 23.50
N ARG D 90 32.08 40.36 23.74
CA ARG D 90 32.50 41.26 22.67
C ARG D 90 33.93 40.97 22.26
N GLN D 91 34.85 41.03 23.23
CA GLN D 91 36.26 40.80 22.96
C GLN D 91 36.56 39.32 22.73
N LYS D 92 35.84 38.46 23.43
CA LYS D 92 36.04 37.01 23.29
C LYS D 92 35.71 36.56 21.87
N LEU D 93 34.88 37.34 21.18
CA LEU D 93 34.49 37.05 19.82
C LEU D 93 35.68 37.28 18.90
N HIS D 94 36.30 38.44 19.04
CA HIS D 94 37.45 38.80 18.24
C HIS D 94 38.61 37.84 18.49
N GLU D 95 38.77 37.44 19.75
CA GLU D 95 39.84 36.53 20.13
C GLU D 95 39.74 35.19 19.40
N LEU D 96 38.53 34.69 19.23
CA LEU D 96 38.33 33.41 18.55
C LEU D 96 38.65 33.51 17.06
N GLN D 97 38.50 34.69 16.48
CA GLN D 97 38.79 34.89 15.07
C GLN D 97 40.29 35.03 14.87
N GLU D 98 40.92 35.68 15.84
CA GLU D 98 42.36 35.92 15.82
C GLU D 98 43.15 34.62 15.70
N LYS D 99 42.58 33.54 16.21
CA LYS D 99 43.22 32.23 16.17
C LYS D 99 42.90 31.48 14.87
N LEU D 100 41.90 31.96 14.14
CA LEU D 100 41.49 31.31 12.90
C LEU D 100 42.17 31.92 11.66
N SER D 101 42.35 33.23 11.68
CA SER D 101 42.97 33.95 10.55
C SER D 101 44.32 33.38 10.08
N PRO D 102 45.32 33.23 10.99
CA PRO D 102 46.66 32.71 10.65
C PRO D 102 46.66 31.48 9.73
N LEU D 103 46.14 30.36 10.23
CA LEU D 103 46.11 29.12 9.45
C LEU D 103 45.30 29.27 8.16
N GLY D 104 44.23 30.07 8.21
CA GLY D 104 43.42 30.28 7.04
C GLY D 104 44.17 30.98 5.94
N GLU D 105 44.87 32.05 6.29
CA GLU D 105 45.64 32.83 5.33
C GLU D 105 46.74 31.97 4.71
N GLU D 106 47.36 31.15 5.54
CA GLU D 106 48.43 30.27 5.08
C GLU D 106 47.90 29.26 4.06
N MET D 107 46.71 28.76 4.29
CA MET D 107 46.09 27.79 3.39
C MET D 107 45.64 28.47 2.11
N ARG D 108 45.16 29.70 2.23
CA ARG D 108 44.70 30.46 1.08
C ARG D 108 45.83 30.63 0.07
N ASP D 109 47.03 30.79 0.60
CA ASP D 109 48.22 30.97 -0.23
C ASP D 109 48.52 29.68 -1.02
N ARG D 110 48.35 28.54 -0.37
CA ARG D 110 48.59 27.25 -0.99
C ARG D 110 47.60 27.01 -2.14
N ALA D 111 46.38 27.49 -1.94
CA ALA D 111 45.34 27.37 -2.95
C ALA D 111 45.71 28.15 -4.21
N ARG D 112 46.22 29.36 -4.00
CA ARG D 112 46.64 30.23 -5.09
C ARG D 112 47.70 29.55 -5.94
N ALA D 113 48.70 28.98 -5.27
CA ALA D 113 49.79 28.29 -5.96
C ALA D 113 49.28 27.09 -6.74
N HIS D 114 48.39 26.31 -6.14
CA HIS D 114 47.83 25.11 -6.78
C HIS D 114 46.99 25.49 -8.01
N VAL D 115 46.13 26.49 -7.85
CA VAL D 115 45.27 26.94 -8.94
C VAL D 115 46.09 27.53 -10.08
N ASP D 116 47.12 28.29 -9.71
CA ASP D 116 48.00 28.93 -10.69
C ASP D 116 48.67 27.91 -11.61
N ALA D 117 49.16 26.83 -11.03
CA ALA D 117 49.83 25.79 -11.79
C ALA D 117 48.84 24.80 -12.40
N LEU D 118 47.56 24.97 -12.07
CA LEU D 118 46.51 24.09 -12.58
C LEU D 118 46.09 24.48 -14.00
N ARG D 119 45.97 25.78 -14.22
CA ARG D 119 45.56 26.31 -15.53
C ARG D 119 46.56 25.90 -16.62
N THR D 120 47.84 25.87 -16.27
CA THR D 120 48.89 25.52 -17.20
C THR D 120 48.78 24.07 -17.71
N HIS D 121 48.02 23.24 -16.99
CA HIS D 121 47.86 21.85 -17.38
C HIS D 121 46.74 21.66 -18.40
N LEU D 122 45.64 22.38 -18.22
CA LEU D 122 44.49 22.29 -19.11
C LEU D 122 44.62 23.19 -20.33
N ALA D 123 45.52 24.17 -20.24
CA ALA D 123 45.75 25.11 -21.34
C ALA D 123 46.07 24.44 -22.70
N PRO D 124 47.16 23.66 -22.80
CA PRO D 124 47.55 23.01 -24.06
C PRO D 124 46.54 21.93 -24.46
N TYR D 125 45.89 21.34 -23.48
CA TYR D 125 44.91 20.29 -23.71
C TYR D 125 43.69 20.83 -24.44
N SER D 126 43.22 21.98 -23.97
CA SER D 126 42.04 22.61 -24.56
C SER D 126 42.33 23.12 -25.97
N ASP D 127 43.53 23.67 -26.18
CA ASP D 127 43.91 24.20 -27.47
C ASP D 127 44.01 23.09 -28.51
N GLU D 128 44.69 22.00 -28.14
CA GLU D 128 44.86 20.86 -29.02
C GLU D 128 43.51 20.23 -29.37
N LEU D 129 42.63 20.16 -28.37
CA LEU D 129 41.30 19.59 -28.54
C LEU D 129 40.54 20.37 -29.60
N ARG D 130 40.61 21.69 -29.53
CA ARG D 130 39.92 22.56 -30.48
C ARG D 130 40.44 22.31 -31.91
N GLN D 131 41.73 22.02 -32.03
CA GLN D 131 42.35 21.76 -33.32
C GLN D 131 41.85 20.43 -33.87
N ARG D 132 41.95 19.38 -33.06
CA ARG D 132 41.52 18.05 -33.47
C ARG D 132 40.03 18.02 -33.78
N LEU D 133 39.25 18.77 -33.02
CA LEU D 133 37.81 18.85 -33.20
C LEU D 133 37.48 19.36 -34.59
N ALA D 134 38.17 20.41 -35.03
CA ALA D 134 37.95 20.99 -36.34
C ALA D 134 38.31 20.00 -37.45
N ALA D 135 39.45 19.35 -37.27
CA ALA D 135 39.93 18.38 -38.25
C ALA D 135 38.91 17.26 -38.45
N ARG D 136 38.38 16.75 -37.35
CA ARG D 136 37.40 15.69 -37.39
C ARG D 136 36.07 16.21 -37.97
N LEU D 137 35.71 17.42 -37.59
CA LEU D 137 34.47 18.04 -38.07
C LEU D 137 34.51 18.24 -39.58
N GLU D 138 35.66 18.69 -40.07
CA GLU D 138 35.87 18.93 -41.49
C GLU D 138 35.69 17.63 -42.28
N ALA D 139 36.31 16.57 -41.79
CA ALA D 139 36.24 15.26 -42.43
C ALA D 139 34.81 14.76 -42.55
N LEU D 140 34.01 14.95 -41.49
CA LEU D 140 32.63 14.51 -41.48
C LEU D 140 31.79 15.35 -42.44
N LYS D 141 32.13 16.63 -42.57
CA LYS D 141 31.42 17.53 -43.46
C LYS D 141 31.72 17.17 -44.93
N GLU D 142 33.00 16.97 -45.22
CA GLU D 142 33.42 16.63 -46.57
C GLU D 142 32.89 15.26 -46.99
N ASN D 143 32.66 14.40 -46.01
CA ASN D 143 32.14 13.07 -46.28
C ASN D 143 30.65 12.98 -45.99
N GLY D 144 30.00 14.13 -45.92
CA GLY D 144 28.58 14.15 -45.65
C GLY D 144 27.80 15.00 -46.64
N GLY D 145 28.43 16.07 -47.13
CA GLY D 145 27.78 16.98 -48.07
C GLY D 145 27.13 16.27 -49.26
N ALA D 146 27.92 15.44 -49.95
CA ALA D 146 27.42 14.72 -51.12
C ALA D 146 26.38 13.66 -50.74
N ARG D 147 26.55 13.08 -49.56
CA ARG D 147 25.64 12.06 -49.07
C ARG D 147 24.30 12.68 -48.68
N LEU D 148 24.36 13.89 -48.11
CA LEU D 148 23.16 14.61 -47.71
C LEU D 148 22.30 14.94 -48.93
N ALA D 149 22.96 15.27 -50.03
CA ALA D 149 22.28 15.61 -51.27
C ALA D 149 21.44 14.44 -51.78
N GLU D 150 21.96 13.23 -51.60
CA GLU D 150 21.27 12.02 -52.02
C GLU D 150 19.98 11.84 -51.25
N TYR D 151 20.04 12.15 -49.95
CA TYR D 151 18.87 12.03 -49.09
C TYR D 151 17.79 13.00 -49.53
N HIS D 152 18.18 14.25 -49.72
CA HIS D 152 17.25 15.30 -50.15
C HIS D 152 16.62 14.99 -51.50
N ALA D 153 17.45 14.61 -52.47
CA ALA D 153 16.97 14.30 -53.81
C ALA D 153 15.90 13.23 -53.79
N LYS D 154 16.15 12.14 -53.07
CA LYS D 154 15.21 11.04 -52.98
C LYS D 154 13.97 11.41 -52.16
N ALA D 155 14.17 12.18 -51.10
CA ALA D 155 13.07 12.60 -50.24
C ALA D 155 12.05 13.42 -51.02
N THR D 156 12.56 14.32 -51.86
CA THR D 156 11.70 15.18 -52.68
C THR D 156 10.87 14.35 -53.66
N GLU D 157 11.45 13.27 -54.15
CA GLU D 157 10.76 12.39 -55.09
C GLU D 157 9.59 11.68 -54.41
N HIS D 158 9.80 11.27 -53.16
CA HIS D 158 8.75 10.60 -52.40
C HIS D 158 7.66 11.60 -52.04
N LEU D 159 8.08 12.86 -51.86
CA LEU D 159 7.16 13.93 -51.52
C LEU D 159 6.28 14.30 -52.72
N SER D 160 6.76 14.00 -53.91
CA SER D 160 6.02 14.29 -55.13
C SER D 160 4.74 13.46 -55.20
N THR D 161 4.88 12.14 -55.15
CA THR D 161 3.74 11.25 -55.21
C THR D 161 3.11 11.06 -53.84
N LEU D 162 3.17 12.10 -53.01
CA LEU D 162 2.62 12.03 -51.67
C LEU D 162 1.24 12.67 -51.59
N SER D 163 1.20 14.00 -51.55
CA SER D 163 -0.06 14.72 -51.44
C SER D 163 -0.66 15.08 -52.79
N GLU D 164 -0.17 14.45 -53.86
CA GLU D 164 -0.67 14.74 -55.20
C GLU D 164 -2.05 14.14 -55.45
N LYS D 165 -2.46 13.19 -54.62
CA LYS D 165 -3.76 12.55 -54.77
C LYS D 165 -4.68 12.89 -53.60
N ALA D 166 -4.21 13.77 -52.73
CA ALA D 166 -4.99 14.17 -51.56
C ALA D 166 -5.87 15.38 -51.86
N LYS D 167 -5.43 16.21 -52.79
CA LYS D 167 -6.18 17.40 -53.17
C LYS D 167 -7.46 17.11 -53.97
N PRO D 168 -7.37 16.35 -55.09
CA PRO D 168 -8.54 16.03 -55.92
C PRO D 168 -9.55 15.13 -55.21
N ALA D 169 -9.13 14.49 -54.14
CA ALA D 169 -10.00 13.59 -53.38
C ALA D 169 -11.17 14.34 -52.75
N LEU D 170 -10.94 15.61 -52.39
CA LEU D 170 -11.98 16.43 -51.76
C LEU D 170 -13.02 16.90 -52.77
N GLU D 171 -12.63 16.99 -54.03
CA GLU D 171 -13.52 17.44 -55.08
C GLU D 171 -14.79 16.60 -55.13
N ASP D 172 -14.62 15.28 -55.28
CA ASP D 172 -15.76 14.36 -55.34
C ASP D 172 -16.57 14.40 -54.05
N LEU D 173 -15.88 14.48 -52.92
CA LEU D 173 -16.53 14.52 -51.62
C LEU D 173 -17.42 15.74 -51.48
N ARG D 174 -16.89 16.90 -51.85
CA ARG D 174 -17.63 18.15 -51.76
C ARG D 174 -18.82 18.16 -52.72
N GLN D 175 -18.56 17.74 -53.96
CA GLN D 175 -19.59 17.70 -54.99
C GLN D 175 -20.71 16.74 -54.63
N GLY D 176 -20.36 15.58 -54.11
CA GLY D 176 -21.36 14.59 -53.75
C GLY D 176 -21.78 14.65 -52.29
N LEU D 177 -21.98 15.86 -51.78
CA LEU D 177 -22.40 16.03 -50.39
C LEU D 177 -23.23 17.30 -50.24
N LEU D 178 -22.76 18.39 -50.86
CA LEU D 178 -23.45 19.67 -50.80
C LEU D 178 -24.95 19.61 -51.09
N PRO D 179 -25.38 19.00 -52.23
CA PRO D 179 -26.81 18.90 -52.57
C PRO D 179 -27.67 18.35 -51.42
N VAL D 180 -27.16 17.33 -50.75
CA VAL D 180 -27.88 16.70 -49.65
C VAL D 180 -27.85 17.59 -48.41
N LEU D 181 -26.67 18.14 -48.13
CA LEU D 181 -26.47 19.01 -46.97
C LEU D 181 -27.33 20.26 -47.06
N GLU D 182 -27.38 20.87 -48.24
CA GLU D 182 -28.18 22.07 -48.46
C GLU D 182 -29.66 21.80 -48.19
N SER D 183 -30.10 20.61 -48.61
CA SER D 183 -31.48 20.20 -48.42
C SER D 183 -31.78 20.00 -46.94
N PHE D 184 -30.80 19.46 -46.21
CA PHE D 184 -30.97 19.21 -44.78
C PHE D 184 -31.07 20.53 -44.02
N LYS D 185 -30.34 21.54 -44.50
CA LYS D 185 -30.35 22.86 -43.89
C LYS D 185 -31.77 23.42 -43.91
N VAL D 186 -32.43 23.27 -45.06
CA VAL D 186 -33.79 23.75 -45.24
C VAL D 186 -34.73 23.04 -44.27
N SER D 187 -34.61 21.72 -44.20
CA SER D 187 -35.46 20.91 -43.32
C SER D 187 -35.34 21.38 -41.87
N PHE D 188 -34.11 21.61 -41.42
CA PHE D 188 -33.87 22.07 -40.06
C PHE D 188 -34.40 23.50 -39.89
N LEU D 189 -34.17 24.33 -40.89
CA LEU D 189 -34.61 25.72 -40.85
C LEU D 189 -36.13 25.81 -40.80
N SER D 190 -36.80 24.83 -41.39
CA SER D 190 -38.26 24.79 -41.40
C SER D 190 -38.79 24.52 -39.99
N ALA D 191 -38.11 23.64 -39.26
CA ALA D 191 -38.49 23.29 -37.91
C ALA D 191 -38.01 24.36 -36.94
N LEU D 192 -37.07 25.18 -37.41
CA LEU D 192 -36.50 26.25 -36.59
C LEU D 192 -37.57 27.20 -36.08
N GLU D 193 -38.42 27.67 -36.98
CA GLU D 193 -39.49 28.60 -36.60
C GLU D 193 -40.75 27.86 -36.17
N GLU D 194 -40.65 26.55 -36.01
CA GLU D 194 -41.79 25.75 -35.60
C GLU D 194 -41.86 25.65 -34.08
N TYR D 195 -40.69 25.55 -33.46
CA TYR D 195 -40.61 25.42 -32.01
C TYR D 195 -40.65 26.77 -31.29
N THR D 196 -40.22 27.83 -31.97
CA THR D 196 -40.21 29.16 -31.36
C THR D 196 -41.62 29.65 -31.09
N LYS D 197 -42.54 29.32 -32.00
CA LYS D 197 -43.93 29.74 -31.86
C LYS D 197 -44.55 29.12 -30.63
N LYS D 198 -44.23 27.85 -30.38
CA LYS D 198 -44.76 27.14 -29.23
C LYS D 198 -44.04 27.56 -27.95
N LEU D 199 -42.74 27.84 -28.06
CA LEU D 199 -41.94 28.26 -26.92
C LEU D 199 -42.34 29.66 -26.44
N ASN D 200 -42.46 30.58 -27.39
CA ASN D 200 -42.82 31.96 -27.08
C ASN D 200 -44.16 32.04 -26.36
N THR A 2 0.32 -13.37 2.53
CA THR A 2 0.27 -13.58 1.09
C THR A 2 -0.62 -14.79 0.78
N GLU A 3 -1.46 -14.66 -0.23
CA GLU A 3 -2.35 -15.73 -0.62
C GLU A 3 -1.82 -16.44 -1.87
N TYR A 4 -1.78 -17.76 -1.82
CA TYR A 4 -1.30 -18.56 -2.93
C TYR A 4 -2.34 -19.59 -3.34
N LYS A 5 -2.81 -19.49 -4.57
CA LYS A 5 -3.83 -20.41 -5.08
C LYS A 5 -3.17 -21.65 -5.69
N LEU A 6 -3.41 -22.79 -5.08
CA LEU A 6 -2.84 -24.05 -5.54
C LEU A 6 -3.92 -24.96 -6.11
N VAL A 7 -3.62 -25.57 -7.24
CA VAL A 7 -4.55 -26.48 -7.89
C VAL A 7 -3.91 -27.85 -8.05
N VAL A 8 -4.55 -28.88 -7.49
CA VAL A 8 -4.04 -30.24 -7.61
C VAL A 8 -4.43 -30.80 -8.96
N VAL A 9 -3.46 -31.25 -9.71
CA VAL A 9 -3.70 -31.82 -11.03
C VAL A 9 -3.38 -33.30 -11.01
N GLY A 10 -4.18 -34.09 -11.71
CA GLY A 10 -3.96 -35.52 -11.76
C GLY A 10 -5.25 -36.28 -12.06
N ALA A 11 -5.11 -37.52 -12.50
CA ALA A 11 -6.25 -38.35 -12.84
C ALA A 11 -6.93 -38.92 -11.59
N ASP A 12 -7.83 -39.86 -11.81
CA ASP A 12 -8.55 -40.49 -10.72
C ASP A 12 -7.71 -41.57 -10.05
N GLY A 13 -7.91 -41.74 -8.76
CA GLY A 13 -7.19 -42.75 -8.00
C GLY A 13 -5.69 -42.52 -7.90
N VAL A 14 -5.26 -41.28 -8.02
CA VAL A 14 -3.81 -40.99 -7.92
C VAL A 14 -3.48 -40.35 -6.58
N GLY A 15 -4.50 -40.11 -5.77
CA GLY A 15 -4.28 -39.50 -4.46
C GLY A 15 -4.43 -38.00 -4.51
N LYS A 16 -5.42 -37.53 -5.28
CA LYS A 16 -5.69 -36.10 -5.41
C LYS A 16 -6.00 -35.45 -4.07
N SER A 17 -6.91 -36.06 -3.34
CA SER A 17 -7.33 -35.54 -2.05
C SER A 17 -6.52 -36.15 -0.91
N ALA A 18 -5.96 -37.32 -1.15
CA ALA A 18 -5.17 -38.03 -0.13
C ALA A 18 -3.98 -37.18 0.30
N LEU A 19 -3.31 -36.57 -0.67
CA LEU A 19 -2.15 -35.74 -0.39
C LEU A 19 -2.53 -34.43 0.30
N THR A 20 -3.75 -33.96 0.09
CA THR A 20 -4.20 -32.71 0.70
C THR A 20 -4.73 -32.95 2.12
N ILE A 21 -5.56 -33.96 2.29
CA ILE A 21 -6.15 -34.28 3.59
C ILE A 21 -5.06 -34.63 4.60
N GLN A 22 -4.08 -35.41 4.16
CA GLN A 22 -2.97 -35.82 5.03
C GLN A 22 -2.10 -34.67 5.46
N LEU A 23 -2.21 -33.54 4.77
CA LEU A 23 -1.39 -32.38 5.09
C LEU A 23 -2.19 -31.35 5.91
N ILE A 24 -3.47 -31.22 5.60
CA ILE A 24 -4.34 -30.27 6.28
C ILE A 24 -4.87 -30.83 7.60
N GLN A 25 -5.45 -32.02 7.53
CA GLN A 25 -6.03 -32.65 8.71
C GLN A 25 -5.04 -33.58 9.40
N ASN A 26 -4.08 -34.08 8.62
CA ASN A 26 -3.06 -35.00 9.12
C ASN A 26 -3.67 -36.34 9.54
N HIS A 27 -4.84 -36.63 9.01
CA HIS A 27 -5.54 -37.88 9.31
C HIS A 27 -5.92 -38.60 8.02
N PHE A 28 -5.69 -39.90 8.00
CA PHE A 28 -6.01 -40.70 6.82
C PHE A 28 -7.44 -41.18 6.87
N VAL A 29 -8.20 -40.88 5.84
CA VAL A 29 -9.59 -41.28 5.77
C VAL A 29 -9.75 -42.59 5.00
N ASP A 30 -10.60 -43.46 5.51
CA ASP A 30 -10.86 -44.75 4.87
C ASP A 30 -12.33 -44.86 4.50
N GLU A 31 -12.70 -44.23 3.40
CA GLU A 31 -14.08 -44.26 2.95
C GLU A 31 -14.20 -43.66 1.55
N TYR A 32 -14.51 -44.50 0.57
CA TYR A 32 -14.67 -44.04 -0.79
C TYR A 32 -16.07 -43.44 -0.95
N ASP A 33 -16.11 -42.17 -1.30
CA ASP A 33 -17.37 -41.45 -1.49
C ASP A 33 -17.17 -40.32 -2.51
N PRO A 34 -18.00 -40.30 -3.57
CA PRO A 34 -17.92 -39.27 -4.62
C PRO A 34 -18.14 -37.85 -4.06
N THR A 35 -17.05 -37.11 -3.95
CA THR A 35 -17.11 -35.75 -3.43
C THR A 35 -16.74 -34.73 -4.51
N ILE A 36 -17.35 -33.56 -4.43
CA ILE A 36 -17.08 -32.48 -5.38
C ILE A 36 -15.75 -31.81 -5.09
N GLU A 37 -15.45 -30.73 -5.83
CA GLU A 37 -14.21 -29.99 -5.64
C GLU A 37 -14.14 -29.41 -4.23
N ASP A 38 -13.13 -29.82 -3.49
CA ASP A 38 -12.95 -29.34 -2.12
C ASP A 38 -11.83 -28.31 -2.07
N SER A 39 -12.09 -27.19 -1.41
CA SER A 39 -11.11 -26.13 -1.29
C SER A 39 -10.92 -25.72 0.17
N TYR A 40 -9.68 -25.76 0.64
CA TYR A 40 -9.38 -25.41 2.02
C TYR A 40 -8.26 -24.37 2.09
N ARG A 41 -8.27 -23.56 3.13
CA ARG A 41 -7.26 -22.52 3.32
C ARG A 41 -6.47 -22.79 4.58
N LYS A 42 -5.16 -22.85 4.44
CA LYS A 42 -4.29 -23.10 5.58
C LYS A 42 -3.06 -22.20 5.53
N GLN A 43 -2.86 -21.43 6.58
CA GLN A 43 -1.70 -20.54 6.67
C GLN A 43 -0.57 -21.23 7.42
N VAL A 44 0.49 -21.55 6.70
CA VAL A 44 1.63 -22.22 7.28
C VAL A 44 2.88 -21.34 7.17
N VAL A 45 3.97 -21.80 7.77
CA VAL A 45 5.23 -21.07 7.75
C VAL A 45 6.16 -21.67 6.71
N ILE A 46 6.19 -21.05 5.54
CA ILE A 46 7.02 -21.51 4.45
C ILE A 46 8.26 -20.63 4.32
N ASP A 47 9.40 -21.20 4.66
CA ASP A 47 10.69 -20.50 4.60
C ASP A 47 10.76 -19.37 5.62
N GLY A 48 9.97 -19.48 6.67
CA GLY A 48 9.95 -18.45 7.70
C GLY A 48 8.95 -17.37 7.40
N GLU A 49 8.18 -17.56 6.34
CA GLU A 49 7.19 -16.59 5.91
C GLU A 49 5.79 -17.19 6.04
N THR A 50 4.84 -16.38 6.51
CA THR A 50 3.47 -16.82 6.70
C THR A 50 2.70 -16.71 5.38
N CYS A 51 2.37 -17.85 4.80
CA CYS A 51 1.64 -17.87 3.53
C CYS A 51 0.32 -18.64 3.67
N LEU A 52 -0.72 -18.09 3.06
CA LEU A 52 -2.04 -18.71 3.09
C LEU A 52 -2.22 -19.54 1.83
N LEU A 53 -2.29 -20.85 2.01
CA LEU A 53 -2.44 -21.75 0.88
C LEU A 53 -3.91 -22.08 0.61
N ASP A 54 -4.35 -21.80 -0.60
CA ASP A 54 -5.71 -22.08 -1.03
C ASP A 54 -5.66 -23.22 -2.04
N ILE A 55 -5.84 -24.44 -1.56
CA ILE A 55 -5.75 -25.62 -2.41
C ILE A 55 -7.12 -26.16 -2.82
N LEU A 56 -7.26 -26.45 -4.11
CA LEU A 56 -8.52 -26.97 -4.63
C LEU A 56 -8.33 -28.40 -5.16
N ASP A 57 -9.18 -29.31 -4.70
CA ASP A 57 -9.13 -30.71 -5.11
C ASP A 57 -10.05 -30.93 -6.31
N THR A 58 -9.45 -31.01 -7.49
CA THR A 58 -10.20 -31.21 -8.72
C THR A 58 -10.46 -32.69 -9.02
N ALA A 59 -11.43 -32.95 -9.87
CA ALA A 59 -11.77 -34.31 -10.24
C ALA A 59 -10.91 -34.78 -11.41
N GLY A 60 -10.46 -36.02 -11.34
CA GLY A 60 -9.63 -36.56 -12.41
C GLY A 60 -10.34 -37.60 -13.24
N GLN A 61 -11.66 -37.45 -13.37
CA GLN A 61 -12.46 -38.39 -14.15
C GLN A 61 -12.62 -37.92 -15.59
N GLU A 62 -11.93 -36.82 -15.92
CA GLU A 62 -11.97 -36.23 -17.26
C GLU A 62 -13.36 -35.74 -17.64
N GLU A 63 -13.56 -35.48 -18.92
CA GLU A 63 -14.84 -34.99 -19.46
C GLU A 63 -15.11 -33.53 -19.11
N TYR A 64 -14.66 -33.11 -17.93
CA TYR A 64 -14.89 -31.75 -17.47
C TYR A 64 -13.93 -30.76 -18.15
N SER A 65 -14.09 -30.58 -19.45
CA SER A 65 -13.25 -29.66 -20.21
C SER A 65 -13.57 -28.20 -19.88
N ALA A 66 -14.86 -27.91 -19.78
CA ALA A 66 -15.32 -26.55 -19.47
C ALA A 66 -14.96 -26.19 -18.04
N MET A 67 -15.11 -27.14 -17.14
CA MET A 67 -14.81 -26.91 -15.73
C MET A 67 -13.31 -26.73 -15.53
N ARG A 68 -12.51 -27.46 -16.30
CA ARG A 68 -11.06 -27.37 -16.20
C ARG A 68 -10.58 -25.96 -16.54
N ASP A 69 -11.18 -25.39 -17.57
CA ASP A 69 -10.83 -24.05 -18.03
C ASP A 69 -11.10 -23.00 -16.96
N GLN A 70 -12.13 -23.24 -16.16
CA GLN A 70 -12.52 -22.33 -15.09
C GLN A 70 -11.45 -22.14 -14.01
N TYR A 71 -11.03 -23.23 -13.39
CA TYR A 71 -10.05 -23.16 -12.31
C TYR A 71 -8.62 -22.91 -12.80
N MET A 72 -8.37 -23.14 -14.08
CA MET A 72 -7.04 -22.92 -14.64
C MET A 72 -6.71 -21.43 -14.72
N ARG A 73 -7.76 -20.62 -14.82
CA ARG A 73 -7.60 -19.18 -14.91
C ARG A 73 -7.13 -18.59 -13.58
N THR A 74 -7.81 -18.96 -12.50
CA THR A 74 -7.47 -18.46 -11.18
C THR A 74 -6.25 -19.16 -10.59
N GLY A 75 -6.07 -20.43 -10.92
CA GLY A 75 -4.95 -21.19 -10.40
C GLY A 75 -3.60 -20.55 -10.70
N GLU A 76 -2.77 -20.46 -9.67
CA GLU A 76 -1.43 -19.88 -9.81
C GLU A 76 -0.39 -20.99 -9.87
N GLY A 77 -0.48 -21.93 -8.93
CA GLY A 77 0.44 -23.04 -8.90
C GLY A 77 -0.26 -24.35 -9.19
N PHE A 78 0.20 -25.05 -10.20
CA PHE A 78 -0.40 -26.32 -10.58
C PHE A 78 0.48 -27.49 -10.20
N LEU A 79 -0.03 -28.34 -9.33
CA LEU A 79 0.71 -29.51 -8.87
C LEU A 79 0.25 -30.74 -9.63
N CYS A 80 0.95 -31.06 -10.70
CA CYS A 80 0.60 -32.23 -11.51
C CYS A 80 1.15 -33.50 -10.87
N VAL A 81 0.26 -34.30 -10.31
CA VAL A 81 0.63 -35.53 -9.65
C VAL A 81 0.23 -36.74 -10.50
N PHE A 82 1.16 -37.65 -10.72
CA PHE A 82 0.90 -38.84 -11.50
C PHE A 82 1.17 -40.09 -10.67
N ALA A 83 0.56 -41.20 -11.08
CA ALA A 83 0.75 -42.46 -10.39
C ALA A 83 1.89 -43.23 -11.03
N ILE A 84 2.89 -43.60 -10.23
CA ILE A 84 4.04 -44.33 -10.74
C ILE A 84 3.67 -45.76 -11.16
N ASN A 85 2.48 -46.18 -10.78
CA ASN A 85 2.00 -47.52 -11.12
C ASN A 85 1.01 -47.46 -12.29
N ASN A 86 0.90 -46.29 -12.90
CA ASN A 86 0.00 -46.10 -14.03
C ASN A 86 0.61 -45.17 -15.07
N THR A 87 0.97 -45.74 -16.22
CA THR A 87 1.57 -44.98 -17.30
C THR A 87 0.62 -43.92 -17.87
N LYS A 88 -0.68 -44.23 -17.82
CA LYS A 88 -1.70 -43.33 -18.34
C LYS A 88 -1.64 -41.96 -17.67
N SER A 89 -1.51 -41.96 -16.35
CA SER A 89 -1.44 -40.71 -15.61
C SER A 89 -0.18 -39.90 -15.92
N PHE A 90 0.87 -40.59 -16.36
CA PHE A 90 2.13 -39.93 -16.68
C PHE A 90 2.00 -39.14 -17.98
N GLU A 91 1.46 -39.77 -19.00
CA GLU A 91 1.28 -39.13 -20.30
C GLU A 91 0.18 -38.08 -20.24
N ASP A 92 -0.71 -38.24 -19.28
CA ASP A 92 -1.82 -37.31 -19.09
C ASP A 92 -1.31 -35.96 -18.64
N ILE A 93 -0.17 -35.95 -17.93
CA ILE A 93 0.43 -34.72 -17.43
C ILE A 93 0.76 -33.78 -18.58
N HIS A 94 1.22 -34.35 -19.70
CA HIS A 94 1.57 -33.58 -20.88
C HIS A 94 0.35 -32.82 -21.39
N HIS A 95 -0.78 -33.53 -21.49
CA HIS A 95 -2.03 -32.94 -21.96
C HIS A 95 -2.49 -31.85 -21.01
N TYR A 96 -2.40 -32.13 -19.71
CA TYR A 96 -2.79 -31.19 -18.68
C TYR A 96 -1.96 -29.91 -18.79
N ARG A 97 -0.65 -30.09 -18.91
CA ARG A 97 0.28 -28.96 -19.01
C ARG A 97 -0.05 -28.09 -20.22
N GLU A 98 -0.24 -28.73 -21.38
CA GLU A 98 -0.54 -28.01 -22.61
C GLU A 98 -1.83 -27.20 -22.52
N GLN A 99 -2.82 -27.75 -21.82
CA GLN A 99 -4.10 -27.07 -21.65
C GLN A 99 -3.93 -25.79 -20.81
N ILE A 100 -3.12 -25.88 -19.77
CA ILE A 100 -2.88 -24.75 -18.88
C ILE A 100 -2.26 -23.59 -19.65
N LYS A 101 -1.29 -23.90 -20.52
CA LYS A 101 -0.61 -22.88 -21.32
C LYS A 101 -1.60 -22.11 -22.19
N ARG A 102 -2.60 -22.82 -22.68
CA ARG A 102 -3.64 -22.25 -23.53
C ARG A 102 -4.60 -21.38 -22.73
N VAL A 103 -5.13 -21.93 -21.66
CA VAL A 103 -6.09 -21.23 -20.81
C VAL A 103 -5.51 -19.95 -20.20
N LYS A 104 -4.31 -20.05 -19.64
CA LYS A 104 -3.66 -18.91 -19.01
C LYS A 104 -2.97 -18.00 -20.03
N ASP A 105 -2.77 -18.51 -21.24
CA ASP A 105 -2.11 -17.77 -22.31
C ASP A 105 -0.73 -17.31 -21.86
N SER A 106 0.09 -18.26 -21.43
CA SER A 106 1.43 -17.97 -20.97
C SER A 106 2.33 -19.17 -21.19
N GLU A 107 3.63 -18.93 -21.32
CA GLU A 107 4.58 -20.00 -21.51
C GLU A 107 5.10 -20.45 -20.15
N ASP A 108 5.44 -19.47 -19.32
CA ASP A 108 5.95 -19.72 -17.98
C ASP A 108 4.77 -19.96 -17.03
N VAL A 109 4.62 -21.19 -16.60
CA VAL A 109 3.55 -21.56 -15.68
C VAL A 109 4.14 -22.27 -14.48
N PRO A 110 3.87 -21.76 -13.26
CA PRO A 110 4.37 -22.35 -12.02
C PRO A 110 3.78 -23.74 -11.79
N MET A 111 4.57 -24.76 -12.08
CA MET A 111 4.12 -26.14 -11.92
C MET A 111 5.22 -27.02 -11.35
N VAL A 112 4.82 -28.11 -10.72
CA VAL A 112 5.74 -29.07 -10.12
C VAL A 112 5.25 -30.48 -10.43
N LEU A 113 6.15 -31.33 -10.90
CA LEU A 113 5.80 -32.70 -11.23
C LEU A 113 5.92 -33.58 -9.98
N VAL A 114 4.83 -34.25 -9.61
CA VAL A 114 4.82 -35.09 -8.42
C VAL A 114 4.45 -36.54 -8.73
N GLY A 115 5.23 -37.47 -8.20
CA GLY A 115 4.96 -38.88 -8.39
C GLY A 115 4.52 -39.52 -7.09
N ASN A 116 3.22 -39.65 -6.89
CA ASN A 116 2.67 -40.22 -5.67
C ASN A 116 2.63 -41.74 -5.71
N LYS A 117 2.58 -42.34 -4.51
CA LYS A 117 2.51 -43.79 -4.33
C LYS A 117 3.83 -44.49 -4.63
N CYS A 118 4.92 -43.88 -4.21
CA CYS A 118 6.25 -44.47 -4.44
C CYS A 118 6.51 -45.63 -3.48
N ASP A 119 5.60 -45.83 -2.53
CA ASP A 119 5.71 -46.91 -1.56
C ASP A 119 5.24 -48.21 -2.17
N LEU A 120 4.57 -48.10 -3.31
CA LEU A 120 4.06 -49.27 -4.01
C LEU A 120 5.13 -49.88 -4.91
N PRO A 121 5.35 -51.19 -4.78
CA PRO A 121 6.35 -51.91 -5.57
C PRO A 121 5.90 -52.08 -7.03
N SER A 122 6.82 -52.54 -7.88
CA SER A 122 6.53 -52.74 -9.29
C SER A 122 6.04 -51.44 -9.94
N ARG A 123 6.94 -50.48 -10.03
CA ARG A 123 6.61 -49.19 -10.62
C ARG A 123 6.64 -49.26 -12.14
N THR A 124 5.54 -48.84 -12.76
CA THR A 124 5.43 -48.84 -14.20
C THR A 124 6.17 -47.64 -14.77
N VAL A 125 6.15 -46.55 -14.03
CA VAL A 125 6.82 -45.33 -14.44
C VAL A 125 8.13 -45.20 -13.67
N ASP A 126 9.22 -45.12 -14.40
CA ASP A 126 10.54 -45.00 -13.78
C ASP A 126 10.83 -43.55 -13.40
N THR A 127 11.70 -43.36 -12.42
CA THR A 127 12.06 -42.02 -11.96
C THR A 127 12.83 -41.27 -13.04
N LYS A 128 13.66 -41.99 -13.78
CA LYS A 128 14.47 -41.38 -14.83
C LYS A 128 13.60 -40.68 -15.87
N GLN A 129 12.63 -41.39 -16.43
CA GLN A 129 11.75 -40.81 -17.43
C GLN A 129 10.95 -39.65 -16.85
N ALA A 130 10.67 -39.71 -15.55
CA ALA A 130 9.94 -38.66 -14.87
C ALA A 130 10.80 -37.39 -14.79
N GLN A 131 12.06 -37.56 -14.41
CA GLN A 131 12.99 -36.44 -14.33
C GLN A 131 13.21 -35.86 -15.71
N ASP A 132 13.20 -36.74 -16.71
CA ASP A 132 13.37 -36.35 -18.11
C ASP A 132 12.28 -35.38 -18.51
N LEU A 133 11.03 -35.76 -18.20
CA LEU A 133 9.87 -34.92 -18.53
C LEU A 133 9.96 -33.59 -17.79
N ALA A 134 10.31 -33.65 -16.52
CA ALA A 134 10.44 -32.45 -15.69
C ALA A 134 11.49 -31.52 -16.28
N ARG A 135 12.62 -32.09 -16.68
CA ARG A 135 13.71 -31.33 -17.26
C ARG A 135 13.30 -30.77 -18.61
N SER A 136 12.50 -31.53 -19.35
CA SER A 136 12.02 -31.10 -20.66
C SER A 136 11.21 -29.81 -20.53
N TYR A 137 10.42 -29.73 -19.47
CA TYR A 137 9.59 -28.55 -19.22
C TYR A 137 10.43 -27.46 -18.56
N GLY A 138 11.25 -27.88 -17.62
CA GLY A 138 12.07 -26.95 -16.87
C GLY A 138 11.51 -26.74 -15.48
N ILE A 139 10.85 -27.78 -14.97
CA ILE A 139 10.22 -27.73 -13.66
C ILE A 139 10.80 -28.83 -12.77
N PRO A 140 10.59 -28.75 -11.46
CA PRO A 140 11.09 -29.74 -10.51
C PRO A 140 10.19 -30.98 -10.42
N PHE A 141 10.78 -32.08 -9.98
CA PHE A 141 10.07 -33.33 -9.83
C PHE A 141 10.23 -33.85 -8.40
N ILE A 142 9.14 -34.29 -7.80
CA ILE A 142 9.15 -34.79 -6.43
C ILE A 142 8.37 -36.11 -6.30
N GLU A 143 9.01 -37.10 -5.69
CA GLU A 143 8.36 -38.38 -5.45
C GLU A 143 7.66 -38.32 -4.10
N THR A 144 6.41 -38.79 -4.02
CA THR A 144 5.67 -38.70 -2.77
C THR A 144 4.93 -40.00 -2.43
N SER A 145 4.27 -39.95 -1.29
CA SER A 145 3.45 -41.05 -0.78
C SER A 145 2.56 -40.50 0.34
N ALA A 146 1.29 -40.27 0.02
CA ALA A 146 0.35 -39.74 1.00
C ALA A 146 0.12 -40.73 2.13
N LYS A 147 0.13 -42.00 1.78
CA LYS A 147 -0.07 -43.07 2.76
C LYS A 147 0.97 -43.05 3.88
N THR A 148 2.23 -42.84 3.51
CA THR A 148 3.30 -42.83 4.49
C THR A 148 3.77 -41.42 4.83
N ARG A 149 3.01 -40.41 4.39
CA ARG A 149 3.35 -39.01 4.65
C ARG A 149 4.79 -38.70 4.19
N GLN A 150 5.06 -38.98 2.92
CA GLN A 150 6.39 -38.76 2.37
C GLN A 150 6.37 -37.75 1.24
N GLY A 151 7.17 -36.71 1.38
CA GLY A 151 7.28 -35.68 0.36
C GLY A 151 6.05 -34.79 0.23
N VAL A 152 5.04 -35.04 1.05
CA VAL A 152 3.80 -34.27 1.00
C VAL A 152 4.06 -32.79 1.26
N ASP A 153 4.76 -32.52 2.35
CA ASP A 153 5.09 -31.14 2.73
C ASP A 153 6.00 -30.49 1.69
N ASP A 154 7.03 -31.23 1.28
CA ASP A 154 7.99 -30.72 0.31
C ASP A 154 7.35 -30.41 -1.04
N ALA A 155 6.46 -31.28 -1.49
CA ALA A 155 5.79 -31.09 -2.78
C ALA A 155 5.03 -29.77 -2.82
N PHE A 156 4.24 -29.52 -1.78
CA PHE A 156 3.44 -28.32 -1.70
C PHE A 156 4.32 -27.08 -1.48
N TYR A 157 5.35 -27.23 -0.64
CA TYR A 157 6.26 -26.12 -0.36
C TYR A 157 7.05 -25.72 -1.60
N THR A 158 7.41 -26.70 -2.42
CA THR A 158 8.15 -26.44 -3.64
C THR A 158 7.26 -25.66 -4.63
N LEU A 159 5.97 -25.96 -4.60
CA LEU A 159 5.01 -25.27 -5.46
C LEU A 159 4.98 -23.79 -5.11
N VAL A 160 5.18 -23.50 -3.82
CA VAL A 160 5.22 -22.12 -3.33
C VAL A 160 6.44 -21.39 -3.89
N ARG A 161 7.58 -22.08 -3.85
CA ARG A 161 8.82 -21.51 -4.36
C ARG A 161 8.71 -21.22 -5.86
N GLU A 162 8.07 -22.12 -6.58
CA GLU A 162 7.88 -21.96 -8.02
C GLU A 162 7.08 -20.70 -8.32
N ILE A 163 6.03 -20.46 -7.54
CA ILE A 163 5.18 -19.28 -7.73
C ILE A 163 5.98 -18.02 -7.39
N ARG A 164 6.75 -18.10 -6.30
CA ARG A 164 7.58 -16.98 -5.86
C ARG A 164 8.55 -16.59 -6.98
N LYS A 165 9.16 -17.60 -7.59
CA LYS A 165 10.10 -17.37 -8.67
C LYS A 165 9.40 -16.79 -9.89
N HIS A 166 8.17 -17.24 -10.13
CA HIS A 166 7.37 -16.76 -11.26
C HIS A 166 7.12 -15.26 -11.10
N LYS A 167 6.73 -14.86 -9.90
CA LYS A 167 6.47 -13.45 -9.60
C LYS A 167 7.73 -12.64 -9.84
N GLU A 168 8.86 -13.17 -9.39
CA GLU A 168 10.15 -12.51 -9.56
C GLU A 168 10.52 -12.41 -11.03
N LYS A 169 10.37 -13.52 -11.76
CA LYS A 169 10.70 -13.55 -13.17
C LYS A 169 9.87 -12.56 -13.98
N MET A 170 8.58 -12.50 -13.69
CA MET A 170 7.68 -11.59 -14.39
C MET A 170 8.00 -10.13 -14.06
N SER A 171 8.72 -9.94 -12.95
CA SER A 171 9.11 -8.60 -12.54
C SER A 171 10.44 -8.22 -13.19
N LYS A 172 11.13 -9.22 -13.71
CA LYS A 172 12.42 -9.02 -14.35
C LYS A 172 12.23 -8.90 -15.86
N ASP A 173 11.85 -10.01 -16.47
CA ASP A 173 11.65 -10.12 -17.92
C ASP A 173 12.94 -9.90 -18.69
N GLY A 174 13.30 -8.63 -18.87
CA GLY A 174 14.51 -8.28 -19.59
C GLY A 174 14.37 -6.93 -20.25
N LYS A 175 13.14 -6.63 -20.68
CA LYS A 175 12.84 -5.36 -21.34
C LYS A 175 11.58 -4.76 -20.73
N LYS A 176 11.03 -3.77 -21.43
CA LYS A 176 9.79 -3.10 -21.03
C LYS A 176 9.91 -2.25 -19.75
N LYS A 177 10.05 -2.89 -18.60
CA LYS A 177 10.10 -2.14 -17.34
C LYS A 177 11.28 -2.50 -16.46
N LYS A 178 11.56 -3.81 -16.31
CA LYS A 178 12.64 -4.27 -15.43
C LYS A 178 12.34 -3.85 -13.99
N LYS A 179 11.14 -4.19 -13.55
CA LYS A 179 10.66 -3.85 -12.21
C LYS A 179 11.63 -4.32 -11.12
N LYS A 180 12.20 -5.49 -11.31
CA LYS A 180 13.14 -6.04 -10.33
C LYS A 180 14.49 -6.32 -10.98
N SER A 181 15.30 -5.29 -11.10
CA SER A 181 16.63 -5.43 -11.69
C SER A 181 17.64 -5.96 -10.68
N LYS A 182 17.73 -7.28 -10.58
CA LYS A 182 18.66 -7.92 -9.66
C LYS A 182 20.04 -8.06 -10.31
N THR A 183 20.74 -6.95 -10.42
CA THR A 183 22.06 -6.94 -11.01
C THR A 183 23.10 -6.45 -10.01
N LYS A 184 24.25 -7.11 -9.99
CA LYS A 184 25.32 -6.74 -9.08
C LYS A 184 26.03 -5.48 -9.57
N THR B 2 -7.90 -3.58 16.96
CA THR B 2 -9.08 -4.25 16.47
C THR B 2 -9.61 -5.21 17.53
N GLU B 3 -10.92 -5.39 17.59
CA GLU B 3 -11.52 -6.28 18.57
C GLU B 3 -12.43 -7.30 17.89
N TYR B 4 -12.42 -8.53 18.39
CA TYR B 4 -13.23 -9.60 17.84
C TYR B 4 -13.94 -10.35 18.96
N LYS B 5 -15.26 -10.35 18.93
CA LYS B 5 -16.05 -11.05 19.94
C LYS B 5 -16.31 -12.48 19.51
N LEU B 6 -15.67 -13.43 20.19
CA LEU B 6 -15.79 -14.84 19.86
C LEU B 6 -16.50 -15.61 20.97
N VAL B 7 -17.34 -16.54 20.57
CA VAL B 7 -18.07 -17.36 21.52
C VAL B 7 -17.88 -18.84 21.18
N VAL B 8 -17.44 -19.61 22.16
CA VAL B 8 -17.23 -21.03 21.96
C VAL B 8 -18.51 -21.77 22.29
N VAL B 9 -18.99 -22.60 21.35
CA VAL B 9 -20.21 -23.35 21.56
C VAL B 9 -19.98 -24.85 21.46
N GLY B 10 -20.81 -25.60 22.17
CA GLY B 10 -20.70 -27.05 22.17
C GLY B 10 -21.15 -27.62 23.50
N ALA B 11 -21.37 -28.92 23.55
CA ALA B 11 -21.82 -29.59 24.77
C ALA B 11 -20.72 -29.60 25.83
N ASP B 12 -21.02 -30.13 27.01
CA ASP B 12 -20.04 -30.20 28.08
C ASP B 12 -19.21 -31.47 27.94
N GLY B 13 -17.98 -31.43 28.42
CA GLY B 13 -17.11 -32.57 28.34
C GLY B 13 -16.34 -32.64 27.02
N VAL B 14 -16.50 -31.64 26.17
CA VAL B 14 -15.82 -31.62 24.88
C VAL B 14 -14.43 -30.99 25.01
N GLY B 15 -14.33 -29.93 25.81
CA GLY B 15 -13.05 -29.28 26.02
C GLY B 15 -13.03 -27.82 25.60
N LYS B 16 -14.18 -27.17 25.63
CA LYS B 16 -14.27 -25.76 25.24
C LYS B 16 -13.41 -24.89 26.16
N SER B 17 -13.58 -25.10 27.45
CA SER B 17 -12.83 -24.36 28.46
C SER B 17 -11.35 -24.71 28.40
N ALA B 18 -11.06 -26.00 28.24
CA ALA B 18 -9.68 -26.48 28.16
C ALA B 18 -8.94 -25.80 27.01
N LEU B 19 -9.53 -25.87 25.82
CA LEU B 19 -8.94 -25.26 24.64
C LEU B 19 -8.66 -23.78 24.86
N THR B 20 -9.64 -23.07 25.42
CA THR B 20 -9.50 -21.66 25.69
C THR B 20 -8.43 -21.40 26.75
N ILE B 21 -8.40 -22.23 27.80
CA ILE B 21 -7.41 -22.10 28.86
C ILE B 21 -6.01 -22.32 28.31
N GLN B 22 -5.87 -23.27 27.39
CA GLN B 22 -4.58 -23.58 26.78
C GLN B 22 -4.08 -22.41 25.94
N LEU B 23 -4.95 -21.44 25.69
CA LEU B 23 -4.60 -20.27 24.90
C LEU B 23 -4.39 -19.05 25.80
N ILE B 24 -5.32 -18.84 26.72
CA ILE B 24 -5.26 -17.71 27.63
C ILE B 24 -4.23 -17.90 28.74
N GLN B 25 -4.22 -19.07 29.35
CA GLN B 25 -3.30 -19.37 30.43
C GLN B 25 -2.16 -20.28 29.97
N ASN B 26 -2.40 -20.97 28.85
CA ASN B 26 -1.42 -21.89 28.26
C ASN B 26 -1.34 -23.22 28.99
N HIS B 27 -1.90 -23.25 30.20
CA HIS B 27 -1.90 -24.46 31.02
C HIS B 27 -2.83 -24.27 32.22
N PHE B 28 -3.29 -25.36 32.80
CA PHE B 28 -4.15 -25.31 33.96
C PHE B 28 -3.35 -24.93 35.20
N VAL B 29 -4.01 -24.31 36.18
CA VAL B 29 -3.35 -23.90 37.40
C VAL B 29 -3.18 -25.09 38.35
N ASP B 30 -4.30 -25.61 38.83
CA ASP B 30 -4.28 -26.76 39.75
C ASP B 30 -5.25 -27.84 39.31
N GLU B 31 -6.54 -27.57 39.41
CA GLU B 31 -7.56 -28.53 39.02
C GLU B 31 -8.46 -27.95 37.95
N TYR B 32 -9.49 -28.70 37.57
CA TYR B 32 -10.41 -28.26 36.54
C TYR B 32 -11.48 -27.33 37.11
N ASP B 33 -11.17 -26.04 37.14
CA ASP B 33 -12.11 -25.03 37.64
C ASP B 33 -13.36 -24.97 36.76
N PRO B 34 -14.55 -24.95 37.37
CA PRO B 34 -15.81 -24.88 36.63
C PRO B 34 -15.99 -23.54 35.93
N THR B 35 -16.72 -23.54 34.82
CA THR B 35 -16.96 -22.32 34.08
C THR B 35 -18.47 -22.13 33.83
N ILE B 36 -18.90 -20.87 33.79
CA ILE B 36 -20.30 -20.57 33.55
C ILE B 36 -20.45 -19.42 32.55
N GLU B 37 -20.00 -18.25 32.94
CA GLU B 37 -20.08 -17.06 32.10
C GLU B 37 -18.69 -16.44 32.00
N ASP B 38 -17.69 -17.30 32.10
CA ASP B 38 -16.29 -16.90 32.05
C ASP B 38 -15.91 -16.30 30.70
N SER B 39 -15.41 -15.08 30.73
CA SER B 39 -14.98 -14.38 29.53
C SER B 39 -13.53 -13.94 29.69
N TYR B 40 -12.70 -14.19 28.68
CA TYR B 40 -11.29 -13.83 28.76
C TYR B 40 -10.89 -12.95 27.58
N ARG B 41 -9.82 -12.16 27.77
CA ARG B 41 -9.33 -11.29 26.72
C ARG B 41 -7.87 -11.54 26.47
N LYS B 42 -7.51 -11.66 25.20
CA LYS B 42 -6.13 -11.90 24.82
C LYS B 42 -5.72 -10.98 23.68
N GLN B 43 -4.53 -10.41 23.79
CA GLN B 43 -4.01 -9.51 22.76
C GLN B 43 -2.97 -10.25 21.92
N VAL B 44 -3.35 -10.61 20.71
CA VAL B 44 -2.45 -11.34 19.82
C VAL B 44 -2.29 -10.62 18.49
N VAL B 45 -1.28 -11.04 17.73
CA VAL B 45 -1.02 -10.47 16.43
C VAL B 45 -1.29 -11.51 15.35
N ILE B 46 -2.36 -11.30 14.59
CA ILE B 46 -2.73 -12.24 13.53
C ILE B 46 -2.65 -11.58 12.17
N ASP B 47 -1.77 -12.10 11.32
CA ASP B 47 -1.58 -11.59 9.96
C ASP B 47 -1.11 -10.14 9.95
N GLY B 48 -0.34 -9.78 10.97
CA GLY B 48 0.17 -8.42 11.08
C GLY B 48 -0.85 -7.43 11.57
N GLU B 49 -1.65 -7.83 12.56
CA GLU B 49 -2.68 -6.98 13.11
C GLU B 49 -2.87 -7.28 14.59
N THR B 50 -2.96 -6.23 15.40
CA THR B 50 -3.19 -6.38 16.83
C THR B 50 -4.68 -6.63 17.08
N CYS B 51 -5.03 -7.88 17.32
CA CYS B 51 -6.42 -8.25 17.54
C CYS B 51 -6.70 -8.58 18.99
N LEU B 52 -7.75 -7.98 19.54
CA LEU B 52 -8.16 -8.24 20.91
C LEU B 52 -9.26 -9.28 20.89
N LEU B 53 -8.94 -10.47 21.35
CA LEU B 53 -9.90 -11.57 21.36
C LEU B 53 -10.79 -11.54 22.60
N ASP B 54 -12.07 -11.33 22.37
CA ASP B 54 -13.05 -11.32 23.45
C ASP B 54 -13.82 -12.64 23.41
N ILE B 55 -13.25 -13.63 24.08
CA ILE B 55 -13.82 -14.98 24.09
C ILE B 55 -14.74 -15.19 25.29
N LEU B 56 -15.70 -16.10 25.12
CA LEU B 56 -16.65 -16.44 26.17
C LEU B 56 -16.92 -17.94 26.18
N ASP B 57 -16.80 -18.54 27.36
CA ASP B 57 -17.05 -19.97 27.51
C ASP B 57 -18.50 -20.21 27.92
N THR B 58 -19.23 -20.94 27.08
CA THR B 58 -20.63 -21.20 27.33
C THR B 58 -20.87 -22.49 28.11
N ALA B 59 -22.07 -22.64 28.63
CA ALA B 59 -22.45 -23.82 29.39
C ALA B 59 -22.84 -24.96 28.44
N GLY B 60 -22.38 -26.16 28.74
CA GLY B 60 -22.70 -27.30 27.91
C GLY B 60 -23.77 -28.19 28.52
N GLN B 61 -24.40 -27.71 29.59
CA GLN B 61 -25.45 -28.47 30.25
C GLN B 61 -26.84 -28.18 29.66
N GLU B 62 -26.85 -27.40 28.59
CA GLU B 62 -28.10 -27.03 27.93
C GLU B 62 -29.04 -26.28 28.88
N GLU B 63 -30.34 -26.46 28.67
CA GLU B 63 -31.37 -25.83 29.51
C GLU B 63 -31.51 -24.33 29.24
N TYR B 64 -30.39 -23.65 29.03
CA TYR B 64 -30.38 -22.23 28.78
C TYR B 64 -30.73 -21.89 27.33
N SER B 65 -32.00 -22.03 27.00
CA SER B 65 -32.48 -21.73 25.67
C SER B 65 -32.51 -20.23 25.39
N ALA B 66 -32.98 -19.46 26.38
CA ALA B 66 -33.06 -18.01 26.24
C ALA B 66 -31.74 -17.34 26.55
N MET B 67 -30.95 -17.95 27.43
CA MET B 67 -29.65 -17.38 27.80
C MET B 67 -28.68 -17.48 26.63
N ARG B 68 -28.85 -18.52 25.81
CA ARG B 68 -28.01 -18.73 24.64
C ARG B 68 -28.26 -17.65 23.60
N ASP B 69 -29.53 -17.25 23.48
CA ASP B 69 -29.95 -16.21 22.54
C ASP B 69 -29.22 -14.90 22.83
N GLN B 70 -29.02 -14.63 24.11
CA GLN B 70 -28.35 -13.42 24.55
C GLN B 70 -26.96 -13.24 23.93
N TYR B 71 -26.04 -14.14 24.26
CA TYR B 71 -24.67 -14.04 23.75
C TYR B 71 -24.55 -14.35 22.26
N MET B 72 -25.54 -15.01 21.69
CA MET B 72 -25.53 -15.32 20.27
C MET B 72 -25.68 -14.04 19.44
N ARG B 73 -26.39 -13.07 20.01
CA ARG B 73 -26.60 -11.81 19.34
C ARG B 73 -25.34 -10.95 19.37
N THR B 74 -24.66 -10.94 20.51
CA THR B 74 -23.45 -10.15 20.69
C THR B 74 -22.25 -10.79 19.99
N GLY B 75 -22.14 -12.11 20.09
CA GLY B 75 -21.03 -12.82 19.48
C GLY B 75 -20.96 -12.66 17.98
N GLU B 76 -19.74 -12.54 17.47
CA GLU B 76 -19.50 -12.39 16.04
C GLU B 76 -19.00 -13.70 15.47
N GLY B 77 -17.96 -14.25 16.07
CA GLY B 77 -17.41 -15.50 15.62
C GLY B 77 -17.73 -16.61 16.59
N PHE B 78 -18.21 -17.73 16.07
CA PHE B 78 -18.57 -18.85 16.90
C PHE B 78 -17.67 -20.05 16.65
N LEU B 79 -17.16 -20.62 17.72
CA LEU B 79 -16.28 -21.79 17.61
C LEU B 79 -17.05 -23.04 18.01
N CYS B 80 -17.42 -23.84 17.01
CA CYS B 80 -18.16 -25.06 17.26
C CYS B 80 -17.21 -26.18 17.65
N VAL B 81 -17.16 -26.48 18.93
CA VAL B 81 -16.27 -27.52 19.44
C VAL B 81 -17.06 -28.78 19.80
N PHE B 82 -16.57 -29.91 19.31
CA PHE B 82 -17.20 -31.19 19.58
C PHE B 82 -16.11 -32.22 19.89
N ALA B 83 -16.52 -33.36 20.42
CA ALA B 83 -15.56 -34.42 20.73
C ALA B 83 -15.65 -35.53 19.70
N ILE B 84 -14.50 -35.98 19.22
CA ILE B 84 -14.45 -37.05 18.21
C ILE B 84 -14.99 -38.38 18.74
N ASN B 85 -15.05 -38.50 20.06
CA ASN B 85 -15.54 -39.72 20.70
C ASN B 85 -16.95 -39.50 21.24
N ASN B 86 -17.55 -38.38 20.84
CA ASN B 86 -18.90 -38.01 21.25
C ASN B 86 -19.71 -37.64 20.02
N THR B 87 -20.40 -38.61 19.46
CA THR B 87 -21.21 -38.39 18.27
C THR B 87 -22.36 -37.41 18.55
N LYS B 88 -22.83 -37.40 19.79
CA LYS B 88 -23.91 -36.50 20.19
C LYS B 88 -23.51 -35.05 19.99
N SER B 89 -22.30 -34.70 20.44
CA SER B 89 -21.81 -33.33 20.31
C SER B 89 -21.67 -32.93 18.84
N PHE B 90 -21.41 -33.91 17.98
CA PHE B 90 -21.26 -33.66 16.55
C PHE B 90 -22.62 -33.29 15.95
N GLU B 91 -23.66 -33.96 16.42
CA GLU B 91 -25.01 -33.70 15.96
C GLU B 91 -25.52 -32.39 16.56
N ASP B 92 -25.05 -32.08 17.76
CA ASP B 92 -25.43 -30.84 18.46
C ASP B 92 -25.02 -29.62 17.66
N ILE B 93 -23.89 -29.73 16.97
CA ILE B 93 -23.37 -28.66 16.15
C ILE B 93 -24.40 -28.22 15.11
N HIS B 94 -25.10 -29.20 14.54
CA HIS B 94 -26.12 -28.93 13.53
C HIS B 94 -27.24 -28.09 14.12
N HIS B 95 -27.70 -28.45 15.30
CA HIS B 95 -28.79 -27.73 15.97
C HIS B 95 -28.32 -26.34 16.39
N TYR B 96 -27.11 -26.27 16.90
CA TYR B 96 -26.54 -25.00 17.33
C TYR B 96 -26.38 -24.05 16.16
N ARG B 97 -25.90 -24.58 15.04
CA ARG B 97 -25.72 -23.79 13.83
C ARG B 97 -27.05 -23.18 13.38
N GLU B 98 -28.08 -24.00 13.36
CA GLU B 98 -29.41 -23.55 12.95
C GLU B 98 -29.93 -22.50 13.92
N GLN B 99 -29.64 -22.69 15.20
CA GLN B 99 -30.07 -21.76 16.24
C GLN B 99 -29.40 -20.41 16.04
N ILE B 100 -28.10 -20.42 15.78
CA ILE B 100 -27.34 -19.19 15.57
C ILE B 100 -27.92 -18.36 14.43
N LYS B 101 -28.25 -19.03 13.34
CA LYS B 101 -28.81 -18.35 12.16
C LYS B 101 -30.11 -17.63 12.49
N ARG B 102 -30.92 -18.23 13.35
CA ARG B 102 -32.20 -17.65 13.73
C ARG B 102 -32.01 -16.49 14.70
N VAL B 103 -31.22 -16.72 15.74
CA VAL B 103 -30.96 -15.70 16.74
C VAL B 103 -30.27 -14.48 16.14
N LYS B 104 -29.25 -14.72 15.32
CA LYS B 104 -28.51 -13.64 14.69
C LYS B 104 -29.28 -13.08 13.50
N ASP B 105 -30.26 -13.82 13.01
CA ASP B 105 -31.07 -13.42 11.86
C ASP B 105 -30.18 -13.24 10.63
N SER B 106 -29.23 -14.16 10.49
CA SER B 106 -28.30 -14.15 9.38
C SER B 106 -28.00 -15.57 8.93
N GLU B 107 -27.98 -15.79 7.63
CA GLU B 107 -27.70 -17.11 7.07
C GLU B 107 -26.20 -17.39 7.10
N ASP B 108 -25.40 -16.35 6.90
CA ASP B 108 -23.94 -16.50 6.90
C ASP B 108 -23.36 -15.99 8.20
N VAL B 109 -22.79 -16.89 8.99
CA VAL B 109 -22.20 -16.54 10.27
C VAL B 109 -20.78 -17.13 10.35
N PRO B 110 -19.80 -16.32 10.79
CA PRO B 110 -18.41 -16.78 10.92
C PRO B 110 -18.28 -17.86 12.00
N MET B 111 -18.19 -19.11 11.57
CA MET B 111 -18.07 -20.23 12.48
C MET B 111 -16.97 -21.18 12.00
N VAL B 112 -16.40 -21.94 12.93
CA VAL B 112 -15.36 -22.89 12.60
C VAL B 112 -15.62 -24.22 13.32
N LEU B 113 -15.53 -25.32 12.59
CA LEU B 113 -15.74 -26.64 13.17
C LEU B 113 -14.45 -27.15 13.78
N VAL B 114 -14.42 -27.23 15.10
CA VAL B 114 -13.23 -27.67 15.80
C VAL B 114 -13.50 -28.94 16.62
N GLY B 115 -12.77 -29.99 16.29
CA GLY B 115 -12.91 -31.23 17.01
C GLY B 115 -11.80 -31.38 18.04
N ASN B 116 -12.17 -31.67 19.28
CA ASN B 116 -11.19 -31.81 20.35
C ASN B 116 -10.95 -33.28 20.69
N LYS B 117 -9.85 -33.53 21.42
CA LYS B 117 -9.48 -34.88 21.86
C LYS B 117 -9.13 -35.79 20.69
N CYS B 118 -8.64 -35.20 19.61
CA CYS B 118 -8.28 -35.96 18.42
C CYS B 118 -7.05 -36.84 18.64
N ASP B 119 -6.40 -36.67 19.79
CA ASP B 119 -5.23 -37.45 20.13
C ASP B 119 -5.64 -38.77 20.78
N LEU B 120 -6.91 -38.85 21.17
CA LEU B 120 -7.43 -40.05 21.79
C LEU B 120 -7.81 -41.07 20.71
N PRO B 121 -7.59 -42.36 20.96
CA PRO B 121 -7.91 -43.41 20.01
C PRO B 121 -9.36 -43.87 20.11
N SER B 122 -9.80 -44.63 19.10
CA SER B 122 -11.15 -45.15 19.06
C SER B 122 -12.21 -44.05 18.90
N ARG B 123 -12.06 -43.24 17.85
CA ARG B 123 -13.01 -42.16 17.59
C ARG B 123 -14.31 -42.73 17.01
N THR B 124 -15.42 -42.04 17.28
CA THR B 124 -16.71 -42.47 16.76
C THR B 124 -17.08 -41.66 15.53
N VAL B 125 -16.78 -40.38 15.57
CA VAL B 125 -17.06 -39.48 14.46
C VAL B 125 -16.04 -39.70 13.35
N ASP B 126 -16.54 -40.03 12.16
CA ASP B 126 -15.68 -40.27 11.00
C ASP B 126 -15.13 -38.96 10.46
N THR B 127 -13.87 -38.97 10.08
CA THR B 127 -13.23 -37.77 9.55
C THR B 127 -13.87 -37.29 8.26
N LYS B 128 -14.28 -38.22 7.40
CA LYS B 128 -14.89 -37.86 6.12
C LYS B 128 -16.23 -37.17 6.32
N GLN B 129 -17.05 -37.68 7.22
CA GLN B 129 -18.36 -37.07 7.49
C GLN B 129 -18.21 -35.69 8.10
N ALA B 130 -17.19 -35.51 8.93
CA ALA B 130 -16.93 -34.22 9.57
C ALA B 130 -16.58 -33.17 8.53
N GLN B 131 -15.73 -33.55 7.59
CA GLN B 131 -15.30 -32.64 6.52
C GLN B 131 -16.47 -32.35 5.59
N ASP B 132 -17.23 -33.39 5.27
CA ASP B 132 -18.37 -33.27 4.37
C ASP B 132 -19.42 -32.31 4.92
N LEU B 133 -19.70 -32.41 6.22
CA LEU B 133 -20.66 -31.53 6.85
C LEU B 133 -20.13 -30.10 6.87
N ALA B 134 -18.86 -29.96 7.19
CA ALA B 134 -18.20 -28.66 7.23
C ALA B 134 -18.27 -27.98 5.86
N ARG B 135 -18.05 -28.76 4.80
CA ARG B 135 -18.11 -28.25 3.44
C ARG B 135 -19.48 -27.64 3.14
N SER B 136 -20.52 -28.35 3.56
CA SER B 136 -21.90 -27.88 3.35
C SER B 136 -22.16 -26.62 4.16
N TYR B 137 -21.68 -26.60 5.39
CA TYR B 137 -21.86 -25.44 6.26
C TYR B 137 -21.08 -24.24 5.70
N GLY B 138 -19.99 -24.55 4.99
CA GLY B 138 -19.17 -23.50 4.43
C GLY B 138 -18.17 -23.00 5.45
N ILE B 139 -17.87 -23.85 6.42
CA ILE B 139 -16.94 -23.51 7.49
C ILE B 139 -15.75 -24.46 7.47
N PRO B 140 -14.59 -23.99 7.94
CA PRO B 140 -13.38 -24.80 8.00
C PRO B 140 -13.43 -25.81 9.15
N PHE B 141 -12.76 -26.94 8.97
CA PHE B 141 -12.72 -27.98 10.00
C PHE B 141 -11.27 -28.22 10.42
N ILE B 142 -11.01 -28.26 11.72
CA ILE B 142 -9.66 -28.48 12.21
C ILE B 142 -9.62 -29.51 13.34
N GLU B 143 -8.81 -30.55 13.16
CA GLU B 143 -8.65 -31.59 14.17
C GLU B 143 -7.70 -31.07 15.25
N THR B 144 -8.23 -30.73 16.41
CA THR B 144 -7.42 -30.19 17.49
C THR B 144 -7.38 -31.10 18.72
N SER B 145 -6.56 -30.72 19.68
CA SER B 145 -6.40 -31.45 20.93
C SER B 145 -5.85 -30.51 21.99
N ALA B 146 -6.69 -30.12 22.94
CA ALA B 146 -6.28 -29.22 24.02
C ALA B 146 -5.23 -29.92 24.88
N LYS B 147 -5.38 -31.23 25.00
CA LYS B 147 -4.47 -32.07 25.76
C LYS B 147 -3.03 -31.94 25.26
N THR B 148 -2.87 -31.77 23.96
CA THR B 148 -1.54 -31.64 23.38
C THR B 148 -1.26 -30.21 22.91
N ARG B 149 -2.22 -29.31 23.11
CA ARG B 149 -2.09 -27.90 22.69
C ARG B 149 -1.97 -27.79 21.18
N GLN B 150 -2.43 -28.81 20.47
CA GLN B 150 -2.36 -28.83 19.03
C GLN B 150 -3.63 -28.28 18.37
N GLY B 151 -3.44 -27.37 17.42
CA GLY B 151 -4.56 -26.79 16.70
C GLY B 151 -5.25 -25.65 17.43
N VAL B 152 -4.88 -25.43 18.67
CA VAL B 152 -5.49 -24.38 19.50
C VAL B 152 -5.28 -22.99 18.89
N ASP B 153 -4.04 -22.69 18.54
CA ASP B 153 -3.71 -21.39 17.97
C ASP B 153 -4.34 -21.17 16.60
N ASP B 154 -4.21 -22.17 15.72
CA ASP B 154 -4.77 -22.09 14.37
C ASP B 154 -6.29 -21.98 14.37
N ALA B 155 -6.93 -22.65 15.33
CA ALA B 155 -8.39 -22.61 15.43
C ALA B 155 -8.90 -21.19 15.56
N PHE B 156 -8.27 -20.41 16.44
CA PHE B 156 -8.64 -19.03 16.65
C PHE B 156 -8.17 -18.16 15.49
N TYR B 157 -7.01 -18.47 14.95
CA TYR B 157 -6.46 -17.72 13.83
C TYR B 157 -7.40 -17.77 12.63
N THR B 158 -7.80 -18.98 12.26
CA THR B 158 -8.69 -19.18 11.13
C THR B 158 -10.06 -18.57 11.41
N LEU B 159 -10.50 -18.62 12.66
CA LEU B 159 -11.79 -18.04 13.04
C LEU B 159 -11.81 -16.55 12.74
N VAL B 160 -10.70 -15.87 13.07
CA VAL B 160 -10.57 -14.44 12.83
C VAL B 160 -10.48 -14.17 11.32
N ARG B 161 -9.82 -15.07 10.60
CA ARG B 161 -9.66 -14.96 9.16
C ARG B 161 -11.02 -14.95 8.47
N GLU B 162 -11.89 -15.86 8.90
CA GLU B 162 -13.23 -15.96 8.34
C GLU B 162 -14.02 -14.68 8.59
N ILE B 163 -13.85 -14.10 9.77
CA ILE B 163 -14.53 -12.87 10.14
C ILE B 163 -14.10 -11.72 9.23
N ARG B 164 -12.80 -11.69 8.91
CA ARG B 164 -12.26 -10.65 8.04
C ARG B 164 -12.94 -10.69 6.67
N LYS B 165 -13.18 -11.91 6.18
CA LYS B 165 -13.84 -12.08 4.89
C LYS B 165 -15.29 -11.62 4.99
N HIS B 166 -15.93 -11.95 6.10
CA HIS B 166 -17.32 -11.58 6.33
C HIS B 166 -17.49 -10.07 6.35
N LYS B 167 -16.54 -9.37 6.97
CA LYS B 167 -16.60 -7.92 7.04
C LYS B 167 -16.53 -7.30 5.65
N GLU B 168 -15.60 -7.80 4.84
CA GLU B 168 -15.44 -7.31 3.48
C GLU B 168 -16.64 -7.70 2.62
N LYS B 169 -17.25 -8.82 2.95
CA LYS B 169 -18.42 -9.30 2.24
C LYS B 169 -19.64 -8.45 2.57
N MET B 170 -19.83 -8.18 3.85
CA MET B 170 -20.96 -7.37 4.33
C MET B 170 -20.91 -5.96 3.76
N SER B 171 -19.72 -5.47 3.49
CA SER B 171 -19.54 -4.14 2.93
C SER B 171 -19.78 -4.13 1.43
N LYS B 172 -19.84 -5.32 0.83
CA LYS B 172 -20.07 -5.43 -0.60
C LYS B 172 -21.53 -5.77 -0.87
N ASP B 173 -22.23 -6.20 0.18
CA ASP B 173 -23.65 -6.58 0.12
C ASP B 173 -23.81 -7.94 -0.56
N GLY B 174 -23.23 -8.05 -1.73
CA GLY B 174 -23.28 -9.26 -2.52
C GLY B 174 -23.08 -8.89 -3.96
N LYS B 175 -24.13 -8.36 -4.57
CA LYS B 175 -24.08 -7.91 -5.95
C LYS B 175 -24.80 -6.57 -6.08
N LYS B 176 -26.12 -6.62 -6.17
CA LYS B 176 -26.95 -5.43 -6.27
C LYS B 176 -26.52 -4.47 -7.39
N LYS B 177 -25.74 -3.45 -7.04
CA LYS B 177 -25.28 -2.46 -8.00
C LYS B 177 -23.86 -2.72 -8.46
N LYS B 178 -23.24 -3.76 -7.88
CA LYS B 178 -21.86 -4.14 -8.18
C LYS B 178 -20.88 -3.15 -7.57
N LYS B 179 -19.89 -3.65 -6.85
CA LYS B 179 -18.91 -2.80 -6.19
C LYS B 179 -17.68 -2.55 -7.06
N LYS B 180 -17.66 -3.14 -8.26
CA LYS B 180 -16.55 -2.96 -9.19
C LYS B 180 -17.04 -2.86 -10.61
N SER B 181 -16.56 -1.85 -11.33
CA SER B 181 -16.94 -1.64 -12.72
C SER B 181 -15.87 -0.86 -13.49
N LYS B 182 -14.97 -1.58 -14.15
CA LYS B 182 -13.91 -0.96 -14.94
C LYS B 182 -14.11 -1.24 -16.42
N THR B 183 -13.85 -0.22 -17.24
CA THR B 183 -13.98 -0.36 -18.69
C THR B 183 -12.88 0.44 -19.37
N LYS B 184 -12.76 0.32 -20.68
CA LYS B 184 -11.75 1.03 -21.44
C LYS B 184 -12.37 1.82 -22.58
N SER C 14 24.79 3.74 -43.03
CA SER C 14 25.34 2.88 -41.99
C SER C 14 26.84 2.70 -42.18
N THR C 15 27.34 3.18 -43.30
CA THR C 15 28.76 3.09 -43.60
C THR C 15 29.55 4.04 -42.69
N PHE C 16 28.96 5.19 -42.40
CA PHE C 16 29.59 6.20 -41.54
C PHE C 16 29.87 5.62 -40.17
N SER C 17 28.95 4.80 -39.68
CA SER C 17 29.08 4.18 -38.38
C SER C 17 30.26 3.21 -38.35
N LYS C 18 30.55 2.59 -39.48
CA LYS C 18 31.65 1.63 -39.58
C LYS C 18 32.98 2.35 -39.74
N LEU C 19 32.91 3.60 -40.16
CA LEU C 19 34.10 4.42 -40.35
C LEU C 19 34.72 4.76 -39.00
N ARG C 20 33.92 5.33 -38.12
CA ARG C 20 34.40 5.72 -36.79
C ARG C 20 34.67 4.49 -35.94
N GLU C 21 33.95 3.40 -36.24
CA GLU C 21 34.12 2.14 -35.52
C GLU C 21 35.56 1.65 -35.66
N GLN C 22 36.16 1.94 -36.80
CA GLN C 22 37.53 1.54 -37.08
C GLN C 22 38.45 2.75 -37.06
N LEU C 23 38.00 3.80 -36.38
CA LEU C 23 38.79 5.04 -36.29
C LEU C 23 39.07 5.39 -34.84
N GLY C 24 38.05 5.25 -34.00
CA GLY C 24 38.17 5.57 -32.58
C GLY C 24 39.25 4.79 -31.85
N PRO C 25 39.14 3.44 -31.81
CA PRO C 25 40.11 2.57 -31.12
C PRO C 25 41.57 2.88 -31.47
N VAL C 26 41.80 3.26 -32.73
CA VAL C 26 43.14 3.57 -33.21
C VAL C 26 43.80 4.68 -32.39
N THR C 27 43.10 5.80 -32.26
CA THR C 27 43.62 6.94 -31.51
C THR C 27 43.41 6.76 -30.00
N GLN C 28 42.40 5.95 -29.64
CA GLN C 28 42.08 5.68 -28.24
C GLN C 28 43.28 5.09 -27.51
N GLU C 29 43.97 4.17 -28.17
CA GLU C 29 45.13 3.51 -27.57
C GLU C 29 46.23 4.53 -27.25
N PHE C 30 46.44 5.47 -28.16
CA PHE C 30 47.46 6.50 -27.98
C PHE C 30 47.12 7.39 -26.78
N TRP C 31 45.86 7.78 -26.68
CA TRP C 31 45.41 8.63 -25.59
C TRP C 31 45.43 7.89 -24.25
N ASP C 32 45.18 6.59 -24.29
CA ASP C 32 45.20 5.75 -23.09
C ASP C 32 46.61 5.70 -22.52
N ASN C 33 47.57 5.55 -23.41
CA ASN C 33 48.96 5.49 -23.02
C ASN C 33 49.39 6.80 -22.39
N LEU C 34 49.05 7.90 -23.06
CA LEU C 34 49.39 9.24 -22.59
C LEU C 34 48.71 9.54 -21.25
N GLU C 35 47.50 9.01 -21.09
CA GLU C 35 46.74 9.21 -19.85
C GLU C 35 47.47 8.60 -18.67
N LYS C 36 47.97 7.37 -18.83
CA LYS C 36 48.68 6.68 -17.78
C LYS C 36 49.98 7.39 -17.43
N GLU C 37 50.63 7.97 -18.42
CA GLU C 37 51.88 8.69 -18.20
C GLU C 37 51.62 9.86 -17.25
N THR C 38 50.56 10.60 -17.51
CA THR C 38 50.19 11.73 -16.67
C THR C 38 49.61 11.23 -15.35
N GLU C 39 49.02 10.02 -15.39
CA GLU C 39 48.44 9.42 -14.20
C GLU C 39 49.54 9.11 -13.20
N GLY C 40 50.62 8.47 -13.68
CA GLY C 40 51.74 8.14 -12.83
C GLY C 40 52.34 9.38 -12.21
N LEU C 41 52.47 10.43 -13.01
CA LEU C 41 53.02 11.70 -12.53
C LEU C 41 52.14 12.29 -11.42
N ARG C 42 50.83 12.26 -11.66
CA ARG C 42 49.86 12.75 -10.69
C ARG C 42 49.94 11.95 -9.41
N GLN C 43 50.13 10.64 -9.56
CA GLN C 43 50.23 9.73 -8.43
C GLN C 43 51.47 10.03 -7.60
N GLU C 44 52.58 10.32 -8.27
CA GLU C 44 53.82 10.65 -7.58
C GLU C 44 53.66 11.92 -6.76
N MET C 45 52.97 12.89 -7.33
CA MET C 45 52.71 14.16 -6.66
C MET C 45 51.80 13.93 -5.45
N SER C 46 50.89 12.98 -5.59
CA SER C 46 49.95 12.65 -4.54
C SER C 46 50.63 11.93 -3.38
N LYS C 47 51.54 11.02 -3.69
CA LYS C 47 52.24 10.27 -2.64
C LYS C 47 53.14 11.19 -1.82
N ASP C 48 53.74 12.18 -2.47
CA ASP C 48 54.60 13.13 -1.76
C ASP C 48 53.76 13.94 -0.77
N LEU C 49 52.54 14.24 -1.19
CA LEU C 49 51.61 14.99 -0.35
C LEU C 49 51.16 14.14 0.83
N GLU C 50 51.06 12.83 0.59
CA GLU C 50 50.66 11.88 1.64
C GLU C 50 51.69 11.90 2.76
N GLU C 51 52.95 12.03 2.37
CA GLU C 51 54.06 12.09 3.32
C GLU C 51 53.95 13.35 4.16
N VAL C 52 53.70 14.48 3.51
CA VAL C 52 53.56 15.76 4.21
C VAL C 52 52.41 15.70 5.22
N LYS C 53 51.33 15.04 4.80
CA LYS C 53 50.14 14.89 5.65
C LYS C 53 50.48 14.22 6.98
N ALA C 54 51.38 13.24 6.93
CA ALA C 54 51.77 12.51 8.12
C ALA C 54 52.93 13.19 8.87
N LYS C 55 53.73 13.94 8.14
CA LYS C 55 54.89 14.64 8.73
C LYS C 55 54.47 15.71 9.74
N VAL C 56 53.29 16.28 9.56
CA VAL C 56 52.80 17.31 10.47
C VAL C 56 51.70 16.79 11.40
N GLN C 57 51.39 15.51 11.30
CA GLN C 57 50.35 14.91 12.14
C GLN C 57 50.67 14.97 13.64
N PRO C 58 51.83 14.45 14.09
CA PRO C 58 52.20 14.46 15.52
C PRO C 58 52.19 15.86 16.14
N TYR C 59 52.61 16.85 15.36
CA TYR C 59 52.65 18.24 15.84
C TYR C 59 51.25 18.72 16.21
N LEU C 60 50.29 18.46 15.33
CA LEU C 60 48.91 18.88 15.54
C LEU C 60 48.24 18.09 16.67
N ASP C 61 48.61 16.82 16.80
CA ASP C 61 48.04 15.96 17.84
C ASP C 61 48.54 16.35 19.22
N ASP C 62 49.85 16.58 19.32
CA ASP C 62 50.48 16.97 20.58
C ASP C 62 49.94 18.29 21.10
N PHE C 63 49.85 19.28 20.22
CA PHE C 63 49.36 20.59 20.59
C PHE C 63 47.89 20.54 20.97
N GLN C 64 47.14 19.69 20.29
CA GLN C 64 45.70 19.53 20.54
C GLN C 64 45.43 19.11 21.98
N LYS C 65 46.26 18.21 22.51
CA LYS C 65 46.11 17.73 23.86
C LYS C 65 46.42 18.82 24.87
N LYS C 66 47.41 19.64 24.57
CA LYS C 66 47.81 20.75 25.44
C LYS C 66 46.64 21.72 25.63
N TRP C 67 45.91 21.96 24.55
CA TRP C 67 44.76 22.86 24.60
C TRP C 67 43.66 22.25 25.46
N GLN C 68 43.47 20.94 25.31
CA GLN C 68 42.47 20.20 26.05
C GLN C 68 42.73 20.30 27.55
N GLU C 69 44.00 20.19 27.93
CA GLU C 69 44.41 20.25 29.33
C GLU C 69 43.87 21.49 30.04
N GLU C 70 44.04 22.66 29.44
CA GLU C 70 43.56 23.90 30.06
C GLU C 70 42.04 23.99 30.04
N MET C 71 41.43 23.51 28.96
CA MET C 71 39.97 23.54 28.83
C MET C 71 39.32 22.67 29.90
N GLU C 72 39.88 21.48 30.10
CA GLU C 72 39.37 20.57 31.10
C GLU C 72 39.61 21.13 32.50
N LEU C 73 40.75 21.81 32.67
CA LEU C 73 41.10 22.42 33.94
C LEU C 73 40.10 23.53 34.29
N TYR C 74 39.83 24.39 33.31
CA TYR C 74 38.90 25.49 33.50
C TYR C 74 37.51 24.96 33.82
N ARG C 75 37.13 23.87 33.14
CA ARG C 75 35.82 23.25 33.35
C ARG C 75 35.69 22.72 34.78
N GLN C 76 36.84 22.36 35.37
CA GLN C 76 36.88 21.83 36.74
C GLN C 76 36.76 22.96 37.76
N LYS C 77 37.36 24.10 37.44
CA LYS C 77 37.34 25.25 38.35
C LYS C 77 35.99 25.96 38.32
N VAL C 78 35.36 25.98 37.15
CA VAL C 78 34.07 26.64 36.99
C VAL C 78 32.91 25.79 37.52
N GLU C 79 33.18 24.53 37.82
CA GLU C 79 32.16 23.61 38.33
C GLU C 79 31.49 24.12 39.60
N PRO C 80 32.25 24.36 40.70
CA PRO C 80 31.68 24.85 41.96
C PRO C 80 30.99 26.21 41.78
N LEU C 81 31.55 27.03 40.90
CA LEU C 81 30.98 28.34 40.63
C LEU C 81 29.58 28.21 40.05
N ARG C 82 29.43 27.31 39.08
CA ARG C 82 28.15 27.06 38.44
C ARG C 82 27.10 26.63 39.47
N ALA C 83 27.54 25.82 40.44
CA ALA C 83 26.66 25.34 41.50
C ALA C 83 26.18 26.50 42.36
N GLU C 84 27.09 27.41 42.66
CA GLU C 84 26.77 28.58 43.47
C GLU C 84 25.82 29.52 42.73
N LEU C 85 26.04 29.67 41.43
CA LEU C 85 25.20 30.54 40.61
C LEU C 85 23.77 30.01 40.55
N GLN C 86 23.64 28.68 40.58
CA GLN C 86 22.33 28.04 40.54
C GLN C 86 21.67 28.15 41.91
N GLU C 87 22.50 28.19 42.94
CA GLU C 87 22.04 28.30 44.32
C GLU C 87 21.25 29.58 44.53
N GLY C 88 21.86 30.72 44.19
CA GLY C 88 21.22 32.01 44.35
C GLY C 88 20.02 32.20 43.44
N ALA C 89 19.97 31.43 42.36
CA ALA C 89 18.86 31.54 41.41
C ALA C 89 17.69 30.65 41.81
N ARG C 90 17.95 29.67 42.66
CA ARG C 90 16.93 28.72 43.11
C ARG C 90 15.84 29.39 43.96
N GLN C 91 16.25 29.95 45.10
CA GLN C 91 15.31 30.60 46.02
C GLN C 91 14.81 31.93 45.46
N LYS C 92 15.35 32.32 44.32
CA LYS C 92 14.99 33.58 43.68
C LYS C 92 13.49 33.64 43.32
N LEU C 93 13.00 32.64 42.59
CA LEU C 93 11.60 32.64 42.19
C LEU C 93 10.73 31.85 43.15
N HIS C 94 11.35 30.99 43.95
CA HIS C 94 10.61 30.18 44.93
C HIS C 94 9.96 31.09 45.98
N GLU C 95 10.55 32.27 46.14
CA GLU C 95 10.04 33.26 47.08
C GLU C 95 8.95 34.10 46.40
N LEU C 96 9.17 34.38 45.12
CA LEU C 96 8.24 35.19 44.34
C LEU C 96 6.93 34.46 44.09
N GLN C 97 7.02 33.19 43.71
CA GLN C 97 5.83 32.38 43.42
C GLN C 97 4.92 32.29 44.63
N GLU C 98 5.53 32.17 45.81
CA GLU C 98 4.79 32.07 47.06
C GLU C 98 3.93 33.32 47.30
N LYS C 99 4.38 34.45 46.74
CA LYS C 99 3.65 35.70 46.88
C LYS C 99 2.87 36.03 45.60
N LEU C 100 2.67 35.02 44.76
CA LEU C 100 1.95 35.21 43.51
C LEU C 100 0.75 34.26 43.37
N SER C 101 0.97 32.99 43.69
CA SER C 101 -0.08 31.97 43.59
C SER C 101 -1.41 32.37 44.25
N PRO C 102 -1.41 32.75 45.54
CA PRO C 102 -2.65 33.12 46.26
C PRO C 102 -3.51 34.16 45.52
N LEU C 103 -2.87 35.23 45.06
CA LEU C 103 -3.59 36.30 44.35
C LEU C 103 -4.11 35.83 43.00
N GLY C 104 -3.31 35.01 42.31
CA GLY C 104 -3.71 34.51 41.01
C GLY C 104 -4.86 33.51 41.09
N GLU C 105 -4.75 32.58 42.03
CA GLU C 105 -5.77 31.56 42.22
C GLU C 105 -7.12 32.16 42.58
N GLU C 106 -7.09 33.22 43.39
CA GLU C 106 -8.32 33.89 43.80
C GLU C 106 -9.11 34.39 42.59
N MET C 107 -8.43 35.03 41.66
CA MET C 107 -9.07 35.56 40.47
C MET C 107 -9.48 34.44 39.52
N ARG C 108 -8.68 33.38 39.49
CA ARG C 108 -8.96 32.24 38.62
C ARG C 108 -10.29 31.59 38.99
N ASP C 109 -10.51 31.43 40.29
CA ASP C 109 -11.73 30.83 40.80
C ASP C 109 -12.94 31.74 40.57
N ARG C 110 -12.76 33.03 40.87
CA ARG C 110 -13.82 34.02 40.69
C ARG C 110 -14.23 34.12 39.22
N ALA C 111 -13.26 34.11 38.33
CA ALA C 111 -13.52 34.19 36.90
C ALA C 111 -14.37 33.00 36.45
N ARG C 112 -14.04 31.82 36.97
CA ARG C 112 -14.76 30.59 36.64
C ARG C 112 -16.23 30.70 37.06
N ALA C 113 -16.45 31.21 38.26
CA ALA C 113 -17.81 31.36 38.79
C ALA C 113 -18.63 32.32 37.92
N HIS C 114 -17.98 33.39 37.47
CA HIS C 114 -18.63 34.39 36.63
C HIS C 114 -19.12 33.78 35.31
N VAL C 115 -18.35 32.83 34.79
CA VAL C 115 -18.71 32.16 33.55
C VAL C 115 -20.02 31.39 33.71
N ASP C 116 -20.15 30.69 34.83
CA ASP C 116 -21.34 29.90 35.12
C ASP C 116 -22.56 30.79 35.23
N ALA C 117 -22.38 31.93 35.89
CA ALA C 117 -23.45 32.90 36.09
C ALA C 117 -24.00 33.40 34.76
N LEU C 118 -23.09 33.79 33.86
CA LEU C 118 -23.46 34.30 32.55
C LEU C 118 -24.18 33.25 31.71
N ARG C 119 -23.76 32.00 31.84
CA ARG C 119 -24.37 30.91 31.09
C ARG C 119 -25.84 30.76 31.45
N THR C 120 -26.12 30.67 32.74
CA THR C 120 -27.49 30.52 33.22
C THR C 120 -28.31 31.80 33.06
N HIS C 121 -27.65 32.90 32.69
CA HIS C 121 -28.34 34.16 32.49
C HIS C 121 -28.70 34.37 31.02
N LEU C 122 -27.87 33.85 30.13
CA LEU C 122 -28.10 33.98 28.71
C LEU C 122 -29.04 32.91 28.18
N ALA C 123 -29.04 31.74 28.81
CA ALA C 123 -29.89 30.62 28.39
C ALA C 123 -31.40 30.99 28.28
N PRO C 124 -32.03 31.52 29.35
CA PRO C 124 -33.46 31.87 29.34
C PRO C 124 -33.84 32.82 28.19
N TYR C 125 -32.92 33.69 27.83
CA TYR C 125 -33.16 34.65 26.74
C TYR C 125 -32.91 34.01 25.38
N SER C 126 -31.83 33.25 25.28
CA SER C 126 -31.47 32.59 24.03
C SER C 126 -32.54 31.58 23.62
N ASP C 127 -33.03 30.84 24.61
CA ASP C 127 -34.08 29.83 24.37
C ASP C 127 -35.31 30.47 23.75
N GLU C 128 -35.73 31.59 24.31
CA GLU C 128 -36.89 32.31 23.82
C GLU C 128 -36.64 32.90 22.43
N LEU C 129 -35.45 33.45 22.23
CA LEU C 129 -35.10 34.04 20.94
C LEU C 129 -35.10 33.00 19.82
N ARG C 130 -34.46 31.86 20.07
CA ARG C 130 -34.39 30.80 19.06
C ARG C 130 -35.76 30.18 18.82
N GLN C 131 -36.56 30.09 19.89
CA GLN C 131 -37.90 29.52 19.78
C GLN C 131 -38.78 30.36 18.86
N ARG C 132 -38.70 31.67 19.03
CA ARG C 132 -39.49 32.58 18.22
C ARG C 132 -38.94 32.67 16.80
N LEU C 133 -37.63 32.48 16.65
CA LEU C 133 -37.00 32.52 15.34
C LEU C 133 -37.42 31.33 14.51
N ALA C 134 -37.42 30.15 15.12
CA ALA C 134 -37.81 28.93 14.46
C ALA C 134 -39.21 29.05 13.87
N ALA C 135 -40.12 29.61 14.65
CA ALA C 135 -41.51 29.80 14.23
C ALA C 135 -41.58 30.74 13.02
N ARG C 136 -40.74 31.76 13.05
CA ARG C 136 -40.70 32.75 11.98
C ARG C 136 -40.13 32.12 10.69
N LEU C 137 -39.11 31.30 10.87
CA LEU C 137 -38.47 30.62 9.73
C LEU C 137 -39.44 29.68 9.04
N GLU C 138 -40.19 28.90 9.82
CA GLU C 138 -41.13 27.95 9.28
C GLU C 138 -42.25 28.64 8.50
N ALA C 139 -42.76 29.75 9.03
CA ALA C 139 -43.83 30.50 8.38
C ALA C 139 -43.36 31.04 7.04
N LEU C 140 -42.06 31.27 6.92
CA LEU C 140 -41.47 31.79 5.70
C LEU C 140 -41.15 30.66 4.72
N LYS C 141 -40.58 29.58 5.24
CA LYS C 141 -40.19 28.42 4.43
C LYS C 141 -41.40 27.85 3.68
N GLU C 142 -42.51 27.69 4.40
CA GLU C 142 -43.73 27.15 3.82
C GLU C 142 -44.21 28.00 2.65
N ASN C 143 -44.14 29.31 2.83
CA ASN C 143 -44.56 30.26 1.81
C ASN C 143 -43.70 30.13 0.56
N GLY C 144 -42.38 30.12 0.75
CA GLY C 144 -41.47 30.00 -0.37
C GLY C 144 -41.55 28.66 -1.07
N GLY C 145 -41.74 27.60 -0.29
CA GLY C 145 -41.85 26.27 -0.86
C GLY C 145 -42.97 26.14 -1.88
N ALA C 146 -44.04 26.90 -1.67
CA ALA C 146 -45.19 26.86 -2.57
C ALA C 146 -44.80 27.38 -3.96
N ARG C 147 -43.98 28.43 -3.98
CA ARG C 147 -43.54 29.04 -5.24
C ARG C 147 -42.48 28.17 -5.90
N LEU C 148 -41.66 27.52 -5.08
CA LEU C 148 -40.59 26.64 -5.55
C LEU C 148 -41.14 25.54 -6.43
N ALA C 149 -42.27 24.97 -6.03
CA ALA C 149 -42.90 23.90 -6.80
C ALA C 149 -43.31 24.35 -8.18
N GLU C 150 -43.93 25.52 -8.25
CA GLU C 150 -44.38 26.10 -9.52
C GLU C 150 -43.20 26.48 -10.41
N TYR C 151 -42.13 26.95 -9.78
CA TYR C 151 -40.93 27.34 -10.49
C TYR C 151 -40.25 26.12 -11.11
N HIS C 152 -40.11 25.06 -10.30
CA HIS C 152 -39.47 23.83 -10.74
C HIS C 152 -40.25 23.19 -11.89
N ALA C 153 -41.57 23.27 -11.83
CA ALA C 153 -42.43 22.68 -12.87
C ALA C 153 -42.10 23.26 -14.25
N LYS C 154 -41.78 24.55 -14.29
CA LYS C 154 -41.46 25.22 -15.54
C LYS C 154 -39.98 25.03 -15.88
N ALA C 155 -39.19 24.70 -14.87
CA ALA C 155 -37.75 24.49 -15.03
C ALA C 155 -37.46 23.23 -15.85
N THR C 156 -37.98 22.10 -15.40
CA THR C 156 -37.77 20.84 -16.09
C THR C 156 -38.26 20.89 -17.53
N GLU C 157 -39.39 21.55 -17.75
CA GLU C 157 -39.96 21.68 -19.07
C GLU C 157 -39.08 22.55 -19.98
N HIS C 158 -38.58 23.65 -19.43
CA HIS C 158 -37.74 24.58 -20.16
C HIS C 158 -36.46 23.92 -20.65
N LEU C 159 -35.80 23.16 -19.78
CA LEU C 159 -34.55 22.51 -20.13
C LEU C 159 -34.74 21.27 -21.00
N SER C 160 -35.92 20.68 -20.95
CA SER C 160 -36.20 19.48 -21.74
C SER C 160 -36.70 19.84 -23.14
N THR C 161 -35.95 20.68 -23.84
CA THR C 161 -36.32 21.11 -25.17
C THR C 161 -35.15 21.00 -26.16
N LEU C 162 -34.15 21.85 -25.98
CA LEU C 162 -32.97 21.89 -26.84
C LEU C 162 -32.28 20.53 -27.00
N SER C 163 -32.18 19.78 -25.91
CA SER C 163 -31.53 18.46 -25.94
C SER C 163 -32.17 17.53 -26.97
N GLU C 164 -33.50 17.58 -27.10
CA GLU C 164 -34.21 16.72 -28.03
C GLU C 164 -34.06 17.19 -29.47
N LYS C 165 -33.48 18.37 -29.63
CA LYS C 165 -33.27 18.95 -30.94
C LYS C 165 -31.79 19.23 -31.17
N ALA C 166 -30.94 18.45 -30.51
CA ALA C 166 -29.50 18.59 -30.64
C ALA C 166 -28.85 17.29 -31.08
N LYS C 167 -29.20 16.19 -30.41
CA LYS C 167 -28.65 14.87 -30.72
C LYS C 167 -28.88 14.46 -32.18
N PRO C 168 -30.15 14.46 -32.66
CA PRO C 168 -30.45 14.06 -34.06
C PRO C 168 -29.70 14.95 -35.06
N ALA C 169 -29.70 16.26 -34.81
CA ALA C 169 -29.02 17.22 -35.68
C ALA C 169 -27.53 16.94 -35.78
N LEU C 170 -26.94 16.51 -34.67
CA LEU C 170 -25.52 16.20 -34.64
C LEU C 170 -25.19 14.99 -35.50
N GLU C 171 -25.98 13.92 -35.32
CA GLU C 171 -25.78 12.68 -36.06
C GLU C 171 -25.90 12.93 -37.56
N ASP C 172 -26.92 13.69 -37.95
CA ASP C 172 -27.13 14.00 -39.36
C ASP C 172 -25.91 14.68 -39.98
N LEU C 173 -25.26 15.54 -39.20
CA LEU C 173 -24.09 16.26 -39.66
C LEU C 173 -22.91 15.30 -39.81
N ARG C 174 -22.74 14.43 -38.82
CA ARG C 174 -21.66 13.44 -38.82
C ARG C 174 -21.73 12.57 -40.08
N GLN C 175 -22.95 12.16 -40.44
CA GLN C 175 -23.17 11.31 -41.61
C GLN C 175 -22.82 12.03 -42.91
N GLY C 176 -22.67 13.35 -42.84
CA GLY C 176 -22.34 14.13 -44.02
C GLY C 176 -20.85 14.39 -44.16
N LEU C 177 -20.13 14.32 -43.05
CA LEU C 177 -18.69 14.56 -43.04
C LEU C 177 -17.93 13.28 -43.35
N LEU C 178 -18.54 12.15 -43.00
CA LEU C 178 -17.96 10.83 -43.21
C LEU C 178 -17.47 10.56 -44.64
N PRO C 179 -18.32 10.78 -45.68
CA PRO C 179 -17.94 10.53 -47.09
C PRO C 179 -16.57 11.10 -47.47
N VAL C 180 -16.39 12.41 -47.26
CA VAL C 180 -15.14 13.07 -47.60
C VAL C 180 -14.00 12.61 -46.69
N LEU C 181 -14.30 12.49 -45.40
CA LEU C 181 -13.30 12.07 -44.41
C LEU C 181 -12.76 10.68 -44.75
N GLU C 182 -13.65 9.79 -45.15
CA GLU C 182 -13.28 8.42 -45.50
C GLU C 182 -12.25 8.38 -46.61
N SER C 183 -12.54 9.06 -47.72
CA SER C 183 -11.64 9.10 -48.85
C SER C 183 -10.31 9.78 -48.51
N PHE C 184 -10.37 10.80 -47.65
CA PHE C 184 -9.18 11.52 -47.25
C PHE C 184 -8.27 10.65 -46.40
N LYS C 185 -8.87 9.75 -45.64
CA LYS C 185 -8.12 8.84 -44.77
C LYS C 185 -7.30 7.84 -45.60
N VAL C 186 -7.83 7.46 -46.75
CA VAL C 186 -7.16 6.50 -47.62
C VAL C 186 -5.84 7.08 -48.15
N SER C 187 -5.88 8.35 -48.56
CA SER C 187 -4.69 9.02 -49.08
C SER C 187 -3.63 9.13 -47.99
N PHE C 188 -4.08 9.34 -46.76
CA PHE C 188 -3.20 9.48 -45.61
C PHE C 188 -2.39 8.22 -45.40
N LEU C 189 -3.06 7.07 -45.50
CA LEU C 189 -2.40 5.78 -45.32
C LEU C 189 -1.28 5.58 -46.35
N SER C 190 -1.54 5.97 -47.59
CA SER C 190 -0.55 5.84 -48.65
C SER C 190 0.64 6.77 -48.43
N ALA C 191 0.35 8.03 -48.14
CA ALA C 191 1.39 9.03 -47.93
C ALA C 191 2.26 8.74 -46.71
N LEU C 192 1.63 8.29 -45.62
CA LEU C 192 2.35 8.00 -44.39
C LEU C 192 3.34 6.86 -44.58
N GLU C 193 2.92 5.82 -45.28
CA GLU C 193 3.79 4.67 -45.53
C GLU C 193 5.02 5.06 -46.34
N GLU C 194 4.81 5.91 -47.35
CA GLU C 194 5.93 6.38 -48.18
C GLU C 194 6.97 7.11 -47.36
N TYR C 195 6.51 7.94 -46.42
CA TYR C 195 7.40 8.70 -45.56
C TYR C 195 8.26 7.75 -44.73
N THR C 196 7.62 6.73 -44.17
CA THR C 196 8.29 5.74 -43.36
C THR C 196 9.37 4.99 -44.15
N LYS C 197 9.06 4.66 -45.40
CA LYS C 197 10.01 3.97 -46.27
C LYS C 197 11.23 4.84 -46.52
N LYS C 198 10.99 6.13 -46.74
CA LYS C 198 12.06 7.09 -46.99
C LYS C 198 12.94 7.26 -45.76
N LEU C 199 12.31 7.33 -44.59
CA LEU C 199 13.04 7.50 -43.34
C LEU C 199 13.89 6.29 -43.00
N ASN C 200 13.28 5.11 -43.04
CA ASN C 200 14.00 3.87 -42.73
C ASN C 200 15.09 3.59 -43.76
N SER D 14 -28.85 27.49 -33.93
CA SER D 14 -29.08 28.66 -33.10
C SER D 14 -30.58 28.91 -32.95
N THR D 15 -31.36 28.22 -33.78
CA THR D 15 -32.80 28.36 -33.77
C THR D 15 -33.41 27.92 -32.44
N PHE D 16 -33.01 26.74 -31.98
CA PHE D 16 -33.52 26.20 -30.73
C PHE D 16 -32.93 26.97 -29.56
N SER D 17 -31.70 27.44 -29.71
CA SER D 17 -31.03 28.21 -28.66
C SER D 17 -31.79 29.52 -28.42
N LYS D 18 -32.29 30.10 -29.50
CA LYS D 18 -33.04 31.35 -29.42
C LYS D 18 -34.44 31.08 -28.89
N LEU D 19 -34.98 29.91 -29.23
CA LEU D 19 -36.32 29.52 -28.78
C LEU D 19 -36.35 29.44 -27.26
N ARG D 20 -35.31 28.85 -26.69
CA ARG D 20 -35.18 28.72 -25.25
C ARG D 20 -35.10 30.10 -24.60
N GLU D 21 -34.41 31.02 -25.28
CA GLU D 21 -34.25 32.38 -24.80
C GLU D 21 -35.55 33.15 -24.87
N GLN D 22 -36.38 32.82 -25.85
CA GLN D 22 -37.66 33.48 -26.07
C GLN D 22 -38.54 33.48 -24.81
N LEU D 23 -38.59 32.35 -24.12
CA LEU D 23 -39.40 32.23 -22.91
C LEU D 23 -38.54 32.32 -21.65
N GLY D 24 -37.31 32.80 -21.82
CA GLY D 24 -36.40 32.92 -20.70
C GLY D 24 -36.75 34.04 -19.75
N PRO D 25 -36.63 35.32 -20.19
CA PRO D 25 -36.94 36.49 -19.35
C PRO D 25 -38.36 36.46 -18.79
N VAL D 26 -39.23 35.68 -19.42
CA VAL D 26 -40.61 35.56 -18.99
C VAL D 26 -40.68 35.00 -17.57
N THR D 27 -40.17 33.79 -17.39
CA THR D 27 -40.18 33.14 -16.08
C THR D 27 -39.22 33.87 -15.13
N GLN D 28 -38.16 34.44 -15.70
CA GLN D 28 -37.16 35.16 -14.92
C GLN D 28 -37.80 36.34 -14.18
N GLU D 29 -38.55 37.17 -14.91
CA GLU D 29 -39.21 38.33 -14.31
C GLU D 29 -40.25 37.89 -13.29
N PHE D 30 -40.96 36.82 -13.60
CA PHE D 30 -41.99 36.29 -12.70
C PHE D 30 -41.37 35.89 -11.37
N TRP D 31 -40.25 35.17 -11.43
CA TRP D 31 -39.57 34.72 -10.24
C TRP D 31 -38.96 35.89 -9.48
N ASP D 32 -38.37 36.84 -10.21
CA ASP D 32 -37.77 38.02 -9.59
C ASP D 32 -38.82 38.81 -8.82
N ASN D 33 -40.02 38.85 -9.37
CA ASN D 33 -41.13 39.55 -8.72
C ASN D 33 -41.58 38.77 -7.50
N LEU D 34 -41.59 37.44 -7.63
CA LEU D 34 -41.98 36.55 -6.55
C LEU D 34 -41.03 36.69 -5.36
N GLU D 35 -39.73 36.69 -5.64
CA GLU D 35 -38.73 36.81 -4.58
C GLU D 35 -38.79 38.17 -3.90
N LYS D 36 -39.24 39.19 -4.62
CA LYS D 36 -39.36 40.52 -4.06
C LYS D 36 -40.39 40.50 -2.92
N GLU D 37 -41.42 39.68 -3.09
CA GLU D 37 -42.45 39.55 -2.08
C GLU D 37 -41.90 38.80 -0.87
N THR D 38 -41.14 37.75 -1.14
CA THR D 38 -40.53 36.96 -0.08
C THR D 38 -39.58 37.83 0.73
N GLU D 39 -38.90 38.74 0.02
CA GLU D 39 -37.97 39.66 0.65
C GLU D 39 -38.70 40.56 1.65
N GLY D 40 -39.86 41.05 1.22
CA GLY D 40 -40.67 41.91 2.08
C GLY D 40 -41.05 41.20 3.36
N LEU D 41 -41.48 39.95 3.21
CA LEU D 41 -41.87 39.14 4.35
C LEU D 41 -40.69 38.95 5.30
N ARG D 42 -39.51 38.75 4.73
CA ARG D 42 -38.28 38.58 5.51
C ARG D 42 -37.94 39.86 6.25
N GLN D 43 -38.08 40.99 5.56
CA GLN D 43 -37.79 42.30 6.14
C GLN D 43 -38.60 42.54 7.41
N GLU D 44 -39.90 42.28 7.32
CA GLU D 44 -40.81 42.46 8.44
C GLU D 44 -40.42 41.55 9.61
N MET D 45 -40.04 40.33 9.28
CA MET D 45 -39.64 39.34 10.27
C MET D 45 -38.37 39.80 11.00
N SER D 46 -37.34 40.15 10.23
CA SER D 46 -36.08 40.60 10.79
C SER D 46 -36.25 41.84 11.65
N LYS D 47 -37.15 42.74 11.21
CA LYS D 47 -37.41 43.97 11.93
C LYS D 47 -37.92 43.69 13.34
N ASP D 48 -38.84 42.74 13.46
CA ASP D 48 -39.41 42.37 14.75
C ASP D 48 -38.39 41.62 15.62
N LEU D 49 -37.67 40.71 15.01
CA LEU D 49 -36.67 39.91 15.72
C LEU D 49 -35.56 40.78 16.29
N GLU D 50 -35.18 41.82 15.56
CA GLU D 50 -34.11 42.71 16.00
C GLU D 50 -34.45 43.46 17.27
N GLU D 51 -35.70 43.91 17.38
CA GLU D 51 -36.15 44.66 18.55
C GLU D 51 -36.03 43.80 19.82
N VAL D 52 -36.24 42.50 19.67
CA VAL D 52 -36.16 41.58 20.80
C VAL D 52 -34.70 41.45 21.28
N LYS D 53 -33.79 41.28 20.33
CA LYS D 53 -32.37 41.14 20.65
C LYS D 53 -31.81 42.42 21.26
N ALA D 54 -32.32 43.56 20.79
CA ALA D 54 -31.87 44.86 21.26
C ALA D 54 -32.10 45.04 22.77
N LYS D 55 -33.05 44.27 23.31
CA LYS D 55 -33.37 44.33 24.72
C LYS D 55 -32.48 43.37 25.53
N VAL D 56 -32.00 42.32 24.87
CA VAL D 56 -31.17 41.31 25.53
C VAL D 56 -29.74 41.78 25.76
N GLN D 57 -29.16 42.46 24.75
CA GLN D 57 -27.78 42.94 24.82
C GLN D 57 -27.42 43.69 26.12
N PRO D 58 -28.17 44.75 26.49
CA PRO D 58 -27.91 45.54 27.70
C PRO D 58 -27.78 44.71 28.98
N TYR D 59 -28.56 43.65 29.07
CA TYR D 59 -28.55 42.79 30.27
C TYR D 59 -27.24 42.03 30.43
N LEU D 60 -26.60 41.71 29.30
CA LEU D 60 -25.34 40.98 29.33
C LEU D 60 -24.16 41.94 29.42
N ASP D 61 -24.34 43.13 28.86
CA ASP D 61 -23.31 44.16 28.87
C ASP D 61 -22.98 44.63 30.28
N ASP D 62 -24.02 44.83 31.08
CA ASP D 62 -23.86 45.29 32.46
C ASP D 62 -23.01 44.30 33.27
N PHE D 63 -23.24 43.02 33.06
CA PHE D 63 -22.50 41.97 33.76
C PHE D 63 -21.03 41.95 33.32
N GLN D 64 -20.79 42.30 32.06
CA GLN D 64 -19.44 42.35 31.54
C GLN D 64 -18.64 43.44 32.24
N LYS D 65 -19.26 44.61 32.35
CA LYS D 65 -18.63 45.75 33.00
C LYS D 65 -18.42 45.48 34.49
N LYS D 66 -19.39 44.78 35.10
CA LYS D 66 -19.33 44.45 36.52
C LYS D 66 -18.05 43.69 36.89
N TRP D 67 -17.70 42.69 36.09
CA TRP D 67 -16.49 41.92 36.34
C TRP D 67 -15.26 42.72 35.95
N GLN D 68 -15.37 43.45 34.84
CA GLN D 68 -14.29 44.28 34.33
C GLN D 68 -13.81 45.27 35.40
N GLU D 69 -14.76 45.88 36.10
CA GLU D 69 -14.45 46.85 37.15
C GLU D 69 -13.62 46.20 38.25
N GLU D 70 -13.98 44.99 38.64
CA GLU D 70 -13.27 44.26 39.68
C GLU D 70 -11.86 43.91 39.21
N MET D 71 -11.73 43.53 37.95
CA MET D 71 -10.44 43.17 37.37
C MET D 71 -9.53 44.39 37.28
N GLU D 72 -10.12 45.53 36.90
CA GLU D 72 -9.38 46.78 36.78
C GLU D 72 -8.79 47.17 38.13
N LEU D 73 -9.55 46.96 39.19
CA LEU D 73 -9.12 47.27 40.54
C LEU D 73 -8.06 46.27 41.01
N TYR D 74 -8.36 44.99 40.83
CA TYR D 74 -7.45 43.92 41.23
C TYR D 74 -6.08 44.09 40.58
N ARG D 75 -6.08 44.51 39.33
CA ARG D 75 -4.84 44.70 38.59
C ARG D 75 -3.90 45.68 39.32
N GLN D 76 -4.48 46.76 39.83
CA GLN D 76 -3.72 47.78 40.54
C GLN D 76 -3.32 47.32 41.94
N LYS D 77 -4.08 46.39 42.48
CA LYS D 77 -3.81 45.85 43.82
C LYS D 77 -2.48 45.09 43.86
N VAL D 78 -2.16 44.39 42.78
CA VAL D 78 -0.91 43.62 42.71
C VAL D 78 0.18 44.39 41.97
N GLU D 79 -0.12 45.61 41.58
CA GLU D 79 0.82 46.45 40.86
C GLU D 79 2.09 46.78 41.69
N PRO D 80 1.95 47.42 42.87
CA PRO D 80 3.10 47.78 43.71
C PRO D 80 3.84 46.55 44.24
N LEU D 81 3.14 45.43 44.28
CA LEU D 81 3.72 44.18 44.76
C LEU D 81 4.79 43.64 43.81
N ARG D 82 4.45 43.56 42.52
CA ARG D 82 5.39 43.06 41.53
C ARG D 82 6.56 44.01 41.36
N ALA D 83 6.32 45.29 41.63
CA ALA D 83 7.37 46.30 41.50
C ALA D 83 8.51 46.00 42.47
N GLU D 84 8.16 45.54 43.66
CA GLU D 84 9.16 45.20 44.67
C GLU D 84 9.82 43.86 44.36
N LEU D 85 8.99 42.88 43.99
CA LEU D 85 9.48 41.55 43.67
C LEU D 85 10.43 41.57 42.48
N GLN D 86 10.12 42.39 41.48
CA GLN D 86 10.97 42.51 40.30
C GLN D 86 12.27 43.21 40.65
N GLU D 87 12.17 44.25 41.47
CA GLU D 87 13.33 45.01 41.91
C GLU D 87 14.31 44.11 42.65
N GLY D 88 13.78 43.30 43.55
CA GLY D 88 14.62 42.38 44.31
C GLY D 88 15.35 41.42 43.40
N ALA D 89 14.64 40.91 42.41
CA ALA D 89 15.23 39.97 41.46
C ALA D 89 16.32 40.65 40.64
N ARG D 90 16.05 41.90 40.24
CA ARG D 90 16.99 42.69 39.46
C ARG D 90 18.36 42.71 40.10
N GLN D 91 18.40 42.97 41.41
CA GLN D 91 19.64 43.03 42.15
C GLN D 91 20.37 41.68 42.12
N LYS D 92 19.62 40.59 42.21
CA LYS D 92 20.20 39.25 42.19
C LYS D 92 20.89 38.99 40.85
N LEU D 93 20.32 39.51 39.78
CA LEU D 93 20.90 39.35 38.47
C LEU D 93 22.23 40.07 38.40
N HIS D 94 22.21 41.33 38.83
CA HIS D 94 23.41 42.15 38.85
C HIS D 94 24.48 41.49 39.72
N GLU D 95 24.05 40.95 40.85
CA GLU D 95 24.95 40.27 41.77
C GLU D 95 25.58 39.04 41.11
N LEU D 96 24.75 38.20 40.50
CA LEU D 96 25.22 37.00 39.83
C LEU D 96 26.09 37.32 38.62
N GLN D 97 25.72 38.38 37.89
CA GLN D 97 26.49 38.81 36.74
C GLN D 97 27.89 39.22 37.16
N GLU D 98 27.96 39.88 38.32
CA GLU D 98 29.22 40.34 38.88
C GLU D 98 30.13 39.16 39.19
N LYS D 99 29.55 38.11 39.76
CA LYS D 99 30.30 36.90 40.11
C LYS D 99 30.71 36.17 38.84
N LEU D 100 29.79 36.08 37.90
CA LEU D 100 30.03 35.40 36.64
C LEU D 100 30.68 36.34 35.63
N SER D 101 31.86 36.84 35.95
CA SER D 101 32.59 37.76 35.08
C SER D 101 34.12 37.63 35.21
N PRO D 102 34.69 37.73 36.44
CA PRO D 102 36.15 37.64 36.66
C PRO D 102 36.81 36.45 35.98
N LEU D 103 36.28 35.25 36.23
CA LEU D 103 36.84 34.03 35.64
C LEU D 103 36.72 34.05 34.13
N GLY D 104 35.63 34.63 33.63
CA GLY D 104 35.43 34.71 32.20
C GLY D 104 36.44 35.62 31.54
N GLU D 105 36.76 36.71 32.21
CA GLU D 105 37.74 37.68 31.69
C GLU D 105 39.15 37.10 31.74
N GLU D 106 39.40 36.26 32.74
CA GLU D 106 40.70 35.63 32.90
C GLU D 106 40.97 34.67 31.75
N MET D 107 39.97 33.85 31.44
CA MET D 107 40.08 32.88 30.35
C MET D 107 40.26 33.61 29.01
N ARG D 108 39.63 34.77 28.90
CA ARG D 108 39.70 35.56 27.68
C ARG D 108 41.15 35.94 27.36
N ASP D 109 41.90 36.31 28.39
CA ASP D 109 43.29 36.70 28.22
C ASP D 109 44.14 35.55 27.71
N ARG D 110 44.00 34.39 28.33
CA ARG D 110 44.75 33.21 27.92
C ARG D 110 44.32 32.74 26.53
N ALA D 111 43.03 32.86 26.26
CA ALA D 111 42.49 32.47 24.96
C ALA D 111 43.14 33.28 23.86
N ARG D 112 43.27 34.58 24.08
CA ARG D 112 43.89 35.48 23.12
C ARG D 112 45.36 35.10 22.92
N ALA D 113 46.03 34.74 24.01
CA ALA D 113 47.44 34.36 23.95
C ALA D 113 47.60 33.06 23.16
N HIS D 114 46.67 32.14 23.36
CA HIS D 114 46.71 30.85 22.68
C HIS D 114 46.53 31.02 21.17
N VAL D 115 45.59 31.86 20.77
CA VAL D 115 45.33 32.11 19.35
C VAL D 115 46.51 32.78 18.69
N ASP D 116 47.14 33.72 19.41
CA ASP D 116 48.29 34.45 18.90
C ASP D 116 49.45 33.49 18.62
N ALA D 117 49.69 32.58 19.54
CA ALA D 117 50.77 31.60 19.38
C ALA D 117 50.45 30.58 18.29
N LEU D 118 49.17 30.33 18.09
CA LEU D 118 48.70 29.39 17.09
C LEU D 118 49.02 29.91 15.69
N ARG D 119 48.88 31.22 15.51
CA ARG D 119 49.16 31.86 14.23
C ARG D 119 50.62 31.65 13.83
N THR D 120 51.49 31.67 14.82
CA THR D 120 52.92 31.49 14.61
C THR D 120 53.25 30.12 14.01
N HIS D 121 52.35 29.15 14.21
CA HIS D 121 52.56 27.80 13.69
C HIS D 121 51.93 27.66 12.30
N LEU D 122 50.86 28.41 12.06
CA LEU D 122 50.15 28.34 10.79
C LEU D 122 50.81 29.18 9.69
N ALA D 123 51.37 30.32 10.07
CA ALA D 123 52.00 31.23 9.13
C ALA D 123 53.04 30.57 8.18
N PRO D 124 54.10 29.91 8.71
CA PRO D 124 55.13 29.28 7.88
C PRO D 124 54.58 28.19 6.96
N TYR D 125 53.66 27.39 7.48
CA TYR D 125 53.06 26.30 6.71
C TYR D 125 52.26 26.83 5.51
N SER D 126 51.77 28.06 5.63
CA SER D 126 50.99 28.67 4.55
C SER D 126 51.87 28.94 3.33
N ASP D 127 53.03 29.53 3.54
CA ASP D 127 53.94 29.82 2.43
C ASP D 127 54.64 28.57 1.95
N GLU D 128 54.94 27.66 2.88
CA GLU D 128 55.60 26.41 2.54
C GLU D 128 54.78 25.67 1.49
N LEU D 129 53.48 25.58 1.71
CA LEU D 129 52.58 24.90 0.78
C LEU D 129 52.42 25.73 -0.50
N ARG D 130 52.42 27.05 -0.33
CA ARG D 130 52.29 27.97 -1.45
C ARG D 130 53.40 27.76 -2.47
N GLN D 131 54.64 27.79 -2.01
CA GLN D 131 55.79 27.60 -2.89
C GLN D 131 55.88 26.18 -3.42
N ARG D 132 55.41 25.21 -2.63
CA ARG D 132 55.43 23.81 -3.03
C ARG D 132 54.42 23.59 -4.15
N LEU D 133 53.28 24.27 -4.04
CA LEU D 133 52.22 24.17 -5.03
C LEU D 133 52.68 24.73 -6.37
N ALA D 134 53.46 25.81 -6.31
CA ALA D 134 53.98 26.45 -7.51
C ALA D 134 54.89 25.50 -8.26
N ALA D 135 55.80 24.87 -7.53
CA ALA D 135 56.75 23.95 -8.11
C ALA D 135 56.03 22.76 -8.76
N ARG D 136 54.98 22.28 -8.10
CA ARG D 136 54.21 21.15 -8.62
C ARG D 136 53.45 21.55 -9.89
N LEU D 137 52.77 22.70 -9.82
CA LEU D 137 51.98 23.19 -10.95
C LEU D 137 52.86 23.45 -12.16
N GLU D 138 53.99 24.13 -11.95
CA GLU D 138 54.91 24.45 -13.02
C GLU D 138 55.41 23.19 -13.72
N ALA D 139 55.78 22.19 -12.93
CA ALA D 139 56.28 20.93 -13.47
C ALA D 139 55.20 20.18 -14.24
N LEU D 140 53.99 20.18 -13.68
CA LEU D 140 52.86 19.50 -14.31
C LEU D 140 52.50 20.18 -15.63
N LYS D 141 52.44 21.51 -15.60
CA LYS D 141 52.10 22.30 -16.78
C LYS D 141 53.15 22.13 -17.88
N GLU D 142 54.38 21.87 -17.48
CA GLU D 142 55.47 21.68 -18.45
C GLU D 142 55.35 20.30 -19.11
N ASN D 143 54.99 19.32 -18.32
CA ASN D 143 54.84 17.95 -18.82
C ASN D 143 53.64 17.81 -19.74
N GLY D 144 52.56 18.51 -19.41
CA GLY D 144 51.36 18.44 -20.22
C GLY D 144 51.22 19.63 -21.14
N GLY D 145 52.33 20.27 -21.47
CA GLY D 145 52.31 21.42 -22.36
C GLY D 145 52.01 21.05 -23.80
N ALA D 146 52.95 20.37 -24.43
CA ALA D 146 52.78 19.97 -25.83
C ALA D 146 51.96 18.69 -25.96
N ARG D 147 51.79 17.98 -24.85
CA ARG D 147 51.03 16.75 -24.86
C ARG D 147 49.54 17.03 -25.08
N LEU D 148 49.05 18.12 -24.52
CA LEU D 148 47.65 18.51 -24.67
C LEU D 148 47.35 18.85 -26.13
N ALA D 149 48.37 19.32 -26.84
CA ALA D 149 48.21 19.68 -28.25
C ALA D 149 47.93 18.44 -29.08
N GLU D 150 48.54 17.32 -28.71
CA GLU D 150 48.35 16.06 -29.41
C GLU D 150 46.92 15.58 -29.24
N TYR D 151 46.32 15.89 -28.10
CA TYR D 151 44.94 15.50 -27.83
C TYR D 151 44.01 16.23 -28.77
N HIS D 152 44.33 17.48 -29.06
CA HIS D 152 43.51 18.31 -29.94
C HIS D 152 43.80 18.01 -31.41
N ALA D 153 45.07 17.95 -31.77
CA ALA D 153 45.49 17.68 -33.15
C ALA D 153 44.83 16.42 -33.70
N LYS D 154 44.80 15.37 -32.89
CA LYS D 154 44.20 14.12 -33.31
C LYS D 154 42.68 14.22 -33.27
N ALA D 155 42.14 14.96 -32.30
CA ALA D 155 40.70 15.12 -32.16
C ALA D 155 40.12 16.00 -33.27
N THR D 156 40.92 16.93 -33.78
CA THR D 156 40.48 17.82 -34.84
C THR D 156 40.11 17.01 -36.09
N GLU D 157 40.92 15.99 -36.38
CA GLU D 157 40.67 15.12 -37.53
C GLU D 157 39.41 14.29 -37.30
N HIS D 158 39.25 13.86 -36.05
CA HIS D 158 38.08 13.08 -35.65
C HIS D 158 36.81 13.90 -35.82
N LEU D 159 36.93 15.20 -35.55
CA LEU D 159 35.81 16.11 -35.67
C LEU D 159 35.56 16.44 -37.14
N SER D 160 36.63 16.53 -37.91
CA SER D 160 36.55 16.82 -39.33
C SER D 160 35.72 15.75 -40.03
N THR D 161 36.13 14.50 -39.86
CA THR D 161 35.43 13.37 -40.45
C THR D 161 34.25 12.94 -39.58
N LEU D 162 33.46 13.92 -39.16
CA LEU D 162 32.31 13.65 -38.32
C LEU D 162 31.06 14.32 -38.87
N SER D 163 31.07 15.63 -38.97
CA SER D 163 29.90 16.37 -39.46
C SER D 163 30.01 16.72 -40.95
N GLU D 164 30.81 15.96 -41.67
CA GLU D 164 31.01 16.21 -43.11
C GLU D 164 29.86 15.65 -43.95
N LYS D 165 29.51 14.39 -43.72
CA LYS D 165 28.46 13.74 -44.48
C LYS D 165 27.08 13.90 -43.83
N ALA D 166 26.94 14.93 -42.99
CA ALA D 166 25.69 15.19 -42.32
C ALA D 166 24.74 15.98 -43.21
N LYS D 167 25.25 17.06 -43.80
CA LYS D 167 24.45 17.92 -44.68
C LYS D 167 23.93 17.20 -45.92
N PRO D 168 24.80 16.52 -46.72
CA PRO D 168 24.38 15.82 -47.94
C PRO D 168 23.24 14.82 -47.69
N ALA D 169 23.32 14.09 -46.58
CA ALA D 169 22.32 13.10 -46.24
C ALA D 169 20.95 13.74 -46.02
N LEU D 170 20.95 14.91 -45.38
CA LEU D 170 19.72 15.64 -45.10
C LEU D 170 19.15 16.25 -46.38
N GLU D 171 20.04 16.74 -47.24
CA GLU D 171 19.63 17.36 -48.49
C GLU D 171 18.83 16.39 -49.36
N ASP D 172 19.44 15.24 -49.63
CA ASP D 172 18.81 14.19 -50.46
C ASP D 172 17.49 13.72 -49.85
N LEU D 173 17.42 13.70 -48.54
CA LEU D 173 16.23 13.26 -47.83
C LEU D 173 15.06 14.21 -48.03
N ARG D 174 15.28 15.50 -47.77
CA ARG D 174 14.21 16.49 -47.92
C ARG D 174 13.83 16.69 -49.38
N GLN D 175 14.81 16.56 -50.26
CA GLN D 175 14.58 16.74 -51.69
C GLN D 175 13.55 15.76 -52.21
N GLY D 176 13.65 14.51 -51.79
CA GLY D 176 12.73 13.48 -52.22
C GLY D 176 11.52 13.34 -51.32
N LEU D 177 11.18 14.42 -50.60
CA LEU D 177 10.04 14.38 -49.69
C LEU D 177 9.09 15.55 -49.97
N LEU D 178 9.65 16.68 -50.39
CA LEU D 178 8.89 17.89 -50.68
C LEU D 178 7.70 17.66 -51.62
N PRO D 179 7.90 17.05 -52.82
CA PRO D 179 6.81 16.81 -53.78
C PRO D 179 5.58 16.15 -53.16
N VAL D 180 5.80 15.15 -52.31
CA VAL D 180 4.70 14.44 -51.66
C VAL D 180 4.04 15.31 -50.61
N LEU D 181 4.85 16.03 -49.85
CA LEU D 181 4.35 16.90 -48.79
C LEU D 181 3.51 18.03 -49.36
N GLU D 182 3.92 18.55 -50.51
CA GLU D 182 3.22 19.64 -51.17
C GLU D 182 1.85 19.19 -51.67
N SER D 183 1.75 17.95 -52.15
CA SER D 183 0.49 17.40 -52.64
C SER D 183 -0.52 17.28 -51.51
N PHE D 184 -0.02 16.91 -50.32
CA PHE D 184 -0.87 16.76 -49.14
C PHE D 184 -1.51 18.09 -48.76
N LYS D 185 -0.74 19.17 -48.89
CA LYS D 185 -1.22 20.50 -48.56
C LYS D 185 -2.51 20.83 -49.30
N VAL D 186 -2.54 20.50 -50.58
CA VAL D 186 -3.70 20.77 -51.42
C VAL D 186 -4.90 19.95 -50.97
N SER D 187 -4.73 18.65 -50.85
CA SER D 187 -5.81 17.76 -50.45
C SER D 187 -6.40 18.17 -49.09
N PHE D 188 -5.52 18.55 -48.17
CA PHE D 188 -5.94 18.97 -46.84
C PHE D 188 -6.81 20.23 -46.90
N LEU D 189 -6.35 21.23 -47.64
CA LEU D 189 -7.08 22.50 -47.78
C LEU D 189 -8.42 22.29 -48.48
N SER D 190 -8.48 21.31 -49.37
CA SER D 190 -9.70 21.01 -50.10
C SER D 190 -10.78 20.51 -49.16
N ALA D 191 -10.41 19.58 -48.29
CA ALA D 191 -11.35 19.02 -47.33
C ALA D 191 -11.67 20.06 -46.25
N LEU D 192 -10.67 20.91 -45.98
CA LEU D 192 -10.77 21.98 -44.99
C LEU D 192 -12.01 22.85 -45.23
N GLU D 193 -12.26 23.20 -46.48
CA GLU D 193 -13.39 24.04 -46.84
C GLU D 193 -14.72 23.30 -46.70
N GLU D 194 -14.72 22.04 -47.14
CA GLU D 194 -15.92 21.20 -47.11
C GLU D 194 -16.57 21.09 -45.72
N TYR D 195 -15.82 20.59 -44.75
CA TYR D 195 -16.35 20.38 -43.40
C TYR D 195 -16.85 21.68 -42.77
N THR D 196 -16.05 22.73 -42.88
CA THR D 196 -16.41 24.03 -42.29
C THR D 196 -17.76 24.53 -42.79
N LYS D 197 -18.01 24.40 -44.09
CA LYS D 197 -19.26 24.85 -44.68
C LYS D 197 -20.48 24.13 -44.08
N LYS D 198 -20.30 22.87 -43.72
CA LYS D 198 -21.38 22.09 -43.14
C LYS D 198 -21.53 22.36 -41.64
N LEU D 199 -20.39 22.54 -40.97
CA LEU D 199 -20.39 22.82 -39.54
C LEU D 199 -21.01 24.19 -39.24
N ASN D 200 -20.68 25.15 -40.09
CA ASN D 200 -21.17 26.52 -39.94
C ASN D 200 -22.69 26.60 -40.08
N THR A 2 3.71 -13.66 2.47
CA THR A 2 3.27 -13.78 1.09
C THR A 2 2.30 -14.95 0.94
N GLU A 3 1.12 -14.67 0.38
CA GLU A 3 0.12 -15.70 0.20
C GLU A 3 0.33 -16.41 -1.13
N TYR A 4 0.57 -17.72 -1.06
CA TYR A 4 0.79 -18.51 -2.26
C TYR A 4 -0.35 -19.51 -2.43
N LYS A 5 -1.14 -19.33 -3.48
CA LYS A 5 -2.26 -20.23 -3.75
C LYS A 5 -1.78 -21.44 -4.53
N LEU A 6 -1.83 -22.60 -3.88
CA LEU A 6 -1.38 -23.85 -4.49
C LEU A 6 -2.56 -24.77 -4.75
N VAL A 7 -2.70 -25.22 -5.99
CA VAL A 7 -3.81 -26.11 -6.36
C VAL A 7 -3.28 -27.48 -6.76
N VAL A 8 -3.80 -28.51 -6.11
CA VAL A 8 -3.39 -29.89 -6.40
C VAL A 8 -4.30 -30.48 -7.46
N VAL A 9 -3.71 -30.87 -8.59
CA VAL A 9 -4.46 -31.46 -9.68
C VAL A 9 -4.05 -32.91 -9.89
N GLY A 10 -4.87 -33.67 -10.60
CA GLY A 10 -4.57 -35.06 -10.85
C GLY A 10 -5.82 -35.90 -10.92
N ALA A 11 -5.70 -37.11 -11.43
CA ALA A 11 -6.83 -38.02 -11.57
C ALA A 11 -7.32 -38.56 -10.22
N ASP A 12 -8.19 -39.55 -10.27
CA ASP A 12 -8.75 -40.15 -9.07
C ASP A 12 -7.88 -41.29 -8.54
N GLY A 13 -7.84 -41.43 -7.22
CA GLY A 13 -7.07 -42.48 -6.58
C GLY A 13 -5.57 -42.29 -6.75
N VAL A 14 -5.14 -41.06 -6.96
CA VAL A 14 -3.73 -40.77 -7.13
C VAL A 14 -3.11 -40.21 -5.85
N GLY A 15 -3.95 -40.01 -4.85
CA GLY A 15 -3.50 -39.47 -3.60
C GLY A 15 -3.65 -37.97 -3.55
N LYS A 16 -4.74 -37.49 -4.15
CA LYS A 16 -5.04 -36.06 -4.23
C LYS A 16 -5.04 -35.43 -2.84
N SER A 17 -5.89 -35.93 -1.96
CA SER A 17 -6.01 -35.39 -0.62
C SER A 17 -5.20 -36.21 0.39
N ALA A 18 -4.61 -37.30 -0.09
CA ALA A 18 -3.81 -38.15 0.78
C ALA A 18 -2.54 -37.43 1.23
N LEU A 19 -1.98 -36.64 0.32
CA LEU A 19 -0.78 -35.87 0.61
C LEU A 19 -1.13 -34.63 1.44
N THR A 20 -2.34 -34.11 1.22
CA THR A 20 -2.82 -32.93 1.94
C THR A 20 -2.86 -33.20 3.44
N ILE A 21 -3.52 -34.29 3.82
CA ILE A 21 -3.68 -34.67 5.20
C ILE A 21 -2.34 -34.91 5.90
N GLN A 22 -1.35 -35.40 5.16
CA GLN A 22 -0.03 -35.67 5.71
C GLN A 22 0.69 -34.38 6.12
N LEU A 23 0.27 -33.26 5.54
CA LEU A 23 0.86 -31.98 5.85
C LEU A 23 -0.06 -31.14 6.75
N ILE A 24 -1.35 -31.18 6.47
CA ILE A 24 -2.32 -30.42 7.25
C ILE A 24 -2.61 -31.05 8.61
N GLN A 25 -2.84 -32.36 8.63
CA GLN A 25 -3.14 -33.06 9.88
C GLN A 25 -1.89 -33.65 10.53
N ASN A 26 -0.88 -33.92 9.70
CA ASN A 26 0.39 -34.49 10.15
C ASN A 26 0.27 -36.00 10.41
N HIS A 27 -0.80 -36.40 11.08
CA HIS A 27 -1.05 -37.81 11.36
C HIS A 27 -1.79 -38.45 10.19
N PHE A 28 -1.49 -39.70 9.92
CA PHE A 28 -2.11 -40.41 8.80
C PHE A 28 -3.19 -41.38 9.27
N VAL A 29 -4.38 -41.23 8.71
CA VAL A 29 -5.52 -42.09 9.05
C VAL A 29 -6.71 -41.81 8.12
N ASP A 30 -6.85 -42.63 7.09
CA ASP A 30 -7.95 -42.47 6.14
C ASP A 30 -8.96 -43.58 6.31
N GLU A 31 -10.16 -43.37 5.78
CA GLU A 31 -11.23 -44.35 5.89
C GLU A 31 -11.81 -44.69 4.53
N TYR A 32 -11.13 -44.28 3.46
CA TYR A 32 -11.57 -44.54 2.08
C TYR A 32 -12.86 -43.78 1.77
N ASP A 33 -12.72 -42.61 1.16
CA ASP A 33 -13.86 -41.79 0.80
C ASP A 33 -13.49 -40.76 -0.27
N PRO A 34 -14.24 -40.73 -1.38
CA PRO A 34 -14.01 -39.78 -2.47
C PRO A 34 -14.37 -38.36 -2.03
N THR A 35 -13.35 -37.58 -1.71
CA THR A 35 -13.55 -36.22 -1.25
C THR A 35 -13.38 -35.20 -2.37
N ILE A 36 -14.22 -34.17 -2.36
CA ILE A 36 -14.18 -33.13 -3.37
C ILE A 36 -13.23 -31.99 -3.00
N GLU A 37 -13.41 -30.85 -3.68
CA GLU A 37 -12.59 -29.65 -3.47
C GLU A 37 -12.61 -29.19 -2.01
N ASP A 38 -11.43 -28.92 -1.48
CA ASP A 38 -11.27 -28.46 -0.10
C ASP A 38 -10.05 -27.52 -0.02
N SER A 39 -10.16 -26.45 0.75
CA SER A 39 -9.06 -25.50 0.86
C SER A 39 -8.64 -25.32 2.32
N TYR A 40 -7.33 -25.40 2.57
CA TYR A 40 -6.80 -25.24 3.91
C TYR A 40 -5.81 -24.07 3.97
N ARG A 41 -5.53 -23.61 5.18
CA ARG A 41 -4.59 -22.51 5.37
C ARG A 41 -3.47 -22.94 6.32
N LYS A 42 -2.24 -22.68 5.92
CA LYS A 42 -1.10 -23.04 6.75
C LYS A 42 0.05 -22.05 6.58
N GLN A 43 0.50 -21.49 7.69
CA GLN A 43 1.60 -20.56 7.68
C GLN A 43 2.87 -21.27 8.13
N VAL A 44 3.80 -21.47 7.21
CA VAL A 44 5.04 -22.16 7.52
C VAL A 44 6.26 -21.32 7.14
N VAL A 45 7.42 -21.76 7.56
CA VAL A 45 8.67 -21.06 7.26
C VAL A 45 9.46 -21.82 6.21
N ILE A 46 9.72 -21.16 5.09
CA ILE A 46 10.46 -21.77 4.00
C ILE A 46 11.58 -20.84 3.53
N ASP A 47 12.80 -21.36 3.48
CA ASP A 47 13.98 -20.59 3.05
C ASP A 47 14.31 -19.51 4.07
N GLY A 48 13.84 -19.70 5.29
CA GLY A 48 14.07 -18.73 6.35
C GLY A 48 13.09 -17.58 6.30
N GLU A 49 12.02 -17.75 5.53
CA GLU A 49 11.01 -16.73 5.39
C GLU A 49 9.62 -17.33 5.62
N THR A 50 8.81 -16.64 6.40
CA THR A 50 7.46 -17.09 6.70
C THR A 50 6.55 -16.83 5.52
N CYS A 51 5.74 -17.81 5.16
CA CYS A 51 4.84 -17.69 4.03
C CYS A 51 3.48 -18.30 4.34
N LEU A 52 2.44 -17.77 3.70
CA LEU A 52 1.09 -18.25 3.90
C LEU A 52 0.68 -19.13 2.73
N LEU A 53 0.34 -20.38 3.02
CA LEU A 53 -0.03 -21.31 1.99
C LEU A 53 -1.54 -21.53 1.94
N ASP A 54 -2.13 -21.18 0.81
CA ASP A 54 -3.55 -21.40 0.59
C ASP A 54 -3.67 -22.63 -0.30
N ILE A 55 -3.58 -23.79 0.35
CA ILE A 55 -3.62 -25.05 -0.36
C ILE A 55 -5.04 -25.48 -0.71
N LEU A 56 -5.30 -25.62 -2.01
CA LEU A 56 -6.60 -26.04 -2.50
C LEU A 56 -6.48 -27.41 -3.16
N ASP A 57 -7.16 -28.38 -2.59
CA ASP A 57 -7.17 -29.74 -3.11
C ASP A 57 -8.47 -29.98 -3.87
N THR A 58 -8.41 -30.75 -4.93
CA THR A 58 -9.58 -31.01 -5.76
C THR A 58 -9.84 -32.50 -5.95
N ALA A 59 -10.99 -32.81 -6.50
CA ALA A 59 -11.36 -34.19 -6.80
C ALA A 59 -10.93 -34.50 -8.23
N GLY A 60 -10.38 -35.68 -8.44
CA GLY A 60 -9.92 -36.06 -9.77
C GLY A 60 -10.91 -36.98 -10.46
N GLN A 61 -12.18 -36.77 -10.20
CA GLN A 61 -13.23 -37.58 -10.79
C GLN A 61 -13.79 -36.94 -12.05
N GLU A 62 -13.09 -35.91 -12.55
CA GLU A 62 -13.50 -35.19 -13.75
C GLU A 62 -14.88 -34.53 -13.54
N GLU A 63 -15.62 -34.33 -14.64
CA GLU A 63 -16.96 -33.73 -14.60
C GLU A 63 -16.91 -32.22 -14.35
N TYR A 64 -15.98 -31.79 -13.50
CA TYR A 64 -15.84 -30.38 -13.16
C TYR A 64 -15.04 -29.62 -14.22
N SER A 65 -15.42 -29.79 -15.48
CA SER A 65 -14.76 -29.13 -16.59
C SER A 65 -15.09 -27.63 -16.60
N ALA A 66 -16.19 -27.26 -15.97
CA ALA A 66 -16.60 -25.86 -15.94
C ALA A 66 -16.32 -25.25 -14.56
N MET A 67 -16.06 -26.11 -13.59
CA MET A 67 -15.79 -25.64 -12.22
C MET A 67 -14.30 -25.39 -12.00
N ARG A 68 -13.47 -26.18 -12.66
CA ARG A 68 -12.02 -26.06 -12.53
C ARG A 68 -11.52 -24.68 -12.96
N ASP A 69 -12.16 -24.12 -13.98
CA ASP A 69 -11.80 -22.81 -14.52
C ASP A 69 -11.77 -21.72 -13.45
N GLN A 70 -12.71 -21.79 -12.51
CA GLN A 70 -12.80 -20.80 -11.45
C GLN A 70 -11.49 -20.69 -10.65
N TYR A 71 -11.05 -21.79 -10.06
CA TYR A 71 -9.84 -21.77 -9.25
C TYR A 71 -8.57 -21.79 -10.08
N MET A 72 -8.68 -22.13 -11.36
CA MET A 72 -7.51 -22.18 -12.23
C MET A 72 -6.99 -20.78 -12.49
N ARG A 73 -7.87 -19.80 -12.37
CA ARG A 73 -7.51 -18.41 -12.58
C ARG A 73 -6.74 -17.86 -11.39
N THR A 74 -7.25 -18.17 -10.20
CA THR A 74 -6.65 -17.71 -8.95
C THR A 74 -5.42 -18.53 -8.57
N GLY A 75 -5.47 -19.83 -8.82
CA GLY A 75 -4.35 -20.70 -8.49
C GLY A 75 -3.07 -20.27 -9.16
N GLU A 76 -2.06 -19.95 -8.35
CA GLU A 76 -0.78 -19.51 -8.86
C GLU A 76 0.12 -20.70 -9.15
N GLY A 77 0.27 -21.57 -8.17
CA GLY A 77 1.11 -22.74 -8.33
C GLY A 77 0.29 -24.00 -8.45
N PHE A 78 0.46 -24.73 -9.54
CA PHE A 78 -0.27 -25.95 -9.77
C PHE A 78 0.61 -27.17 -9.55
N LEU A 79 0.18 -28.04 -8.65
CA LEU A 79 0.91 -29.25 -8.35
C LEU A 79 0.31 -30.42 -9.13
N CYS A 80 1.04 -30.84 -10.16
CA CYS A 80 0.60 -31.94 -10.98
C CYS A 80 0.97 -33.27 -10.33
N VAL A 81 0.03 -33.85 -9.61
CA VAL A 81 0.26 -35.09 -8.90
C VAL A 81 -0.32 -36.27 -9.67
N PHE A 82 0.49 -37.30 -9.83
CA PHE A 82 0.06 -38.50 -10.53
C PHE A 82 0.50 -39.73 -9.74
N ALA A 83 -0.07 -40.88 -10.05
CA ALA A 83 0.28 -42.11 -9.37
C ALA A 83 1.15 -42.97 -10.28
N ILE A 84 2.30 -43.40 -9.77
CA ILE A 84 3.22 -44.22 -10.56
C ILE A 84 2.62 -45.59 -10.89
N ASN A 85 1.60 -45.97 -10.13
CA ASN A 85 0.91 -47.24 -10.32
C ASN A 85 -0.36 -47.04 -11.16
N ASN A 86 -0.58 -45.80 -11.58
CA ASN A 86 -1.75 -45.47 -12.39
C ASN A 86 -1.36 -44.61 -13.59
N THR A 87 -1.13 -45.27 -14.71
CA THR A 87 -0.73 -44.61 -15.95
C THR A 87 -1.76 -43.59 -16.42
N LYS A 88 -3.02 -43.80 -16.06
CA LYS A 88 -4.10 -42.90 -16.44
C LYS A 88 -3.83 -41.48 -15.96
N SER A 89 -3.38 -41.34 -14.72
CA SER A 89 -3.09 -40.03 -14.16
C SER A 89 -1.91 -39.37 -14.86
N PHE A 90 -0.93 -40.16 -15.26
CA PHE A 90 0.24 -39.64 -15.95
C PHE A 90 -0.15 -39.04 -17.29
N GLU A 91 -1.06 -39.70 -17.98
CA GLU A 91 -1.52 -39.24 -19.28
C GLU A 91 -2.42 -38.02 -19.12
N ASP A 92 -3.17 -38.01 -18.02
CA ASP A 92 -4.09 -36.91 -17.71
C ASP A 92 -3.32 -35.63 -17.41
N ILE A 93 -2.07 -35.78 -16.99
CA ILE A 93 -1.20 -34.64 -16.67
C ILE A 93 -1.07 -33.72 -17.89
N HIS A 94 -0.99 -34.31 -19.07
CA HIS A 94 -0.89 -33.57 -20.31
C HIS A 94 -2.12 -32.68 -20.51
N HIS A 95 -3.29 -33.27 -20.35
CA HIS A 95 -4.54 -32.56 -20.52
C HIS A 95 -4.69 -31.44 -19.50
N TYR A 96 -4.23 -31.70 -18.28
CA TYR A 96 -4.30 -30.71 -17.21
C TYR A 96 -3.51 -29.47 -17.58
N ARG A 97 -2.30 -29.67 -18.09
CA ARG A 97 -1.44 -28.56 -18.49
C ARG A 97 -2.11 -27.68 -19.53
N GLU A 98 -2.64 -28.31 -20.57
CA GLU A 98 -3.30 -27.59 -21.65
C GLU A 98 -4.55 -26.86 -21.15
N GLN A 99 -5.23 -27.45 -20.18
CA GLN A 99 -6.43 -26.85 -19.62
C GLN A 99 -6.08 -25.60 -18.81
N ILE A 100 -5.07 -25.74 -17.95
CA ILE A 100 -4.62 -24.64 -17.11
C ILE A 100 -4.13 -23.46 -17.95
N LYS A 101 -3.27 -23.73 -18.92
CA LYS A 101 -2.72 -22.68 -19.77
C LYS A 101 -3.82 -21.97 -20.56
N ARG A 102 -4.88 -22.70 -20.88
CA ARG A 102 -6.01 -22.14 -21.62
C ARG A 102 -6.74 -21.09 -20.81
N VAL A 103 -7.11 -21.44 -19.59
CA VAL A 103 -7.84 -20.53 -18.72
C VAL A 103 -6.95 -19.40 -18.22
N LYS A 104 -5.71 -19.72 -17.87
CA LYS A 104 -4.77 -18.72 -17.39
C LYS A 104 -4.32 -17.79 -18.50
N ASP A 105 -4.41 -18.28 -19.75
CA ASP A 105 -4.02 -17.51 -20.93
C ASP A 105 -2.55 -17.12 -20.86
N SER A 106 -1.72 -18.06 -20.42
CA SER A 106 -0.30 -17.82 -20.30
C SER A 106 0.46 -19.13 -20.46
N GLU A 107 1.57 -19.09 -21.18
CA GLU A 107 2.40 -20.26 -21.40
C GLU A 107 3.28 -20.49 -20.16
N ASP A 108 3.46 -19.43 -19.40
CA ASP A 108 4.27 -19.49 -18.19
C ASP A 108 3.38 -19.67 -16.97
N VAL A 109 3.35 -20.90 -16.46
CA VAL A 109 2.57 -21.25 -15.29
C VAL A 109 3.41 -22.12 -14.35
N PRO A 110 3.56 -21.70 -13.09
CA PRO A 110 4.33 -22.45 -12.08
C PRO A 110 3.72 -23.81 -11.82
N MET A 111 4.37 -24.86 -12.29
CA MET A 111 3.90 -26.22 -12.11
C MET A 111 5.04 -27.11 -11.66
N VAL A 112 4.70 -28.17 -10.95
CA VAL A 112 5.67 -29.15 -10.46
C VAL A 112 5.09 -30.55 -10.62
N LEU A 113 5.87 -31.45 -11.20
CA LEU A 113 5.42 -32.82 -11.39
C LEU A 113 5.77 -33.67 -10.18
N VAL A 114 4.75 -34.11 -9.47
CA VAL A 114 4.94 -34.92 -8.27
C VAL A 114 4.35 -36.31 -8.42
N GLY A 115 5.19 -37.31 -8.23
CA GLY A 115 4.75 -38.69 -8.32
C GLY A 115 4.42 -39.20 -6.93
N ASN A 116 3.21 -39.70 -6.75
CA ASN A 116 2.80 -40.21 -5.45
C ASN A 116 2.80 -41.73 -5.42
N LYS A 117 2.97 -42.27 -4.22
CA LYS A 117 2.99 -43.72 -4.00
C LYS A 117 4.18 -44.40 -4.64
N CYS A 118 5.34 -43.75 -4.60
CA CYS A 118 6.56 -44.30 -5.16
C CYS A 118 7.09 -45.44 -4.31
N ASP A 119 6.41 -45.69 -3.20
CA ASP A 119 6.77 -46.75 -2.27
C ASP A 119 6.11 -48.06 -2.68
N LEU A 120 5.17 -47.98 -3.61
CA LEU A 120 4.47 -49.17 -4.08
C LEU A 120 5.28 -49.86 -5.17
N PRO A 121 5.37 -51.19 -5.13
CA PRO A 121 6.11 -51.96 -6.13
C PRO A 121 5.32 -52.12 -7.43
N SER A 122 6.02 -52.56 -8.47
CA SER A 122 5.42 -52.77 -9.78
C SER A 122 4.77 -51.51 -10.33
N ARG A 123 5.59 -50.50 -10.60
CA ARG A 123 5.10 -49.24 -11.14
C ARG A 123 4.99 -49.31 -12.66
N THR A 124 3.96 -48.68 -13.19
CA THR A 124 3.74 -48.69 -14.63
C THR A 124 4.49 -47.54 -15.28
N VAL A 125 4.45 -46.37 -14.65
CA VAL A 125 5.14 -45.20 -15.17
C VAL A 125 6.56 -45.18 -14.67
N ASP A 126 7.52 -45.15 -15.59
CA ASP A 126 8.93 -45.14 -15.22
C ASP A 126 9.39 -43.72 -14.89
N THR A 127 10.38 -43.63 -14.03
CA THR A 127 10.92 -42.34 -13.62
C THR A 127 11.52 -41.58 -14.82
N LYS A 128 12.08 -42.33 -15.77
CA LYS A 128 12.68 -41.72 -16.95
C LYS A 128 11.65 -40.95 -17.77
N GLN A 129 10.59 -41.63 -18.18
CA GLN A 129 9.54 -41.00 -18.99
C GLN A 129 8.84 -39.89 -18.20
N ALA A 130 8.75 -40.07 -16.89
CA ALA A 130 8.12 -39.09 -16.03
C ALA A 130 8.93 -37.80 -15.98
N GLN A 131 10.23 -37.93 -15.76
CA GLN A 131 11.11 -36.77 -15.71
C GLN A 131 11.26 -36.16 -17.10
N ASP A 132 11.18 -37.02 -18.11
CA ASP A 132 11.29 -36.59 -19.49
C ASP A 132 10.17 -35.60 -19.81
N LEU A 133 8.97 -35.90 -19.33
CA LEU A 133 7.81 -35.04 -19.56
C LEU A 133 7.99 -33.73 -18.79
N ALA A 134 8.54 -33.84 -17.58
CA ALA A 134 8.78 -32.67 -16.74
C ALA A 134 9.80 -31.76 -17.38
N ARG A 135 10.87 -32.36 -17.91
CA ARG A 135 11.94 -31.62 -18.57
C ARG A 135 11.41 -30.96 -19.83
N SER A 136 10.47 -31.63 -20.50
CA SER A 136 9.86 -31.12 -21.72
C SER A 136 9.05 -29.87 -21.42
N TYR A 137 8.35 -29.90 -20.29
CA TYR A 137 7.52 -28.77 -19.87
C TYR A 137 8.39 -27.67 -19.28
N GLY A 138 9.50 -28.06 -18.68
CA GLY A 138 10.39 -27.10 -18.09
C GLY A 138 10.11 -26.92 -16.61
N ILE A 139 9.67 -28.01 -15.98
CA ILE A 139 9.33 -28.01 -14.57
C ILE A 139 10.10 -29.13 -13.85
N PRO A 140 10.26 -29.01 -12.52
CA PRO A 140 10.97 -30.01 -11.71
C PRO A 140 10.10 -31.24 -11.42
N PHE A 141 10.75 -32.39 -11.26
CA PHE A 141 10.05 -33.65 -10.97
C PHE A 141 10.47 -34.17 -9.60
N ILE A 142 9.50 -34.57 -8.80
CA ILE A 142 9.77 -35.08 -7.46
C ILE A 142 8.98 -36.35 -7.15
N GLU A 143 9.67 -37.36 -6.63
CA GLU A 143 9.03 -38.62 -6.26
C GLU A 143 8.65 -38.56 -4.78
N THR A 144 7.39 -38.81 -4.48
CA THR A 144 6.92 -38.76 -3.10
C THR A 144 6.03 -39.96 -2.74
N SER A 145 5.53 -39.96 -1.51
CA SER A 145 4.64 -41.00 -1.03
C SER A 145 3.76 -40.46 0.07
N ALA A 146 2.44 -40.61 -0.08
CA ALA A 146 1.49 -40.14 0.91
C ALA A 146 1.44 -41.04 2.13
N LYS A 147 2.25 -42.09 2.12
CA LYS A 147 2.29 -43.02 3.23
C LYS A 147 3.44 -42.70 4.18
N THR A 148 4.63 -42.56 3.62
CA THR A 148 5.81 -42.27 4.40
C THR A 148 6.05 -40.76 4.51
N ARG A 149 5.34 -39.99 3.67
CA ARG A 149 5.48 -38.53 3.64
C ARG A 149 6.90 -38.15 3.21
N GLN A 150 7.52 -39.05 2.48
CA GLN A 150 8.89 -38.87 2.02
C GLN A 150 8.97 -37.93 0.82
N GLY A 151 9.47 -36.72 1.06
CA GLY A 151 9.62 -35.74 -0.01
C GLY A 151 8.40 -34.89 -0.27
N VAL A 152 7.32 -35.16 0.45
CA VAL A 152 6.08 -34.41 0.27
C VAL A 152 6.29 -32.93 0.60
N ASP A 153 7.06 -32.68 1.66
CA ASP A 153 7.35 -31.32 2.07
C ASP A 153 8.20 -30.61 1.02
N ASP A 154 9.20 -31.32 0.50
CA ASP A 154 10.08 -30.76 -0.54
C ASP A 154 9.30 -30.43 -1.80
N ALA A 155 8.32 -31.27 -2.12
CA ALA A 155 7.49 -31.07 -3.30
C ALA A 155 6.77 -29.73 -3.22
N PHE A 156 6.15 -29.48 -2.07
CA PHE A 156 5.41 -28.24 -1.86
C PHE A 156 6.38 -27.06 -1.73
N TYR A 157 7.51 -27.28 -1.08
CA TYR A 157 8.52 -26.24 -0.90
C TYR A 157 9.02 -25.71 -2.25
N THR A 158 9.28 -26.63 -3.17
CA THR A 158 9.77 -26.26 -4.49
C THR A 158 8.71 -25.48 -5.26
N LEU A 159 7.44 -25.87 -5.11
CA LEU A 159 6.35 -25.19 -5.80
C LEU A 159 6.28 -23.72 -5.38
N VAL A 160 6.53 -23.47 -4.10
CA VAL A 160 6.52 -22.11 -3.57
C VAL A 160 7.66 -21.30 -4.19
N ARG A 161 8.82 -21.95 -4.33
CA ARG A 161 9.99 -21.30 -4.91
C ARG A 161 9.77 -21.03 -6.39
N GLU A 162 9.01 -21.91 -7.04
CA GLU A 162 8.69 -21.77 -8.46
C GLU A 162 7.94 -20.46 -8.67
N ILE A 163 6.98 -20.18 -7.81
CA ILE A 163 6.21 -18.94 -7.89
C ILE A 163 7.10 -17.74 -7.57
N ARG A 164 8.01 -17.92 -6.63
CA ARG A 164 8.94 -16.87 -6.24
C ARG A 164 9.75 -16.44 -7.46
N LYS A 165 10.22 -17.42 -8.22
CA LYS A 165 11.00 -17.16 -9.42
C LYS A 165 10.09 -16.71 -10.57
N HIS A 166 8.84 -17.16 -10.53
CA HIS A 166 7.86 -16.80 -11.56
C HIS A 166 7.64 -15.28 -11.57
N LYS A 167 7.44 -14.72 -10.39
CA LYS A 167 7.24 -13.27 -10.28
C LYS A 167 8.51 -12.55 -10.69
N GLU A 168 9.65 -13.14 -10.35
CA GLU A 168 10.95 -12.59 -10.69
C GLU A 168 11.10 -12.50 -12.20
N LYS A 169 10.68 -13.55 -12.90
CA LYS A 169 10.75 -13.62 -14.35
C LYS A 169 9.73 -12.65 -14.97
N MET A 170 8.54 -12.62 -14.41
CA MET A 170 7.48 -11.74 -14.90
C MET A 170 7.86 -10.26 -14.78
N SER A 171 8.62 -9.94 -13.76
CA SER A 171 9.06 -8.57 -13.53
C SER A 171 10.18 -8.19 -14.50
N LYS A 172 10.75 -9.19 -15.16
CA LYS A 172 11.82 -8.97 -16.10
C LYS A 172 11.27 -8.83 -17.52
N ASP A 173 10.11 -9.47 -17.74
CA ASP A 173 9.42 -9.44 -19.04
C ASP A 173 10.11 -10.35 -20.06
N GLY A 174 11.42 -10.22 -20.15
CA GLY A 174 12.19 -11.04 -21.07
C GLY A 174 13.40 -10.29 -21.59
N LYS A 175 13.17 -9.13 -22.16
CA LYS A 175 14.23 -8.30 -22.71
C LYS A 175 13.91 -6.84 -22.44
N LYS A 176 14.76 -5.96 -22.96
CA LYS A 176 14.59 -4.50 -22.82
C LYS A 176 14.73 -3.99 -21.39
N LYS A 177 13.74 -4.28 -20.56
CA LYS A 177 13.73 -3.81 -19.18
C LYS A 177 14.77 -4.50 -18.29
N LYS A 178 14.48 -5.74 -17.88
CA LYS A 178 15.37 -6.51 -17.00
C LYS A 178 15.57 -5.78 -15.67
N LYS A 179 14.51 -5.73 -14.87
CA LYS A 179 14.55 -5.04 -13.58
C LYS A 179 15.55 -5.66 -12.60
N LYS A 180 15.19 -6.80 -12.03
CA LYS A 180 16.06 -7.47 -11.06
C LYS A 180 16.91 -8.56 -11.70
N SER A 181 17.90 -8.15 -12.46
CA SER A 181 18.80 -9.08 -13.13
C SER A 181 20.21 -8.97 -12.54
N LYS A 182 20.79 -10.11 -12.19
CA LYS A 182 22.13 -10.13 -11.62
C LYS A 182 23.18 -9.72 -12.65
N THR A 183 23.69 -8.50 -12.50
CA THR A 183 24.70 -7.98 -13.41
C THR A 183 25.97 -7.62 -12.65
N LYS A 184 27.06 -7.42 -13.37
CA LYS A 184 28.34 -7.06 -12.76
C LYS A 184 28.95 -5.84 -13.44
N THR B 2 -9.00 -3.65 16.77
CA THR B 2 -10.27 -4.16 16.29
C THR B 2 -10.75 -5.32 17.17
N GLU B 3 -11.87 -5.13 17.86
CA GLU B 3 -12.43 -6.18 18.72
C GLU B 3 -13.39 -7.05 17.95
N TYR B 4 -13.29 -8.35 18.17
CA TYR B 4 -14.17 -9.31 17.51
C TYR B 4 -14.80 -10.22 18.54
N LYS B 5 -16.13 -10.30 18.53
CA LYS B 5 -16.85 -11.12 19.48
C LYS B 5 -17.08 -12.52 18.92
N LEU B 6 -16.53 -13.50 19.61
CA LEU B 6 -16.65 -14.89 19.18
C LEU B 6 -17.19 -15.76 20.30
N VAL B 7 -18.02 -16.72 19.96
CA VAL B 7 -18.61 -17.62 20.94
C VAL B 7 -18.38 -19.08 20.54
N VAL B 8 -17.86 -19.87 21.46
CA VAL B 8 -17.62 -21.28 21.22
C VAL B 8 -18.90 -22.07 21.48
N VAL B 9 -19.32 -22.87 20.52
CA VAL B 9 -20.51 -23.68 20.67
C VAL B 9 -20.18 -25.16 20.66
N GLY B 10 -20.94 -25.94 21.42
CA GLY B 10 -20.70 -27.37 21.48
C GLY B 10 -21.48 -28.00 22.63
N ALA B 11 -21.21 -29.26 22.92
CA ALA B 11 -21.89 -29.95 24.00
C ALA B 11 -20.98 -30.11 25.22
N ASP B 12 -21.39 -30.95 26.14
CA ASP B 12 -20.62 -31.21 27.35
C ASP B 12 -19.56 -32.27 27.12
N GLY B 13 -18.36 -32.01 27.61
CA GLY B 13 -17.27 -32.96 27.46
C GLY B 13 -16.58 -32.90 26.11
N VAL B 14 -16.85 -31.84 25.34
CA VAL B 14 -16.21 -31.70 24.04
C VAL B 14 -14.89 -30.95 24.13
N GLY B 15 -14.70 -30.23 25.22
CA GLY B 15 -13.48 -29.48 25.42
C GLY B 15 -13.57 -28.03 24.94
N LYS B 16 -14.69 -27.39 25.22
CA LYS B 16 -14.89 -26.00 24.82
C LYS B 16 -13.95 -25.10 25.60
N SER B 17 -14.05 -25.17 26.91
CA SER B 17 -13.22 -24.37 27.80
C SER B 17 -11.75 -24.79 27.68
N ALA B 18 -11.52 -26.09 27.53
CA ALA B 18 -10.18 -26.64 27.40
C ALA B 18 -9.39 -25.92 26.32
N LEU B 19 -9.94 -25.89 25.11
CA LEU B 19 -9.27 -25.23 23.99
C LEU B 19 -9.11 -23.73 24.23
N THR B 20 -10.11 -23.12 24.86
CA THR B 20 -10.09 -21.70 25.17
C THR B 20 -8.95 -21.37 26.16
N ILE B 21 -8.87 -22.16 27.24
CA ILE B 21 -7.83 -21.93 28.24
C ILE B 21 -6.45 -22.21 27.66
N GLN B 22 -6.39 -23.19 26.74
CA GLN B 22 -5.14 -23.54 26.08
C GLN B 22 -4.65 -22.41 25.19
N LEU B 23 -5.53 -21.45 24.93
CA LEU B 23 -5.20 -20.31 24.11
C LEU B 23 -4.85 -19.11 24.99
N ILE B 24 -5.70 -18.87 25.99
CA ILE B 24 -5.49 -17.75 26.91
C ILE B 24 -4.25 -17.94 27.79
N GLN B 25 -4.26 -18.98 28.61
CA GLN B 25 -3.14 -19.24 29.52
C GLN B 25 -2.11 -20.18 28.90
N ASN B 26 -2.51 -20.89 27.85
CA ASN B 26 -1.64 -21.83 27.14
C ASN B 26 -1.41 -23.10 27.97
N HIS B 27 -2.20 -23.24 29.01
CA HIS B 27 -2.12 -24.40 29.90
C HIS B 27 -3.37 -24.43 30.77
N PHE B 28 -3.76 -25.62 31.20
CA PHE B 28 -4.94 -25.77 32.04
C PHE B 28 -4.78 -26.92 33.02
N VAL B 29 -5.33 -26.72 34.21
CA VAL B 29 -5.28 -27.74 35.25
C VAL B 29 -6.65 -28.35 35.41
N ASP B 30 -7.59 -27.54 35.87
CA ASP B 30 -8.96 -27.97 36.06
C ASP B 30 -9.87 -26.75 36.09
N GLU B 31 -11.04 -26.86 35.47
CA GLU B 31 -11.99 -25.76 35.46
C GLU B 31 -12.83 -25.78 36.74
N TYR B 32 -12.19 -25.36 37.83
CA TYR B 32 -12.83 -25.32 39.14
C TYR B 32 -13.94 -24.28 39.15
N ASP B 33 -13.78 -23.25 38.34
CA ASP B 33 -14.75 -22.17 38.25
C ASP B 33 -15.82 -22.50 37.22
N PRO B 34 -17.05 -22.75 37.68
CA PRO B 34 -18.17 -23.07 36.79
C PRO B 34 -18.53 -21.88 35.91
N THR B 35 -17.96 -21.86 34.72
CA THR B 35 -18.19 -20.79 33.78
C THR B 35 -19.37 -21.09 32.86
N ILE B 36 -20.54 -20.61 33.24
CA ILE B 36 -21.75 -20.81 32.45
C ILE B 36 -21.90 -19.70 31.42
N GLU B 37 -21.28 -18.56 31.70
CA GLU B 37 -21.31 -17.41 30.81
C GLU B 37 -20.23 -16.41 31.20
N ASP B 38 -18.99 -16.73 30.88
CA ASP B 38 -17.87 -15.86 31.20
C ASP B 38 -17.06 -15.56 29.95
N SER B 39 -16.63 -14.31 29.80
CA SER B 39 -15.86 -13.92 28.63
C SER B 39 -14.42 -13.54 28.98
N TYR B 40 -13.52 -13.77 28.05
CA TYR B 40 -12.10 -13.45 28.25
C TYR B 40 -11.62 -12.53 27.14
N ARG B 41 -10.67 -11.66 27.47
CA ARG B 41 -10.11 -10.73 26.49
C ARG B 41 -8.66 -11.05 26.19
N LYS B 42 -8.35 -11.25 24.93
CA LYS B 42 -7.00 -11.55 24.51
C LYS B 42 -6.61 -10.76 23.27
N GLN B 43 -5.49 -10.06 23.37
CA GLN B 43 -4.98 -9.26 22.27
C GLN B 43 -4.02 -10.09 21.43
N VAL B 44 -4.41 -10.39 20.20
CA VAL B 44 -3.58 -11.20 19.31
C VAL B 44 -3.28 -10.45 18.03
N VAL B 45 -2.17 -10.81 17.38
CA VAL B 45 -1.78 -10.18 16.13
C VAL B 45 -1.96 -11.15 14.96
N ILE B 46 -3.01 -10.93 14.18
CA ILE B 46 -3.31 -11.77 13.03
C ILE B 46 -3.20 -10.93 11.75
N ASP B 47 -2.44 -11.45 10.77
CA ASP B 47 -2.24 -10.78 9.49
C ASP B 47 -1.49 -9.45 9.67
N GLY B 48 -0.89 -9.28 10.83
CA GLY B 48 -0.16 -8.05 11.10
C GLY B 48 -1.04 -7.02 11.79
N GLU B 49 -2.27 -7.40 12.08
CA GLU B 49 -3.21 -6.50 12.75
C GLU B 49 -3.46 -6.95 14.18
N THR B 50 -3.54 -5.99 15.09
CA THR B 50 -3.81 -6.29 16.49
C THR B 50 -5.32 -6.39 16.71
N CYS B 51 -5.80 -7.59 16.99
CA CYS B 51 -7.21 -7.80 17.19
C CYS B 51 -7.51 -8.21 18.63
N LEU B 52 -8.59 -7.67 19.18
CA LEU B 52 -9.00 -8.01 20.53
C LEU B 52 -10.13 -9.02 20.44
N LEU B 53 -9.84 -10.26 20.77
CA LEU B 53 -10.84 -11.30 20.69
C LEU B 53 -11.61 -11.45 21.99
N ASP B 54 -12.92 -11.24 21.89
CA ASP B 54 -13.83 -11.34 23.01
C ASP B 54 -14.56 -12.68 22.92
N ILE B 55 -14.01 -13.68 23.57
CA ILE B 55 -14.56 -15.03 23.56
C ILE B 55 -15.42 -15.28 24.78
N LEU B 56 -16.58 -15.92 24.57
CA LEU B 56 -17.50 -16.22 25.66
C LEU B 56 -17.59 -17.74 25.89
N ASP B 57 -17.21 -18.17 27.08
CA ASP B 57 -17.26 -19.59 27.44
C ASP B 57 -18.66 -19.96 27.90
N THR B 58 -19.34 -20.76 27.11
CA THR B 58 -20.69 -21.18 27.42
C THR B 58 -20.75 -22.67 27.70
N ALA B 59 -21.78 -23.11 28.40
CA ALA B 59 -21.94 -24.51 28.73
C ALA B 59 -22.80 -25.20 27.67
N GLY B 60 -22.77 -26.53 27.66
CA GLY B 60 -23.56 -27.28 26.71
C GLY B 60 -24.32 -28.42 27.35
N GLN B 61 -25.13 -28.09 28.34
CA GLN B 61 -25.93 -29.09 29.05
C GLN B 61 -27.41 -28.94 28.69
N GLU B 62 -27.65 -28.38 27.52
CA GLU B 62 -29.00 -28.15 27.00
C GLU B 62 -29.81 -27.18 27.86
N GLU B 63 -31.10 -27.05 27.54
CA GLU B 63 -32.01 -26.15 28.25
C GLU B 63 -31.58 -24.70 28.05
N TYR B 64 -31.18 -24.38 26.82
CA TYR B 64 -30.76 -23.04 26.48
C TYR B 64 -31.59 -22.48 25.33
N SER B 65 -32.84 -22.92 25.25
CA SER B 65 -33.76 -22.49 24.20
C SER B 65 -33.82 -20.97 24.08
N ALA B 66 -33.73 -20.28 25.22
CA ALA B 66 -33.77 -18.83 25.23
C ALA B 66 -32.39 -18.24 25.50
N MET B 67 -31.59 -18.95 26.29
CA MET B 67 -30.25 -18.50 26.64
C MET B 67 -29.33 -18.44 25.43
N ARG B 68 -29.46 -19.43 24.54
CA ARG B 68 -28.63 -19.49 23.35
C ARG B 68 -28.82 -18.24 22.48
N ASP B 69 -30.06 -17.79 22.38
CA ASP B 69 -30.41 -16.62 21.58
C ASP B 69 -29.64 -15.36 21.99
N GLN B 70 -29.46 -15.17 23.29
CA GLN B 70 -28.76 -13.98 23.81
C GLN B 70 -27.37 -13.81 23.21
N TYR B 71 -26.51 -14.83 23.37
CA TYR B 71 -25.16 -14.75 22.85
C TYR B 71 -25.09 -14.98 21.34
N MET B 72 -26.13 -15.58 20.78
CA MET B 72 -26.16 -15.84 19.34
C MET B 72 -26.32 -14.54 18.56
N ARG B 73 -27.13 -13.63 19.07
CA ARG B 73 -27.35 -12.35 18.42
C ARG B 73 -26.12 -11.46 18.55
N THR B 74 -25.45 -11.57 19.69
CA THR B 74 -24.27 -10.76 19.97
C THR B 74 -23.02 -11.30 19.24
N GLY B 75 -22.86 -12.62 19.26
CA GLY B 75 -21.70 -13.24 18.63
C GLY B 75 -21.62 -12.98 17.14
N GLU B 76 -20.45 -12.51 16.69
CA GLU B 76 -20.23 -12.22 15.28
C GLU B 76 -19.59 -13.43 14.59
N GLY B 77 -18.95 -14.27 15.40
CA GLY B 77 -18.29 -15.45 14.89
C GLY B 77 -18.51 -16.61 15.84
N PHE B 78 -18.83 -17.78 15.31
CA PHE B 78 -19.07 -18.94 16.16
C PHE B 78 -18.12 -20.09 15.87
N LEU B 79 -17.61 -20.69 16.93
CA LEU B 79 -16.69 -21.81 16.80
C LEU B 79 -17.37 -23.10 17.23
N CYS B 80 -17.76 -23.91 16.25
CA CYS B 80 -18.41 -25.18 16.54
C CYS B 80 -17.38 -26.26 16.86
N VAL B 81 -17.33 -26.63 18.12
CA VAL B 81 -16.39 -27.64 18.57
C VAL B 81 -17.11 -28.90 19.03
N PHE B 82 -16.66 -30.05 18.53
CA PHE B 82 -17.25 -31.32 18.90
C PHE B 82 -16.15 -32.32 19.25
N ALA B 83 -16.54 -33.42 19.87
CA ALA B 83 -15.59 -34.46 20.26
C ALA B 83 -15.66 -35.63 19.30
N ILE B 84 -14.52 -36.07 18.81
CA ILE B 84 -14.47 -37.19 17.89
C ILE B 84 -14.87 -38.51 18.55
N ASN B 85 -14.92 -38.50 19.87
CA ASN B 85 -15.30 -39.68 20.63
C ASN B 85 -16.79 -39.61 21.00
N ASN B 86 -17.46 -38.57 20.52
CA ASN B 86 -18.88 -38.38 20.79
C ASN B 86 -19.60 -38.01 19.50
N THR B 87 -20.14 -39.01 18.82
CA THR B 87 -20.85 -38.82 17.57
C THR B 87 -22.06 -37.91 17.75
N LYS B 88 -22.61 -37.89 18.95
CA LYS B 88 -23.77 -37.06 19.25
C LYS B 88 -23.46 -35.59 19.01
N SER B 89 -22.31 -35.13 19.51
CA SER B 89 -21.92 -33.73 19.33
C SER B 89 -21.66 -33.40 17.86
N PHE B 90 -21.33 -34.40 17.07
CA PHE B 90 -21.09 -34.20 15.65
C PHE B 90 -22.39 -33.88 14.93
N GLU B 91 -23.46 -34.50 15.40
CA GLU B 91 -24.79 -34.29 14.82
C GLU B 91 -25.38 -32.99 15.35
N ASP B 92 -25.01 -32.65 16.57
CA ASP B 92 -25.49 -31.43 17.21
C ASP B 92 -25.00 -30.19 16.47
N ILE B 93 -23.89 -30.33 15.75
CA ILE B 93 -23.31 -29.23 14.98
C ILE B 93 -24.34 -28.64 14.00
N HIS B 94 -25.15 -29.51 13.41
CA HIS B 94 -26.17 -29.08 12.47
C HIS B 94 -27.26 -28.28 13.19
N HIS B 95 -27.77 -28.82 14.28
CA HIS B 95 -28.82 -28.18 15.06
C HIS B 95 -28.35 -26.82 15.55
N TYR B 96 -27.10 -26.76 16.00
CA TYR B 96 -26.51 -25.53 16.48
C TYR B 96 -26.46 -24.50 15.35
N ARG B 97 -25.97 -24.93 14.19
CA ARG B 97 -25.88 -24.04 13.04
C ARG B 97 -27.25 -23.53 12.63
N GLU B 98 -28.24 -24.42 12.62
CA GLU B 98 -29.60 -24.05 12.26
C GLU B 98 -30.14 -22.96 13.17
N GLN B 99 -29.96 -23.12 14.47
CA GLN B 99 -30.43 -22.13 15.43
C GLN B 99 -29.76 -20.78 15.20
N ILE B 100 -28.44 -20.82 14.99
CA ILE B 100 -27.67 -19.58 14.75
C ILE B 100 -28.20 -18.85 13.52
N LYS B 101 -28.46 -19.62 12.45
CA LYS B 101 -28.97 -19.05 11.20
C LYS B 101 -30.32 -18.38 11.39
N ARG B 102 -31.15 -18.98 12.23
CA ARG B 102 -32.47 -18.45 12.50
C ARG B 102 -32.41 -17.21 13.39
N VAL B 103 -31.55 -17.26 14.39
CA VAL B 103 -31.39 -16.15 15.33
C VAL B 103 -30.72 -14.94 14.68
N LYS B 104 -29.63 -15.18 13.97
CA LYS B 104 -28.90 -14.09 13.32
C LYS B 104 -29.54 -13.70 12.00
N ASP B 105 -30.41 -14.57 11.49
CA ASP B 105 -31.12 -14.33 10.23
C ASP B 105 -30.16 -14.20 9.05
N SER B 106 -29.38 -15.25 8.81
CA SER B 106 -28.43 -15.27 7.72
C SER B 106 -27.94 -16.69 7.46
N GLU B 107 -27.72 -17.02 6.20
CA GLU B 107 -27.24 -18.34 5.83
C GLU B 107 -25.71 -18.36 5.86
N ASP B 108 -25.12 -17.20 5.57
CA ASP B 108 -23.67 -17.06 5.55
C ASP B 108 -23.17 -16.50 6.88
N VAL B 109 -23.00 -17.38 7.85
CA VAL B 109 -22.54 -16.99 9.18
C VAL B 109 -21.11 -17.50 9.41
N PRO B 110 -20.20 -16.61 9.82
CA PRO B 110 -18.80 -16.97 10.09
C PRO B 110 -18.68 -18.02 11.18
N MET B 111 -18.42 -19.25 10.78
CA MET B 111 -18.27 -20.35 11.72
C MET B 111 -17.10 -21.23 11.32
N VAL B 112 -16.50 -21.90 12.30
CA VAL B 112 -15.37 -22.79 12.05
C VAL B 112 -15.62 -24.11 12.76
N LEU B 113 -15.48 -25.22 12.05
CA LEU B 113 -15.70 -26.52 12.63
C LEU B 113 -14.38 -27.06 13.18
N VAL B 114 -14.32 -27.23 14.48
CA VAL B 114 -13.11 -27.71 15.13
C VAL B 114 -13.37 -29.01 15.88
N GLY B 115 -12.54 -30.00 15.62
CA GLY B 115 -12.67 -31.26 16.31
C GLY B 115 -11.65 -31.36 17.42
N ASN B 116 -12.09 -31.70 18.62
CA ASN B 116 -11.20 -31.81 19.76
C ASN B 116 -11.02 -33.26 20.18
N LYS B 117 -9.99 -33.52 20.98
CA LYS B 117 -9.69 -34.86 21.48
C LYS B 117 -9.21 -35.78 20.38
N CYS B 118 -8.64 -35.20 19.32
CA CYS B 118 -8.14 -35.99 18.20
C CYS B 118 -6.87 -36.75 18.58
N ASP B 119 -6.41 -36.55 19.81
CA ASP B 119 -5.23 -37.23 20.31
C ASP B 119 -5.62 -38.54 20.96
N LEU B 120 -6.92 -38.76 21.09
CA LEU B 120 -7.45 -39.97 21.69
C LEU B 120 -7.73 -40.99 20.61
N PRO B 121 -7.33 -42.25 20.83
CA PRO B 121 -7.55 -43.33 19.86
C PRO B 121 -9.00 -43.83 19.90
N SER B 122 -9.39 -44.58 18.88
CA SER B 122 -10.74 -45.13 18.78
C SER B 122 -11.78 -44.02 18.65
N ARG B 123 -11.89 -43.48 17.45
CA ARG B 123 -12.83 -42.40 17.17
C ARG B 123 -14.19 -42.95 16.74
N THR B 124 -15.24 -42.30 17.19
CA THR B 124 -16.58 -42.70 16.83
C THR B 124 -17.08 -41.86 15.66
N VAL B 125 -16.51 -40.68 15.52
CA VAL B 125 -16.86 -39.77 14.44
C VAL B 125 -15.89 -39.95 13.28
N ASP B 126 -16.42 -40.36 12.14
CA ASP B 126 -15.60 -40.56 10.94
C ASP B 126 -14.94 -39.25 10.52
N THR B 127 -13.66 -39.32 10.18
CA THR B 127 -12.92 -38.14 9.76
C THR B 127 -13.49 -37.65 8.45
N LYS B 128 -13.72 -38.58 7.54
CA LYS B 128 -14.27 -38.27 6.22
C LYS B 128 -15.69 -37.70 6.36
N GLN B 129 -16.43 -38.18 7.35
CA GLN B 129 -17.79 -37.73 7.58
C GLN B 129 -17.80 -36.27 8.04
N ALA B 130 -16.92 -35.96 8.96
CA ALA B 130 -16.80 -34.61 9.50
C ALA B 130 -16.35 -33.63 8.42
N GLN B 131 -15.36 -34.06 7.62
CA GLN B 131 -14.84 -33.24 6.54
C GLN B 131 -15.89 -32.95 5.50
N ASP B 132 -16.66 -33.98 5.15
CA ASP B 132 -17.72 -33.84 4.15
C ASP B 132 -18.77 -32.83 4.60
N LEU B 133 -19.18 -32.95 5.85
CA LEU B 133 -20.17 -32.06 6.44
C LEU B 133 -19.74 -30.60 6.32
N ALA B 134 -18.53 -30.31 6.81
CA ALA B 134 -18.00 -28.96 6.77
C ALA B 134 -17.85 -28.47 5.34
N ARG B 135 -17.34 -29.34 4.47
CA ARG B 135 -17.14 -29.02 3.06
C ARG B 135 -18.45 -28.64 2.39
N SER B 136 -19.52 -29.36 2.74
CA SER B 136 -20.84 -29.14 2.18
C SER B 136 -21.42 -27.79 2.58
N TYR B 137 -21.11 -27.33 3.79
CA TYR B 137 -21.63 -26.06 4.27
C TYR B 137 -20.69 -24.90 3.94
N GLY B 138 -19.55 -25.22 3.35
CA GLY B 138 -18.59 -24.20 2.97
C GLY B 138 -17.82 -23.66 4.15
N ILE B 139 -17.61 -24.49 5.16
CA ILE B 139 -16.88 -24.08 6.34
C ILE B 139 -15.62 -24.91 6.53
N PRO B 140 -14.56 -24.32 7.09
CA PRO B 140 -13.29 -25.01 7.31
C PRO B 140 -13.36 -25.96 8.51
N PHE B 141 -12.77 -27.13 8.36
CA PHE B 141 -12.74 -28.12 9.43
C PHE B 141 -11.31 -28.38 9.87
N ILE B 142 -11.03 -28.14 11.13
CA ILE B 142 -9.68 -28.34 11.65
C ILE B 142 -9.70 -29.28 12.85
N GLU B 143 -8.80 -30.27 12.86
CA GLU B 143 -8.70 -31.22 13.96
C GLU B 143 -7.64 -30.73 14.93
N THR B 144 -7.97 -30.67 16.20
CA THR B 144 -7.05 -30.20 17.21
C THR B 144 -7.00 -31.11 18.44
N SER B 145 -6.06 -30.83 19.34
CA SER B 145 -5.92 -31.60 20.56
C SER B 145 -5.59 -30.66 21.72
N ALA B 146 -6.21 -30.90 22.86
CA ALA B 146 -5.97 -30.08 24.05
C ALA B 146 -4.74 -30.57 24.80
N LYS B 147 -4.18 -31.69 24.36
CA LYS B 147 -3.01 -32.26 25.01
C LYS B 147 -1.74 -31.82 24.30
N THR B 148 -1.68 -32.02 22.98
CA THR B 148 -0.52 -31.63 22.21
C THR B 148 -0.62 -30.18 21.75
N ARG B 149 -1.84 -29.63 21.85
CA ARG B 149 -2.12 -28.26 21.46
C ARG B 149 -1.82 -28.03 19.98
N GLN B 150 -2.01 -29.08 19.18
CA GLN B 150 -1.75 -29.01 17.76
C GLN B 150 -2.92 -28.38 17.01
N GLY B 151 -2.62 -27.34 16.24
CA GLY B 151 -3.64 -26.67 15.44
C GLY B 151 -4.56 -25.76 16.23
N VAL B 152 -4.45 -25.80 17.55
CA VAL B 152 -5.29 -24.99 18.44
C VAL B 152 -5.26 -23.50 18.09
N ASP B 153 -4.05 -22.95 17.94
CA ASP B 153 -3.90 -21.54 17.64
C ASP B 153 -4.44 -21.17 16.26
N ASP B 154 -4.15 -21.99 15.25
CA ASP B 154 -4.60 -21.72 13.90
C ASP B 154 -6.11 -21.87 13.75
N ALA B 155 -6.70 -22.74 14.56
CA ALA B 155 -8.14 -22.94 14.53
C ALA B 155 -8.84 -21.64 14.85
N PHE B 156 -8.29 -20.93 15.84
CA PHE B 156 -8.83 -19.64 16.24
C PHE B 156 -8.50 -18.58 15.20
N TYR B 157 -7.34 -18.70 14.58
CA TYR B 157 -6.92 -17.75 13.55
C TYR B 157 -7.90 -17.80 12.40
N THR B 158 -8.30 -19.01 12.02
CA THR B 158 -9.24 -19.23 10.94
C THR B 158 -10.57 -18.51 11.18
N LEU B 159 -11.02 -18.52 12.43
CA LEU B 159 -12.27 -17.87 12.79
C LEU B 159 -12.26 -16.39 12.44
N VAL B 160 -11.13 -15.73 12.69
CA VAL B 160 -10.99 -14.31 12.39
C VAL B 160 -10.57 -14.12 10.93
N ARG B 161 -9.79 -15.06 10.43
CA ARG B 161 -9.29 -15.04 9.06
C ARG B 161 -10.45 -15.00 8.06
N GLU B 162 -11.44 -15.85 8.28
CA GLU B 162 -12.60 -15.91 7.40
C GLU B 162 -13.43 -14.63 7.51
N ILE B 163 -13.42 -14.01 8.70
CA ILE B 163 -14.16 -12.77 8.92
C ILE B 163 -13.57 -11.66 8.07
N ARG B 164 -12.25 -11.62 8.00
CA ARG B 164 -11.55 -10.62 7.21
C ARG B 164 -11.93 -10.76 5.73
N LYS B 165 -11.97 -12.00 5.26
CA LYS B 165 -12.32 -12.28 3.88
C LYS B 165 -13.78 -11.93 3.62
N HIS B 166 -14.62 -12.16 4.63
CA HIS B 166 -16.04 -11.85 4.53
C HIS B 166 -16.22 -10.36 4.30
N LYS B 167 -15.44 -9.56 5.02
CA LYS B 167 -15.50 -8.11 4.90
C LYS B 167 -15.03 -7.68 3.50
N GLU B 168 -13.97 -8.32 3.03
CA GLU B 168 -13.43 -8.04 1.70
C GLU B 168 -14.42 -8.44 0.62
N LYS B 169 -15.05 -9.59 0.82
CA LYS B 169 -16.03 -10.11 -0.12
C LYS B 169 -17.25 -9.21 -0.18
N MET B 170 -17.62 -8.63 0.95
CA MET B 170 -18.77 -7.74 1.01
C MET B 170 -18.49 -6.38 0.38
N SER B 171 -17.32 -5.83 0.65
CA SER B 171 -16.93 -4.54 0.11
C SER B 171 -16.73 -4.61 -1.40
N LYS B 172 -16.19 -5.72 -1.86
CA LYS B 172 -15.95 -5.92 -3.29
C LYS B 172 -17.23 -6.39 -3.99
N ASP B 173 -17.82 -7.46 -3.44
CA ASP B 173 -19.04 -8.08 -3.96
C ASP B 173 -18.91 -8.52 -5.41
N GLY B 174 -19.35 -7.66 -6.32
CA GLY B 174 -19.28 -7.98 -7.74
C GLY B 174 -20.53 -7.56 -8.46
N LYS B 175 -21.61 -7.40 -7.70
CA LYS B 175 -22.90 -6.99 -8.25
C LYS B 175 -23.43 -5.78 -7.48
N LYS B 176 -24.71 -5.47 -7.66
CA LYS B 176 -25.36 -4.36 -6.97
C LYS B 176 -24.74 -3.01 -7.34
N LYS B 177 -23.74 -2.59 -6.58
CA LYS B 177 -23.07 -1.32 -6.82
C LYS B 177 -21.65 -1.53 -7.34
N LYS B 178 -21.18 -2.78 -7.25
CA LYS B 178 -19.84 -3.16 -7.70
C LYS B 178 -18.75 -2.36 -6.97
N LYS B 179 -17.58 -2.28 -7.58
CA LYS B 179 -16.45 -1.55 -7.02
C LYS B 179 -15.36 -1.38 -8.08
N LYS B 180 -14.77 -2.50 -8.49
CA LYS B 180 -13.72 -2.49 -9.51
C LYS B 180 -13.82 -3.74 -10.37
N SER B 181 -14.00 -3.55 -11.66
CA SER B 181 -14.12 -4.67 -12.59
C SER B 181 -13.11 -4.56 -13.71
N LYS B 182 -12.38 -5.64 -13.94
CA LYS B 182 -11.37 -5.67 -14.98
C LYS B 182 -12.00 -5.98 -16.34
N THR B 183 -12.26 -4.95 -17.12
CA THR B 183 -12.86 -5.12 -18.43
C THR B 183 -11.78 -5.02 -19.52
N LYS B 184 -10.74 -4.25 -19.24
CA LYS B 184 -9.64 -4.06 -20.17
C LYS B 184 -8.55 -5.10 -19.94
N SER C 14 17.09 6.80 -46.92
CA SER C 14 17.70 5.79 -46.09
C SER C 14 19.11 5.47 -46.57
N THR C 15 19.51 6.11 -47.66
CA THR C 15 20.83 5.90 -48.23
C THR C 15 21.88 6.70 -47.45
N PHE C 16 21.45 7.85 -46.93
CA PHE C 16 22.32 8.72 -46.15
C PHE C 16 22.85 8.03 -44.91
N SER C 17 22.01 7.17 -44.33
CA SER C 17 22.38 6.43 -43.13
C SER C 17 23.48 5.43 -43.43
N LYS C 18 23.53 4.96 -44.67
CA LYS C 18 24.53 3.99 -45.09
C LYS C 18 25.88 4.68 -45.30
N LEU C 19 25.84 5.91 -45.81
CA LEU C 19 27.06 6.66 -46.04
C LEU C 19 27.68 7.13 -44.73
N ARG C 20 26.85 7.62 -43.82
CA ARG C 20 27.35 8.09 -42.52
C ARG C 20 27.92 6.95 -41.70
N GLU C 21 27.34 5.76 -41.83
CA GLU C 21 27.79 4.59 -41.08
C GLU C 21 29.15 4.11 -41.59
N GLN C 22 29.48 4.45 -42.83
CA GLN C 22 30.75 4.04 -43.43
C GLN C 22 31.84 5.08 -43.23
N LEU C 23 31.49 6.35 -43.40
CA LEU C 23 32.45 7.45 -43.27
C LEU C 23 32.89 7.65 -41.82
N GLY C 24 32.02 7.31 -40.88
CA GLY C 24 32.31 7.48 -39.47
C GLY C 24 33.59 6.79 -39.01
N PRO C 25 33.62 5.44 -39.03
CA PRO C 25 34.79 4.65 -38.58
C PRO C 25 36.11 5.06 -39.23
N VAL C 26 36.07 5.48 -40.49
CA VAL C 26 37.27 5.90 -41.21
C VAL C 26 37.98 7.04 -40.49
N THR C 27 37.29 8.15 -40.33
CA THR C 27 37.86 9.30 -39.65
C THR C 27 38.02 9.04 -38.16
N GLN C 28 37.14 8.19 -37.64
CA GLN C 28 37.14 7.83 -36.22
C GLN C 28 38.48 7.21 -35.79
N GLU C 29 39.01 6.33 -36.63
CA GLU C 29 40.27 5.65 -36.33
C GLU C 29 41.40 6.65 -36.05
N PHE C 30 41.60 7.58 -36.96
CA PHE C 30 42.65 8.59 -36.81
C PHE C 30 42.41 9.45 -35.57
N TRP C 31 41.15 9.74 -35.29
CA TRP C 31 40.78 10.56 -34.14
C TRP C 31 41.16 9.89 -32.83
N ASP C 32 40.95 8.57 -32.76
CA ASP C 32 41.29 7.81 -31.56
C ASP C 32 42.78 7.83 -31.31
N ASN C 33 43.54 7.56 -32.37
CA ASN C 33 45.00 7.55 -32.28
C ASN C 33 45.52 8.91 -31.83
N LEU C 34 44.96 9.96 -32.42
CA LEU C 34 45.35 11.32 -32.09
C LEU C 34 45.08 11.64 -30.63
N GLU C 35 43.91 11.25 -30.15
CA GLU C 35 43.54 11.49 -28.76
C GLU C 35 44.37 10.63 -27.82
N LYS C 36 44.67 9.41 -28.26
CA LYS C 36 45.46 8.47 -27.47
C LYS C 36 46.84 9.06 -27.24
N GLU C 37 47.40 9.67 -28.28
CA GLU C 37 48.71 10.29 -28.18
C GLU C 37 48.70 11.40 -27.14
N THR C 38 47.62 12.17 -27.13
CA THR C 38 47.49 13.27 -26.19
C THR C 38 47.28 12.72 -24.77
N GLU C 39 46.64 11.55 -24.68
CA GLU C 39 46.41 10.90 -23.40
C GLU C 39 47.74 10.60 -22.73
N GLY C 40 48.66 10.01 -23.48
CA GLY C 40 49.97 9.70 -22.95
C GLY C 40 50.70 10.96 -22.52
N LEU C 41 50.51 12.04 -23.27
CA LEU C 41 51.14 13.32 -22.95
C LEU C 41 50.59 13.88 -21.64
N ARG C 42 49.26 13.83 -21.51
CA ARG C 42 48.59 14.31 -20.31
C ARG C 42 48.94 13.46 -19.11
N GLN C 43 49.10 12.15 -19.33
CA GLN C 43 49.45 11.23 -18.26
C GLN C 43 50.86 11.53 -17.76
N GLU C 44 51.76 11.89 -18.69
CA GLU C 44 53.12 12.24 -18.33
C GLU C 44 53.13 13.47 -17.43
N MET C 45 52.33 14.46 -17.82
CA MET C 45 52.21 15.70 -17.06
C MET C 45 51.61 15.43 -15.68
N SER C 46 50.70 14.47 -15.62
CA SER C 46 50.07 14.10 -14.36
C SER C 46 51.03 13.31 -13.48
N LYS C 47 51.89 12.53 -14.12
CA LYS C 47 52.87 11.72 -13.42
C LYS C 47 53.82 12.63 -12.65
N ASP C 48 54.23 13.72 -13.28
CA ASP C 48 55.13 14.69 -12.64
C ASP C 48 54.47 15.28 -11.41
N LEU C 49 53.24 15.74 -11.57
CA LEU C 49 52.49 16.35 -10.47
C LEU C 49 52.27 15.36 -9.33
N GLU C 50 52.07 14.09 -9.68
CA GLU C 50 51.86 13.05 -8.69
C GLU C 50 53.13 12.87 -7.85
N GLU C 51 54.26 12.95 -8.51
CA GLU C 51 55.55 12.80 -7.84
C GLU C 51 55.79 13.97 -6.91
N VAL C 52 55.44 15.18 -7.36
CA VAL C 52 55.61 16.38 -6.55
C VAL C 52 54.79 16.28 -5.26
N LYS C 53 53.59 15.72 -5.38
CA LYS C 53 52.69 15.54 -4.24
C LYS C 53 53.37 14.72 -3.15
N ALA C 54 54.05 13.65 -3.56
CA ALA C 54 54.73 12.76 -2.63
C ALA C 54 55.99 13.40 -2.04
N LYS C 55 56.56 14.35 -2.78
CA LYS C 55 57.78 15.02 -2.35
C LYS C 55 57.55 16.03 -1.22
N VAL C 56 56.35 16.58 -1.14
CA VAL C 56 56.04 17.57 -0.11
C VAL C 56 55.32 16.96 1.10
N GLN C 57 54.88 15.72 0.96
CA GLN C 57 54.15 15.03 2.03
C GLN C 57 54.89 15.01 3.38
N PRO C 58 56.14 14.50 3.45
CA PRO C 58 56.89 14.41 4.72
C PRO C 58 57.07 15.76 5.42
N TYR C 59 57.21 16.81 4.63
CA TYR C 59 57.41 18.14 5.17
C TYR C 59 56.12 18.73 5.74
N LEU C 60 55.00 18.41 5.09
CA LEU C 60 53.70 18.89 5.54
C LEU C 60 53.28 18.18 6.82
N ASP C 61 53.54 16.88 6.86
CA ASP C 61 53.19 16.04 8.00
C ASP C 61 53.94 16.50 9.26
N ASP C 62 55.17 16.94 9.10
CA ASP C 62 55.98 17.42 10.21
C ASP C 62 55.37 18.65 10.87
N PHE C 63 54.96 19.61 10.04
CA PHE C 63 54.37 20.85 10.53
C PHE C 63 53.07 20.56 11.28
N GLN C 64 52.32 19.58 10.79
CA GLN C 64 51.07 19.19 11.41
C GLN C 64 51.32 18.57 12.79
N LYS C 65 52.34 17.73 12.89
CA LYS C 65 52.69 17.10 14.14
C LYS C 65 53.10 18.14 15.17
N LYS C 66 53.88 19.11 14.75
CA LYS C 66 54.34 20.17 15.64
C LYS C 66 53.16 21.03 16.12
N TRP C 67 52.25 21.32 15.19
CA TRP C 67 51.07 22.11 15.49
C TRP C 67 50.19 21.40 16.52
N GLN C 68 50.10 20.09 16.37
CA GLN C 68 49.31 19.25 17.27
C GLN C 68 49.79 19.37 18.71
N GLU C 69 51.11 19.33 18.89
CA GLU C 69 51.70 19.44 20.22
C GLU C 69 51.45 20.81 20.83
N GLU C 70 51.44 21.83 19.98
CA GLU C 70 51.21 23.20 20.43
C GLU C 70 49.81 23.33 20.99
N MET C 71 48.85 22.71 20.32
CA MET C 71 47.45 22.75 20.73
C MET C 71 47.22 21.94 22.00
N GLU C 72 47.83 20.76 22.07
CA GLU C 72 47.68 19.89 23.23
C GLU C 72 48.27 20.56 24.48
N LEU C 73 49.32 21.33 24.26
CA LEU C 73 49.99 22.05 25.34
C LEU C 73 49.01 23.00 26.02
N TYR C 74 48.21 23.69 25.21
CA TYR C 74 47.23 24.64 25.73
C TYR C 74 46.06 23.89 26.35
N ARG C 75 45.69 22.77 25.75
CA ARG C 75 44.59 21.94 26.26
C ARG C 75 44.91 21.44 27.67
N GLN C 76 46.18 21.11 27.89
CA GLN C 76 46.63 20.62 29.19
C GLN C 76 46.72 21.76 30.19
N LYS C 77 46.93 22.98 29.69
CA LYS C 77 47.04 24.16 30.53
C LYS C 77 45.68 24.68 30.97
N VAL C 78 44.72 24.68 30.05
CA VAL C 78 43.37 25.17 30.35
C VAL C 78 42.56 24.17 31.17
N GLU C 79 43.02 22.93 31.21
CA GLU C 79 42.33 21.87 31.97
C GLU C 79 42.10 22.22 33.44
N PRO C 80 43.17 22.50 34.22
CA PRO C 80 43.05 22.83 35.65
C PRO C 80 42.17 24.07 35.87
N LEU C 81 42.21 24.99 34.93
CA LEU C 81 41.43 26.20 35.01
C LEU C 81 39.95 25.89 34.78
N ARG C 82 39.69 25.00 33.83
CA ARG C 82 38.33 24.59 33.47
C ARG C 82 37.56 24.12 34.70
N ALA C 83 38.26 23.41 35.58
CA ALA C 83 37.65 22.90 36.81
C ALA C 83 37.12 24.04 37.67
N GLU C 84 37.94 25.08 37.87
CA GLU C 84 37.56 26.22 38.67
C GLU C 84 36.46 27.03 37.99
N LEU C 85 36.50 27.08 36.66
CA LEU C 85 35.50 27.82 35.89
C LEU C 85 34.12 27.19 36.09
N GLN C 86 34.10 25.86 36.07
CA GLN C 86 32.86 25.11 36.23
C GLN C 86 32.33 25.24 37.66
N GLU C 87 33.22 25.12 38.63
CA GLU C 87 32.85 25.24 40.05
C GLU C 87 32.33 26.62 40.38
N GLY C 88 33.05 27.64 39.93
CA GLY C 88 32.66 29.02 40.19
C GLY C 88 31.29 29.34 39.62
N ALA C 89 30.95 28.72 38.50
CA ALA C 89 29.66 28.93 37.87
C ALA C 89 28.58 28.13 38.58
N ARG C 90 28.96 27.02 39.18
CA ARG C 90 28.03 26.15 39.90
C ARG C 90 27.46 26.84 41.14
N GLN C 91 28.32 27.61 41.83
CA GLN C 91 27.92 28.31 43.05
C GLN C 91 27.16 29.59 42.75
N LYS C 92 26.99 29.89 41.46
CA LYS C 92 26.30 31.10 41.04
C LYS C 92 24.81 31.05 41.38
N LEU C 93 24.09 30.14 40.73
CA LEU C 93 22.64 30.02 40.96
C LEU C 93 22.34 29.11 42.15
N HIS C 94 23.37 28.47 42.69
CA HIS C 94 23.19 27.58 43.83
C HIS C 94 22.61 28.32 45.04
N GLU C 95 23.10 29.54 45.26
CA GLU C 95 22.63 30.35 46.37
C GLU C 95 21.36 31.10 45.99
N LEU C 96 21.20 31.36 44.71
CA LEU C 96 20.04 32.09 44.21
C LEU C 96 18.78 31.22 44.19
N GLN C 97 18.97 29.90 44.04
CA GLN C 97 17.85 28.96 43.99
C GLN C 97 16.91 29.08 45.18
N GLU C 98 17.46 28.90 46.38
CA GLU C 98 16.68 28.98 47.60
C GLU C 98 16.13 30.39 47.87
N LYS C 99 16.61 31.36 47.13
CA LYS C 99 16.18 32.74 47.29
C LYS C 99 15.07 33.11 46.32
N LEU C 100 14.76 32.20 45.39
CA LEU C 100 13.72 32.46 44.39
C LEU C 100 12.57 31.46 44.44
N SER C 101 12.89 30.19 44.67
CA SER C 101 11.88 29.14 44.74
C SER C 101 10.71 29.40 45.70
N PRO C 102 10.98 29.71 46.99
CA PRO C 102 9.92 29.95 47.98
C PRO C 102 8.86 30.96 47.53
N LEU C 103 9.30 32.13 47.08
CA LEU C 103 8.38 33.16 46.62
C LEU C 103 7.64 32.75 45.35
N GLY C 104 8.31 32.00 44.49
CA GLY C 104 7.69 31.54 43.26
C GLY C 104 6.63 30.49 43.54
N GLU C 105 6.93 29.58 44.45
CA GLU C 105 6.02 28.50 44.82
C GLU C 105 4.76 29.05 45.49
N GLU C 106 4.95 30.06 46.33
CA GLU C 106 3.83 30.67 47.04
C GLU C 106 2.81 31.25 46.07
N MET C 107 3.29 31.99 45.07
CA MET C 107 2.43 32.60 44.07
C MET C 107 1.79 31.51 43.20
N ARG C 108 2.53 30.43 42.98
CA ARG C 108 2.06 29.32 42.16
C ARG C 108 0.80 28.69 42.75
N ASP C 109 0.84 28.41 44.05
CA ASP C 109 -0.29 27.79 44.73
C ASP C 109 -1.50 28.74 44.79
N ARG C 110 -1.26 29.98 45.20
CA ARG C 110 -2.30 30.99 45.29
C ARG C 110 -2.97 31.21 43.93
N ALA C 111 -2.19 31.05 42.86
CA ALA C 111 -2.70 31.22 41.51
C ALA C 111 -3.62 30.07 41.13
N ARG C 112 -3.21 28.85 41.48
CA ARG C 112 -3.99 27.66 41.18
C ARG C 112 -5.36 27.73 41.84
N ALA C 113 -5.40 28.27 43.05
CA ALA C 113 -6.64 28.41 43.80
C ALA C 113 -7.59 29.34 43.06
N HIS C 114 -7.05 30.44 42.55
CA HIS C 114 -7.83 31.42 41.82
C HIS C 114 -8.47 30.81 40.58
N VAL C 115 -7.74 29.89 39.94
CA VAL C 115 -8.23 29.22 38.74
C VAL C 115 -9.53 28.46 39.02
N ASP C 116 -9.52 27.68 40.10
CA ASP C 116 -10.71 26.91 40.48
C ASP C 116 -11.77 27.80 41.07
N ALA C 117 -11.36 28.80 41.83
CA ALA C 117 -12.29 29.74 42.45
C ALA C 117 -13.15 30.40 41.38
N LEU C 118 -12.52 30.81 40.28
CA LEU C 118 -13.23 31.45 39.18
C LEU C 118 -14.10 30.45 38.42
N ARG C 119 -13.74 29.18 38.51
CA ARG C 119 -14.48 28.11 37.86
C ARG C 119 -15.86 27.99 38.49
N THR C 120 -15.89 27.89 39.81
CA THR C 120 -17.14 27.79 40.54
C THR C 120 -17.87 29.13 40.56
N HIS C 121 -17.12 30.22 40.39
CA HIS C 121 -17.70 31.55 40.38
C HIS C 121 -18.50 31.80 39.10
N LEU C 122 -18.13 31.11 38.03
CA LEU C 122 -18.80 31.27 36.76
C LEU C 122 -19.74 30.11 36.44
N ALA C 123 -19.54 28.98 37.13
CA ALA C 123 -20.34 27.77 36.92
C ALA C 123 -21.86 27.99 36.93
N PRO C 124 -22.45 28.51 38.03
CA PRO C 124 -23.91 28.73 38.13
C PRO C 124 -24.44 29.67 37.06
N TYR C 125 -23.72 30.77 36.84
CA TYR C 125 -24.12 31.77 35.86
C TYR C 125 -24.08 31.20 34.44
N SER C 126 -23.08 30.39 34.16
CA SER C 126 -22.95 29.79 32.84
C SER C 126 -24.07 28.79 32.57
N ASP C 127 -24.39 28.00 33.59
CA ASP C 127 -25.46 27.00 33.47
C ASP C 127 -26.81 27.67 33.25
N GLU C 128 -27.07 28.73 34.03
CA GLU C 128 -28.32 29.45 33.93
C GLU C 128 -28.51 30.00 32.53
N LEU C 129 -27.46 30.64 32.01
CA LEU C 129 -27.49 31.22 30.68
C LEU C 129 -27.70 30.13 29.62
N ARG C 130 -27.02 29.01 29.81
CA ARG C 130 -27.15 27.88 28.89
C ARG C 130 -28.57 27.36 28.83
N GLN C 131 -29.15 27.11 30.01
CA GLN C 131 -30.53 26.61 30.09
C GLN C 131 -31.53 27.59 29.49
N ARG C 132 -31.21 28.88 29.59
CA ARG C 132 -32.07 29.92 29.06
C ARG C 132 -32.02 29.91 27.54
N LEU C 133 -30.81 29.89 27.00
CA LEU C 133 -30.61 29.89 25.56
C LEU C 133 -31.12 28.60 24.91
N ALA C 134 -30.95 27.48 25.60
CA ALA C 134 -31.41 26.18 25.09
C ALA C 134 -32.90 26.19 24.81
N ALA C 135 -33.65 26.86 25.67
CA ALA C 135 -35.09 26.96 25.53
C ALA C 135 -35.44 27.92 24.39
N ARG C 136 -34.68 29.00 24.29
CA ARG C 136 -34.90 30.01 23.26
C ARG C 136 -34.66 29.43 21.87
N LEU C 137 -33.56 28.68 21.73
CA LEU C 137 -33.21 28.04 20.47
C LEU C 137 -34.29 27.08 20.01
N GLU C 138 -34.92 26.43 20.97
CA GLU C 138 -35.99 25.48 20.68
C GLU C 138 -37.16 26.18 20.01
N ALA C 139 -37.55 27.31 20.57
CA ALA C 139 -38.66 28.10 20.04
C ALA C 139 -38.36 28.59 18.63
N LEU C 140 -37.12 29.00 18.40
CA LEU C 140 -36.68 29.48 17.10
C LEU C 140 -36.74 28.37 16.05
N LYS C 141 -36.29 27.18 16.44
CA LYS C 141 -36.28 26.02 15.56
C LYS C 141 -37.70 25.64 15.18
N GLU C 142 -38.60 25.72 16.14
CA GLU C 142 -40.01 25.38 15.93
C GLU C 142 -40.67 26.35 14.96
N ASN C 143 -40.44 27.64 15.18
CA ASN C 143 -41.02 28.68 14.33
C ASN C 143 -40.44 28.67 12.92
N GLY C 144 -39.14 28.43 12.82
CA GLY C 144 -38.48 28.41 11.53
C GLY C 144 -38.80 27.18 10.72
N GLY C 145 -38.80 26.02 11.37
CA GLY C 145 -39.08 24.76 10.69
C GLY C 145 -40.42 24.74 9.99
N ALA C 146 -41.40 25.43 10.57
CA ALA C 146 -42.74 25.50 10.00
C ALA C 146 -42.72 26.02 8.57
N ARG C 147 -41.94 27.06 8.33
CA ARG C 147 -41.84 27.66 7.00
C ARG C 147 -40.80 26.95 6.14
N LEU C 148 -39.90 26.24 6.81
CA LEU C 148 -38.83 25.52 6.12
C LEU C 148 -39.42 24.43 5.21
N ALA C 149 -40.42 23.73 5.72
CA ALA C 149 -41.07 22.67 4.95
C ALA C 149 -41.75 23.21 3.70
N GLU C 150 -42.31 24.41 3.81
CA GLU C 150 -42.99 25.04 2.70
C GLU C 150 -42.00 25.36 1.58
N TYR C 151 -40.83 25.90 1.97
CA TYR C 151 -39.80 26.25 1.00
C TYR C 151 -39.22 25.01 0.33
N HIS C 152 -39.07 23.95 1.13
CA HIS C 152 -38.53 22.68 0.63
C HIS C 152 -39.47 22.05 -0.39
N ALA C 153 -40.76 22.09 -0.09
CA ALA C 153 -41.77 21.52 -0.98
C ALA C 153 -41.74 22.15 -2.36
N LYS C 154 -41.56 23.48 -2.40
CA LYS C 154 -41.52 24.22 -3.66
C LYS C 154 -40.19 24.02 -4.38
N ALA C 155 -39.16 23.69 -3.62
CA ALA C 155 -37.82 23.49 -4.16
C ALA C 155 -37.76 22.33 -5.13
N THR C 156 -38.40 21.22 -4.79
CA THR C 156 -38.41 20.03 -5.62
C THR C 156 -39.14 20.29 -6.94
N GLU C 157 -40.26 21.02 -6.86
CA GLU C 157 -41.04 21.33 -8.05
C GLU C 157 -40.30 22.28 -8.98
N HIS C 158 -39.70 23.32 -8.43
CA HIS C 158 -38.97 24.30 -9.22
C HIS C 158 -37.54 23.87 -9.47
N LEU C 159 -37.37 22.70 -10.07
CA LEU C 159 -36.05 22.18 -10.38
C LEU C 159 -36.10 21.14 -11.48
N SER C 160 -36.89 20.10 -11.28
CA SER C 160 -37.03 19.02 -12.26
C SER C 160 -37.89 19.43 -13.45
N THR C 161 -38.38 20.66 -13.41
CA THR C 161 -39.23 21.19 -14.46
C THR C 161 -38.43 21.61 -15.69
N LEU C 162 -37.11 21.50 -15.60
CA LEU C 162 -36.24 21.87 -16.72
C LEU C 162 -35.62 20.64 -17.38
N SER C 163 -34.93 19.84 -16.59
CA SER C 163 -34.26 18.64 -17.07
C SER C 163 -35.17 17.70 -17.84
N GLU C 164 -36.41 17.59 -17.39
CA GLU C 164 -37.40 16.71 -18.01
C GLU C 164 -37.63 17.07 -19.48
N LYS C 165 -37.45 18.34 -19.82
CA LYS C 165 -37.65 18.79 -21.19
C LYS C 165 -36.32 19.00 -21.92
N ALA C 166 -35.23 18.95 -21.17
CA ALA C 166 -33.90 19.15 -21.73
C ALA C 166 -33.32 17.84 -22.28
N LYS C 167 -33.69 16.73 -21.65
CA LYS C 167 -33.20 15.41 -22.07
C LYS C 167 -33.58 15.06 -23.51
N PRO C 168 -34.89 15.06 -23.87
CA PRO C 168 -35.33 14.72 -25.23
C PRO C 168 -34.76 15.67 -26.28
N ALA C 169 -34.56 16.93 -25.89
CA ALA C 169 -34.02 17.93 -26.80
C ALA C 169 -32.59 17.62 -27.20
N LEU C 170 -31.77 17.25 -26.20
CA LEU C 170 -30.37 16.92 -26.45
C LEU C 170 -30.25 15.62 -27.23
N GLU C 171 -31.12 14.67 -26.89
CA GLU C 171 -31.12 13.38 -27.55
C GLU C 171 -31.45 13.52 -29.03
N ASP C 172 -32.45 14.34 -29.34
CA ASP C 172 -32.88 14.57 -30.70
C ASP C 172 -31.81 15.27 -31.53
N LEU C 173 -31.08 16.18 -30.89
CA LEU C 173 -30.03 16.93 -31.57
C LEU C 173 -28.93 16.00 -32.08
N ARG C 174 -28.58 15.02 -31.24
CA ARG C 174 -27.55 14.06 -31.58
C ARG C 174 -27.91 13.26 -32.85
N GLN C 175 -29.19 13.00 -33.02
CA GLN C 175 -29.67 12.24 -34.17
C GLN C 175 -29.53 13.01 -35.49
N GLY C 176 -29.53 14.33 -35.40
CA GLY C 176 -29.42 15.15 -36.61
C GLY C 176 -27.99 15.47 -36.96
N LEU C 177 -27.10 15.40 -35.98
CA LEU C 177 -25.69 15.70 -36.20
C LEU C 177 -24.94 14.49 -36.76
N LEU C 178 -25.41 13.29 -36.41
CA LEU C 178 -24.77 12.05 -36.85
C LEU C 178 -24.57 11.93 -38.37
N PRO C 179 -25.65 12.07 -39.19
CA PRO C 179 -25.54 11.94 -40.66
C PRO C 179 -24.40 12.76 -41.25
N VAL C 180 -24.22 13.98 -40.77
CA VAL C 180 -23.18 14.86 -41.26
C VAL C 180 -21.80 14.38 -40.79
N LEU C 181 -21.70 14.01 -39.52
CA LEU C 181 -20.44 13.54 -38.95
C LEU C 181 -20.02 12.22 -39.57
N GLU C 182 -20.99 11.38 -39.90
CA GLU C 182 -20.73 10.09 -40.50
C GLU C 182 -19.96 10.25 -41.81
N SER C 183 -20.46 11.13 -42.67
CA SER C 183 -19.83 11.39 -43.95
C SER C 183 -18.43 11.95 -43.76
N PHE C 184 -18.27 12.79 -42.74
CA PHE C 184 -16.98 13.40 -42.45
C PHE C 184 -15.97 12.36 -41.96
N LYS C 185 -16.45 11.40 -41.17
CA LYS C 185 -15.59 10.35 -40.63
C LYS C 185 -15.08 9.43 -41.73
N VAL C 186 -15.94 9.15 -42.71
CA VAL C 186 -15.59 8.29 -43.84
C VAL C 186 -14.42 8.89 -44.60
N SER C 187 -14.56 10.15 -44.99
CA SER C 187 -13.52 10.85 -45.75
C SER C 187 -12.24 11.03 -44.92
N PHE C 188 -12.38 11.06 -43.60
CA PHE C 188 -11.23 11.22 -42.72
C PHE C 188 -10.32 9.99 -42.79
N LEU C 189 -10.92 8.81 -42.81
CA LEU C 189 -10.17 7.57 -42.87
C LEU C 189 -9.34 7.46 -44.14
N SER C 190 -9.94 7.81 -45.28
CA SER C 190 -9.25 7.76 -46.56
C SER C 190 -8.06 8.71 -46.58
N ALA C 191 -8.26 9.89 -45.99
CA ALA C 191 -7.20 10.90 -45.94
C ALA C 191 -6.08 10.48 -44.99
N LEU C 192 -6.48 9.90 -43.85
CA LEU C 192 -5.53 9.45 -42.84
C LEU C 192 -4.54 8.44 -43.42
N GLU C 193 -5.07 7.49 -44.18
CA GLU C 193 -4.25 6.46 -44.82
C GLU C 193 -3.21 7.10 -45.74
N GLU C 194 -3.64 8.07 -46.53
CA GLU C 194 -2.76 8.76 -47.46
C GLU C 194 -1.63 9.49 -46.73
N TYR C 195 -1.97 10.06 -45.57
CA TYR C 195 -0.99 10.78 -44.77
C TYR C 195 0.11 9.85 -44.25
N THR C 196 -0.30 8.71 -43.71
CA THR C 196 0.64 7.73 -43.18
C THR C 196 1.57 7.20 -44.27
N LYS C 197 1.01 6.87 -45.43
CA LYS C 197 1.79 6.35 -46.55
C LYS C 197 2.90 7.30 -46.98
N LYS C 198 2.56 8.58 -47.07
CA LYS C 198 3.51 9.61 -47.50
C LYS C 198 4.68 9.74 -46.52
N LEU C 199 4.39 9.64 -45.22
CA LEU C 199 5.41 9.77 -44.20
C LEU C 199 6.24 8.50 -44.06
N ASN C 200 5.57 7.35 -44.04
CA ASN C 200 6.23 6.07 -43.90
C ASN C 200 7.07 5.74 -45.13
N SER D 14 -34.26 28.07 -24.75
CA SER D 14 -34.24 29.27 -23.92
C SER D 14 -35.53 29.39 -23.12
N THR D 15 -36.58 28.72 -23.58
CA THR D 15 -37.88 28.75 -22.93
C THR D 15 -37.81 28.09 -21.56
N PHE D 16 -37.04 27.02 -21.46
CA PHE D 16 -36.89 26.29 -20.21
C PHE D 16 -36.32 27.18 -19.11
N SER D 17 -35.23 27.87 -19.44
CA SER D 17 -34.59 28.77 -18.50
C SER D 17 -35.49 29.94 -18.15
N LYS D 18 -36.24 30.42 -19.13
CA LYS D 18 -37.16 31.53 -18.93
C LYS D 18 -38.23 31.16 -17.91
N LEU D 19 -38.75 29.94 -18.01
CA LEU D 19 -39.78 29.46 -17.09
C LEU D 19 -39.24 29.39 -15.67
N ARG D 20 -38.01 28.92 -15.53
CA ARG D 20 -37.36 28.82 -14.23
C ARG D 20 -37.17 30.22 -13.64
N GLU D 21 -36.88 31.17 -14.51
CA GLU D 21 -36.68 32.56 -14.08
C GLU D 21 -38.00 33.21 -13.70
N GLN D 22 -39.02 32.99 -14.52
CA GLN D 22 -40.33 33.57 -14.31
C GLN D 22 -40.87 33.26 -12.91
N LEU D 23 -40.81 32.00 -12.50
CA LEU D 23 -41.33 31.61 -11.20
C LEU D 23 -40.24 31.60 -10.13
N GLY D 24 -39.15 32.30 -10.40
CA GLY D 24 -38.04 32.37 -9.46
C GLY D 24 -38.27 33.37 -8.35
N PRO D 25 -38.16 34.67 -8.65
CA PRO D 25 -38.36 35.76 -7.67
C PRO D 25 -39.69 35.66 -6.93
N VAL D 26 -40.70 35.08 -7.56
CA VAL D 26 -42.01 34.91 -6.93
C VAL D 26 -41.88 34.15 -5.61
N THR D 27 -41.14 33.05 -5.65
CA THR D 27 -40.94 32.23 -4.47
C THR D 27 -39.82 32.83 -3.60
N GLN D 28 -38.84 33.44 -4.26
CA GLN D 28 -37.72 34.04 -3.56
C GLN D 28 -38.17 35.19 -2.66
N GLU D 29 -39.03 36.04 -3.20
CA GLU D 29 -39.55 37.18 -2.46
C GLU D 29 -40.35 36.70 -1.25
N PHE D 30 -41.08 35.61 -1.44
CA PHE D 30 -41.87 35.03 -0.37
C PHE D 30 -40.95 34.57 0.76
N TRP D 31 -39.87 33.90 0.39
CA TRP D 31 -38.90 33.41 1.36
C TRP D 31 -38.18 34.57 2.04
N ASP D 32 -37.83 35.59 1.26
CA ASP D 32 -37.14 36.77 1.79
C ASP D 32 -37.97 37.40 2.90
N ASN D 33 -39.27 37.48 2.68
CA ASN D 33 -40.18 38.05 3.67
C ASN D 33 -40.26 37.15 4.90
N LEU D 34 -40.26 35.84 4.64
CA LEU D 34 -40.33 34.85 5.71
C LEU D 34 -39.11 34.92 6.62
N GLU D 35 -37.95 35.12 5.99
CA GLU D 35 -36.68 35.23 6.73
C GLU D 35 -36.64 36.56 7.49
N LYS D 36 -37.27 37.57 6.91
CA LYS D 36 -37.34 38.89 7.54
C LYS D 36 -38.09 38.78 8.86
N GLU D 37 -39.11 37.94 8.87
CA GLU D 37 -39.92 37.72 10.07
C GLU D 37 -39.05 37.10 11.17
N THR D 38 -38.27 36.08 10.80
CA THR D 38 -37.39 35.40 11.74
C THR D 38 -36.29 36.33 12.24
N GLU D 39 -35.84 37.23 11.36
CA GLU D 39 -34.80 38.19 11.72
C GLU D 39 -35.24 39.00 12.92
N GLY D 40 -36.46 39.53 12.86
CA GLY D 40 -37.00 40.31 13.96
C GLY D 40 -37.13 39.48 15.22
N LEU D 41 -37.54 38.23 15.06
CA LEU D 41 -37.71 37.32 16.19
C LEU D 41 -36.37 37.07 16.87
N ARG D 42 -35.34 36.75 16.08
CA ARG D 42 -34.01 36.48 16.61
C ARG D 42 -33.42 37.73 17.26
N GLN D 43 -33.80 38.89 16.72
CA GLN D 43 -33.32 40.17 17.24
C GLN D 43 -33.81 40.38 18.67
N GLU D 44 -35.13 40.23 18.87
CA GLU D 44 -35.73 40.40 20.19
C GLU D 44 -35.19 39.35 21.15
N MET D 45 -34.89 38.17 20.61
CA MET D 45 -34.35 37.09 21.41
C MET D 45 -32.95 37.43 21.90
N SER D 46 -32.19 38.14 21.07
CA SER D 46 -30.84 38.53 21.41
C SER D 46 -30.85 39.71 22.39
N LYS D 47 -31.89 40.53 22.30
CA LYS D 47 -32.05 41.70 23.16
C LYS D 47 -32.06 41.29 24.63
N ASP D 48 -32.95 40.37 24.97
CA ASP D 48 -33.07 39.89 26.35
C ASP D 48 -31.83 39.12 26.77
N LEU D 49 -31.26 38.36 25.84
CA LEU D 49 -30.07 37.56 26.09
C LEU D 49 -28.88 38.43 26.45
N GLU D 50 -28.72 39.55 25.75
CA GLU D 50 -27.62 40.46 25.99
C GLU D 50 -27.68 41.05 27.40
N GLU D 51 -28.88 41.35 27.87
CA GLU D 51 -29.08 41.91 29.20
C GLU D 51 -28.52 40.96 30.26
N VAL D 52 -28.79 39.67 30.09
CA VAL D 52 -28.33 38.66 31.04
C VAL D 52 -26.81 38.57 31.04
N LYS D 53 -26.22 38.59 29.84
CA LYS D 53 -24.76 38.50 29.71
C LYS D 53 -24.05 39.68 30.36
N ALA D 54 -24.59 40.88 30.14
CA ALA D 54 -24.01 42.10 30.70
C ALA D 54 -24.21 42.19 32.21
N LYS D 55 -25.10 41.36 32.72
CA LYS D 55 -25.41 41.34 34.15
C LYS D 55 -24.42 40.45 34.90
N VAL D 56 -23.86 39.48 34.20
CA VAL D 56 -22.92 38.54 34.81
C VAL D 56 -21.46 39.02 34.67
N GLN D 57 -21.20 39.79 33.63
CA GLN D 57 -19.85 40.30 33.34
C GLN D 57 -19.14 40.97 34.54
N PRO D 58 -19.76 41.97 35.20
CA PRO D 58 -19.13 42.68 36.34
C PRO D 58 -18.67 41.74 37.45
N TYR D 59 -19.40 40.66 37.68
CA TYR D 59 -19.07 39.69 38.73
C TYR D 59 -17.70 39.07 38.51
N LEU D 60 -17.37 38.75 37.27
CA LEU D 60 -16.09 38.13 36.96
C LEU D 60 -14.97 39.16 36.92
N ASP D 61 -15.26 40.32 36.34
CA ASP D 61 -14.27 41.39 36.23
C ASP D 61 -13.79 41.87 37.60
N ASP D 62 -14.71 41.95 38.55
CA ASP D 62 -14.38 42.39 39.90
C ASP D 62 -13.43 41.42 40.57
N PHE D 63 -13.68 40.13 40.41
CA PHE D 63 -12.83 39.10 41.01
C PHE D 63 -11.46 39.06 40.34
N GLN D 64 -11.42 39.34 39.05
CA GLN D 64 -10.18 39.36 38.28
C GLN D 64 -9.27 40.49 38.78
N LYS D 65 -9.84 41.66 39.00
CA LYS D 65 -9.08 42.81 39.47
C LYS D 65 -8.52 42.57 40.86
N LYS D 66 -9.26 41.79 41.64
CA LYS D 66 -8.85 41.46 43.01
C LYS D 66 -7.50 40.75 43.01
N TRP D 67 -7.34 39.81 42.09
CA TRP D 67 -6.10 39.05 41.98
C TRP D 67 -4.99 39.91 41.40
N GLN D 68 -5.35 40.88 40.56
CA GLN D 68 -4.37 41.76 39.96
C GLN D 68 -3.64 42.57 41.03
N GLU D 69 -4.39 43.05 42.02
CA GLU D 69 -3.81 43.83 43.11
C GLU D 69 -2.76 43.00 43.85
N GLU D 70 -3.06 41.71 44.01
CA GLU D 70 -2.16 40.79 44.70
C GLU D 70 -0.85 40.64 43.91
N MET D 71 -0.98 40.47 42.59
CA MET D 71 0.17 40.32 41.71
C MET D 71 0.95 41.63 41.63
N GLU D 72 0.21 42.74 41.67
CA GLU D 72 0.82 44.07 41.61
C GLU D 72 1.81 44.25 42.77
N LEU D 73 1.34 43.93 43.97
CA LEU D 73 2.17 44.04 45.16
C LEU D 73 3.31 43.03 45.12
N TYR D 74 3.00 41.82 44.67
CA TYR D 74 3.98 40.74 44.58
C TYR D 74 5.18 41.15 43.74
N ARG D 75 4.91 41.67 42.54
CA ARG D 75 5.97 42.09 41.64
C ARG D 75 6.87 43.16 42.27
N GLN D 76 6.25 44.20 42.81
CA GLN D 76 6.98 45.30 43.43
C GLN D 76 7.77 44.84 44.65
N LYS D 77 7.27 43.82 45.31
CA LYS D 77 7.90 43.29 46.50
C LYS D 77 9.14 42.46 46.19
N VAL D 78 9.16 41.82 45.02
CA VAL D 78 10.29 40.97 44.64
C VAL D 78 11.30 41.67 43.74
N GLU D 79 10.96 42.86 43.27
CA GLU D 79 11.85 43.62 42.39
C GLU D 79 13.24 43.87 43.00
N PRO D 80 13.33 44.49 44.19
CA PRO D 80 14.62 44.78 44.84
C PRO D 80 15.42 43.51 45.16
N LEU D 81 14.71 42.41 45.42
CA LEU D 81 15.35 41.14 45.74
C LEU D 81 16.21 40.62 44.59
N ARG D 82 15.63 40.55 43.40
CA ARG D 82 16.38 40.05 42.24
C ARG D 82 17.44 41.04 41.82
N ALA D 83 17.26 42.30 42.17
CA ALA D 83 18.24 43.34 41.83
C ALA D 83 19.56 43.04 42.52
N GLU D 84 19.49 42.62 43.77
CA GLU D 84 20.68 42.28 44.56
C GLU D 84 21.35 41.04 43.99
N LEU D 85 20.55 40.05 43.63
CA LEU D 85 21.05 38.80 43.07
C LEU D 85 21.73 39.06 41.72
N GLN D 86 21.10 39.89 40.90
CA GLN D 86 21.63 40.21 39.58
C GLN D 86 22.99 40.90 39.70
N GLU D 87 23.07 41.88 40.60
CA GLU D 87 24.31 42.61 40.80
C GLU D 87 25.40 41.74 41.43
N GLY D 88 24.99 40.93 42.41
CA GLY D 88 25.94 40.05 43.07
C GLY D 88 26.56 39.06 42.11
N ALA D 89 25.74 38.58 41.18
CA ALA D 89 26.20 37.63 40.18
C ALA D 89 27.03 38.35 39.13
N ARG D 90 26.61 39.56 38.76
CA ARG D 90 27.29 40.38 37.75
C ARG D 90 28.81 40.40 37.92
N GLN D 91 29.26 40.83 39.09
CA GLN D 91 30.69 40.92 39.38
C GLN D 91 31.40 39.57 39.27
N LYS D 92 30.67 38.50 39.56
CA LYS D 92 31.23 37.15 39.51
C LYS D 92 31.67 36.77 38.09
N LEU D 93 30.94 37.25 37.09
CA LEU D 93 31.30 36.96 35.71
C LEU D 93 32.55 37.72 35.31
N HIS D 94 32.67 38.96 35.78
CA HIS D 94 33.83 39.77 35.50
C HIS D 94 35.07 39.13 36.11
N GLU D 95 34.89 38.61 37.31
CA GLU D 95 35.96 37.94 38.03
C GLU D 95 36.43 36.73 37.23
N LEU D 96 35.46 35.96 36.71
CA LEU D 96 35.74 34.78 35.90
C LEU D 96 36.41 35.18 34.60
N GLN D 97 35.90 36.24 33.98
CA GLN D 97 36.44 36.75 32.71
C GLN D 97 37.92 37.10 32.84
N GLU D 98 38.24 37.80 33.92
CA GLU D 98 39.62 38.22 34.18
C GLU D 98 40.56 37.03 34.36
N LYS D 99 39.99 35.84 34.57
CA LYS D 99 40.77 34.63 34.76
C LYS D 99 40.94 33.88 33.44
N LEU D 100 40.24 34.31 32.40
CA LEU D 100 40.32 33.65 31.10
C LEU D 100 41.06 34.50 30.06
N SER D 101 40.90 35.82 30.14
CA SER D 101 41.55 36.74 29.21
C SER D 101 43.07 36.53 29.07
N PRO D 102 43.84 36.55 30.19
CA PRO D 102 45.30 36.37 30.16
C PRO D 102 45.74 35.10 29.42
N LEU D 103 45.10 33.97 29.72
CA LEU D 103 45.44 32.71 29.08
C LEU D 103 45.17 32.76 27.58
N GLY D 104 44.00 33.28 27.21
CA GLY D 104 43.64 33.37 25.81
C GLY D 104 44.55 34.31 25.03
N GLU D 105 44.94 35.41 25.66
CA GLU D 105 45.82 36.39 25.04
C GLU D 105 47.21 35.80 24.78
N GLU D 106 47.70 35.01 25.72
CA GLU D 106 49.02 34.39 25.57
C GLU D 106 49.01 33.43 24.39
N MET D 107 47.87 32.74 24.20
CA MET D 107 47.72 31.81 23.09
C MET D 107 47.78 32.57 21.77
N ARG D 108 47.17 33.74 21.75
CA ARG D 108 47.13 34.57 20.55
C ARG D 108 48.53 35.00 20.11
N ASP D 109 49.43 35.19 21.07
CA ASP D 109 50.80 35.59 20.77
C ASP D 109 51.53 34.50 20.01
N ARG D 110 51.47 33.28 20.55
CA ARG D 110 52.12 32.13 19.94
C ARG D 110 51.49 31.79 18.61
N ALA D 111 50.18 32.04 18.50
CA ALA D 111 49.45 31.77 17.27
C ALA D 111 49.97 32.61 16.10
N ARG D 112 50.16 33.92 16.34
CA ARG D 112 50.66 34.81 15.30
C ARG D 112 52.02 34.37 14.77
N ALA D 113 52.86 33.89 15.67
CA ALA D 113 54.19 33.43 15.31
C ALA D 113 54.10 32.23 14.37
N HIS D 114 53.15 31.36 14.62
CA HIS D 114 52.95 30.18 13.80
C HIS D 114 52.37 30.56 12.44
N VAL D 115 51.48 31.55 12.42
CA VAL D 115 50.85 32.01 11.18
C VAL D 115 51.92 32.54 10.23
N ASP D 116 52.84 33.33 10.77
CA ASP D 116 53.91 33.92 9.97
C ASP D 116 54.82 32.81 9.43
N ALA D 117 55.18 31.86 10.29
CA ALA D 117 56.04 30.75 9.89
C ALA D 117 55.41 29.94 8.76
N LEU D 118 54.10 29.79 8.83
CA LEU D 118 53.36 29.04 7.82
C LEU D 118 53.28 29.84 6.51
N ARG D 119 53.15 31.16 6.64
CA ARG D 119 53.07 32.05 5.48
C ARG D 119 54.34 31.98 4.64
N THR D 120 55.48 31.88 5.32
CA THR D 120 56.77 31.80 4.65
C THR D 120 56.96 30.45 3.96
N HIS D 121 56.13 29.47 4.30
CA HIS D 121 56.24 28.13 3.73
C HIS D 121 55.44 28.03 2.42
N LEU D 122 54.19 28.49 2.46
CA LEU D 122 53.32 28.43 1.30
C LEU D 122 53.69 29.44 0.22
N ALA D 123 54.42 30.47 0.60
CA ALA D 123 54.82 31.51 -0.34
C ALA D 123 55.63 30.98 -1.55
N PRO D 124 56.82 30.37 -1.33
CA PRO D 124 57.65 29.87 -2.44
C PRO D 124 56.95 28.77 -3.23
N TYR D 125 56.25 27.88 -2.52
CA TYR D 125 55.54 26.78 -3.15
C TYR D 125 54.50 27.26 -4.16
N SER D 126 53.74 28.29 -3.77
CA SER D 126 52.71 28.83 -4.65
C SER D 126 53.30 29.59 -5.84
N ASP D 127 54.56 29.98 -5.72
CA ASP D 127 55.24 30.69 -6.79
C ASP D 127 55.78 29.71 -7.82
N GLU D 128 56.43 28.64 -7.33
CA GLU D 128 56.98 27.62 -8.21
C GLU D 128 55.88 26.93 -9.00
N LEU D 129 54.72 26.75 -8.35
CA LEU D 129 53.58 26.10 -9.00
C LEU D 129 53.17 26.85 -10.27
N ARG D 130 53.27 28.17 -10.22
CA ARG D 130 52.93 29.03 -11.36
C ARG D 130 53.87 28.74 -12.53
N GLN D 131 55.16 28.66 -12.23
CA GLN D 131 56.19 28.41 -13.24
C GLN D 131 56.01 27.02 -13.85
N ARG D 132 55.74 26.05 -12.99
CA ARG D 132 55.55 24.67 -13.45
C ARG D 132 54.33 24.57 -14.36
N LEU D 133 53.27 25.28 -13.98
CA LEU D 133 52.03 25.29 -14.75
C LEU D 133 52.25 25.92 -16.11
N ALA D 134 52.98 27.03 -16.13
CA ALA D 134 53.28 27.74 -17.36
C ALA D 134 53.98 26.82 -18.36
N ALA D 135 54.93 26.06 -17.86
CA ALA D 135 55.68 25.12 -18.69
C ALA D 135 54.78 24.00 -19.20
N ARG D 136 53.93 23.49 -18.32
CA ARG D 136 53.01 22.41 -18.66
C ARG D 136 52.02 22.87 -19.73
N LEU D 137 51.46 24.05 -19.54
CA LEU D 137 50.49 24.59 -20.49
C LEU D 137 51.11 24.85 -21.85
N GLU D 138 52.32 25.40 -21.85
CA GLU D 138 53.02 25.71 -23.10
C GLU D 138 53.17 24.47 -23.96
N ALA D 139 53.58 23.37 -23.34
CA ALA D 139 53.76 22.11 -24.05
C ALA D 139 52.44 21.61 -24.64
N LEU D 140 51.38 21.66 -23.83
CA LEU D 140 50.06 21.22 -24.27
C LEU D 140 49.52 22.09 -25.40
N LYS D 141 49.77 23.40 -25.29
CA LYS D 141 49.33 24.36 -26.28
C LYS D 141 50.08 24.18 -27.61
N GLU D 142 51.38 24.00 -27.51
CA GLU D 142 52.22 23.83 -28.70
C GLU D 142 51.90 22.54 -29.46
N ASN D 143 51.72 21.45 -28.73
CA ASN D 143 51.45 20.16 -29.35
C ASN D 143 49.97 19.98 -29.70
N GLY D 144 49.17 21.01 -29.47
CA GLY D 144 47.75 20.91 -29.77
C GLY D 144 47.31 21.82 -30.90
N GLY D 145 48.24 22.59 -31.44
CA GLY D 145 47.92 23.51 -32.53
C GLY D 145 47.35 22.82 -33.75
N ALA D 146 48.15 21.96 -34.37
CA ALA D 146 47.73 21.24 -35.57
C ALA D 146 46.72 20.15 -35.22
N ARG D 147 46.76 19.70 -33.97
CA ARG D 147 45.85 18.68 -33.51
C ARG D 147 44.40 19.13 -33.64
N LEU D 148 44.11 20.31 -33.07
CA LEU D 148 42.76 20.85 -33.14
C LEU D 148 42.39 21.19 -34.57
N ALA D 149 43.38 21.62 -35.35
CA ALA D 149 43.17 21.97 -36.75
C ALA D 149 42.68 20.76 -37.55
N GLU D 150 43.23 19.59 -37.24
CA GLU D 150 42.84 18.36 -37.92
C GLU D 150 41.41 17.99 -37.54
N TYR D 151 41.14 17.99 -36.24
CA TYR D 151 39.80 17.65 -35.74
C TYR D 151 38.73 18.54 -36.37
N HIS D 152 39.02 19.84 -36.44
CA HIS D 152 38.09 20.80 -37.01
C HIS D 152 37.90 20.59 -38.51
N ALA D 153 38.99 20.33 -39.22
CA ALA D 153 38.93 20.12 -40.67
C ALA D 153 38.03 18.94 -41.01
N LYS D 154 38.25 17.82 -40.31
CA LYS D 154 37.47 16.61 -40.54
C LYS D 154 36.01 16.81 -40.14
N ALA D 155 35.79 17.55 -39.05
CA ALA D 155 34.44 17.82 -38.56
C ALA D 155 33.66 18.66 -39.58
N THR D 156 34.35 19.61 -40.19
CA THR D 156 33.76 20.47 -41.20
C THR D 156 33.38 19.66 -42.44
N GLU D 157 34.25 18.74 -42.84
CA GLU D 157 34.02 17.88 -43.99
C GLU D 157 32.81 16.97 -43.76
N HIS D 158 32.70 16.44 -42.55
CA HIS D 158 31.60 15.56 -42.18
C HIS D 158 30.27 16.31 -42.15
N LEU D 159 30.32 17.59 -41.80
CA LEU D 159 29.13 18.41 -41.72
C LEU D 159 28.54 18.68 -43.10
N SER D 160 29.41 18.80 -44.10
CA SER D 160 29.00 19.06 -45.47
C SER D 160 28.03 18.00 -46.00
N THR D 161 28.33 16.73 -45.73
CA THR D 161 27.50 15.63 -46.20
C THR D 161 26.35 15.33 -45.23
N LEU D 162 26.33 15.99 -44.10
CA LEU D 162 25.29 15.78 -43.10
C LEU D 162 24.05 16.61 -43.42
N SER D 163 24.23 17.91 -43.51
CA SER D 163 23.13 18.82 -43.80
C SER D 163 23.07 19.18 -45.29
N GLU D 164 22.58 18.25 -46.09
CA GLU D 164 22.46 18.47 -47.54
C GLU D 164 21.15 17.95 -48.12
N LYS D 165 20.81 16.70 -47.80
CA LYS D 165 19.60 16.07 -48.30
C LYS D 165 18.34 16.53 -47.56
N ALA D 166 18.52 17.12 -46.38
CA ALA D 166 17.38 17.58 -45.58
C ALA D 166 16.54 18.65 -46.28
N LYS D 167 17.16 19.41 -47.18
CA LYS D 167 16.44 20.47 -47.89
C LYS D 167 15.41 19.92 -48.89
N PRO D 168 15.83 19.13 -49.91
CA PRO D 168 14.91 18.59 -50.93
C PRO D 168 13.90 17.59 -50.35
N ALA D 169 14.34 16.79 -49.38
CA ALA D 169 13.49 15.80 -48.75
C ALA D 169 12.27 16.44 -48.09
N LEU D 170 12.47 17.62 -47.49
CA LEU D 170 11.39 18.33 -46.82
C LEU D 170 10.51 19.08 -47.83
N GLU D 171 11.16 19.69 -48.82
CA GLU D 171 10.44 20.45 -49.84
C GLU D 171 9.52 19.55 -50.67
N ASP D 172 10.04 18.39 -51.07
CA ASP D 172 9.28 17.43 -51.86
C ASP D 172 8.04 16.95 -51.11
N LEU D 173 8.22 16.69 -49.83
CA LEU D 173 7.13 16.23 -48.98
C LEU D 173 6.03 17.29 -48.89
N ARG D 174 6.44 18.55 -48.80
CA ARG D 174 5.52 19.67 -48.72
C ARG D 174 4.63 19.73 -49.96
N GLN D 175 5.25 19.57 -51.13
CA GLN D 175 4.52 19.62 -52.40
C GLN D 175 3.48 18.51 -52.53
N GLY D 176 3.68 17.40 -51.84
CA GLY D 176 2.74 16.31 -51.93
C GLY D 176 1.63 16.39 -50.89
N LEU D 177 1.87 17.13 -49.82
CA LEU D 177 0.89 17.27 -48.75
C LEU D 177 -0.10 18.40 -49.01
N LEU D 178 0.38 19.49 -49.59
CA LEU D 178 -0.45 20.66 -49.88
C LEU D 178 -1.80 20.35 -50.54
N PRO D 179 -1.85 19.65 -51.69
CA PRO D 179 -3.10 19.33 -52.38
C PRO D 179 -4.14 18.65 -51.47
N VAL D 180 -3.75 17.54 -50.87
CA VAL D 180 -4.63 16.76 -50.00
C VAL D 180 -5.07 17.59 -48.78
N LEU D 181 -4.16 18.43 -48.31
CA LEU D 181 -4.42 19.28 -47.15
C LEU D 181 -5.48 20.34 -47.45
N GLU D 182 -5.44 20.87 -48.68
CA GLU D 182 -6.39 21.90 -49.10
C GLU D 182 -7.84 21.41 -49.07
N SER D 183 -8.09 20.25 -49.68
CA SER D 183 -9.44 19.70 -49.72
C SER D 183 -9.97 19.39 -48.31
N PHE D 184 -9.07 18.99 -47.42
CA PHE D 184 -9.45 18.66 -46.06
C PHE D 184 -9.98 19.89 -45.33
N LYS D 185 -9.35 21.04 -45.58
CA LYS D 185 -9.76 22.28 -44.95
C LYS D 185 -11.19 22.65 -45.32
N VAL D 186 -11.48 22.61 -46.63
CA VAL D 186 -12.81 22.94 -47.12
C VAL D 186 -13.87 22.02 -46.54
N SER D 187 -13.59 20.71 -46.56
CA SER D 187 -14.53 19.74 -46.02
C SER D 187 -14.81 19.99 -44.53
N PHE D 188 -13.76 20.35 -43.80
CA PHE D 188 -13.88 20.64 -42.37
C PHE D 188 -14.81 21.83 -42.14
N LEU D 189 -14.60 22.88 -42.92
CA LEU D 189 -15.40 24.10 -42.81
C LEU D 189 -16.84 23.89 -43.26
N SER D 190 -17.04 23.06 -44.29
CA SER D 190 -18.37 22.78 -44.79
C SER D 190 -19.25 22.11 -43.72
N ALA D 191 -18.64 21.19 -42.98
CA ALA D 191 -19.35 20.49 -41.91
C ALA D 191 -19.55 21.40 -40.71
N LEU D 192 -18.57 22.28 -40.49
CA LEU D 192 -18.59 23.23 -39.38
C LEU D 192 -19.89 24.04 -39.36
N GLU D 193 -20.18 24.69 -40.47
CA GLU D 193 -21.37 25.52 -40.62
C GLU D 193 -22.67 24.76 -40.34
N GLU D 194 -22.71 23.50 -40.74
CA GLU D 194 -23.89 22.69 -40.55
C GLU D 194 -24.16 22.38 -39.08
N TYR D 195 -23.10 22.25 -38.29
CA TYR D 195 -23.25 21.94 -36.87
C TYR D 195 -23.75 23.13 -36.07
N THR D 196 -23.15 24.30 -36.30
CA THR D 196 -23.53 25.51 -35.58
C THR D 196 -24.99 25.88 -35.83
N LYS D 197 -25.44 25.65 -37.05
CA LYS D 197 -26.82 25.96 -37.43
C LYS D 197 -27.81 25.23 -36.54
N LYS D 198 -27.49 24.00 -36.20
CA LYS D 198 -28.35 23.19 -35.36
C LYS D 198 -28.16 23.54 -33.88
N LEU D 199 -26.90 23.67 -33.47
CA LEU D 199 -26.56 23.98 -32.09
C LEU D 199 -27.17 25.30 -31.63
N ASN D 200 -27.03 26.34 -32.46
CA ASN D 200 -27.55 27.67 -32.13
C ASN D 200 -29.06 27.65 -31.92
N THR A 2 3.48 -13.37 2.33
CA THR A 2 3.03 -13.64 0.97
C THR A 2 1.94 -14.70 0.95
N GLU A 3 1.20 -14.76 -0.16
CA GLU A 3 0.13 -15.73 -0.31
C GLU A 3 0.25 -16.41 -1.67
N TYR A 4 0.05 -17.72 -1.71
CA TYR A 4 0.14 -18.48 -2.94
C TYR A 4 -1.13 -19.29 -3.18
N LYS A 5 -1.15 -20.03 -4.28
CA LYS A 5 -2.28 -20.86 -4.66
C LYS A 5 -1.80 -22.19 -5.22
N LEU A 6 -1.99 -23.27 -4.47
CA LEU A 6 -1.56 -24.60 -4.89
C LEU A 6 -2.76 -25.46 -5.29
N VAL A 7 -2.74 -25.98 -6.51
CA VAL A 7 -3.82 -26.81 -7.00
C VAL A 7 -3.31 -28.20 -7.38
N VAL A 8 -3.89 -29.22 -6.77
CA VAL A 8 -3.51 -30.60 -7.05
C VAL A 8 -4.20 -31.09 -8.31
N VAL A 9 -3.43 -31.51 -9.30
CA VAL A 9 -4.00 -32.01 -10.55
C VAL A 9 -3.57 -33.44 -10.82
N GLY A 10 -4.50 -34.27 -11.26
CA GLY A 10 -4.21 -35.65 -11.55
C GLY A 10 -5.47 -36.50 -11.56
N ALA A 11 -5.34 -37.73 -12.04
CA ALA A 11 -6.46 -38.66 -12.11
C ALA A 11 -6.78 -39.28 -10.75
N ASP A 12 -7.59 -40.33 -10.75
CA ASP A 12 -7.97 -41.01 -9.52
C ASP A 12 -7.00 -42.14 -9.19
N GLY A 13 -6.88 -42.44 -7.91
CA GLY A 13 -5.99 -43.50 -7.48
C GLY A 13 -4.52 -43.11 -7.48
N VAL A 14 -4.23 -41.86 -7.82
CA VAL A 14 -2.86 -41.39 -7.86
C VAL A 14 -2.42 -40.88 -6.49
N GLY A 15 -3.37 -40.72 -5.59
CA GLY A 15 -3.06 -40.24 -4.25
C GLY A 15 -3.10 -38.74 -4.16
N LYS A 16 -4.06 -38.12 -4.85
CA LYS A 16 -4.24 -36.67 -4.85
C LYS A 16 -4.37 -36.14 -3.41
N SER A 17 -5.38 -36.62 -2.71
CA SER A 17 -5.63 -36.20 -1.34
C SER A 17 -4.61 -36.81 -0.40
N ALA A 18 -4.09 -38.00 -0.76
CA ALA A 18 -3.12 -38.69 0.06
C ALA A 18 -1.92 -37.80 0.39
N LEU A 19 -1.44 -37.06 -0.61
CA LEU A 19 -0.31 -36.17 -0.42
C LEU A 19 -0.68 -34.99 0.48
N THR A 20 -1.86 -34.42 0.26
CA THR A 20 -2.33 -33.29 1.04
C THR A 20 -2.54 -33.67 2.51
N ILE A 21 -3.18 -34.81 2.73
CA ILE A 21 -3.46 -35.30 4.08
C ILE A 21 -2.18 -35.42 4.90
N GLN A 22 -1.13 -35.93 4.27
CA GLN A 22 0.14 -36.12 4.94
C GLN A 22 0.82 -34.80 5.29
N LEU A 23 0.49 -33.75 4.55
CA LEU A 23 1.09 -32.45 4.77
C LEU A 23 0.25 -31.59 5.72
N ILE A 24 -1.06 -31.72 5.63
CA ILE A 24 -1.96 -30.93 6.49
C ILE A 24 -2.25 -31.66 7.80
N GLN A 25 -2.92 -32.79 7.72
CA GLN A 25 -3.27 -33.58 8.90
C GLN A 25 -2.05 -34.20 9.54
N ASN A 26 -1.07 -34.58 8.71
CA ASN A 26 0.17 -35.21 9.15
C ASN A 26 -0.03 -36.68 9.51
N HIS A 27 -1.18 -36.98 10.09
CA HIS A 27 -1.53 -38.35 10.45
C HIS A 27 -2.62 -38.84 9.52
N PHE A 28 -2.41 -40.00 8.92
CA PHE A 28 -3.38 -40.54 7.99
C PHE A 28 -4.39 -41.46 8.65
N VAL A 29 -5.63 -41.38 8.19
CA VAL A 29 -6.71 -42.20 8.70
C VAL A 29 -7.32 -42.99 7.55
N ASP A 30 -8.33 -43.79 7.86
CA ASP A 30 -8.98 -44.59 6.83
C ASP A 30 -10.41 -44.14 6.57
N GLU A 31 -10.71 -43.85 5.31
CA GLU A 31 -12.04 -43.43 4.91
C GLU A 31 -12.41 -44.10 3.59
N TYR A 32 -13.58 -43.78 3.07
CA TYR A 32 -14.04 -44.38 1.83
C TYR A 32 -14.82 -43.38 0.96
N ASP A 33 -15.25 -42.29 1.57
CA ASP A 33 -16.02 -41.28 0.86
C ASP A 33 -15.13 -40.34 0.06
N PRO A 34 -15.44 -40.14 -1.24
CA PRO A 34 -14.68 -39.26 -2.14
C PRO A 34 -14.62 -37.82 -1.64
N THR A 35 -13.73 -37.04 -2.23
CA THR A 35 -13.54 -35.65 -1.84
C THR A 35 -13.73 -34.73 -3.03
N ILE A 36 -14.53 -33.69 -2.86
CA ILE A 36 -14.75 -32.72 -3.92
C ILE A 36 -13.84 -31.52 -3.71
N GLU A 37 -14.15 -30.41 -4.36
CA GLU A 37 -13.35 -29.18 -4.23
C GLU A 37 -13.19 -28.78 -2.77
N ASP A 38 -11.95 -28.71 -2.32
CA ASP A 38 -11.64 -28.35 -0.93
C ASP A 38 -10.46 -27.39 -0.90
N SER A 39 -10.32 -26.65 0.18
CA SER A 39 -9.23 -25.69 0.31
C SER A 39 -8.64 -25.75 1.71
N TYR A 40 -7.33 -25.85 1.80
CA TYR A 40 -6.66 -25.94 3.08
C TYR A 40 -5.59 -24.86 3.22
N ARG A 41 -5.72 -24.03 4.25
CA ARG A 41 -4.78 -22.95 4.48
C ARG A 41 -3.74 -23.34 5.53
N LYS A 42 -2.47 -23.12 5.21
CA LYS A 42 -1.39 -23.44 6.13
C LYS A 42 -0.22 -22.48 5.92
N GLN A 43 0.17 -21.79 6.99
CA GLN A 43 1.27 -20.84 6.91
C GLN A 43 2.59 -21.55 7.21
N VAL A 44 3.58 -21.40 6.34
CA VAL A 44 4.88 -22.04 6.53
C VAL A 44 6.03 -21.11 6.16
N VAL A 45 7.21 -21.45 6.64
CA VAL A 45 8.41 -20.66 6.34
C VAL A 45 9.22 -21.37 5.27
N ILE A 46 9.17 -20.86 4.05
CA ILE A 46 9.88 -21.44 2.94
C ILE A 46 11.10 -20.62 2.56
N ASP A 47 12.28 -21.18 2.83
CA ASP A 47 13.55 -20.54 2.52
C ASP A 47 13.72 -19.22 3.27
N GLY A 48 13.18 -19.16 4.48
CA GLY A 48 13.28 -17.96 5.28
C GLY A 48 12.06 -17.08 5.16
N GLU A 49 11.40 -17.15 4.01
CA GLU A 49 10.21 -16.33 3.75
C GLU A 49 8.96 -16.99 4.29
N THR A 50 8.21 -16.26 5.09
CA THR A 50 6.97 -16.77 5.67
C THR A 50 5.83 -16.57 4.66
N CYS A 51 5.27 -17.66 4.19
CA CYS A 51 4.21 -17.60 3.21
C CYS A 51 3.00 -18.45 3.59
N LEU A 52 1.83 -17.97 3.22
CA LEU A 52 0.59 -18.67 3.48
C LEU A 52 0.21 -19.49 2.27
N LEU A 53 0.09 -20.80 2.44
CA LEU A 53 -0.25 -21.68 1.34
C LEU A 53 -1.71 -22.09 1.37
N ASP A 54 -2.34 -22.05 0.19
CA ASP A 54 -3.73 -22.44 0.02
C ASP A 54 -3.78 -23.59 -0.98
N ILE A 55 -3.95 -24.80 -0.46
CA ILE A 55 -4.00 -25.99 -1.30
C ILE A 55 -5.44 -26.38 -1.60
N LEU A 56 -5.72 -26.72 -2.85
CA LEU A 56 -7.06 -27.09 -3.27
C LEU A 56 -7.05 -28.46 -3.95
N ASP A 57 -7.84 -29.40 -3.43
CA ASP A 57 -7.95 -30.73 -4.02
C ASP A 57 -9.02 -30.69 -5.09
N THR A 58 -8.76 -31.30 -6.23
CA THR A 58 -9.70 -31.32 -7.32
C THR A 58 -10.32 -32.69 -7.49
N ALA A 59 -11.52 -32.73 -8.05
CA ALA A 59 -12.21 -33.99 -8.28
C ALA A 59 -11.64 -34.67 -9.53
N GLY A 60 -10.67 -35.55 -9.31
CA GLY A 60 -10.05 -36.28 -10.41
C GLY A 60 -10.88 -37.45 -10.90
N GLN A 61 -12.14 -37.19 -11.14
CA GLN A 61 -13.06 -38.23 -11.61
C GLN A 61 -13.64 -37.85 -12.96
N GLU A 62 -12.99 -36.88 -13.60
CA GLU A 62 -13.41 -36.39 -14.91
C GLU A 62 -14.80 -35.77 -14.89
N GLU A 63 -15.40 -35.63 -16.07
CA GLU A 63 -16.74 -35.05 -16.24
C GLU A 63 -16.74 -33.53 -16.08
N TYR A 64 -16.10 -33.06 -15.01
CA TYR A 64 -16.05 -31.64 -14.72
C TYR A 64 -15.05 -30.91 -15.61
N SER A 65 -15.48 -30.56 -16.81
CA SER A 65 -14.62 -29.85 -17.75
C SER A 65 -14.66 -28.34 -17.45
N ALA A 66 -15.86 -27.83 -17.22
CA ALA A 66 -16.05 -26.41 -16.93
C ALA A 66 -15.65 -26.06 -15.51
N MET A 67 -15.59 -27.07 -14.65
CA MET A 67 -15.20 -26.85 -13.26
C MET A 67 -13.72 -26.47 -13.20
N ARG A 68 -12.91 -27.16 -14.00
CA ARG A 68 -11.47 -26.91 -14.06
C ARG A 68 -11.17 -25.49 -14.51
N ASP A 69 -11.98 -25.01 -15.44
CA ASP A 69 -11.83 -23.67 -16.01
C ASP A 69 -11.83 -22.57 -14.95
N GLN A 70 -12.63 -22.76 -13.90
CA GLN A 70 -12.74 -21.77 -12.84
C GLN A 70 -11.49 -21.64 -11.96
N TYR A 71 -11.17 -22.69 -11.22
CA TYR A 71 -10.02 -22.66 -10.31
C TYR A 71 -8.67 -22.51 -11.02
N MET A 72 -8.60 -22.90 -12.29
CA MET A 72 -7.35 -22.80 -13.04
C MET A 72 -6.95 -21.34 -13.26
N ARG A 73 -7.94 -20.45 -13.23
CA ARG A 73 -7.69 -19.03 -13.42
C ARG A 73 -6.95 -18.45 -12.22
N THR A 74 -7.44 -18.78 -11.03
CA THR A 74 -6.84 -18.27 -9.79
C THR A 74 -5.56 -19.01 -9.42
N GLY A 75 -5.53 -20.30 -9.68
CA GLY A 75 -4.36 -21.11 -9.37
C GLY A 75 -3.12 -20.64 -10.11
N GLU A 76 -2.12 -20.18 -9.37
CA GLU A 76 -0.87 -19.70 -9.96
C GLU A 76 0.08 -20.87 -10.23
N GLY A 77 0.06 -21.85 -9.33
CA GLY A 77 0.92 -23.00 -9.46
C GLY A 77 0.13 -24.30 -9.46
N PHE A 78 0.50 -25.22 -10.34
CA PHE A 78 -0.18 -26.49 -10.45
C PHE A 78 0.80 -27.64 -10.23
N LEU A 79 0.43 -28.56 -9.37
CA LEU A 79 1.26 -29.72 -9.09
C LEU A 79 0.74 -30.92 -9.87
N CYS A 80 1.43 -31.24 -10.96
CA CYS A 80 1.05 -32.37 -11.80
C CYS A 80 1.38 -33.68 -11.12
N VAL A 81 0.41 -34.21 -10.39
CA VAL A 81 0.59 -35.45 -9.66
C VAL A 81 0.05 -36.64 -10.45
N PHE A 82 0.88 -37.66 -10.59
CA PHE A 82 0.50 -38.86 -11.31
C PHE A 82 1.01 -40.08 -10.56
N ALA A 83 0.41 -41.22 -10.81
CA ALA A 83 0.82 -42.45 -10.16
C ALA A 83 1.76 -43.21 -11.07
N ILE A 84 2.94 -43.55 -10.56
CA ILE A 84 3.92 -44.28 -11.37
C ILE A 84 3.45 -45.69 -11.70
N ASN A 85 2.39 -46.12 -11.03
CA ASN A 85 1.83 -47.44 -11.27
C ASN A 85 0.59 -47.32 -12.16
N ASN A 86 0.37 -46.11 -12.68
CA ASN A 86 -0.78 -45.85 -13.55
C ASN A 86 -0.37 -45.00 -14.75
N THR A 87 -0.24 -45.64 -15.90
CA THR A 87 0.17 -44.96 -17.12
C THR A 87 -0.85 -43.92 -17.58
N LYS A 88 -2.13 -44.19 -17.33
CA LYS A 88 -3.19 -43.29 -17.72
C LYS A 88 -2.99 -41.89 -17.14
N SER A 89 -2.75 -41.83 -15.83
CA SER A 89 -2.55 -40.57 -15.15
C SER A 89 -1.36 -39.78 -15.69
N PHE A 90 -0.32 -40.50 -16.10
CA PHE A 90 0.88 -39.87 -16.64
C PHE A 90 0.59 -39.20 -17.99
N GLU A 91 -0.19 -39.88 -18.83
CA GLU A 91 -0.54 -39.35 -20.15
C GLU A 91 -1.59 -38.26 -20.03
N ASP A 92 -2.41 -38.35 -18.98
CA ASP A 92 -3.47 -37.37 -18.74
C ASP A 92 -2.89 -36.02 -18.35
N ILE A 93 -1.71 -36.03 -17.75
CA ILE A 93 -1.04 -34.80 -17.33
C ILE A 93 -0.81 -33.89 -18.54
N HIS A 94 -0.55 -34.50 -19.69
CA HIS A 94 -0.33 -33.75 -20.93
C HIS A 94 -1.57 -32.93 -21.27
N HIS A 95 -2.73 -33.57 -21.24
CA HIS A 95 -3.98 -32.91 -21.54
C HIS A 95 -4.31 -31.84 -20.52
N TYR A 96 -3.97 -32.12 -19.26
CA TYR A 96 -4.22 -31.17 -18.18
C TYR A 96 -3.40 -29.90 -18.40
N ARG A 97 -2.13 -30.07 -18.75
CA ARG A 97 -1.24 -28.95 -19.01
C ARG A 97 -1.74 -28.12 -20.19
N GLU A 98 -2.17 -28.81 -21.24
CA GLU A 98 -2.68 -28.15 -22.43
C GLU A 98 -3.92 -27.31 -22.10
N GLN A 99 -4.74 -27.79 -21.16
CA GLN A 99 -5.94 -27.07 -20.75
C GLN A 99 -5.55 -25.85 -19.94
N ILE A 100 -4.62 -26.04 -19.00
CA ILE A 100 -4.14 -24.95 -18.15
C ILE A 100 -3.65 -23.78 -19.00
N LYS A 101 -2.86 -24.11 -20.04
CA LYS A 101 -2.32 -23.10 -20.94
C LYS A 101 -3.42 -22.29 -21.62
N ARG A 102 -4.51 -22.96 -21.97
CA ARG A 102 -5.62 -22.31 -22.64
C ARG A 102 -6.48 -21.52 -21.65
N VAL A 103 -6.71 -22.08 -20.48
CA VAL A 103 -7.53 -21.44 -19.47
C VAL A 103 -6.92 -20.12 -18.97
N LYS A 104 -5.62 -20.14 -18.69
CA LYS A 104 -4.93 -18.95 -18.19
C LYS A 104 -4.43 -18.07 -19.32
N ASP A 105 -4.35 -18.64 -20.52
CA ASP A 105 -3.87 -17.92 -21.70
C ASP A 105 -2.42 -17.48 -21.51
N SER A 106 -1.57 -18.42 -21.13
CA SER A 106 -0.16 -18.14 -20.91
C SER A 106 0.68 -19.40 -21.22
N GLU A 107 1.90 -19.18 -21.67
CA GLU A 107 2.80 -20.28 -21.98
C GLU A 107 3.62 -20.64 -20.75
N ASP A 108 4.08 -19.59 -20.07
CA ASP A 108 4.88 -19.74 -18.85
C ASP A 108 3.98 -19.99 -17.66
N VAL A 109 3.88 -21.24 -17.24
CA VAL A 109 3.06 -21.60 -16.10
C VAL A 109 3.86 -22.40 -15.08
N PRO A 110 3.91 -21.92 -13.82
CA PRO A 110 4.65 -22.60 -12.75
C PRO A 110 4.01 -23.96 -12.44
N MET A 111 4.65 -25.02 -12.91
CA MET A 111 4.15 -26.37 -12.70
C MET A 111 5.28 -27.30 -12.30
N VAL A 112 4.96 -28.32 -11.52
CA VAL A 112 5.94 -29.30 -11.09
C VAL A 112 5.37 -30.70 -11.25
N LEU A 113 6.13 -31.57 -11.90
CA LEU A 113 5.71 -32.95 -12.12
C LEU A 113 6.06 -33.81 -10.90
N VAL A 114 5.04 -34.35 -10.27
CA VAL A 114 5.23 -35.16 -9.08
C VAL A 114 4.69 -36.57 -9.27
N GLY A 115 5.56 -37.55 -9.07
CA GLY A 115 5.16 -38.94 -9.19
C GLY A 115 4.92 -39.54 -7.83
N ASN A 116 3.70 -40.01 -7.60
CA ASN A 116 3.36 -40.61 -6.31
C ASN A 116 3.29 -42.13 -6.40
N LYS A 117 3.29 -42.79 -5.24
CA LYS A 117 3.23 -44.25 -5.13
C LYS A 117 4.53 -44.90 -5.60
N CYS A 118 5.64 -44.21 -5.38
CA CYS A 118 6.95 -44.73 -5.75
C CYS A 118 7.37 -45.84 -4.79
N ASP A 119 6.59 -46.03 -3.73
CA ASP A 119 6.86 -47.07 -2.74
C ASP A 119 6.25 -48.40 -3.18
N LEU A 120 5.61 -48.40 -4.34
CA LEU A 120 5.00 -49.61 -4.86
C LEU A 120 5.90 -50.26 -5.91
N PRO A 121 6.06 -51.60 -5.84
CA PRO A 121 6.89 -52.34 -6.78
C PRO A 121 6.25 -52.42 -8.17
N SER A 122 7.06 -52.71 -9.18
CA SER A 122 6.59 -52.82 -10.56
C SER A 122 5.96 -51.51 -11.04
N ARG A 123 6.81 -50.51 -11.28
CA ARG A 123 6.34 -49.21 -11.73
C ARG A 123 6.08 -49.22 -13.23
N THR A 124 4.83 -48.90 -13.60
CA THR A 124 4.43 -48.85 -15.00
C THR A 124 5.09 -47.66 -15.69
N VAL A 125 5.14 -46.54 -14.99
CA VAL A 125 5.74 -45.34 -15.51
C VAL A 125 7.19 -45.24 -15.03
N ASP A 126 8.11 -45.23 -15.98
CA ASP A 126 9.53 -45.14 -15.65
C ASP A 126 9.93 -43.73 -15.32
N THR A 127 10.99 -43.60 -14.54
CA THR A 127 11.50 -42.31 -14.16
C THR A 127 12.05 -41.58 -15.39
N LYS A 128 12.58 -42.36 -16.32
CA LYS A 128 13.14 -41.82 -17.56
C LYS A 128 12.10 -41.03 -18.35
N GLN A 129 10.97 -41.66 -18.65
CA GLN A 129 9.92 -40.99 -19.41
C GLN A 129 9.35 -39.80 -18.65
N ALA A 130 9.32 -39.92 -17.32
CA ALA A 130 8.82 -38.85 -16.47
C ALA A 130 9.72 -37.62 -16.57
N GLN A 131 11.01 -37.82 -16.35
CA GLN A 131 11.97 -36.74 -16.42
C GLN A 131 12.09 -36.20 -17.84
N ASP A 132 11.97 -37.09 -18.83
CA ASP A 132 12.06 -36.70 -20.23
C ASP A 132 10.99 -35.69 -20.58
N LEU A 133 9.76 -35.95 -20.15
CA LEU A 133 8.65 -35.06 -20.43
C LEU A 133 8.77 -33.78 -19.60
N ALA A 134 9.24 -33.91 -18.37
CA ALA A 134 9.42 -32.77 -17.49
C ALA A 134 10.45 -31.82 -18.07
N ARG A 135 11.54 -32.38 -18.57
CA ARG A 135 12.61 -31.62 -19.18
C ARG A 135 12.11 -30.88 -20.40
N SER A 136 11.25 -31.54 -21.18
CA SER A 136 10.68 -30.96 -22.39
C SER A 136 9.76 -29.77 -22.07
N TYR A 137 9.18 -29.76 -20.88
CA TYR A 137 8.29 -28.68 -20.48
C TYR A 137 9.00 -27.68 -19.57
N GLY A 138 10.25 -27.97 -19.24
CA GLY A 138 11.02 -27.10 -18.38
C GLY A 138 10.50 -27.09 -16.96
N ILE A 139 9.85 -28.17 -16.56
CA ILE A 139 9.29 -28.28 -15.22
C ILE A 139 10.07 -29.32 -14.41
N PRO A 140 10.18 -29.11 -13.11
CA PRO A 140 10.90 -30.03 -12.23
C PRO A 140 10.09 -31.30 -11.96
N PHE A 141 10.79 -32.41 -11.73
CA PHE A 141 10.14 -33.68 -11.45
C PHE A 141 10.64 -34.21 -10.11
N ILE A 142 9.73 -34.70 -9.27
CA ILE A 142 10.11 -35.23 -7.97
C ILE A 142 9.38 -36.54 -7.68
N GLU A 143 10.13 -37.54 -7.22
CA GLU A 143 9.56 -38.82 -6.84
C GLU A 143 9.04 -38.70 -5.41
N THR A 144 7.80 -39.07 -5.19
CA THR A 144 7.21 -38.96 -3.86
C THR A 144 6.48 -40.23 -3.44
N SER A 145 6.22 -40.31 -2.14
CA SER A 145 5.52 -41.44 -1.57
C SER A 145 4.60 -40.93 -0.46
N ALA A 146 3.30 -40.91 -0.74
CA ALA A 146 2.32 -40.45 0.23
C ALA A 146 2.32 -41.34 1.47
N LYS A 147 2.51 -42.63 1.27
CA LYS A 147 2.53 -43.59 2.36
C LYS A 147 3.72 -43.35 3.30
N THR A 148 4.86 -42.99 2.72
CA THR A 148 6.06 -42.77 3.52
C THR A 148 6.26 -41.29 3.89
N ARG A 149 5.48 -40.39 3.26
CA ARG A 149 5.57 -38.94 3.53
C ARG A 149 6.85 -38.34 2.91
N GLN A 150 7.62 -39.18 2.25
CA GLN A 150 8.87 -38.75 1.63
C GLN A 150 8.63 -38.04 0.30
N GLY A 151 9.28 -36.89 0.14
CA GLY A 151 9.16 -36.12 -1.08
C GLY A 151 8.01 -35.15 -1.09
N VAL A 152 7.02 -35.39 -0.25
CA VAL A 152 5.83 -34.53 -0.18
C VAL A 152 6.18 -33.08 0.09
N ASP A 153 6.93 -32.85 1.16
CA ASP A 153 7.34 -31.50 1.56
C ASP A 153 8.15 -30.82 0.46
N ASP A 154 9.15 -31.52 -0.05
CA ASP A 154 10.03 -30.99 -1.10
C ASP A 154 9.24 -30.61 -2.35
N ALA A 155 8.26 -31.45 -2.70
CA ALA A 155 7.44 -31.21 -3.87
C ALA A 155 6.70 -29.87 -3.78
N PHE A 156 6.04 -29.64 -2.66
CA PHE A 156 5.29 -28.42 -2.44
C PHE A 156 6.21 -27.20 -2.44
N TYR A 157 7.37 -27.35 -1.82
CA TYR A 157 8.35 -26.25 -1.75
C TYR A 157 8.82 -25.89 -3.15
N THR A 158 9.00 -26.90 -3.99
CA THR A 158 9.44 -26.69 -5.36
C THR A 158 8.41 -25.92 -6.17
N LEU A 159 7.13 -26.25 -5.98
CA LEU A 159 6.06 -25.56 -6.69
C LEU A 159 6.06 -24.08 -6.35
N VAL A 160 6.22 -23.78 -5.06
CA VAL A 160 6.27 -22.40 -4.59
C VAL A 160 7.51 -21.70 -5.17
N ARG A 161 8.60 -22.45 -5.27
CA ARG A 161 9.85 -21.93 -5.81
C ARG A 161 9.65 -21.46 -7.25
N GLU A 162 8.95 -22.27 -8.03
CA GLU A 162 8.67 -21.95 -9.43
C GLU A 162 7.86 -20.66 -9.53
N ILE A 163 6.85 -20.53 -8.67
CA ILE A 163 5.99 -19.35 -8.66
C ILE A 163 6.80 -18.08 -8.37
N ARG A 164 7.72 -18.19 -7.41
CA ARG A 164 8.57 -17.06 -7.04
C ARG A 164 9.43 -16.60 -8.21
N LYS A 165 9.93 -17.54 -8.98
CA LYS A 165 10.76 -17.23 -10.14
C LYS A 165 9.91 -16.68 -11.28
N HIS A 166 8.70 -17.21 -11.40
CA HIS A 166 7.76 -16.79 -12.42
C HIS A 166 7.41 -15.32 -12.27
N LYS A 167 7.15 -14.91 -11.04
CA LYS A 167 6.81 -13.52 -10.75
C LYS A 167 7.94 -12.59 -11.13
N GLU A 168 9.18 -12.97 -10.81
CA GLU A 168 10.34 -12.17 -11.14
C GLU A 168 10.50 -12.11 -12.66
N LYS A 169 10.30 -13.25 -13.31
CA LYS A 169 10.42 -13.36 -14.75
C LYS A 169 9.40 -12.43 -15.43
N MET A 170 8.18 -12.42 -14.89
CA MET A 170 7.11 -11.60 -15.42
C MET A 170 7.41 -10.11 -15.24
N SER A 171 8.08 -9.77 -14.15
CA SER A 171 8.43 -8.39 -13.85
C SER A 171 9.40 -7.83 -14.91
N LYS A 172 10.36 -8.67 -15.32
CA LYS A 172 11.33 -8.26 -16.34
C LYS A 172 10.69 -8.34 -17.72
N ASP A 173 9.86 -9.38 -17.92
CA ASP A 173 9.16 -9.60 -19.18
C ASP A 173 10.13 -9.89 -20.33
N GLY A 174 9.68 -9.66 -21.56
CA GLY A 174 10.53 -9.90 -22.72
C GLY A 174 10.36 -8.81 -23.76
N LYS A 175 9.11 -8.51 -24.09
CA LYS A 175 8.79 -7.48 -25.08
C LYS A 175 7.48 -6.78 -24.74
N LYS A 176 7.32 -5.55 -25.24
CA LYS A 176 6.12 -4.74 -25.00
C LYS A 176 6.08 -4.14 -23.59
N LYS A 177 6.26 -4.98 -22.57
CA LYS A 177 6.25 -4.50 -21.20
C LYS A 177 7.63 -3.99 -20.78
N LYS A 178 8.42 -4.89 -20.20
CA LYS A 178 9.79 -4.57 -19.74
C LYS A 178 9.82 -3.35 -18.82
N LYS A 179 9.28 -3.50 -17.61
CA LYS A 179 9.26 -2.41 -16.63
C LYS A 179 10.38 -2.55 -15.61
N LYS A 180 10.78 -3.79 -15.35
CA LYS A 180 11.84 -4.05 -14.37
C LYS A 180 12.97 -4.87 -14.97
N SER A 181 13.15 -4.74 -16.28
CA SER A 181 14.19 -5.46 -17.00
C SER A 181 15.58 -4.89 -16.72
N LYS A 182 16.27 -5.44 -15.74
CA LYS A 182 17.60 -4.99 -15.39
C LYS A 182 18.62 -5.59 -16.35
N THR A 183 19.32 -4.73 -17.07
CA THR A 183 20.32 -5.18 -18.03
C THR A 183 21.72 -4.79 -17.58
N LYS A 184 22.62 -5.77 -17.57
CA LYS A 184 24.01 -5.54 -17.16
C LYS A 184 24.97 -5.97 -18.26
N THR B 2 -9.08 -3.59 17.53
CA THR B 2 -10.31 -4.21 17.03
C THR B 2 -10.83 -5.26 18.01
N GLU B 3 -12.10 -5.15 18.36
CA GLU B 3 -12.72 -6.08 19.28
C GLU B 3 -13.41 -7.19 18.49
N TYR B 4 -13.35 -8.41 18.99
CA TYR B 4 -13.98 -9.54 18.32
C TYR B 4 -14.76 -10.39 19.33
N LYS B 5 -16.08 -10.37 19.21
CA LYS B 5 -16.94 -11.14 20.10
C LYS B 5 -17.02 -12.58 19.59
N LEU B 6 -16.35 -13.48 20.29
CA LEU B 6 -16.33 -14.88 19.90
C LEU B 6 -17.11 -15.73 20.90
N VAL B 7 -18.03 -16.52 20.38
CA VAL B 7 -18.83 -17.38 21.23
C VAL B 7 -18.62 -18.85 20.87
N VAL B 8 -18.11 -19.63 21.80
CA VAL B 8 -17.88 -21.05 21.57
C VAL B 8 -19.15 -21.83 21.85
N VAL B 9 -19.60 -22.58 20.87
CA VAL B 9 -20.82 -23.37 21.01
C VAL B 9 -20.53 -24.86 20.97
N GLY B 10 -21.34 -25.63 21.66
CA GLY B 10 -21.17 -27.06 21.71
C GLY B 10 -21.82 -27.66 22.94
N ALA B 11 -22.05 -28.96 22.91
CA ALA B 11 -22.68 -29.67 24.02
C ALA B 11 -21.66 -29.94 25.13
N ASP B 12 -22.12 -30.57 26.19
CA ASP B 12 -21.24 -30.89 27.31
C ASP B 12 -20.41 -32.12 26.98
N GLY B 13 -19.25 -32.22 27.61
CA GLY B 13 -18.37 -33.35 27.36
C GLY B 13 -17.39 -33.10 26.22
N VAL B 14 -17.56 -31.99 25.52
CA VAL B 14 -16.67 -31.66 24.39
C VAL B 14 -15.44 -30.87 24.87
N GLY B 15 -15.57 -30.21 26.00
CA GLY B 15 -14.46 -29.44 26.54
C GLY B 15 -14.51 -27.98 26.16
N LYS B 16 -15.65 -27.35 26.44
CA LYS B 16 -15.84 -25.94 26.14
C LYS B 16 -14.83 -25.08 26.89
N SER B 17 -14.64 -25.39 28.17
CA SER B 17 -13.72 -24.65 29.02
C SER B 17 -12.26 -25.09 28.82
N ALA B 18 -12.06 -26.27 28.28
CA ALA B 18 -10.73 -26.80 28.06
C ALA B 18 -9.97 -25.95 27.05
N LEU B 19 -10.60 -25.70 25.92
CA LEU B 19 -9.99 -24.92 24.85
C LEU B 19 -9.82 -23.46 25.25
N THR B 20 -10.79 -22.94 26.00
CA THR B 20 -10.74 -21.56 26.44
C THR B 20 -9.67 -21.33 27.49
N ILE B 21 -9.64 -22.19 28.51
CA ILE B 21 -8.65 -22.08 29.58
C ILE B 21 -7.23 -22.31 29.05
N GLN B 22 -7.07 -23.24 28.13
CA GLN B 22 -5.76 -23.54 27.55
C GLN B 22 -5.27 -22.41 26.66
N LEU B 23 -6.20 -21.54 26.25
CA LEU B 23 -5.86 -20.41 25.41
C LEU B 23 -5.59 -19.17 26.25
N ILE B 24 -6.47 -18.92 27.21
CA ILE B 24 -6.36 -17.74 28.07
C ILE B 24 -5.27 -17.91 29.13
N GLN B 25 -5.42 -18.88 30.01
CA GLN B 25 -4.47 -19.11 31.08
C GLN B 25 -3.37 -20.09 30.68
N ASN B 26 -3.65 -20.90 29.67
CA ASN B 26 -2.69 -21.90 29.18
C ASN B 26 -2.43 -22.97 30.21
N HIS B 27 -3.48 -23.35 30.93
CA HIS B 27 -3.39 -24.38 31.95
C HIS B 27 -4.37 -25.51 31.66
N PHE B 28 -3.97 -26.74 31.99
CA PHE B 28 -4.82 -27.89 31.77
C PHE B 28 -5.26 -28.47 33.11
N VAL B 29 -6.55 -28.59 33.29
CA VAL B 29 -7.11 -29.12 34.53
C VAL B 29 -7.32 -30.63 34.44
N ASP B 30 -7.60 -31.24 35.59
CA ASP B 30 -7.82 -32.68 35.66
C ASP B 30 -9.24 -32.96 36.17
N GLU B 31 -9.78 -32.02 36.92
CA GLU B 31 -11.12 -32.13 37.48
C GLU B 31 -12.12 -31.40 36.58
N TYR B 32 -13.35 -31.27 37.04
CA TYR B 32 -14.38 -30.59 36.26
C TYR B 32 -14.36 -29.09 36.52
N ASP B 33 -14.74 -28.33 35.50
CA ASP B 33 -14.78 -26.87 35.60
C ASP B 33 -16.21 -26.36 35.60
N PRO B 34 -16.63 -25.69 36.68
CA PRO B 34 -17.99 -25.13 36.79
C PRO B 34 -18.16 -23.91 35.90
N THR B 35 -18.83 -24.10 34.76
CA THR B 35 -19.05 -23.02 33.83
C THR B 35 -20.53 -22.75 33.60
N ILE B 36 -20.92 -21.51 33.85
CA ILE B 36 -22.29 -21.06 33.64
C ILE B 36 -22.25 -19.87 32.69
N GLU B 37 -21.37 -18.94 33.01
CA GLU B 37 -21.18 -17.74 32.21
C GLU B 37 -19.77 -17.18 32.48
N ASP B 38 -18.79 -17.82 31.89
CA ASP B 38 -17.39 -17.41 32.06
C ASP B 38 -16.95 -16.51 30.92
N SER B 39 -16.23 -15.46 31.24
CA SER B 39 -15.75 -14.54 30.23
C SER B 39 -14.35 -14.07 30.55
N TYR B 40 -13.42 -14.29 29.63
CA TYR B 40 -12.04 -13.90 29.81
C TYR B 40 -11.63 -12.95 28.70
N ARG B 41 -10.66 -12.10 28.98
CA ARG B 41 -10.17 -11.14 28.00
C ARG B 41 -8.70 -11.39 27.69
N LYS B 42 -8.33 -11.27 26.42
CA LYS B 42 -6.95 -11.49 26.01
C LYS B 42 -6.60 -10.64 24.78
N GLN B 43 -5.53 -9.88 24.91
CA GLN B 43 -5.06 -9.03 23.83
C GLN B 43 -3.92 -9.71 23.10
N VAL B 44 -4.19 -10.21 21.90
CA VAL B 44 -3.18 -10.90 21.12
C VAL B 44 -2.99 -10.25 19.76
N VAL B 45 -1.91 -10.61 19.08
CA VAL B 45 -1.61 -10.07 17.76
C VAL B 45 -1.93 -11.11 16.70
N ILE B 46 -3.00 -10.88 15.96
CA ILE B 46 -3.42 -11.81 14.91
C ILE B 46 -3.14 -11.23 13.53
N ASP B 47 -2.14 -11.82 12.87
CA ASP B 47 -1.75 -11.40 11.51
C ASP B 47 -1.31 -9.94 11.44
N GLY B 48 -0.65 -9.47 12.49
CA GLY B 48 -0.18 -8.10 12.52
C GLY B 48 -1.26 -7.11 12.90
N GLU B 49 -2.00 -7.41 13.96
CA GLU B 49 -3.07 -6.53 14.45
C GLU B 49 -3.39 -6.84 15.91
N THR B 50 -3.51 -5.81 16.72
CA THR B 50 -3.86 -5.98 18.12
C THR B 50 -5.35 -6.27 18.23
N CYS B 51 -5.71 -7.48 18.64
CA CYS B 51 -7.10 -7.85 18.75
C CYS B 51 -7.56 -8.00 20.19
N LEU B 52 -8.70 -7.40 20.51
CA LEU B 52 -9.30 -7.49 21.83
C LEU B 52 -10.33 -8.61 21.79
N LEU B 53 -9.92 -9.80 22.20
CA LEU B 53 -10.79 -10.96 22.18
C LEU B 53 -11.74 -11.03 23.35
N ASP B 54 -13.02 -11.15 23.03
CA ASP B 54 -14.07 -11.25 24.02
C ASP B 54 -14.81 -12.56 23.80
N ILE B 55 -14.31 -13.62 24.41
CA ILE B 55 -14.91 -14.93 24.25
C ILE B 55 -15.75 -15.32 25.47
N LEU B 56 -16.97 -15.81 25.21
CA LEU B 56 -17.86 -16.23 26.28
C LEU B 56 -17.94 -17.75 26.36
N ASP B 57 -17.62 -18.27 27.54
CA ASP B 57 -17.65 -19.71 27.79
C ASP B 57 -19.05 -20.11 28.23
N THR B 58 -19.75 -20.85 27.39
CA THR B 58 -21.10 -21.27 27.69
C THR B 58 -21.20 -22.79 27.89
N ALA B 59 -22.16 -23.20 28.71
CA ALA B 59 -22.36 -24.61 29.00
C ALA B 59 -23.21 -25.26 27.91
N GLY B 60 -22.99 -26.54 27.66
CA GLY B 60 -23.75 -27.24 26.65
C GLY B 60 -24.63 -28.30 27.24
N GLN B 61 -25.26 -27.99 28.36
CA GLN B 61 -26.15 -28.93 29.03
C GLN B 61 -27.58 -28.83 28.48
N GLU B 62 -27.72 -28.10 27.37
CA GLU B 62 -28.99 -27.90 26.70
C GLU B 62 -30.03 -27.15 27.55
N GLU B 63 -31.25 -27.08 27.04
CA GLU B 63 -32.35 -26.39 27.72
C GLU B 63 -32.07 -24.89 27.79
N TYR B 64 -31.36 -24.39 26.79
CA TYR B 64 -30.99 -22.99 26.72
C TYR B 64 -31.63 -22.33 25.50
N SER B 65 -32.84 -22.75 25.19
CA SER B 65 -33.57 -22.22 24.05
C SER B 65 -33.74 -20.70 24.10
N ALA B 66 -33.88 -20.15 25.30
CA ALA B 66 -34.06 -18.72 25.46
C ALA B 66 -32.73 -18.00 25.67
N MET B 67 -31.91 -18.54 26.56
CA MET B 67 -30.61 -17.95 26.88
C MET B 67 -29.68 -17.89 25.66
N ARG B 68 -29.72 -18.94 24.83
CA ARG B 68 -28.88 -19.02 23.64
C ARG B 68 -29.15 -17.86 22.68
N ASP B 69 -30.41 -17.50 22.54
CA ASP B 69 -30.84 -16.42 21.65
C ASP B 69 -30.13 -15.10 21.96
N GLN B 70 -29.88 -14.86 23.24
CA GLN B 70 -29.22 -13.62 23.67
C GLN B 70 -27.78 -13.51 23.18
N TYR B 71 -26.90 -14.38 23.65
CA TYR B 71 -25.49 -14.32 23.26
C TYR B 71 -25.27 -14.59 21.77
N MET B 72 -26.22 -15.26 21.13
CA MET B 72 -26.13 -15.56 19.71
C MET B 72 -26.31 -14.28 18.90
N ARG B 73 -26.97 -13.31 19.51
CA ARG B 73 -27.21 -12.03 18.87
C ARG B 73 -25.98 -11.15 18.95
N THR B 74 -25.41 -11.05 20.15
CA THR B 74 -24.22 -10.22 20.37
C THR B 74 -22.96 -10.79 19.69
N GLY B 75 -22.74 -12.10 19.86
CA GLY B 75 -21.57 -12.74 19.28
C GLY B 75 -21.44 -12.54 17.79
N GLU B 76 -20.25 -12.14 17.35
CA GLU B 76 -19.98 -11.91 15.94
C GLU B 76 -19.55 -13.20 15.26
N GLY B 77 -18.66 -13.93 15.92
CA GLY B 77 -18.15 -15.17 15.38
C GLY B 77 -18.42 -16.32 16.32
N PHE B 78 -18.74 -17.48 15.78
CA PHE B 78 -19.05 -18.64 16.59
C PHE B 78 -18.06 -19.77 16.35
N LEU B 79 -17.66 -20.42 17.42
CA LEU B 79 -16.73 -21.54 17.34
C LEU B 79 -17.46 -22.84 17.61
N CYS B 80 -17.66 -23.62 16.58
CA CYS B 80 -18.35 -24.90 16.69
C CYS B 80 -17.39 -25.98 17.17
N VAL B 81 -17.48 -26.33 18.44
CA VAL B 81 -16.61 -27.34 19.01
C VAL B 81 -17.37 -28.63 19.30
N PHE B 82 -16.84 -29.74 18.80
CA PHE B 82 -17.45 -31.04 19.01
C PHE B 82 -16.40 -32.04 19.49
N ALA B 83 -16.85 -33.18 19.97
CA ALA B 83 -15.96 -34.21 20.45
C ALA B 83 -15.91 -35.36 19.45
N ILE B 84 -14.71 -35.73 19.01
CA ILE B 84 -14.55 -36.80 18.04
C ILE B 84 -14.94 -38.17 18.62
N ASN B 85 -15.15 -38.22 19.93
CA ASN B 85 -15.53 -39.44 20.61
C ASN B 85 -17.02 -39.43 20.91
N ASN B 86 -17.65 -38.27 20.78
CA ASN B 86 -19.07 -38.14 21.06
C ASN B 86 -19.84 -37.77 19.80
N THR B 87 -20.57 -38.75 19.26
CA THR B 87 -21.33 -38.56 18.03
C THR B 87 -22.43 -37.51 18.19
N LYS B 88 -23.00 -37.42 19.39
CA LYS B 88 -24.07 -36.45 19.65
C LYS B 88 -23.63 -35.02 19.34
N SER B 89 -22.46 -34.64 19.82
CA SER B 89 -21.92 -33.30 19.59
C SER B 89 -21.72 -33.03 18.11
N PHE B 90 -21.37 -34.07 17.35
CA PHE B 90 -21.15 -33.93 15.92
C PHE B 90 -22.45 -33.58 15.22
N GLU B 91 -23.54 -34.21 15.66
CA GLU B 91 -24.85 -33.95 15.08
C GLU B 91 -25.36 -32.60 15.57
N ASP B 92 -25.00 -32.26 16.81
CA ASP B 92 -25.41 -30.99 17.41
C ASP B 92 -24.85 -29.81 16.63
N ILE B 93 -23.74 -30.02 15.93
CA ILE B 93 -23.12 -28.98 15.14
C ILE B 93 -24.12 -28.35 14.17
N HIS B 94 -24.90 -29.20 13.53
CA HIS B 94 -25.92 -28.75 12.58
C HIS B 94 -27.03 -27.99 13.30
N HIS B 95 -27.52 -28.58 14.39
CA HIS B 95 -28.59 -27.99 15.18
C HIS B 95 -28.22 -26.60 15.69
N TYR B 96 -27.00 -26.50 16.23
CA TYR B 96 -26.50 -25.24 16.74
C TYR B 96 -26.33 -24.21 15.63
N ARG B 97 -25.79 -24.65 14.49
CA ARG B 97 -25.55 -23.76 13.36
C ARG B 97 -26.85 -23.12 12.86
N GLU B 98 -27.86 -23.95 12.61
CA GLU B 98 -29.14 -23.46 12.13
C GLU B 98 -29.79 -22.51 13.14
N GLN B 99 -29.57 -22.78 14.44
CA GLN B 99 -30.12 -21.93 15.49
C GLN B 99 -29.46 -20.56 15.44
N ILE B 100 -28.16 -20.55 15.19
CA ILE B 100 -27.39 -19.31 15.09
C ILE B 100 -27.97 -18.41 13.99
N LYS B 101 -28.12 -18.98 12.81
CA LYS B 101 -28.65 -18.26 11.66
C LYS B 101 -30.08 -17.81 11.89
N ARG B 102 -30.82 -18.61 12.66
CA ARG B 102 -32.21 -18.31 12.99
C ARG B 102 -32.28 -17.05 13.86
N VAL B 103 -31.40 -16.96 14.82
CA VAL B 103 -31.36 -15.83 15.72
C VAL B 103 -30.79 -14.58 15.04
N LYS B 104 -29.66 -14.74 14.37
CA LYS B 104 -29.00 -13.62 13.69
C LYS B 104 -29.72 -13.21 12.41
N ASP B 105 -30.63 -14.05 11.94
CA ASP B 105 -31.41 -13.79 10.72
C ASP B 105 -30.48 -13.56 9.54
N SER B 106 -29.47 -14.42 9.42
CA SER B 106 -28.51 -14.31 8.35
C SER B 106 -27.90 -15.68 8.06
N GLU B 107 -27.79 -16.01 6.78
CA GLU B 107 -27.20 -17.27 6.37
C GLU B 107 -25.68 -17.15 6.44
N ASP B 108 -25.20 -15.91 6.40
CA ASP B 108 -23.77 -15.64 6.44
C ASP B 108 -23.35 -15.29 7.86
N VAL B 109 -22.66 -16.23 8.50
CA VAL B 109 -22.18 -16.06 9.87
C VAL B 109 -20.78 -16.67 10.00
N PRO B 110 -19.78 -15.89 10.47
CA PRO B 110 -18.42 -16.39 10.63
C PRO B 110 -18.35 -17.53 11.65
N MET B 111 -18.00 -18.71 11.16
CA MET B 111 -17.91 -19.89 12.01
C MET B 111 -16.71 -20.76 11.64
N VAL B 112 -16.24 -21.53 12.61
CA VAL B 112 -15.11 -22.43 12.41
C VAL B 112 -15.37 -23.73 13.17
N LEU B 113 -15.15 -24.86 12.51
CA LEU B 113 -15.38 -26.16 13.12
C LEU B 113 -14.11 -26.66 13.80
N VAL B 114 -14.19 -26.87 15.10
CA VAL B 114 -13.06 -27.35 15.88
C VAL B 114 -13.35 -28.71 16.50
N GLY B 115 -12.46 -29.66 16.26
CA GLY B 115 -12.62 -30.99 16.80
C GLY B 115 -11.67 -31.23 17.96
N ASN B 116 -12.22 -31.44 19.14
CA ASN B 116 -11.40 -31.68 20.32
C ASN B 116 -11.36 -33.18 20.63
N LYS B 117 -10.63 -33.55 21.69
CA LYS B 117 -10.49 -34.93 22.12
C LYS B 117 -9.60 -35.73 21.17
N CYS B 118 -8.77 -35.03 20.41
CA CYS B 118 -7.88 -35.68 19.44
C CYS B 118 -6.79 -36.51 20.13
N ASP B 119 -6.76 -36.46 21.45
CA ASP B 119 -5.80 -37.24 22.22
C ASP B 119 -6.33 -38.65 22.42
N LEU B 120 -7.66 -38.77 22.46
CA LEU B 120 -8.31 -40.05 22.65
C LEU B 120 -8.22 -40.91 21.40
N PRO B 121 -7.96 -42.21 21.56
CA PRO B 121 -7.83 -43.14 20.44
C PRO B 121 -9.19 -43.70 20.02
N SER B 122 -9.24 -44.25 18.80
CA SER B 122 -10.45 -44.82 18.24
C SER B 122 -11.59 -43.80 18.22
N ARG B 123 -11.47 -42.84 17.31
CA ARG B 123 -12.46 -41.79 17.17
C ARG B 123 -13.76 -42.30 16.54
N THR B 124 -14.88 -41.79 17.00
CA THR B 124 -16.18 -42.18 16.48
C THR B 124 -16.50 -41.35 15.23
N VAL B 125 -15.97 -40.13 15.20
CA VAL B 125 -16.16 -39.23 14.07
C VAL B 125 -14.95 -39.29 13.16
N ASP B 126 -15.16 -39.56 11.89
CA ASP B 126 -14.07 -39.66 10.91
C ASP B 126 -13.54 -38.28 10.54
N THR B 127 -12.26 -38.21 10.25
CA THR B 127 -11.63 -36.95 9.87
C THR B 127 -12.22 -36.40 8.57
N LYS B 128 -12.23 -37.22 7.52
CA LYS B 128 -12.78 -36.79 6.23
C LYS B 128 -14.27 -36.50 6.38
N GLN B 129 -14.92 -37.24 7.26
CA GLN B 129 -16.35 -37.07 7.52
C GLN B 129 -16.61 -35.68 8.07
N ALA B 130 -15.80 -35.28 9.04
CA ALA B 130 -15.93 -33.97 9.65
C ALA B 130 -15.56 -32.87 8.65
N GLN B 131 -14.51 -33.13 7.86
CA GLN B 131 -14.06 -32.18 6.85
C GLN B 131 -15.15 -31.95 5.81
N ASP B 132 -15.88 -33.01 5.51
CA ASP B 132 -16.96 -32.95 4.54
C ASP B 132 -18.09 -32.05 5.03
N LEU B 133 -18.47 -32.24 6.29
CA LEU B 133 -19.52 -31.45 6.90
C LEU B 133 -19.14 -29.97 6.94
N ALA B 134 -17.90 -29.71 7.34
CA ALA B 134 -17.38 -28.35 7.44
C ALA B 134 -17.36 -27.69 6.06
N ARG B 135 -16.93 -28.44 5.07
CA ARG B 135 -16.86 -27.94 3.69
C ARG B 135 -18.25 -27.60 3.14
N SER B 136 -19.26 -28.36 3.57
CA SER B 136 -20.62 -28.12 3.12
C SER B 136 -21.11 -26.76 3.63
N TYR B 137 -20.62 -26.38 4.81
CA TYR B 137 -21.00 -25.10 5.40
C TYR B 137 -20.12 -23.99 4.85
N GLY B 138 -18.90 -24.35 4.48
CA GLY B 138 -17.96 -23.39 3.94
C GLY B 138 -17.08 -22.83 5.04
N ILE B 139 -16.84 -23.66 6.06
CA ILE B 139 -16.03 -23.26 7.20
C ILE B 139 -14.82 -24.19 7.35
N PRO B 140 -13.71 -23.66 7.92
CA PRO B 140 -12.50 -24.44 8.13
C PRO B 140 -12.61 -25.40 9.32
N PHE B 141 -12.15 -26.62 9.12
CA PHE B 141 -12.16 -27.63 10.18
C PHE B 141 -10.76 -27.79 10.75
N ILE B 142 -10.63 -27.63 12.06
CA ILE B 142 -9.34 -27.73 12.71
C ILE B 142 -9.38 -28.70 13.89
N GLU B 143 -8.51 -29.71 13.87
CA GLU B 143 -8.42 -30.68 14.94
C GLU B 143 -7.52 -30.14 16.03
N THR B 144 -7.96 -30.25 17.27
CA THR B 144 -7.17 -29.74 18.39
C THR B 144 -7.11 -30.74 19.54
N SER B 145 -6.05 -30.67 20.31
CA SER B 145 -5.86 -31.54 21.47
C SER B 145 -5.62 -30.69 22.70
N ALA B 146 -6.54 -30.76 23.65
CA ALA B 146 -6.44 -29.97 24.88
C ALA B 146 -5.28 -30.41 25.75
N LYS B 147 -4.88 -31.67 25.63
CA LYS B 147 -3.77 -32.20 26.43
C LYS B 147 -2.42 -31.72 25.91
N THR B 148 -2.28 -31.63 24.59
CA THR B 148 -1.03 -31.20 23.99
C THR B 148 -1.07 -29.73 23.60
N ARG B 149 -2.24 -29.11 23.73
CA ARG B 149 -2.44 -27.70 23.38
C ARG B 149 -2.00 -27.42 21.94
N GLN B 150 -2.40 -28.30 21.02
CA GLN B 150 -2.03 -28.15 19.62
C GLN B 150 -3.20 -27.70 18.78
N GLY B 151 -2.99 -26.69 17.94
CA GLY B 151 -4.03 -26.20 17.07
C GLY B 151 -4.90 -25.13 17.70
N VAL B 152 -4.68 -24.88 18.99
CA VAL B 152 -5.46 -23.88 19.71
C VAL B 152 -5.33 -22.51 19.08
N ASP B 153 -4.09 -22.11 18.83
CA ASP B 153 -3.80 -20.81 18.25
C ASP B 153 -4.41 -20.68 16.86
N ASP B 154 -4.17 -21.69 16.02
CA ASP B 154 -4.67 -21.69 14.65
C ASP B 154 -6.19 -21.62 14.59
N ALA B 155 -6.85 -22.38 15.45
CA ALA B 155 -8.30 -22.41 15.49
C ALA B 155 -8.91 -21.04 15.77
N PHE B 156 -8.44 -20.40 16.83
CA PHE B 156 -8.95 -19.09 17.20
C PHE B 156 -8.50 -17.98 16.25
N TYR B 157 -7.26 -18.06 15.80
CA TYR B 157 -6.72 -17.05 14.88
C TYR B 157 -7.43 -17.09 13.54
N THR B 158 -7.68 -18.29 13.03
CA THR B 158 -8.37 -18.46 11.76
C THR B 158 -9.80 -17.93 11.86
N LEU B 159 -10.44 -18.16 13.00
CA LEU B 159 -11.81 -17.71 13.21
C LEU B 159 -11.90 -16.20 13.02
N VAL B 160 -10.99 -15.47 13.66
CA VAL B 160 -10.95 -14.02 13.55
C VAL B 160 -10.61 -13.59 12.12
N ARG B 161 -9.73 -14.36 11.48
CA ARG B 161 -9.32 -14.09 10.11
C ARG B 161 -10.51 -14.19 9.16
N GLU B 162 -11.38 -15.17 9.40
CA GLU B 162 -12.57 -15.36 8.58
C GLU B 162 -13.53 -14.18 8.75
N ILE B 163 -13.63 -13.69 9.98
CA ILE B 163 -14.50 -12.55 10.30
C ILE B 163 -14.07 -11.32 9.50
N ARG B 164 -12.76 -11.09 9.44
CA ARG B 164 -12.22 -9.95 8.71
C ARG B 164 -12.60 -10.03 7.24
N LYS B 165 -12.45 -11.22 6.67
CA LYS B 165 -12.79 -11.44 5.26
C LYS B 165 -14.29 -11.26 5.05
N HIS B 166 -15.06 -11.64 6.07
CA HIS B 166 -16.51 -11.54 6.02
C HIS B 166 -16.94 -10.08 5.91
N LYS B 167 -16.34 -9.23 6.74
CA LYS B 167 -16.66 -7.82 6.74
C LYS B 167 -16.24 -7.17 5.42
N GLU B 168 -15.10 -7.62 4.90
CA GLU B 168 -14.58 -7.13 3.64
C GLU B 168 -15.52 -7.52 2.51
N LYS B 169 -15.94 -8.79 2.53
CA LYS B 169 -16.85 -9.32 1.53
C LYS B 169 -18.21 -8.65 1.61
N MET B 170 -18.62 -8.32 2.83
CA MET B 170 -19.90 -7.65 3.05
C MET B 170 -19.90 -6.26 2.45
N SER B 171 -18.77 -5.57 2.59
CA SER B 171 -18.63 -4.23 2.05
C SER B 171 -18.69 -4.24 0.52
N LYS B 172 -17.90 -5.10 -0.10
CA LYS B 172 -17.85 -5.21 -1.55
C LYS B 172 -17.16 -6.52 -1.94
N ASP B 173 -17.04 -6.76 -3.23
CA ASP B 173 -16.37 -7.98 -3.71
C ASP B 173 -14.90 -7.72 -3.96
N GLY B 174 -14.07 -8.64 -3.51
CA GLY B 174 -12.64 -8.50 -3.68
C GLY B 174 -11.86 -9.33 -2.70
N LYS B 175 -10.60 -9.60 -3.04
CA LYS B 175 -9.74 -10.39 -2.18
C LYS B 175 -8.70 -9.51 -1.51
N LYS B 176 -8.38 -9.82 -0.27
CA LYS B 176 -7.40 -9.06 0.48
C LYS B 176 -5.99 -9.53 0.17
N LYS B 177 -5.01 -8.76 0.60
CA LYS B 177 -3.61 -9.10 0.37
C LYS B 177 -2.84 -9.04 1.68
N LYS B 178 -1.62 -9.56 1.69
CA LYS B 178 -0.81 -9.55 2.89
C LYS B 178 0.33 -8.55 2.75
N LYS B 179 0.79 -8.04 3.88
CA LYS B 179 1.86 -7.06 3.90
C LYS B 179 3.22 -7.76 4.00
N LYS B 180 4.09 -7.45 3.05
CA LYS B 180 5.42 -8.04 3.02
C LYS B 180 6.29 -7.42 4.09
N SER B 181 6.71 -8.23 5.05
CA SER B 181 7.55 -7.77 6.16
C SER B 181 8.93 -7.32 5.68
N LYS B 182 9.86 -8.27 5.61
CA LYS B 182 11.23 -7.99 5.19
C LYS B 182 11.93 -9.30 4.83
N THR B 183 13.16 -9.19 4.34
CA THR B 183 13.94 -10.36 3.96
C THR B 183 15.26 -10.40 4.72
N LYS B 184 15.92 -11.55 4.69
CA LYS B 184 17.21 -11.74 5.34
C LYS B 184 18.30 -10.94 4.64
N SER C 14 35.67 3.55 -41.23
CA SER C 14 36.26 3.55 -39.89
C SER C 14 37.79 3.49 -39.98
N THR C 15 38.29 3.70 -41.18
CA THR C 15 39.72 3.69 -41.44
C THR C 15 40.42 4.78 -40.64
N PHE C 16 39.75 5.92 -40.52
CA PHE C 16 40.28 7.06 -39.79
C PHE C 16 40.48 6.70 -38.32
N SER C 17 39.55 5.94 -37.79
CA SER C 17 39.61 5.50 -36.40
C SER C 17 40.77 4.55 -36.17
N LYS C 18 41.01 3.68 -37.14
CA LYS C 18 42.09 2.71 -37.06
C LYS C 18 43.45 3.41 -37.04
N LEU C 19 43.54 4.53 -37.76
CA LEU C 19 44.77 5.30 -37.82
C LEU C 19 44.98 6.04 -36.50
N ARG C 20 43.88 6.46 -35.89
CA ARG C 20 43.91 7.17 -34.63
C ARG C 20 44.40 6.27 -33.51
N GLU C 21 43.86 5.07 -33.45
CA GLU C 21 44.20 4.08 -32.42
C GLU C 21 45.61 3.51 -32.61
N GLN C 22 46.30 3.90 -33.67
CA GLN C 22 47.65 3.41 -33.92
C GLN C 22 48.72 4.40 -33.49
N LEU C 23 48.56 5.65 -33.88
CA LEU C 23 49.53 6.69 -33.53
C LEU C 23 49.39 7.12 -32.07
N GLY C 24 48.20 6.93 -31.51
CA GLY C 24 47.94 7.30 -30.14
C GLY C 24 48.89 6.69 -29.12
N PRO C 25 48.84 5.35 -28.93
CA PRO C 25 49.68 4.64 -27.96
C PRO C 25 51.17 4.98 -28.07
N VAL C 26 51.65 5.18 -29.29
CA VAL C 26 53.06 5.50 -29.52
C VAL C 26 53.49 6.73 -28.72
N THR C 27 52.79 7.84 -28.94
CA THR C 27 53.09 9.08 -28.26
C THR C 27 52.59 9.04 -26.82
N GLN C 28 51.58 8.20 -26.58
CA GLN C 28 51.00 8.05 -25.25
C GLN C 28 52.07 7.66 -24.25
N GLU C 29 52.89 6.68 -24.62
CA GLU C 29 53.96 6.20 -23.75
C GLU C 29 54.99 7.30 -23.52
N PHE C 30 55.26 8.09 -24.55
CA PHE C 30 56.22 9.18 -24.45
C PHE C 30 55.76 10.20 -23.42
N TRP C 31 54.48 10.53 -23.44
CA TRP C 31 53.90 11.48 -22.50
C TRP C 31 53.95 10.96 -21.08
N ASP C 32 53.72 9.65 -20.93
CA ASP C 32 53.73 9.01 -19.62
C ASP C 32 55.12 9.05 -19.01
N ASN C 33 56.11 8.69 -19.82
CA ASN C 33 57.50 8.66 -19.36
C ASN C 33 57.96 10.06 -18.95
N LEU C 34 57.54 11.08 -19.69
CA LEU C 34 57.91 12.45 -19.38
C LEU C 34 57.22 12.92 -18.10
N GLU C 35 55.97 12.53 -17.93
CA GLU C 35 55.19 12.91 -16.76
C GLU C 35 55.82 12.31 -15.49
N LYS C 36 56.39 11.12 -15.62
CA LYS C 36 57.01 10.45 -14.50
C LYS C 36 58.21 11.25 -13.96
N GLU C 37 58.89 11.96 -14.85
CA GLU C 37 60.03 12.78 -14.48
C GLU C 37 59.58 13.93 -13.59
N THR C 38 58.45 14.53 -13.95
CA THR C 38 57.88 15.62 -13.18
C THR C 38 57.31 15.09 -11.86
N GLU C 39 56.79 13.88 -11.93
CA GLU C 39 56.21 13.21 -10.75
C GLU C 39 57.27 13.05 -9.67
N GLY C 40 58.43 12.50 -10.06
CA GLY C 40 59.51 12.31 -9.12
C GLY C 40 59.99 13.63 -8.55
N LEU C 41 60.08 14.63 -9.42
CA LEU C 41 60.50 15.96 -9.00
C LEU C 41 59.55 16.53 -7.97
N ARG C 42 58.26 16.36 -8.22
CA ARG C 42 57.23 16.83 -7.31
C ARG C 42 57.27 16.05 -5.99
N GLN C 43 57.61 14.77 -6.07
CA GLN C 43 57.71 13.93 -4.89
C GLN C 43 58.82 14.43 -3.97
N GLU C 44 59.93 14.86 -4.57
CA GLU C 44 61.06 15.41 -3.82
C GLU C 44 60.60 16.60 -3.01
N MET C 45 59.71 17.38 -3.60
CA MET C 45 59.16 18.56 -2.96
C MET C 45 58.30 18.16 -1.77
N SER C 46 57.49 17.14 -1.96
CA SER C 46 56.62 16.63 -0.89
C SER C 46 57.47 16.11 0.27
N LYS C 47 58.58 15.46 -0.07
CA LYS C 47 59.49 14.90 0.91
C LYS C 47 59.99 15.99 1.86
N ASP C 48 60.37 17.12 1.29
CA ASP C 48 60.87 18.25 2.08
C ASP C 48 59.78 18.78 3.00
N LEU C 49 58.60 19.01 2.43
CA LEU C 49 57.47 19.53 3.20
C LEU C 49 57.07 18.55 4.31
N GLU C 50 57.11 17.26 4.01
CA GLU C 50 56.75 16.23 4.99
C GLU C 50 57.68 16.32 6.20
N GLU C 51 58.93 16.67 5.95
CA GLU C 51 59.91 16.81 7.01
C GLU C 51 59.64 18.07 7.83
N VAL C 52 59.38 19.17 7.11
CA VAL C 52 59.11 20.46 7.75
C VAL C 52 57.86 20.37 8.64
N LYS C 53 56.85 19.64 8.17
CA LYS C 53 55.61 19.46 8.91
C LYS C 53 55.87 18.79 10.26
N ALA C 54 56.82 17.88 10.29
CA ALA C 54 57.15 17.15 11.51
C ALA C 54 58.16 17.91 12.38
N LYS C 55 58.76 18.93 11.81
CA LYS C 55 59.75 19.73 12.55
C LYS C 55 59.08 20.70 13.51
N VAL C 56 58.13 21.48 13.02
CA VAL C 56 57.45 22.46 13.84
C VAL C 56 56.33 21.84 14.68
N GLN C 57 56.04 20.56 14.41
CA GLN C 57 54.97 19.84 15.12
C GLN C 57 55.19 19.76 16.64
N PRO C 58 56.33 19.20 17.11
CA PRO C 58 56.61 19.08 18.55
C PRO C 58 56.67 20.42 19.26
N TYR C 59 57.11 21.45 18.55
CA TYR C 59 57.22 22.79 19.12
C TYR C 59 55.85 23.41 19.37
N LEU C 60 54.92 23.18 18.45
CA LEU C 60 53.58 23.72 18.59
C LEU C 60 52.83 23.01 19.71
N ASP C 61 53.17 21.74 19.94
CA ASP C 61 52.53 20.95 20.99
C ASP C 61 52.79 21.54 22.37
N ASP C 62 54.04 21.92 22.63
CA ASP C 62 54.42 22.52 23.91
C ASP C 62 53.69 23.83 24.15
N PHE C 63 53.58 24.64 23.09
CA PHE C 63 52.89 25.92 23.16
C PHE C 63 51.42 25.72 23.49
N GLN C 64 50.81 24.72 22.86
CA GLN C 64 49.40 24.42 23.05
C GLN C 64 49.14 23.94 24.48
N LYS C 65 50.05 23.14 25.01
CA LYS C 65 49.93 22.62 26.36
C LYS C 65 50.05 23.74 27.39
N LYS C 66 50.91 24.72 27.10
CA LYS C 66 51.11 25.84 28.00
C LYS C 66 49.87 26.72 28.04
N TRP C 67 49.22 26.84 26.89
CA TRP C 67 47.99 27.62 26.77
C TRP C 67 46.88 26.93 27.56
N GLN C 68 46.95 25.60 27.61
CA GLN C 68 45.96 24.81 28.33
C GLN C 68 45.96 25.16 29.81
N GLU C 69 47.15 25.38 30.36
CA GLU C 69 47.30 25.73 31.77
C GLU C 69 46.58 27.03 32.09
N GLU C 70 46.74 28.01 31.21
CA GLU C 70 46.11 29.31 31.39
C GLU C 70 44.59 29.17 31.41
N MET C 71 44.07 28.40 30.47
CA MET C 71 42.63 28.17 30.35
C MET C 71 42.09 27.40 31.55
N GLU C 72 42.83 26.38 31.98
CA GLU C 72 42.41 25.55 33.11
C GLU C 72 42.47 26.35 34.42
N LEU C 73 43.45 27.25 34.52
CA LEU C 73 43.60 28.07 35.72
C LEU C 73 42.37 28.95 35.92
N TYR C 74 41.90 29.56 34.83
CA TYR C 74 40.72 30.41 34.89
C TYR C 74 39.47 29.58 35.16
N ARG C 75 39.47 28.35 34.63
CA ARG C 75 38.36 27.43 34.81
C ARG C 75 38.11 27.15 36.29
N GLN C 76 39.20 27.04 37.05
CA GLN C 76 39.13 26.78 38.49
C GLN C 76 38.74 28.05 39.25
N LYS C 77 39.06 29.19 38.66
CA LYS C 77 38.80 30.49 39.27
C LYS C 77 37.34 30.91 39.09
N VAL C 78 36.79 30.66 37.91
CA VAL C 78 35.42 31.05 37.60
C VAL C 78 34.36 30.12 38.23
N GLU C 79 34.79 28.90 38.59
CA GLU C 79 33.88 27.92 39.18
C GLU C 79 33.18 28.42 40.46
N PRO C 80 33.93 28.84 41.50
CA PRO C 80 33.32 29.32 42.75
C PRO C 80 32.37 30.50 42.52
N LEU C 81 32.78 31.42 41.66
CA LEU C 81 31.97 32.58 41.34
C LEU C 81 30.66 32.16 40.69
N ARG C 82 30.75 31.13 39.84
CA ARG C 82 29.58 30.61 39.13
C ARG C 82 28.50 30.19 40.10
N ALA C 83 28.91 29.57 41.21
CA ALA C 83 27.97 29.12 42.23
C ALA C 83 27.27 30.29 42.89
N GLU C 84 28.03 31.34 43.18
CA GLU C 84 27.48 32.54 43.82
C GLU C 84 26.49 33.25 42.92
N LEU C 85 26.88 33.46 41.66
CA LEU C 85 26.03 34.13 40.69
C LEU C 85 24.73 33.35 40.48
N GLN C 86 24.85 32.03 40.47
CA GLN C 86 23.70 31.14 40.28
C GLN C 86 22.76 31.24 41.49
N GLU C 87 23.35 31.36 42.67
CA GLU C 87 22.60 31.44 43.91
C GLU C 87 21.88 32.78 44.05
N GLY C 88 22.58 33.87 43.77
CA GLY C 88 21.99 35.19 43.86
C GLY C 88 20.72 35.33 43.05
N ALA C 89 20.73 34.74 41.85
CA ALA C 89 19.58 34.80 40.96
C ALA C 89 18.44 33.92 41.44
N ARG C 90 18.77 32.85 42.19
CA ARG C 90 17.79 31.91 42.70
C ARG C 90 16.72 32.59 43.54
N GLN C 91 17.14 33.44 44.45
CA GLN C 91 16.20 34.13 45.33
C GLN C 91 15.37 35.17 44.59
N LYS C 92 15.91 35.66 43.46
CA LYS C 92 15.24 36.66 42.65
C LYS C 92 13.89 36.18 42.11
N LEU C 93 13.81 34.89 41.79
CA LEU C 93 12.57 34.35 41.25
C LEU C 93 11.57 34.01 42.35
N HIS C 94 12.03 33.31 43.38
CA HIS C 94 11.16 32.92 44.49
C HIS C 94 10.46 34.12 45.13
N GLU C 95 11.18 35.22 45.23
CA GLU C 95 10.64 36.44 45.83
C GLU C 95 9.53 37.05 44.99
N LEU C 96 9.59 36.87 43.68
CA LEU C 96 8.59 37.46 42.78
C LEU C 96 7.48 36.48 42.41
N GLN C 97 7.86 35.26 42.07
CA GLN C 97 6.89 34.23 41.67
C GLN C 97 5.79 34.03 42.70
N GLU C 98 6.16 33.87 43.96
CA GLU C 98 5.19 33.67 45.04
C GLU C 98 4.23 34.85 45.19
N LYS C 99 4.73 36.04 44.90
CA LYS C 99 3.92 37.25 45.03
C LYS C 99 2.91 37.40 43.90
N LEU C 100 3.28 36.97 42.71
CA LEU C 100 2.40 37.09 41.53
C LEU C 100 1.42 35.93 41.41
N SER C 101 1.68 34.86 42.15
CA SER C 101 0.83 33.67 42.11
C SER C 101 -0.65 33.94 42.45
N PRO C 102 -0.96 34.56 43.62
CA PRO C 102 -2.35 34.83 44.03
C PRO C 102 -3.11 35.68 43.01
N LEU C 103 -2.40 36.61 42.39
CA LEU C 103 -3.00 37.49 41.40
C LEU C 103 -3.43 36.73 40.16
N GLY C 104 -2.57 35.84 39.70
CA GLY C 104 -2.88 35.04 38.53
C GLY C 104 -3.92 33.99 38.82
N GLU C 105 -3.90 33.47 40.04
CA GLU C 105 -4.84 32.44 40.47
C GLU C 105 -6.28 32.93 40.45
N GLU C 106 -6.54 34.07 41.08
CA GLU C 106 -7.88 34.63 41.14
C GLU C 106 -8.41 34.95 39.75
N MET C 107 -7.57 35.57 38.93
CA MET C 107 -7.97 35.93 37.56
C MET C 107 -8.22 34.68 36.73
N ARG C 108 -7.48 33.62 37.05
CA ARG C 108 -7.63 32.34 36.36
C ARG C 108 -9.05 31.81 36.50
N ASP C 109 -9.57 31.82 37.71
CA ASP C 109 -10.92 31.35 37.97
C ASP C 109 -11.95 32.30 37.38
N ARG C 110 -11.70 33.60 37.49
CA ARG C 110 -12.62 34.61 36.97
C ARG C 110 -12.85 34.39 35.48
N ALA C 111 -11.79 34.06 34.76
CA ALA C 111 -11.86 33.80 33.34
C ALA C 111 -12.73 32.59 33.05
N ARG C 112 -12.47 31.49 33.78
CA ARG C 112 -13.23 30.25 33.60
C ARG C 112 -14.71 30.48 33.87
N ALA C 113 -14.99 31.23 34.95
CA ALA C 113 -16.35 31.52 35.34
C ALA C 113 -17.10 32.29 34.26
N HIS C 114 -16.42 33.26 33.65
CA HIS C 114 -17.03 34.06 32.60
C HIS C 114 -17.23 33.23 31.34
N VAL C 115 -16.23 32.42 30.99
CA VAL C 115 -16.29 31.58 29.81
C VAL C 115 -17.49 30.62 29.87
N ASP C 116 -17.70 30.01 31.02
CA ASP C 116 -18.82 29.08 31.20
C ASP C 116 -20.15 29.82 31.11
N ALA C 117 -20.21 30.99 31.73
CA ALA C 117 -21.42 31.80 31.72
C ALA C 117 -21.76 32.26 30.31
N LEU C 118 -20.73 32.53 29.51
CA LEU C 118 -20.90 32.98 28.13
C LEU C 118 -21.49 31.86 27.27
N ARG C 119 -21.26 30.61 27.67
CA ARG C 119 -21.78 29.48 26.93
C ARG C 119 -23.30 29.37 27.15
N THR C 120 -23.72 29.57 28.39
CA THR C 120 -25.14 29.49 28.74
C THR C 120 -25.90 30.72 28.25
N HIS C 121 -25.23 31.87 28.22
CA HIS C 121 -25.83 33.13 27.77
C HIS C 121 -25.86 33.20 26.23
N LEU C 122 -25.47 32.10 25.60
CA LEU C 122 -25.45 32.05 24.15
C LEU C 122 -26.35 30.95 23.59
N ALA C 123 -26.33 29.79 24.25
CA ALA C 123 -27.10 28.62 23.83
C ALA C 123 -28.57 28.88 23.46
N PRO C 124 -29.42 29.35 24.40
CA PRO C 124 -30.85 29.60 24.13
C PRO C 124 -31.09 30.53 22.94
N TYR C 125 -30.36 31.62 22.91
CA TYR C 125 -30.50 32.60 21.84
C TYR C 125 -30.06 32.02 20.50
N SER C 126 -29.07 31.16 20.52
CA SER C 126 -28.55 30.54 19.31
C SER C 126 -29.48 29.43 18.83
N ASP C 127 -29.95 28.61 19.76
CA ASP C 127 -30.85 27.50 19.45
C ASP C 127 -32.15 28.00 18.82
N GLU C 128 -32.73 29.04 19.42
CA GLU C 128 -33.97 29.62 18.91
C GLU C 128 -33.80 30.21 17.53
N LEU C 129 -32.66 30.86 17.32
CA LEU C 129 -32.33 31.50 16.06
C LEU C 129 -32.15 30.48 14.93
N ARG C 130 -31.28 29.50 15.15
CA ARG C 130 -31.02 28.47 14.15
C ARG C 130 -32.26 27.64 13.86
N GLN C 131 -33.16 27.55 14.85
CA GLN C 131 -34.39 26.80 14.71
C GLN C 131 -35.25 27.38 13.60
N ARG C 132 -35.37 28.71 13.60
CA ARG C 132 -36.18 29.40 12.60
C ARG C 132 -35.55 29.27 11.22
N LEU C 133 -34.22 29.38 11.17
CA LEU C 133 -33.51 29.29 9.91
C LEU C 133 -33.65 27.90 9.29
N ALA C 134 -33.73 26.88 10.13
CA ALA C 134 -33.89 25.50 9.67
C ALA C 134 -35.11 25.35 8.77
N ALA C 135 -36.23 25.89 9.24
CA ALA C 135 -37.47 25.83 8.48
C ALA C 135 -37.41 26.76 7.27
N ARG C 136 -36.73 27.88 7.44
CA ARG C 136 -36.58 28.87 6.38
C ARG C 136 -35.85 28.27 5.17
N LEU C 137 -34.80 27.51 5.44
CA LEU C 137 -34.03 26.87 4.39
C LEU C 137 -34.83 25.78 3.70
N GLU C 138 -35.72 25.13 4.45
CA GLU C 138 -36.55 24.05 3.92
C GLU C 138 -37.61 24.60 2.95
N ALA C 139 -38.29 25.66 3.36
CA ALA C 139 -39.33 26.27 2.52
C ALA C 139 -38.75 26.73 1.19
N LEU C 140 -37.57 27.32 1.25
CA LEU C 140 -36.89 27.81 0.06
C LEU C 140 -36.48 26.66 -0.86
N LYS C 141 -36.04 25.57 -0.25
CA LYS C 141 -35.61 24.39 -0.99
C LYS C 141 -36.76 23.77 -1.77
N GLU C 142 -37.93 23.72 -1.14
CA GLU C 142 -39.11 23.14 -1.76
C GLU C 142 -39.46 23.81 -3.09
N ASN C 143 -39.59 25.13 -3.07
CA ASN C 143 -39.92 25.89 -4.27
C ASN C 143 -38.81 25.82 -5.30
N GLY C 144 -37.57 25.77 -4.83
CA GLY C 144 -36.43 25.71 -5.72
C GLY C 144 -36.33 24.39 -6.45
N GLY C 145 -36.52 23.30 -5.72
CA GLY C 145 -36.45 21.97 -6.30
C GLY C 145 -37.47 21.75 -7.41
N ALA C 146 -38.64 22.34 -7.25
CA ALA C 146 -39.72 22.23 -8.22
C ALA C 146 -39.29 22.76 -9.59
N ARG C 147 -38.62 23.91 -9.57
CA ARG C 147 -38.15 24.52 -10.81
C ARG C 147 -36.88 23.85 -11.32
N LEU C 148 -36.10 23.31 -10.41
CA LEU C 148 -34.85 22.62 -10.74
C LEU C 148 -35.14 21.41 -11.63
N ALA C 149 -36.21 20.69 -11.30
CA ALA C 149 -36.59 19.50 -12.06
C ALA C 149 -36.92 19.85 -13.51
N GLU C 150 -37.45 21.05 -13.74
CA GLU C 150 -37.82 21.49 -15.08
C GLU C 150 -36.55 21.76 -15.89
N TYR C 151 -35.56 22.34 -15.23
CA TYR C 151 -34.29 22.66 -15.88
C TYR C 151 -33.53 21.38 -16.24
N HIS C 152 -33.58 20.40 -15.34
CA HIS C 152 -32.91 19.12 -15.55
C HIS C 152 -33.38 18.44 -16.83
N ALA C 153 -34.68 18.51 -17.07
CA ALA C 153 -35.28 17.89 -18.25
C ALA C 153 -34.75 18.54 -19.52
N LYS C 154 -34.69 19.86 -19.52
CA LYS C 154 -34.20 20.62 -20.68
C LYS C 154 -32.71 20.38 -20.90
N ALA C 155 -31.95 20.39 -19.82
CA ALA C 155 -30.50 20.20 -19.87
C ALA C 155 -30.12 18.90 -20.54
N THR C 156 -30.80 17.82 -20.19
CA THR C 156 -30.54 16.52 -20.76
C THR C 156 -30.74 16.50 -22.28
N GLU C 157 -31.86 17.06 -22.74
CA GLU C 157 -32.17 17.10 -24.16
C GLU C 157 -31.23 18.04 -24.91
N HIS C 158 -30.91 19.16 -24.26
CA HIS C 158 -30.03 20.17 -24.82
C HIS C 158 -28.63 19.60 -25.04
N LEU C 159 -28.21 18.70 -24.16
CA LEU C 159 -26.90 18.09 -24.24
C LEU C 159 -26.88 16.91 -25.20
N SER C 160 -27.96 16.15 -25.24
CA SER C 160 -28.03 14.98 -26.10
C SER C 160 -28.54 15.33 -27.50
N THR C 161 -27.71 16.02 -28.27
CA THR C 161 -28.08 16.39 -29.64
C THR C 161 -26.85 16.44 -30.55
N LEU C 162 -25.89 17.31 -30.21
CA LEU C 162 -24.67 17.49 -30.98
C LEU C 162 -23.85 16.19 -31.07
N SER C 163 -23.84 15.46 -29.97
CA SER C 163 -23.08 14.21 -29.89
C SER C 163 -23.57 13.16 -30.89
N GLU C 164 -24.88 13.10 -31.07
CA GLU C 164 -25.50 12.14 -31.99
C GLU C 164 -25.14 12.43 -33.45
N LYS C 165 -24.98 13.71 -33.77
CA LYS C 165 -24.66 14.11 -35.13
C LYS C 165 -23.19 14.45 -35.31
N ALA C 166 -22.35 13.86 -34.46
CA ALA C 166 -20.91 14.08 -34.52
C ALA C 166 -20.18 12.80 -34.92
N LYS C 167 -20.64 11.68 -34.35
CA LYS C 167 -20.04 10.37 -34.62
C LYS C 167 -20.01 10.01 -36.11
N PRO C 168 -21.16 10.07 -36.83
CA PRO C 168 -21.19 9.71 -38.26
C PRO C 168 -20.24 10.55 -39.11
N ALA C 169 -20.20 11.85 -38.84
CA ALA C 169 -19.34 12.76 -39.59
C ALA C 169 -17.87 12.47 -39.32
N LEU C 170 -17.58 12.01 -38.11
CA LEU C 170 -16.21 11.68 -37.72
C LEU C 170 -15.69 10.49 -38.51
N GLU C 171 -16.51 9.44 -38.60
CA GLU C 171 -16.14 8.23 -39.31
C GLU C 171 -16.08 8.49 -40.82
N ASP C 172 -17.04 9.27 -41.30
CA ASP C 172 -17.11 9.62 -42.72
C ASP C 172 -15.84 10.36 -43.14
N LEU C 173 -15.35 11.23 -42.26
CA LEU C 173 -14.15 12.00 -42.52
C LEU C 173 -12.91 11.12 -42.43
N ARG C 174 -12.97 10.11 -41.56
CA ARG C 174 -11.86 9.18 -41.38
C ARG C 174 -11.57 8.44 -42.67
N GLN C 175 -12.62 7.94 -43.31
CA GLN C 175 -12.50 7.19 -44.55
C GLN C 175 -11.99 8.07 -45.69
N GLY C 176 -12.36 9.35 -45.65
CA GLY C 176 -11.95 10.27 -46.69
C GLY C 176 -10.48 10.63 -46.58
N LEU C 177 -9.91 10.44 -45.40
CA LEU C 177 -8.51 10.74 -45.16
C LEU C 177 -7.69 9.46 -44.95
N LEU C 178 -7.99 8.44 -45.74
CA LEU C 178 -7.29 7.17 -45.64
C LEU C 178 -6.56 6.76 -46.94
N PRO C 179 -7.26 6.74 -48.10
CA PRO C 179 -6.65 6.34 -49.38
C PRO C 179 -5.28 6.98 -49.66
N VAL C 180 -5.23 8.31 -49.64
CA VAL C 180 -3.99 9.02 -49.89
C VAL C 180 -2.95 8.74 -48.80
N LEU C 181 -3.41 8.63 -47.57
CA LEU C 181 -2.53 8.37 -46.44
C LEU C 181 -1.80 7.04 -46.60
N GLU C 182 -2.54 6.06 -47.13
CA GLU C 182 -1.97 4.73 -47.35
C GLU C 182 -0.79 4.80 -48.30
N SER C 183 -1.00 5.43 -49.46
CA SER C 183 0.04 5.57 -50.47
C SER C 183 1.19 6.42 -49.94
N PHE C 184 0.85 7.43 -49.16
CA PHE C 184 1.83 8.32 -48.59
C PHE C 184 2.76 7.59 -47.63
N LYS C 185 2.19 6.71 -46.81
CA LYS C 185 2.98 5.93 -45.86
C LYS C 185 3.93 4.99 -46.61
N VAL C 186 3.39 4.30 -47.61
CA VAL C 186 4.17 3.36 -48.40
C VAL C 186 5.35 4.05 -49.07
N SER C 187 5.09 5.19 -49.71
CA SER C 187 6.13 5.94 -50.39
C SER C 187 7.20 6.43 -49.42
N PHE C 188 6.79 6.82 -48.22
CA PHE C 188 7.72 7.30 -47.21
C PHE C 188 8.62 6.17 -46.73
N LEU C 189 8.06 4.97 -46.64
CA LEU C 189 8.81 3.80 -46.18
C LEU C 189 10.02 3.53 -47.08
N SER C 190 9.84 3.66 -48.39
CA SER C 190 10.91 3.44 -49.34
C SER C 190 12.04 4.45 -49.14
N ALA C 191 11.67 5.69 -48.81
CA ALA C 191 12.63 6.76 -48.59
C ALA C 191 13.29 6.62 -47.23
N LEU C 192 12.51 6.17 -46.25
CA LEU C 192 13.01 5.98 -44.88
C LEU C 192 14.21 5.03 -44.87
N GLU C 193 14.02 3.85 -45.43
CA GLU C 193 15.10 2.86 -45.49
C GLU C 193 16.27 3.40 -46.32
N GLU C 194 15.95 4.16 -47.36
CA GLU C 194 16.97 4.75 -48.23
C GLU C 194 17.88 5.68 -47.43
N TYR C 195 17.30 6.39 -46.49
CA TYR C 195 18.05 7.31 -45.65
C TYR C 195 19.04 6.56 -44.78
N THR C 196 18.56 5.49 -44.15
CA THR C 196 19.39 4.66 -43.28
C THR C 196 20.58 4.05 -44.00
N LYS C 197 20.37 3.64 -45.26
CA LYS C 197 21.43 3.03 -46.07
C LYS C 197 22.65 3.94 -46.20
N LYS C 198 22.40 5.20 -46.51
CA LYS C 198 23.47 6.17 -46.67
C LYS C 198 24.09 6.53 -45.32
N LEU C 199 23.29 6.44 -44.25
CA LEU C 199 23.75 6.77 -42.91
C LEU C 199 24.70 5.72 -42.35
N ASN C 200 24.24 4.46 -42.32
CA ASN C 200 25.04 3.36 -41.80
C ASN C 200 26.32 3.14 -42.59
N SER D 14 -20.65 22.94 -37.49
CA SER D 14 -20.99 24.35 -37.50
C SER D 14 -22.49 24.55 -37.33
N THR D 15 -23.27 24.03 -38.27
CA THR D 15 -24.72 24.16 -38.25
C THR D 15 -25.32 23.54 -36.98
N PHE D 16 -24.79 22.41 -36.56
CA PHE D 16 -25.30 21.74 -35.36
C PHE D 16 -25.05 22.57 -34.11
N SER D 17 -23.87 23.16 -34.01
CA SER D 17 -23.51 23.98 -32.87
C SER D 17 -24.37 25.24 -32.84
N LYS D 18 -24.74 25.71 -34.02
CA LYS D 18 -25.57 26.90 -34.14
C LYS D 18 -26.95 26.65 -33.51
N LEU D 19 -27.47 25.45 -33.71
CA LEU D 19 -28.77 25.09 -33.15
C LEU D 19 -28.67 24.99 -31.64
N ARG D 20 -27.60 24.38 -31.17
CA ARG D 20 -27.35 24.22 -29.73
C ARG D 20 -27.26 25.61 -29.09
N GLU D 21 -26.63 26.52 -29.80
CA GLU D 21 -26.46 27.88 -29.36
C GLU D 21 -27.79 28.61 -29.30
N GLN D 22 -28.66 28.30 -30.26
CA GLN D 22 -29.97 28.92 -30.36
C GLN D 22 -30.86 28.54 -29.16
N LEU D 23 -30.74 27.29 -28.72
CA LEU D 23 -31.53 26.80 -27.61
C LEU D 23 -31.00 27.31 -26.27
N GLY D 24 -29.81 27.89 -26.30
CA GLY D 24 -29.19 28.42 -25.12
C GLY D 24 -29.97 29.56 -24.45
N PRO D 25 -30.08 30.73 -25.11
CA PRO D 25 -30.80 31.89 -24.58
C PRO D 25 -32.20 31.57 -24.09
N VAL D 26 -32.93 30.77 -24.87
CA VAL D 26 -34.30 30.39 -24.51
C VAL D 26 -34.37 29.71 -23.14
N THR D 27 -33.45 28.80 -22.90
CA THR D 27 -33.41 28.08 -21.64
C THR D 27 -32.76 28.90 -20.52
N GLN D 28 -31.70 29.61 -20.87
CA GLN D 28 -30.98 30.44 -19.90
C GLN D 28 -31.80 31.61 -19.40
N GLU D 29 -32.53 32.24 -20.31
CA GLU D 29 -33.37 33.39 -19.98
C GLU D 29 -34.45 32.99 -18.99
N PHE D 30 -35.11 31.86 -19.25
CA PHE D 30 -36.15 31.38 -18.37
C PHE D 30 -35.58 31.07 -16.98
N TRP D 31 -34.41 30.45 -16.96
CA TRP D 31 -33.77 30.11 -15.70
C TRP D 31 -33.37 31.36 -14.92
N ASP D 32 -32.86 32.37 -15.63
CA ASP D 32 -32.47 33.63 -14.99
C ASP D 32 -33.69 34.30 -14.37
N ASN D 33 -34.80 34.26 -15.11
CA ASN D 33 -36.06 34.84 -14.65
C ASN D 33 -36.51 34.15 -13.37
N LEU D 34 -36.32 32.84 -13.31
CA LEU D 34 -36.67 32.06 -12.15
C LEU D 34 -35.74 32.36 -10.98
N GLU D 35 -34.44 32.41 -11.26
CA GLU D 35 -33.44 32.70 -10.24
C GLU D 35 -33.70 34.05 -9.59
N LYS D 36 -34.16 35.01 -10.39
CA LYS D 36 -34.47 36.34 -9.90
C LYS D 36 -35.57 36.27 -8.83
N GLU D 37 -36.54 35.38 -9.05
CA GLU D 37 -37.64 35.21 -8.11
C GLU D 37 -37.11 34.61 -6.81
N THR D 38 -36.27 33.60 -6.94
CA THR D 38 -35.65 32.95 -5.78
C THR D 38 -34.80 33.96 -5.02
N GLU D 39 -34.16 34.86 -5.77
CA GLU D 39 -33.33 35.90 -5.18
C GLU D 39 -34.17 36.80 -4.28
N GLY D 40 -35.34 37.17 -4.78
CA GLY D 40 -36.24 38.03 -4.03
C GLY D 40 -36.81 37.33 -2.81
N LEU D 41 -37.17 36.07 -2.98
CA LEU D 41 -37.72 35.28 -1.88
C LEU D 41 -36.69 35.15 -0.76
N ARG D 42 -35.44 34.92 -1.13
CA ARG D 42 -34.36 34.78 -0.17
C ARG D 42 -34.12 36.08 0.57
N GLN D 43 -34.13 37.18 -0.17
CA GLN D 43 -33.89 38.50 0.41
C GLN D 43 -34.85 38.79 1.56
N GLU D 44 -36.13 38.58 1.31
CA GLU D 44 -37.14 38.81 2.35
C GLU D 44 -36.94 37.87 3.53
N MET D 45 -36.56 36.63 3.22
CA MET D 45 -36.32 35.64 4.27
C MET D 45 -35.15 36.06 5.16
N SER D 46 -34.05 36.46 4.53
CA SER D 46 -32.88 36.90 5.28
C SER D 46 -33.14 38.19 6.04
N LYS D 47 -33.98 39.05 5.45
CA LYS D 47 -34.35 40.33 6.05
C LYS D 47 -34.97 40.10 7.43
N ASP D 48 -35.92 39.18 7.49
CA ASP D 48 -36.61 38.85 8.74
C ASP D 48 -35.63 38.22 9.73
N LEU D 49 -34.61 37.55 9.21
CA LEU D 49 -33.61 36.90 10.05
C LEU D 49 -32.66 37.91 10.69
N GLU D 50 -32.26 38.92 9.92
CA GLU D 50 -31.36 39.96 10.42
C GLU D 50 -32.01 40.70 11.59
N GLU D 51 -33.32 40.92 11.45
CA GLU D 51 -34.11 41.59 12.46
C GLU D 51 -33.98 40.88 13.82
N VAL D 52 -33.89 39.55 13.77
CA VAL D 52 -33.76 38.74 14.97
C VAL D 52 -32.32 38.77 15.48
N LYS D 53 -31.35 38.67 14.57
CA LYS D 53 -29.94 38.68 14.93
C LYS D 53 -29.54 39.94 15.68
N ALA D 54 -30.09 41.08 15.26
CA ALA D 54 -29.79 42.37 15.87
C ALA D 54 -30.28 42.43 17.31
N LYS D 55 -31.26 41.60 17.64
CA LYS D 55 -31.84 41.58 18.97
C LYS D 55 -30.98 40.79 19.95
N VAL D 56 -29.90 40.19 19.46
CA VAL D 56 -29.01 39.40 20.30
C VAL D 56 -27.65 40.10 20.48
N GLN D 57 -27.37 41.07 19.61
CA GLN D 57 -26.09 41.78 19.63
C GLN D 57 -25.80 42.52 20.95
N PRO D 58 -26.66 43.46 21.39
CA PRO D 58 -26.42 44.23 22.63
C PRO D 58 -26.40 43.37 23.89
N TYR D 59 -27.19 42.30 23.90
CA TYR D 59 -27.25 41.42 25.06
C TYR D 59 -25.97 40.63 25.28
N LEU D 60 -25.26 40.34 24.20
CA LEU D 60 -24.01 39.60 24.30
C LEU D 60 -22.84 40.56 24.57
N ASP D 61 -22.87 41.71 23.93
CA ASP D 61 -21.81 42.71 24.10
C ASP D 61 -21.75 43.26 25.52
N ASP D 62 -22.91 43.42 26.15
CA ASP D 62 -22.97 43.95 27.51
C ASP D 62 -22.17 43.06 28.46
N PHE D 63 -22.31 41.76 28.27
CA PHE D 63 -21.60 40.78 29.08
C PHE D 63 -20.09 40.84 28.83
N GLN D 64 -19.73 41.22 27.61
CA GLN D 64 -18.33 41.32 27.22
C GLN D 64 -17.68 42.52 27.91
N LYS D 65 -18.34 43.67 27.83
CA LYS D 65 -17.84 44.90 28.45
C LYS D 65 -17.76 44.73 29.97
N LYS D 66 -18.73 44.01 30.52
CA LYS D 66 -18.79 43.76 31.96
C LYS D 66 -17.48 43.21 32.50
N TRP D 67 -16.97 42.16 31.85
CA TRP D 67 -15.72 41.53 32.27
C TRP D 67 -14.52 42.38 31.90
N GLN D 68 -14.59 43.03 30.73
CA GLN D 68 -13.49 43.88 30.26
C GLN D 68 -13.19 44.97 31.27
N GLU D 69 -14.23 45.50 31.91
CA GLU D 69 -14.08 46.55 32.91
C GLU D 69 -13.38 46.00 34.16
N GLU D 70 -13.73 44.77 34.55
CA GLU D 70 -13.11 44.15 35.71
C GLU D 70 -11.63 43.93 35.48
N MET D 71 -11.30 43.55 34.25
CA MET D 71 -9.90 43.31 33.86
C MET D 71 -9.11 44.62 33.89
N GLU D 72 -9.77 45.70 33.49
CA GLU D 72 -9.15 47.02 33.47
C GLU D 72 -8.75 47.44 34.88
N LEU D 73 -9.64 47.20 35.84
CA LEU D 73 -9.39 47.53 37.23
C LEU D 73 -8.30 46.63 37.81
N TYR D 74 -8.26 45.39 37.35
CA TYR D 74 -7.28 44.42 37.80
C TYR D 74 -5.88 44.86 37.37
N ARG D 75 -5.76 45.26 36.11
CA ARG D 75 -4.49 45.72 35.56
C ARG D 75 -3.97 46.94 36.31
N GLN D 76 -4.85 47.91 36.53
CA GLN D 76 -4.50 49.14 37.23
C GLN D 76 -3.96 48.87 38.65
N LYS D 77 -4.52 47.85 39.30
CA LYS D 77 -4.13 47.49 40.66
C LYS D 77 -2.79 46.77 40.71
N VAL D 78 -2.59 45.83 39.79
CA VAL D 78 -1.36 45.04 39.74
C VAL D 78 -0.17 45.81 39.16
N GLU D 79 -0.45 46.89 38.44
CA GLU D 79 0.59 47.70 37.82
C GLU D 79 1.73 48.10 38.79
N PRO D 80 1.42 48.82 39.89
CA PRO D 80 2.47 49.24 40.84
C PRO D 80 3.15 48.06 41.53
N LEU D 81 2.40 46.98 41.74
CA LEU D 81 2.93 45.79 42.40
C LEU D 81 4.11 45.24 41.61
N ARG D 82 3.89 45.03 40.32
CA ARG D 82 4.93 44.50 39.44
C ARG D 82 6.04 45.53 39.26
N ALA D 83 5.67 46.81 39.26
CA ALA D 83 6.63 47.89 39.09
C ALA D 83 7.66 47.85 40.22
N GLU D 84 7.18 47.68 41.45
CA GLU D 84 8.06 47.61 42.62
C GLU D 84 8.95 46.38 42.53
N LEU D 85 8.39 45.29 42.04
CA LEU D 85 9.15 44.05 41.89
C LEU D 85 10.17 44.18 40.77
N GLN D 86 9.79 44.87 39.71
CA GLN D 86 10.66 45.08 38.56
C GLN D 86 11.83 45.99 38.92
N GLU D 87 11.51 47.10 39.57
CA GLU D 87 12.51 48.08 39.99
C GLU D 87 13.43 47.50 41.05
N GLY D 88 12.84 46.75 41.98
CA GLY D 88 13.60 46.13 43.02
C GLY D 88 14.48 45.02 42.50
N ALA D 89 13.87 44.09 41.77
CA ALA D 89 14.59 42.98 41.18
C ALA D 89 15.21 43.41 39.86
N ARG D 90 15.97 44.49 39.94
CA ARG D 90 16.66 45.05 38.78
C ARG D 90 18.10 45.35 39.18
N GLN D 91 18.29 45.67 40.46
CA GLN D 91 19.61 46.00 40.99
C GLN D 91 20.48 44.76 41.15
N LYS D 92 19.84 43.61 41.37
CA LYS D 92 20.57 42.36 41.55
C LYS D 92 21.52 42.05 40.39
N LEU D 93 21.08 42.32 39.16
CA LEU D 93 21.92 42.06 38.00
C LEU D 93 23.02 43.10 37.89
N HIS D 94 22.70 44.33 38.27
CA HIS D 94 23.65 45.43 38.24
C HIS D 94 24.78 45.13 39.24
N GLU D 95 24.40 44.48 40.33
CA GLU D 95 25.34 44.09 41.36
C GLU D 95 26.14 42.88 40.89
N LEU D 96 25.44 41.90 40.32
CA LEU D 96 26.07 40.69 39.81
C LEU D 96 27.11 41.03 38.76
N GLN D 97 26.81 42.05 37.96
CA GLN D 97 27.71 42.50 36.90
C GLN D 97 29.02 43.01 37.50
N GLU D 98 28.94 43.64 38.67
CA GLU D 98 30.11 44.17 39.35
C GLU D 98 30.97 43.04 39.90
N LYS D 99 30.42 41.84 39.95
CA LYS D 99 31.15 40.68 40.45
C LYS D 99 31.68 39.85 39.28
N LEU D 100 31.15 40.11 38.10
CA LEU D 100 31.55 39.38 36.91
C LEU D 100 32.70 40.08 36.18
N SER D 101 32.62 41.41 36.12
CA SER D 101 33.64 42.21 35.45
C SER D 101 35.08 41.97 35.94
N PRO D 102 35.34 42.08 37.27
CA PRO D 102 36.70 41.87 37.82
C PRO D 102 37.42 40.62 37.30
N LEU D 103 36.70 39.52 37.25
CA LEU D 103 37.30 38.27 36.79
C LEU D 103 37.57 38.27 35.29
N GLY D 104 36.58 38.68 34.51
CA GLY D 104 36.74 38.73 33.06
C GLY D 104 37.78 39.74 32.63
N GLU D 105 37.86 40.83 33.38
CA GLU D 105 38.81 41.90 33.13
C GLU D 105 40.25 41.36 33.20
N GLU D 106 40.54 40.60 34.24
CA GLU D 106 41.87 40.03 34.44
C GLU D 106 42.25 39.06 33.32
N MET D 107 41.29 38.28 32.87
CA MET D 107 41.55 37.30 31.81
C MET D 107 41.76 37.95 30.46
N ARG D 108 41.14 39.10 30.25
CA ARG D 108 41.28 39.80 28.98
C ARG D 108 42.69 40.36 28.84
N ASP D 109 43.20 40.90 29.95
CA ASP D 109 44.55 41.45 29.99
C ASP D 109 45.57 40.38 29.61
N ARG D 110 45.35 39.17 30.11
CA ARG D 110 46.23 38.05 29.82
C ARG D 110 46.09 37.59 28.38
N ALA D 111 44.86 37.56 27.88
CA ALA D 111 44.60 37.13 26.51
C ALA D 111 45.38 37.94 25.50
N ARG D 112 45.42 39.26 25.70
CA ARG D 112 46.14 40.14 24.79
C ARG D 112 47.64 39.88 24.82
N ALA D 113 48.13 39.40 25.95
CA ALA D 113 49.56 39.12 26.09
C ALA D 113 49.92 37.84 25.33
N HIS D 114 49.13 36.80 25.52
CA HIS D 114 49.36 35.53 24.85
C HIS D 114 49.24 35.69 23.33
N VAL D 115 48.24 36.45 22.89
CA VAL D 115 48.02 36.69 21.48
C VAL D 115 49.19 37.47 20.88
N ASP D 116 49.69 38.44 21.63
CA ASP D 116 50.82 39.27 21.19
C ASP D 116 52.08 38.43 20.96
N ALA D 117 52.37 37.53 21.90
CA ALA D 117 53.55 36.68 21.81
C ALA D 117 53.39 35.59 20.75
N LEU D 118 52.15 35.22 20.47
CA LEU D 118 51.86 34.18 19.48
C LEU D 118 52.14 34.65 18.05
N ARG D 119 51.91 35.92 17.79
CA ARG D 119 52.14 36.48 16.46
C ARG D 119 53.62 36.50 16.11
N THR D 120 54.46 36.77 17.10
CA THR D 120 55.91 36.85 16.90
C THR D 120 56.50 35.51 16.45
N HIS D 121 55.77 34.42 16.66
CA HIS D 121 56.24 33.10 16.28
C HIS D 121 55.78 32.74 14.86
N LEU D 122 54.73 33.40 14.41
CA LEU D 122 54.16 33.15 13.09
C LEU D 122 54.80 34.03 12.03
N ALA D 123 55.21 35.23 12.44
CA ALA D 123 55.82 36.20 11.52
C ALA D 123 56.99 35.63 10.70
N PRO D 124 58.08 35.13 11.34
CA PRO D 124 59.23 34.58 10.61
C PRO D 124 58.88 33.32 9.83
N TYR D 125 57.96 32.53 10.38
CA TYR D 125 57.53 31.30 9.74
C TYR D 125 56.92 31.55 8.37
N SER D 126 55.95 32.46 8.32
CA SER D 126 55.28 32.81 7.08
C SER D 126 56.24 33.44 6.09
N ASP D 127 57.22 34.18 6.61
CA ASP D 127 58.20 34.84 5.76
C ASP D 127 59.15 33.85 5.11
N GLU D 128 59.62 32.88 5.88
CA GLU D 128 60.53 31.87 5.36
C GLU D 128 59.84 31.00 4.33
N LEU D 129 58.56 30.70 4.58
CA LEU D 129 57.76 29.88 3.68
C LEU D 129 57.65 30.54 2.31
N ARG D 130 57.52 31.86 2.32
CA ARG D 130 57.40 32.65 1.08
C ARG D 130 58.66 32.48 0.22
N GLN D 131 59.80 32.41 0.88
CA GLN D 131 61.07 32.26 0.19
C GLN D 131 61.23 30.85 -0.38
N ARG D 132 61.01 29.84 0.45
CA ARG D 132 61.14 28.45 0.02
C ARG D 132 60.19 28.11 -1.13
N LEU D 133 59.00 28.69 -1.08
CA LEU D 133 57.99 28.46 -2.11
C LEU D 133 58.49 28.95 -3.47
N ALA D 134 59.03 30.16 -3.48
CA ALA D 134 59.55 30.76 -4.70
C ALA D 134 60.72 29.95 -5.26
N ALA D 135 61.62 29.53 -4.37
CA ALA D 135 62.78 28.75 -4.77
C ALA D 135 62.37 27.43 -5.41
N ARG D 136 61.32 26.82 -4.88
CA ARG D 136 60.84 25.54 -5.40
C ARG D 136 60.10 25.74 -6.72
N LEU D 137 59.20 26.72 -6.75
CA LEU D 137 58.40 27.00 -7.93
C LEU D 137 59.28 27.39 -9.13
N GLU D 138 60.32 28.16 -8.87
CA GLU D 138 61.23 28.61 -9.91
C GLU D 138 61.87 27.42 -10.61
N ALA D 139 62.29 26.43 -9.83
CA ALA D 139 62.91 25.23 -10.38
C ALA D 139 61.87 24.40 -11.14
N LEU D 140 60.67 24.31 -10.59
CA LEU D 140 59.60 23.55 -11.21
C LEU D 140 59.21 24.17 -12.55
N LYS D 141 59.12 25.50 -12.58
CA LYS D 141 58.77 26.22 -13.79
C LYS D 141 59.83 25.98 -14.87
N GLU D 142 61.08 26.10 -14.49
CA GLU D 142 62.20 25.91 -15.41
C GLU D 142 62.19 24.51 -16.02
N ASN D 143 62.02 23.51 -15.18
CA ASN D 143 62.00 22.12 -15.63
C ASN D 143 60.74 21.79 -16.43
N GLY D 144 59.64 22.44 -16.09
CA GLY D 144 58.38 22.19 -16.77
C GLY D 144 58.28 22.90 -18.11
N GLY D 145 58.99 24.03 -18.23
CA GLY D 145 58.98 24.80 -19.45
C GLY D 145 59.38 24.00 -20.68
N ALA D 146 60.44 23.22 -20.54
CA ALA D 146 60.93 22.39 -21.64
C ALA D 146 59.92 21.31 -22.00
N ARG D 147 59.17 20.84 -21.01
CA ARG D 147 58.19 19.80 -21.24
C ARG D 147 56.95 20.34 -21.93
N LEU D 148 56.52 21.54 -21.53
CA LEU D 148 55.34 22.17 -22.13
C LEU D 148 55.47 22.28 -23.64
N ALA D 149 56.62 22.76 -24.09
CA ALA D 149 56.89 22.92 -25.52
C ALA D 149 56.82 21.59 -26.25
N GLU D 150 57.24 20.52 -25.58
CA GLU D 150 57.21 19.19 -26.18
C GLU D 150 55.78 18.67 -26.32
N TYR D 151 55.03 18.77 -25.24
CA TYR D 151 53.64 18.31 -25.23
C TYR D 151 52.80 19.05 -26.25
N HIS D 152 53.01 20.36 -26.36
CA HIS D 152 52.28 21.18 -27.29
C HIS D 152 52.49 20.74 -28.74
N ALA D 153 53.73 20.44 -29.08
CA ALA D 153 54.07 20.02 -30.44
C ALA D 153 53.40 18.69 -30.78
N LYS D 154 53.51 17.73 -29.86
CA LYS D 154 52.93 16.41 -30.07
C LYS D 154 51.40 16.47 -30.20
N ALA D 155 50.78 17.32 -29.40
CA ALA D 155 49.33 17.48 -29.42
C ALA D 155 48.89 18.11 -30.73
N THR D 156 49.65 19.10 -31.19
CA THR D 156 49.33 19.80 -32.43
C THR D 156 49.32 18.84 -33.62
N GLU D 157 50.30 17.94 -33.69
CA GLU D 157 50.37 16.97 -34.77
C GLU D 157 49.14 16.06 -34.79
N HIS D 158 48.76 15.58 -33.61
CA HIS D 158 47.60 14.71 -33.49
C HIS D 158 46.30 15.46 -33.82
N LEU D 159 46.26 16.73 -33.47
CA LEU D 159 45.09 17.57 -33.73
C LEU D 159 44.84 17.76 -35.23
N SER D 160 45.91 18.11 -35.96
CA SER D 160 45.82 18.33 -37.40
C SER D 160 45.44 17.06 -38.15
N THR D 161 45.62 15.91 -37.50
CA THR D 161 45.29 14.63 -38.11
C THR D 161 43.90 14.16 -37.70
N LEU D 162 43.33 14.83 -36.69
CA LEU D 162 42.01 14.47 -36.18
C LEU D 162 40.88 15.18 -36.92
N SER D 163 41.13 16.39 -37.40
CA SER D 163 40.11 17.15 -38.10
C SER D 163 40.47 17.40 -39.57
N GLU D 164 40.51 16.34 -40.36
CA GLU D 164 40.84 16.47 -41.78
C GLU D 164 39.88 15.70 -42.69
N LYS D 165 39.18 14.72 -42.15
CA LYS D 165 38.25 13.92 -42.96
C LYS D 165 36.80 14.23 -42.61
N ALA D 166 36.59 14.87 -41.46
CA ALA D 166 35.24 15.20 -41.00
C ALA D 166 34.46 16.03 -42.01
N LYS D 167 35.06 17.09 -42.52
CA LYS D 167 34.40 17.97 -43.48
C LYS D 167 34.00 17.26 -44.80
N PRO D 168 34.97 16.64 -45.52
CA PRO D 168 34.69 15.94 -46.78
C PRO D 168 33.61 14.85 -46.62
N ALA D 169 33.61 14.20 -45.46
CA ALA D 169 32.64 13.15 -45.18
C ALA D 169 31.23 13.70 -45.15
N LEU D 170 31.05 14.86 -44.52
CA LEU D 170 29.75 15.50 -44.43
C LEU D 170 29.31 16.00 -45.80
N GLU D 171 30.29 16.35 -46.62
CA GLU D 171 30.03 16.86 -47.97
C GLU D 171 29.34 15.80 -48.83
N ASP D 172 29.89 14.59 -48.84
CA ASP D 172 29.30 13.50 -49.62
C ASP D 172 27.91 13.17 -49.09
N LEU D 173 27.76 13.30 -47.77
CA LEU D 173 26.50 13.01 -47.12
C LEU D 173 25.43 14.03 -47.49
N ARG D 174 25.77 15.31 -47.42
CA ARG D 174 24.82 16.37 -47.76
C ARG D 174 24.43 16.35 -49.23
N GLN D 175 25.37 15.96 -50.09
CA GLN D 175 25.12 15.88 -51.52
C GLN D 175 24.27 14.65 -51.85
N GLY D 176 24.57 13.54 -51.17
CA GLY D 176 23.83 12.31 -51.41
C GLY D 176 22.62 12.17 -50.52
N LEU D 177 21.71 13.13 -50.61
CA LEU D 177 20.48 13.11 -49.82
C LEU D 177 19.47 14.10 -50.39
N LEU D 178 19.98 15.23 -50.88
CA LEU D 178 19.14 16.29 -51.46
C LEU D 178 18.11 15.80 -52.48
N PRO D 179 18.52 15.02 -53.51
CA PRO D 179 17.61 14.51 -54.54
C PRO D 179 16.35 13.84 -53.98
N VAL D 180 16.53 12.96 -53.01
CA VAL D 180 15.41 12.26 -52.40
C VAL D 180 14.68 13.12 -51.37
N LEU D 181 15.44 13.92 -50.63
CA LEU D 181 14.87 14.79 -49.60
C LEU D 181 13.89 15.81 -50.18
N GLU D 182 14.27 16.44 -51.29
CA GLU D 182 13.43 17.44 -51.92
C GLU D 182 12.14 16.82 -52.45
N SER D 183 12.24 15.60 -52.97
CA SER D 183 11.08 14.90 -53.51
C SER D 183 10.01 14.67 -52.44
N PHE D 184 10.45 14.32 -51.24
CA PHE D 184 9.53 14.07 -50.13
C PHE D 184 8.75 15.34 -49.77
N LYS D 185 9.43 16.48 -49.81
CA LYS D 185 8.80 17.75 -49.48
C LYS D 185 7.62 18.05 -50.41
N VAL D 186 7.83 17.81 -51.70
CA VAL D 186 6.79 18.04 -52.69
C VAL D 186 5.60 17.11 -52.43
N SER D 187 5.89 15.86 -52.09
CA SER D 187 4.87 14.87 -51.81
C SER D 187 4.04 15.31 -50.59
N PHE D 188 4.73 15.74 -49.54
CA PHE D 188 4.07 16.19 -48.32
C PHE D 188 3.21 17.41 -48.61
N LEU D 189 3.74 18.32 -49.41
CA LEU D 189 3.04 19.53 -49.80
C LEU D 189 1.78 19.21 -50.59
N SER D 190 1.85 18.16 -51.40
CA SER D 190 0.71 17.75 -52.22
C SER D 190 -0.41 17.18 -51.34
N ALA D 191 -0.02 16.45 -50.30
CA ALA D 191 -0.98 15.85 -49.39
C ALA D 191 -1.56 16.89 -48.43
N LEU D 192 -0.80 17.97 -48.23
CA LEU D 192 -1.19 19.07 -47.35
C LEU D 192 -2.60 19.59 -47.68
N GLU D 193 -2.78 20.05 -48.91
CA GLU D 193 -4.06 20.59 -49.34
C GLU D 193 -5.19 19.56 -49.27
N GLU D 194 -4.90 18.36 -49.73
CA GLU D 194 -5.88 17.27 -49.76
C GLU D 194 -6.56 17.05 -48.40
N TYR D 195 -5.80 17.23 -47.33
CA TYR D 195 -6.33 17.03 -45.99
C TYR D 195 -7.00 18.28 -45.45
N THR D 196 -6.35 19.42 -45.62
CA THR D 196 -6.89 20.70 -45.15
C THR D 196 -8.27 20.98 -45.75
N LYS D 197 -8.41 20.68 -47.04
CA LYS D 197 -9.65 20.89 -47.77
C LYS D 197 -10.83 20.14 -47.14
N LYS D 198 -10.57 18.91 -46.69
CA LYS D 198 -11.61 18.08 -46.09
C LYS D 198 -11.84 18.46 -44.63
N LEU D 199 -10.75 18.76 -43.90
CA LEU D 199 -10.84 19.13 -42.50
C LEU D 199 -11.69 20.38 -42.29
N ASN D 200 -11.30 21.46 -42.95
CA ASN D 200 -12.03 22.73 -42.82
C ASN D 200 -13.40 22.62 -43.50
N THR A 2 3.34 -13.37 2.20
CA THR A 2 3.24 -13.54 0.76
C THR A 2 2.23 -14.64 0.43
N GLU A 3 1.18 -14.27 -0.28
CA GLU A 3 0.13 -15.22 -0.67
C GLU A 3 0.51 -15.94 -1.96
N TYR A 4 0.31 -17.25 -1.97
CA TYR A 4 0.63 -18.06 -3.15
C TYR A 4 -0.56 -18.96 -3.48
N LYS A 5 -1.11 -18.80 -4.67
CA LYS A 5 -2.26 -19.58 -5.10
C LYS A 5 -1.81 -20.87 -5.79
N LEU A 6 -2.10 -22.00 -5.15
CA LEU A 6 -1.72 -23.30 -5.69
C LEU A 6 -2.94 -24.10 -6.12
N VAL A 7 -2.81 -24.82 -7.23
CA VAL A 7 -3.89 -25.64 -7.76
C VAL A 7 -3.37 -27.04 -8.04
N VAL A 8 -3.93 -28.02 -7.35
CA VAL A 8 -3.53 -29.41 -7.54
C VAL A 8 -4.26 -30.00 -8.75
N VAL A 9 -3.51 -30.30 -9.81
CA VAL A 9 -4.11 -30.86 -11.01
C VAL A 9 -3.76 -32.32 -11.18
N GLY A 10 -4.69 -33.08 -11.73
CA GLY A 10 -4.45 -34.49 -11.95
C GLY A 10 -5.76 -35.27 -11.94
N ALA A 11 -5.67 -36.57 -12.19
CA ALA A 11 -6.83 -37.43 -12.23
C ALA A 11 -7.36 -37.73 -10.83
N ASP A 12 -8.33 -38.63 -10.74
CA ASP A 12 -8.92 -39.01 -9.47
C ASP A 12 -8.35 -40.35 -9.01
N GLY A 13 -8.30 -40.54 -7.70
CA GLY A 13 -7.77 -41.76 -7.14
C GLY A 13 -6.27 -41.84 -7.27
N VAL A 14 -5.61 -40.70 -7.23
CA VAL A 14 -4.15 -40.66 -7.35
C VAL A 14 -3.50 -40.24 -6.02
N GLY A 15 -4.23 -39.49 -5.21
CA GLY A 15 -3.70 -39.06 -3.93
C GLY A 15 -3.46 -37.55 -3.85
N LYS A 16 -4.19 -36.80 -4.66
CA LYS A 16 -4.05 -35.33 -4.69
C LYS A 16 -4.46 -34.73 -3.36
N SER A 17 -5.49 -35.30 -2.75
CA SER A 17 -5.99 -34.81 -1.48
C SER A 17 -5.19 -35.40 -0.34
N ALA A 18 -4.82 -36.66 -0.47
CA ALA A 18 -4.04 -37.35 0.55
C ALA A 18 -2.74 -36.60 0.82
N LEU A 19 -2.10 -36.14 -0.24
CA LEU A 19 -0.86 -35.38 -0.12
C LEU A 19 -1.12 -34.05 0.60
N THR A 20 -2.22 -33.41 0.22
CA THR A 20 -2.60 -32.14 0.80
C THR A 20 -2.92 -32.28 2.30
N ILE A 21 -3.66 -33.32 2.65
CA ILE A 21 -4.03 -33.56 4.05
C ILE A 21 -2.79 -33.78 4.92
N GLN A 22 -1.72 -34.29 4.31
CA GLN A 22 -0.48 -34.54 5.04
C GLN A 22 0.22 -33.23 5.43
N LEU A 23 -0.22 -32.14 4.81
CA LEU A 23 0.30 -30.82 5.10
C LEU A 23 -0.69 -30.08 5.98
N ILE A 24 -1.97 -30.33 5.75
CA ILE A 24 -3.03 -29.68 6.49
C ILE A 24 -3.13 -30.22 7.91
N GLN A 25 -3.58 -31.46 8.05
CA GLN A 25 -3.75 -32.08 9.35
C GLN A 25 -2.61 -33.03 9.70
N ASN A 26 -1.65 -33.12 8.78
CA ASN A 26 -0.46 -33.96 8.96
C ASN A 26 -0.78 -35.44 9.17
N HIS A 27 -1.71 -35.96 8.39
CA HIS A 27 -2.07 -37.37 8.51
C HIS A 27 -2.60 -37.91 7.17
N PHE A 28 -2.61 -39.24 7.06
CA PHE A 28 -3.07 -39.89 5.84
C PHE A 28 -4.46 -40.46 6.03
N VAL A 29 -5.34 -40.19 5.07
CA VAL A 29 -6.71 -40.69 5.12
C VAL A 29 -6.81 -42.06 4.47
N ASP A 30 -7.44 -42.99 5.16
CA ASP A 30 -7.59 -44.34 4.65
C ASP A 30 -8.84 -44.45 3.77
N GLU A 31 -9.69 -43.44 3.87
CA GLU A 31 -10.93 -43.41 3.11
C GLU A 31 -10.81 -42.50 1.89
N TYR A 32 -11.49 -42.87 0.82
CA TYR A 32 -11.47 -42.06 -0.40
C TYR A 32 -12.49 -40.92 -0.26
N ASP A 33 -12.12 -39.75 -0.73
CA ASP A 33 -12.99 -38.59 -0.63
C ASP A 33 -13.05 -37.78 -1.93
N PRO A 34 -14.24 -37.69 -2.55
CA PRO A 34 -14.45 -36.91 -3.79
C PRO A 34 -14.32 -35.42 -3.46
N THR A 35 -14.31 -34.56 -4.47
CA THR A 35 -14.18 -33.13 -4.20
C THR A 35 -14.77 -32.26 -5.30
N ILE A 36 -15.47 -31.22 -4.88
CA ILE A 36 -16.07 -30.28 -5.80
C ILE A 36 -15.11 -29.09 -5.94
N GLU A 37 -14.76 -28.50 -4.81
CA GLU A 37 -13.85 -27.37 -4.75
C GLU A 37 -13.44 -27.08 -3.30
N ASP A 38 -12.40 -27.77 -2.84
CA ASP A 38 -11.94 -27.62 -1.47
C ASP A 38 -10.71 -26.72 -1.39
N SER A 39 -10.78 -25.69 -0.57
CA SER A 39 -9.66 -24.75 -0.41
C SER A 39 -9.24 -24.67 1.05
N TYR A 40 -7.94 -24.82 1.30
CA TYR A 40 -7.41 -24.77 2.66
C TYR A 40 -6.33 -23.71 2.74
N ARG A 41 -6.27 -23.00 3.85
CA ARG A 41 -5.27 -21.95 4.06
C ARG A 41 -4.36 -22.29 5.23
N LYS A 42 -3.06 -22.17 5.01
CA LYS A 42 -2.08 -22.45 6.04
C LYS A 42 -0.88 -21.51 5.88
N GLN A 43 -0.39 -20.95 6.98
CA GLN A 43 0.73 -20.04 6.92
C GLN A 43 1.99 -20.67 7.46
N VAL A 44 2.97 -20.87 6.59
CA VAL A 44 4.25 -21.48 6.98
C VAL A 44 5.42 -20.69 6.42
N VAL A 45 6.59 -20.88 7.01
CA VAL A 45 7.78 -20.19 6.56
C VAL A 45 8.61 -21.12 5.66
N ILE A 46 8.83 -20.69 4.43
CA ILE A 46 9.59 -21.49 3.48
C ILE A 46 10.71 -20.65 2.87
N ASP A 47 11.91 -21.21 2.83
CA ASP A 47 13.08 -20.52 2.26
C ASP A 47 13.41 -19.23 3.00
N GLY A 48 12.95 -19.14 4.25
CA GLY A 48 13.20 -17.95 5.05
C GLY A 48 12.19 -16.85 4.81
N GLU A 49 11.11 -17.19 4.13
CA GLU A 49 10.06 -16.24 3.83
C GLU A 49 8.72 -16.77 4.33
N THR A 50 7.87 -15.88 4.85
CA THR A 50 6.57 -16.29 5.35
C THR A 50 5.57 -16.38 4.19
N CYS A 51 5.12 -17.59 3.89
CA CYS A 51 4.20 -17.81 2.79
C CYS A 51 2.82 -18.24 3.27
N LEU A 52 1.81 -17.85 2.53
CA LEU A 52 0.43 -18.20 2.81
C LEU A 52 -0.03 -19.21 1.77
N LEU A 53 -0.20 -20.45 2.20
CA LEU A 53 -0.61 -21.53 1.30
C LEU A 53 -2.10 -21.49 0.96
N ASP A 54 -2.39 -21.22 -0.30
CA ASP A 54 -3.77 -21.21 -0.80
C ASP A 54 -3.91 -22.32 -1.82
N ILE A 55 -4.15 -23.53 -1.33
CA ILE A 55 -4.26 -24.69 -2.19
C ILE A 55 -5.72 -25.09 -2.44
N LEU A 56 -6.00 -25.54 -3.66
CA LEU A 56 -7.33 -25.94 -4.04
C LEU A 56 -7.34 -27.39 -4.55
N ASP A 57 -8.08 -28.25 -3.85
CA ASP A 57 -8.20 -29.66 -4.23
C ASP A 57 -9.40 -29.85 -5.15
N THR A 58 -9.16 -30.43 -6.31
CA THR A 58 -10.23 -30.68 -7.28
C THR A 58 -10.20 -32.14 -7.72
N ALA A 59 -11.37 -32.68 -8.07
CA ALA A 59 -11.46 -34.06 -8.50
C ALA A 59 -10.95 -34.22 -9.93
N GLY A 60 -10.53 -35.44 -10.27
CA GLY A 60 -10.04 -35.70 -11.61
C GLY A 60 -10.96 -36.62 -12.37
N GLN A 61 -12.25 -36.54 -12.05
CA GLN A 61 -13.26 -37.36 -12.68
C GLN A 61 -13.80 -36.66 -13.93
N GLU A 62 -13.05 -35.67 -14.39
CA GLU A 62 -13.42 -34.89 -15.57
C GLU A 62 -14.75 -34.17 -15.40
N GLU A 63 -15.41 -33.87 -16.51
CA GLU A 63 -16.70 -33.17 -16.52
C GLU A 63 -16.53 -31.67 -16.27
N TYR A 64 -15.63 -31.32 -15.37
CA TYR A 64 -15.38 -29.92 -15.03
C TYR A 64 -14.45 -29.27 -16.06
N SER A 65 -14.79 -29.42 -17.33
CA SER A 65 -13.99 -28.86 -18.41
C SER A 65 -14.07 -27.34 -18.43
N ALA A 66 -15.27 -26.81 -18.22
CA ALA A 66 -15.49 -25.37 -18.22
C ALA A 66 -15.15 -24.76 -16.87
N MET A 67 -15.43 -25.50 -15.80
CA MET A 67 -15.15 -25.04 -14.45
C MET A 67 -13.65 -24.93 -14.22
N ARG A 68 -12.90 -25.76 -14.93
CA ARG A 68 -11.45 -25.79 -14.83
C ARG A 68 -10.81 -24.45 -15.15
N ASP A 69 -11.28 -23.81 -16.22
CA ASP A 69 -10.74 -22.53 -16.67
C ASP A 69 -10.75 -21.47 -15.56
N GLN A 70 -11.84 -21.44 -14.80
CA GLN A 70 -12.00 -20.47 -13.71
C GLN A 70 -10.83 -20.47 -12.72
N TYR A 71 -10.56 -21.63 -12.11
CA TYR A 71 -9.49 -21.71 -11.13
C TYR A 71 -8.10 -21.82 -11.77
N MET A 72 -8.06 -22.23 -13.04
CA MET A 72 -6.78 -22.38 -13.73
C MET A 72 -6.18 -21.02 -14.09
N ARG A 73 -7.05 -20.06 -14.39
CA ARG A 73 -6.60 -18.72 -14.73
C ARG A 73 -6.07 -17.98 -13.51
N THR A 74 -6.71 -18.17 -12.38
CA THR A 74 -6.31 -17.51 -11.14
C THR A 74 -5.12 -18.20 -10.48
N GLY A 75 -5.03 -19.50 -10.64
CA GLY A 75 -3.94 -20.27 -10.04
C GLY A 75 -2.57 -19.85 -10.55
N GLU A 76 -1.61 -19.84 -9.64
CA GLU A 76 -0.24 -19.47 -9.98
C GLU A 76 0.62 -20.71 -10.16
N GLY A 77 0.71 -21.51 -9.10
CA GLY A 77 1.51 -22.70 -9.14
C GLY A 77 0.64 -23.94 -9.29
N PHE A 78 0.93 -24.76 -10.29
CA PHE A 78 0.17 -25.96 -10.54
C PHE A 78 0.91 -27.21 -10.11
N LEU A 79 0.26 -28.03 -9.30
CA LEU A 79 0.84 -29.27 -8.81
C LEU A 79 0.28 -30.45 -9.58
N CYS A 80 0.98 -30.87 -10.62
CA CYS A 80 0.57 -32.00 -11.44
C CYS A 80 0.86 -33.31 -10.71
N VAL A 81 -0.16 -33.89 -10.10
CA VAL A 81 0.00 -35.12 -9.36
C VAL A 81 -0.56 -36.31 -10.12
N PHE A 82 0.27 -37.33 -10.31
CA PHE A 82 -0.14 -38.54 -11.00
C PHE A 82 0.21 -39.75 -10.16
N ALA A 83 -0.35 -40.90 -10.51
CA ALA A 83 -0.07 -42.13 -9.77
C ALA A 83 0.87 -43.01 -10.57
N ILE A 84 1.96 -43.44 -9.95
CA ILE A 84 2.95 -44.27 -10.62
C ILE A 84 2.41 -45.67 -10.90
N ASN A 85 1.25 -45.99 -10.33
CA ASN A 85 0.62 -47.29 -10.55
C ASN A 85 -0.51 -47.14 -11.56
N ASN A 86 -0.69 -45.93 -12.06
CA ASN A 86 -1.72 -45.63 -13.03
C ASN A 86 -1.16 -44.72 -14.12
N THR A 87 -0.74 -45.34 -15.22
CA THR A 87 -0.17 -44.61 -16.34
C THR A 87 -1.18 -43.67 -16.98
N LYS A 88 -2.47 -43.96 -16.78
CA LYS A 88 -3.53 -43.14 -17.31
C LYS A 88 -3.40 -41.70 -16.80
N SER A 89 -3.17 -41.55 -15.50
CA SER A 89 -3.00 -40.24 -14.89
C SER A 89 -1.73 -39.56 -15.40
N PHE A 90 -0.71 -40.37 -15.68
CA PHE A 90 0.56 -39.86 -16.17
C PHE A 90 0.37 -39.23 -17.55
N GLU A 91 -0.48 -39.84 -18.35
CA GLU A 91 -0.77 -39.34 -19.68
C GLU A 91 -1.66 -38.10 -19.62
N ASP A 92 -2.53 -38.05 -18.61
CA ASP A 92 -3.44 -36.92 -18.44
C ASP A 92 -2.68 -35.65 -18.10
N ILE A 93 -1.47 -35.80 -17.59
CA ILE A 93 -0.62 -34.65 -17.23
C ILE A 93 -0.47 -33.70 -18.42
N HIS A 94 -0.28 -34.28 -19.61
CA HIS A 94 -0.13 -33.50 -20.82
C HIS A 94 -1.40 -32.71 -21.11
N HIS A 95 -2.54 -33.41 -21.05
CA HIS A 95 -3.84 -32.80 -21.30
C HIS A 95 -4.09 -31.64 -20.35
N TYR A 96 -3.86 -31.88 -19.06
CA TYR A 96 -4.08 -30.85 -18.05
C TYR A 96 -3.14 -29.67 -18.27
N ARG A 97 -1.89 -29.96 -18.61
CA ARG A 97 -0.88 -28.92 -18.84
C ARG A 97 -1.26 -28.03 -20.02
N GLU A 98 -1.70 -28.67 -21.11
CA GLU A 98 -2.09 -27.94 -22.32
C GLU A 98 -3.24 -26.98 -22.04
N GLN A 99 -4.17 -27.40 -21.19
CA GLN A 99 -5.31 -26.54 -20.85
C GLN A 99 -4.85 -25.31 -20.06
N ILE A 100 -3.93 -25.52 -19.13
CA ILE A 100 -3.41 -24.43 -18.29
C ILE A 100 -2.90 -23.28 -19.14
N LYS A 101 -2.06 -23.59 -20.12
CA LYS A 101 -1.50 -22.58 -21.01
C LYS A 101 -2.57 -21.89 -21.84
N ARG A 102 -3.62 -22.64 -22.18
CA ARG A 102 -4.71 -22.12 -22.98
C ARG A 102 -5.63 -21.24 -22.14
N VAL A 103 -5.66 -21.48 -20.84
CA VAL A 103 -6.49 -20.72 -19.92
C VAL A 103 -5.78 -19.46 -19.43
N LYS A 104 -4.50 -19.59 -19.09
CA LYS A 104 -3.73 -18.47 -18.60
C LYS A 104 -3.14 -17.64 -19.74
N ASP A 105 -3.21 -18.19 -20.96
CA ASP A 105 -2.70 -17.53 -22.16
C ASP A 105 -1.19 -17.30 -22.07
N SER A 106 -0.46 -18.36 -21.74
CA SER A 106 0.99 -18.28 -21.63
C SER A 106 1.58 -19.68 -21.53
N GLU A 107 2.71 -19.89 -22.21
CA GLU A 107 3.39 -21.18 -22.18
C GLU A 107 4.26 -21.26 -20.95
N ASP A 108 4.64 -20.08 -20.45
CA ASP A 108 5.50 -19.98 -19.28
C ASP A 108 4.67 -20.03 -18.00
N VAL A 109 4.44 -21.25 -17.51
CA VAL A 109 3.68 -21.44 -16.29
C VAL A 109 4.45 -22.30 -15.30
N PRO A 110 4.61 -21.81 -14.05
CA PRO A 110 5.32 -22.54 -12.99
C PRO A 110 4.54 -23.78 -12.54
N MET A 111 5.11 -24.96 -12.80
CA MET A 111 4.46 -26.20 -12.43
C MET A 111 5.47 -27.18 -11.85
N VAL A 112 4.97 -28.18 -11.15
CA VAL A 112 5.81 -29.21 -10.56
C VAL A 112 5.19 -30.58 -10.83
N LEU A 113 6.02 -31.54 -11.20
CA LEU A 113 5.54 -32.89 -11.49
C LEU A 113 5.75 -33.77 -10.26
N VAL A 114 4.67 -34.37 -9.78
CA VAL A 114 4.75 -35.21 -8.58
C VAL A 114 4.10 -36.57 -8.81
N GLY A 115 4.87 -37.61 -8.52
CA GLY A 115 4.38 -38.96 -8.65
C GLY A 115 4.05 -39.52 -7.29
N ASN A 116 2.77 -39.81 -7.06
CA ASN A 116 2.33 -40.32 -5.78
C ASN A 116 2.22 -41.84 -5.79
N LYS A 117 2.06 -42.42 -4.59
CA LYS A 117 1.92 -43.87 -4.41
C LYS A 117 3.22 -44.60 -4.67
N CYS A 118 4.33 -43.94 -4.34
CA CYS A 118 5.66 -44.53 -4.52
C CYS A 118 5.92 -45.64 -3.51
N ASP A 119 5.07 -45.71 -2.48
CA ASP A 119 5.20 -46.73 -1.45
C ASP A 119 4.75 -48.09 -2.00
N LEU A 120 3.86 -48.05 -3.00
CA LEU A 120 3.34 -49.26 -3.60
C LEU A 120 4.31 -49.82 -4.64
N PRO A 121 4.69 -51.09 -4.48
CA PRO A 121 5.62 -51.76 -5.40
C PRO A 121 4.95 -52.13 -6.72
N SER A 122 5.75 -52.59 -7.67
CA SER A 122 5.27 -53.00 -8.99
C SER A 122 4.59 -51.83 -9.71
N ARG A 123 5.28 -50.69 -9.72
CA ARG A 123 4.76 -49.50 -10.39
C ARG A 123 4.67 -49.70 -11.89
N THR A 124 3.83 -48.92 -12.54
CA THR A 124 3.68 -49.00 -13.99
C THR A 124 4.46 -47.88 -14.66
N VAL A 125 4.42 -46.71 -14.04
CA VAL A 125 5.14 -45.55 -14.56
C VAL A 125 6.60 -45.59 -14.13
N ASP A 126 7.49 -45.59 -15.11
CA ASP A 126 8.92 -45.62 -14.84
C ASP A 126 9.44 -44.23 -14.51
N THR A 127 10.39 -44.17 -13.59
CA THR A 127 10.96 -42.89 -13.19
C THR A 127 11.70 -42.24 -14.36
N LYS A 128 12.21 -43.08 -15.27
CA LYS A 128 12.92 -42.59 -16.44
C LYS A 128 12.02 -41.70 -17.28
N GLN A 129 10.85 -42.23 -17.65
CA GLN A 129 9.91 -41.46 -18.46
C GLN A 129 9.36 -40.25 -17.71
N ALA A 130 9.20 -40.38 -16.41
CA ALA A 130 8.69 -39.29 -15.57
C ALA A 130 9.68 -38.13 -15.57
N GLN A 131 10.95 -38.43 -15.31
CA GLN A 131 11.98 -37.40 -15.29
C GLN A 131 12.25 -36.87 -16.70
N ASP A 132 12.01 -37.72 -17.69
CA ASP A 132 12.20 -37.35 -19.09
C ASP A 132 11.19 -36.28 -19.47
N LEU A 133 9.96 -36.50 -19.06
CA LEU A 133 8.87 -35.57 -19.33
C LEU A 133 9.09 -34.26 -18.59
N ALA A 134 9.51 -34.37 -17.35
CA ALA A 134 9.77 -33.19 -16.52
C ALA A 134 10.87 -32.33 -17.13
N ARG A 135 11.90 -32.98 -17.65
CA ARG A 135 13.02 -32.27 -18.26
C ARG A 135 12.59 -31.50 -19.51
N SER A 136 11.77 -32.12 -20.34
CA SER A 136 11.31 -31.48 -21.57
C SER A 136 10.37 -30.32 -21.26
N TYR A 137 9.59 -30.47 -20.20
CA TYR A 137 8.64 -29.44 -19.79
C TYR A 137 9.37 -28.29 -19.10
N GLY A 138 10.50 -28.60 -18.48
CA GLY A 138 11.27 -27.60 -17.78
C GLY A 138 10.73 -27.41 -16.37
N ILE A 139 10.19 -28.49 -15.82
CA ILE A 139 9.62 -28.45 -14.48
C ILE A 139 10.25 -29.55 -13.62
N PRO A 140 10.32 -29.34 -12.30
CA PRO A 140 10.91 -30.33 -11.39
C PRO A 140 9.99 -31.51 -11.12
N PHE A 141 10.58 -32.69 -10.97
CA PHE A 141 9.82 -33.90 -10.69
C PHE A 141 10.20 -34.44 -9.33
N ILE A 142 9.21 -34.73 -8.51
CA ILE A 142 9.43 -35.26 -7.17
C ILE A 142 8.58 -36.50 -6.93
N GLU A 143 9.21 -37.57 -6.46
CA GLU A 143 8.51 -38.80 -6.14
C GLU A 143 7.99 -38.73 -4.71
N THR A 144 6.69 -38.91 -4.52
CA THR A 144 6.12 -38.83 -3.19
C THR A 144 5.14 -39.97 -2.91
N SER A 145 4.66 -40.00 -1.69
CA SER A 145 3.68 -40.99 -1.27
C SER A 145 2.98 -40.47 -0.03
N ALA A 146 1.71 -40.17 -0.16
CA ALA A 146 0.93 -39.63 0.94
C ALA A 146 0.82 -40.61 2.10
N LYS A 147 0.80 -41.89 1.78
CA LYS A 147 0.67 -42.94 2.79
C LYS A 147 1.84 -42.89 3.77
N THR A 148 2.99 -42.43 3.31
CA THR A 148 4.17 -42.35 4.14
C THR A 148 4.58 -40.90 4.38
N ARG A 149 3.91 -39.98 3.68
CA ARG A 149 4.15 -38.52 3.77
C ARG A 149 5.56 -38.13 3.30
N GLN A 150 6.25 -39.09 2.70
CA GLN A 150 7.60 -38.88 2.22
C GLN A 150 7.63 -37.98 0.99
N GLY A 151 8.27 -36.82 1.13
CA GLY A 151 8.41 -35.89 0.02
C GLY A 151 7.25 -34.92 -0.11
N VAL A 152 6.25 -35.07 0.73
CA VAL A 152 5.07 -34.19 0.69
C VAL A 152 5.46 -32.73 0.92
N ASP A 153 6.29 -32.49 1.93
CA ASP A 153 6.72 -31.14 2.24
C ASP A 153 7.56 -30.56 1.11
N ASP A 154 8.53 -31.35 0.66
CA ASP A 154 9.45 -30.95 -0.41
C ASP A 154 8.70 -30.58 -1.69
N ALA A 155 7.72 -31.39 -2.07
CA ALA A 155 6.94 -31.14 -3.28
C ALA A 155 6.23 -29.79 -3.23
N PHE A 156 5.56 -29.54 -2.12
CA PHE A 156 4.83 -28.29 -1.94
C PHE A 156 5.79 -27.11 -1.85
N TYR A 157 6.92 -27.32 -1.16
CA TYR A 157 7.92 -26.28 -0.98
C TYR A 157 8.56 -25.89 -2.32
N THR A 158 8.80 -26.89 -3.16
CA THR A 158 9.41 -26.65 -4.46
C THR A 158 8.48 -25.88 -5.38
N LEU A 159 7.17 -26.05 -5.19
CA LEU A 159 6.19 -25.35 -6.01
C LEU A 159 6.30 -23.84 -5.76
N VAL A 160 6.58 -23.48 -4.51
CA VAL A 160 6.72 -22.08 -4.14
C VAL A 160 7.99 -21.52 -4.78
N ARG A 161 9.00 -22.36 -4.90
CA ARG A 161 10.27 -21.98 -5.51
C ARG A 161 10.08 -21.57 -6.96
N GLU A 162 9.30 -22.37 -7.67
CA GLU A 162 9.02 -22.11 -9.09
C GLU A 162 8.30 -20.78 -9.26
N ILE A 163 7.41 -20.47 -8.33
CA ILE A 163 6.66 -19.21 -8.39
C ILE A 163 7.58 -18.01 -8.18
N ARG A 164 8.48 -18.11 -7.21
CA ARG A 164 9.42 -17.03 -6.92
C ARG A 164 10.31 -16.75 -8.12
N LYS A 165 10.83 -17.80 -8.74
CA LYS A 165 11.68 -17.66 -9.91
C LYS A 165 10.87 -17.06 -11.05
N HIS A 166 9.62 -17.47 -11.14
CA HIS A 166 8.70 -16.98 -12.16
C HIS A 166 8.49 -15.47 -12.01
N LYS A 167 8.30 -15.02 -10.78
CA LYS A 167 8.09 -13.60 -10.51
C LYS A 167 9.27 -12.76 -10.99
N GLU A 168 10.49 -13.18 -10.66
CA GLU A 168 11.68 -12.45 -11.07
C GLU A 168 11.83 -12.52 -12.59
N LYS A 169 11.50 -13.68 -13.15
CA LYS A 169 11.58 -13.88 -14.58
C LYS A 169 10.59 -12.95 -15.28
N MET A 170 9.44 -12.75 -14.67
CA MET A 170 8.40 -11.88 -15.22
C MET A 170 8.78 -10.41 -15.07
N SER A 171 9.67 -10.12 -14.13
CA SER A 171 10.12 -8.74 -13.91
C SER A 171 11.25 -8.41 -14.87
N LYS A 172 12.08 -9.40 -15.16
CA LYS A 172 13.19 -9.23 -16.07
C LYS A 172 12.72 -9.34 -17.51
N ASP A 173 11.75 -10.24 -17.73
CA ASP A 173 11.15 -10.46 -19.04
C ASP A 173 12.16 -11.02 -20.04
N GLY A 174 11.67 -11.40 -21.21
CA GLY A 174 12.55 -11.92 -22.24
C GLY A 174 13.15 -10.76 -23.02
N LYS A 175 12.43 -9.66 -23.06
CA LYS A 175 12.84 -8.45 -23.75
C LYS A 175 11.83 -7.35 -23.48
N LYS A 176 11.90 -6.28 -24.26
CA LYS A 176 10.98 -5.14 -24.12
C LYS A 176 11.21 -4.31 -22.87
N LYS A 177 11.02 -4.91 -21.70
CA LYS A 177 11.18 -4.21 -20.44
C LYS A 177 12.57 -4.41 -19.83
N LYS A 178 12.76 -5.51 -19.10
CA LYS A 178 14.04 -5.82 -18.45
C LYS A 178 14.35 -4.87 -17.29
N LYS A 179 14.22 -5.39 -16.07
CA LYS A 179 14.47 -4.60 -14.86
C LYS A 179 15.82 -4.95 -14.22
N LYS A 180 15.83 -6.03 -13.45
CA LYS A 180 17.05 -6.50 -12.75
C LYS A 180 18.23 -6.69 -13.72
N SER A 181 19.27 -5.89 -13.55
CA SER A 181 20.45 -5.96 -14.39
C SER A 181 21.72 -5.85 -13.54
N LYS A 182 22.80 -6.44 -14.01
CA LYS A 182 24.08 -6.39 -13.30
C LYS A 182 25.21 -6.86 -14.21
N THR A 183 26.15 -5.97 -14.48
CA THR A 183 27.30 -6.30 -15.33
C THR A 183 28.56 -5.61 -14.81
N LYS A 184 29.52 -6.39 -14.34
CA LYS A 184 30.77 -5.83 -13.84
C LYS A 184 31.81 -5.78 -14.94
N THR B 2 -9.41 -3.96 16.12
CA THR B 2 -10.63 -4.62 15.69
C THR B 2 -11.11 -5.64 16.71
N GLU B 3 -12.32 -5.45 17.21
CA GLU B 3 -12.90 -6.36 18.19
C GLU B 3 -13.63 -7.50 17.48
N TYR B 4 -13.35 -8.72 17.91
CA TYR B 4 -13.97 -9.89 17.31
C TYR B 4 -14.73 -10.70 18.35
N LYS B 5 -16.05 -10.68 18.27
CA LYS B 5 -16.89 -11.42 19.22
C LYS B 5 -17.02 -12.87 18.79
N LEU B 6 -16.40 -13.78 19.52
CA LEU B 6 -16.44 -15.19 19.19
C LEU B 6 -16.95 -16.02 20.37
N VAL B 7 -17.99 -16.80 20.12
CA VAL B 7 -18.58 -17.63 21.17
C VAL B 7 -18.28 -19.10 20.93
N VAL B 8 -17.95 -19.81 21.99
CA VAL B 8 -17.66 -21.24 21.91
C VAL B 8 -18.93 -22.03 22.22
N VAL B 9 -19.35 -22.85 21.27
CA VAL B 9 -20.55 -23.65 21.43
C VAL B 9 -20.25 -25.13 21.30
N GLY B 10 -21.19 -25.94 21.76
CA GLY B 10 -21.03 -27.39 21.68
C GLY B 10 -21.59 -28.06 22.91
N ALA B 11 -21.58 -29.39 22.90
CA ALA B 11 -22.08 -30.16 24.04
C ALA B 11 -21.21 -29.97 25.27
N ASP B 12 -21.68 -30.43 26.41
CA ASP B 12 -20.94 -30.30 27.65
C ASP B 12 -19.88 -31.40 27.77
N GLY B 13 -18.73 -31.04 28.32
CA GLY B 13 -17.67 -32.00 28.50
C GLY B 13 -16.81 -32.21 27.26
N VAL B 14 -16.96 -31.35 26.27
CA VAL B 14 -16.18 -31.48 25.03
C VAL B 14 -14.81 -30.82 25.14
N GLY B 15 -14.68 -29.88 26.06
CA GLY B 15 -13.41 -29.19 26.25
C GLY B 15 -13.47 -27.74 25.85
N LYS B 16 -14.68 -27.18 25.79
CA LYS B 16 -14.89 -25.78 25.42
C LYS B 16 -14.13 -24.85 26.36
N SER B 17 -14.22 -25.13 27.65
CA SER B 17 -13.56 -24.30 28.64
C SER B 17 -12.06 -24.61 28.67
N ALA B 18 -11.70 -25.86 28.44
CA ALA B 18 -10.30 -26.25 28.43
C ALA B 18 -9.55 -25.57 27.30
N LEU B 19 -10.13 -25.59 26.10
CA LEU B 19 -9.53 -24.96 24.93
C LEU B 19 -9.40 -23.46 25.16
N THR B 20 -10.44 -22.87 25.74
CA THR B 20 -10.45 -21.44 26.01
C THR B 20 -9.37 -21.06 27.04
N ILE B 21 -9.26 -21.87 28.10
CA ILE B 21 -8.27 -21.62 29.14
C ILE B 21 -6.85 -21.80 28.60
N GLN B 22 -6.68 -22.72 27.66
CA GLN B 22 -5.39 -22.98 27.04
C GLN B 22 -4.89 -21.76 26.28
N LEU B 23 -5.81 -20.91 25.86
CA LEU B 23 -5.45 -19.70 25.13
C LEU B 23 -5.38 -18.50 26.07
N ILE B 24 -6.12 -18.58 27.17
CA ILE B 24 -6.16 -17.49 28.14
C ILE B 24 -5.04 -17.63 29.17
N GLN B 25 -5.03 -18.74 29.90
CA GLN B 25 -4.04 -18.97 30.94
C GLN B 25 -2.89 -19.83 30.43
N ASN B 26 -3.09 -20.41 29.25
CA ASN B 26 -2.08 -21.25 28.59
C ASN B 26 -1.81 -22.56 29.32
N HIS B 27 -2.83 -23.11 29.94
CA HIS B 27 -2.68 -24.38 30.64
C HIS B 27 -3.95 -25.21 30.58
N PHE B 28 -3.81 -26.52 30.60
CA PHE B 28 -4.94 -27.41 30.54
C PHE B 28 -5.42 -27.74 31.95
N VAL B 29 -6.72 -27.69 32.15
CA VAL B 29 -7.32 -27.99 33.44
C VAL B 29 -7.84 -29.42 33.45
N ASP B 30 -7.37 -30.22 34.40
CA ASP B 30 -7.80 -31.61 34.50
C ASP B 30 -9.11 -31.72 35.27
N GLU B 31 -9.55 -30.60 35.82
CA GLU B 31 -10.78 -30.54 36.58
C GLU B 31 -11.91 -30.01 35.70
N TYR B 32 -12.99 -30.79 35.59
CA TYR B 32 -14.12 -30.38 34.77
C TYR B 32 -14.89 -29.25 35.45
N ASP B 33 -15.05 -28.14 34.74
CA ASP B 33 -15.78 -27.00 35.26
C ASP B 33 -17.03 -26.73 34.42
N PRO B 34 -18.20 -26.68 35.06
CA PRO B 34 -19.47 -26.44 34.38
C PRO B 34 -19.78 -24.94 34.25
N THR B 35 -18.93 -24.22 33.52
CA THR B 35 -19.14 -22.80 33.32
C THR B 35 -20.38 -22.56 32.47
N ILE B 36 -21.40 -22.00 33.09
CA ILE B 36 -22.65 -21.73 32.39
C ILE B 36 -22.43 -20.63 31.35
N GLU B 37 -21.70 -19.59 31.74
CA GLU B 37 -21.41 -18.49 30.84
C GLU B 37 -20.24 -17.67 31.39
N ASP B 38 -19.09 -17.76 30.72
CA ASP B 38 -17.91 -17.04 31.15
C ASP B 38 -17.24 -16.37 29.96
N SER B 39 -17.03 -15.06 30.04
CA SER B 39 -16.39 -14.32 28.96
C SER B 39 -14.94 -13.96 29.30
N TYR B 40 -14.07 -14.02 28.30
CA TYR B 40 -12.65 -13.71 28.49
C TYR B 40 -12.17 -12.76 27.40
N ARG B 41 -11.15 -11.96 27.73
CA ARG B 41 -10.61 -10.99 26.79
C ARG B 41 -9.12 -11.23 26.55
N LYS B 42 -8.70 -11.06 25.31
CA LYS B 42 -7.30 -11.24 24.95
C LYS B 42 -6.97 -10.42 23.70
N GLN B 43 -5.81 -9.80 23.67
CA GLN B 43 -5.40 -9.01 22.52
C GLN B 43 -4.26 -9.70 21.80
N VAL B 44 -4.48 -10.08 20.55
CA VAL B 44 -3.46 -10.76 19.76
C VAL B 44 -3.24 -10.07 18.43
N VAL B 45 -2.14 -10.39 17.77
CA VAL B 45 -1.82 -9.79 16.48
C VAL B 45 -1.89 -10.87 15.39
N ILE B 46 -2.96 -10.81 14.60
CA ILE B 46 -3.16 -11.78 13.52
C ILE B 46 -3.01 -11.11 12.16
N ASP B 47 -2.06 -11.61 11.36
CA ASP B 47 -1.80 -11.09 10.01
C ASP B 47 -1.31 -9.65 10.05
N GLY B 48 -0.75 -9.25 11.18
CA GLY B 48 -0.24 -7.90 11.33
C GLY B 48 -1.30 -6.93 11.85
N GLU B 49 -2.47 -7.45 12.18
CA GLU B 49 -3.55 -6.63 12.70
C GLU B 49 -3.77 -6.89 14.18
N THR B 50 -3.98 -5.83 14.94
CA THR B 50 -4.24 -5.96 16.37
C THR B 50 -5.70 -6.37 16.54
N CYS B 51 -5.90 -7.62 16.94
CA CYS B 51 -7.23 -8.15 17.10
C CYS B 51 -7.61 -8.28 18.58
N LEU B 52 -8.76 -7.73 18.93
CA LEU B 52 -9.25 -7.79 20.29
C LEU B 52 -10.24 -8.95 20.39
N LEU B 53 -9.84 -9.99 21.09
CA LEU B 53 -10.68 -11.17 21.23
C LEU B 53 -11.67 -11.06 22.38
N ASP B 54 -12.93 -11.33 22.05
CA ASP B 54 -14.01 -11.32 23.02
C ASP B 54 -14.66 -12.69 22.96
N ILE B 55 -14.09 -13.63 23.71
CA ILE B 55 -14.57 -15.01 23.70
C ILE B 55 -15.55 -15.28 24.85
N LEU B 56 -16.64 -15.94 24.51
CA LEU B 56 -17.65 -16.29 25.48
C LEU B 56 -17.83 -17.81 25.56
N ASP B 57 -17.50 -18.38 26.71
CA ASP B 57 -17.62 -19.81 26.93
C ASP B 57 -19.01 -20.10 27.51
N THR B 58 -19.81 -20.85 26.77
CA THR B 58 -21.16 -21.19 27.21
C THR B 58 -21.27 -22.67 27.51
N ALA B 59 -22.09 -23.00 28.50
CA ALA B 59 -22.30 -24.39 28.91
C ALA B 59 -23.01 -25.20 27.82
N GLY B 60 -23.09 -26.51 28.01
CA GLY B 60 -23.73 -27.35 27.03
C GLY B 60 -24.62 -28.39 27.67
N GLN B 61 -25.30 -28.02 28.73
CA GLN B 61 -26.19 -28.92 29.43
C GLN B 61 -27.64 -28.70 29.01
N GLU B 62 -27.81 -27.94 27.94
CA GLU B 62 -29.13 -27.63 27.38
C GLU B 62 -30.05 -26.92 28.37
N GLU B 63 -31.35 -27.01 28.11
CA GLU B 63 -32.38 -26.40 28.95
C GLU B 63 -32.53 -24.90 28.68
N TYR B 64 -31.41 -24.19 28.68
CA TYR B 64 -31.41 -22.75 28.44
C TYR B 64 -31.50 -22.42 26.95
N SER B 65 -32.68 -22.59 26.38
CA SER B 65 -32.91 -22.31 24.99
C SER B 65 -33.09 -20.81 24.77
N ALA B 66 -33.75 -20.15 25.71
CA ALA B 66 -34.00 -18.72 25.63
C ALA B 66 -32.70 -17.93 25.82
N MET B 67 -31.86 -18.40 26.73
CA MET B 67 -30.58 -17.75 27.01
C MET B 67 -29.62 -17.97 25.85
N ARG B 68 -29.87 -19.02 25.07
CA ARG B 68 -29.04 -19.34 23.91
C ARG B 68 -29.20 -18.29 22.83
N ASP B 69 -30.44 -17.85 22.64
CA ASP B 69 -30.76 -16.83 21.63
C ASP B 69 -30.05 -15.51 21.94
N GLN B 70 -29.82 -15.26 23.22
CA GLN B 70 -29.17 -14.04 23.67
C GLN B 70 -27.72 -13.95 23.23
N TYR B 71 -26.90 -14.93 23.63
CA TYR B 71 -25.49 -14.92 23.26
C TYR B 71 -25.25 -15.12 21.77
N MET B 72 -26.13 -15.87 21.13
CA MET B 72 -26.02 -16.14 19.70
C MET B 72 -26.34 -14.88 18.89
N ARG B 73 -27.04 -13.95 19.52
CA ARG B 73 -27.40 -12.69 18.88
C ARG B 73 -26.22 -11.75 18.91
N THR B 74 -25.55 -11.70 20.05
CA THR B 74 -24.41 -10.83 20.24
C THR B 74 -23.15 -11.34 19.52
N GLY B 75 -22.83 -12.62 19.72
CA GLY B 75 -21.66 -13.22 19.10
C GLY B 75 -21.65 -13.15 17.59
N GLU B 76 -20.52 -12.74 17.02
CA GLU B 76 -20.38 -12.61 15.57
C GLU B 76 -19.99 -13.96 14.97
N GLY B 77 -19.00 -14.60 15.57
CA GLY B 77 -18.55 -15.90 15.09
C GLY B 77 -18.75 -16.97 16.14
N PHE B 78 -18.92 -18.21 15.69
CA PHE B 78 -19.14 -19.31 16.61
C PHE B 78 -18.19 -20.47 16.38
N LEU B 79 -17.63 -20.99 17.46
CA LEU B 79 -16.72 -22.10 17.40
C LEU B 79 -17.43 -23.39 17.78
N CYS B 80 -17.67 -24.24 16.79
CA CYS B 80 -18.35 -25.50 17.01
C CYS B 80 -17.35 -26.54 17.53
N VAL B 81 -17.29 -26.67 18.85
CA VAL B 81 -16.38 -27.61 19.47
C VAL B 81 -17.08 -28.90 19.87
N PHE B 82 -16.46 -30.02 19.53
CA PHE B 82 -16.99 -31.33 19.87
C PHE B 82 -15.85 -32.27 20.19
N ALA B 83 -16.15 -33.37 20.85
CA ALA B 83 -15.12 -34.34 21.21
C ALA B 83 -15.16 -35.54 20.25
N ILE B 84 -13.98 -35.99 19.82
CA ILE B 84 -13.87 -37.11 18.90
C ILE B 84 -14.30 -38.43 19.56
N ASN B 85 -14.32 -38.45 20.89
CA ASN B 85 -14.71 -39.64 21.63
C ASN B 85 -16.17 -39.56 22.05
N ASN B 86 -16.88 -38.56 21.55
CA ASN B 86 -18.28 -38.36 21.88
C ASN B 86 -19.11 -38.05 20.63
N THR B 87 -19.84 -39.04 20.17
CA THR B 87 -20.67 -38.89 18.98
C THR B 87 -21.83 -37.93 19.24
N LYS B 88 -22.25 -37.83 20.50
CA LYS B 88 -23.35 -36.94 20.87
C LYS B 88 -23.02 -35.50 20.49
N SER B 89 -21.80 -35.08 20.79
CA SER B 89 -21.37 -33.72 20.48
C SER B 89 -21.25 -33.52 18.97
N PHE B 90 -20.96 -34.58 18.25
CA PHE B 90 -20.83 -34.50 16.80
C PHE B 90 -22.19 -34.24 16.16
N GLU B 91 -23.22 -34.89 16.68
CA GLU B 91 -24.56 -34.71 16.16
C GLU B 91 -25.12 -33.35 16.56
N ASP B 92 -24.79 -32.93 17.79
CA ASP B 92 -25.23 -31.65 18.32
C ASP B 92 -24.78 -30.49 17.45
N ILE B 93 -23.68 -30.70 16.72
CA ILE B 93 -23.11 -29.68 15.85
C ILE B 93 -24.16 -29.15 14.86
N HIS B 94 -24.85 -30.07 14.19
CA HIS B 94 -25.87 -29.69 13.20
C HIS B 94 -27.02 -28.96 13.89
N HIS B 95 -27.48 -29.50 15.01
CA HIS B 95 -28.58 -28.91 15.77
C HIS B 95 -28.25 -27.48 16.21
N TYR B 96 -27.00 -27.27 16.59
CA TYR B 96 -26.55 -25.95 17.03
C TYR B 96 -26.44 -25.00 15.85
N ARG B 97 -25.94 -25.50 14.73
CA ARG B 97 -25.77 -24.69 13.53
C ARG B 97 -27.11 -24.14 13.04
N GLU B 98 -28.10 -25.02 12.95
CA GLU B 98 -29.44 -24.64 12.50
C GLU B 98 -30.05 -23.64 13.47
N GLN B 99 -29.74 -23.80 14.74
CA GLN B 99 -30.23 -22.92 15.78
C GLN B 99 -29.72 -21.50 15.54
N ILE B 100 -28.41 -21.40 15.32
CA ILE B 100 -27.75 -20.11 15.07
C ILE B 100 -28.36 -19.42 13.86
N LYS B 101 -28.59 -20.19 12.79
CA LYS B 101 -29.16 -19.66 11.56
C LYS B 101 -30.46 -18.93 11.79
N ARG B 102 -31.36 -19.55 12.55
CA ARG B 102 -32.66 -18.95 12.84
C ARG B 102 -32.53 -17.77 13.80
N VAL B 103 -31.64 -17.88 14.77
CA VAL B 103 -31.43 -16.84 15.76
C VAL B 103 -30.90 -15.56 15.11
N LYS B 104 -29.87 -15.70 14.29
CA LYS B 104 -29.25 -14.56 13.63
C LYS B 104 -29.97 -14.18 12.34
N ASP B 105 -30.87 -15.05 11.88
CA ASP B 105 -31.63 -14.83 10.64
C ASP B 105 -30.67 -14.66 9.47
N SER B 106 -29.74 -15.60 9.35
CA SER B 106 -28.74 -15.57 8.29
C SER B 106 -28.39 -16.99 7.85
N GLU B 107 -28.34 -17.19 6.53
CA GLU B 107 -28.00 -18.49 5.97
C GLU B 107 -26.49 -18.69 5.98
N ASP B 108 -25.76 -17.58 6.11
CA ASP B 108 -24.30 -17.62 6.13
C ASP B 108 -23.82 -17.03 7.45
N VAL B 109 -23.16 -17.87 8.26
CA VAL B 109 -22.65 -17.43 9.56
C VAL B 109 -21.23 -17.96 9.76
N PRO B 110 -20.29 -17.10 10.21
CA PRO B 110 -18.90 -17.48 10.45
C PRO B 110 -18.78 -18.53 11.56
N MET B 111 -18.43 -19.75 11.17
CA MET B 111 -18.28 -20.86 12.09
C MET B 111 -17.10 -21.73 11.68
N VAL B 112 -16.56 -22.45 12.64
CA VAL B 112 -15.44 -23.37 12.40
C VAL B 112 -15.65 -24.65 13.19
N LEU B 113 -15.53 -25.79 12.52
CA LEU B 113 -15.69 -27.07 13.18
C LEU B 113 -14.39 -27.47 13.85
N VAL B 114 -14.42 -27.60 15.16
CA VAL B 114 -13.24 -27.95 15.92
C VAL B 114 -13.43 -29.23 16.74
N GLY B 115 -12.57 -30.21 16.47
CA GLY B 115 -12.62 -31.46 17.20
C GLY B 115 -11.60 -31.46 18.31
N ASN B 116 -12.04 -31.76 19.51
CA ASN B 116 -11.15 -31.77 20.66
C ASN B 116 -10.88 -33.20 21.14
N LYS B 117 -9.87 -33.35 22.00
CA LYS B 117 -9.49 -34.65 22.58
C LYS B 117 -8.97 -35.60 21.51
N CYS B 118 -8.31 -35.05 20.50
CA CYS B 118 -7.76 -35.85 19.40
C CYS B 118 -6.58 -36.71 19.85
N ASP B 119 -6.07 -36.44 21.04
CA ASP B 119 -4.95 -37.20 21.57
C ASP B 119 -5.42 -38.47 22.27
N LEU B 120 -6.73 -38.63 22.35
CA LEU B 120 -7.32 -39.80 22.98
C LEU B 120 -7.52 -40.92 21.94
N PRO B 121 -7.21 -42.16 22.32
CA PRO B 121 -7.35 -43.32 21.42
C PRO B 121 -8.80 -43.73 21.22
N SER B 122 -9.04 -44.56 20.21
CA SER B 122 -10.37 -45.07 19.89
C SER B 122 -11.38 -43.94 19.67
N ARG B 123 -11.21 -43.22 18.58
CA ARG B 123 -12.11 -42.13 18.25
C ARG B 123 -13.40 -42.64 17.61
N THR B 124 -14.53 -42.26 18.18
CA THR B 124 -15.83 -42.69 17.67
C THR B 124 -16.20 -41.85 16.46
N VAL B 125 -15.72 -40.61 16.47
CA VAL B 125 -15.97 -39.69 15.37
C VAL B 125 -14.94 -39.88 14.28
N ASP B 126 -15.41 -40.22 13.09
CA ASP B 126 -14.52 -40.43 11.96
C ASP B 126 -13.97 -39.10 11.45
N THR B 127 -12.66 -39.04 11.27
CA THR B 127 -12.01 -37.84 10.78
C THR B 127 -12.56 -37.39 9.43
N LYS B 128 -12.85 -38.35 8.55
CA LYS B 128 -13.36 -38.05 7.22
C LYS B 128 -14.81 -37.58 7.28
N GLN B 129 -15.60 -38.17 8.17
CA GLN B 129 -17.00 -37.80 8.31
C GLN B 129 -17.12 -36.36 8.82
N ALA B 130 -16.21 -35.97 9.69
CA ALA B 130 -16.19 -34.63 10.23
C ALA B 130 -15.82 -33.64 9.13
N GLN B 131 -14.86 -34.04 8.30
CA GLN B 131 -14.42 -33.22 7.18
C GLN B 131 -15.56 -32.99 6.21
N ASP B 132 -16.31 -34.06 5.94
CA ASP B 132 -17.44 -34.01 5.02
C ASP B 132 -18.51 -33.05 5.54
N LEU B 133 -18.78 -33.13 6.85
CA LEU B 133 -19.78 -32.27 7.48
C LEU B 133 -19.37 -30.80 7.36
N ALA B 134 -18.09 -30.53 7.61
CA ALA B 134 -17.56 -29.18 7.52
C ALA B 134 -17.68 -28.66 6.10
N ARG B 135 -17.31 -29.50 5.14
CA ARG B 135 -17.37 -29.15 3.72
C ARG B 135 -18.80 -28.83 3.29
N SER B 136 -19.76 -29.55 3.87
CA SER B 136 -21.16 -29.33 3.54
C SER B 136 -21.60 -27.91 3.92
N TYR B 137 -21.02 -27.40 5.00
CA TYR B 137 -21.33 -26.05 5.45
C TYR B 137 -20.47 -25.05 4.70
N GLY B 138 -19.25 -25.48 4.36
CA GLY B 138 -18.33 -24.62 3.66
C GLY B 138 -17.32 -24.02 4.63
N ILE B 139 -17.33 -24.54 5.85
CA ILE B 139 -16.45 -24.08 6.89
C ILE B 139 -15.28 -25.05 7.08
N PRO B 140 -14.16 -24.58 7.65
CA PRO B 140 -12.99 -25.43 7.90
C PRO B 140 -13.14 -26.31 9.13
N PHE B 141 -12.38 -27.40 9.16
CA PHE B 141 -12.38 -28.33 10.26
C PHE B 141 -10.95 -28.51 10.80
N ILE B 142 -10.77 -28.23 12.07
CA ILE B 142 -9.45 -28.34 12.68
C ILE B 142 -9.44 -29.33 13.84
N GLU B 143 -8.47 -30.22 13.82
CA GLU B 143 -8.30 -31.20 14.88
C GLU B 143 -7.45 -30.59 15.98
N THR B 144 -8.00 -30.51 17.19
CA THR B 144 -7.29 -29.92 18.31
C THR B 144 -7.35 -30.80 19.55
N SER B 145 -6.63 -30.37 20.57
CA SER B 145 -6.59 -31.07 21.83
C SER B 145 -6.12 -30.09 22.90
N ALA B 146 -6.98 -29.84 23.87
CA ALA B 146 -6.65 -28.93 24.95
C ALA B 146 -5.58 -29.55 25.82
N LYS B 147 -5.59 -30.87 25.87
CA LYS B 147 -4.62 -31.63 26.63
C LYS B 147 -3.20 -31.42 26.10
N THR B 148 -3.07 -31.38 24.78
CA THR B 148 -1.76 -31.21 24.17
C THR B 148 -1.44 -29.75 23.84
N ARG B 149 -2.47 -28.89 23.82
CA ARG B 149 -2.31 -27.45 23.55
C ARG B 149 -2.13 -27.15 22.04
N GLN B 150 -1.73 -28.16 21.28
CA GLN B 150 -1.52 -27.97 19.85
C GLN B 150 -2.84 -27.85 19.09
N GLY B 151 -2.85 -27.01 18.05
CA GLY B 151 -4.04 -26.81 17.26
C GLY B 151 -4.93 -25.71 17.80
N VAL B 152 -4.93 -25.53 19.12
CA VAL B 152 -5.75 -24.52 19.78
C VAL B 152 -5.43 -23.11 19.27
N ASP B 153 -4.16 -22.87 18.95
CA ASP B 153 -3.74 -21.56 18.47
C ASP B 153 -4.29 -21.27 17.08
N ASP B 154 -4.12 -22.22 16.18
CA ASP B 154 -4.57 -22.06 14.80
C ASP B 154 -6.09 -22.08 14.69
N ALA B 155 -6.74 -22.92 15.50
CA ALA B 155 -8.20 -23.03 15.49
C ALA B 155 -8.87 -21.71 15.81
N PHE B 156 -8.50 -21.12 16.93
CA PHE B 156 -9.09 -19.84 17.36
C PHE B 156 -8.74 -18.72 16.38
N TYR B 157 -7.54 -18.77 15.81
CA TYR B 157 -7.11 -17.76 14.85
C TYR B 157 -7.89 -17.87 13.54
N THR B 158 -8.22 -19.10 13.16
CA THR B 158 -8.98 -19.34 11.95
C THR B 158 -10.38 -18.76 12.08
N LEU B 159 -10.95 -18.86 13.28
CA LEU B 159 -12.29 -18.34 13.53
C LEU B 159 -12.31 -16.82 13.31
N VAL B 160 -11.19 -16.18 13.55
CA VAL B 160 -11.06 -14.74 13.36
C VAL B 160 -11.01 -14.42 11.86
N ARG B 161 -10.35 -15.27 11.10
CA ARG B 161 -10.23 -15.10 9.65
C ARG B 161 -11.61 -15.19 9.01
N GLU B 162 -12.45 -16.06 9.57
CA GLU B 162 -13.81 -16.24 9.08
C GLU B 162 -14.59 -14.92 9.10
N ILE B 163 -14.44 -14.17 10.18
CA ILE B 163 -15.12 -12.88 10.31
C ILE B 163 -14.63 -11.91 9.24
N ARG B 164 -13.32 -11.89 9.01
CA ARG B 164 -12.73 -11.01 8.00
C ARG B 164 -13.30 -11.32 6.63
N LYS B 165 -13.47 -12.60 6.34
CA LYS B 165 -14.03 -13.04 5.07
C LYS B 165 -15.49 -12.63 4.98
N HIS B 166 -16.22 -12.84 6.07
CA HIS B 166 -17.63 -12.51 6.14
C HIS B 166 -17.86 -11.02 5.96
N LYS B 167 -17.02 -10.21 6.60
CA LYS B 167 -17.14 -8.75 6.49
C LYS B 167 -17.05 -8.30 5.04
N GLU B 168 -16.00 -8.76 4.36
CA GLU B 168 -15.78 -8.40 2.96
C GLU B 168 -16.90 -8.99 2.09
N LYS B 169 -17.31 -10.22 2.42
CA LYS B 169 -18.36 -10.89 1.68
C LYS B 169 -19.69 -10.15 1.83
N MET B 170 -19.92 -9.61 3.01
CA MET B 170 -21.14 -8.86 3.29
C MET B 170 -21.09 -7.48 2.63
N SER B 171 -19.89 -6.90 2.57
CA SER B 171 -19.71 -5.60 1.95
C SER B 171 -19.92 -5.70 0.44
N LYS B 172 -19.40 -6.77 -0.15
CA LYS B 172 -19.53 -7.01 -1.57
C LYS B 172 -20.90 -7.60 -1.87
N ASP B 173 -21.53 -8.17 -0.84
CA ASP B 173 -22.84 -8.82 -0.95
C ASP B 173 -22.96 -9.79 -2.12
N GLY B 174 -23.44 -9.31 -3.24
CA GLY B 174 -23.60 -10.14 -4.43
C GLY B 174 -24.47 -9.45 -5.45
N LYS B 175 -25.39 -8.62 -4.95
CA LYS B 175 -26.32 -7.88 -5.78
C LYS B 175 -26.95 -6.75 -4.96
N LYS B 176 -27.60 -5.81 -5.64
CA LYS B 176 -28.26 -4.66 -5.02
C LYS B 176 -27.27 -3.54 -4.71
N LYS B 177 -26.31 -3.79 -3.85
CA LYS B 177 -25.33 -2.76 -3.46
C LYS B 177 -23.94 -2.99 -4.05
N LYS B 178 -23.26 -4.04 -3.59
CA LYS B 178 -21.91 -4.37 -4.05
C LYS B 178 -20.88 -3.35 -3.55
N LYS B 179 -19.61 -3.73 -3.57
CA LYS B 179 -18.57 -2.83 -3.10
C LYS B 179 -17.30 -2.90 -3.96
N LYS B 180 -16.43 -3.86 -3.65
CA LYS B 180 -15.18 -4.02 -4.38
C LYS B 180 -15.40 -4.54 -5.80
N SER B 181 -14.62 -4.02 -6.73
CA SER B 181 -14.71 -4.43 -8.12
C SER B 181 -13.38 -4.20 -8.84
N LYS B 182 -12.87 -5.26 -9.46
CA LYS B 182 -11.61 -5.19 -10.21
C LYS B 182 -11.84 -5.72 -11.61
N THR B 183 -11.29 -5.03 -12.61
CA THR B 183 -11.44 -5.44 -13.99
C THR B 183 -10.21 -5.04 -14.81
N LYS B 184 -9.37 -6.02 -15.12
CA LYS B 184 -8.17 -5.77 -15.92
C LYS B 184 -8.15 -6.63 -17.17
N SER C 14 24.44 4.87 -44.94
CA SER C 14 24.55 4.13 -43.71
C SER C 14 26.00 3.72 -43.45
N THR C 15 26.79 3.69 -44.52
CA THR C 15 28.19 3.30 -44.45
C THR C 15 29.01 4.32 -43.66
N PHE C 16 28.47 5.53 -43.53
CA PHE C 16 29.14 6.61 -42.80
C PHE C 16 29.41 6.21 -41.36
N SER C 17 28.51 5.41 -40.80
CA SER C 17 28.64 4.92 -39.43
C SER C 17 29.85 4.02 -39.28
N LYS C 18 30.12 3.22 -40.30
CA LYS C 18 31.24 2.31 -40.28
C LYS C 18 32.55 3.05 -40.54
N LEU C 19 32.44 4.20 -41.18
CA LEU C 19 33.63 5.01 -41.48
C LEU C 19 34.27 5.52 -40.20
N ARG C 20 33.45 6.14 -39.35
CA ARG C 20 33.95 6.66 -38.07
C ARG C 20 34.21 5.54 -37.08
N GLU C 21 33.58 4.39 -37.32
CA GLU C 21 33.73 3.23 -36.45
C GLU C 21 35.13 2.63 -36.59
N GLN C 22 35.73 2.83 -37.75
CA GLN C 22 37.07 2.29 -38.01
C GLN C 22 38.16 3.31 -37.72
N LEU C 23 37.81 4.58 -37.81
CA LEU C 23 38.76 5.66 -37.56
C LEU C 23 38.94 5.91 -36.05
N GLY C 24 37.94 5.51 -35.27
CA GLY C 24 37.99 5.71 -33.83
C GLY C 24 39.10 4.93 -33.13
N PRO C 25 39.06 3.58 -33.16
CA PRO C 25 40.05 2.70 -32.52
C PRO C 25 41.50 3.18 -32.64
N VAL C 26 41.93 3.45 -33.87
CA VAL C 26 43.30 3.89 -34.14
C VAL C 26 43.68 5.09 -33.27
N THR C 27 42.85 6.11 -33.32
CA THR C 27 43.08 7.32 -32.56
C THR C 27 42.88 7.10 -31.06
N GLN C 28 41.88 6.29 -30.72
CA GLN C 28 41.57 6.00 -29.32
C GLN C 28 42.78 5.41 -28.59
N GLU C 29 43.43 4.44 -29.23
CA GLU C 29 44.61 3.79 -28.65
C GLU C 29 45.77 4.76 -28.49
N PHE C 30 45.92 5.65 -29.45
CA PHE C 30 47.00 6.64 -29.42
C PHE C 30 46.78 7.61 -28.26
N TRP C 31 45.55 8.10 -28.14
CA TRP C 31 45.21 9.03 -27.06
C TRP C 31 45.31 8.35 -25.71
N ASP C 32 44.90 7.09 -25.66
CA ASP C 32 44.95 6.30 -24.44
C ASP C 32 46.37 6.29 -23.87
N ASN C 33 47.33 6.08 -24.75
CA ASN C 33 48.74 6.05 -24.37
C ASN C 33 49.20 7.41 -23.85
N LEU C 34 48.75 8.47 -24.50
CA LEU C 34 49.11 9.82 -24.09
C LEU C 34 48.54 10.17 -22.73
N GLU C 35 47.28 9.82 -22.52
CA GLU C 35 46.60 10.09 -21.27
C GLU C 35 47.21 9.30 -20.13
N LYS C 36 47.61 8.06 -20.42
CA LYS C 36 48.22 7.20 -19.43
C LYS C 36 49.53 7.78 -18.92
N GLU C 37 50.31 8.35 -19.85
CA GLU C 37 51.58 8.97 -19.49
C GLU C 37 51.36 10.12 -18.51
N THR C 38 50.31 10.89 -18.76
CA THR C 38 49.97 12.00 -17.89
C THR C 38 49.44 11.47 -16.56
N GLU C 39 48.73 10.35 -16.61
CA GLU C 39 48.18 9.74 -15.41
C GLU C 39 49.31 9.33 -14.49
N GLY C 40 50.34 8.72 -15.07
CA GLY C 40 51.48 8.30 -14.28
C GLY C 40 52.16 9.49 -13.60
N LEU C 41 52.31 10.58 -14.33
CA LEU C 41 52.92 11.78 -13.80
C LEU C 41 52.08 12.38 -12.68
N ARG C 42 50.78 12.48 -12.92
CA ARG C 42 49.86 13.04 -11.93
C ARG C 42 49.81 12.16 -10.68
N GLN C 43 49.86 10.84 -10.88
CA GLN C 43 49.84 9.90 -9.75
C GLN C 43 51.11 10.05 -8.91
N GLU C 44 52.24 10.24 -9.58
CA GLU C 44 53.52 10.42 -8.90
C GLU C 44 53.48 11.66 -8.01
N MET C 45 52.86 12.72 -8.52
CA MET C 45 52.73 13.96 -7.76
C MET C 45 51.83 13.75 -6.55
N SER C 46 50.81 12.92 -6.72
CA SER C 46 49.87 12.63 -5.65
C SER C 46 50.55 11.81 -4.55
N LYS C 47 51.56 11.03 -4.95
CA LYS C 47 52.32 10.20 -4.02
C LYS C 47 53.08 11.10 -3.05
N ASP C 48 53.66 12.17 -3.58
CA ASP C 48 54.43 13.11 -2.76
C ASP C 48 53.48 13.82 -1.79
N LEU C 49 52.32 14.21 -2.30
CA LEU C 49 51.32 14.89 -1.50
C LEU C 49 50.86 14.04 -0.31
N GLU C 50 50.77 12.73 -0.54
CA GLU C 50 50.35 11.81 0.50
C GLU C 50 51.41 11.78 1.62
N GLU C 51 52.67 11.87 1.22
CA GLU C 51 53.78 11.87 2.16
C GLU C 51 53.73 13.13 3.02
N VAL C 52 53.39 14.26 2.40
CA VAL C 52 53.28 15.53 3.10
C VAL C 52 52.28 15.41 4.24
N LYS C 53 51.16 14.75 3.95
CA LYS C 53 50.11 14.55 4.94
C LYS C 53 50.64 13.73 6.13
N ALA C 54 51.41 12.70 5.83
CA ALA C 54 51.96 11.84 6.87
C ALA C 54 53.10 12.50 7.64
N LYS C 55 53.64 13.59 7.09
CA LYS C 55 54.73 14.30 7.73
C LYS C 55 54.24 15.24 8.83
N VAL C 56 53.16 15.96 8.54
CA VAL C 56 52.60 16.90 9.52
C VAL C 56 51.63 16.19 10.46
N GLN C 57 51.34 14.93 10.17
CA GLN C 57 50.41 14.12 10.95
C GLN C 57 50.72 14.10 12.46
N PRO C 58 51.93 13.65 12.88
CA PRO C 58 52.27 13.57 14.30
C PRO C 58 52.35 14.92 15.01
N TYR C 59 52.74 15.96 14.26
CA TYR C 59 52.88 17.29 14.84
C TYR C 59 51.53 17.89 15.18
N LEU C 60 50.55 17.72 14.30
CA LEU C 60 49.21 18.26 14.54
C LEU C 60 48.53 17.55 15.70
N ASP C 61 48.82 16.26 15.83
CA ASP C 61 48.25 15.44 16.90
C ASP C 61 48.75 15.88 18.28
N ASP C 62 50.03 16.22 18.36
CA ASP C 62 50.63 16.65 19.62
C ASP C 62 50.05 17.99 20.08
N PHE C 63 49.87 18.90 19.12
CA PHE C 63 49.30 20.21 19.41
C PHE C 63 47.85 20.05 19.87
N GLN C 64 47.17 19.08 19.29
CA GLN C 64 45.79 18.79 19.63
C GLN C 64 45.68 18.37 21.08
N LYS C 65 46.59 17.50 21.53
CA LYS C 65 46.60 17.02 22.90
C LYS C 65 46.75 18.18 23.87
N LYS C 66 47.63 19.12 23.51
CA LYS C 66 47.88 20.28 24.34
C LYS C 66 46.62 21.11 24.53
N TRP C 67 45.86 21.28 23.45
CA TRP C 67 44.63 22.06 23.49
C TRP C 67 43.58 21.33 24.33
N GLN C 68 43.57 20.01 24.23
CA GLN C 68 42.63 19.18 24.99
C GLN C 68 42.80 19.40 26.48
N GLU C 69 44.03 19.32 26.96
CA GLU C 69 44.32 19.50 28.37
C GLU C 69 43.99 20.90 28.86
N GLU C 70 44.33 21.91 28.04
CA GLU C 70 44.05 23.30 28.39
C GLU C 70 42.53 23.50 28.55
N MET C 71 41.79 22.90 27.64
CA MET C 71 40.33 22.98 27.66
C MET C 71 39.76 22.19 28.83
N GLU C 72 40.34 21.02 29.06
CA GLU C 72 39.93 20.14 30.14
C GLU C 72 40.10 20.82 31.50
N LEU C 73 41.19 21.56 31.64
CA LEU C 73 41.49 22.28 32.88
C LEU C 73 40.36 23.25 33.22
N TYR C 74 39.98 24.08 32.24
CA TYR C 74 38.92 25.06 32.43
C TYR C 74 37.58 24.39 32.71
N ARG C 75 37.37 23.23 32.08
CA ARG C 75 36.12 22.49 32.26
C ARG C 75 35.90 22.13 33.72
N GLN C 76 36.97 21.72 34.39
CA GLN C 76 36.89 21.36 35.81
C GLN C 76 36.85 22.62 36.67
N LYS C 77 37.52 23.66 36.19
CA LYS C 77 37.59 24.92 36.92
C LYS C 77 36.21 25.59 37.01
N VAL C 78 35.45 25.50 35.94
CA VAL C 78 34.12 26.09 35.88
C VAL C 78 33.05 25.15 36.44
N GLU C 79 33.48 24.01 36.96
CA GLU C 79 32.55 23.03 37.53
C GLU C 79 32.01 23.46 38.90
N PRO C 80 32.88 23.76 39.89
CA PRO C 80 32.42 24.17 41.24
C PRO C 80 31.62 25.47 41.19
N LEU C 81 32.03 26.38 40.32
CA LEU C 81 31.35 27.66 40.19
C LEU C 81 29.94 27.46 39.62
N ARG C 82 29.81 26.47 38.74
CA ARG C 82 28.53 26.15 38.11
C ARG C 82 27.52 25.76 39.18
N ALA C 83 27.98 25.01 40.18
CA ALA C 83 27.13 24.57 41.26
C ALA C 83 26.62 25.74 42.09
N GLU C 84 27.42 26.80 42.17
CA GLU C 84 27.04 27.99 42.91
C GLU C 84 25.98 28.76 42.15
N LEU C 85 26.21 28.92 40.84
CA LEU C 85 25.28 29.62 39.98
C LEU C 85 23.98 28.83 39.86
N GLN C 86 24.12 27.51 39.93
CA GLN C 86 22.97 26.61 39.86
C GLN C 86 22.03 26.88 41.03
N GLU C 87 22.61 26.98 42.24
CA GLU C 87 21.82 27.26 43.43
C GLU C 87 21.27 28.67 43.41
N GLY C 88 22.06 29.60 42.86
CA GLY C 88 21.62 30.98 42.76
C GLY C 88 20.40 31.08 41.88
N ALA C 89 20.31 30.19 40.90
CA ALA C 89 19.18 30.15 39.99
C ALA C 89 18.23 29.04 40.39
N ARG C 90 18.40 28.52 41.61
CA ARG C 90 17.55 27.45 42.11
C ARG C 90 16.79 27.92 43.35
N GLN C 91 17.32 28.93 44.03
CA GLN C 91 16.66 29.47 45.21
C GLN C 91 16.13 30.88 44.91
N LYS C 92 15.03 30.92 44.18
CA LYS C 92 14.42 32.20 43.81
C LYS C 92 12.93 32.01 43.51
N LEU C 93 12.63 31.12 42.57
CA LEU C 93 11.25 30.84 42.17
C LEU C 93 10.40 30.39 43.35
N HIS C 94 11.01 29.68 44.29
CA HIS C 94 10.30 29.19 45.47
C HIS C 94 9.63 30.35 46.22
N GLU C 95 10.31 31.49 46.21
CA GLU C 95 9.82 32.68 46.88
C GLU C 95 8.69 33.33 46.06
N LEU C 96 8.92 33.44 44.76
CA LEU C 96 7.96 34.05 43.85
C LEU C 96 6.69 33.19 43.72
N GLN C 97 6.90 31.89 43.69
CA GLN C 97 5.81 30.91 43.55
C GLN C 97 4.77 31.09 44.66
N GLU C 98 5.22 31.01 45.90
CA GLU C 98 4.33 31.12 47.05
C GLU C 98 3.72 32.53 47.15
N LYS C 99 4.31 33.48 46.46
CA LYS C 99 3.81 34.85 46.51
C LYS C 99 2.89 35.17 45.32
N LEU C 100 2.69 34.21 44.43
CA LEU C 100 1.84 34.41 43.26
C LEU C 100 0.76 33.34 43.13
N SER C 101 1.03 32.15 43.65
CA SER C 101 0.09 31.03 43.58
C SER C 101 -1.28 31.34 44.22
N PRO C 102 -1.34 31.82 45.49
CA PRO C 102 -2.61 32.12 46.17
C PRO C 102 -3.58 32.96 45.34
N LEU C 103 -3.18 34.18 45.01
CA LEU C 103 -4.04 35.09 44.25
C LEU C 103 -4.34 34.56 42.85
N GLY C 104 -3.40 33.81 42.28
CA GLY C 104 -3.60 33.26 40.96
C GLY C 104 -4.61 32.13 40.95
N GLU C 105 -4.52 31.27 41.95
CA GLU C 105 -5.43 30.14 42.08
C GLU C 105 -6.84 30.62 42.38
N GLU C 106 -6.95 31.61 43.26
CA GLU C 106 -8.24 32.16 43.66
C GLU C 106 -8.95 32.83 42.48
N MET C 107 -8.21 33.64 41.74
CA MET C 107 -8.78 34.34 40.59
C MET C 107 -9.24 33.36 39.51
N ARG C 108 -8.54 32.24 39.40
CA ARG C 108 -8.86 31.21 38.42
C ARG C 108 -10.25 30.64 38.70
N ASP C 109 -10.51 30.31 39.96
CA ASP C 109 -11.80 29.74 40.34
C ASP C 109 -12.90 30.79 40.20
N ARG C 110 -12.60 32.02 40.59
CA ARG C 110 -13.55 33.12 40.49
C ARG C 110 -13.97 33.33 39.03
N ALA C 111 -13.01 33.27 38.12
CA ALA C 111 -13.29 33.43 36.71
C ALA C 111 -14.18 32.31 36.19
N ARG C 112 -13.84 31.08 36.58
CA ARG C 112 -14.59 29.91 36.17
C ARG C 112 -16.04 30.00 36.64
N ALA C 113 -16.24 30.51 37.85
CA ALA C 113 -17.57 30.65 38.42
C ALA C 113 -18.40 31.65 37.61
N HIS C 114 -17.76 32.74 37.18
CA HIS C 114 -18.45 33.77 36.40
C HIS C 114 -18.84 33.22 35.03
N VAL C 115 -17.97 32.41 34.44
CA VAL C 115 -18.23 31.81 33.14
C VAL C 115 -19.50 30.96 33.20
N ASP C 116 -19.59 30.15 34.25
CA ASP C 116 -20.76 29.28 34.43
C ASP C 116 -22.00 30.11 34.70
N ALA C 117 -21.84 31.14 35.54
CA ALA C 117 -22.96 32.02 35.89
C ALA C 117 -23.57 32.66 34.64
N LEU C 118 -22.73 33.17 33.77
CA LEU C 118 -23.19 33.80 32.53
C LEU C 118 -23.76 32.76 31.58
N ARG C 119 -23.17 31.57 31.59
CA ARG C 119 -23.61 30.46 30.75
C ARG C 119 -25.05 30.07 31.07
N THR C 120 -25.31 29.85 32.35
CA THR C 120 -26.63 29.45 32.82
C THR C 120 -27.67 30.57 32.65
N HIS C 121 -27.26 31.82 32.92
CA HIS C 121 -28.16 32.97 32.82
C HIS C 121 -28.58 33.27 31.39
N LEU C 122 -27.70 32.99 30.44
CA LEU C 122 -27.98 33.25 29.02
C LEU C 122 -28.85 32.15 28.40
N ALA C 123 -28.95 31.02 29.08
CA ALA C 123 -29.73 29.88 28.58
C ALA C 123 -31.20 30.19 28.29
N PRO C 124 -32.00 30.68 29.28
CA PRO C 124 -33.42 30.99 29.06
C PRO C 124 -33.66 32.00 27.94
N TYR C 125 -32.80 33.00 27.87
CA TYR C 125 -32.92 34.04 26.86
C TYR C 125 -32.62 33.46 25.48
N SER C 126 -31.64 32.58 25.42
CA SER C 126 -31.25 31.94 24.18
C SER C 126 -32.36 31.01 23.68
N ASP C 127 -32.86 30.18 24.56
CA ASP C 127 -33.92 29.22 24.21
C ASP C 127 -35.18 29.93 23.73
N GLU C 128 -35.53 31.00 24.40
CA GLU C 128 -36.71 31.79 24.05
C GLU C 128 -36.59 32.33 22.62
N LEU C 129 -35.48 33.01 22.34
CA LEU C 129 -35.24 33.59 21.02
C LEU C 129 -35.15 32.51 19.95
N ARG C 130 -34.52 31.39 20.30
CA ARG C 130 -34.34 30.28 19.39
C ARG C 130 -35.67 29.66 18.97
N GLN C 131 -36.53 29.39 19.96
CA GLN C 131 -37.83 28.77 19.69
C GLN C 131 -38.72 29.70 18.89
N ARG C 132 -38.69 30.99 19.22
CA ARG C 132 -39.50 31.98 18.53
C ARG C 132 -39.04 32.21 17.09
N LEU C 133 -37.77 31.92 16.83
CA LEU C 133 -37.23 32.08 15.48
C LEU C 133 -37.50 30.83 14.64
N ALA C 134 -37.61 29.69 15.31
CA ALA C 134 -37.88 28.42 14.63
C ALA C 134 -39.19 28.51 13.88
N ALA C 135 -40.19 29.10 14.52
CA ALA C 135 -41.51 29.26 13.92
C ALA C 135 -41.48 30.27 12.80
N ARG C 136 -40.61 31.26 12.91
CA ARG C 136 -40.47 32.30 11.90
C ARG C 136 -39.98 31.70 10.59
N LEU C 137 -38.94 30.87 10.69
CA LEU C 137 -38.38 30.21 9.52
C LEU C 137 -39.39 29.21 8.94
N GLU C 138 -40.16 28.60 9.84
CA GLU C 138 -41.18 27.63 9.47
C GLU C 138 -42.28 28.29 8.65
N ALA C 139 -42.77 29.43 9.16
CA ALA C 139 -43.83 30.17 8.49
C ALA C 139 -43.42 30.61 7.09
N LEU C 140 -42.16 30.99 6.94
CA LEU C 140 -41.63 31.43 5.65
C LEU C 140 -41.54 30.27 4.66
N LYS C 141 -41.18 29.10 5.17
CA LYS C 141 -41.05 27.89 4.36
C LYS C 141 -42.38 27.55 3.68
N GLU C 142 -43.47 27.79 4.40
CA GLU C 142 -44.82 27.50 3.92
C GLU C 142 -45.10 28.13 2.55
N ASN C 143 -44.95 29.45 2.47
CA ASN C 143 -45.21 30.19 1.22
C ASN C 143 -44.27 29.76 0.12
N GLY C 144 -42.99 29.65 0.45
CA GLY C 144 -41.98 29.26 -0.52
C GLY C 144 -42.28 27.95 -1.19
N GLY C 145 -42.73 26.97 -0.41
CA GLY C 145 -43.04 25.65 -0.94
C GLY C 145 -44.02 25.67 -2.10
N ALA C 146 -45.06 26.48 -1.97
CA ALA C 146 -46.08 26.58 -2.99
C ALA C 146 -45.55 27.21 -4.29
N ARG C 147 -44.62 28.14 -4.15
CA ARG C 147 -44.06 28.84 -5.29
C ARG C 147 -42.93 28.07 -5.97
N LEU C 148 -42.08 27.43 -5.19
CA LEU C 148 -40.96 26.67 -5.75
C LEU C 148 -41.46 25.48 -6.59
N ALA C 149 -42.61 24.94 -6.20
CA ALA C 149 -43.19 23.80 -6.89
C ALA C 149 -43.55 24.14 -8.33
N GLU C 150 -44.12 25.33 -8.53
CA GLU C 150 -44.52 25.77 -9.87
C GLU C 150 -43.31 26.10 -10.72
N TYR C 151 -42.32 26.73 -10.10
CA TYR C 151 -41.09 27.13 -10.79
C TYR C 151 -40.35 25.92 -11.34
N HIS C 152 -40.28 24.86 -10.55
CA HIS C 152 -39.60 23.62 -10.94
C HIS C 152 -40.22 23.03 -12.22
N ALA C 153 -41.55 22.99 -12.26
CA ALA C 153 -42.27 22.43 -13.41
C ALA C 153 -41.97 23.24 -14.68
N LYS C 154 -42.11 24.56 -14.57
CA LYS C 154 -41.87 25.45 -15.71
C LYS C 154 -40.42 25.37 -16.19
N ALA C 155 -39.50 25.31 -15.24
CA ALA C 155 -38.08 25.25 -15.57
C ALA C 155 -37.73 23.94 -16.28
N THR C 156 -38.22 22.83 -15.75
CA THR C 156 -37.96 21.53 -16.34
C THR C 156 -38.45 21.45 -17.79
N GLU C 157 -39.65 21.97 -18.03
CA GLU C 157 -40.22 21.99 -19.36
C GLU C 157 -39.33 22.78 -20.32
N HIS C 158 -39.06 24.02 -19.94
CA HIS C 158 -38.24 24.95 -20.72
C HIS C 158 -36.84 24.38 -21.02
N LEU C 159 -36.29 23.65 -20.08
CA LEU C 159 -34.95 23.06 -20.25
C LEU C 159 -34.94 21.85 -21.18
N SER C 160 -36.03 21.09 -21.20
CA SER C 160 -36.13 19.89 -22.02
C SER C 160 -36.28 20.18 -23.51
N THR C 161 -37.05 21.22 -23.84
CA THR C 161 -37.31 21.59 -25.23
C THR C 161 -36.05 21.73 -26.10
N LEU C 162 -35.01 22.34 -25.55
CA LEU C 162 -33.76 22.55 -26.31
C LEU C 162 -32.86 21.32 -26.36
N SER C 163 -33.29 20.22 -25.76
CA SER C 163 -32.50 19.00 -25.76
C SER C 163 -33.15 17.92 -26.62
N GLU C 164 -34.37 18.17 -27.05
CA GLU C 164 -35.11 17.21 -27.86
C GLU C 164 -34.98 17.48 -29.36
N LYS C 165 -34.13 18.43 -29.71
CA LYS C 165 -33.92 18.78 -31.12
C LYS C 165 -32.44 19.00 -31.44
N ALA C 166 -31.57 18.62 -30.50
CA ALA C 166 -30.14 18.79 -30.69
C ALA C 166 -29.47 17.55 -31.25
N LYS C 167 -30.00 16.38 -30.89
CA LYS C 167 -29.44 15.11 -31.36
C LYS C 167 -29.61 14.90 -32.87
N PRO C 168 -30.84 15.03 -33.41
CA PRO C 168 -31.08 14.83 -34.85
C PRO C 168 -30.17 15.68 -35.73
N ALA C 169 -29.93 16.91 -35.30
CA ALA C 169 -29.07 17.83 -36.05
C ALA C 169 -27.64 17.31 -36.11
N LEU C 170 -27.15 16.81 -34.98
CA LEU C 170 -25.80 16.29 -34.90
C LEU C 170 -25.67 15.01 -35.73
N GLU C 171 -26.71 14.18 -35.67
CA GLU C 171 -26.74 12.92 -36.41
C GLU C 171 -26.76 13.16 -37.91
N ASP C 172 -27.44 14.23 -38.31
CA ASP C 172 -27.54 14.60 -39.71
C ASP C 172 -26.20 15.11 -40.23
N LEU C 173 -25.56 15.96 -39.43
CA LEU C 173 -24.28 16.54 -39.79
C LEU C 173 -23.20 15.48 -40.00
N ARG C 174 -23.19 14.47 -39.13
CA ARG C 174 -22.22 13.38 -39.21
C ARG C 174 -22.29 12.67 -40.56
N GLN C 175 -23.51 12.47 -41.05
CA GLN C 175 -23.72 11.79 -42.31
C GLN C 175 -23.30 12.63 -43.52
N GLY C 176 -23.12 13.93 -43.30
CA GLY C 176 -22.73 14.80 -44.39
C GLY C 176 -21.22 14.94 -44.51
N LEU C 177 -20.52 14.77 -43.40
CA LEU C 177 -19.06 14.88 -43.37
C LEU C 177 -18.40 13.58 -43.79
N LEU C 178 -19.05 12.48 -43.44
CA LEU C 178 -18.56 11.13 -43.74
C LEU C 178 -18.07 10.92 -45.19
N PRO C 179 -18.91 11.22 -46.20
CA PRO C 179 -18.53 11.04 -47.62
C PRO C 179 -17.19 11.68 -47.99
N VAL C 180 -17.03 12.94 -47.63
CA VAL C 180 -15.80 13.68 -47.95
C VAL C 180 -14.62 13.17 -47.13
N LEU C 181 -14.88 12.86 -45.86
CA LEU C 181 -13.85 12.36 -44.96
C LEU C 181 -13.33 11.01 -45.44
N GLU C 182 -14.22 10.20 -46.00
CA GLU C 182 -13.87 8.89 -46.50
C GLU C 182 -12.78 9.00 -47.57
N SER C 183 -12.95 9.96 -48.48
CA SER C 183 -12.00 10.16 -49.56
C SER C 183 -10.67 10.70 -49.02
N PHE C 184 -10.77 11.60 -48.05
CA PHE C 184 -9.60 12.22 -47.44
C PHE C 184 -8.72 11.17 -46.77
N LYS C 185 -9.34 10.21 -46.11
CA LYS C 185 -8.61 9.14 -45.43
C LYS C 185 -7.79 8.32 -46.43
N VAL C 186 -8.43 7.94 -47.53
CA VAL C 186 -7.77 7.14 -48.55
C VAL C 186 -6.58 7.87 -49.16
N SER C 187 -6.78 9.13 -49.52
CA SER C 187 -5.73 9.95 -50.09
C SER C 187 -4.54 10.10 -49.13
N PHE C 188 -4.84 10.12 -47.83
CA PHE C 188 -3.82 10.23 -46.80
C PHE C 188 -3.01 8.95 -46.68
N LEU C 189 -3.71 7.81 -46.70
CA LEU C 189 -3.07 6.51 -46.57
C LEU C 189 -1.96 6.29 -47.59
N SER C 190 -2.22 6.67 -48.83
CA SER C 190 -1.25 6.51 -49.91
C SER C 190 -0.03 7.40 -49.70
N ALA C 191 -0.23 8.54 -49.06
CA ALA C 191 0.85 9.47 -48.80
C ALA C 191 1.66 9.06 -47.58
N LEU C 192 0.96 8.58 -46.55
CA LEU C 192 1.60 8.15 -45.31
C LEU C 192 2.67 7.09 -45.57
N GLU C 193 2.31 6.08 -46.36
CA GLU C 193 3.24 5.02 -46.71
C GLU C 193 4.43 5.58 -47.47
N GLU C 194 4.16 6.51 -48.38
CA GLU C 194 5.20 7.15 -49.18
C GLU C 194 6.20 7.90 -48.29
N TYR C 195 5.68 8.69 -47.35
CA TYR C 195 6.52 9.44 -46.43
C TYR C 195 7.39 8.49 -45.61
N THR C 196 6.77 7.42 -45.11
CA THR C 196 7.47 6.43 -44.30
C THR C 196 8.60 5.77 -45.10
N LYS C 197 8.29 5.38 -46.34
CA LYS C 197 9.28 4.74 -47.20
C LYS C 197 10.44 5.68 -47.51
N LYS C 198 10.13 6.97 -47.64
CA LYS C 198 11.15 7.97 -47.93
C LYS C 198 12.13 8.11 -46.78
N LEU C 199 11.62 8.15 -45.57
CA LEU C 199 12.47 8.29 -44.39
C LEU C 199 13.20 6.98 -44.09
N ASN C 200 12.51 5.86 -44.30
CA ASN C 200 13.09 4.55 -44.05
C ASN C 200 14.25 4.27 -45.01
N SER D 14 -29.44 27.83 -34.49
CA SER D 14 -29.33 29.16 -33.94
C SER D 14 -30.70 29.71 -33.56
N THR D 15 -31.73 29.04 -34.07
CA THR D 15 -33.10 29.45 -33.79
C THR D 15 -33.58 28.84 -32.47
N PHE D 16 -32.98 27.72 -32.10
CA PHE D 16 -33.33 27.02 -30.87
C PHE D 16 -33.00 27.89 -29.65
N SER D 17 -31.85 28.54 -29.69
CA SER D 17 -31.40 29.39 -28.61
C SER D 17 -32.37 30.54 -28.42
N LYS D 18 -32.87 31.07 -29.53
CA LYS D 18 -33.81 32.19 -29.49
C LYS D 18 -35.14 31.76 -28.87
N LEU D 19 -35.47 30.47 -29.00
CA LEU D 19 -36.69 29.93 -28.43
C LEU D 19 -36.56 29.93 -26.91
N ARG D 20 -35.40 29.50 -26.43
CA ARG D 20 -35.13 29.45 -24.99
C ARG D 20 -35.05 30.88 -24.46
N GLU D 21 -34.61 31.78 -25.31
CA GLU D 21 -34.48 33.18 -24.96
C GLU D 21 -35.85 33.87 -25.01
N GLN D 22 -36.81 33.22 -25.66
CA GLN D 22 -38.15 33.77 -25.80
C GLN D 22 -38.98 33.52 -24.56
N LEU D 23 -38.92 32.31 -24.01
CA LEU D 23 -39.68 31.97 -22.83
C LEU D 23 -38.87 32.18 -21.54
N GLY D 24 -37.61 32.53 -21.72
CA GLY D 24 -36.72 32.77 -20.59
C GLY D 24 -37.18 33.91 -19.70
N PRO D 25 -37.17 35.16 -20.21
CA PRO D 25 -37.58 36.34 -19.44
C PRO D 25 -38.98 36.19 -18.84
N VAL D 26 -39.89 35.55 -19.57
CA VAL D 26 -41.26 35.35 -19.10
C VAL D 26 -41.28 34.61 -17.76
N THR D 27 -40.50 33.54 -17.68
CA THR D 27 -40.41 32.75 -16.47
C THR D 27 -39.59 33.46 -15.40
N GLN D 28 -38.46 34.04 -15.80
CA GLN D 28 -37.58 34.73 -14.88
C GLN D 28 -38.26 35.94 -14.22
N GLU D 29 -38.95 36.74 -15.03
CA GLU D 29 -39.65 37.93 -14.55
C GLU D 29 -40.69 37.56 -13.50
N PHE D 30 -41.45 36.51 -13.78
CA PHE D 30 -42.49 36.05 -12.86
C PHE D 30 -41.88 35.64 -11.52
N TRP D 31 -40.81 34.86 -11.58
CA TRP D 31 -40.13 34.39 -10.38
C TRP D 31 -39.50 35.56 -9.62
N ASP D 32 -38.89 36.48 -10.36
CA ASP D 32 -38.26 37.66 -9.76
C ASP D 32 -39.26 38.47 -8.96
N ASN D 33 -40.44 38.67 -9.53
CA ASN D 33 -41.50 39.42 -8.86
C ASN D 33 -41.95 38.70 -7.61
N LEU D 34 -42.01 37.37 -7.69
CA LEU D 34 -42.40 36.55 -6.56
C LEU D 34 -41.37 36.66 -5.44
N GLU D 35 -40.09 36.55 -5.82
CA GLU D 35 -39.00 36.64 -4.86
C GLU D 35 -38.95 38.01 -4.19
N LYS D 36 -39.61 38.99 -4.79
CA LYS D 36 -39.68 40.33 -4.22
C LYS D 36 -40.67 40.36 -3.07
N GLU D 37 -41.71 39.54 -3.18
CA GLU D 37 -42.73 39.46 -2.15
C GLU D 37 -42.16 38.76 -0.92
N THR D 38 -41.38 37.71 -1.16
CA THR D 38 -40.77 36.96 -0.07
C THR D 38 -39.79 37.84 0.69
N GLU D 39 -39.17 38.77 -0.03
CA GLU D 39 -38.24 39.70 0.56
C GLU D 39 -38.96 40.56 1.59
N GLY D 40 -40.16 41.01 1.22
CA GLY D 40 -40.96 41.82 2.11
C GLY D 40 -41.38 41.05 3.34
N LEU D 41 -41.78 39.80 3.14
CA LEU D 41 -42.21 38.95 4.25
C LEU D 41 -41.04 38.71 5.21
N ARG D 42 -39.87 38.44 4.64
CA ARG D 42 -38.68 38.19 5.43
C ARG D 42 -38.26 39.46 6.17
N GLN D 43 -38.49 40.60 5.54
CA GLN D 43 -38.15 41.89 6.13
C GLN D 43 -38.84 42.08 7.47
N GLU D 44 -40.16 41.90 7.49
CA GLU D 44 -40.92 42.07 8.72
C GLU D 44 -40.54 41.01 9.75
N MET D 45 -40.30 39.79 9.28
CA MET D 45 -39.91 38.70 10.17
C MET D 45 -38.60 39.05 10.89
N SER D 46 -37.69 39.70 10.16
CA SER D 46 -36.42 40.10 10.72
C SER D 46 -36.58 41.28 11.66
N LYS D 47 -37.50 42.19 11.32
CA LYS D 47 -37.75 43.36 12.15
C LYS D 47 -38.31 42.95 13.50
N ASP D 48 -39.24 42.00 13.47
CA ASP D 48 -39.86 41.48 14.70
C ASP D 48 -38.81 40.74 15.54
N LEU D 49 -37.90 40.07 14.84
CA LEU D 49 -36.84 39.31 15.47
C LEU D 49 -35.82 40.21 16.16
N GLU D 50 -35.36 41.25 15.44
CA GLU D 50 -34.37 42.18 15.98
C GLU D 50 -34.88 42.85 17.25
N GLU D 51 -36.17 43.11 17.31
CA GLU D 51 -36.80 43.72 18.47
C GLU D 51 -36.49 42.92 19.73
N VAL D 52 -36.53 41.60 19.61
CA VAL D 52 -36.25 40.73 20.75
C VAL D 52 -34.75 40.71 21.06
N LYS D 53 -33.94 40.54 20.01
CA LYS D 53 -32.50 40.49 20.17
C LYS D 53 -31.95 41.75 20.83
N ALA D 54 -32.52 42.89 20.45
CA ALA D 54 -32.10 44.18 20.99
C ALA D 54 -32.33 44.28 22.49
N LYS D 55 -33.32 43.54 22.98
CA LYS D 55 -33.65 43.57 24.40
C LYS D 55 -32.73 42.69 25.23
N VAL D 56 -32.10 41.71 24.59
CA VAL D 56 -31.21 40.79 25.27
C VAL D 56 -29.80 41.39 25.45
N GLN D 57 -29.47 42.32 24.58
CA GLN D 57 -28.16 42.99 24.60
C GLN D 57 -27.77 43.58 25.97
N PRO D 58 -28.62 44.46 26.56
CA PRO D 58 -28.32 45.11 27.86
C PRO D 58 -27.95 44.12 28.96
N TYR D 59 -28.67 43.01 29.04
CA TYR D 59 -28.44 42.01 30.07
C TYR D 59 -27.05 41.39 29.96
N LEU D 60 -26.58 41.26 28.73
CA LEU D 60 -25.26 40.69 28.46
C LEU D 60 -24.15 41.66 28.81
N ASP D 61 -24.35 42.94 28.46
CA ASP D 61 -23.35 43.98 28.74
C ASP D 61 -23.13 44.16 30.24
N ASP D 62 -24.22 44.13 31.00
CA ASP D 62 -24.12 44.32 32.45
C ASP D 62 -23.26 43.23 33.10
N PHE D 63 -23.44 41.98 32.66
CA PHE D 63 -22.69 40.86 33.23
C PHE D 63 -21.20 40.96 32.88
N GLN D 64 -20.90 41.69 31.82
CA GLN D 64 -19.53 41.89 31.37
C GLN D 64 -18.85 42.89 32.30
N LYS D 65 -19.47 44.04 32.45
CA LYS D 65 -18.94 45.11 33.30
C LYS D 65 -18.90 44.68 34.75
N LYS D 66 -19.79 43.75 35.09
CA LYS D 66 -19.90 43.21 36.45
C LYS D 66 -18.59 42.55 36.90
N TRP D 67 -17.81 42.04 35.96
CA TRP D 67 -16.56 41.39 36.28
C TRP D 67 -15.34 42.21 35.85
N GLN D 68 -15.51 43.03 34.80
CA GLN D 68 -14.42 43.86 34.31
C GLN D 68 -13.85 44.74 35.42
N GLU D 69 -14.74 45.36 36.19
CA GLU D 69 -14.34 46.22 37.29
C GLU D 69 -13.50 45.45 38.31
N GLU D 70 -13.99 44.28 38.70
CA GLU D 70 -13.30 43.45 39.68
C GLU D 70 -11.92 43.03 39.16
N MET D 71 -11.87 42.62 37.90
CA MET D 71 -10.63 42.19 37.27
C MET D 71 -9.62 43.34 37.24
N GLU D 72 -10.11 44.54 36.95
CA GLU D 72 -9.25 45.71 36.89
C GLU D 72 -8.70 46.09 38.26
N LEU D 73 -9.57 46.09 39.26
CA LEU D 73 -9.17 46.41 40.63
C LEU D 73 -8.18 45.39 41.16
N TYR D 74 -8.38 44.14 40.76
CA TYR D 74 -7.50 43.05 41.17
C TYR D 74 -6.11 43.23 40.56
N ARG D 75 -6.09 43.56 39.27
CA ARG D 75 -4.83 43.78 38.55
C ARG D 75 -4.01 44.89 39.21
N GLN D 76 -4.71 45.92 39.65
CA GLN D 76 -4.07 47.07 40.29
C GLN D 76 -3.46 46.69 41.64
N LYS D 77 -4.04 45.68 42.29
CA LYS D 77 -3.58 45.23 43.60
C LYS D 77 -2.37 44.30 43.49
N VAL D 78 -2.28 43.57 42.38
CA VAL D 78 -1.18 42.62 42.16
C VAL D 78 0.04 43.29 41.53
N GLU D 79 -0.16 44.48 40.96
CA GLU D 79 0.92 45.22 40.31
C GLU D 79 2.15 45.42 41.22
N PRO D 80 1.98 46.02 42.42
CA PRO D 80 3.10 46.25 43.35
C PRO D 80 3.75 44.94 43.79
N LEU D 81 2.95 43.89 43.90
CA LEU D 81 3.43 42.57 44.30
C LEU D 81 4.49 42.05 43.35
N ARG D 82 4.20 42.09 42.05
CA ARG D 82 5.15 41.63 41.04
C ARG D 82 6.35 42.56 41.00
N ALA D 83 6.12 43.84 41.27
CA ALA D 83 7.19 44.83 41.27
C ALA D 83 8.21 44.50 42.34
N GLU D 84 7.74 44.03 43.49
CA GLU D 84 8.62 43.67 44.60
C GLU D 84 9.49 42.47 44.22
N LEU D 85 8.86 41.46 43.62
CA LEU D 85 9.58 40.27 43.19
C LEU D 85 10.58 40.63 42.10
N GLN D 86 10.13 41.48 41.18
CA GLN D 86 10.95 41.96 40.08
C GLN D 86 12.15 42.73 40.62
N GLU D 87 11.92 43.47 41.70
CA GLU D 87 12.98 44.25 42.33
C GLU D 87 14.10 43.34 42.80
N GLY D 88 13.72 42.26 43.47
CA GLY D 88 14.69 41.30 43.96
C GLY D 88 15.37 40.59 42.80
N ALA D 89 14.65 40.48 41.70
CA ALA D 89 15.17 39.83 40.50
C ALA D 89 16.04 40.78 39.70
N ARG D 90 16.21 41.99 40.20
CA ARG D 90 17.03 42.98 39.53
C ARG D 90 18.45 42.93 40.05
N GLN D 91 18.60 42.78 41.37
CA GLN D 91 19.93 42.73 41.97
C GLN D 91 20.55 41.35 41.83
N LYS D 92 19.73 40.31 41.95
CA LYS D 92 20.21 38.93 41.81
C LYS D 92 20.81 38.73 40.42
N LEU D 93 20.31 39.51 39.46
CA LEU D 93 20.78 39.45 38.08
C LEU D 93 22.26 39.83 38.03
N HIS D 94 22.55 41.03 38.50
CA HIS D 94 23.90 41.55 38.51
C HIS D 94 24.81 40.72 39.40
N GLU D 95 24.23 40.17 40.47
CA GLU D 95 24.98 39.34 41.41
C GLU D 95 25.55 38.09 40.74
N LEU D 96 24.71 37.40 39.96
CA LEU D 96 25.14 36.19 39.27
C LEU D 96 26.18 36.50 38.20
N GLN D 97 25.98 37.63 37.51
CA GLN D 97 26.90 38.07 36.47
C GLN D 97 28.29 38.29 37.02
N GLU D 98 28.35 38.99 38.15
CA GLU D 98 29.61 39.31 38.81
C GLU D 98 30.37 38.06 39.24
N LYS D 99 29.67 36.94 39.36
CA LYS D 99 30.28 35.69 39.77
C LYS D 99 30.89 34.93 38.60
N LEU D 100 30.34 35.14 37.40
CA LEU D 100 30.81 34.45 36.20
C LEU D 100 31.80 35.28 35.38
N SER D 101 31.66 36.60 35.40
CA SER D 101 32.52 37.50 34.63
C SER D 101 34.03 37.22 34.78
N PRO D 102 34.57 37.21 36.02
CA PRO D 102 36.01 36.97 36.25
C PRO D 102 36.55 35.70 35.61
N LEU D 103 35.83 34.60 35.76
CA LEU D 103 36.26 33.32 35.21
C LEU D 103 36.19 33.31 33.68
N GLY D 104 35.25 34.06 33.14
CA GLY D 104 35.09 34.11 31.70
C GLY D 104 36.25 34.79 31.01
N GLU D 105 36.74 35.88 31.61
CA GLU D 105 37.85 36.61 31.05
C GLU D 105 39.15 35.82 31.11
N GLU D 106 39.30 35.01 32.16
CA GLU D 106 40.50 34.19 32.34
C GLU D 106 40.75 33.31 31.13
N MET D 107 39.71 32.64 30.67
CA MET D 107 39.84 31.76 29.51
C MET D 107 40.00 32.58 28.24
N ARG D 108 39.33 33.73 28.20
CA ARG D 108 39.38 34.61 27.04
C ARG D 108 40.80 35.11 26.80
N ASP D 109 41.49 35.47 27.88
CA ASP D 109 42.86 35.97 27.78
C ASP D 109 43.80 34.86 27.32
N ARG D 110 43.59 33.66 27.86
CA ARG D 110 44.41 32.51 27.51
C ARG D 110 44.20 32.11 26.05
N ALA D 111 42.94 32.21 25.60
CA ALA D 111 42.60 31.88 24.22
C ALA D 111 43.30 32.83 23.25
N ARG D 112 43.45 34.08 23.68
CA ARG D 112 44.11 35.10 22.87
C ARG D 112 45.53 34.66 22.50
N ALA D 113 46.23 34.08 23.47
CA ALA D 113 47.60 33.62 23.25
C ALA D 113 47.61 32.35 22.38
N HIS D 114 46.60 31.50 22.57
CA HIS D 114 46.51 30.26 21.80
C HIS D 114 46.33 30.55 20.31
N VAL D 115 45.54 31.56 20.00
CA VAL D 115 45.28 31.94 18.60
C VAL D 115 46.57 32.42 17.94
N ASP D 116 47.31 33.26 18.64
CA ASP D 116 48.56 33.82 18.15
C ASP D 116 49.56 32.71 17.82
N ALA D 117 49.73 31.79 18.76
CA ALA D 117 50.67 30.68 18.59
C ALA D 117 50.30 29.82 17.38
N LEU D 118 49.01 29.55 17.22
CA LEU D 118 48.52 28.73 16.12
C LEU D 118 48.78 29.40 14.78
N ARG D 119 48.49 30.70 14.68
CA ARG D 119 48.70 31.44 13.44
C ARG D 119 50.18 31.50 13.05
N THR D 120 51.05 31.55 14.06
CA THR D 120 52.49 31.62 13.83
C THR D 120 53.01 30.39 13.09
N HIS D 121 52.34 29.25 13.29
CA HIS D 121 52.73 28.01 12.62
C HIS D 121 52.04 27.91 11.26
N LEU D 122 50.81 28.41 11.19
CA LEU D 122 50.01 28.38 9.98
C LEU D 122 50.60 29.23 8.86
N ALA D 123 51.08 30.42 9.21
CA ALA D 123 51.64 31.35 8.23
C ALA D 123 52.72 30.74 7.31
N PRO D 124 53.86 30.26 7.85
CA PRO D 124 54.93 29.67 7.03
C PRO D 124 54.49 28.42 6.29
N TYR D 125 53.66 27.60 6.94
CA TYR D 125 53.17 26.37 6.34
C TYR D 125 52.39 26.66 5.06
N SER D 126 51.49 27.64 5.14
CA SER D 126 50.67 28.01 3.99
C SER D 126 51.52 28.61 2.87
N ASP D 127 52.58 29.32 3.25
CA ASP D 127 53.48 29.95 2.28
C ASP D 127 54.31 28.91 1.54
N GLU D 128 54.70 27.87 2.26
CA GLU D 128 55.49 26.79 1.68
C GLU D 128 54.71 26.08 0.58
N LEU D 129 53.40 25.98 0.78
CA LEU D 129 52.50 25.32 -0.17
C LEU D 129 52.53 26.01 -1.54
N ARG D 130 52.61 27.34 -1.53
CA ARG D 130 52.62 28.12 -2.77
C ARG D 130 53.77 27.71 -3.69
N GLN D 131 54.97 27.57 -3.12
CA GLN D 131 56.15 27.20 -3.89
C GLN D 131 56.01 25.78 -4.46
N ARG D 132 55.55 24.86 -3.62
CA ARG D 132 55.38 23.46 -4.01
C ARG D 132 54.30 23.35 -5.09
N LEU D 133 53.25 24.12 -4.92
CA LEU D 133 52.13 24.14 -5.86
C LEU D 133 52.57 24.68 -7.21
N ALA D 134 53.30 25.79 -7.20
CA ALA D 134 53.78 26.41 -8.44
C ALA D 134 54.76 25.51 -9.19
N ALA D 135 55.60 24.81 -8.44
CA ALA D 135 56.60 23.92 -9.03
C ALA D 135 55.91 22.77 -9.76
N ARG D 136 54.95 22.13 -9.09
CA ARG D 136 54.22 21.01 -9.69
C ARG D 136 53.38 21.46 -10.87
N LEU D 137 52.75 22.61 -10.73
CA LEU D 137 51.90 23.17 -11.78
C LEU D 137 52.71 23.44 -13.03
N GLU D 138 53.91 23.99 -12.87
CA GLU D 138 54.78 24.30 -13.99
C GLU D 138 55.22 23.03 -14.71
N ALA D 139 55.56 22.01 -13.94
CA ALA D 139 56.00 20.75 -14.50
C ALA D 139 54.87 20.05 -15.27
N LEU D 140 53.67 20.08 -14.69
CA LEU D 140 52.50 19.48 -15.31
C LEU D 140 52.08 20.24 -16.55
N LYS D 141 52.12 21.56 -16.47
CA LYS D 141 51.74 22.41 -17.59
C LYS D 141 52.70 22.22 -18.76
N GLU D 142 53.99 22.13 -18.46
CA GLU D 142 55.01 21.94 -19.49
C GLU D 142 54.79 20.63 -20.27
N ASN D 143 54.37 19.59 -19.56
CA ASN D 143 54.12 18.29 -20.18
C ASN D 143 52.77 18.22 -20.88
N GLY D 144 51.77 18.87 -20.28
CA GLY D 144 50.43 18.86 -20.83
C GLY D 144 50.33 19.53 -22.20
N GLY D 145 51.10 20.59 -22.39
CA GLY D 145 51.06 21.32 -23.65
C GLY D 145 51.18 20.44 -24.89
N ALA D 146 52.17 19.56 -24.89
CA ALA D 146 52.39 18.66 -26.03
C ALA D 146 51.19 17.76 -26.28
N ARG D 147 50.64 17.19 -25.21
CA ARG D 147 49.49 16.31 -25.32
C ARG D 147 48.26 17.06 -25.84
N LEU D 148 48.05 18.26 -25.31
CA LEU D 148 46.91 19.09 -25.70
C LEU D 148 46.92 19.41 -27.19
N ALA D 149 48.10 19.70 -27.72
CA ALA D 149 48.25 20.02 -29.13
C ALA D 149 47.90 18.82 -30.01
N GLU D 150 48.36 17.64 -29.59
CA GLU D 150 48.09 16.42 -30.33
C GLU D 150 46.61 16.10 -30.38
N TYR D 151 45.93 16.26 -29.23
CA TYR D 151 44.50 16.00 -29.15
C TYR D 151 43.74 16.88 -30.13
N HIS D 152 44.07 18.17 -30.09
CA HIS D 152 43.44 19.16 -30.97
C HIS D 152 43.61 18.80 -32.44
N ALA D 153 44.81 18.39 -32.81
CA ALA D 153 45.11 18.02 -34.18
C ALA D 153 44.22 16.88 -34.68
N LYS D 154 44.10 15.83 -33.88
CA LYS D 154 43.29 14.67 -34.25
C LYS D 154 41.80 14.97 -34.14
N ALA D 155 41.41 15.80 -33.17
CA ALA D 155 40.01 16.15 -32.98
C ALA D 155 39.46 16.85 -34.22
N THR D 156 40.29 17.68 -34.82
CA THR D 156 39.90 18.42 -36.01
C THR D 156 39.63 17.46 -37.18
N GLU D 157 40.46 16.43 -37.30
CA GLU D 157 40.31 15.43 -38.35
C GLU D 157 39.02 14.64 -38.16
N HIS D 158 38.76 14.26 -36.92
CA HIS D 158 37.56 13.49 -36.58
C HIS D 158 36.31 14.27 -36.91
N LEU D 159 36.33 15.57 -36.65
CA LEU D 159 35.18 16.44 -36.92
C LEU D 159 34.98 16.63 -38.41
N SER D 160 36.08 16.73 -39.15
CA SER D 160 36.03 16.92 -40.59
C SER D 160 35.41 15.74 -41.31
N THR D 161 35.41 14.58 -40.67
CA THR D 161 34.84 13.38 -41.26
C THR D 161 33.50 13.04 -40.61
N LEU D 162 33.05 13.93 -39.72
CA LEU D 162 31.80 13.73 -39.01
C LEU D 162 30.66 14.53 -39.64
N SER D 163 30.80 15.85 -39.63
CA SER D 163 29.79 16.74 -40.19
C SER D 163 30.13 17.14 -41.62
N GLU D 164 29.73 16.33 -42.58
CA GLU D 164 30.00 16.60 -43.98
C GLU D 164 28.84 16.20 -44.90
N LYS D 165 28.54 14.90 -44.94
CA LYS D 165 27.48 14.40 -45.80
C LYS D 165 26.08 14.60 -45.22
N ALA D 166 26.02 14.94 -43.93
CA ALA D 166 24.75 15.17 -43.25
C ALA D 166 23.96 16.32 -43.88
N LYS D 167 24.68 17.24 -44.52
CA LYS D 167 24.06 18.41 -45.15
C LYS D 167 23.37 18.06 -46.49
N PRO D 168 24.13 17.54 -47.50
CA PRO D 168 23.57 17.19 -48.81
C PRO D 168 22.46 16.12 -48.72
N ALA D 169 22.51 15.29 -47.68
CA ALA D 169 21.53 14.23 -47.49
C ALA D 169 20.11 14.80 -47.40
N LEU D 170 19.96 15.92 -46.70
CA LEU D 170 18.67 16.55 -46.52
C LEU D 170 18.18 17.19 -47.82
N GLU D 171 19.11 17.72 -48.59
CA GLU D 171 18.79 18.38 -49.87
C GLU D 171 18.01 17.45 -50.80
N ASP D 172 18.51 16.23 -50.96
CA ASP D 172 17.86 15.26 -51.83
C ASP D 172 16.49 14.88 -51.29
N LEU D 173 16.42 14.58 -50.01
CA LEU D 173 15.17 14.20 -49.35
C LEU D 173 14.14 15.32 -49.50
N ARG D 174 14.59 16.54 -49.26
CA ARG D 174 13.75 17.73 -49.36
C ARG D 174 13.12 17.84 -50.74
N GLN D 175 13.94 17.70 -51.77
CA GLN D 175 13.47 17.80 -53.15
C GLN D 175 12.46 16.72 -53.52
N GLY D 176 12.50 15.60 -52.80
CA GLY D 176 11.59 14.51 -53.09
C GLY D 176 10.26 14.60 -52.35
N LEU D 177 10.29 15.08 -51.11
CA LEU D 177 9.08 15.18 -50.31
C LEU D 177 8.22 16.40 -50.68
N LEU D 178 8.84 17.40 -51.32
CA LEU D 178 8.14 18.63 -51.70
C LEU D 178 6.86 18.39 -52.52
N PRO D 179 6.93 17.72 -53.70
CA PRO D 179 5.76 17.49 -54.56
C PRO D 179 4.59 16.82 -53.83
N VAL D 180 4.89 15.75 -53.12
CA VAL D 180 3.86 15.01 -52.39
C VAL D 180 3.22 15.88 -51.30
N LEU D 181 4.04 16.67 -50.63
CA LEU D 181 3.55 17.54 -49.56
C LEU D 181 2.69 18.67 -50.11
N GLU D 182 3.13 19.28 -51.20
CA GLU D 182 2.39 20.37 -51.82
C GLU D 182 1.00 19.91 -52.26
N SER D 183 0.95 18.70 -52.81
CA SER D 183 -0.30 18.10 -53.26
C SER D 183 -1.26 17.93 -52.09
N PHE D 184 -0.72 17.51 -50.94
CA PHE D 184 -1.53 17.29 -49.75
C PHE D 184 -2.12 18.61 -49.24
N LYS D 185 -1.31 19.66 -49.27
CA LYS D 185 -1.74 20.99 -48.83
C LYS D 185 -2.97 21.44 -49.62
N VAL D 186 -2.96 21.14 -50.91
CA VAL D 186 -4.05 21.50 -51.79
C VAL D 186 -5.32 20.74 -51.45
N SER D 187 -5.21 19.41 -51.41
CA SER D 187 -6.35 18.55 -51.11
C SER D 187 -6.97 18.88 -49.75
N PHE D 188 -6.11 19.16 -48.77
CA PHE D 188 -6.56 19.50 -47.43
C PHE D 188 -7.40 20.78 -47.47
N LEU D 189 -6.92 21.77 -48.22
CA LEU D 189 -7.60 23.05 -48.36
C LEU D 189 -8.96 22.87 -49.04
N SER D 190 -9.05 21.92 -49.96
CA SER D 190 -10.29 21.65 -50.67
C SER D 190 -11.33 21.05 -49.72
N ALA D 191 -10.90 20.12 -48.89
CA ALA D 191 -11.78 19.48 -47.93
C ALA D 191 -12.30 20.48 -46.91
N LEU D 192 -11.46 21.45 -46.57
CA LEU D 192 -11.80 22.50 -45.61
C LEU D 192 -13.09 23.23 -46.01
N GLU D 193 -13.17 23.58 -47.29
CA GLU D 193 -14.32 24.28 -47.85
C GLU D 193 -15.63 23.56 -47.55
N GLU D 194 -15.71 22.29 -47.95
CA GLU D 194 -16.91 21.49 -47.78
C GLU D 194 -17.41 21.46 -46.34
N TYR D 195 -16.51 21.22 -45.40
CA TYR D 195 -16.89 21.14 -43.99
C TYR D 195 -17.32 22.49 -43.43
N THR D 196 -16.70 23.55 -43.91
CA THR D 196 -17.03 24.91 -43.43
C THR D 196 -18.49 25.25 -43.77
N LYS D 197 -18.85 25.01 -45.03
CA LYS D 197 -20.20 25.28 -45.52
C LYS D 197 -21.24 24.47 -44.76
N LYS D 198 -20.85 23.28 -44.31
CA LYS D 198 -21.76 22.41 -43.58
C LYS D 198 -21.91 22.85 -42.12
N LEU D 199 -20.80 23.23 -41.50
CA LEU D 199 -20.80 23.67 -40.11
C LEU D 199 -21.59 24.97 -39.95
N ASN D 200 -21.29 25.94 -40.80
CA ASN D 200 -21.96 27.24 -40.75
C ASN D 200 -23.46 27.11 -40.98
#